data_8ROQ
#
_entry.id   8ROQ
#
loop_
_entity.id
_entity.type
_entity.pdbx_description
1 polymer 'Hexon protein'
2 polymer 'Penton protein'
3 polymer PIIIa
4 polymer 'Pre-hexon-linking protein VIII'
#
loop_
_entity_poly.entity_id
_entity_poly.type
_entity_poly.pdbx_seq_one_letter_code
_entity_poly.pdbx_strand_id
1 'polypeptide(L)'
;MAALTPDLTTATPRLQYFHIAGPGTREYLSEDLQQFISATGSYFDLKNKFRQTVVAPTRNVTTEKAQRLQIRFYPIQTDD
TSTGYRVRYNINVGDGWVLDMGSTYFDIKGILDRGPSFKPYCGTAYNPLAPKESMFNNWSETAPGQNVSASGQLSNVYTN
TSTTKDTTAAQVTKISGVFPNPNQGPGINPLRQVENANTGVLGRFAKSQYNYAYGAYVKPVAADGSQSLTQTPYWIMNNA
GTEYLGAVAVEDYTNSLSYPDTMIVPPPEDYDDYNIGTTRALRPNYIGFRDNFINLLYHDSGVCSGTLNSERSGMNVVVE
LPDRNTELSYQYMLADMMSRHHYFALWNQAVDQYDPEVRVFSNDGYEEGAPSYAFNPEAVGAGEGYGPDLSQIKLYTNNT
AANDKNTAVTNATTNFYFGTVPSYEIDISATQRRNFIMANIAEYLPDRYKFSISGFDATSVAPTTYEYMNKRVPLTNVVD
MFTNVGARWSIDQMDNVNPFNHHRNWGLKYRSQLLGNSRYVNFHIQVPQKFFAIKNLLLLSGSYTYEWVLRKDPNMILQS
SLGNDLRADGASIIYNEVNLMANFMPMDHNTSNQLELMLRNATNDQTFVDYLGAKNALYSVPAGSTALTINIPARTWEGM
RGWSFTRIKAAETPQLGAQYDVNFKYSGSIAYSDGGFYLSHTFRNMSILFDTSINWPGNDRLLTPNMFEIKRSVALDTEG
FTMSQCDITKDWYLIQMATNYNFVYNGYRFWPDRQYFHYDFLRNFDPMTRQGPNFALPGLFDLVSYTPTTDNSGEQPSQE
AVRNNSGFIAPRSWPVWSAHQGESWPANWPYPLCGQQAIQPGQVLSYKKFLCDNYLWTIPFSSDFMYMGELTDLGQNPMY
TNNSHSMVINFELDPMDDPTYVYMLYGVFDTVRVNQPERNVLAMAYFRTPFATGNAV
;
A,B,C,D,E,F,G,H,I,J,K,L
2 'polypeptide(L)'
;MWGLQPPTSIPPPPPPTELTPSTYPAMVNGYPPPAASAQSCSSSGGQSELYMPLQRVMAPTGGRNSIKYRDYTPCRNTTK
LFYVDNKASDIDTYNKDANHSNFRTTVIHNQDLDADTAATESIQLDNRSCWGGDLKTAVRTNCPNVSSFFQSNSVRVRMM
WKRDPPTSTAPPSAVGSGYSVPGAQYKWYDLTVPEGNYALCELIDLLNEGIVQLYLSEGRQNNVQKSDIGVKFDTRNFGL
LRDPVTGLVTPGTYVYKGYHPDIVLLPGCAIDFTYSRLSLLLGIGKREPYSKGFVITYEDLQGGDIPALLDLDSVDVNDA
DGEVIELDNAAPLLHDSAGVSYNVIYDQVTGKPVTAYRSWMLAYNVPNSQANQTTLLTVPDMAGGIGAMYTSLPDTFIAP
TGFKEDNTTNLCPVVGMNLFPTYNKIYYQAASTYVQRLENSCQSATAAFNRFPENEILKQAPPMNVSSVCDNQPAVVQQG
VLPVKSSLPGLQRVLITDDQRRPIPYVYKSIATVQPTVLSSATLQ
;
M
3 'polypeptide(L)'
;MSSTEVFGALAPVGRTEVADALSSHANSKDARSLRYEPYANRLIKLQTAMVPPKVDGTSERVAEVVKGLAEQGAIYPDQM
GAIHSDLLNRVYTWNSMGVQESIQALVNDVIHGQNKVLQDELARTREIANASMLTRFFDSLYKTVDRGQRNFEGFKKLLR
LFVNNVPNAEVYSSGGSFSLQINMGGQSQNINLTNAFDNLKDIWGARWDAVNNPRIGALLTPNTRALLFFVSTFYDYGSM
EPGSYLDNLMRLYKEAIRADTDAEGDAIMELGDAGANLNLKFNQYKDTLNYLLQNKPSVPQTGPLEMSPEQESLFKYLMR
QLRRALKDGVNSDIAISTMAQYVDPRLYTSNKVFIDKLQNYLLMASARNPYYYKTIVLDPHWVPPAGLYTDNFVIPEMMP
NFSDFASELEYGGPSRDEYFDDSPFRPPPQKKFTEKEQADYDSLINFFDSTLGVQSEAGWIADHRLPQAFDGALNVSERT
PYNTPLPDDAPMRSRNASVSSATDALGQLKLSGTGGAGFFDSLKPSVGTRRSTGLAKGLAGTGQPPCPWPASVGYASAGY
GPARGIRGSGLARRALAARGLRQGKRLRFY
;
N
4 'polypeptide(L)'
;MNLLNAAPTPYVWKYNPVTGKCAGAQQNYGATIDWVLPGGNSFAYAADEIRRRFPEPAVTRAITARFEAESDQQPYAGPH
ETNIITADVVRSGPPPSAVYPFDPSGVQRVQLSGGMMGGRTEGRMQLSGGLTEGRMQLAGGAAGKLPTRARPTLRPPRWC
GTTLTGNGLPADYPEMTPDAFKYYLRVQGPSQEVDEPGVMSQRQFMTTFLPAMVPHPFDSESPDAFPAYFSSVYKGTNAF
EPVFWQG
;
O,P
#
# COMPACT_ATOMS: atom_id res chain seq x y z
N ALA A 11 -47.78 47.51 -24.09
CA ALA A 11 -48.29 48.50 -25.03
C ALA A 11 -49.70 48.93 -24.65
N THR A 12 -49.96 48.98 -23.35
CA THR A 12 -51.26 49.41 -22.86
C THR A 12 -51.53 50.85 -23.32
N PRO A 13 -52.75 51.15 -23.78
CA PRO A 13 -53.05 52.54 -24.15
C PRO A 13 -52.84 53.52 -23.01
N ARG A 14 -53.04 53.08 -21.77
CA ARG A 14 -52.74 53.92 -20.62
C ARG A 14 -51.26 54.25 -20.57
N LEU A 15 -50.40 53.27 -20.86
CA LEU A 15 -48.97 53.53 -20.93
C LEU A 15 -48.62 54.36 -22.15
N GLN A 16 -49.29 54.11 -23.28
CA GLN A 16 -48.96 54.81 -24.52
C GLN A 16 -49.36 56.29 -24.45
N TYR A 17 -50.46 56.60 -23.75
CA TYR A 17 -50.91 57.99 -23.66
C TYR A 17 -49.88 58.86 -22.96
N PHE A 18 -49.16 58.31 -22.00
CA PHE A 18 -48.14 59.03 -21.27
C PHE A 18 -46.74 58.77 -21.81
N HIS A 19 -46.63 58.08 -22.94
CA HIS A 19 -45.36 57.80 -23.60
C HIS A 19 -44.43 57.02 -22.69
N ILE A 20 -45.00 56.11 -21.91
CA ILE A 20 -44.23 55.20 -21.07
C ILE A 20 -43.89 53.92 -21.83
N ALA A 21 -44.85 53.43 -22.62
CA ALA A 21 -44.64 52.31 -23.53
C ALA A 21 -45.11 52.68 -24.93
N GLY A 22 -45.10 53.96 -25.26
CA GLY A 22 -45.62 54.43 -26.51
C GLY A 22 -44.63 54.29 -27.64
N PRO A 23 -44.98 54.87 -28.78
CA PRO A 23 -44.13 54.77 -29.97
C PRO A 23 -42.77 55.43 -29.80
N GLY A 24 -42.75 56.69 -29.41
CA GLY A 24 -41.52 57.44 -29.26
C GLY A 24 -41.68 58.83 -29.85
N THR A 25 -40.80 59.74 -29.42
CA THR A 25 -40.94 61.15 -29.75
C THR A 25 -40.90 61.40 -31.25
N ARG A 26 -39.98 60.72 -31.94
CA ARG A 26 -39.73 61.05 -33.35
C ARG A 26 -40.93 60.70 -34.24
N GLU A 27 -41.83 59.83 -33.77
CA GLU A 27 -42.91 59.33 -34.60
C GLU A 27 -44.30 59.71 -34.09
N TYR A 28 -44.41 60.49 -33.01
CA TYR A 28 -45.71 60.95 -32.56
C TYR A 28 -45.86 62.46 -32.56
N LEU A 29 -44.77 63.22 -32.44
CA LEU A 29 -44.85 64.66 -32.57
C LEU A 29 -45.20 65.05 -34.00
N SER A 30 -45.81 66.22 -34.16
CA SER A 30 -46.05 66.74 -35.49
C SER A 30 -44.73 66.99 -36.19
N GLU A 31 -44.66 66.63 -37.48
CA GLU A 31 -43.40 66.70 -38.21
C GLU A 31 -42.85 68.12 -38.23
N ASP A 32 -43.72 69.12 -38.32
CA ASP A 32 -43.26 70.50 -38.28
C ASP A 32 -42.64 70.85 -36.93
N LEU A 33 -43.19 70.31 -35.85
CA LEU A 33 -42.63 70.58 -34.53
C LEU A 33 -41.23 69.99 -34.38
N GLN A 34 -41.03 68.79 -34.92
CA GLN A 34 -39.70 68.19 -34.85
C GLN A 34 -38.67 69.01 -35.61
N GLN A 35 -39.08 69.58 -36.75
CA GLN A 35 -38.20 70.51 -37.45
C GLN A 35 -37.97 71.78 -36.63
N PHE A 36 -39.02 72.27 -35.97
CA PHE A 36 -38.89 73.49 -35.18
C PHE A 36 -37.92 73.29 -34.01
N ILE A 37 -38.14 72.24 -33.22
CA ILE A 37 -37.32 72.03 -32.03
C ILE A 37 -35.87 71.72 -32.43
N SER A 38 -35.67 71.06 -33.57
CA SER A 38 -34.32 70.84 -34.06
C SER A 38 -33.71 72.14 -34.58
N ALA A 39 -34.49 72.94 -35.32
CA ALA A 39 -33.98 74.21 -35.82
C ALA A 39 -33.61 75.14 -34.68
N THR A 40 -34.55 75.37 -33.75
CA THR A 40 -34.25 76.13 -32.55
C THR A 40 -33.78 75.23 -31.42
N GLY A 41 -32.80 74.38 -31.67
CA GLY A 41 -32.23 73.54 -30.65
C GLY A 41 -30.92 74.03 -30.10
N SER A 42 -30.35 75.09 -30.68
CA SER A 42 -29.08 75.63 -30.24
C SER A 42 -29.23 76.75 -29.23
N TYR A 43 -30.41 77.37 -29.16
CA TYR A 43 -30.56 78.50 -28.24
C TYR A 43 -31.84 78.42 -27.41
N PHE A 44 -32.86 77.72 -27.89
CA PHE A 44 -34.13 77.56 -27.16
C PHE A 44 -34.52 76.09 -27.17
N ASP A 45 -33.96 75.32 -26.24
CA ASP A 45 -34.10 73.87 -26.28
C ASP A 45 -35.46 73.45 -25.76
N LEU A 46 -36.22 72.73 -26.60
CA LEU A 46 -37.52 72.22 -26.25
C LEU A 46 -37.56 70.69 -26.21
N LYS A 47 -36.41 70.03 -26.40
CA LYS A 47 -36.38 68.58 -26.53
C LYS A 47 -36.62 67.86 -25.22
N ASN A 48 -36.57 68.55 -24.08
CA ASN A 48 -36.79 67.92 -22.79
C ASN A 48 -38.25 67.96 -22.35
N LYS A 49 -39.14 68.48 -23.19
CA LYS A 49 -40.54 68.65 -22.83
C LYS A 49 -41.45 67.60 -23.45
N PHE A 50 -40.90 66.63 -24.19
CA PHE A 50 -41.69 65.57 -24.81
C PHE A 50 -41.03 64.25 -24.48
N ARG A 51 -41.64 63.50 -23.57
CA ARG A 51 -40.98 62.33 -23.00
C ARG A 51 -40.93 61.17 -23.98
N GLN A 52 -39.90 60.35 -23.82
CA GLN A 52 -39.69 59.14 -24.60
C GLN A 52 -39.06 58.10 -23.69
N THR A 53 -39.56 56.87 -23.77
CA THR A 53 -39.09 55.79 -22.91
C THR A 53 -38.52 54.68 -23.76
N VAL A 54 -37.32 54.21 -23.40
CA VAL A 54 -36.69 53.10 -24.10
C VAL A 54 -37.21 51.81 -23.49
N VAL A 55 -37.82 50.97 -24.33
CA VAL A 55 -38.50 49.76 -23.89
C VAL A 55 -37.55 48.59 -23.97
N ALA A 56 -37.56 47.76 -22.93
CA ALA A 56 -36.67 46.61 -22.86
C ALA A 56 -37.11 45.52 -23.83
N PRO A 57 -36.19 44.65 -24.24
CA PRO A 57 -36.54 43.64 -25.26
C PRO A 57 -37.65 42.68 -24.84
N THR A 58 -37.71 42.34 -23.55
CA THR A 58 -38.78 41.58 -22.89
C THR A 58 -39.12 40.25 -23.55
N ARG A 59 -38.29 39.78 -24.49
CA ARG A 59 -38.56 38.50 -25.12
C ARG A 59 -37.30 37.97 -25.78
N ASN A 60 -37.07 36.66 -25.62
CA ASN A 60 -36.00 35.94 -26.31
C ASN A 60 -34.62 36.48 -25.93
N VAL A 61 -34.47 36.90 -24.68
CA VAL A 61 -33.20 37.50 -24.26
C VAL A 61 -32.74 36.91 -22.94
N THR A 62 -33.61 36.17 -22.26
CA THR A 62 -33.27 35.62 -20.95
C THR A 62 -34.09 34.37 -20.69
N THR A 63 -33.42 33.34 -20.16
CA THR A 63 -34.09 32.08 -19.84
C THR A 63 -34.93 32.22 -18.59
N GLU A 64 -36.06 31.52 -18.58
CA GLU A 64 -36.79 31.26 -17.34
C GLU A 64 -36.22 30.05 -16.61
N LYS A 65 -35.35 29.29 -17.27
CA LYS A 65 -34.70 28.15 -16.63
C LYS A 65 -33.92 28.59 -15.40
N ALA A 66 -33.96 27.77 -14.36
CA ALA A 66 -33.20 28.05 -13.14
C ALA A 66 -31.73 27.92 -13.47
N GLN A 67 -31.05 29.05 -13.63
CA GLN A 67 -29.66 29.09 -14.06
C GLN A 67 -28.85 29.95 -13.10
N ARG A 68 -27.65 29.48 -12.77
CA ARG A 68 -26.78 30.20 -11.86
C ARG A 68 -26.21 31.44 -12.55
N LEU A 69 -26.35 32.59 -11.90
CA LEU A 69 -25.87 33.84 -12.45
C LEU A 69 -24.35 33.99 -12.28
N GLN A 70 -23.80 33.42 -11.22
CA GLN A 70 -22.37 33.55 -10.91
C GLN A 70 -21.88 32.24 -10.35
N ILE A 71 -20.91 31.62 -11.04
CA ILE A 71 -20.46 30.28 -10.73
C ILE A 71 -19.06 30.35 -10.13
N ARG A 72 -18.84 29.63 -9.04
CA ARG A 72 -17.52 29.50 -8.45
C ARG A 72 -16.87 28.21 -8.90
N PHE A 73 -15.64 28.30 -9.39
CA PHE A 73 -14.87 27.14 -9.80
C PHE A 73 -13.75 26.94 -8.80
N TYR A 74 -13.66 25.73 -8.23
CA TYR A 74 -12.64 25.42 -7.27
C TYR A 74 -11.70 24.36 -7.83
N PRO A 75 -10.42 24.38 -7.47
CA PRO A 75 -9.43 23.58 -8.18
C PRO A 75 -9.65 22.08 -8.03
N ILE A 76 -9.49 21.36 -9.13
CA ILE A 76 -9.40 19.91 -9.08
C ILE A 76 -8.09 19.49 -8.42
N GLN A 77 -6.99 20.09 -8.86
CA GLN A 77 -5.66 19.78 -8.37
C GLN A 77 -4.99 21.07 -7.92
N THR A 78 -4.17 20.98 -6.88
CA THR A 78 -3.45 22.13 -6.36
C THR A 78 -1.94 22.00 -6.53
N ASP A 79 -1.33 20.96 -5.98
CA ASP A 79 0.11 20.72 -6.12
C ASP A 79 0.92 21.93 -5.68
N ASP A 80 0.79 22.26 -4.40
CA ASP A 80 1.54 23.37 -3.83
C ASP A 80 3.03 23.04 -3.77
N THR A 81 3.86 24.06 -4.00
CA THR A 81 5.31 23.91 -3.91
C THR A 81 5.89 25.14 -3.23
N SER A 82 7.20 25.13 -3.02
CA SER A 82 7.84 26.18 -2.24
C SER A 82 7.95 27.48 -3.02
N THR A 83 8.03 27.41 -4.35
CA THR A 83 8.18 28.61 -5.17
C THR A 83 6.85 29.16 -5.64
N GLY A 84 5.95 28.29 -6.14
CA GLY A 84 4.68 28.72 -6.65
C GLY A 84 3.53 27.99 -5.98
N TYR A 85 2.32 28.34 -6.40
CA TYR A 85 1.09 27.71 -5.91
C TYR A 85 0.18 27.46 -7.11
N ARG A 86 0.32 26.28 -7.71
CA ARG A 86 -0.50 25.93 -8.85
C ARG A 86 -1.94 25.69 -8.42
N VAL A 87 -2.88 26.01 -9.31
CA VAL A 87 -4.27 25.60 -9.18
C VAL A 87 -4.77 25.17 -10.55
N ARG A 88 -5.46 24.03 -10.61
CA ARG A 88 -6.01 23.51 -11.86
C ARG A 88 -7.52 23.47 -11.76
N TYR A 89 -8.19 24.19 -12.64
CA TYR A 89 -9.64 24.27 -12.64
C TYR A 89 -10.23 23.43 -13.76
N ASN A 90 -11.56 23.39 -13.82
CA ASN A 90 -12.27 22.68 -14.88
C ASN A 90 -13.56 23.45 -15.13
N ILE A 91 -13.52 24.36 -16.10
CA ILE A 91 -14.66 25.21 -16.40
C ILE A 91 -15.61 24.47 -17.34
N ASN A 92 -16.71 23.97 -16.79
CA ASN A 92 -17.74 23.30 -17.57
C ASN A 92 -18.75 24.33 -18.04
N VAL A 93 -18.79 24.56 -19.34
CA VAL A 93 -19.73 25.48 -19.96
C VAL A 93 -20.69 24.64 -20.80
N GLY A 94 -21.93 24.52 -20.33
CA GLY A 94 -22.91 23.75 -21.04
C GLY A 94 -23.39 24.48 -22.29
N ASP A 95 -24.14 23.76 -23.11
CA ASP A 95 -24.75 24.39 -24.27
C ASP A 95 -25.79 25.42 -23.81
N GLY A 96 -25.89 26.50 -24.58
CA GLY A 96 -26.70 27.62 -24.16
C GLY A 96 -26.00 28.53 -23.17
N TRP A 97 -24.84 28.16 -22.69
CA TRP A 97 -24.01 29.00 -21.84
C TRP A 97 -22.88 29.58 -22.66
N VAL A 98 -22.63 30.87 -22.50
CA VAL A 98 -21.52 31.53 -23.17
C VAL A 98 -20.73 32.29 -22.11
N LEU A 99 -19.43 32.01 -22.04
CA LEU A 99 -18.58 32.48 -20.95
C LEU A 99 -17.55 33.45 -21.47
N ASP A 100 -17.45 34.61 -20.81
CA ASP A 100 -16.43 35.61 -21.11
C ASP A 100 -15.35 35.54 -20.04
N MET A 101 -14.12 35.27 -20.46
CA MET A 101 -13.00 35.27 -19.52
C MET A 101 -12.64 36.66 -19.04
N GLY A 102 -13.23 37.71 -19.61
CA GLY A 102 -13.11 39.02 -19.01
C GLY A 102 -13.69 39.05 -17.61
N SER A 103 -14.73 38.27 -17.37
CA SER A 103 -15.33 38.15 -16.05
C SER A 103 -14.69 37.05 -15.20
N THR A 104 -13.75 36.30 -15.76
CA THR A 104 -13.04 35.28 -15.00
C THR A 104 -11.92 35.92 -14.19
N TYR A 105 -11.80 35.52 -12.93
CA TYR A 105 -10.71 35.98 -12.07
C TYR A 105 -10.51 34.97 -10.97
N PHE A 106 -9.42 35.16 -10.22
CA PHE A 106 -9.04 34.24 -9.15
C PHE A 106 -9.42 34.86 -7.81
N ASP A 107 -10.34 34.22 -7.11
CA ASP A 107 -10.69 34.62 -5.74
C ASP A 107 -9.69 33.97 -4.79
N ILE A 108 -8.70 34.75 -4.36
CA ILE A 108 -7.60 34.26 -3.55
C ILE A 108 -7.76 34.78 -2.14
N LYS A 109 -7.79 33.87 -1.17
CA LYS A 109 -7.74 34.23 0.24
C LYS A 109 -6.68 33.38 0.93
N GLY A 110 -5.91 34.02 1.79
CA GLY A 110 -4.86 33.32 2.48
C GLY A 110 -4.40 34.07 3.71
N ILE A 111 -3.19 33.77 4.13
CA ILE A 111 -2.57 34.40 5.29
C ILE A 111 -1.32 35.13 4.81
N LEU A 112 -1.24 36.42 5.09
CA LEU A 112 -0.13 37.25 4.65
C LEU A 112 0.65 37.74 5.87
N ASP A 113 1.96 37.53 5.84
CA ASP A 113 2.87 38.09 6.84
C ASP A 113 3.73 39.11 6.12
N ARG A 114 3.57 40.38 6.46
CA ARG A 114 4.32 41.44 5.80
C ARG A 114 5.64 41.74 6.50
N GLY A 115 5.98 40.98 7.54
CA GLY A 115 7.27 41.08 8.18
C GLY A 115 7.37 42.27 9.11
N PRO A 116 8.35 42.25 10.02
CA PRO A 116 8.55 43.39 10.91
C PRO A 116 8.96 44.66 10.18
N SER A 117 9.45 44.55 8.96
CA SER A 117 9.84 45.71 8.17
C SER A 117 8.62 46.38 7.57
N PHE A 118 7.66 46.75 8.40
CA PHE A 118 6.38 47.24 7.91
C PHE A 118 5.84 48.22 8.93
N LYS A 119 5.98 49.51 8.65
CA LYS A 119 5.38 50.54 9.48
C LYS A 119 4.31 51.27 8.67
N PRO A 120 3.02 51.07 8.98
CA PRO A 120 1.97 51.69 8.18
C PRO A 120 1.82 53.18 8.40
N TYR A 121 2.70 53.81 9.18
CA TYR A 121 2.49 55.18 9.60
C TYR A 121 3.84 55.86 9.85
N CYS A 122 3.95 57.11 9.40
CA CYS A 122 5.12 57.90 9.71
C CYS A 122 5.12 58.30 11.18
N GLY A 123 6.30 58.42 11.75
CA GLY A 123 6.41 58.72 13.16
C GLY A 123 6.11 57.51 14.01
N THR A 124 5.88 57.76 15.29
CA THR A 124 5.62 56.73 16.28
C THR A 124 4.21 56.87 16.83
N ALA A 125 3.81 55.89 17.64
CA ALA A 125 2.50 55.86 18.27
C ALA A 125 2.58 56.01 19.79
N TYR A 126 3.79 56.07 20.35
CA TYR A 126 3.98 56.09 21.79
C TYR A 126 4.68 57.39 22.16
N ASN A 127 4.00 58.22 22.95
CA ASN A 127 4.47 59.57 23.28
C ASN A 127 4.93 60.35 22.04
N PRO A 128 4.08 60.48 21.02
CA PRO A 128 4.50 61.24 19.83
C PRO A 128 4.81 62.69 20.14
N LEU A 129 4.06 63.30 21.07
CA LEU A 129 4.28 64.70 21.41
C LEU A 129 5.51 64.90 22.28
N ALA A 130 6.07 63.82 22.83
CA ALA A 130 7.26 63.95 23.65
C ALA A 130 8.45 64.41 22.82
N PRO A 131 9.32 65.26 23.35
CA PRO A 131 10.56 65.58 22.65
C PRO A 131 11.41 64.34 22.47
N LYS A 132 12.19 64.33 21.39
CA LYS A 132 12.91 63.12 21.00
C LYS A 132 13.90 62.68 22.08
N GLU A 133 14.60 63.63 22.68
CA GLU A 133 15.62 63.34 23.68
C GLU A 133 15.09 63.41 25.11
N SER A 134 13.80 63.16 25.30
CA SER A 134 13.22 63.22 26.63
C SER A 134 13.41 61.89 27.36
N MET A 135 13.10 61.91 28.65
CA MET A 135 13.25 60.74 29.52
C MET A 135 12.04 60.64 30.42
N PHE A 136 11.64 59.40 30.72
CA PHE A 136 10.37 59.12 31.39
C PHE A 136 10.59 58.92 32.89
N ASN A 137 10.93 60.02 33.57
CA ASN A 137 11.05 60.01 35.04
C ASN A 137 12.09 58.98 35.47
N ASN A 138 13.34 59.30 35.15
CA ASN A 138 14.46 58.37 35.31
C ASN A 138 14.54 57.82 36.72
N TRP A 139 15.08 56.60 36.83
CA TRP A 139 15.45 56.02 38.12
C TRP A 139 16.50 54.95 37.85
N SER A 140 17.77 55.30 38.05
CA SER A 140 18.89 54.40 37.79
C SER A 140 19.59 54.10 39.10
N GLU A 141 19.60 52.83 39.49
CA GLU A 141 20.26 52.40 40.72
C GLU A 141 21.06 51.13 40.47
N THR A 142 22.08 50.93 41.31
CA THR A 142 22.88 49.72 41.21
C THR A 142 22.21 48.56 41.94
N ALA A 143 21.78 48.79 43.17
CA ALA A 143 21.03 47.83 43.97
C ALA A 143 19.88 48.57 44.64
N PRO A 144 18.81 47.87 44.99
CA PRO A 144 17.66 48.55 45.62
C PRO A 144 18.05 49.21 46.92
N GLY A 145 17.87 50.53 46.99
CA GLY A 145 18.27 51.32 48.12
C GLY A 145 19.72 51.75 48.11
N GLN A 146 20.51 51.27 47.16
CA GLN A 146 21.91 51.62 47.04
C GLN A 146 22.05 52.82 46.11
N ASN A 147 23.27 53.07 45.61
CA ASN A 147 23.58 54.21 44.76
C ASN A 147 22.53 54.36 43.67
N VAL A 148 21.81 55.48 43.69
CA VAL A 148 20.68 55.70 42.79
C VAL A 148 20.78 57.09 42.17
N SER A 149 20.52 57.16 40.87
CA SER A 149 20.36 58.41 40.15
C SER A 149 18.97 58.43 39.52
N ALA A 150 18.25 59.53 39.70
CA ALA A 150 16.88 59.62 39.22
C ALA A 150 16.55 61.05 38.84
N SER A 151 15.87 61.22 37.71
CA SER A 151 15.47 62.54 37.24
C SER A 151 14.07 62.45 36.66
N GLY A 152 13.17 63.27 37.17
CA GLY A 152 11.80 63.26 36.67
C GLY A 152 10.99 64.37 37.29
N GLN A 153 9.80 64.58 36.72
CA GLN A 153 8.87 65.56 37.22
C GLN A 153 7.98 64.94 38.29
N LEU A 154 7.83 65.64 39.41
CA LEU A 154 6.98 65.21 40.52
C LEU A 154 5.76 66.11 40.52
N SER A 155 4.65 65.60 40.00
CA SER A 155 3.50 66.41 39.66
C SER A 155 2.40 66.38 40.73
N ASN A 156 1.99 65.20 41.16
CA ASN A 156 0.83 65.08 42.04
C ASN A 156 1.10 65.74 43.39
N VAL A 157 0.04 66.33 43.96
CA VAL A 157 0.11 67.02 45.24
C VAL A 157 -0.98 66.49 46.14
N TYR A 158 -0.76 66.61 47.46
CA TYR A 158 -1.74 66.14 48.42
C TYR A 158 -1.89 67.07 49.63
N THR A 159 -1.52 68.34 49.49
CA THR A 159 -1.67 69.39 50.51
C THR A 159 -1.43 68.86 51.93
N ASN A 160 -0.24 68.28 52.11
CA ASN A 160 0.10 67.66 53.38
C ASN A 160 0.42 68.69 54.45
N THR A 161 0.03 68.38 55.68
CA THR A 161 0.57 69.08 56.85
C THR A 161 1.86 68.37 57.22
N SER A 162 2.99 69.04 56.99
CA SER A 162 4.29 68.39 57.10
C SER A 162 4.68 68.27 58.58
N THR A 163 5.94 67.92 58.83
CA THR A 163 6.52 67.65 60.15
C THR A 163 5.93 66.40 60.78
N THR A 164 5.21 65.58 60.02
CA THR A 164 4.69 64.31 60.52
C THR A 164 4.41 63.40 59.34
N LYS A 165 4.26 62.11 59.64
CA LYS A 165 4.05 61.10 58.61
C LYS A 165 2.60 60.96 58.18
N ASP A 166 1.65 61.47 58.98
CA ASP A 166 0.25 61.10 58.81
C ASP A 166 -0.30 61.53 57.45
N THR A 167 0.04 62.73 57.01
CA THR A 167 -0.44 63.18 55.70
C THR A 167 0.32 62.54 54.55
N THR A 168 1.58 62.14 54.78
CA THR A 168 2.36 61.51 53.73
C THR A 168 2.16 60.00 53.69
N ALA A 169 2.18 59.33 54.84
CA ALA A 169 2.01 57.89 54.87
C ALA A 169 0.65 57.47 54.34
N ALA A 170 -0.35 58.33 54.46
CA ALA A 170 -1.65 58.03 53.86
C ALA A 170 -1.54 57.90 52.35
N GLN A 171 -0.77 58.78 51.71
CA GLN A 171 -0.56 58.68 50.28
C GLN A 171 0.39 57.54 49.93
N VAL A 172 1.33 57.22 50.81
CA VAL A 172 2.27 56.14 50.54
C VAL A 172 1.55 54.80 50.54
N THR A 173 0.56 54.63 51.42
CA THR A 173 -0.24 53.41 51.40
C THR A 173 -0.97 53.24 50.07
N LYS A 174 -1.25 54.33 49.36
CA LYS A 174 -1.88 54.28 48.05
C LYS A 174 -0.87 54.15 46.92
N ILE A 175 0.43 54.27 47.21
CA ILE A 175 1.45 54.25 46.17
C ILE A 175 1.44 52.91 45.44
N SER A 176 1.18 51.82 46.17
CA SER A 176 1.36 50.49 45.62
C SER A 176 0.44 50.20 44.45
N GLY A 177 -0.60 50.99 44.25
CA GLY A 177 -1.52 50.80 43.15
C GLY A 177 -1.18 51.65 41.95
N VAL A 178 -2.21 52.09 41.24
CA VAL A 178 -2.06 53.00 40.09
C VAL A 178 -2.18 54.46 40.54
N PHE A 179 -2.33 54.70 41.84
CA PHE A 179 -2.59 56.05 42.34
C PHE A 179 -1.61 57.11 41.89
N PRO A 180 -0.30 56.87 41.81
CA PRO A 180 0.60 57.92 41.30
C PRO A 180 0.19 58.43 39.92
N ASN A 181 -0.31 57.56 39.04
CA ASN A 181 -1.06 57.96 37.85
C ASN A 181 -0.32 59.01 37.03
N PRO A 182 0.70 58.63 36.27
CA PRO A 182 1.52 59.61 35.54
C PRO A 182 0.73 60.59 34.68
N ASN A 183 -0.48 60.20 34.26
CA ASN A 183 -1.28 61.09 33.42
C ASN A 183 -1.68 62.36 34.18
N GLN A 184 -2.05 62.23 35.45
CA GLN A 184 -2.50 63.38 36.22
C GLN A 184 -1.31 64.17 36.75
N GLY A 185 -1.40 65.49 36.64
CA GLY A 185 -0.35 66.36 37.13
C GLY A 185 -0.76 67.11 38.38
N PRO A 186 -0.21 68.32 38.56
CA PRO A 186 -0.58 69.12 39.73
C PRO A 186 -2.07 69.43 39.79
N GLY A 187 -2.70 69.66 38.64
CA GLY A 187 -4.12 69.96 38.61
C GLY A 187 -4.48 71.36 39.03
N ILE A 188 -3.50 72.24 39.21
CA ILE A 188 -3.73 73.63 39.59
C ILE A 188 -3.32 74.51 38.42
N ASN A 189 -4.22 75.39 37.99
CA ASN A 189 -3.91 76.18 36.80
C ASN A 189 -2.99 77.34 37.15
N PRO A 190 -3.28 78.17 38.16
CA PRO A 190 -2.26 79.12 38.64
C PRO A 190 -1.29 78.40 39.56
N LEU A 191 -0.09 78.14 39.06
CA LEU A 191 0.92 77.51 39.90
C LEU A 191 1.47 78.46 40.95
N ARG A 192 1.13 79.75 40.87
CA ARG A 192 1.62 80.74 41.83
C ARG A 192 0.93 80.65 43.17
N GLN A 193 -0.26 80.04 43.23
CA GLN A 193 -1.06 80.03 44.45
C GLN A 193 -0.64 78.96 45.45
N VAL A 194 0.15 77.98 45.04
CA VAL A 194 0.49 76.86 45.90
C VAL A 194 1.66 77.26 46.81
N GLU A 195 1.54 76.93 48.09
CA GLU A 195 2.58 77.23 49.06
C GLU A 195 3.55 76.05 49.17
N ASN A 196 4.81 76.38 49.41
CA ASN A 196 5.88 75.40 49.33
C ASN A 196 5.88 74.41 50.50
N ALA A 197 5.27 74.75 51.63
CA ALA A 197 5.35 73.92 52.82
C ALA A 197 4.06 73.13 53.09
N ASN A 198 3.00 73.39 52.34
CA ASN A 198 1.70 72.75 52.56
C ASN A 198 1.16 72.22 51.23
N THR A 199 2.00 71.51 50.50
CA THR A 199 1.59 71.05 49.18
C THR A 199 1.78 69.56 48.96
N GLY A 200 2.83 68.96 49.51
CA GLY A 200 3.12 67.56 49.27
C GLY A 200 3.66 67.29 47.88
N VAL A 201 4.40 66.20 47.74
CA VAL A 201 5.04 65.83 46.47
C VAL A 201 4.79 64.35 46.22
N LEU A 202 4.36 64.02 44.99
CA LEU A 202 4.19 62.64 44.58
C LEU A 202 4.72 62.46 43.18
N GLY A 203 5.09 61.23 42.85
CA GLY A 203 5.60 60.95 41.53
C GLY A 203 5.72 59.45 41.31
N ARG A 204 6.14 59.11 40.09
CA ARG A 204 6.24 57.72 39.67
C ARG A 204 7.43 57.62 38.74
N PHE A 205 8.50 56.97 39.19
CA PHE A 205 9.72 56.85 38.42
C PHE A 205 9.88 55.41 37.92
N ALA A 206 10.68 55.25 36.87
CA ALA A 206 10.85 53.99 36.20
C ALA A 206 12.31 53.55 36.25
N LYS A 207 12.54 52.30 36.66
CA LYS A 207 13.88 51.71 36.69
C LYS A 207 14.05 50.89 35.42
N SER A 208 14.81 51.42 34.47
CA SER A 208 14.95 50.74 33.18
C SER A 208 16.23 51.18 32.49
N GLN A 209 16.65 50.35 31.55
CA GLN A 209 17.70 50.69 30.60
C GLN A 209 17.10 51.41 29.41
N TYR A 210 17.91 52.25 28.74
CA TYR A 210 17.48 53.01 27.57
C TYR A 210 16.32 53.95 27.93
N ASN A 211 16.62 54.92 28.78
CA ASN A 211 15.64 55.91 29.22
C ASN A 211 15.37 56.90 28.10
N TYR A 212 14.31 56.66 27.33
CA TYR A 212 13.86 57.59 26.30
C TYR A 212 12.35 57.67 26.36
N ALA A 213 11.82 58.89 26.47
CA ALA A 213 10.37 59.05 26.52
C ALA A 213 9.73 58.84 25.16
N TYR A 214 10.47 59.11 24.08
CA TYR A 214 9.93 59.02 22.73
C TYR A 214 9.81 57.56 22.32
N GLY A 215 8.60 57.11 22.06
CA GLY A 215 8.38 55.75 21.62
C GLY A 215 8.47 54.71 22.71
N ALA A 216 8.57 55.11 23.97
CA ALA A 216 8.67 54.16 25.07
C ALA A 216 7.35 53.42 25.22
N TYR A 217 7.43 52.09 25.20
CA TYR A 217 6.24 51.25 25.33
C TYR A 217 6.52 50.18 26.38
N VAL A 218 5.59 50.05 27.33
CA VAL A 218 5.62 48.99 28.33
C VAL A 218 4.24 48.34 28.31
N LYS A 219 4.19 47.07 27.92
CA LYS A 219 2.90 46.42 27.77
C LYS A 219 2.21 46.30 29.13
N PRO A 220 0.91 46.57 29.20
CA PRO A 220 0.21 46.53 30.48
C PRO A 220 0.10 45.11 31.03
N VAL A 221 0.03 45.03 32.36
CA VAL A 221 -0.18 43.75 33.03
C VAL A 221 -1.55 43.66 33.70
N ALA A 222 -2.24 44.78 33.86
CA ALA A 222 -3.60 44.80 34.40
C ALA A 222 -4.51 45.59 33.47
N ALA A 223 -5.80 45.48 33.73
CA ALA A 223 -6.80 46.11 32.86
C ALA A 223 -6.96 47.60 33.13
N ASP A 224 -6.28 48.15 34.13
CA ASP A 224 -6.35 49.57 34.46
C ASP A 224 -4.92 50.14 34.52
N GLY A 225 -4.43 50.58 33.36
CA GLY A 225 -3.07 51.05 33.26
C GLY A 225 -2.09 50.01 33.76
N SER A 226 -1.44 50.30 34.89
CA SER A 226 -0.69 49.32 35.66
C SER A 226 0.35 48.59 34.80
N GLN A 227 1.34 49.36 34.36
CA GLN A 227 2.41 48.79 33.55
C GLN A 227 3.29 47.83 34.34
N SER A 228 3.19 47.80 35.67
CA SER A 228 3.99 46.90 36.48
C SER A 228 3.20 46.51 37.72
N LEU A 229 3.62 45.39 38.33
CA LEU A 229 2.92 44.82 39.47
C LEU A 229 3.56 45.17 40.81
N THR A 230 4.85 45.49 40.83
CA THR A 230 5.57 45.81 42.06
C THR A 230 5.95 47.28 42.05
N GLN A 231 5.58 47.99 43.11
CA GLN A 231 5.85 49.42 43.24
C GLN A 231 6.45 49.67 44.61
N THR A 232 7.78 49.69 44.68
CA THR A 232 8.45 49.99 45.94
C THR A 232 8.39 51.49 46.21
N PRO A 233 7.84 51.93 47.34
CA PRO A 233 7.75 53.36 47.62
C PRO A 233 8.97 53.90 48.34
N TYR A 234 9.39 55.09 47.92
CA TYR A 234 10.50 55.79 48.53
C TYR A 234 10.03 57.15 49.04
N TRP A 235 10.49 57.52 50.22
CA TRP A 235 10.11 58.78 50.84
C TRP A 235 11.02 59.91 50.37
N ILE A 236 10.45 61.10 50.24
CA ILE A 236 11.18 62.31 49.90
C ILE A 236 11.26 63.16 51.16
N MET A 237 12.48 63.48 51.58
CA MET A 237 12.72 64.31 52.75
C MET A 237 13.86 65.27 52.43
N ASN A 238 13.90 66.39 53.15
CA ASN A 238 14.93 67.39 52.94
C ASN A 238 16.25 66.91 53.54
N ASN A 239 17.21 67.82 53.67
CA ASN A 239 18.52 67.44 54.19
C ASN A 239 18.41 66.81 55.57
N ALA A 240 17.48 67.29 56.39
CA ALA A 240 17.16 66.64 57.64
C ALA A 240 16.12 65.56 57.42
N GLY A 241 16.24 64.48 58.18
CA GLY A 241 15.26 63.41 58.09
C GLY A 241 13.97 63.66 58.85
N THR A 242 13.90 64.76 59.59
CA THR A 242 12.74 65.03 60.42
C THR A 242 11.53 65.49 59.58
N GLU A 243 11.78 66.20 58.49
CA GLU A 243 10.72 66.86 57.75
C GLU A 243 10.24 65.99 56.59
N TYR A 244 8.93 65.77 56.52
CA TYR A 244 8.33 64.97 55.47
C TYR A 244 7.94 65.87 54.30
N LEU A 245 8.42 65.53 53.11
CA LEU A 245 8.17 66.34 51.93
C LEU A 245 7.37 65.63 50.85
N GLY A 246 7.68 64.37 50.55
CA GLY A 246 6.97 63.70 49.48
C GLY A 246 7.25 62.22 49.46
N ALA A 247 6.73 61.57 48.41
CA ALA A 247 6.87 60.14 48.23
C ALA A 247 7.16 59.83 46.76
N VAL A 248 7.64 58.62 46.52
CA VAL A 248 8.07 58.19 45.19
C VAL A 248 7.59 56.76 44.95
N ALA A 249 7.11 56.50 43.73
CA ALA A 249 6.79 55.15 43.28
C ALA A 249 7.78 54.75 42.20
N VAL A 250 8.37 53.57 42.35
CA VAL A 250 9.40 53.09 41.44
C VAL A 250 8.96 51.75 40.87
N GLU A 251 9.06 51.60 39.55
CA GLU A 251 8.69 50.37 38.86
C GLU A 251 9.86 49.89 38.02
N ASP A 252 10.10 48.59 38.04
CA ASP A 252 11.23 47.98 37.34
C ASP A 252 10.82 47.69 35.90
N TYR A 253 11.27 48.52 34.97
CA TYR A 253 11.02 48.33 33.55
C TYR A 253 12.24 47.81 32.81
N THR A 254 13.18 47.17 33.52
CA THR A 254 14.38 46.68 32.87
C THR A 254 14.05 45.64 31.82
N ASN A 255 13.11 44.74 32.11
CA ASN A 255 12.75 43.67 31.21
C ASN A 255 11.38 43.83 30.57
N SER A 256 10.53 44.69 31.13
CA SER A 256 9.18 44.88 30.62
C SER A 256 9.07 46.02 29.61
N LEU A 257 10.17 46.68 29.30
CA LEU A 257 10.15 47.85 28.42
C LEU A 257 10.62 47.48 27.03
N SER A 258 10.04 48.17 26.03
CA SER A 258 10.40 47.95 24.64
C SER A 258 10.25 49.27 23.89
N TYR A 259 10.89 49.36 22.73
CA TYR A 259 10.83 50.52 21.86
C TYR A 259 10.42 50.09 20.46
N PRO A 260 9.17 49.69 20.28
CA PRO A 260 8.69 49.38 18.93
C PRO A 260 8.63 50.65 18.10
N ASP A 261 8.68 50.48 16.78
CA ASP A 261 8.58 51.51 15.74
C ASP A 261 9.42 52.75 16.06
N THR A 262 10.48 52.58 16.85
CA THR A 262 11.42 53.65 17.17
C THR A 262 12.81 53.07 17.23
N MET A 263 13.80 53.90 16.91
CA MET A 263 15.19 53.52 16.97
C MET A 263 15.98 54.58 17.73
N ILE A 264 17.04 54.14 18.40
CA ILE A 264 17.91 55.05 19.14
C ILE A 264 18.98 55.56 18.20
N VAL A 265 19.13 56.88 18.13
CA VAL A 265 20.14 57.50 17.30
C VAL A 265 21.25 58.03 18.20
N PRO A 266 22.25 57.22 18.51
CA PRO A 266 23.25 57.62 19.49
C PRO A 266 24.20 58.65 18.91
N PRO A 267 24.88 59.41 19.77
CA PRO A 267 25.89 60.36 19.29
C PRO A 267 27.13 59.61 18.82
N PRO A 268 28.08 60.30 18.19
CA PRO A 268 29.31 59.63 17.75
C PRO A 268 30.03 58.93 18.91
N GLU A 269 30.95 58.04 18.54
CA GLU A 269 31.60 57.19 19.53
C GLU A 269 32.34 58.02 20.58
N ASP A 270 32.95 59.13 20.17
CA ASP A 270 33.62 60.01 21.13
C ASP A 270 32.62 60.69 22.06
N TYR A 271 31.33 60.70 21.70
CA TYR A 271 30.29 61.30 22.51
C TYR A 271 29.34 60.28 23.11
N ASP A 272 29.65 58.99 23.00
CA ASP A 272 28.73 57.95 23.44
C ASP A 272 28.45 58.07 24.93
N ASP A 273 29.50 58.25 25.74
CA ASP A 273 29.29 58.51 27.15
C ASP A 273 28.75 59.91 27.35
N TYR A 274 28.20 60.16 28.54
CA TYR A 274 27.65 61.45 28.95
C TYR A 274 26.70 62.04 27.91
N ASN A 275 26.08 61.17 27.10
CA ASN A 275 25.11 61.61 26.10
C ASN A 275 24.33 60.40 25.62
N ILE A 276 23.00 60.46 25.71
CA ILE A 276 22.15 59.36 25.26
C ILE A 276 21.58 59.60 23.86
N GLY A 277 21.97 60.68 23.20
CA GLY A 277 21.47 60.94 21.88
C GLY A 277 19.98 61.23 21.88
N THR A 278 19.32 60.83 20.80
CA THR A 278 17.88 60.98 20.66
C THR A 278 17.28 59.65 20.22
N THR A 279 15.95 59.62 20.17
CA THR A 279 15.20 58.47 19.67
C THR A 279 14.38 58.91 18.48
N ARG A 280 14.50 58.17 17.38
CA ARG A 280 13.78 58.46 16.16
C ARG A 280 12.89 57.27 15.80
N ALA A 281 11.70 57.56 15.29
CA ALA A 281 10.83 56.50 14.82
C ALA A 281 11.42 55.88 13.54
N LEU A 282 11.18 54.58 13.38
CA LEU A 282 11.72 53.87 12.23
C LEU A 282 11.08 54.41 10.94
N ARG A 283 11.76 54.17 9.83
CA ARG A 283 11.27 54.67 8.55
C ARG A 283 9.95 53.99 8.21
N PRO A 284 8.92 54.75 7.83
CA PRO A 284 7.66 54.13 7.45
C PRO A 284 7.84 53.23 6.23
N ASN A 285 7.14 52.10 6.24
CA ASN A 285 7.27 51.13 5.17
C ASN A 285 5.91 50.49 4.93
N TYR A 286 5.45 50.52 3.67
CA TYR A 286 4.16 49.96 3.28
C TYR A 286 4.40 48.74 2.41
N ILE A 287 3.87 47.59 2.82
CA ILE A 287 4.20 46.31 2.19
C ILE A 287 2.95 45.70 1.56
N GLY A 288 2.05 46.55 1.07
CA GLY A 288 0.86 46.05 0.42
C GLY A 288 1.14 45.40 -0.91
N PHE A 289 0.10 44.82 -1.50
CA PHE A 289 0.22 44.22 -2.81
C PHE A 289 0.49 45.29 -3.86
N ARG A 290 0.89 44.84 -5.05
CA ARG A 290 1.25 45.75 -6.11
C ARG A 290 0.03 46.24 -6.88
N ASP A 291 0.26 47.22 -7.74
CA ASP A 291 -0.79 47.74 -8.60
C ASP A 291 -1.32 46.63 -9.49
N ASN A 292 -2.65 46.56 -9.60
CA ASN A 292 -3.33 45.56 -10.45
C ASN A 292 -2.90 44.14 -10.12
N PHE A 293 -2.45 43.91 -8.88
CA PHE A 293 -1.92 42.61 -8.46
C PHE A 293 -0.82 42.13 -9.40
N ILE A 294 0.07 43.05 -9.77
CA ILE A 294 1.20 42.71 -10.62
C ILE A 294 2.12 41.73 -9.89
N ASN A 295 2.74 40.83 -10.66
CA ASN A 295 3.68 39.84 -10.14
C ASN A 295 3.02 38.90 -9.13
N LEU A 296 1.75 38.57 -9.36
CA LEU A 296 1.04 37.61 -8.52
C LEU A 296 0.69 36.33 -9.24
N LEU A 297 0.62 36.36 -10.57
CA LEU A 297 0.49 35.18 -11.41
C LEU A 297 1.76 35.03 -12.25
N TYR A 298 2.15 33.80 -12.52
CA TYR A 298 3.33 33.55 -13.35
C TYR A 298 3.04 33.85 -14.81
N HIS A 299 2.99 35.14 -15.13
CA HIS A 299 2.98 35.60 -16.50
C HIS A 299 4.41 35.68 -17.02
N ASP A 300 4.55 35.84 -18.34
CA ASP A 300 5.81 36.11 -19.00
C ASP A 300 6.82 34.97 -18.83
N SER A 301 6.44 33.88 -18.19
CA SER A 301 7.34 32.77 -17.90
C SER A 301 6.94 31.58 -18.77
N GLY A 302 7.82 31.18 -19.68
CA GLY A 302 7.57 30.02 -20.50
C GLY A 302 7.95 28.70 -19.87
N VAL A 303 8.47 28.71 -18.65
CA VAL A 303 8.92 27.50 -17.99
C VAL A 303 7.92 27.09 -16.93
N CYS A 304 7.17 28.05 -16.40
CA CYS A 304 6.16 27.82 -15.38
C CYS A 304 4.88 28.56 -15.72
N SER A 305 4.46 28.46 -16.99
CA SER A 305 3.30 29.20 -17.46
C SER A 305 2.00 28.55 -16.99
N GLY A 306 0.88 29.19 -17.34
CA GLY A 306 -0.42 28.59 -17.15
C GLY A 306 -0.77 27.66 -18.29
N THR A 307 -1.96 27.07 -18.18
CA THR A 307 -2.40 26.08 -19.17
C THR A 307 -3.91 26.15 -19.27
N LEU A 308 -4.41 26.61 -20.43
CA LEU A 308 -5.82 26.53 -20.75
C LEU A 308 -5.98 25.73 -22.03
N ASN A 309 -6.78 24.67 -21.98
CA ASN A 309 -7.06 23.88 -23.17
C ASN A 309 -8.38 23.15 -22.96
N SER A 310 -8.94 22.68 -24.07
CA SER A 310 -10.21 21.97 -24.06
C SER A 310 -9.98 20.49 -23.86
N GLU A 311 -11.04 19.69 -24.05
CA GLU A 311 -10.97 18.24 -23.92
C GLU A 311 -10.80 17.54 -25.27
N ARG A 312 -11.63 17.89 -26.25
CA ARG A 312 -11.46 17.31 -27.58
C ARG A 312 -10.13 17.74 -28.21
N SER A 313 -9.75 18.99 -28.02
CA SER A 313 -8.47 19.51 -28.47
C SER A 313 -7.56 19.61 -27.23
N GLY A 314 -6.75 18.58 -27.02
CA GLY A 314 -5.91 18.53 -25.83
C GLY A 314 -4.70 19.44 -25.86
N MET A 315 -4.39 20.05 -27.00
CA MET A 315 -3.24 20.92 -27.09
C MET A 315 -3.49 22.22 -26.32
N ASN A 316 -2.46 22.68 -25.61
CA ASN A 316 -2.57 23.89 -24.82
C ASN A 316 -2.60 25.11 -25.73
N VAL A 317 -3.59 25.99 -25.51
CA VAL A 317 -3.76 27.18 -26.33
C VAL A 317 -3.17 28.43 -25.70
N VAL A 318 -2.68 28.33 -24.47
CA VAL A 318 -2.01 29.45 -23.81
C VAL A 318 -0.51 29.15 -23.85
N VAL A 319 0.20 29.80 -24.78
CA VAL A 319 1.65 29.75 -24.83
C VAL A 319 2.16 31.15 -24.50
N GLU A 320 3.11 31.20 -23.56
CA GLU A 320 3.70 32.46 -23.12
C GLU A 320 5.17 32.50 -23.54
N LEU A 321 5.61 33.68 -23.93
CA LEU A 321 6.97 33.90 -24.35
C LEU A 321 7.72 34.72 -23.31
N PRO A 322 9.02 34.48 -23.11
CA PRO A 322 9.79 35.29 -22.17
C PRO A 322 10.09 36.70 -22.67
N ASP A 323 9.80 37.00 -23.93
CA ASP A 323 10.08 38.31 -24.49
C ASP A 323 8.86 39.22 -24.58
N ARG A 324 7.69 38.75 -24.18
CA ARG A 324 6.52 39.61 -24.03
C ARG A 324 6.44 40.11 -22.59
N ASN A 325 5.52 41.05 -22.36
CA ASN A 325 5.36 41.65 -21.05
C ASN A 325 3.87 41.77 -20.75
N THR A 326 3.32 40.77 -20.06
CA THR A 326 1.90 40.76 -19.77
C THR A 326 1.52 41.85 -18.79
N GLU A 327 2.33 42.05 -17.74
CA GLU A 327 1.99 43.02 -16.71
C GLU A 327 2.03 44.44 -17.24
N LEU A 328 3.12 44.81 -17.92
CA LEU A 328 3.23 46.16 -18.45
C LEU A 328 2.20 46.43 -19.52
N SER A 329 1.86 45.42 -20.33
CA SER A 329 0.82 45.61 -21.34
C SER A 329 -0.51 45.96 -20.69
N TYR A 330 -0.84 45.29 -19.59
CA TYR A 330 -2.06 45.63 -18.85
C TYR A 330 -1.99 47.05 -18.31
N GLN A 331 -0.83 47.45 -17.80
CA GLN A 331 -0.67 48.81 -17.28
C GLN A 331 -0.91 49.85 -18.36
N TYR A 332 -0.37 49.61 -19.56
CA TYR A 332 -0.58 50.55 -20.66
C TYR A 332 -2.00 50.48 -21.18
N MET A 333 -2.56 49.27 -21.25
CA MET A 333 -3.95 49.13 -21.71
C MET A 333 -4.91 49.82 -20.76
N LEU A 334 -4.69 49.64 -19.45
CA LEU A 334 -5.60 50.22 -18.46
C LEU A 334 -5.47 51.73 -18.41
N ALA A 335 -4.23 52.25 -18.49
CA ALA A 335 -4.03 53.69 -18.44
C ALA A 335 -4.61 54.38 -19.66
N ASP A 336 -4.54 53.76 -20.83
CA ASP A 336 -5.23 54.31 -22.00
C ASP A 336 -6.73 54.17 -21.87
N MET A 337 -7.20 53.13 -21.19
CA MET A 337 -8.63 52.91 -21.03
C MET A 337 -9.26 53.92 -20.07
N MET A 338 -8.52 54.35 -19.06
CA MET A 338 -9.05 55.28 -18.07
C MET A 338 -7.90 56.00 -17.40
N SER A 339 -8.21 57.13 -16.78
CA SER A 339 -7.22 57.86 -15.99
C SER A 339 -6.76 57.00 -14.81
N ARG A 340 -5.49 57.13 -14.47
CA ARG A 340 -4.91 56.30 -13.43
C ARG A 340 -5.11 56.86 -12.03
N HIS A 341 -5.58 58.10 -11.90
CA HIS A 341 -5.88 58.64 -10.59
C HIS A 341 -7.12 58.05 -9.96
N HIS A 342 -7.91 57.32 -10.73
CA HIS A 342 -9.06 56.61 -10.19
C HIS A 342 -8.59 55.40 -9.39
N TYR A 343 -9.15 55.22 -8.20
CA TYR A 343 -8.75 54.16 -7.29
C TYR A 343 -9.83 53.09 -7.28
N PHE A 344 -9.54 51.95 -7.91
CA PHE A 344 -10.47 50.82 -7.98
C PHE A 344 -9.89 49.69 -7.13
N ALA A 345 -10.42 49.56 -5.91
CA ALA A 345 -9.86 48.63 -4.95
C ALA A 345 -10.11 47.17 -5.28
N LEU A 346 -10.95 46.88 -6.28
CA LEU A 346 -11.27 45.49 -6.59
C LEU A 346 -10.07 44.79 -7.22
N TRP A 347 -9.63 45.27 -8.38
CA TRP A 347 -8.40 44.79 -8.98
C TRP A 347 -7.18 45.42 -8.35
N ASN A 348 -7.36 46.03 -7.17
CA ASN A 348 -6.30 46.71 -6.45
C ASN A 348 -5.69 47.79 -7.34
N GLN A 349 -6.54 48.46 -8.09
CA GLN A 349 -6.13 49.45 -9.09
C GLN A 349 -5.79 50.75 -8.38
N ALA A 350 -4.55 50.85 -7.91
CA ALA A 350 -4.02 52.07 -7.34
C ALA A 350 -2.64 52.31 -7.94
N VAL A 351 -2.52 53.33 -8.78
CA VAL A 351 -1.31 53.53 -9.55
C VAL A 351 -0.18 54.00 -8.64
N ASP A 352 1.05 53.61 -8.98
CA ASP A 352 2.22 54.09 -8.26
C ASP A 352 2.47 55.55 -8.61
N GLN A 353 2.32 56.44 -7.62
CA GLN A 353 2.46 57.86 -7.85
C GLN A 353 3.29 58.47 -6.72
N TYR A 354 4.41 59.08 -7.09
CA TYR A 354 5.22 59.79 -6.11
C TYR A 354 4.60 61.15 -5.80
N ASP A 355 5.23 61.85 -4.87
CA ASP A 355 4.81 63.22 -4.57
C ASP A 355 5.50 64.17 -5.53
N PRO A 356 4.75 64.90 -6.37
CA PRO A 356 5.41 65.83 -7.30
C PRO A 356 6.20 66.92 -6.59
N GLU A 357 5.82 67.28 -5.36
CA GLU A 357 6.58 68.27 -4.61
C GLU A 357 7.89 67.69 -4.06
N VAL A 358 8.03 66.37 -4.07
CA VAL A 358 9.23 65.72 -3.54
C VAL A 358 10.22 65.39 -4.65
N ARG A 359 9.75 64.87 -5.78
CA ARG A 359 10.66 64.53 -6.87
C ARG A 359 11.36 65.78 -7.40
N VAL A 360 10.59 66.71 -7.97
CA VAL A 360 11.14 67.96 -8.49
C VAL A 360 11.03 68.96 -7.34
N PHE A 361 12.11 69.04 -6.56
CA PHE A 361 12.10 69.83 -5.33
C PHE A 361 12.08 71.32 -5.63
N SER A 362 10.89 71.92 -5.67
CA SER A 362 10.74 73.34 -5.92
C SER A 362 11.02 74.07 -4.62
N ASN A 363 12.30 74.35 -4.37
CA ASN A 363 12.71 75.04 -3.15
C ASN A 363 12.28 76.50 -3.25
N ASP A 364 11.18 76.84 -2.58
CA ASP A 364 10.68 78.22 -2.53
C ASP A 364 10.90 78.85 -1.16
N GLY A 365 12.00 78.49 -0.51
CA GLY A 365 12.24 79.01 0.82
C GLY A 365 11.17 78.53 1.78
N TYR A 366 10.50 79.47 2.43
CA TYR A 366 9.46 79.17 3.40
C TYR A 366 8.54 80.37 3.52
N GLU A 367 7.34 80.12 4.04
CA GLU A 367 6.31 81.16 4.16
C GLU A 367 6.69 82.07 5.33
N GLU A 368 7.57 83.03 5.04
CA GLU A 368 8.04 83.97 6.06
C GLU A 368 6.88 84.82 6.57
N GLY A 369 6.49 84.61 7.82
CA GLY A 369 5.42 85.35 8.44
C GLY A 369 5.89 86.24 9.57
N ALA A 370 4.91 86.72 10.34
CA ALA A 370 5.23 87.56 11.48
C ALA A 370 5.96 86.76 12.55
N PRO A 371 6.78 87.42 13.37
CA PRO A 371 7.49 86.71 14.44
C PRO A 371 6.51 86.02 15.37
N SER A 372 6.61 84.69 15.42
CA SER A 372 5.67 83.86 16.15
C SER A 372 6.36 83.20 17.34
N TYR A 373 5.66 83.14 18.46
CA TYR A 373 6.24 82.73 19.72
C TYR A 373 5.34 81.71 20.41
N ALA A 374 5.93 81.03 21.39
CA ALA A 374 5.20 80.11 22.27
C ALA A 374 5.26 80.69 23.67
N PHE A 375 4.11 81.10 24.20
CA PHE A 375 4.05 81.81 25.46
C PHE A 375 3.81 80.82 26.61
N ASN A 376 3.94 81.34 27.83
CA ASN A 376 3.72 80.53 29.03
C ASN A 376 2.30 79.96 29.01
N PRO A 377 2.06 78.89 29.77
CA PRO A 377 0.67 78.44 29.95
C PRO A 377 -0.23 79.54 30.51
N GLU A 378 0.28 80.34 31.44
CA GLU A 378 -0.39 81.57 31.81
C GLU A 378 0.17 82.71 30.97
N ALA A 379 -0.28 83.93 31.26
CA ALA A 379 0.26 85.12 30.62
C ALA A 379 1.24 85.85 31.54
N VAL A 380 1.61 85.24 32.66
CA VAL A 380 2.44 85.89 33.68
C VAL A 380 3.64 84.99 33.96
N GLY A 381 4.83 85.58 33.96
CA GLY A 381 6.02 84.81 34.27
C GLY A 381 7.27 85.66 34.10
N ALA A 382 8.40 85.06 34.42
CA ALA A 382 9.70 85.71 34.29
C ALA A 382 10.72 84.77 33.64
N GLY A 383 10.33 84.12 32.55
CA GLY A 383 11.28 83.32 31.81
C GLY A 383 12.43 84.17 31.35
N GLU A 384 13.66 83.81 31.75
CA GLU A 384 14.83 84.67 31.56
C GLU A 384 14.55 86.06 32.13
N GLY A 385 14.42 86.07 33.46
CA GLY A 385 13.88 87.23 34.15
C GLY A 385 14.76 88.46 34.17
N TYR A 386 14.94 89.08 33.01
CA TYR A 386 15.53 90.41 32.97
C TYR A 386 14.57 91.42 33.59
N GLY A 387 15.11 92.56 33.98
CA GLY A 387 14.33 93.61 34.59
C GLY A 387 14.24 93.45 36.09
N PRO A 388 13.69 94.45 36.76
CA PRO A 388 13.62 94.42 38.23
C PRO A 388 12.73 93.29 38.73
N ASP A 389 13.07 92.79 39.92
CA ASP A 389 12.44 91.58 40.43
C ASP A 389 10.95 91.79 40.70
N LEU A 390 10.61 92.85 41.43
CA LEU A 390 9.22 93.18 41.75
C LEU A 390 8.51 92.06 42.52
N SER A 391 9.28 91.16 43.12
CA SER A 391 8.70 90.07 43.90
C SER A 391 8.46 90.45 45.35
N GLN A 392 9.00 91.58 45.80
CA GLN A 392 8.83 92.04 47.17
C GLN A 392 8.25 93.44 47.23
N ILE A 393 7.48 93.84 46.21
CA ILE A 393 6.97 95.20 46.14
C ILE A 393 5.75 95.35 47.04
N LYS A 394 5.40 96.60 47.32
CA LYS A 394 4.23 96.95 48.12
C LYS A 394 3.40 97.95 47.34
N LEU A 395 2.11 97.68 47.21
CA LEU A 395 1.21 98.56 46.46
C LEU A 395 0.63 99.62 47.39
N TYR A 396 0.72 100.88 46.98
CA TYR A 396 0.19 101.98 47.76
C TYR A 396 -0.92 102.67 46.97
N THR A 397 -1.95 103.12 47.69
CA THR A 397 -3.01 103.89 47.06
C THR A 397 -2.49 105.28 46.67
N ASN A 398 -3.07 105.85 45.62
CA ASN A 398 -2.65 107.15 45.14
C ASN A 398 -3.41 108.27 45.84
N ASN A 399 -2.77 109.43 45.92
CA ASN A 399 -3.39 110.65 46.41
C ASN A 399 -3.49 111.61 45.24
N THR A 400 -4.70 111.77 44.69
CA THR A 400 -4.88 112.58 43.50
C THR A 400 -4.57 114.05 43.74
N ALA A 401 -4.65 114.52 44.99
CA ALA A 401 -4.32 115.91 45.28
C ALA A 401 -2.82 116.10 45.43
N ALA A 402 -2.17 115.22 46.20
CA ALA A 402 -0.73 115.31 46.40
C ALA A 402 0.07 114.67 45.29
N ASN A 403 -0.59 113.99 44.34
CA ASN A 403 0.08 113.32 43.22
C ASN A 403 1.15 112.35 43.72
N ASP A 404 0.84 111.64 44.79
CA ASP A 404 1.82 110.76 45.44
C ASP A 404 1.08 109.65 46.17
N LYS A 405 1.86 108.71 46.70
CA LYS A 405 1.32 107.64 47.52
C LYS A 405 0.73 108.20 48.81
N ASN A 406 -0.39 107.62 49.23
CA ASN A 406 -0.97 108.07 50.50
C ASN A 406 -1.26 106.93 51.46
N THR A 407 -1.73 105.79 50.97
CA THR A 407 -2.14 104.68 51.82
C THR A 407 -1.53 103.39 51.30
N ALA A 408 -0.87 102.65 52.20
CA ALA A 408 -0.32 101.36 51.85
C ALA A 408 -1.40 100.29 51.91
N VAL A 409 -1.48 99.46 50.87
CA VAL A 409 -2.42 98.35 50.88
C VAL A 409 -1.98 97.33 51.92
N THR A 410 -2.93 96.83 52.70
CA THR A 410 -2.62 95.97 53.84
C THR A 410 -1.85 94.74 53.40
N ASN A 411 -2.47 93.88 52.58
CA ASN A 411 -1.87 92.62 52.15
C ASN A 411 -2.12 92.48 50.65
N ALA A 412 -1.17 92.95 49.85
CA ALA A 412 -1.27 92.91 48.40
C ALA A 412 -0.48 91.70 47.90
N THR A 413 -1.14 90.54 47.89
CA THR A 413 -0.54 89.36 47.30
C THR A 413 -0.50 89.51 45.79
N THR A 414 0.65 89.92 45.27
CA THR A 414 0.80 90.30 43.87
C THR A 414 1.91 89.48 43.23
N ASN A 415 1.73 89.16 41.96
CA ASN A 415 2.71 88.37 41.24
C ASN A 415 3.69 89.30 40.51
N PHE A 416 3.17 90.08 39.56
CA PHE A 416 3.80 91.31 39.06
C PHE A 416 5.25 91.09 38.58
N TYR A 417 5.38 90.30 37.51
CA TYR A 417 6.69 90.25 36.88
C TYR A 417 6.85 91.39 35.89
N PHE A 418 8.02 91.44 35.25
CA PHE A 418 8.41 92.53 34.39
C PHE A 418 8.40 92.08 32.92
N GLY A 419 8.25 93.05 32.02
CA GLY A 419 8.37 92.77 30.62
C GLY A 419 7.10 92.17 30.03
N THR A 420 7.22 91.76 28.78
CA THR A 420 6.12 91.15 28.06
C THR A 420 6.00 89.69 28.46
N VAL A 421 5.07 88.96 27.82
CA VAL A 421 4.84 87.55 28.14
C VAL A 421 6.09 86.76 27.79
N PRO A 422 6.65 85.99 28.73
CA PRO A 422 7.87 85.22 28.41
C PRO A 422 7.56 84.15 27.38
N SER A 423 8.27 84.22 26.26
CA SER A 423 7.94 83.37 25.11
C SER A 423 9.21 82.93 24.42
N TYR A 424 9.11 81.83 23.69
CA TYR A 424 10.17 81.33 22.85
C TYR A 424 9.72 81.37 21.39
N GLU A 425 10.56 81.93 20.52
CA GLU A 425 10.18 82.21 19.15
C GLU A 425 10.40 80.99 18.26
N ILE A 426 9.43 80.72 17.40
CA ILE A 426 9.52 79.69 16.36
C ILE A 426 8.96 80.23 15.06
N ASP A 427 9.62 79.90 13.95
CA ASP A 427 9.09 80.16 12.62
C ASP A 427 8.66 78.81 12.04
N ILE A 428 7.37 78.51 12.17
CA ILE A 428 6.87 77.18 11.81
C ILE A 428 7.07 76.92 10.33
N SER A 429 6.76 77.91 9.49
CA SER A 429 6.83 77.71 8.04
C SER A 429 8.24 77.34 7.58
N ALA A 430 9.27 77.75 8.32
CA ALA A 430 10.62 77.30 8.03
C ALA A 430 10.94 76.00 8.75
N THR A 431 10.40 75.81 9.95
CA THR A 431 10.64 74.58 10.69
C THR A 431 10.01 73.39 9.98
N GLN A 432 8.74 73.51 9.59
CA GLN A 432 8.10 72.43 8.85
C GLN A 432 8.73 72.23 7.49
N ARG A 433 9.24 73.30 6.87
CA ARG A 433 9.87 73.17 5.57
C ARG A 433 11.10 72.29 5.65
N ARG A 434 11.95 72.51 6.66
CA ARG A 434 13.14 71.69 6.80
C ARG A 434 12.77 70.26 7.19
N ASN A 435 11.75 70.10 8.03
CA ASN A 435 11.27 68.76 8.37
C ASN A 435 10.74 68.05 7.14
N PHE A 436 10.01 68.76 6.28
CA PHE A 436 9.57 68.18 5.02
C PHE A 436 10.77 67.80 4.16
N ILE A 437 11.73 68.71 4.03
CA ILE A 437 12.88 68.45 3.17
C ILE A 437 13.70 67.28 3.71
N MET A 438 13.92 67.26 5.02
CA MET A 438 14.91 66.33 5.54
C MET A 438 14.34 64.95 5.85
N ALA A 439 13.02 64.77 5.71
CA ALA A 439 12.40 63.48 5.93
C ALA A 439 11.74 62.90 4.69
N ASN A 440 11.14 63.74 3.85
CA ASN A 440 10.54 63.29 2.60
C ASN A 440 11.53 63.26 1.45
N ILE A 441 12.72 63.83 1.63
CA ILE A 441 13.72 63.95 0.58
C ILE A 441 15.07 63.40 1.02
N ALA A 442 15.57 63.86 2.17
CA ALA A 442 16.89 63.42 2.62
C ALA A 442 16.92 61.94 2.96
N GLU A 443 15.88 61.43 3.63
CA GLU A 443 15.89 60.05 4.10
C GLU A 443 15.93 59.05 2.95
N TYR A 444 15.58 59.48 1.74
CA TYR A 444 15.54 58.59 0.58
C TYR A 444 16.74 58.78 -0.34
N LEU A 445 17.83 59.34 0.18
CA LEU A 445 19.04 59.51 -0.60
C LEU A 445 19.70 58.15 -0.84
N PRO A 446 20.53 58.05 -1.89
CA PRO A 446 21.25 56.79 -2.13
C PRO A 446 22.18 56.46 -0.98
N ASP A 447 22.50 55.17 -0.88
CA ASP A 447 23.38 54.70 0.20
C ASP A 447 24.74 55.35 0.15
N ARG A 448 25.20 55.78 -1.03
CA ARG A 448 26.52 56.41 -1.12
C ARG A 448 26.56 57.79 -0.49
N TYR A 449 25.42 58.35 -0.10
CA TYR A 449 25.35 59.64 0.58
C TYR A 449 24.89 59.51 2.02
N LYS A 450 25.25 58.41 2.68
CA LYS A 450 24.80 58.13 4.03
C LYS A 450 25.98 57.65 4.87
N PHE A 451 25.76 57.54 6.18
CA PHE A 451 26.80 57.07 7.07
C PHE A 451 26.16 56.32 8.24
N SER A 452 26.95 55.48 8.88
CA SER A 452 26.48 54.69 10.01
C SER A 452 26.22 55.60 11.22
N ILE A 453 25.63 55.02 12.26
CA ILE A 453 25.14 55.81 13.38
C ILE A 453 25.92 55.48 14.66
N SER A 454 27.20 55.17 14.51
CA SER A 454 28.16 54.94 15.58
C SER A 454 27.90 53.66 16.36
N GLY A 455 26.84 52.92 16.05
CA GLY A 455 26.62 51.62 16.63
C GLY A 455 26.47 50.58 15.54
N PHE A 456 26.17 51.05 14.34
CA PHE A 456 25.97 50.20 13.18
C PHE A 456 27.27 50.02 12.40
N ASP A 457 27.47 48.82 11.88
CA ASP A 457 28.66 48.51 11.09
C ASP A 457 28.22 47.87 9.78
N ALA A 458 28.84 48.32 8.69
CA ALA A 458 28.54 47.74 7.38
C ALA A 458 29.07 46.31 7.31
N THR A 459 28.59 45.58 6.31
CA THR A 459 28.90 44.18 6.02
C THR A 459 28.34 43.23 7.07
N SER A 460 27.74 43.75 8.14
CA SER A 460 27.06 42.88 9.09
C SER A 460 25.72 42.41 8.55
N VAL A 461 25.03 43.27 7.79
CA VAL A 461 23.77 42.92 7.15
C VAL A 461 23.79 43.43 5.71
N ALA A 462 22.93 42.85 4.88
CA ALA A 462 22.86 43.22 3.49
C ALA A 462 22.31 44.64 3.34
N PRO A 463 22.79 45.40 2.34
CA PRO A 463 22.28 46.75 2.13
C PRO A 463 20.82 46.82 1.73
N THR A 464 20.13 45.69 1.61
CA THR A 464 18.72 45.64 1.22
C THR A 464 17.82 45.21 2.36
N THR A 465 18.21 45.48 3.60
CA THR A 465 17.42 45.13 4.76
C THR A 465 16.87 46.40 5.43
N TYR A 466 15.80 46.21 6.20
CA TYR A 466 15.10 47.35 6.78
C TYR A 466 15.98 48.10 7.78
N GLU A 467 16.57 47.39 8.73
CA GLU A 467 17.35 48.05 9.75
C GLU A 467 18.69 48.55 9.23
N TYR A 468 19.09 48.13 8.03
CA TYR A 468 20.20 48.79 7.35
C TYR A 468 19.80 50.19 6.88
N MET A 469 18.62 50.30 6.28
CA MET A 469 18.13 51.60 5.83
C MET A 469 17.83 52.53 7.00
N ASN A 470 17.36 51.98 8.11
CA ASN A 470 17.06 52.81 9.27
C ASN A 470 18.32 53.34 9.93
N LYS A 471 19.35 52.50 10.05
CA LYS A 471 20.54 52.82 10.83
C LYS A 471 21.63 53.48 9.98
N ARG A 472 21.26 54.16 8.90
CA ARG A 472 22.22 54.89 8.06
C ARG A 472 21.67 56.28 7.81
N VAL A 473 22.08 57.24 8.63
CA VAL A 473 21.61 58.61 8.51
C VAL A 473 22.24 59.25 7.27
N PRO A 474 21.48 59.96 6.44
CA PRO A 474 22.07 60.63 5.28
C PRO A 474 22.91 61.83 5.69
N LEU A 475 23.79 62.23 4.78
CA LEU A 475 24.53 63.47 4.97
C LEU A 475 23.55 64.65 5.00
N THR A 476 23.83 65.60 5.88
CA THR A 476 22.89 66.69 6.13
C THR A 476 23.11 67.91 5.24
N ASN A 477 24.18 67.94 4.45
CA ASN A 477 24.43 69.05 3.54
C ASN A 477 24.14 68.72 2.09
N VAL A 478 24.08 67.44 1.73
CA VAL A 478 23.77 67.06 0.36
C VAL A 478 22.38 67.57 -0.04
N VAL A 479 21.46 67.65 0.92
CA VAL A 479 20.18 68.30 0.70
C VAL A 479 19.73 68.94 2.01
N ASP A 480 19.25 70.17 1.92
CA ASP A 480 18.80 70.93 3.08
C ASP A 480 18.02 72.14 2.56
N MET A 481 17.66 73.04 3.48
CA MET A 481 16.84 74.20 3.11
C MET A 481 17.56 75.10 2.11
N PHE A 482 18.89 75.11 2.11
CA PHE A 482 19.66 75.96 1.23
C PHE A 482 20.03 75.30 -0.09
N THR A 483 19.61 74.06 -0.32
CA THR A 483 19.97 73.33 -1.53
C THR A 483 19.20 73.93 -2.71
N ASN A 484 19.88 74.78 -3.48
CA ASN A 484 19.28 75.50 -4.60
C ASN A 484 18.02 76.23 -4.14
N VAL A 485 18.26 77.21 -3.28
CA VAL A 485 17.21 77.80 -2.45
C VAL A 485 16.09 78.43 -3.27
N GLY A 486 16.35 78.82 -4.51
CA GLY A 486 15.31 79.47 -5.29
C GLY A 486 14.90 78.74 -6.55
N ALA A 487 15.44 77.54 -6.76
CA ALA A 487 15.27 76.83 -8.01
C ALA A 487 14.29 75.67 -7.84
N ARG A 488 13.32 75.59 -8.76
CA ARG A 488 12.56 74.37 -8.92
C ARG A 488 13.45 73.33 -9.57
N TRP A 489 14.11 72.51 -8.75
CA TRP A 489 15.20 71.66 -9.21
C TRP A 489 15.12 70.33 -8.48
N SER A 490 14.82 69.27 -9.22
CA SER A 490 14.90 67.94 -8.65
C SER A 490 16.34 67.66 -8.20
N ILE A 491 16.47 67.10 -7.00
CA ILE A 491 17.80 66.88 -6.43
C ILE A 491 18.56 65.93 -7.34
N ASP A 492 19.60 66.45 -7.99
CA ASP A 492 20.40 65.64 -8.90
C ASP A 492 21.07 64.48 -8.19
N GLN A 493 21.17 64.55 -6.86
CA GLN A 493 21.67 63.42 -6.09
C GLN A 493 20.68 62.27 -6.04
N MET A 494 19.41 62.52 -6.36
CA MET A 494 18.40 61.47 -6.39
C MET A 494 17.58 61.47 -7.69
N ASP A 495 18.11 62.06 -8.76
CA ASP A 495 17.40 62.00 -10.03
C ASP A 495 17.31 60.57 -10.54
N ASN A 496 18.24 59.71 -10.15
CA ASN A 496 18.25 58.30 -10.53
C ASN A 496 17.70 57.39 -9.44
N VAL A 497 17.13 57.96 -8.37
CA VAL A 497 16.55 57.17 -7.30
C VAL A 497 15.06 56.98 -7.58
N ASN A 498 14.59 55.74 -7.44
CA ASN A 498 13.20 55.39 -7.69
C ASN A 498 12.28 56.23 -6.82
N PRO A 499 11.49 57.13 -7.40
CA PRO A 499 10.61 57.97 -6.58
C PRO A 499 9.38 57.25 -6.07
N PHE A 500 9.01 56.13 -6.69
CA PHE A 500 7.85 55.38 -6.24
C PHE A 500 8.14 54.59 -4.98
N ASN A 501 9.42 54.35 -4.66
CA ASN A 501 9.80 53.80 -3.37
C ASN A 501 9.91 54.94 -2.35
N HIS A 502 8.75 55.49 -2.02
CA HIS A 502 8.63 56.62 -1.12
C HIS A 502 7.37 56.43 -0.30
N HIS A 503 7.39 56.90 0.96
CA HIS A 503 6.21 56.74 1.79
C HIS A 503 5.07 57.66 1.37
N ARG A 504 5.31 58.60 0.45
CA ARG A 504 4.26 59.40 -0.14
C ARG A 504 3.68 58.77 -1.40
N ASN A 505 4.05 57.53 -1.71
CA ASN A 505 3.46 56.84 -2.85
C ASN A 505 2.00 56.51 -2.50
N TRP A 506 1.09 57.41 -2.89
CA TRP A 506 -0.29 57.30 -2.45
C TRP A 506 -0.94 56.01 -2.93
N GLY A 507 -0.56 55.54 -4.11
CA GLY A 507 -1.10 54.27 -4.59
C GLY A 507 -0.73 53.12 -3.69
N LEU A 508 0.57 52.94 -3.43
CA LEU A 508 1.01 51.90 -2.52
C LEU A 508 0.52 52.15 -1.10
N LYS A 509 0.45 53.43 -0.72
CA LYS A 509 -0.11 53.81 0.58
C LYS A 509 -1.54 53.31 0.72
N TYR A 510 -2.33 53.43 -0.35
CA TYR A 510 -3.68 52.88 -0.36
C TYR A 510 -3.65 51.36 -0.45
N ARG A 511 -2.74 50.81 -1.26
CA ARG A 511 -2.69 49.36 -1.45
C ARG A 511 -2.26 48.64 -0.19
N SER A 512 -1.40 49.26 0.62
CA SER A 512 -1.00 48.63 1.88
C SER A 512 -2.09 48.72 2.94
N GLN A 513 -2.86 49.80 2.93
CA GLN A 513 -3.90 49.98 3.94
C GLN A 513 -5.18 49.21 3.62
N LEU A 514 -5.29 48.62 2.44
CA LEU A 514 -6.39 47.73 2.15
C LEU A 514 -6.22 46.38 2.83
N LEU A 515 -5.00 46.05 3.27
CA LEU A 515 -4.75 44.80 3.97
C LEU A 515 -4.84 44.94 5.48
N GLY A 516 -4.75 46.16 6.00
CA GLY A 516 -4.84 46.40 7.43
C GLY A 516 -3.61 47.13 7.95
N ASN A 517 -3.66 47.42 9.25
CA ASN A 517 -2.57 48.12 9.92
C ASN A 517 -1.57 47.17 10.56
N SER A 518 -1.81 45.87 10.53
CA SER A 518 -0.88 44.90 11.09
C SER A 518 -0.17 44.15 9.98
N ARG A 519 0.90 43.45 10.36
CA ARG A 519 1.63 42.59 9.44
C ARG A 519 1.07 41.18 9.40
N TYR A 520 0.00 40.91 10.13
CA TYR A 520 -0.65 39.60 10.15
C TYR A 520 -2.00 39.76 9.48
N VAL A 521 -2.02 39.61 8.16
CA VAL A 521 -3.17 39.94 7.33
C VAL A 521 -3.78 38.64 6.80
N ASN A 522 -5.07 38.46 7.04
CA ASN A 522 -5.84 37.40 6.40
C ASN A 522 -6.48 37.94 5.13
N PHE A 523 -5.63 38.16 4.14
CA PHE A 523 -6.03 38.85 2.92
C PHE A 523 -7.03 38.00 2.13
N HIS A 524 -7.99 38.69 1.51
CA HIS A 524 -8.90 38.08 0.55
C HIS A 524 -9.00 39.03 -0.64
N ILE A 525 -8.47 38.58 -1.78
CA ILE A 525 -8.30 39.44 -2.95
C ILE A 525 -8.85 38.73 -4.17
N GLN A 526 -9.10 39.51 -5.22
CA GLN A 526 -9.59 39.02 -6.49
C GLN A 526 -8.66 39.51 -7.59
N VAL A 527 -7.96 38.60 -8.25
CA VAL A 527 -6.90 38.95 -9.18
C VAL A 527 -7.41 38.71 -10.60
N PRO A 528 -7.36 39.70 -11.49
CA PRO A 528 -7.83 39.50 -12.85
C PRO A 528 -6.84 38.70 -13.69
N GLN A 529 -7.37 38.05 -14.72
CA GLN A 529 -6.54 37.41 -15.72
C GLN A 529 -6.05 38.47 -16.71
N LYS A 530 -4.76 38.42 -17.03
CA LYS A 530 -4.15 39.49 -17.82
C LYS A 530 -3.46 39.01 -19.09
N PHE A 531 -3.39 37.71 -19.35
CA PHE A 531 -2.82 37.24 -20.60
C PHE A 531 -3.74 37.62 -21.75
N PHE A 532 -3.16 38.23 -22.79
CA PHE A 532 -3.97 38.91 -23.80
C PHE A 532 -4.86 37.94 -24.57
N ALA A 533 -4.38 36.72 -24.80
CA ALA A 533 -5.18 35.75 -25.55
C ALA A 533 -6.44 35.34 -24.79
N ILE A 534 -6.39 35.35 -23.45
CA ILE A 534 -7.50 34.91 -22.64
C ILE A 534 -8.00 36.01 -21.71
N LYS A 535 -7.48 37.23 -21.84
CA LYS A 535 -7.97 38.34 -21.02
C LYS A 535 -9.43 38.65 -21.34
N ASN A 536 -9.79 38.61 -22.63
CA ASN A 536 -11.16 38.91 -23.05
C ASN A 536 -11.76 37.79 -23.88
N LEU A 537 -11.21 36.58 -23.79
CA LEU A 537 -11.75 35.48 -24.56
C LEU A 537 -13.18 35.19 -24.15
N LEU A 538 -14.03 34.91 -25.14
CA LEU A 538 -15.44 34.65 -24.90
C LEU A 538 -15.65 33.17 -25.22
N LEU A 539 -15.43 32.32 -24.22
CA LEU A 539 -15.54 30.88 -24.42
C LEU A 539 -16.97 30.46 -24.70
N LEU A 540 -17.14 29.55 -25.65
CA LEU A 540 -18.43 29.00 -26.00
C LEU A 540 -18.66 27.73 -25.21
N SER A 541 -19.67 26.96 -25.59
CA SER A 541 -20.01 25.74 -24.86
C SER A 541 -18.87 24.74 -24.91
N GLY A 542 -18.79 23.91 -23.88
CA GLY A 542 -17.77 22.90 -23.80
C GLY A 542 -17.14 22.78 -22.43
N SER A 543 -16.25 21.80 -22.26
CA SER A 543 -15.53 21.59 -21.02
C SER A 543 -14.08 22.03 -21.21
N TYR A 544 -13.66 23.03 -20.44
CA TYR A 544 -12.31 23.57 -20.51
C TYR A 544 -11.64 23.41 -19.15
N THR A 545 -10.36 23.05 -19.17
CA THR A 545 -9.53 23.03 -17.98
C THR A 545 -8.49 24.13 -18.10
N TYR A 546 -8.29 24.88 -17.01
CA TYR A 546 -7.54 26.13 -17.07
C TYR A 546 -6.75 26.25 -15.77
N GLU A 547 -5.49 25.84 -15.81
CA GLU A 547 -4.64 25.86 -14.63
C GLU A 547 -3.68 27.04 -14.69
N TRP A 548 -3.35 27.56 -13.52
CA TRP A 548 -2.44 28.68 -13.43
C TRP A 548 -1.70 28.58 -12.09
N VAL A 549 -0.45 29.04 -12.09
CA VAL A 549 0.41 28.95 -10.93
C VAL A 549 0.67 30.35 -10.39
N LEU A 550 0.65 30.48 -9.06
CA LEU A 550 0.73 31.76 -8.38
C LEU A 550 2.06 31.89 -7.65
N ARG A 551 2.66 33.07 -7.75
CA ARG A 551 3.94 33.31 -7.09
C ARG A 551 3.79 33.28 -5.58
N LYS A 552 4.85 32.81 -4.90
CA LYS A 552 4.93 32.88 -3.45
C LYS A 552 6.12 33.73 -2.99
N ASP A 553 6.80 34.38 -3.92
CA ASP A 553 7.96 35.19 -3.58
C ASP A 553 7.50 36.51 -2.95
N PRO A 554 7.89 36.81 -1.71
CA PRO A 554 7.47 38.08 -1.11
C PRO A 554 7.95 39.30 -1.87
N ASN A 555 9.15 39.24 -2.46
CA ASN A 555 9.62 40.37 -3.26
C ASN A 555 8.76 40.58 -4.50
N MET A 556 8.33 39.49 -5.12
CA MET A 556 7.51 39.59 -6.33
C MET A 556 6.10 40.10 -5.99
N ILE A 557 5.37 39.35 -5.16
CA ILE A 557 3.95 39.60 -4.96
C ILE A 557 3.69 40.84 -4.12
N LEU A 558 4.61 41.23 -3.24
CA LEU A 558 4.42 42.36 -2.35
C LEU A 558 5.32 43.51 -2.76
N GLN A 559 4.84 44.73 -2.56
CA GLN A 559 5.58 45.93 -2.89
C GLN A 559 5.86 46.71 -1.61
N SER A 560 7.14 46.97 -1.35
CA SER A 560 7.53 47.80 -0.22
C SER A 560 7.67 49.25 -0.68
N SER A 561 7.49 50.17 0.27
CA SER A 561 7.76 51.57 0.01
C SER A 561 9.23 51.92 0.20
N LEU A 562 10.05 50.95 0.60
CA LEU A 562 11.48 51.13 0.76
C LEU A 562 12.32 50.24 -0.14
N GLY A 563 11.73 49.21 -0.73
CA GLY A 563 12.49 48.33 -1.61
C GLY A 563 13.43 47.38 -0.92
N ASN A 564 13.21 47.10 0.37
CA ASN A 564 14.09 46.19 1.09
C ASN A 564 13.79 44.74 0.73
N ASP A 565 14.74 43.87 1.02
CA ASP A 565 14.57 42.43 0.81
C ASP A 565 13.52 41.91 1.77
N LEU A 566 12.34 41.57 1.25
CA LEU A 566 11.28 41.05 2.12
C LEU A 566 11.59 39.64 2.60
N ARG A 567 12.24 38.82 1.78
CA ARG A 567 12.62 37.49 2.23
C ARG A 567 13.57 37.56 3.42
N ALA A 568 14.53 38.50 3.37
CA ALA A 568 15.42 38.73 4.49
C ALA A 568 14.72 39.41 5.66
N ASP A 569 13.53 39.97 5.45
CA ASP A 569 12.78 40.64 6.51
C ASP A 569 11.64 39.79 7.04
N GLY A 570 11.67 38.48 6.79
CA GLY A 570 10.68 37.58 7.35
C GLY A 570 9.32 37.62 6.71
N ALA A 571 9.16 38.32 5.59
CA ALA A 571 7.87 38.33 4.91
C ALA A 571 7.60 36.99 4.26
N SER A 572 6.33 36.58 4.27
CA SER A 572 5.92 35.31 3.67
C SER A 572 4.43 35.38 3.38
N ILE A 573 3.96 34.38 2.63
CA ILE A 573 2.55 34.28 2.28
C ILE A 573 2.17 32.81 2.25
N ILE A 574 0.92 32.53 2.62
CA ILE A 574 0.33 31.22 2.51
C ILE A 574 -1.03 31.37 1.85
N TYR A 575 -1.24 30.66 0.75
CA TYR A 575 -2.52 30.66 0.06
C TYR A 575 -3.37 29.52 0.62
N ASN A 576 -4.53 29.88 1.20
CA ASN A 576 -5.43 28.87 1.74
C ASN A 576 -6.39 28.35 0.67
N GLU A 577 -7.19 29.24 0.10
CA GLU A 577 -8.14 28.89 -0.94
C GLU A 577 -7.96 29.81 -2.12
N VAL A 578 -7.96 29.25 -3.33
CA VAL A 578 -7.86 30.01 -4.57
C VAL A 578 -8.97 29.47 -5.48
N ASN A 579 -10.10 30.16 -5.51
CA ASN A 579 -11.24 29.77 -6.32
C ASN A 579 -11.39 30.71 -7.50
N LEU A 580 -12.02 30.21 -8.56
CA LEU A 580 -12.16 30.95 -9.80
C LEU A 580 -13.62 31.34 -9.97
N MET A 581 -13.87 32.64 -10.04
CA MET A 581 -15.22 33.19 -10.19
C MET A 581 -15.51 33.50 -11.66
N ALA A 582 -16.71 33.16 -12.09
CA ALA A 582 -17.15 33.42 -13.46
C ALA A 582 -18.61 33.85 -13.45
N ASN A 583 -18.92 34.88 -14.22
CA ASN A 583 -20.27 35.38 -14.36
C ASN A 583 -20.81 34.97 -15.73
N PHE A 584 -22.03 34.44 -15.74
CA PHE A 584 -22.66 33.95 -16.96
C PHE A 584 -23.94 34.73 -17.20
N MET A 585 -24.08 35.29 -18.40
CA MET A 585 -25.30 35.97 -18.75
C MET A 585 -26.42 34.95 -18.89
N PRO A 586 -27.55 35.13 -18.21
CA PRO A 586 -28.65 34.17 -18.35
C PRO A 586 -29.44 34.40 -19.62
N MET A 587 -28.75 34.58 -20.75
CA MET A 587 -29.45 34.87 -21.98
C MET A 587 -30.15 33.61 -22.49
N ASP A 588 -31.20 33.83 -23.28
CA ASP A 588 -32.03 32.73 -23.75
C ASP A 588 -31.20 31.69 -24.48
N HIS A 589 -31.41 30.42 -24.14
CA HIS A 589 -30.68 29.35 -24.79
C HIS A 589 -30.99 29.29 -26.28
N ASN A 590 -32.17 29.77 -26.68
CA ASN A 590 -32.49 29.85 -28.09
C ASN A 590 -31.61 30.86 -28.83
N THR A 591 -31.00 31.80 -28.11
CA THR A 591 -30.14 32.79 -28.73
C THR A 591 -28.66 32.59 -28.42
N SER A 592 -28.34 32.04 -27.25
CA SER A 592 -26.93 31.80 -26.93
C SER A 592 -26.35 30.69 -27.80
N ASN A 593 -27.16 29.68 -28.13
CA ASN A 593 -26.69 28.69 -29.10
C ASN A 593 -26.53 29.33 -30.48
N GLN A 594 -27.44 30.25 -30.83
CA GLN A 594 -27.23 31.05 -32.04
C GLN A 594 -25.97 31.88 -31.93
N LEU A 595 -25.79 32.57 -30.80
CA LEU A 595 -24.58 33.37 -30.60
C LEU A 595 -23.34 32.50 -30.66
N GLU A 596 -23.36 31.34 -29.98
CA GLU A 596 -22.19 30.48 -30.01
C GLU A 596 -21.98 29.89 -31.39
N LEU A 597 -23.03 29.76 -32.20
CA LEU A 597 -22.88 29.21 -33.53
C LEU A 597 -22.38 30.24 -34.53
N MET A 598 -22.72 31.51 -34.34
CA MET A 598 -22.12 32.54 -35.17
C MET A 598 -20.72 32.92 -34.69
N LEU A 599 -20.29 32.40 -33.54
CA LEU A 599 -18.91 32.56 -33.09
C LEU A 599 -18.06 31.33 -33.38
N ARG A 600 -18.68 30.16 -33.56
CA ARG A 600 -17.94 29.00 -34.05
C ARG A 600 -17.64 29.12 -35.54
N ASN A 601 -18.38 29.95 -36.27
CA ASN A 601 -18.10 30.15 -37.68
C ASN A 601 -16.72 30.76 -37.85
N ALA A 602 -15.92 30.17 -38.74
CA ALA A 602 -14.52 30.54 -38.83
C ALA A 602 -14.31 31.92 -39.43
N THR A 603 -15.25 32.41 -40.23
CA THR A 603 -15.10 33.74 -40.81
C THR A 603 -15.20 34.84 -39.76
N ASN A 604 -15.82 34.55 -38.61
CA ASN A 604 -15.97 35.49 -37.51
C ASN A 604 -15.61 34.80 -36.19
N ASP A 605 -14.33 34.82 -35.87
CA ASP A 605 -13.82 34.27 -34.62
C ASP A 605 -13.00 35.32 -33.91
N GLN A 606 -12.85 35.15 -32.59
CA GLN A 606 -12.21 36.16 -31.78
C GLN A 606 -10.76 36.36 -32.19
N THR A 607 -10.32 37.61 -32.12
CA THR A 607 -8.93 37.97 -32.37
C THR A 607 -8.49 38.92 -31.27
N PHE A 608 -7.35 38.62 -30.64
CA PHE A 608 -6.86 39.42 -29.53
C PHE A 608 -5.40 39.78 -29.76
N VAL A 609 -5.05 41.01 -29.40
CA VAL A 609 -3.69 41.50 -29.52
C VAL A 609 -3.22 41.94 -28.13
N ASP A 610 -1.92 41.79 -27.89
CA ASP A 610 -1.32 42.36 -26.70
C ASP A 610 -1.24 43.86 -26.86
N TYR A 611 -1.73 44.60 -25.87
CA TYR A 611 -1.80 46.05 -26.02
C TYR A 611 -0.42 46.66 -26.15
N LEU A 612 0.56 46.12 -25.41
CA LEU A 612 1.92 46.65 -25.49
C LEU A 612 2.47 46.53 -26.91
N GLY A 613 2.24 45.39 -27.56
CA GLY A 613 2.70 45.20 -28.92
C GLY A 613 4.19 45.41 -29.07
N ALA A 614 4.98 44.89 -28.15
CA ALA A 614 6.40 45.19 -28.10
C ALA A 614 7.15 43.97 -27.60
N LYS A 615 8.13 43.51 -28.38
CA LYS A 615 9.07 42.52 -27.86
C LYS A 615 9.98 43.18 -26.84
N ASN A 616 10.22 42.48 -25.75
CA ASN A 616 10.90 43.06 -24.59
C ASN A 616 12.28 42.43 -24.43
N ALA A 617 13.31 43.27 -24.58
CA ALA A 617 14.69 42.83 -24.45
C ALA A 617 15.39 43.70 -23.42
N LEU A 618 16.10 43.07 -22.50
CA LEU A 618 16.83 43.76 -21.44
C LEU A 618 18.31 43.61 -21.70
N TYR A 619 18.98 44.73 -21.98
CA TYR A 619 20.39 44.75 -22.31
C TYR A 619 21.17 45.31 -21.13
N SER A 620 22.11 44.51 -20.61
CA SER A 620 22.83 44.90 -19.41
C SER A 620 23.75 46.08 -19.69
N VAL A 621 23.78 47.02 -18.74
CA VAL A 621 24.69 48.15 -18.77
C VAL A 621 25.36 48.22 -17.41
N PRO A 622 26.66 47.95 -17.30
CA PRO A 622 27.31 47.97 -15.99
C PRO A 622 27.40 49.37 -15.40
N ALA A 623 27.95 49.48 -14.19
CA ALA A 623 27.96 50.75 -13.48
C ALA A 623 28.74 51.81 -14.24
N GLY A 624 30.05 51.59 -14.42
CA GLY A 624 30.89 52.62 -15.01
C GLY A 624 30.66 52.85 -16.48
N SER A 625 30.05 51.90 -17.18
CA SER A 625 29.89 52.02 -18.62
C SER A 625 28.92 53.14 -18.97
N THR A 626 29.15 53.76 -20.12
CA THR A 626 28.32 54.83 -20.61
C THR A 626 27.75 54.58 -22.00
N ALA A 627 28.09 53.45 -22.62
CA ALA A 627 27.64 53.15 -23.97
C ALA A 627 27.14 51.72 -24.05
N LEU A 628 26.26 51.47 -25.01
CA LEU A 628 25.69 50.15 -25.21
C LEU A 628 25.43 49.93 -26.70
N THR A 629 25.80 48.76 -27.19
CA THR A 629 25.58 48.38 -28.57
C THR A 629 24.58 47.25 -28.65
N ILE A 630 23.54 47.43 -29.45
CA ILE A 630 22.48 46.44 -29.61
C ILE A 630 22.54 45.96 -31.06
N ASN A 631 23.26 44.87 -31.30
CA ASN A 631 23.26 44.22 -32.61
C ASN A 631 22.23 43.10 -32.66
N ILE A 632 21.63 42.93 -33.83
CA ILE A 632 20.52 41.97 -33.96
C ILE A 632 20.76 41.18 -35.24
N PRO A 633 20.35 39.91 -35.30
CA PRO A 633 20.54 39.14 -36.53
C PRO A 633 19.64 39.64 -37.65
N ALA A 634 19.92 39.12 -38.85
CA ALA A 634 19.19 39.53 -40.03
C ALA A 634 17.72 39.15 -39.90
N ARG A 635 16.86 40.07 -40.32
CA ARG A 635 15.43 39.94 -40.09
C ARG A 635 14.69 40.77 -41.13
N THR A 636 13.39 40.56 -41.21
CA THR A 636 12.54 41.16 -42.24
C THR A 636 11.76 42.38 -41.76
N TRP A 637 11.47 42.48 -40.47
CA TRP A 637 10.77 43.62 -39.89
C TRP A 637 9.47 43.90 -40.64
N GLU A 638 8.64 42.85 -40.75
CA GLU A 638 7.45 42.83 -41.60
C GLU A 638 6.23 43.33 -40.83
N GLY A 639 6.18 44.63 -40.63
CA GLY A 639 5.13 45.25 -39.88
C GLY A 639 5.57 45.87 -38.57
N MET A 640 6.84 46.22 -38.44
CA MET A 640 7.35 46.75 -37.18
C MET A 640 6.70 48.09 -36.87
N ARG A 641 6.41 48.31 -35.60
CA ARG A 641 5.73 49.51 -35.16
C ARG A 641 6.68 50.61 -34.72
N GLY A 642 7.90 50.27 -34.31
CA GLY A 642 8.87 51.26 -33.90
C GLY A 642 9.64 50.78 -32.69
N TRP A 643 10.25 51.72 -31.98
CA TRP A 643 11.08 51.42 -30.83
C TRP A 643 10.57 52.15 -29.59
N SER A 644 10.68 51.49 -28.45
CA SER A 644 10.46 52.11 -27.16
C SER A 644 11.55 51.64 -26.22
N PHE A 645 12.10 52.55 -25.41
CA PHE A 645 13.23 52.17 -24.58
C PHE A 645 13.36 53.08 -23.37
N THR A 646 13.59 52.48 -22.21
CA THR A 646 14.15 53.13 -21.05
C THR A 646 15.16 52.18 -20.43
N ARG A 647 15.88 52.67 -19.43
CA ARG A 647 16.83 51.84 -18.70
C ARG A 647 16.30 51.57 -17.31
N ILE A 648 16.37 50.30 -16.89
CA ILE A 648 15.87 49.85 -15.61
C ILE A 648 17.03 49.28 -14.82
N LYS A 649 17.11 49.61 -13.53
CA LYS A 649 18.16 49.06 -12.69
C LYS A 649 18.05 47.54 -12.64
N ALA A 650 19.19 46.88 -12.80
CA ALA A 650 19.19 45.41 -12.75
C ALA A 650 18.81 44.91 -11.37
N ALA A 651 19.12 45.67 -10.32
CA ALA A 651 18.71 45.29 -8.98
C ALA A 651 17.20 45.30 -8.80
N GLU A 652 16.48 46.11 -9.60
CA GLU A 652 15.03 46.20 -9.51
C GLU A 652 14.33 45.38 -10.57
N THR A 653 15.06 44.61 -11.35
CA THR A 653 14.49 43.82 -12.44
C THR A 653 14.70 42.33 -12.17
N PRO A 654 13.65 41.53 -12.09
CA PRO A 654 13.82 40.09 -11.88
C PRO A 654 14.32 39.40 -13.14
N GLN A 655 14.86 38.20 -12.93
CA GLN A 655 15.22 37.35 -14.05
C GLN A 655 13.98 37.03 -14.87
N LEU A 656 14.09 37.20 -16.19
CA LEU A 656 12.93 37.00 -17.05
C LEU A 656 12.61 35.52 -17.19
N GLY A 657 11.32 35.19 -17.09
CA GLY A 657 10.90 33.81 -17.20
C GLY A 657 11.52 32.91 -16.16
N ALA A 658 11.66 33.40 -14.93
CA ALA A 658 12.30 32.66 -13.85
C ALA A 658 11.25 32.15 -12.88
N GLN A 659 11.36 30.87 -12.51
CA GLN A 659 10.46 30.32 -11.51
C GLN A 659 10.63 31.03 -10.18
N TYR A 660 11.87 31.33 -9.80
CA TYR A 660 12.16 32.03 -8.55
C TYR A 660 13.54 32.64 -8.67
N ASP A 661 13.61 33.98 -8.64
CA ASP A 661 14.88 34.68 -8.77
C ASP A 661 15.53 34.79 -7.40
N VAL A 662 16.73 34.23 -7.27
CA VAL A 662 17.44 34.25 -6.00
C VAL A 662 18.29 35.50 -5.83
N ASN A 663 18.77 36.08 -6.93
CA ASN A 663 19.54 37.31 -6.87
C ASN A 663 18.65 38.54 -6.77
N PHE A 664 17.34 38.38 -6.89
CA PHE A 664 16.39 39.49 -6.76
C PHE A 664 16.08 39.67 -5.28
N LYS A 665 16.69 40.67 -4.67
CA LYS A 665 16.51 40.98 -3.26
C LYS A 665 15.98 42.39 -3.09
N TYR A 666 15.00 42.75 -3.91
CA TYR A 666 14.41 44.08 -3.93
C TYR A 666 12.90 43.93 -3.99
N SER A 667 12.19 44.80 -3.25
CA SER A 667 10.74 44.68 -3.13
C SER A 667 10.02 46.00 -3.38
N GLY A 668 10.68 46.95 -4.02
CA GLY A 668 10.01 48.22 -4.32
C GLY A 668 9.16 48.11 -5.55
N SER A 669 9.30 49.07 -6.47
CA SER A 669 8.52 49.11 -7.70
C SER A 669 9.39 48.58 -8.84
N ILE A 670 9.09 47.38 -9.32
CA ILE A 670 9.76 46.84 -10.50
C ILE A 670 9.29 47.63 -11.71
N ALA A 671 10.15 48.52 -12.22
CA ALA A 671 9.79 49.34 -13.37
C ALA A 671 9.54 48.52 -14.61
N TYR A 672 10.07 47.30 -14.68
CA TYR A 672 9.80 46.42 -15.80
C TYR A 672 8.34 45.97 -15.82
N SER A 673 7.86 45.50 -14.68
CA SER A 673 6.52 44.91 -14.63
C SER A 673 5.43 45.97 -14.77
N ASP A 674 5.55 47.06 -14.05
CA ASP A 674 4.57 48.14 -14.11
C ASP A 674 5.11 49.27 -14.99
N GLY A 675 4.39 50.38 -15.02
CA GLY A 675 4.82 51.52 -15.81
C GLY A 675 5.62 52.53 -15.01
N GLY A 676 6.13 52.11 -13.86
CA GLY A 676 6.86 53.01 -12.99
C GLY A 676 8.24 53.36 -13.50
N PHE A 677 8.32 53.91 -14.70
CA PHE A 677 9.60 54.31 -15.27
C PHE A 677 10.05 55.63 -14.68
N TYR A 678 11.33 55.71 -14.33
CA TYR A 678 11.91 56.93 -13.80
C TYR A 678 13.29 57.23 -14.35
N LEU A 679 13.79 56.46 -15.30
CA LEU A 679 15.11 56.67 -15.90
C LEU A 679 15.00 56.95 -17.39
N SER A 680 13.95 57.65 -17.80
CA SER A 680 13.85 58.06 -19.19
C SER A 680 14.90 59.11 -19.52
N HIS A 681 15.38 59.85 -18.53
CA HIS A 681 16.57 60.66 -18.71
C HIS A 681 17.78 59.73 -18.66
N THR A 682 18.99 60.28 -18.63
CA THR A 682 20.21 59.49 -18.74
C THR A 682 20.25 58.70 -20.04
N PHE A 683 19.77 59.33 -21.12
CA PHE A 683 19.99 58.87 -22.49
C PHE A 683 20.60 60.02 -23.28
N ARG A 684 21.91 59.98 -23.49
CA ARG A 684 22.58 61.04 -24.23
C ARG A 684 22.14 61.07 -25.69
N ASN A 685 22.20 59.91 -26.35
CA ASN A 685 21.76 59.81 -27.74
C ASN A 685 21.60 58.34 -28.11
N MET A 686 21.14 58.10 -29.34
CA MET A 686 20.98 56.73 -29.84
C MET A 686 21.02 56.78 -31.36
N SER A 687 21.45 55.67 -31.96
CA SER A 687 21.53 55.56 -33.41
C SER A 687 20.90 54.25 -33.86
N ILE A 688 20.36 54.25 -35.07
CA ILE A 688 19.74 53.08 -35.69
C ILE A 688 20.37 52.86 -37.05
N LEU A 689 20.79 51.62 -37.32
CA LEU A 689 21.35 51.26 -38.62
C LEU A 689 20.79 49.90 -39.03
N PHE A 690 19.80 49.90 -39.92
CA PHE A 690 19.14 48.64 -40.30
C PHE A 690 20.12 47.67 -40.94
N ASP A 691 21.03 48.16 -41.75
CA ASP A 691 22.11 47.31 -42.21
C ASP A 691 23.36 47.68 -41.42
N THR A 692 24.51 47.11 -41.81
CA THR A 692 25.75 47.43 -41.11
C THR A 692 26.04 48.93 -41.15
N SER A 693 25.63 49.62 -42.22
CA SER A 693 25.96 51.02 -42.39
C SER A 693 24.81 51.91 -42.87
N ILE A 694 23.58 51.41 -42.88
CA ILE A 694 22.44 52.14 -43.42
C ILE A 694 21.65 52.71 -42.25
N ASN A 695 21.79 54.01 -42.00
CA ASN A 695 21.03 54.66 -40.96
C ASN A 695 19.55 54.73 -41.33
N TRP A 696 18.68 54.44 -40.37
CA TRP A 696 17.24 54.42 -40.66
C TRP A 696 16.70 55.78 -41.07
N PRO A 697 16.92 56.88 -40.31
CA PRO A 697 16.43 58.17 -40.81
C PRO A 697 17.03 58.48 -42.17
N GLY A 698 18.35 58.49 -42.25
CA GLY A 698 19.08 58.40 -43.49
C GLY A 698 18.59 59.23 -44.66
N ASN A 699 17.86 60.31 -44.36
CA ASN A 699 17.39 61.23 -45.39
C ASN A 699 17.58 62.66 -44.93
N ASP A 700 18.53 62.89 -44.03
CA ASP A 700 18.73 64.18 -43.38
C ASP A 700 17.45 64.67 -42.71
N ARG A 701 16.67 63.72 -42.18
CA ARG A 701 15.46 64.10 -41.44
C ARG A 701 15.82 64.96 -40.24
N LEU A 702 16.72 64.47 -39.40
CA LEU A 702 17.05 65.15 -38.16
C LEU A 702 18.14 66.19 -38.38
N LEU A 703 18.31 67.06 -37.39
CA LEU A 703 19.42 68.01 -37.41
C LEU A 703 20.76 67.30 -37.23
N THR A 704 20.76 66.09 -36.68
CA THR A 704 21.91 65.20 -36.66
C THR A 704 21.47 63.92 -37.36
N PRO A 705 21.63 63.85 -38.68
CA PRO A 705 20.94 62.80 -39.45
C PRO A 705 21.35 61.37 -39.11
N ASN A 706 22.52 61.17 -38.52
CA ASN A 706 23.03 59.83 -38.28
C ASN A 706 22.73 59.30 -36.88
N MET A 707 22.03 60.07 -36.05
CA MET A 707 21.79 59.64 -34.68
C MET A 707 20.55 60.34 -34.14
N PHE A 708 19.96 59.74 -33.11
CA PHE A 708 18.83 60.31 -32.40
C PHE A 708 19.35 60.96 -31.12
N GLU A 709 19.89 62.17 -31.26
CA GLU A 709 20.50 62.86 -30.13
C GLU A 709 19.40 63.26 -29.17
N ILE A 710 19.22 62.47 -28.10
CA ILE A 710 18.13 62.71 -27.17
C ILE A 710 18.37 63.97 -26.35
N LYS A 711 19.60 64.19 -25.91
CA LYS A 711 19.92 65.41 -25.17
C LYS A 711 21.38 65.75 -25.36
N ARG A 712 21.69 67.04 -25.21
CA ARG A 712 23.06 67.54 -25.23
C ARG A 712 23.22 68.59 -24.15
N SER A 713 24.44 68.73 -23.64
CA SER A 713 24.70 69.66 -22.56
C SER A 713 24.61 71.10 -23.07
N VAL A 714 23.86 71.92 -22.36
CA VAL A 714 23.69 73.32 -22.76
C VAL A 714 24.96 74.12 -22.50
N ALA A 715 25.77 73.71 -21.52
CA ALA A 715 27.03 74.41 -21.27
C ALA A 715 27.96 74.32 -22.46
N LEU A 716 28.05 73.13 -23.06
CA LEU A 716 28.86 72.92 -24.26
C LEU A 716 28.10 73.29 -25.53
N ASP A 717 26.84 73.68 -25.41
CA ASP A 717 26.03 74.02 -26.59
C ASP A 717 26.55 75.29 -27.25
N THR A 718 26.60 75.26 -28.58
CA THR A 718 26.95 76.43 -29.37
C THR A 718 25.93 76.73 -30.47
N GLU A 719 25.37 75.69 -31.09
CA GLU A 719 24.46 75.86 -32.22
C GLU A 719 22.99 75.76 -31.84
N GLY A 720 22.69 75.58 -30.57
CA GLY A 720 21.31 75.36 -30.13
C GLY A 720 21.01 73.88 -29.96
N PHE A 721 20.07 73.36 -30.74
CA PHE A 721 19.67 71.95 -30.65
C PHE A 721 19.20 71.58 -29.25
N THR A 722 18.59 72.52 -28.54
CA THR A 722 17.99 72.27 -27.24
C THR A 722 16.65 72.98 -27.17
N MET A 723 15.60 72.24 -26.81
CA MET A 723 14.24 72.73 -26.89
C MET A 723 13.54 72.56 -25.55
N SER A 724 12.51 73.40 -25.35
CA SER A 724 11.65 73.36 -24.16
C SER A 724 12.43 73.75 -22.90
N GLN A 725 13.38 74.68 -23.06
CA GLN A 725 14.09 75.29 -21.94
C GLN A 725 14.79 74.24 -21.08
N CYS A 726 15.33 73.21 -21.73
CA CYS A 726 16.11 72.18 -21.07
C CYS A 726 17.14 71.65 -22.05
N ASP A 727 17.73 70.51 -21.74
CA ASP A 727 18.79 69.94 -22.56
C ASP A 727 18.30 68.94 -23.59
N ILE A 728 16.99 68.67 -23.65
CA ILE A 728 16.47 67.81 -24.70
C ILE A 728 16.63 68.54 -26.04
N THR A 729 16.83 67.76 -27.10
CA THR A 729 17.19 68.34 -28.38
C THR A 729 15.97 68.65 -29.23
N LYS A 730 16.18 69.50 -30.23
CA LYS A 730 15.12 69.80 -31.19
C LYS A 730 14.69 68.54 -31.94
N ASP A 731 15.65 67.71 -32.33
CA ASP A 731 15.33 66.48 -33.03
C ASP A 731 14.47 65.57 -32.17
N TRP A 732 14.91 65.30 -30.94
CA TRP A 732 14.19 64.38 -30.08
C TRP A 732 12.83 64.93 -29.68
N TYR A 733 12.74 66.24 -29.44
CA TYR A 733 11.47 66.83 -29.04
C TYR A 733 10.43 66.66 -30.14
N LEU A 734 10.82 66.85 -31.40
CA LEU A 734 9.89 66.65 -32.51
C LEU A 734 9.46 65.20 -32.59
N ILE A 735 10.38 64.27 -32.34
CA ILE A 735 10.05 62.85 -32.41
C ILE A 735 8.96 62.50 -31.43
N GLN A 736 9.05 63.02 -30.21
CA GLN A 736 8.09 62.66 -29.17
C GLN A 736 6.73 63.29 -29.43
N MET A 737 6.70 64.57 -29.80
CA MET A 737 5.43 65.23 -30.07
C MET A 737 4.75 64.67 -31.31
N ALA A 738 5.53 64.33 -32.33
CA ALA A 738 4.95 63.75 -33.54
C ALA A 738 4.35 62.38 -33.25
N THR A 739 5.03 61.59 -32.43
CA THR A 739 4.55 60.23 -32.15
C THR A 739 3.26 60.26 -31.35
N ASN A 740 3.25 61.01 -30.26
CA ASN A 740 2.13 60.97 -29.32
C ASN A 740 0.95 61.80 -29.80
N TYR A 741 1.20 62.89 -30.51
CA TYR A 741 0.19 63.90 -30.75
C TYR A 741 -0.09 64.18 -32.23
N ASN A 742 0.71 63.64 -33.14
CA ASN A 742 0.41 63.56 -34.57
C ASN A 742 0.37 64.90 -35.28
N PHE A 743 0.86 65.97 -34.65
CA PHE A 743 0.87 67.29 -35.30
C PHE A 743 2.10 68.05 -34.83
N VAL A 744 3.14 68.08 -35.66
CA VAL A 744 4.32 68.87 -35.36
C VAL A 744 4.61 69.82 -36.51
N TYR A 745 4.19 69.43 -37.71
CA TYR A 745 4.42 70.26 -38.89
C TYR A 745 3.40 71.38 -38.99
N ASN A 746 2.30 71.29 -38.27
CA ASN A 746 1.33 72.37 -38.16
C ASN A 746 1.58 73.25 -36.95
N GLY A 747 2.53 72.90 -36.10
CA GLY A 747 2.86 73.72 -34.95
C GLY A 747 2.89 72.95 -33.65
N TYR A 748 3.90 73.21 -32.83
CA TYR A 748 3.95 72.61 -31.50
C TYR A 748 2.84 73.20 -30.63
N ARG A 749 2.19 72.33 -29.85
CA ARG A 749 1.16 72.78 -28.94
C ARG A 749 0.98 71.72 -27.86
N PHE A 750 0.33 72.13 -26.77
CA PHE A 750 -0.03 71.19 -25.72
C PHE A 750 -1.30 70.43 -26.12
N TRP A 751 -1.38 69.18 -25.68
CA TRP A 751 -2.47 68.28 -26.07
C TRP A 751 -3.16 67.75 -24.83
N PRO A 752 -4.21 68.44 -24.36
CA PRO A 752 -4.89 68.01 -23.13
C PRO A 752 -5.67 66.73 -23.29
N ASP A 753 -5.90 66.27 -24.52
CA ASP A 753 -6.70 65.07 -24.75
C ASP A 753 -6.01 63.81 -24.26
N ARG A 754 -4.71 63.85 -23.99
CA ARG A 754 -3.96 62.68 -23.57
C ARG A 754 -3.31 62.84 -22.19
N GLN A 755 -3.73 63.84 -21.41
CA GLN A 755 -3.16 64.01 -20.08
C GLN A 755 -3.53 62.87 -19.15
N TYR A 756 -4.70 62.27 -19.36
CA TYR A 756 -5.14 61.14 -18.55
C TYR A 756 -4.27 59.91 -18.73
N PHE A 757 -3.50 59.84 -19.82
CA PHE A 757 -2.88 58.58 -20.21
C PHE A 757 -1.85 58.09 -19.21
N HIS A 758 -1.25 59.01 -18.45
CA HIS A 758 -0.30 58.68 -17.39
C HIS A 758 1.00 58.12 -17.93
N TYR A 759 1.08 57.92 -19.25
CA TYR A 759 2.31 57.43 -19.85
C TYR A 759 2.69 58.17 -21.12
N ASP A 760 2.07 59.33 -21.38
CA ASP A 760 2.41 60.11 -22.55
C ASP A 760 3.55 61.07 -22.20
N PHE A 761 3.82 62.02 -23.10
CA PHE A 761 5.01 62.86 -23.00
C PHE A 761 4.77 64.13 -22.19
N LEU A 762 3.77 64.93 -22.58
CA LEU A 762 3.67 66.29 -22.05
C LEU A 762 3.29 66.32 -20.58
N ARG A 763 2.55 65.33 -20.10
CA ARG A 763 2.06 65.38 -18.72
C ARG A 763 3.20 65.22 -17.72
N ASN A 764 4.27 64.54 -18.10
CA ASN A 764 5.35 64.23 -17.17
C ASN A 764 6.72 64.63 -17.70
N PHE A 765 6.80 65.25 -18.87
CA PHE A 765 8.04 65.89 -19.30
C PHE A 765 8.22 67.17 -18.51
N ASP A 766 9.13 67.13 -17.53
CA ASP A 766 9.37 68.26 -16.63
C ASP A 766 10.77 68.79 -16.87
N PRO A 767 10.92 69.88 -17.63
CA PRO A 767 12.20 70.57 -17.66
C PRO A 767 12.38 71.45 -16.43
N MET A 768 13.61 71.49 -15.93
CA MET A 768 13.94 72.37 -14.81
C MET A 768 15.29 73.01 -15.08
N THR A 769 15.55 74.10 -14.36
CA THR A 769 16.80 74.84 -14.52
C THR A 769 17.21 75.46 -13.19
N ARG A 770 18.48 75.28 -12.84
CA ARG A 770 19.12 76.00 -11.75
C ARG A 770 20.39 76.64 -12.28
N GLN A 771 21.02 77.46 -11.44
CA GLN A 771 22.20 78.20 -11.87
C GLN A 771 23.46 77.76 -11.14
N GLY A 772 23.48 77.83 -9.82
CA GLY A 772 24.60 77.33 -9.06
C GLY A 772 25.82 78.22 -9.14
N PRO A 773 26.56 78.34 -8.04
CA PRO A 773 27.85 79.05 -8.09
C PRO A 773 28.85 78.29 -8.94
N ASN A 774 29.77 79.05 -9.55
CA ASN A 774 30.84 78.47 -10.35
C ASN A 774 32.05 78.27 -9.46
N PHE A 775 32.23 77.05 -8.98
CA PHE A 775 33.39 76.72 -8.17
C PHE A 775 34.60 76.57 -9.08
N ALA A 776 35.73 76.12 -8.53
CA ALA A 776 37.01 76.14 -9.23
C ALA A 776 37.36 77.55 -9.67
N LEU A 777 37.04 78.53 -8.83
CA LEU A 777 37.32 79.93 -9.03
C LEU A 777 38.09 80.44 -7.82
N PRO A 778 38.62 81.67 -7.84
CA PRO A 778 39.38 82.13 -6.66
C PRO A 778 38.61 82.07 -5.36
N GLY A 779 37.33 82.41 -5.37
CA GLY A 779 36.44 82.19 -4.25
C GLY A 779 35.63 80.93 -4.42
N LEU A 780 34.44 80.91 -3.82
CA LEU A 780 33.43 79.88 -4.10
C LEU A 780 34.00 78.49 -3.79
N PHE A 781 34.25 78.27 -2.51
CA PHE A 781 35.03 77.13 -2.06
C PHE A 781 34.29 75.80 -2.05
N ASP A 782 32.98 75.79 -2.32
CA ASP A 782 32.19 74.56 -2.39
C ASP A 782 32.27 73.79 -1.07
N LEU A 783 31.72 74.41 -0.03
CA LEU A 783 31.86 73.92 1.33
C LEU A 783 30.91 72.78 1.67
N VAL A 784 30.30 72.14 0.68
CA VAL A 784 29.43 70.98 0.90
C VAL A 784 30.17 69.75 0.40
N SER A 785 30.39 68.79 1.30
CA SER A 785 31.05 67.54 0.96
C SER A 785 30.00 66.46 0.72
N TYR A 786 30.15 65.73 -0.39
CA TYR A 786 29.19 64.71 -0.77
C TYR A 786 29.68 63.30 -0.47
N THR A 787 30.92 63.13 0.00
CA THR A 787 31.47 61.82 0.25
C THR A 787 31.52 61.55 1.74
N PRO A 788 30.73 60.62 2.26
CA PRO A 788 30.86 60.25 3.67
C PRO A 788 32.15 59.51 3.94
N THR A 789 32.58 59.56 5.21
CA THR A 789 33.84 58.93 5.60
C THR A 789 33.74 57.42 5.72
N THR A 790 32.54 56.85 5.59
CA THR A 790 32.27 55.40 5.66
C THR A 790 33.09 54.71 6.75
N ASP A 791 33.09 55.32 7.93
CA ASP A 791 33.69 54.73 9.12
C ASP A 791 32.60 54.41 10.13
N ASN A 792 32.99 53.62 11.14
CA ASN A 792 32.00 53.12 12.10
C ASN A 792 31.34 54.25 12.88
N SER A 793 32.12 55.24 13.29
CA SER A 793 31.59 56.33 14.10
C SER A 793 30.54 57.12 13.32
N GLY A 794 29.53 57.59 14.04
CA GLY A 794 28.47 58.39 13.46
C GLY A 794 28.83 59.86 13.37
N GLU A 795 30.11 60.13 13.11
CA GLU A 795 30.63 61.49 13.04
C GLU A 795 31.14 61.73 11.63
N GLN A 796 30.73 62.86 11.05
CA GLN A 796 31.12 63.24 9.69
C GLN A 796 31.65 64.66 9.72
N PRO A 797 32.90 64.84 10.16
CA PRO A 797 33.44 66.21 10.28
C PRO A 797 33.53 66.96 8.97
N SER A 798 33.53 66.25 7.83
CA SER A 798 33.57 66.92 6.54
C SER A 798 32.30 67.71 6.25
N GLN A 799 31.24 67.50 7.02
CA GLN A 799 29.98 68.20 6.82
C GLN A 799 29.88 69.50 7.61
N GLU A 800 30.88 69.81 8.44
CA GLU A 800 30.80 70.92 9.38
C GLU A 800 31.29 72.24 8.81
N ALA A 801 31.26 72.40 7.49
CA ALA A 801 31.75 73.62 6.86
C ALA A 801 30.64 74.56 6.41
N VAL A 802 29.38 74.24 6.68
CA VAL A 802 28.29 75.04 6.13
C VAL A 802 27.80 76.13 7.10
N ARG A 803 27.84 75.86 8.40
CA ARG A 803 27.58 76.88 9.44
C ARG A 803 26.25 77.62 9.21
N ASN A 804 25.26 76.94 8.65
CA ASN A 804 23.95 77.54 8.44
C ASN A 804 22.97 76.99 9.47
N ASN A 805 22.11 77.85 9.99
CA ASN A 805 21.26 77.53 11.14
C ASN A 805 22.11 77.02 12.28
N SER A 806 23.21 77.74 12.56
CA SER A 806 24.31 77.20 13.33
C SER A 806 23.85 76.69 14.70
N GLY A 807 23.36 77.58 15.55
CA GLY A 807 22.99 77.17 16.89
C GLY A 807 21.62 76.60 17.06
N PHE A 808 20.85 76.48 15.98
CA PHE A 808 19.44 76.07 16.06
C PHE A 808 19.19 74.67 15.51
N ILE A 809 20.22 73.96 15.05
CA ILE A 809 20.08 72.61 14.55
C ILE A 809 21.18 71.76 15.16
N ALA A 810 21.04 70.45 15.01
CA ALA A 810 22.07 69.52 15.43
C ALA A 810 23.32 69.73 14.59
N PRO A 811 24.50 69.38 15.11
CA PRO A 811 25.72 69.53 14.33
C PRO A 811 25.66 68.75 13.04
N ARG A 812 26.22 69.35 11.98
CA ARG A 812 26.17 68.72 10.68
C ARG A 812 26.93 67.40 10.66
N SER A 813 28.00 67.29 11.45
CA SER A 813 28.68 66.01 11.57
C SER A 813 27.80 64.97 12.26
N TRP A 814 26.99 65.39 13.22
CA TRP A 814 26.11 64.47 13.91
C TRP A 814 24.99 64.02 12.98
N PRO A 815 24.32 62.91 13.31
CA PRO A 815 23.08 62.59 12.61
C PRO A 815 22.06 63.70 12.78
N VAL A 816 21.25 63.89 11.74
CA VAL A 816 20.35 65.04 11.70
C VAL A 816 19.34 64.97 12.84
N TRP A 817 18.87 63.77 13.17
CA TRP A 817 17.79 63.59 14.12
C TRP A 817 18.28 63.55 15.56
N SER A 818 19.44 64.14 15.83
CA SER A 818 19.93 64.34 17.19
C SER A 818 19.55 65.74 17.66
N ALA A 819 19.71 65.97 18.96
CA ALA A 819 19.30 67.24 19.55
C ALA A 819 20.14 68.38 19.00
N HIS A 820 19.54 69.57 18.95
CA HIS A 820 20.26 70.74 18.45
C HIS A 820 21.34 71.13 19.45
N GLN A 821 22.38 71.77 18.95
CA GLN A 821 23.37 72.40 19.82
C GLN A 821 24.22 73.34 18.98
N GLY A 822 24.91 74.24 19.68
CA GLY A 822 25.76 75.23 19.05
C GLY A 822 25.39 76.62 19.48
N GLU A 823 25.80 77.59 18.68
CA GLU A 823 25.56 79.00 18.94
C GLU A 823 25.22 79.70 17.64
N SER A 824 24.47 80.79 17.74
CA SER A 824 24.09 81.55 16.55
C SER A 824 25.32 82.10 15.86
N TRP A 825 25.38 81.95 14.54
CA TRP A 825 26.57 82.32 13.80
C TRP A 825 26.16 82.64 12.37
N PRO A 826 26.78 83.63 11.74
CA PRO A 826 26.43 83.94 10.35
C PRO A 826 26.66 82.75 9.44
N ALA A 827 25.64 82.42 8.65
CA ALA A 827 25.77 81.36 7.67
C ALA A 827 26.76 81.76 6.58
N ASN A 828 27.57 80.80 6.15
CA ASN A 828 28.59 81.08 5.15
C ASN A 828 28.42 80.31 3.86
N TRP A 829 27.82 79.12 3.90
CA TRP A 829 27.82 78.26 2.71
C TRP A 829 27.03 78.85 1.55
N PRO A 830 25.71 79.09 1.66
CA PRO A 830 24.93 79.34 0.44
C PRO A 830 25.29 80.66 -0.21
N TYR A 831 26.02 80.60 -1.31
CA TYR A 831 26.41 81.82 -2.01
C TYR A 831 25.18 82.45 -2.63
N PRO A 832 24.91 83.72 -2.36
CA PRO A 832 23.68 84.34 -2.89
C PRO A 832 23.71 84.48 -4.39
N LEU A 833 22.91 83.67 -5.07
CA LEU A 833 22.80 83.76 -6.53
C LEU A 833 21.92 84.92 -6.97
N CYS A 834 21.16 85.51 -6.06
CA CYS A 834 20.29 86.64 -6.34
C CYS A 834 20.57 87.74 -5.33
N GLY A 835 19.78 88.80 -5.39
CA GLY A 835 19.92 89.91 -4.46
C GLY A 835 21.02 90.87 -4.89
N GLN A 836 21.10 91.98 -4.15
CA GLN A 836 22.10 93.01 -4.46
C GLN A 836 23.49 92.65 -3.96
N GLN A 837 23.61 91.65 -3.08
CA GLN A 837 24.90 91.12 -2.68
C GLN A 837 25.21 89.80 -3.39
N ALA A 838 24.68 89.63 -4.60
CA ALA A 838 24.89 88.40 -5.34
C ALA A 838 26.32 88.29 -5.83
N ILE A 839 26.73 87.06 -6.14
CA ILE A 839 28.05 86.80 -6.70
C ILE A 839 28.09 87.32 -8.13
N GLN A 840 29.29 87.39 -8.71
CA GLN A 840 29.45 88.02 -10.01
C GLN A 840 28.75 87.20 -11.10
N PRO A 841 28.28 87.85 -12.16
CA PRO A 841 27.65 87.10 -13.26
C PRO A 841 28.57 86.10 -13.93
N GLY A 842 29.88 86.31 -13.86
CA GLY A 842 30.82 85.32 -14.33
C GLY A 842 31.11 84.21 -13.35
N GLN A 843 30.51 84.27 -12.17
CA GLN A 843 30.69 83.26 -11.13
C GLN A 843 29.49 82.32 -11.02
N VAL A 844 28.61 82.31 -12.01
CA VAL A 844 27.43 81.46 -12.00
C VAL A 844 27.46 80.58 -13.24
N LEU A 845 26.64 79.54 -13.22
CA LEU A 845 26.54 78.61 -14.34
C LEU A 845 25.09 78.35 -14.70
N SER A 846 24.85 77.39 -15.59
CA SER A 846 23.51 76.95 -15.93
C SER A 846 23.49 75.42 -15.96
N TYR A 847 22.38 74.85 -15.53
CA TYR A 847 22.25 73.41 -15.38
C TYR A 847 20.93 72.91 -15.96
N LYS A 848 20.62 73.31 -17.19
CA LYS A 848 19.39 72.87 -17.84
C LYS A 848 19.28 71.36 -17.80
N LYS A 849 18.16 70.87 -17.27
CA LYS A 849 17.94 69.45 -17.08
C LYS A 849 16.46 69.16 -17.20
N PHE A 850 16.12 67.91 -17.52
CA PHE A 850 14.74 67.49 -17.58
C PHE A 850 14.58 66.11 -16.98
N LEU A 851 13.45 65.90 -16.31
CA LEU A 851 13.03 64.59 -15.86
C LEU A 851 11.74 64.22 -16.57
N CYS A 852 11.58 62.93 -16.88
CA CYS A 852 10.41 62.47 -17.61
C CYS A 852 10.08 61.07 -17.10
N ASP A 853 9.16 61.00 -16.14
CA ASP A 853 8.83 59.74 -15.50
C ASP A 853 7.66 59.07 -16.19
N ASN A 854 7.62 57.73 -16.10
CA ASN A 854 6.51 56.95 -16.61
C ASN A 854 6.28 57.18 -18.11
N TYR A 855 7.34 57.40 -18.87
CA TYR A 855 7.17 57.74 -20.28
C TYR A 855 7.62 56.65 -21.24
N LEU A 856 8.85 56.16 -21.12
CA LEU A 856 9.38 55.12 -22.00
C LEU A 856 9.41 55.61 -23.45
N TRP A 857 10.41 56.47 -23.72
CA TRP A 857 10.64 57.09 -25.03
C TRP A 857 10.26 56.19 -26.19
N THR A 858 9.45 56.70 -27.11
CA THR A 858 8.99 55.94 -28.27
C THR A 858 9.49 56.57 -29.55
N ILE A 859 9.92 55.73 -30.49
CA ILE A 859 10.27 56.17 -31.83
C ILE A 859 9.40 55.37 -32.80
N PRO A 860 8.58 56.03 -33.62
CA PRO A 860 7.68 55.28 -34.50
C PRO A 860 8.38 54.89 -35.79
N PHE A 861 8.11 53.67 -36.23
CA PHE A 861 8.67 53.19 -37.49
C PHE A 861 7.81 53.73 -38.62
N SER A 862 7.59 55.04 -38.62
CA SER A 862 6.79 55.73 -39.61
C SER A 862 7.67 56.72 -40.36
N SER A 863 7.42 56.84 -41.67
CA SER A 863 8.32 57.62 -42.52
C SER A 863 8.31 59.11 -42.18
N ASP A 864 7.29 59.60 -41.48
CA ASP A 864 7.25 61.01 -41.08
C ASP A 864 7.09 61.17 -39.58
N PHE A 865 7.33 60.11 -38.81
CA PHE A 865 7.32 60.09 -37.36
C PHE A 865 5.96 60.44 -36.76
N MET A 866 4.92 60.54 -37.58
CA MET A 866 3.58 60.84 -37.12
C MET A 866 2.72 59.58 -37.20
N TYR A 867 1.90 59.36 -36.19
CA TYR A 867 1.09 58.15 -36.14
C TYR A 867 0.09 58.16 -37.29
N MET A 868 0.13 57.10 -38.10
CA MET A 868 -0.72 56.99 -39.27
C MET A 868 -1.38 55.61 -39.35
N GLY A 869 -1.48 54.92 -38.22
CA GLY A 869 -2.02 53.58 -38.14
C GLY A 869 -1.09 52.70 -37.35
N GLU A 870 -1.66 51.62 -36.77
CA GLU A 870 -0.83 50.70 -36.01
C GLU A 870 0.20 50.02 -36.90
N LEU A 871 -0.20 49.65 -38.11
CA LEU A 871 0.72 49.06 -39.08
C LEU A 871 1.32 50.24 -39.84
N THR A 872 2.54 50.61 -39.47
CA THR A 872 3.07 51.94 -39.75
C THR A 872 3.36 52.10 -41.25
N ASP A 873 3.88 53.29 -41.59
CA ASP A 873 4.12 53.65 -42.98
C ASP A 873 5.16 52.74 -43.62
N LEU A 874 6.25 52.49 -42.91
CA LEU A 874 7.34 51.68 -43.44
C LEU A 874 7.27 50.22 -43.02
N GLY A 875 6.38 49.88 -42.07
CA GLY A 875 6.22 48.48 -41.69
C GLY A 875 5.66 47.62 -42.79
N GLN A 876 4.98 48.22 -43.76
CA GLN A 876 4.54 47.54 -44.97
C GLN A 876 5.27 48.04 -46.21
N ASN A 877 6.38 48.73 -46.03
CA ASN A 877 7.21 49.15 -47.15
C ASN A 877 8.02 47.95 -47.64
N PRO A 878 7.82 47.49 -48.88
CA PRO A 878 8.48 46.25 -49.31
C PRO A 878 9.94 46.45 -49.70
N MET A 879 10.68 47.21 -48.91
CA MET A 879 12.13 47.19 -48.90
C MET A 879 12.67 46.53 -47.65
N TYR A 880 11.98 46.68 -46.54
CA TYR A 880 12.26 45.93 -45.33
C TYR A 880 11.50 44.61 -45.31
N THR A 881 10.20 44.65 -45.64
CA THR A 881 9.38 43.44 -45.56
C THR A 881 9.89 42.35 -46.49
N ASN A 882 10.25 42.72 -47.73
CA ASN A 882 10.76 41.73 -48.66
C ASN A 882 12.20 41.34 -48.38
N ASN A 883 13.02 42.28 -47.92
CA ASN A 883 14.47 42.11 -47.88
C ASN A 883 14.97 42.05 -46.44
N SER A 884 15.84 41.08 -46.17
CA SER A 884 16.37 40.89 -44.83
C SER A 884 17.30 42.04 -44.44
N HIS A 885 17.25 42.41 -43.16
CA HIS A 885 18.11 43.44 -42.60
C HIS A 885 18.47 43.06 -41.17
N SER A 886 19.64 43.51 -40.73
CA SER A 886 20.19 43.19 -39.39
C SER A 886 20.64 44.49 -38.75
N MET A 887 19.76 45.14 -37.99
CA MET A 887 20.09 46.46 -37.48
C MET A 887 21.06 46.38 -36.29
N VAL A 888 21.79 47.47 -36.09
CA VAL A 888 22.60 47.68 -34.91
C VAL A 888 22.13 48.98 -34.26
N ILE A 889 21.87 48.93 -32.95
CA ILE A 889 21.39 50.09 -32.22
C ILE A 889 22.47 50.46 -31.20
N ASN A 890 22.94 51.71 -31.27
CA ASN A 890 24.05 52.17 -30.45
C ASN A 890 23.53 53.22 -29.48
N PHE A 891 23.81 53.01 -28.19
CA PHE A 891 23.42 53.92 -27.14
C PHE A 891 24.65 54.52 -26.48
N GLU A 892 24.52 55.75 -26.01
CA GLU A 892 25.41 56.27 -24.99
C GLU A 892 24.55 56.90 -23.91
N LEU A 893 24.89 56.60 -22.66
CA LEU A 893 24.02 56.90 -21.52
C LEU A 893 24.81 57.68 -20.47
N ASP A 894 24.08 58.38 -19.62
CA ASP A 894 24.73 58.96 -18.45
C ASP A 894 25.19 57.84 -17.55
N PRO A 895 26.47 57.77 -17.19
CA PRO A 895 26.96 56.63 -16.40
C PRO A 895 26.40 56.67 -14.98
N MET A 896 25.73 55.59 -14.59
CA MET A 896 25.23 55.47 -13.23
C MET A 896 26.29 54.82 -12.35
N ASP A 897 25.92 54.46 -11.13
CA ASP A 897 26.86 53.82 -10.20
C ASP A 897 26.46 52.38 -9.90
N ASP A 898 25.43 51.86 -10.56
CA ASP A 898 24.91 50.53 -10.29
C ASP A 898 24.54 49.86 -11.61
N PRO A 899 24.62 48.53 -11.67
CA PRO A 899 24.28 47.83 -12.91
C PRO A 899 22.82 48.02 -13.27
N THR A 900 22.56 48.35 -14.53
CA THR A 900 21.21 48.56 -15.02
C THR A 900 21.04 47.85 -16.36
N TYR A 901 19.79 47.55 -16.68
CA TYR A 901 19.44 47.12 -18.02
C TYR A 901 19.02 48.32 -18.85
N VAL A 902 18.82 48.08 -20.15
CA VAL A 902 18.18 49.05 -21.04
C VAL A 902 16.96 48.35 -21.61
N TYR A 903 15.80 48.68 -21.07
CA TYR A 903 14.56 47.98 -21.41
C TYR A 903 14.13 48.44 -22.80
N MET A 904 14.60 47.73 -23.82
CA MET A 904 14.29 48.06 -25.20
C MET A 904 13.04 47.32 -25.63
N LEU A 905 12.02 48.08 -26.03
CA LEU A 905 10.77 47.53 -26.54
C LEU A 905 10.69 47.82 -28.03
N TYR A 906 10.63 46.76 -28.84
CA TYR A 906 10.48 46.91 -30.27
C TYR A 906 9.00 47.17 -30.56
N GLY A 907 8.62 47.11 -31.83
CA GLY A 907 7.22 47.23 -32.18
C GLY A 907 6.75 46.00 -32.91
N VAL A 908 5.90 45.19 -32.27
CA VAL A 908 5.52 43.90 -32.82
C VAL A 908 4.00 43.78 -32.80
N PHE A 909 3.48 42.99 -33.74
CA PHE A 909 2.04 42.73 -33.83
C PHE A 909 1.78 41.31 -33.32
N ASP A 910 1.68 41.19 -32.00
CA ASP A 910 1.44 39.89 -31.36
C ASP A 910 -0.07 39.68 -31.23
N THR A 911 -0.63 38.91 -32.15
CA THR A 911 -2.07 38.67 -32.20
C THR A 911 -2.38 37.19 -32.06
N VAL A 912 -3.62 36.91 -31.68
CA VAL A 912 -4.14 35.55 -31.56
C VAL A 912 -5.46 35.48 -32.31
N ARG A 913 -5.64 34.43 -33.11
CA ARG A 913 -6.92 34.15 -33.75
C ARG A 913 -7.48 32.89 -33.09
N VAL A 914 -8.43 33.08 -32.19
CA VAL A 914 -9.00 31.99 -31.41
C VAL A 914 -10.10 31.35 -32.23
N ASN A 915 -9.91 30.10 -32.62
CA ASN A 915 -10.84 29.38 -33.47
C ASN A 915 -11.45 28.23 -32.68
N GLN A 916 -12.78 28.18 -32.64
CA GLN A 916 -13.52 27.17 -31.89
C GLN A 916 -14.53 26.51 -32.82
N PRO A 917 -14.08 25.58 -33.67
CA PRO A 917 -14.94 25.12 -34.77
C PRO A 917 -16.06 24.19 -34.32
N GLU A 918 -15.83 23.36 -33.31
CA GLU A 918 -16.82 22.43 -32.80
C GLU A 918 -17.00 22.66 -31.30
N ARG A 919 -17.82 21.82 -30.67
CA ARG A 919 -17.97 21.91 -29.23
C ARG A 919 -16.68 21.47 -28.55
N ASN A 920 -16.30 22.22 -27.51
CA ASN A 920 -15.06 22.05 -26.75
C ASN A 920 -13.90 21.62 -27.65
N VAL A 921 -13.74 22.33 -28.76
CA VAL A 921 -12.56 22.25 -29.59
C VAL A 921 -11.97 23.66 -29.63
N LEU A 922 -10.94 23.90 -28.83
CA LEU A 922 -10.35 25.22 -28.69
C LEU A 922 -8.95 25.22 -29.30
N ALA A 923 -8.72 26.14 -30.22
CA ALA A 923 -7.44 26.26 -30.90
C ALA A 923 -7.09 27.73 -31.07
N MET A 924 -5.91 28.11 -30.58
CA MET A 924 -5.40 29.46 -30.72
C MET A 924 -4.17 29.46 -31.61
N ALA A 925 -4.09 30.44 -32.50
CA ALA A 925 -2.94 30.62 -33.37
C ALA A 925 -2.27 31.94 -33.03
N TYR A 926 -0.96 31.89 -32.77
CA TYR A 926 -0.20 33.06 -32.37
C TYR A 926 0.63 33.55 -33.54
N PHE A 927 0.69 34.87 -33.69
CA PHE A 927 1.49 35.46 -34.77
C PHE A 927 2.06 36.79 -34.31
N ARG A 928 3.36 36.95 -34.48
CA ARG A 928 4.06 38.19 -34.19
C ARG A 928 4.86 38.58 -35.42
N THR A 929 4.67 39.82 -35.89
CA THR A 929 5.09 40.13 -37.25
C THR A 929 6.60 40.31 -37.42
N PRO A 930 7.30 41.17 -36.65
CA PRO A 930 8.74 41.32 -36.88
C PRO A 930 9.52 40.15 -36.30
N PHE A 931 9.17 39.76 -35.08
CA PHE A 931 9.87 38.71 -34.35
C PHE A 931 8.90 37.54 -34.17
N ALA A 932 8.80 36.69 -35.20
CA ALA A 932 7.90 35.55 -35.13
C ALA A 932 8.48 34.41 -34.32
N THR A 933 9.80 34.26 -34.27
CA THR A 933 10.40 33.12 -33.60
C THR A 933 10.36 33.24 -32.08
N GLY A 934 10.36 34.46 -31.55
CA GLY A 934 10.27 34.66 -30.11
C GLY A 934 11.39 34.03 -29.31
N ASN A 935 12.64 34.27 -29.71
CA ASN A 935 13.79 33.71 -29.03
C ASN A 935 14.52 34.80 -28.26
N ALA A 936 15.65 34.43 -27.67
CA ALA A 936 16.42 35.36 -26.84
C ALA A 936 17.22 36.29 -27.74
N VAL A 937 16.73 37.52 -27.89
CA VAL A 937 17.43 38.54 -28.65
C VAL A 937 17.47 39.83 -27.85
N ALA B 2 -19.67 24.19 -47.79
CA ALA B 2 -19.90 25.63 -47.83
C ALA B 2 -19.30 26.30 -46.61
N ALA B 3 -19.16 25.53 -45.53
CA ALA B 3 -18.58 26.06 -44.31
C ALA B 3 -17.12 26.42 -44.52
N LEU B 4 -16.68 27.47 -43.84
CA LEU B 4 -15.31 27.94 -43.96
C LEU B 4 -14.45 27.26 -42.91
N THR B 5 -13.38 26.59 -43.35
CA THR B 5 -12.47 25.89 -42.45
C THR B 5 -11.02 26.23 -42.82
N PRO B 6 -10.60 27.47 -42.58
CA PRO B 6 -9.20 27.82 -42.87
C PRO B 6 -8.29 27.45 -41.72
N ASP B 7 -7.21 26.72 -42.01
CA ASP B 7 -6.25 26.37 -40.98
C ASP B 7 -5.29 27.52 -40.77
N LEU B 8 -5.17 27.96 -39.52
CA LEU B 8 -4.20 28.97 -39.17
C LEU B 8 -2.82 28.34 -38.99
N THR B 9 -1.82 29.19 -38.75
CA THR B 9 -0.42 28.78 -38.71
C THR B 9 -0.03 28.07 -40.01
N THR B 10 -0.60 28.58 -41.11
CA THR B 10 -0.52 28.04 -42.47
C THR B 10 -1.63 28.70 -43.24
N ALA B 11 -2.23 29.73 -42.63
CA ALA B 11 -3.27 30.51 -43.29
C ALA B 11 -2.77 31.08 -44.60
N THR B 12 -1.51 31.55 -44.62
CA THR B 12 -0.61 31.90 -45.71
C THR B 12 -0.42 33.42 -45.87
N PRO B 13 -1.46 34.27 -45.86
CA PRO B 13 -1.16 35.71 -45.81
C PRO B 13 -0.63 36.14 -44.46
N ARG B 14 -1.18 35.61 -43.37
CA ARG B 14 -0.67 35.79 -42.01
C ARG B 14 -0.89 37.21 -41.52
N LEU B 15 -1.35 38.11 -42.40
CA LEU B 15 -1.75 39.44 -41.96
C LEU B 15 -3.25 39.64 -42.10
N GLN B 16 -3.79 39.23 -43.25
CA GLN B 16 -5.24 39.33 -43.46
C GLN B 16 -5.98 38.44 -42.48
N TYR B 17 -5.46 37.25 -42.21
CA TYR B 17 -6.14 36.33 -41.30
C TYR B 17 -6.12 36.82 -39.86
N PHE B 18 -5.03 37.47 -39.45
CA PHE B 18 -4.93 38.02 -38.11
C PHE B 18 -5.42 39.47 -38.05
N HIS B 19 -5.95 39.99 -39.15
CA HIS B 19 -6.55 41.32 -39.22
C HIS B 19 -5.55 42.42 -38.90
N ILE B 20 -4.26 42.11 -38.97
CA ILE B 20 -3.23 43.13 -38.86
C ILE B 20 -3.28 44.06 -40.06
N ALA B 21 -3.55 43.51 -41.24
CA ALA B 21 -3.74 44.29 -42.46
C ALA B 21 -4.94 43.73 -43.22
N GLY B 22 -6.00 43.40 -42.49
CA GLY B 22 -7.15 42.75 -43.08
C GLY B 22 -8.17 43.73 -43.64
N PRO B 23 -9.38 43.25 -43.89
CA PRO B 23 -10.42 44.12 -44.46
C PRO B 23 -10.98 45.12 -43.45
N GLY B 24 -11.23 44.65 -42.23
CA GLY B 24 -11.84 45.48 -41.20
C GLY B 24 -12.98 44.72 -40.55
N THR B 25 -13.21 45.02 -39.26
CA THR B 25 -14.19 44.27 -38.48
C THR B 25 -15.59 44.37 -39.08
N ARG B 26 -15.96 45.54 -39.56
CA ARG B 26 -17.29 45.73 -40.13
C ARG B 26 -17.52 44.85 -41.35
N GLU B 27 -16.46 44.33 -41.98
CA GLU B 27 -16.62 43.62 -43.23
C GLU B 27 -15.96 42.23 -43.25
N TYR B 28 -15.51 41.71 -42.11
CA TYR B 28 -15.13 40.31 -42.07
C TYR B 28 -15.96 39.48 -41.11
N LEU B 29 -16.65 40.09 -40.15
CA LEU B 29 -17.65 39.37 -39.38
C LEU B 29 -18.88 39.12 -40.24
N SER B 30 -19.58 38.03 -39.95
CA SER B 30 -20.73 37.64 -40.75
C SER B 30 -21.86 38.66 -40.60
N GLU B 31 -22.81 38.57 -41.53
CA GLU B 31 -24.00 39.41 -41.48
C GLU B 31 -24.70 39.30 -40.13
N ASP B 32 -25.00 38.06 -39.73
CA ASP B 32 -25.80 37.82 -38.53
C ASP B 32 -25.04 38.20 -37.27
N LEU B 33 -23.74 37.94 -37.22
CA LEU B 33 -22.98 38.29 -36.01
C LEU B 33 -22.91 39.80 -35.83
N GLN B 34 -22.72 40.54 -36.92
CA GLN B 34 -22.70 41.99 -36.80
C GLN B 34 -24.07 42.54 -36.40
N GLN B 35 -25.14 41.96 -36.94
CA GLN B 35 -26.47 42.34 -36.49
C GLN B 35 -26.66 42.04 -35.01
N PHE B 36 -26.18 40.89 -34.55
CA PHE B 36 -26.28 40.53 -33.15
C PHE B 36 -25.50 41.49 -32.26
N ILE B 37 -24.30 41.86 -32.68
CA ILE B 37 -23.50 42.80 -31.91
C ILE B 37 -24.18 44.16 -31.84
N SER B 38 -24.72 44.63 -32.97
CA SER B 38 -25.40 45.91 -32.97
C SER B 38 -26.62 45.89 -32.07
N ALA B 39 -27.41 44.81 -32.12
CA ALA B 39 -28.61 44.74 -31.30
C ALA B 39 -28.27 44.61 -29.82
N THR B 40 -27.49 43.60 -29.46
CA THR B 40 -27.09 43.36 -28.07
C THR B 40 -25.75 44.02 -27.76
N GLY B 41 -25.62 45.30 -28.06
CA GLY B 41 -24.38 46.02 -27.86
C GLY B 41 -24.37 47.02 -26.72
N SER B 42 -25.45 47.12 -25.96
CA SER B 42 -25.51 48.03 -24.83
C SER B 42 -25.37 47.31 -23.50
N TYR B 43 -25.38 45.98 -23.50
CA TYR B 43 -25.25 45.26 -22.23
C TYR B 43 -24.24 44.13 -22.31
N PHE B 44 -24.04 43.54 -23.48
CA PHE B 44 -23.13 42.41 -23.62
C PHE B 44 -22.19 42.69 -24.79
N ASP B 45 -20.96 43.08 -24.49
CA ASP B 45 -20.05 43.72 -25.44
C ASP B 45 -19.13 42.70 -26.09
N LEU B 46 -19.13 42.68 -27.42
CA LEU B 46 -18.19 41.89 -28.20
C LEU B 46 -17.30 42.73 -29.10
N LYS B 47 -17.40 44.06 -29.04
CA LYS B 47 -16.63 44.89 -29.95
C LYS B 47 -15.14 44.73 -29.74
N ASN B 48 -14.72 44.57 -28.48
CA ASN B 48 -13.31 44.43 -28.15
C ASN B 48 -12.75 43.06 -28.47
N LYS B 49 -13.57 42.10 -28.89
CA LYS B 49 -13.12 40.74 -29.12
C LYS B 49 -12.80 40.44 -30.59
N PHE B 50 -12.89 41.44 -31.47
CA PHE B 50 -12.58 41.27 -32.88
C PHE B 50 -11.64 42.37 -33.31
N ARG B 51 -10.46 41.99 -33.78
CA ARG B 51 -9.38 42.95 -33.99
C ARG B 51 -9.52 43.68 -35.32
N GLN B 52 -9.26 44.98 -35.30
CA GLN B 52 -9.27 45.82 -36.48
C GLN B 52 -8.07 46.77 -36.40
N THR B 53 -7.38 46.94 -37.52
CA THR B 53 -6.18 47.75 -37.57
C THR B 53 -6.30 48.80 -38.66
N VAL B 54 -6.03 50.05 -38.31
CA VAL B 54 -5.94 51.10 -39.31
C VAL B 54 -4.56 51.05 -39.96
N VAL B 55 -4.52 51.15 -41.29
CA VAL B 55 -3.32 50.91 -42.07
C VAL B 55 -2.82 52.22 -42.63
N ALA B 56 -1.51 52.44 -42.55
CA ALA B 56 -0.92 53.66 -43.07
C ALA B 56 -1.04 53.71 -44.60
N PRO B 57 -1.12 54.92 -45.16
CA PRO B 57 -1.32 55.05 -46.62
C PRO B 57 -0.20 54.45 -47.46
N THR B 58 1.02 54.37 -46.94
CA THR B 58 2.19 53.70 -47.53
C THR B 58 2.47 54.07 -48.99
N ARG B 59 1.89 55.15 -49.48
CA ARG B 59 2.16 55.52 -50.86
C ARG B 59 1.73 56.97 -51.09
N ASN B 60 2.62 57.74 -51.72
CA ASN B 60 2.34 59.12 -52.10
C ASN B 60 1.95 59.97 -50.91
N VAL B 61 2.51 59.66 -49.74
CA VAL B 61 2.26 60.45 -48.53
C VAL B 61 3.54 60.92 -47.86
N THR B 62 4.67 60.25 -48.06
CA THR B 62 5.94 60.71 -47.52
C THR B 62 7.04 60.27 -48.48
N THR B 63 7.82 61.24 -48.97
CA THR B 63 8.78 60.96 -50.02
C THR B 63 10.00 60.21 -49.48
N GLU B 64 10.55 59.34 -50.32
CA GLU B 64 11.85 58.74 -50.04
C GLU B 64 12.99 59.71 -50.23
N LYS B 65 12.72 60.86 -50.84
CA LYS B 65 13.73 61.88 -51.09
C LYS B 65 14.25 62.43 -49.77
N ALA B 66 15.51 62.87 -49.79
CA ALA B 66 16.14 63.41 -48.59
C ALA B 66 15.59 64.80 -48.33
N GLN B 67 14.79 64.95 -47.29
CA GLN B 67 14.20 66.22 -46.92
C GLN B 67 14.46 66.47 -45.44
N ARG B 68 14.84 67.68 -45.10
CA ARG B 68 15.13 68.02 -43.71
C ARG B 68 13.84 68.30 -42.96
N LEU B 69 13.65 67.60 -41.83
CA LEU B 69 12.47 67.84 -41.01
C LEU B 69 12.52 69.21 -40.33
N GLN B 70 13.71 69.62 -39.91
CA GLN B 70 13.89 70.86 -39.17
C GLN B 70 14.99 71.66 -39.84
N ILE B 71 14.74 72.95 -40.07
CA ILE B 71 15.73 73.85 -40.64
C ILE B 71 15.81 75.08 -39.76
N ARG B 72 17.02 75.45 -39.36
CA ARG B 72 17.25 76.65 -38.57
C ARG B 72 17.69 77.77 -39.50
N PHE B 73 17.05 78.92 -39.38
CA PHE B 73 17.33 80.07 -40.22
C PHE B 73 18.04 81.14 -39.40
N TYR B 74 19.34 81.31 -39.65
CA TYR B 74 20.09 82.37 -39.03
C TYR B 74 19.69 83.73 -39.62
N PRO B 75 19.82 84.80 -38.84
CA PRO B 75 19.52 86.13 -39.40
C PRO B 75 20.52 86.50 -40.49
N ILE B 76 20.01 87.19 -41.51
CA ILE B 76 20.89 87.77 -42.53
C ILE B 76 21.22 89.22 -42.19
N GLN B 77 20.29 89.93 -41.56
CA GLN B 77 20.50 91.29 -41.09
C GLN B 77 19.99 91.38 -39.66
N THR B 78 20.77 92.03 -38.79
CA THR B 78 20.45 92.07 -37.37
C THR B 78 20.00 93.44 -36.91
N ASP B 79 20.82 94.47 -37.08
CA ASP B 79 20.48 95.84 -36.70
C ASP B 79 19.97 95.91 -35.25
N ASP B 80 20.86 95.57 -34.32
CA ASP B 80 20.54 95.66 -32.91
C ASP B 80 20.53 97.11 -32.45
N THR B 81 19.53 97.46 -31.64
CA THR B 81 19.41 98.80 -31.09
C THR B 81 19.10 98.69 -29.60
N SER B 82 18.95 99.85 -28.95
CA SER B 82 18.75 99.85 -27.50
C SER B 82 17.35 99.40 -27.13
N THR B 83 16.34 99.86 -27.85
CA THR B 83 14.96 99.54 -27.48
C THR B 83 14.52 98.18 -27.99
N GLY B 84 15.03 97.75 -29.15
CA GLY B 84 14.60 96.51 -29.75
C GLY B 84 15.77 95.72 -30.33
N TYR B 85 15.44 94.53 -30.83
CA TYR B 85 16.42 93.68 -31.49
C TYR B 85 15.77 93.10 -32.74
N ARG B 86 16.20 93.56 -33.90
CA ARG B 86 15.66 93.10 -35.16
C ARG B 86 16.39 91.85 -35.63
N VAL B 87 15.67 91.00 -36.35
CA VAL B 87 16.26 89.86 -37.04
C VAL B 87 15.58 89.73 -38.40
N ARG B 88 16.38 89.52 -39.44
CA ARG B 88 15.87 89.35 -40.79
C ARG B 88 16.32 87.99 -41.31
N TYR B 89 15.38 87.23 -41.86
CA TYR B 89 15.65 85.88 -42.31
C TYR B 89 15.29 85.73 -43.78
N ASN B 90 15.92 84.75 -44.42
CA ASN B 90 15.57 84.35 -45.78
C ASN B 90 15.00 82.94 -45.70
N ILE B 91 13.70 82.87 -45.43
CA ILE B 91 13.00 81.59 -45.37
C ILE B 91 12.80 81.10 -46.79
N ASN B 92 13.29 79.90 -47.07
CA ASN B 92 13.18 79.31 -48.40
C ASN B 92 12.39 78.01 -48.29
N VAL B 93 11.28 77.93 -49.01
CA VAL B 93 10.48 76.72 -49.12
C VAL B 93 10.82 76.13 -50.49
N GLY B 94 11.61 75.06 -50.50
CA GLY B 94 12.15 74.54 -51.73
C GLY B 94 11.09 73.91 -52.62
N ASP B 95 11.55 73.44 -53.77
CA ASP B 95 10.65 72.79 -54.72
C ASP B 95 10.03 71.56 -54.09
N GLY B 96 8.71 71.44 -54.21
CA GLY B 96 7.99 70.34 -53.61
C GLY B 96 7.80 70.43 -52.11
N TRP B 97 8.35 71.47 -51.48
CA TRP B 97 8.22 71.65 -50.05
C TRP B 97 6.96 72.45 -49.74
N VAL B 98 6.41 72.23 -48.55
CA VAL B 98 5.30 73.02 -48.04
C VAL B 98 5.59 73.36 -46.57
N LEU B 99 5.42 74.63 -46.21
CA LEU B 99 5.79 75.11 -44.89
C LEU B 99 4.58 75.73 -44.22
N ASP B 100 4.32 75.32 -42.98
CA ASP B 100 3.28 75.91 -42.15
C ASP B 100 3.95 76.77 -41.10
N MET B 101 3.61 78.07 -41.09
CA MET B 101 4.18 78.96 -40.09
C MET B 101 3.72 78.67 -38.67
N GLY B 102 2.71 77.81 -38.50
CA GLY B 102 2.38 77.35 -37.16
C GLY B 102 3.54 76.67 -36.48
N SER B 103 4.36 75.96 -37.25
CA SER B 103 5.57 75.32 -36.73
C SER B 103 6.73 76.28 -36.60
N THR B 104 6.65 77.47 -37.20
CA THR B 104 7.75 78.42 -37.16
C THR B 104 7.79 79.13 -35.81
N TYR B 105 9.00 79.29 -35.27
CA TYR B 105 9.20 79.97 -34.00
C TYR B 105 10.60 80.56 -33.99
N PHE B 106 10.86 81.41 -33.00
CA PHE B 106 12.16 82.06 -32.84
C PHE B 106 12.94 81.35 -31.74
N ASP B 107 14.06 80.74 -32.10
CA ASP B 107 14.93 80.09 -31.14
C ASP B 107 15.89 81.14 -30.60
N ILE B 108 15.56 81.69 -29.42
CA ILE B 108 16.29 82.82 -28.85
C ILE B 108 17.13 82.31 -27.69
N LYS B 109 18.41 82.68 -27.69
CA LYS B 109 19.28 82.44 -26.54
C LYS B 109 20.17 83.65 -26.35
N GLY B 110 20.22 84.14 -25.13
CA GLY B 110 21.02 85.31 -24.82
C GLY B 110 21.43 85.31 -23.36
N ILE B 111 21.55 86.51 -22.80
CA ILE B 111 21.88 86.69 -21.39
C ILE B 111 20.82 87.60 -20.78
N LEU B 112 20.17 87.12 -19.73
CA LEU B 112 19.13 87.86 -19.03
C LEU B 112 19.61 88.20 -17.63
N ASP B 113 19.47 89.47 -17.25
CA ASP B 113 19.75 89.92 -15.89
C ASP B 113 18.42 90.34 -15.27
N ARG B 114 18.06 89.70 -14.16
CA ARG B 114 16.79 89.99 -13.50
C ARG B 114 16.94 91.04 -12.40
N GLY B 115 18.13 91.57 -12.19
CA GLY B 115 18.34 92.65 -11.25
C GLY B 115 18.31 92.20 -9.82
N PRO B 116 18.79 93.06 -8.91
CA PRO B 116 18.74 92.71 -7.48
C PRO B 116 17.33 92.56 -6.95
N SER B 117 16.33 93.08 -7.65
CA SER B 117 14.94 92.96 -7.23
C SER B 117 14.36 91.61 -7.63
N PHE B 118 15.03 90.52 -7.24
CA PHE B 118 14.60 89.19 -7.65
C PHE B 118 14.88 88.21 -6.52
N LYS B 119 13.84 87.78 -5.82
CA LYS B 119 13.93 86.70 -4.85
C LYS B 119 13.17 85.51 -5.36
N PRO B 120 13.83 84.44 -5.78
CA PRO B 120 13.11 83.28 -6.33
C PRO B 120 12.42 82.47 -5.25
N TYR B 121 12.40 82.97 -4.02
CA TYR B 121 11.91 82.21 -2.89
C TYR B 121 11.46 83.16 -1.80
N CYS B 122 10.42 82.74 -1.07
CA CYS B 122 9.99 83.46 0.12
C CYS B 122 10.94 83.15 1.27
N GLY B 123 11.01 84.07 2.22
CA GLY B 123 11.87 83.87 3.37
C GLY B 123 13.34 84.09 3.03
N THR B 124 14.19 83.67 3.96
CA THR B 124 15.63 83.84 3.84
C THR B 124 16.31 82.47 3.82
N ALA B 125 17.51 82.46 3.24
CA ALA B 125 18.30 81.23 3.14
C ALA B 125 19.38 81.13 4.22
N TYR B 126 19.53 82.16 5.06
CA TYR B 126 20.59 82.22 6.05
C TYR B 126 19.97 82.26 7.43
N ASN B 127 20.26 81.25 8.24
CA ASN B 127 19.64 81.07 9.55
C ASN B 127 18.12 81.28 9.49
N PRO B 128 17.41 80.53 8.64
CA PRO B 128 15.95 80.71 8.59
C PRO B 128 15.25 80.39 9.90
N LEU B 129 15.76 79.41 10.65
CA LEU B 129 15.17 79.05 11.93
C LEU B 129 15.53 80.02 13.04
N ALA B 130 16.46 80.93 12.80
CA ALA B 130 16.81 81.91 13.81
C ALA B 130 15.64 82.85 14.08
N PRO B 131 15.41 83.20 15.35
CA PRO B 131 14.39 84.21 15.64
C PRO B 131 14.73 85.54 14.99
N LYS B 132 13.69 86.29 14.63
CA LYS B 132 13.87 87.50 13.84
C LYS B 132 14.74 88.54 14.55
N GLU B 133 14.75 88.51 15.88
CA GLU B 133 15.49 89.50 16.67
C GLU B 133 16.68 88.89 17.41
N SER B 134 17.21 87.77 16.93
CA SER B 134 18.36 87.15 17.56
C SER B 134 19.66 87.80 17.09
N MET B 135 20.73 87.51 17.82
CA MET B 135 22.05 88.03 17.49
C MET B 135 23.05 86.89 17.46
N PHE B 136 24.09 87.06 16.64
CA PHE B 136 25.08 86.01 16.41
C PHE B 136 26.31 86.20 17.30
N ASN B 137 26.10 86.00 18.60
CA ASN B 137 27.20 86.02 19.57
C ASN B 137 27.93 87.36 19.53
N ASN B 138 27.21 88.39 19.99
CA ASN B 138 27.68 89.77 19.95
C ASN B 138 29.10 89.89 20.49
N TRP B 139 29.85 90.84 19.93
CA TRP B 139 31.14 91.25 20.47
C TRP B 139 31.41 92.66 19.97
N SER B 140 31.21 93.66 20.84
CA SER B 140 31.37 95.05 20.48
C SER B 140 32.49 95.64 21.33
N GLU B 141 33.59 96.04 20.68
CA GLU B 141 34.71 96.66 21.37
C GLU B 141 35.20 97.86 20.56
N THR B 142 35.59 98.92 21.27
CA THR B 142 36.19 100.07 20.61
C THR B 142 37.57 99.73 20.08
N ALA B 143 38.38 99.07 20.89
CA ALA B 143 39.68 98.56 20.51
C ALA B 143 39.88 97.21 21.18
N PRO B 144 40.72 96.34 20.61
CA PRO B 144 40.95 95.03 21.24
C PRO B 144 41.49 95.19 22.65
N GLY B 145 40.76 94.66 23.62
CA GLY B 145 41.09 94.81 25.01
C GLY B 145 40.51 96.04 25.67
N GLN B 146 39.85 96.92 24.91
CA GLN B 146 39.23 98.11 25.45
C GLN B 146 37.78 97.80 25.82
N ASN B 147 36.96 98.84 25.97
CA ASN B 147 35.56 98.68 26.38
C ASN B 147 34.85 97.68 25.47
N VAL B 148 34.49 96.53 26.03
CA VAL B 148 33.95 95.43 25.25
C VAL B 148 32.60 95.03 25.82
N SER B 149 31.60 94.92 24.95
CA SER B 149 30.30 94.37 25.29
C SER B 149 30.01 93.21 24.37
N ALA B 150 29.66 92.06 24.95
CA ALA B 150 29.49 90.84 24.18
C ALA B 150 28.42 89.98 24.82
N SER B 151 27.50 89.46 24.00
CA SER B 151 26.41 88.63 24.48
C SER B 151 26.23 87.48 23.51
N GLY B 152 26.59 86.27 23.93
CA GLY B 152 26.44 85.11 23.08
C GLY B 152 26.58 83.83 23.87
N GLN B 153 26.04 82.75 23.30
CA GLN B 153 26.11 81.46 23.95
C GLN B 153 27.55 80.95 23.93
N LEU B 154 27.91 80.23 24.99
CA LEU B 154 29.21 79.57 25.10
C LEU B 154 28.93 78.08 25.21
N SER B 155 29.10 77.36 24.10
CA SER B 155 28.58 76.01 23.97
C SER B 155 29.63 74.93 24.24
N ASN B 156 30.77 75.00 23.57
CA ASN B 156 31.74 73.92 23.63
C ASN B 156 32.36 73.78 25.02
N VAL B 157 32.72 72.54 25.36
CA VAL B 157 33.31 72.21 26.64
C VAL B 157 34.59 71.41 26.39
N TYR B 158 35.50 71.45 27.37
CA TYR B 158 36.74 70.70 27.25
C TYR B 158 37.18 70.07 28.57
N THR B 159 36.24 69.83 29.49
CA THR B 159 36.45 69.10 30.75
C THR B 159 37.81 69.41 31.39
N ASN B 160 38.03 70.69 31.63
CA ASN B 160 39.31 71.14 32.17
C ASN B 160 39.35 71.00 33.68
N THR B 161 40.57 70.98 34.21
CA THR B 161 40.82 71.23 35.62
C THR B 161 41.33 72.66 35.75
N SER B 162 40.68 73.44 36.61
CA SER B 162 40.97 74.86 36.72
C SER B 162 42.20 75.07 37.58
N THR B 163 42.45 76.32 37.97
CA THR B 163 43.61 76.75 38.74
C THR B 163 44.92 76.53 38.02
N THR B 164 44.88 76.22 36.73
CA THR B 164 46.09 75.99 35.94
C THR B 164 45.74 76.14 34.47
N LYS B 165 46.76 76.52 33.68
CA LYS B 165 46.56 76.88 32.29
C LYS B 165 46.60 75.68 31.34
N ASP B 166 47.17 74.55 31.77
CA ASP B 166 47.49 73.49 30.82
C ASP B 166 46.25 72.94 30.11
N THR B 167 45.12 72.88 30.80
CA THR B 167 43.90 72.34 30.21
C THR B 167 43.12 73.36 29.40
N THR B 168 43.40 74.65 29.56
CA THR B 168 42.78 75.70 28.76
C THR B 168 43.72 76.23 27.68
N ALA B 169 45.01 76.36 27.98
CA ALA B 169 45.97 76.74 26.96
C ALA B 169 46.04 75.71 25.85
N ALA B 170 45.72 74.44 26.15
CA ALA B 170 45.65 73.44 25.11
C ALA B 170 44.57 73.76 24.09
N GLN B 171 43.40 74.21 24.56
CA GLN B 171 42.35 74.61 23.64
C GLN B 171 42.70 75.93 22.95
N VAL B 172 43.39 76.83 23.65
CA VAL B 172 43.77 78.10 23.06
C VAL B 172 44.74 77.88 21.90
N THR B 173 45.63 76.90 22.03
CA THR B 173 46.54 76.56 20.93
C THR B 173 45.78 76.04 19.71
N LYS B 174 44.53 75.61 19.89
CA LYS B 174 43.70 75.15 18.79
C LYS B 174 42.71 76.20 18.30
N ILE B 175 42.43 77.22 19.12
CA ILE B 175 41.35 78.15 18.85
C ILE B 175 41.60 78.99 17.60
N SER B 176 42.85 79.10 17.15
CA SER B 176 43.17 79.97 16.03
C SER B 176 42.56 79.50 14.72
N GLY B 177 42.10 78.25 14.65
CA GLY B 177 41.48 77.72 13.46
C GLY B 177 39.97 77.65 13.58
N VAL B 178 39.39 76.64 12.93
CA VAL B 178 37.93 76.42 12.97
C VAL B 178 37.53 75.63 14.21
N PHE B 179 38.44 75.43 15.15
CA PHE B 179 38.15 74.61 16.32
C PHE B 179 36.92 75.01 17.12
N PRO B 180 36.66 76.30 17.39
CA PRO B 180 35.44 76.64 18.15
C PRO B 180 34.16 76.08 17.55
N ASN B 181 34.04 76.06 16.21
CA ASN B 181 32.98 75.32 15.53
C ASN B 181 31.60 75.67 16.06
N PRO B 182 31.05 76.84 15.72
CA PRO B 182 29.75 77.25 16.30
C PRO B 182 28.63 76.26 16.09
N ASN B 183 28.76 75.34 15.12
CA ASN B 183 27.72 74.33 14.93
C ASN B 183 27.68 73.34 16.09
N GLN B 184 28.82 73.06 16.71
CA GLN B 184 28.90 72.07 17.78
C GLN B 184 28.66 72.74 19.13
N GLY B 185 27.89 72.06 19.99
CA GLY B 185 27.53 72.60 21.28
C GLY B 185 28.04 71.75 22.43
N PRO B 186 27.27 71.71 23.53
CA PRO B 186 27.73 70.99 24.72
C PRO B 186 28.00 69.51 24.49
N GLY B 187 27.19 68.85 23.65
CA GLY B 187 27.38 67.45 23.38
C GLY B 187 26.83 66.50 24.42
N ILE B 188 26.15 67.00 25.44
CA ILE B 188 25.59 66.18 26.51
C ILE B 188 24.07 66.28 26.46
N ASN B 189 23.40 65.13 26.43
CA ASN B 189 21.94 65.15 26.43
C ASN B 189 21.41 65.35 27.84
N PRO B 190 21.86 64.58 28.85
CA PRO B 190 21.50 64.93 30.23
C PRO B 190 22.36 66.10 30.69
N LEU B 191 21.76 67.27 30.78
CA LEU B 191 22.50 68.45 31.23
C LEU B 191 22.75 68.44 32.73
N ARG B 192 22.18 67.51 33.47
CA ARG B 192 22.37 67.45 34.90
C ARG B 192 23.69 66.80 35.30
N GLN B 193 24.34 66.09 34.39
CA GLN B 193 25.56 65.37 34.72
C GLN B 193 26.79 66.26 34.73
N VAL B 194 26.70 67.45 34.16
CA VAL B 194 27.86 68.32 34.04
C VAL B 194 28.13 68.99 35.38
N GLU B 195 29.41 69.15 35.71
CA GLU B 195 29.83 69.86 36.92
C GLU B 195 30.29 71.27 36.55
N ASN B 196 29.83 72.25 37.33
CA ASN B 196 30.16 73.64 37.06
C ASN B 196 31.63 73.96 37.28
N ALA B 197 32.38 73.06 37.94
CA ALA B 197 33.78 73.31 38.23
C ALA B 197 34.75 72.45 37.44
N ASN B 198 34.24 71.52 36.63
CA ASN B 198 35.11 70.58 35.90
C ASN B 198 34.61 70.40 34.48
N THR B 199 34.20 71.49 33.82
CA THR B 199 33.61 71.38 32.49
C THR B 199 34.34 72.18 31.42
N GLY B 200 34.82 73.39 31.74
CA GLY B 200 35.43 74.22 30.72
C GLY B 200 34.41 74.88 29.81
N VAL B 201 34.75 76.04 29.28
CA VAL B 201 33.83 76.85 28.47
C VAL B 201 34.56 77.32 27.22
N LEU B 202 33.90 77.21 26.07
CA LEU B 202 34.46 77.68 24.81
C LEU B 202 33.37 78.36 23.99
N GLY B 203 33.79 79.24 23.10
CA GLY B 203 32.84 79.97 22.27
C GLY B 203 33.54 80.72 21.16
N ARG B 204 32.72 81.32 20.31
CA ARG B 204 33.20 82.01 19.11
C ARG B 204 32.25 83.18 18.87
N PHE B 205 32.73 84.39 19.17
CA PHE B 205 31.90 85.59 19.07
C PHE B 205 32.39 86.45 17.91
N ALA B 206 31.44 87.14 17.28
CA ALA B 206 31.70 87.93 16.07
C ALA B 206 31.75 89.41 16.42
N LYS B 207 32.85 90.05 16.02
CA LYS B 207 33.01 91.50 16.15
C LYS B 207 32.44 92.14 14.89
N SER B 208 31.22 92.65 14.98
CA SER B 208 30.55 93.14 13.78
C SER B 208 29.52 94.20 14.13
N GLN B 209 29.18 95.01 13.14
CA GLN B 209 28.06 95.93 13.18
C GLN B 209 26.83 95.23 12.60
N TYR B 210 25.65 95.76 12.93
CA TYR B 210 24.38 95.19 12.50
C TYR B 210 24.25 93.74 12.95
N ASN B 211 24.17 93.56 14.27
CA ASN B 211 24.15 92.23 14.87
C ASN B 211 22.74 91.66 14.78
N TYR B 212 22.52 90.78 13.81
CA TYR B 212 21.27 90.05 13.69
C TYR B 212 21.59 88.64 13.19
N ALA B 213 21.13 87.63 13.93
CA ALA B 213 21.39 86.26 13.52
C ALA B 213 20.55 85.86 12.32
N TYR B 214 19.36 86.43 12.19
CA TYR B 214 18.43 86.07 11.12
C TYR B 214 18.90 86.69 9.82
N GLY B 215 19.41 85.86 8.91
CA GLY B 215 19.86 86.33 7.62
C GLY B 215 21.31 86.77 7.56
N ALA B 216 22.10 86.48 8.59
CA ALA B 216 23.50 86.89 8.59
C ALA B 216 24.31 86.01 7.64
N TYR B 217 25.09 86.64 6.78
CA TYR B 217 25.92 85.93 5.82
C TYR B 217 27.32 86.51 5.83
N VAL B 218 28.32 85.64 5.94
CA VAL B 218 29.73 86.01 5.82
C VAL B 218 30.35 84.99 4.88
N LYS B 219 30.70 85.42 3.67
CA LYS B 219 31.19 84.48 2.67
C LYS B 219 32.49 83.85 3.16
N PRO B 220 32.67 82.54 2.95
CA PRO B 220 33.86 81.88 3.49
C PRO B 220 35.13 82.35 2.80
N VAL B 221 36.22 82.33 3.55
CA VAL B 221 37.54 82.67 3.03
C VAL B 221 38.46 81.47 2.99
N ALA B 222 37.99 80.30 3.40
CA ALA B 222 38.77 79.07 3.36
C ALA B 222 37.84 77.94 2.92
N ALA B 223 38.46 76.85 2.44
CA ALA B 223 37.71 75.73 1.91
C ALA B 223 36.96 74.93 2.97
N ASP B 224 37.23 75.20 4.25
CA ASP B 224 36.62 74.45 5.37
C ASP B 224 36.01 75.42 6.39
N GLY B 225 34.76 75.82 6.15
CA GLY B 225 34.12 76.80 7.00
C GLY B 225 34.96 78.07 7.00
N SER B 226 35.37 78.48 8.20
CA SER B 226 36.38 79.51 8.39
C SER B 226 35.99 80.81 7.67
N GLN B 227 34.92 81.42 8.18
CA GLN B 227 34.44 82.68 7.61
C GLN B 227 35.43 83.82 7.81
N SER B 228 36.42 83.66 8.66
CA SER B 228 37.46 84.68 8.85
C SER B 228 38.81 83.99 8.97
N LEU B 229 39.86 84.71 8.59
CA LEU B 229 41.22 84.19 8.66
C LEU B 229 41.90 84.51 9.98
N THR B 230 41.70 85.71 10.50
CA THR B 230 42.29 86.12 11.76
C THR B 230 41.31 85.89 12.90
N GLN B 231 41.78 85.23 13.95
CA GLN B 231 40.94 84.89 15.10
C GLN B 231 41.71 85.26 16.36
N THR B 232 41.26 86.30 17.06
CA THR B 232 41.94 86.77 18.26
C THR B 232 41.35 86.07 19.48
N PRO B 233 42.11 85.25 20.19
CA PRO B 233 41.57 84.57 21.37
C PRO B 233 41.57 85.46 22.60
N TYR B 234 40.60 85.18 23.48
CA TYR B 234 40.52 85.82 24.77
C TYR B 234 40.18 84.78 25.81
N TRP B 235 40.68 84.98 27.03
CA TRP B 235 40.53 84.03 28.12
C TRP B 235 39.36 84.42 29.01
N ILE B 236 38.83 83.43 29.73
CA ILE B 236 37.74 83.63 30.68
C ILE B 236 38.24 83.23 32.06
N MET B 237 38.26 84.20 32.98
CA MET B 237 38.59 83.97 34.37
C MET B 237 37.52 84.60 35.26
N ASN B 238 37.41 84.08 36.48
CA ASN B 238 36.44 84.61 37.43
C ASN B 238 36.98 85.90 38.05
N ASN B 239 36.37 86.33 39.16
CA ASN B 239 36.78 87.59 39.80
C ASN B 239 38.29 87.63 40.02
N ALA B 240 38.86 86.54 40.52
CA ALA B 240 40.31 86.42 40.62
C ALA B 240 40.88 85.89 39.32
N GLY B 241 42.17 86.14 39.12
CA GLY B 241 42.85 85.57 37.97
C GLY B 241 43.32 84.15 38.14
N THR B 242 43.15 83.59 39.34
CA THR B 242 43.71 82.28 39.66
C THR B 242 42.90 81.16 39.03
N GLU B 243 41.58 81.31 38.96
CA GLU B 243 40.69 80.22 38.56
C GLU B 243 40.33 80.39 37.09
N TYR B 244 40.80 79.47 36.26
CA TYR B 244 40.57 79.52 34.82
C TYR B 244 39.25 78.86 34.48
N LEU B 245 38.47 79.51 33.61
CA LEU B 245 37.13 79.04 33.28
C LEU B 245 36.97 78.69 31.81
N GLY B 246 37.47 79.51 30.91
CA GLY B 246 37.28 79.21 29.50
C GLY B 246 38.07 80.14 28.60
N ALA B 247 37.80 80.01 27.31
CA ALA B 247 38.45 80.83 26.29
C ALA B 247 37.42 81.26 25.26
N VAL B 248 37.73 82.33 24.55
CA VAL B 248 36.81 82.93 23.58
C VAL B 248 37.58 83.25 22.30
N ALA B 249 37.02 82.86 21.16
CA ALA B 249 37.52 83.25 19.85
C ALA B 249 36.71 84.42 19.33
N VAL B 250 37.39 85.47 18.87
CA VAL B 250 36.74 86.67 18.38
C VAL B 250 37.18 86.90 16.94
N GLU B 251 36.19 87.08 16.06
CA GLU B 251 36.43 87.32 14.64
C GLU B 251 35.83 88.65 14.23
N ASP B 252 36.58 89.39 13.40
CA ASP B 252 36.17 90.72 12.97
C ASP B 252 35.33 90.60 11.71
N TYR B 253 34.02 90.86 11.85
CA TYR B 253 33.09 90.82 10.73
C TYR B 253 32.56 92.20 10.37
N THR B 254 33.28 93.26 10.74
CA THR B 254 32.80 94.61 10.45
C THR B 254 32.68 94.84 8.95
N ASN B 255 33.68 94.37 8.18
CA ASN B 255 33.67 94.53 6.74
C ASN B 255 33.34 93.24 5.98
N SER B 256 33.43 92.09 6.63
CA SER B 256 33.24 90.82 5.96
C SER B 256 31.82 90.26 6.06
N LEU B 257 30.90 91.01 6.67
CA LEU B 257 29.54 90.53 6.87
C LEU B 257 28.58 91.24 5.94
N SER B 258 27.55 90.51 5.52
CA SER B 258 26.54 91.02 4.61
C SER B 258 25.17 90.52 5.08
N TYR B 259 24.12 91.16 4.57
CA TYR B 259 22.75 90.79 4.88
C TYR B 259 21.95 90.67 3.58
N PRO B 260 22.24 89.68 2.76
CA PRO B 260 21.47 89.50 1.53
C PRO B 260 20.11 88.90 1.82
N ASP B 261 19.16 89.22 0.94
CA ASP B 261 17.77 88.74 0.96
C ASP B 261 17.09 88.96 2.32
N THR B 262 17.63 89.86 3.15
CA THR B 262 17.01 90.25 4.40
C THR B 262 17.14 91.75 4.58
N MET B 263 16.16 92.33 5.26
CA MET B 263 16.17 93.76 5.57
C MET B 263 15.89 93.95 7.05
N ILE B 264 16.49 95.00 7.61
CA ILE B 264 16.30 95.32 9.02
C ILE B 264 15.00 96.10 9.17
N VAL B 265 14.12 95.62 10.04
CA VAL B 265 12.90 96.35 10.38
C VAL B 265 13.15 97.06 11.71
N PRO B 266 13.61 98.30 11.70
CA PRO B 266 14.01 98.96 12.94
C PRO B 266 12.80 99.45 13.72
N PRO B 267 12.96 99.68 15.02
CA PRO B 267 11.86 100.21 15.82
C PRO B 267 11.62 101.67 15.50
N PRO B 268 10.49 102.24 15.95
CA PRO B 268 10.24 103.66 15.70
C PRO B 268 11.35 104.54 16.23
N GLU B 269 11.40 105.78 15.72
CA GLU B 269 12.48 106.69 16.05
C GLU B 269 12.54 106.97 17.55
N ASP B 270 11.40 106.92 18.24
CA ASP B 270 11.41 107.04 19.69
C ASP B 270 12.11 105.87 20.37
N TYR B 271 12.24 104.75 19.67
CA TYR B 271 12.90 103.56 20.20
C TYR B 271 14.15 103.20 19.40
N ASP B 272 14.69 104.13 18.62
CA ASP B 272 15.85 103.83 17.79
C ASP B 272 17.03 103.40 18.64
N ASP B 273 17.31 104.12 19.71
CA ASP B 273 18.32 103.69 20.67
C ASP B 273 17.74 102.62 21.59
N TYR B 274 18.65 101.92 22.27
CA TYR B 274 18.32 100.83 23.21
C TYR B 274 17.32 99.83 22.63
N ASN B 275 17.26 99.73 21.31
CA ASN B 275 16.40 98.76 20.64
C ASN B 275 16.84 98.65 19.19
N ILE B 276 17.05 97.41 18.73
CA ILE B 276 17.54 97.15 17.38
C ILE B 276 16.47 96.59 16.48
N GLY B 277 15.27 96.33 17.00
CA GLY B 277 14.22 95.81 16.15
C GLY B 277 14.48 94.39 15.70
N THR B 278 13.86 94.03 14.59
CA THR B 278 13.99 92.68 14.02
C THR B 278 14.45 92.78 12.58
N THR B 279 14.82 91.64 12.02
CA THR B 279 15.23 91.52 10.63
C THR B 279 14.22 90.68 9.87
N ARG B 280 13.79 91.16 8.72
CA ARG B 280 12.81 90.47 7.89
C ARG B 280 13.41 90.16 6.53
N ALA B 281 13.11 88.97 6.02
CA ALA B 281 13.50 88.64 4.65
C ALA B 281 12.77 89.51 3.66
N LEU B 282 13.46 89.89 2.59
CA LEU B 282 12.87 90.75 1.58
C LEU B 282 11.68 90.06 0.91
N ARG B 283 10.82 90.87 0.30
CA ARG B 283 9.62 90.34 -0.32
C ARG B 283 9.99 89.43 -1.50
N PRO B 284 9.36 88.27 -1.62
CA PRO B 284 9.69 87.35 -2.73
C PRO B 284 9.23 87.92 -4.05
N ASN B 285 10.17 88.12 -4.97
CA ASN B 285 9.89 88.69 -6.28
C ASN B 285 10.36 87.71 -7.35
N TYR B 286 9.43 87.25 -8.17
CA TYR B 286 9.75 86.37 -9.30
C TYR B 286 9.78 87.20 -10.57
N ILE B 287 10.90 87.16 -11.28
CA ILE B 287 11.14 88.10 -12.38
C ILE B 287 11.22 87.29 -13.68
N GLY B 288 10.46 86.21 -13.75
CA GLY B 288 10.46 85.39 -14.94
C GLY B 288 9.77 86.06 -16.11
N PHE B 289 9.84 85.41 -17.26
CA PHE B 289 9.19 85.91 -18.47
C PHE B 289 7.68 85.87 -18.30
N ARG B 290 6.98 86.36 -19.32
CA ARG B 290 5.53 86.41 -19.29
C ARG B 290 4.94 85.15 -19.90
N ASP B 291 3.67 84.90 -19.57
CA ASP B 291 2.96 83.76 -20.13
C ASP B 291 2.93 83.88 -21.65
N ASN B 292 3.19 82.75 -22.32
CA ASN B 292 3.19 82.69 -23.78
C ASN B 292 4.18 83.67 -24.40
N PHE B 293 5.20 84.06 -23.62
CA PHE B 293 6.18 85.05 -24.05
C PHE B 293 5.50 86.32 -24.56
N ILE B 294 4.48 86.77 -23.83
CA ILE B 294 3.80 88.01 -24.16
C ILE B 294 4.77 89.18 -24.00
N ASN B 295 4.68 90.14 -24.93
CA ASN B 295 5.50 91.35 -24.90
C ASN B 295 6.98 91.01 -25.07
N LEU B 296 7.26 90.03 -25.92
CA LEU B 296 8.61 89.75 -26.36
C LEU B 296 8.78 89.91 -27.87
N LEU B 297 7.69 89.90 -28.62
CA LEU B 297 7.70 90.27 -30.04
C LEU B 297 6.85 91.52 -30.20
N TYR B 298 7.33 92.45 -31.03
CA TYR B 298 6.66 93.74 -31.21
C TYR B 298 5.39 93.53 -32.03
N HIS B 299 4.34 93.11 -31.34
CA HIS B 299 3.04 92.89 -31.96
C HIS B 299 2.17 94.14 -31.83
N ASP B 300 1.31 94.34 -32.83
CA ASP B 300 0.30 95.40 -32.82
C ASP B 300 0.93 96.78 -32.73
N SER B 301 2.16 96.92 -33.22
CA SER B 301 2.86 98.20 -33.25
C SER B 301 3.14 98.53 -34.72
N GLY B 302 2.48 99.57 -35.22
CA GLY B 302 2.69 99.96 -36.61
C GLY B 302 3.98 100.68 -36.87
N VAL B 303 4.69 101.10 -35.82
CA VAL B 303 5.92 101.86 -36.00
C VAL B 303 7.15 100.96 -35.98
N CYS B 304 7.07 99.80 -35.34
CA CYS B 304 8.18 98.87 -35.21
C CYS B 304 7.71 97.45 -35.51
N SER B 305 6.98 97.28 -36.60
CA SER B 305 6.41 95.99 -36.94
C SER B 305 7.39 95.15 -37.74
N GLY B 306 7.05 93.88 -37.91
CA GLY B 306 7.83 92.98 -38.72
C GLY B 306 7.49 93.10 -40.20
N THR B 307 8.18 92.29 -41.00
CA THR B 307 7.98 92.31 -42.45
C THR B 307 8.18 90.89 -42.98
N LEU B 308 7.07 90.24 -43.36
CA LEU B 308 7.12 89.02 -44.14
C LEU B 308 6.70 89.35 -45.56
N ASN B 309 7.52 88.97 -46.53
CA ASN B 309 7.21 89.27 -47.92
C ASN B 309 7.98 88.30 -48.79
N SER B 310 7.55 88.20 -50.04
CA SER B 310 8.22 87.40 -51.04
C SER B 310 9.34 88.23 -51.68
N GLU B 311 9.92 87.70 -52.76
CA GLU B 311 11.00 88.38 -53.46
C GLU B 311 10.54 88.98 -54.78
N ARG B 312 9.92 88.19 -55.64
CA ARG B 312 9.42 88.72 -56.90
C ARG B 312 8.37 89.79 -56.65
N SER B 313 7.44 89.51 -55.74
CA SER B 313 6.48 90.50 -55.26
C SER B 313 6.96 90.94 -53.89
N GLY B 314 7.80 91.97 -53.87
CA GLY B 314 8.42 92.42 -52.64
C GLY B 314 7.50 93.12 -51.67
N MET B 315 6.23 93.29 -52.01
CA MET B 315 5.29 93.99 -51.15
C MET B 315 5.22 93.31 -49.79
N ASN B 316 5.34 94.12 -48.73
CA ASN B 316 5.16 93.61 -47.38
C ASN B 316 3.70 93.22 -47.18
N VAL B 317 3.46 91.98 -46.78
CA VAL B 317 2.11 91.44 -46.69
C VAL B 317 1.66 91.25 -45.25
N VAL B 318 2.42 91.74 -44.28
CA VAL B 318 1.97 91.78 -42.89
C VAL B 318 1.77 93.24 -42.50
N VAL B 319 0.56 93.57 -42.05
CA VAL B 319 0.26 94.90 -41.53
C VAL B 319 -0.29 94.73 -40.12
N GLU B 320 0.33 95.41 -39.17
CA GLU B 320 -0.07 95.35 -37.77
C GLU B 320 -0.70 96.68 -37.39
N LEU B 321 -1.92 96.61 -36.85
CA LEU B 321 -2.61 97.83 -36.48
C LEU B 321 -2.46 98.08 -34.99
N PRO B 322 -2.26 99.34 -34.59
CA PRO B 322 -2.15 99.65 -33.15
C PRO B 322 -3.43 99.42 -32.37
N ASP B 323 -4.57 99.25 -33.04
CA ASP B 323 -5.85 99.10 -32.36
C ASP B 323 -6.29 97.65 -32.21
N ARG B 324 -5.43 96.70 -32.55
CA ARG B 324 -5.71 95.29 -32.31
C ARG B 324 -4.80 94.76 -31.20
N ASN B 325 -5.18 93.61 -30.65
CA ASN B 325 -4.45 93.00 -29.54
C ASN B 325 -4.09 91.58 -29.95
N THR B 326 -2.86 91.41 -30.44
CA THR B 326 -2.41 90.08 -30.87
C THR B 326 -2.18 89.17 -29.67
N GLU B 327 -1.55 89.68 -28.62
CA GLU B 327 -1.24 88.85 -27.46
C GLU B 327 -2.50 88.41 -26.74
N LEU B 328 -3.47 89.32 -26.55
CA LEU B 328 -4.72 88.90 -25.93
C LEU B 328 -5.53 87.99 -26.84
N SER B 329 -5.41 88.18 -28.16
CA SER B 329 -6.04 87.25 -29.09
C SER B 329 -5.48 85.84 -28.91
N TYR B 330 -4.16 85.73 -28.81
CA TYR B 330 -3.54 84.44 -28.55
C TYR B 330 -3.97 83.90 -27.19
N GLN B 331 -4.10 84.76 -26.19
CA GLN B 331 -4.53 84.31 -24.87
C GLN B 331 -5.91 83.68 -24.94
N TYR B 332 -6.87 84.39 -25.55
CA TYR B 332 -8.22 83.87 -25.65
C TYR B 332 -8.29 82.61 -26.50
N MET B 333 -7.58 82.58 -27.63
CA MET B 333 -7.57 81.39 -28.47
C MET B 333 -7.02 80.20 -27.71
N LEU B 334 -5.87 80.39 -27.06
CA LEU B 334 -5.22 79.30 -26.34
C LEU B 334 -6.06 78.82 -25.17
N ALA B 335 -6.78 79.74 -24.51
CA ALA B 335 -7.65 79.33 -23.42
C ALA B 335 -8.89 78.60 -23.93
N ASP B 336 -9.34 78.92 -25.14
CA ASP B 336 -10.49 78.23 -25.69
C ASP B 336 -10.12 76.81 -26.14
N MET B 337 -8.97 76.65 -26.79
CA MET B 337 -8.59 75.32 -27.27
C MET B 337 -8.36 74.35 -26.11
N MET B 338 -7.90 74.84 -24.96
CA MET B 338 -7.60 73.94 -23.85
C MET B 338 -7.55 74.72 -22.55
N SER B 339 -7.68 73.97 -21.45
CA SER B 339 -7.65 74.57 -20.13
C SER B 339 -6.28 75.18 -19.84
N ARG B 340 -6.29 76.24 -19.04
CA ARG B 340 -5.08 77.03 -18.83
C ARG B 340 -4.21 76.51 -17.69
N HIS B 341 -4.67 75.55 -16.90
CA HIS B 341 -3.84 75.05 -15.81
C HIS B 341 -2.73 74.13 -16.29
N HIS B 342 -2.75 73.71 -17.55
CA HIS B 342 -1.67 72.91 -18.09
C HIS B 342 -0.45 73.79 -18.32
N TYR B 343 0.72 73.32 -17.87
CA TYR B 343 1.96 74.09 -17.96
C TYR B 343 2.78 73.52 -19.10
N PHE B 344 2.77 74.21 -20.24
CA PHE B 344 3.53 73.81 -21.43
C PHE B 344 4.77 74.69 -21.47
N ALA B 345 5.91 74.11 -21.12
CA ALA B 345 7.13 74.90 -20.93
C ALA B 345 7.68 75.47 -22.24
N LEU B 346 7.39 74.82 -23.38
CA LEU B 346 8.04 75.23 -24.63
C LEU B 346 7.67 76.67 -25.00
N TRP B 347 6.38 76.98 -25.02
CA TRP B 347 5.93 78.35 -25.25
C TRP B 347 5.86 79.15 -23.95
N ASN B 348 6.48 78.66 -22.88
CA ASN B 348 6.41 79.29 -21.57
C ASN B 348 4.96 79.47 -21.12
N GLN B 349 4.14 78.47 -21.44
CA GLN B 349 2.71 78.53 -21.19
C GLN B 349 2.44 78.23 -19.72
N ALA B 350 2.21 79.28 -18.94
CA ALA B 350 1.83 79.12 -17.53
C ALA B 350 0.96 80.32 -17.19
N VAL B 351 -0.36 80.11 -17.16
CA VAL B 351 -1.30 81.21 -16.97
C VAL B 351 -1.12 81.82 -15.58
N ASP B 352 -1.36 83.12 -15.49
CA ASP B 352 -1.24 83.82 -14.22
C ASP B 352 -2.40 83.42 -13.30
N GLN B 353 -2.07 82.80 -12.18
CA GLN B 353 -3.06 82.24 -11.25
C GLN B 353 -2.90 82.90 -9.89
N TYR B 354 -3.80 83.83 -9.55
CA TYR B 354 -3.87 84.30 -8.18
C TYR B 354 -4.38 83.19 -7.29
N ASP B 355 -3.94 83.19 -6.05
CA ASP B 355 -4.40 82.18 -5.10
C ASP B 355 -5.85 82.47 -4.74
N PRO B 356 -6.78 81.56 -5.02
CA PRO B 356 -8.18 81.83 -4.65
C PRO B 356 -8.38 82.00 -3.15
N GLU B 357 -7.55 81.37 -2.34
CA GLU B 357 -7.66 81.54 -0.89
C GLU B 357 -7.12 82.89 -0.44
N VAL B 358 -6.41 83.60 -1.31
CA VAL B 358 -5.83 84.90 -0.99
C VAL B 358 -6.71 86.05 -1.47
N ARG B 359 -7.18 85.98 -2.72
CA ARG B 359 -7.99 87.06 -3.26
C ARG B 359 -9.28 87.22 -2.46
N VAL B 360 -10.14 86.21 -2.49
CA VAL B 360 -11.35 86.20 -1.68
C VAL B 360 -10.98 85.61 -0.32
N PHE B 361 -10.74 86.48 0.65
CA PHE B 361 -10.24 86.08 1.97
C PHE B 361 -11.38 85.48 2.76
N SER B 362 -11.49 84.15 2.72
CA SER B 362 -12.51 83.43 3.47
C SER B 362 -12.00 83.23 4.89
N ASN B 363 -12.33 84.19 5.76
CA ASN B 363 -11.87 84.13 7.14
C ASN B 363 -12.65 83.08 7.92
N ASP B 364 -12.14 81.84 7.93
CA ASP B 364 -12.76 80.75 8.66
C ASP B 364 -12.11 80.56 10.03
N GLY B 365 -11.58 81.64 10.60
CA GLY B 365 -10.88 81.52 11.87
C GLY B 365 -9.66 80.63 11.73
N TYR B 366 -9.52 79.69 12.67
CA TYR B 366 -8.39 78.78 12.67
C TYR B 366 -8.82 77.47 13.30
N GLU B 367 -8.08 76.42 12.99
CA GLU B 367 -8.41 75.07 13.48
C GLU B 367 -8.02 74.97 14.94
N GLU B 368 -9.01 75.12 15.83
CA GLU B 368 -8.78 75.06 17.26
C GLU B 368 -8.78 73.60 17.71
N GLY B 369 -7.60 73.11 18.12
CA GLY B 369 -7.49 71.80 18.72
C GLY B 369 -7.25 71.88 20.21
N ALA B 370 -6.64 70.83 20.74
CA ALA B 370 -6.24 70.83 22.13
C ALA B 370 -5.13 71.84 22.35
N PRO B 371 -5.02 72.41 23.56
CA PRO B 371 -3.95 73.38 23.82
C PRO B 371 -2.58 72.77 23.55
N SER B 372 -1.91 73.31 22.54
CA SER B 372 -0.63 72.78 22.09
C SER B 372 0.49 73.35 22.95
N TYR B 373 1.49 72.51 23.22
CA TYR B 373 2.53 72.86 24.17
C TYR B 373 3.89 72.45 23.63
N ALA B 374 4.87 73.32 23.80
CA ALA B 374 6.26 73.04 23.46
C ALA B 374 7.03 72.83 24.76
N PHE B 375 7.56 71.64 24.95
CA PHE B 375 8.19 71.24 26.20
C PHE B 375 9.70 71.37 26.13
N ASN B 376 10.35 71.19 27.28
CA ASN B 376 11.80 71.23 27.34
C ASN B 376 12.39 70.12 26.47
N PRO B 377 13.63 70.29 26.01
CA PRO B 377 14.28 69.18 25.28
C PRO B 377 14.29 67.90 26.08
N GLU B 378 14.50 67.98 27.39
CA GLU B 378 14.25 66.87 28.30
C GLU B 378 12.84 66.99 28.86
N ALA B 379 12.41 65.95 29.56
CA ALA B 379 11.11 65.99 30.22
C ALA B 379 11.22 66.51 31.65
N VAL B 380 12.40 66.95 32.07
CA VAL B 380 12.67 67.39 33.43
C VAL B 380 13.13 68.84 33.38
N GLY B 381 12.48 69.69 34.16
CA GLY B 381 12.87 71.09 34.22
C GLY B 381 12.14 71.79 35.34
N ALA B 382 12.60 73.02 35.61
CA ALA B 382 12.02 73.84 36.67
C ALA B 382 11.73 75.25 36.17
N GLY B 383 11.36 75.39 34.90
CA GLY B 383 10.97 76.68 34.37
C GLY B 383 9.80 77.26 35.14
N GLU B 384 9.89 78.52 35.54
CA GLU B 384 8.91 79.14 36.42
C GLU B 384 8.76 78.31 37.69
N GLY B 385 9.84 78.28 38.48
CA GLY B 385 9.98 77.28 39.51
C GLY B 385 9.06 77.48 40.70
N TYR B 386 7.76 77.31 40.45
CA TYR B 386 6.77 77.32 41.51
C TYR B 386 6.76 75.97 42.23
N GLY B 387 6.22 75.98 43.44
CA GLY B 387 6.22 74.80 44.27
C GLY B 387 7.54 74.64 44.99
N PRO B 388 7.60 73.65 45.89
CA PRO B 388 8.81 73.48 46.72
C PRO B 388 10.03 73.15 45.87
N ASP B 389 11.19 73.54 46.38
CA ASP B 389 12.42 73.51 45.57
C ASP B 389 12.81 72.07 45.22
N LEU B 390 12.88 71.19 46.22
CA LEU B 390 13.29 69.79 46.03
C LEU B 390 14.66 69.67 45.38
N SER B 391 15.56 70.61 45.68
CA SER B 391 16.91 70.55 45.14
C SER B 391 17.92 69.94 46.11
N GLN B 392 17.64 70.01 47.42
CA GLN B 392 18.53 69.47 48.45
C GLN B 392 17.83 68.39 49.27
N ILE B 393 16.95 67.61 48.63
CA ILE B 393 16.19 66.59 49.34
C ILE B 393 17.00 65.32 49.49
N LYS B 394 16.52 64.42 50.35
CA LYS B 394 17.14 63.13 50.59
C LYS B 394 16.08 62.05 50.52
N LEU B 395 16.38 60.98 49.80
CA LEU B 395 15.45 59.87 49.63
C LEU B 395 15.63 58.87 50.76
N TYR B 396 14.52 58.43 51.35
CA TYR B 396 14.54 57.43 52.41
C TYR B 396 13.76 56.20 51.95
N THR B 397 14.29 55.02 52.29
CA THR B 397 13.56 53.79 52.07
C THR B 397 12.37 53.70 53.02
N ASN B 398 11.31 53.06 52.55
CA ASN B 398 10.09 52.91 53.34
C ASN B 398 10.19 51.71 54.27
N ASN B 399 9.35 51.74 55.31
CA ASN B 399 9.14 50.58 56.19
C ASN B 399 7.68 50.17 56.02
N THR B 400 7.47 49.02 55.35
CA THR B 400 6.10 48.59 55.07
C THR B 400 5.33 48.30 56.36
N ALA B 401 5.97 47.63 57.31
CA ALA B 401 5.28 47.29 58.56
C ALA B 401 4.94 48.54 59.36
N ALA B 402 5.86 49.49 59.45
CA ALA B 402 5.65 50.69 60.24
C ALA B 402 5.07 51.84 59.45
N ASN B 403 4.91 51.71 58.13
CA ASN B 403 4.32 52.74 57.28
C ASN B 403 5.09 54.05 57.36
N ASP B 404 6.40 53.98 57.57
CA ASP B 404 7.20 55.18 57.79
C ASP B 404 8.58 54.97 57.20
N LYS B 405 9.38 56.04 57.25
CA LYS B 405 10.79 55.95 56.85
C LYS B 405 11.54 55.01 57.78
N ASN B 406 12.44 54.22 57.21
CA ASN B 406 13.28 53.36 58.03
C ASN B 406 14.76 53.49 57.73
N THR B 407 15.14 53.68 56.47
CA THR B 407 16.54 53.70 56.08
C THR B 407 16.76 54.78 55.03
N ALA B 408 17.85 55.52 55.19
CA ALA B 408 18.22 56.54 54.23
C ALA B 408 18.97 55.92 53.07
N VAL B 409 18.78 56.49 51.87
CA VAL B 409 19.54 56.06 50.71
C VAL B 409 20.97 56.56 50.85
N THR B 410 21.93 55.72 50.43
CA THR B 410 23.34 56.05 50.58
C THR B 410 23.67 57.39 49.93
N ASN B 411 23.48 57.49 48.62
CA ASN B 411 23.65 58.76 47.92
C ASN B 411 22.71 58.78 46.71
N ALA B 412 21.74 59.68 46.75
CA ALA B 412 20.74 59.82 45.70
C ALA B 412 21.02 61.10 44.92
N THR B 413 21.69 60.95 43.78
CA THR B 413 21.94 62.08 42.89
C THR B 413 20.67 62.33 42.08
N THR B 414 19.80 63.18 42.60
CA THR B 414 18.50 63.42 41.98
C THR B 414 18.22 64.92 41.93
N ASN B 415 17.47 65.33 40.91
CA ASN B 415 17.01 66.70 40.79
C ASN B 415 15.57 66.86 41.27
N PHE B 416 14.65 66.07 40.72
CA PHE B 416 13.29 65.93 41.24
C PHE B 416 12.56 67.27 41.27
N TYR B 417 12.35 67.82 40.08
CA TYR B 417 11.64 69.08 39.98
C TYR B 417 10.14 68.88 40.18
N PHE B 418 9.45 69.97 40.48
CA PHE B 418 8.05 69.94 40.86
C PHE B 418 7.13 70.24 39.68
N GLY B 419 5.93 69.67 39.72
CA GLY B 419 4.91 69.97 38.75
C GLY B 419 5.07 69.20 37.46
N THR B 420 4.22 69.55 36.50
CA THR B 420 4.27 68.94 35.18
C THR B 420 5.52 69.40 34.43
N VAL B 421 5.73 68.84 33.24
CA VAL B 421 6.89 69.17 32.43
C VAL B 421 6.76 70.63 32.02
N PRO B 422 7.78 71.46 32.26
CA PRO B 422 7.68 72.88 31.88
C PRO B 422 7.50 73.02 30.38
N SER B 423 6.64 73.94 29.99
CA SER B 423 6.27 74.06 28.58
C SER B 423 5.81 75.49 28.30
N TYR B 424 5.83 75.83 27.02
CA TYR B 424 5.29 77.08 26.51
C TYR B 424 4.18 76.75 25.53
N GLU B 425 3.07 77.48 25.63
CA GLU B 425 1.88 77.17 24.85
C GLU B 425 1.86 77.99 23.56
N ILE B 426 1.66 77.30 22.44
CA ILE B 426 1.55 77.93 21.13
C ILE B 426 0.36 77.35 20.41
N ASP B 427 -0.45 78.20 19.80
CA ASP B 427 -1.54 77.76 18.93
C ASP B 427 -1.02 77.80 17.50
N ILE B 428 -0.65 76.64 16.97
CA ILE B 428 -0.02 76.58 15.65
C ILE B 428 -0.99 77.07 14.58
N SER B 429 -2.25 76.65 14.64
CA SER B 429 -3.19 76.97 13.57
C SER B 429 -3.45 78.47 13.47
N ALA B 430 -3.68 79.13 14.61
CA ALA B 430 -3.86 80.57 14.60
C ALA B 430 -2.60 81.27 14.12
N THR B 431 -1.44 80.77 14.54
CA THR B 431 -0.17 81.35 14.09
C THR B 431 -0.05 81.29 12.57
N GLN B 432 -0.35 80.13 11.98
CA GLN B 432 -0.29 80.01 10.53
C GLN B 432 -1.32 80.90 9.86
N ARG B 433 -2.52 81.00 10.44
CA ARG B 433 -3.54 81.85 9.84
C ARG B 433 -3.07 83.30 9.80
N ARG B 434 -2.54 83.81 10.91
CA ARG B 434 -2.08 85.19 10.92
C ARG B 434 -0.88 85.40 10.00
N ASN B 435 0.08 84.47 10.00
CA ASN B 435 1.22 84.63 9.12
C ASN B 435 0.80 84.62 7.66
N PHE B 436 -0.15 83.74 7.31
CA PHE B 436 -0.72 83.73 5.98
C PHE B 436 -1.35 85.09 5.64
N ILE B 437 -2.14 85.63 6.55
CA ILE B 437 -2.81 86.90 6.29
C ILE B 437 -1.80 88.01 6.08
N MET B 438 -0.80 88.09 6.96
CA MET B 438 0.12 89.22 6.92
C MET B 438 1.12 89.11 5.78
N ALA B 439 1.53 87.90 5.40
CA ALA B 439 2.50 87.72 4.34
C ALA B 439 1.86 87.51 2.98
N ASN B 440 0.55 87.39 2.90
CA ASN B 440 -0.14 87.16 1.64
C ASN B 440 -1.18 88.19 1.29
N ILE B 441 -1.85 88.78 2.28
CA ILE B 441 -2.88 89.78 2.06
C ILE B 441 -2.43 91.15 2.53
N ALA B 442 -1.90 91.24 3.75
CA ALA B 442 -1.43 92.53 4.26
C ALA B 442 -0.20 93.00 3.51
N GLU B 443 0.65 92.08 3.07
CA GLU B 443 1.88 92.46 2.39
C GLU B 443 1.59 93.21 1.09
N TYR B 444 0.59 92.76 0.34
CA TYR B 444 0.29 93.29 -0.98
C TYR B 444 -0.78 94.37 -0.94
N LEU B 445 -0.91 95.06 0.20
CA LEU B 445 -1.86 96.15 0.32
C LEU B 445 -1.41 97.34 -0.52
N PRO B 446 -2.33 98.23 -0.88
CA PRO B 446 -1.94 99.43 -1.63
C PRO B 446 -1.02 100.32 -0.81
N ASP B 447 -0.23 101.13 -1.52
CA ASP B 447 0.63 102.09 -0.85
C ASP B 447 -0.16 103.10 -0.04
N ARG B 448 -1.45 103.26 -0.33
CA ARG B 448 -2.30 104.15 0.46
C ARG B 448 -2.40 103.68 1.91
N TYR B 449 -2.21 102.38 2.15
CA TYR B 449 -2.37 101.78 3.47
C TYR B 449 -1.04 101.26 4.02
N LYS B 450 0.04 102.02 3.82
CA LYS B 450 1.35 101.62 4.29
C LYS B 450 2.05 102.79 4.94
N PHE B 451 3.18 102.52 5.60
CA PHE B 451 3.98 103.55 6.23
C PHE B 451 5.43 103.11 6.24
N SER B 452 6.32 104.08 6.47
CA SER B 452 7.76 103.86 6.37
C SER B 452 8.24 103.08 7.60
N ILE B 453 9.55 102.92 7.72
CA ILE B 453 10.14 102.09 8.77
C ILE B 453 11.08 102.89 9.66
N SER B 454 10.79 104.18 9.85
CA SER B 454 11.50 105.04 10.80
C SER B 454 12.91 105.39 10.34
N GLY B 455 13.38 104.76 9.27
CA GLY B 455 14.66 105.13 8.69
C GLY B 455 14.51 105.49 7.23
N PHE B 456 13.48 104.95 6.61
CA PHE B 456 13.18 105.18 5.21
C PHE B 456 12.25 106.38 5.06
N ASP B 457 12.43 107.12 3.97
CA ASP B 457 11.60 108.28 3.68
C ASP B 457 11.02 108.16 2.28
N ALA B 458 9.71 108.37 2.18
CA ALA B 458 9.09 108.46 0.87
C ALA B 458 9.56 109.72 0.15
N THR B 459 9.30 109.77 -1.15
CA THR B 459 9.71 110.83 -2.09
C THR B 459 11.22 110.88 -2.29
N SER B 460 11.99 110.05 -1.59
CA SER B 460 13.42 109.92 -1.85
C SER B 460 13.72 108.84 -2.88
N VAL B 461 12.71 108.09 -3.29
CA VAL B 461 12.85 107.05 -4.31
C VAL B 461 11.47 106.82 -4.92
N ALA B 462 11.45 106.35 -6.16
CA ALA B 462 10.19 106.13 -6.84
C ALA B 462 9.39 105.02 -6.15
N PRO B 463 8.06 105.14 -6.15
CA PRO B 463 7.22 104.09 -5.55
C PRO B 463 7.27 102.76 -6.28
N THR B 464 7.98 102.69 -7.41
CA THR B 464 8.04 101.49 -8.23
C THR B 464 9.35 100.74 -8.08
N THR B 465 10.08 100.97 -7.00
CA THR B 465 11.33 100.29 -6.75
C THR B 465 11.14 99.20 -5.70
N TYR B 466 11.99 98.16 -5.79
CA TYR B 466 11.87 97.02 -4.88
C TYR B 466 12.10 97.45 -3.43
N GLU B 467 13.14 98.25 -3.18
CA GLU B 467 13.44 98.68 -1.83
C GLU B 467 12.38 99.64 -1.29
N TYR B 468 11.58 100.23 -2.17
CA TYR B 468 10.43 100.99 -1.70
C TYR B 468 9.35 100.06 -1.13
N MET B 469 9.02 99.01 -1.89
CA MET B 469 8.00 98.08 -1.42
C MET B 469 8.46 97.30 -0.20
N ASN B 470 9.76 97.06 -0.06
CA ASN B 470 10.25 96.35 1.10
C ASN B 470 10.21 97.21 2.35
N LYS B 471 10.57 98.49 2.24
CA LYS B 471 10.74 99.36 3.39
C LYS B 471 9.49 100.19 3.68
N ARG B 472 8.31 99.74 3.24
CA ARG B 472 7.05 100.39 3.58
C ARG B 472 6.14 99.35 4.21
N VAL B 473 6.09 99.33 5.53
CA VAL B 473 5.26 98.36 6.25
C VAL B 473 3.80 98.72 6.08
N PRO B 474 2.91 97.76 5.81
CA PRO B 474 1.48 98.07 5.75
C PRO B 474 0.91 98.32 7.14
N LEU B 475 -0.24 99.00 7.15
CA LEU B 475 -1.00 99.11 8.39
C LEU B 475 -1.46 97.71 8.82
N THR B 476 -1.42 97.46 10.12
CA THR B 476 -1.67 96.13 10.64
C THR B 476 -3.13 95.90 11.03
N ASN B 477 -3.93 96.96 11.12
CA ASN B 477 -5.33 96.80 11.49
C ASN B 477 -6.29 96.84 10.31
N VAL B 478 -5.84 97.33 9.16
CA VAL B 478 -6.69 97.35 7.97
C VAL B 478 -7.08 95.92 7.59
N VAL B 479 -6.16 94.98 7.72
CA VAL B 479 -6.45 93.56 7.51
C VAL B 479 -5.74 92.75 8.59
N ASP B 480 -6.46 91.83 9.21
CA ASP B 480 -5.94 90.97 10.25
C ASP B 480 -6.94 89.83 10.44
N MET B 481 -6.77 89.08 11.53
CA MET B 481 -7.68 87.97 11.80
C MET B 481 -9.12 88.45 11.93
N PHE B 482 -9.34 89.51 12.70
CA PHE B 482 -10.68 89.94 13.04
C PHE B 482 -11.44 90.56 11.87
N THR B 483 -10.75 90.90 10.78
CA THR B 483 -11.39 91.59 9.66
C THR B 483 -12.37 90.63 9.01
N ASN B 484 -13.67 90.85 9.26
CA ASN B 484 -14.73 90.02 8.71
C ASN B 484 -14.53 88.56 9.11
N VAL B 485 -14.61 88.33 10.42
CA VAL B 485 -14.10 87.11 11.03
C VAL B 485 -14.83 85.86 10.58
N GLY B 486 -16.00 85.99 9.95
CA GLY B 486 -16.72 84.80 9.54
C GLY B 486 -17.19 84.82 8.11
N ALA B 487 -16.82 85.84 7.35
CA ALA B 487 -17.32 86.05 6.01
C ALA B 487 -16.27 85.64 4.97
N ARG B 488 -16.70 84.88 3.98
CA ARG B 488 -15.91 84.72 2.77
C ARG B 488 -15.99 86.04 2.01
N TRP B 489 -14.95 86.86 2.14
CA TRP B 489 -15.02 88.24 1.70
C TRP B 489 -13.63 88.72 1.34
N SER B 490 -13.43 89.05 0.06
CA SER B 490 -12.20 89.70 -0.34
C SER B 490 -12.08 91.03 0.37
N ILE B 491 -10.90 91.30 0.95
CA ILE B 491 -10.73 92.54 1.69
C ILE B 491 -10.88 93.71 0.72
N ASP B 492 -11.86 94.57 1.00
CA ASP B 492 -12.24 95.60 0.05
C ASP B 492 -11.21 96.71 -0.09
N GLN B 493 -10.19 96.75 0.77
CA GLN B 493 -9.04 97.60 0.52
C GLN B 493 -8.11 97.03 -0.53
N MET B 494 -8.28 95.77 -0.92
CA MET B 494 -7.42 95.11 -1.89
C MET B 494 -8.20 94.45 -3.02
N ASP B 495 -9.50 94.73 -3.13
CA ASP B 495 -10.27 94.17 -4.25
C ASP B 495 -9.83 94.77 -5.57
N ASN B 496 -9.35 96.01 -5.57
CA ASN B 496 -8.91 96.69 -6.78
C ASN B 496 -7.40 96.59 -7.01
N VAL B 497 -6.72 95.71 -6.30
CA VAL B 497 -5.28 95.52 -6.44
C VAL B 497 -5.05 94.26 -7.24
N ASN B 498 -4.14 94.35 -8.22
CA ASN B 498 -3.82 93.27 -9.15
C ASN B 498 -3.51 91.98 -8.38
N PRO B 499 -4.38 90.97 -8.47
CA PRO B 499 -4.13 89.73 -7.72
C PRO B 499 -3.04 88.87 -8.33
N PHE B 500 -2.65 89.13 -9.57
CA PHE B 500 -1.60 88.36 -10.20
C PHE B 500 -0.20 88.85 -9.85
N ASN B 501 -0.10 90.02 -9.22
CA ASN B 501 1.16 90.48 -8.65
C ASN B 501 1.29 89.95 -7.22
N HIS B 502 1.36 88.62 -7.14
CA HIS B 502 1.46 87.92 -5.87
C HIS B 502 2.48 86.80 -6.01
N HIS B 503 3.21 86.53 -4.93
CA HIS B 503 4.20 85.46 -4.98
C HIS B 503 3.54 84.08 -5.07
N ARG B 504 2.25 83.98 -4.82
CA ARG B 504 1.50 82.75 -5.02
C ARG B 504 0.94 82.66 -6.44
N ASN B 505 1.43 83.48 -7.36
CA ASN B 505 1.10 83.33 -8.77
C ASN B 505 1.82 82.09 -9.28
N TRP B 506 1.11 80.96 -9.28
CA TRP B 506 1.74 79.68 -9.60
C TRP B 506 2.28 79.67 -11.01
N GLY B 507 1.56 80.27 -11.96
CA GLY B 507 2.08 80.38 -13.31
C GLY B 507 3.35 81.19 -13.36
N LEU B 508 3.37 82.35 -12.70
CA LEU B 508 4.57 83.18 -12.69
C LEU B 508 5.69 82.50 -11.92
N LYS B 509 5.37 81.80 -10.83
CA LYS B 509 6.38 81.06 -10.10
C LYS B 509 7.03 80.01 -10.98
N TYR B 510 6.22 79.27 -11.74
CA TYR B 510 6.75 78.27 -12.66
C TYR B 510 7.59 78.92 -13.75
N ARG B 511 7.14 80.06 -14.28
CA ARG B 511 7.87 80.72 -15.35
C ARG B 511 9.23 81.24 -14.87
N SER B 512 9.27 81.79 -13.65
CA SER B 512 10.53 82.29 -13.10
C SER B 512 11.45 81.16 -12.69
N GLN B 513 10.90 80.04 -12.21
CA GLN B 513 11.72 78.90 -11.85
C GLN B 513 12.25 78.15 -13.07
N LEU B 514 11.63 78.34 -14.23
CA LEU B 514 12.15 77.74 -15.45
C LEU B 514 13.48 78.34 -15.87
N LEU B 515 13.79 79.55 -15.42
CA LEU B 515 15.06 80.19 -15.78
C LEU B 515 16.16 79.89 -14.79
N GLY B 516 15.83 79.68 -13.52
CA GLY B 516 16.80 79.30 -12.52
C GLY B 516 16.54 80.01 -11.22
N ASN B 517 17.51 79.89 -10.31
CA ASN B 517 17.45 80.51 -9.00
C ASN B 517 18.28 81.78 -8.89
N SER B 518 18.96 82.18 -9.96
CA SER B 518 19.78 83.39 -9.95
C SER B 518 19.20 84.43 -10.88
N ARG B 519 19.67 85.65 -10.72
CA ARG B 519 19.31 86.75 -11.60
C ARG B 519 20.22 86.84 -12.82
N TYR B 520 21.20 85.94 -12.93
CA TYR B 520 22.15 85.90 -14.03
C TYR B 520 21.85 84.63 -14.83
N VAL B 521 21.13 84.78 -15.94
CA VAL B 521 20.56 83.65 -16.66
C VAL B 521 21.11 83.63 -18.08
N ASN B 522 21.66 82.48 -18.47
CA ASN B 522 21.97 82.20 -19.87
C ASN B 522 20.78 81.51 -20.51
N PHE B 523 19.69 82.25 -20.62
CA PHE B 523 18.42 81.68 -21.03
C PHE B 523 18.47 81.23 -22.49
N HIS B 524 17.75 80.14 -22.78
CA HIS B 524 17.53 79.68 -24.14
C HIS B 524 16.05 79.33 -24.26
N ILE B 525 15.32 80.09 -25.06
CA ILE B 525 13.87 80.00 -25.13
C ILE B 525 13.45 79.92 -26.60
N GLN B 526 12.21 79.50 -26.80
CA GLN B 526 11.61 79.42 -28.13
C GLN B 526 10.28 80.17 -28.11
N VAL B 527 10.23 81.29 -28.81
CA VAL B 527 9.09 82.20 -28.78
C VAL B 527 8.24 81.94 -30.02
N PRO B 528 6.95 81.68 -29.88
CA PRO B 528 6.11 81.40 -31.04
C PRO B 528 5.70 82.68 -31.76
N GLN B 529 5.09 82.49 -32.92
CA GLN B 529 4.51 83.60 -33.67
C GLN B 529 3.03 83.69 -33.38
N LYS B 530 2.54 84.91 -33.16
CA LYS B 530 1.17 85.11 -32.72
C LYS B 530 0.32 85.95 -33.66
N PHE B 531 0.89 86.59 -34.67
CA PHE B 531 0.09 87.40 -35.57
C PHE B 531 -0.81 86.51 -36.42
N PHE B 532 -2.10 86.83 -36.43
CA PHE B 532 -3.11 85.91 -36.93
C PHE B 532 -2.94 85.62 -38.42
N ALA B 533 -2.44 86.58 -39.20
CA ALA B 533 -2.28 86.36 -40.63
C ALA B 533 -1.27 85.25 -40.91
N ILE B 534 -0.18 85.21 -40.15
CA ILE B 534 0.87 84.23 -40.36
C ILE B 534 1.06 83.33 -39.14
N LYS B 535 0.10 83.30 -38.22
CA LYS B 535 0.17 82.37 -37.11
C LYS B 535 0.00 80.93 -37.59
N ASN B 536 -0.81 80.71 -38.62
CA ASN B 536 -1.07 79.37 -39.15
C ASN B 536 -0.99 79.36 -40.67
N LEU B 537 -0.27 80.29 -41.25
CA LEU B 537 -0.16 80.38 -42.70
C LEU B 537 0.61 79.20 -43.26
N LEU B 538 0.06 78.59 -44.30
CA LEU B 538 0.70 77.46 -44.98
C LEU B 538 1.39 78.01 -46.22
N LEU B 539 2.67 78.36 -46.07
CA LEU B 539 3.42 78.89 -47.20
C LEU B 539 3.76 77.78 -48.18
N LEU B 540 3.47 78.01 -49.45
CA LEU B 540 3.81 77.07 -50.50
C LEU B 540 5.29 77.23 -50.85
N SER B 541 5.74 76.56 -51.90
CA SER B 541 7.14 76.62 -52.27
C SER B 541 7.51 78.02 -52.74
N GLY B 542 8.73 78.42 -52.43
CA GLY B 542 9.20 79.75 -52.76
C GLY B 542 10.16 80.26 -51.71
N SER B 543 10.71 81.44 -51.97
CA SER B 543 11.66 82.08 -51.07
C SER B 543 11.02 83.33 -50.48
N TYR B 544 11.13 83.49 -49.17
CA TYR B 544 10.48 84.59 -48.46
C TYR B 544 11.50 85.30 -47.59
N THR B 545 11.35 86.62 -47.48
CA THR B 545 12.12 87.43 -46.53
C THR B 545 11.19 87.79 -45.37
N TYR B 546 11.58 87.38 -44.16
CA TYR B 546 10.72 87.50 -42.99
C TYR B 546 11.56 88.09 -41.85
N GLU B 547 11.30 89.34 -41.51
CA GLU B 547 12.04 89.99 -40.45
C GLU B 547 11.09 90.40 -39.34
N TRP B 548 11.60 90.35 -38.11
CA TRP B 548 10.83 90.76 -36.94
C TRP B 548 11.79 91.38 -35.95
N VAL B 549 11.24 92.17 -35.03
CA VAL B 549 12.04 92.89 -34.04
C VAL B 549 11.60 92.46 -32.64
N LEU B 550 12.58 92.24 -31.78
CA LEU B 550 12.36 91.72 -30.45
C LEU B 550 12.43 92.85 -29.42
N ARG B 551 11.57 92.77 -28.41
CA ARG B 551 11.60 93.76 -27.35
C ARG B 551 12.81 93.56 -26.44
N LYS B 552 13.38 94.67 -25.97
CA LYS B 552 14.42 94.64 -24.97
C LYS B 552 14.00 95.32 -23.67
N ASP B 553 12.78 95.85 -23.61
CA ASP B 553 12.32 96.54 -22.42
C ASP B 553 12.17 95.56 -21.26
N PRO B 554 12.84 95.79 -20.13
CA PRO B 554 12.67 94.88 -18.99
C PRO B 554 11.23 94.80 -18.49
N ASN B 555 10.49 95.90 -18.52
CA ASN B 555 9.11 95.85 -18.04
C ASN B 555 8.20 95.09 -19.00
N MET B 556 8.46 95.20 -20.31
CA MET B 556 7.65 94.47 -21.29
C MET B 556 7.90 92.98 -21.20
N ILE B 557 9.15 92.55 -21.39
CA ILE B 557 9.46 91.14 -21.57
C ILE B 557 9.45 90.37 -20.25
N LEU B 558 9.63 91.03 -19.12
CA LEU B 558 9.72 90.35 -17.82
C LEU B 558 8.53 90.73 -16.96
N GLN B 559 7.95 89.74 -16.30
CA GLN B 559 6.86 89.94 -15.37
C GLN B 559 7.35 89.72 -13.95
N SER B 560 7.01 90.63 -13.06
CA SER B 560 7.38 90.56 -11.65
C SER B 560 6.17 90.12 -10.82
N SER B 561 6.47 89.51 -9.68
CA SER B 561 5.43 89.24 -8.70
C SER B 561 5.14 90.45 -7.83
N LEU B 562 5.86 91.55 -8.03
CA LEU B 562 5.60 92.80 -7.34
C LEU B 562 5.23 93.94 -8.28
N GLY B 563 5.53 93.84 -9.57
CA GLY B 563 5.23 94.90 -10.50
C GLY B 563 6.16 96.08 -10.44
N ASN B 564 7.31 95.95 -9.81
CA ASN B 564 8.24 97.06 -9.66
C ASN B 564 8.86 97.43 -11.00
N ASP B 565 9.28 98.68 -11.11
CA ASP B 565 9.99 99.16 -12.30
C ASP B 565 11.32 98.42 -12.39
N LEU B 566 11.48 97.63 -13.45
CA LEU B 566 12.70 96.86 -13.62
C LEU B 566 13.83 97.65 -14.29
N ARG B 567 13.50 98.70 -15.04
CA ARG B 567 14.55 99.54 -15.60
C ARG B 567 15.36 100.21 -14.49
N ALA B 568 14.68 100.69 -13.45
CA ALA B 568 15.35 101.23 -12.28
C ALA B 568 15.96 100.17 -11.39
N ASP B 569 15.58 98.90 -11.59
CA ASP B 569 16.10 97.80 -10.78
C ASP B 569 17.18 97.01 -11.51
N GLY B 570 17.77 97.57 -12.55
CA GLY B 570 18.92 96.97 -13.19
C GLY B 570 18.63 95.76 -14.05
N ALA B 571 17.38 95.45 -14.31
CA ALA B 571 17.05 94.34 -15.20
C ALA B 571 17.45 94.67 -16.63
N SER B 572 17.97 93.68 -17.34
CA SER B 572 18.43 93.90 -18.70
C SER B 572 18.46 92.55 -19.43
N ILE B 573 18.50 92.63 -20.76
CA ILE B 573 18.57 91.44 -21.60
C ILE B 573 19.46 91.73 -22.79
N ILE B 574 20.23 90.73 -23.20
CA ILE B 574 21.09 90.80 -24.37
C ILE B 574 20.82 89.57 -25.21
N TYR B 575 20.56 89.76 -26.49
CA TYR B 575 20.25 88.67 -27.41
C TYR B 575 21.51 88.29 -28.18
N ASN B 576 21.98 87.07 -27.97
CA ASN B 576 23.19 86.59 -28.66
C ASN B 576 22.84 85.96 -29.99
N GLU B 577 22.02 84.91 -29.97
CA GLU B 577 21.55 84.25 -31.18
C GLU B 577 20.03 84.22 -31.17
N VAL B 578 19.42 84.80 -32.19
CA VAL B 578 17.97 84.76 -32.37
C VAL B 578 17.73 84.10 -33.72
N ASN B 579 17.57 82.78 -33.71
CA ASN B 579 17.43 82.00 -34.94
C ASN B 579 15.98 81.56 -35.10
N LEU B 580 15.59 81.36 -36.36
CA LEU B 580 14.25 80.92 -36.71
C LEU B 580 14.29 79.46 -37.12
N MET B 581 13.41 78.67 -36.54
CA MET B 581 13.27 77.25 -36.87
C MET B 581 11.93 77.00 -37.55
N ALA B 582 11.85 75.88 -38.25
CA ALA B 582 10.63 75.51 -38.95
C ALA B 582 10.58 74.01 -39.11
N ASN B 583 9.36 73.49 -39.23
CA ASN B 583 9.12 72.06 -39.47
C ASN B 583 8.51 71.88 -40.85
N PHE B 584 9.09 70.98 -41.64
CA PHE B 584 8.62 70.70 -42.98
C PHE B 584 8.15 69.26 -43.04
N MET B 585 6.90 69.06 -43.44
CA MET B 585 6.39 67.70 -43.59
C MET B 585 7.06 67.04 -44.79
N PRO B 586 7.63 65.85 -44.64
CA PRO B 586 8.30 65.21 -45.78
C PRO B 586 7.31 64.55 -46.71
N MET B 587 6.20 65.23 -47.00
CA MET B 587 5.18 64.63 -47.84
C MET B 587 5.70 64.50 -49.26
N ASP B 588 5.21 63.47 -49.95
CA ASP B 588 5.75 63.13 -51.26
C ASP B 588 5.66 64.31 -52.22
N HIS B 589 6.74 64.53 -52.97
CA HIS B 589 6.73 65.62 -53.93
C HIS B 589 5.67 65.39 -55.00
N ASN B 590 5.33 64.13 -55.28
CA ASN B 590 4.24 63.85 -56.21
C ASN B 590 2.94 64.48 -55.74
N THR B 591 2.62 64.32 -54.46
CA THR B 591 1.38 64.89 -53.92
C THR B 591 1.56 66.31 -53.42
N SER B 592 2.77 66.70 -53.01
CA SER B 592 2.98 68.08 -52.61
C SER B 592 2.89 69.03 -53.80
N ASN B 593 3.31 68.60 -54.98
CA ASN B 593 3.13 69.43 -56.16
C ASN B 593 1.67 69.54 -56.54
N GLN B 594 0.90 68.46 -56.40
CA GLN B 594 -0.55 68.55 -56.59
C GLN B 594 -1.15 69.55 -55.62
N LEU B 595 -0.75 69.47 -54.34
CA LEU B 595 -1.27 70.39 -53.33
C LEU B 595 -0.89 71.83 -53.64
N GLU B 596 0.33 72.04 -54.13
CA GLU B 596 0.77 73.38 -54.48
C GLU B 596 -0.04 73.93 -55.65
N LEU B 597 -0.33 73.10 -56.66
CA LEU B 597 -1.18 73.58 -57.74
C LEU B 597 -2.57 73.93 -57.25
N MET B 598 -3.18 73.04 -56.48
CA MET B 598 -4.57 73.15 -56.10
C MET B 598 -4.78 74.11 -54.95
N LEU B 599 -3.69 74.61 -54.35
CA LEU B 599 -3.74 75.72 -53.42
C LEU B 599 -3.47 77.06 -54.07
N ARG B 600 -2.93 77.08 -55.29
CA ARG B 600 -2.72 78.32 -56.01
C ARG B 600 -3.95 78.74 -56.80
N ASN B 601 -4.98 77.92 -56.85
CA ASN B 601 -6.25 78.34 -57.43
C ASN B 601 -6.87 79.43 -56.56
N ALA B 602 -7.39 80.47 -57.22
CA ALA B 602 -7.86 81.65 -56.50
C ALA B 602 -9.07 81.36 -55.61
N THR B 603 -9.82 80.31 -55.89
CA THR B 603 -11.01 80.03 -55.10
C THR B 603 -10.67 79.43 -53.74
N ASN B 604 -9.55 78.72 -53.64
CA ASN B 604 -9.15 78.06 -52.39
C ASN B 604 -7.79 78.59 -51.97
N ASP B 605 -7.80 79.69 -51.23
CA ASP B 605 -6.58 80.26 -50.68
C ASP B 605 -6.78 80.48 -49.18
N GLN B 606 -5.66 80.44 -48.45
CA GLN B 606 -5.73 80.50 -46.99
C GLN B 606 -6.44 81.77 -46.54
N THR B 607 -7.36 81.61 -45.59
CA THR B 607 -8.10 82.73 -45.02
C THR B 607 -8.02 82.64 -43.51
N PHE B 608 -7.60 83.72 -42.86
CA PHE B 608 -7.36 83.72 -41.43
C PHE B 608 -8.06 84.90 -40.77
N VAL B 609 -8.53 84.67 -39.54
CA VAL B 609 -9.13 85.72 -38.73
C VAL B 609 -8.39 85.75 -37.39
N ASP B 610 -8.47 86.91 -36.74
CA ASP B 610 -7.91 87.05 -35.41
C ASP B 610 -8.93 86.55 -34.39
N TYR B 611 -8.50 85.64 -33.51
CA TYR B 611 -9.44 85.02 -32.60
C TYR B 611 -10.11 86.04 -31.69
N LEU B 612 -9.40 87.12 -31.33
CA LEU B 612 -10.03 88.16 -30.53
C LEU B 612 -11.22 88.76 -31.26
N GLY B 613 -11.07 89.02 -32.56
CA GLY B 613 -12.16 89.56 -33.35
C GLY B 613 -12.71 90.85 -32.78
N ALA B 614 -11.83 91.74 -32.34
CA ALA B 614 -12.25 92.92 -31.60
C ALA B 614 -11.31 94.07 -31.88
N LYS B 615 -11.87 95.23 -32.24
CA LYS B 615 -11.09 96.45 -32.24
C LYS B 615 -10.90 96.92 -30.80
N ASN B 616 -9.66 97.22 -30.44
CA ASN B 616 -9.30 97.53 -29.07
C ASN B 616 -9.09 99.02 -28.93
N ALA B 617 -9.80 99.64 -27.99
CA ALA B 617 -9.69 101.06 -27.72
C ALA B 617 -9.60 101.28 -26.23
N LEU B 618 -8.70 102.16 -25.81
CA LEU B 618 -8.50 102.49 -24.41
C LEU B 618 -8.94 103.93 -24.18
N TYR B 619 -9.84 104.13 -23.22
CA TYR B 619 -10.35 105.45 -22.89
C TYR B 619 -9.93 105.79 -21.47
N SER B 620 -9.24 106.90 -21.31
CA SER B 620 -8.65 107.25 -20.01
C SER B 620 -9.71 107.73 -19.05
N VAL B 621 -9.72 107.15 -17.85
CA VAL B 621 -10.57 107.57 -16.76
C VAL B 621 -9.67 108.10 -15.65
N PRO B 622 -9.73 109.40 -15.32
CA PRO B 622 -8.86 109.92 -14.26
C PRO B 622 -9.15 109.30 -12.90
N ALA B 623 -8.33 109.64 -11.90
CA ALA B 623 -8.36 108.92 -10.62
C ALA B 623 -9.73 108.99 -9.96
N GLY B 624 -10.18 110.19 -9.60
CA GLY B 624 -11.41 110.33 -8.87
C GLY B 624 -12.67 110.26 -9.71
N SER B 625 -12.54 110.21 -11.03
CA SER B 625 -13.71 110.24 -11.90
C SER B 625 -14.55 108.99 -11.73
N THR B 626 -15.87 109.17 -11.76
CA THR B 626 -16.82 108.07 -11.62
C THR B 626 -17.75 107.97 -12.82
N ALA B 627 -17.40 108.56 -13.96
CA ALA B 627 -18.23 108.50 -15.14
C ALA B 627 -17.33 108.57 -16.38
N LEU B 628 -17.88 108.12 -17.51
CA LEU B 628 -17.14 108.13 -18.75
C LEU B 628 -18.11 108.21 -19.92
N THR B 629 -17.79 109.07 -20.88
CA THR B 629 -18.54 109.16 -22.13
C THR B 629 -17.64 108.72 -23.27
N ILE B 630 -18.18 107.89 -24.15
CA ILE B 630 -17.43 107.33 -25.27
C ILE B 630 -18.23 107.61 -26.53
N ASN B 631 -17.88 108.69 -27.23
CA ASN B 631 -18.53 109.03 -28.48
C ASN B 631 -17.56 108.82 -29.63
N ILE B 632 -18.07 108.27 -30.72
CA ILE B 632 -17.26 108.00 -31.92
C ILE B 632 -18.04 108.47 -33.14
N PRO B 633 -17.35 108.79 -34.24
CA PRO B 633 -18.07 109.27 -35.44
C PRO B 633 -18.97 108.21 -36.06
N ALA B 634 -19.68 108.59 -37.12
CA ALA B 634 -20.55 107.65 -37.80
C ALA B 634 -19.74 106.50 -38.37
N ARG B 635 -20.32 105.30 -38.33
CA ARG B 635 -19.64 104.09 -38.78
C ARG B 635 -20.69 103.13 -39.31
N THR B 636 -20.26 102.28 -40.24
CA THR B 636 -21.20 101.44 -40.97
C THR B 636 -21.70 100.24 -40.19
N TRP B 637 -20.94 99.74 -39.21
CA TRP B 637 -21.36 98.62 -38.37
C TRP B 637 -21.80 97.41 -39.18
N GLU B 638 -21.15 97.20 -40.32
CA GLU B 638 -21.56 96.13 -41.24
C GLU B 638 -20.97 94.81 -40.75
N GLY B 639 -21.57 94.27 -39.70
CA GLY B 639 -21.15 92.98 -39.20
C GLY B 639 -20.60 93.01 -37.79
N MET B 640 -21.05 93.97 -36.99
CA MET B 640 -20.62 94.04 -35.59
C MET B 640 -21.05 92.79 -34.83
N ARG B 641 -20.15 92.29 -33.99
CA ARG B 641 -20.47 91.16 -33.15
C ARG B 641 -20.99 91.56 -31.78
N GLY B 642 -20.56 92.70 -31.27
CA GLY B 642 -20.98 93.17 -29.97
C GLY B 642 -19.88 93.97 -29.30
N TRP B 643 -19.97 94.05 -27.98
CA TRP B 643 -19.04 94.84 -27.18
C TRP B 643 -18.47 94.00 -26.04
N SER B 644 -17.19 94.21 -25.76
CA SER B 644 -16.53 93.65 -24.59
C SER B 644 -15.72 94.74 -23.92
N PHE B 645 -15.79 94.81 -22.59
CA PHE B 645 -15.13 95.92 -21.91
C PHE B 645 -14.84 95.59 -20.47
N THR B 646 -13.67 96.02 -20.01
CA THR B 646 -13.33 96.18 -18.59
C THR B 646 -12.53 97.45 -18.43
N ARG B 647 -12.11 97.72 -17.20
CA ARG B 647 -11.21 98.83 -16.91
C ARG B 647 -9.88 98.28 -16.42
N ILE B 648 -8.80 98.90 -16.90
CA ILE B 648 -7.45 98.48 -16.56
C ILE B 648 -6.67 99.72 -16.14
N LYS B 649 -5.85 99.57 -15.10
CA LYS B 649 -5.10 100.70 -14.59
C LYS B 649 -4.16 101.25 -15.65
N ALA B 650 -4.12 102.58 -15.76
CA ALA B 650 -3.23 103.21 -16.74
C ALA B 650 -1.77 102.91 -16.44
N ALA B 651 -1.40 102.94 -15.16
CA ALA B 651 -0.03 102.65 -14.79
C ALA B 651 0.36 101.20 -15.08
N GLU B 652 -0.63 100.31 -15.23
CA GLU B 652 -0.38 98.92 -15.56
C GLU B 652 -0.59 98.61 -17.02
N THR B 653 -0.73 99.62 -17.87
CA THR B 653 -1.03 99.42 -19.28
C THR B 653 -0.07 100.23 -20.13
N PRO B 654 0.61 99.60 -21.09
CA PRO B 654 1.49 100.34 -21.99
C PRO B 654 0.71 101.11 -23.03
N GLN B 655 1.41 102.04 -23.68
CA GLN B 655 0.83 102.78 -24.78
C GLN B 655 0.79 101.89 -26.02
N LEU B 656 -0.36 101.85 -26.68
CA LEU B 656 -0.53 100.96 -27.82
C LEU B 656 0.34 101.40 -28.99
N GLY B 657 1.02 100.44 -29.62
CA GLY B 657 1.89 100.74 -30.73
C GLY B 657 3.04 101.66 -30.37
N ALA B 658 3.68 101.42 -29.24
CA ALA B 658 4.79 102.24 -28.77
C ALA B 658 6.08 101.43 -28.79
N GLN B 659 7.10 101.98 -29.45
CA GLN B 659 8.41 101.30 -29.46
C GLN B 659 8.98 101.21 -28.06
N TYR B 660 8.87 102.29 -27.28
CA TYR B 660 9.40 102.30 -25.91
C TYR B 660 8.56 103.26 -25.09
N ASP B 661 7.75 102.72 -24.19
CA ASP B 661 6.90 103.52 -23.31
C ASP B 661 7.70 103.89 -22.08
N VAL B 662 8.17 105.14 -22.02
CA VAL B 662 8.98 105.59 -20.89
C VAL B 662 8.15 105.66 -19.62
N ASN B 663 6.88 106.04 -19.72
CA ASN B 663 6.01 106.12 -18.55
C ASN B 663 5.63 104.75 -17.99
N PHE B 664 5.94 103.68 -18.71
CA PHE B 664 5.58 102.33 -18.28
C PHE B 664 6.65 101.84 -17.30
N LYS B 665 6.49 102.25 -16.03
CA LYS B 665 7.40 101.87 -14.97
C LYS B 665 6.79 100.77 -14.09
N TYR B 666 6.05 99.86 -14.74
CA TYR B 666 5.37 98.76 -14.08
C TYR B 666 5.72 97.47 -14.81
N SER B 667 6.09 96.44 -14.05
CA SER B 667 6.50 95.17 -14.63
C SER B 667 5.73 94.01 -14.00
N GLY B 668 4.46 94.23 -13.69
CA GLY B 668 3.62 93.16 -13.22
C GLY B 668 2.98 92.42 -14.37
N SER B 669 1.66 92.23 -14.30
CA SER B 669 0.90 91.56 -15.35
C SER B 669 0.02 92.59 -16.05
N ILE B 670 0.33 92.88 -17.31
CA ILE B 670 -0.48 93.82 -18.09
C ILE B 670 -1.81 93.14 -18.41
N ALA B 671 -2.89 93.63 -17.81
CA ALA B 671 -4.21 93.07 -18.08
C ALA B 671 -4.61 93.26 -19.54
N TYR B 672 -4.10 94.30 -20.19
CA TYR B 672 -4.39 94.49 -21.60
C TYR B 672 -3.79 93.37 -22.45
N SER B 673 -2.55 93.00 -22.14
CA SER B 673 -1.83 92.03 -22.98
C SER B 673 -2.29 90.60 -22.71
N ASP B 674 -2.15 90.13 -21.48
CA ASP B 674 -2.66 88.82 -21.14
C ASP B 674 -4.14 88.93 -20.78
N GLY B 675 -4.71 87.88 -20.21
CA GLY B 675 -6.10 87.93 -19.82
C GLY B 675 -6.29 88.26 -18.36
N GLY B 676 -5.29 88.89 -17.76
CA GLY B 676 -5.32 89.15 -16.34
C GLY B 676 -6.25 90.28 -15.93
N PHE B 677 -7.51 90.20 -16.35
CA PHE B 677 -8.49 91.20 -15.97
C PHE B 677 -8.96 90.94 -14.54
N TYR B 678 -8.96 91.98 -13.73
CA TYR B 678 -9.44 91.87 -12.35
C TYR B 678 -10.35 93.02 -11.95
N LEU B 679 -10.56 94.00 -12.81
CA LEU B 679 -11.43 95.13 -12.53
C LEU B 679 -12.69 95.10 -13.38
N SER B 680 -13.19 93.90 -13.69
CA SER B 680 -14.49 93.78 -14.34
C SER B 680 -15.59 94.32 -13.44
N HIS B 681 -15.42 94.22 -12.13
CA HIS B 681 -16.28 94.90 -11.19
C HIS B 681 -15.92 96.38 -11.22
N THR B 682 -16.49 97.16 -10.30
CA THR B 682 -16.37 98.62 -10.32
C THR B 682 -16.94 99.21 -11.61
N PHE B 683 -17.86 98.49 -12.23
CA PHE B 683 -18.63 98.96 -13.37
C PHE B 683 -20.08 99.09 -12.91
N ARG B 684 -20.55 100.33 -12.76
CA ARG B 684 -21.90 100.51 -12.26
C ARG B 684 -22.93 100.19 -13.34
N ASN B 685 -22.78 100.76 -14.52
CA ASN B 685 -23.71 100.49 -15.62
C ASN B 685 -23.09 100.93 -16.93
N MET B 686 -23.90 100.97 -17.98
CA MET B 686 -23.50 101.45 -19.30
C MET B 686 -24.76 101.74 -20.10
N SER B 687 -24.62 102.61 -21.09
CA SER B 687 -25.70 102.86 -22.04
C SER B 687 -25.12 102.97 -23.44
N ILE B 688 -25.66 102.20 -24.37
CA ILE B 688 -25.23 102.19 -25.76
C ILE B 688 -26.29 102.92 -26.58
N LEU B 689 -25.86 103.93 -27.34
CA LEU B 689 -26.78 104.79 -28.08
C LEU B 689 -26.23 104.94 -29.50
N PHE B 690 -26.76 104.15 -30.44
CA PHE B 690 -26.26 104.20 -31.82
C PHE B 690 -26.45 105.57 -32.43
N ASP B 691 -27.65 106.11 -32.38
CA ASP B 691 -27.83 107.50 -32.70
C ASP B 691 -27.58 108.31 -31.42
N THR B 692 -27.92 109.60 -31.43
CA THR B 692 -27.68 110.41 -30.25
C THR B 692 -28.45 109.88 -29.05
N SER B 693 -29.65 109.36 -29.26
CA SER B 693 -30.50 108.95 -28.14
C SER B 693 -31.15 107.59 -28.29
N ILE B 694 -30.83 106.81 -29.32
CA ILE B 694 -31.48 105.53 -29.54
C ILE B 694 -30.69 104.47 -28.77
N ASN B 695 -31.22 104.08 -27.61
CA ASN B 695 -30.61 102.98 -26.86
C ASN B 695 -30.66 101.70 -27.66
N TRP B 696 -29.53 100.99 -27.71
CA TRP B 696 -29.45 99.81 -28.57
C TRP B 696 -30.45 98.72 -28.20
N PRO B 697 -30.56 98.25 -26.94
CA PRO B 697 -31.60 97.27 -26.63
C PRO B 697 -32.95 97.86 -27.00
N GLY B 698 -33.30 98.99 -26.41
CA GLY B 698 -34.28 99.91 -26.93
C GLY B 698 -35.57 99.32 -27.46
N ASN B 699 -35.91 98.11 -27.02
CA ASN B 699 -37.16 97.46 -27.37
C ASN B 699 -37.89 97.04 -26.10
N ASP B 700 -37.79 97.89 -25.07
CA ASP B 700 -38.39 97.62 -23.77
C ASP B 700 -37.94 96.21 -23.35
N ARG B 701 -36.64 95.94 -23.50
CA ARG B 701 -36.13 94.62 -23.18
C ARG B 701 -35.82 94.47 -21.71
N LEU B 702 -34.88 95.28 -21.22
CA LEU B 702 -34.37 95.13 -19.87
C LEU B 702 -35.35 95.67 -18.84
N LEU B 703 -35.13 95.29 -17.58
CA LEU B 703 -35.88 95.88 -16.48
C LEU B 703 -35.57 97.37 -16.34
N THR B 704 -34.44 97.82 -16.87
CA THR B 704 -34.13 99.23 -17.05
C THR B 704 -33.87 99.40 -18.55
N PRO B 705 -34.91 99.63 -19.34
CA PRO B 705 -34.77 99.49 -20.80
C PRO B 705 -33.78 100.45 -21.44
N ASN B 706 -33.46 101.57 -20.78
CA ASN B 706 -32.65 102.61 -21.38
C ASN B 706 -31.17 102.51 -21.01
N MET B 707 -30.77 101.48 -20.28
CA MET B 707 -29.44 101.49 -19.68
C MET B 707 -29.06 100.09 -19.21
N PHE B 708 -27.78 99.75 -19.36
CA PHE B 708 -27.24 98.45 -18.95
C PHE B 708 -26.81 98.53 -17.49
N GLU B 709 -27.79 98.41 -16.60
CA GLU B 709 -27.53 98.50 -15.16
C GLU B 709 -26.75 97.26 -14.74
N ILE B 710 -25.43 97.41 -14.60
CA ILE B 710 -24.59 96.26 -14.27
C ILE B 710 -24.79 95.87 -12.82
N LYS B 711 -24.74 96.83 -11.90
CA LYS B 711 -24.92 96.54 -10.49
C LYS B 711 -25.50 97.76 -9.79
N ARG B 712 -26.20 97.50 -8.69
CA ARG B 712 -26.77 98.56 -7.88
C ARG B 712 -26.60 98.20 -6.41
N SER B 713 -26.61 99.23 -5.57
CA SER B 713 -26.44 99.03 -4.14
C SER B 713 -27.65 98.28 -3.58
N VAL B 714 -27.39 97.12 -2.98
CA VAL B 714 -28.47 96.31 -2.42
C VAL B 714 -29.10 97.01 -1.21
N ALA B 715 -28.31 97.74 -0.44
CA ALA B 715 -28.87 98.50 0.68
C ALA B 715 -29.87 99.54 0.18
N LEU B 716 -29.53 100.24 -0.90
CA LEU B 716 -30.45 101.19 -1.51
C LEU B 716 -31.45 100.52 -2.45
N ASP B 717 -31.31 99.23 -2.70
CA ASP B 717 -32.25 98.49 -3.53
C ASP B 717 -33.63 98.47 -2.86
N THR B 718 -34.66 98.69 -3.67
CA THR B 718 -36.02 98.67 -3.17
C THR B 718 -36.93 97.71 -3.93
N GLU B 719 -36.80 97.63 -5.26
CA GLU B 719 -37.70 96.84 -6.08
C GLU B 719 -37.09 95.53 -6.55
N GLY B 720 -35.87 95.22 -6.16
CA GLY B 720 -35.19 94.03 -6.63
C GLY B 720 -34.08 94.39 -7.61
N PHE B 721 -34.07 93.72 -8.76
CA PHE B 721 -33.05 93.96 -9.79
C PHE B 721 -31.65 93.66 -9.27
N THR B 722 -31.52 92.73 -8.33
CA THR B 722 -30.22 92.21 -7.92
C THR B 722 -30.28 90.69 -7.97
N MET B 723 -29.26 90.09 -8.56
CA MET B 723 -29.33 88.69 -8.98
C MET B 723 -28.17 87.91 -8.38
N SER B 724 -28.44 86.63 -8.09
CA SER B 724 -27.41 85.67 -7.68
C SER B 724 -26.73 86.09 -6.38
N GLN B 725 -27.52 86.58 -5.42
CA GLN B 725 -27.05 86.85 -4.06
C GLN B 725 -25.89 87.83 -4.04
N CYS B 726 -25.92 88.82 -4.92
CA CYS B 726 -24.95 89.91 -4.91
C CYS B 726 -25.62 91.15 -5.44
N ASP B 727 -24.83 92.16 -5.80
CA ASP B 727 -25.36 93.41 -6.29
C ASP B 727 -25.52 93.45 -7.80
N ILE B 728 -25.08 92.42 -8.52
CA ILE B 728 -25.30 92.38 -9.95
C ILE B 728 -26.80 92.28 -10.22
N THR B 729 -27.22 92.81 -11.36
CA THR B 729 -28.63 92.98 -11.64
C THR B 729 -29.20 91.80 -12.42
N LYS B 730 -30.53 91.70 -12.41
CA LYS B 730 -31.21 90.68 -13.21
C LYS B 730 -30.89 90.87 -14.69
N ASP B 731 -30.95 92.11 -15.16
CA ASP B 731 -30.68 92.39 -16.57
C ASP B 731 -29.28 91.96 -16.95
N TRP B 732 -28.28 92.43 -16.20
CA TRP B 732 -26.89 92.15 -16.56
C TRP B 732 -26.57 90.66 -16.45
N TYR B 733 -27.08 90.02 -15.40
CA TYR B 733 -26.89 88.58 -15.27
C TYR B 733 -27.49 87.84 -16.45
N LEU B 734 -28.69 88.23 -16.88
CA LEU B 734 -29.30 87.60 -18.04
C LEU B 734 -28.45 87.82 -19.29
N ILE B 735 -27.96 89.04 -19.49
CA ILE B 735 -27.16 89.32 -20.68
C ILE B 735 -25.92 88.44 -20.69
N GLN B 736 -25.22 88.36 -19.56
CA GLN B 736 -23.98 87.60 -19.51
C GLN B 736 -24.21 86.12 -19.70
N MET B 737 -25.24 85.57 -19.03
CA MET B 737 -25.52 84.14 -19.17
C MET B 737 -25.95 83.81 -20.61
N ALA B 738 -26.77 84.66 -21.22
CA ALA B 738 -27.21 84.41 -22.59
C ALA B 738 -26.04 84.51 -23.56
N THR B 739 -25.13 85.46 -23.33
CA THR B 739 -23.97 85.60 -24.21
C THR B 739 -23.06 84.37 -24.10
N ASN B 740 -22.70 84.00 -22.88
CA ASN B 740 -21.69 82.95 -22.71
C ASN B 740 -22.25 81.54 -22.95
N TYR B 741 -23.52 81.31 -22.62
CA TYR B 741 -24.04 79.96 -22.60
C TYR B 741 -25.30 79.76 -23.45
N ASN B 742 -25.82 80.80 -24.09
CA ASN B 742 -26.83 80.69 -25.14
C ASN B 742 -28.16 80.13 -24.63
N PHE B 743 -28.35 80.04 -23.31
CA PHE B 743 -29.61 79.52 -22.78
C PHE B 743 -29.96 80.31 -21.52
N VAL B 744 -30.95 81.20 -21.63
CA VAL B 744 -31.51 81.85 -20.46
C VAL B 744 -33.02 81.76 -20.40
N TYR B 745 -33.71 81.54 -21.51
CA TYR B 745 -35.16 81.51 -21.52
C TYR B 745 -35.71 80.17 -21.07
N ASN B 746 -34.86 79.15 -20.99
CA ASN B 746 -35.25 77.85 -20.46
C ASN B 746 -34.88 77.69 -18.98
N GLY B 747 -34.16 78.64 -18.40
CA GLY B 747 -33.80 78.58 -17.01
C GLY B 747 -32.33 78.78 -16.74
N TYR B 748 -32.02 79.44 -15.62
CA TYR B 748 -30.62 79.61 -15.24
C TYR B 748 -30.06 78.31 -14.69
N ARG B 749 -28.87 77.94 -15.15
CA ARG B 749 -28.22 76.73 -14.71
C ARG B 749 -26.72 76.86 -14.91
N PHE B 750 -25.97 76.06 -14.18
CA PHE B 750 -24.53 76.02 -14.37
C PHE B 750 -24.19 75.31 -15.68
N TRP B 751 -23.09 75.72 -16.29
CA TRP B 751 -22.65 75.18 -17.58
C TRP B 751 -21.23 74.65 -17.44
N PRO B 752 -21.06 73.40 -17.02
CA PRO B 752 -19.71 72.85 -16.82
C PRO B 752 -18.95 72.63 -18.11
N ASP B 753 -19.59 72.73 -19.27
CA ASP B 753 -18.92 72.51 -20.55
C ASP B 753 -17.94 73.63 -20.89
N ARG B 754 -18.00 74.76 -20.18
CA ARG B 754 -17.14 75.90 -20.47
C ARG B 754 -16.22 76.25 -19.30
N GLN B 755 -16.07 75.34 -18.34
CA GLN B 755 -15.22 75.62 -17.18
C GLN B 755 -13.74 75.62 -17.50
N TYR B 756 -13.34 75.07 -18.65
CA TYR B 756 -11.95 75.09 -19.05
C TYR B 756 -11.51 76.45 -19.56
N PHE B 757 -12.46 77.30 -19.96
CA PHE B 757 -12.14 78.45 -20.79
C PHE B 757 -11.28 79.49 -20.08
N HIS B 758 -11.31 79.54 -18.74
CA HIS B 758 -10.51 80.44 -17.92
C HIS B 758 -10.92 81.89 -18.11
N TYR B 759 -11.87 82.18 -19.01
CA TYR B 759 -12.33 83.55 -19.22
C TYR B 759 -13.84 83.64 -19.36
N ASP B 760 -14.58 82.57 -19.05
CA ASP B 760 -16.04 82.61 -19.13
C ASP B 760 -16.59 83.30 -17.88
N PHE B 761 -17.90 83.20 -17.68
CA PHE B 761 -18.58 83.95 -16.63
C PHE B 761 -18.64 83.18 -15.32
N LEU B 762 -19.27 82.01 -15.32
CA LEU B 762 -19.55 81.30 -14.08
C LEU B 762 -18.30 80.71 -13.44
N ARG B 763 -17.23 80.51 -14.22
CA ARG B 763 -16.00 79.95 -13.64
C ARG B 763 -15.39 80.88 -12.61
N ASN B 764 -15.53 82.19 -12.81
CA ASN B 764 -14.86 83.17 -11.97
C ASN B 764 -15.79 84.25 -11.44
N PHE B 765 -17.09 84.16 -11.68
CA PHE B 765 -18.05 85.06 -11.06
C PHE B 765 -18.23 84.66 -9.61
N ASP B 766 -17.72 85.49 -8.70
CA ASP B 766 -17.66 85.15 -7.27
C ASP B 766 -18.45 86.18 -6.47
N PRO B 767 -19.72 85.91 -6.19
CA PRO B 767 -20.48 86.79 -5.30
C PRO B 767 -20.18 86.48 -3.84
N MET B 768 -19.95 87.52 -3.06
CA MET B 768 -19.64 87.37 -1.65
C MET B 768 -20.35 88.45 -0.84
N THR B 769 -20.62 88.16 0.43
CA THR B 769 -21.38 89.06 1.27
C THR B 769 -20.81 89.06 2.68
N ARG B 770 -20.70 90.25 3.26
CA ARG B 770 -20.36 90.43 4.67
C ARG B 770 -21.38 91.38 5.27
N GLN B 771 -21.43 91.42 6.60
CA GLN B 771 -22.45 92.22 7.29
C GLN B 771 -21.87 93.44 7.97
N GLY B 772 -20.91 93.26 8.88
CA GLY B 772 -20.20 94.38 9.46
C GLY B 772 -21.04 95.18 10.44
N PRO B 773 -20.39 95.76 11.44
CA PRO B 773 -21.12 96.65 12.36
C PRO B 773 -21.54 97.93 11.67
N ASN B 774 -22.60 98.53 12.18
CA ASN B 774 -23.10 99.81 11.67
C ASN B 774 -22.52 100.93 12.53
N PHE B 775 -21.47 101.57 12.04
CA PHE B 775 -20.87 102.69 12.73
C PHE B 775 -21.75 103.93 12.53
N ALA B 776 -21.28 105.09 12.98
CA ALA B 776 -22.11 106.30 13.04
C ALA B 776 -23.34 106.07 13.90
N LEU B 777 -23.16 105.31 14.97
CA LEU B 777 -24.18 104.97 15.97
C LEU B 777 -23.64 105.41 17.33
N PRO B 778 -24.47 105.48 18.38
CA PRO B 778 -23.92 105.89 19.68
C PRO B 778 -22.77 105.02 20.16
N GLY B 779 -22.84 103.71 19.94
CA GLY B 779 -21.72 102.82 20.15
C GLY B 779 -20.96 102.60 18.86
N LEU B 780 -20.29 101.45 18.78
CA LEU B 780 -19.69 100.98 17.53
C LEU B 780 -18.69 102.02 17.00
N PHE B 781 -17.61 102.18 17.76
CA PHE B 781 -16.70 103.31 17.58
C PHE B 781 -15.74 103.15 16.41
N ASP B 782 -15.65 101.97 15.80
CA ASP B 782 -14.78 101.75 14.63
C ASP B 782 -13.33 102.10 14.95
N LEU B 783 -12.76 101.31 15.86
CA LEU B 783 -11.41 101.56 16.34
C LEU B 783 -10.37 101.50 15.24
N VAL B 784 -10.58 100.71 14.21
CA VAL B 784 -9.59 100.51 13.16
C VAL B 784 -9.45 101.80 12.36
N SER B 785 -8.21 102.18 12.08
CA SER B 785 -7.89 103.36 11.29
C SER B 785 -7.24 102.92 9.98
N TYR B 786 -7.57 103.61 8.90
CA TYR B 786 -7.07 103.27 7.58
C TYR B 786 -6.14 104.31 6.98
N THR B 787 -6.10 105.52 7.53
CA THR B 787 -5.25 106.58 6.99
C THR B 787 -3.93 106.60 7.75
N PRO B 788 -2.81 106.31 7.10
CA PRO B 788 -1.52 106.42 7.79
C PRO B 788 -1.11 107.87 8.00
N THR B 789 -0.18 108.06 8.92
CA THR B 789 0.30 109.39 9.25
C THR B 789 1.38 109.89 8.28
N THR B 790 1.78 109.05 7.32
CA THR B 790 2.79 109.36 6.30
C THR B 790 3.96 110.18 6.87
N ASP B 791 4.39 109.79 8.06
CA ASP B 791 5.53 110.40 8.72
C ASP B 791 6.79 109.55 8.53
N ASN B 792 7.94 110.17 8.77
CA ASN B 792 9.19 109.44 8.64
C ASN B 792 9.29 108.30 9.65
N SER B 793 8.85 108.54 10.89
CA SER B 793 8.94 107.52 11.92
C SER B 793 8.06 106.32 11.60
N GLY B 794 8.47 105.17 12.11
CA GLY B 794 7.73 103.94 11.88
C GLY B 794 6.71 103.68 12.97
N GLU B 795 6.13 104.74 13.50
CA GLU B 795 5.13 104.68 14.56
C GLU B 795 3.79 105.16 14.03
N GLN B 796 2.75 104.36 14.24
CA GLN B 796 1.40 104.69 13.79
C GLN B 796 0.48 104.62 15.00
N PRO B 797 0.51 105.64 15.86
CA PRO B 797 -0.26 105.58 17.11
C PRO B 797 -1.76 105.48 16.88
N SER B 798 -2.25 105.83 15.70
CA SER B 798 -3.67 105.67 15.40
C SER B 798 -4.10 104.22 15.37
N GLN B 799 -3.16 103.27 15.27
CA GLN B 799 -3.48 101.86 15.18
C GLN B 799 -3.60 101.17 16.53
N GLU B 800 -3.28 101.85 17.62
CA GLU B 800 -3.17 101.24 18.95
C GLU B 800 -4.51 101.09 19.65
N ALA B 801 -5.62 101.10 18.92
CA ALA B 801 -6.93 101.03 19.55
C ALA B 801 -7.53 99.63 19.58
N VAL B 802 -7.02 98.70 18.77
CA VAL B 802 -7.71 97.42 18.61
C VAL B 802 -7.47 96.48 19.79
N ARG B 803 -6.28 96.54 20.39
CA ARG B 803 -5.98 95.82 21.64
C ARG B 803 -6.31 94.33 21.55
N ASN B 804 -6.24 93.76 20.35
CA ASN B 804 -6.46 92.34 20.16
C ASN B 804 -5.13 91.60 20.13
N ASN B 805 -5.07 90.44 20.77
CA ASN B 805 -3.83 89.69 20.95
C ASN B 805 -2.77 90.58 21.61
N SER B 806 -3.19 91.32 22.64
CA SER B 806 -2.42 92.47 23.12
C SER B 806 -0.99 92.08 23.46
N GLY B 807 -0.81 91.19 24.43
CA GLY B 807 0.52 90.85 24.90
C GLY B 807 1.22 89.76 24.14
N PHE B 808 0.65 89.30 23.02
CA PHE B 808 1.18 88.15 22.30
C PHE B 808 1.62 88.49 20.88
N ILE B 809 1.63 89.76 20.50
CA ILE B 809 2.01 90.20 19.18
C ILE B 809 2.80 91.50 19.29
N ALA B 810 3.32 91.96 18.17
CA ALA B 810 3.95 93.26 18.12
C ALA B 810 2.90 94.36 18.25
N PRO B 811 3.27 95.52 18.77
CA PRO B 811 2.30 96.62 18.89
C PRO B 811 1.79 97.04 17.52
N ARG B 812 0.51 97.44 17.49
CA ARG B 812 -0.10 97.81 16.22
C ARG B 812 0.57 99.02 15.61
N SER B 813 0.95 100.00 16.42
CA SER B 813 1.66 101.17 15.91
C SER B 813 3.02 100.77 15.33
N TRP B 814 3.66 99.78 15.91
CA TRP B 814 4.94 99.30 15.40
C TRP B 814 4.74 98.55 14.10
N PRO B 815 5.80 98.39 13.30
CA PRO B 815 5.73 97.46 12.17
C PRO B 815 5.41 96.05 12.65
N VAL B 816 4.67 95.32 11.82
CA VAL B 816 4.13 94.03 12.24
C VAL B 816 5.25 93.07 12.62
N TRP B 817 6.34 93.10 11.87
CA TRP B 817 7.41 92.12 12.02
C TRP B 817 8.42 92.47 13.09
N SER B 818 8.05 93.34 14.03
CA SER B 818 8.86 93.57 15.21
C SER B 818 8.53 92.53 16.27
N ALA B 819 9.37 92.45 17.29
CA ALA B 819 9.18 91.46 18.33
C ALA B 819 7.90 91.72 19.11
N HIS B 820 7.31 90.66 19.62
CA HIS B 820 6.07 90.79 20.38
C HIS B 820 6.36 91.52 21.68
N GLN B 821 5.38 92.27 22.16
CA GLN B 821 5.51 92.92 23.45
C GLN B 821 4.13 93.39 23.90
N GLY B 822 4.05 93.74 25.18
CA GLY B 822 2.79 94.15 25.77
C GLY B 822 2.37 93.24 26.91
N GLU B 823 1.09 93.25 27.23
CA GLU B 823 0.54 92.41 28.29
C GLU B 823 -0.80 91.88 27.84
N SER B 824 -1.17 90.72 28.38
CA SER B 824 -2.45 90.11 28.02
C SER B 824 -3.59 91.02 28.46
N TRP B 825 -4.51 91.27 27.52
CA TRP B 825 -5.62 92.19 27.75
C TRP B 825 -6.83 91.67 26.99
N PRO B 826 -8.04 91.96 27.46
CA PRO B 826 -9.24 91.60 26.69
C PRO B 826 -9.32 92.44 25.42
N ALA B 827 -9.48 91.76 24.29
CA ALA B 827 -9.63 92.47 23.02
C ALA B 827 -10.92 93.27 23.04
N ASN B 828 -10.86 94.47 22.46
CA ASN B 828 -12.02 95.35 22.45
C ASN B 828 -12.57 95.62 21.06
N TRP B 829 -11.73 95.59 20.02
CA TRP B 829 -12.19 96.05 18.71
C TRP B 829 -13.27 95.16 18.11
N PRO B 830 -13.00 93.88 17.79
CA PRO B 830 -13.92 93.18 16.88
C PRO B 830 -15.32 93.03 17.47
N TYR B 831 -16.27 93.73 16.88
CA TYR B 831 -17.63 93.70 17.40
C TYR B 831 -18.27 92.36 17.06
N PRO B 832 -18.74 91.62 18.05
CA PRO B 832 -19.31 90.30 17.76
C PRO B 832 -20.60 90.40 16.95
N LEU B 833 -20.56 89.91 15.72
CA LEU B 833 -21.72 89.87 14.86
C LEU B 833 -22.56 88.61 15.07
N CYS B 834 -22.05 87.66 15.84
CA CYS B 834 -22.74 86.40 16.08
C CYS B 834 -22.60 86.05 17.57
N GLY B 835 -23.21 84.94 17.95
CA GLY B 835 -23.14 84.48 19.34
C GLY B 835 -24.19 85.12 20.22
N GLN B 836 -24.16 84.75 21.49
CA GLN B 836 -25.14 85.25 22.45
C GLN B 836 -25.01 86.75 22.66
N GLN B 837 -23.78 87.26 22.73
CA GLN B 837 -23.53 88.68 22.97
C GLN B 837 -23.25 89.44 21.67
N ALA B 838 -23.90 89.03 20.58
CA ALA B 838 -23.77 89.77 19.33
C ALA B 838 -24.43 91.14 19.45
N ILE B 839 -23.96 92.06 18.63
CA ILE B 839 -24.51 93.43 18.63
C ILE B 839 -25.94 93.37 18.15
N GLN B 840 -26.70 94.45 18.39
CA GLN B 840 -28.12 94.44 18.11
C GLN B 840 -28.37 94.34 16.60
N PRO B 841 -29.50 93.74 16.21
CA PRO B 841 -29.79 93.60 14.77
C PRO B 841 -29.94 94.93 14.05
N GLY B 842 -30.23 96.01 14.76
CA GLY B 842 -30.26 97.32 14.16
C GLY B 842 -28.92 97.99 14.03
N GLN B 843 -27.86 97.34 14.52
CA GLN B 843 -26.50 97.88 14.45
C GLN B 843 -25.63 97.12 13.46
N VAL B 844 -26.23 96.35 12.56
CA VAL B 844 -25.51 95.62 11.54
C VAL B 844 -25.92 96.15 10.18
N LEU B 845 -25.08 95.87 9.18
CA LEU B 845 -25.36 96.32 7.82
C LEU B 845 -25.27 95.17 6.83
N SER B 846 -25.38 95.47 5.54
CA SER B 846 -25.24 94.48 4.49
C SER B 846 -24.29 95.03 3.43
N TYR B 847 -23.43 94.15 2.90
CA TYR B 847 -22.38 94.56 1.98
C TYR B 847 -22.32 93.60 0.80
N LYS B 848 -23.46 93.34 0.16
CA LYS B 848 -23.48 92.49 -1.03
C LYS B 848 -22.50 93.01 -2.07
N LYS B 849 -21.72 92.09 -2.63
CA LYS B 849 -20.64 92.45 -3.54
C LYS B 849 -20.29 91.24 -4.38
N PHE B 850 -19.59 91.47 -5.48
CA PHE B 850 -19.13 90.39 -6.33
C PHE B 850 -17.79 90.76 -6.95
N LEU B 851 -16.99 89.74 -7.23
CA LEU B 851 -15.75 89.88 -7.97
C LEU B 851 -15.82 88.98 -9.20
N CYS B 852 -15.23 89.43 -10.30
CA CYS B 852 -15.28 88.65 -11.54
C CYS B 852 -13.95 88.90 -12.28
N ASP B 853 -13.00 88.02 -12.06
CA ASP B 853 -11.67 88.13 -12.65
C ASP B 853 -11.63 87.48 -14.02
N ASN B 854 -10.78 88.04 -14.89
CA ASN B 854 -10.49 87.44 -16.20
C ASN B 854 -11.75 87.23 -17.03
N TYR B 855 -12.70 88.16 -16.94
CA TYR B 855 -13.97 87.94 -17.63
C TYR B 855 -14.18 88.80 -18.86
N LEU B 856 -13.90 90.11 -18.80
CA LEU B 856 -14.07 90.99 -19.96
C LEU B 856 -15.52 90.98 -20.43
N TRP B 857 -16.38 91.62 -19.61
CA TRP B 857 -17.82 91.68 -19.82
C TRP B 857 -18.20 91.72 -21.30
N THR B 858 -19.07 90.81 -21.73
CA THR B 858 -19.43 90.68 -23.13
C THR B 858 -20.89 91.02 -23.33
N ILE B 859 -21.17 91.76 -24.41
CA ILE B 859 -22.51 92.03 -24.87
C ILE B 859 -22.58 91.70 -26.35
N PRO B 860 -23.40 90.76 -26.77
CA PRO B 860 -23.47 90.43 -28.19
C PRO B 860 -24.41 91.35 -28.94
N PHE B 861 -24.03 91.69 -30.17
CA PHE B 861 -24.87 92.52 -31.00
C PHE B 861 -25.96 91.66 -31.64
N SER B 862 -26.69 90.93 -30.80
CA SER B 862 -27.78 90.07 -31.23
C SER B 862 -29.08 90.57 -30.60
N SER B 863 -30.18 90.29 -31.29
CA SER B 863 -31.47 90.82 -30.85
C SER B 863 -31.87 90.29 -29.48
N ASP B 864 -31.65 89.00 -29.21
CA ASP B 864 -32.02 88.40 -27.94
C ASP B 864 -30.80 88.08 -27.08
N PHE B 865 -29.67 88.73 -27.36
CA PHE B 865 -28.45 88.60 -26.54
C PHE B 865 -27.93 87.17 -26.51
N MET B 866 -28.26 86.38 -27.52
CA MET B 866 -27.87 84.98 -27.57
C MET B 866 -27.13 84.70 -28.87
N TYR B 867 -26.22 83.73 -28.81
CA TYR B 867 -25.33 83.43 -29.92
C TYR B 867 -26.06 82.61 -30.98
N MET B 868 -26.22 83.18 -32.17
CA MET B 868 -26.81 82.49 -33.31
C MET B 868 -25.83 82.36 -34.46
N GLY B 869 -24.63 82.88 -34.33
CA GLY B 869 -23.64 82.85 -35.39
C GLY B 869 -22.63 83.97 -35.19
N GLU B 870 -21.47 83.79 -35.82
CA GLU B 870 -20.42 84.79 -35.73
C GLU B 870 -20.88 86.11 -36.33
N LEU B 871 -21.53 86.06 -37.49
CA LEU B 871 -22.13 87.25 -38.08
C LEU B 871 -23.51 87.40 -37.45
N THR B 872 -23.63 88.37 -36.54
CA THR B 872 -24.69 88.36 -35.55
C THR B 872 -26.06 88.65 -36.15
N ASP B 873 -27.06 88.66 -35.27
CA ASP B 873 -28.45 88.86 -35.70
C ASP B 873 -28.66 90.28 -36.22
N LEU B 874 -28.19 91.28 -35.48
CA LEU B 874 -28.33 92.67 -35.89
C LEU B 874 -27.13 93.19 -36.65
N GLY B 875 -26.00 92.48 -36.61
CA GLY B 875 -24.81 92.91 -37.33
C GLY B 875 -24.99 92.96 -38.83
N GLN B 876 -25.94 92.21 -39.36
CA GLN B 876 -26.22 92.21 -40.79
C GLN B 876 -27.58 92.81 -41.11
N ASN B 877 -28.20 93.48 -40.16
CA ASN B 877 -29.45 94.19 -40.42
C ASN B 877 -29.20 95.36 -41.36
N PRO B 878 -30.02 95.55 -42.40
CA PRO B 878 -29.78 96.67 -43.33
C PRO B 878 -29.97 98.03 -42.70
N MET B 879 -30.65 98.13 -41.55
CA MET B 879 -30.75 99.40 -40.86
C MET B 879 -29.39 99.87 -40.36
N TYR B 880 -28.51 98.94 -40.00
CA TYR B 880 -27.21 99.29 -39.45
C TYR B 880 -26.10 99.24 -40.51
N THR B 881 -26.04 98.17 -41.30
CA THR B 881 -24.92 97.98 -42.22
C THR B 881 -24.81 99.13 -43.23
N ASN B 882 -25.94 99.55 -43.79
CA ASN B 882 -25.92 100.63 -44.78
C ASN B 882 -25.89 102.01 -44.12
N ASN B 883 -26.91 102.33 -43.33
CA ASN B 883 -26.99 103.63 -42.67
C ASN B 883 -25.98 103.68 -41.53
N SER B 884 -25.01 104.57 -41.63
CA SER B 884 -23.98 104.66 -40.61
C SER B 884 -24.50 105.36 -39.37
N HIS B 885 -24.05 104.90 -38.21
CA HIS B 885 -24.48 105.41 -36.93
C HIS B 885 -23.27 105.87 -36.12
N SER B 886 -23.40 107.01 -35.46
CA SER B 886 -22.35 107.56 -34.60
C SER B 886 -22.72 107.24 -33.17
N MET B 887 -22.34 106.05 -32.71
CA MET B 887 -22.81 105.58 -31.42
C MET B 887 -22.06 106.23 -30.27
N VAL B 888 -22.77 106.43 -29.16
CA VAL B 888 -22.22 107.05 -27.96
C VAL B 888 -22.43 106.09 -26.80
N ILE B 889 -21.35 105.78 -26.10
CA ILE B 889 -21.39 104.87 -24.95
C ILE B 889 -21.14 105.68 -23.70
N ASN B 890 -22.11 105.67 -22.78
CA ASN B 890 -22.01 106.41 -21.54
C ASN B 890 -21.79 105.44 -20.38
N PHE B 891 -20.78 105.72 -19.57
CA PHE B 891 -20.44 104.93 -18.40
C PHE B 891 -20.59 105.76 -17.14
N GLU B 892 -20.83 105.06 -16.03
CA GLU B 892 -20.41 105.53 -14.72
C GLU B 892 -19.80 104.36 -13.96
N LEU B 893 -18.66 104.61 -13.33
CA LEU B 893 -17.85 103.55 -12.73
C LEU B 893 -17.67 103.85 -11.25
N ASP B 894 -17.29 102.82 -10.50
CA ASP B 894 -16.87 103.03 -9.12
C ASP B 894 -15.57 103.82 -9.12
N PRO B 895 -15.48 104.91 -8.37
CA PRO B 895 -14.28 105.77 -8.42
C PRO B 895 -13.09 105.08 -7.77
N MET B 896 -12.05 104.84 -8.56
CA MET B 896 -10.83 104.25 -8.06
C MET B 896 -9.91 105.36 -7.54
N ASP B 897 -8.65 105.02 -7.26
CA ASP B 897 -7.72 105.96 -6.65
C ASP B 897 -6.57 106.35 -7.58
N ASP B 898 -6.51 105.77 -8.77
CA ASP B 898 -5.44 106.05 -9.72
C ASP B 898 -6.03 106.12 -11.11
N PRO B 899 -5.40 106.85 -12.04
CA PRO B 899 -5.91 106.90 -13.41
C PRO B 899 -5.95 105.50 -14.01
N THR B 900 -7.06 105.20 -14.69
CA THR B 900 -7.27 103.89 -15.29
C THR B 900 -7.83 104.07 -16.70
N TYR B 901 -7.57 103.07 -17.54
CA TYR B 901 -8.16 103.00 -18.87
C TYR B 901 -9.35 102.06 -18.84
N VAL B 902 -10.39 102.42 -19.57
CA VAL B 902 -11.49 101.51 -19.85
C VAL B 902 -11.18 100.80 -21.15
N TYR B 903 -11.04 99.48 -21.09
CA TYR B 903 -10.58 98.70 -22.24
C TYR B 903 -11.81 98.27 -23.04
N MET B 904 -12.21 99.13 -23.97
CA MET B 904 -13.37 98.85 -24.81
C MET B 904 -12.98 97.98 -25.99
N LEU B 905 -13.73 96.91 -26.21
CA LEU B 905 -13.55 96.05 -27.37
C LEU B 905 -14.85 96.01 -28.15
N TYR B 906 -14.77 96.27 -29.45
CA TYR B 906 -15.92 96.14 -30.32
C TYR B 906 -15.94 94.72 -30.90
N GLY B 907 -16.98 94.42 -31.67
CA GLY B 907 -17.03 93.11 -32.31
C GLY B 907 -16.76 93.21 -33.79
N VAL B 908 -15.58 92.78 -34.23
CA VAL B 908 -15.14 93.01 -35.59
C VAL B 908 -14.78 91.69 -36.25
N PHE B 909 -14.84 91.68 -37.59
CA PHE B 909 -14.32 90.58 -38.39
C PHE B 909 -13.02 91.06 -39.05
N ASP B 910 -11.92 90.96 -38.32
CA ASP B 910 -10.61 91.30 -38.86
C ASP B 910 -10.05 90.10 -39.62
N THR B 911 -10.45 89.98 -40.88
CA THR B 911 -10.17 88.82 -41.70
C THR B 911 -9.07 89.09 -42.71
N VAL B 912 -8.36 88.03 -43.08
CA VAL B 912 -7.35 88.06 -44.12
C VAL B 912 -7.52 86.82 -44.99
N ARG B 913 -7.31 86.96 -46.29
CA ARG B 913 -7.15 85.80 -47.16
C ARG B 913 -5.84 85.91 -47.91
N VAL B 914 -5.01 84.88 -47.79
CA VAL B 914 -3.65 84.89 -48.32
C VAL B 914 -3.69 84.29 -49.71
N ASN B 915 -3.44 85.12 -50.72
CA ASN B 915 -3.47 84.70 -52.12
C ASN B 915 -2.03 84.45 -52.57
N GLN B 916 -1.70 83.17 -52.76
CA GLN B 916 -0.40 82.77 -53.27
C GLN B 916 -0.55 82.25 -54.69
N PRO B 917 -0.56 83.12 -55.69
CA PRO B 917 -0.89 82.66 -57.05
C PRO B 917 0.25 81.95 -57.75
N GLU B 918 1.47 82.04 -57.23
CA GLU B 918 2.63 81.58 -57.99
C GLU B 918 3.80 81.44 -57.03
N ARG B 919 4.84 80.71 -57.48
CA ARG B 919 6.05 80.55 -56.69
C ARG B 919 6.58 81.91 -56.27
N ASN B 920 6.98 82.00 -55.00
CA ASN B 920 7.45 83.23 -54.35
C ASN B 920 6.68 84.45 -54.83
N VAL B 921 5.35 84.35 -54.78
CA VAL B 921 4.45 85.48 -54.98
C VAL B 921 3.46 85.43 -53.83
N LEU B 922 3.65 86.29 -52.83
CA LEU B 922 2.83 86.31 -51.64
C LEU B 922 2.10 87.64 -51.56
N ALA B 923 0.79 87.58 -51.32
CA ALA B 923 -0.02 88.79 -51.23
C ALA B 923 -1.22 88.52 -50.34
N MET B 924 -1.35 89.30 -49.27
CA MET B 924 -2.50 89.21 -48.37
C MET B 924 -3.27 90.54 -48.37
N ALA B 925 -4.60 90.42 -48.37
CA ALA B 925 -5.49 91.57 -48.25
C ALA B 925 -6.21 91.49 -46.92
N TYR B 926 -6.34 92.64 -46.25
CA TYR B 926 -6.89 92.72 -44.91
C TYR B 926 -8.27 93.37 -44.96
N PHE B 927 -9.14 92.99 -44.02
CA PHE B 927 -10.49 93.51 -44.00
C PHE B 927 -11.06 93.41 -42.59
N ARG B 928 -11.61 94.52 -42.09
CA ARG B 928 -12.29 94.58 -40.82
C ARG B 928 -13.66 95.20 -41.05
N THR B 929 -14.72 94.52 -40.58
CA THR B 929 -16.06 94.91 -41.02
C THR B 929 -16.56 96.19 -40.37
N PRO B 930 -16.71 96.28 -39.03
CA PRO B 930 -17.29 97.51 -38.47
C PRO B 930 -16.39 98.71 -38.68
N PHE B 931 -15.15 98.60 -38.20
CA PHE B 931 -14.17 99.67 -38.34
C PHE B 931 -13.29 99.32 -39.54
N ALA B 932 -13.76 99.72 -40.72
CA ALA B 932 -13.13 99.29 -41.96
C ALA B 932 -11.68 99.77 -42.02
N THR B 933 -10.79 98.85 -42.39
CA THR B 933 -9.39 99.17 -42.60
C THR B 933 -8.99 98.99 -44.06
N GLY B 934 -9.21 97.81 -44.62
CA GLY B 934 -8.91 97.58 -46.03
C GLY B 934 -10.08 97.90 -46.93
N ASN B 935 -9.86 98.74 -47.93
CA ASN B 935 -10.87 99.17 -48.89
C ASN B 935 -12.24 99.45 -48.27
N LEU C 4 -3.39 93.66 -57.65
CA LEU C 4 -2.49 92.85 -58.46
C LEU C 4 -3.08 91.46 -58.69
N THR C 5 -3.91 91.01 -57.76
CA THR C 5 -4.62 89.75 -57.92
C THR C 5 -5.79 89.92 -58.88
N PRO C 6 -6.18 88.86 -59.59
CA PRO C 6 -7.31 88.96 -60.52
C PRO C 6 -8.68 88.90 -59.87
N ASP C 7 -8.77 88.94 -58.54
CA ASP C 7 -10.05 88.91 -57.84
C ASP C 7 -10.44 90.24 -57.24
N LEU C 8 -9.48 90.99 -56.67
CA LEU C 8 -9.77 92.34 -56.23
C LEU C 8 -10.08 93.27 -57.39
N THR C 9 -9.69 92.90 -58.61
CA THR C 9 -9.94 93.74 -59.77
C THR C 9 -11.43 93.74 -60.16
N THR C 10 -12.16 92.69 -59.81
CA THR C 10 -13.53 92.50 -60.24
C THR C 10 -14.50 92.89 -59.13
N ALA C 11 -15.78 92.66 -59.37
CA ALA C 11 -16.84 93.08 -58.46
C ALA C 11 -17.23 91.95 -57.51
N THR C 12 -16.26 91.47 -56.78
CA THR C 12 -16.55 90.42 -55.82
C THR C 12 -16.99 91.04 -54.50
N PRO C 13 -18.14 90.65 -53.96
CA PRO C 13 -18.60 91.23 -52.69
C PRO C 13 -17.58 91.03 -51.58
N ARG C 14 -17.43 92.05 -50.75
CA ARG C 14 -16.34 92.04 -49.77
C ARG C 14 -16.55 90.96 -48.71
N LEU C 15 -17.79 90.78 -48.26
CA LEU C 15 -18.06 89.75 -47.26
C LEU C 15 -17.82 88.36 -47.82
N GLN C 16 -18.25 88.12 -49.07
CA GLN C 16 -18.04 86.81 -49.68
C GLN C 16 -16.56 86.58 -49.98
N TYR C 17 -15.85 87.62 -50.39
CA TYR C 17 -14.44 87.47 -50.71
C TYR C 17 -13.63 87.04 -49.50
N PHE C 18 -13.91 87.62 -48.34
CA PHE C 18 -13.20 87.29 -47.11
C PHE C 18 -13.92 86.25 -46.28
N HIS C 19 -14.96 85.62 -46.84
CA HIS C 19 -15.68 84.53 -46.18
C HIS C 19 -16.24 84.97 -44.82
N ILE C 20 -16.73 86.21 -44.77
CA ILE C 20 -17.45 86.69 -43.60
C ILE C 20 -18.93 86.36 -43.70
N ALA C 21 -19.48 86.47 -44.91
CA ALA C 21 -20.83 86.00 -45.19
C ALA C 21 -20.84 85.14 -46.45
N GLY C 22 -19.75 84.42 -46.70
CA GLY C 22 -19.59 83.68 -47.91
C GLY C 22 -20.38 82.40 -47.95
N PRO C 23 -20.16 81.60 -48.98
CA PRO C 23 -20.94 80.36 -49.13
C PRO C 23 -20.62 79.31 -48.06
N GLY C 24 -19.34 79.03 -47.84
CA GLY C 24 -18.93 78.04 -46.85
C GLY C 24 -17.84 77.14 -47.40
N THR C 25 -16.92 76.75 -46.50
CA THR C 25 -15.73 76.01 -46.92
C THR C 25 -16.09 74.72 -47.65
N ARG C 26 -17.24 74.13 -47.34
CA ARG C 26 -17.71 72.97 -48.07
C ARG C 26 -18.06 73.29 -49.51
N GLU C 27 -18.18 74.57 -49.89
CA GLU C 27 -18.65 74.90 -51.22
C GLU C 27 -17.97 76.06 -51.92
N TYR C 28 -16.93 76.68 -51.36
CA TYR C 28 -16.11 77.56 -52.19
C TYR C 28 -14.73 77.00 -52.48
N LEU C 29 -14.22 76.09 -51.66
CA LEU C 29 -12.99 75.42 -52.03
C LEU C 29 -13.21 74.55 -53.26
N SER C 30 -12.14 74.33 -54.01
CA SER C 30 -12.20 73.36 -55.09
C SER C 30 -12.54 72.00 -54.52
N GLU C 31 -13.38 71.25 -55.24
CA GLU C 31 -13.86 69.97 -54.72
C GLU C 31 -12.72 68.98 -54.52
N ASP C 32 -11.55 69.23 -55.11
CA ASP C 32 -10.38 68.43 -54.81
C ASP C 32 -9.81 68.76 -53.44
N LEU C 33 -9.87 70.03 -53.03
CA LEU C 33 -9.21 70.43 -51.79
C LEU C 33 -9.95 69.94 -50.57
N GLN C 34 -11.28 69.87 -50.63
CA GLN C 34 -12.02 69.29 -49.52
C GLN C 34 -11.65 67.83 -49.34
N GLN C 35 -11.53 67.08 -50.43
CA GLN C 35 -11.09 65.69 -50.34
C GLN C 35 -9.67 65.59 -49.82
N PHE C 36 -8.78 66.49 -50.25
CA PHE C 36 -7.41 66.45 -49.77
C PHE C 36 -7.34 66.70 -48.26
N ILE C 37 -7.98 67.76 -47.79
CA ILE C 37 -7.91 68.08 -46.37
C ILE C 37 -8.64 67.03 -45.54
N SER C 38 -9.67 66.38 -46.10
CA SER C 38 -10.34 65.32 -45.36
C SER C 38 -9.47 64.07 -45.29
N ALA C 39 -8.83 63.70 -46.39
CA ALA C 39 -8.00 62.51 -46.40
C ALA C 39 -6.79 62.67 -45.49
N THR C 40 -6.05 63.75 -45.66
CA THR C 40 -4.91 64.06 -44.80
C THR C 40 -5.33 64.96 -43.65
N GLY C 41 -6.38 64.57 -42.93
CA GLY C 41 -6.85 65.32 -41.79
C GLY C 41 -6.46 64.76 -40.45
N SER C 42 -5.80 63.61 -40.42
CA SER C 42 -5.42 62.98 -39.16
C SER C 42 -4.00 63.32 -38.74
N TYR C 43 -3.15 63.80 -39.64
CA TYR C 43 -1.75 64.03 -39.31
C TYR C 43 -1.29 65.41 -39.72
N PHE C 44 -1.86 65.97 -40.79
CA PHE C 44 -1.44 67.26 -41.31
C PHE C 44 -2.70 68.03 -41.72
N ASP C 45 -3.28 68.76 -40.77
CA ASP C 45 -4.59 69.37 -41.01
C ASP C 45 -4.45 70.70 -41.74
N LEU C 46 -5.37 70.93 -42.68
CA LEU C 46 -5.48 72.20 -43.38
C LEU C 46 -6.83 72.86 -43.17
N LYS C 47 -7.71 72.25 -42.37
CA LYS C 47 -9.08 72.75 -42.23
C LYS C 47 -9.12 74.11 -41.54
N ASN C 48 -8.18 74.38 -40.64
CA ASN C 48 -8.18 75.64 -39.90
C ASN C 48 -7.66 76.80 -40.72
N LYS C 49 -7.15 76.56 -41.92
CA LYS C 49 -6.59 77.61 -42.76
C LYS C 49 -7.58 78.15 -43.78
N PHE C 50 -8.81 77.65 -43.79
CA PHE C 50 -9.84 78.10 -44.72
C PHE C 50 -11.07 78.47 -43.89
N ARG C 51 -11.33 79.76 -43.77
CA ARG C 51 -12.33 80.24 -42.82
C ARG C 51 -13.74 80.04 -43.33
N GLN C 52 -14.64 79.77 -42.39
CA GLN C 52 -16.07 79.63 -42.66
C GLN C 52 -16.82 80.28 -41.52
N THR C 53 -17.86 81.03 -41.84
CA THR C 53 -18.62 81.79 -40.85
C THR C 53 -20.04 81.26 -40.74
N VAL C 54 -20.46 80.97 -39.52
CA VAL C 54 -21.85 80.65 -39.22
C VAL C 54 -22.61 81.95 -39.07
N VAL C 55 -23.79 82.02 -39.67
CA VAL C 55 -24.54 83.26 -39.81
C VAL C 55 -25.89 83.10 -39.12
N ALA C 56 -26.32 84.15 -38.41
CA ALA C 56 -27.57 84.13 -37.68
C ALA C 56 -28.76 84.11 -38.66
N PRO C 57 -29.91 83.59 -38.21
CA PRO C 57 -31.07 83.56 -39.11
C PRO C 57 -31.59 84.94 -39.49
N THR C 58 -31.75 85.83 -38.52
CA THR C 58 -32.10 87.25 -38.71
C THR C 58 -33.48 87.46 -39.30
N ARG C 59 -34.35 86.46 -39.28
CA ARG C 59 -35.73 86.69 -39.69
C ARG C 59 -36.60 85.61 -39.08
N ASN C 60 -37.86 85.98 -38.82
CA ASN C 60 -38.90 85.14 -38.20
C ASN C 60 -38.34 84.29 -37.07
N VAL C 61 -37.40 84.84 -36.32
CA VAL C 61 -36.82 84.19 -35.15
C VAL C 61 -36.86 85.06 -33.91
N THR C 62 -37.02 86.37 -34.06
CA THR C 62 -37.04 87.29 -32.94
C THR C 62 -37.95 88.47 -33.26
N THR C 63 -38.85 88.80 -32.33
CA THR C 63 -39.66 90.00 -32.47
C THR C 63 -38.79 91.24 -32.49
N GLU C 64 -39.09 92.15 -33.39
CA GLU C 64 -38.55 93.51 -33.26
C GLU C 64 -39.47 94.37 -32.41
N LYS C 65 -40.65 93.85 -32.05
CA LYS C 65 -41.56 94.55 -31.17
C LYS C 65 -40.90 94.88 -29.83
N ALA C 66 -41.38 95.93 -29.19
CA ALA C 66 -40.94 96.21 -27.83
C ALA C 66 -41.57 95.18 -26.90
N GLN C 67 -40.80 94.20 -26.47
CA GLN C 67 -41.28 93.10 -25.64
C GLN C 67 -40.35 92.93 -24.46
N ARG C 68 -40.91 92.93 -23.26
CA ARG C 68 -40.10 92.82 -22.05
C ARG C 68 -39.36 91.49 -22.03
N LEU C 69 -38.04 91.57 -21.88
CA LEU C 69 -37.21 90.37 -21.85
C LEU C 69 -37.30 89.64 -20.52
N GLN C 70 -37.80 90.32 -19.48
CA GLN C 70 -37.80 89.75 -18.13
C GLN C 70 -38.86 90.46 -17.32
N ILE C 71 -39.96 89.77 -17.01
CA ILE C 71 -41.07 90.37 -16.28
C ILE C 71 -41.09 89.86 -14.85
N ARG C 72 -41.28 90.78 -13.91
CA ARG C 72 -41.51 90.44 -12.51
C ARG C 72 -42.99 90.57 -12.20
N PHE C 73 -43.55 89.58 -11.51
CA PHE C 73 -44.95 89.59 -11.10
C PHE C 73 -45.02 89.76 -9.59
N TYR C 74 -45.66 90.84 -9.15
CA TYR C 74 -45.93 91.02 -7.74
C TYR C 74 -47.00 90.04 -7.28
N PRO C 75 -46.99 89.64 -6.00
CA PRO C 75 -48.08 88.81 -5.48
C PRO C 75 -49.40 89.55 -5.53
N ILE C 76 -50.48 88.79 -5.75
CA ILE C 76 -51.82 89.36 -5.65
C ILE C 76 -52.23 89.49 -4.20
N GLN C 77 -52.26 88.38 -3.48
CA GLN C 77 -52.46 88.38 -2.04
C GLN C 77 -51.35 87.56 -1.39
N THR C 78 -51.14 87.78 -0.09
CA THR C 78 -50.02 87.18 0.62
C THR C 78 -50.46 86.11 1.61
N ASP C 79 -51.30 86.46 2.58
CA ASP C 79 -51.72 85.52 3.61
C ASP C 79 -50.51 84.90 4.32
N ASP C 80 -49.75 85.77 4.98
CA ASP C 80 -48.63 85.31 5.79
C ASP C 80 -49.13 84.66 7.07
N THR C 81 -48.50 83.55 7.46
CA THR C 81 -48.89 82.82 8.65
C THR C 81 -47.65 82.41 9.43
N SER C 82 -47.86 81.69 10.52
CA SER C 82 -46.77 81.36 11.44
C SER C 82 -45.85 80.27 10.91
N THR C 83 -46.38 79.33 10.14
CA THR C 83 -45.58 78.20 9.67
C THR C 83 -45.20 78.29 8.20
N GLY C 84 -45.84 79.18 7.43
CA GLY C 84 -45.54 79.31 6.02
C GLY C 84 -45.74 80.74 5.56
N TYR C 85 -45.45 80.97 4.28
CA TYR C 85 -45.63 82.28 3.66
C TYR C 85 -46.20 82.05 2.27
N ARG C 86 -47.50 82.26 2.12
CA ARG C 86 -48.18 82.05 0.85
C ARG C 86 -47.96 83.24 -0.07
N VAL C 87 -47.92 82.95 -1.38
CA VAL C 87 -47.95 83.96 -2.43
C VAL C 87 -48.73 83.39 -3.60
N ARG C 88 -49.65 84.18 -4.15
CA ARG C 88 -50.25 83.87 -5.43
C ARG C 88 -49.95 85.01 -6.39
N TYR C 89 -49.64 84.67 -7.63
CA TYR C 89 -49.34 85.63 -8.67
C TYR C 89 -50.38 85.52 -9.76
N ASN C 90 -50.21 86.34 -10.80
CA ASN C 90 -50.98 86.19 -12.03
C ASN C 90 -49.95 86.18 -13.16
N ILE C 91 -49.38 85.01 -13.42
CA ILE C 91 -48.40 84.89 -14.49
C ILE C 91 -49.09 85.16 -15.81
N ASN C 92 -48.51 86.05 -16.60
CA ASN C 92 -49.12 86.53 -17.83
C ASN C 92 -48.23 86.16 -19.01
N VAL C 93 -48.77 85.40 -19.94
CA VAL C 93 -48.11 85.09 -21.21
C VAL C 93 -49.00 85.65 -22.30
N GLY C 94 -48.58 86.77 -22.89
CA GLY C 94 -49.40 87.41 -23.90
C GLY C 94 -49.51 86.58 -25.16
N ASP C 95 -50.45 86.96 -26.00
CA ASP C 95 -50.64 86.27 -27.26
C ASP C 95 -49.43 86.54 -28.16
N GLY C 96 -48.86 85.47 -28.71
CA GLY C 96 -47.59 85.57 -29.39
C GLY C 96 -46.39 85.45 -28.47
N TRP C 97 -46.60 85.39 -27.16
CA TRP C 97 -45.53 85.14 -26.21
C TRP C 97 -45.47 83.67 -25.87
N VAL C 98 -44.35 83.25 -25.30
CA VAL C 98 -44.14 81.87 -24.90
C VAL C 98 -43.22 81.84 -23.69
N LEU C 99 -43.66 81.17 -22.64
CA LEU C 99 -42.93 81.13 -21.37
C LEU C 99 -42.56 79.70 -21.03
N ASP C 100 -41.29 79.47 -20.76
CA ASP C 100 -40.80 78.21 -20.22
C ASP C 100 -40.62 78.38 -18.73
N MET C 101 -41.39 77.61 -17.94
CA MET C 101 -41.29 77.70 -16.48
C MET C 101 -39.96 77.22 -15.94
N GLY C 102 -39.04 76.77 -16.79
CA GLY C 102 -37.69 76.52 -16.32
C GLY C 102 -37.01 77.78 -15.83
N SER C 103 -37.38 78.93 -16.40
CA SER C 103 -36.80 80.21 -16.01
C SER C 103 -37.56 80.89 -14.88
N THR C 104 -38.73 80.40 -14.50
CA THR C 104 -39.51 81.03 -13.44
C THR C 104 -38.89 80.67 -12.10
N TYR C 105 -38.61 81.69 -11.29
CA TYR C 105 -38.09 81.49 -9.94
C TYR C 105 -38.71 82.54 -9.03
N PHE C 106 -38.41 82.43 -7.74
CA PHE C 106 -38.98 83.32 -6.73
C PHE C 106 -37.89 84.27 -6.25
N ASP C 107 -38.13 85.57 -6.42
CA ASP C 107 -37.20 86.60 -5.95
C ASP C 107 -37.56 86.92 -4.51
N ILE C 108 -36.93 86.21 -3.57
CA ILE C 108 -37.25 86.30 -2.16
C ILE C 108 -36.20 87.15 -1.47
N LYS C 109 -36.65 88.17 -0.74
CA LYS C 109 -35.81 88.95 0.13
C LYS C 109 -36.50 89.14 1.46
N GLY C 110 -35.73 89.09 2.54
CA GLY C 110 -36.32 89.18 3.85
C GLY C 110 -35.27 89.30 4.94
N ILE C 111 -35.71 89.07 6.17
CA ILE C 111 -34.86 89.20 7.35
C ILE C 111 -34.62 87.81 7.91
N LEU C 112 -33.37 87.38 7.93
CA LEU C 112 -32.98 86.10 8.48
C LEU C 112 -32.22 86.29 9.78
N ASP C 113 -32.67 85.63 10.84
CA ASP C 113 -31.99 85.60 12.12
C ASP C 113 -31.50 84.17 12.34
N ARG C 114 -30.19 83.97 12.20
CA ARG C 114 -29.62 82.63 12.30
C ARG C 114 -29.43 82.17 13.73
N GLY C 115 -29.67 83.04 14.72
CA GLY C 115 -29.66 82.64 16.10
C GLY C 115 -28.29 82.74 16.74
N PRO C 116 -28.25 82.72 18.07
CA PRO C 116 -26.95 82.74 18.77
C PRO C 116 -26.11 81.51 18.48
N SER C 117 -26.72 80.42 18.03
CA SER C 117 -26.00 79.19 17.72
C SER C 117 -25.43 79.23 16.31
N PHE C 118 -24.52 80.18 16.10
CA PHE C 118 -23.97 80.40 14.76
C PHE C 118 -22.56 80.97 14.90
N LYS C 119 -21.56 80.13 14.69
CA LYS C 119 -20.17 80.57 14.61
C LYS C 119 -19.65 80.35 13.21
N PRO C 120 -19.46 81.39 12.41
CA PRO C 120 -19.03 81.20 11.03
C PRO C 120 -17.55 80.85 10.90
N TYR C 121 -16.88 80.63 12.03
CA TYR C 121 -15.43 80.48 12.04
C TYR C 121 -15.02 79.54 13.15
N CYS C 122 -14.06 78.67 12.85
CA CYS C 122 -13.50 77.79 13.86
C CYS C 122 -12.54 78.58 14.75
N GLY C 123 -12.56 78.24 16.05
CA GLY C 123 -11.75 78.97 16.99
C GLY C 123 -12.42 80.26 17.42
N THR C 124 -11.62 81.15 18.00
CA THR C 124 -12.10 82.41 18.53
C THR C 124 -11.45 83.57 17.79
N ALA C 125 -12.01 84.76 18.00
CA ALA C 125 -11.49 85.98 17.40
C ALA C 125 -10.87 86.94 18.40
N TYR C 126 -10.99 86.66 19.69
CA TYR C 126 -10.53 87.55 20.75
C TYR C 126 -9.34 86.91 21.46
N ASN C 127 -8.19 87.56 21.39
CA ASN C 127 -6.92 87.01 21.82
C ASN C 127 -6.75 85.57 21.35
N PRO C 128 -6.91 85.28 20.06
CA PRO C 128 -6.78 83.89 19.61
C PRO C 128 -5.42 83.27 19.88
N LEU C 129 -4.36 84.06 19.80
CA LEU C 129 -3.01 83.58 20.08
C LEU C 129 -2.75 83.41 21.57
N ALA C 130 -3.63 83.91 22.43
CA ALA C 130 -3.45 83.74 23.86
C ALA C 130 -3.52 82.26 24.23
N PRO C 131 -2.70 81.81 25.18
CA PRO C 131 -2.84 80.44 25.67
C PRO C 131 -4.20 80.25 26.34
N LYS C 132 -4.71 79.02 26.25
CA LYS C 132 -6.08 78.74 26.64
C LYS C 132 -6.32 78.99 28.13
N GLU C 133 -5.28 79.02 28.95
CA GLU C 133 -5.43 79.16 30.39
C GLU C 133 -4.69 80.37 30.94
N SER C 134 -4.57 81.43 30.15
CA SER C 134 -3.87 82.62 30.58
C SER C 134 -4.82 83.60 31.27
N MET C 135 -4.23 84.60 31.93
CA MET C 135 -4.98 85.59 32.68
C MET C 135 -4.61 86.97 32.16
N PHE C 136 -5.62 87.82 31.94
CA PHE C 136 -5.39 89.15 31.38
C PHE C 136 -5.07 90.15 32.49
N ASN C 137 -3.94 89.94 33.14
CA ASN C 137 -3.40 90.87 34.12
C ASN C 137 -4.40 91.11 35.27
N ASN C 138 -4.58 90.03 36.03
CA ASN C 138 -5.58 89.95 37.09
C ASN C 138 -5.53 91.16 38.01
N TRP C 139 -6.69 91.47 38.60
CA TRP C 139 -6.76 92.35 39.77
C TRP C 139 -8.03 91.97 40.52
N SER C 140 -7.87 91.24 41.63
CA SER C 140 -8.98 90.82 42.46
C SER C 140 -8.85 91.50 43.82
N GLU C 141 -9.89 92.22 44.24
CA GLU C 141 -9.91 92.89 45.52
C GLU C 141 -11.30 92.82 46.11
N THR C 142 -11.38 92.95 47.44
CA THR C 142 -12.67 93.00 48.11
C THR C 142 -13.22 94.42 48.10
N ALA C 143 -12.39 95.40 48.44
CA ALA C 143 -12.72 96.80 48.37
C ALA C 143 -11.50 97.57 47.89
N PRO C 144 -11.68 98.73 47.27
CA PRO C 144 -10.52 99.49 46.77
C PRO C 144 -9.55 99.82 47.90
N GLY C 145 -8.35 99.24 47.80
CA GLY C 145 -7.34 99.37 48.84
C GLY C 145 -7.38 98.29 49.90
N GLN C 146 -8.39 97.41 49.86
CA GLN C 146 -8.52 96.33 50.84
C GLN C 146 -7.81 95.09 50.31
N ASN C 147 -8.12 93.93 50.90
CA ASN C 147 -7.53 92.65 50.52
C ASN C 147 -7.53 92.49 49.01
N VAL C 148 -6.36 92.42 48.39
CA VAL C 148 -6.22 92.46 46.94
C VAL C 148 -5.29 91.35 46.49
N SER C 149 -5.68 90.66 45.41
CA SER C 149 -4.83 89.71 44.72
C SER C 149 -4.77 90.10 43.26
N ALA C 150 -3.56 90.33 42.75
CA ALA C 150 -3.39 90.78 41.36
C ALA C 150 -2.16 90.07 40.79
N SER C 151 -2.37 89.38 39.66
CA SER C 151 -1.29 88.67 38.98
C SER C 151 -1.30 89.09 37.52
N GLY C 152 -0.25 89.79 37.10
CA GLY C 152 -0.16 90.26 35.73
C GLY C 152 1.27 90.59 35.38
N GLN C 153 1.45 91.08 34.16
CA GLN C 153 2.74 91.53 33.69
C GLN C 153 2.83 93.05 33.71
N LEU C 154 4.04 93.54 33.90
CA LEU C 154 4.33 94.97 33.98
C LEU C 154 5.42 95.28 32.97
N SER C 155 5.01 95.67 31.77
CA SER C 155 5.90 95.76 30.62
C SER C 155 6.44 97.16 30.39
N ASN C 156 5.57 98.17 30.34
CA ASN C 156 6.00 99.50 29.95
C ASN C 156 7.00 100.09 30.94
N VAL C 157 8.00 100.80 30.41
CA VAL C 157 9.06 101.38 31.21
C VAL C 157 9.13 102.88 30.94
N TYR C 158 9.63 103.63 31.93
CA TYR C 158 9.74 105.07 31.78
C TYR C 158 11.02 105.64 32.40
N THR C 159 12.07 104.82 32.52
CA THR C 159 13.40 105.23 33.02
C THR C 159 13.30 106.20 34.19
N ASN C 160 12.68 105.73 35.27
CA ASN C 160 12.50 106.57 36.44
C ASN C 160 13.81 106.78 37.18
N THR C 161 13.95 107.95 37.79
CA THR C 161 14.96 108.19 38.82
C THR C 161 14.29 108.03 40.18
N SER C 162 14.64 106.96 40.88
CA SER C 162 13.91 106.57 42.07
C SER C 162 14.21 107.53 43.22
N THR C 163 13.66 107.23 44.39
CA THR C 163 13.76 108.03 45.61
C THR C 163 13.07 109.39 45.48
N THR C 164 12.26 109.58 44.44
CA THR C 164 11.51 110.81 44.28
C THR C 164 10.28 110.54 43.42
N LYS C 165 9.24 111.34 43.64
CA LYS C 165 7.98 111.19 42.93
C LYS C 165 7.94 111.90 41.59
N ASP C 166 8.94 112.74 41.29
CA ASP C 166 8.85 113.60 40.10
C ASP C 166 8.76 112.79 38.82
N THR C 167 9.61 111.77 38.68
CA THR C 167 9.63 110.99 37.44
C THR C 167 8.48 110.00 37.34
N THR C 168 7.86 109.64 38.46
CA THR C 168 6.78 108.65 38.47
C THR C 168 5.41 109.28 38.52
N ALA C 169 5.23 110.38 39.26
CA ALA C 169 3.95 111.07 39.27
C ALA C 169 3.62 111.61 37.89
N ALA C 170 4.64 111.89 37.07
CA ALA C 170 4.38 112.31 35.70
C ALA C 170 3.65 111.21 34.92
N GLN C 171 4.09 109.96 35.07
CA GLN C 171 3.40 108.85 34.44
C GLN C 171 2.04 108.61 35.09
N VAL C 172 1.96 108.78 36.41
CA VAL C 172 0.71 108.55 37.12
C VAL C 172 -0.38 109.51 36.63
N THR C 173 -0.01 110.78 36.41
CA THR C 173 -0.96 111.74 35.86
C THR C 173 -1.42 111.35 34.46
N LYS C 174 -0.61 110.61 33.72
CA LYS C 174 -0.97 110.12 32.40
C LYS C 174 -1.67 108.76 32.44
N ILE C 175 -1.70 108.11 33.60
CA ILE C 175 -2.39 106.83 33.72
C ILE C 175 -3.87 106.97 33.39
N SER C 176 -4.45 108.15 33.63
CA SER C 176 -5.88 108.35 33.47
C SER C 176 -6.38 108.02 32.07
N GLY C 177 -5.52 108.11 31.06
CA GLY C 177 -5.90 107.83 29.69
C GLY C 177 -5.53 106.42 29.26
N VAL C 178 -5.41 106.25 27.94
CA VAL C 178 -5.01 104.97 27.35
C VAL C 178 -3.51 104.73 27.52
N PHE C 179 -2.79 105.66 28.16
CA PHE C 179 -1.33 105.63 28.16
C PHE C 179 -0.71 104.30 28.59
N PRO C 180 -1.21 103.58 29.61
CA PRO C 180 -0.60 102.28 29.92
C PRO C 180 -0.53 101.35 28.72
N ASN C 181 -1.52 101.42 27.81
CA ASN C 181 -1.43 100.83 26.48
C ASN C 181 -0.99 99.38 26.51
N PRO C 182 -1.88 98.45 26.88
CA PRO C 182 -1.46 97.04 27.02
C PRO C 182 -0.79 96.46 25.79
N ASN C 183 -0.99 97.05 24.61
CA ASN C 183 -0.33 96.55 23.41
C ASN C 183 1.18 96.76 23.48
N GLN C 184 1.62 97.92 23.94
CA GLN C 184 3.04 98.22 23.98
C GLN C 184 3.71 97.56 25.18
N GLY C 185 4.92 97.05 24.96
CA GLY C 185 5.67 96.40 26.00
C GLY C 185 6.88 97.19 26.45
N PRO C 186 7.93 96.49 26.88
CA PRO C 186 9.14 97.20 27.32
C PRO C 186 9.78 98.05 26.23
N GLY C 187 9.69 97.62 24.97
CA GLY C 187 10.24 98.39 23.87
C GLY C 187 11.72 98.22 23.62
N ILE C 188 12.39 97.35 24.37
CA ILE C 188 13.84 97.14 24.22
C ILE C 188 14.06 95.72 23.70
N ASN C 189 14.87 95.60 22.65
CA ASN C 189 15.14 94.28 22.10
C ASN C 189 16.18 93.54 22.95
N PRO C 190 17.36 94.12 23.22
CA PRO C 190 18.27 93.44 24.17
C PRO C 190 17.81 93.73 25.58
N LEU C 191 17.23 92.71 26.22
CA LEU C 191 16.73 92.88 27.59
C LEU C 191 17.84 93.05 28.60
N ARG C 192 19.09 92.74 28.24
CA ARG C 192 20.21 92.83 29.16
C ARG C 192 20.75 94.24 29.33
N GLN C 193 20.38 95.17 28.45
CA GLN C 193 20.95 96.52 28.51
C GLN C 193 20.33 97.38 29.60
N VAL C 194 19.15 97.03 30.08
CA VAL C 194 18.43 97.90 31.02
C VAL C 194 18.98 97.71 32.41
N GLU C 195 19.03 98.80 33.18
CA GLU C 195 19.46 98.76 34.56
C GLU C 195 18.25 98.71 35.48
N ASN C 196 18.35 97.89 36.53
CA ASN C 196 17.19 97.54 37.32
C ASN C 196 16.80 98.63 38.32
N ALA C 197 17.61 99.66 38.48
CA ALA C 197 17.30 100.73 39.44
C ALA C 197 16.76 102.00 38.78
N ASN C 198 16.94 102.15 37.47
CA ASN C 198 16.52 103.34 36.75
C ASN C 198 15.76 102.96 35.48
N THR C 199 14.83 102.02 35.61
CA THR C 199 14.09 101.51 34.47
C THR C 199 12.64 101.93 34.42
N GLY C 200 11.95 102.01 35.57
CA GLY C 200 10.55 102.33 35.57
C GLY C 200 9.68 101.13 35.20
N VAL C 201 8.52 101.03 35.83
CA VAL C 201 7.62 99.90 35.63
C VAL C 201 6.20 100.44 35.50
N LEU C 202 5.47 99.95 34.49
CA LEU C 202 4.11 100.38 34.27
C LEU C 202 3.27 99.21 33.78
N GLY C 203 1.97 99.28 34.05
CA GLY C 203 1.08 98.22 33.62
C GLY C 203 -0.37 98.64 33.76
N ARG C 204 -1.24 97.74 33.31
CA ARG C 204 -2.68 98.01 33.27
C ARG C 204 -3.40 96.71 33.57
N PHE C 205 -4.14 96.66 34.66
CA PHE C 205 -4.81 95.45 35.11
C PHE C 205 -6.32 95.61 35.03
N ALA C 206 -6.99 94.47 34.89
CA ALA C 206 -8.44 94.40 34.77
C ALA C 206 -9.03 93.82 36.03
N LYS C 207 -9.94 94.56 36.66
CA LYS C 207 -10.62 94.11 37.87
C LYS C 207 -11.90 93.42 37.45
N SER C 208 -11.84 92.09 37.31
CA SER C 208 -12.98 91.34 36.83
C SER C 208 -12.89 89.90 37.32
N GLN C 209 -14.05 89.25 37.36
CA GLN C 209 -14.15 87.81 37.58
C GLN C 209 -13.99 87.07 36.26
N TYR C 210 -13.81 85.76 36.36
CA TYR C 210 -13.62 84.89 35.19
C TYR C 210 -12.46 85.40 34.33
N ASN C 211 -11.27 85.38 34.91
CA ASN C 211 -10.07 85.86 34.24
C ASN C 211 -9.54 84.79 33.29
N TYR C 212 -9.79 84.97 32.00
CA TYR C 212 -9.23 84.14 30.95
C TYR C 212 -8.77 85.05 29.83
N ALA C 213 -7.48 85.02 29.51
CA ALA C 213 -6.99 85.86 28.42
C ALA C 213 -7.53 85.42 27.08
N TYR C 214 -7.69 84.11 26.89
CA TYR C 214 -8.19 83.55 25.63
C TYR C 214 -9.69 83.84 25.51
N GLY C 215 -10.07 84.57 24.47
CA GLY C 215 -11.47 84.87 24.24
C GLY C 215 -12.01 86.05 25.03
N ALA C 216 -11.17 86.76 25.76
CA ALA C 216 -11.64 87.87 26.58
C ALA C 216 -12.07 89.03 25.68
N TYR C 217 -13.19 89.66 26.04
CA TYR C 217 -13.72 90.77 25.25
C TYR C 217 -14.35 91.80 26.18
N VAL C 218 -13.90 93.04 26.08
CA VAL C 218 -14.51 94.18 26.76
C VAL C 218 -14.78 95.24 25.70
N LYS C 219 -16.05 95.55 25.48
CA LYS C 219 -16.40 96.47 24.41
C LYS C 219 -15.88 97.87 24.72
N PRO C 220 -15.45 98.62 23.71
CA PRO C 220 -14.88 99.94 23.96
C PRO C 220 -15.93 100.96 24.36
N VAL C 221 -15.48 102.01 25.04
CA VAL C 221 -16.33 103.13 25.41
C VAL C 221 -15.95 104.41 24.69
N ALA C 222 -14.85 104.41 23.94
CA ALA C 222 -14.41 105.59 23.19
C ALA C 222 -13.74 105.13 21.91
N ALA C 223 -13.60 106.06 20.97
CA ALA C 223 -13.08 105.75 19.64
C ALA C 223 -11.58 105.50 19.63
N ASP C 224 -10.93 105.42 20.79
CA ASP C 224 -9.49 105.16 20.88
C ASP C 224 -9.26 104.15 22.01
N GLY C 225 -9.31 102.87 21.66
CA GLY C 225 -9.18 101.81 22.65
C GLY C 225 -10.12 102.02 23.82
N SER C 226 -9.54 102.26 25.00
CA SER C 226 -10.28 102.75 26.17
C SER C 226 -11.49 101.87 26.47
N GLN C 227 -11.19 100.63 26.86
CA GLN C 227 -12.26 99.69 27.19
C GLN C 227 -13.00 100.07 28.47
N SER C 228 -12.50 101.02 29.25
CA SER C 228 -13.19 101.49 30.45
C SER C 228 -13.02 102.99 30.59
N LEU C 229 -13.98 103.62 31.27
CA LEU C 229 -13.98 105.07 31.44
C LEU C 229 -13.16 105.52 32.64
N THR C 230 -13.14 104.74 33.72
CA THR C 230 -12.48 105.13 34.96
C THR C 230 -11.28 104.22 35.21
N GLN C 231 -10.14 104.82 35.50
CA GLN C 231 -8.91 104.10 35.83
C GLN C 231 -8.45 104.56 37.21
N THR C 232 -8.43 103.65 38.17
CA THR C 232 -7.92 103.96 39.51
C THR C 232 -6.45 103.53 39.60
N PRO C 233 -5.52 104.45 39.84
CA PRO C 233 -4.11 104.09 39.85
C PRO C 233 -3.61 103.66 41.23
N TYR C 234 -2.61 102.77 41.20
CA TYR C 234 -1.93 102.29 42.39
C TYR C 234 -0.44 102.41 42.20
N TRP C 235 0.26 102.89 43.23
CA TRP C 235 1.71 103.03 43.17
C TRP C 235 2.38 101.71 43.51
N ILE C 236 3.54 101.48 42.92
CA ILE C 236 4.34 100.28 43.16
C ILE C 236 5.55 100.70 43.99
N MET C 237 5.52 100.38 45.28
CA MET C 237 6.60 100.69 46.20
C MET C 237 7.32 99.40 46.56
N ASN C 238 8.57 99.53 46.98
CA ASN C 238 9.31 98.38 47.51
C ASN C 238 8.87 98.14 48.96
N ASN C 239 9.64 97.34 49.70
CA ASN C 239 9.29 97.06 51.09
C ASN C 239 9.25 98.34 51.91
N ALA C 240 10.22 99.22 51.71
CA ALA C 240 10.17 100.55 52.30
C ALA C 240 9.33 101.48 51.43
N GLY C 241 9.06 102.68 51.94
CA GLY C 241 8.35 103.69 51.20
C GLY C 241 9.22 104.70 50.48
N THR C 242 10.54 104.51 50.50
CA THR C 242 11.45 105.52 49.98
C THR C 242 11.61 105.43 48.47
N GLU C 243 11.82 104.23 47.95
CA GLU C 243 12.11 104.04 46.54
C GLU C 243 10.81 103.84 45.76
N TYR C 244 10.63 104.64 44.71
CA TYR C 244 9.44 104.55 43.88
C TYR C 244 9.74 103.73 42.64
N LEU C 245 8.95 102.68 42.42
CA LEU C 245 9.24 101.70 41.39
C LEU C 245 8.31 101.79 40.19
N GLY C 246 7.01 101.96 40.40
CA GLY C 246 6.11 102.00 39.28
C GLY C 246 4.70 102.36 39.69
N ALA C 247 3.80 102.28 38.71
CA ALA C 247 2.40 102.59 38.90
C ALA C 247 1.54 101.52 38.23
N VAL C 248 0.31 101.41 38.69
CA VAL C 248 -0.61 100.37 38.26
C VAL C 248 -1.92 101.00 37.83
N ALA C 249 -2.43 100.61 36.67
CA ALA C 249 -3.73 101.05 36.18
C ALA C 249 -4.73 99.91 36.32
N VAL C 250 -5.86 100.21 36.97
CA VAL C 250 -6.88 99.20 37.27
C VAL C 250 -8.20 99.65 36.65
N GLU C 251 -8.85 98.74 35.95
CA GLU C 251 -10.14 99.01 35.32
C GLU C 251 -11.15 97.96 35.75
N ASP C 252 -12.36 98.40 36.07
CA ASP C 252 -13.41 97.51 36.58
C ASP C 252 -14.15 96.90 35.41
N TYR C 253 -13.87 95.63 35.12
CA TYR C 253 -14.56 94.88 34.08
C TYR C 253 -15.51 93.85 34.67
N THR C 254 -15.97 94.05 35.90
CA THR C 254 -16.85 93.08 36.54
C THR C 254 -18.13 92.91 35.75
N ASN C 255 -18.69 94.02 35.25
CA ASN C 255 -19.91 93.98 34.46
C ASN C 255 -19.70 94.38 33.00
N SER C 256 -18.53 94.89 32.64
CA SER C 256 -18.26 95.33 31.27
C SER C 256 -17.54 94.30 30.43
N LEU C 257 -17.29 93.11 30.95
CA LEU C 257 -16.54 92.08 30.25
C LEU C 257 -17.45 90.94 29.85
N SER C 258 -17.13 90.33 28.72
CA SER C 258 -17.91 89.21 28.19
C SER C 258 -16.98 88.25 27.48
N TYR C 259 -17.47 87.03 27.25
CA TYR C 259 -16.73 85.99 26.55
C TYR C 259 -17.54 85.47 25.38
N PRO C 260 -17.69 86.26 24.33
CA PRO C 260 -18.37 85.77 23.14
C PRO C 260 -17.51 84.73 22.44
N ASP C 261 -18.19 83.88 21.66
CA ASP C 261 -17.63 82.77 20.89
C ASP C 261 -16.59 81.97 21.66
N THR C 262 -16.73 81.90 22.98
CA THR C 262 -15.84 81.12 23.81
C THR C 262 -16.62 80.54 24.98
N MET C 263 -16.20 79.36 25.44
CA MET C 263 -16.80 78.71 26.58
C MET C 263 -15.72 78.28 27.55
N ILE C 264 -16.07 78.23 28.82
CA ILE C 264 -15.14 77.81 29.86
C ILE C 264 -15.24 76.31 30.04
N VAL C 265 -14.09 75.63 29.94
CA VAL C 265 -14.02 74.20 30.19
C VAL C 265 -13.39 74.02 31.57
N PRO C 266 -14.18 73.96 32.63
CA PRO C 266 -13.61 73.97 33.98
C PRO C 266 -13.09 72.59 34.36
N PRO C 267 -12.19 72.52 35.34
CA PRO C 267 -11.76 71.23 35.85
C PRO C 267 -12.86 70.57 36.67
N PRO C 268 -12.73 69.28 36.98
CA PRO C 268 -13.78 68.60 37.75
C PRO C 268 -13.98 69.24 39.11
N GLU C 269 -15.08 68.85 39.76
CA GLU C 269 -15.40 69.40 41.08
C GLU C 269 -14.29 69.13 42.09
N ASP C 270 -13.58 68.02 41.94
CA ASP C 270 -12.44 67.76 42.81
C ASP C 270 -11.31 68.76 42.58
N TYR C 271 -11.36 69.50 41.47
CA TYR C 271 -10.37 70.52 41.16
C TYR C 271 -11.03 71.87 40.88
N ASP C 272 -12.30 72.04 41.27
CA ASP C 272 -13.01 73.28 40.97
C ASP C 272 -12.32 74.46 41.63
N ASP C 273 -12.03 74.36 42.92
CA ASP C 273 -11.20 75.35 43.57
C ASP C 273 -9.74 75.12 43.18
N TYR C 274 -8.90 76.11 43.50
CA TYR C 274 -7.46 76.10 43.22
C TYR C 274 -7.14 75.71 41.77
N ASN C 275 -8.09 75.89 40.86
CA ASN C 275 -7.89 75.62 39.44
C ASN C 275 -9.05 76.20 38.65
N ILE C 276 -8.75 76.96 37.59
CA ILE C 276 -9.78 77.50 36.72
C ILE C 276 -9.86 76.74 35.40
N GLY C 277 -8.96 75.80 35.15
CA GLY C 277 -8.97 75.07 33.90
C GLY C 277 -8.63 75.98 32.73
N THR C 278 -9.23 75.68 31.59
CA THR C 278 -9.00 76.45 30.37
C THR C 278 -10.35 76.91 29.81
N THR C 279 -10.28 77.72 28.76
CA THR C 279 -11.44 78.15 28.02
C THR C 279 -11.29 77.73 26.56
N ARG C 280 -12.41 77.40 25.94
CA ARG C 280 -12.43 76.93 24.56
C ARG C 280 -13.53 77.66 23.80
N ALA C 281 -13.28 77.93 22.52
CA ALA C 281 -14.29 78.56 21.71
C ALA C 281 -15.44 77.59 21.42
N LEU C 282 -16.60 78.15 21.15
CA LEU C 282 -17.78 77.33 20.88
C LEU C 282 -17.59 76.57 19.57
N ARG C 283 -18.42 75.55 19.39
CA ARG C 283 -18.31 74.71 18.20
C ARG C 283 -18.68 75.52 16.97
N PRO C 284 -17.89 75.46 15.90
CA PRO C 284 -18.20 76.25 14.69
C PRO C 284 -19.48 75.76 14.03
N ASN C 285 -20.48 76.63 13.96
CA ASN C 285 -21.79 76.30 13.43
C ASN C 285 -22.13 77.24 12.28
N TYR C 286 -22.47 76.66 11.14
CA TYR C 286 -22.87 77.42 9.95
C TYR C 286 -24.35 77.19 9.71
N ILE C 287 -25.12 78.28 9.62
CA ILE C 287 -26.57 78.18 9.54
C ILE C 287 -27.06 78.70 8.19
N GLY C 288 -26.28 78.50 7.15
CA GLY C 288 -26.72 78.85 5.82
C GLY C 288 -27.86 77.98 5.33
N PHE C 289 -28.46 78.40 4.22
CA PHE C 289 -29.56 77.64 3.64
C PHE C 289 -29.07 76.30 3.11
N ARG C 290 -30.02 75.49 2.64
CA ARG C 290 -29.70 74.16 2.18
C ARG C 290 -29.28 74.18 0.71
N ASP C 291 -28.77 73.03 0.26
CA ASP C 291 -28.39 72.87 -1.15
C ASP C 291 -29.61 73.05 -2.03
N ASN C 292 -29.44 73.80 -3.13
CA ASN C 292 -30.51 74.04 -4.09
C ASN C 292 -31.76 74.62 -3.44
N PHE C 293 -31.60 75.31 -2.31
CA PHE C 293 -32.71 75.85 -1.54
C PHE C 293 -33.72 74.75 -1.17
N ILE C 294 -33.20 73.58 -0.81
CA ILE C 294 -34.05 72.47 -0.42
C ILE C 294 -34.80 72.83 0.86
N ASN C 295 -36.05 72.37 0.95
CA ASN C 295 -36.92 72.62 2.10
C ASN C 295 -37.13 74.11 2.34
N LEU C 296 -37.27 74.87 1.26
CA LEU C 296 -37.65 76.27 1.35
C LEU C 296 -38.98 76.55 0.65
N LEU C 297 -39.53 75.57 -0.07
CA LEU C 297 -40.88 75.60 -0.59
C LEU C 297 -41.60 74.34 -0.15
N TYR C 298 -42.92 74.44 0.05
CA TYR C 298 -43.73 73.27 0.36
C TYR C 298 -43.88 72.43 -0.89
N HIS C 299 -42.92 71.54 -1.10
CA HIS C 299 -42.98 70.52 -2.13
C HIS C 299 -43.45 69.21 -1.50
N ASP C 300 -44.26 68.46 -2.25
CA ASP C 300 -44.69 67.12 -1.87
C ASP C 300 -45.45 67.12 -0.56
N SER C 301 -46.21 68.19 -0.30
CA SER C 301 -46.99 68.33 0.92
C SER C 301 -48.38 68.80 0.50
N GLY C 302 -49.26 67.85 0.21
CA GLY C 302 -50.59 68.19 -0.26
C GLY C 302 -51.43 68.96 0.74
N VAL C 303 -51.05 68.91 2.02
CA VAL C 303 -51.77 69.68 3.03
C VAL C 303 -51.66 71.17 2.76
N CYS C 304 -50.47 71.64 2.35
CA CYS C 304 -50.25 73.05 2.09
C CYS C 304 -49.47 73.20 0.79
N SER C 305 -49.93 72.51 -0.26
CA SER C 305 -49.23 72.49 -1.53
C SER C 305 -49.51 73.75 -2.34
N GLY C 306 -48.74 73.91 -3.42
CA GLY C 306 -48.92 75.05 -4.29
C GLY C 306 -50.04 74.86 -5.29
N THR C 307 -50.32 75.92 -6.04
CA THR C 307 -51.42 75.93 -7.00
C THR C 307 -50.97 76.59 -8.29
N LEU C 308 -51.27 75.95 -9.42
CA LEU C 308 -51.10 76.53 -10.74
C LEU C 308 -52.30 76.15 -11.60
N ASN C 309 -53.00 77.15 -12.11
CA ASN C 309 -54.14 76.90 -12.99
C ASN C 309 -54.43 78.16 -13.79
N SER C 310 -55.18 77.98 -14.87
CA SER C 310 -55.61 79.12 -15.67
C SER C 310 -56.53 80.01 -14.84
N GLU C 311 -56.33 81.32 -14.97
CA GLU C 311 -57.07 82.26 -14.13
C GLU C 311 -58.57 82.19 -14.42
N ARG C 312 -58.93 81.95 -15.68
CA ARG C 312 -60.34 82.00 -16.07
C ARG C 312 -61.16 80.94 -15.33
N SER C 313 -60.63 79.73 -15.23
CA SER C 313 -61.27 78.65 -14.48
C SER C 313 -60.22 77.98 -13.61
N GLY C 314 -60.38 78.11 -12.29
CA GLY C 314 -59.36 77.65 -11.36
C GLY C 314 -59.32 76.14 -11.23
N MET C 315 -59.06 75.45 -12.34
CA MET C 315 -58.91 74.00 -12.33
C MET C 315 -57.45 73.71 -12.04
N ASN C 316 -57.12 73.54 -10.76
CA ASN C 316 -55.72 73.39 -10.36
C ASN C 316 -55.12 72.16 -11.01
N VAL C 317 -53.92 72.31 -11.57
CA VAL C 317 -53.27 71.24 -12.32
C VAL C 317 -52.07 70.66 -11.60
N VAL C 318 -51.62 71.26 -10.51
CA VAL C 318 -50.51 70.73 -9.74
C VAL C 318 -51.07 70.00 -8.54
N VAL C 319 -50.81 68.70 -8.47
CA VAL C 319 -51.14 67.88 -7.31
C VAL C 319 -49.84 67.29 -6.78
N GLU C 320 -49.57 67.52 -5.50
CA GLU C 320 -48.35 67.08 -4.86
C GLU C 320 -48.65 65.88 -3.96
N LEU C 321 -47.97 64.79 -4.21
CA LEU C 321 -48.18 63.56 -3.47
C LEU C 321 -47.15 63.46 -2.35
N PRO C 322 -47.57 63.21 -1.12
CA PRO C 322 -46.60 63.12 -0.01
C PRO C 322 -45.69 61.91 -0.10
N ASP C 323 -45.92 60.99 -1.05
CA ASP C 323 -45.07 59.82 -1.20
C ASP C 323 -44.02 59.98 -2.29
N ARG C 324 -43.97 61.12 -2.97
CA ARG C 324 -42.88 61.41 -3.88
C ARG C 324 -41.90 62.38 -3.22
N ASN C 325 -40.69 62.44 -3.76
CA ASN C 325 -39.61 63.24 -3.20
C ASN C 325 -39.14 64.22 -4.27
N THR C 326 -39.56 65.48 -4.16
CA THR C 326 -39.19 66.47 -5.16
C THR C 326 -37.78 66.98 -4.96
N GLU C 327 -37.37 67.22 -3.71
CA GLU C 327 -36.02 67.72 -3.46
C GLU C 327 -34.96 66.70 -3.86
N LEU C 328 -35.15 65.44 -3.50
CA LEU C 328 -34.19 64.42 -3.90
C LEU C 328 -34.25 64.15 -5.40
N SER C 329 -35.43 64.27 -6.00
CA SER C 329 -35.54 64.18 -7.46
C SER C 329 -34.71 65.26 -8.13
N TYR C 330 -34.79 66.49 -7.64
CA TYR C 330 -33.97 67.57 -8.20
C TYR C 330 -32.50 67.34 -7.92
N GLN C 331 -32.17 66.77 -6.76
CA GLN C 331 -30.78 66.47 -6.46
C GLN C 331 -30.20 65.49 -7.48
N TYR C 332 -30.90 64.38 -7.72
CA TYR C 332 -30.43 63.44 -8.73
C TYR C 332 -30.44 64.04 -10.13
N MET C 333 -31.46 64.81 -10.48
CA MET C 333 -31.49 65.41 -11.82
C MET C 333 -30.29 66.31 -12.03
N LEU C 334 -29.98 67.15 -11.04
CA LEU C 334 -28.86 68.07 -11.18
C LEU C 334 -27.52 67.34 -11.15
N ALA C 335 -27.41 66.32 -10.30
CA ALA C 335 -26.15 65.59 -10.18
C ALA C 335 -25.87 64.74 -11.41
N ASP C 336 -26.91 64.21 -12.06
CA ASP C 336 -26.73 63.54 -13.33
C ASP C 336 -26.52 64.53 -14.46
N MET C 337 -27.05 65.75 -14.32
CA MET C 337 -26.86 66.76 -15.34
C MET C 337 -25.44 67.31 -15.34
N MET C 338 -24.82 67.41 -14.17
CA MET C 338 -23.49 67.98 -14.05
C MET C 338 -22.83 67.47 -12.78
N SER C 339 -21.50 67.62 -12.73
CA SER C 339 -20.76 67.28 -11.53
C SER C 339 -21.16 68.21 -10.38
N ARG C 340 -21.17 67.65 -9.18
CA ARG C 340 -21.64 68.40 -8.01
C ARG C 340 -20.56 69.29 -7.39
N HIS C 341 -19.31 69.17 -7.84
CA HIS C 341 -18.26 70.03 -7.30
C HIS C 341 -18.33 71.45 -7.83
N HIS C 342 -19.22 71.72 -8.78
CA HIS C 342 -19.41 73.08 -9.31
C HIS C 342 -20.32 73.86 -8.36
N TYR C 343 -19.80 74.96 -7.83
CA TYR C 343 -20.56 75.80 -6.91
C TYR C 343 -21.28 76.88 -7.71
N PHE C 344 -22.57 76.66 -7.94
CA PHE C 344 -23.42 77.64 -8.61
C PHE C 344 -24.11 78.44 -7.53
N ALA C 345 -23.69 79.69 -7.35
CA ALA C 345 -24.13 80.50 -6.22
C ALA C 345 -25.57 80.97 -6.34
N LEU C 346 -26.17 80.89 -7.53
CA LEU C 346 -27.52 81.43 -7.70
C LEU C 346 -28.55 80.54 -7.03
N TRP C 347 -28.67 79.28 -7.47
CA TRP C 347 -29.62 78.37 -6.87
C TRP C 347 -29.16 77.83 -5.54
N ASN C 348 -28.13 78.44 -4.93
CA ASN C 348 -27.51 77.90 -3.73
C ASN C 348 -27.01 76.48 -3.97
N GLN C 349 -26.48 76.25 -5.17
CA GLN C 349 -26.02 74.93 -5.56
C GLN C 349 -24.61 74.73 -5.03
N ALA C 350 -24.51 74.09 -3.87
CA ALA C 350 -23.22 73.77 -3.25
C ALA C 350 -23.43 72.50 -2.44
N VAL C 351 -23.05 71.36 -3.01
CA VAL C 351 -23.39 70.08 -2.41
C VAL C 351 -22.66 69.91 -1.10
N ASP C 352 -23.31 69.22 -0.16
CA ASP C 352 -22.71 68.96 1.14
C ASP C 352 -21.56 67.98 0.98
N GLN C 353 -20.36 68.39 1.38
CA GLN C 353 -19.14 67.60 1.20
C GLN C 353 -18.43 67.44 2.53
N TYR C 354 -18.42 66.22 3.06
CA TYR C 354 -17.56 65.93 4.20
C TYR C 354 -16.12 65.83 3.74
N ASP C 355 -15.20 66.10 4.67
CA ASP C 355 -13.78 65.99 4.36
C ASP C 355 -13.40 64.52 4.29
N PRO C 356 -12.83 64.06 3.16
CA PRO C 356 -12.51 62.62 3.06
C PRO C 356 -11.58 62.12 4.16
N GLU C 357 -10.63 62.94 4.61
CA GLU C 357 -9.75 62.51 5.69
C GLU C 357 -10.50 62.40 7.01
N VAL C 358 -11.47 63.27 7.25
CA VAL C 358 -12.19 63.26 8.52
C VAL C 358 -13.09 62.03 8.62
N ARG C 359 -13.81 61.71 7.54
CA ARG C 359 -14.72 60.57 7.57
C ARG C 359 -13.95 59.26 7.66
N VAL C 360 -13.15 58.96 6.63
CA VAL C 360 -12.32 57.76 6.62
C VAL C 360 -10.97 58.17 7.21
N PHE C 361 -10.87 58.11 8.53
CA PHE C 361 -9.67 58.56 9.23
C PHE C 361 -8.53 57.62 8.92
N SER C 362 -7.62 58.06 8.05
CA SER C 362 -6.42 57.29 7.72
C SER C 362 -5.32 57.72 8.69
N ASN C 363 -5.30 57.09 9.85
CA ASN C 363 -4.29 57.39 10.87
C ASN C 363 -2.93 57.00 10.31
N ASP C 364 -2.08 58.01 10.10
CA ASP C 364 -0.75 57.80 9.54
C ASP C 364 0.34 58.37 10.43
N GLY C 365 0.07 58.49 11.72
CA GLY C 365 1.03 59.16 12.59
C GLY C 365 1.15 60.61 12.19
N TYR C 366 2.36 61.01 11.82
CA TYR C 366 2.65 62.40 11.53
C TYR C 366 3.96 62.49 10.75
N GLU C 367 4.14 63.63 10.08
CA GLU C 367 5.33 63.87 9.27
C GLU C 367 6.48 64.15 10.21
N GLU C 368 7.13 63.09 10.69
CA GLU C 368 8.21 63.22 11.64
C GLU C 368 9.43 63.86 10.97
N GLY C 369 10.00 64.87 11.62
CA GLY C 369 11.21 65.50 11.13
C GLY C 369 12.30 65.51 12.18
N ALA C 370 13.39 66.25 11.93
CA ALA C 370 14.42 66.39 12.91
C ALA C 370 13.90 67.17 14.12
N PRO C 371 14.47 66.93 15.31
CA PRO C 371 14.00 67.64 16.51
C PRO C 371 13.93 69.14 16.32
N SER C 372 12.74 69.71 16.51
CA SER C 372 12.50 71.12 16.30
C SER C 372 12.23 71.81 17.63
N TYR C 373 12.79 73.01 17.79
CA TYR C 373 12.80 73.70 19.07
C TYR C 373 12.32 75.13 18.89
N ALA C 374 11.67 75.66 19.92
CA ALA C 374 11.28 77.07 19.97
C ALA C 374 12.29 77.79 20.84
N PHE C 375 13.10 78.65 20.24
CA PHE C 375 14.22 79.29 20.90
C PHE C 375 13.81 80.65 21.45
N ASN C 376 14.68 81.22 22.29
CA ASN C 376 14.51 82.52 22.91
C ASN C 376 14.18 83.58 21.87
N PRO C 377 13.57 84.70 22.25
CA PRO C 377 13.49 85.82 21.30
C PRO C 377 14.86 86.25 20.83
N GLU C 378 15.85 86.27 21.71
CA GLU C 378 17.24 86.45 21.33
C GLU C 378 17.86 85.08 21.08
N ALA C 379 19.17 85.06 20.84
CA ALA C 379 19.90 83.79 20.68
C ALA C 379 20.78 83.48 21.88
N VAL C 380 20.54 84.12 23.01
CA VAL C 380 21.31 83.88 24.23
C VAL C 380 20.36 83.81 25.40
N GLY C 381 20.62 82.90 26.32
CA GLY C 381 19.77 82.73 27.48
C GLY C 381 20.29 81.62 28.36
N ALA C 382 19.66 81.49 29.53
CA ALA C 382 20.04 80.49 30.52
C ALA C 382 18.80 79.81 31.08
N GLY C 383 17.84 79.46 30.22
CA GLY C 383 16.72 78.65 30.65
C GLY C 383 17.22 77.32 31.17
N GLU C 384 16.82 76.97 32.38
CA GLU C 384 17.41 75.83 33.10
C GLU C 384 18.94 75.98 33.12
N GLY C 385 19.39 77.02 33.82
CA GLY C 385 20.75 77.49 33.68
C GLY C 385 21.80 76.57 34.28
N TYR C 386 21.97 75.40 33.67
CA TYR C 386 23.00 74.47 34.09
C TYR C 386 24.37 74.95 33.62
N GLY C 387 25.41 74.37 34.21
CA GLY C 387 26.76 74.81 33.96
C GLY C 387 27.12 75.97 34.86
N PRO C 388 28.38 76.39 34.83
CA PRO C 388 28.82 77.49 35.69
C PRO C 388 28.14 78.81 35.31
N ASP C 389 28.10 79.71 36.30
CA ASP C 389 27.27 80.91 36.17
C ASP C 389 27.76 81.83 35.04
N LEU C 390 29.07 82.07 34.98
CA LEU C 390 29.69 82.92 33.96
C LEU C 390 29.17 84.35 33.97
N SER C 391 28.46 84.75 35.03
CA SER C 391 27.99 86.13 35.15
C SER C 391 28.98 87.01 35.92
N GLN C 392 30.04 86.43 36.47
CA GLN C 392 31.04 87.18 37.23
C GLN C 392 32.42 87.08 36.60
N ILE C 393 32.51 86.61 35.36
CA ILE C 393 33.79 86.32 34.76
C ILE C 393 34.46 87.61 34.30
N LYS C 394 35.79 87.57 34.20
CA LYS C 394 36.59 88.68 33.71
C LYS C 394 37.41 88.19 32.52
N LEU C 395 37.38 88.94 31.43
CA LEU C 395 38.06 88.56 30.20
C LEU C 395 39.48 89.09 30.21
N TYR C 396 40.45 88.19 30.01
CA TYR C 396 41.86 88.54 29.95
C TYR C 396 42.39 88.27 28.55
N THR C 397 43.11 89.25 28.00
CA THR C 397 43.76 89.05 26.71
C THR C 397 44.81 87.95 26.82
N ASN C 398 44.97 87.19 25.75
CA ASN C 398 45.94 86.11 25.75
C ASN C 398 47.34 86.62 25.46
N ASN C 399 48.33 85.89 25.95
CA ASN C 399 49.73 86.13 25.64
C ASN C 399 50.18 85.05 24.67
N THR C 400 50.30 85.41 23.39
CA THR C 400 50.57 84.42 22.36
C THR C 400 51.92 83.75 22.55
N ALA C 401 52.84 84.36 23.29
CA ALA C 401 54.12 83.73 23.60
C ALA C 401 54.05 82.87 24.85
N ALA C 402 53.39 83.36 25.90
CA ALA C 402 53.25 82.61 27.14
C ALA C 402 52.04 81.67 27.15
N ASN C 403 51.21 81.73 26.11
CA ASN C 403 50.04 80.85 25.99
C ASN C 403 49.12 80.98 27.20
N ASP C 404 48.97 82.19 27.71
CA ASP C 404 48.25 82.42 28.95
C ASP C 404 47.71 83.85 28.97
N LYS C 405 47.03 84.19 30.06
CA LYS C 405 46.53 85.54 30.26
C LYS C 405 47.69 86.52 30.39
N ASN C 406 47.50 87.72 29.84
CA ASN C 406 48.53 88.74 30.01
C ASN C 406 47.99 90.06 30.56
N THR C 407 46.79 90.47 30.15
CA THR C 407 46.25 91.74 30.57
C THR C 407 44.74 91.63 30.71
N ALA C 408 44.22 92.08 31.84
CA ALA C 408 42.79 92.09 32.08
C ALA C 408 42.12 93.22 31.32
N VAL C 409 40.93 92.95 30.79
CA VAL C 409 40.12 93.99 30.18
C VAL C 409 39.71 94.99 31.25
N THR C 410 39.82 96.29 30.94
CA THR C 410 39.56 97.32 31.93
C THR C 410 38.15 97.23 32.48
N ASN C 411 37.17 97.03 31.60
CA ASN C 411 35.79 96.82 32.02
C ASN C 411 35.07 96.06 30.91
N ALA C 412 34.57 94.87 31.25
CA ALA C 412 33.97 93.96 30.28
C ALA C 412 32.56 93.60 30.76
N THR C 413 31.55 94.19 30.14
CA THR C 413 30.16 93.80 30.37
C THR C 413 29.78 92.71 29.37
N THR C 414 29.45 91.53 29.87
CA THR C 414 29.19 90.38 29.02
C THR C 414 27.99 89.60 29.55
N ASN C 415 27.30 88.91 28.64
CA ASN C 415 26.21 88.02 29.04
C ASN C 415 26.72 86.60 29.23
N PHE C 416 27.25 86.00 28.17
CA PHE C 416 28.07 84.78 28.22
C PHE C 416 27.37 83.65 28.98
N TYR C 417 26.26 83.20 28.43
CA TYR C 417 25.56 82.06 29.00
C TYR C 417 26.10 80.77 28.40
N PHE C 418 26.06 79.72 29.21
CA PHE C 418 26.68 78.44 28.88
C PHE C 418 25.72 77.54 28.10
N GLY C 419 26.29 76.71 27.24
CA GLY C 419 25.54 75.71 26.52
C GLY C 419 24.96 76.21 25.22
N THR C 420 24.16 75.34 24.60
CA THR C 420 23.46 75.70 23.39
C THR C 420 22.40 76.75 23.70
N VAL C 421 21.73 77.24 22.66
CA VAL C 421 20.69 78.23 22.85
C VAL C 421 19.53 77.54 23.56
N PRO C 422 19.11 78.03 24.73
CA PRO C 422 18.01 77.37 25.44
C PRO C 422 16.72 77.50 24.65
N SER C 423 15.94 76.42 24.66
CA SER C 423 14.76 76.36 23.82
C SER C 423 13.82 75.30 24.39
N TYR C 424 12.61 75.27 23.85
CA TYR C 424 11.62 74.25 24.19
C TYR C 424 11.25 73.51 22.92
N GLU C 425 11.29 72.18 22.98
CA GLU C 425 11.10 71.37 21.78
C GLU C 425 9.62 71.19 21.49
N ILE C 426 9.25 71.44 20.23
CA ILE C 426 7.89 71.23 19.74
C ILE C 426 7.98 70.34 18.51
N ASP C 427 7.15 69.30 18.47
CA ASP C 427 6.99 68.46 17.29
C ASP C 427 5.67 68.89 16.65
N ILE C 428 5.77 69.79 15.67
CA ILE C 428 4.57 70.42 15.12
C ILE C 428 3.69 69.40 14.43
N SER C 429 4.28 68.40 13.79
CA SER C 429 3.50 67.45 13.00
C SER C 429 2.56 66.63 13.89
N ALA C 430 3.10 66.00 14.94
CA ALA C 430 2.26 65.18 15.80
C ALA C 430 1.26 66.02 16.57
N THR C 431 1.68 67.19 17.05
CA THR C 431 0.78 68.06 17.78
C THR C 431 -0.38 68.51 16.92
N GLN C 432 -0.08 68.93 15.68
CA GLN C 432 -1.13 69.34 14.75
C GLN C 432 -2.02 68.18 14.37
N ARG C 433 -1.44 66.98 14.23
CA ARG C 433 -2.25 65.81 13.94
C ARG C 433 -3.24 65.52 15.06
N ARG C 434 -2.77 65.58 16.31
CA ARG C 434 -3.68 65.36 17.43
C ARG C 434 -4.75 66.43 17.50
N ASN C 435 -4.38 67.69 17.24
CA ASN C 435 -5.36 68.76 17.23
C ASN C 435 -6.41 68.53 16.16
N PHE C 436 -5.98 68.12 14.97
CA PHE C 436 -6.91 67.78 13.90
C PHE C 436 -7.84 66.66 14.33
N ILE C 437 -7.30 65.63 14.96
CA ILE C 437 -8.10 64.49 15.38
C ILE C 437 -9.15 64.92 16.40
N MET C 438 -8.74 65.68 17.41
CA MET C 438 -9.67 66.03 18.48
C MET C 438 -10.64 67.13 18.08
N ALA C 439 -10.32 67.92 17.06
CA ALA C 439 -11.23 68.99 16.63
C ALA C 439 -12.16 68.58 15.50
N ASN C 440 -11.78 67.59 14.70
CA ASN C 440 -12.58 67.19 13.54
C ASN C 440 -13.25 65.85 13.69
N ILE C 441 -12.65 64.91 14.40
CA ILE C 441 -13.18 63.55 14.54
C ILE C 441 -13.76 63.32 15.93
N ALA C 442 -12.96 63.53 16.97
CA ALA C 442 -13.45 63.29 18.32
C ALA C 442 -14.48 64.33 18.73
N GLU C 443 -14.38 65.55 18.20
CA GLU C 443 -15.32 66.61 18.57
C GLU C 443 -16.74 66.31 18.10
N TYR C 444 -16.89 65.47 17.08
CA TYR C 444 -18.19 65.15 16.51
C TYR C 444 -18.67 63.75 16.90
N LEU C 445 -18.18 63.21 18.01
CA LEU C 445 -18.59 61.89 18.46
C LEU C 445 -20.05 61.88 18.89
N PRO C 446 -20.67 60.71 18.91
CA PRO C 446 -22.05 60.63 19.40
C PRO C 446 -22.16 61.04 20.85
N ASP C 447 -23.38 61.34 21.27
CA ASP C 447 -23.61 61.75 22.66
C ASP C 447 -23.23 60.65 23.65
N ARG C 448 -23.36 59.39 23.23
CA ARG C 448 -23.02 58.28 24.12
C ARG C 448 -21.53 58.14 24.37
N TYR C 449 -20.69 58.88 23.64
CA TYR C 449 -19.26 58.90 23.86
C TYR C 449 -18.78 60.26 24.35
N LYS C 450 -19.64 60.98 25.07
CA LYS C 450 -19.33 62.28 25.61
C LYS C 450 -19.78 62.35 27.05
N PHE C 451 -19.34 63.41 27.75
CA PHE C 451 -19.73 63.60 29.14
C PHE C 451 -19.72 65.09 29.46
N SER C 452 -20.40 65.44 30.55
CA SER C 452 -20.53 66.84 30.93
C SER C 452 -19.21 67.37 31.49
N ILE C 453 -19.16 68.68 31.69
CA ILE C 453 -17.92 69.38 32.00
C ILE C 453 -17.90 69.89 33.43
N SER C 454 -18.61 69.21 34.33
CA SER C 454 -18.61 69.48 35.76
C SER C 454 -19.37 70.75 36.11
N GLY C 455 -19.81 71.48 35.09
CA GLY C 455 -20.67 72.63 35.30
C GLY C 455 -22.01 72.42 34.64
N PHE C 456 -22.00 71.68 33.54
CA PHE C 456 -23.20 71.36 32.80
C PHE C 456 -23.80 70.06 33.32
N ASP C 457 -25.14 69.97 33.23
CA ASP C 457 -25.86 68.77 33.61
C ASP C 457 -26.89 68.43 32.55
N ALA C 458 -27.03 67.14 32.26
CA ALA C 458 -28.05 66.71 31.32
C ALA C 458 -29.43 66.92 31.93
N THR C 459 -30.45 66.88 31.07
CA THR C 459 -31.86 67.14 31.34
C THR C 459 -32.10 68.59 31.75
N SER C 460 -31.07 69.42 31.85
CA SER C 460 -31.28 70.85 32.04
C SER C 460 -31.70 71.53 30.75
N VAL C 461 -31.16 71.06 29.62
CA VAL C 461 -31.51 71.58 28.31
C VAL C 461 -31.70 70.38 27.38
N ALA C 462 -32.42 70.61 26.28
CA ALA C 462 -32.65 69.54 25.33
C ALA C 462 -31.33 69.08 24.72
N PRO C 463 -31.18 67.79 24.45
CA PRO C 463 -29.93 67.31 23.81
C PRO C 463 -29.73 67.82 22.40
N THR C 464 -30.77 68.36 21.77
CA THR C 464 -30.69 68.87 20.41
C THR C 464 -30.37 70.36 20.36
N THR C 465 -29.85 70.91 21.45
CA THR C 465 -29.54 72.33 21.53
C THR C 465 -28.03 72.55 21.38
N TYR C 466 -27.67 73.81 21.13
CA TYR C 466 -26.28 74.15 20.82
C TYR C 466 -25.38 74.02 22.05
N GLU C 467 -25.75 74.67 23.15
CA GLU C 467 -24.88 74.65 24.31
C GLU C 467 -24.85 73.28 24.98
N TYR C 468 -25.81 72.42 24.68
CA TYR C 468 -25.69 71.02 25.06
C TYR C 468 -24.53 70.36 24.34
N MET C 469 -24.38 70.64 23.04
CA MET C 469 -23.28 70.09 22.26
C MET C 469 -21.95 70.72 22.66
N ASN C 470 -21.97 71.99 23.02
CA ASN C 470 -20.73 72.67 23.43
C ASN C 470 -20.21 72.13 24.75
N LYS C 471 -21.08 71.99 25.74
CA LYS C 471 -20.69 71.68 27.11
C LYS C 471 -20.59 70.18 27.37
N ARG C 472 -20.40 69.37 26.33
CA ARG C 472 -20.22 67.92 26.49
C ARG C 472 -18.93 67.53 25.78
N VAL C 473 -17.84 67.59 26.51
CA VAL C 473 -16.52 67.17 25.99
C VAL C 473 -16.54 65.67 25.73
N PRO C 474 -15.96 65.19 24.63
CA PRO C 474 -15.97 63.76 24.36
C PRO C 474 -14.89 63.03 25.16
N LEU C 475 -15.05 61.71 25.23
CA LEU C 475 -14.01 60.86 25.80
C LEU C 475 -12.76 60.95 24.94
N THR C 476 -11.61 61.00 25.60
CA THR C 476 -10.36 61.25 24.87
C THR C 476 -9.70 60.00 24.34
N ASN C 477 -10.10 58.81 24.82
CA ASN C 477 -9.46 57.58 24.39
C ASN C 477 -10.20 56.86 23.27
N VAL C 478 -11.47 57.19 23.06
CA VAL C 478 -12.23 56.56 21.98
C VAL C 478 -11.64 56.95 20.62
N VAL C 479 -11.17 58.19 20.48
CA VAL C 479 -10.54 58.65 19.26
C VAL C 479 -9.32 59.49 19.64
N ASP C 480 -8.14 59.07 19.19
CA ASP C 480 -6.91 59.78 19.50
C ASP C 480 -5.86 59.39 18.46
N MET C 481 -4.61 59.83 18.70
CA MET C 481 -3.54 59.54 17.76
C MET C 481 -3.31 58.04 17.62
N PHE C 482 -3.49 57.28 18.70
CA PHE C 482 -3.22 55.85 18.68
C PHE C 482 -4.38 55.03 18.15
N THR C 483 -5.50 55.64 17.79
CA THR C 483 -6.67 54.91 17.33
C THR C 483 -6.38 54.33 15.96
N ASN C 484 -6.04 53.04 15.92
CA ASN C 484 -5.71 52.34 14.69
C ASN C 484 -4.63 53.09 13.91
N VAL C 485 -3.45 53.14 14.55
CA VAL C 485 -2.41 54.08 14.17
C VAL C 485 -1.93 53.90 12.73
N GLY C 486 -2.14 52.73 12.14
CA GLY C 486 -1.67 52.51 10.78
C GLY C 486 -2.77 52.25 9.77
N ALA C 487 -4.02 52.24 10.22
CA ALA C 487 -5.14 51.80 9.40
C ALA C 487 -5.87 52.99 8.81
N ARG C 488 -6.13 52.92 7.50
CA ARG C 488 -7.11 53.80 6.88
C ARG C 488 -8.48 53.26 7.24
N TRP C 489 -9.01 53.75 8.35
CA TRP C 489 -10.18 53.14 8.98
C TRP C 489 -11.07 54.25 9.53
N SER C 490 -12.25 54.40 8.96
CA SER C 490 -13.25 55.28 9.56
C SER C 490 -13.60 54.76 10.94
N ILE C 491 -13.70 55.68 11.90
CA ILE C 491 -13.92 55.29 13.29
C ILE C 491 -15.23 54.54 13.39
N ASP C 492 -15.18 53.32 13.93
CA ASP C 492 -16.38 52.52 14.07
C ASP C 492 -17.38 53.12 15.06
N GLN C 493 -16.96 54.11 15.85
CA GLN C 493 -17.89 54.90 16.64
C GLN C 493 -18.52 56.03 15.85
N MET C 494 -18.06 56.28 14.62
CA MET C 494 -18.54 57.40 13.82
C MET C 494 -19.03 57.00 12.42
N ASP C 495 -19.13 55.70 12.13
CA ASP C 495 -19.66 55.32 10.82
C ASP C 495 -21.16 55.61 10.71
N ASN C 496 -21.86 55.68 11.84
CA ASN C 496 -23.28 55.99 11.85
C ASN C 496 -23.58 57.45 12.18
N VAL C 497 -22.54 58.28 12.28
CA VAL C 497 -22.72 59.70 12.54
C VAL C 497 -22.74 60.44 11.21
N ASN C 498 -23.72 61.32 11.02
CA ASN C 498 -23.87 62.07 9.79
C ASN C 498 -22.60 62.85 9.49
N PRO C 499 -21.87 62.50 8.42
CA PRO C 499 -20.62 63.22 8.11
C PRO C 499 -20.83 64.64 7.62
N PHE C 500 -21.99 64.94 7.06
CA PHE C 500 -22.25 66.27 6.52
C PHE C 500 -22.54 67.29 7.61
N ASN C 501 -22.76 66.84 8.86
CA ASN C 501 -22.87 67.74 10.00
C ASN C 501 -21.48 68.00 10.57
N HIS C 502 -20.66 68.67 9.75
CA HIS C 502 -19.28 68.93 10.10
C HIS C 502 -18.93 70.35 9.69
N HIS C 503 -18.03 70.98 10.44
CA HIS C 503 -17.59 72.32 10.07
C HIS C 503 -16.72 72.31 8.83
N ARG C 504 -16.23 71.15 8.41
CA ARG C 504 -15.52 71.00 7.14
C ARG C 504 -16.47 70.71 5.99
N ASN C 505 -17.77 70.90 6.18
CA ASN C 505 -18.71 70.75 5.09
C ASN C 505 -18.54 71.93 4.13
N TRP C 506 -17.72 71.73 3.09
CA TRP C 506 -17.36 72.84 2.22
C TRP C 506 -18.58 73.44 1.54
N GLY C 507 -19.50 72.60 1.10
CA GLY C 507 -20.72 73.12 0.50
C GLY C 507 -21.56 73.92 1.48
N LEU C 508 -21.75 73.38 2.69
CA LEU C 508 -22.49 74.10 3.71
C LEU C 508 -21.74 75.35 4.15
N LYS C 509 -20.41 75.26 4.26
CA LYS C 509 -19.63 76.42 4.62
C LYS C 509 -19.79 77.54 3.60
N TYR C 510 -19.76 77.20 2.32
CA TYR C 510 -19.96 78.20 1.28
C TYR C 510 -21.38 78.75 1.30
N ARG C 511 -22.37 77.88 1.51
CA ARG C 511 -23.76 78.32 1.53
C ARG C 511 -24.04 79.23 2.71
N SER C 512 -23.33 79.05 3.82
CA SER C 512 -23.47 79.96 4.95
C SER C 512 -22.71 81.25 4.73
N GLN C 513 -21.52 81.16 4.14
CA GLN C 513 -20.74 82.36 3.84
C GLN C 513 -21.38 83.22 2.75
N LEU C 514 -22.33 82.66 2.01
CA LEU C 514 -23.06 83.47 1.03
C LEU C 514 -24.01 84.46 1.69
N LEU C 515 -24.41 84.21 2.93
CA LEU C 515 -25.34 85.09 3.62
C LEU C 515 -24.66 86.20 4.38
N GLY C 516 -23.41 85.99 4.79
CA GLY C 516 -22.68 86.94 5.60
C GLY C 516 -22.09 86.29 6.83
N ASN C 517 -21.40 87.11 7.63
CA ASN C 517 -20.72 86.65 8.82
C ASN C 517 -21.51 86.89 10.10
N SER C 518 -22.71 87.45 10.00
CA SER C 518 -23.51 87.75 11.18
C SER C 518 -24.72 86.83 11.24
N ARG C 519 -25.34 86.80 12.42
CA ARG C 519 -26.60 86.09 12.60
C ARG C 519 -27.79 86.91 12.13
N TYR C 520 -27.56 88.15 11.70
CA TYR C 520 -28.61 89.07 11.27
C TYR C 520 -28.43 89.30 9.78
N VAL C 521 -29.20 88.58 8.96
CA VAL C 521 -29.01 88.56 7.53
C VAL C 521 -30.24 89.19 6.86
N ASN C 522 -30.01 90.23 6.07
CA ASN C 522 -31.04 90.77 5.19
C ASN C 522 -30.89 90.12 3.81
N PHE C 523 -31.21 88.83 3.78
CA PHE C 523 -30.91 88.01 2.61
C PHE C 523 -31.78 88.41 1.41
N HIS C 524 -31.25 88.12 0.23
CA HIS C 524 -32.00 88.27 -1.03
C HIS C 524 -31.59 87.11 -1.92
N ILE C 525 -32.47 86.14 -2.08
CA ILE C 525 -32.15 84.89 -2.76
C ILE C 525 -33.17 84.68 -3.89
N GLN C 526 -32.88 83.68 -4.72
CA GLN C 526 -33.72 83.33 -5.86
C GLN C 526 -33.92 81.82 -5.86
N VAL C 527 -35.13 81.38 -5.57
CA VAL C 527 -35.44 79.97 -5.35
C VAL C 527 -36.01 79.40 -6.65
N PRO C 528 -35.47 78.30 -7.15
CA PRO C 528 -35.99 77.73 -8.40
C PRO C 528 -37.24 76.91 -8.16
N GLN C 529 -37.96 76.67 -9.26
CA GLN C 529 -39.10 75.76 -9.23
C GLN C 529 -38.62 74.34 -9.47
N LYS C 530 -39.00 73.43 -8.57
CA LYS C 530 -38.51 72.06 -8.61
C LYS C 530 -39.56 71.00 -8.82
N PHE C 531 -40.86 71.36 -8.83
CA PHE C 531 -41.88 70.37 -9.09
C PHE C 531 -41.77 69.87 -10.52
N PHE C 532 -41.76 68.54 -10.68
CA PHE C 532 -41.38 67.96 -11.97
C PHE C 532 -42.37 68.32 -13.08
N ALA C 533 -43.64 68.49 -12.74
CA ALA C 533 -44.63 68.84 -13.77
C ALA C 533 -44.36 70.23 -14.33
N ILE C 534 -44.04 71.19 -13.48
CA ILE C 534 -43.85 72.57 -13.89
C ILE C 534 -42.39 73.00 -13.85
N LYS C 535 -41.46 72.09 -13.58
CA LYS C 535 -40.05 72.45 -13.59
C LYS C 535 -39.61 72.88 -14.99
N ASN C 536 -40.04 72.14 -16.02
CA ASN C 536 -39.70 72.44 -17.40
C ASN C 536 -40.93 72.73 -18.23
N LEU C 537 -42.04 73.11 -17.60
CA LEU C 537 -43.27 73.36 -18.32
C LEU C 537 -43.13 74.58 -19.22
N LEU C 538 -43.64 74.47 -20.43
CA LEU C 538 -43.71 75.59 -21.37
C LEU C 538 -45.17 76.02 -21.47
N LEU C 539 -45.48 77.18 -20.91
CA LEU C 539 -46.83 77.72 -20.95
C LEU C 539 -47.00 78.58 -22.18
N LEU C 540 -48.09 78.36 -22.90
CA LEU C 540 -48.38 79.10 -24.11
C LEU C 540 -49.09 80.40 -23.73
N SER C 541 -49.63 81.10 -24.72
CA SER C 541 -50.30 82.37 -24.45
C SER C 541 -51.49 82.17 -23.54
N GLY C 542 -51.71 83.14 -22.65
CA GLY C 542 -52.82 83.09 -21.73
C GLY C 542 -52.49 83.65 -20.37
N SER C 543 -53.49 83.81 -19.51
CA SER C 543 -53.32 84.36 -18.17
C SER C 543 -53.44 83.22 -17.17
N TYR C 544 -52.41 83.05 -16.35
CA TYR C 544 -52.34 81.97 -15.38
C TYR C 544 -52.18 82.54 -13.98
N THR C 545 -52.91 81.97 -13.02
CA THR C 545 -52.71 82.27 -11.62
C THR C 545 -51.88 81.15 -11.00
N TYR C 546 -50.86 81.52 -10.23
CA TYR C 546 -49.85 80.58 -9.76
C TYR C 546 -49.60 80.87 -8.29
N GLU C 547 -50.14 80.01 -7.43
CA GLU C 547 -50.01 80.18 -5.98
C GLU C 547 -48.99 79.19 -5.44
N TRP C 548 -48.06 79.70 -4.63
CA TRP C 548 -47.13 78.83 -3.93
C TRP C 548 -46.92 79.40 -2.53
N VAL C 549 -46.50 78.52 -1.63
CA VAL C 549 -46.35 78.87 -0.22
C VAL C 549 -44.95 78.47 0.24
N LEU C 550 -44.32 79.36 1.01
CA LEU C 550 -42.95 79.19 1.44
C LEU C 550 -42.89 78.51 2.80
N ARG C 551 -41.67 78.17 3.21
CA ARG C 551 -41.45 77.58 4.53
C ARG C 551 -40.86 78.61 5.48
N LYS C 552 -41.26 78.51 6.75
CA LYS C 552 -40.71 79.35 7.80
C LYS C 552 -40.09 78.56 8.93
N ASP C 553 -40.04 77.24 8.84
CA ASP C 553 -39.48 76.42 9.90
C ASP C 553 -37.97 76.60 9.94
N PRO C 554 -37.41 77.08 11.04
CA PRO C 554 -35.94 77.24 11.10
C PRO C 554 -35.18 75.94 10.91
N ASN C 555 -35.67 74.84 11.48
CA ASN C 555 -34.99 73.55 11.29
C ASN C 555 -35.05 73.09 9.85
N MET C 556 -36.04 73.53 9.09
CA MET C 556 -36.28 72.99 7.77
C MET C 556 -35.56 73.78 6.68
N ILE C 557 -35.74 75.10 6.66
CA ILE C 557 -35.11 75.92 5.62
C ILE C 557 -33.60 75.99 5.82
N LEU C 558 -33.14 76.10 7.07
CA LEU C 558 -31.75 76.34 7.37
C LEU C 558 -31.05 75.04 7.73
N GLN C 559 -29.82 74.87 7.26
CA GLN C 559 -29.00 73.72 7.57
C GLN C 559 -27.84 74.15 8.46
N SER C 560 -27.69 73.47 9.60
CA SER C 560 -26.63 73.74 10.54
C SER C 560 -25.52 72.71 10.41
N SER C 561 -24.30 73.14 10.74
CA SER C 561 -23.16 72.22 10.74
C SER C 561 -23.12 71.34 11.97
N LEU C 562 -24.01 71.57 12.94
CA LEU C 562 -24.11 70.72 14.11
C LEU C 562 -25.43 69.96 14.20
N GLY C 563 -26.48 70.40 13.50
CA GLY C 563 -27.75 69.73 13.57
C GLY C 563 -28.57 70.04 14.80
N ASN C 564 -28.35 71.18 15.42
CA ASN C 564 -29.08 71.56 16.62
C ASN C 564 -30.50 72.00 16.28
N ASP C 565 -31.35 72.06 17.30
CA ASP C 565 -32.72 72.50 17.13
C ASP C 565 -32.75 74.02 16.97
N LEU C 566 -33.02 74.49 15.75
CA LEU C 566 -32.99 75.92 15.49
C LEU C 566 -34.22 76.65 16.02
N ARG C 567 -35.35 75.96 16.19
CA ARG C 567 -36.50 76.62 16.81
C ARG C 567 -36.19 77.01 18.25
N ALA C 568 -35.53 76.13 18.99
CA ALA C 568 -35.13 76.43 20.35
C ALA C 568 -33.85 77.24 20.42
N ASP C 569 -33.18 77.47 19.29
CA ASP C 569 -31.96 78.26 19.24
C ASP C 569 -32.18 79.63 18.63
N GLY C 570 -33.39 80.18 18.77
CA GLY C 570 -33.66 81.55 18.39
C GLY C 570 -33.62 81.84 16.91
N ALA C 571 -33.52 80.82 16.06
CA ALA C 571 -33.51 81.04 14.62
C ALA C 571 -34.91 81.37 14.13
N SER C 572 -34.99 82.30 13.18
CA SER C 572 -36.28 82.71 12.62
C SER C 572 -36.03 83.37 11.28
N ILE C 573 -37.11 83.63 10.55
CA ILE C 573 -37.04 84.25 9.23
C ILE C 573 -38.31 85.04 9.00
N ILE C 574 -38.18 86.15 8.30
CA ILE C 574 -39.31 86.99 7.90
C ILE C 574 -39.19 87.24 6.40
N TYR C 575 -40.29 86.98 5.68
CA TYR C 575 -40.34 87.20 4.24
C TYR C 575 -41.01 88.54 3.98
N ASN C 576 -40.27 89.48 3.38
CA ASN C 576 -40.78 90.82 3.12
C ASN C 576 -41.41 90.91 1.73
N GLU C 577 -40.63 90.65 0.70
CA GLU C 577 -41.08 90.74 -0.68
C GLU C 577 -40.70 89.46 -1.42
N VAL C 578 -41.69 88.65 -1.75
CA VAL C 578 -41.48 87.40 -2.47
C VAL C 578 -42.08 87.59 -3.86
N ASN C 579 -41.24 87.96 -4.81
CA ASN C 579 -41.66 88.23 -6.18
C ASN C 579 -41.33 87.06 -7.09
N LEU C 580 -42.11 86.93 -8.16
CA LEU C 580 -41.88 85.91 -9.17
C LEU C 580 -41.20 86.55 -10.38
N MET C 581 -40.13 85.92 -10.84
CA MET C 581 -39.34 86.42 -11.95
C MET C 581 -39.37 85.41 -13.09
N ALA C 582 -39.47 85.89 -14.32
CA ALA C 582 -39.59 85.00 -15.46
C ALA C 582 -38.80 85.56 -16.64
N ASN C 583 -38.22 84.65 -17.43
CA ASN C 583 -37.50 85.02 -18.64
C ASN C 583 -38.37 84.69 -19.85
N PHE C 584 -38.47 85.64 -20.77
CA PHE C 584 -39.30 85.51 -21.96
C PHE C 584 -38.42 85.62 -23.20
N MET C 585 -38.46 84.61 -24.05
CA MET C 585 -37.73 84.69 -25.32
C MET C 585 -38.46 85.62 -26.26
N PRO C 586 -37.82 86.64 -26.81
CA PRO C 586 -38.53 87.54 -27.73
C PRO C 586 -38.61 86.97 -29.13
N MET C 587 -38.93 85.69 -29.26
CA MET C 587 -39.01 85.09 -30.58
C MET C 587 -40.19 85.66 -31.34
N ASP C 588 -40.05 85.68 -32.67
CA ASP C 588 -41.01 86.39 -33.52
C ASP C 588 -42.42 85.89 -33.26
N HIS C 589 -43.35 86.84 -33.09
CA HIS C 589 -44.74 86.46 -32.91
C HIS C 589 -45.25 85.65 -34.09
N ASN C 590 -44.83 86.01 -35.31
CA ASN C 590 -45.24 85.30 -36.50
C ASN C 590 -44.89 83.83 -36.45
N THR C 591 -43.84 83.46 -35.72
CA THR C 591 -43.51 82.06 -35.52
C THR C 591 -43.81 81.56 -34.11
N SER C 592 -43.87 82.45 -33.12
CA SER C 592 -44.25 82.00 -31.78
C SER C 592 -45.69 81.55 -31.72
N ASN C 593 -46.59 82.21 -32.46
CA ASN C 593 -47.97 81.73 -32.46
C ASN C 593 -48.14 80.52 -33.38
N GLN C 594 -47.26 80.35 -34.37
CA GLN C 594 -47.18 79.06 -35.05
C GLN C 594 -46.82 77.96 -34.06
N LEU C 595 -45.83 78.24 -33.21
CA LEU C 595 -45.42 77.29 -32.19
C LEU C 595 -46.55 76.97 -31.23
N GLU C 596 -47.29 77.99 -30.79
CA GLU C 596 -48.37 77.72 -29.84
C GLU C 596 -49.52 76.98 -30.52
N LEU C 597 -49.79 77.31 -31.80
CA LEU C 597 -50.70 76.50 -32.59
C LEU C 597 -50.30 75.03 -32.56
N MET C 598 -49.02 74.76 -32.80
CA MET C 598 -48.57 73.38 -32.93
C MET C 598 -48.49 72.69 -31.58
N LEU C 599 -48.38 73.46 -30.49
CA LEU C 599 -48.37 72.90 -29.14
C LEU C 599 -49.73 72.92 -28.46
N ARG C 600 -50.74 73.53 -29.09
CA ARG C 600 -52.11 73.42 -28.59
C ARG C 600 -52.82 72.20 -29.13
N ASN C 601 -52.15 71.38 -29.94
CA ASN C 601 -52.72 70.14 -30.44
C ASN C 601 -52.38 69.01 -29.50
N ALA C 602 -53.36 68.15 -29.22
CA ALA C 602 -53.18 67.11 -28.21
C ALA C 602 -52.15 66.07 -28.61
N THR C 603 -51.86 65.90 -29.91
CA THR C 603 -50.91 64.88 -30.31
C THR C 603 -49.49 65.22 -29.86
N ASN C 604 -49.18 66.51 -29.75
CA ASN C 604 -47.85 66.98 -29.34
C ASN C 604 -48.05 67.97 -28.19
N ASP C 605 -48.14 67.44 -26.98
CA ASP C 605 -48.25 68.24 -25.78
C ASP C 605 -47.16 67.81 -24.80
N GLN C 606 -46.78 68.73 -23.92
CA GLN C 606 -45.63 68.51 -23.05
C GLN C 606 -45.89 67.34 -22.12
N THR C 607 -44.92 66.43 -22.05
CA THR C 607 -44.97 65.29 -21.14
C THR C 607 -43.71 65.29 -20.29
N PHE C 608 -43.87 65.16 -18.98
CA PHE C 608 -42.77 65.22 -18.04
C PHE C 608 -42.84 64.05 -17.08
N VAL C 609 -41.67 63.62 -16.60
CA VAL C 609 -41.59 62.62 -15.55
C VAL C 609 -40.68 63.16 -14.46
N ASP C 610 -40.87 62.67 -13.24
CA ASP C 610 -39.97 63.00 -12.15
C ASP C 610 -38.70 62.20 -12.33
N TYR C 611 -37.55 62.88 -12.22
CA TYR C 611 -36.28 62.19 -12.43
C TYR C 611 -36.07 61.08 -11.41
N LEU C 612 -36.56 61.26 -10.19
CA LEU C 612 -36.43 60.21 -9.20
C LEU C 612 -37.14 58.93 -9.66
N GLY C 613 -38.33 59.07 -10.21
CA GLY C 613 -39.08 57.91 -10.68
C GLY C 613 -39.29 56.88 -9.60
N ALA C 614 -39.61 57.32 -8.39
CA ALA C 614 -39.65 56.43 -7.25
C ALA C 614 -40.74 56.86 -6.28
N LYS C 615 -41.60 55.93 -5.90
CA LYS C 615 -42.48 56.17 -4.77
C LYS C 615 -41.69 56.01 -3.48
N ASN C 616 -41.79 56.98 -2.59
CA ASN C 616 -40.94 57.06 -1.41
C ASN C 616 -41.74 56.64 -0.20
N ALA C 617 -41.28 55.59 0.48
CA ALA C 617 -41.92 55.09 1.69
C ALA C 617 -40.87 54.97 2.80
N LEU C 618 -41.26 55.34 4.01
CA LEU C 618 -40.39 55.26 5.18
C LEU C 618 -40.95 54.21 6.12
N TYR C 619 -40.13 53.23 6.47
CA TYR C 619 -40.51 52.15 7.36
C TYR C 619 -39.69 52.25 8.63
N SER C 620 -40.37 52.31 9.77
CA SER C 620 -39.69 52.58 11.03
C SER C 620 -38.91 51.38 11.50
N VAL C 621 -37.66 51.61 11.88
CA VAL C 621 -36.82 50.59 12.48
C VAL C 621 -36.38 51.10 13.85
N PRO C 622 -36.91 50.56 14.95
CA PRO C 622 -36.58 51.11 16.27
C PRO C 622 -35.12 50.95 16.65
N ALA C 623 -34.76 51.43 17.84
CA ALA C 623 -33.35 51.56 18.21
C ALA C 623 -32.61 50.23 18.12
N GLY C 624 -33.02 49.27 18.94
CA GLY C 624 -32.29 48.02 19.00
C GLY C 624 -32.68 46.98 17.97
N SER C 625 -33.75 47.21 17.22
CA SER C 625 -34.23 46.20 16.29
C SER C 625 -33.27 46.03 15.11
N THR C 626 -32.98 44.78 14.79
CA THR C 626 -32.05 44.43 13.72
C THR C 626 -32.76 43.77 12.55
N ALA C 627 -34.08 43.87 12.47
CA ALA C 627 -34.83 43.26 11.37
C ALA C 627 -36.01 44.15 11.01
N LEU C 628 -36.45 44.03 9.75
CA LEU C 628 -37.60 44.78 9.26
C LEU C 628 -38.33 43.95 8.23
N THR C 629 -39.65 44.02 8.24
CA THR C 629 -40.50 43.36 7.25
C THR C 629 -41.36 44.40 6.57
N ILE C 630 -41.30 44.44 5.24
CA ILE C 630 -42.08 45.37 4.44
C ILE C 630 -43.11 44.54 3.69
N ASN C 631 -44.35 44.51 4.18
CA ASN C 631 -45.42 43.74 3.57
C ASN C 631 -46.36 44.68 2.83
N ILE C 632 -46.63 44.37 1.57
CA ILE C 632 -47.49 45.20 0.73
C ILE C 632 -48.58 44.29 0.17
N PRO C 633 -49.81 44.75 0.07
CA PRO C 633 -50.90 43.89 -0.41
C PRO C 633 -50.76 43.60 -1.90
N ALA C 634 -51.67 42.76 -2.40
CA ALA C 634 -51.65 42.38 -3.81
C ALA C 634 -51.79 43.61 -4.69
N ARG C 635 -51.00 43.65 -5.76
CA ARG C 635 -50.97 44.87 -6.57
C ARG C 635 -50.55 44.50 -7.98
N THR C 636 -50.86 45.37 -8.93
CA THR C 636 -50.69 45.05 -10.34
C THR C 636 -49.29 45.37 -10.89
N TRP C 637 -48.42 45.99 -10.09
CA TRP C 637 -46.99 46.12 -10.39
C TRP C 637 -46.67 46.45 -11.85
N GLU C 638 -47.53 47.21 -12.51
CA GLU C 638 -47.35 47.49 -13.93
C GLU C 638 -46.30 48.58 -14.11
N GLY C 639 -45.23 48.26 -14.83
CA GLY C 639 -44.22 49.25 -15.13
C GLY C 639 -43.24 49.52 -14.02
N MET C 640 -43.09 48.61 -13.06
CA MET C 640 -42.16 48.82 -11.96
C MET C 640 -40.73 48.77 -12.46
N ARG C 641 -39.92 49.72 -12.01
CA ARG C 641 -38.54 49.83 -12.46
C ARG C 641 -37.56 49.06 -11.57
N GLY C 642 -37.82 48.99 -10.28
CA GLY C 642 -36.94 48.29 -9.36
C GLY C 642 -37.07 48.85 -7.96
N TRP C 643 -36.07 48.54 -7.13
CA TRP C 643 -36.03 48.96 -5.73
C TRP C 643 -34.83 49.86 -5.49
N SER C 644 -34.98 50.75 -4.52
CA SER C 644 -33.88 51.59 -4.06
C SER C 644 -34.09 51.88 -2.58
N PHE C 645 -33.07 51.66 -1.76
CA PHE C 645 -33.29 51.68 -0.33
C PHE C 645 -32.02 52.06 0.42
N THR C 646 -32.20 52.95 1.40
CA THR C 646 -31.23 53.18 2.47
C THR C 646 -32.02 53.41 3.75
N ARG C 647 -31.31 53.46 4.87
CA ARG C 647 -31.91 53.73 6.17
C ARG C 647 -31.51 55.11 6.65
N ILE C 648 -32.49 55.87 7.13
CA ILE C 648 -32.27 57.23 7.61
C ILE C 648 -32.77 57.31 9.04
N LYS C 649 -32.07 58.07 9.87
CA LYS C 649 -32.51 58.25 11.25
C LYS C 649 -33.85 59.00 11.28
N ALA C 650 -34.69 58.64 12.25
CA ALA C 650 -36.00 59.29 12.36
C ALA C 650 -35.86 60.77 12.69
N ALA C 651 -34.90 61.12 13.55
CA ALA C 651 -34.72 62.52 13.92
C ALA C 651 -34.27 63.36 12.73
N GLU C 652 -33.59 62.75 11.77
CA GLU C 652 -33.07 63.47 10.61
C GLU C 652 -34.03 63.47 9.43
N THR C 653 -35.29 63.08 9.64
CA THR C 653 -36.28 63.04 8.56
C THR C 653 -37.57 63.67 9.04
N PRO C 654 -38.11 64.67 8.34
CA PRO C 654 -39.41 65.22 8.71
C PRO C 654 -40.53 64.25 8.36
N GLN C 655 -41.69 64.49 8.95
CA GLN C 655 -42.88 63.72 8.60
C GLN C 655 -43.26 64.01 7.15
N LEU C 656 -43.54 62.95 6.41
CA LEU C 656 -43.81 63.09 4.98
C LEU C 656 -45.12 63.82 4.75
N GLY C 657 -45.09 64.83 3.89
CA GLY C 657 -46.27 65.61 3.59
C GLY C 657 -46.89 66.26 4.80
N ALA C 658 -46.07 66.80 5.70
CA ALA C 658 -46.53 67.37 6.95
C ALA C 658 -46.51 68.88 6.86
N GLN C 659 -47.61 69.51 7.28
CA GLN C 659 -47.68 70.97 7.28
C GLN C 659 -46.63 71.56 8.21
N TYR C 660 -46.41 70.94 9.37
CA TYR C 660 -45.38 71.38 10.30
C TYR C 660 -45.07 70.22 11.22
N ASP C 661 -43.85 69.70 11.16
CA ASP C 661 -43.45 68.54 11.94
C ASP C 661 -42.90 69.04 13.28
N VAL C 662 -43.65 68.80 14.36
CA VAL C 662 -43.27 69.33 15.67
C VAL C 662 -42.18 68.48 16.31
N ASN C 663 -42.16 67.18 16.04
CA ASN C 663 -41.11 66.31 16.58
C ASN C 663 -39.77 66.53 15.89
N PHE C 664 -39.71 67.32 14.83
CA PHE C 664 -38.49 67.56 14.09
C PHE C 664 -37.67 68.62 14.82
N LYS C 665 -36.66 68.17 15.55
CA LYS C 665 -35.77 69.05 16.30
C LYS C 665 -34.33 68.88 15.82
N TYR C 666 -34.16 68.84 14.50
CA TYR C 666 -32.88 68.61 13.86
C TYR C 666 -32.73 69.54 12.69
N SER C 667 -31.56 70.16 12.54
CA SER C 667 -31.34 71.13 11.48
C SER C 667 -30.09 70.82 10.67
N GLY C 668 -29.65 69.57 10.67
CA GLY C 668 -28.50 69.19 9.88
C GLY C 668 -28.90 68.82 8.46
N SER C 669 -28.11 67.97 7.82
CA SER C 669 -28.37 67.56 6.45
C SER C 669 -29.46 66.49 6.46
N ILE C 670 -30.64 66.83 5.91
CA ILE C 670 -31.76 65.91 5.85
C ILE C 670 -31.47 64.92 4.73
N ALA C 671 -31.03 63.71 5.09
CA ALA C 671 -30.68 62.71 4.08
C ALA C 671 -31.88 62.33 3.22
N TYR C 672 -33.10 62.52 3.71
CA TYR C 672 -34.27 62.25 2.88
C TYR C 672 -34.44 63.32 1.81
N SER C 673 -34.19 64.59 2.16
CA SER C 673 -34.42 65.68 1.22
C SER C 673 -33.31 65.76 0.18
N ASP C 674 -32.08 65.99 0.62
CA ASP C 674 -30.95 66.00 -0.30
C ASP C 674 -30.39 64.59 -0.42
N GLY C 675 -29.24 64.46 -1.09
CA GLY C 675 -28.68 63.15 -1.32
C GLY C 675 -27.67 62.75 -0.26
N GLY C 676 -27.74 63.38 0.91
CA GLY C 676 -26.77 63.12 1.95
C GLY C 676 -26.96 61.76 2.62
N PHE C 677 -26.98 60.70 1.82
CA PHE C 677 -27.09 59.35 2.37
C PHE C 677 -25.76 58.91 2.94
N TYR C 678 -25.78 58.39 4.16
CA TYR C 678 -24.58 57.94 4.82
C TYR C 678 -24.75 56.60 5.53
N LEU C 679 -25.94 56.02 5.52
CA LEU C 679 -26.20 54.73 6.15
C LEU C 679 -26.55 53.68 5.10
N SER C 680 -25.93 53.76 3.92
CA SER C 680 -26.07 52.69 2.95
C SER C 680 -25.45 51.39 3.45
N HIS C 681 -24.48 51.48 4.35
CA HIS C 681 -24.02 50.30 5.07
C HIS C 681 -25.04 50.02 6.18
N THR C 682 -24.68 49.15 7.12
CA THR C 682 -25.62 48.67 8.13
C THR C 682 -26.81 47.94 7.50
N PHE C 683 -26.61 47.44 6.29
CA PHE C 683 -27.58 46.62 5.57
C PHE C 683 -26.94 45.24 5.43
N ARG C 684 -27.51 44.24 6.12
CA ARG C 684 -26.89 42.92 6.12
C ARG C 684 -27.35 42.11 4.91
N ASN C 685 -28.65 41.97 4.71
CA ASN C 685 -29.16 41.29 3.52
C ASN C 685 -30.57 41.77 3.25
N MET C 686 -31.27 41.07 2.35
CA MET C 686 -32.56 41.49 1.84
C MET C 686 -33.18 40.33 1.08
N SER C 687 -34.49 40.13 1.24
CA SER C 687 -35.20 39.10 0.52
C SER C 687 -36.51 39.66 -0.01
N ILE C 688 -36.85 39.29 -1.25
CA ILE C 688 -38.05 39.77 -1.92
C ILE C 688 -38.88 38.56 -2.33
N LEU C 689 -40.16 38.57 -1.97
CA LEU C 689 -41.06 37.46 -2.28
C LEU C 689 -42.34 38.04 -2.86
N PHE C 690 -42.52 37.92 -4.18
CA PHE C 690 -43.68 38.54 -4.83
C PHE C 690 -44.99 37.96 -4.33
N ASP C 691 -45.05 36.65 -4.12
CA ASP C 691 -46.09 36.09 -3.29
C ASP C 691 -45.47 35.76 -1.94
N THR C 692 -46.21 35.06 -1.08
CA THR C 692 -45.59 34.64 0.16
C THR C 692 -44.50 33.60 -0.06
N SER C 693 -44.37 33.06 -1.27
CA SER C 693 -43.35 32.07 -1.59
C SER C 693 -42.55 32.37 -2.84
N ILE C 694 -42.99 33.27 -3.72
CA ILE C 694 -42.32 33.49 -4.99
C ILE C 694 -41.13 34.44 -4.80
N ASN C 695 -39.95 33.88 -4.59
CA ASN C 695 -38.73 34.69 -4.57
C ASN C 695 -38.45 35.21 -5.97
N TRP C 696 -38.05 36.48 -6.06
CA TRP C 696 -37.96 37.10 -7.39
C TRP C 696 -36.76 36.60 -8.17
N PRO C 697 -35.51 36.62 -7.65
CA PRO C 697 -34.44 35.87 -8.33
C PRO C 697 -34.91 34.46 -8.65
N GLY C 698 -35.25 33.70 -7.62
CA GLY C 698 -36.03 32.47 -7.75
C GLY C 698 -35.59 31.50 -8.83
N ASN C 699 -34.37 31.66 -9.34
CA ASN C 699 -33.88 30.76 -10.37
C ASN C 699 -32.48 30.27 -10.04
N ASP C 700 -32.13 30.21 -8.75
CA ASP C 700 -30.77 29.91 -8.31
C ASP C 700 -29.77 30.87 -8.97
N ARG C 701 -30.20 32.11 -9.19
CA ARG C 701 -29.37 33.11 -9.84
C ARG C 701 -28.11 33.39 -9.03
N LEU C 702 -28.29 33.96 -7.84
CA LEU C 702 -27.16 34.43 -7.05
C LEU C 702 -26.51 33.26 -6.31
N LEU C 703 -25.32 33.52 -5.78
CA LEU C 703 -24.66 32.52 -4.95
C LEU C 703 -25.44 32.23 -3.68
N THR C 704 -26.31 33.16 -3.26
CA THR C 704 -27.30 32.94 -2.22
C THR C 704 -28.65 33.22 -2.84
N PRO C 705 -29.25 32.23 -3.50
CA PRO C 705 -30.45 32.52 -4.33
C PRO C 705 -31.61 33.07 -3.55
N ASN C 706 -31.70 32.81 -2.25
CA ASN C 706 -32.90 33.08 -1.48
C ASN C 706 -32.88 34.44 -0.81
N MET C 707 -31.82 35.23 -0.97
CA MET C 707 -31.76 36.55 -0.37
C MET C 707 -30.73 37.39 -1.11
N PHE C 708 -30.83 38.71 -0.90
CA PHE C 708 -29.88 39.67 -1.46
C PHE C 708 -28.84 39.98 -0.37
N GLU C 709 -27.85 39.11 -0.26
CA GLU C 709 -26.86 39.23 0.81
C GLU C 709 -26.01 40.46 0.55
N ILE C 710 -26.34 41.56 1.23
CA ILE C 710 -25.65 42.83 0.98
C ILE C 710 -24.24 42.79 1.53
N LYS C 711 -24.04 42.22 2.72
CA LYS C 711 -22.70 42.11 3.28
C LYS C 711 -22.64 40.93 4.23
N ARG C 712 -21.47 40.31 4.29
CA ARG C 712 -21.18 39.23 5.23
C ARG C 712 -19.79 39.44 5.79
N SER C 713 -19.65 39.27 7.11
CA SER C 713 -18.37 39.51 7.76
C SER C 713 -17.33 38.53 7.25
N VAL C 714 -16.20 39.06 6.78
CA VAL C 714 -15.16 38.22 6.19
C VAL C 714 -14.48 37.37 7.24
N ALA C 715 -14.39 37.86 8.49
CA ALA C 715 -13.78 37.06 9.55
C ALA C 715 -14.53 35.76 9.75
N LEU C 716 -15.86 35.81 9.75
CA LEU C 716 -16.68 34.61 9.81
C LEU C 716 -16.75 33.89 8.47
N ASP C 717 -16.43 34.57 7.38
CA ASP C 717 -16.56 34.00 6.05
C ASP C 717 -15.65 32.80 5.87
N THR C 718 -16.22 31.72 5.36
CA THR C 718 -15.47 30.50 5.07
C THR C 718 -15.56 30.06 3.62
N GLU C 719 -16.77 30.08 3.04
CA GLU C 719 -16.94 29.70 1.65
C GLU C 719 -16.48 30.76 0.67
N GLY C 720 -16.41 32.01 1.11
CA GLY C 720 -16.09 33.11 0.21
C GLY C 720 -17.28 34.05 0.05
N PHE C 721 -17.59 34.40 -1.19
CA PHE C 721 -18.73 35.25 -1.51
C PHE C 721 -18.59 36.63 -0.87
N THR C 722 -17.36 37.15 -0.85
CA THR C 722 -17.09 38.53 -0.45
C THR C 722 -16.20 39.15 -1.51
N MET C 723 -16.42 40.43 -1.78
CA MET C 723 -15.91 41.06 -2.99
C MET C 723 -15.23 42.38 -2.65
N SER C 724 -14.27 42.77 -3.49
CA SER C 724 -13.62 44.08 -3.44
C SER C 724 -12.97 44.35 -2.08
N GLN C 725 -12.36 43.32 -1.50
CA GLN C 725 -11.53 43.46 -0.31
C GLN C 725 -12.28 44.10 0.86
N CYS C 726 -13.54 43.74 1.01
CA CYS C 726 -14.33 44.17 2.16
C CYS C 726 -15.39 43.10 2.42
N ASP C 727 -16.39 43.43 3.23
CA ASP C 727 -17.42 42.46 3.59
C ASP C 727 -18.59 42.42 2.62
N ILE C 728 -18.61 43.29 1.61
CA ILE C 728 -19.67 43.23 0.60
C ILE C 728 -19.53 41.92 -0.17
N THR C 729 -20.66 41.42 -0.65
CA THR C 729 -20.70 40.09 -1.23
C THR C 729 -20.55 40.12 -2.75
N LYS C 730 -20.25 38.95 -3.30
CA LYS C 730 -20.19 38.80 -4.76
C LYS C 730 -21.52 39.11 -5.40
N ASP C 731 -22.61 38.61 -4.81
CA ASP C 731 -23.94 38.82 -5.37
C ASP C 731 -24.29 40.30 -5.38
N TRP C 732 -24.07 40.97 -4.25
CA TRP C 732 -24.43 42.38 -4.15
C TRP C 732 -23.52 43.25 -5.01
N TYR C 733 -22.23 42.92 -5.07
CA TYR C 733 -21.34 43.66 -5.96
C TYR C 733 -21.76 43.51 -7.41
N LEU C 734 -22.09 42.28 -7.82
CA LEU C 734 -22.55 42.07 -9.19
C LEU C 734 -23.83 42.85 -9.45
N ILE C 735 -24.77 42.82 -8.51
CA ILE C 735 -26.04 43.53 -8.70
C ILE C 735 -25.80 45.02 -8.89
N GLN C 736 -25.01 45.62 -8.00
CA GLN C 736 -24.80 47.06 -8.05
C GLN C 736 -24.02 47.46 -9.30
N MET C 737 -22.96 46.72 -9.63
CA MET C 737 -22.18 47.04 -10.81
C MET C 737 -23.00 46.89 -12.08
N ALA C 738 -23.82 45.85 -12.17
CA ALA C 738 -24.68 45.66 -13.33
C ALA C 738 -25.71 46.76 -13.45
N THR C 739 -26.33 47.15 -12.33
CA THR C 739 -27.33 48.20 -12.38
C THR C 739 -26.72 49.52 -12.80
N ASN C 740 -25.57 49.87 -12.22
CA ASN C 740 -25.00 51.20 -12.45
C ASN C 740 -24.31 51.31 -13.80
N TYR C 741 -23.61 50.25 -14.24
CA TYR C 741 -22.70 50.38 -15.37
C TYR C 741 -22.99 49.41 -16.51
N ASN C 742 -23.95 48.51 -16.37
CA ASN C 742 -24.51 47.71 -17.45
C ASN C 742 -23.52 46.76 -18.10
N PHE C 743 -22.42 46.41 -17.43
CA PHE C 743 -21.48 45.42 -17.96
C PHE C 743 -20.84 44.71 -16.77
N VAL C 744 -21.27 43.48 -16.52
CA VAL C 744 -20.66 42.67 -15.46
C VAL C 744 -20.24 41.31 -16.00
N TYR C 745 -20.94 40.84 -17.04
CA TYR C 745 -20.63 39.52 -17.58
C TYR C 745 -19.40 39.53 -18.47
N ASN C 746 -18.95 40.71 -18.90
CA ASN C 746 -17.70 40.85 -19.61
C ASN C 746 -16.54 41.19 -18.69
N GLY C 747 -16.79 41.40 -17.40
CA GLY C 747 -15.73 41.67 -16.47
C GLY C 747 -15.97 42.90 -15.62
N TYR C 748 -15.61 42.82 -14.34
CA TYR C 748 -15.67 43.99 -13.48
C TYR C 748 -14.56 44.96 -13.86
N ARG C 749 -14.93 46.22 -14.07
CA ARG C 749 -13.96 47.24 -14.44
C ARG C 749 -14.45 48.57 -13.90
N PHE C 750 -13.49 49.49 -13.70
CA PHE C 750 -13.84 50.83 -13.28
C PHE C 750 -14.47 51.59 -14.44
N TRP C 751 -15.44 52.44 -14.13
CA TRP C 751 -16.15 53.21 -15.15
C TRP C 751 -15.95 54.70 -14.90
N PRO C 752 -14.98 55.34 -15.55
CA PRO C 752 -14.76 56.78 -15.33
C PRO C 752 -15.84 57.66 -15.93
N ASP C 753 -16.74 57.10 -16.74
CA ASP C 753 -17.76 57.91 -17.40
C ASP C 753 -18.85 58.37 -16.44
N ARG C 754 -18.98 57.75 -15.27
CA ARG C 754 -20.03 58.10 -14.32
C ARG C 754 -19.48 58.65 -13.01
N GLN C 755 -18.19 58.98 -12.95
CA GLN C 755 -17.61 59.46 -11.69
C GLN C 755 -18.04 60.88 -11.36
N TYR C 756 -18.69 61.59 -12.28
CA TYR C 756 -19.26 62.89 -11.99
C TYR C 756 -20.59 62.79 -11.27
N PHE C 757 -21.23 61.62 -11.26
CA PHE C 757 -22.63 61.51 -10.89
C PHE C 757 -22.89 61.82 -9.42
N HIS C 758 -21.89 61.68 -8.55
CA HIS C 758 -21.99 62.02 -7.14
C HIS C 758 -22.92 61.06 -6.39
N TYR C 759 -23.55 60.14 -7.12
CA TYR C 759 -24.41 59.16 -6.48
C TYR C 759 -24.27 57.76 -7.08
N ASP C 760 -23.24 57.51 -7.87
CA ASP C 760 -23.05 56.18 -8.44
C ASP C 760 -22.31 55.30 -7.44
N PHE C 761 -21.86 54.14 -7.89
CA PHE C 761 -21.33 53.13 -6.97
C PHE C 761 -19.83 53.31 -6.70
N LEU C 762 -19.01 53.25 -7.75
CA LEU C 762 -17.57 53.25 -7.54
C LEU C 762 -17.03 54.59 -7.08
N ARG C 763 -17.78 55.68 -7.25
CA ARG C 763 -17.31 56.98 -6.79
C ARG C 763 -17.21 57.02 -5.27
N ASN C 764 -18.16 56.40 -4.59
CA ASN C 764 -18.31 56.53 -3.15
C ASN C 764 -18.30 55.20 -2.41
N PHE C 765 -18.07 54.09 -3.10
CA PHE C 765 -17.89 52.80 -2.45
C PHE C 765 -16.45 52.71 -1.92
N ASP C 766 -16.30 52.74 -0.60
CA ASP C 766 -14.98 52.79 0.01
C ASP C 766 -14.79 51.56 0.90
N PRO C 767 -14.09 50.54 0.43
CA PRO C 767 -13.71 49.43 1.31
C PRO C 767 -12.52 49.81 2.19
N MET C 768 -12.50 49.24 3.39
CA MET C 768 -11.44 49.50 4.35
C MET C 768 -11.21 48.27 5.21
N THR C 769 -10.04 48.21 5.83
CA THR C 769 -9.65 47.04 6.61
C THR C 769 -8.73 47.47 7.73
N ARG C 770 -9.01 47.00 8.94
CA ARG C 770 -8.12 47.14 10.08
C ARG C 770 -8.02 45.79 10.77
N GLN C 771 -7.05 45.66 11.67
CA GLN C 771 -6.78 44.37 12.30
C GLN C 771 -7.14 44.36 13.78
N GLY C 772 -6.55 45.24 14.58
CA GLY C 772 -6.90 45.35 15.98
C GLY C 772 -6.41 44.17 16.80
N PRO C 773 -6.07 44.43 18.06
CA PRO C 773 -5.70 43.32 18.95
C PRO C 773 -6.92 42.46 19.27
N ASN C 774 -6.65 41.17 19.52
CA ASN C 774 -7.70 40.24 19.93
C ASN C 774 -7.78 40.24 21.45
N PHE C 775 -8.77 40.93 21.98
CA PHE C 775 -9.00 40.95 23.42
C PHE C 775 -9.67 39.64 23.82
N ALA C 776 -10.12 39.56 25.08
CA ALA C 776 -10.60 38.31 25.65
C ALA C 776 -9.54 37.21 25.57
N LEU C 777 -8.28 37.62 25.73
CA LEU C 777 -7.13 36.74 25.77
C LEU C 777 -6.46 36.90 27.12
N PRO C 778 -5.51 36.04 27.50
CA PRO C 778 -4.84 36.23 28.81
C PRO C 778 -4.22 37.61 28.97
N GLY C 779 -3.58 38.13 27.93
CA GLY C 779 -3.15 39.51 27.90
C GLY C 779 -4.16 40.38 27.18
N LEU C 780 -3.67 41.48 26.61
CA LEU C 780 -4.48 42.33 25.72
C LEU C 780 -5.75 42.81 26.43
N PHE C 781 -5.52 43.66 27.43
CA PHE C 781 -6.55 43.99 28.41
C PHE C 781 -7.56 45.03 27.93
N ASP C 782 -7.39 45.60 26.73
CA ASP C 782 -8.34 46.57 26.17
C ASP C 782 -8.49 47.78 27.10
N LEU C 783 -7.40 48.53 27.21
CA LEU C 783 -7.29 49.60 28.17
C LEU C 783 -8.02 50.88 27.76
N VAL C 784 -8.90 50.80 26.76
CA VAL C 784 -9.72 51.94 26.34
C VAL C 784 -11.15 51.67 26.75
N SER C 785 -11.77 52.65 27.40
CA SER C 785 -13.15 52.54 27.86
C SER C 785 -14.03 53.44 27.03
N TYR C 786 -15.14 52.89 26.53
CA TYR C 786 -16.04 53.62 25.66
C TYR C 786 -17.31 54.09 26.35
N THR C 787 -17.54 53.66 27.60
CA THR C 787 -18.77 54.02 28.29
C THR C 787 -18.48 55.10 29.32
N PRO C 788 -18.96 56.32 29.14
CA PRO C 788 -18.76 57.37 30.15
C PRO C 788 -19.59 57.09 31.40
N THR C 789 -19.18 57.72 32.50
CA THR C 789 -19.87 57.52 33.76
C THR C 789 -21.24 58.16 33.80
N THR C 790 -21.50 59.15 32.94
CA THR C 790 -22.77 59.87 32.89
C THR C 790 -23.12 60.41 34.28
N ASP C 791 -22.29 61.31 34.76
CA ASP C 791 -22.51 62.01 36.02
C ASP C 791 -22.31 63.50 35.82
N ASN C 792 -22.74 64.28 36.82
CA ASN C 792 -22.60 65.73 36.73
C ASN C 792 -21.13 66.14 36.78
N SER C 793 -20.27 65.35 37.40
CA SER C 793 -18.86 65.67 37.47
C SER C 793 -18.22 65.56 36.09
N GLY C 794 -17.20 66.40 35.86
CA GLY C 794 -16.49 66.40 34.60
C GLY C 794 -15.28 65.51 34.61
N GLU C 795 -15.41 64.36 35.27
CA GLU C 795 -14.30 63.44 35.48
C GLU C 795 -14.70 62.06 34.96
N GLN C 796 -13.80 61.43 34.21
CA GLN C 796 -14.00 60.07 33.71
C GLN C 796 -12.77 59.25 34.07
N PRO C 797 -12.69 58.80 35.32
CA PRO C 797 -11.49 58.06 35.76
C PRO C 797 -11.26 56.76 35.02
N SER C 798 -12.29 56.21 34.37
CA SER C 798 -12.11 55.02 33.57
C SER C 798 -11.26 55.26 32.32
N GLN C 799 -11.03 56.51 31.95
CA GLN C 799 -10.23 56.85 30.79
C GLN C 799 -8.74 56.95 31.10
N GLU C 800 -8.35 56.83 32.37
CA GLU C 800 -6.98 57.05 32.80
C GLU C 800 -6.09 55.82 32.59
N ALA C 801 -6.47 54.90 31.72
CA ALA C 801 -5.77 53.64 31.58
C ALA C 801 -4.97 53.54 30.28
N VAL C 802 -4.68 54.65 29.61
CA VAL C 802 -3.97 54.55 28.35
C VAL C 802 -2.55 55.10 28.46
N ARG C 803 -2.33 56.01 29.40
CA ARG C 803 -0.98 56.44 29.80
C ARG C 803 -0.11 56.84 28.61
N ASN C 804 -0.71 57.26 27.50
CA ASN C 804 0.04 57.71 26.34
C ASN C 804 0.09 59.22 26.33
N ASN C 805 1.27 59.76 25.97
CA ASN C 805 1.55 61.19 26.10
C ASN C 805 1.27 61.65 27.53
N SER C 806 1.86 60.93 28.49
CA SER C 806 1.47 61.07 29.90
C SER C 806 1.67 62.50 30.38
N GLY C 807 2.90 62.98 30.36
CA GLY C 807 3.20 64.29 30.90
C GLY C 807 3.15 65.40 29.88
N PHE C 808 2.50 65.15 28.75
CA PHE C 808 2.51 66.10 27.64
C PHE C 808 1.13 66.50 27.14
N ILE C 809 0.05 65.97 27.72
CA ILE C 809 -1.31 66.34 27.37
C ILE C 809 -2.12 66.49 28.65
N ALA C 810 -3.39 66.85 28.49
CA ALA C 810 -4.30 66.88 29.61
C ALA C 810 -4.57 65.46 30.10
N PRO C 811 -4.91 65.29 31.37
CA PRO C 811 -5.22 63.93 31.86
C PRO C 811 -6.39 63.33 31.10
N ARG C 812 -6.32 62.02 30.89
CA ARG C 812 -7.34 61.36 30.09
C ARG C 812 -8.70 61.37 30.78
N SER C 813 -8.72 61.44 32.12
CA SER C 813 -9.99 61.61 32.81
C SER C 813 -10.51 63.03 32.69
N TRP C 814 -9.65 63.99 32.41
CA TRP C 814 -10.04 65.38 32.26
C TRP C 814 -10.60 65.64 30.87
N PRO C 815 -11.34 66.74 30.70
CA PRO C 815 -11.71 67.15 29.35
C PRO C 815 -10.47 67.41 28.50
N VAL C 816 -10.59 67.13 27.20
CA VAL C 816 -9.42 67.14 26.32
C VAL C 816 -8.78 68.51 26.27
N TRP C 817 -9.60 69.57 26.23
CA TRP C 817 -9.10 70.92 25.99
C TRP C 817 -8.67 71.63 27.27
N SER C 818 -8.29 70.88 28.30
CA SER C 818 -7.70 71.47 29.49
C SER C 818 -6.18 71.49 29.36
N ALA C 819 -5.53 72.21 30.28
CA ALA C 819 -4.09 72.38 30.24
C ALA C 819 -3.39 71.05 30.49
N HIS C 820 -2.21 70.89 29.89
CA HIS C 820 -1.46 69.65 30.04
C HIS C 820 -0.95 69.54 31.46
N GLN C 821 -0.87 68.30 31.95
CA GLN C 821 -0.24 68.05 33.24
C GLN C 821 0.11 66.58 33.32
N GLY C 822 1.02 66.25 34.22
CA GLY C 822 1.46 64.89 34.39
C GLY C 822 2.97 64.73 34.39
N GLU C 823 3.44 63.54 34.06
CA GLU C 823 4.86 63.25 34.05
C GLU C 823 5.15 62.25 32.94
N SER C 824 6.29 62.43 32.27
CA SER C 824 6.65 61.58 31.14
C SER C 824 6.71 60.12 31.57
N TRP C 825 6.12 59.24 30.76
CA TRP C 825 5.96 57.84 31.12
C TRP C 825 5.86 57.02 29.85
N PRO C 826 6.34 55.78 29.86
CA PRO C 826 6.14 54.91 28.68
C PRO C 826 4.68 54.62 28.46
N ALA C 827 4.22 54.83 27.23
CA ALA C 827 2.84 54.52 26.89
C ALA C 827 2.60 53.02 26.96
N ASN C 828 1.38 52.63 27.33
CA ASN C 828 1.05 51.23 27.49
C ASN C 828 -0.09 50.75 26.62
N TRP C 829 -1.06 51.62 26.28
CA TRP C 829 -2.27 51.13 25.63
C TRP C 829 -2.00 50.56 24.24
N PRO C 830 -1.50 51.33 23.26
CA PRO C 830 -1.59 50.86 21.87
C PRO C 830 -0.73 49.65 21.61
N TYR C 831 -1.35 48.50 21.50
CA TYR C 831 -0.61 47.27 21.25
C TYR C 831 0.01 47.33 19.86
N PRO C 832 1.32 47.12 19.74
CA PRO C 832 1.96 47.21 18.42
C PRO C 832 1.50 46.11 17.49
N LEU C 833 0.81 46.47 16.41
CA LEU C 833 0.37 45.49 15.44
C LEU C 833 1.44 45.15 14.41
N CYS C 834 2.52 45.92 14.34
CA CYS C 834 3.59 45.74 13.37
C CYS C 834 4.93 45.77 14.08
N GLY C 835 6.01 45.60 13.31
CA GLY C 835 7.35 45.77 13.84
C GLY C 835 7.89 44.53 14.54
N GLN C 836 9.06 44.72 15.17
CA GLN C 836 9.71 43.60 15.87
C GLN C 836 8.87 43.10 17.05
N GLN C 837 8.23 44.01 17.79
CA GLN C 837 7.54 43.66 19.01
C GLN C 837 6.04 43.55 18.81
N ALA C 838 5.60 43.23 17.59
CA ALA C 838 4.20 43.08 17.31
C ALA C 838 3.60 41.89 18.06
N ILE C 839 2.35 42.04 18.48
CA ILE C 839 1.68 40.96 19.18
C ILE C 839 1.54 39.75 18.26
N GLN C 840 1.30 38.59 18.86
CA GLN C 840 1.37 37.34 18.13
C GLN C 840 0.29 37.29 17.06
N PRO C 841 0.51 36.53 15.98
CA PRO C 841 -0.51 36.44 14.92
C PRO C 841 -1.83 35.89 15.40
N GLY C 842 -1.83 35.06 16.45
CA GLY C 842 -3.08 34.61 17.03
C GLY C 842 -3.75 35.61 17.93
N GLN C 843 -3.09 36.73 18.22
CA GLN C 843 -3.62 37.76 19.09
C GLN C 843 -4.18 38.94 18.32
N VAL C 844 -4.36 38.81 17.01
CA VAL C 844 -4.87 39.88 16.16
C VAL C 844 -6.10 39.39 15.43
N LEU C 845 -6.92 40.33 14.99
CA LEU C 845 -8.15 40.01 14.27
C LEU C 845 -8.19 40.72 12.93
N SER C 846 -9.34 40.69 12.25
CA SER C 846 -9.53 41.43 11.02
C SER C 846 -10.93 42.03 11.02
N TYR C 847 -11.07 43.22 10.46
CA TYR C 847 -12.31 43.99 10.54
C TYR C 847 -12.67 44.56 9.17
N LYS C 848 -12.69 43.71 8.14
CA LYS C 848 -13.12 44.11 6.82
C LYS C 848 -14.45 44.85 6.87
N LYS C 849 -14.48 46.05 6.31
CA LYS C 849 -15.66 46.90 6.34
C LYS C 849 -15.65 47.80 5.11
N PHE C 850 -16.83 48.29 4.74
CA PHE C 850 -16.96 49.23 3.64
C PHE C 850 -17.90 50.37 4.03
N LEU C 851 -17.54 51.57 3.60
CA LEU C 851 -18.40 52.73 3.71
C LEU C 851 -18.97 53.08 2.34
N CYS C 852 -20.23 53.47 2.30
CA CYS C 852 -20.90 53.78 1.04
C CYS C 852 -21.86 54.93 1.33
N ASP C 853 -21.49 56.13 0.91
CA ASP C 853 -22.29 57.32 1.16
C ASP C 853 -22.88 57.86 -0.12
N ASN C 854 -24.08 58.42 -0.03
CA ASN C 854 -24.76 59.03 -1.16
C ASN C 854 -24.97 58.04 -2.31
N TYR C 855 -25.33 56.81 -1.99
CA TYR C 855 -25.48 55.81 -3.03
C TYR C 855 -26.90 55.31 -3.25
N LEU C 856 -27.65 55.01 -2.18
CA LEU C 856 -29.03 54.56 -2.30
C LEU C 856 -29.11 53.24 -3.08
N TRP C 857 -28.66 52.17 -2.40
CA TRP C 857 -28.65 50.81 -2.96
C TRP C 857 -29.83 50.56 -3.88
N THR C 858 -29.57 50.09 -5.09
CA THR C 858 -30.60 49.92 -6.09
C THR C 858 -30.63 48.48 -6.60
N ILE C 859 -31.83 47.98 -6.86
CA ILE C 859 -32.03 46.65 -7.43
C ILE C 859 -32.92 46.79 -8.66
N PRO C 860 -32.42 46.53 -9.86
CA PRO C 860 -33.22 46.75 -11.06
C PRO C 860 -34.17 45.59 -11.31
N PHE C 861 -35.41 45.93 -11.64
CA PHE C 861 -36.42 44.92 -11.91
C PHE C 861 -36.24 44.36 -13.32
N SER C 862 -35.05 43.87 -13.61
CA SER C 862 -34.70 43.37 -14.94
C SER C 862 -34.35 41.89 -14.87
N SER C 863 -34.47 41.22 -16.01
CA SER C 863 -34.20 39.79 -16.07
C SER C 863 -32.75 39.48 -15.70
N ASP C 864 -31.81 40.26 -16.25
CA ASP C 864 -30.38 40.04 -16.03
C ASP C 864 -29.77 41.11 -15.12
N PHE C 865 -30.59 41.86 -14.39
CA PHE C 865 -30.13 42.86 -13.44
C PHE C 865 -29.33 43.97 -14.09
N MET C 866 -29.55 44.20 -15.38
CA MET C 866 -28.83 45.22 -16.13
C MET C 866 -29.81 46.14 -16.83
N TYR C 867 -29.33 47.34 -17.15
CA TYR C 867 -30.17 48.33 -17.81
C TYR C 867 -30.38 47.93 -19.26
N MET C 868 -31.63 47.61 -19.61
CA MET C 868 -31.98 47.26 -20.98
C MET C 868 -33.08 48.16 -21.52
N GLY C 869 -33.24 49.34 -20.92
CA GLY C 869 -34.33 50.24 -21.26
C GLY C 869 -34.97 50.70 -19.97
N GLU C 870 -35.47 51.93 -19.97
CA GLU C 870 -36.04 52.49 -18.75
C GLU C 870 -37.26 51.71 -18.30
N LEU C 871 -38.06 51.22 -19.25
CA LEU C 871 -39.14 50.27 -18.96
C LEU C 871 -38.55 48.88 -18.99
N THR C 872 -38.51 48.22 -17.82
CA THR C 872 -37.66 47.06 -17.62
C THR C 872 -38.22 45.83 -18.34
N ASP C 873 -37.43 44.75 -18.29
CA ASP C 873 -37.84 43.48 -18.88
C ASP C 873 -39.14 42.98 -18.26
N LEU C 874 -39.18 42.90 -16.93
CA LEU C 874 -40.31 42.34 -16.21
C LEU C 874 -41.39 43.37 -15.94
N GLY C 875 -41.09 44.66 -16.07
CA GLY C 875 -42.11 45.68 -15.89
C GLY C 875 -43.23 45.61 -16.92
N GLN C 876 -43.01 44.89 -18.01
CA GLN C 876 -44.04 44.65 -19.02
C GLN C 876 -44.36 43.17 -19.17
N ASN C 877 -43.76 42.31 -18.36
CA ASN C 877 -44.11 40.89 -18.37
C ASN C 877 -45.56 40.72 -17.92
N PRO C 878 -46.40 40.00 -18.68
CA PRO C 878 -47.79 39.89 -18.30
C PRO C 878 -48.05 38.82 -17.26
N MET C 879 -47.20 38.82 -16.22
CA MET C 879 -47.45 38.15 -14.96
C MET C 879 -47.73 39.13 -13.84
N TYR C 880 -46.91 40.17 -13.74
CA TYR C 880 -47.10 41.20 -12.73
C TYR C 880 -48.11 42.24 -13.18
N THR C 881 -47.96 42.71 -14.42
CA THR C 881 -48.79 43.80 -14.92
C THR C 881 -50.27 43.41 -14.94
N ASN C 882 -50.57 42.19 -15.38
CA ASN C 882 -51.96 41.79 -15.56
C ASN C 882 -52.54 41.05 -14.36
N ASN C 883 -51.72 40.67 -13.37
CA ASN C 883 -52.20 39.93 -12.21
C ASN C 883 -51.64 40.53 -10.93
N SER C 884 -52.47 40.57 -9.90
CA SER C 884 -52.05 41.13 -8.62
C SER C 884 -51.07 40.21 -7.92
N HIS C 885 -49.98 40.78 -7.42
CA HIS C 885 -49.02 40.07 -6.57
C HIS C 885 -48.67 40.94 -5.38
N SER C 886 -48.40 40.29 -4.25
CA SER C 886 -48.31 40.95 -2.95
C SER C 886 -46.93 40.66 -2.36
N MET C 887 -45.95 41.51 -2.66
CA MET C 887 -44.61 41.12 -2.25
C MET C 887 -44.37 41.46 -0.79
N VAL C 888 -43.44 40.72 -0.19
CA VAL C 888 -42.97 40.99 1.16
C VAL C 888 -41.46 41.19 1.09
N ILE C 889 -40.99 42.31 1.62
CA ILE C 889 -39.59 42.67 1.58
C ILE C 889 -39.03 42.56 3.00
N ASN C 890 -38.11 41.64 3.19
CA ASN C 890 -37.56 41.34 4.51
C ASN C 890 -36.16 41.93 4.63
N PHE C 891 -35.98 42.78 5.62
CA PHE C 891 -34.68 43.36 5.94
C PHE C 891 -34.22 42.85 7.30
N GLU C 892 -32.94 42.55 7.42
CA GLU C 892 -32.31 42.46 8.73
C GLU C 892 -31.04 43.29 8.68
N LEU C 893 -30.88 44.18 9.66
CA LEU C 893 -29.99 45.32 9.58
C LEU C 893 -28.95 45.24 10.69
N ASP C 894 -28.00 46.16 10.65
CA ASP C 894 -27.12 46.34 11.79
C ASP C 894 -27.85 47.13 12.88
N PRO C 895 -27.90 46.64 14.11
CA PRO C 895 -28.67 47.34 15.16
C PRO C 895 -28.01 48.67 15.49
N MET C 896 -28.78 49.75 15.31
CA MET C 896 -28.31 51.09 15.61
C MET C 896 -28.61 51.43 17.07
N ASP C 897 -28.44 52.69 17.45
CA ASP C 897 -28.68 53.13 18.82
C ASP C 897 -29.80 54.15 18.92
N ASP C 898 -30.58 54.36 17.87
CA ASP C 898 -31.64 55.34 17.87
C ASP C 898 -32.66 54.97 16.81
N PRO C 899 -33.90 55.42 16.93
CA PRO C 899 -34.92 55.05 15.94
C PRO C 899 -34.56 55.60 14.57
N THR C 900 -34.58 54.72 13.57
CA THR C 900 -34.24 55.07 12.20
C THR C 900 -35.31 54.53 11.27
N TYR C 901 -35.51 55.23 10.15
CA TYR C 901 -36.39 54.75 9.10
C TYR C 901 -35.57 53.97 8.09
N VAL C 902 -36.26 53.24 7.21
CA VAL C 902 -35.66 52.63 6.03
C VAL C 902 -36.30 53.30 4.83
N TYR C 903 -35.53 54.14 4.14
CA TYR C 903 -36.05 54.98 3.07
C TYR C 903 -36.13 54.10 1.82
N MET C 904 -37.27 53.45 1.63
CA MET C 904 -37.48 52.54 0.51
C MET C 904 -38.06 53.31 -0.68
N LEU C 905 -37.36 53.26 -1.80
CA LEU C 905 -37.79 53.89 -3.04
C LEU C 905 -38.15 52.80 -4.03
N TYR C 906 -39.42 52.75 -4.44
CA TYR C 906 -39.83 51.78 -5.44
C TYR C 906 -39.42 52.28 -6.82
N GLY C 907 -39.73 51.50 -7.84
CA GLY C 907 -39.47 51.94 -9.20
C GLY C 907 -40.78 52.28 -9.89
N VAL C 908 -41.02 53.57 -10.11
CA VAL C 908 -42.31 54.01 -10.64
C VAL C 908 -42.10 54.93 -11.83
N PHE C 909 -43.07 54.93 -12.74
CA PHE C 909 -43.13 55.86 -13.85
C PHE C 909 -44.14 56.95 -13.51
N ASP C 910 -43.74 57.87 -12.63
CA ASP C 910 -44.59 59.01 -12.31
C ASP C 910 -44.44 60.08 -13.38
N THR C 911 -45.55 60.43 -14.03
CA THR C 911 -45.49 61.24 -15.24
C THR C 911 -46.71 62.13 -15.33
N VAL C 912 -46.56 63.19 -16.13
CA VAL C 912 -47.62 64.14 -16.44
C VAL C 912 -47.54 64.49 -17.91
N ARG C 913 -48.68 64.65 -18.55
CA ARG C 913 -48.71 65.28 -19.87
C ARG C 913 -49.67 66.46 -19.83
N VAL C 914 -49.20 67.60 -20.30
CA VAL C 914 -49.86 68.88 -20.08
C VAL C 914 -50.61 69.27 -21.34
N ASN C 915 -51.93 69.34 -21.24
CA ASN C 915 -52.78 69.69 -22.37
C ASN C 915 -53.18 71.15 -22.26
N GLN C 916 -52.95 71.91 -23.32
CA GLN C 916 -53.32 73.32 -23.40
C GLN C 916 -54.10 73.54 -24.69
N PRO C 917 -55.31 72.97 -24.78
CA PRO C 917 -56.02 72.98 -26.06
C PRO C 917 -56.47 74.36 -26.50
N GLU C 918 -56.57 75.31 -25.58
CA GLU C 918 -57.12 76.62 -25.89
C GLU C 918 -56.32 77.68 -25.13
N ARG C 919 -56.39 78.91 -25.63
CA ARG C 919 -55.85 80.06 -24.90
C ARG C 919 -56.28 79.98 -23.44
N ASN C 920 -55.31 80.21 -22.54
CA ASN C 920 -55.43 80.11 -21.09
C ASN C 920 -56.39 79.01 -20.64
N VAL C 921 -56.19 77.81 -21.18
CA VAL C 921 -56.81 76.59 -20.67
C VAL C 921 -55.66 75.62 -20.39
N LEU C 922 -55.50 75.24 -19.13
CA LEU C 922 -54.42 74.37 -18.70
C LEU C 922 -55.00 73.12 -18.05
N ALA C 923 -54.44 71.96 -18.41
CA ALA C 923 -54.91 70.69 -17.85
C ALA C 923 -53.76 69.69 -17.86
N MET C 924 -53.45 69.14 -16.69
CA MET C 924 -52.41 68.13 -16.54
C MET C 924 -53.05 66.81 -16.15
N ALA C 925 -52.61 65.73 -16.79
CA ALA C 925 -53.01 64.38 -16.44
C ALA C 925 -51.83 63.66 -15.80
N TYR C 926 -52.01 63.25 -14.54
CA TYR C 926 -50.96 62.58 -13.79
C TYR C 926 -51.09 61.07 -13.94
N PHE C 927 -49.96 60.37 -13.79
CA PHE C 927 -49.97 58.92 -13.86
C PHE C 927 -48.67 58.36 -13.30
N ARG C 928 -48.77 57.45 -12.35
CA ARG C 928 -47.63 56.74 -11.78
C ARG C 928 -47.92 55.25 -11.89
N THR C 929 -47.13 54.53 -12.69
CA THR C 929 -47.56 53.23 -13.16
C THR C 929 -47.78 52.21 -12.06
N PRO C 930 -46.82 51.92 -11.15
CA PRO C 930 -47.10 50.90 -10.13
C PRO C 930 -48.02 51.42 -9.03
N PHE C 931 -47.76 52.64 -8.57
CA PHE C 931 -48.50 53.24 -7.46
C PHE C 931 -49.17 54.52 -7.95
N ALA C 932 -50.36 54.37 -8.54
CA ALA C 932 -51.10 55.50 -9.08
C ALA C 932 -52.11 56.08 -8.12
N THR C 933 -52.30 55.47 -6.96
CA THR C 933 -53.38 55.85 -6.05
C THR C 933 -52.96 56.88 -5.01
N GLY C 934 -51.73 57.39 -5.06
CA GLY C 934 -51.32 58.42 -4.13
C GLY C 934 -50.50 57.90 -2.98
N ASN C 935 -50.68 58.48 -1.79
CA ASN C 935 -49.86 58.13 -0.63
C ASN C 935 -50.09 56.69 -0.19
N ALA C 936 -51.13 56.03 -0.69
CA ALA C 936 -51.40 54.65 -0.32
C ALA C 936 -50.24 53.74 -0.73
N VAL C 937 -49.96 52.76 0.11
CA VAL C 937 -48.89 51.79 -0.16
C VAL C 937 -49.48 50.57 -0.84
N THR D 10 -84.38 -22.78 0.61
CA THR D 10 -84.43 -24.01 1.39
C THR D 10 -84.34 -23.73 2.89
N ALA D 11 -84.05 -22.48 3.23
CA ALA D 11 -84.03 -22.06 4.62
C ALA D 11 -85.40 -21.58 5.05
N THR D 12 -85.66 -21.71 6.35
CA THR D 12 -86.94 -21.28 6.88
C THR D 12 -87.06 -19.76 6.79
N PRO D 13 -88.27 -19.24 6.57
CA PRO D 13 -88.42 -17.80 6.35
C PRO D 13 -87.94 -16.93 7.49
N ARG D 14 -88.00 -17.42 8.73
CA ARG D 14 -87.56 -16.59 9.85
C ARG D 14 -86.05 -16.46 9.94
N LEU D 15 -85.30 -17.36 9.32
CA LEU D 15 -83.85 -17.19 9.23
C LEU D 15 -83.41 -16.41 7.99
N GLN D 16 -84.30 -16.23 7.02
CA GLN D 16 -84.01 -15.35 5.90
C GLN D 16 -84.49 -13.93 6.13
N TYR D 17 -85.51 -13.76 6.97
CA TYR D 17 -85.96 -12.42 7.34
C TYR D 17 -84.89 -11.70 8.15
N PHE D 18 -84.25 -12.39 9.08
CA PHE D 18 -83.19 -11.82 9.89
C PHE D 18 -81.81 -12.15 9.35
N HIS D 19 -81.74 -12.80 8.18
CA HIS D 19 -80.49 -13.07 7.49
C HIS D 19 -79.55 -13.93 8.35
N ILE D 20 -80.09 -15.04 8.84
CA ILE D 20 -79.30 -16.00 9.60
C ILE D 20 -78.92 -17.14 8.65
N ALA D 21 -79.80 -17.45 7.71
CA ALA D 21 -79.53 -18.41 6.65
C ALA D 21 -80.06 -17.89 5.33
N GLY D 22 -79.91 -16.58 5.10
CA GLY D 22 -80.55 -15.93 3.98
C GLY D 22 -79.69 -15.86 2.73
N PRO D 23 -80.09 -14.99 1.81
CA PRO D 23 -79.36 -14.87 0.53
C PRO D 23 -77.95 -14.34 0.68
N GLY D 24 -77.80 -13.17 1.31
CA GLY D 24 -76.51 -12.52 1.42
C GLY D 24 -76.62 -11.07 1.01
N THR D 25 -75.79 -10.22 1.63
CA THR D 25 -75.90 -8.78 1.47
C THR D 25 -75.83 -8.36 0.01
N ARG D 26 -75.04 -9.08 -0.81
CA ARG D 26 -74.88 -8.71 -2.20
C ARG D 26 -76.15 -8.90 -3.02
N GLU D 27 -77.17 -9.55 -2.49
CA GLU D 27 -78.34 -9.84 -3.32
C GLU D 27 -79.69 -9.63 -2.63
N TYR D 28 -79.74 -9.04 -1.43
CA TYR D 28 -81.01 -8.57 -0.90
C TYR D 28 -81.07 -7.06 -0.71
N LEU D 29 -79.94 -6.39 -0.56
CA LEU D 29 -79.94 -4.93 -0.58
C LEU D 29 -80.23 -4.43 -2.00
N SER D 30 -80.82 -3.24 -2.07
CA SER D 30 -81.05 -2.61 -3.36
C SER D 30 -79.71 -2.35 -4.05
N GLU D 31 -79.68 -2.49 -5.37
CA GLU D 31 -78.44 -2.29 -6.11
C GLU D 31 -77.89 -0.89 -5.90
N ASP D 32 -78.78 0.12 -5.86
CA ASP D 32 -78.34 1.47 -5.56
C ASP D 32 -77.75 1.58 -4.15
N LEU D 33 -78.27 0.82 -3.19
CA LEU D 33 -77.73 0.88 -1.85
C LEU D 33 -76.35 0.24 -1.78
N GLN D 34 -76.16 -0.86 -2.47
CA GLN D 34 -74.84 -1.47 -2.54
C GLN D 34 -73.84 -0.53 -3.21
N GLN D 35 -74.27 0.12 -4.29
CA GLN D 35 -73.39 1.08 -4.96
C GLN D 35 -73.06 2.26 -4.05
N PHE D 36 -74.05 2.73 -3.29
CA PHE D 36 -73.81 3.83 -2.36
C PHE D 36 -72.83 3.44 -1.26
N ILE D 37 -73.02 2.25 -0.68
CA ILE D 37 -72.11 1.79 0.37
C ILE D 37 -70.70 1.62 -0.18
N SER D 38 -70.58 1.08 -1.39
CA SER D 38 -69.26 0.94 -2.00
C SER D 38 -68.63 2.30 -2.26
N ALA D 39 -69.40 3.26 -2.75
CA ALA D 39 -68.86 4.58 -3.05
C ALA D 39 -68.43 5.28 -1.77
N THR D 40 -69.31 5.34 -0.77
CA THR D 40 -68.99 5.93 0.52
C THR D 40 -68.50 4.87 1.51
N GLY D 41 -67.52 4.08 1.10
CA GLY D 41 -67.03 3.01 1.93
C GLY D 41 -65.72 3.33 2.61
N SER D 42 -65.10 4.45 2.22
CA SER D 42 -63.82 4.84 2.78
C SER D 42 -63.94 5.88 3.88
N TYR D 43 -65.11 6.49 4.06
CA TYR D 43 -65.23 7.51 5.08
C TYR D 43 -66.48 7.33 5.94
N PHE D 44 -67.54 6.77 5.37
CA PHE D 44 -68.81 6.62 6.07
C PHE D 44 -69.23 5.14 6.01
N ASP D 45 -68.75 4.36 6.98
CA ASP D 45 -68.97 2.93 6.95
C ASP D 45 -70.44 2.59 7.13
N LEU D 46 -70.98 1.82 6.19
CA LEU D 46 -72.36 1.34 6.25
C LEU D 46 -72.46 -0.17 6.12
N LYS D 47 -71.36 -0.86 5.80
CA LYS D 47 -71.40 -2.30 5.57
C LYS D 47 -71.62 -3.11 6.83
N ASN D 48 -71.44 -2.52 8.01
CA ASN D 48 -71.63 -3.24 9.25
C ASN D 48 -73.07 -3.23 9.74
N LYS D 49 -73.97 -2.56 9.00
CA LYS D 49 -75.37 -2.44 9.40
C LYS D 49 -76.28 -3.39 8.65
N PHE D 50 -75.73 -4.28 7.85
CA PHE D 50 -76.51 -5.26 7.10
C PHE D 50 -75.86 -6.62 7.27
N ARG D 51 -76.59 -7.55 7.87
CA ARG D 51 -76.02 -8.82 8.31
C ARG D 51 -76.13 -9.87 7.19
N GLN D 52 -75.04 -10.59 6.98
CA GLN D 52 -75.03 -11.78 6.16
C GLN D 52 -74.26 -12.86 6.91
N THR D 53 -74.72 -14.09 6.81
CA THR D 53 -74.22 -15.20 7.62
C THR D 53 -73.60 -16.26 6.73
N VAL D 54 -72.42 -16.72 7.12
CA VAL D 54 -71.75 -17.82 6.42
C VAL D 54 -72.36 -19.14 6.88
N VAL D 55 -72.83 -19.94 5.94
CA VAL D 55 -73.59 -21.14 6.22
C VAL D 55 -72.72 -22.36 5.97
N ALA D 56 -72.83 -23.35 6.86
CA ALA D 56 -72.05 -24.56 6.76
C ALA D 56 -72.53 -25.41 5.57
N PRO D 57 -71.65 -26.29 5.06
CA PRO D 57 -72.04 -27.11 3.90
C PRO D 57 -73.25 -28.02 4.13
N THR D 58 -73.54 -28.34 5.40
CA THR D 58 -74.74 -29.03 5.88
C THR D 58 -75.04 -30.34 5.18
N ARG D 59 -74.12 -30.82 4.33
CA ARG D 59 -74.35 -32.08 3.64
C ARG D 59 -73.08 -32.51 2.94
N ASN D 60 -72.84 -33.82 2.91
CA ASN D 60 -71.89 -34.45 2.01
C ASN D 60 -70.46 -34.07 2.39
N VAL D 61 -70.22 -33.79 3.68
CA VAL D 61 -68.90 -33.38 4.14
C VAL D 61 -68.42 -34.15 5.37
N THR D 62 -69.31 -34.84 6.09
CA THR D 62 -68.90 -35.53 7.31
C THR D 62 -69.76 -36.77 7.48
N THR D 63 -69.13 -37.86 7.89
CA THR D 63 -69.84 -39.12 8.09
C THR D 63 -70.84 -39.02 9.24
N GLU D 64 -71.90 -39.79 9.13
CA GLU D 64 -72.73 -40.16 10.27
C GLU D 64 -72.27 -41.46 10.90
N LYS D 65 -71.26 -42.11 10.32
CA LYS D 65 -70.75 -43.36 10.84
C LYS D 65 -70.07 -43.15 12.19
N ALA D 66 -70.08 -44.20 13.00
CA ALA D 66 -69.39 -44.18 14.29
C ALA D 66 -67.90 -44.37 14.03
N GLN D 67 -67.19 -43.26 13.85
CA GLN D 67 -65.78 -43.28 13.51
C GLN D 67 -64.98 -42.50 14.54
N ARG D 68 -63.83 -43.05 14.92
CA ARG D 68 -63.01 -42.43 15.96
C ARG D 68 -62.29 -41.20 15.41
N LEU D 69 -62.42 -40.09 16.14
CA LEU D 69 -61.78 -38.84 15.72
C LEU D 69 -60.27 -38.93 15.83
N GLN D 70 -59.78 -39.59 16.87
CA GLN D 70 -58.35 -39.60 17.19
C GLN D 70 -57.99 -40.99 17.68
N ILE D 71 -57.13 -41.68 16.94
CA ILE D 71 -56.86 -43.09 17.17
C ILE D 71 -55.48 -43.24 17.79
N ARG D 72 -55.39 -44.03 18.86
CA ARG D 72 -54.13 -44.32 19.53
C ARG D 72 -53.66 -45.71 19.11
N PHE D 73 -52.43 -45.79 18.61
CA PHE D 73 -51.84 -47.05 18.17
C PHE D 73 -50.75 -47.47 19.14
N TYR D 74 -50.86 -48.67 19.69
CA TYR D 74 -49.76 -49.27 20.42
C TYR D 74 -48.67 -49.71 19.47
N PRO D 75 -47.44 -49.86 19.95
CA PRO D 75 -46.43 -50.56 19.16
C PRO D 75 -46.72 -52.05 19.17
N ILE D 76 -46.70 -52.65 17.97
CA ILE D 76 -46.86 -54.09 17.89
C ILE D 76 -45.57 -54.80 18.28
N GLN D 77 -44.44 -54.09 18.30
CA GLN D 77 -43.13 -54.71 18.45
C GLN D 77 -42.12 -53.61 18.72
N THR D 78 -41.27 -53.76 19.75
CA THR D 78 -40.55 -52.62 20.29
C THR D 78 -39.03 -52.66 20.09
N ASP D 79 -38.32 -53.67 20.59
CA ASP D 79 -36.86 -53.70 20.58
C ASP D 79 -36.26 -52.50 21.33
N ASP D 80 -36.49 -52.49 22.64
CA ASP D 80 -35.79 -51.54 23.50
C ASP D 80 -34.30 -51.87 23.52
N THR D 81 -33.46 -50.85 23.33
CA THR D 81 -32.02 -50.99 23.40
C THR D 81 -31.43 -49.84 24.20
N SER D 82 -30.11 -49.86 24.37
CA SER D 82 -29.44 -48.87 25.20
C SER D 82 -29.34 -47.52 24.52
N THR D 83 -28.99 -47.49 23.23
CA THR D 83 -28.83 -46.24 22.51
C THR D 83 -30.10 -45.80 21.79
N GLY D 84 -30.98 -46.73 21.46
CA GLY D 84 -32.23 -46.40 20.80
C GLY D 84 -33.38 -47.20 21.37
N TYR D 85 -34.59 -46.65 21.19
CA TYR D 85 -35.82 -47.31 21.59
C TYR D 85 -36.72 -47.39 20.37
N ARG D 86 -36.56 -48.43 19.58
CA ARG D 86 -37.37 -48.60 18.39
C ARG D 86 -38.82 -48.85 18.77
N VAL D 87 -39.73 -48.46 17.87
CA VAL D 87 -41.15 -48.74 18.00
C VAL D 87 -41.70 -49.01 16.60
N ARG D 88 -42.52 -50.06 16.47
CA ARG D 88 -43.14 -50.43 15.21
C ARG D 88 -44.66 -50.41 15.36
N TYR D 89 -45.32 -49.69 14.46
CA TYR D 89 -46.76 -49.54 14.50
C TYR D 89 -47.39 -50.13 13.24
N ASN D 90 -48.70 -50.36 13.33
CA ASN D 90 -49.51 -50.88 12.23
C ASN D 90 -50.66 -49.92 12.01
N ILE D 91 -50.44 -48.89 11.20
CA ILE D 91 -51.45 -47.89 10.93
C ILE D 91 -52.44 -48.49 9.93
N ASN D 92 -53.57 -48.98 10.43
CA ASN D 92 -54.61 -49.54 9.57
C ASN D 92 -55.57 -48.43 9.19
N VAL D 93 -55.54 -48.02 7.93
CA VAL D 93 -56.42 -47.00 7.41
C VAL D 93 -57.49 -47.72 6.60
N GLY D 94 -58.66 -47.94 7.19
CA GLY D 94 -59.73 -48.62 6.50
C GLY D 94 -60.28 -47.80 5.36
N ASP D 95 -61.07 -48.44 4.52
CA ASP D 95 -61.67 -47.73 3.40
C ASP D 95 -62.62 -46.64 3.90
N GLY D 96 -62.70 -45.56 3.13
CA GLY D 96 -63.44 -44.38 3.57
C GLY D 96 -62.67 -43.47 4.50
N TRP D 97 -61.45 -43.83 4.87
CA TRP D 97 -60.63 -43.03 5.77
C TRP D 97 -59.53 -42.31 5.01
N VAL D 98 -59.10 -41.18 5.55
CA VAL D 98 -58.00 -40.40 4.99
C VAL D 98 -57.16 -39.91 6.16
N LEU D 99 -55.86 -40.22 6.14
CA LEU D 99 -54.96 -39.87 7.22
C LEU D 99 -53.86 -38.96 6.71
N ASP D 100 -53.66 -37.84 7.40
CA ASP D 100 -52.55 -36.93 7.14
C ASP D 100 -51.48 -37.16 8.21
N MET D 101 -50.28 -37.52 7.77
CA MET D 101 -49.19 -37.74 8.72
C MET D 101 -48.74 -36.48 9.43
N GLY D 102 -49.20 -35.30 8.97
CA GLY D 102 -48.98 -34.10 9.77
C GLY D 102 -49.64 -34.19 11.13
N SER D 103 -50.78 -34.89 11.21
CA SER D 103 -51.46 -35.12 12.48
C SER D 103 -50.85 -36.27 13.27
N THR D 104 -50.01 -37.09 12.65
CA THR D 104 -49.43 -38.24 13.33
C THR D 104 -48.19 -37.81 14.12
N TYR D 105 -48.16 -38.18 15.40
CA TYR D 105 -47.03 -37.89 16.26
C TYR D 105 -46.83 -39.05 17.22
N PHE D 106 -45.74 -38.98 17.98
CA PHE D 106 -45.37 -40.03 18.92
C PHE D 106 -45.68 -39.58 20.34
N ASP D 107 -46.63 -40.24 20.99
CA ASP D 107 -46.97 -39.96 22.38
C ASP D 107 -46.02 -40.76 23.26
N ILE D 108 -45.01 -40.08 23.81
CA ILE D 108 -43.88 -40.73 24.48
C ILE D 108 -43.92 -40.36 25.95
N LYS D 109 -43.89 -41.37 26.82
CA LYS D 109 -43.81 -41.16 28.25
C LYS D 109 -42.81 -42.15 28.86
N GLY D 110 -42.14 -41.73 29.91
CA GLY D 110 -41.19 -42.58 30.59
C GLY D 110 -40.63 -41.93 31.85
N ILE D 111 -39.43 -42.33 32.24
CA ILE D 111 -38.74 -41.76 33.39
C ILE D 111 -37.46 -41.10 32.90
N LEU D 112 -37.27 -39.84 33.28
CA LEU D 112 -36.10 -39.07 32.88
C LEU D 112 -35.28 -38.71 34.10
N ASP D 113 -33.97 -38.87 34.01
CA ASP D 113 -33.03 -38.43 35.03
C ASP D 113 -32.14 -37.36 34.42
N ARG D 114 -32.21 -36.15 34.95
CA ARG D 114 -31.45 -35.04 34.42
C ARG D 114 -30.10 -34.88 35.10
N GLY D 115 -29.74 -35.79 36.01
CA GLY D 115 -28.41 -35.83 36.57
C GLY D 115 -28.21 -34.80 37.66
N PRO D 116 -27.17 -35.00 38.47
CA PRO D 116 -26.84 -34.00 39.50
C PRO D 116 -26.44 -32.66 38.92
N SER D 117 -26.00 -32.61 37.66
CA SER D 117 -25.59 -31.38 37.01
C SER D 117 -26.80 -30.62 36.47
N PHE D 118 -27.74 -30.32 37.37
CA PHE D 118 -29.00 -29.72 36.95
C PHE D 118 -29.48 -28.80 38.07
N LYS D 119 -29.26 -27.50 37.89
CA LYS D 119 -29.80 -26.50 38.79
C LYS D 119 -30.88 -25.69 38.08
N PRO D 120 -32.14 -25.83 38.43
CA PRO D 120 -33.19 -25.12 37.69
C PRO D 120 -33.28 -23.66 38.04
N TYR D 121 -32.27 -23.13 38.75
CA TYR D 121 -32.39 -21.80 39.33
C TYR D 121 -31.00 -21.26 39.63
N CYS D 122 -30.84 -19.96 39.42
CA CYS D 122 -29.61 -19.27 39.79
C CYS D 122 -29.61 -18.99 41.29
N GLY D 123 -28.47 -19.20 41.92
CA GLY D 123 -28.37 -19.03 43.36
C GLY D 123 -28.77 -20.28 44.11
N THR D 124 -28.92 -20.13 45.42
CA THR D 124 -29.24 -21.23 46.30
C THR D 124 -30.63 -21.04 46.91
N ALA D 125 -31.04 -22.02 47.71
CA ALA D 125 -32.32 -21.99 48.39
C ALA D 125 -32.20 -22.15 49.90
N TYR D 126 -30.99 -22.35 50.41
CA TYR D 126 -30.75 -22.57 51.83
C TYR D 126 -29.95 -21.39 52.37
N ASN D 127 -30.55 -20.64 53.28
CA ASN D 127 -30.02 -19.35 53.72
C ASN D 127 -29.56 -18.48 52.56
N PRO D 128 -30.44 -18.22 51.57
CA PRO D 128 -30.01 -17.39 50.43
C PRO D 128 -29.61 -15.98 50.82
N LEU D 129 -30.25 -15.40 51.84
CA LEU D 129 -29.92 -14.05 52.28
C LEU D 129 -28.67 -14.00 53.13
N ALA D 130 -28.15 -15.15 53.55
CA ALA D 130 -26.94 -15.15 54.36
C ALA D 130 -25.76 -14.61 53.55
N PRO D 131 -24.91 -13.79 54.16
CA PRO D 131 -23.66 -13.42 53.49
C PRO D 131 -22.83 -14.65 53.19
N LYS D 132 -22.12 -14.60 52.06
CA LYS D 132 -21.44 -15.79 51.55
C LYS D 132 -20.45 -16.35 52.57
N GLU D 133 -19.74 -15.48 53.28
CA GLU D 133 -18.73 -15.89 54.23
C GLU D 133 -19.24 -15.97 55.66
N SER D 134 -20.56 -16.10 55.84
CA SER D 134 -21.13 -16.21 57.18
C SER D 134 -20.97 -17.63 57.71
N MET D 135 -21.15 -17.76 59.03
CA MET D 135 -21.09 -19.05 59.70
C MET D 135 -22.25 -19.19 60.65
N PHE D 136 -22.72 -20.42 60.83
CA PHE D 136 -24.00 -20.71 61.48
C PHE D 136 -23.82 -21.10 62.95
N ASN D 137 -23.35 -20.12 63.74
CA ASN D 137 -23.30 -20.26 65.21
C ASN D 137 -22.47 -21.49 65.62
N ASN D 138 -21.18 -21.38 65.34
CA ASN D 138 -20.31 -22.54 65.33
C ASN D 138 -20.10 -23.10 66.75
N TRP D 139 -19.68 -24.36 66.80
CA TRP D 139 -19.23 -24.98 68.04
C TRP D 139 -18.26 -26.10 67.65
N SER D 140 -16.97 -25.81 67.71
CA SER D 140 -15.93 -26.76 67.33
C SER D 140 -15.18 -27.20 68.57
N GLU D 141 -15.13 -28.52 68.81
CA GLU D 141 -14.48 -29.07 69.99
C GLU D 141 -13.81 -30.38 69.63
N THR D 142 -12.80 -30.73 70.41
CA THR D 142 -12.13 -32.03 70.23
C THR D 142 -12.91 -33.16 70.91
N ALA D 143 -13.63 -32.85 71.98
CA ALA D 143 -14.46 -33.81 72.68
C ALA D 143 -15.51 -33.04 73.45
N PRO D 144 -16.64 -33.67 73.79
CA PRO D 144 -17.69 -32.95 74.53
C PRO D 144 -17.18 -32.47 75.88
N GLY D 145 -17.14 -31.15 76.05
CA GLY D 145 -16.64 -30.54 77.26
C GLY D 145 -15.15 -30.27 77.27
N GLN D 146 -14.43 -30.69 76.24
CA GLN D 146 -12.99 -30.47 76.15
C GLN D 146 -12.72 -29.16 75.42
N ASN D 147 -11.48 -28.97 74.97
CA ASN D 147 -11.07 -27.74 74.30
C ASN D 147 -12.01 -27.41 73.14
N VAL D 148 -12.73 -26.30 73.26
CA VAL D 148 -13.83 -25.98 72.36
C VAL D 148 -13.66 -24.55 71.84
N SER D 149 -13.93 -24.37 70.55
CA SER D 149 -14.01 -23.07 69.92
C SER D 149 -15.42 -22.90 69.34
N ALA D 150 -16.08 -21.81 69.70
CA ALA D 150 -17.47 -21.63 69.30
C ALA D 150 -17.76 -20.15 69.12
N SER D 151 -18.32 -19.80 67.97
CA SER D 151 -18.71 -18.43 67.66
C SER D 151 -20.15 -18.43 67.17
N GLY D 152 -20.97 -17.56 67.73
CA GLY D 152 -22.37 -17.50 67.35
C GLY D 152 -23.05 -16.32 68.00
N GLN D 153 -24.31 -16.12 67.58
CA GLN D 153 -25.15 -15.08 68.16
C GLN D 153 -26.05 -15.71 69.22
N LEU D 154 -26.15 -15.05 70.37
CA LEU D 154 -26.97 -15.50 71.48
C LEU D 154 -28.15 -14.55 71.58
N SER D 155 -29.25 -14.91 70.91
CA SER D 155 -30.36 -14.00 70.68
C SER D 155 -31.46 -14.11 71.74
N ASN D 156 -31.94 -15.33 71.99
CA ASN D 156 -33.10 -15.50 72.85
C ASN D 156 -32.80 -15.06 74.28
N VAL D 157 -33.77 -14.40 74.89
CA VAL D 157 -33.66 -13.89 76.25
C VAL D 157 -34.84 -14.39 77.07
N TYR D 158 -34.66 -14.43 78.39
CA TYR D 158 -35.71 -14.94 79.26
C TYR D 158 -35.85 -14.15 80.57
N THR D 159 -35.23 -12.97 80.66
CA THR D 159 -35.38 -12.08 81.82
C THR D 159 -35.13 -12.82 83.13
N ASN D 160 -33.91 -13.30 83.29
CA ASN D 160 -33.55 -14.06 84.49
C ASN D 160 -33.14 -13.14 85.62
N THR D 161 -33.27 -13.65 86.84
CA THR D 161 -32.60 -13.09 88.00
C THR D 161 -31.38 -13.97 88.30
N SER D 162 -30.21 -13.35 88.32
CA SER D 162 -28.96 -14.09 88.43
C SER D 162 -28.74 -14.50 89.89
N THR D 163 -27.54 -14.98 90.18
CA THR D 163 -27.14 -15.49 91.50
C THR D 163 -27.90 -16.75 91.90
N THR D 164 -28.71 -17.30 91.00
CA THR D 164 -29.45 -18.52 91.28
C THR D 164 -29.71 -19.24 89.97
N LYS D 165 -29.87 -20.56 90.07
CA LYS D 165 -30.04 -21.41 88.90
C LYS D 165 -31.49 -21.53 88.44
N ASP D 166 -32.45 -21.06 89.24
CA ASP D 166 -33.86 -21.36 88.97
C ASP D 166 -34.27 -20.85 87.60
N THR D 167 -34.04 -19.58 87.32
CA THR D 167 -34.45 -19.01 86.03
C THR D 167 -33.67 -19.60 84.87
N THR D 168 -32.41 -19.97 85.10
CA THR D 168 -31.61 -20.54 84.01
C THR D 168 -31.88 -22.03 83.85
N ALA D 169 -32.07 -22.76 84.95
CA ALA D 169 -32.41 -24.17 84.84
C ALA D 169 -33.79 -24.38 84.22
N ALA D 170 -34.72 -23.45 84.49
CA ALA D 170 -36.03 -23.56 83.86
C ALA D 170 -35.95 -23.49 82.34
N GLN D 171 -34.96 -22.76 81.82
CA GLN D 171 -34.76 -22.72 80.37
C GLN D 171 -33.91 -23.88 79.88
N VAL D 172 -32.96 -24.33 80.70
CA VAL D 172 -32.13 -25.48 80.32
C VAL D 172 -33.01 -26.72 80.17
N THR D 173 -34.02 -26.87 81.02
CA THR D 173 -34.95 -27.98 80.87
C THR D 173 -35.69 -27.94 79.54
N LYS D 174 -35.77 -26.77 78.90
CA LYS D 174 -36.34 -26.67 77.56
C LYS D 174 -35.29 -26.74 76.46
N ILE D 175 -34.02 -26.50 76.78
CA ILE D 175 -32.97 -26.50 75.77
C ILE D 175 -32.91 -27.83 75.03
N SER D 176 -33.23 -28.93 75.71
CA SER D 176 -33.08 -30.25 75.11
C SER D 176 -34.00 -30.45 73.90
N GLY D 177 -35.00 -29.60 73.73
CA GLY D 177 -35.93 -29.71 72.62
C GLY D 177 -35.62 -28.77 71.49
N VAL D 178 -36.68 -28.29 70.82
CA VAL D 178 -36.57 -27.30 69.76
C VAL D 178 -36.57 -25.88 70.31
N PHE D 179 -36.66 -25.74 71.64
CA PHE D 179 -36.94 -24.45 72.26
C PHE D 179 -36.04 -23.31 71.84
N PRO D 180 -34.71 -23.46 71.71
CA PRO D 180 -33.90 -22.31 71.26
C PRO D 180 -34.38 -21.71 69.96
N ASN D 181 -34.83 -22.54 69.01
CA ASN D 181 -35.54 -22.08 67.82
C ASN D 181 -34.77 -20.97 67.11
N PRO D 182 -33.71 -21.30 66.38
CA PRO D 182 -32.83 -20.27 65.80
C PRO D 182 -33.55 -19.18 65.02
N ASN D 183 -34.78 -19.43 64.58
CA ASN D 183 -35.55 -18.38 63.90
C ASN D 183 -35.82 -17.22 64.84
N GLN D 184 -36.22 -17.50 66.08
CA GLN D 184 -36.63 -16.46 67.00
C GLN D 184 -35.42 -15.84 67.68
N GLY D 185 -35.35 -14.51 67.64
CA GLY D 185 -34.26 -13.78 68.25
C GLY D 185 -34.69 -13.08 69.52
N PRO D 186 -34.09 -11.92 69.79
CA PRO D 186 -34.43 -11.19 71.03
C PRO D 186 -35.90 -10.82 71.11
N GLY D 187 -36.52 -10.46 69.99
CA GLY D 187 -37.92 -10.06 70.01
C GLY D 187 -38.18 -8.70 70.58
N ILE D 188 -37.15 -7.89 70.79
CA ILE D 188 -37.25 -6.57 71.39
C ILE D 188 -36.78 -5.55 70.37
N ASN D 189 -37.66 -4.60 70.04
CA ASN D 189 -37.32 -3.63 69.00
C ASN D 189 -36.36 -2.57 69.55
N PRO D 190 -36.69 -1.89 70.67
CA PRO D 190 -35.69 -1.00 71.28
C PRO D 190 -34.71 -1.81 72.10
N LEU D 191 -33.49 -1.94 71.58
CA LEU D 191 -32.43 -2.59 72.35
C LEU D 191 -31.88 -1.68 73.43
N ARG D 192 -32.27 -0.41 73.45
CA ARG D 192 -31.81 0.54 74.45
C ARG D 192 -32.47 0.35 75.80
N GLN D 193 -33.58 -0.39 75.87
CA GLN D 193 -34.29 -0.61 77.12
C GLN D 193 -33.85 -1.88 77.84
N VAL D 194 -32.85 -2.58 77.30
CA VAL D 194 -32.41 -3.85 77.89
C VAL D 194 -31.60 -3.55 79.15
N GLU D 195 -31.91 -4.26 80.22
CA GLU D 195 -31.11 -4.22 81.44
C GLU D 195 -30.13 -5.39 81.41
N ASN D 196 -28.85 -5.08 81.50
CA ASN D 196 -27.80 -6.07 81.22
C ASN D 196 -27.79 -7.22 82.21
N ALA D 197 -28.35 -7.04 83.40
CA ALA D 197 -28.30 -8.06 84.44
C ALA D 197 -29.58 -8.87 84.56
N ASN D 198 -30.69 -8.40 84.00
CA ASN D 198 -31.99 -9.04 84.13
C ASN D 198 -32.57 -9.36 82.77
N THR D 199 -31.76 -9.94 81.89
CA THR D 199 -32.20 -10.28 80.55
C THR D 199 -31.98 -11.73 80.18
N GLY D 200 -30.91 -12.35 80.65
CA GLY D 200 -30.62 -13.73 80.32
C GLY D 200 -30.01 -13.87 78.94
N VAL D 201 -29.51 -15.08 78.67
CA VAL D 201 -28.85 -15.40 77.41
C VAL D 201 -29.26 -16.80 76.98
N LEU D 202 -29.61 -16.96 75.70
CA LEU D 202 -29.89 -18.26 75.14
C LEU D 202 -29.37 -18.32 73.71
N GLY D 203 -29.08 -19.53 73.25
CA GLY D 203 -28.57 -19.70 71.90
C GLY D 203 -28.52 -21.16 71.53
N ARG D 204 -28.34 -21.40 70.23
CA ARG D 204 -28.30 -22.74 69.67
C ARG D 204 -27.11 -22.81 68.74
N PHE D 205 -26.16 -23.69 69.02
CA PHE D 205 -24.92 -23.78 68.27
C PHE D 205 -24.79 -25.14 67.60
N ALA D 206 -24.17 -25.14 66.43
CA ALA D 206 -24.05 -26.34 65.61
C ALA D 206 -22.61 -26.80 65.57
N LYS D 207 -22.39 -28.09 65.74
CA LYS D 207 -21.07 -28.69 65.79
C LYS D 207 -20.85 -29.46 64.49
N SER D 208 -20.14 -28.85 63.55
CA SER D 208 -19.93 -29.49 62.27
C SER D 208 -18.70 -28.90 61.58
N GLN D 209 -18.15 -29.68 60.66
CA GLN D 209 -17.12 -29.21 59.73
C GLN D 209 -17.77 -28.35 58.65
N TYR D 210 -16.94 -27.59 57.94
CA TYR D 210 -17.38 -26.73 56.85
C TYR D 210 -18.41 -25.70 57.34
N ASN D 211 -17.91 -24.82 58.20
CA ASN D 211 -18.69 -23.77 58.82
C ASN D 211 -19.05 -22.74 57.76
N TYR D 212 -20.26 -22.83 57.20
CA TYR D 212 -20.74 -21.85 56.24
C TYR D 212 -22.24 -21.71 56.40
N ALA D 213 -22.72 -20.50 56.63
CA ALA D 213 -24.15 -20.28 56.75
C ALA D 213 -24.83 -20.29 55.38
N TYR D 214 -24.15 -19.81 54.35
CA TYR D 214 -24.74 -19.73 53.02
C TYR D 214 -24.82 -21.12 52.42
N GLY D 215 -26.02 -21.53 52.01
CA GLY D 215 -26.23 -22.84 51.44
C GLY D 215 -26.24 -23.97 52.43
N ALA D 216 -26.29 -23.68 53.73
CA ALA D 216 -26.23 -24.73 54.74
C ALA D 216 -27.56 -25.45 54.82
N TYR D 217 -27.55 -26.76 54.59
CA TYR D 217 -28.75 -27.58 54.64
C TYR D 217 -28.52 -28.77 55.56
N VAL D 218 -29.38 -28.90 56.56
CA VAL D 218 -29.42 -30.07 57.43
C VAL D 218 -30.84 -30.63 57.39
N LYS D 219 -30.98 -31.83 56.86
CA LYS D 219 -32.31 -32.39 56.66
C LYS D 219 -33.01 -32.58 58.00
N PRO D 220 -34.31 -32.36 58.07
CA PRO D 220 -35.03 -32.55 59.32
C PRO D 220 -35.07 -34.02 59.71
N VAL D 221 -35.15 -34.26 61.02
CA VAL D 221 -35.32 -35.61 61.53
C VAL D 221 -36.60 -35.79 62.32
N ALA D 222 -37.26 -34.70 62.73
CA ALA D 222 -38.56 -34.76 63.35
C ALA D 222 -39.54 -33.91 62.55
N ALA D 223 -40.82 -33.99 62.93
CA ALA D 223 -41.87 -33.35 62.15
C ALA D 223 -41.98 -31.85 62.40
N ASP D 224 -41.25 -31.30 63.38
CA ASP D 224 -41.30 -29.87 63.71
C ASP D 224 -39.88 -29.33 63.77
N GLY D 225 -39.38 -28.92 62.61
CA GLY D 225 -37.99 -28.49 62.53
C GLY D 225 -37.09 -29.61 63.04
N SER D 226 -36.41 -29.35 64.15
CA SER D 226 -35.75 -30.38 64.94
C SER D 226 -34.77 -31.19 64.08
N GLN D 227 -33.72 -30.50 63.65
CA GLN D 227 -32.72 -31.13 62.80
C GLN D 227 -31.92 -32.22 63.50
N SER D 228 -32.03 -32.34 64.82
CA SER D 228 -31.32 -33.38 65.54
C SER D 228 -32.16 -33.81 66.75
N LEU D 229 -31.96 -35.05 67.18
CA LEU D 229 -32.60 -35.55 68.39
C LEU D 229 -31.83 -35.18 69.65
N THR D 230 -30.50 -35.18 69.60
CA THR D 230 -29.66 -34.98 70.77
C THR D 230 -29.20 -33.53 70.84
N GLN D 231 -29.46 -32.88 71.96
CA GLN D 231 -28.98 -31.52 72.22
C GLN D 231 -28.22 -31.54 73.53
N THR D 232 -26.89 -31.42 73.46
CA THR D 232 -26.07 -31.34 74.66
C THR D 232 -25.98 -29.89 75.11
N PRO D 233 -26.50 -29.54 76.28
CA PRO D 233 -26.53 -28.14 76.70
C PRO D 233 -25.31 -27.74 77.53
N TYR D 234 -25.00 -26.45 77.49
CA TYR D 234 -23.92 -25.85 78.25
C TYR D 234 -24.41 -24.58 78.92
N TRP D 235 -23.88 -24.30 80.10
CA TRP D 235 -24.29 -23.14 80.88
C TRP D 235 -23.33 -21.98 80.63
N ILE D 236 -23.90 -20.78 80.48
CA ILE D 236 -23.12 -19.57 80.25
C ILE D 236 -23.13 -18.75 81.54
N MET D 237 -21.94 -18.56 82.11
CA MET D 237 -21.73 -17.66 83.23
C MET D 237 -20.41 -16.93 83.04
N ASN D 238 -20.21 -15.89 83.84
CA ASN D 238 -19.02 -15.06 83.71
C ASN D 238 -17.82 -15.80 84.33
N ASN D 239 -16.71 -15.09 84.53
CA ASN D 239 -15.48 -15.73 84.97
C ASN D 239 -15.68 -16.48 86.29
N ALA D 240 -16.53 -15.96 87.17
CA ALA D 240 -16.93 -16.69 88.36
C ALA D 240 -18.13 -17.57 88.04
N GLY D 241 -18.24 -18.68 88.75
CA GLY D 241 -19.37 -19.57 88.55
C GLY D 241 -20.63 -19.19 89.30
N THR D 242 -20.55 -18.17 90.15
CA THR D 242 -21.68 -17.82 91.00
C THR D 242 -22.79 -17.08 90.25
N GLU D 243 -22.44 -16.30 89.22
CA GLU D 243 -23.38 -15.45 88.51
C GLU D 243 -23.83 -16.15 87.25
N TYR D 244 -25.07 -16.61 87.22
CA TYR D 244 -25.63 -17.23 86.02
C TYR D 244 -25.96 -16.17 84.99
N LEU D 245 -25.56 -16.41 83.74
CA LEU D 245 -25.87 -15.51 82.64
C LEU D 245 -26.78 -16.14 81.60
N GLY D 246 -26.48 -17.36 81.15
CA GLY D 246 -27.30 -17.96 80.12
C GLY D 246 -27.00 -19.43 79.94
N ALA D 247 -27.54 -19.97 78.84
CA ALA D 247 -27.39 -21.38 78.50
C ALA D 247 -27.09 -21.51 77.02
N VAL D 248 -26.80 -22.74 76.59
CA VAL D 248 -26.42 -23.04 75.22
C VAL D 248 -27.07 -24.34 74.79
N ALA D 249 -27.50 -24.40 73.54
CA ALA D 249 -27.89 -25.64 72.89
C ALA D 249 -26.85 -26.00 71.83
N VAL D 250 -26.37 -27.23 71.85
CA VAL D 250 -25.36 -27.70 70.92
C VAL D 250 -25.91 -28.94 70.21
N GLU D 251 -25.79 -28.96 68.88
CA GLU D 251 -26.20 -30.09 68.07
C GLU D 251 -25.05 -30.51 67.17
N ASP D 252 -24.96 -31.81 66.91
CA ASP D 252 -23.86 -32.37 66.13
C ASP D 252 -24.34 -32.55 64.69
N TYR D 253 -23.80 -31.73 63.79
CA TYR D 253 -24.09 -31.82 62.37
C TYR D 253 -22.89 -32.31 61.57
N THR D 254 -22.02 -33.10 62.20
CA THR D 254 -20.79 -33.53 61.54
C THR D 254 -21.13 -34.38 60.31
N ASN D 255 -22.12 -35.25 60.41
CA ASN D 255 -22.51 -36.11 59.30
C ASN D 255 -23.86 -35.74 58.68
N SER D 256 -24.73 -35.07 59.43
CA SER D 256 -26.07 -34.76 58.96
C SER D 256 -26.14 -33.47 58.16
N LEU D 257 -25.04 -32.73 58.05
CA LEU D 257 -25.02 -31.46 57.35
C LEU D 257 -24.48 -31.63 55.94
N SER D 258 -25.14 -30.97 54.99
CA SER D 258 -24.77 -31.04 53.59
C SER D 258 -24.90 -29.67 52.97
N TYR D 259 -24.27 -29.51 51.80
CA TYR D 259 -24.31 -28.26 51.04
C TYR D 259 -24.76 -28.55 49.62
N PRO D 260 -26.04 -28.86 49.42
CA PRO D 260 -26.56 -28.97 48.06
C PRO D 260 -26.62 -27.61 47.40
N ASP D 261 -26.59 -27.63 46.07
CA ASP D 261 -26.67 -26.46 45.19
C ASP D 261 -25.73 -25.33 45.59
N THR D 262 -24.67 -25.64 46.33
CA THR D 262 -23.66 -24.67 46.70
C THR D 262 -22.29 -25.35 46.71
N MET D 263 -21.25 -24.56 46.50
CA MET D 263 -19.88 -25.04 46.55
C MET D 263 -19.04 -24.05 47.33
N ILE D 264 -18.02 -24.57 48.01
CA ILE D 264 -17.08 -23.73 48.72
C ILE D 264 -16.06 -23.16 47.73
N VAL D 265 -15.85 -21.85 47.81
CA VAL D 265 -14.80 -21.20 47.02
C VAL D 265 -13.65 -20.89 47.97
N PRO D 266 -12.70 -21.79 48.15
CA PRO D 266 -11.64 -21.58 49.13
C PRO D 266 -10.64 -20.55 48.65
N PRO D 267 -9.93 -19.91 49.56
CA PRO D 267 -8.90 -18.94 49.17
C PRO D 267 -7.69 -19.65 48.60
N PRO D 268 -6.72 -18.91 48.05
CA PRO D 268 -5.50 -19.55 47.56
C PRO D 268 -4.81 -20.35 48.67
N GLU D 269 -4.09 -21.40 48.27
CA GLU D 269 -3.53 -22.35 49.22
C GLU D 269 -2.61 -21.67 50.23
N ASP D 270 -1.99 -20.55 49.86
CA ASP D 270 -1.20 -19.80 50.84
C ASP D 270 -2.08 -19.27 51.96
N TYR D 271 -3.36 -19.04 51.68
CA TYR D 271 -4.32 -18.56 52.66
C TYR D 271 -5.34 -19.63 53.03
N ASP D 272 -5.06 -20.90 52.72
CA ASP D 272 -6.00 -21.97 53.01
C ASP D 272 -6.27 -22.08 54.51
N ASP D 273 -5.22 -22.01 55.32
CA ASP D 273 -5.39 -21.95 56.75
C ASP D 273 -5.84 -20.55 57.17
N TYR D 274 -6.36 -20.46 58.39
CA TYR D 274 -6.87 -19.20 58.98
C TYR D 274 -7.74 -18.41 58.00
N ASN D 275 -8.43 -19.11 57.09
CA ASN D 275 -9.34 -18.46 56.15
C ASN D 275 -10.19 -19.55 55.51
N ILE D 276 -11.51 -19.38 55.57
CA ILE D 276 -12.42 -20.38 55.02
C ILE D 276 -13.05 -19.94 53.70
N GLY D 277 -12.69 -18.76 53.20
CA GLY D 277 -13.23 -18.32 51.93
C GLY D 277 -14.71 -18.01 52.01
N THR D 278 -15.40 -18.19 50.88
CA THR D 278 -16.83 -17.95 50.78
C THR D 278 -17.49 -19.15 50.11
N THR D 279 -18.81 -19.23 50.28
CA THR D 279 -19.61 -20.28 49.67
C THR D 279 -20.40 -19.69 48.50
N ARG D 280 -20.26 -20.30 47.34
CA ARG D 280 -20.94 -19.89 46.13
C ARG D 280 -21.93 -20.96 45.70
N ALA D 281 -23.11 -20.53 45.26
CA ALA D 281 -24.05 -21.47 44.67
C ALA D 281 -23.51 -22.00 43.35
N LEU D 282 -23.80 -23.28 43.08
CA LEU D 282 -23.33 -23.88 41.84
C LEU D 282 -23.96 -23.19 40.64
N ARG D 283 -23.31 -23.32 39.50
CA ARG D 283 -23.78 -22.65 38.30
C ARG D 283 -25.15 -23.19 37.90
N PRO D 284 -26.12 -22.34 37.59
CA PRO D 284 -27.42 -22.84 37.15
C PRO D 284 -27.30 -23.61 35.85
N ASN D 285 -28.05 -24.69 35.73
CA ASN D 285 -28.00 -25.55 34.56
C ASN D 285 -29.38 -26.13 34.31
N TYR D 286 -29.90 -25.90 33.11
CA TYR D 286 -31.21 -26.42 32.70
C TYR D 286 -31.00 -27.55 31.71
N ILE D 287 -31.59 -28.71 32.00
CA ILE D 287 -31.30 -29.92 31.24
C ILE D 287 -32.59 -30.37 30.53
N GLY D 288 -33.41 -29.42 30.13
CA GLY D 288 -34.63 -29.75 29.44
C GLY D 288 -34.39 -30.25 28.03
N PHE D 289 -35.46 -30.73 27.39
CA PHE D 289 -35.37 -31.23 26.03
C PHE D 289 -35.03 -30.09 25.07
N ARG D 290 -34.81 -30.46 23.82
CA ARG D 290 -34.39 -29.50 22.80
C ARG D 290 -35.60 -28.87 22.13
N ASP D 291 -35.34 -27.80 21.39
CA ASP D 291 -36.39 -27.14 20.62
C ASP D 291 -37.01 -28.15 19.65
N ASN D 292 -38.34 -28.14 19.57
CA ASN D 292 -39.08 -29.04 18.68
C ASN D 292 -38.65 -30.49 18.84
N PHE D 293 -38.16 -30.84 20.02
CA PHE D 293 -37.65 -32.19 20.31
C PHE D 293 -36.59 -32.62 19.29
N ILE D 294 -35.68 -31.71 18.97
CA ILE D 294 -34.57 -32.04 18.09
C ILE D 294 -33.71 -33.11 18.74
N ASN D 295 -33.19 -34.02 17.89
CA ASN D 295 -32.29 -35.09 18.32
C ASN D 295 -32.95 -36.00 19.34
N LEU D 296 -34.27 -36.17 19.20
CA LEU D 296 -35.02 -37.19 19.94
C LEU D 296 -35.49 -38.31 19.05
N LEU D 297 -35.65 -38.03 17.77
CA LEU D 297 -35.96 -39.02 16.75
C LEU D 297 -34.73 -39.25 15.90
N TYR D 298 -34.43 -40.51 15.58
CA TYR D 298 -33.24 -40.84 14.80
C TYR D 298 -33.48 -40.44 13.35
N HIS D 299 -33.30 -39.16 13.08
CA HIS D 299 -33.45 -38.64 11.74
C HIS D 299 -32.11 -38.63 11.02
N ASP D 300 -32.17 -38.81 9.71
CA ASP D 300 -31.05 -38.63 8.79
C ASP D 300 -29.95 -39.66 8.97
N SER D 301 -30.19 -40.68 9.79
CA SER D 301 -29.22 -41.75 10.03
C SER D 301 -29.71 -43.00 9.32
N GLY D 302 -29.01 -43.38 8.25
CA GLY D 302 -29.42 -44.55 7.49
C GLY D 302 -29.28 -45.85 8.26
N VAL D 303 -28.26 -45.95 9.11
CA VAL D 303 -28.02 -47.19 9.84
C VAL D 303 -29.16 -47.50 10.79
N CYS D 304 -29.76 -46.47 11.37
CA CYS D 304 -30.78 -46.62 12.40
C CYS D 304 -31.99 -45.77 12.03
N SER D 305 -32.45 -45.95 10.80
CA SER D 305 -33.52 -45.14 10.23
C SER D 305 -34.89 -45.75 10.51
N GLY D 306 -35.92 -44.93 10.33
CA GLY D 306 -37.29 -45.41 10.43
C GLY D 306 -37.77 -46.04 9.14
N THR D 307 -38.99 -46.56 9.19
CA THR D 307 -39.55 -47.31 8.07
C THR D 307 -41.05 -47.08 8.00
N LEU D 308 -41.51 -46.52 6.89
CA LEU D 308 -42.92 -46.47 6.56
C LEU D 308 -43.13 -47.21 5.25
N ASN D 309 -44.17 -48.03 5.19
CA ASN D 309 -44.47 -48.80 3.99
C ASN D 309 -45.89 -49.35 4.12
N SER D 310 -46.29 -50.14 3.14
CA SER D 310 -47.54 -50.88 3.23
C SER D 310 -47.26 -52.32 3.63
N GLU D 311 -48.28 -52.97 4.19
CA GLU D 311 -48.12 -54.37 4.58
C GLU D 311 -47.96 -55.26 3.35
N ARG D 312 -48.73 -55.00 2.30
CA ARG D 312 -48.67 -55.85 1.10
C ARG D 312 -47.29 -55.82 0.47
N SER D 313 -46.67 -54.65 0.42
CA SER D 313 -45.33 -54.48 -0.16
C SER D 313 -44.40 -54.00 0.95
N GLY D 314 -43.74 -54.95 1.60
CA GLY D 314 -42.88 -54.66 2.73
C GLY D 314 -41.70 -53.75 2.43
N MET D 315 -41.57 -53.33 1.18
CA MET D 315 -40.45 -52.49 0.79
C MET D 315 -40.57 -51.12 1.44
N ASN D 316 -39.53 -50.73 2.17
CA ASN D 316 -39.53 -49.43 2.84
C ASN D 316 -39.52 -48.31 1.81
N VAL D 317 -40.35 -47.30 2.04
CA VAL D 317 -40.43 -46.14 1.14
C VAL D 317 -39.84 -44.88 1.77
N VAL D 318 -39.28 -44.98 2.97
CA VAL D 318 -38.60 -43.87 3.62
C VAL D 318 -37.11 -44.19 3.57
N VAL D 319 -36.39 -43.55 2.65
CA VAL D 319 -34.95 -43.72 2.53
C VAL D 319 -34.28 -42.41 2.93
N GLU D 320 -33.39 -42.48 3.91
CA GLU D 320 -32.76 -41.31 4.49
C GLU D 320 -31.31 -41.22 4.05
N LEU D 321 -30.79 -39.99 4.04
CA LEU D 321 -29.43 -39.72 3.65
C LEU D 321 -28.70 -39.00 4.77
N PRO D 322 -27.39 -39.25 4.93
CA PRO D 322 -26.62 -38.49 5.93
C PRO D 322 -26.33 -37.06 5.52
N ASP D 323 -26.50 -36.73 4.25
CA ASP D 323 -26.10 -35.42 3.72
C ASP D 323 -27.24 -34.41 3.68
N ARG D 324 -28.44 -34.78 4.09
CA ARG D 324 -29.50 -33.80 4.32
C ARG D 324 -29.63 -33.56 5.82
N ASN D 325 -30.34 -32.48 6.17
CA ASN D 325 -30.51 -32.05 7.56
C ASN D 325 -32.01 -31.91 7.82
N THR D 326 -32.63 -32.99 8.29
CA THR D 326 -34.07 -32.97 8.53
C THR D 326 -34.44 -31.99 9.64
N GLU D 327 -33.69 -32.01 10.74
CA GLU D 327 -34.09 -31.21 11.90
C GLU D 327 -33.90 -29.72 11.63
N LEU D 328 -32.80 -29.34 10.99
CA LEU D 328 -32.63 -27.93 10.66
C LEU D 328 -33.59 -27.50 9.57
N SER D 329 -33.97 -28.41 8.67
CA SER D 329 -35.00 -28.08 7.69
C SER D 329 -36.32 -27.77 8.38
N TYR D 330 -36.69 -28.57 9.38
CA TYR D 330 -37.89 -28.25 10.14
C TYR D 330 -37.74 -26.93 10.90
N GLN D 331 -36.55 -26.67 11.43
CA GLN D 331 -36.32 -25.42 12.12
C GLN D 331 -36.57 -24.23 11.21
N TYR D 332 -36.00 -24.27 10.01
CA TYR D 332 -36.20 -23.18 9.05
C TYR D 332 -37.65 -23.08 8.62
N MET D 333 -38.29 -24.23 8.38
CA MET D 333 -39.69 -24.22 7.94
C MET D 333 -40.58 -23.58 9.00
N LEU D 334 -40.37 -23.92 10.27
CA LEU D 334 -41.19 -23.37 11.34
C LEU D 334 -40.87 -21.89 11.55
N ALA D 335 -39.60 -21.51 11.46
CA ALA D 335 -39.23 -20.12 11.67
C ALA D 335 -39.72 -19.23 10.54
N ASP D 336 -39.93 -19.80 9.35
CA ASP D 336 -40.53 -19.05 8.26
C ASP D 336 -42.04 -19.07 8.30
N MET D 337 -42.62 -20.12 8.86
CA MET D 337 -44.07 -20.24 8.91
C MET D 337 -44.67 -19.38 10.01
N MET D 338 -43.90 -19.06 11.05
CA MET D 338 -44.33 -18.10 12.06
C MET D 338 -43.09 -17.52 12.75
N SER D 339 -43.33 -16.54 13.60
CA SER D 339 -42.27 -16.01 14.44
C SER D 339 -41.87 -17.04 15.50
N ARG D 340 -40.63 -16.95 15.96
CA ARG D 340 -40.07 -17.93 16.87
C ARG D 340 -40.25 -17.56 18.34
N HIS D 341 -40.66 -16.33 18.65
CA HIS D 341 -40.87 -15.97 20.04
C HIS D 341 -42.12 -16.60 20.62
N HIS D 342 -42.98 -17.20 19.80
CA HIS D 342 -44.18 -17.87 20.27
C HIS D 342 -43.80 -19.20 20.91
N TYR D 343 -44.23 -19.40 22.15
CA TYR D 343 -43.96 -20.65 22.87
C TYR D 343 -45.16 -21.58 22.70
N PHE D 344 -44.96 -22.67 21.97
CA PHE D 344 -45.99 -23.69 21.77
C PHE D 344 -45.51 -24.95 22.48
N ALA D 345 -45.94 -25.12 23.73
CA ALA D 345 -45.37 -26.15 24.60
C ALA D 345 -45.65 -27.56 24.12
N LEU D 346 -46.61 -27.74 23.22
CA LEU D 346 -46.95 -29.09 22.77
C LEU D 346 -45.79 -29.73 22.03
N TRP D 347 -45.23 -29.04 21.05
CA TRP D 347 -44.08 -29.54 20.30
C TRP D 347 -42.76 -29.11 20.91
N ASN D 348 -42.75 -28.69 22.17
CA ASN D 348 -41.55 -28.12 22.79
C ASN D 348 -41.02 -26.96 21.95
N GLN D 349 -41.95 -26.19 21.39
CA GLN D 349 -41.62 -25.11 20.46
C GLN D 349 -41.20 -23.90 21.26
N ALA D 350 -39.92 -23.87 21.64
CA ALA D 350 -39.33 -22.75 22.36
C ALA D 350 -37.91 -22.58 21.82
N VAL D 351 -37.70 -21.55 21.02
CA VAL D 351 -36.42 -21.39 20.33
C VAL D 351 -35.35 -20.93 21.31
N ASP D 352 -34.13 -21.38 21.08
CA ASP D 352 -33.00 -20.94 21.89
C ASP D 352 -32.78 -19.44 21.72
N GLN D 353 -32.78 -18.71 22.83
CA GLN D 353 -32.79 -17.25 22.81
C GLN D 353 -31.81 -16.71 23.84
N TYR D 354 -30.58 -16.45 23.40
CA TYR D 354 -29.62 -15.76 24.24
C TYR D 354 -30.11 -14.35 24.55
N ASP D 355 -29.72 -13.84 25.71
CA ASP D 355 -30.11 -12.49 26.09
C ASP D 355 -29.36 -11.49 25.24
N PRO D 356 -30.04 -10.62 24.48
CA PRO D 356 -29.31 -9.64 23.64
C PRO D 356 -28.44 -8.69 24.44
N GLU D 357 -28.79 -8.43 25.71
CA GLU D 357 -27.96 -7.55 26.53
C GLU D 357 -26.69 -8.24 27.02
N VAL D 358 -26.66 -9.56 27.03
CA VAL D 358 -25.50 -10.31 27.52
C VAL D 358 -24.49 -10.54 26.42
N ARG D 359 -24.94 -11.00 25.25
CA ARG D 359 -24.02 -11.27 24.15
C ARG D 359 -23.31 -9.99 23.72
N VAL D 360 -24.06 -9.01 23.22
CA VAL D 360 -23.52 -7.72 22.82
C VAL D 360 -23.52 -6.85 24.07
N PHE D 361 -22.43 -6.91 24.82
CA PHE D 361 -22.34 -6.26 26.12
C PHE D 361 -22.27 -4.75 25.93
N SER D 362 -23.39 -4.07 26.19
CA SER D 362 -23.45 -2.61 26.09
C SER D 362 -23.11 -2.05 27.47
N ASN D 363 -21.84 -1.74 27.66
CA ASN D 363 -21.36 -1.23 28.95
C ASN D 363 -21.66 0.26 29.01
N ASP D 364 -22.84 0.59 29.53
CA ASP D 364 -23.27 1.97 29.71
C ASP D 364 -23.12 2.43 31.16
N GLY D 365 -22.20 1.81 31.91
CA GLY D 365 -22.02 2.20 33.29
C GLY D 365 -23.16 1.73 34.16
N TYR D 366 -23.58 2.60 35.07
CA TYR D 366 -24.64 2.29 36.03
C TYR D 366 -25.44 3.55 36.30
N GLU D 367 -26.66 3.37 36.78
CA GLU D 367 -27.55 4.51 37.03
C GLU D 367 -27.04 5.27 38.23
N GLU D 368 -26.26 6.32 37.98
CA GLU D 368 -25.70 7.15 39.05
C GLU D 368 -26.82 7.91 39.74
N GLY D 369 -27.17 7.48 40.95
CA GLY D 369 -28.17 8.15 41.75
C GLY D 369 -27.58 8.90 42.92
N ALA D 370 -28.47 9.30 43.83
CA ALA D 370 -28.03 9.96 45.04
C ALA D 370 -27.27 8.98 45.93
N PRO D 371 -26.38 9.47 46.79
CA PRO D 371 -25.71 8.58 47.75
C PRO D 371 -26.73 7.81 48.58
N SER D 372 -26.71 6.50 48.42
CA SER D 372 -27.69 5.62 49.06
C SER D 372 -27.03 4.85 50.19
N TYR D 373 -27.75 4.75 51.31
CA TYR D 373 -27.19 4.24 52.55
C TYR D 373 -28.07 3.14 53.12
N ALA D 374 -27.46 2.32 53.96
CA ALA D 374 -28.17 1.31 54.75
C ALA D 374 -28.08 1.72 56.21
N PHE D 375 -29.20 2.16 56.78
CA PHE D 375 -29.23 2.71 58.12
C PHE D 375 -29.54 1.61 59.13
N ASN D 376 -29.32 1.93 60.41
CA ASN D 376 -29.65 1.03 61.53
C ASN D 376 -31.07 0.51 61.42
N PRO D 377 -31.38 -0.66 61.97
CA PRO D 377 -32.80 -1.05 62.07
C PRO D 377 -33.62 -0.02 62.82
N GLU D 378 -33.06 0.56 63.88
CA GLU D 378 -33.62 1.72 64.54
C GLU D 378 -33.08 2.97 63.85
N ALA D 379 -33.33 4.13 64.43
CA ALA D 379 -32.79 5.38 63.91
C ALA D 379 -31.77 6.00 64.83
N VAL D 380 -31.40 5.31 65.91
CA VAL D 380 -30.50 5.84 66.93
C VAL D 380 -29.33 4.89 67.08
N GLY D 381 -28.12 5.40 67.01
CA GLY D 381 -26.95 4.56 67.14
C GLY D 381 -25.68 5.39 67.19
N ALA D 382 -24.59 4.72 67.52
CA ALA D 382 -23.27 5.33 67.64
C ALA D 382 -22.27 4.63 66.76
N GLY D 383 -22.70 4.21 65.56
CA GLY D 383 -21.80 3.58 64.62
C GLY D 383 -20.65 4.50 64.27
N GLU D 384 -19.43 4.07 64.57
CA GLU D 384 -18.25 4.94 64.49
C GLU D 384 -18.47 6.20 65.32
N GLY D 385 -18.57 6.00 66.62
CA GLY D 385 -19.05 7.04 67.51
C GLY D 385 -18.10 8.18 67.72
N TYR D 386 -17.87 8.96 66.67
CA TYR D 386 -17.10 10.18 66.78
C TYR D 386 -17.88 11.25 67.54
N GLY D 387 -17.14 12.21 68.10
CA GLY D 387 -17.75 13.27 68.87
C GLY D 387 -18.02 12.86 70.30
N PRO D 388 -18.71 13.71 71.05
CA PRO D 388 -18.98 13.42 72.46
C PRO D 388 -19.83 12.17 72.62
N ASP D 389 -19.57 11.43 73.70
CA ASP D 389 -20.32 10.22 73.96
C ASP D 389 -21.79 10.52 74.23
N LEU D 390 -22.07 11.56 75.03
CA LEU D 390 -23.43 11.98 75.35
C LEU D 390 -24.24 10.85 75.97
N SER D 391 -23.60 9.96 76.71
CA SER D 391 -24.28 8.85 77.36
C SER D 391 -24.56 9.11 78.83
N GLN D 392 -23.64 9.78 79.54
CA GLN D 392 -23.81 10.13 80.94
C GLN D 392 -24.28 11.58 81.11
N ILE D 393 -25.07 12.07 80.17
CA ILE D 393 -25.53 13.45 80.18
C ILE D 393 -26.77 13.60 81.05
N LYS D 394 -27.11 14.84 81.39
CA LYS D 394 -28.30 15.16 82.16
C LYS D 394 -29.08 16.25 81.44
N LEU D 395 -30.40 16.22 81.57
CA LEU D 395 -31.28 17.18 80.92
C LEU D 395 -31.77 18.18 81.95
N TYR D 396 -31.59 19.46 81.65
CA TYR D 396 -32.02 20.55 82.54
C TYR D 396 -33.07 21.40 81.83
N THR D 397 -34.14 21.71 82.56
CA THR D 397 -35.15 22.64 82.06
C THR D 397 -34.53 24.02 81.88
N ASN D 398 -35.02 24.74 80.88
CA ASN D 398 -34.48 26.07 80.59
C ASN D 398 -35.23 27.14 81.37
N ASN D 399 -34.53 28.26 81.60
CA ASN D 399 -35.12 29.46 82.16
C ASN D 399 -35.26 30.48 81.04
N THR D 400 -36.50 30.82 80.70
CA THR D 400 -36.73 31.70 79.55
C THR D 400 -36.32 33.15 79.82
N ALA D 401 -36.18 33.53 81.09
CA ALA D 401 -35.75 34.88 81.42
C ALA D 401 -34.23 34.97 81.56
N ALA D 402 -33.63 34.04 82.30
CA ALA D 402 -32.20 34.05 82.51
C ALA D 402 -31.43 33.38 81.38
N ASN D 403 -32.12 32.73 80.44
CA ASN D 403 -31.48 32.06 79.31
C ASN D 403 -30.46 31.03 79.77
N ASP D 404 -30.84 30.23 80.77
CA ASP D 404 -29.91 29.27 81.35
C ASP D 404 -30.71 28.14 82.00
N LYS D 405 -29.98 27.15 82.50
CA LYS D 405 -30.58 26.06 83.25
C LYS D 405 -31.28 26.58 84.49
N ASN D 406 -32.43 26.00 84.80
CA ASN D 406 -33.09 26.37 86.05
C ASN D 406 -33.48 25.17 86.90
N THR D 407 -33.90 24.06 86.29
CA THR D 407 -34.35 22.90 87.03
C THR D 407 -33.87 21.63 86.34
N ALA D 408 -33.40 20.68 87.12
CA ALA D 408 -32.94 19.40 86.60
C ALA D 408 -34.08 18.41 86.51
N VAL D 409 -33.90 17.42 85.64
CA VAL D 409 -34.86 16.32 85.53
C VAL D 409 -34.47 15.23 86.52
N THR D 410 -35.44 14.76 87.30
CA THR D 410 -35.17 13.77 88.34
C THR D 410 -34.58 12.50 87.75
N ASN D 411 -35.23 11.93 86.74
CA ASN D 411 -34.74 10.74 86.06
C ASN D 411 -34.92 10.90 84.56
N ALA D 412 -33.82 10.80 83.82
CA ALA D 412 -33.80 10.98 82.38
C ALA D 412 -33.05 9.81 81.74
N THR D 413 -33.80 8.82 81.27
CA THR D 413 -33.20 7.72 80.50
C THR D 413 -33.04 8.20 79.06
N THR D 414 -31.81 8.53 78.69
CA THR D 414 -31.53 9.12 77.39
C THR D 414 -30.51 8.29 76.64
N ASN D 415 -30.76 8.08 75.34
CA ASN D 415 -29.76 7.49 74.46
C ASN D 415 -28.87 8.57 73.87
N PHE D 416 -29.47 9.49 73.12
CA PHE D 416 -28.86 10.76 72.71
C PHE D 416 -27.46 10.56 72.10
N TYR D 417 -27.46 9.86 70.97
CA TYR D 417 -26.21 9.67 70.24
C TYR D 417 -25.93 10.86 69.33
N PHE D 418 -24.66 11.02 68.96
CA PHE D 418 -24.22 12.18 68.19
C PHE D 418 -24.29 11.89 66.69
N GLY D 419 -24.45 12.96 65.92
CA GLY D 419 -24.33 12.86 64.48
C GLY D 419 -25.59 12.32 63.82
N THR D 420 -25.47 12.18 62.50
CA THR D 420 -26.58 11.69 61.69
C THR D 420 -26.80 10.20 61.95
N VAL D 421 -27.81 9.65 61.27
CA VAL D 421 -28.16 8.23 61.43
C VAL D 421 -26.99 7.38 60.99
N PRO D 422 -26.48 6.47 61.83
CA PRO D 422 -25.36 5.62 61.41
C PRO D 422 -25.78 4.73 60.25
N SER D 423 -24.99 4.77 59.19
CA SER D 423 -25.36 4.09 57.96
C SER D 423 -24.12 3.65 57.21
N TYR D 424 -24.31 2.67 56.34
CA TYR D 424 -23.28 2.21 55.41
C TYR D 424 -23.74 2.52 54.00
N GLU D 425 -22.88 3.17 53.22
CA GLU D 425 -23.24 3.61 51.88
C GLU D 425 -23.00 2.50 50.87
N ILE D 426 -24.01 2.22 50.06
CA ILE D 426 -23.92 1.28 48.96
C ILE D 426 -24.48 1.92 47.71
N ASP D 427 -23.77 1.76 46.59
CA ASP D 427 -24.27 2.19 45.29
C ASP D 427 -24.77 0.94 44.59
N ILE D 428 -26.01 0.56 44.90
CA ILE D 428 -26.57 -0.69 44.42
C ILE D 428 -26.76 -0.73 42.92
N SER D 429 -26.76 0.42 42.23
CA SER D 429 -26.79 0.38 40.78
C SER D 429 -25.54 -0.26 40.22
N ALA D 430 -24.36 0.24 40.62
CA ALA D 430 -23.11 -0.36 40.16
C ALA D 430 -22.90 -1.74 40.75
N THR D 431 -23.41 -1.98 41.95
CA THR D 431 -23.33 -3.32 42.53
C THR D 431 -24.09 -4.32 41.67
N GLN D 432 -25.33 -4.00 41.29
CA GLN D 432 -26.07 -4.86 40.39
C GLN D 432 -25.40 -4.96 39.03
N ARG D 433 -24.77 -3.88 38.56
CA ARG D 433 -24.04 -3.94 37.30
C ARG D 433 -22.93 -4.97 37.36
N ARG D 434 -22.11 -4.93 38.41
CA ARG D 434 -21.01 -5.88 38.50
C ARG D 434 -21.51 -7.29 38.73
N ASN D 435 -22.59 -7.45 39.51
CA ASN D 435 -23.15 -8.78 39.70
C ASN D 435 -23.66 -9.35 38.38
N PHE D 436 -24.36 -8.53 37.60
CA PHE D 436 -24.82 -8.95 36.28
C PHE D 436 -23.66 -9.37 35.40
N ILE D 437 -22.60 -8.56 35.37
CA ILE D 437 -21.45 -8.88 34.52
C ILE D 437 -20.83 -10.20 34.96
N MET D 438 -20.51 -10.31 36.26
CA MET D 438 -19.82 -11.49 36.76
C MET D 438 -20.67 -12.75 36.69
N ALA D 439 -21.99 -12.62 36.66
CA ALA D 439 -22.85 -13.80 36.62
C ALA D 439 -23.24 -14.20 35.21
N ASN D 440 -23.25 -13.26 34.26
CA ASN D 440 -23.77 -13.55 32.93
C ASN D 440 -22.72 -13.48 31.82
N ILE D 441 -21.53 -12.94 32.09
CA ILE D 441 -20.48 -12.83 31.10
C ILE D 441 -19.19 -13.49 31.58
N ALA D 442 -18.74 -13.15 32.79
CA ALA D 442 -17.49 -13.69 33.29
C ALA D 442 -17.56 -15.19 33.48
N GLU D 443 -18.66 -15.70 34.05
CA GLU D 443 -18.73 -17.13 34.35
C GLU D 443 -18.80 -17.98 33.10
N TYR D 444 -19.19 -17.41 31.96
CA TYR D 444 -19.34 -18.16 30.71
C TYR D 444 -18.14 -17.99 29.79
N LEU D 445 -17.00 -17.55 30.32
CA LEU D 445 -15.81 -17.39 29.53
C LEU D 445 -15.23 -18.75 29.15
N PRO D 446 -14.43 -18.81 28.10
CA PRO D 446 -13.79 -20.08 27.73
C PRO D 446 -12.84 -20.56 28.81
N ASP D 447 -12.49 -21.84 28.71
CA ASP D 447 -11.52 -22.43 29.65
C ASP D 447 -10.17 -21.76 29.56
N ARG D 448 -9.90 -21.03 28.47
CA ARG D 448 -8.63 -20.33 28.33
C ARG D 448 -8.50 -19.16 29.30
N TYR D 449 -9.60 -18.68 29.85
CA TYR D 449 -9.59 -17.51 30.73
C TYR D 449 -10.15 -17.86 32.10
N LYS D 450 -9.86 -19.07 32.57
CA LYS D 450 -10.32 -19.55 33.86
C LYS D 450 -9.17 -20.24 34.58
N PHE D 451 -9.30 -20.37 35.90
CA PHE D 451 -8.29 -21.04 36.69
C PHE D 451 -8.96 -21.75 37.86
N SER D 452 -8.25 -22.71 38.43
CA SER D 452 -8.80 -23.57 39.47
C SER D 452 -8.94 -22.79 40.78
N ILE D 453 -9.42 -23.48 41.81
CA ILE D 453 -9.80 -22.82 43.06
C ILE D 453 -9.01 -23.35 44.25
N SER D 454 -7.76 -23.75 44.02
CA SER D 454 -6.81 -24.13 45.07
C SER D 454 -7.10 -25.50 45.67
N GLY D 455 -8.20 -26.12 45.25
CA GLY D 455 -8.48 -27.48 45.64
C GLY D 455 -8.64 -28.37 44.43
N PHE D 456 -9.09 -27.75 43.34
CA PHE D 456 -9.33 -28.44 42.09
C PHE D 456 -8.05 -28.51 41.25
N ASP D 457 -7.92 -29.60 40.50
CA ASP D 457 -6.80 -29.75 39.56
C ASP D 457 -7.33 -30.32 38.26
N ALA D 458 -6.84 -29.78 37.15
CA ALA D 458 -7.22 -30.32 35.86
C ALA D 458 -6.63 -31.71 35.67
N THR D 459 -7.13 -32.42 34.66
CA THR D 459 -6.81 -33.80 34.32
C THR D 459 -7.32 -34.79 35.36
N SER D 460 -7.91 -34.32 36.46
CA SER D 460 -8.60 -35.20 37.39
C SER D 460 -10.04 -35.46 36.97
N VAL D 461 -10.56 -34.67 36.03
CA VAL D 461 -11.90 -34.89 35.50
C VAL D 461 -11.96 -34.18 34.15
N ALA D 462 -12.78 -34.71 33.24
CA ALA D 462 -12.84 -34.20 31.89
C ALA D 462 -13.32 -32.75 31.88
N PRO D 463 -12.87 -31.95 30.91
CA PRO D 463 -13.31 -30.55 30.85
C PRO D 463 -14.80 -30.38 30.60
N THR D 464 -15.49 -31.43 30.13
CA THR D 464 -16.90 -31.35 29.78
C THR D 464 -17.80 -31.84 30.90
N THR D 465 -17.41 -31.62 32.16
CA THR D 465 -18.19 -32.05 33.31
C THR D 465 -18.67 -30.83 34.08
N TYR D 466 -19.52 -31.09 35.08
CA TYR D 466 -20.16 -30.01 35.81
C TYR D 466 -19.21 -29.34 36.79
N GLU D 467 -18.59 -30.11 37.68
CA GLU D 467 -17.71 -29.51 38.68
C GLU D 467 -16.40 -29.01 38.06
N TYR D 468 -16.05 -29.44 36.85
CA TYR D 468 -14.95 -28.79 36.15
C TYR D 468 -15.31 -27.35 35.82
N MET D 469 -16.55 -27.12 35.39
CA MET D 469 -16.99 -25.75 35.10
C MET D 469 -17.21 -24.97 36.39
N ASN D 470 -17.71 -25.62 37.43
CA ASN D 470 -17.96 -24.94 38.70
C ASN D 470 -16.66 -24.57 39.39
N LYS D 471 -15.69 -25.48 39.42
CA LYS D 471 -14.46 -25.28 40.17
C LYS D 471 -13.37 -24.61 39.34
N ARG D 472 -13.75 -23.82 38.33
CA ARG D 472 -12.80 -23.05 37.53
C ARG D 472 -13.34 -21.63 37.43
N VAL D 473 -12.96 -20.81 38.40
CA VAL D 473 -13.37 -19.40 38.43
C VAL D 473 -12.66 -18.65 37.31
N PRO D 474 -13.34 -17.77 36.58
CA PRO D 474 -12.69 -17.02 35.51
C PRO D 474 -11.79 -15.92 36.06
N LEU D 475 -10.91 -15.43 35.19
CA LEU D 475 -10.12 -14.26 35.53
C LEU D 475 -11.03 -13.07 35.74
N THR D 476 -10.64 -12.20 36.67
CA THR D 476 -11.50 -11.09 37.06
C THR D 476 -11.33 -9.84 36.20
N ASN D 477 -10.19 -9.69 35.54
CA ASN D 477 -9.92 -8.46 34.80
C ASN D 477 -10.21 -8.59 33.31
N VAL D 478 -10.46 -9.80 32.82
CA VAL D 478 -10.79 -9.97 31.41
C VAL D 478 -12.12 -9.30 31.09
N VAL D 479 -13.09 -9.38 32.01
CA VAL D 479 -14.34 -8.64 31.88
C VAL D 479 -14.74 -8.13 33.26
N ASP D 480 -15.14 -6.87 33.33
CA ASP D 480 -15.53 -6.23 34.58
C ASP D 480 -16.26 -4.94 34.21
N MET D 481 -16.57 -4.13 35.24
CA MET D 481 -17.27 -2.87 35.00
C MET D 481 -16.47 -1.90 34.13
N PHE D 482 -15.14 -2.06 34.08
CA PHE D 482 -14.28 -1.17 33.30
C PHE D 482 -14.03 -1.69 31.89
N THR D 483 -14.67 -2.78 31.49
CA THR D 483 -14.45 -3.37 30.18
C THR D 483 -15.25 -2.61 29.13
N ASN D 484 -14.57 -1.82 28.30
CA ASN D 484 -15.19 -1.04 27.23
C ASN D 484 -16.32 -0.16 27.78
N VAL D 485 -15.89 0.80 28.60
CA VAL D 485 -16.78 1.54 29.49
C VAL D 485 -17.89 2.27 28.75
N GLY D 486 -17.82 2.38 27.42
CA GLY D 486 -18.88 3.09 26.73
C GLY D 486 -19.37 2.47 25.44
N ALA D 487 -18.86 1.29 25.11
CA ALA D 487 -19.12 0.67 23.82
C ALA D 487 -20.14 -0.45 23.93
N ARG D 488 -21.17 -0.41 23.10
CA ARG D 488 -22.00 -1.58 22.86
C ARG D 488 -21.16 -2.56 22.07
N TRP D 489 -20.60 -3.55 22.75
CA TRP D 489 -19.52 -4.35 22.17
C TRP D 489 -19.49 -5.71 22.85
N SER D 490 -19.67 -6.76 22.06
CA SER D 490 -19.57 -8.11 22.60
C SER D 490 -18.12 -8.39 23.01
N ILE D 491 -17.96 -9.05 24.17
CA ILE D 491 -16.63 -9.37 24.66
C ILE D 491 -15.92 -10.23 23.62
N ASP D 492 -14.81 -9.71 23.08
CA ASP D 492 -14.06 -10.43 22.07
C ASP D 492 -13.57 -11.80 22.53
N GLN D 493 -13.43 -12.01 23.85
CA GLN D 493 -13.20 -13.36 24.35
C GLN D 493 -14.39 -14.27 24.12
N MET D 494 -15.61 -13.74 24.11
CA MET D 494 -16.81 -14.56 24.02
C MET D 494 -17.55 -14.39 22.70
N ASP D 495 -16.88 -13.87 21.67
CA ASP D 495 -17.52 -13.81 20.36
C ASP D 495 -17.66 -15.19 19.74
N ASN D 496 -16.71 -16.08 20.01
CA ASN D 496 -16.73 -17.44 19.49
C ASN D 496 -17.34 -18.44 20.46
N VAL D 497 -17.83 -17.98 21.60
CA VAL D 497 -18.48 -18.85 22.58
C VAL D 497 -19.96 -18.91 22.26
N ASN D 498 -20.52 -20.12 22.31
CA ASN D 498 -21.92 -20.31 22.01
C ASN D 498 -22.78 -19.50 22.99
N PRO D 499 -23.62 -18.58 22.50
CA PRO D 499 -24.45 -17.79 23.42
C PRO D 499 -25.70 -18.51 23.88
N PHE D 500 -26.10 -19.57 23.18
CA PHE D 500 -27.29 -20.32 23.57
C PHE D 500 -27.01 -21.29 24.71
N ASN D 501 -25.75 -21.47 25.09
CA ASN D 501 -25.40 -22.18 26.31
C ASN D 501 -25.26 -21.19 27.47
N HIS D 502 -26.38 -20.53 27.77
CA HIS D 502 -26.46 -19.54 28.82
C HIS D 502 -27.69 -19.82 29.66
N HIS D 503 -27.62 -19.48 30.95
CA HIS D 503 -28.77 -19.68 31.81
C HIS D 503 -29.88 -18.66 31.56
N ARG D 504 -29.63 -17.64 30.75
CA ARG D 504 -30.65 -16.71 30.32
C ARG D 504 -31.29 -17.10 29.00
N ASN D 505 -30.99 -18.31 28.50
CA ASN D 505 -31.64 -18.82 27.30
C ASN D 505 -33.09 -19.11 27.64
N TRP D 506 -33.97 -18.19 27.26
CA TRP D 506 -35.36 -18.26 27.69
C TRP D 506 -36.06 -19.49 27.10
N GLY D 507 -35.72 -19.85 25.86
CA GLY D 507 -36.31 -21.04 25.28
C GLY D 507 -35.92 -22.30 26.02
N LEU D 508 -34.63 -22.45 26.31
CA LEU D 508 -34.17 -23.60 27.07
C LEU D 508 -34.70 -23.56 28.50
N LYS D 509 -34.76 -22.36 29.08
CA LYS D 509 -35.34 -22.21 30.41
C LYS D 509 -36.77 -22.72 30.46
N TYR D 510 -37.59 -22.31 29.49
CA TYR D 510 -38.97 -22.75 29.43
C TYR D 510 -39.06 -24.25 29.17
N ARG D 511 -38.21 -24.78 28.30
CA ARG D 511 -38.25 -26.21 27.99
C ARG D 511 -37.87 -27.05 29.19
N SER D 512 -36.92 -26.58 30.01
CA SER D 512 -36.56 -27.31 31.21
C SER D 512 -37.61 -27.18 32.29
N GLN D 513 -38.20 -25.99 32.45
CA GLN D 513 -39.24 -25.79 33.45
C GLN D 513 -40.54 -26.48 33.07
N LEU D 514 -40.72 -26.87 31.81
CA LEU D 514 -41.89 -27.65 31.43
C LEU D 514 -41.88 -29.05 32.03
N LEU D 515 -40.71 -29.56 32.42
CA LEU D 515 -40.62 -30.89 32.99
C LEU D 515 -40.68 -30.91 34.51
N GLY D 516 -40.40 -29.79 35.17
CA GLY D 516 -40.48 -29.68 36.61
C GLY D 516 -39.24 -29.07 37.19
N ASN D 517 -39.16 -29.07 38.52
CA ASN D 517 -38.04 -28.49 39.25
C ASN D 517 -37.07 -29.53 39.78
N SER D 518 -37.27 -30.81 39.48
CA SER D 518 -36.40 -31.87 39.96
C SER D 518 -35.66 -32.50 38.79
N ARG D 519 -34.64 -33.28 39.13
CA ARG D 519 -33.89 -34.04 38.14
C ARG D 519 -34.47 -35.43 37.90
N TYR D 520 -35.55 -35.77 38.59
CA TYR D 520 -36.23 -37.06 38.43
C TYR D 520 -37.61 -36.75 37.85
N VAL D 521 -37.77 -36.96 36.54
CA VAL D 521 -38.96 -36.51 35.83
C VAL D 521 -39.67 -37.72 35.23
N ASN D 522 -40.96 -37.86 35.58
CA ASN D 522 -41.87 -38.76 34.88
C ASN D 522 -42.48 -38.00 33.70
N PHE D 523 -41.65 -37.79 32.67
CA PHE D 523 -42.04 -36.95 31.56
C PHE D 523 -43.09 -37.62 30.70
N HIS D 524 -43.89 -36.79 30.02
CA HIS D 524 -44.85 -37.25 29.02
C HIS D 524 -44.88 -36.21 27.91
N ILE D 525 -44.34 -36.57 26.75
CA ILE D 525 -44.12 -35.63 25.66
C ILE D 525 -44.71 -36.19 24.38
N GLN D 526 -45.00 -35.29 23.44
CA GLN D 526 -45.51 -35.65 22.13
C GLN D 526 -44.58 -35.04 21.09
N VAL D 527 -43.97 -35.89 20.27
CA VAL D 527 -42.92 -35.48 19.34
C VAL D 527 -43.47 -35.60 17.92
N PRO D 528 -43.37 -34.56 17.10
CA PRO D 528 -43.92 -34.62 15.75
C PRO D 528 -42.97 -35.32 14.79
N GLN D 529 -43.55 -35.81 13.69
CA GLN D 529 -42.76 -36.33 12.59
C GLN D 529 -42.21 -35.17 11.77
N LYS D 530 -40.95 -35.29 11.35
CA LYS D 530 -40.28 -34.19 10.67
C LYS D 530 -39.60 -34.57 9.37
N PHE D 531 -39.56 -35.84 9.00
CA PHE D 531 -39.05 -36.23 7.70
C PHE D 531 -39.98 -35.71 6.62
N PHE D 532 -39.46 -34.92 5.70
CA PHE D 532 -40.31 -34.12 4.81
C PHE D 532 -41.19 -35.01 3.93
N ALA D 533 -40.66 -36.15 3.50
CA ALA D 533 -41.43 -37.02 2.62
C ALA D 533 -42.70 -37.53 3.31
N ILE D 534 -42.67 -37.69 4.63
CA ILE D 534 -43.83 -38.15 5.38
C ILE D 534 -44.24 -37.14 6.44
N LYS D 535 -43.67 -35.94 6.43
CA LYS D 535 -44.09 -34.91 7.38
C LYS D 535 -45.53 -34.50 7.15
N ASN D 536 -45.92 -34.32 5.88
CA ASN D 536 -47.27 -33.93 5.52
C ASN D 536 -47.91 -34.93 4.56
N LEU D 537 -47.41 -36.15 4.52
CA LEU D 537 -47.95 -37.15 3.60
C LEU D 537 -49.37 -37.51 3.99
N LEU D 538 -50.23 -37.65 2.99
CA LEU D 538 -51.62 -38.04 3.19
C LEU D 538 -51.78 -39.46 2.67
N LEU D 539 -51.90 -40.42 3.58
CA LEU D 539 -52.11 -41.80 3.20
C LEU D 539 -53.57 -42.06 2.92
N LEU D 540 -53.84 -42.81 1.86
CA LEU D 540 -55.19 -43.19 1.50
C LEU D 540 -55.55 -44.48 2.23
N SER D 541 -56.66 -45.10 1.84
CA SER D 541 -57.07 -46.34 2.47
C SER D 541 -56.04 -47.44 2.23
N GLY D 542 -55.82 -48.25 3.25
CA GLY D 542 -54.85 -49.32 3.15
C GLY D 542 -54.32 -49.68 4.52
N SER D 543 -53.36 -50.60 4.52
CA SER D 543 -52.72 -51.08 5.74
C SER D 543 -51.24 -50.75 5.65
N TYR D 544 -50.73 -50.05 6.66
CA TYR D 544 -49.36 -49.58 6.67
C TYR D 544 -48.64 -50.05 7.92
N THR D 545 -47.33 -50.21 7.80
CA THR D 545 -46.44 -50.38 8.95
C THR D 545 -45.51 -49.19 8.99
N TYR D 546 -45.44 -48.53 10.14
CA TYR D 546 -44.69 -47.28 10.28
C TYR D 546 -43.91 -47.38 11.59
N GLU D 547 -42.65 -47.81 11.51
CA GLU D 547 -41.82 -47.90 12.70
C GLU D 547 -40.90 -46.69 12.75
N TRP D 548 -40.37 -46.45 13.94
CA TRP D 548 -39.37 -45.41 14.07
C TRP D 548 -38.54 -45.77 15.30
N VAL D 549 -37.38 -45.13 15.44
CA VAL D 549 -36.47 -45.41 16.55
C VAL D 549 -36.09 -44.10 17.23
N LEU D 550 -36.12 -44.10 18.56
CA LEU D 550 -35.92 -42.90 19.37
C LEU D 550 -34.53 -42.90 19.98
N ARG D 551 -33.88 -41.74 19.96
CA ARG D 551 -32.56 -41.62 20.58
C ARG D 551 -32.66 -41.75 22.09
N LYS D 552 -31.61 -42.32 22.68
CA LYS D 552 -31.48 -42.37 24.13
C LYS D 552 -30.24 -41.64 24.64
N ASP D 553 -29.39 -41.15 23.76
CA ASP D 553 -28.20 -40.43 24.17
C ASP D 553 -28.60 -39.11 24.80
N PRO D 554 -28.27 -38.85 26.06
CA PRO D 554 -28.67 -37.58 26.68
C PRO D 554 -28.11 -36.36 25.99
N ASN D 555 -26.88 -36.44 25.45
CA ASN D 555 -26.33 -35.31 24.73
C ASN D 555 -27.15 -34.98 23.49
N MET D 556 -27.85 -35.97 22.95
CA MET D 556 -28.71 -35.74 21.80
C MET D 556 -30.07 -35.18 22.24
N ILE D 557 -30.80 -35.96 23.03
CA ILE D 557 -32.19 -35.64 23.34
C ILE D 557 -32.30 -34.43 24.25
N LEU D 558 -31.36 -34.27 25.19
CA LEU D 558 -31.44 -33.23 26.20
C LEU D 558 -30.46 -32.12 25.88
N GLN D 559 -30.86 -30.89 26.19
CA GLN D 559 -30.02 -29.71 26.00
C GLN D 559 -29.70 -29.11 27.36
N SER D 560 -28.41 -28.83 27.58
CA SER D 560 -27.95 -28.20 28.80
C SER D 560 -27.64 -26.74 28.54
N SER D 561 -27.78 -25.92 29.59
CA SER D 561 -27.36 -24.53 29.51
C SER D 561 -25.88 -24.35 29.72
N LEU D 562 -25.16 -25.43 30.01
CA LEU D 562 -23.72 -25.40 30.15
C LEU D 562 -22.98 -26.26 29.14
N GLY D 563 -23.66 -27.20 28.49
CA GLY D 563 -23.03 -28.03 27.50
C GLY D 563 -22.15 -29.13 28.04
N ASN D 564 -22.30 -29.49 29.31
CA ASN D 564 -21.48 -30.53 29.89
C ASN D 564 -21.89 -31.90 29.34
N ASP D 565 -21.00 -32.87 29.51
CA ASP D 565 -21.28 -34.24 29.08
C ASP D 565 -22.32 -34.85 30.01
N LEU D 566 -23.53 -35.04 29.50
CA LEU D 566 -24.60 -35.59 30.33
C LEU D 566 -24.41 -37.08 30.58
N ARG D 567 -23.67 -37.78 29.71
CA ARG D 567 -23.38 -39.18 29.96
C ARG D 567 -22.53 -39.34 31.22
N ALA D 568 -21.50 -38.51 31.37
CA ALA D 568 -20.71 -38.53 32.60
C ALA D 568 -21.46 -37.93 33.78
N ASP D 569 -22.43 -37.05 33.52
CA ASP D 569 -23.16 -36.37 34.57
C ASP D 569 -24.43 -37.11 34.98
N GLY D 570 -24.48 -38.42 34.77
CA GLY D 570 -25.55 -39.23 35.31
C GLY D 570 -26.91 -39.04 34.68
N ALA D 571 -26.98 -38.41 33.51
CA ALA D 571 -28.26 -38.23 32.84
C ALA D 571 -28.62 -39.49 32.06
N SER D 572 -29.89 -39.87 32.11
CA SER D 572 -30.36 -41.05 31.40
C SER D 572 -31.86 -40.90 31.15
N ILE D 573 -32.34 -41.66 30.18
CA ILE D 573 -33.77 -41.69 29.86
C ILE D 573 -34.20 -43.13 29.67
N ILE D 574 -35.39 -43.46 30.15
CA ILE D 574 -36.00 -44.77 29.96
C ILE D 574 -37.41 -44.54 29.45
N TYR D 575 -37.76 -45.18 28.34
CA TYR D 575 -39.07 -45.04 27.75
C TYR D 575 -39.96 -46.18 28.23
N ASN D 576 -41.09 -45.84 28.85
CA ASN D 576 -42.01 -46.85 29.35
C ASN D 576 -43.12 -47.13 28.36
N GLU D 577 -43.69 -46.09 27.76
CA GLU D 577 -44.74 -46.23 26.76
C GLU D 577 -44.51 -45.23 25.64
N VAL D 578 -44.63 -45.68 24.41
CA VAL D 578 -44.52 -44.82 23.23
C VAL D 578 -45.67 -45.20 22.31
N ASN D 579 -46.73 -44.41 22.31
CA ASN D 579 -47.90 -44.66 21.48
C ASN D 579 -47.92 -43.65 20.33
N LEU D 580 -48.55 -44.07 19.23
CA LEU D 580 -48.66 -43.25 18.04
C LEU D 580 -50.10 -42.74 17.93
N MET D 581 -50.25 -41.42 17.88
CA MET D 581 -51.55 -40.80 17.74
C MET D 581 -51.76 -40.37 16.29
N ALA D 582 -53.02 -40.15 15.94
CA ALA D 582 -53.38 -39.68 14.61
C ALA D 582 -54.75 -39.04 14.67
N ASN D 583 -54.99 -38.08 13.79
CA ASN D 583 -56.28 -37.43 13.67
C ASN D 583 -56.91 -37.83 12.34
N PHE D 584 -58.15 -38.29 12.38
CA PHE D 584 -58.89 -38.71 11.19
C PHE D 584 -60.09 -37.79 11.00
N MET D 585 -60.15 -37.11 9.88
CA MET D 585 -61.32 -36.30 9.57
C MET D 585 -62.47 -37.22 9.21
N PRO D 586 -63.63 -37.07 9.84
CA PRO D 586 -64.75 -37.97 9.53
C PRO D 586 -65.48 -37.57 8.27
N MET D 587 -64.75 -37.25 7.21
CA MET D 587 -65.41 -36.82 5.99
C MET D 587 -66.22 -37.97 5.40
N ASP D 588 -67.36 -37.60 4.80
CA ASP D 588 -68.30 -38.60 4.29
C ASP D 588 -67.57 -39.60 3.41
N HIS D 589 -67.82 -40.89 3.68
CA HIS D 589 -67.12 -41.94 2.95
C HIS D 589 -67.37 -41.82 1.45
N ASN D 590 -68.53 -41.29 1.06
CA ASN D 590 -68.77 -40.97 -0.34
C ASN D 590 -67.92 -39.82 -0.85
N THR D 591 -67.27 -39.07 0.04
CA THR D 591 -66.27 -38.09 -0.36
C THR D 591 -64.84 -38.56 -0.17
N SER D 592 -64.55 -39.31 0.89
CA SER D 592 -63.20 -39.83 1.05
C SER D 592 -62.89 -40.86 -0.03
N ASN D 593 -63.87 -41.65 -0.46
CA ASN D 593 -63.63 -42.58 -1.56
C ASN D 593 -63.33 -41.82 -2.85
N GLN D 594 -64.07 -40.75 -3.13
CA GLN D 594 -63.78 -39.94 -4.31
C GLN D 594 -62.43 -39.26 -4.19
N LEU D 595 -62.08 -38.78 -3.00
CA LEU D 595 -60.78 -38.15 -2.80
C LEU D 595 -59.65 -39.14 -3.06
N GLU D 596 -59.78 -40.36 -2.56
CA GLU D 596 -58.74 -41.36 -2.82
C GLU D 596 -58.75 -41.78 -4.28
N LEU D 597 -59.92 -41.80 -4.92
CA LEU D 597 -59.99 -42.17 -6.32
C LEU D 597 -59.29 -41.15 -7.20
N MET D 598 -59.44 -39.87 -6.88
CA MET D 598 -58.75 -38.82 -7.62
C MET D 598 -57.35 -38.55 -7.11
N LEU D 599 -56.95 -39.14 -5.98
CA LEU D 599 -55.58 -39.08 -5.52
C LEU D 599 -54.77 -40.31 -5.93
N ARG D 600 -55.42 -41.41 -6.27
CA ARG D 600 -54.74 -42.56 -6.85
C ARG D 600 -54.50 -42.38 -8.34
N ASN D 601 -55.03 -41.32 -8.95
CA ASN D 601 -54.72 -41.01 -10.33
C ASN D 601 -53.26 -40.57 -10.44
N ALA D 602 -52.61 -40.97 -11.52
CA ALA D 602 -51.18 -40.72 -11.66
C ALA D 602 -50.87 -39.23 -11.77
N THR D 603 -51.71 -38.48 -12.49
CA THR D 603 -51.39 -37.09 -12.80
C THR D 603 -51.43 -36.20 -11.56
N ASN D 604 -52.16 -36.58 -10.51
CA ASN D 604 -52.27 -35.77 -9.31
C ASN D 604 -51.91 -36.64 -8.11
N ASP D 605 -50.62 -36.69 -7.80
CA ASP D 605 -50.13 -37.38 -6.62
C ASP D 605 -49.29 -36.42 -5.79
N GLN D 606 -49.26 -36.66 -4.48
CA GLN D 606 -48.64 -35.72 -3.57
C GLN D 606 -47.15 -35.59 -3.85
N THR D 607 -46.65 -34.36 -3.79
CA THR D 607 -45.24 -34.06 -4.03
C THR D 607 -44.73 -33.20 -2.88
N PHE D 608 -43.63 -33.62 -2.27
CA PHE D 608 -43.08 -32.96 -1.09
C PHE D 608 -41.61 -32.65 -1.32
N VAL D 609 -41.20 -31.45 -0.91
CA VAL D 609 -39.80 -31.04 -0.97
C VAL D 609 -39.36 -30.65 0.44
N ASP D 610 -38.14 -31.00 0.79
CA ASP D 610 -37.59 -30.61 2.09
C ASP D 610 -37.33 -29.12 2.10
N TYR D 611 -37.73 -28.46 3.20
CA TYR D 611 -37.71 -27.02 3.22
C TYR D 611 -36.30 -26.47 3.11
N LEU D 612 -35.33 -27.13 3.74
CA LEU D 612 -33.96 -26.63 3.68
C LEU D 612 -33.45 -26.58 2.25
N GLY D 613 -33.75 -27.60 1.46
CA GLY D 613 -33.33 -27.63 0.08
C GLY D 613 -31.82 -27.53 -0.05
N ALA D 614 -31.10 -28.31 0.75
CA ALA D 614 -29.65 -28.18 0.81
C ALA D 614 -29.03 -29.55 1.05
N LYS D 615 -27.95 -29.83 0.32
CA LYS D 615 -27.07 -30.93 0.68
C LYS D 615 -26.07 -30.44 1.71
N ASN D 616 -26.03 -31.11 2.86
CA ASN D 616 -25.30 -30.63 4.02
C ASN D 616 -23.98 -31.38 4.11
N ALA D 617 -22.88 -30.66 3.90
CA ALA D 617 -21.54 -31.21 3.98
C ALA D 617 -20.76 -30.46 5.05
N LEU D 618 -20.08 -31.21 5.91
CA LEU D 618 -19.24 -30.64 6.95
C LEU D 618 -17.78 -30.79 6.52
N TYR D 619 -17.05 -29.68 6.49
CA TYR D 619 -15.66 -29.67 6.11
C TYR D 619 -14.82 -29.31 7.32
N SER D 620 -13.91 -30.21 7.70
CA SER D 620 -13.16 -30.04 8.93
C SER D 620 -12.14 -28.91 8.79
N VAL D 621 -12.09 -28.05 9.80
CA VAL D 621 -11.10 -26.99 9.86
C VAL D 621 -10.34 -27.17 11.17
N PRO D 622 -9.03 -27.46 11.14
CA PRO D 622 -8.29 -27.65 12.40
C PRO D 622 -8.23 -26.36 13.22
N ALA D 623 -7.62 -26.45 14.40
CA ALA D 623 -7.73 -25.38 15.39
C ALA D 623 -7.23 -24.04 14.87
N GLY D 624 -5.93 -23.95 14.56
CA GLY D 624 -5.36 -22.68 14.16
C GLY D 624 -5.39 -22.35 12.69
N SER D 625 -5.92 -23.24 11.86
CA SER D 625 -5.90 -23.02 10.42
C SER D 625 -6.85 -21.90 10.04
N THR D 626 -6.46 -21.14 9.02
CA THR D 626 -7.23 -20.00 8.55
C THR D 626 -7.86 -20.21 7.18
N ALA D 627 -7.51 -21.28 6.46
CA ALA D 627 -7.96 -21.49 5.10
C ALA D 627 -8.61 -22.85 4.96
N LEU D 628 -9.45 -22.98 3.94
CA LEU D 628 -10.13 -24.24 3.64
C LEU D 628 -10.42 -24.28 2.15
N THR D 629 -10.01 -25.36 1.50
CA THR D 629 -10.32 -25.59 0.10
C THR D 629 -11.34 -26.74 0.00
N ILE D 630 -12.33 -26.55 -0.86
CA ILE D 630 -13.42 -27.51 -1.02
C ILE D 630 -13.41 -27.93 -2.48
N ASN D 631 -12.71 -29.03 -2.78
CA ASN D 631 -12.62 -29.54 -4.13
C ASN D 631 -13.82 -30.43 -4.43
N ILE D 632 -14.51 -30.14 -5.53
CA ILE D 632 -15.65 -30.93 -5.99
C ILE D 632 -15.35 -31.40 -7.39
N PRO D 633 -15.38 -32.71 -7.66
CA PRO D 633 -15.14 -33.18 -9.04
C PRO D 633 -16.26 -32.79 -9.98
N ALA D 634 -16.16 -33.22 -11.24
CA ALA D 634 -17.13 -32.81 -12.24
C ALA D 634 -18.54 -33.26 -11.86
N ARG D 635 -19.51 -32.40 -12.15
CA ARG D 635 -20.90 -32.64 -11.81
C ARG D 635 -21.77 -31.81 -12.74
N THR D 636 -23.03 -32.22 -12.90
CA THR D 636 -23.93 -31.60 -13.86
C THR D 636 -24.70 -30.42 -13.30
N TRP D 637 -24.61 -30.13 -12.00
CA TRP D 637 -25.11 -28.89 -11.39
C TRP D 637 -26.47 -28.43 -11.91
N GLU D 638 -27.34 -29.38 -12.28
CA GLU D 638 -28.60 -29.04 -12.92
C GLU D 638 -29.60 -28.63 -11.86
N GLY D 639 -29.91 -27.35 -11.79
CA GLY D 639 -30.90 -26.85 -10.85
C GLY D 639 -30.37 -26.41 -9.51
N MET D 640 -29.07 -26.17 -9.38
CA MET D 640 -28.50 -25.77 -8.10
C MET D 640 -29.04 -24.40 -7.70
N ARG D 641 -29.35 -24.25 -6.42
CA ARG D 641 -29.95 -23.01 -5.93
C ARG D 641 -28.91 -22.01 -5.41
N GLY D 642 -27.75 -22.48 -4.97
CA GLY D 642 -26.71 -21.61 -4.48
C GLY D 642 -25.98 -22.25 -3.32
N TRP D 643 -25.31 -21.41 -2.54
CA TRP D 643 -24.49 -21.86 -1.41
C TRP D 643 -24.96 -21.21 -0.12
N SER D 644 -24.96 -21.98 0.96
CA SER D 644 -25.20 -21.47 2.30
C SER D 644 -24.18 -22.10 3.23
N PHE D 645 -23.59 -21.29 4.11
CA PHE D 645 -22.46 -21.80 4.88
C PHE D 645 -22.25 -20.98 6.14
N THR D 646 -21.99 -21.69 7.24
CA THR D 646 -21.33 -21.15 8.42
C THR D 646 -20.36 -22.19 8.93
N ARG D 647 -19.60 -21.82 9.96
CA ARG D 647 -18.66 -22.73 10.59
C ARG D 647 -19.14 -23.05 12.00
N ILE D 648 -19.05 -24.32 12.36
CA ILE D 648 -19.56 -24.83 13.63
C ILE D 648 -18.47 -25.68 14.28
N LYS D 649 -18.42 -25.66 15.61
CA LYS D 649 -17.39 -26.37 16.32
C LYS D 649 -17.55 -27.88 16.14
N ALA D 650 -16.43 -28.56 15.91
CA ALA D 650 -16.47 -30.01 15.78
C ALA D 650 -16.79 -30.69 17.10
N ALA D 651 -16.46 -30.06 18.22
CA ALA D 651 -16.81 -30.60 19.52
C ALA D 651 -18.30 -30.45 19.83
N GLU D 652 -18.97 -29.48 19.22
CA GLU D 652 -20.38 -29.24 19.43
C GLU D 652 -21.25 -29.84 18.34
N THR D 653 -20.67 -30.63 17.43
CA THR D 653 -21.42 -31.19 16.30
C THR D 653 -21.25 -32.71 16.31
N PRO D 654 -22.34 -33.46 16.38
CA PRO D 654 -22.24 -34.93 16.32
C PRO D 654 -21.84 -35.40 14.93
N GLN D 655 -21.31 -36.63 14.90
CA GLN D 655 -20.98 -37.26 13.63
C GLN D 655 -22.23 -37.47 12.80
N LEU D 656 -22.13 -37.18 11.50
CA LEU D 656 -23.28 -37.26 10.62
C LEU D 656 -23.71 -38.72 10.45
N GLY D 657 -25.01 -38.95 10.56
CA GLY D 657 -25.56 -40.29 10.34
C GLY D 657 -24.97 -41.35 11.24
N ALA D 658 -24.74 -41.03 12.50
CA ALA D 658 -24.11 -41.93 13.45
C ALA D 658 -25.17 -42.47 14.42
N GLN D 659 -25.17 -43.78 14.62
CA GLN D 659 -26.06 -44.37 15.61
C GLN D 659 -25.76 -43.87 17.00
N TYR D 660 -24.46 -43.74 17.34
CA TYR D 660 -24.07 -43.24 18.65
C TYR D 660 -22.66 -42.67 18.53
N ASP D 661 -22.54 -41.36 18.75
CA ASP D 661 -21.26 -40.67 18.67
C ASP D 661 -20.57 -40.79 20.03
N VAL D 662 -19.55 -41.65 20.10
CA VAL D 662 -18.85 -41.84 21.37
C VAL D 662 -17.96 -40.65 21.69
N ASN D 663 -17.52 -39.91 20.69
CA ASN D 663 -16.68 -38.73 20.90
C ASN D 663 -17.49 -37.48 21.21
N PHE D 664 -18.82 -37.58 21.21
CA PHE D 664 -19.68 -36.42 21.44
C PHE D 664 -19.84 -36.25 22.95
N LYS D 665 -19.18 -35.23 23.50
CA LYS D 665 -19.23 -34.97 24.93
C LYS D 665 -19.68 -33.55 25.19
N TYR D 666 -20.75 -33.16 24.51
CA TYR D 666 -21.33 -31.82 24.59
C TYR D 666 -22.84 -31.96 24.54
N SER D 667 -23.53 -31.26 25.42
CA SER D 667 -24.99 -31.35 25.48
C SER D 667 -25.63 -29.97 25.43
N GLY D 668 -24.97 -29.01 24.80
CA GLY D 668 -25.58 -27.72 24.59
C GLY D 668 -26.38 -27.69 23.30
N SER D 669 -26.38 -26.55 22.62
CA SER D 669 -27.16 -26.37 21.40
C SER D 669 -26.28 -26.74 20.20
N ILE D 670 -26.60 -27.87 19.57
CA ILE D 670 -25.91 -28.26 18.35
C ILE D 670 -26.33 -27.29 17.24
N ALA D 671 -25.41 -26.41 16.85
CA ALA D 671 -25.70 -25.45 15.80
C ALA D 671 -26.00 -26.11 14.47
N TYR D 672 -25.48 -27.33 14.25
CA TYR D 672 -25.77 -28.03 13.00
C TYR D 672 -27.23 -28.40 12.90
N SER D 673 -27.83 -28.88 14.00
CA SER D 673 -29.17 -29.45 13.92
C SER D 673 -30.25 -28.40 14.16
N ASP D 674 -30.00 -27.44 15.04
CA ASP D 674 -30.93 -26.34 15.23
C ASP D 674 -30.40 -25.11 14.48
N GLY D 675 -31.05 -23.97 14.69
CA GLY D 675 -30.61 -22.76 14.03
C GLY D 675 -29.62 -21.97 14.86
N GLY D 676 -29.02 -22.61 15.85
CA GLY D 676 -28.15 -21.92 16.77
C GLY D 676 -26.80 -21.54 16.20
N PHE D 677 -26.79 -20.91 15.03
CA PHE D 677 -25.54 -20.50 14.41
C PHE D 677 -25.02 -19.22 15.07
N TYR D 678 -23.75 -19.24 15.46
CA TYR D 678 -23.14 -18.11 16.13
C TYR D 678 -21.76 -17.78 15.60
N LEU D 679 -21.26 -18.49 14.59
CA LEU D 679 -19.96 -18.22 14.00
C LEU D 679 -20.10 -17.84 12.53
N SER D 680 -21.17 -17.11 12.19
CA SER D 680 -21.27 -16.56 10.86
C SER D 680 -20.22 -15.49 10.62
N HIS D 681 -19.69 -14.89 11.68
CA HIS D 681 -18.48 -14.09 11.57
C HIS D 681 -17.30 -15.05 11.50
N THR D 682 -16.07 -14.54 11.65
CA THR D 682 -14.87 -15.35 11.46
C THR D 682 -14.82 -15.96 10.06
N PHE D 683 -15.40 -15.26 9.10
CA PHE D 683 -15.36 -15.62 7.68
C PHE D 683 -14.73 -14.45 6.95
N ARG D 684 -13.49 -14.63 6.50
CA ARG D 684 -12.78 -13.51 5.87
C ARG D 684 -13.20 -13.31 4.42
N ASN D 685 -13.06 -14.35 3.60
CA ASN D 685 -13.51 -14.26 2.22
C ASN D 685 -13.79 -15.66 1.69
N MET D 686 -14.18 -15.72 0.42
CA MET D 686 -14.61 -16.94 -0.24
C MET D 686 -14.37 -16.78 -1.73
N SER D 687 -14.09 -17.89 -2.41
CA SER D 687 -13.98 -17.89 -3.85
C SER D 687 -14.65 -19.14 -4.40
N ILE D 688 -15.17 -19.03 -5.62
CA ILE D 688 -15.82 -20.14 -6.31
C ILE D 688 -15.23 -20.22 -7.71
N LEU D 689 -14.67 -21.39 -8.04
CA LEU D 689 -14.01 -21.63 -9.33
C LEU D 689 -14.66 -22.86 -9.94
N PHE D 690 -15.66 -22.65 -10.81
CA PHE D 690 -16.40 -23.77 -11.37
C PHE D 690 -15.50 -24.71 -12.17
N ASP D 691 -14.51 -24.16 -12.84
CA ASP D 691 -13.37 -24.94 -13.32
C ASP D 691 -12.13 -24.40 -12.64
N THR D 692 -10.97 -24.88 -13.06
CA THR D 692 -9.76 -24.30 -12.52
C THR D 692 -9.49 -22.90 -13.07
N SER D 693 -10.40 -22.35 -13.89
CA SER D 693 -10.23 -21.00 -14.40
C SER D 693 -11.52 -20.18 -14.45
N ILE D 694 -12.64 -20.72 -13.99
CA ILE D 694 -13.94 -20.07 -14.16
C ILE D 694 -14.41 -19.58 -12.79
N ASN D 695 -14.26 -18.28 -12.55
CA ASN D 695 -14.91 -17.66 -11.40
C ASN D 695 -16.40 -17.55 -11.67
N TRP D 696 -17.22 -17.97 -10.71
CA TRP D 696 -18.66 -17.96 -10.96
C TRP D 696 -19.21 -16.58 -11.24
N PRO D 697 -18.96 -15.54 -10.41
CA PRO D 697 -19.37 -14.20 -10.81
C PRO D 697 -18.62 -13.80 -12.07
N GLY D 698 -17.29 -13.82 -12.00
CA GLY D 698 -16.42 -13.82 -13.16
C GLY D 698 -16.71 -12.82 -14.27
N ASN D 699 -17.51 -11.80 -13.97
CA ASN D 699 -17.85 -10.79 -14.94
C ASN D 699 -17.62 -9.39 -14.37
N ASP D 700 -16.59 -9.26 -13.53
CA ASP D 700 -16.28 -8.00 -12.85
C ASP D 700 -17.45 -7.49 -12.02
N ARG D 701 -18.32 -8.40 -11.59
CA ARG D 701 -19.50 -8.01 -10.83
C ARG D 701 -19.11 -7.32 -9.53
N LEU D 702 -18.47 -8.06 -8.63
CA LEU D 702 -18.13 -7.53 -7.33
C LEU D 702 -17.00 -6.51 -7.44
N LEU D 703 -16.87 -5.68 -6.41
CA LEU D 703 -15.75 -4.76 -6.34
C LEU D 703 -14.42 -5.49 -6.25
N THR D 704 -14.44 -6.75 -5.81
CA THR D 704 -13.30 -7.67 -5.88
C THR D 704 -13.76 -8.87 -6.69
N PRO D 705 -13.60 -8.84 -8.02
CA PRO D 705 -14.25 -9.84 -8.87
C PRO D 705 -13.84 -11.27 -8.58
N ASN D 706 -12.65 -11.50 -8.02
CA ASN D 706 -12.10 -12.84 -7.92
C ASN D 706 -12.45 -13.55 -6.62
N MET D 707 -13.19 -12.91 -5.71
CA MET D 707 -13.52 -13.57 -4.45
C MET D 707 -14.75 -12.91 -3.84
N PHE D 708 -15.37 -13.64 -2.91
CA PHE D 708 -16.49 -13.14 -2.12
C PHE D 708 -15.95 -12.65 -0.78
N GLU D 709 -15.39 -11.44 -0.80
CA GLU D 709 -14.70 -10.91 0.37
C GLU D 709 -15.74 -10.58 1.44
N ILE D 710 -15.88 -11.48 2.41
CA ILE D 710 -16.95 -11.36 3.39
C ILE D 710 -16.68 -10.19 4.34
N LYS D 711 -15.44 -10.07 4.82
CA LYS D 711 -15.09 -8.96 5.69
C LYS D 711 -13.61 -8.64 5.50
N ARG D 712 -13.23 -7.43 5.90
CA ARG D 712 -11.86 -6.98 5.79
C ARG D 712 -11.53 -6.05 6.95
N SER D 713 -10.24 -5.94 7.25
CA SER D 713 -9.79 -5.07 8.33
C SER D 713 -9.98 -3.61 7.92
N VAL D 714 -10.70 -2.85 8.75
CA VAL D 714 -10.92 -1.45 8.46
C VAL D 714 -9.63 -0.65 8.61
N ALA D 715 -8.76 -1.07 9.53
CA ALA D 715 -7.45 -0.42 9.65
C ALA D 715 -6.64 -0.57 8.37
N LEU D 716 -6.60 -1.78 7.81
CA LEU D 716 -5.93 -2.00 6.53
C LEU D 716 -6.70 -1.40 5.36
N ASP D 717 -7.96 -1.02 5.57
CA ASP D 717 -8.77 -0.46 4.51
C ASP D 717 -8.21 0.88 4.04
N THR D 718 -8.31 1.12 2.75
CA THR D 718 -7.84 2.37 2.13
C THR D 718 -8.90 3.03 1.28
N GLU D 719 -9.71 2.25 0.57
CA GLU D 719 -10.63 2.77 -0.44
C GLU D 719 -12.09 2.58 -0.03
N GLY D 720 -12.36 2.14 1.19
CA GLY D 720 -13.72 1.85 1.60
C GLY D 720 -14.00 0.36 1.59
N PHE D 721 -14.97 -0.07 0.79
CA PHE D 721 -15.34 -1.47 0.67
C PHE D 721 -15.71 -2.09 2.02
N THR D 722 -16.04 -1.27 3.01
CA THR D 722 -16.60 -1.72 4.26
C THR D 722 -17.95 -1.04 4.44
N MET D 723 -18.95 -1.80 4.85
CA MET D 723 -20.34 -1.42 4.65
C MET D 723 -21.06 -1.47 5.99
N SER D 724 -22.06 -0.59 6.14
CA SER D 724 -22.97 -0.62 7.30
C SER D 724 -22.24 -0.45 8.62
N GLN D 725 -21.24 0.44 8.65
CA GLN D 725 -20.55 0.83 9.88
C GLN D 725 -19.92 -0.37 10.60
N CYS D 726 -19.34 -1.28 9.83
CA CYS D 726 -18.57 -2.39 10.40
C CYS D 726 -17.58 -2.87 9.33
N ASP D 727 -17.00 -4.04 9.56
CA ASP D 727 -15.98 -4.57 8.68
C ASP D 727 -16.55 -5.46 7.57
N ILE D 728 -17.87 -5.62 7.50
CA ILE D 728 -18.47 -6.33 6.37
C ILE D 728 -18.29 -5.48 5.12
N THR D 729 -18.20 -6.13 3.97
CA THR D 729 -17.85 -5.45 2.74
C THR D 729 -19.08 -4.98 1.99
N LYS D 730 -18.85 -4.06 1.04
CA LYS D 730 -19.92 -3.60 0.16
C LYS D 730 -20.50 -4.75 -0.64
N ASP D 731 -19.63 -5.58 -1.22
CA ASP D 731 -20.08 -6.69 -2.04
C ASP D 731 -20.89 -7.69 -1.22
N TRP D 732 -20.40 -8.04 -0.03
CA TRP D 732 -21.10 -9.01 0.80
C TRP D 732 -22.43 -8.47 1.27
N TYR D 733 -22.49 -7.19 1.64
CA TYR D 733 -23.75 -6.58 2.04
C TYR D 733 -24.74 -6.57 0.87
N LEU D 734 -24.27 -6.23 -0.33
CA LEU D 734 -25.15 -6.25 -1.49
C LEU D 734 -25.68 -7.64 -1.75
N ILE D 735 -24.81 -8.66 -1.66
CA ILE D 735 -25.23 -10.02 -1.94
C ILE D 735 -26.26 -10.48 -0.93
N GLN D 736 -26.01 -10.24 0.36
CA GLN D 736 -26.95 -10.67 1.38
C GLN D 736 -28.29 -9.96 1.26
N MET D 737 -28.27 -8.63 1.06
CA MET D 737 -29.53 -7.91 0.95
C MET D 737 -30.30 -8.31 -0.30
N ALA D 738 -29.61 -8.57 -1.42
CA ALA D 738 -30.31 -9.00 -2.62
C ALA D 738 -30.88 -10.41 -2.47
N THR D 739 -30.13 -11.30 -1.82
CA THR D 739 -30.61 -12.66 -1.62
C THR D 739 -31.83 -12.69 -0.72
N ASN D 740 -31.80 -11.91 0.37
CA ASN D 740 -32.85 -12.03 1.36
C ASN D 740 -34.05 -11.13 1.06
N TYR D 741 -33.83 -9.99 0.42
CA TYR D 741 -34.86 -8.97 0.29
C TYR D 741 -35.16 -8.56 -1.14
N ASN D 742 -34.37 -9.01 -2.11
CA ASN D 742 -34.70 -8.94 -3.53
C ASN D 742 -34.78 -7.51 -4.07
N PHE D 743 -34.19 -6.53 -3.37
CA PHE D 743 -34.19 -5.15 -3.87
C PHE D 743 -32.93 -4.47 -3.36
N VAL D 744 -31.91 -4.36 -4.22
CA VAL D 744 -30.69 -3.66 -3.86
C VAL D 744 -30.36 -2.60 -4.91
N TYR D 745 -30.81 -2.80 -6.13
CA TYR D 745 -30.51 -1.84 -7.18
C TYR D 745 -31.44 -0.64 -7.13
N ASN D 746 -32.52 -0.72 -6.37
CA ASN D 746 -33.34 0.46 -6.05
C ASN D 746 -32.90 1.14 -4.77
N GLY D 747 -31.97 0.55 -4.02
CA GLY D 747 -31.49 1.16 -2.80
C GLY D 747 -31.58 0.26 -1.59
N TYR D 748 -30.58 0.35 -0.70
CA TYR D 748 -30.64 -0.38 0.55
C TYR D 748 -31.69 0.23 1.46
N ARG D 749 -32.51 -0.62 2.06
CA ARG D 749 -33.52 -0.18 3.00
C ARG D 749 -33.86 -1.33 3.92
N PHE D 750 -34.41 -1.01 5.09
CA PHE D 750 -34.83 -2.02 6.03
C PHE D 750 -36.07 -2.74 5.49
N TRP D 751 -36.19 -4.02 5.85
CA TRP D 751 -37.32 -4.84 5.41
C TRP D 751 -37.98 -5.45 6.64
N PRO D 752 -38.93 -4.74 7.24
CA PRO D 752 -39.59 -5.25 8.46
C PRO D 752 -40.53 -6.41 8.20
N ASP D 753 -40.72 -6.82 6.94
CA ASP D 753 -41.60 -7.94 6.64
C ASP D 753 -40.97 -9.29 6.98
N ARG D 754 -39.66 -9.33 7.16
CA ARG D 754 -38.96 -10.59 7.43
C ARG D 754 -38.35 -10.64 8.83
N GLN D 755 -38.67 -9.68 9.70
CA GLN D 755 -38.14 -9.69 11.05
C GLN D 755 -38.66 -10.86 11.88
N TYR D 756 -39.76 -11.48 11.48
CA TYR D 756 -40.24 -12.67 12.16
C TYR D 756 -39.43 -13.91 11.82
N PHE D 757 -38.62 -13.86 10.76
CA PHE D 757 -38.07 -15.08 10.18
C PHE D 757 -37.06 -15.75 11.11
N HIS D 758 -36.43 -14.99 12.01
CA HIS D 758 -35.48 -15.48 13.00
C HIS D 758 -34.17 -15.96 12.37
N TYR D 759 -34.06 -15.98 11.05
CA TYR D 759 -32.81 -16.38 10.41
C TYR D 759 -32.45 -15.50 9.21
N ASP D 760 -33.09 -14.36 9.03
CA ASP D 760 -32.77 -13.47 7.93
C ASP D 760 -31.56 -12.63 8.29
N PHE D 761 -31.27 -11.61 7.49
CA PHE D 761 -30.04 -10.84 7.62
C PHE D 761 -30.18 -9.70 8.61
N LEU D 762 -31.10 -8.78 8.35
CA LEU D 762 -31.17 -7.55 9.13
C LEU D 762 -31.67 -7.76 10.55
N ARG D 763 -32.34 -8.88 10.83
CA ARG D 763 -32.85 -9.12 12.17
C ARG D 763 -31.72 -9.30 13.17
N ASN D 764 -30.65 -9.99 12.76
CA ASN D 764 -29.58 -10.35 13.68
C ASN D 764 -28.21 -9.92 13.17
N PHE D 765 -28.14 -8.96 12.26
CA PHE D 765 -26.88 -8.36 11.85
C PHE D 765 -26.52 -7.26 12.82
N ASP D 766 -25.41 -7.44 13.56
CA ASP D 766 -25.06 -6.58 14.68
C ASP D 766 -23.71 -5.93 14.43
N PRO D 767 -23.67 -4.76 13.78
CA PRO D 767 -22.43 -4.01 13.67
C PRO D 767 -22.19 -3.14 14.89
N MET D 768 -20.94 -3.11 15.34
CA MET D 768 -20.61 -2.41 16.57
C MET D 768 -19.14 -2.02 16.55
N THR D 769 -18.78 -1.08 17.43
CA THR D 769 -17.45 -0.50 17.41
C THR D 769 -17.03 -0.10 18.82
N ARG D 770 -15.81 -0.47 19.19
CA ARG D 770 -15.11 0.10 20.33
C ARG D 770 -13.85 0.79 19.83
N GLN D 771 -13.22 1.55 20.73
CA GLN D 771 -12.03 2.32 20.35
C GLN D 771 -10.77 1.77 21.00
N GLY D 772 -10.73 1.71 22.32
CA GLY D 772 -9.64 1.05 23.02
C GLY D 772 -8.35 1.85 22.99
N PRO D 773 -7.61 1.81 24.10
CA PRO D 773 -6.25 2.37 24.10
C PRO D 773 -5.36 1.63 23.11
N ASN D 774 -4.40 2.36 22.54
CA ASN D 774 -3.41 1.77 21.64
C ASN D 774 -2.15 1.50 22.46
N PHE D 775 -1.97 0.24 22.84
CA PHE D 775 -0.82 -0.16 23.64
C PHE D 775 0.40 -0.28 22.72
N ALA D 776 1.48 -0.86 23.25
CA ALA D 776 2.78 -0.88 22.55
C ALA D 776 3.25 0.54 22.26
N LEU D 777 3.03 1.43 23.22
CA LEU D 777 3.41 2.83 23.14
C LEU D 777 4.22 3.19 24.37
N PRO D 778 4.78 4.40 24.48
CA PRO D 778 5.55 4.74 25.69
C PRO D 778 4.76 4.57 26.99
N GLY D 779 3.47 4.89 26.98
CA GLY D 779 2.58 4.57 28.07
C GLY D 779 1.74 3.35 27.74
N LEU D 780 0.51 3.34 28.26
CA LEU D 780 -0.51 2.39 27.83
C LEU D 780 -0.04 0.95 28.03
N PHE D 781 0.11 0.59 29.31
CA PHE D 781 0.83 -0.61 29.70
C PHE D 781 0.04 -1.90 29.58
N ASP D 782 -1.28 -1.83 29.33
CA ASP D 782 -2.12 -3.03 29.19
C ASP D 782 -2.03 -3.91 30.44
N LEU D 783 -2.54 -3.36 31.54
CA LEU D 783 -2.42 -4.01 32.85
C LEU D 783 -3.20 -5.30 32.97
N VAL D 784 -4.12 -5.58 32.05
CA VAL D 784 -4.96 -6.78 32.13
C VAL D 784 -4.23 -7.95 31.49
N SER D 785 -4.04 -9.02 32.25
CA SER D 785 -3.40 -10.23 31.77
C SER D 785 -4.46 -11.30 31.55
N TYR D 786 -4.45 -11.90 30.36
CA TYR D 786 -5.46 -12.88 29.97
C TYR D 786 -5.00 -14.32 30.13
N THR D 787 -3.80 -14.55 30.66
CA THR D 787 -3.25 -15.90 30.74
C THR D 787 -3.32 -16.40 32.17
N PRO D 788 -4.07 -17.46 32.46
CA PRO D 788 -4.05 -18.04 33.80
C PRO D 788 -2.73 -18.76 34.06
N THR D 789 -2.41 -18.91 35.34
CA THR D 789 -1.17 -19.54 35.76
C THR D 789 -1.26 -21.06 35.78
N THR D 790 -2.43 -21.63 35.48
CA THR D 790 -2.70 -23.07 35.42
C THR D 790 -2.01 -23.87 36.52
N ASP D 791 -1.99 -23.32 37.73
CA ASP D 791 -1.40 -23.98 38.88
C ASP D 791 -2.49 -24.52 39.79
N ASN D 792 -2.07 -25.31 40.79
CA ASN D 792 -3.02 -25.87 41.74
C ASN D 792 -3.73 -24.78 42.52
N SER D 793 -2.98 -23.78 42.99
CA SER D 793 -3.54 -22.74 43.82
C SER D 793 -4.56 -21.89 43.04
N GLY D 794 -5.52 -21.33 43.77
CA GLY D 794 -6.52 -20.48 43.18
C GLY D 794 -6.09 -19.02 43.19
N GLU D 795 -4.80 -18.79 42.97
CA GLU D 795 -4.20 -17.48 43.01
C GLU D 795 -3.74 -17.09 41.61
N GLN D 796 -4.02 -15.85 41.21
CA GLN D 796 -3.60 -15.31 39.91
C GLN D 796 -2.89 -13.99 40.15
N PRO D 797 -1.60 -14.03 40.51
CA PRO D 797 -0.89 -12.78 40.82
C PRO D 797 -0.76 -11.85 39.64
N SER D 798 -0.93 -12.34 38.41
CA SER D 798 -0.86 -11.48 37.24
C SER D 798 -2.09 -10.60 37.10
N GLN D 799 -3.13 -10.83 37.89
CA GLN D 799 -4.35 -10.03 37.81
C GLN D 799 -4.35 -8.84 38.74
N GLU D 800 -3.34 -8.71 39.60
CA GLU D 800 -3.31 -7.72 40.67
C GLU D 800 -2.83 -6.35 40.22
N ALA D 801 -2.90 -6.03 38.94
CA ALA D 801 -2.33 -4.79 38.43
C ALA D 801 -3.39 -3.81 37.92
N VAL D 802 -4.64 -3.95 38.35
CA VAL D 802 -5.70 -3.08 37.82
C VAL D 802 -6.16 -2.09 38.88
N ARG D 803 -6.04 -2.46 40.16
CA ARG D 803 -6.21 -1.54 41.27
C ARG D 803 -7.50 -0.72 41.19
N ASN D 804 -8.53 -1.29 40.59
CA ASN D 804 -9.83 -0.63 40.50
C ASN D 804 -10.80 -1.25 41.49
N ASN D 805 -11.58 -0.40 42.16
CA ASN D 805 -12.43 -0.83 43.27
C ASN D 805 -11.61 -1.53 44.34
N SER D 806 -10.45 -0.95 44.67
CA SER D 806 -9.41 -1.67 45.38
C SER D 806 -9.91 -2.26 46.69
N GLY D 807 -10.32 -1.40 47.63
CA GLY D 807 -10.72 -1.87 48.94
C GLY D 807 -12.18 -2.19 49.08
N PHE D 808 -12.88 -2.31 47.95
CA PHE D 808 -14.32 -2.51 47.95
C PHE D 808 -14.77 -3.80 47.31
N ILE D 809 -13.85 -4.58 46.74
CA ILE D 809 -14.17 -5.85 46.11
C ILE D 809 -13.12 -6.89 46.54
N ALA D 810 -13.26 -8.09 46.00
CA ALA D 810 -12.29 -9.13 46.27
C ALA D 810 -10.95 -8.80 45.60
N PRO D 811 -9.85 -9.35 46.12
CA PRO D 811 -8.57 -9.17 45.43
C PRO D 811 -8.62 -9.78 44.05
N ARG D 812 -7.97 -9.13 43.09
CA ARG D 812 -8.04 -9.58 41.71
C ARG D 812 -7.33 -10.92 41.53
N SER D 813 -6.34 -11.23 42.37
CA SER D 813 -5.70 -12.53 42.27
C SER D 813 -6.61 -13.64 42.78
N TRP D 814 -7.51 -13.33 43.71
CA TRP D 814 -8.43 -14.30 44.25
C TRP D 814 -9.58 -14.54 43.28
N PRO D 815 -10.35 -15.61 43.49
CA PRO D 815 -11.60 -15.76 42.75
C PRO D 815 -12.53 -14.58 43.01
N VAL D 816 -13.30 -14.22 41.98
CA VAL D 816 -14.18 -13.06 42.07
C VAL D 816 -15.17 -13.23 43.21
N TRP D 817 -15.47 -14.48 43.57
CA TRP D 817 -16.54 -14.80 44.52
C TRP D 817 -16.05 -14.82 45.95
N SER D 818 -14.83 -14.35 46.21
CA SER D 818 -14.33 -14.30 47.58
C SER D 818 -14.73 -12.98 48.23
N ALA D 819 -14.70 -12.98 49.56
CA ALA D 819 -15.13 -11.81 50.31
C ALA D 819 -14.22 -10.63 50.00
N HIS D 820 -14.79 -9.43 50.02
CA HIS D 820 -14.02 -8.24 49.72
C HIS D 820 -12.95 -8.02 50.77
N GLN D 821 -11.84 -7.45 50.34
CA GLN D 821 -10.81 -7.01 51.26
C GLN D 821 -9.89 -6.07 50.51
N GLY D 822 -9.07 -5.35 51.28
CA GLY D 822 -8.16 -4.38 50.70
C GLY D 822 -8.32 -3.01 51.30
N GLU D 823 -7.78 -2.01 50.62
CA GLU D 823 -7.81 -0.63 51.09
C GLU D 823 -8.21 0.27 49.93
N SER D 824 -8.82 1.39 50.25
CA SER D 824 -9.26 2.31 49.22
C SER D 824 -8.06 2.90 48.49
N TRP D 825 -8.15 2.99 47.16
CA TRP D 825 -7.01 3.39 46.37
C TRP D 825 -7.49 3.83 45.01
N PRO D 826 -6.88 4.86 44.41
CA PRO D 826 -7.30 5.29 43.07
C PRO D 826 -7.11 4.20 42.04
N ALA D 827 -8.07 4.10 41.13
CA ALA D 827 -7.95 3.17 40.02
C ALA D 827 -6.86 3.63 39.07
N ASN D 828 -6.19 2.67 38.43
CA ASN D 828 -5.15 2.99 37.46
C ASN D 828 -5.37 2.38 36.09
N TRP D 829 -6.04 1.22 36.01
CA TRP D 829 -6.08 0.50 34.73
C TRP D 829 -6.87 1.21 33.66
N PRO D 830 -8.18 1.49 33.83
CA PRO D 830 -8.98 1.89 32.66
C PRO D 830 -8.54 3.23 32.10
N TYR D 831 -7.90 3.21 30.95
CA TYR D 831 -7.40 4.44 30.35
C TYR D 831 -8.57 5.27 29.87
N PRO D 832 -8.70 6.52 30.30
CA PRO D 832 -9.88 7.31 29.94
C PRO D 832 -9.93 7.62 28.46
N LEU D 833 -10.88 7.02 27.76
CA LEU D 833 -11.05 7.29 26.34
C LEU D 833 -11.95 8.50 26.07
N CYS D 834 -12.53 9.08 27.12
CA CYS D 834 -13.40 10.24 26.98
C CYS D 834 -13.06 11.25 28.06
N GLY D 835 -13.87 12.28 28.18
CA GLY D 835 -13.69 13.29 29.21
C GLY D 835 -12.58 14.26 28.86
N GLN D 836 -12.33 15.16 29.81
CA GLN D 836 -11.31 16.18 29.63
C GLN D 836 -9.90 15.67 29.91
N GLN D 837 -9.78 14.53 30.60
CA GLN D 837 -8.50 13.90 30.85
C GLN D 837 -8.31 12.64 30.00
N ALA D 838 -8.86 12.64 28.79
CA ALA D 838 -8.73 11.50 27.91
C ALA D 838 -7.30 11.35 27.42
N ILE D 839 -6.95 10.14 27.00
CA ILE D 839 -5.63 9.88 26.45
C ILE D 839 -5.56 10.51 25.05
N GLN D 840 -4.36 10.65 24.51
CA GLN D 840 -4.16 11.38 23.28
C GLN D 840 -4.85 10.68 22.12
N PRO D 841 -5.25 11.43 21.09
CA PRO D 841 -5.90 10.81 19.92
C PRO D 841 -5.01 9.81 19.20
N GLY D 842 -3.69 9.97 19.28
CA GLY D 842 -2.80 9.00 18.68
C GLY D 842 -2.61 7.73 19.47
N GLN D 843 -3.16 7.66 20.68
CA GLN D 843 -3.03 6.51 21.54
C GLN D 843 -4.30 5.66 21.59
N VAL D 844 -5.21 5.85 20.65
CA VAL D 844 -6.44 5.06 20.58
C VAL D 844 -6.51 4.39 19.22
N LEU D 845 -7.34 3.35 19.16
CA LEU D 845 -7.53 2.59 17.92
C LEU D 845 -8.99 2.52 17.53
N SER D 846 -9.30 1.75 16.50
CA SER D 846 -10.67 1.45 16.11
C SER D 846 -10.78 -0.05 15.90
N TYR D 847 -11.92 -0.61 16.30
CA TYR D 847 -12.07 -2.06 16.36
C TYR D 847 -13.40 -2.49 15.73
N LYS D 848 -13.66 -2.03 14.51
CA LYS D 848 -14.88 -2.42 13.80
C LYS D 848 -15.02 -3.95 13.78
N LYS D 849 -16.22 -4.42 14.11
CA LYS D 849 -16.52 -5.85 14.11
C LYS D 849 -18.02 -6.01 14.13
N PHE D 850 -18.50 -7.11 13.55
CA PHE D 850 -19.92 -7.40 13.50
C PHE D 850 -20.17 -8.85 13.93
N LEU D 851 -21.32 -9.06 14.58
CA LEU D 851 -21.79 -10.38 14.92
C LEU D 851 -23.08 -10.67 14.17
N CYS D 852 -23.18 -11.89 13.62
CA CYS D 852 -24.37 -12.29 12.87
C CYS D 852 -24.76 -13.69 13.36
N ASP D 853 -25.60 -13.75 14.38
CA ASP D 853 -26.03 -15.01 14.94
C ASP D 853 -27.29 -15.50 14.23
N ASN D 854 -27.37 -16.82 14.02
CA ASN D 854 -28.54 -17.46 13.41
C ASN D 854 -28.81 -16.89 12.02
N TYR D 855 -27.79 -16.85 11.16
CA TYR D 855 -28.00 -16.34 9.82
C TYR D 855 -27.76 -17.37 8.73
N LEU D 856 -26.60 -18.05 8.74
CA LEU D 856 -26.25 -19.00 7.68
C LEU D 856 -26.15 -18.30 6.32
N TRP D 857 -25.06 -17.53 6.17
CA TRP D 857 -24.73 -16.78 4.96
C TRP D 857 -25.15 -17.50 3.69
N THR D 858 -25.83 -16.79 2.79
CA THR D 858 -26.35 -17.39 1.57
C THR D 858 -25.76 -16.69 0.34
N ILE D 859 -25.40 -17.49 -0.65
CA ILE D 859 -24.99 -17.00 -1.96
C ILE D 859 -25.89 -17.65 -3.00
N PRO D 860 -26.83 -16.92 -3.60
CA PRO D 860 -27.75 -17.55 -4.56
C PRO D 860 -27.07 -17.79 -5.89
N PHE D 861 -27.43 -18.89 -6.54
CA PHE D 861 -26.85 -19.20 -7.84
C PHE D 861 -27.59 -18.43 -8.92
N SER D 862 -27.73 -17.11 -8.75
CA SER D 862 -28.46 -16.26 -9.66
C SER D 862 -27.50 -15.32 -10.38
N SER D 863 -27.91 -14.90 -11.57
CA SER D 863 -27.05 -14.06 -12.40
C SER D 863 -26.80 -12.70 -11.74
N ASP D 864 -27.82 -12.11 -11.13
CA ASP D 864 -27.70 -10.81 -10.48
C ASP D 864 -27.92 -10.92 -8.97
N PHE D 865 -27.73 -12.12 -8.41
CA PHE D 865 -27.75 -12.36 -6.97
C PHE D 865 -29.10 -12.06 -6.34
N MET D 866 -30.19 -12.14 -7.10
CA MET D 866 -31.52 -11.87 -6.57
C MET D 866 -32.37 -13.14 -6.62
N TYR D 867 -33.57 -13.05 -6.08
CA TYR D 867 -34.52 -14.15 -6.13
C TYR D 867 -35.48 -13.94 -7.29
N MET D 868 -35.44 -14.85 -8.26
CA MET D 868 -36.39 -14.88 -9.36
C MET D 868 -37.13 -16.21 -9.42
N GLY D 869 -37.13 -16.97 -8.34
CA GLY D 869 -37.78 -18.26 -8.28
C GLY D 869 -36.88 -19.28 -7.61
N GLU D 870 -37.51 -20.36 -7.13
CA GLU D 870 -36.75 -21.42 -6.49
C GLU D 870 -35.74 -22.03 -7.46
N LEU D 871 -36.15 -22.28 -8.69
CA LEU D 871 -35.24 -22.73 -9.73
C LEU D 871 -34.57 -21.50 -10.31
N THR D 872 -33.30 -21.30 -9.99
CA THR D 872 -32.65 -20.03 -10.21
C THR D 872 -32.32 -19.81 -11.68
N ASP D 873 -31.80 -18.61 -11.95
CA ASP D 873 -31.50 -18.21 -13.32
C ASP D 873 -30.42 -19.09 -13.94
N LEU D 874 -29.30 -19.25 -13.24
CA LEU D 874 -28.17 -20.03 -13.75
C LEU D 874 -28.28 -21.51 -13.50
N GLY D 875 -29.24 -21.94 -12.66
CA GLY D 875 -29.43 -23.36 -12.43
C GLY D 875 -30.09 -24.09 -13.58
N GLN D 876 -30.66 -23.35 -14.52
CA GLN D 876 -31.26 -23.93 -15.72
C GLN D 876 -30.53 -23.52 -16.99
N ASN D 877 -29.39 -22.88 -16.87
CA ASN D 877 -28.62 -22.50 -18.04
C ASN D 877 -27.97 -23.74 -18.63
N PRO D 878 -28.11 -24.00 -19.93
CA PRO D 878 -27.60 -25.25 -20.49
C PRO D 878 -26.09 -25.24 -20.68
N MET D 879 -25.37 -24.75 -19.68
CA MET D 879 -23.93 -24.87 -19.59
C MET D 879 -23.51 -25.66 -18.36
N TYR D 880 -24.16 -25.42 -17.23
CA TYR D 880 -23.96 -26.26 -16.06
C TYR D 880 -24.79 -27.53 -16.17
N THR D 881 -26.07 -27.39 -16.49
CA THR D 881 -26.98 -28.54 -16.49
C THR D 881 -26.54 -29.61 -17.49
N ASN D 882 -26.09 -29.20 -18.66
CA ASN D 882 -25.74 -30.15 -19.71
C ASN D 882 -24.29 -30.60 -19.66
N ASN D 883 -23.39 -29.75 -19.18
CA ASN D 883 -21.95 -30.05 -19.19
C ASN D 883 -21.43 -30.18 -17.76
N SER D 884 -20.57 -31.18 -17.55
CA SER D 884 -19.98 -31.39 -16.23
C SER D 884 -19.00 -30.27 -15.90
N HIS D 885 -19.06 -29.81 -14.66
CA HIS D 885 -18.13 -28.81 -14.15
C HIS D 885 -17.66 -29.22 -12.77
N SER D 886 -16.42 -28.89 -12.46
CA SER D 886 -15.74 -29.37 -11.24
C SER D 886 -15.28 -28.16 -10.45
N MET D 887 -16.10 -27.71 -9.51
CA MET D 887 -15.83 -26.46 -8.82
C MET D 887 -14.97 -26.68 -7.58
N VAL D 888 -14.27 -25.62 -7.19
CA VAL D 888 -13.46 -25.61 -5.97
C VAL D 888 -13.78 -24.33 -5.20
N ILE D 889 -13.96 -24.47 -3.89
CA ILE D 889 -14.30 -23.36 -3.01
C ILE D 889 -13.14 -23.13 -2.05
N ASN D 890 -12.63 -21.90 -2.03
CA ASN D 890 -11.52 -21.54 -1.16
C ASN D 890 -12.03 -20.56 -0.11
N PHE D 891 -11.85 -20.92 1.16
CA PHE D 891 -12.24 -20.07 2.27
C PHE D 891 -11.02 -19.50 2.96
N GLU D 892 -11.19 -18.33 3.55
CA GLU D 892 -10.24 -17.78 4.51
C GLU D 892 -11.01 -17.48 5.79
N LEU D 893 -10.55 -18.02 6.91
CA LEU D 893 -11.31 -18.03 8.14
C LEU D 893 -10.49 -17.43 9.27
N ASP D 894 -11.17 -16.87 10.25
CA ASP D 894 -10.49 -16.41 11.43
C ASP D 894 -10.09 -17.61 12.29
N PRO D 895 -8.80 -17.75 12.63
CA PRO D 895 -8.37 -18.93 13.40
C PRO D 895 -8.90 -18.88 14.82
N MET D 896 -9.53 -19.96 15.25
CA MET D 896 -10.00 -20.08 16.61
C MET D 896 -9.11 -21.07 17.38
N ASP D 897 -9.52 -21.39 18.61
CA ASP D 897 -8.70 -22.17 19.52
C ASP D 897 -9.13 -23.64 19.59
N ASP D 898 -10.07 -24.06 18.75
CA ASP D 898 -10.56 -25.42 18.78
C ASP D 898 -10.98 -25.85 17.38
N PRO D 899 -10.88 -27.15 17.06
CA PRO D 899 -11.24 -27.60 15.72
C PRO D 899 -12.73 -27.41 15.47
N THR D 900 -13.05 -26.90 14.28
CA THR D 900 -14.41 -26.61 13.90
C THR D 900 -14.68 -27.13 12.50
N TYR D 901 -15.96 -27.31 12.19
CA TYR D 901 -16.40 -27.65 10.86
C TYR D 901 -16.79 -26.38 10.11
N VAL D 902 -16.92 -26.50 8.79
CA VAL D 902 -17.51 -25.46 7.97
C VAL D 902 -18.78 -26.07 7.38
N TYR D 903 -19.92 -25.71 7.98
CA TYR D 903 -21.19 -26.30 7.61
C TYR D 903 -21.66 -25.68 6.29
N MET D 904 -21.22 -26.28 5.20
CA MET D 904 -21.59 -25.80 3.87
C MET D 904 -22.88 -26.47 3.41
N LEU D 905 -23.84 -25.65 2.99
CA LEU D 905 -25.09 -26.12 2.43
C LEU D 905 -25.15 -25.69 0.97
N TYR D 906 -25.40 -26.63 0.08
CA TYR D 906 -25.62 -26.31 -1.31
C TYR D 906 -27.10 -25.99 -1.50
N GLY D 907 -27.49 -25.74 -2.75
CA GLY D 907 -28.89 -25.51 -3.02
C GLY D 907 -29.44 -26.63 -3.87
N VAL D 908 -30.31 -27.46 -3.30
CA VAL D 908 -30.78 -28.66 -3.99
C VAL D 908 -32.29 -28.68 -4.03
N PHE D 909 -32.83 -29.31 -5.06
CA PHE D 909 -34.26 -29.57 -5.19
C PHE D 909 -34.53 -31.01 -4.77
N ASP D 910 -34.43 -31.25 -3.46
CA ASP D 910 -34.60 -32.60 -2.94
C ASP D 910 -36.07 -32.98 -2.79
N THR D 911 -36.86 -32.79 -3.84
CA THR D 911 -38.28 -33.05 -3.77
C THR D 911 -38.59 -34.54 -3.92
N VAL D 912 -39.81 -34.88 -3.55
CA VAL D 912 -40.32 -36.25 -3.59
C VAL D 912 -41.76 -36.21 -4.07
N ARG D 913 -42.13 -37.13 -4.96
CA ARG D 913 -43.52 -37.32 -5.34
C ARG D 913 -43.95 -38.73 -4.93
N VAL D 914 -45.13 -38.82 -4.32
CA VAL D 914 -45.60 -40.05 -3.68
C VAL D 914 -46.64 -40.68 -4.59
N ASN D 915 -46.33 -41.86 -5.12
CA ASN D 915 -47.22 -42.58 -6.02
C ASN D 915 -48.00 -43.63 -5.25
N GLN D 916 -49.32 -43.52 -5.27
CA GLN D 916 -50.21 -44.49 -4.62
C GLN D 916 -51.24 -44.93 -5.66
N PRO D 917 -50.85 -45.78 -6.60
CA PRO D 917 -51.77 -46.11 -7.70
C PRO D 917 -52.90 -47.04 -7.29
N GLU D 918 -52.64 -47.99 -6.38
CA GLU D 918 -53.64 -48.96 -5.95
C GLU D 918 -53.78 -48.92 -4.44
N ARG D 919 -54.75 -49.66 -3.93
CA ARG D 919 -54.90 -49.78 -2.48
C ARG D 919 -53.69 -50.47 -1.89
N ASN D 920 -53.32 -50.06 -0.67
CA ASN D 920 -52.15 -50.51 0.07
C ASN D 920 -50.91 -50.68 -0.82
N VAL D 921 -50.73 -49.77 -1.76
CA VAL D 921 -49.52 -49.70 -2.59
C VAL D 921 -48.96 -48.29 -2.42
N LEU D 922 -47.94 -48.16 -1.57
CA LEU D 922 -47.31 -46.88 -1.31
C LEU D 922 -45.90 -46.89 -1.91
N ALA D 923 -45.58 -45.85 -2.66
CA ALA D 923 -44.27 -45.78 -3.32
C ALA D 923 -43.84 -44.33 -3.47
N MET D 924 -42.64 -44.02 -3.01
CA MET D 924 -41.98 -42.75 -3.29
C MET D 924 -40.68 -43.00 -4.06
N ALA D 925 -40.39 -42.11 -5.00
CA ALA D 925 -39.10 -42.06 -5.69
C ALA D 925 -38.49 -40.70 -5.45
N TYR D 926 -37.29 -40.67 -4.87
CA TYR D 926 -36.70 -39.39 -4.50
C TYR D 926 -35.82 -38.87 -5.62
N PHE D 927 -35.61 -37.56 -5.62
CA PHE D 927 -34.75 -36.94 -6.62
C PHE D 927 -34.21 -35.62 -6.09
N ARG D 928 -32.90 -35.45 -6.20
CA ARG D 928 -32.21 -34.24 -5.79
C ARG D 928 -31.42 -33.73 -6.99
N THR D 929 -31.69 -32.50 -7.42
CA THR D 929 -31.22 -32.10 -8.74
C THR D 929 -29.70 -31.92 -8.85
N PRO D 930 -29.04 -31.14 -7.98
CA PRO D 930 -27.60 -30.96 -8.17
C PRO D 930 -26.84 -32.21 -7.76
N PHE D 931 -27.20 -32.76 -6.60
CA PHE D 931 -26.54 -33.93 -6.04
C PHE D 931 -27.57 -35.05 -5.95
N ALA D 932 -27.72 -35.79 -7.04
CA ALA D 932 -28.62 -36.94 -7.06
C ALA D 932 -28.00 -38.08 -6.27
N THR D 933 -28.82 -38.80 -5.51
CA THR D 933 -28.30 -39.86 -4.66
C THR D 933 -28.49 -41.24 -5.28
N GLY D 934 -29.57 -41.43 -6.04
CA GLY D 934 -29.85 -42.73 -6.60
C GLY D 934 -28.85 -43.14 -7.68
N ASN D 935 -28.74 -44.45 -7.86
CA ASN D 935 -27.84 -45.01 -8.85
C ASN D 935 -28.52 -46.19 -9.53
N ALA D 936 -28.22 -46.37 -10.82
CA ALA D 936 -28.82 -47.45 -11.59
C ALA D 936 -28.21 -48.78 -11.18
N VAL D 937 -29.07 -49.74 -10.87
CA VAL D 937 -28.61 -51.05 -10.42
C VAL D 937 -29.43 -52.15 -11.12
N ALA E 11 -39.24 -28.16 -18.86
CA ALA E 11 -37.88 -28.41 -19.34
C ALA E 11 -37.60 -29.90 -19.41
N THR E 12 -36.79 -30.39 -18.48
CA THR E 12 -36.45 -31.80 -18.45
C THR E 12 -37.66 -32.62 -18.02
N PRO E 13 -38.01 -33.69 -18.74
CA PRO E 13 -39.09 -34.56 -18.27
C PRO E 13 -38.83 -35.12 -16.89
N ARG E 14 -37.56 -35.38 -16.56
CA ARG E 14 -37.20 -35.78 -15.20
C ARG E 14 -37.56 -34.68 -14.21
N LEU E 15 -37.40 -33.41 -14.61
CA LEU E 15 -37.75 -32.29 -13.74
C LEU E 15 -39.25 -32.07 -13.68
N GLN E 16 -39.95 -32.26 -14.81
CA GLN E 16 -41.39 -32.10 -14.80
C GLN E 16 -42.07 -33.21 -14.01
N TYR E 17 -41.46 -34.39 -13.94
CA TYR E 17 -41.99 -35.47 -13.12
C TYR E 17 -42.04 -35.05 -11.66
N PHE E 18 -40.99 -34.36 -11.20
CA PHE E 18 -40.89 -33.95 -9.80
C PHE E 18 -41.34 -32.51 -9.58
N HIS E 19 -41.95 -31.89 -10.59
CA HIS E 19 -42.52 -30.54 -10.48
C HIS E 19 -41.48 -29.53 -10.04
N ILE E 20 -40.25 -29.72 -10.51
CA ILE E 20 -39.19 -28.75 -10.30
C ILE E 20 -39.18 -27.70 -11.40
N ALA E 21 -39.57 -28.10 -12.61
CA ALA E 21 -39.78 -27.19 -13.72
C ALA E 21 -41.07 -27.52 -14.45
N GLY E 22 -42.03 -28.10 -13.72
CA GLY E 22 -43.23 -28.61 -14.34
C GLY E 22 -44.21 -27.54 -14.71
N PRO E 23 -45.38 -27.97 -15.18
CA PRO E 23 -46.40 -27.00 -15.60
C PRO E 23 -46.89 -26.11 -14.47
N GLY E 24 -47.34 -26.69 -13.37
CA GLY E 24 -47.82 -25.91 -12.23
C GLY E 24 -49.09 -26.52 -11.65
N THR E 25 -49.27 -26.31 -10.34
CA THR E 25 -50.37 -26.96 -9.62
C THR E 25 -51.71 -26.69 -10.28
N ARG E 26 -51.92 -25.48 -10.79
CA ARG E 26 -53.17 -25.15 -11.46
C ARG E 26 -53.39 -25.97 -12.71
N GLU E 27 -52.33 -26.59 -13.27
CA GLU E 27 -52.45 -27.23 -14.58
C GLU E 27 -51.76 -28.59 -14.66
N TYR E 28 -51.53 -29.28 -13.54
CA TYR E 28 -51.24 -30.71 -13.66
C TYR E 28 -52.19 -31.50 -12.78
N LEU E 29 -52.70 -30.89 -11.72
CA LEU E 29 -53.74 -31.55 -10.94
C LEU E 29 -55.01 -31.70 -11.75
N SER E 30 -55.70 -32.81 -11.53
CA SER E 30 -56.98 -33.02 -12.21
C SER E 30 -57.98 -31.95 -11.76
N GLU E 31 -58.84 -31.54 -12.68
CA GLU E 31 -59.73 -30.41 -12.43
C GLU E 31 -60.64 -30.67 -11.24
N ASP E 32 -61.15 -31.89 -11.10
CA ASP E 32 -61.98 -32.22 -9.96
C ASP E 32 -61.19 -32.13 -8.66
N LEU E 33 -59.93 -32.56 -8.66
CA LEU E 33 -59.12 -32.45 -7.46
C LEU E 33 -58.84 -30.99 -7.12
N GLN E 34 -58.61 -30.15 -8.13
CA GLN E 34 -58.45 -28.72 -7.86
C GLN E 34 -59.71 -28.13 -7.25
N GLN E 35 -60.88 -28.49 -7.79
CA GLN E 35 -62.12 -28.01 -7.22
C GLN E 35 -62.30 -28.50 -5.79
N PHE E 36 -61.88 -29.73 -5.51
CA PHE E 36 -62.00 -30.27 -4.16
C PHE E 36 -61.08 -29.52 -3.18
N ILE E 37 -59.81 -29.37 -3.54
CA ILE E 37 -58.87 -28.70 -2.65
C ILE E 37 -59.16 -27.22 -2.52
N SER E 38 -59.95 -26.65 -3.45
CA SER E 38 -60.40 -25.28 -3.27
C SER E 38 -61.62 -25.22 -2.37
N ALA E 39 -62.57 -26.13 -2.56
CA ALA E 39 -63.76 -26.14 -1.72
C ALA E 39 -63.43 -26.50 -0.28
N THR E 40 -62.70 -27.59 -0.08
CA THR E 40 -62.30 -28.01 1.27
C THR E 40 -60.93 -27.45 1.63
N GLY E 41 -60.77 -26.14 1.50
CA GLY E 41 -59.47 -25.53 1.75
C GLY E 41 -59.41 -24.76 3.05
N SER E 42 -60.56 -24.56 3.68
CA SER E 42 -60.64 -23.82 4.92
C SER E 42 -60.55 -24.70 6.16
N TYR E 43 -60.72 -26.01 6.02
CA TYR E 43 -60.66 -26.92 7.16
C TYR E 43 -59.77 -28.13 6.97
N PHE E 44 -59.53 -28.58 5.73
CA PHE E 44 -58.67 -29.72 5.47
C PHE E 44 -57.75 -29.35 4.30
N ASP E 45 -56.63 -28.72 4.61
CA ASP E 45 -55.79 -28.19 3.54
C ASP E 45 -55.09 -29.32 2.78
N LEU E 46 -54.98 -29.16 1.47
CA LEU E 46 -54.29 -30.12 0.62
C LEU E 46 -53.28 -29.45 -0.30
N LYS E 47 -53.29 -28.13 -0.42
CA LYS E 47 -52.37 -27.43 -1.31
C LYS E 47 -50.92 -27.57 -0.88
N ASN E 48 -50.65 -27.82 0.40
CA ASN E 48 -49.28 -28.01 0.86
C ASN E 48 -48.71 -29.36 0.46
N LYS E 49 -49.53 -30.26 -0.06
CA LYS E 49 -49.09 -31.60 -0.45
C LYS E 49 -48.72 -31.70 -1.92
N PHE E 50 -48.91 -30.64 -2.70
CA PHE E 50 -48.59 -30.63 -4.11
C PHE E 50 -47.64 -29.49 -4.39
N ARG E 51 -46.58 -29.77 -5.14
CA ARG E 51 -45.48 -28.83 -5.31
C ARG E 51 -45.51 -28.18 -6.68
N GLN E 52 -45.27 -26.87 -6.70
CA GLN E 52 -45.02 -26.11 -7.93
C GLN E 52 -43.86 -25.17 -7.68
N THR E 53 -43.01 -25.00 -8.69
CA THR E 53 -41.78 -24.24 -8.55
C THR E 53 -41.83 -23.00 -9.42
N VAL E 54 -41.50 -21.85 -8.84
CA VAL E 54 -41.35 -20.62 -9.60
C VAL E 54 -40.01 -20.66 -10.33
N VAL E 55 -40.04 -20.38 -11.64
CA VAL E 55 -38.89 -20.56 -12.51
C VAL E 55 -38.39 -19.19 -12.95
N ALA E 56 -37.08 -18.99 -12.90
CA ALA E 56 -36.49 -17.72 -13.27
C ALA E 56 -36.64 -17.46 -14.78
N PRO E 57 -36.64 -16.19 -15.19
CA PRO E 57 -36.86 -15.89 -16.62
C PRO E 57 -35.78 -16.43 -17.54
N THR E 58 -34.59 -16.74 -17.04
CA THR E 58 -33.50 -17.45 -17.72
C THR E 58 -33.09 -16.84 -19.04
N ARG E 59 -33.59 -15.65 -19.36
CA ARG E 59 -33.14 -14.93 -20.55
C ARG E 59 -33.66 -13.50 -20.47
N ASN E 60 -32.94 -12.60 -21.15
CA ASN E 60 -33.31 -11.19 -21.26
C ASN E 60 -33.46 -10.55 -19.88
N VAL E 61 -32.64 -10.96 -18.92
CA VAL E 61 -32.71 -10.39 -17.58
C VAL E 61 -31.31 -10.03 -17.10
N THR E 62 -30.29 -10.54 -17.80
CA THR E 62 -28.91 -10.29 -17.37
C THR E 62 -27.98 -10.40 -18.57
N THR E 63 -27.03 -9.48 -18.65
CA THR E 63 -26.02 -9.51 -19.70
C THR E 63 -24.99 -10.61 -19.44
N GLU E 64 -24.45 -11.16 -20.51
CA GLU E 64 -23.23 -11.96 -20.41
C GLU E 64 -22.00 -11.08 -20.38
N LYS E 65 -22.11 -9.84 -20.86
CA LYS E 65 -20.99 -8.91 -20.86
C LYS E 65 -20.53 -8.63 -19.43
N ALA E 66 -19.23 -8.43 -19.28
CA ALA E 66 -18.66 -8.14 -17.96
C ALA E 66 -19.04 -6.73 -17.55
N GLN E 67 -19.98 -6.60 -16.62
CA GLN E 67 -20.48 -5.32 -16.16
C GLN E 67 -20.41 -5.27 -14.65
N ARG E 68 -19.82 -4.20 -14.12
CA ARG E 68 -19.63 -4.09 -12.68
C ARG E 68 -20.97 -4.01 -11.97
N LEU E 69 -21.10 -4.80 -10.90
CA LEU E 69 -22.35 -4.83 -10.13
C LEU E 69 -22.46 -3.65 -9.19
N GLN E 70 -21.34 -3.07 -8.75
CA GLN E 70 -21.35 -1.97 -7.80
C GLN E 70 -20.20 -1.05 -8.13
N ILE E 71 -20.51 0.21 -8.42
CA ILE E 71 -19.53 1.18 -8.89
C ILE E 71 -19.36 2.26 -7.84
N ARG E 72 -18.11 2.58 -7.50
CA ARG E 72 -17.81 3.67 -6.61
C ARG E 72 -17.33 4.87 -7.41
N PHE E 73 -17.88 6.03 -7.11
CA PHE E 73 -17.49 7.28 -7.75
C PHE E 73 -16.76 8.12 -6.72
N TYR E 74 -15.45 8.18 -6.85
CA TYR E 74 -14.61 9.03 -6.02
C TYR E 74 -14.58 10.45 -6.55
N PRO E 75 -14.41 11.43 -5.67
CA PRO E 75 -14.64 12.83 -6.07
C PRO E 75 -13.68 13.30 -7.16
N ILE E 76 -14.22 14.05 -8.12
CA ILE E 76 -13.40 14.75 -9.09
C ILE E 76 -12.68 15.93 -8.43
N GLN E 77 -13.39 16.65 -7.58
CA GLN E 77 -13.05 18.04 -7.29
C GLN E 77 -13.76 18.41 -5.99
N THR E 78 -13.00 18.83 -4.97
CA THR E 78 -13.48 18.76 -3.60
C THR E 78 -13.76 20.12 -2.94
N ASP E 79 -12.77 21.01 -2.85
CA ASP E 79 -12.89 22.27 -2.11
C ASP E 79 -13.30 22.02 -0.66
N ASP E 80 -12.39 21.39 0.08
CA ASP E 80 -12.58 21.27 1.52
C ASP E 80 -12.57 22.65 2.14
N THR E 81 -13.64 23.00 2.85
CA THR E 81 -13.73 24.26 3.57
C THR E 81 -14.06 23.98 5.03
N SER E 82 -14.12 25.03 5.84
CA SER E 82 -14.20 24.88 7.29
C SER E 82 -15.62 24.81 7.82
N THR E 83 -16.63 25.02 6.99
CA THR E 83 -18.02 24.83 7.37
C THR E 83 -18.70 23.69 6.64
N GLY E 84 -18.31 23.44 5.39
CA GLY E 84 -18.83 22.32 4.64
C GLY E 84 -17.71 21.51 4.01
N TYR E 85 -18.10 20.50 3.25
CA TYR E 85 -17.16 19.69 2.50
C TYR E 85 -17.82 19.34 1.16
N ARG E 86 -17.56 20.17 0.16
CA ARG E 86 -18.14 19.96 -1.16
C ARG E 86 -17.52 18.72 -1.81
N VAL E 87 -18.33 17.98 -2.56
CA VAL E 87 -17.88 16.85 -3.36
C VAL E 87 -18.59 16.91 -4.70
N ARG E 88 -17.86 16.61 -5.77
CA ARG E 88 -18.43 16.58 -7.11
C ARG E 88 -18.02 15.28 -7.79
N TYR E 89 -18.98 14.62 -8.43
CA TYR E 89 -18.76 13.35 -9.10
C TYR E 89 -19.20 13.44 -10.54
N ASN E 90 -18.80 12.45 -11.33
CA ASN E 90 -19.23 12.32 -12.73
C ASN E 90 -19.88 10.95 -12.85
N ILE E 91 -21.20 10.90 -12.64
CA ILE E 91 -21.94 9.66 -12.75
C ILE E 91 -22.08 9.34 -14.23
N ASN E 92 -21.25 8.44 -14.73
CA ASN E 92 -21.27 8.06 -16.13
C ASN E 92 -22.12 6.81 -16.27
N VAL E 93 -23.34 6.98 -16.77
CA VAL E 93 -24.25 5.87 -17.04
C VAL E 93 -24.21 5.62 -18.54
N GLY E 94 -23.62 4.51 -18.95
CA GLY E 94 -23.55 4.18 -20.35
C GLY E 94 -24.88 3.73 -20.90
N ASP E 95 -24.94 3.61 -22.23
CA ASP E 95 -26.12 3.04 -22.86
C ASP E 95 -26.23 1.57 -22.49
N GLY E 96 -27.46 1.11 -22.34
CA GLY E 96 -27.68 -0.22 -21.80
C GLY E 96 -27.53 -0.32 -20.31
N TRP E 97 -27.14 0.76 -19.65
CA TRP E 97 -27.11 0.83 -18.19
C TRP E 97 -28.32 1.60 -17.71
N VAL E 98 -28.61 1.45 -16.42
CA VAL E 98 -29.71 2.17 -15.79
C VAL E 98 -29.34 2.38 -14.32
N LEU E 99 -29.41 3.63 -13.87
CA LEU E 99 -29.06 3.98 -12.50
C LEU E 99 -30.31 4.40 -11.76
N ASP E 100 -30.61 3.73 -10.67
CA ASP E 100 -31.66 4.13 -9.75
C ASP E 100 -30.98 4.92 -8.64
N MET E 101 -31.23 6.23 -8.59
CA MET E 101 -30.55 7.07 -7.61
C MET E 101 -30.92 6.72 -6.18
N GLY E 102 -31.98 5.93 -5.98
CA GLY E 102 -32.26 5.41 -4.66
C GLY E 102 -31.14 4.55 -4.13
N SER E 103 -30.38 3.91 -5.02
CA SER E 103 -29.22 3.13 -4.65
C SER E 103 -27.96 3.97 -4.48
N THR E 104 -28.01 5.25 -4.84
CA THR E 104 -26.85 6.13 -4.74
C THR E 104 -26.76 6.70 -3.33
N TYR E 105 -25.63 6.46 -2.67
CA TYR E 105 -25.37 6.99 -1.34
C TYR E 105 -23.91 7.39 -1.23
N PHE E 106 -23.60 8.15 -0.20
CA PHE E 106 -22.26 8.72 0.00
C PHE E 106 -21.47 7.83 0.96
N ASP E 107 -20.34 7.32 0.51
CA ASP E 107 -19.44 6.53 1.35
C ASP E 107 -18.45 7.49 1.99
N ILE E 108 -18.68 7.83 3.25
CA ILE E 108 -17.96 8.90 3.93
C ILE E 108 -17.16 8.31 5.08
N LYS E 109 -15.88 8.64 5.13
CA LYS E 109 -15.03 8.25 6.25
C LYS E 109 -14.11 9.41 6.62
N GLY E 110 -13.80 9.50 7.91
CA GLY E 110 -12.95 10.57 8.40
C GLY E 110 -12.72 10.44 9.88
N ILE E 111 -12.20 11.50 10.48
CA ILE E 111 -11.92 11.56 11.91
C ILE E 111 -12.98 12.43 12.57
N LEU E 112 -13.58 11.91 13.64
CA LEU E 112 -14.59 12.64 14.41
C LEU E 112 -14.07 12.87 15.83
N ASP E 113 -14.14 14.11 16.28
CA ASP E 113 -13.84 14.46 17.66
C ASP E 113 -15.13 14.88 18.34
N ARG E 114 -15.52 14.14 19.37
CA ARG E 114 -16.76 14.42 20.10
C ARG E 114 -16.55 15.30 21.33
N GLY E 115 -15.32 15.74 21.58
CA GLY E 115 -15.05 16.71 22.60
C GLY E 115 -15.01 16.12 24.00
N PRO E 116 -14.57 16.93 24.97
CA PRO E 116 -14.58 16.46 26.37
C PRO E 116 -15.97 16.22 26.91
N SER E 117 -16.99 16.83 26.32
CA SER E 117 -18.36 16.70 26.79
C SER E 117 -19.01 15.43 26.26
N PHE E 118 -18.38 14.27 26.47
CA PHE E 118 -18.90 13.03 25.91
C PHE E 118 -18.68 11.91 26.91
N LYS E 119 -19.72 11.54 27.65
CA LYS E 119 -19.69 10.37 28.51
C LYS E 119 -20.62 9.31 27.96
N PRO E 120 -20.12 8.21 27.43
CA PRO E 120 -20.99 7.19 26.86
C PRO E 120 -21.67 6.34 27.93
N TYR E 121 -21.52 6.72 29.19
CA TYR E 121 -21.96 5.87 30.29
C TYR E 121 -22.36 6.71 31.48
N CYS E 122 -23.50 6.37 32.08
CA CYS E 122 -23.87 6.95 33.36
C CYS E 122 -22.94 6.41 34.45
N GLY E 123 -22.63 7.26 35.41
CA GLY E 123 -21.72 6.87 36.46
C GLY E 123 -20.27 6.95 36.01
N THR E 124 -19.40 6.39 36.84
CA THR E 124 -17.96 6.44 36.62
C THR E 124 -17.41 5.03 36.43
N ALA E 125 -16.16 4.96 35.98
CA ALA E 125 -15.45 3.70 35.80
C ALA E 125 -14.33 3.51 36.81
N TYR E 126 -14.14 4.45 37.72
CA TYR E 126 -13.02 4.45 38.65
C TYR E 126 -13.57 4.39 40.06
N ASN E 127 -13.36 3.26 40.73
CA ASN E 127 -13.95 2.97 42.03
C ASN E 127 -15.46 3.26 42.05
N PRO E 128 -16.25 2.60 41.19
CA PRO E 128 -17.70 2.85 41.21
C PRO E 128 -18.37 2.46 42.52
N LEU E 129 -18.00 1.30 43.09
CA LEU E 129 -18.61 0.88 44.36
C LEU E 129 -18.12 1.70 45.54
N ALA E 130 -17.10 2.54 45.36
CA ALA E 130 -16.67 3.41 46.45
C ALA E 130 -17.79 4.37 46.82
N PRO E 131 -18.06 4.56 48.12
CA PRO E 131 -19.03 5.58 48.51
C PRO E 131 -18.59 6.96 48.06
N LYS E 132 -19.58 7.80 47.74
CA LYS E 132 -19.29 9.07 47.07
C LYS E 132 -18.37 9.96 47.89
N GLU E 133 -18.46 9.89 49.22
CA GLU E 133 -17.66 10.74 50.08
C GLU E 133 -16.47 10.01 50.70
N SER E 134 -16.15 8.81 50.22
CA SER E 134 -15.02 8.07 50.74
C SER E 134 -13.71 8.70 50.29
N MET E 135 -12.64 8.38 51.01
CA MET E 135 -11.30 8.88 50.72
C MET E 135 -10.33 7.73 50.64
N PHE E 136 -9.34 7.84 49.76
CA PHE E 136 -8.45 6.72 49.44
C PHE E 136 -7.22 6.75 50.35
N ASN E 137 -7.48 6.58 51.66
CA ASN E 137 -6.43 6.37 52.66
C ASN E 137 -5.42 7.53 52.63
N ASN E 138 -5.94 8.68 53.06
CA ASN E 138 -5.27 9.96 52.90
C ASN E 138 -3.88 9.98 53.53
N TRP E 139 -3.11 11.00 53.15
CA TRP E 139 -1.85 11.31 53.82
C TRP E 139 -1.58 12.79 53.52
N SER E 140 -1.74 13.64 54.53
CA SER E 140 -1.59 15.08 54.36
C SER E 140 -0.40 15.55 55.20
N GLU E 141 0.69 15.93 54.53
CA GLU E 141 1.88 16.39 55.20
C GLU E 141 2.39 17.67 54.55
N THR E 142 3.05 18.51 55.35
CA THR E 142 3.64 19.72 54.83
C THR E 142 4.97 19.43 54.15
N ALA E 143 5.81 18.63 54.79
CA ALA E 143 7.06 18.14 54.23
C ALA E 143 7.23 16.69 54.68
N PRO E 144 8.00 15.90 53.93
CA PRO E 144 8.15 14.48 54.29
C PRO E 144 8.73 14.31 55.69
N GLY E 145 7.95 13.68 56.56
CA GLY E 145 8.34 13.51 57.95
C GLY E 145 7.97 14.65 58.87
N GLN E 146 7.40 15.72 58.34
CA GLN E 146 6.96 16.84 59.15
C GLN E 146 5.48 16.68 59.50
N ASN E 147 4.84 17.77 59.93
CA ASN E 147 3.45 17.76 60.37
C ASN E 147 2.58 17.02 59.37
N VAL E 148 1.97 15.92 59.82
CA VAL E 148 1.34 14.96 58.92
C VAL E 148 -0.03 14.59 59.45
N SER E 149 -0.99 14.48 58.53
CA SER E 149 -2.32 13.95 58.81
C SER E 149 -2.60 12.81 57.84
N ALA E 150 -3.06 11.68 58.38
CA ALA E 150 -3.34 10.52 57.54
C ALA E 150 -4.51 9.75 58.13
N SER E 151 -5.40 9.28 57.26
CA SER E 151 -6.56 8.51 57.69
C SER E 151 -6.84 7.46 56.63
N GLY E 152 -6.90 6.19 57.05
CA GLY E 152 -7.18 5.13 56.11
C GLY E 152 -7.19 3.78 56.80
N GLN E 153 -7.48 2.75 56.02
CA GLN E 153 -7.50 1.38 56.50
C GLN E 153 -6.12 0.74 56.30
N LEU E 154 -5.70 -0.03 57.29
CA LEU E 154 -4.45 -0.78 57.23
C LEU E 154 -4.82 -2.24 57.15
N SER E 155 -4.77 -2.81 55.93
CA SER E 155 -5.35 -4.12 55.66
C SER E 155 -4.34 -5.25 55.71
N ASN E 156 -3.16 -5.06 55.12
CA ASN E 156 -2.21 -6.15 54.98
C ASN E 156 -1.64 -6.56 56.34
N VAL E 157 -1.36 -7.85 56.49
CA VAL E 157 -0.82 -8.42 57.71
C VAL E 157 0.39 -9.29 57.37
N TYR E 158 1.33 -9.36 58.32
CA TYR E 158 2.52 -10.18 58.10
C TYR E 158 2.95 -10.91 59.37
N THR E 159 2.00 -11.19 60.26
CA THR E 159 2.21 -12.00 61.49
C THR E 159 3.56 -11.71 62.14
N ASN E 160 3.76 -10.45 62.51
CA ASN E 160 5.04 -10.03 63.05
C ASN E 160 5.28 -10.59 64.45
N THR E 161 6.55 -10.86 64.74
CA THR E 161 7.02 -11.03 66.11
C THR E 161 7.50 -9.66 66.57
N SER E 162 6.73 -9.02 67.44
CA SER E 162 6.98 -7.64 67.80
C SER E 162 8.22 -7.54 68.67
N THR E 163 8.49 -6.33 69.17
CA THR E 163 9.66 -5.97 69.99
C THR E 163 10.96 -5.98 69.21
N THR E 164 10.91 -6.16 67.89
CA THR E 164 12.14 -6.20 67.09
C THR E 164 11.81 -5.88 65.64
N LYS E 165 12.85 -5.47 64.91
CA LYS E 165 12.73 -5.14 63.50
C LYS E 165 12.91 -6.33 62.58
N ASP E 166 13.24 -7.50 63.11
CA ASP E 166 13.62 -8.63 62.26
C ASP E 166 12.48 -9.02 61.32
N THR E 167 11.25 -8.94 61.79
CA THR E 167 10.09 -9.32 60.97
C THR E 167 9.41 -8.14 60.30
N THR E 168 9.62 -6.93 60.79
CA THR E 168 9.01 -5.76 60.17
C THR E 168 9.89 -5.17 59.08
N ALA E 169 11.21 -5.12 59.30
CA ALA E 169 12.11 -4.61 58.27
C ALA E 169 12.08 -5.49 57.03
N ALA E 170 11.77 -6.78 57.18
CA ALA E 170 11.63 -7.64 56.02
C ALA E 170 10.51 -7.16 55.11
N GLN E 171 9.39 -6.73 55.70
CA GLN E 171 8.30 -6.18 54.91
C GLN E 171 8.64 -4.77 54.44
N VAL E 172 9.40 -4.02 55.23
CA VAL E 172 9.76 -2.66 54.85
C VAL E 172 10.62 -2.65 53.59
N THR E 173 11.57 -3.58 53.49
CA THR E 173 12.39 -3.65 52.30
C THR E 173 11.57 -3.96 51.05
N LYS E 174 10.44 -4.64 51.20
CA LYS E 174 9.55 -4.93 50.08
C LYS E 174 8.64 -3.75 49.73
N ILE E 175 8.56 -2.75 50.60
CA ILE E 175 7.63 -1.63 50.38
C ILE E 175 7.95 -0.88 49.09
N SER E 176 9.23 -0.81 48.72
CA SER E 176 9.66 0.04 47.63
C SER E 176 9.11 -0.41 46.27
N GLY E 177 8.27 -1.44 46.26
CA GLY E 177 7.62 -1.86 45.03
C GLY E 177 6.11 -1.83 45.11
N VAL E 178 5.47 -2.80 44.43
CA VAL E 178 4.02 -2.94 44.45
C VAL E 178 3.55 -3.75 45.66
N PHE E 179 4.49 -4.21 46.50
CA PHE E 179 4.17 -5.17 47.55
C PHE E 179 3.01 -4.79 48.46
N PRO E 180 2.84 -3.55 48.92
CA PRO E 180 1.67 -3.25 49.74
C PRO E 180 0.36 -3.65 49.09
N ASN E 181 0.24 -3.52 47.76
CA ASN E 181 -0.85 -4.10 46.99
C ASN E 181 -2.21 -3.74 47.54
N PRO E 182 -2.69 -2.52 47.31
CA PRO E 182 -3.95 -2.08 47.93
C PRO E 182 -5.13 -2.99 47.66
N ASN E 183 -5.09 -3.82 46.62
CA ASN E 183 -6.19 -4.74 46.36
C ASN E 183 -6.35 -5.76 47.47
N GLN E 184 -5.24 -6.31 47.96
CA GLN E 184 -5.28 -7.37 48.95
C GLN E 184 -5.56 -6.81 50.34
N GLY E 185 -6.25 -7.58 51.16
CA GLY E 185 -6.58 -7.19 52.50
C GLY E 185 -5.93 -8.09 53.54
N PRO E 186 -6.60 -8.27 54.68
CA PRO E 186 -6.05 -9.15 55.72
C PRO E 186 -5.88 -10.58 55.26
N GLY E 187 -6.74 -11.07 54.38
CA GLY E 187 -6.66 -12.43 53.89
C GLY E 187 -7.33 -13.47 54.76
N ILE E 188 -7.94 -13.06 55.87
CA ILE E 188 -8.58 -13.99 56.81
C ILE E 188 -10.09 -13.78 56.74
N ASN E 189 -10.83 -14.88 56.71
CA ASN E 189 -12.28 -14.75 56.75
C ASN E 189 -12.78 -14.59 58.18
N PRO E 190 -12.38 -15.45 59.15
CA PRO E 190 -12.79 -15.21 60.55
C PRO E 190 -11.89 -14.16 61.18
N LEU E 191 -12.43 -12.96 61.36
CA LEU E 191 -11.63 -11.86 61.89
C LEU E 191 -11.37 -11.99 63.39
N ARG E 192 -11.99 -12.95 64.07
CA ARG E 192 -11.82 -13.11 65.51
C ARG E 192 -10.59 -13.92 65.89
N GLN E 193 -9.93 -14.56 64.93
CA GLN E 193 -8.81 -15.45 65.22
C GLN E 193 -7.47 -14.72 65.27
N VAL E 194 -7.41 -13.45 64.87
CA VAL E 194 -6.16 -12.71 64.94
C VAL E 194 -5.85 -12.33 66.38
N GLU E 195 -4.62 -12.60 66.80
CA GLU E 195 -4.09 -12.02 68.03
C GLU E 195 -3.52 -10.65 67.72
N ASN E 196 -3.93 -9.64 68.50
CA ASN E 196 -3.57 -8.26 68.20
C ASN E 196 -2.09 -7.97 68.44
N ALA E 197 -1.36 -8.88 69.08
CA ALA E 197 0.05 -8.66 69.38
C ALA E 197 1.00 -9.32 68.38
N ASN E 198 0.50 -10.22 67.54
CA ASN E 198 1.32 -10.97 66.59
C ASN E 198 0.68 -10.98 65.21
N THR E 199 0.24 -9.83 64.75
CA THR E 199 -0.49 -9.76 63.49
C THR E 199 0.24 -8.99 62.40
N GLY E 200 0.99 -7.94 62.74
CA GLY E 200 1.62 -7.12 61.73
C GLY E 200 0.64 -6.21 61.03
N VAL E 201 1.10 -5.05 60.61
CA VAL E 201 0.25 -4.06 59.95
C VAL E 201 1.01 -3.45 58.78
N LEU E 202 0.35 -3.35 57.62
CA LEU E 202 0.94 -2.74 56.45
C LEU E 202 -0.12 -1.90 55.74
N GLY E 203 0.35 -0.94 54.95
CA GLY E 203 -0.57 -0.08 54.22
C GLY E 203 0.14 0.69 53.14
N ARG E 204 -0.68 1.32 52.30
CA ARG E 204 -0.18 2.08 51.15
C ARG E 204 -1.06 3.31 51.00
N PHE E 205 -0.53 4.47 51.35
CA PHE E 205 -1.29 5.71 51.34
C PHE E 205 -0.79 6.63 50.23
N ALA E 206 -1.62 7.61 49.90
CA ALA E 206 -1.34 8.56 48.84
C ALA E 206 -1.46 9.97 49.38
N LYS E 207 -0.40 10.76 49.20
CA LYS E 207 -0.42 12.17 49.60
C LYS E 207 -0.78 13.02 48.39
N SER E 208 -1.99 13.56 48.40
CA SER E 208 -2.46 14.32 47.25
C SER E 208 -3.60 15.24 47.68
N GLN E 209 -3.85 16.25 46.86
CA GLN E 209 -5.04 17.08 46.99
C GLN E 209 -6.25 16.32 46.47
N TYR E 210 -7.44 16.76 46.88
CA TYR E 210 -8.71 16.19 46.41
C TYR E 210 -8.80 14.71 46.75
N ASN E 211 -8.85 14.42 48.04
CA ASN E 211 -8.96 13.05 48.53
C ASN E 211 -10.41 12.59 48.38
N TYR E 212 -10.67 11.80 47.35
CA TYR E 212 -11.97 11.17 47.16
C TYR E 212 -11.74 9.79 46.55
N ALA E 213 -12.36 8.76 47.14
CA ALA E 213 -12.22 7.42 46.58
C ALA E 213 -12.99 7.28 45.28
N TYR E 214 -14.21 7.81 45.23
CA TYR E 214 -15.07 7.66 44.07
C TYR E 214 -14.53 8.48 42.90
N GLY E 215 -14.28 7.81 41.79
CA GLY E 215 -13.79 8.49 40.60
C GLY E 215 -12.30 8.79 40.60
N ALA E 216 -11.56 8.31 41.60
CA ALA E 216 -10.14 8.59 41.68
C ALA E 216 -9.36 7.79 40.65
N TYR E 217 -8.53 8.47 39.86
CA TYR E 217 -7.71 7.84 38.84
C TYR E 217 -6.29 8.35 38.93
N VAL E 218 -5.32 7.44 38.92
CA VAL E 218 -3.90 7.77 38.83
C VAL E 218 -3.30 6.84 37.78
N LYS E 219 -2.90 7.40 36.65
CA LYS E 219 -2.43 6.59 35.54
C LYS E 219 -1.16 5.83 35.95
N PRO E 220 -0.97 4.61 35.44
CA PRO E 220 0.20 3.82 35.83
C PRO E 220 1.48 4.39 35.25
N VAL E 221 2.59 4.07 35.91
CA VAL E 221 3.91 4.39 35.39
C VAL E 221 4.73 3.14 35.11
N ALA E 222 4.45 2.02 35.75
CA ALA E 222 5.12 0.76 35.49
C ALA E 222 4.12 -0.25 34.94
N ALA E 223 4.66 -1.32 34.36
CA ALA E 223 3.85 -2.30 33.65
C ALA E 223 2.98 -3.17 34.56
N ASP E 224 3.18 -3.10 35.89
CA ASP E 224 2.43 -3.90 36.84
C ASP E 224 1.85 -3.01 37.95
N GLY E 225 0.68 -2.43 37.67
CA GLY E 225 0.10 -1.49 38.61
C GLY E 225 1.07 -0.35 38.81
N SER E 226 1.51 -0.16 40.04
CA SER E 226 2.63 0.73 40.36
C SER E 226 2.37 2.14 39.84
N GLN E 227 1.36 2.77 40.41
CA GLN E 227 0.97 4.11 39.96
C GLN E 227 2.01 5.17 40.27
N SER E 228 3.02 4.86 41.09
CA SER E 228 4.09 5.80 41.38
C SER E 228 5.42 5.06 41.39
N LEU E 229 6.49 5.83 41.19
CA LEU E 229 7.84 5.29 41.17
C LEU E 229 8.57 5.41 42.50
N THR E 230 8.42 6.53 43.19
CA THR E 230 9.12 6.77 44.45
C THR E 230 8.14 6.60 45.59
N GLN E 231 8.49 5.73 46.54
CA GLN E 231 7.66 5.43 47.69
C GLN E 231 8.49 5.60 48.95
N THR E 232 8.01 6.43 49.88
CA THR E 232 8.71 6.66 51.13
C THR E 232 8.04 5.86 52.24
N PRO E 233 8.68 4.84 52.78
CA PRO E 233 8.06 4.06 53.86
C PRO E 233 8.14 4.77 55.20
N TYR E 234 7.15 4.50 56.04
CA TYR E 234 7.09 5.00 57.40
C TYR E 234 6.75 3.87 58.34
N TRP E 235 7.48 3.80 59.46
CA TRP E 235 7.29 2.72 60.43
C TRP E 235 6.15 3.06 61.37
N ILE E 236 5.48 2.01 61.87
CA ILE E 236 4.39 2.15 62.83
C ILE E 236 4.83 1.57 64.16
N MET E 237 4.92 2.42 65.17
CA MET E 237 5.15 2.00 66.54
C MET E 237 4.18 2.73 67.46
N ASN E 238 4.06 2.23 68.68
CA ASN E 238 3.14 2.78 69.66
C ASN E 238 3.74 4.05 70.26
N ASN E 239 3.17 4.51 71.38
CA ASN E 239 3.70 5.68 72.05
C ASN E 239 5.17 5.52 72.41
N ALA E 240 5.60 4.30 72.74
CA ALA E 240 7.01 4.01 72.87
C ALA E 240 7.60 3.64 71.52
N GLY E 241 8.93 3.75 71.43
CA GLY E 241 9.61 3.38 70.22
C GLY E 241 10.09 1.95 70.13
N THR E 242 10.04 1.23 71.25
CA THR E 242 10.56 -0.15 71.28
C THR E 242 9.61 -1.14 70.63
N GLU E 243 8.30 -0.93 70.78
CA GLU E 243 7.30 -1.90 70.34
C GLU E 243 6.99 -1.65 68.87
N TYR E 244 7.48 -2.53 67.99
CA TYR E 244 7.29 -2.36 66.56
C TYR E 244 5.95 -2.97 66.15
N LEU E 245 5.17 -2.20 65.39
CA LEU E 245 3.81 -2.59 65.03
C LEU E 245 3.61 -2.78 63.54
N GLY E 246 4.14 -1.92 62.70
CA GLY E 246 3.88 -2.04 61.29
C GLY E 246 4.65 -1.04 60.46
N ALA E 247 4.20 -0.88 59.22
CA ALA E 247 4.84 0.03 58.27
C ALA E 247 3.80 0.54 57.29
N VAL E 248 4.11 1.66 56.63
CA VAL E 248 3.20 2.33 55.72
C VAL E 248 3.96 2.77 54.48
N ALA E 249 3.36 2.56 53.31
CA ALA E 249 3.86 3.08 52.05
C ALA E 249 3.13 4.37 51.72
N VAL E 250 3.89 5.40 51.35
CA VAL E 250 3.33 6.71 51.02
C VAL E 250 3.81 7.10 49.64
N GLU E 251 2.87 7.49 48.77
CA GLU E 251 3.17 7.85 47.41
C GLU E 251 2.59 9.23 47.11
N ASP E 252 3.31 9.99 46.29
CA ASP E 252 2.92 11.36 45.96
C ASP E 252 2.06 11.34 44.70
N TYR E 253 0.78 11.65 44.86
CA TYR E 253 -0.15 11.80 43.74
C TYR E 253 -0.61 13.24 43.60
N THR E 254 0.21 14.20 44.05
CA THR E 254 -0.20 15.59 44.04
C THR E 254 -0.47 16.08 42.61
N ASN E 255 0.39 15.70 41.67
CA ASN E 255 0.22 16.08 40.28
C ASN E 255 -0.02 14.91 39.35
N SER E 256 0.10 13.68 39.84
CA SER E 256 -0.13 12.49 39.03
C SER E 256 -1.57 11.98 39.11
N LEU E 257 -2.43 12.67 39.83
CA LEU E 257 -3.81 12.23 40.06
C LEU E 257 -4.77 13.10 39.27
N SER E 258 -5.84 12.49 38.78
CA SER E 258 -6.87 13.20 38.03
C SER E 258 -8.22 12.53 38.31
N TYR E 259 -9.28 13.26 38.00
CA TYR E 259 -10.65 12.78 38.21
C TYR E 259 -11.41 12.88 36.89
N PRO E 260 -11.13 11.98 35.95
CA PRO E 260 -11.94 11.94 34.72
C PRO E 260 -13.35 11.48 35.01
N ASP E 261 -14.28 11.98 34.19
CA ASP E 261 -15.71 11.64 34.22
C ASP E 261 -16.33 11.79 35.61
N THR E 262 -15.71 12.54 36.51
CA THR E 262 -16.27 12.81 37.83
C THR E 262 -16.04 14.27 38.19
N MET E 263 -16.98 14.83 38.95
CA MET E 263 -16.90 16.22 39.38
C MET E 263 -17.14 16.30 40.89
N ILE E 264 -16.39 17.18 41.55
CA ILE E 264 -16.53 17.38 42.98
C ILE E 264 -17.80 18.17 43.24
N VAL E 265 -18.63 17.69 44.16
CA VAL E 265 -19.84 18.41 44.57
C VAL E 265 -19.58 18.97 45.96
N PRO E 266 -18.96 20.14 46.07
CA PRO E 266 -18.60 20.67 47.37
C PRO E 266 -19.84 21.13 48.13
N PRO E 267 -19.78 21.16 49.46
CA PRO E 267 -20.91 21.65 50.25
C PRO E 267 -21.06 23.15 50.08
N PRO E 268 -22.12 23.74 50.63
CA PRO E 268 -22.24 25.21 50.62
C PRO E 268 -21.03 25.88 51.24
N GLU E 269 -20.87 27.16 50.90
CA GLU E 269 -19.67 27.90 51.31
C GLU E 269 -19.49 27.90 52.82
N ASP E 270 -20.58 27.91 53.58
CA ASP E 270 -20.48 27.88 55.03
C ASP E 270 -19.91 26.57 55.55
N TYR E 271 -19.83 25.54 54.71
CA TYR E 271 -19.25 24.25 55.08
C TYR E 271 -18.07 23.89 54.18
N ASP E 272 -17.48 24.87 53.50
CA ASP E 272 -16.37 24.58 52.60
C ASP E 272 -15.21 23.94 53.34
N ASP E 273 -14.81 24.54 54.46
CA ASP E 273 -13.86 23.88 55.34
C ASP E 273 -14.56 22.80 56.16
N TYR E 274 -13.75 21.96 56.80
CA TYR E 274 -14.22 20.88 57.67
C TYR E 274 -15.25 19.98 57.01
N ASN E 275 -15.37 20.06 55.69
CA ASN E 275 -16.27 19.19 54.94
C ASN E 275 -15.86 19.23 53.48
N ILE E 276 -15.55 18.06 52.91
CA ILE E 276 -15.14 17.97 51.51
C ILE E 276 -16.29 17.60 50.60
N GLY E 277 -17.51 17.45 51.14
CA GLY E 277 -18.65 17.12 50.32
C GLY E 277 -18.54 15.73 49.71
N THR E 278 -19.14 15.58 48.54
CA THR E 278 -19.09 14.33 47.81
C THR E 278 -18.62 14.61 46.38
N THR E 279 -18.21 13.55 45.70
CA THR E 279 -17.85 13.61 44.29
C THR E 279 -18.84 12.79 43.48
N ARG E 280 -19.24 13.33 42.33
CA ARG E 280 -20.25 12.71 41.49
C ARG E 280 -19.71 12.58 40.07
N ALA E 281 -20.07 11.50 39.40
CA ALA E 281 -19.74 11.34 38.00
C ALA E 281 -20.44 12.41 37.17
N LEU E 282 -19.77 12.84 36.12
CA LEU E 282 -20.34 13.87 35.24
C LEU E 282 -21.63 13.34 34.61
N ARG E 283 -22.44 14.27 34.12
CA ARG E 283 -23.69 13.87 33.47
C ARG E 283 -23.39 13.10 32.19
N PRO E 284 -24.07 11.98 31.96
CA PRO E 284 -23.78 11.18 30.76
C PRO E 284 -24.25 11.88 29.50
N ASN E 285 -23.33 12.03 28.54
CA ASN E 285 -23.60 12.75 27.30
C ASN E 285 -23.19 11.89 26.12
N TYR E 286 -24.13 11.65 25.20
CA TYR E 286 -23.90 10.86 24.01
C TYR E 286 -23.86 11.78 22.81
N ILE E 287 -22.76 11.74 22.05
CA ILE E 287 -22.54 12.70 20.97
C ILE E 287 -22.51 11.97 19.62
N GLY E 288 -23.30 10.92 19.50
CA GLY E 288 -23.39 10.22 18.23
C GLY E 288 -24.10 11.06 17.16
N PHE E 289 -24.05 10.55 15.94
CA PHE E 289 -24.70 11.22 14.82
C PHE E 289 -26.21 11.22 14.99
N ARG E 290 -26.89 11.96 14.12
CA ARG E 290 -28.33 12.11 14.22
C ARG E 290 -29.06 10.96 13.52
N ASP E 291 -30.35 10.86 13.78
CA ASP E 291 -31.18 9.85 13.14
C ASP E 291 -31.17 10.03 11.63
N ASN E 292 -31.00 8.92 10.91
CA ASN E 292 -30.98 8.92 9.45
C ASN E 292 -29.97 9.92 8.89
N PHE E 293 -28.90 10.16 9.65
CA PHE E 293 -27.86 11.11 9.26
C PHE E 293 -28.46 12.48 8.92
N ILE E 294 -29.43 12.90 9.74
CA ILE E 294 -30.04 14.21 9.55
C ILE E 294 -29.01 15.30 9.77
N ASN E 295 -29.11 16.37 8.96
CA ASN E 295 -28.23 17.52 9.06
C ASN E 295 -26.78 17.14 8.75
N LEU E 296 -26.61 16.20 7.82
CA LEU E 296 -25.29 15.83 7.33
C LEU E 296 -25.09 16.13 5.87
N LEU E 297 -26.16 16.29 5.10
CA LEU E 297 -26.11 16.81 3.74
C LEU E 297 -26.88 18.13 3.70
N TYR E 298 -26.33 19.11 2.99
CA TYR E 298 -26.94 20.44 2.94
C TYR E 298 -28.19 20.37 2.06
N HIS E 299 -29.31 20.07 2.69
CA HIS E 299 -30.59 20.08 2.02
C HIS E 299 -31.32 21.40 2.28
N ASP E 300 -32.09 21.83 1.29
CA ASP E 300 -32.97 23.00 1.40
C ASP E 300 -32.20 24.28 1.71
N SER E 301 -30.90 24.29 1.46
CA SER E 301 -30.06 25.47 1.69
C SER E 301 -29.57 25.96 0.34
N GLY E 302 -30.10 27.10 -0.10
CA GLY E 302 -29.73 27.63 -1.41
C GLY E 302 -28.27 28.04 -1.50
N VAL E 303 -27.71 28.56 -0.41
CA VAL E 303 -26.32 29.02 -0.43
C VAL E 303 -25.36 27.87 -0.68
N CYS E 304 -25.65 26.71 -0.12
CA CYS E 304 -24.81 25.51 -0.27
C CYS E 304 -25.65 24.37 -0.84
N SER E 305 -26.42 24.67 -1.88
CA SER E 305 -27.27 23.65 -2.49
C SER E 305 -26.44 22.65 -3.26
N GLY E 306 -26.98 21.44 -3.39
CA GLY E 306 -26.36 20.43 -4.20
C GLY E 306 -26.54 20.72 -5.67
N THR E 307 -25.92 19.88 -6.49
CA THR E 307 -25.95 20.09 -7.93
C THR E 307 -25.99 18.74 -8.63
N LEU E 308 -27.00 18.54 -9.47
CA LEU E 308 -27.06 17.41 -10.38
C LEU E 308 -27.41 17.93 -11.77
N ASN E 309 -26.60 17.58 -12.76
CA ASN E 309 -26.83 18.01 -14.13
C ASN E 309 -25.97 17.17 -15.05
N SER E 310 -26.30 17.21 -16.34
CA SER E 310 -25.53 16.51 -17.34
C SER E 310 -24.34 17.37 -17.76
N GLU E 311 -23.43 16.77 -18.53
CA GLU E 311 -22.26 17.49 -19.02
C GLU E 311 -22.58 18.36 -20.22
N ARG E 312 -23.34 17.83 -21.18
CA ARG E 312 -23.66 18.57 -22.39
C ARG E 312 -24.44 19.84 -22.06
N SER E 313 -25.39 19.75 -21.15
CA SER E 313 -26.11 20.91 -20.63
C SER E 313 -25.77 21.01 -19.15
N GLY E 314 -24.90 21.96 -18.80
CA GLY E 314 -24.43 22.07 -17.43
C GLY E 314 -25.40 22.80 -16.51
N MET E 315 -26.69 22.64 -16.76
CA MET E 315 -27.72 23.37 -16.03
C MET E 315 -28.30 22.48 -14.94
N ASN E 316 -28.24 22.97 -13.69
CA ASN E 316 -28.65 22.18 -12.55
C ASN E 316 -30.12 21.82 -12.63
N VAL E 317 -30.46 20.61 -12.19
CA VAL E 317 -31.85 20.16 -12.13
C VAL E 317 -32.39 20.10 -10.72
N VAL E 318 -31.54 20.15 -9.70
CA VAL E 318 -31.98 20.21 -8.32
C VAL E 318 -32.09 21.68 -7.92
N VAL E 319 -33.31 22.12 -7.65
CA VAL E 319 -33.58 23.45 -7.12
C VAL E 319 -34.19 23.29 -5.73
N GLU E 320 -33.51 23.84 -4.73
CA GLU E 320 -33.91 23.67 -3.34
C GLU E 320 -34.56 24.94 -2.82
N LEU E 321 -35.56 24.77 -1.97
CA LEU E 321 -36.27 25.89 -1.41
C LEU E 321 -36.05 25.97 0.10
N PRO E 322 -35.98 27.19 0.66
CA PRO E 322 -35.81 27.29 2.11
C PRO E 322 -37.08 26.97 2.88
N ASP E 323 -38.23 26.95 2.22
CA ASP E 323 -39.51 26.69 2.86
C ASP E 323 -39.93 25.23 2.79
N ARG E 324 -39.08 24.35 2.30
CA ARG E 324 -39.32 22.92 2.33
C ARG E 324 -38.37 22.26 3.31
N ASN E 325 -38.80 21.12 3.84
CA ASN E 325 -38.05 20.39 4.86
C ASN E 325 -37.78 18.98 4.33
N THR E 326 -36.61 18.79 3.71
CA THR E 326 -36.30 17.51 3.09
C THR E 326 -36.08 16.41 4.14
N GLU E 327 -35.40 16.75 5.23
CA GLU E 327 -35.04 15.73 6.21
C GLU E 327 -36.25 15.31 7.05
N LEU E 328 -37.09 16.26 7.44
CA LEU E 328 -38.35 15.89 8.08
C LEU E 328 -39.25 15.12 7.12
N SER E 329 -39.19 15.47 5.83
CA SER E 329 -39.94 14.71 4.85
C SER E 329 -39.47 13.26 4.79
N TYR E 330 -38.17 13.04 4.83
CA TYR E 330 -37.65 11.67 4.86
C TYR E 330 -38.05 10.98 6.16
N GLN E 331 -38.05 11.72 7.27
CA GLN E 331 -38.49 11.14 8.54
C GLN E 331 -39.92 10.63 8.45
N TYR E 332 -40.82 11.46 7.94
CA TYR E 332 -42.22 11.06 7.81
C TYR E 332 -42.39 9.93 6.81
N MET E 333 -41.66 9.98 5.69
CA MET E 333 -41.75 8.92 4.69
C MET E 333 -41.30 7.59 5.27
N LEU E 334 -40.19 7.58 5.99
CA LEU E 334 -39.68 6.32 6.54
C LEU E 334 -40.58 5.83 7.67
N ALA E 335 -41.10 6.74 8.49
CA ALA E 335 -41.99 6.33 9.57
C ALA E 335 -43.30 5.76 9.06
N ASP E 336 -43.80 6.28 7.93
CA ASP E 336 -44.98 5.67 7.32
C ASP E 336 -44.64 4.37 6.61
N MET E 337 -43.41 4.27 6.07
CA MET E 337 -43.02 3.08 5.36
C MET E 337 -42.79 1.90 6.31
N MET E 338 -42.21 2.16 7.48
CA MET E 338 -41.92 1.10 8.43
C MET E 338 -42.07 1.63 9.84
N SER E 339 -42.17 0.70 10.79
CA SER E 339 -42.12 1.07 12.20
C SER E 339 -40.75 1.62 12.55
N ARG E 340 -40.74 2.63 13.43
CA ARG E 340 -39.51 3.30 13.80
C ARG E 340 -38.69 2.54 14.85
N HIS E 341 -39.26 1.54 15.50
CA HIS E 341 -38.49 0.80 16.49
C HIS E 341 -37.46 -0.12 15.86
N HIS E 342 -37.51 -0.30 14.55
CA HIS E 342 -36.51 -1.09 13.84
C HIS E 342 -35.24 -0.28 13.70
N TYR E 343 -34.13 -0.78 14.24
CA TYR E 343 -32.85 -0.09 14.18
C TYR E 343 -32.07 -0.60 12.98
N PHE E 344 -32.04 0.20 11.93
CA PHE E 344 -31.26 -0.12 10.72
C PHE E 344 -29.94 0.62 10.83
N ALA E 345 -28.89 -0.10 11.25
CA ALA E 345 -27.62 0.52 11.58
C ALA E 345 -26.94 1.14 10.37
N LEU E 346 -27.39 0.85 9.15
CA LEU E 346 -26.72 1.40 7.98
C LEU E 346 -26.97 2.89 7.85
N TRP E 347 -28.24 3.28 7.68
CA TRP E 347 -28.57 4.69 7.55
C TRP E 347 -28.57 5.41 8.88
N ASN E 348 -28.00 4.80 9.92
CA ASN E 348 -28.09 5.33 11.28
C ASN E 348 -29.56 5.49 11.68
N GLN E 349 -30.39 4.55 11.24
CA GLN E 349 -31.83 4.61 11.43
C GLN E 349 -32.14 4.12 12.84
N ALA E 350 -32.14 5.06 13.78
CA ALA E 350 -32.49 4.78 15.17
C ALA E 350 -33.28 5.98 15.66
N VAL E 351 -34.60 5.82 15.77
CA VAL E 351 -35.47 6.94 16.10
C VAL E 351 -35.18 7.43 17.51
N ASP E 352 -35.18 8.74 17.69
CA ASP E 352 -34.99 9.33 19.01
C ASP E 352 -36.24 9.07 19.84
N GLN E 353 -36.11 8.24 20.88
CA GLN E 353 -37.23 7.88 21.72
C GLN E 353 -36.89 8.15 23.18
N TYR E 354 -37.86 8.71 23.90
CA TYR E 354 -37.71 8.91 25.33
C TYR E 354 -38.28 7.72 26.10
N ASP E 355 -37.73 7.49 27.27
CA ASP E 355 -38.28 6.46 28.15
C ASP E 355 -39.60 6.97 28.72
N PRO E 356 -40.73 6.31 28.43
CA PRO E 356 -42.02 6.81 28.95
C PRO E 356 -42.07 6.89 30.46
N GLU E 357 -41.40 5.98 31.17
CA GLU E 357 -41.39 6.03 32.62
C GLU E 357 -40.71 7.29 33.15
N VAL E 358 -39.95 7.99 32.30
CA VAL E 358 -39.31 9.25 32.67
C VAL E 358 -40.16 10.45 32.28
N ARG E 359 -40.70 10.45 31.07
CA ARG E 359 -41.50 11.58 30.61
C ARG E 359 -42.84 11.64 31.34
N VAL E 360 -43.69 10.62 31.13
CA VAL E 360 -45.01 10.60 31.74
C VAL E 360 -44.82 9.94 33.11
N PHE E 361 -44.44 10.75 34.09
CA PHE E 361 -44.00 10.24 35.40
C PHE E 361 -45.20 9.69 36.16
N SER E 362 -45.28 8.38 36.26
CA SER E 362 -46.32 7.71 37.05
C SER E 362 -45.72 7.32 38.39
N ASN E 363 -45.81 8.24 39.35
CA ASN E 363 -45.26 7.97 40.68
C ASN E 363 -46.11 6.92 41.38
N ASP E 364 -45.44 5.88 41.90
CA ASP E 364 -46.14 4.78 42.56
C ASP E 364 -45.42 4.34 43.82
N GLY E 365 -44.53 5.17 44.34
CA GLY E 365 -43.73 4.76 45.47
C GLY E 365 -42.77 3.66 45.11
N TYR E 366 -42.90 2.51 45.78
CA TYR E 366 -41.93 1.44 45.65
C TYR E 366 -42.57 0.14 46.08
N GLU E 367 -41.96 -0.97 45.65
CA GLU E 367 -42.44 -2.28 46.04
C GLU E 367 -42.09 -2.56 47.49
N GLU E 368 -43.02 -2.29 48.41
CA GLU E 368 -42.76 -2.48 49.83
C GLU E 368 -42.84 -3.97 50.14
N GLY E 369 -41.71 -4.54 50.56
CA GLY E 369 -41.67 -5.92 50.98
C GLY E 369 -41.29 -6.05 52.44
N ALA E 370 -40.77 -7.21 52.82
CA ALA E 370 -40.28 -7.38 54.18
C ALA E 370 -39.07 -6.46 54.42
N PRO E 371 -38.87 -6.01 55.65
CA PRO E 371 -37.71 -5.16 55.93
C PRO E 371 -36.42 -5.85 55.54
N SER E 372 -35.59 -5.14 54.78
CA SER E 372 -34.38 -5.69 54.19
C SER E 372 -33.16 -5.10 54.87
N TYR E 373 -32.22 -5.97 55.25
CA TYR E 373 -31.08 -5.59 56.06
C TYR E 373 -29.79 -6.08 55.41
N ALA E 374 -28.75 -5.26 55.48
CA ALA E 374 -27.41 -5.67 55.10
C ALA E 374 -26.67 -6.10 56.37
N PHE E 375 -26.27 -7.36 56.41
CA PHE E 375 -25.71 -7.95 57.62
C PHE E 375 -24.20 -7.92 57.60
N ASN E 376 -23.62 -8.15 58.77
CA ASN E 376 -22.18 -8.33 58.99
C ASN E 376 -21.68 -9.32 57.95
N PRO E 377 -20.46 -9.16 57.42
CA PRO E 377 -19.94 -10.19 56.50
C PRO E 377 -19.95 -11.58 57.10
N GLU E 378 -19.62 -11.70 58.38
CA GLU E 378 -19.86 -12.95 59.10
C GLU E 378 -21.24 -12.85 59.76
N ALA E 379 -21.70 -13.92 60.38
CA ALA E 379 -22.99 -13.90 61.04
C ALA E 379 -22.88 -13.53 62.51
N VAL E 380 -21.67 -13.25 63.00
CA VAL E 380 -21.43 -12.97 64.40
C VAL E 380 -20.85 -11.56 64.51
N GLY E 381 -21.46 -10.73 65.34
CA GLY E 381 -20.96 -9.38 65.54
C GLY E 381 -21.61 -8.75 66.74
N ALA E 382 -21.04 -7.60 67.14
CA ALA E 382 -21.53 -6.86 68.28
C ALA E 382 -21.80 -5.40 67.92
N GLY E 383 -22.21 -5.15 66.68
CA GLY E 383 -22.54 -3.79 66.27
C GLY E 383 -23.64 -3.22 67.13
N GLU E 384 -23.38 -2.06 67.74
CA GLU E 384 -24.29 -1.47 68.73
C GLU E 384 -24.56 -2.48 69.85
N GLY E 385 -23.50 -2.75 70.61
CA GLY E 385 -23.49 -3.88 71.50
C GLY E 385 -24.39 -3.75 72.71
N TYR E 386 -25.70 -3.73 72.47
CA TYR E 386 -26.66 -3.76 73.56
C TYR E 386 -26.70 -5.15 74.19
N GLY E 387 -27.32 -5.21 75.37
CA GLY E 387 -27.42 -6.44 76.12
C GLY E 387 -26.14 -6.78 76.86
N PRO E 388 -26.08 -8.00 77.40
CA PRO E 388 -24.88 -8.39 78.15
C PRO E 388 -23.65 -8.43 77.27
N ASP E 389 -22.50 -8.14 77.88
CA ASP E 389 -21.25 -8.12 77.12
C ASP E 389 -20.94 -9.49 76.52
N LEU E 390 -21.10 -10.55 77.31
CA LEU E 390 -20.94 -11.93 76.84
C LEU E 390 -19.56 -12.18 76.23
N SER E 391 -18.54 -11.53 76.77
CA SER E 391 -17.18 -11.66 76.25
C SER E 391 -16.23 -12.38 77.19
N GLN E 392 -16.35 -12.17 78.50
CA GLN E 392 -15.52 -12.82 79.48
C GLN E 392 -16.24 -13.98 80.15
N ILE E 393 -17.24 -14.54 79.47
CA ILE E 393 -18.05 -15.60 80.06
C ILE E 393 -17.27 -16.91 80.08
N LYS E 394 -17.78 -17.86 80.86
CA LYS E 394 -17.22 -19.20 80.96
C LYS E 394 -18.34 -20.21 80.84
N LEU E 395 -18.04 -21.35 80.23
CA LEU E 395 -19.00 -22.41 80.01
C LEU E 395 -18.73 -23.57 80.95
N TYR E 396 -19.76 -24.02 81.66
CA TYR E 396 -19.68 -25.24 82.44
C TYR E 396 -20.65 -26.25 81.84
N THR E 397 -20.23 -27.52 81.80
CA THR E 397 -21.07 -28.57 81.28
C THR E 397 -22.29 -28.78 82.18
N ASN E 398 -23.33 -29.36 81.61
CA ASN E 398 -24.59 -29.55 82.33
C ASN E 398 -24.59 -30.86 83.10
N ASN E 399 -25.33 -30.85 84.20
CA ASN E 399 -25.65 -32.06 84.96
C ASN E 399 -27.16 -32.26 84.89
N THR E 400 -27.59 -33.28 84.16
CA THR E 400 -29.02 -33.50 83.95
C THR E 400 -29.74 -33.76 85.26
N ALA E 401 -29.13 -34.59 86.12
CA ALA E 401 -29.77 -34.92 87.40
C ALA E 401 -29.88 -33.70 88.30
N ALA E 402 -28.79 -32.94 88.43
CA ALA E 402 -28.78 -31.76 89.28
C ALA E 402 -29.40 -30.54 88.62
N ASN E 403 -29.63 -30.58 87.30
CA ASN E 403 -30.17 -29.44 86.56
C ASN E 403 -29.31 -28.20 86.73
N ASP E 404 -27.99 -28.41 86.81
CA ASP E 404 -27.06 -27.33 87.11
C ASP E 404 -25.71 -27.66 86.50
N LYS E 405 -24.79 -26.69 86.61
CA LYS E 405 -23.41 -26.89 86.19
C LYS E 405 -22.77 -28.04 86.96
N ASN E 406 -21.93 -28.81 86.30
CA ASN E 406 -21.21 -29.86 87.00
C ASN E 406 -19.71 -29.81 86.80
N THR E 407 -19.23 -29.53 85.59
CA THR E 407 -17.80 -29.59 85.28
C THR E 407 -17.42 -28.46 84.36
N ALA E 408 -16.32 -27.80 84.65
CA ALA E 408 -15.86 -26.66 83.88
C ALA E 408 -15.30 -27.09 82.53
N VAL E 409 -15.46 -26.22 81.54
CA VAL E 409 -14.72 -26.35 80.29
C VAL E 409 -13.34 -25.78 80.49
N THR E 410 -12.31 -26.58 80.16
CA THR E 410 -10.93 -26.18 80.44
C THR E 410 -10.58 -24.86 79.77
N ASN E 411 -10.61 -24.83 78.44
CA ASN E 411 -10.39 -23.61 77.68
C ASN E 411 -11.44 -23.54 76.59
N ALA E 412 -12.14 -22.39 76.51
CA ALA E 412 -13.24 -22.21 75.58
C ALA E 412 -13.08 -20.84 74.91
N THR E 413 -12.37 -20.81 73.79
CA THR E 413 -12.28 -19.58 73.00
C THR E 413 -13.60 -19.35 72.28
N THR E 414 -14.42 -18.45 72.82
CA THR E 414 -15.77 -18.23 72.36
C THR E 414 -15.99 -16.78 72.02
N ASN E 415 -16.76 -16.52 70.97
CA ASN E 415 -17.13 -15.16 70.58
C ASN E 415 -18.43 -14.75 71.26
N PHE E 416 -19.51 -15.48 70.98
CA PHE E 416 -20.74 -15.45 71.77
C PHE E 416 -21.26 -14.02 72.00
N TYR E 417 -21.63 -13.37 70.91
CA TYR E 417 -22.22 -12.05 71.05
C TYR E 417 -23.73 -12.15 71.32
N PHE E 418 -24.31 -11.02 71.69
CA PHE E 418 -25.72 -10.95 72.06
C PHE E 418 -26.58 -10.55 70.86
N GLY E 419 -27.85 -10.93 70.93
CA GLY E 419 -28.82 -10.49 69.95
C GLY E 419 -28.74 -11.26 68.65
N THR E 420 -29.49 -10.76 67.67
CA THR E 420 -29.51 -11.35 66.35
C THR E 420 -28.30 -10.88 65.56
N VAL E 421 -28.26 -11.18 64.28
CA VAL E 421 -27.16 -10.78 63.41
C VAL E 421 -27.15 -9.26 63.30
N PRO E 422 -26.03 -8.60 63.58
CA PRO E 422 -25.98 -7.14 63.38
C PRO E 422 -26.22 -6.79 61.92
N SER E 423 -27.01 -5.74 61.70
CA SER E 423 -27.43 -5.41 60.35
C SER E 423 -27.82 -3.95 60.28
N TYR E 424 -27.75 -3.40 59.07
CA TYR E 424 -28.27 -2.08 58.77
C TYR E 424 -29.38 -2.23 57.74
N GLU E 425 -30.52 -1.59 58.01
CA GLU E 425 -31.70 -1.73 57.16
C GLU E 425 -31.66 -0.74 56.02
N ILE E 426 -31.79 -1.26 54.80
CA ILE E 426 -31.93 -0.45 53.59
C ILE E 426 -33.19 -0.91 52.86
N ASP E 427 -34.03 0.04 52.46
CA ASP E 427 -35.18 -0.29 51.63
C ASP E 427 -34.81 0.01 50.18
N ILE E 428 -34.13 -0.96 49.58
CA ILE E 428 -33.59 -0.78 48.24
C ILE E 428 -34.67 -0.58 47.20
N SER E 429 -35.90 -1.01 47.47
CA SER E 429 -36.98 -0.75 46.53
C SER E 429 -37.24 0.74 46.39
N ALA E 430 -37.24 1.48 47.50
CA ALA E 430 -37.36 2.93 47.45
C ALA E 430 -36.05 3.61 47.10
N THR E 431 -34.92 2.95 47.39
CA THR E 431 -33.62 3.50 46.98
C THR E 431 -33.50 3.57 45.47
N GLN E 432 -33.86 2.48 44.77
CA GLN E 432 -33.92 2.53 43.32
C GLN E 432 -34.87 3.62 42.84
N ARG E 433 -36.01 3.78 43.50
CA ARG E 433 -36.98 4.77 43.06
C ARG E 433 -36.42 6.18 43.16
N ARG E 434 -35.82 6.52 44.31
CA ARG E 434 -35.24 7.84 44.48
C ARG E 434 -34.08 8.07 43.52
N ASN E 435 -33.20 7.07 43.37
CA ASN E 435 -32.07 7.25 42.47
C ASN E 435 -32.54 7.43 41.03
N PHE E 436 -33.54 6.65 40.62
CA PHE E 436 -34.12 6.81 39.28
C PHE E 436 -34.68 8.21 39.09
N ILE E 437 -35.49 8.67 40.03
CA ILE E 437 -36.11 10.00 39.89
C ILE E 437 -35.05 11.07 39.82
N MET E 438 -34.13 11.09 40.78
CA MET E 438 -33.14 12.16 40.83
C MET E 438 -32.19 12.12 39.64
N ALA E 439 -31.82 10.93 39.16
CA ALA E 439 -30.89 10.84 38.05
C ALA E 439 -31.55 11.16 36.71
N ASN E 440 -32.83 10.84 36.56
CA ASN E 440 -33.47 10.96 35.26
C ASN E 440 -34.36 12.20 35.13
N ILE E 441 -35.27 12.42 36.06
CA ILE E 441 -36.22 13.51 35.96
C ILE E 441 -35.69 14.77 36.62
N ALA E 442 -34.96 14.64 37.73
CA ALA E 442 -34.46 15.82 38.41
C ALA E 442 -33.31 16.48 37.66
N GLU E 443 -32.34 15.68 37.21
CA GLU E 443 -31.17 16.27 36.55
C GLU E 443 -31.54 17.00 35.27
N TYR E 444 -32.57 16.55 34.57
CA TYR E 444 -32.95 17.11 33.29
C TYR E 444 -33.99 18.22 33.44
N LEU E 445 -34.02 18.88 34.60
CA LEU E 445 -34.90 20.01 34.82
C LEU E 445 -34.41 21.22 34.05
N PRO E 446 -35.30 22.18 33.79
CA PRO E 446 -34.86 23.44 33.18
C PRO E 446 -33.90 24.17 34.09
N ASP E 447 -33.07 25.02 33.48
CA ASP E 447 -32.04 25.73 34.23
C ASP E 447 -32.63 26.69 35.25
N ARG E 448 -33.90 27.07 35.09
CA ARG E 448 -34.55 27.93 36.07
C ARG E 448 -34.83 27.23 37.39
N TYR E 449 -34.70 25.91 37.45
CA TYR E 449 -34.92 25.16 38.68
C TYR E 449 -33.63 24.57 39.23
N LYS E 450 -32.52 25.29 39.07
CA LYS E 450 -31.22 24.77 39.48
C LYS E 450 -30.45 25.86 40.20
N PHE E 451 -29.31 25.47 40.79
CA PHE E 451 -28.46 26.41 41.50
C PHE E 451 -27.03 25.93 41.42
N SER E 452 -26.10 26.87 41.62
CA SER E 452 -24.67 26.57 41.52
C SER E 452 -24.21 25.75 42.71
N ILE E 453 -22.91 25.44 42.73
CA ILE E 453 -22.36 24.52 43.73
C ILE E 453 -21.26 25.17 44.55
N SER E 454 -21.36 26.49 44.76
CA SER E 454 -20.48 27.24 45.64
C SER E 454 -19.05 27.34 45.11
N GLY E 455 -18.77 26.69 43.99
CA GLY E 455 -17.51 26.85 43.31
C GLY E 455 -17.75 27.34 41.91
N PHE E 456 -18.94 27.03 41.40
CA PHE E 456 -19.39 27.45 40.09
C PHE E 456 -20.10 28.80 40.19
N ASP E 457 -20.04 29.56 39.11
CA ASP E 457 -20.72 30.84 39.02
C ASP E 457 -21.35 30.98 37.65
N ALA E 458 -22.60 31.44 37.62
CA ALA E 458 -23.24 31.77 36.36
C ALA E 458 -22.58 33.01 35.76
N THR E 459 -22.82 33.21 34.47
CA THR E 459 -22.29 34.30 33.65
C THR E 459 -20.78 34.19 33.43
N SER E 460 -20.12 33.22 34.04
CA SER E 460 -18.72 32.93 33.73
C SER E 460 -18.57 31.88 32.66
N VAL E 461 -19.67 31.27 32.22
CA VAL E 461 -19.65 30.31 31.12
C VAL E 461 -21.05 30.27 30.54
N ALA E 462 -21.15 29.97 29.24
CA ALA E 462 -22.44 29.97 28.58
C ALA E 462 -23.34 28.87 29.14
N PRO E 463 -24.65 29.12 29.21
CA PRO E 463 -25.57 28.08 29.67
C PRO E 463 -25.61 26.86 28.77
N THR E 464 -25.14 26.97 27.53
CA THR E 464 -25.16 25.88 26.58
C THR E 464 -23.88 25.05 26.61
N THR E 465 -23.07 25.19 27.65
CA THR E 465 -21.85 24.41 27.78
C THR E 465 -22.07 23.20 28.68
N TYR E 466 -21.10 22.30 28.67
CA TYR E 466 -21.23 21.05 29.41
C TYR E 466 -21.07 21.27 30.91
N GLU E 467 -19.97 21.91 31.32
CA GLU E 467 -19.72 22.09 32.74
C GLU E 467 -20.68 23.08 33.39
N TYR E 468 -21.42 23.85 32.59
CA TYR E 468 -22.53 24.62 33.14
C TYR E 468 -23.66 23.71 33.60
N MET E 469 -24.07 22.77 32.74
CA MET E 469 -25.11 21.83 33.10
C MET E 469 -24.65 20.87 34.19
N ASN E 470 -23.35 20.56 34.22
CA ASN E 470 -22.86 19.61 35.21
C ASN E 470 -22.82 20.23 36.60
N LYS E 471 -22.45 21.50 36.71
CA LYS E 471 -22.21 22.15 37.98
C LYS E 471 -23.41 22.97 38.46
N ARG E 472 -24.62 22.59 38.05
CA ARG E 472 -25.84 23.24 38.53
C ARG E 472 -26.78 22.17 39.05
N VAL E 473 -26.93 22.11 40.37
CA VAL E 473 -27.75 21.08 41.00
C VAL E 473 -29.22 21.50 40.92
N PRO E 474 -30.11 20.63 40.48
CA PRO E 474 -31.53 20.97 40.48
C PRO E 474 -32.08 21.09 41.91
N LEU E 475 -33.08 21.95 42.06
CA LEU E 475 -33.79 22.02 43.33
C LEU E 475 -34.44 20.68 43.62
N THR E 476 -34.32 20.22 44.87
CA THR E 476 -34.66 18.85 45.22
C THR E 476 -36.07 18.68 45.75
N ASN E 477 -36.90 19.73 45.72
CA ASN E 477 -38.29 19.58 46.12
C ASN E 477 -39.27 19.76 44.96
N VAL E 478 -38.85 20.37 43.86
CA VAL E 478 -39.70 20.44 42.68
C VAL E 478 -39.99 19.04 42.16
N VAL E 479 -39.01 18.14 42.22
CA VAL E 479 -39.18 16.75 41.82
C VAL E 479 -38.59 15.87 42.91
N ASP E 480 -39.38 14.91 43.38
CA ASP E 480 -38.94 13.94 44.38
C ASP E 480 -40.00 12.83 44.41
N MET E 481 -39.85 11.89 45.35
CA MET E 481 -40.75 10.75 45.37
C MET E 481 -42.16 11.13 45.81
N PHE E 482 -42.31 12.25 46.53
CA PHE E 482 -43.63 12.72 46.94
C PHE E 482 -44.31 13.56 45.87
N THR E 483 -43.64 13.82 44.75
CA THR E 483 -44.19 14.67 43.70
C THR E 483 -45.33 13.93 43.02
N ASN E 484 -46.57 14.24 43.40
CA ASN E 484 -47.75 13.58 42.86
C ASN E 484 -47.66 12.06 43.05
N VAL E 485 -47.66 11.68 44.32
CA VAL E 485 -47.24 10.34 44.74
C VAL E 485 -48.01 9.23 44.06
N GLY E 486 -49.21 9.49 43.57
CA GLY E 486 -49.98 8.42 42.96
C GLY E 486 -50.52 8.69 41.58
N ALA E 487 -50.15 9.82 40.99
CA ALA E 487 -50.70 10.26 39.72
C ALA E 487 -49.73 9.98 38.59
N ARG E 488 -50.24 9.41 37.50
CA ARG E 488 -49.48 9.34 36.26
C ARG E 488 -49.48 10.72 35.64
N TRP E 489 -48.41 11.48 35.89
CA TRP E 489 -48.42 12.91 35.61
C TRP E 489 -47.01 13.34 35.26
N SER E 490 -46.81 13.82 34.03
CA SER E 490 -45.53 14.40 33.67
C SER E 490 -45.28 15.65 34.49
N ILE E 491 -44.02 15.85 34.89
CA ILE E 491 -43.68 16.97 35.75
C ILE E 491 -43.92 18.26 34.97
N ASP E 492 -44.95 18.99 35.35
CA ASP E 492 -45.34 20.20 34.62
C ASP E 492 -44.25 21.26 34.63
N GLN E 493 -43.26 21.15 35.50
CA GLN E 493 -42.09 22.01 35.43
C GLN E 493 -41.12 21.58 34.34
N MET E 494 -41.30 20.41 33.75
CA MET E 494 -40.35 19.88 32.78
C MET E 494 -41.01 19.38 31.50
N ASP E 495 -42.36 19.35 31.45
CA ASP E 495 -43.02 18.84 30.26
C ASP E 495 -42.72 19.68 29.02
N ASN E 496 -42.24 20.90 29.18
CA ASN E 496 -41.80 21.73 28.07
C ASN E 496 -40.35 21.49 27.69
N VAL E 497 -39.67 20.57 28.36
CA VAL E 497 -38.28 20.23 28.05
C VAL E 497 -38.28 19.11 27.03
N ASN E 498 -37.40 19.22 26.03
CA ASN E 498 -37.25 18.22 24.98
C ASN E 498 -36.92 16.87 25.62
N PRO E 499 -37.86 15.91 25.58
CA PRO E 499 -37.61 14.62 26.23
C PRO E 499 -36.56 13.79 25.51
N PHE E 500 -36.27 14.09 24.25
CA PHE E 500 -35.29 13.33 23.50
C PHE E 500 -33.86 13.73 23.82
N ASN E 501 -33.67 14.82 24.55
CA ASN E 501 -32.36 15.15 25.13
C ASN E 501 -32.24 14.46 26.49
N HIS E 502 -32.03 13.16 26.43
CA HIS E 502 -31.96 12.32 27.63
C HIS E 502 -30.98 11.20 27.38
N HIS E 503 -30.32 10.74 28.45
CA HIS E 503 -29.41 9.61 28.31
C HIS E 503 -30.15 8.31 28.07
N ARG E 504 -31.46 8.28 28.33
CA ARG E 504 -32.29 7.12 28.02
C ARG E 504 -32.83 7.18 26.60
N ASN E 505 -32.29 8.05 25.76
CA ASN E 505 -32.66 8.08 24.35
C ASN E 505 -32.06 6.87 23.66
N TRP E 506 -32.77 5.74 23.68
CA TRP E 506 -32.23 4.49 23.18
C TRP E 506 -31.79 4.62 21.73
N GLY E 507 -32.51 5.40 20.92
CA GLY E 507 -32.05 5.66 19.57
C GLY E 507 -30.73 6.41 19.55
N LEU E 508 -30.64 7.50 20.32
CA LEU E 508 -29.39 8.25 20.38
C LEU E 508 -28.29 7.44 21.06
N LYS E 509 -28.65 6.65 22.08
CA LYS E 509 -27.69 5.78 22.72
C LYS E 509 -27.07 4.82 21.72
N TYR E 510 -27.92 4.18 20.90
CA TYR E 510 -27.44 3.25 19.90
C TYR E 510 -26.61 3.95 18.84
N ARG E 511 -27.04 5.15 18.42
CA ARG E 511 -26.29 5.88 17.41
C ARG E 511 -24.91 6.28 17.92
N SER E 512 -24.82 6.70 19.18
CA SER E 512 -23.53 7.05 19.75
C SER E 512 -22.67 5.83 20.06
N GLN E 513 -23.30 4.68 20.27
CA GLN E 513 -22.56 3.44 20.47
C GLN E 513 -22.12 2.79 19.17
N LEU E 514 -22.65 3.25 18.03
CA LEU E 514 -22.19 2.78 16.74
C LEU E 514 -20.86 3.39 16.34
N LEU E 515 -20.48 4.52 16.93
CA LEU E 515 -19.22 5.17 16.62
C LEU E 515 -18.08 4.68 17.49
N GLY E 516 -18.36 4.30 18.73
CA GLY E 516 -17.33 3.79 19.61
C GLY E 516 -17.50 4.24 21.04
N ASN E 517 -16.55 3.90 21.91
CA ASN E 517 -16.59 4.28 23.31
C ASN E 517 -15.65 5.43 23.64
N SER E 518 -15.12 6.11 22.63
CA SER E 518 -14.22 7.24 22.85
C SER E 518 -14.71 8.44 22.07
N ARG E 519 -14.06 9.58 22.32
CA ARG E 519 -14.32 10.81 21.59
C ARG E 519 -13.42 10.95 20.37
N TYR E 520 -12.58 9.96 20.09
CA TYR E 520 -11.66 9.97 18.95
C TYR E 520 -12.09 8.84 18.03
N VAL E 521 -12.93 9.17 17.05
CA VAL E 521 -13.59 8.17 16.22
C VAL E 521 -13.09 8.30 14.78
N ASN E 522 -12.67 7.18 14.21
CA ASN E 522 -12.38 7.10 12.78
C ASN E 522 -13.62 6.54 12.07
N PHE E 523 -14.68 7.36 12.07
CA PHE E 523 -15.98 6.91 11.62
C PHE E 523 -15.97 6.59 10.13
N HIS E 524 -16.77 5.59 9.76
CA HIS E 524 -17.05 5.28 8.36
C HIS E 524 -18.55 5.10 8.24
N ILE E 525 -19.21 5.99 7.50
CA ILE E 525 -20.66 6.02 7.44
C ILE E 525 -21.12 6.08 6.00
N GLN E 526 -22.38 5.72 5.78
CA GLN E 526 -23.02 5.77 4.47
C GLN E 526 -24.29 6.60 4.59
N VAL E 527 -24.34 7.71 3.86
CA VAL E 527 -25.42 8.68 3.98
C VAL E 527 -26.27 8.63 2.72
N PRO E 528 -27.58 8.49 2.83
CA PRO E 528 -28.42 8.42 1.62
C PRO E 528 -28.76 9.82 1.11
N GLN E 529 -29.18 9.85 -0.16
CA GLN E 529 -29.68 11.08 -0.76
C GLN E 529 -31.18 11.19 -0.47
N LYS E 530 -31.58 12.27 0.18
CA LYS E 530 -32.95 12.42 0.65
C LYS E 530 -33.78 13.42 -0.13
N PHE E 531 -33.17 14.19 -1.03
CA PHE E 531 -33.95 15.15 -1.80
C PHE E 531 -34.91 14.42 -2.73
N PHE E 532 -36.20 14.77 -2.61
CA PHE E 532 -37.25 13.94 -3.22
C PHE E 532 -37.11 13.83 -4.73
N ALA E 533 -36.60 14.87 -5.39
CA ALA E 533 -36.44 14.80 -6.85
C ALA E 533 -35.42 13.76 -7.26
N ILE E 534 -34.43 13.48 -6.41
CA ILE E 534 -33.39 12.51 -6.74
C ILE E 534 -33.22 11.52 -5.60
N LYS E 535 -34.18 11.47 -4.68
CA LYS E 535 -34.15 10.47 -3.63
C LYS E 535 -34.25 9.07 -4.22
N ASN E 536 -35.13 8.88 -5.19
CA ASN E 536 -35.29 7.59 -5.87
C ASN E 536 -35.48 7.77 -7.37
N LEU E 537 -34.89 8.81 -7.94
CA LEU E 537 -34.93 9.00 -9.38
C LEU E 537 -34.17 7.89 -10.10
N LEU E 538 -34.69 7.45 -11.23
CA LEU E 538 -34.02 6.45 -12.07
C LEU E 538 -33.35 7.19 -13.22
N LEU E 539 -32.03 7.35 -13.12
CA LEU E 539 -31.27 8.03 -14.15
C LEU E 539 -31.03 7.09 -15.33
N LEU E 540 -31.30 7.58 -16.53
CA LEU E 540 -31.08 6.82 -17.75
C LEU E 540 -29.64 7.00 -18.20
N SER E 541 -29.34 6.58 -19.43
CA SER E 541 -27.99 6.68 -19.95
C SER E 541 -27.58 8.14 -20.13
N GLY E 542 -26.28 8.38 -20.05
CA GLY E 542 -25.75 9.72 -20.18
C GLY E 542 -24.66 10.00 -19.17
N SER E 543 -23.96 11.13 -19.33
CA SER E 543 -22.90 11.53 -18.41
C SER E 543 -23.41 12.69 -17.57
N TYR E 544 -23.58 12.45 -16.28
CA TYR E 544 -24.11 13.44 -15.35
C TYR E 544 -23.06 13.78 -14.31
N THR E 545 -23.07 15.03 -13.86
CA THR E 545 -22.25 15.46 -12.74
C THR E 545 -23.17 15.69 -11.54
N TYR E 546 -22.77 15.15 -10.38
CA TYR E 546 -23.61 15.13 -9.19
C TYR E 546 -22.78 15.68 -8.04
N GLU E 547 -22.93 16.98 -7.76
CA GLU E 547 -22.19 17.64 -6.71
C GLU E 547 -23.05 17.80 -5.47
N TRP E 548 -22.44 17.63 -4.30
CA TRP E 548 -23.10 17.90 -3.05
C TRP E 548 -22.06 18.39 -2.05
N VAL E 549 -22.54 18.99 -0.97
CA VAL E 549 -21.67 19.52 0.08
C VAL E 549 -22.12 18.95 1.42
N LEU E 550 -21.15 18.55 2.23
CA LEU E 550 -21.38 17.87 3.51
C LEU E 550 -21.18 18.85 4.65
N ARG E 551 -22.11 18.87 5.59
CA ARG E 551 -22.01 19.78 6.73
C ARG E 551 -20.82 19.40 7.60
N LYS E 552 -20.16 20.42 8.17
CA LYS E 552 -19.12 20.23 9.17
C LYS E 552 -19.44 20.93 10.48
N ASP E 553 -20.66 21.42 10.64
CA ASP E 553 -21.05 22.08 11.88
C ASP E 553 -21.22 21.02 12.98
N PRO E 554 -20.46 21.09 14.07
CA PRO E 554 -20.60 20.07 15.12
C PRO E 554 -21.99 20.00 15.72
N ASN E 555 -22.69 21.14 15.81
CA ASN E 555 -24.03 21.13 16.38
C ASN E 555 -25.04 20.46 15.46
N MET E 556 -24.86 20.58 14.15
CA MET E 556 -25.87 20.10 13.22
C MET E 556 -25.70 18.60 12.94
N ILE E 557 -24.49 18.19 12.57
CA ILE E 557 -24.28 16.79 12.18
C ILE E 557 -24.39 15.86 13.38
N LEU E 558 -24.00 16.34 14.57
CA LEU E 558 -23.96 15.51 15.76
C LEU E 558 -25.10 15.86 16.70
N GLN E 559 -25.57 14.87 17.44
CA GLN E 559 -26.64 15.04 18.41
C GLN E 559 -26.13 14.69 19.79
N SER E 560 -26.37 15.57 20.75
CA SER E 560 -26.00 15.33 22.15
C SER E 560 -27.24 14.94 22.95
N SER E 561 -27.02 14.13 23.98
CA SER E 561 -28.08 13.82 24.92
C SER E 561 -28.30 14.94 25.92
N LEU E 562 -27.45 15.96 25.91
CA LEU E 562 -27.63 17.14 26.75
C LEU E 562 -27.97 18.39 25.95
N GLY E 563 -27.69 18.41 24.66
CA GLY E 563 -27.95 19.57 23.84
C GLY E 563 -26.96 20.70 24.02
N ASN E 564 -25.78 20.42 24.56
CA ASN E 564 -24.82 21.47 24.82
C ASN E 564 -24.21 21.98 23.52
N ASP E 565 -23.72 23.22 23.57
CA ASP E 565 -23.04 23.82 22.42
C ASP E 565 -21.75 23.06 22.15
N LEU E 566 -21.72 22.29 21.06
CA LEU E 566 -20.56 21.47 20.76
C LEU E 566 -19.40 22.30 20.21
N ARG E 567 -19.67 23.41 19.53
CA ARG E 567 -18.58 24.23 19.03
C ARG E 567 -17.73 24.77 20.17
N ALA E 568 -18.38 25.21 21.25
CA ALA E 568 -17.65 25.60 22.45
C ALA E 568 -17.11 24.42 23.22
N ASP E 569 -17.51 23.19 22.87
CA ASP E 569 -17.09 21.98 23.57
C ASP E 569 -16.11 21.15 22.74
N GLY E 570 -15.35 21.80 21.87
CA GLY E 570 -14.24 21.16 21.19
C GLY E 570 -14.60 20.12 20.17
N ALA E 571 -15.88 19.96 19.85
CA ALA E 571 -16.27 18.98 18.84
C ALA E 571 -15.84 19.45 17.46
N SER E 572 -15.41 18.50 16.63
CA SER E 572 -14.99 18.82 15.27
C SER E 572 -15.05 17.55 14.44
N ILE E 573 -15.02 17.73 13.12
CA ILE E 573 -15.05 16.61 12.19
C ILE E 573 -14.17 16.93 11.00
N ILE E 574 -13.49 15.90 10.49
CA ILE E 574 -12.65 16.00 9.30
C ILE E 574 -13.06 14.91 8.33
N TYR E 575 -13.27 15.29 7.08
CA TYR E 575 -13.67 14.35 6.03
C TYR E 575 -12.46 14.04 5.16
N ASN E 576 -12.12 12.75 5.04
CA ASN E 576 -10.98 12.32 4.24
C ASN E 576 -11.42 11.76 2.89
N GLU E 577 -12.24 10.72 2.90
CA GLU E 577 -12.76 10.11 1.68
C GLU E 577 -14.28 10.19 1.69
N VAL E 578 -14.85 10.74 0.62
CA VAL E 578 -16.30 10.82 0.44
C VAL E 578 -16.59 10.27 -0.95
N ASN E 579 -16.86 8.97 -1.04
CA ASN E 579 -17.13 8.32 -2.31
C ASN E 579 -18.63 8.16 -2.52
N LEU E 580 -18.99 7.99 -3.78
CA LEU E 580 -20.40 7.85 -4.17
C LEU E 580 -20.62 6.41 -4.66
N MET E 581 -21.15 5.57 -3.80
CA MET E 581 -21.53 4.21 -4.15
C MET E 581 -22.76 4.20 -5.05
N ALA E 582 -22.87 3.14 -5.84
CA ALA E 582 -24.02 2.95 -6.70
C ALA E 582 -24.12 1.47 -7.04
N ASN E 583 -25.35 0.97 -7.18
CA ASN E 583 -25.61 -0.39 -7.62
C ASN E 583 -26.34 -0.35 -8.95
N PHE E 584 -25.80 -1.04 -9.95
CA PHE E 584 -26.38 -1.11 -11.27
C PHE E 584 -26.91 -2.51 -11.52
N MET E 585 -28.18 -2.61 -11.85
CA MET E 585 -28.74 -3.91 -12.20
C MET E 585 -28.15 -4.38 -13.53
N PRO E 586 -27.57 -5.57 -13.60
CA PRO E 586 -26.92 -6.00 -14.84
C PRO E 586 -27.89 -6.54 -15.86
N MET E 587 -29.01 -5.84 -16.08
CA MET E 587 -30.01 -6.34 -17.02
C MET E 587 -29.48 -6.28 -18.44
N ASP E 588 -30.07 -7.12 -19.29
CA ASP E 588 -29.63 -7.24 -20.67
C ASP E 588 -29.64 -5.89 -21.38
N HIS E 589 -28.60 -5.64 -22.17
CA HIS E 589 -28.55 -4.37 -22.90
C HIS E 589 -29.72 -4.21 -23.84
N ASN E 590 -30.25 -5.31 -24.38
CA ASN E 590 -31.47 -5.20 -25.17
C ASN E 590 -32.64 -4.73 -24.32
N THR E 591 -32.83 -5.34 -23.15
CA THR E 591 -33.93 -4.96 -22.28
C THR E 591 -33.72 -3.58 -21.66
N SER E 592 -32.49 -3.25 -21.28
CA SER E 592 -32.25 -1.91 -20.72
C SER E 592 -32.39 -0.85 -21.80
N ASN E 593 -32.01 -1.16 -23.04
CA ASN E 593 -32.22 -0.22 -24.13
C ASN E 593 -33.71 -0.02 -24.41
N GLN E 594 -34.49 -1.10 -24.38
CA GLN E 594 -35.94 -0.96 -24.49
C GLN E 594 -36.51 -0.13 -23.35
N LEU E 595 -36.01 -0.37 -22.13
CA LEU E 595 -36.49 0.34 -20.97
C LEU E 595 -36.20 1.84 -21.09
N GLU E 596 -34.97 2.18 -21.46
CA GLU E 596 -34.64 3.60 -21.58
C GLU E 596 -35.35 4.24 -22.76
N LEU E 597 -35.57 3.48 -23.84
CA LEU E 597 -36.34 4.02 -24.96
C LEU E 597 -37.77 4.35 -24.55
N MET E 598 -38.37 3.51 -23.71
CA MET E 598 -39.75 3.76 -23.30
C MET E 598 -39.87 4.71 -22.12
N LEU E 599 -38.78 4.99 -21.39
CA LEU E 599 -38.79 6.07 -20.40
C LEU E 599 -38.26 7.39 -20.95
N ARG E 600 -37.64 7.40 -22.14
CA ARG E 600 -37.39 8.67 -22.79
C ARG E 600 -38.61 9.18 -23.54
N ASN E 601 -39.68 8.39 -23.61
CA ASN E 601 -40.93 8.85 -24.19
C ASN E 601 -41.62 9.83 -23.24
N ALA E 602 -42.16 10.89 -23.80
CA ALA E 602 -42.67 11.99 -22.98
C ALA E 602 -43.86 11.58 -22.13
N THR E 603 -44.80 10.82 -22.70
CA THR E 603 -46.05 10.53 -22.01
C THR E 603 -45.83 9.78 -20.70
N ASN E 604 -44.77 8.99 -20.60
CA ASN E 604 -44.44 8.27 -19.38
C ASN E 604 -43.03 8.63 -18.91
N ASP E 605 -42.96 9.41 -17.84
CA ASP E 605 -41.68 9.88 -17.32
C ASP E 605 -41.79 9.99 -15.81
N GLN E 606 -40.63 9.91 -15.16
CA GLN E 606 -40.59 9.89 -13.71
C GLN E 606 -41.23 11.13 -13.12
N THR E 607 -42.02 10.94 -12.07
CA THR E 607 -42.67 12.03 -11.36
C THR E 607 -42.60 11.76 -9.87
N PHE E 608 -42.06 12.70 -9.11
CA PHE E 608 -41.86 12.53 -7.69
C PHE E 608 -42.44 13.73 -6.96
N VAL E 609 -43.09 13.47 -5.83
CA VAL E 609 -43.61 14.51 -4.95
C VAL E 609 -42.96 14.32 -3.58
N ASP E 610 -42.56 15.43 -2.97
CA ASP E 610 -41.98 15.37 -1.64
C ASP E 610 -43.00 14.80 -0.66
N TYR E 611 -42.56 13.88 0.19
CA TYR E 611 -43.51 13.16 1.04
C TYR E 611 -44.20 14.11 2.02
N LEU E 612 -43.46 15.08 2.55
CA LEU E 612 -44.06 15.98 3.53
C LEU E 612 -45.23 16.74 2.92
N GLY E 613 -45.08 17.20 1.69
CA GLY E 613 -46.16 17.91 1.01
C GLY E 613 -46.60 19.13 1.78
N ALA E 614 -45.63 19.93 2.23
CA ALA E 614 -45.93 21.05 3.10
C ALA E 614 -44.96 22.18 2.85
N LYS E 615 -45.48 23.40 2.70
CA LYS E 615 -44.64 24.58 2.82
C LYS E 615 -44.37 24.86 4.28
N ASN E 616 -43.09 24.96 4.64
CA ASN E 616 -42.67 25.04 6.04
C ASN E 616 -42.37 26.49 6.38
N ALA E 617 -43.18 27.08 7.25
CA ALA E 617 -43.01 28.44 7.70
C ALA E 617 -42.83 28.44 9.21
N LEU E 618 -41.81 29.14 9.68
CA LEU E 618 -41.54 29.28 11.10
C LEU E 618 -41.85 30.71 11.51
N TYR E 619 -42.75 30.87 12.46
CA TYR E 619 -43.17 32.19 12.95
C TYR E 619 -42.68 32.36 14.37
N SER E 620 -41.89 33.39 14.62
CA SER E 620 -41.30 33.60 15.93
C SER E 620 -42.36 34.02 16.93
N VAL E 621 -42.30 33.42 18.12
CA VAL E 621 -43.16 33.78 19.24
C VAL E 621 -42.27 34.00 20.45
N PRO E 622 -42.18 35.23 20.96
CA PRO E 622 -41.28 35.48 22.10
C PRO E 622 -41.74 34.80 23.38
N ALA E 623 -40.98 34.97 24.46
CA ALA E 623 -41.27 34.24 25.69
C ALA E 623 -42.61 34.65 26.28
N GLY E 624 -42.83 35.96 26.45
CA GLY E 624 -44.02 36.42 27.13
C GLY E 624 -45.29 36.30 26.31
N SER E 625 -45.18 36.24 24.98
CA SER E 625 -46.37 36.28 24.14
C SER E 625 -47.15 34.97 24.24
N THR E 626 -48.45 35.09 24.47
CA THR E 626 -49.37 33.96 24.51
C THR E 626 -50.25 33.88 23.28
N ALA E 627 -50.10 34.80 22.32
CA ALA E 627 -50.91 34.84 21.13
C ALA E 627 -50.03 35.08 19.92
N LEU E 628 -50.51 34.60 18.77
CA LEU E 628 -49.80 34.78 17.50
C LEU E 628 -50.82 35.04 16.40
N THR E 629 -50.55 36.03 15.56
CA THR E 629 -51.38 36.35 14.42
C THR E 629 -50.58 36.14 13.15
N ILE E 630 -51.09 35.29 12.27
CA ILE E 630 -50.41 34.94 11.03
C ILE E 630 -51.23 35.53 9.88
N ASN E 631 -50.62 36.41 9.11
CA ASN E 631 -51.25 37.02 7.96
C ASN E 631 -50.58 36.52 6.68
N ILE E 632 -51.36 35.89 5.81
CA ILE E 632 -50.90 35.45 4.50
C ILE E 632 -51.62 36.31 3.47
N PRO E 633 -50.90 36.94 2.55
CA PRO E 633 -51.57 37.84 1.59
C PRO E 633 -52.46 37.09 0.60
N ALA E 634 -53.02 37.81 -0.36
CA ALA E 634 -53.89 37.20 -1.35
C ALA E 634 -53.18 36.08 -2.09
N ARG E 635 -53.89 34.96 -2.24
CA ARG E 635 -53.29 33.74 -2.77
C ARG E 635 -54.38 32.89 -3.42
N THR E 636 -53.95 31.92 -4.22
CA THR E 636 -54.86 31.12 -5.02
C THR E 636 -55.19 29.75 -4.42
N TRP E 637 -54.47 29.32 -3.37
CA TRP E 637 -54.84 28.15 -2.58
C TRP E 637 -55.32 26.97 -3.40
N GLU E 638 -54.71 26.75 -4.56
CA GLU E 638 -55.14 25.69 -5.46
C GLU E 638 -54.59 24.35 -4.97
N GLY E 639 -55.49 23.40 -4.71
CA GLY E 639 -55.08 22.08 -4.30
C GLY E 639 -54.41 22.01 -2.94
N MET E 640 -54.60 23.03 -2.11
CA MET E 640 -53.94 23.04 -0.81
C MET E 640 -54.56 21.98 0.09
N ARG E 641 -53.71 21.16 0.72
CA ARG E 641 -54.18 19.97 1.41
C ARG E 641 -54.73 20.24 2.80
N GLY E 642 -54.17 21.20 3.52
CA GLY E 642 -54.60 21.47 4.87
C GLY E 642 -53.52 22.19 5.65
N TRP E 643 -53.66 22.14 6.97
CA TRP E 643 -52.72 22.82 7.86
C TRP E 643 -52.12 21.81 8.83
N SER E 644 -50.89 22.09 9.24
CA SER E 644 -50.20 21.30 10.26
C SER E 644 -49.28 22.23 11.03
N PHE E 645 -49.19 22.03 12.35
CA PHE E 645 -48.46 23.00 13.15
C PHE E 645 -48.08 22.43 14.50
N THR E 646 -46.86 22.74 14.93
CA THR E 646 -46.43 22.71 16.32
C THR E 646 -45.61 23.96 16.59
N ARG E 647 -45.09 24.08 17.81
CA ARG E 647 -44.20 25.17 18.16
C ARG E 647 -42.85 24.60 18.56
N ILE E 648 -41.78 25.17 18.01
CA ILE E 648 -40.41 24.71 18.23
C ILE E 648 -39.63 25.85 18.85
N LYS E 649 -38.78 25.50 19.81
CA LYS E 649 -37.94 26.52 20.46
C LYS E 649 -36.97 27.12 19.46
N ALA E 650 -36.78 28.43 19.54
CA ALA E 650 -35.89 29.11 18.60
C ALA E 650 -34.45 28.64 18.78
N ALA E 651 -34.02 28.44 20.02
CA ALA E 651 -32.66 27.97 20.27
C ALA E 651 -32.43 26.56 19.76
N GLU E 652 -33.50 25.81 19.48
CA GLU E 652 -33.39 24.45 18.97
C GLU E 652 -33.67 24.35 17.48
N THR E 653 -33.74 25.47 16.77
CA THR E 653 -34.02 25.48 15.35
C THR E 653 -32.96 26.31 14.63
N PRO E 654 -32.28 25.77 13.63
CA PRO E 654 -31.28 26.53 12.90
C PRO E 654 -31.92 27.53 11.94
N GLN E 655 -31.10 28.45 11.45
CA GLN E 655 -31.56 29.38 10.43
C GLN E 655 -31.85 28.61 9.14
N LEU E 656 -33.01 28.91 8.53
CA LEU E 656 -33.42 28.19 7.34
C LEU E 656 -32.56 28.58 6.15
N GLY E 657 -31.98 27.58 5.50
CA GLY E 657 -31.15 27.83 4.32
C GLY E 657 -29.89 28.61 4.61
N ALA E 658 -29.29 28.42 5.77
CA ALA E 658 -28.06 29.09 6.14
C ALA E 658 -26.92 28.08 6.14
N GLN E 659 -25.80 28.44 5.51
CA GLN E 659 -24.66 27.53 5.45
C GLN E 659 -24.06 27.29 6.83
N TYR E 660 -24.16 28.27 7.72
CA TYR E 660 -23.55 28.14 9.04
C TYR E 660 -24.24 29.11 9.98
N ASP E 661 -24.96 28.59 10.97
CA ASP E 661 -25.68 29.40 11.94
C ASP E 661 -24.82 29.57 13.18
N VAL E 662 -24.54 30.83 13.54
CA VAL E 662 -23.77 31.12 14.74
C VAL E 662 -24.66 31.34 15.96
N ASN E 663 -25.94 31.64 15.76
CA ASN E 663 -26.88 31.73 16.87
C ASN E 663 -27.38 30.37 17.32
N PHE E 664 -26.99 29.31 16.61
CA PHE E 664 -27.41 27.95 16.95
C PHE E 664 -26.34 27.35 17.85
N LYS E 665 -26.64 27.30 19.15
CA LYS E 665 -25.71 26.76 20.13
C LYS E 665 -26.34 25.56 20.83
N TYR E 666 -26.97 24.70 20.05
CA TYR E 666 -27.73 23.57 20.55
C TYR E 666 -27.32 22.32 19.78
N SER E 667 -27.22 21.20 20.49
CA SER E 667 -26.84 19.94 19.87
C SER E 667 -27.74 18.79 20.27
N GLY E 668 -28.96 19.08 20.71
CA GLY E 668 -29.89 18.03 21.03
C GLY E 668 -30.65 17.56 19.79
N SER E 669 -31.96 17.47 19.89
CA SER E 669 -32.80 17.04 18.78
C SER E 669 -33.54 18.27 18.22
N ILE E 670 -33.16 18.68 17.02
CA ILE E 670 -33.89 19.75 16.35
C ILE E 670 -35.25 19.21 15.96
N ALA E 671 -36.30 19.67 16.64
CA ALA E 671 -37.64 19.20 16.34
C ALA E 671 -38.08 19.60 14.95
N TYR E 672 -37.48 20.62 14.36
CA TYR E 672 -37.79 20.98 12.98
C TYR E 672 -37.22 19.95 12.00
N SER E 673 -35.95 19.58 12.20
CA SER E 673 -35.28 18.70 11.23
C SER E 673 -35.86 17.28 11.27
N ASP E 674 -35.98 16.71 12.46
CA ASP E 674 -36.56 15.38 12.61
C ASP E 674 -37.98 15.51 13.14
N GLY E 675 -38.58 14.39 13.49
CA GLY E 675 -39.96 14.42 13.96
C GLY E 675 -40.07 14.55 15.47
N GLY E 676 -38.99 14.97 16.13
CA GLY E 676 -38.98 15.05 17.57
C GLY E 676 -39.80 16.19 18.12
N PHE E 677 -41.08 16.26 17.75
CA PHE E 677 -41.98 17.28 18.26
C PHE E 677 -42.42 16.93 19.67
N TYR E 678 -42.40 17.92 20.56
CA TYR E 678 -42.83 17.71 21.94
C TYR E 678 -43.65 18.86 22.50
N LEU E 679 -43.98 19.87 21.70
CA LEU E 679 -44.75 21.02 22.15
C LEU E 679 -46.05 21.13 21.37
N SER E 680 -46.64 19.98 21.01
CA SER E 680 -47.96 20.01 20.41
C SER E 680 -49.00 20.53 21.39
N HIS E 681 -48.78 20.33 22.67
CA HIS E 681 -49.59 20.99 23.69
C HIS E 681 -49.15 22.45 23.77
N THR E 682 -49.64 23.18 24.78
CA THR E 682 -49.42 24.62 24.88
C THR E 682 -49.99 25.34 23.66
N PHE E 683 -51.01 24.77 23.05
CA PHE E 683 -51.74 25.35 21.92
C PHE E 683 -53.16 25.59 22.41
N ARG E 684 -53.48 26.82 22.80
CA ARG E 684 -54.78 27.08 23.41
C ARG E 684 -55.90 26.96 22.40
N ASN E 685 -55.77 27.61 21.25
CA ASN E 685 -56.79 27.53 20.20
C ASN E 685 -56.19 28.01 18.89
N MET E 686 -57.04 28.18 17.88
CA MET E 686 -56.62 28.61 16.56
C MET E 686 -57.86 29.05 15.79
N SER E 687 -57.68 30.02 14.90
CA SER E 687 -58.74 30.45 14.00
C SER E 687 -58.15 30.67 12.62
N ILE E 688 -58.97 30.43 11.59
CA ILE E 688 -58.58 30.60 10.20
C ILE E 688 -59.64 31.46 9.53
N LEU E 689 -59.19 32.47 8.78
CA LEU E 689 -60.09 33.42 8.12
C LEU E 689 -59.58 33.68 6.71
N PHE E 690 -60.16 33.00 5.71
CA PHE E 690 -59.66 33.14 4.34
C PHE E 690 -59.82 34.56 3.83
N ASP E 691 -61.00 35.13 3.93
CA ASP E 691 -61.13 36.55 3.65
C ASP E 691 -60.76 37.32 4.91
N THR E 692 -61.02 38.62 4.93
CA THR E 692 -60.64 39.41 6.10
C THR E 692 -61.44 39.00 7.33
N SER E 693 -62.63 38.43 7.14
CA SER E 693 -63.49 38.07 8.26
C SER E 693 -64.17 36.71 8.13
N ILE E 694 -63.97 35.99 7.05
CA ILE E 694 -64.72 34.76 6.79
C ILE E 694 -63.97 33.59 7.38
N ASN E 695 -64.50 33.00 8.45
CA ASN E 695 -63.90 31.82 9.06
C ASN E 695 -63.98 30.65 8.10
N TRP E 696 -62.98 29.76 8.16
CA TRP E 696 -62.93 28.66 7.20
C TRP E 696 -64.06 27.65 7.41
N PRO E 697 -64.21 27.02 8.59
CA PRO E 697 -65.34 26.09 8.75
C PRO E 697 -66.65 26.81 8.49
N GLY E 698 -66.88 27.90 9.24
CA GLY E 698 -67.90 28.88 8.95
C GLY E 698 -69.23 28.35 8.49
N ASN E 699 -69.62 27.18 8.99
CA ASN E 699 -70.91 26.58 8.71
C ASN E 699 -71.53 26.02 9.99
N ASP E 700 -71.24 26.66 11.13
CA ASP E 700 -71.65 26.17 12.44
C ASP E 700 -71.18 24.74 12.67
N ARG E 701 -70.04 24.37 12.08
CA ARG E 701 -69.55 23.00 12.21
C ARG E 701 -69.19 22.69 13.66
N LEU E 702 -68.23 23.42 14.21
CA LEU E 702 -67.70 23.12 15.52
C LEU E 702 -68.61 23.66 16.61
N LEU E 703 -68.46 23.09 17.82
CA LEU E 703 -69.19 23.60 18.97
C LEU E 703 -68.82 25.03 19.28
N THR E 704 -67.61 25.45 18.89
CA THR E 704 -67.23 26.86 18.88
C THR E 704 -67.06 27.25 17.42
N PRO E 705 -68.06 27.86 16.79
CA PRO E 705 -68.04 27.99 15.32
C PRO E 705 -66.89 28.81 14.77
N ASN E 706 -66.41 29.81 15.50
CA ASN E 706 -65.48 30.79 14.95
C ASN E 706 -64.03 30.52 15.32
N MET E 707 -63.72 29.38 15.94
CA MET E 707 -62.34 29.10 16.32
C MET E 707 -62.14 27.61 16.51
N PHE E 708 -60.87 27.19 16.45
CA PHE E 708 -60.47 25.82 16.69
C PHE E 708 -59.96 25.71 18.12
N GLU E 709 -60.89 25.61 19.07
CA GLU E 709 -60.53 25.55 20.48
C GLU E 709 -59.81 24.25 20.74
N ILE E 710 -58.47 24.30 20.80
CA ILE E 710 -57.69 23.08 20.94
C ILE E 710 -57.83 22.49 22.33
N LYS E 711 -57.76 23.34 23.36
CA LYS E 711 -57.90 22.85 24.72
C LYS E 711 -58.41 23.97 25.62
N ARG E 712 -59.18 23.58 26.64
CA ARG E 712 -59.69 24.51 27.64
C ARG E 712 -59.56 23.87 29.01
N SER E 713 -59.22 24.68 30.00
CA SER E 713 -59.04 24.17 31.35
C SER E 713 -60.36 23.67 31.92
N VAL E 714 -60.31 22.49 32.56
CA VAL E 714 -61.52 21.91 33.13
C VAL E 714 -62.01 22.71 34.33
N ALA E 715 -61.11 23.40 35.03
CA ALA E 715 -61.52 24.19 36.19
C ALA E 715 -62.50 25.29 35.77
N LEU E 716 -62.20 26.00 34.69
CA LEU E 716 -63.13 26.98 34.15
C LEU E 716 -64.20 26.35 33.27
N ASP E 717 -64.07 25.07 32.96
CA ASP E 717 -65.05 24.38 32.13
C ASP E 717 -66.34 24.15 32.92
N THR E 718 -67.46 24.49 32.31
CA THR E 718 -68.77 24.29 32.92
C THR E 718 -69.73 23.54 32.01
N GLU E 719 -69.67 23.75 30.70
CA GLU E 719 -70.64 23.20 29.77
C GLU E 719 -70.18 21.90 29.12
N GLY E 720 -69.03 21.36 29.53
CA GLY E 720 -68.48 20.20 28.87
C GLY E 720 -67.41 20.59 27.86
N PHE E 721 -67.60 20.22 26.60
CA PHE E 721 -66.70 20.60 25.53
C PHE E 721 -65.27 20.11 25.74
N THR E 722 -65.07 19.06 26.55
CA THR E 722 -63.76 18.47 26.74
C THR E 722 -63.86 16.97 26.54
N MET E 723 -62.90 16.39 25.83
CA MET E 723 -62.93 15.00 25.42
C MET E 723 -61.79 14.22 26.07
N SER E 724 -62.02 12.92 26.21
CA SER E 724 -60.96 11.94 26.49
C SER E 724 -60.31 12.17 27.85
N GLN E 725 -61.08 12.65 28.82
CA GLN E 725 -60.64 12.74 30.20
C GLN E 725 -59.45 13.68 30.37
N CYS E 726 -59.36 14.70 29.52
CA CYS E 726 -58.33 15.72 29.66
C CYS E 726 -58.92 17.04 29.19
N ASP E 727 -58.06 18.03 28.96
CA ASP E 727 -58.53 19.37 28.61
C ASP E 727 -58.71 19.58 27.12
N ILE E 728 -58.41 18.57 26.28
CA ILE E 728 -58.68 18.70 24.85
C ILE E 728 -60.18 18.80 24.63
N THR E 729 -60.57 19.46 23.54
CA THR E 729 -61.97 19.74 23.31
C THR E 729 -62.62 18.67 22.43
N LYS E 730 -63.95 18.69 22.39
CA LYS E 730 -64.69 17.80 21.52
C LYS E 730 -64.35 18.07 20.06
N ASP E 731 -64.34 19.35 19.68
CA ASP E 731 -64.11 19.72 18.30
C ASP E 731 -62.73 19.30 17.84
N TRP E 732 -61.71 19.59 18.64
CA TRP E 732 -60.34 19.26 18.27
C TRP E 732 -60.14 17.75 18.20
N TYR E 733 -60.70 17.02 19.16
CA TYR E 733 -60.55 15.57 19.14
C TYR E 733 -61.22 14.99 17.91
N LEU E 734 -62.42 15.49 17.58
CA LEU E 734 -63.11 15.05 16.38
C LEU E 734 -62.29 15.32 15.13
N ILE E 735 -61.73 16.53 15.03
CA ILE E 735 -60.97 16.89 13.83
C ILE E 735 -59.74 16.00 13.69
N GLN E 736 -59.03 15.78 14.80
CA GLN E 736 -57.82 14.97 14.72
C GLN E 736 -58.13 13.52 14.37
N MET E 737 -59.16 12.95 14.99
CA MET E 737 -59.54 11.57 14.68
C MET E 737 -60.03 11.44 13.25
N ALA E 738 -60.78 12.43 12.75
CA ALA E 738 -61.26 12.38 11.37
C ALA E 738 -60.11 12.50 10.38
N THR E 739 -59.12 13.34 10.69
CA THR E 739 -57.98 13.47 9.80
C THR E 739 -57.16 12.19 9.77
N ASN E 740 -56.83 11.65 10.94
CA ASN E 740 -55.92 10.51 11.00
C ASN E 740 -56.57 9.20 10.61
N TYR E 741 -57.87 9.03 10.90
CA TYR E 741 -58.49 7.72 10.81
C TYR E 741 -59.76 7.68 9.96
N ASN E 742 -60.27 8.81 9.51
CA ASN E 742 -61.31 8.92 8.47
C ASN E 742 -62.68 8.45 8.92
N PHE E 743 -62.85 8.08 10.19
CA PHE E 743 -64.14 7.59 10.67
C PHE E 743 -64.40 8.18 12.06
N VAL E 744 -65.23 9.22 12.11
CA VAL E 744 -65.66 9.79 13.40
C VAL E 744 -67.18 9.85 13.44
N TYR E 745 -67.81 9.91 12.28
CA TYR E 745 -69.26 9.99 12.21
C TYR E 745 -69.94 8.64 12.37
N ASN E 746 -69.17 7.55 12.30
CA ASN E 746 -69.67 6.22 12.64
C ASN E 746 -69.25 5.80 14.05
N GLY E 747 -68.56 6.66 14.79
CA GLY E 747 -68.17 6.35 16.15
C GLY E 747 -66.68 6.43 16.38
N TYR E 748 -66.28 6.94 17.55
CA TYR E 748 -64.87 6.94 17.90
C TYR E 748 -64.43 5.53 18.28
N ARG E 749 -63.24 5.16 17.83
CA ARG E 749 -62.66 3.88 18.23
C ARG E 749 -61.15 3.95 18.03
N PHE E 750 -60.45 3.02 18.65
CA PHE E 750 -59.02 2.91 18.45
C PHE E 750 -58.73 2.35 17.08
N TRP E 751 -57.60 2.79 16.49
CA TRP E 751 -57.17 2.35 15.17
C TRP E 751 -55.77 1.77 15.26
N PRO E 752 -55.63 0.47 15.52
CA PRO E 752 -54.31 -0.14 15.62
C PRO E 752 -53.60 -0.30 14.29
N ASP E 753 -54.24 0.05 13.18
CA ASP E 753 -53.59 -0.04 11.88
C ASP E 753 -52.50 1.02 11.70
N ARG E 754 -52.50 2.06 12.52
CA ARG E 754 -51.53 3.14 12.41
C ARG E 754 -50.64 3.28 13.63
N GLN E 755 -50.65 2.29 14.54
CA GLN E 755 -49.84 2.39 15.74
C GLN E 755 -48.35 2.27 15.47
N TYR E 756 -47.96 1.90 14.26
CA TYR E 756 -46.55 1.85 13.87
C TYR E 756 -46.02 3.19 13.40
N PHE E 757 -46.90 4.18 13.18
CA PHE E 757 -46.52 5.34 12.39
C PHE E 757 -45.53 6.24 13.12
N HIS E 758 -45.58 6.28 14.44
CA HIS E 758 -44.71 7.08 15.30
C HIS E 758 -45.01 8.58 15.20
N TYR E 759 -45.96 8.98 14.36
CA TYR E 759 -46.33 10.39 14.28
C TYR E 759 -47.83 10.61 14.20
N ASP E 760 -48.64 9.58 14.43
CA ASP E 760 -50.09 9.72 14.39
C ASP E 760 -50.58 10.16 15.77
N PHE E 761 -51.89 10.08 16.00
CA PHE E 761 -52.51 10.69 17.17
C PHE E 761 -52.58 9.74 18.37
N LEU E 762 -53.29 8.63 18.21
CA LEU E 762 -53.57 7.76 19.36
C LEU E 762 -52.33 7.04 19.87
N ARG E 763 -51.28 6.95 19.06
CA ARG E 763 -50.07 6.26 19.50
C ARG E 763 -49.36 7.03 20.61
N ASN E 764 -49.50 8.35 20.63
CA ASN E 764 -48.73 9.17 21.57
C ASN E 764 -49.57 10.26 22.22
N PHE E 765 -50.90 10.14 22.22
CA PHE E 765 -51.78 11.07 22.92
C PHE E 765 -51.99 10.53 24.32
N ASP E 766 -51.47 11.25 25.32
CA ASP E 766 -51.54 10.80 26.72
C ASP E 766 -52.28 11.81 27.57
N PRO E 767 -53.56 11.60 27.85
CA PRO E 767 -54.26 12.44 28.82
C PRO E 767 -53.75 12.17 30.23
N MET E 768 -53.80 13.20 31.07
CA MET E 768 -53.25 13.14 32.40
C MET E 768 -54.25 13.71 33.39
N THR E 769 -54.07 13.37 34.66
CA THR E 769 -54.89 13.95 35.72
C THR E 769 -54.15 13.80 37.04
N ARG E 770 -53.82 14.94 37.66
CA ARG E 770 -53.41 14.99 39.05
C ARG E 770 -54.43 15.84 39.80
N GLN E 771 -54.44 15.70 41.12
CA GLN E 771 -55.41 16.43 41.93
C GLN E 771 -54.77 17.54 42.75
N GLY E 772 -53.80 17.21 43.60
CA GLY E 772 -53.04 18.22 44.30
C GLY E 772 -53.84 18.91 45.39
N PRO E 773 -53.15 19.35 46.44
CA PRO E 773 -53.81 20.16 47.47
C PRO E 773 -54.21 21.51 46.92
N ASN E 774 -55.28 22.07 47.50
CA ASN E 774 -55.74 23.41 47.13
C ASN E 774 -55.10 24.41 48.08
N PHE E 775 -54.02 25.04 47.64
CA PHE E 775 -53.33 26.03 48.43
C PHE E 775 -54.13 27.34 48.37
N ALA E 776 -53.55 28.42 48.90
CA ALA E 776 -54.28 29.68 49.08
C ALA E 776 -55.49 29.48 49.98
N LEU E 777 -55.35 28.58 50.95
CA LEU E 777 -56.36 28.31 51.97
C LEU E 777 -55.73 28.64 53.32
N PRO E 778 -56.50 28.66 54.42
CA PRO E 778 -55.86 28.89 55.73
C PRO E 778 -54.76 27.88 56.04
N GLY E 779 -54.96 26.61 55.70
CA GLY E 779 -53.92 25.61 55.75
C GLY E 779 -53.23 25.46 54.42
N LEU E 780 -52.59 24.31 54.23
CA LEU E 780 -52.05 23.91 52.93
C LEU E 780 -51.05 24.95 52.41
N PHE E 781 -49.93 25.02 53.12
CA PHE E 781 -48.99 26.14 52.98
C PHE E 781 -48.09 26.04 51.76
N ASP E 782 -48.09 24.93 51.01
CA ASP E 782 -47.32 24.79 49.78
C ASP E 782 -45.82 25.00 50.05
N LEU E 783 -45.26 24.06 50.80
CA LEU E 783 -43.88 24.16 51.26
C LEU E 783 -42.85 24.05 50.15
N VAL E 784 -43.24 23.63 48.94
CA VAL E 784 -42.28 23.45 47.85
C VAL E 784 -41.98 24.80 47.22
N SER E 785 -40.71 25.17 47.19
CA SER E 785 -40.26 26.43 46.61
C SER E 785 -39.62 26.14 45.26
N TYR E 786 -40.18 26.73 44.20
CA TYR E 786 -39.72 26.48 42.84
C TYR E 786 -38.67 27.50 42.37
N THR E 787 -38.32 28.48 43.19
CA THR E 787 -37.42 29.54 42.78
C THR E 787 -36.09 29.42 43.51
N PRO E 788 -34.97 29.22 42.81
CA PRO E 788 -33.67 29.22 43.48
C PRO E 788 -33.24 30.62 43.86
N THR E 789 -32.22 30.68 44.73
CA THR E 789 -31.74 31.96 45.23
C THR E 789 -30.68 32.60 44.33
N THR E 790 -30.34 31.95 43.21
CA THR E 790 -29.37 32.44 42.21
C THR E 790 -28.18 33.13 42.86
N ASP E 791 -27.63 32.50 43.89
CA ASP E 791 -26.41 32.95 44.54
C ASP E 791 -25.27 31.98 44.24
N ASN E 792 -24.05 32.43 44.51
CA ASN E 792 -22.89 31.57 44.29
C ASN E 792 -22.93 30.35 45.19
N SER E 793 -23.29 30.53 46.45
CA SER E 793 -23.25 29.43 47.42
C SER E 793 -24.21 28.31 47.01
N GLY E 794 -23.78 27.08 47.25
CA GLY E 794 -24.58 25.93 46.94
C GLY E 794 -25.60 25.61 48.01
N GLU E 795 -26.24 26.65 48.55
CA GLU E 795 -27.21 26.52 49.63
C GLU E 795 -28.53 27.11 49.16
N GLN E 796 -29.60 26.35 49.35
CA GLN E 796 -30.95 26.78 48.99
C GLN E 796 -31.85 26.60 50.21
N PRO E 797 -31.80 27.56 51.15
CA PRO E 797 -32.59 27.41 52.38
C PRO E 797 -34.09 27.37 52.16
N SER E 798 -34.57 27.79 50.98
CA SER E 798 -35.99 27.71 50.68
C SER E 798 -36.49 26.29 50.50
N GLN E 799 -35.59 25.31 50.41
CA GLN E 799 -35.98 23.92 50.25
C GLN E 799 -36.15 23.19 51.58
N GLU E 800 -35.83 23.83 52.69
CA GLU E 800 -35.77 23.17 53.99
C GLU E 800 -37.12 23.08 54.69
N ALA E 801 -38.22 23.14 53.93
CA ALA E 801 -39.55 23.14 54.52
C ALA E 801 -40.26 21.81 54.43
N VAL E 802 -39.66 20.79 53.80
CA VAL E 802 -40.41 19.59 53.48
C VAL E 802 -40.19 18.48 54.51
N ARG E 803 -38.99 18.43 55.11
CA ARG E 803 -38.72 17.57 56.25
C ARG E 803 -39.09 16.11 56.00
N ASN E 804 -39.08 15.67 54.75
CA ASN E 804 -39.39 14.29 54.42
C ASN E 804 -38.09 13.52 54.19
N ASN E 805 -38.04 12.29 54.72
CA ASN E 805 -36.81 11.50 54.75
C ASN E 805 -35.70 12.29 55.41
N SER E 806 -36.02 12.88 56.56
CA SER E 806 -35.18 13.92 57.14
C SER E 806 -33.76 13.44 57.37
N GLY E 807 -33.58 12.43 58.22
CA GLY E 807 -32.25 11.98 58.57
C GLY E 807 -31.72 10.86 57.71
N PHE E 808 -32.34 10.63 56.55
CA PHE E 808 -31.97 9.53 55.68
C PHE E 808 -31.59 9.95 54.27
N ILE E 809 -31.65 11.23 53.95
CA ILE E 809 -31.17 11.76 52.68
C ILE E 809 -30.36 13.01 52.94
N ALA E 810 -29.78 13.55 51.88
CA ALA E 810 -29.05 14.80 51.98
C ALA E 810 -30.02 15.94 52.30
N PRO E 811 -29.54 16.98 52.98
CA PRO E 811 -30.42 18.12 53.27
C PRO E 811 -30.93 18.74 51.99
N ARG E 812 -32.17 19.22 52.04
CA ARG E 812 -32.79 19.77 50.84
C ARG E 812 -32.05 21.02 50.35
N SER E 813 -31.59 21.87 51.27
CA SER E 813 -30.80 23.02 50.88
C SER E 813 -29.49 22.60 50.23
N TRP E 814 -28.88 21.54 50.74
CA TRP E 814 -27.65 21.02 50.17
C TRP E 814 -27.94 20.40 48.80
N PRO E 815 -26.91 20.24 47.97
CA PRO E 815 -27.12 19.59 46.67
C PRO E 815 -27.70 18.19 46.83
N VAL E 816 -28.39 17.76 45.78
CA VAL E 816 -29.13 16.49 45.83
C VAL E 816 -28.19 15.33 46.09
N TRP E 817 -27.05 15.30 45.41
CA TRP E 817 -26.14 14.16 45.43
C TRP E 817 -25.05 14.29 46.49
N SER E 818 -25.28 15.09 47.53
CA SER E 818 -24.34 15.13 48.64
C SER E 818 -24.65 14.01 49.63
N ALA E 819 -23.74 13.83 50.59
CA ALA E 819 -23.91 12.78 51.58
C ALA E 819 -25.09 13.09 52.49
N HIS E 820 -25.61 12.05 53.14
CA HIS E 820 -26.78 12.22 53.99
C HIS E 820 -26.35 12.78 55.33
N GLN E 821 -27.15 13.69 55.85
CA GLN E 821 -27.02 14.07 57.25
C GLN E 821 -28.37 14.58 57.72
N GLY E 822 -28.56 14.58 59.02
CA GLY E 822 -29.80 15.00 59.62
C GLY E 822 -30.20 14.03 60.72
N GLU E 823 -31.49 14.04 61.02
CA GLU E 823 -32.06 13.21 62.06
C GLU E 823 -33.47 12.81 61.66
N SER E 824 -33.90 11.66 62.15
CA SER E 824 -35.23 11.17 61.78
C SER E 824 -36.31 12.08 62.34
N TRP E 825 -37.33 12.32 61.52
CA TRP E 825 -38.38 13.27 61.88
C TRP E 825 -39.61 12.97 61.05
N PRO E 826 -40.81 13.17 61.58
CA PRO E 826 -42.01 13.00 60.76
C PRO E 826 -42.02 13.94 59.58
N ALA E 827 -42.39 13.41 58.42
CA ALA E 827 -42.53 14.24 57.23
C ALA E 827 -43.73 15.17 57.40
N ASN E 828 -43.64 16.36 56.79
CA ASN E 828 -44.73 17.30 56.87
C ASN E 828 -45.27 17.76 55.52
N TRP E 829 -44.48 17.64 54.44
CA TRP E 829 -44.92 18.24 53.17
C TRP E 829 -46.07 17.50 52.52
N PRO E 830 -45.95 16.21 52.15
CA PRO E 830 -46.94 15.64 51.24
C PRO E 830 -48.31 15.56 51.87
N TYR E 831 -49.21 16.43 51.43
CA TYR E 831 -50.55 16.43 51.98
C TYR E 831 -51.30 15.19 51.49
N PRO E 832 -51.83 14.38 52.39
CA PRO E 832 -52.46 13.12 51.95
C PRO E 832 -53.69 13.36 51.12
N LEU E 833 -53.62 13.01 49.84
CA LEU E 833 -54.77 13.11 48.96
C LEU E 833 -55.64 11.85 48.99
N CYS E 834 -55.17 10.78 49.62
CA CYS E 834 -55.91 9.54 49.76
C CYS E 834 -55.75 9.04 51.20
N GLY E 835 -56.36 7.89 51.48
CA GLY E 835 -56.30 7.34 52.81
C GLY E 835 -57.36 7.92 53.73
N GLN E 836 -57.35 7.43 54.97
CA GLN E 836 -58.36 7.84 55.94
C GLN E 836 -58.09 9.24 56.50
N GLN E 837 -56.82 9.63 56.61
CA GLN E 837 -56.46 10.95 57.12
C GLN E 837 -56.20 11.95 56.01
N ALA E 838 -56.88 11.80 54.88
CA ALA E 838 -56.68 12.68 53.75
C ALA E 838 -57.29 14.06 54.01
N ILE E 839 -56.85 15.04 53.22
CA ILE E 839 -57.43 16.37 53.34
C ILE E 839 -58.85 16.37 52.78
N GLN E 840 -59.61 17.38 53.17
CA GLN E 840 -61.03 17.43 52.85
C GLN E 840 -61.23 17.57 51.34
N PRO E 841 -62.39 17.12 50.82
CA PRO E 841 -62.63 17.25 49.37
C PRO E 841 -62.67 18.69 48.89
N GLY E 842 -62.93 19.65 49.77
CA GLY E 842 -62.87 21.05 49.37
C GLY E 842 -61.49 21.62 49.29
N GLN E 843 -60.46 20.86 49.68
CA GLN E 843 -59.08 21.32 49.65
C GLN E 843 -58.26 20.59 48.59
N VAL E 844 -58.90 20.03 47.57
CA VAL E 844 -58.22 19.40 46.46
C VAL E 844 -58.65 20.08 45.17
N LEU E 845 -57.82 19.94 44.15
CA LEU E 845 -58.09 20.56 42.86
C LEU E 845 -58.08 19.52 41.75
N SER E 846 -58.20 19.98 40.50
CA SER E 846 -58.12 19.10 39.34
C SER E 846 -57.21 19.75 38.30
N TYR E 847 -56.38 18.94 37.66
CA TYR E 847 -55.38 19.41 36.72
C TYR E 847 -55.38 18.57 35.46
N LYS E 848 -56.56 18.37 34.88
CA LYS E 848 -56.66 17.64 33.62
C LYS E 848 -55.75 18.26 32.56
N LYS E 849 -54.85 17.45 32.02
CA LYS E 849 -53.87 17.90 31.05
C LYS E 849 -53.55 16.74 30.12
N PHE E 850 -53.05 17.06 28.93
CA PHE E 850 -52.61 16.03 28.00
C PHE E 850 -51.25 16.40 27.43
N LEU E 851 -50.47 15.36 27.12
CA LEU E 851 -49.25 15.51 26.34
C LEU E 851 -49.39 14.74 25.05
N CYS E 852 -48.82 15.29 23.99
CA CYS E 852 -48.93 14.66 22.66
C CYS E 852 -47.63 14.94 21.93
N ASP E 853 -46.71 13.98 21.96
CA ASP E 853 -45.40 14.14 21.37
C ASP E 853 -45.39 13.61 19.94
N ASN E 854 -44.59 14.27 19.10
CA ASN E 854 -44.35 13.83 17.72
C ASN E 854 -45.63 13.77 16.89
N TYR E 855 -46.64 14.58 17.22
CA TYR E 855 -47.89 14.45 16.49
C TYR E 855 -48.04 15.46 15.35
N LEU E 856 -47.69 16.72 15.57
CA LEU E 856 -47.81 17.75 14.53
C LEU E 856 -49.27 17.91 14.08
N TRP E 857 -50.06 18.51 14.97
CA TRP E 857 -51.50 18.74 14.77
C TRP E 857 -51.83 19.00 13.30
N THR E 858 -52.81 18.28 12.76
CA THR E 858 -53.21 18.42 11.37
C THR E 858 -54.64 18.90 11.29
N ILE E 859 -54.87 19.90 10.44
CA ILE E 859 -56.22 20.34 10.10
C ILE E 859 -56.40 20.19 8.60
N PRO E 860 -57.16 19.21 8.13
CA PRO E 860 -57.26 18.97 6.69
C PRO E 860 -58.20 19.95 6.03
N PHE E 861 -57.78 20.45 4.86
CA PHE E 861 -58.61 21.36 4.08
C PHE E 861 -59.70 20.58 3.33
N SER E 862 -60.49 19.87 4.13
CA SER E 862 -61.60 19.06 3.64
C SER E 862 -62.88 19.56 4.29
N SER E 863 -63.98 19.42 3.55
CA SER E 863 -65.26 19.99 3.99
C SER E 863 -65.72 19.37 5.31
N ASP E 864 -65.49 18.07 5.50
CA ASP E 864 -65.91 17.38 6.72
C ASP E 864 -64.73 16.77 7.46
N PHE E 865 -63.54 17.34 7.29
CA PHE E 865 -62.34 17.02 8.07
C PHE E 865 -61.87 15.58 7.88
N MET E 866 -62.46 14.84 6.95
CA MET E 866 -62.09 13.46 6.67
C MET E 866 -61.35 13.37 5.35
N TYR E 867 -60.56 12.30 5.20
CA TYR E 867 -59.71 12.13 4.03
C TYR E 867 -60.51 11.49 2.90
N MET E 868 -60.57 12.17 1.76
CA MET E 868 -61.21 11.64 0.56
C MET E 868 -60.27 11.66 -0.64
N GLY E 869 -58.98 11.79 -0.40
CA GLY E 869 -57.98 11.85 -1.46
C GLY E 869 -56.94 12.87 -1.09
N GLU E 870 -55.73 12.69 -1.63
CA GLU E 870 -54.64 13.62 -1.35
C GLU E 870 -55.00 15.02 -1.84
N LEU E 871 -55.58 15.13 -3.03
CA LEU E 871 -56.13 16.39 -3.50
C LEU E 871 -57.51 16.54 -2.90
N THR E 872 -57.63 17.45 -1.93
CA THR E 872 -58.75 17.44 -1.00
C THR E 872 -60.04 17.88 -1.67
N ASP E 873 -61.13 17.83 -0.90
CA ASP E 873 -62.43 18.27 -1.36
C ASP E 873 -62.43 19.76 -1.67
N LEU E 874 -61.98 20.58 -0.73
CA LEU E 874 -61.96 22.02 -0.90
C LEU E 874 -60.73 22.53 -1.65
N GLY E 875 -59.72 21.68 -1.85
CA GLY E 875 -58.55 22.12 -2.59
C GLY E 875 -58.82 22.30 -4.07
N GLN E 876 -59.79 21.58 -4.61
CA GLN E 876 -60.17 21.70 -6.01
C GLN E 876 -61.48 22.46 -6.18
N ASN E 877 -62.02 23.03 -5.11
CA ASN E 877 -63.22 23.83 -5.23
C ASN E 877 -62.92 25.09 -6.03
N PRO E 878 -63.75 25.45 -7.02
CA PRO E 878 -63.45 26.63 -7.82
C PRO E 878 -63.93 27.91 -7.16
N MET E 879 -63.66 28.05 -5.87
CA MET E 879 -63.84 29.29 -5.14
C MET E 879 -62.58 29.72 -4.42
N TYR E 880 -61.73 28.78 -4.02
CA TYR E 880 -60.40 29.08 -3.52
C TYR E 880 -59.38 29.05 -4.65
N THR E 881 -59.52 28.09 -5.57
CA THR E 881 -58.55 27.93 -6.66
C THR E 881 -58.55 29.14 -7.58
N ASN E 882 -59.72 29.55 -8.06
CA ASN E 882 -59.80 30.61 -9.05
C ASN E 882 -59.78 32.01 -8.43
N ASN E 883 -60.34 32.16 -7.23
CA ASN E 883 -60.36 33.45 -6.55
C ASN E 883 -59.14 33.61 -5.66
N SER E 884 -58.67 34.84 -5.52
CA SER E 884 -57.56 35.13 -4.63
C SER E 884 -58.07 35.42 -3.23
N HIS E 885 -57.49 34.76 -2.24
CA HIS E 885 -57.88 34.93 -0.85
C HIS E 885 -56.63 35.16 -0.01
N SER E 886 -56.79 35.95 1.05
CA SER E 886 -55.69 36.33 1.94
C SER E 886 -56.04 35.85 3.34
N MET E 887 -55.70 34.60 3.65
CA MET E 887 -56.18 34.03 4.90
C MET E 887 -55.34 34.49 6.07
N VAL E 888 -55.99 34.62 7.22
CA VAL E 888 -55.37 35.08 8.45
C VAL E 888 -55.54 34.00 9.51
N ILE E 889 -54.44 33.61 10.14
CA ILE E 889 -54.45 32.64 11.23
C ILE E 889 -54.17 33.36 12.53
N ASN E 890 -54.99 33.11 13.54
CA ASN E 890 -54.80 33.66 14.88
C ASN E 890 -54.56 32.49 15.83
N PHE E 891 -53.42 32.51 16.52
CA PHE E 891 -53.08 31.49 17.48
C PHE E 891 -53.15 32.05 18.90
N GLU E 892 -53.54 31.18 19.82
CA GLU E 892 -53.42 31.45 21.24
C GLU E 892 -52.60 30.32 21.86
N LEU E 893 -51.57 30.68 22.60
CA LEU E 893 -50.58 29.71 23.06
C LEU E 893 -50.38 29.86 24.57
N ASP E 894 -49.95 28.79 25.20
CA ASP E 894 -49.50 28.90 26.59
C ASP E 894 -48.16 29.64 26.62
N PRO E 895 -48.02 30.65 27.48
CA PRO E 895 -46.76 31.41 27.51
C PRO E 895 -45.61 30.55 28.00
N MET E 896 -44.58 30.41 27.16
CA MET E 896 -43.43 29.61 27.49
C MET E 896 -42.35 30.54 28.08
N ASP E 897 -41.18 29.99 28.40
CA ASP E 897 -40.14 30.75 29.08
C ASP E 897 -38.92 31.01 28.19
N ASP E 898 -39.08 30.90 26.88
CA ASP E 898 -37.99 31.17 25.95
C ASP E 898 -38.59 31.46 24.58
N PRO E 899 -37.88 32.18 23.71
CA PRO E 899 -38.40 32.42 22.37
C PRO E 899 -38.58 31.13 21.60
N THR E 900 -39.77 30.93 21.06
CA THR E 900 -40.11 29.73 20.32
C THR E 900 -40.73 30.09 18.99
N TYR E 901 -40.40 29.31 17.96
CA TYR E 901 -41.09 29.41 16.69
C TYR E 901 -42.42 28.67 16.77
N VAL E 902 -43.26 28.88 15.77
CA VAL E 902 -44.47 28.08 15.57
C VAL E 902 -44.31 27.42 14.21
N TYR E 903 -43.92 26.16 14.20
CA TYR E 903 -43.65 25.45 12.97
C TYR E 903 -44.95 25.18 12.22
N MET E 904 -45.26 26.02 11.25
CA MET E 904 -46.51 25.92 10.50
C MET E 904 -46.27 25.17 9.20
N LEU E 905 -47.09 24.15 8.94
CA LEU E 905 -47.00 23.36 7.72
C LEU E 905 -48.32 23.44 6.99
N TYR E 906 -48.28 23.96 5.78
CA TYR E 906 -49.47 23.97 4.93
C TYR E 906 -49.57 22.62 4.22
N GLY E 907 -50.53 22.48 3.32
CA GLY E 907 -50.60 21.25 2.55
C GLY E 907 -50.38 21.55 1.08
N VAL E 908 -49.26 21.08 0.53
CA VAL E 908 -48.87 21.44 -0.83
C VAL E 908 -48.60 20.18 -1.64
N PHE E 909 -48.76 20.30 -2.96
CA PHE E 909 -48.30 19.29 -3.90
C PHE E 909 -46.99 19.79 -4.52
N ASP E 910 -45.91 19.65 -3.78
CA ASP E 910 -44.58 20.00 -4.29
C ASP E 910 -44.02 18.83 -5.08
N THR E 911 -44.51 18.69 -6.31
CA THR E 911 -44.20 17.57 -7.16
C THR E 911 -43.26 17.99 -8.29
N VAL E 912 -42.46 17.01 -8.76
CA VAL E 912 -41.54 17.21 -9.87
C VAL E 912 -41.70 16.03 -10.81
N ARG E 913 -41.72 16.31 -12.11
CA ARG E 913 -41.66 15.26 -13.11
C ARG E 913 -40.40 15.46 -13.95
N VAL E 914 -39.69 14.37 -14.19
CA VAL E 914 -38.35 14.41 -14.78
C VAL E 914 -38.46 14.03 -16.25
N ASN E 915 -38.03 14.94 -17.12
CA ASN E 915 -38.02 14.70 -18.55
C ASN E 915 -36.59 14.40 -18.99
N GLN E 916 -36.38 13.22 -19.55
CA GLN E 916 -35.08 12.79 -20.05
C GLN E 916 -35.27 12.33 -21.49
N PRO E 917 -35.37 13.27 -22.43
CA PRO E 917 -35.73 12.88 -23.80
C PRO E 917 -34.61 12.15 -24.54
N GLU E 918 -33.38 12.61 -24.43
CA GLU E 918 -32.26 11.96 -25.12
C GLU E 918 -31.14 11.64 -24.15
N ARG E 919 -29.99 11.22 -24.69
CA ARG E 919 -28.84 10.97 -23.85
C ARG E 919 -28.34 12.28 -23.24
N ASN E 920 -27.84 12.18 -22.00
CA ASN E 920 -27.32 13.30 -21.21
C ASN E 920 -28.11 14.59 -21.42
N VAL E 921 -29.43 14.45 -21.35
CA VAL E 921 -30.35 15.59 -21.33
C VAL E 921 -31.28 15.36 -20.16
N LEU E 922 -31.06 16.09 -19.06
CA LEU E 922 -31.84 15.94 -17.84
C LEU E 922 -32.55 17.25 -17.56
N ALA E 923 -33.88 17.20 -17.47
CA ALA E 923 -34.69 18.38 -17.23
C ALA E 923 -35.76 18.05 -16.20
N MET E 924 -35.95 18.93 -15.23
CA MET E 924 -36.94 18.77 -14.18
C MET E 924 -37.84 19.99 -14.13
N ALA E 925 -39.13 19.76 -13.88
CA ALA E 925 -40.12 20.82 -13.71
C ALA E 925 -40.66 20.73 -12.30
N TYR E 926 -40.41 21.76 -11.51
CA TYR E 926 -40.89 21.82 -10.13
C TYR E 926 -42.17 22.64 -10.06
N PHE E 927 -43.18 22.11 -9.41
CA PHE E 927 -44.43 22.82 -9.24
C PHE E 927 -45.04 22.47 -7.90
N ARG E 928 -45.50 23.50 -7.19
CA ARG E 928 -46.09 23.36 -5.86
C ARG E 928 -47.42 24.10 -5.86
N THR E 929 -48.52 23.35 -5.71
CA THR E 929 -49.84 23.84 -6.06
C THR E 929 -50.32 25.06 -5.26
N PRO E 930 -50.22 25.08 -3.92
CA PRO E 930 -50.65 26.30 -3.20
C PRO E 930 -49.60 27.40 -3.31
N PHE E 931 -48.33 27.02 -3.15
CA PHE E 931 -47.23 27.97 -3.04
C PHE E 931 -46.21 27.64 -4.11
N ALA E 932 -46.36 28.22 -5.30
CA ALA E 932 -45.43 27.99 -6.39
C ALA E 932 -44.29 29.00 -6.30
N THR E 933 -43.23 28.75 -7.07
CA THR E 933 -42.04 29.59 -7.04
C THR E 933 -41.60 29.88 -8.49
N GLY E 934 -42.55 30.28 -9.31
CA GLY E 934 -42.24 30.69 -10.67
C GLY E 934 -42.22 32.20 -10.81
N ASN E 935 -41.08 32.75 -11.20
CA ASN E 935 -40.87 34.19 -11.19
C ASN E 935 -40.91 34.83 -12.57
N ALA E 936 -41.12 34.03 -13.62
CA ALA E 936 -41.29 34.52 -14.99
C ALA E 936 -40.19 35.51 -15.38
N VAL E 937 -38.97 35.00 -15.46
CA VAL E 937 -37.84 35.82 -15.89
C VAL E 937 -37.52 35.51 -17.35
N ALA F 2 -37.85 31.05 -40.39
CA ALA F 2 -36.53 31.68 -40.49
C ALA F 2 -35.82 31.69 -39.14
N ALA F 3 -36.16 32.66 -38.29
CA ALA F 3 -35.43 32.83 -37.04
C ALA F 3 -35.87 31.82 -36.00
N LEU F 4 -37.13 31.87 -35.57
CA LEU F 4 -37.67 30.97 -34.55
C LEU F 4 -39.06 30.51 -34.95
N THR F 5 -39.28 29.20 -34.89
CA THR F 5 -40.59 28.62 -35.17
C THR F 5 -41.44 28.60 -33.89
N PRO F 6 -42.77 28.65 -34.04
CA PRO F 6 -43.63 28.64 -32.84
C PRO F 6 -43.47 27.39 -31.97
N ASP F 7 -43.11 26.26 -32.58
CA ASP F 7 -42.84 25.00 -31.87
C ASP F 7 -44.12 24.33 -31.41
N LEU F 8 -44.11 23.00 -31.36
CA LEU F 8 -45.32 22.25 -31.04
C LEU F 8 -45.76 22.47 -29.60
N THR F 9 -47.07 22.50 -29.39
CA THR F 9 -47.66 22.57 -28.06
C THR F 9 -48.77 21.53 -27.96
N THR F 10 -49.04 21.07 -26.74
CA THR F 10 -50.05 20.04 -26.51
C THR F 10 -51.15 20.45 -25.55
N ALA F 11 -50.98 21.54 -24.79
CA ALA F 11 -52.04 22.13 -23.98
C ALA F 11 -52.62 21.14 -22.97
N THR F 12 -51.78 20.74 -22.01
CA THR F 12 -52.20 19.89 -20.91
C THR F 12 -52.30 20.71 -19.63
N PRO F 13 -53.36 20.54 -18.84
CA PRO F 13 -53.47 21.29 -17.58
C PRO F 13 -52.34 20.93 -16.62
N ARG F 14 -51.98 21.91 -15.78
CA ARG F 14 -50.84 21.72 -14.87
C ARG F 14 -51.10 20.59 -13.88
N LEU F 15 -52.31 20.50 -13.34
CA LEU F 15 -52.62 19.43 -12.40
C LEU F 15 -52.49 18.07 -13.07
N GLN F 16 -52.93 17.96 -14.31
CA GLN F 16 -52.79 16.70 -15.04
C GLN F 16 -51.35 16.48 -15.48
N TYR F 17 -50.66 17.56 -15.88
CA TYR F 17 -49.27 17.43 -16.33
C TYR F 17 -48.37 16.94 -15.22
N PHE F 18 -48.57 17.44 -14.01
CA PHE F 18 -47.81 17.01 -12.84
C PHE F 18 -48.49 15.88 -12.09
N HIS F 19 -49.57 15.34 -12.64
CA HIS F 19 -50.29 14.20 -12.06
C HIS F 19 -50.77 14.50 -10.65
N ILE F 20 -51.14 15.76 -10.41
CA ILE F 20 -51.80 16.14 -9.18
C ILE F 20 -53.28 15.84 -9.23
N ALA F 21 -53.90 16.03 -10.40
CA ALA F 21 -55.29 15.64 -10.64
C ALA F 21 -55.43 14.98 -12.00
N GLY F 22 -54.43 14.19 -12.40
CA GLY F 22 -54.38 13.64 -13.73
C GLY F 22 -55.19 12.37 -13.88
N PRO F 23 -54.98 11.67 -15.00
CA PRO F 23 -55.73 10.44 -15.27
C PRO F 23 -55.48 9.34 -14.26
N GLY F 24 -54.21 8.97 -14.08
CA GLY F 24 -53.83 7.89 -13.20
C GLY F 24 -52.76 7.05 -13.85
N THR F 25 -51.97 6.37 -13.01
CA THR F 25 -50.82 5.62 -13.50
C THR F 25 -51.22 4.55 -14.50
N ARG F 26 -52.34 3.86 -14.23
CA ARG F 26 -52.79 2.80 -15.12
C ARG F 26 -53.09 3.30 -16.53
N GLU F 27 -53.36 4.59 -16.69
CA GLU F 27 -53.84 5.10 -17.97
C GLU F 27 -53.04 6.28 -18.51
N TYR F 28 -51.82 6.51 -18.03
CA TYR F 28 -50.98 7.50 -18.70
C TYR F 28 -49.62 6.91 -19.05
N LEU F 29 -49.15 5.94 -18.27
CA LEU F 29 -47.96 5.19 -18.66
C LEU F 29 -48.26 4.39 -19.93
N SER F 30 -47.30 4.37 -20.85
CA SER F 30 -47.47 3.60 -22.07
C SER F 30 -47.61 2.12 -21.72
N GLU F 31 -48.47 1.43 -22.47
CA GLU F 31 -48.85 0.07 -22.11
C GLU F 31 -47.64 -0.85 -22.03
N ASP F 32 -46.65 -0.63 -22.91
CA ASP F 32 -45.45 -1.44 -22.85
C ASP F 32 -44.68 -1.20 -21.56
N LEU F 33 -44.63 0.04 -21.08
CA LEU F 33 -43.98 0.32 -19.81
C LEU F 33 -44.72 -0.34 -18.65
N GLN F 34 -46.05 -0.30 -18.67
CA GLN F 34 -46.82 -0.95 -17.62
C GLN F 34 -46.58 -2.46 -17.64
N GLN F 35 -46.50 -3.06 -18.83
CA GLN F 35 -46.19 -4.48 -18.92
C GLN F 35 -44.79 -4.77 -18.39
N PHE F 36 -43.82 -3.91 -18.70
CA PHE F 36 -42.47 -4.09 -18.19
C PHE F 36 -42.44 -4.02 -16.66
N ILE F 37 -43.15 -3.06 -16.09
CA ILE F 37 -43.20 -2.93 -14.64
C ILE F 37 -43.85 -4.15 -14.02
N SER F 38 -44.99 -4.59 -14.57
CA SER F 38 -45.69 -5.74 -14.01
C SER F 38 -44.83 -6.99 -14.08
N ALA F 39 -44.10 -7.18 -15.18
CA ALA F 39 -43.23 -8.34 -15.31
C ALA F 39 -42.06 -8.25 -14.33
N THR F 40 -41.23 -7.23 -14.48
CA THR F 40 -40.05 -7.06 -13.63
C THR F 40 -40.35 -6.18 -12.43
N GLY F 41 -41.43 -6.46 -11.71
CA GLY F 41 -41.72 -5.75 -10.48
C GLY F 41 -41.37 -6.53 -9.23
N SER F 42 -41.01 -7.80 -9.39
CA SER F 42 -40.61 -8.61 -8.26
C SER F 42 -39.19 -8.33 -7.80
N TYR F 43 -38.36 -7.73 -8.66
CA TYR F 43 -36.99 -7.43 -8.30
C TYR F 43 -36.53 -6.04 -8.69
N PHE F 44 -37.33 -5.26 -9.42
CA PHE F 44 -36.96 -3.91 -9.85
C PHE F 44 -38.21 -3.05 -9.72
N ASP F 45 -38.38 -2.42 -8.56
CA ASP F 45 -39.56 -1.60 -8.30
C ASP F 45 -39.47 -0.27 -9.05
N LEU F 46 -40.41 -0.04 -9.95
CA LEU F 46 -40.52 1.23 -10.65
C LEU F 46 -41.87 1.89 -10.45
N LYS F 47 -42.74 1.32 -9.63
CA LYS F 47 -44.06 1.90 -9.41
C LYS F 47 -44.01 3.12 -8.50
N ASN F 48 -42.93 3.30 -7.74
CA ASN F 48 -42.77 4.47 -6.89
C ASN F 48 -42.24 5.67 -7.64
N LYS F 49 -41.85 5.51 -8.90
CA LYS F 49 -41.27 6.59 -9.68
C LYS F 49 -42.29 7.30 -10.54
N PHE F 50 -43.55 6.91 -10.48
CA PHE F 50 -44.60 7.52 -11.28
C PHE F 50 -45.75 7.92 -10.36
N ARG F 51 -46.22 9.15 -10.48
CA ARG F 51 -47.17 9.71 -9.54
C ARG F 51 -48.60 9.40 -9.93
N GLN F 52 -49.45 9.31 -8.92
CA GLN F 52 -50.87 9.08 -9.09
C GLN F 52 -51.58 9.57 -7.85
N THR F 53 -52.53 10.49 -8.02
CA THR F 53 -53.17 11.17 -6.90
C THR F 53 -54.66 10.82 -6.87
N VAL F 54 -55.16 10.57 -5.66
CA VAL F 54 -56.57 10.29 -5.45
C VAL F 54 -57.31 11.60 -5.29
N VAL F 55 -58.39 11.78 -6.05
CA VAL F 55 -59.12 13.04 -6.13
C VAL F 55 -60.42 12.89 -5.35
N ALA F 56 -60.72 13.89 -4.53
CA ALA F 56 -61.92 13.86 -3.70
C ALA F 56 -63.17 14.02 -4.55
N PRO F 57 -64.32 13.54 -4.06
CA PRO F 57 -65.55 13.61 -4.85
C PRO F 57 -65.98 15.02 -5.24
N THR F 58 -65.69 16.01 -4.40
CA THR F 58 -65.86 17.45 -4.64
C THR F 58 -67.26 17.84 -5.13
N ARG F 59 -68.24 16.95 -4.99
CA ARG F 59 -69.60 17.28 -5.39
C ARG F 59 -70.55 16.22 -4.86
N ASN F 60 -71.69 16.66 -4.33
CA ASN F 60 -72.73 15.78 -3.84
C ASN F 60 -72.21 14.81 -2.77
N VAL F 61 -71.32 15.31 -1.92
CA VAL F 61 -70.82 14.51 -0.80
C VAL F 61 -70.90 15.25 0.54
N THR F 62 -71.00 16.57 0.54
CA THR F 62 -71.04 17.33 1.79
C THR F 62 -71.92 18.56 1.58
N THR F 63 -72.71 18.88 2.60
CA THR F 63 -73.63 20.01 2.51
C THR F 63 -72.86 21.33 2.42
N GLU F 64 -73.43 22.26 1.67
CA GLU F 64 -73.08 23.66 1.82
C GLU F 64 -73.92 24.34 2.88
N LYS F 65 -74.91 23.64 3.43
CA LYS F 65 -75.72 24.18 4.51
C LYS F 65 -74.88 24.37 5.76
N ALA F 66 -75.19 25.41 6.54
CA ALA F 66 -74.54 25.57 7.82
C ALA F 66 -75.15 24.57 8.81
N GLN F 67 -74.59 23.36 8.83
CA GLN F 67 -75.11 22.26 9.62
C GLN F 67 -74.13 21.94 10.73
N ARG F 68 -74.65 21.85 11.96
CA ARG F 68 -73.79 21.55 13.09
C ARG F 68 -73.18 20.16 12.93
N LEU F 69 -71.88 20.08 13.17
CA LEU F 69 -71.14 18.83 13.00
C LEU F 69 -71.23 17.94 14.23
N GLN F 70 -71.70 18.47 15.36
CA GLN F 70 -71.64 17.75 16.63
C GLN F 70 -72.64 18.41 17.57
N ILE F 71 -73.67 17.67 17.98
CA ILE F 71 -74.78 18.23 18.73
C ILE F 71 -74.86 17.57 20.10
N ARG F 72 -75.06 18.39 21.13
CA ARG F 72 -75.21 17.95 22.51
C ARG F 72 -76.67 18.06 22.91
N PHE F 73 -77.24 16.96 23.40
CA PHE F 73 -78.64 16.92 23.82
C PHE F 73 -78.70 16.91 25.35
N TYR F 74 -79.42 17.88 25.92
CA TYR F 74 -79.60 17.93 27.35
C TYR F 74 -80.65 16.91 27.79
N PRO F 75 -80.60 16.45 29.03
CA PRO F 75 -81.65 15.55 29.53
C PRO F 75 -82.97 16.28 29.70
N ILE F 76 -84.03 15.70 29.14
CA ILE F 76 -85.37 16.24 29.34
C ILE F 76 -85.82 16.03 30.77
N GLN F 77 -85.65 14.83 31.29
CA GLN F 77 -86.08 14.48 32.64
C GLN F 77 -85.05 13.54 33.23
N THR F 78 -84.75 13.72 34.52
CA THR F 78 -83.63 13.02 35.14
C THR F 78 -84.05 11.95 36.14
N ASP F 79 -84.81 12.31 37.18
CA ASP F 79 -85.20 11.36 38.23
C ASP F 79 -83.97 10.67 38.82
N ASP F 80 -83.11 11.46 39.47
CA ASP F 80 -81.99 10.90 40.20
C ASP F 80 -82.49 10.11 41.40
N THR F 81 -81.91 8.92 41.60
CA THR F 81 -82.29 8.03 42.68
C THR F 81 -81.07 7.67 43.49
N SER F 82 -81.28 6.84 44.53
CA SER F 82 -80.17 6.39 45.36
C SER F 82 -79.35 5.31 44.68
N THR F 83 -80.00 4.47 43.87
CA THR F 83 -79.32 3.36 43.21
C THR F 83 -78.98 3.63 41.75
N GLY F 84 -79.71 4.53 41.09
CA GLY F 84 -79.49 4.79 39.69
C GLY F 84 -79.66 6.25 39.35
N TYR F 85 -79.37 6.58 38.09
CA TYR F 85 -79.46 7.95 37.59
C TYR F 85 -80.04 7.88 36.17
N ARG F 86 -81.35 8.03 36.07
CA ARG F 86 -82.02 7.99 34.78
C ARG F 86 -81.80 9.28 34.01
N VAL F 87 -81.79 9.18 32.68
CA VAL F 87 -81.77 10.32 31.79
C VAL F 87 -82.66 10.00 30.59
N ARG F 88 -83.44 10.98 30.17
CA ARG F 88 -84.18 10.91 28.90
C ARG F 88 -83.77 12.09 28.04
N TYR F 89 -83.37 11.81 26.80
CA TYR F 89 -82.95 12.80 25.85
C TYR F 89 -84.00 12.92 24.74
N ASN F 90 -83.74 13.84 23.82
CA ASN F 90 -84.53 13.94 22.59
C ASN F 90 -83.53 13.93 21.44
N ILE F 91 -83.16 12.73 21.00
CA ILE F 91 -82.33 12.60 19.82
C ILE F 91 -83.21 12.95 18.62
N ASN F 92 -82.94 14.08 17.99
CA ASN F 92 -83.82 14.62 16.96
C ASN F 92 -82.99 14.84 15.71
N VAL F 93 -83.15 13.94 14.74
CA VAL F 93 -82.39 13.94 13.49
C VAL F 93 -83.25 14.62 12.45
N GLY F 94 -82.81 15.78 11.97
CA GLY F 94 -83.62 16.57 11.07
C GLY F 94 -83.70 15.99 9.69
N ASP F 95 -84.59 16.58 8.88
CA ASP F 95 -84.76 16.15 7.51
C ASP F 95 -83.47 16.37 6.72
N GLY F 96 -83.03 15.33 6.03
CA GLY F 96 -81.76 15.36 5.34
C GLY F 96 -80.57 15.00 6.19
N TRP F 97 -80.75 14.78 7.49
CA TRP F 97 -79.68 14.36 8.37
C TRP F 97 -79.73 12.85 8.55
N VAL F 98 -78.62 12.30 9.04
CA VAL F 98 -78.52 10.87 9.30
C VAL F 98 -77.55 10.65 10.45
N LEU F 99 -77.93 9.82 11.40
CA LEU F 99 -77.15 9.60 12.61
C LEU F 99 -76.81 8.13 12.75
N ASP F 100 -75.52 7.85 12.94
CA ASP F 100 -75.06 6.52 13.32
C ASP F 100 -74.83 6.51 14.82
N MET F 101 -75.64 5.75 15.54
CA MET F 101 -75.54 5.72 17.00
C MET F 101 -74.25 5.10 17.50
N GLY F 102 -73.34 4.70 16.62
CA GLY F 102 -71.99 4.39 17.05
C GLY F 102 -71.28 5.60 17.59
N SER F 103 -71.63 6.79 17.11
CA SER F 103 -71.01 8.03 17.54
C SER F 103 -71.68 8.66 18.74
N THR F 104 -72.84 8.16 19.17
CA THR F 104 -73.52 8.71 20.33
C THR F 104 -72.91 8.13 21.60
N TYR F 105 -72.67 9.00 22.57
CA TYR F 105 -72.11 8.60 23.86
C TYR F 105 -72.60 9.56 24.93
N PHE F 106 -72.43 9.18 26.18
CA PHE F 106 -72.89 9.95 27.32
C PHE F 106 -71.75 10.79 27.85
N ASP F 107 -71.86 12.12 27.74
CA ASP F 107 -70.88 13.02 28.30
C ASP F 107 -71.23 13.26 29.76
N ILE F 108 -70.46 12.66 30.66
CA ILE F 108 -70.79 12.61 32.08
C ILE F 108 -69.68 13.32 32.86
N LYS F 109 -70.07 14.24 33.72
CA LYS F 109 -69.14 14.81 34.69
C LYS F 109 -69.83 14.90 36.04
N GLY F 110 -69.06 14.61 37.09
CA GLY F 110 -69.63 14.62 38.42
C GLY F 110 -68.53 14.49 39.46
N ILE F 111 -68.96 14.30 40.70
CA ILE F 111 -68.05 14.16 41.84
C ILE F 111 -67.98 12.70 42.21
N LEU F 112 -66.79 12.12 42.18
CA LEU F 112 -66.55 10.75 42.57
C LEU F 112 -65.66 10.73 43.81
N ASP F 113 -66.13 10.11 44.87
CA ASP F 113 -65.33 9.88 46.07
C ASP F 113 -64.99 8.40 46.12
N ARG F 114 -63.70 8.09 46.11
CA ARG F 114 -63.25 6.71 46.07
C ARG F 114 -63.03 6.11 47.47
N GLY F 115 -63.31 6.88 48.51
CA GLY F 115 -63.28 6.36 49.87
C GLY F 115 -61.88 6.27 50.42
N PRO F 116 -61.78 6.08 51.74
CA PRO F 116 -60.46 5.96 52.37
C PRO F 116 -59.68 4.75 51.90
N SER F 117 -60.33 3.74 51.34
CA SER F 117 -59.65 2.51 50.95
C SER F 117 -58.97 2.65 49.60
N PHE F 118 -58.20 3.71 49.40
CA PHE F 118 -57.64 4.04 48.09
C PHE F 118 -56.18 4.43 48.27
N LYS F 119 -55.29 3.71 47.60
CA LYS F 119 -53.86 4.04 47.58
C LYS F 119 -53.34 3.83 46.17
N PRO F 120 -53.09 4.90 45.41
CA PRO F 120 -52.65 4.72 44.02
C PRO F 120 -51.20 4.27 43.92
N TYR F 121 -50.58 3.94 45.04
CA TYR F 121 -49.14 3.74 45.05
C TYR F 121 -48.77 2.67 46.06
N CYS F 122 -47.77 1.85 45.71
CA CYS F 122 -47.22 0.87 46.62
C CYS F 122 -46.19 1.54 47.53
N GLY F 123 -46.14 1.08 48.78
CA GLY F 123 -45.30 1.71 49.76
C GLY F 123 -45.93 2.97 50.33
N THR F 124 -45.11 3.73 51.07
CA THR F 124 -45.55 4.95 51.71
C THR F 124 -44.92 6.17 51.04
N ALA F 125 -45.34 7.35 51.49
CA ALA F 125 -44.83 8.60 50.97
C ALA F 125 -44.09 9.43 52.02
N TYR F 126 -44.17 9.07 53.29
CA TYR F 126 -43.55 9.83 54.38
C TYR F 126 -42.45 8.97 54.98
N ASN F 127 -41.22 9.50 54.98
CA ASN F 127 -40.01 8.80 55.37
C ASN F 127 -39.97 7.36 54.82
N PRO F 128 -40.15 7.19 53.51
CA PRO F 128 -40.12 5.82 52.97
C PRO F 128 -38.76 5.16 53.10
N LEU F 129 -37.68 5.91 52.93
CA LEU F 129 -36.34 5.37 53.09
C LEU F 129 -36.00 5.05 54.53
N ALA F 130 -36.80 5.53 55.48
CA ALA F 130 -36.57 5.20 56.87
C ALA F 130 -36.83 3.70 57.09
N PRO F 131 -36.08 3.06 57.98
CA PRO F 131 -36.37 1.68 58.32
C PRO F 131 -37.76 1.55 58.93
N LYS F 132 -38.38 0.38 58.71
CA LYS F 132 -39.76 0.18 59.12
C LYS F 132 -39.96 0.39 60.62
N GLU F 133 -38.94 0.07 61.41
CA GLU F 133 -39.06 0.11 62.87
C GLU F 133 -38.25 1.24 63.49
N SER F 134 -37.92 2.27 62.72
CA SER F 134 -37.15 3.38 63.26
C SER F 134 -38.04 4.30 64.10
N MET F 135 -37.39 5.23 64.81
CA MET F 135 -38.07 6.13 65.73
C MET F 135 -37.54 7.53 65.52
N PHE F 136 -38.42 8.53 65.59
CA PHE F 136 -38.09 9.90 65.24
C PHE F 136 -37.79 10.71 66.50
N ASN F 137 -36.58 10.51 67.04
CA ASN F 137 -36.06 11.30 68.14
C ASN F 137 -37.05 11.32 69.32
N ASN F 138 -37.18 10.14 69.92
CA ASN F 138 -38.18 9.92 70.95
C ASN F 138 -38.02 10.90 72.11
N TRP F 139 -39.15 11.30 72.69
CA TRP F 139 -39.16 12.08 73.93
C TRP F 139 -40.46 11.72 74.66
N SER F 140 -40.37 10.73 75.54
CA SER F 140 -41.53 10.22 76.26
C SER F 140 -41.44 10.69 77.71
N GLU F 141 -42.32 11.62 78.08
CA GLU F 141 -42.35 12.16 79.43
C GLU F 141 -43.77 12.11 79.97
N THR F 142 -43.89 11.94 81.29
CA THR F 142 -45.20 11.96 81.92
C THR F 142 -45.74 13.39 82.01
N ALA F 143 -44.89 14.33 82.38
CA ALA F 143 -45.20 15.74 82.42
C ALA F 143 -43.96 16.52 82.03
N PRO F 144 -44.11 17.75 81.56
CA PRO F 144 -42.93 18.54 81.17
C PRO F 144 -41.98 18.72 82.34
N GLY F 145 -40.76 18.22 82.17
CA GLY F 145 -39.77 18.23 83.22
C GLY F 145 -39.84 17.05 84.18
N GLN F 146 -40.85 16.20 84.05
CA GLN F 146 -40.99 15.02 84.90
C GLN F 146 -40.28 13.84 84.23
N ASN F 147 -40.59 12.62 84.70
CA ASN F 147 -39.92 11.41 84.23
C ASN F 147 -39.97 11.32 82.71
N VAL F 148 -38.81 11.41 82.07
CA VAL F 148 -38.71 11.51 80.62
C VAL F 148 -37.82 10.39 80.11
N SER F 149 -38.30 9.68 79.09
CA SER F 149 -37.49 8.73 78.33
C SER F 149 -37.35 9.28 76.93
N ALA F 150 -36.11 9.50 76.50
CA ALA F 150 -35.85 10.14 75.22
C ALA F 150 -34.69 9.45 74.54
N SER F 151 -34.78 9.31 73.22
CA SER F 151 -33.74 8.66 72.43
C SER F 151 -33.76 9.23 71.03
N GLY F 152 -32.61 9.64 70.53
CA GLY F 152 -32.54 10.18 69.18
C GLY F 152 -31.13 10.58 68.83
N GLN F 153 -30.97 10.95 67.56
CA GLN F 153 -29.70 11.44 67.04
C GLN F 153 -29.56 12.93 67.31
N LEU F 154 -28.40 13.33 67.79
CA LEU F 154 -28.08 14.73 68.04
C LEU F 154 -27.09 15.15 66.95
N SER F 155 -27.59 15.85 65.95
CA SER F 155 -26.88 16.05 64.69
C SER F 155 -26.17 17.40 64.62
N ASN F 156 -26.91 18.49 64.81
CA ASN F 156 -26.36 19.82 64.58
C ASN F 156 -25.26 20.15 65.60
N VAL F 157 -24.25 20.87 65.13
CA VAL F 157 -23.13 21.27 65.96
C VAL F 157 -22.98 22.79 65.88
N TYR F 158 -22.48 23.38 66.97
CA TYR F 158 -22.35 24.83 67.01
C TYR F 158 -21.06 25.27 67.68
N THR F 159 -20.01 24.45 67.61
CA THR F 159 -18.65 24.75 68.07
C THR F 159 -18.64 25.57 69.36
N ASN F 160 -19.27 25.01 70.39
CA ASN F 160 -19.40 25.74 71.64
C ASN F 160 -18.10 25.77 72.41
N THR F 161 -17.92 26.84 73.17
CA THR F 161 -16.91 26.90 74.23
C THR F 161 -17.60 26.53 75.53
N SER F 162 -17.31 25.33 76.04
CA SER F 162 -18.05 24.81 77.17
C SER F 162 -17.68 25.55 78.45
N THR F 163 -18.27 25.12 79.56
CA THR F 163 -18.14 25.72 80.87
C THR F 163 -18.66 27.15 80.93
N THR F 164 -19.38 27.60 79.90
CA THR F 164 -19.99 28.91 79.89
C THR F 164 -21.19 28.88 78.93
N LYS F 165 -22.18 29.72 79.24
CA LYS F 165 -23.45 29.69 78.53
C LYS F 165 -23.46 30.50 77.24
N ASP F 166 -22.38 31.25 76.95
CA ASP F 166 -22.43 32.20 75.85
C ASP F 166 -22.69 31.51 74.52
N THR F 167 -22.01 30.40 74.28
CA THR F 167 -22.18 29.70 73.00
C THR F 167 -23.48 28.91 72.95
N THR F 168 -23.95 28.40 74.09
CA THR F 168 -25.15 27.56 74.11
C THR F 168 -26.42 28.36 74.26
N ALA F 169 -26.42 29.38 75.12
CA ALA F 169 -27.63 30.18 75.31
C ALA F 169 -28.00 30.94 74.04
N ALA F 170 -26.99 31.39 73.28
CA ALA F 170 -27.26 32.08 72.03
C ALA F 170 -27.99 31.16 71.05
N GLN F 171 -27.74 29.86 71.11
CA GLN F 171 -28.46 28.91 70.29
C GLN F 171 -29.79 28.50 70.88
N VAL F 172 -29.92 28.53 72.21
CA VAL F 172 -31.21 28.24 72.84
C VAL F 172 -32.23 29.31 72.47
N THR F 173 -31.78 30.56 72.32
CA THR F 173 -32.66 31.61 71.83
C THR F 173 -33.18 31.30 70.44
N LYS F 174 -32.40 30.56 69.64
CA LYS F 174 -32.78 30.20 68.29
C LYS F 174 -33.57 28.90 68.23
N ILE F 175 -33.72 28.19 69.35
CA ILE F 175 -34.36 26.88 69.34
C ILE F 175 -35.82 26.99 68.92
N SER F 176 -36.53 28.00 69.42
CA SER F 176 -37.99 28.06 69.25
C SER F 176 -38.41 28.08 67.79
N GLY F 177 -37.54 28.46 66.88
CA GLY F 177 -37.84 28.47 65.46
C GLY F 177 -37.54 27.16 64.78
N VAL F 178 -37.22 27.25 63.49
CA VAL F 178 -36.88 26.07 62.69
C VAL F 178 -35.42 25.68 62.83
N PHE F 179 -34.66 26.39 63.67
CA PHE F 179 -33.21 26.23 63.70
C PHE F 179 -32.72 24.82 63.94
N PRO F 180 -33.29 24.02 64.86
CA PRO F 180 -32.83 22.62 64.97
C PRO F 180 -32.89 21.86 63.66
N ASN F 181 -33.89 22.13 62.81
CA ASN F 181 -33.91 21.73 61.40
C ASN F 181 -33.52 20.27 61.20
N PRO F 182 -34.41 19.32 61.49
CA PRO F 182 -34.03 17.91 61.41
C PRO F 182 -33.44 17.48 60.07
N ASN F 183 -33.66 18.25 59.00
CA ASN F 183 -33.06 17.91 57.72
C ASN F 183 -31.54 18.00 57.77
N GLN F 184 -31.01 19.06 58.38
CA GLN F 184 -29.57 19.30 58.41
C GLN F 184 -28.93 18.58 59.59
N GLY F 185 -27.80 17.92 59.34
CA GLY F 185 -27.11 17.18 60.35
C GLY F 185 -25.79 17.79 60.74
N PRO F 186 -24.78 16.95 60.97
CA PRO F 186 -23.46 17.46 61.38
C PRO F 186 -22.83 18.38 60.35
N GLY F 187 -23.06 18.12 59.06
CA GLY F 187 -22.50 18.96 58.02
C GLY F 187 -21.02 18.75 57.75
N ILE F 188 -20.43 17.71 58.31
CA ILE F 188 -19.00 17.43 58.15
C ILE F 188 -18.84 16.09 57.45
N ASN F 189 -17.96 16.04 56.47
CA ASN F 189 -17.74 14.77 55.79
C ASN F 189 -16.78 13.90 56.60
N PRO F 190 -15.59 14.40 57.02
CA PRO F 190 -14.78 13.63 57.97
C PRO F 190 -15.23 13.90 59.40
N LEU F 191 -15.83 12.89 60.02
CA LEU F 191 -16.24 13.03 61.41
C LEU F 191 -15.11 12.79 62.39
N ARG F 192 -13.94 12.35 61.91
CA ARG F 192 -12.79 12.14 62.78
C ARG F 192 -12.13 13.42 63.24
N GLN F 193 -12.51 14.57 62.68
CA GLN F 193 -11.92 15.85 63.03
C GLN F 193 -12.65 16.55 64.16
N VAL F 194 -13.65 15.90 64.76
CA VAL F 194 -14.44 16.53 65.81
C VAL F 194 -13.62 16.58 67.09
N GLU F 195 -13.55 17.78 67.69
CA GLU F 195 -13.03 17.92 69.04
C GLU F 195 -14.18 17.77 70.03
N ASN F 196 -14.03 16.82 70.96
CA ASN F 196 -15.13 16.47 71.84
C ASN F 196 -15.45 17.57 72.85
N ALA F 197 -14.58 18.56 73.02
CA ALA F 197 -14.79 19.63 73.98
C ALA F 197 -15.20 20.95 73.36
N ASN F 198 -15.16 21.08 72.04
CA ASN F 198 -15.50 22.33 71.37
C ASN F 198 -16.34 22.04 70.13
N THR F 199 -17.32 21.14 70.26
CA THR F 199 -18.14 20.73 69.12
C THR F 199 -19.56 21.26 69.19
N GLY F 200 -20.20 21.28 70.36
CA GLY F 200 -21.59 21.68 70.43
C GLY F 200 -22.51 20.56 69.99
N VAL F 201 -23.66 20.45 70.64
CA VAL F 201 -24.63 19.40 70.37
C VAL F 201 -26.01 20.03 70.26
N LEU F 202 -26.78 19.63 69.25
CA LEU F 202 -28.12 20.13 69.06
C LEU F 202 -29.00 19.03 68.48
N GLY F 203 -30.30 19.13 68.75
CA GLY F 203 -31.24 18.15 68.26
C GLY F 203 -32.65 18.63 68.44
N ARG F 204 -33.58 17.88 67.84
CA ARG F 204 -35.00 18.22 67.87
C ARG F 204 -35.76 16.93 68.18
N PHE F 205 -36.54 16.94 69.25
CA PHE F 205 -37.25 15.75 69.69
C PHE F 205 -38.74 16.02 69.74
N ALA F 206 -39.52 14.95 69.61
CA ALA F 206 -40.96 15.02 69.56
C ALA F 206 -41.56 14.12 70.64
N LYS F 207 -42.57 14.62 71.34
CA LYS F 207 -43.31 13.84 72.32
C LYS F 207 -44.66 13.47 71.70
N SER F 208 -44.86 12.17 71.48
CA SER F 208 -46.07 11.69 70.82
C SER F 208 -46.18 10.20 71.03
N GLN F 209 -47.38 9.68 70.80
CA GLN F 209 -47.61 8.26 70.79
C GLN F 209 -47.22 7.68 69.44
N TYR F 210 -46.96 6.37 69.42
CA TYR F 210 -46.64 5.63 68.19
C TYR F 210 -45.40 6.22 67.51
N ASN F 211 -44.27 6.11 68.21
CA ASN F 211 -43.00 6.64 67.69
C ASN F 211 -42.47 5.72 66.61
N TYR F 212 -42.84 6.00 65.36
CA TYR F 212 -42.31 5.29 64.20
C TYR F 212 -41.89 6.31 63.17
N ALA F 213 -40.61 6.31 62.80
CA ALA F 213 -40.14 7.27 61.81
C ALA F 213 -40.71 6.97 60.43
N TYR F 214 -40.88 5.70 60.11
CA TYR F 214 -41.40 5.30 58.81
C TYR F 214 -42.91 5.58 58.74
N GLY F 215 -43.31 6.35 57.75
CA GLY F 215 -44.71 6.68 57.57
C GLY F 215 -45.25 7.78 58.45
N ALA F 216 -44.40 8.43 59.23
CA ALA F 216 -44.86 9.49 60.14
C ALA F 216 -45.18 10.75 59.35
N TYR F 217 -46.33 11.35 59.64
CA TYR F 217 -46.74 12.59 58.99
C TYR F 217 -47.34 13.52 60.04
N VAL F 218 -46.82 14.74 60.12
CA VAL F 218 -47.37 15.80 60.96
C VAL F 218 -47.59 17.01 60.07
N LYS F 219 -48.85 17.43 59.93
CA LYS F 219 -49.15 18.53 59.03
C LYS F 219 -48.51 19.82 59.54
N PRO F 220 -47.96 20.63 58.65
CA PRO F 220 -47.30 21.87 59.08
C PRO F 220 -48.31 22.90 59.57
N VAL F 221 -47.80 23.81 60.41
CA VAL F 221 -48.59 24.93 60.90
C VAL F 221 -48.00 26.27 60.48
N ALA F 222 -46.94 26.28 59.67
CA ALA F 222 -46.37 27.50 59.15
C ALA F 222 -45.96 27.28 57.70
N ALA F 223 -45.70 28.38 57.00
CA ALA F 223 -45.35 28.31 55.59
C ALA F 223 -43.93 27.81 55.34
N ASP F 224 -43.13 27.63 56.39
CA ASP F 224 -41.75 27.15 56.26
C ASP F 224 -41.50 25.97 57.22
N GLY F 225 -41.88 24.77 56.78
CA GLY F 225 -41.77 23.62 57.64
C GLY F 225 -42.59 23.84 58.89
N SER F 226 -41.92 23.78 60.04
CA SER F 226 -42.49 24.19 61.34
C SER F 226 -43.80 23.44 61.62
N GLN F 227 -43.65 22.14 61.81
CA GLN F 227 -44.81 21.30 62.10
C GLN F 227 -45.46 21.61 63.43
N SER F 228 -44.79 22.37 64.30
CA SER F 228 -45.33 22.73 65.60
C SER F 228 -45.14 24.23 65.85
N LEU F 229 -46.04 24.78 66.65
CA LEU F 229 -45.98 26.20 67.01
C LEU F 229 -45.12 26.44 68.25
N THR F 230 -45.24 25.58 69.25
CA THR F 230 -44.52 25.73 70.51
C THR F 230 -43.39 24.71 70.59
N GLN F 231 -42.20 25.19 70.93
CA GLN F 231 -41.00 24.34 71.04
C GLN F 231 -40.36 24.63 72.40
N THR F 232 -40.52 23.72 73.34
CA THR F 232 -39.89 23.88 74.65
C THR F 232 -38.46 23.37 74.60
N PRO F 233 -37.46 24.19 74.94
CA PRO F 233 -36.07 23.75 74.87
C PRO F 233 -35.56 23.18 76.19
N TYR F 234 -34.51 22.38 76.08
CA TYR F 234 -33.85 21.77 77.23
C TYR F 234 -32.35 21.91 77.06
N TRP F 235 -31.63 21.77 78.18
CA TRP F 235 -30.20 21.96 78.22
C TRP F 235 -29.49 20.64 78.48
N ILE F 236 -28.46 20.36 77.69
CA ILE F 236 -27.67 19.14 77.84
C ILE F 236 -26.53 19.42 78.81
N MET F 237 -26.41 18.59 79.84
CA MET F 237 -25.40 18.76 80.86
C MET F 237 -24.74 17.41 81.10
N ASN F 238 -23.49 17.43 81.57
CA ASN F 238 -22.79 16.17 81.80
C ASN F 238 -23.24 15.54 83.11
N ASN F 239 -22.47 14.59 83.64
CA ASN F 239 -22.83 13.97 84.91
C ASN F 239 -23.06 15.02 85.99
N ALA F 240 -22.27 16.09 85.98
CA ALA F 240 -22.51 17.23 86.85
C ALA F 240 -23.33 18.29 86.11
N GLY F 241 -23.60 19.39 86.77
CA GLY F 241 -24.27 20.50 86.13
C GLY F 241 -23.36 21.62 85.66
N THR F 242 -22.06 21.52 85.92
CA THR F 242 -21.16 22.64 85.64
C THR F 242 -20.90 22.78 84.14
N GLU F 243 -20.62 21.68 83.45
CA GLU F 243 -20.15 21.74 82.07
C GLU F 243 -21.35 21.78 81.12
N TYR F 244 -21.29 22.69 80.15
CA TYR F 244 -22.37 22.89 79.19
C TYR F 244 -22.03 22.15 77.90
N LEU F 245 -22.96 21.34 77.40
CA LEU F 245 -22.67 20.47 76.28
C LEU F 245 -23.57 20.69 75.07
N GLY F 246 -24.80 21.14 75.27
CA GLY F 246 -25.69 21.33 74.13
C GLY F 246 -27.07 21.77 74.55
N ALA F 247 -28.02 21.58 73.63
CA ALA F 247 -29.40 21.95 73.86
C ALA F 247 -30.30 21.02 73.05
N VAL F 248 -31.57 20.93 73.47
CA VAL F 248 -32.54 20.02 72.88
C VAL F 248 -33.85 20.77 72.65
N ALA F 249 -34.45 20.56 71.49
CA ALA F 249 -35.76 21.12 71.17
C ALA F 249 -36.81 20.02 71.23
N VAL F 250 -37.90 20.28 71.96
CA VAL F 250 -38.96 19.30 72.17
C VAL F 250 -40.27 19.87 71.64
N GLU F 251 -40.97 19.07 70.84
CA GLU F 251 -42.24 19.47 70.24
C GLU F 251 -43.31 18.45 70.58
N ASP F 252 -44.54 18.93 70.79
CA ASP F 252 -45.65 18.08 71.19
C ASP F 252 -46.43 17.67 69.95
N TYR F 253 -46.32 16.40 69.58
CA TYR F 253 -47.07 15.82 68.48
C TYR F 253 -48.06 14.77 68.95
N THR F 254 -48.46 14.82 70.23
CA THR F 254 -49.31 13.77 70.77
C THR F 254 -50.63 13.70 70.02
N ASN F 255 -51.22 14.85 69.69
CA ASN F 255 -52.47 14.90 68.94
C ASN F 255 -52.32 15.43 67.53
N SER F 256 -51.17 16.04 67.21
CA SER F 256 -50.95 16.63 65.89
C SER F 256 -50.28 15.67 64.91
N LEU F 257 -50.04 14.43 65.32
CA LEU F 257 -49.32 13.46 64.50
C LEU F 257 -50.29 12.39 63.99
N SER F 258 -50.07 11.94 62.76
CA SER F 258 -50.93 10.97 62.13
C SER F 258 -50.09 10.03 61.28
N TYR F 259 -50.67 8.87 60.95
CA TYR F 259 -50.00 7.86 60.14
C TYR F 259 -50.88 7.50 58.95
N PRO F 260 -50.93 8.36 57.94
CA PRO F 260 -51.62 7.99 56.70
C PRO F 260 -50.86 6.89 55.98
N ASP F 261 -51.57 6.23 55.05
CA ASP F 261 -51.09 5.17 54.15
C ASP F 261 -50.09 4.23 54.82
N THR F 262 -50.11 4.12 56.15
CA THR F 262 -49.27 3.18 56.87
C THR F 262 -50.08 2.55 58.00
N MET F 263 -49.68 1.34 58.38
CA MET F 263 -50.32 0.63 59.48
C MET F 263 -49.25 0.03 60.38
N ILE F 264 -49.53 0.02 61.67
CA ILE F 264 -48.64 -0.59 62.64
C ILE F 264 -48.80 -2.11 62.56
N VAL F 265 -47.68 -2.81 62.48
CA VAL F 265 -47.69 -4.27 62.52
C VAL F 265 -47.15 -4.68 63.89
N PRO F 266 -48.00 -4.71 64.91
CA PRO F 266 -47.49 -4.92 66.26
C PRO F 266 -47.01 -6.35 66.44
N PRO F 267 -46.06 -6.58 67.36
CA PRO F 267 -45.61 -7.95 67.63
C PRO F 267 -46.70 -8.75 68.30
N PRO F 268 -46.53 -10.06 68.43
CA PRO F 268 -47.56 -10.89 69.07
C PRO F 268 -47.90 -10.40 70.46
N GLU F 269 -49.07 -10.83 70.94
CA GLU F 269 -49.58 -10.36 72.23
C GLU F 269 -48.62 -10.70 73.36
N ASP F 270 -47.86 -11.78 73.23
CA ASP F 270 -46.84 -12.10 74.22
C ASP F 270 -45.68 -11.14 74.18
N TYR F 271 -45.45 -10.47 73.04
CA TYR F 271 -44.37 -9.51 72.88
C TYR F 271 -44.88 -8.09 72.75
N ASP F 272 -46.14 -7.82 73.12
CA ASP F 272 -46.71 -6.50 72.94
C ASP F 272 -45.92 -5.45 73.72
N ASP F 273 -45.66 -5.71 74.99
CA ASP F 273 -44.77 -4.85 75.75
C ASP F 273 -43.34 -5.04 75.28
N TYR F 274 -42.47 -4.11 75.71
CA TYR F 274 -41.04 -4.17 75.43
C TYR F 274 -40.71 -4.47 73.97
N ASN F 275 -41.63 -4.12 73.06
CA ASN F 275 -41.42 -4.28 71.63
C ASN F 275 -42.49 -3.47 70.91
N ILE F 276 -42.07 -2.59 70.00
CA ILE F 276 -43.00 -1.73 69.29
C ILE F 276 -43.33 -2.25 67.91
N GLY F 277 -42.70 -3.35 67.48
CA GLY F 277 -42.98 -3.88 66.16
C GLY F 277 -42.44 -2.99 65.06
N THR F 278 -43.09 -3.07 63.90
CA THR F 278 -42.72 -2.27 62.73
C THR F 278 -43.96 -1.58 62.18
N THR F 279 -43.72 -0.66 61.25
CA THR F 279 -44.77 0.04 60.54
C THR F 279 -44.72 -0.33 59.07
N ARG F 280 -45.88 -0.70 58.51
CA ARG F 280 -45.98 -1.14 57.13
C ARG F 280 -46.94 -0.24 56.39
N ALA F 281 -46.65 0.02 55.12
CA ALA F 281 -47.58 0.73 54.27
C ALA F 281 -48.83 -0.11 54.03
N LEU F 282 -49.96 0.56 53.82
CA LEU F 282 -51.20 -0.15 53.56
C LEU F 282 -51.15 -0.83 52.19
N ARG F 283 -52.10 -1.71 51.96
CA ARG F 283 -52.19 -2.38 50.67
C ARG F 283 -52.55 -1.38 49.58
N PRO F 284 -51.80 -1.31 48.48
CA PRO F 284 -52.12 -0.35 47.42
C PRO F 284 -53.40 -0.74 46.70
N ASN F 285 -54.34 0.19 46.64
CA ASN F 285 -55.66 -0.07 46.06
C ASN F 285 -55.92 0.96 44.97
N TYR F 286 -56.25 0.48 43.77
CA TYR F 286 -56.62 1.34 42.65
C TYR F 286 -58.12 1.19 42.41
N ILE F 287 -58.86 2.29 42.53
CA ILE F 287 -60.32 2.25 42.47
C ILE F 287 -60.83 3.03 41.27
N GLY F 288 -60.08 3.02 40.18
CA GLY F 288 -60.57 3.62 38.96
C GLY F 288 -61.74 2.86 38.37
N PHE F 289 -62.37 3.49 37.37
CA PHE F 289 -63.49 2.87 36.69
C PHE F 289 -63.08 1.57 36.01
N ARG F 290 -64.07 0.82 35.56
CA ARG F 290 -63.81 -0.47 34.94
C ARG F 290 -63.39 -0.28 33.47
N ASP F 291 -62.91 -1.37 32.89
CA ASP F 291 -62.59 -1.38 31.47
C ASP F 291 -63.83 -1.02 30.67
N ASN F 292 -63.64 -0.18 29.64
CA ASN F 292 -64.71 0.22 28.74
C ASN F 292 -65.94 0.76 29.48
N PHE F 293 -65.74 1.23 30.70
CA PHE F 293 -66.84 1.71 31.56
C PHE F 293 -67.92 0.65 31.70
N ILE F 294 -67.49 -0.61 31.89
CA ILE F 294 -68.45 -1.68 32.14
C ILE F 294 -69.16 -1.45 33.47
N ASN F 295 -70.42 -1.87 33.53
CA ASN F 295 -71.21 -1.83 34.76
C ASN F 295 -71.40 -0.40 35.24
N LEU F 296 -71.45 0.54 34.30
CA LEU F 296 -71.83 1.92 34.57
C LEU F 296 -73.15 2.28 33.93
N LEU F 297 -73.48 1.65 32.80
CA LEU F 297 -74.78 1.77 32.18
C LEU F 297 -75.58 0.53 32.51
N TYR F 298 -76.89 0.71 32.75
CA TYR F 298 -77.75 -0.42 33.13
C TYR F 298 -78.05 -1.26 31.91
N HIS F 299 -77.06 -2.07 31.52
CA HIS F 299 -77.25 -3.03 30.45
C HIS F 299 -77.73 -4.36 31.02
N ASP F 300 -78.39 -5.14 30.18
CA ASP F 300 -78.76 -6.52 30.46
C ASP F 300 -79.70 -6.63 31.66
N SER F 301 -80.45 -5.58 31.95
CA SER F 301 -81.30 -5.53 33.14
C SER F 301 -82.67 -5.04 32.72
N GLY F 302 -83.62 -5.97 32.51
CA GLY F 302 -84.94 -5.60 32.09
C GLY F 302 -85.75 -4.86 33.13
N VAL F 303 -85.37 -4.98 34.41
CA VAL F 303 -86.10 -4.28 35.46
C VAL F 303 -85.89 -2.77 35.36
N CYS F 304 -84.69 -2.35 35.00
CA CYS F 304 -84.31 -0.94 34.96
C CYS F 304 -83.56 -0.64 33.66
N SER F 305 -84.13 -1.06 32.54
CA SER F 305 -83.47 -0.90 31.25
C SER F 305 -83.72 0.49 30.67
N GLY F 306 -83.07 0.77 29.55
CA GLY F 306 -83.24 2.02 28.84
C GLY F 306 -84.41 1.97 27.86
N THR F 307 -84.50 3.02 27.05
CA THR F 307 -85.62 3.15 26.12
C THR F 307 -85.20 4.03 24.95
N LEU F 308 -85.31 3.50 23.74
CA LEU F 308 -85.17 4.28 22.52
C LEU F 308 -86.45 4.12 21.72
N ASN F 309 -87.12 5.23 21.43
CA ASN F 309 -88.32 5.22 20.62
C ASN F 309 -88.57 6.62 20.10
N SER F 310 -89.41 6.72 19.08
CA SER F 310 -89.75 8.01 18.50
C SER F 310 -90.66 8.79 19.44
N GLU F 311 -90.71 10.11 19.21
CA GLU F 311 -91.62 10.94 19.99
C GLU F 311 -93.08 10.57 19.72
N ARG F 312 -93.45 10.47 18.45
CA ARG F 312 -94.84 10.20 18.10
C ARG F 312 -95.23 8.77 18.43
N SER F 313 -94.37 7.81 18.11
CA SER F 313 -94.60 6.40 18.39
C SER F 313 -93.82 6.03 19.65
N GLY F 314 -94.48 6.08 20.80
CA GLY F 314 -93.80 5.88 22.07
C GLY F 314 -93.40 4.45 22.34
N MET F 315 -93.71 3.52 21.45
CA MET F 315 -93.40 2.11 21.69
C MET F 315 -91.90 1.89 21.66
N ASN F 316 -91.36 1.46 22.80
CA ASN F 316 -89.93 1.26 22.94
C ASN F 316 -89.50 0.06 22.10
N VAL F 317 -88.41 0.24 21.33
CA VAL F 317 -87.85 -0.83 20.52
C VAL F 317 -86.70 -1.54 21.20
N VAL F 318 -86.13 -0.95 22.25
CA VAL F 318 -85.00 -1.54 22.96
C VAL F 318 -85.58 -2.33 24.13
N VAL F 319 -85.66 -3.65 23.97
CA VAL F 319 -86.01 -4.55 25.06
C VAL F 319 -84.78 -5.39 25.37
N GLU F 320 -84.38 -5.39 26.65
CA GLU F 320 -83.15 -6.03 27.07
C GLU F 320 -83.48 -7.36 27.76
N LEU F 321 -82.90 -8.43 27.26
CA LEU F 321 -83.05 -9.75 27.87
C LEU F 321 -81.99 -9.93 28.95
N PRO F 322 -82.38 -10.25 30.18
CA PRO F 322 -81.38 -10.41 31.25
C PRO F 322 -80.42 -11.57 31.03
N ASP F 323 -80.72 -12.51 30.15
CA ASP F 323 -79.86 -13.66 29.92
C ASP F 323 -78.81 -13.43 28.84
N ARG F 324 -78.76 -12.25 28.26
CA ARG F 324 -77.67 -11.88 27.36
C ARG F 324 -76.65 -11.04 28.12
N ASN F 325 -75.44 -10.98 27.58
CA ASN F 325 -74.32 -10.29 28.22
C ASN F 325 -73.81 -9.22 27.28
N THR F 326 -74.40 -8.02 27.38
CA THR F 326 -74.00 -6.91 26.53
C THR F 326 -72.57 -6.48 26.80
N GLU F 327 -72.19 -6.40 28.08
CA GLU F 327 -70.85 -5.93 28.42
C GLU F 327 -69.78 -6.90 27.93
N LEU F 328 -69.97 -8.19 28.17
CA LEU F 328 -69.00 -9.17 27.68
C LEU F 328 -69.06 -9.29 26.17
N SER F 329 -70.23 -9.06 25.57
CA SER F 329 -70.31 -9.02 24.12
C SER F 329 -69.43 -7.92 23.56
N TYR F 330 -69.49 -6.73 24.16
CA TYR F 330 -68.62 -5.65 23.73
C TYR F 330 -67.16 -5.97 23.98
N GLN F 331 -66.87 -6.63 25.11
CA GLN F 331 -65.49 -7.01 25.41
C GLN F 331 -64.94 -7.93 24.33
N TYR F 332 -65.69 -8.98 23.99
CA TYR F 332 -65.24 -9.91 22.97
C TYR F 332 -65.17 -9.24 21.61
N MET F 333 -66.13 -8.37 21.28
CA MET F 333 -66.10 -7.69 20.01
C MET F 333 -64.87 -6.80 19.87
N LEU F 334 -64.53 -6.06 20.94
CA LEU F 334 -63.37 -5.19 20.90
C LEU F 334 -62.08 -5.99 20.92
N ALA F 335 -62.07 -7.16 21.56
CA ALA F 335 -60.87 -7.98 21.58
C ALA F 335 -60.63 -8.65 20.23
N ASP F 336 -61.68 -9.01 19.51
CA ASP F 336 -61.52 -9.57 18.17
C ASP F 336 -61.18 -8.47 17.18
N MET F 337 -61.81 -7.30 17.32
CA MET F 337 -61.58 -6.18 16.40
C MET F 337 -60.15 -5.71 16.44
N MET F 338 -59.47 -5.85 17.59
CA MET F 338 -58.15 -5.30 17.77
C MET F 338 -57.47 -5.96 18.94
N SER F 339 -56.14 -5.89 18.97
CA SER F 339 -55.39 -6.39 20.10
C SER F 339 -55.64 -5.54 21.34
N ARG F 340 -55.62 -6.18 22.49
CA ARG F 340 -56.06 -5.54 23.72
C ARG F 340 -54.95 -4.81 24.47
N HIS F 341 -53.70 -4.91 24.03
CA HIS F 341 -52.66 -4.18 24.74
C HIS F 341 -52.68 -2.69 24.45
N HIS F 342 -53.47 -2.25 23.48
CA HIS F 342 -53.61 -0.83 23.18
C HIS F 342 -54.48 -0.16 24.24
N TYR F 343 -54.09 1.04 24.64
CA TYR F 343 -54.75 1.77 25.72
C TYR F 343 -55.43 2.99 25.12
N PHE F 344 -56.76 2.94 25.04
CA PHE F 344 -57.57 4.00 24.45
C PHE F 344 -58.34 4.68 25.58
N ALA F 345 -57.83 5.80 26.06
CA ALA F 345 -58.35 6.43 27.27
C ALA F 345 -59.72 7.05 27.09
N LEU F 346 -60.19 7.24 25.86
CA LEU F 346 -61.50 7.86 25.66
C LEU F 346 -62.61 7.00 26.24
N TRP F 347 -62.66 5.73 25.86
CA TRP F 347 -63.66 4.80 26.37
C TRP F 347 -63.18 4.07 27.62
N ASN F 348 -62.11 4.55 28.25
CA ASN F 348 -61.46 3.84 29.35
C ASN F 348 -61.05 2.44 28.91
N GLN F 349 -60.58 2.33 27.67
CA GLN F 349 -60.21 1.05 27.08
C GLN F 349 -58.84 0.66 27.61
N ALA F 350 -58.85 -0.07 28.71
CA ALA F 350 -57.61 -0.57 29.33
C ALA F 350 -57.91 -1.95 29.91
N VAL F 351 -57.38 -2.98 29.27
CA VAL F 351 -57.75 -4.34 29.62
C VAL F 351 -57.07 -4.77 30.91
N ASP F 352 -57.76 -5.62 31.67
CA ASP F 352 -57.17 -6.19 32.89
C ASP F 352 -55.94 -7.02 32.54
N GLN F 353 -54.87 -6.83 33.30
CA GLN F 353 -53.59 -7.47 32.99
C GLN F 353 -52.90 -7.87 34.29
N TYR F 354 -53.09 -9.12 34.68
CA TYR F 354 -52.27 -9.69 35.74
C TYR F 354 -50.83 -9.82 35.26
N ASP F 355 -49.89 -9.62 36.16
CA ASP F 355 -48.49 -9.81 35.79
C ASP F 355 -48.24 -11.29 35.54
N PRO F 356 -47.83 -11.69 34.35
CA PRO F 356 -47.60 -13.12 34.09
C PRO F 356 -46.58 -13.74 35.02
N GLU F 357 -45.53 -13.01 35.39
CA GLU F 357 -44.55 -13.54 36.33
C GLU F 357 -45.08 -13.64 37.75
N VAL F 358 -46.25 -13.06 38.03
CA VAL F 358 -46.86 -13.17 39.35
C VAL F 358 -47.85 -14.32 39.41
N ARG F 359 -48.67 -14.49 38.36
CA ARG F 359 -49.63 -15.59 38.35
C ARG F 359 -48.90 -16.93 38.30
N VAL F 360 -48.18 -17.18 37.20
CA VAL F 360 -47.37 -18.39 37.07
C VAL F 360 -45.99 -18.05 37.61
N PHE F 361 -45.83 -18.19 38.92
CA PHE F 361 -44.60 -17.82 39.61
C PHE F 361 -43.51 -18.79 39.21
N SER F 362 -42.55 -18.32 38.42
CA SER F 362 -41.39 -19.12 38.03
C SER F 362 -40.27 -18.81 39.01
N ASN F 363 -40.15 -19.62 40.05
CA ASN F 363 -39.12 -19.40 41.06
C ASN F 363 -37.75 -19.66 40.42
N ASP F 364 -37.00 -18.59 40.22
CA ASP F 364 -35.73 -18.64 39.52
C ASP F 364 -34.54 -18.48 40.46
N GLY F 365 -34.77 -18.58 41.76
CA GLY F 365 -33.73 -18.21 42.70
C GLY F 365 -33.50 -16.71 42.61
N TYR F 366 -32.25 -16.33 42.35
CA TYR F 366 -31.92 -14.92 42.20
C TYR F 366 -30.64 -14.81 41.40
N GLU F 367 -30.36 -13.60 40.91
CA GLU F 367 -29.15 -13.34 40.14
C GLU F 367 -27.97 -13.32 41.11
N GLU F 368 -27.46 -14.51 41.41
CA GLU F 368 -26.42 -14.68 42.42
C GLU F 368 -25.12 -14.10 41.88
N GLY F 369 -24.78 -12.89 42.32
CA GLY F 369 -23.58 -12.21 41.93
C GLY F 369 -22.47 -12.33 42.95
N ALA F 370 -21.44 -11.53 42.76
CA ALA F 370 -20.32 -11.49 43.69
C ALA F 370 -20.79 -10.98 45.05
N PRO F 371 -20.10 -11.34 46.13
CA PRO F 371 -20.49 -10.84 47.45
C PRO F 371 -20.53 -9.32 47.47
N SER F 372 -21.73 -8.77 47.66
CA SER F 372 -21.96 -7.35 47.61
C SER F 372 -22.06 -6.78 49.01
N TYR F 373 -21.46 -5.61 49.20
CA TYR F 373 -21.32 -5.01 50.52
C TYR F 373 -21.76 -3.55 50.49
N ALA F 374 -22.16 -3.06 51.67
CA ALA F 374 -22.41 -1.64 51.90
C ALA F 374 -21.34 -1.14 52.87
N PHE F 375 -20.49 -0.25 52.40
CA PHE F 375 -19.35 0.21 53.17
C PHE F 375 -19.70 1.48 53.94
N ASN F 376 -18.79 1.87 54.84
CA ASN F 376 -18.90 3.13 55.58
C ASN F 376 -19.10 4.29 54.61
N PRO F 377 -19.69 5.41 55.05
CA PRO F 377 -19.75 6.58 54.17
C PRO F 377 -18.37 7.01 53.70
N GLU F 378 -17.38 6.95 54.59
CA GLU F 378 -15.99 7.09 54.19
C GLU F 378 -15.40 5.70 53.95
N ALA F 379 -14.13 5.66 53.59
CA ALA F 379 -13.46 4.39 53.35
C ALA F 379 -12.69 3.89 54.56
N VAL F 380 -12.79 4.58 55.69
CA VAL F 380 -12.05 4.24 56.90
C VAL F 380 -13.05 4.06 58.04
N GLY F 381 -12.84 3.02 58.84
CA GLY F 381 -13.73 2.75 59.96
C GLY F 381 -13.18 1.62 60.81
N ALA F 382 -13.79 1.47 61.98
CA ALA F 382 -13.40 0.43 62.91
C ALA F 382 -14.58 -0.43 63.31
N GLY F 383 -15.55 -0.58 62.41
CA GLY F 383 -16.71 -1.40 62.68
C GLY F 383 -16.32 -2.83 62.99
N GLU F 384 -16.82 -3.37 64.09
CA GLU F 384 -16.39 -4.68 64.60
C GLU F 384 -14.87 -4.71 64.72
N GLY F 385 -14.37 -3.90 65.65
CA GLY F 385 -12.96 -3.56 65.65
C GLY F 385 -12.05 -4.68 66.08
N TYR F 386 -11.98 -5.72 65.25
CA TYR F 386 -11.04 -6.80 65.45
C TYR F 386 -9.64 -6.37 65.04
N GLY F 387 -8.64 -7.04 65.61
CA GLY F 387 -7.26 -6.73 65.31
C GLY F 387 -6.69 -5.70 66.26
N PRO F 388 -5.50 -5.20 65.95
CA PRO F 388 -4.86 -4.20 66.82
C PRO F 388 -5.63 -2.89 66.82
N ASP F 389 -5.50 -2.15 67.92
CA ASP F 389 -6.20 -0.87 68.05
C ASP F 389 -5.69 0.14 67.04
N LEU F 390 -4.37 0.33 66.98
CA LEU F 390 -3.73 1.27 66.05
C LEU F 390 -4.30 2.67 66.21
N SER F 391 -4.57 3.08 67.46
CA SER F 391 -5.13 4.38 67.75
C SER F 391 -4.20 5.28 68.56
N GLN F 392 -3.16 4.73 69.17
CA GLN F 392 -2.20 5.49 69.95
C GLN F 392 -0.78 5.33 69.39
N ILE F 393 -0.68 5.04 68.11
CA ILE F 393 0.61 4.72 67.51
C ILE F 393 1.35 6.00 67.13
N LYS F 394 2.65 5.86 66.89
CA LYS F 394 3.51 6.97 66.52
C LYS F 394 4.23 6.64 65.22
N LEU F 395 4.34 7.62 64.33
CA LEU F 395 4.95 7.43 63.03
C LEU F 395 6.44 7.75 63.09
N TYR F 396 7.24 6.90 62.46
CA TYR F 396 8.69 7.04 62.44
C TYR F 396 9.18 6.98 61.00
N THR F 397 10.01 7.95 60.62
CA THR F 397 10.67 7.90 59.32
C THR F 397 11.64 6.73 59.27
N ASN F 398 11.83 6.18 58.08
CA ASN F 398 12.68 5.02 57.93
C ASN F 398 14.14 5.43 57.72
N ASN F 399 15.04 4.51 58.03
CA ASN F 399 16.47 4.67 57.77
C ASN F 399 16.86 3.59 56.76
N THR F 400 17.17 4.01 55.53
CA THR F 400 17.46 3.05 54.48
C THR F 400 18.71 2.23 54.80
N ALA F 401 19.76 2.89 55.30
CA ALA F 401 20.98 2.17 55.63
C ALA F 401 20.78 1.24 56.82
N ALA F 402 20.13 1.72 57.88
CA ALA F 402 19.95 0.94 59.09
C ALA F 402 18.75 0.01 59.05
N ASN F 403 17.87 0.16 58.06
CA ASN F 403 16.67 -0.66 57.91
C ASN F 403 15.78 -0.59 59.15
N ASP F 404 15.75 0.57 59.80
CA ASP F 404 14.98 0.73 61.03
C ASP F 404 14.50 2.18 61.12
N LYS F 405 13.82 2.49 62.22
CA LYS F 405 13.39 3.85 62.49
C LYS F 405 14.60 4.76 62.72
N ASN F 406 14.47 6.00 62.30
CA ASN F 406 15.53 6.96 62.56
C ASN F 406 15.04 8.24 63.22
N THR F 407 13.84 8.70 62.88
CA THR F 407 13.32 9.94 63.43
C THR F 407 11.80 9.85 63.47
N ALA F 408 11.22 10.38 64.54
CA ALA F 408 9.77 10.39 64.71
C ALA F 408 9.20 11.75 64.30
N VAL F 409 7.97 11.73 63.84
CA VAL F 409 7.24 12.95 63.53
C VAL F 409 6.69 13.54 64.82
N THR F 410 6.75 14.86 64.94
CA THR F 410 6.38 15.52 66.20
C THR F 410 4.91 15.31 66.53
N ASN F 411 4.02 15.63 65.60
CA ASN F 411 2.57 15.53 65.81
C ASN F 411 1.93 14.89 64.59
N ALA F 412 1.63 13.60 64.70
CA ALA F 412 0.97 12.86 63.63
C ALA F 412 -0.46 12.56 64.08
N THR F 413 -1.41 13.35 63.58
CA THR F 413 -2.81 12.98 63.73
C THR F 413 -3.14 11.93 62.69
N THR F 414 -3.22 10.67 63.13
CA THR F 414 -3.44 9.55 62.23
C THR F 414 -4.63 8.75 62.72
N ASN F 415 -5.45 8.30 61.78
CA ASN F 415 -6.62 7.48 62.11
C ASN F 415 -6.22 6.01 62.15
N PHE F 416 -5.74 5.49 61.02
CA PHE F 416 -5.07 4.19 60.95
C PHE F 416 -5.89 3.08 61.60
N TYR F 417 -7.06 2.81 61.03
CA TYR F 417 -7.79 1.64 61.48
C TYR F 417 -7.28 0.39 60.78
N PHE F 418 -7.53 -0.76 61.40
CA PHE F 418 -7.01 -2.03 60.93
C PHE F 418 -8.05 -2.75 60.08
N GLY F 419 -7.56 -3.57 59.14
CA GLY F 419 -8.43 -4.38 58.33
C GLY F 419 -8.81 -3.71 57.03
N THR F 420 -9.78 -4.31 56.36
CA THR F 420 -10.32 -3.76 55.12
C THR F 420 -11.38 -2.72 55.46
N VAL F 421 -12.06 -2.20 54.45
CA VAL F 421 -13.10 -1.20 54.67
C VAL F 421 -14.27 -1.89 55.36
N PRO F 422 -14.68 -1.45 56.54
CA PRO F 422 -15.82 -2.09 57.22
C PRO F 422 -17.07 -1.99 56.37
N SER F 423 -17.86 -3.06 56.37
CA SER F 423 -18.99 -3.14 55.47
C SER F 423 -20.01 -4.11 56.04
N TYR F 424 -21.23 -4.01 55.48
CA TYR F 424 -22.29 -4.98 55.73
C TYR F 424 -22.68 -5.62 54.40
N GLU F 425 -22.74 -6.95 54.37
CA GLU F 425 -23.03 -7.66 53.13
C GLU F 425 -24.53 -7.77 52.91
N ILE F 426 -24.96 -7.46 51.70
CA ILE F 426 -26.35 -7.58 51.28
C ILE F 426 -26.38 -8.32 49.94
N ASP F 427 -27.37 -9.18 49.77
CA ASP F 427 -27.61 -9.85 48.49
C ASP F 427 -28.84 -9.17 47.88
N ILE F 428 -28.59 -8.16 47.05
CA ILE F 428 -29.69 -7.36 46.51
C ILE F 428 -30.60 -8.22 45.64
N SER F 429 -30.03 -9.17 44.90
CA SER F 429 -30.86 -10.01 44.04
C SER F 429 -31.84 -10.84 44.85
N ALA F 430 -31.33 -11.56 45.86
CA ALA F 430 -32.21 -12.37 46.70
C ALA F 430 -33.16 -11.52 47.52
N THR F 431 -32.69 -10.38 48.02
CA THR F 431 -33.55 -9.50 48.79
C THR F 431 -34.71 -8.98 47.95
N GLN F 432 -34.42 -8.53 46.72
CA GLN F 432 -35.48 -8.10 45.82
C GLN F 432 -36.40 -9.24 45.45
N ARG F 433 -35.86 -10.44 45.23
CA ARG F 433 -36.73 -11.57 44.90
C ARG F 433 -37.68 -11.88 46.05
N ARG F 434 -37.17 -11.91 47.28
CA ARG F 434 -38.03 -12.21 48.42
C ARG F 434 -39.06 -11.10 48.64
N ASN F 435 -38.65 -9.84 48.50
CA ASN F 435 -39.60 -8.74 48.65
C ASN F 435 -40.67 -8.81 47.58
N PHE F 436 -40.28 -9.12 46.34
CA PHE F 436 -41.24 -9.28 45.27
C PHE F 436 -42.24 -10.38 45.58
N ILE F 437 -41.75 -11.52 46.06
CA ILE F 437 -42.65 -12.62 46.42
C ILE F 437 -43.61 -12.18 47.51
N MET F 438 -43.07 -11.67 48.62
CA MET F 438 -43.87 -11.34 49.78
C MET F 438 -44.84 -10.19 49.53
N ALA F 439 -44.59 -9.37 48.51
CA ALA F 439 -45.45 -8.24 48.22
C ALA F 439 -46.45 -8.51 47.10
N ASN F 440 -46.11 -9.37 46.14
CA ASN F 440 -46.95 -9.59 44.99
C ASN F 440 -47.67 -10.92 45.00
N ILE F 441 -47.34 -11.83 45.92
CA ILE F 441 -48.03 -13.11 46.01
C ILE F 441 -48.56 -13.28 47.42
N ALA F 442 -47.69 -13.11 48.42
CA ALA F 442 -48.07 -13.36 49.80
C ALA F 442 -49.24 -12.47 50.23
N GLU F 443 -49.17 -11.18 49.89
CA GLU F 443 -50.24 -10.27 50.29
C GLU F 443 -51.57 -10.65 49.66
N TYR F 444 -51.54 -11.30 48.50
CA TYR F 444 -52.73 -11.62 47.74
C TYR F 444 -53.18 -13.06 47.93
N LEU F 445 -52.73 -13.71 48.99
CA LEU F 445 -53.18 -15.05 49.31
C LEU F 445 -54.62 -15.03 49.78
N PRO F 446 -55.32 -16.16 49.71
CA PRO F 446 -56.68 -16.22 50.23
C PRO F 446 -56.72 -15.95 51.72
N ASP F 447 -57.90 -15.57 52.22
CA ASP F 447 -58.07 -15.35 53.64
C ASP F 447 -57.84 -16.63 54.45
N ARG F 448 -57.90 -17.79 53.81
CA ARG F 448 -57.65 -19.04 54.50
C ARG F 448 -56.22 -19.15 55.01
N TYR F 449 -55.27 -18.50 54.34
CA TYR F 449 -53.85 -18.64 54.63
C TYR F 449 -53.28 -17.38 55.27
N LYS F 450 -54.06 -16.71 56.11
CA LYS F 450 -53.64 -15.48 56.77
C LYS F 450 -54.01 -15.55 58.24
N PHE F 451 -53.58 -14.54 59.00
CA PHE F 451 -53.86 -14.49 60.43
C PHE F 451 -53.84 -13.04 60.89
N SER F 452 -54.43 -12.82 62.06
CA SER F 452 -54.55 -11.47 62.61
C SER F 452 -53.18 -10.96 63.09
N ILE F 453 -53.16 -9.73 63.57
CA ILE F 453 -51.91 -9.05 63.88
C ILE F 453 -51.81 -8.70 65.36
N SER F 454 -52.41 -9.54 66.21
CA SER F 454 -52.32 -9.43 67.66
C SER F 454 -53.05 -8.21 68.20
N GLY F 455 -53.60 -7.39 67.30
CA GLY F 455 -54.42 -6.28 67.70
C GLY F 455 -55.74 -6.32 66.97
N PHE F 456 -55.77 -7.05 65.86
CA PHE F 456 -56.94 -7.18 65.03
C PHE F 456 -57.70 -8.45 65.40
N ASP F 457 -59.02 -8.40 65.26
CA ASP F 457 -59.87 -9.55 65.51
C ASP F 457 -60.83 -9.73 64.35
N ALA F 458 -60.92 -10.97 63.86
CA ALA F 458 -61.93 -11.27 62.85
C ALA F 458 -63.32 -11.21 63.48
N THR F 459 -64.34 -11.12 62.62
CA THR F 459 -65.74 -10.99 62.96
C THR F 459 -66.08 -9.65 63.60
N SER F 460 -65.08 -8.80 63.86
CA SER F 460 -65.37 -7.43 64.27
C SER F 460 -65.77 -6.57 63.08
N VAL F 461 -65.22 -6.87 61.91
CA VAL F 461 -65.56 -6.16 60.67
C VAL F 461 -65.74 -7.19 59.57
N ALA F 462 -66.42 -6.77 58.51
CA ALA F 462 -66.69 -7.67 57.40
C ALA F 462 -65.39 -8.09 56.72
N PRO F 463 -65.31 -9.32 56.20
CA PRO F 463 -64.10 -9.75 55.50
C PRO F 463 -63.86 -9.05 54.18
N THR F 464 -64.82 -8.26 53.69
CA THR F 464 -64.69 -7.52 52.45
C THR F 464 -64.33 -6.06 52.69
N THR F 465 -63.85 -5.72 53.89
CA THR F 465 -63.46 -4.36 54.21
C THR F 465 -61.95 -4.19 54.08
N TYR F 466 -61.53 -2.97 53.76
CA TYR F 466 -60.13 -2.72 53.42
C TYR F 466 -59.21 -3.00 54.59
N GLU F 467 -59.55 -2.49 55.78
CA GLU F 467 -58.68 -2.68 56.93
C GLU F 467 -58.74 -4.11 57.46
N TYR F 468 -59.69 -4.92 57.01
CA TYR F 468 -59.63 -6.34 57.27
C TYR F 468 -58.54 -7.01 56.44
N MET F 469 -58.47 -6.67 55.15
CA MET F 469 -57.45 -7.24 54.29
C MET F 469 -56.07 -6.68 54.61
N ASN F 470 -56.01 -5.48 55.17
CA ASN F 470 -54.73 -4.89 55.54
C ASN F 470 -54.16 -5.53 56.79
N LYS F 471 -55.01 -5.79 57.79
CA LYS F 471 -54.58 -6.23 59.11
C LYS F 471 -54.55 -7.76 59.23
N ARG F 472 -54.34 -8.47 58.14
CA ARG F 472 -54.26 -9.93 58.17
C ARG F 472 -53.00 -10.37 57.43
N VAL F 473 -51.93 -10.63 58.18
CA VAL F 473 -50.65 -11.03 57.59
C VAL F 473 -50.76 -12.46 57.07
N PRO F 474 -50.26 -12.74 55.87
CA PRO F 474 -50.27 -14.12 55.38
C PRO F 474 -49.23 -14.99 56.08
N LEU F 475 -49.45 -16.29 56.02
CA LEU F 475 -48.45 -17.24 56.49
C LEU F 475 -47.21 -17.14 55.60
N THR F 476 -46.04 -17.21 56.22
CA THR F 476 -44.79 -16.95 55.51
C THR F 476 -44.18 -18.20 54.89
N ASN F 477 -44.76 -19.38 55.11
CA ASN F 477 -44.25 -20.60 54.51
C ASN F 477 -45.10 -21.11 53.36
N VAL F 478 -46.35 -20.67 53.27
CA VAL F 478 -47.19 -21.07 52.14
C VAL F 478 -46.60 -20.56 50.84
N VAL F 479 -46.00 -19.36 50.84
CA VAL F 479 -45.29 -18.84 49.69
C VAL F 479 -44.04 -18.12 50.19
N ASP F 480 -42.89 -18.46 49.63
CA ASP F 480 -41.62 -17.85 50.02
C ASP F 480 -40.58 -18.21 48.97
N MET F 481 -39.31 -17.91 49.28
CA MET F 481 -38.21 -18.17 48.35
C MET F 481 -38.12 -19.64 47.95
N PHE F 482 -38.37 -20.54 48.91
CA PHE F 482 -38.07 -21.95 48.72
C PHE F 482 -39.17 -22.74 48.01
N THR F 483 -40.36 -22.17 47.87
CA THR F 483 -41.48 -22.92 47.29
C THR F 483 -41.24 -23.17 45.82
N ASN F 484 -41.07 -24.44 45.45
CA ASN F 484 -40.85 -24.84 44.07
C ASN F 484 -39.66 -24.09 43.47
N VAL F 485 -38.49 -24.33 44.06
CA VAL F 485 -37.32 -23.49 43.83
C VAL F 485 -36.90 -23.43 42.37
N GLY F 486 -37.28 -24.40 41.55
CA GLY F 486 -36.89 -24.35 40.16
C GLY F 486 -38.03 -24.51 39.18
N ALA F 487 -39.27 -24.46 39.69
CA ALA F 487 -40.45 -24.77 38.89
C ALA F 487 -41.14 -23.49 38.46
N ARG F 488 -41.47 -23.40 37.17
CA ARG F 488 -42.40 -22.39 36.68
C ARG F 488 -43.79 -22.88 37.07
N TRP F 489 -44.16 -22.63 38.32
CA TRP F 489 -45.35 -23.23 38.90
C TRP F 489 -46.17 -22.15 39.59
N SER F 490 -47.35 -21.86 39.04
CA SER F 490 -48.27 -20.97 39.73
C SER F 490 -48.66 -21.55 41.07
N ILE F 491 -48.72 -20.69 42.09
CA ILE F 491 -49.01 -21.16 43.44
C ILE F 491 -50.39 -21.80 43.47
N ASP F 492 -50.43 -23.10 43.77
CA ASP F 492 -51.70 -23.81 43.83
C ASP F 492 -52.60 -23.30 44.95
N GLN F 493 -52.06 -22.57 45.91
CA GLN F 493 -52.88 -21.90 46.92
C GLN F 493 -53.50 -20.62 46.39
N MET F 494 -53.16 -20.20 45.17
CA MET F 494 -53.70 -18.97 44.61
C MET F 494 -54.33 -19.19 43.24
N ASP F 495 -54.23 -20.39 42.67
CA ASP F 495 -54.74 -20.64 41.33
C ASP F 495 -56.24 -20.37 41.21
N ASN F 496 -56.98 -20.46 42.31
CA ASN F 496 -58.39 -20.12 42.34
C ASN F 496 -58.66 -18.67 42.72
N VAL F 497 -57.62 -17.86 42.91
CA VAL F 497 -57.75 -16.47 43.33
C VAL F 497 -57.64 -15.58 42.11
N ASN F 498 -58.55 -14.60 42.02
CA ASN F 498 -58.62 -13.67 40.90
C ASN F 498 -57.28 -12.98 40.68
N PRO F 499 -56.63 -13.21 39.53
CA PRO F 499 -55.34 -12.55 39.27
C PRO F 499 -55.48 -11.09 38.89
N PHE F 500 -56.65 -10.65 38.46
CA PHE F 500 -56.84 -9.26 38.07
C PHE F 500 -57.11 -8.35 39.26
N ASN F 501 -57.31 -8.91 40.45
CA ASN F 501 -57.37 -8.12 41.68
C ASN F 501 -55.96 -8.00 42.26
N HIS F 502 -55.10 -7.38 41.47
CA HIS F 502 -53.69 -7.22 41.82
C HIS F 502 -53.29 -5.78 41.54
N HIS F 503 -52.38 -5.25 42.36
CA HIS F 503 -51.89 -3.90 42.10
C HIS F 503 -51.03 -3.82 40.85
N ARG F 504 -50.59 -4.95 40.31
CA ARG F 504 -49.89 -4.99 39.04
C ARG F 504 -50.84 -5.09 37.86
N ASN F 505 -52.14 -4.87 38.07
CA ASN F 505 -53.10 -4.82 36.98
C ASN F 505 -52.87 -3.53 36.22
N TRP F 506 -52.08 -3.61 35.14
CA TRP F 506 -51.64 -2.41 34.44
C TRP F 506 -52.83 -1.64 33.85
N GLY F 507 -53.82 -2.36 33.32
CA GLY F 507 -55.01 -1.69 32.83
C GLY F 507 -55.76 -0.96 33.94
N LEU F 508 -55.95 -1.63 35.07
CA LEU F 508 -56.60 -0.98 36.21
C LEU F 508 -55.74 0.15 36.76
N LYS F 509 -54.42 -0.05 36.77
CA LYS F 509 -53.50 1.02 37.15
C LYS F 509 -53.72 2.27 36.29
N TYR F 510 -53.77 2.09 34.97
CA TYR F 510 -54.00 3.22 34.08
C TYR F 510 -55.37 3.83 34.30
N ARG F 511 -56.39 3.00 34.51
CA ARG F 511 -57.75 3.51 34.66
C ARG F 511 -57.91 4.30 35.95
N SER F 512 -57.20 3.89 37.02
CA SER F 512 -57.23 4.66 38.25
C SER F 512 -56.37 5.91 38.16
N GLN F 513 -55.26 5.86 37.43
CA GLN F 513 -54.44 7.04 37.25
C GLN F 513 -55.03 8.03 36.26
N LEU F 514 -55.97 7.59 35.41
CA LEU F 514 -56.68 8.51 34.54
C LEU F 514 -57.59 9.45 35.32
N LEU F 515 -57.90 9.12 36.57
CA LEU F 515 -58.79 9.93 37.40
C LEU F 515 -58.05 10.84 38.35
N GLY F 516 -56.82 10.49 38.74
CA GLY F 516 -55.99 11.31 39.57
C GLY F 516 -55.31 10.48 40.65
N ASN F 517 -54.64 11.17 41.57
CA ASN F 517 -53.98 10.54 42.70
C ASN F 517 -54.75 10.69 44.00
N SER F 518 -55.87 11.40 43.99
CA SER F 518 -56.68 11.57 45.19
C SER F 518 -57.93 10.70 45.10
N ARG F 519 -58.60 10.58 46.24
CA ARG F 519 -59.88 9.88 46.29
C ARG F 519 -61.05 10.82 46.05
N TYR F 520 -60.79 12.08 45.76
CA TYR F 520 -61.81 13.10 45.50
C TYR F 520 -61.63 13.56 44.05
N VAL F 521 -62.39 12.97 43.14
CA VAL F 521 -62.24 13.19 41.72
C VAL F 521 -63.46 13.90 41.18
N ASN F 522 -63.24 15.01 40.46
CA ASN F 522 -64.27 15.67 39.68
C ASN F 522 -64.14 15.17 38.25
N PHE F 523 -64.62 13.94 38.03
CA PHE F 523 -64.37 13.25 36.78
C PHE F 523 -65.18 13.87 35.64
N HIS F 524 -64.75 13.55 34.42
CA HIS F 524 -65.49 13.90 33.21
C HIS F 524 -65.20 12.80 32.19
N ILE F 525 -66.17 11.90 32.00
CA ILE F 525 -65.95 10.70 31.20
C ILE F 525 -67.00 10.65 30.09
N GLN F 526 -66.73 9.80 29.10
CA GLN F 526 -67.62 9.56 27.98
C GLN F 526 -67.84 8.06 27.87
N VAL F 527 -69.04 7.61 28.21
CA VAL F 527 -69.37 6.19 28.26
C VAL F 527 -70.07 5.81 26.95
N PRO F 528 -69.60 4.79 26.24
CA PRO F 528 -70.22 4.43 24.97
C PRO F 528 -71.44 3.55 25.15
N GLN F 529 -72.30 3.58 24.13
CA GLN F 529 -73.46 2.70 24.09
C GLN F 529 -73.07 1.34 23.55
N LYS F 530 -73.35 0.28 24.31
CA LYS F 530 -72.89 -1.05 23.98
C LYS F 530 -73.99 -2.02 23.56
N PHE F 531 -75.26 -1.60 23.64
CA PHE F 531 -76.35 -2.49 23.23
C PHE F 531 -76.31 -2.69 21.72
N PHE F 532 -76.33 -3.96 21.30
CA PHE F 532 -76.02 -4.29 19.91
C PHE F 532 -77.04 -3.69 18.95
N ALA F 533 -78.31 -3.62 19.36
CA ALA F 533 -79.34 -3.10 18.46
C ALA F 533 -79.14 -1.61 18.20
N ILE F 534 -78.58 -0.88 19.16
CA ILE F 534 -78.35 0.55 19.03
C ILE F 534 -76.88 0.91 19.13
N LYS F 535 -75.99 -0.09 19.05
CA LYS F 535 -74.56 0.20 19.03
C LYS F 535 -74.13 0.75 17.68
N ASN F 536 -74.75 0.29 16.60
CA ASN F 536 -74.39 0.72 15.26
C ASN F 536 -75.60 1.16 14.46
N LEU F 537 -76.74 1.37 15.12
CA LEU F 537 -77.97 1.71 14.41
C LEU F 537 -77.82 3.06 13.72
N LEU F 538 -78.17 3.10 12.43
CA LEU F 538 -78.12 4.32 11.64
C LEU F 538 -79.54 4.89 11.59
N LEU F 539 -79.76 5.97 12.33
CA LEU F 539 -81.08 6.56 12.41
C LEU F 539 -81.30 7.56 11.29
N LEU F 540 -82.41 7.41 10.58
CA LEU F 540 -82.78 8.35 9.54
C LEU F 540 -83.46 9.56 10.19
N SER F 541 -84.01 10.46 9.35
CA SER F 541 -84.60 11.68 9.87
C SER F 541 -85.76 11.37 10.81
N GLY F 542 -85.88 12.16 11.86
CA GLY F 542 -86.93 11.97 12.85
C GLY F 542 -86.49 12.37 14.24
N SER F 543 -87.42 12.38 15.18
CA SER F 543 -87.16 12.76 16.57
C SER F 543 -87.45 11.57 17.47
N TYR F 544 -86.53 11.29 18.40
CA TYR F 544 -86.62 10.12 19.25
C TYR F 544 -86.40 10.50 20.71
N THR F 545 -86.95 9.68 21.61
CA THR F 545 -86.59 9.73 23.02
C THR F 545 -85.59 8.63 23.31
N TYR F 546 -84.43 9.00 23.84
CA TYR F 546 -83.39 8.04 24.17
C TYR F 546 -83.23 8.08 25.69
N GLU F 547 -84.09 7.33 26.38
CA GLU F 547 -84.02 7.25 27.83
C GLU F 547 -83.03 6.17 28.23
N TRP F 548 -82.20 6.50 29.22
CA TRP F 548 -81.28 5.50 29.75
C TRP F 548 -81.06 5.81 31.22
N VAL F 549 -80.54 4.84 31.96
CA VAL F 549 -80.31 4.99 33.40
C VAL F 549 -78.89 4.52 33.73
N LEU F 550 -78.23 5.24 34.63
CA LEU F 550 -76.84 5.00 34.97
C LEU F 550 -76.73 4.44 36.39
N ARG F 551 -75.86 3.45 36.56
CA ARG F 551 -75.63 2.86 37.88
C ARG F 551 -74.95 3.88 38.80
N LYS F 552 -75.34 3.85 40.07
CA LYS F 552 -74.64 4.59 41.11
C LYS F 552 -74.02 3.67 42.15
N ASP F 553 -74.01 2.37 41.90
CA ASP F 553 -73.45 1.41 42.84
C ASP F 553 -71.93 1.47 42.80
N PRO F 554 -71.25 1.80 43.91
CA PRO F 554 -69.79 1.88 43.88
C PRO F 554 -69.12 0.58 43.48
N ASN F 555 -69.64 -0.57 43.90
CA ASN F 555 -69.04 -1.83 43.51
C ASN F 555 -69.18 -2.10 42.02
N MET F 556 -70.30 -1.69 41.43
CA MET F 556 -70.55 -1.98 40.02
C MET F 556 -69.70 -1.09 39.11
N ILE F 557 -69.83 0.23 39.26
CA ILE F 557 -69.19 1.14 38.33
C ILE F 557 -67.68 1.18 38.53
N LEU F 558 -67.21 1.01 39.76
CA LEU F 558 -65.80 1.16 40.10
C LEU F 558 -65.14 -0.19 40.28
N GLN F 559 -63.86 -0.27 39.94
CA GLN F 559 -63.07 -1.49 40.05
C GLN F 559 -61.92 -1.24 41.02
N SER F 560 -61.78 -2.11 42.01
CA SER F 560 -60.69 -2.03 42.96
C SER F 560 -59.65 -3.10 42.66
N SER F 561 -58.41 -2.83 43.06
CA SER F 561 -57.34 -3.80 42.93
C SER F 561 -57.32 -4.80 44.08
N LEU F 562 -58.23 -4.65 45.05
CA LEU F 562 -58.36 -5.59 46.15
C LEU F 562 -59.70 -6.30 46.18
N GLY F 563 -60.73 -5.76 45.55
CA GLY F 563 -62.05 -6.35 45.60
C GLY F 563 -62.81 -6.09 46.88
N ASN F 564 -62.39 -5.11 47.67
CA ASN F 564 -63.05 -4.80 48.92
C ASN F 564 -64.41 -4.15 48.66
N ASP F 565 -65.27 -4.23 49.67
CA ASP F 565 -66.61 -3.65 49.59
C ASP F 565 -66.50 -2.13 49.56
N LEU F 566 -66.77 -1.53 48.40
CA LEU F 566 -66.67 -0.08 48.29
C LEU F 566 -67.81 0.64 49.00
N ARG F 567 -69.00 0.05 49.06
CA ARG F 567 -70.09 0.67 49.81
C ARG F 567 -69.73 0.76 51.28
N ALA F 568 -69.12 -0.29 51.84
CA ALA F 568 -68.65 -0.24 53.20
C ALA F 568 -67.41 0.63 53.35
N ASP F 569 -66.72 0.94 52.25
CA ASP F 569 -65.50 1.72 52.28
C ASP F 569 -65.71 3.16 51.83
N GLY F 570 -66.93 3.67 51.91
CA GLY F 570 -67.17 5.09 51.70
C GLY F 570 -67.10 5.57 50.27
N ALA F 571 -67.06 4.67 49.29
CA ALA F 571 -67.08 5.08 47.90
C ALA F 571 -68.47 5.58 47.52
N SER F 572 -68.50 6.64 46.72
CA SER F 572 -69.77 7.21 46.28
C SER F 572 -69.54 8.00 45.01
N ILE F 573 -70.63 8.27 44.29
CA ILE F 573 -70.58 9.05 43.06
C ILE F 573 -71.83 9.91 42.97
N ILE F 574 -71.66 11.12 42.46
CA ILE F 574 -72.76 12.05 42.21
C ILE F 574 -72.62 12.55 40.78
N TYR F 575 -73.64 12.33 39.96
CA TYR F 575 -73.63 12.79 38.58
C TYR F 575 -74.22 14.20 38.50
N ASN F 576 -73.43 15.15 38.01
CA ASN F 576 -73.94 16.51 37.87
C ASN F 576 -74.74 16.66 36.59
N GLU F 577 -74.10 16.45 35.44
CA GLU F 577 -74.78 16.49 34.15
C GLU F 577 -74.35 15.31 33.31
N VAL F 578 -75.32 14.68 32.65
CA VAL F 578 -75.07 13.54 31.77
C VAL F 578 -75.71 13.91 30.42
N ASN F 579 -74.92 14.50 29.54
CA ASN F 579 -75.39 14.94 28.23
C ASN F 579 -75.03 13.91 27.17
N LEU F 580 -75.91 13.78 26.18
CA LEU F 580 -75.70 12.85 25.09
C LEU F 580 -75.08 13.58 23.91
N MET F 581 -73.89 13.15 23.51
CA MET F 581 -73.21 13.73 22.37
C MET F 581 -73.55 12.93 21.11
N ALA F 582 -73.34 13.56 19.96
CA ALA F 582 -73.61 12.92 18.69
C ALA F 582 -72.72 13.53 17.62
N ASN F 583 -72.32 12.70 16.66
CA ASN F 583 -71.58 13.14 15.49
C ASN F 583 -72.45 12.98 14.26
N PHE F 584 -72.55 14.05 13.47
CA PHE F 584 -73.39 14.08 12.27
C PHE F 584 -72.49 14.33 11.07
N MET F 585 -72.45 13.39 10.14
CA MET F 585 -71.75 13.64 8.89
C MET F 585 -72.48 14.74 8.12
N PRO F 586 -71.78 15.76 7.64
CA PRO F 586 -72.47 16.80 6.87
C PRO F 586 -72.70 16.38 5.43
N MET F 587 -73.14 15.15 5.22
CA MET F 587 -73.31 14.66 3.86
C MET F 587 -74.48 15.37 3.20
N ASP F 588 -74.35 15.61 1.90
CA ASP F 588 -75.28 16.46 1.18
C ASP F 588 -76.70 15.99 1.38
N HIS F 589 -77.60 16.94 1.67
CA HIS F 589 -79.00 16.58 1.85
C HIS F 589 -79.59 16.00 0.57
N ASN F 590 -79.09 16.42 -0.59
CA ASN F 590 -79.54 15.84 -1.84
C ASN F 590 -79.18 14.37 -1.95
N THR F 591 -78.13 13.92 -1.25
CA THR F 591 -77.78 12.51 -1.22
C THR F 591 -78.19 11.83 0.08
N SER F 592 -78.23 12.55 1.20
CA SER F 592 -78.69 11.94 2.43
C SER F 592 -80.19 11.65 2.38
N ASN F 593 -80.96 12.52 1.73
CA ASN F 593 -82.37 12.22 1.50
C ASN F 593 -82.53 10.99 0.63
N GLN F 594 -81.70 10.84 -0.40
CA GLN F 594 -81.70 9.62 -1.20
C GLN F 594 -81.40 8.41 -0.32
N LEU F 595 -80.38 8.51 0.52
CA LEU F 595 -79.98 7.39 1.36
C LEU F 595 -81.11 6.98 2.30
N GLU F 596 -81.70 7.95 3.00
CA GLU F 596 -82.78 7.62 3.92
C GLU F 596 -84.01 7.12 3.18
N LEU F 597 -84.28 7.66 1.99
CA LEU F 597 -85.37 7.17 1.16
C LEU F 597 -85.18 5.70 0.81
N MET F 598 -83.96 5.32 0.47
CA MET F 598 -83.68 3.92 0.15
C MET F 598 -83.58 3.05 1.38
N LEU F 599 -83.35 3.63 2.57
CA LEU F 599 -83.28 2.86 3.80
C LEU F 599 -84.60 2.76 4.53
N ARG F 600 -85.65 3.42 4.04
CA ARG F 600 -86.98 3.23 4.59
C ARG F 600 -87.72 2.07 3.95
N ASN F 601 -87.07 1.34 3.04
CA ASN F 601 -87.66 0.17 2.44
C ASN F 601 -87.35 -1.08 3.26
N ALA F 602 -88.36 -1.94 3.41
CA ALA F 602 -88.17 -3.17 4.17
C ALA F 602 -87.16 -4.11 3.53
N THR F 603 -86.91 -3.96 2.22
CA THR F 603 -85.96 -4.84 1.56
C THR F 603 -84.53 -4.62 2.03
N ASN F 604 -84.19 -3.37 2.39
CA ASN F 604 -82.84 -3.02 2.82
C ASN F 604 -82.97 -2.23 4.12
N ASP F 605 -83.02 -2.93 5.24
CA ASP F 605 -83.12 -2.32 6.55
C ASP F 605 -82.01 -2.85 7.45
N GLN F 606 -81.66 -2.04 8.45
CA GLN F 606 -80.50 -2.35 9.29
C GLN F 606 -80.70 -3.66 10.03
N THR F 607 -79.68 -4.51 9.99
CA THR F 607 -79.71 -5.80 10.68
C THR F 607 -78.45 -5.92 11.53
N PHE F 608 -78.62 -6.28 12.79
CA PHE F 608 -77.51 -6.36 13.73
C PHE F 608 -77.61 -7.65 14.53
N VAL F 609 -76.47 -8.12 15.01
CA VAL F 609 -76.39 -9.26 15.91
C VAL F 609 -75.52 -8.90 17.09
N ASP F 610 -75.90 -9.37 18.28
CA ASP F 610 -75.01 -9.30 19.42
C ASP F 610 -73.79 -10.15 19.15
N TYR F 611 -72.61 -9.55 19.35
CA TYR F 611 -71.37 -10.23 18.96
C TYR F 611 -71.16 -11.51 19.76
N LEU F 612 -71.46 -11.47 21.06
CA LEU F 612 -71.27 -12.67 21.87
C LEU F 612 -72.10 -13.82 21.33
N GLY F 613 -73.31 -13.53 20.85
CA GLY F 613 -74.15 -14.53 20.23
C GLY F 613 -74.41 -15.68 21.16
N ALA F 614 -74.72 -15.40 22.42
CA ALA F 614 -74.79 -16.44 23.42
C ALA F 614 -75.84 -16.13 24.47
N LYS F 615 -76.72 -17.10 24.72
CA LYS F 615 -77.55 -17.05 25.91
C LYS F 615 -76.70 -17.38 27.12
N ASN F 616 -76.70 -16.48 28.10
CA ASN F 616 -75.82 -16.59 29.26
C ASN F 616 -76.61 -17.10 30.45
N ALA F 617 -76.21 -18.25 30.98
CA ALA F 617 -76.86 -18.87 32.12
C ALA F 617 -75.84 -19.10 33.21
N LEU F 618 -76.20 -18.74 34.44
CA LEU F 618 -75.34 -18.92 35.60
C LEU F 618 -75.98 -20.00 36.47
N TYR F 619 -75.31 -21.15 36.58
CA TYR F 619 -75.80 -22.27 37.37
C TYR F 619 -75.01 -22.34 38.67
N SER F 620 -75.73 -22.27 39.79
CA SER F 620 -75.06 -22.22 41.09
C SER F 620 -74.36 -23.53 41.39
N VAL F 621 -73.15 -23.43 41.92
CA VAL F 621 -72.37 -24.57 42.38
C VAL F 621 -71.92 -24.26 43.81
N PRO F 622 -72.37 -25.00 44.81
CA PRO F 622 -71.95 -24.70 46.19
C PRO F 622 -70.47 -24.95 46.40
N ALA F 623 -69.98 -24.67 47.62
CA ALA F 623 -68.55 -24.71 47.89
C ALA F 623 -67.95 -26.09 47.65
N GLY F 624 -68.36 -27.08 48.44
CA GLY F 624 -67.71 -28.37 48.39
C GLY F 624 -68.11 -29.26 47.23
N SER F 625 -69.18 -28.93 46.53
CA SER F 625 -69.67 -29.81 45.48
C SER F 625 -68.69 -29.86 44.31
N THR F 626 -68.52 -31.05 43.76
CA THR F 626 -67.61 -31.29 42.65
C THR F 626 -68.32 -31.69 41.37
N ALA F 627 -69.64 -31.69 41.35
CA ALA F 627 -70.41 -32.09 40.18
C ALA F 627 -71.60 -31.16 40.01
N LEU F 628 -72.10 -31.10 38.77
CA LEU F 628 -73.24 -30.25 38.44
C LEU F 628 -73.98 -30.84 37.26
N THR F 629 -75.31 -30.79 37.32
CA THR F 629 -76.17 -31.29 36.25
C THR F 629 -77.01 -30.14 35.72
N ILE F 630 -77.02 -29.99 34.40
CA ILE F 630 -77.76 -28.92 33.72
C ILE F 630 -78.79 -29.60 32.84
N ASN F 631 -80.05 -29.56 33.25
CA ASN F 631 -81.15 -30.11 32.46
C ASN F 631 -82.01 -28.97 31.95
N ILE F 632 -82.32 -29.02 30.65
CA ILE F 632 -83.14 -27.99 30.02
C ILE F 632 -84.19 -28.68 29.14
N PRO F 633 -85.40 -28.15 29.07
CA PRO F 633 -86.50 -28.90 28.44
C PRO F 633 -86.39 -28.99 26.93
N ALA F 634 -87.41 -29.58 26.30
CA ALA F 634 -87.40 -29.78 24.86
C ALA F 634 -87.31 -28.45 24.13
N ARG F 635 -86.49 -28.42 23.08
CA ARG F 635 -86.23 -27.18 22.37
C ARG F 635 -85.84 -27.52 20.94
N THR F 636 -86.10 -26.59 20.03
CA THR F 636 -85.97 -26.85 18.61
C THR F 636 -84.58 -26.57 18.05
N TRP F 637 -83.65 -26.04 18.85
CA TRP F 637 -82.25 -25.91 18.47
C TRP F 637 -82.02 -25.41 17.06
N GLU F 638 -82.90 -24.53 16.57
CA GLU F 638 -82.86 -24.10 15.18
C GLU F 638 -81.69 -23.13 15.01
N GLY F 639 -80.52 -23.68 14.72
CA GLY F 639 -79.34 -22.88 14.48
C GLY F 639 -78.42 -22.68 15.66
N MET F 640 -78.42 -23.60 16.63
CA MET F 640 -77.54 -23.46 17.78
C MET F 640 -76.08 -23.61 17.36
N ARG F 641 -75.23 -22.74 17.91
CA ARG F 641 -73.84 -22.65 17.45
C ARG F 641 -72.87 -23.52 18.23
N GLY F 642 -73.03 -23.62 19.54
CA GLY F 642 -72.11 -24.39 20.34
C GLY F 642 -72.31 -24.10 21.83
N TRP F 643 -71.33 -24.53 22.61
CA TRP F 643 -71.34 -24.32 24.06
C TRP F 643 -70.05 -23.63 24.46
N SER F 644 -70.16 -22.66 25.37
CA SER F 644 -69.00 -21.97 25.92
C SER F 644 -69.20 -21.82 27.41
N PHE F 645 -68.22 -22.27 28.21
CA PHE F 645 -68.46 -22.37 29.64
C PHE F 645 -67.18 -22.14 30.42
N THR F 646 -67.28 -21.31 31.45
CA THR F 646 -66.32 -21.25 32.55
C THR F 646 -67.11 -21.14 33.84
N ARG F 647 -66.41 -21.25 34.96
CA ARG F 647 -67.03 -21.08 36.27
C ARG F 647 -66.52 -19.79 36.90
N ILE F 648 -67.43 -19.02 37.48
CA ILE F 648 -67.12 -17.73 38.07
C ILE F 648 -67.68 -17.70 39.48
N LYS F 649 -66.97 -17.05 40.39
CA LYS F 649 -67.38 -17.04 41.79
C LYS F 649 -68.69 -16.28 41.97
N ALA F 650 -69.58 -16.84 42.79
CA ALA F 650 -70.85 -16.17 43.07
C ALA F 650 -70.63 -14.89 43.86
N ALA F 651 -69.62 -14.87 44.74
CA ALA F 651 -69.30 -13.65 45.47
C ALA F 651 -68.76 -12.55 44.57
N GLU F 652 -68.32 -12.91 43.36
CA GLU F 652 -67.81 -11.95 42.39
C GLU F 652 -68.83 -11.61 41.32
N THR F 653 -70.07 -12.09 41.44
CA THR F 653 -71.06 -11.87 40.41
C THR F 653 -72.40 -11.45 41.01
N PRO F 654 -72.93 -10.29 40.61
CA PRO F 654 -74.28 -9.90 41.04
C PRO F 654 -75.33 -10.72 40.30
N GLN F 655 -76.51 -10.79 40.91
CA GLN F 655 -77.62 -11.45 40.24
C GLN F 655 -78.01 -10.66 39.00
N LEU F 656 -78.28 -11.38 37.92
CA LEU F 656 -78.54 -10.76 36.62
C LEU F 656 -79.87 -10.04 36.62
N GLY F 657 -79.92 -8.90 35.95
CA GLY F 657 -81.15 -8.14 35.85
C GLY F 657 -81.69 -7.65 37.18
N ALA F 658 -80.82 -7.12 38.02
CA ALA F 658 -81.22 -6.56 39.31
C ALA F 658 -80.88 -5.09 39.35
N GLN F 659 -81.83 -4.27 39.80
CA GLN F 659 -81.59 -2.83 39.86
C GLN F 659 -80.45 -2.50 40.82
N TYR F 660 -80.44 -3.15 41.98
CA TYR F 660 -79.41 -2.91 42.99
C TYR F 660 -79.21 -4.19 43.78
N ASP F 661 -77.97 -4.65 43.86
CA ASP F 661 -77.64 -5.86 44.59
C ASP F 661 -77.20 -5.50 46.00
N VAL F 662 -77.81 -6.15 46.98
CA VAL F 662 -77.47 -5.91 48.38
C VAL F 662 -76.38 -6.85 48.86
N ASN F 663 -76.39 -8.08 48.35
CA ASN F 663 -75.40 -9.09 48.73
C ASN F 663 -74.08 -8.92 48.00
N PHE F 664 -74.01 -8.05 47.00
CA PHE F 664 -72.78 -7.82 46.24
C PHE F 664 -71.87 -6.91 47.06
N LYS F 665 -70.99 -7.52 47.84
CA LYS F 665 -70.04 -6.81 48.69
C LYS F 665 -68.63 -6.94 48.16
N TYR F 666 -68.49 -6.91 46.83
CA TYR F 666 -67.23 -7.12 46.14
C TYR F 666 -67.10 -6.09 45.03
N SER F 667 -65.89 -5.55 44.86
CA SER F 667 -65.67 -4.49 43.88
C SER F 667 -64.38 -4.74 43.11
N GLY F 668 -64.10 -5.99 42.79
CA GLY F 668 -62.92 -6.31 42.01
C GLY F 668 -63.22 -6.41 40.53
N SER F 669 -62.94 -7.57 39.94
CA SER F 669 -63.17 -7.80 38.52
C SER F 669 -64.28 -8.83 38.38
N ILE F 670 -65.46 -8.38 37.95
CA ILE F 670 -66.58 -9.29 37.72
C ILE F 670 -66.32 -10.04 36.43
N ALA F 671 -65.84 -11.28 36.55
CA ALA F 671 -65.50 -12.07 35.35
C ALA F 671 -66.69 -12.26 34.43
N TYR F 672 -67.91 -12.14 34.95
CA TYR F 672 -69.08 -12.17 34.09
C TYR F 672 -69.10 -10.98 33.13
N SER F 673 -68.81 -9.79 33.66
CA SER F 673 -69.00 -8.57 32.88
C SER F 673 -67.89 -8.40 31.84
N ASP F 674 -66.65 -8.24 32.29
CA ASP F 674 -65.53 -8.22 31.36
C ASP F 674 -65.11 -9.66 31.07
N GLY F 675 -63.99 -9.82 30.37
CA GLY F 675 -63.55 -11.15 30.01
C GLY F 675 -62.52 -11.71 30.96
N GLY F 676 -62.50 -11.20 32.20
CA GLY F 676 -61.50 -11.62 33.16
C GLY F 676 -61.72 -13.02 33.68
N PHE F 677 -61.76 -14.00 32.78
CA PHE F 677 -61.94 -15.39 33.18
C PHE F 677 -60.62 -15.93 33.72
N TYR F 678 -60.69 -16.62 34.87
CA TYR F 678 -59.51 -17.19 35.48
C TYR F 678 -59.75 -18.58 36.05
N LEU F 679 -60.91 -19.18 35.80
CA LEU F 679 -61.24 -20.50 36.32
C LEU F 679 -61.66 -21.43 35.19
N SER F 680 -61.02 -21.30 34.02
CA SER F 680 -61.23 -22.27 32.96
C SER F 680 -60.69 -23.63 33.36
N HIS F 681 -59.68 -23.65 34.22
CA HIS F 681 -59.24 -24.88 34.86
C HIS F 681 -60.25 -25.23 35.95
N THR F 682 -59.94 -26.22 36.78
CA THR F 682 -60.90 -26.74 37.76
C THR F 682 -62.14 -27.30 37.08
N PHE F 683 -62.01 -27.70 35.82
CA PHE F 683 -63.06 -28.35 35.06
C PHE F 683 -62.58 -29.78 34.76
N ARG F 684 -63.27 -30.76 35.32
CA ARG F 684 -62.81 -32.14 35.19
C ARG F 684 -63.31 -32.80 33.91
N ASN F 685 -64.60 -32.70 33.64
CA ASN F 685 -65.15 -33.30 32.42
C ASN F 685 -66.48 -32.63 32.09
N MET F 686 -67.22 -33.23 31.17
CA MET F 686 -68.50 -32.72 30.69
C MET F 686 -69.20 -33.82 29.92
N SER F 687 -70.52 -33.83 30.00
CA SER F 687 -71.34 -34.79 29.26
C SER F 687 -72.55 -34.08 28.68
N ILE F 688 -72.91 -34.44 27.46
CA ILE F 688 -74.07 -33.88 26.78
C ILE F 688 -74.95 -35.03 26.32
N LEU F 689 -76.24 -34.96 26.66
CA LEU F 689 -77.20 -36.01 26.32
C LEU F 689 -78.42 -35.34 25.71
N PHE F 690 -78.53 -35.36 24.37
CA PHE F 690 -79.54 -34.56 23.70
C PHE F 690 -80.95 -35.02 24.04
N ASP F 691 -81.25 -36.29 23.82
CA ASP F 691 -82.53 -36.81 24.31
C ASP F 691 -82.32 -37.27 25.75
N THR F 692 -83.28 -38.02 26.28
CA THR F 692 -83.15 -38.50 27.65
C THR F 692 -81.90 -39.35 27.85
N SER F 693 -81.44 -40.06 26.83
CA SER F 693 -80.31 -40.98 27.01
C SER F 693 -79.27 -40.98 25.90
N ILE F 694 -79.42 -40.19 24.84
CA ILE F 694 -78.50 -40.23 23.70
C ILE F 694 -77.43 -39.16 23.90
N ASN F 695 -76.17 -39.59 23.98
CA ASN F 695 -75.04 -38.68 24.04
C ASN F 695 -74.92 -37.91 22.73
N TRP F 696 -74.34 -36.71 22.81
CA TRP F 696 -74.26 -35.92 21.58
C TRP F 696 -73.21 -36.45 20.61
N PRO F 697 -71.92 -36.57 20.99
CA PRO F 697 -70.95 -37.13 20.03
C PRO F 697 -71.35 -38.53 19.63
N GLY F 698 -71.40 -39.43 20.60
CA GLY F 698 -72.02 -40.74 20.46
C GLY F 698 -71.63 -41.56 19.25
N ASN F 699 -70.57 -41.15 18.55
CA ASN F 699 -70.11 -41.86 17.38
C ASN F 699 -68.69 -42.40 17.59
N ASP F 700 -68.35 -42.68 18.84
CA ASP F 700 -67.00 -43.09 19.21
C ASP F 700 -65.96 -42.04 18.80
N ARG F 701 -66.39 -40.78 18.74
CA ARG F 701 -65.49 -39.72 18.30
C ARG F 701 -64.29 -39.57 19.25
N LEU F 702 -64.57 -39.42 20.53
CA LEU F 702 -63.52 -39.12 21.50
C LEU F 702 -62.90 -40.39 22.04
N LEU F 703 -61.69 -40.25 22.56
CA LEU F 703 -61.01 -41.39 23.19
C LEU F 703 -61.75 -41.84 24.45
N THR F 704 -62.62 -41.01 25.00
CA THR F 704 -63.61 -41.39 26.01
C THR F 704 -64.96 -41.02 25.41
N PRO F 705 -65.59 -41.94 24.67
CA PRO F 705 -66.66 -41.53 23.75
C PRO F 705 -67.88 -40.92 24.42
N ASN F 706 -68.13 -41.21 25.69
CA ASN F 706 -69.36 -40.80 26.35
C ASN F 706 -69.20 -39.55 27.21
N MET F 707 -68.06 -38.88 27.13
CA MET F 707 -67.78 -37.81 28.09
C MET F 707 -66.72 -36.87 27.53
N PHE F 708 -66.90 -35.57 27.79
CA PHE F 708 -65.96 -34.53 27.37
C PHE F 708 -64.92 -34.36 28.46
N GLU F 709 -63.93 -35.25 28.48
CA GLU F 709 -62.91 -35.22 29.52
C GLU F 709 -62.02 -34.02 29.32
N ILE F 710 -62.24 -32.97 30.11
CA ILE F 710 -61.45 -31.76 29.98
C ILE F 710 -60.02 -31.99 30.48
N LYS F 711 -59.87 -32.73 31.58
CA LYS F 711 -58.55 -33.05 32.09
C LYS F 711 -58.63 -34.29 32.97
N ARG F 712 -57.48 -34.93 33.13
CA ARG F 712 -57.33 -36.06 34.04
C ARG F 712 -55.95 -35.99 34.67
N SER F 713 -55.82 -36.56 35.85
CA SER F 713 -54.55 -36.52 36.57
C SER F 713 -53.50 -37.37 35.87
N VAL F 714 -52.37 -36.75 35.54
CA VAL F 714 -51.29 -37.47 34.86
C VAL F 714 -50.67 -38.52 35.76
N ALA F 715 -50.59 -38.24 37.07
CA ALA F 715 -49.99 -39.21 37.98
C ALA F 715 -50.77 -40.51 37.99
N LEU F 716 -52.09 -40.44 38.04
CA LEU F 716 -52.95 -41.62 37.99
C LEU F 716 -53.20 -42.08 36.57
N ASP F 717 -52.71 -41.35 35.57
CA ASP F 717 -52.89 -41.72 34.19
C ASP F 717 -52.11 -42.99 33.86
N THR F 718 -52.75 -43.90 33.12
CA THR F 718 -52.11 -45.10 32.61
C THR F 718 -52.31 -45.28 31.12
N GLU F 719 -53.48 -44.95 30.59
CA GLU F 719 -53.79 -45.11 29.18
C GLU F 719 -53.36 -43.92 28.33
N GLY F 720 -52.76 -42.91 28.95
CA GLY F 720 -52.39 -41.70 28.22
C GLY F 720 -53.53 -40.70 28.25
N PHE F 721 -53.88 -40.16 27.08
CA PHE F 721 -54.96 -39.19 26.95
C PHE F 721 -54.68 -37.92 27.76
N THR F 722 -53.40 -37.54 27.85
CA THR F 722 -53.01 -36.25 28.38
C THR F 722 -52.11 -35.57 27.37
N MET F 723 -52.22 -34.24 27.27
CA MET F 723 -51.67 -33.53 26.14
C MET F 723 -50.93 -32.27 26.59
N SER F 724 -49.95 -31.87 25.77
CA SER F 724 -49.24 -30.61 25.93
C SER F 724 -48.50 -30.53 27.26
N GLN F 725 -47.96 -31.66 27.71
CA GLN F 725 -47.12 -31.72 28.90
C GLN F 725 -47.84 -31.19 30.13
N CYS F 726 -49.16 -31.36 30.17
CA CYS F 726 -49.98 -31.00 31.31
C CYS F 726 -51.08 -32.06 31.44
N ASP F 727 -52.10 -31.77 32.24
CA ASP F 727 -53.15 -32.74 32.51
C ASP F 727 -54.37 -32.58 31.60
N ILE F 728 -54.35 -31.64 30.65
CA ILE F 728 -55.43 -31.57 29.67
C ILE F 728 -55.38 -32.80 28.78
N THR F 729 -56.56 -33.23 28.33
CA THR F 729 -56.68 -34.49 27.61
C THR F 729 -56.48 -34.29 26.11
N LYS F 730 -56.22 -35.41 25.42
CA LYS F 730 -56.11 -35.38 23.96
C LYS F 730 -57.42 -34.92 23.33
N ASP F 731 -58.55 -35.42 23.83
CA ASP F 731 -59.85 -35.08 23.26
C ASP F 731 -60.14 -33.59 23.41
N TRP F 732 -59.95 -33.07 24.62
CA TRP F 732 -60.26 -31.67 24.89
C TRP F 732 -59.32 -30.75 24.11
N TYR F 733 -58.04 -31.11 24.04
CA TYR F 733 -57.09 -30.32 23.27
C TYR F 733 -57.45 -30.32 21.80
N LEU F 734 -57.83 -31.48 21.25
CA LEU F 734 -58.26 -31.55 19.86
C LEU F 734 -59.47 -30.67 19.63
N ILE F 735 -60.46 -30.75 20.52
CA ILE F 735 -61.68 -29.97 20.34
C ILE F 735 -61.37 -28.48 20.36
N GLN F 736 -60.54 -28.05 21.32
CA GLN F 736 -60.25 -26.62 21.42
C GLN F 736 -59.46 -26.12 20.21
N MET F 737 -58.45 -26.88 19.78
CA MET F 737 -57.66 -26.46 18.63
C MET F 737 -58.50 -26.43 17.36
N ALA F 738 -59.37 -27.43 17.17
CA ALA F 738 -60.23 -27.46 15.99
C ALA F 738 -61.22 -26.31 16.01
N THR F 739 -61.78 -26.00 17.18
CA THR F 739 -62.71 -24.90 17.27
C THR F 739 -62.05 -23.57 16.94
N ASN F 740 -60.91 -23.30 17.58
CA ASN F 740 -60.30 -21.99 17.46
C ASN F 740 -59.57 -21.79 16.14
N TYR F 741 -58.99 -22.85 15.57
CA TYR F 741 -58.05 -22.68 14.47
C TYR F 741 -58.33 -23.53 13.26
N ASN F 742 -59.32 -24.42 13.30
CA ASN F 742 -59.92 -25.05 12.12
C ASN F 742 -58.95 -25.98 11.40
N PHE F 743 -57.91 -26.47 12.06
CA PHE F 743 -57.00 -27.42 11.43
C PHE F 743 -56.41 -28.30 12.54
N VAL F 744 -56.98 -29.50 12.70
CA VAL F 744 -56.40 -30.50 13.58
C VAL F 744 -56.17 -31.83 12.91
N TYR F 745 -56.92 -32.16 11.85
CA TYR F 745 -56.69 -33.40 11.13
C TYR F 745 -55.53 -33.31 10.16
N ASN F 746 -54.91 -32.15 10.04
CA ASN F 746 -53.71 -31.97 9.24
C ASN F 746 -52.45 -31.79 10.09
N GLY F 747 -52.60 -31.60 11.39
CA GLY F 747 -51.46 -31.47 12.28
C GLY F 747 -51.64 -30.35 13.28
N TYR F 748 -51.00 -30.49 14.44
CA TYR F 748 -51.05 -29.48 15.47
C TYR F 748 -49.92 -28.49 15.26
N ARG F 749 -50.26 -27.21 15.15
CA ARG F 749 -49.25 -26.18 15.00
C ARG F 749 -49.75 -24.91 15.67
N PHE F 750 -48.80 -24.08 16.09
CA PHE F 750 -49.14 -22.80 16.69
C PHE F 750 -49.76 -21.89 15.64
N TRP F 751 -50.77 -21.12 16.05
CA TRP F 751 -51.46 -20.20 15.15
C TRP F 751 -51.25 -18.77 15.63
N PRO F 752 -50.29 -18.05 15.04
CA PRO F 752 -49.99 -16.70 15.52
C PRO F 752 -50.98 -15.64 15.06
N ASP F 753 -51.80 -15.94 14.05
CA ASP F 753 -52.71 -14.95 13.51
C ASP F 753 -53.77 -14.52 14.51
N ARG F 754 -54.13 -15.39 15.45
CA ARG F 754 -55.17 -15.10 16.43
C ARG F 754 -54.61 -14.68 17.78
N GLN F 755 -53.30 -14.51 17.89
CA GLN F 755 -52.68 -14.17 19.16
C GLN F 755 -53.08 -12.79 19.68
N TYR F 756 -53.68 -11.95 18.85
CA TYR F 756 -54.16 -10.66 19.32
C TYR F 756 -55.48 -10.79 20.09
N PHE F 757 -56.18 -11.92 19.94
CA PHE F 757 -57.58 -11.97 20.35
C PHE F 757 -57.76 -11.81 21.85
N HIS F 758 -56.75 -12.15 22.64
CA HIS F 758 -56.77 -11.96 24.09
C HIS F 758 -57.76 -12.92 24.76
N TYR F 759 -58.50 -13.69 23.97
CA TYR F 759 -59.42 -14.67 24.52
C TYR F 759 -59.37 -16.01 23.80
N ASP F 760 -58.37 -16.25 22.97
CA ASP F 760 -58.27 -17.52 22.26
C ASP F 760 -57.55 -18.53 23.14
N PHE F 761 -57.15 -19.66 22.56
CA PHE F 761 -56.62 -20.78 23.33
C PHE F 761 -55.11 -20.70 23.52
N LEU F 762 -54.36 -20.70 22.43
CA LEU F 762 -52.91 -20.82 22.53
C LEU F 762 -52.25 -19.60 23.14
N ARG F 763 -52.91 -18.44 23.13
CA ARG F 763 -52.31 -17.24 23.69
C ARG F 763 -52.10 -17.38 25.19
N ASN F 764 -53.05 -17.96 25.89
CA ASN F 764 -53.06 -17.97 27.35
C ASN F 764 -53.28 -19.35 27.95
N PHE F 765 -53.13 -20.41 27.17
CA PHE F 765 -53.11 -21.77 27.69
C PHE F 765 -51.70 -22.08 28.16
N ASP F 766 -51.51 -22.20 29.48
CA ASP F 766 -50.19 -22.33 30.08
C ASP F 766 -50.05 -23.67 30.78
N PRO F 767 -49.40 -24.65 30.16
CA PRO F 767 -49.04 -25.88 30.89
C PRO F 767 -47.83 -25.64 31.77
N MET F 768 -47.85 -26.23 32.96
CA MET F 768 -46.79 -26.04 33.93
C MET F 768 -46.62 -27.32 34.73
N THR F 769 -45.45 -27.47 35.35
CA THR F 769 -45.11 -28.70 36.04
C THR F 769 -44.16 -28.42 37.19
N ARG F 770 -44.47 -28.99 38.35
CA ARG F 770 -43.54 -29.08 39.48
C ARG F 770 -43.47 -30.54 39.91
N GLN F 771 -42.48 -30.86 40.71
CA GLN F 771 -42.26 -32.25 41.12
C GLN F 771 -42.61 -32.47 42.59
N GLY F 772 -41.98 -31.74 43.50
CA GLY F 772 -42.33 -31.82 44.89
C GLY F 772 -41.88 -33.10 45.56
N PRO F 773 -41.50 -33.02 46.82
CA PRO F 773 -41.17 -34.25 47.56
C PRO F 773 -42.42 -35.08 47.81
N ASN F 774 -42.22 -36.38 47.98
CA ASN F 774 -43.30 -37.31 48.28
C ASN F 774 -43.28 -37.59 49.78
N PHE F 775 -44.14 -36.91 50.52
CA PHE F 775 -44.20 -37.06 51.97
C PHE F 775 -44.93 -38.36 52.30
N ALA F 776 -45.28 -38.53 53.58
CA ALA F 776 -45.82 -39.80 54.08
C ALA F 776 -44.83 -40.93 53.86
N LEU F 777 -43.55 -40.64 54.07
CA LEU F 777 -42.45 -41.58 53.91
C LEU F 777 -41.59 -41.54 55.17
N PRO F 778 -40.57 -42.38 55.31
CA PRO F 778 -39.75 -42.32 56.54
C PRO F 778 -39.17 -40.94 56.83
N GLY F 779 -38.72 -40.22 55.81
CA GLY F 779 -38.35 -38.83 55.93
C GLY F 779 -39.45 -37.93 55.43
N LEU F 780 -39.04 -36.78 54.90
CA LEU F 780 -39.94 -35.90 54.15
C LEU F 780 -41.15 -35.49 55.01
N PHE F 781 -40.85 -34.70 56.03
CA PHE F 781 -41.81 -34.41 57.09
C PHE F 781 -42.80 -33.29 56.75
N ASP F 782 -42.61 -32.59 55.64
CA ASP F 782 -43.55 -31.55 55.20
C ASP F 782 -43.72 -30.47 56.27
N LEU F 783 -42.61 -29.76 56.52
CA LEU F 783 -42.57 -28.79 57.60
C LEU F 783 -43.48 -27.58 57.38
N VAL F 784 -43.89 -27.32 56.14
CA VAL F 784 -44.70 -26.15 55.84
C VAL F 784 -46.15 -26.44 56.19
N SER F 785 -46.73 -25.60 57.04
CA SER F 785 -48.12 -25.72 57.45
C SER F 785 -48.96 -24.66 56.76
N TYR F 786 -50.15 -25.05 56.30
CA TYR F 786 -51.04 -24.16 55.58
C TYR F 786 -52.25 -23.75 56.41
N THR F 787 -52.36 -24.22 57.65
CA THR F 787 -53.53 -23.94 58.46
C THR F 787 -53.18 -22.96 59.56
N PRO F 788 -53.66 -21.72 59.51
CA PRO F 788 -53.41 -20.78 60.60
C PRO F 788 -54.18 -21.16 61.85
N THR F 789 -53.76 -20.59 62.97
CA THR F 789 -54.38 -20.89 64.26
C THR F 789 -55.61 -20.04 64.56
N THR F 790 -55.99 -19.16 63.64
CA THR F 790 -57.19 -18.30 63.74
C THR F 790 -57.42 -17.80 65.16
N ASP F 791 -56.36 -17.31 65.79
CA ASP F 791 -56.42 -16.74 67.12
C ASP F 791 -56.12 -15.25 67.06
N ASN F 792 -56.49 -14.55 68.14
CA ASN F 792 -56.30 -13.11 68.18
C ASN F 792 -54.81 -12.75 68.12
N SER F 793 -53.98 -13.50 68.83
CA SER F 793 -52.55 -13.21 68.88
C SER F 793 -51.93 -13.32 67.50
N GLY F 794 -50.96 -12.45 67.22
CA GLY F 794 -50.30 -12.42 65.93
C GLY F 794 -49.14 -13.37 65.85
N GLU F 795 -49.32 -14.57 66.40
CA GLU F 795 -48.29 -15.59 66.46
C GLU F 795 -48.81 -16.86 65.79
N GLN F 796 -48.00 -17.47 64.93
CA GLN F 796 -48.33 -18.73 64.28
C GLN F 796 -47.18 -19.69 64.52
N PRO F 797 -47.07 -20.25 65.72
CA PRO F 797 -45.90 -21.07 66.06
C PRO F 797 -45.74 -22.30 65.20
N SER F 798 -46.79 -22.74 64.51
CA SER F 798 -46.65 -23.86 63.59
C SER F 798 -45.73 -23.55 62.43
N GLN F 799 -45.47 -22.26 62.16
CA GLN F 799 -44.64 -21.86 61.04
C GLN F 799 -43.15 -21.92 61.34
N GLU F 800 -42.76 -22.10 62.60
CA GLU F 800 -41.37 -21.98 63.02
C GLU F 800 -40.53 -23.20 62.69
N ALA F 801 -41.00 -24.09 61.81
CA ALA F 801 -40.28 -25.31 61.50
C ALA F 801 -39.41 -25.21 60.25
N VAL F 802 -39.41 -24.07 59.58
CA VAL F 802 -38.73 -23.97 58.28
C VAL F 802 -37.25 -23.65 58.42
N ARG F 803 -36.87 -22.84 59.40
CA ARG F 803 -35.47 -22.61 59.74
C ARG F 803 -34.63 -22.21 58.53
N ASN F 804 -35.26 -21.60 57.53
CA ASN F 804 -34.55 -21.09 56.36
C ASN F 804 -34.42 -19.58 56.47
N ASN F 805 -33.24 -19.05 56.14
CA ASN F 805 -32.89 -17.67 56.44
C ASN F 805 -33.14 -17.38 57.91
N SER F 806 -32.63 -18.29 58.77
CA SER F 806 -33.05 -18.33 60.16
C SER F 806 -32.78 -17.03 60.88
N GLY F 807 -31.57 -16.49 60.73
CA GLY F 807 -31.20 -15.29 61.44
C GLY F 807 -31.26 -14.00 60.64
N PHE F 808 -31.77 -14.05 59.41
CA PHE F 808 -31.71 -12.89 58.53
C PHE F 808 -33.08 -12.36 58.13
N ILE F 809 -34.16 -12.94 58.64
CA ILE F 809 -35.51 -12.49 58.35
C ILE F 809 -36.30 -12.46 59.66
N ALA F 810 -37.54 -11.98 59.57
CA ALA F 810 -38.42 -12.03 60.72
C ALA F 810 -38.77 -13.48 61.04
N PRO F 811 -39.08 -13.79 62.30
CA PRO F 811 -39.44 -15.17 62.64
C PRO F 811 -40.66 -15.62 61.83
N ARG F 812 -40.67 -16.90 61.50
CA ARG F 812 -41.76 -17.43 60.67
C ARG F 812 -43.10 -17.28 61.36
N SER F 813 -43.15 -17.49 62.68
CA SER F 813 -44.40 -17.30 63.40
C SER F 813 -44.81 -15.84 63.42
N TRP F 814 -43.84 -14.93 63.37
CA TRP F 814 -44.13 -13.51 63.38
C TRP F 814 -44.60 -13.06 62.00
N PRO F 815 -45.26 -11.90 61.91
CA PRO F 815 -45.58 -11.34 60.60
C PRO F 815 -44.33 -11.11 59.78
N VAL F 816 -44.47 -11.28 58.46
CA VAL F 816 -43.32 -11.21 57.56
C VAL F 816 -42.68 -9.83 57.62
N TRP F 817 -43.49 -8.78 57.78
CA TRP F 817 -43.02 -7.41 57.71
C TRP F 817 -42.58 -6.86 59.07
N SER F 818 -42.14 -7.73 59.98
CA SER F 818 -41.59 -7.31 61.24
C SER F 818 -40.05 -7.33 61.16
N ALA F 819 -39.43 -6.88 62.24
CA ALA F 819 -37.97 -6.82 62.30
C ALA F 819 -37.37 -8.22 62.32
N HIS F 820 -36.18 -8.34 61.74
CA HIS F 820 -35.53 -9.64 61.70
C HIS F 820 -35.03 -9.98 63.11
N GLN F 821 -34.86 -11.26 63.36
CA GLN F 821 -34.20 -11.70 64.58
C GLN F 821 -33.86 -13.17 64.41
N GLY F 822 -32.99 -13.66 65.30
CA GLY F 822 -32.60 -15.05 65.30
C GLY F 822 -31.10 -15.22 65.22
N GLU F 823 -30.69 -16.26 64.51
CA GLU F 823 -29.28 -16.59 64.36
C GLU F 823 -29.10 -17.43 63.11
N SER F 824 -27.90 -17.41 62.56
CA SER F 824 -27.62 -18.22 61.38
C SER F 824 -27.72 -19.70 61.72
N TRP F 825 -28.42 -20.44 60.88
CA TRP F 825 -28.69 -21.84 61.12
C TRP F 825 -28.92 -22.50 59.78
N PRO F 826 -28.47 -23.73 59.60
CA PRO F 826 -28.73 -24.42 58.32
C PRO F 826 -30.21 -24.58 58.07
N ALA F 827 -30.61 -24.39 56.81
CA ALA F 827 -31.99 -24.59 56.43
C ALA F 827 -32.33 -26.07 56.46
N ASN F 828 -33.55 -26.38 56.89
CA ASN F 828 -33.99 -27.77 56.96
C ASN F 828 -35.16 -28.09 56.05
N TRP F 829 -36.09 -27.15 55.85
CA TRP F 829 -37.31 -27.46 55.13
C TRP F 829 -37.09 -27.85 53.68
N PRO F 830 -36.51 -26.99 52.82
CA PRO F 830 -36.60 -27.26 51.38
C PRO F 830 -35.82 -28.50 51.00
N TYR F 831 -36.53 -29.58 50.69
CA TYR F 831 -35.86 -30.82 50.33
C TYR F 831 -35.24 -30.66 48.94
N PRO F 832 -33.95 -30.95 48.80
CA PRO F 832 -33.31 -30.77 47.49
C PRO F 832 -33.84 -31.74 46.46
N LEU F 833 -34.54 -31.22 45.45
CA LEU F 833 -35.05 -32.06 44.38
C LEU F 833 -34.04 -32.26 43.25
N CYS F 834 -32.90 -31.57 43.30
CA CYS F 834 -31.88 -31.66 42.27
C CYS F 834 -30.51 -31.71 42.94
N GLY F 835 -29.48 -31.91 42.12
CA GLY F 835 -28.12 -31.93 42.62
C GLY F 835 -27.70 -33.29 43.13
N GLN F 836 -26.43 -33.34 43.57
CA GLN F 836 -25.88 -34.59 44.10
C GLN F 836 -26.56 -35.01 45.40
N GLN F 837 -26.94 -34.04 46.23
CA GLN F 837 -27.56 -34.31 47.53
C GLN F 837 -29.08 -34.36 47.44
N ALA F 838 -29.62 -34.59 46.25
CA ALA F 838 -31.06 -34.66 46.08
C ALA F 838 -31.63 -35.92 46.73
N ILE F 839 -32.93 -35.89 47.01
CA ILE F 839 -33.60 -37.02 47.62
C ILE F 839 -33.76 -38.11 46.58
N GLN F 840 -34.11 -39.32 47.03
CA GLN F 840 -34.12 -40.48 46.15
C GLN F 840 -35.20 -40.34 45.08
N PRO F 841 -35.02 -40.96 43.92
CA PRO F 841 -36.02 -40.83 42.85
C PRO F 841 -37.40 -41.35 43.24
N GLY F 842 -37.47 -42.30 44.14
CA GLY F 842 -38.75 -42.80 44.60
C GLY F 842 -39.44 -41.95 45.63
N GLN F 843 -38.83 -40.83 46.02
CA GLN F 843 -39.39 -39.93 47.02
C GLN F 843 -39.87 -38.61 46.42
N VAL F 844 -40.06 -38.57 45.09
CA VAL F 844 -40.52 -37.37 44.42
C VAL F 844 -41.78 -37.71 43.63
N LEU F 845 -42.59 -36.69 43.38
CA LEU F 845 -43.85 -36.84 42.67
C LEU F 845 -43.84 -35.98 41.42
N SER F 846 -44.99 -35.93 40.74
CA SER F 846 -45.16 -35.07 39.58
C SER F 846 -46.56 -34.46 39.64
N TYR F 847 -46.66 -33.20 39.24
CA TYR F 847 -47.87 -32.41 39.41
C TYR F 847 -48.23 -31.67 38.13
N LYS F 848 -48.27 -32.38 37.00
CA LYS F 848 -48.65 -31.77 35.74
C LYS F 848 -50.01 -31.09 35.87
N LYS F 849 -50.05 -29.83 35.42
CA LYS F 849 -51.22 -28.98 35.60
C LYS F 849 -51.14 -27.82 34.62
N PHE F 850 -52.30 -27.34 34.19
CA PHE F 850 -52.37 -26.22 33.26
C PHE F 850 -53.25 -25.12 33.82
N LEU F 851 -52.89 -23.88 33.49
CA LEU F 851 -53.75 -22.73 33.71
C LEU F 851 -54.23 -22.19 32.37
N CYS F 852 -55.45 -21.66 32.36
CA CYS F 852 -56.03 -21.12 31.14
C CYS F 852 -56.91 -19.95 31.54
N ASP F 853 -56.39 -18.73 31.43
CA ASP F 853 -57.10 -17.53 31.84
C ASP F 853 -57.66 -16.82 30.61
N ASN F 854 -58.87 -16.29 30.76
CA ASN F 854 -59.55 -15.57 29.69
C ASN F 854 -59.72 -16.44 28.45
N TYR F 855 -60.30 -17.63 28.63
CA TYR F 855 -60.51 -18.46 27.45
C TYR F 855 -61.96 -18.84 27.18
N LEU F 856 -62.73 -19.22 28.20
CA LEU F 856 -64.13 -19.59 27.99
C LEU F 856 -64.26 -20.79 27.05
N TRP F 857 -63.89 -21.96 27.58
CA TRP F 857 -63.92 -23.24 26.87
C TRP F 857 -65.07 -23.32 25.87
N THR F 858 -64.78 -23.65 24.62
CA THR F 858 -65.78 -23.65 23.56
C THR F 858 -65.92 -25.05 22.97
N ILE F 859 -67.15 -25.52 22.85
CA ILE F 859 -67.47 -26.73 22.11
C ILE F 859 -68.38 -26.35 20.96
N PRO F 860 -67.97 -26.53 19.71
CA PRO F 860 -68.80 -26.12 18.58
C PRO F 860 -69.85 -27.18 18.28
N PHE F 861 -71.05 -26.72 17.94
CA PHE F 861 -72.14 -27.62 17.54
C PHE F 861 -71.98 -27.97 16.06
N SER F 862 -70.82 -28.52 15.73
CA SER F 862 -70.47 -28.89 14.37
C SER F 862 -70.20 -30.38 14.31
N SER F 863 -70.32 -30.93 13.09
CA SER F 863 -70.18 -32.38 12.91
C SER F 863 -68.76 -32.85 13.21
N ASP F 864 -67.75 -32.07 12.81
CA ASP F 864 -66.36 -32.46 12.96
C ASP F 864 -65.58 -31.48 13.83
N PHE F 865 -66.26 -30.69 14.66
CA PHE F 865 -65.66 -29.80 15.65
C PHE F 865 -64.80 -28.71 15.04
N MET F 866 -64.88 -28.51 13.72
CA MET F 866 -64.20 -27.38 13.08
C MET F 866 -65.23 -26.34 12.69
N TYR F 867 -64.73 -25.20 12.24
CA TYR F 867 -65.58 -24.10 11.81
C TYR F 867 -65.78 -24.19 10.29
N MET F 868 -67.05 -24.22 9.86
CA MET F 868 -67.38 -24.16 8.44
C MET F 868 -68.45 -23.11 8.17
N GLY F 869 -68.71 -22.22 9.10
CA GLY F 869 -69.69 -21.17 8.93
C GLY F 869 -70.31 -20.78 10.26
N GLU F 870 -70.87 -19.57 10.30
CA GLU F 870 -71.50 -19.09 11.52
C GLU F 870 -72.69 -19.96 11.90
N LEU F 871 -73.50 -20.35 10.93
CA LEU F 871 -74.60 -21.28 11.16
C LEU F 871 -74.03 -22.68 10.94
N THR F 872 -73.91 -23.44 12.03
CA THR F 872 -73.07 -24.63 12.03
C THR F 872 -73.66 -25.74 11.17
N ASP F 873 -72.91 -26.84 11.09
CA ASP F 873 -73.34 -28.01 10.31
C ASP F 873 -74.64 -28.58 10.84
N LEU F 874 -74.71 -28.81 12.15
CA LEU F 874 -75.90 -29.39 12.77
C LEU F 874 -76.95 -28.34 13.11
N GLY F 875 -76.64 -27.05 12.99
CA GLY F 875 -77.61 -26.02 13.30
C GLY F 875 -78.79 -26.02 12.34
N GLN F 876 -78.55 -26.44 11.09
CA GLN F 876 -79.60 -26.55 10.09
C GLN F 876 -79.93 -28.00 9.75
N ASN F 877 -79.42 -28.95 10.51
CA ASN F 877 -79.77 -30.35 10.29
C ASN F 877 -81.24 -30.54 10.61
N PRO F 878 -82.04 -31.04 9.65
CA PRO F 878 -83.49 -31.13 9.91
C PRO F 878 -83.85 -32.31 10.79
N MET F 879 -83.08 -32.49 11.86
CA MET F 879 -83.45 -33.37 12.96
C MET F 879 -83.40 -32.67 14.31
N TYR F 880 -82.59 -31.61 14.43
CA TYR F 880 -82.64 -30.72 15.57
C TYR F 880 -83.58 -29.54 15.29
N THR F 881 -83.37 -28.85 14.16
CA THR F 881 -84.11 -27.64 13.86
C THR F 881 -85.60 -27.88 13.69
N ASN F 882 -86.02 -29.10 13.41
CA ASN F 882 -87.44 -29.43 13.27
C ASN F 882 -88.01 -30.10 14.51
N ASN F 883 -87.38 -31.17 14.99
CA ASN F 883 -87.88 -31.92 16.13
C ASN F 883 -87.30 -31.37 17.42
N SER F 884 -88.12 -31.35 18.47
CA SER F 884 -87.68 -30.85 19.77
C SER F 884 -86.83 -31.87 20.50
N HIS F 885 -85.76 -31.37 21.13
CA HIS F 885 -84.87 -32.20 21.92
C HIS F 885 -84.55 -31.48 23.23
N SER F 886 -84.35 -32.27 24.29
CA SER F 886 -84.19 -31.75 25.65
C SER F 886 -82.86 -32.24 26.20
N MET F 887 -81.80 -31.49 25.93
CA MET F 887 -80.46 -31.94 26.29
C MET F 887 -80.19 -31.80 27.79
N VAL F 888 -79.28 -32.64 28.28
CA VAL F 888 -78.86 -32.64 29.67
C VAL F 888 -77.34 -32.54 29.70
N ILE F 889 -76.81 -31.60 30.47
CA ILE F 889 -75.38 -31.35 30.54
C ILE F 889 -74.91 -31.63 31.97
N ASN F 890 -73.92 -32.52 32.10
CA ASN F 890 -73.35 -32.88 33.38
C ASN F 890 -71.92 -32.37 33.45
N PHE F 891 -71.62 -31.62 34.50
CA PHE F 891 -70.27 -31.12 34.76
C PHE F 891 -69.70 -31.76 36.01
N GLU F 892 -68.42 -32.12 35.96
CA GLU F 892 -67.65 -32.46 37.14
C GLU F 892 -66.56 -31.42 37.30
N LEU F 893 -66.47 -30.82 38.48
CA LEU F 893 -65.62 -29.68 38.72
C LEU F 893 -64.67 -29.97 39.87
N ASP F 894 -63.52 -29.31 39.86
CA ASP F 894 -62.65 -29.35 41.01
C ASP F 894 -63.30 -28.56 42.15
N PRO F 895 -63.43 -29.13 43.34
CA PRO F 895 -64.10 -28.41 44.43
C PRO F 895 -63.34 -27.16 44.83
N MET F 896 -64.09 -26.15 45.24
CA MET F 896 -63.53 -24.91 45.75
C MET F 896 -64.03 -24.65 47.16
N ASP F 897 -63.63 -23.50 47.71
CA ASP F 897 -63.94 -23.14 49.09
C ASP F 897 -64.98 -22.04 49.19
N ASP F 898 -65.64 -21.69 48.09
CA ASP F 898 -66.65 -20.63 48.09
C ASP F 898 -67.63 -20.90 46.97
N PRO F 899 -68.89 -20.47 47.10
CA PRO F 899 -69.87 -20.77 46.06
C PRO F 899 -69.54 -20.04 44.76
N THR F 900 -69.70 -20.75 43.65
CA THR F 900 -69.43 -20.23 42.32
C THR F 900 -70.57 -20.61 41.39
N TYR F 901 -70.71 -19.83 40.33
CA TYR F 901 -71.57 -20.21 39.22
C TYR F 901 -70.77 -20.93 38.15
N VAL F 902 -71.48 -21.62 37.27
CA VAL F 902 -70.90 -22.16 36.05
C VAL F 902 -71.48 -21.36 34.91
N TYR F 903 -70.70 -20.38 34.44
CA TYR F 903 -71.16 -19.43 33.43
C TYR F 903 -71.17 -20.14 32.08
N MET F 904 -72.35 -20.57 31.65
CA MET F 904 -72.51 -21.35 30.43
C MET F 904 -73.06 -20.46 29.32
N LEU F 905 -72.46 -20.53 28.15
CA LEU F 905 -72.89 -19.77 26.98
C LEU F 905 -73.40 -20.75 25.93
N TYR F 906 -74.62 -20.55 25.48
CA TYR F 906 -75.14 -21.33 24.37
C TYR F 906 -74.83 -20.61 23.07
N GLY F 907 -75.12 -21.24 21.94
CA GLY F 907 -74.84 -20.61 20.68
C GLY F 907 -76.09 -20.08 20.02
N VAL F 908 -76.29 -18.77 20.06
CA VAL F 908 -77.54 -18.18 19.58
C VAL F 908 -77.22 -17.09 18.57
N PHE F 909 -78.14 -16.88 17.64
CA PHE F 909 -78.10 -15.73 16.75
C PHE F 909 -79.02 -14.64 17.28
N ASP F 910 -78.62 -14.05 18.41
CA ASP F 910 -79.44 -12.99 18.98
C ASP F 910 -79.37 -11.75 18.09
N THR F 911 -80.34 -11.62 17.19
CA THR F 911 -80.27 -10.67 16.10
C THR F 911 -81.42 -9.68 16.18
N VAL F 912 -81.36 -8.70 15.28
CA VAL F 912 -82.39 -7.67 15.14
C VAL F 912 -82.32 -7.15 13.71
N ARG F 913 -83.49 -6.87 13.13
CA ARG F 913 -83.57 -6.08 11.92
C ARG F 913 -84.47 -4.89 12.20
N VAL F 914 -84.02 -3.70 11.82
CA VAL F 914 -84.64 -2.46 12.23
C VAL F 914 -85.38 -1.88 11.04
N ASN F 915 -86.70 -1.87 11.10
CA ASN F 915 -87.53 -1.29 10.06
C ASN F 915 -87.87 0.14 10.44
N GLN F 916 -87.57 1.08 9.55
CA GLN F 916 -87.91 2.49 9.73
C GLN F 916 -88.73 2.94 8.53
N PRO F 917 -90.01 2.54 8.47
CA PRO F 917 -90.79 2.75 7.24
C PRO F 917 -90.99 4.20 6.88
N GLU F 918 -90.85 5.13 7.83
CA GLU F 918 -91.05 6.54 7.53
C GLU F 918 -90.26 7.36 8.54
N ARG F 919 -90.32 8.68 8.35
CA ARG F 919 -89.76 9.64 9.29
C ARG F 919 -90.33 9.38 10.68
N ASN F 920 -89.46 9.51 11.68
CA ASN F 920 -89.74 9.23 13.11
C ASN F 920 -90.74 8.10 13.30
N VAL F 921 -90.51 7.01 12.56
CA VAL F 921 -91.08 5.69 12.86
C VAL F 921 -89.94 4.71 13.04
N LEU F 922 -89.96 3.98 14.15
CA LEU F 922 -88.87 3.06 14.48
C LEU F 922 -89.48 1.77 15.01
N ALA F 923 -89.03 0.64 14.45
CA ALA F 923 -89.53 -0.67 14.87
C ALA F 923 -88.40 -1.68 14.76
N MET F 924 -88.20 -2.46 15.83
CA MET F 924 -87.23 -3.54 15.85
C MET F 924 -87.93 -4.86 16.14
N ALA F 925 -87.55 -5.90 15.41
CA ALA F 925 -87.98 -7.26 15.67
C ALA F 925 -86.79 -8.09 16.07
N TYR F 926 -86.80 -8.59 17.29
CA TYR F 926 -85.69 -9.42 17.78
C TYR F 926 -85.94 -10.88 17.43
N PHE F 927 -84.85 -11.64 17.39
CA PHE F 927 -84.94 -13.08 17.18
C PHE F 927 -83.69 -13.74 17.70
N ARG F 928 -83.85 -14.71 18.59
CA ARG F 928 -82.75 -15.52 19.11
C ARG F 928 -83.08 -16.96 18.77
N THR F 929 -82.17 -17.63 18.06
CA THR F 929 -82.59 -18.81 17.29
C THR F 929 -82.87 -20.03 18.15
N PRO F 930 -81.96 -20.53 19.02
CA PRO F 930 -82.34 -21.68 19.84
C PRO F 930 -83.26 -21.29 20.99
N PHE F 931 -82.88 -20.22 21.70
CA PHE F 931 -83.55 -19.78 22.91
C PHE F 931 -84.21 -18.44 22.62
N ALA F 932 -85.44 -18.46 22.13
CA ALA F 932 -86.13 -17.23 21.76
C ALA F 932 -86.90 -16.61 22.92
N THR F 933 -87.48 -17.42 23.80
CA THR F 933 -88.33 -16.88 24.86
C THR F 933 -87.52 -16.06 25.85
N GLY F 934 -86.27 -16.46 26.12
CA GLY F 934 -85.38 -15.65 26.92
C GLY F 934 -85.72 -15.54 28.39
N ASN F 935 -85.61 -16.65 29.13
CA ASN F 935 -85.80 -16.58 30.56
C ASN F 935 -84.60 -15.92 31.22
N ALA F 936 -84.81 -15.42 32.44
CA ALA F 936 -83.75 -14.75 33.18
C ALA F 936 -82.69 -15.75 33.63
N LEU G 8 -9.55 -49.98 -42.79
CA LEU G 8 -10.72 -50.07 -41.94
C LEU G 8 -11.79 -50.94 -42.59
N THR G 9 -11.92 -52.19 -42.13
CA THR G 9 -12.88 -53.12 -42.72
C THR G 9 -13.63 -53.95 -41.69
N THR G 10 -13.52 -53.64 -40.39
CA THR G 10 -14.08 -54.56 -39.39
C THR G 10 -15.22 -53.96 -38.57
N ALA G 11 -15.05 -52.74 -38.05
CA ALA G 11 -16.07 -52.07 -37.27
C ALA G 11 -16.54 -52.91 -36.07
N THR G 12 -15.65 -53.18 -35.14
CA THR G 12 -15.89 -54.00 -33.97
C THR G 12 -16.17 -53.11 -32.75
N PRO G 13 -17.08 -53.53 -31.86
CA PRO G 13 -17.46 -52.71 -30.72
C PRO G 13 -16.43 -52.61 -29.61
N ARG G 14 -15.18 -53.03 -29.85
CA ARG G 14 -14.03 -52.76 -29.00
C ARG G 14 -14.07 -53.58 -27.72
N LEU G 15 -15.19 -54.24 -27.45
CA LEU G 15 -15.25 -55.23 -26.37
C LEU G 15 -15.38 -56.65 -26.88
N GLN G 16 -15.99 -56.82 -28.06
CA GLN G 16 -15.91 -58.10 -28.76
C GLN G 16 -14.52 -58.32 -29.33
N TYR G 17 -13.78 -57.25 -29.60
CA TYR G 17 -12.41 -57.40 -30.07
C TYR G 17 -11.54 -58.08 -29.02
N PHE G 18 -11.66 -57.65 -27.77
CA PHE G 18 -10.87 -58.20 -26.68
C PHE G 18 -11.60 -59.32 -25.95
N HIS G 19 -12.76 -59.75 -26.44
CA HIS G 19 -13.52 -60.85 -25.87
C HIS G 19 -13.87 -60.59 -24.42
N ILE G 20 -14.10 -59.32 -24.10
CA ILE G 20 -14.58 -58.94 -22.77
C ILE G 20 -16.08 -59.13 -22.68
N ALA G 21 -16.79 -58.87 -23.78
CA ALA G 21 -18.22 -59.13 -23.90
C ALA G 21 -18.51 -59.81 -25.22
N GLY G 22 -17.57 -60.61 -25.70
CA GLY G 22 -17.65 -61.19 -27.03
C GLY G 22 -18.66 -62.31 -27.10
N PRO G 23 -18.89 -62.78 -28.33
CA PRO G 23 -19.79 -63.93 -28.51
C PRO G 23 -19.34 -65.16 -27.75
N GLY G 24 -18.03 -65.42 -27.69
CA GLY G 24 -17.53 -66.58 -26.99
C GLY G 24 -16.57 -67.41 -27.82
N THR G 25 -15.71 -68.18 -27.15
CA THR G 25 -14.68 -68.93 -27.84
C THR G 25 -15.28 -69.95 -28.80
N ARG G 26 -16.41 -70.55 -28.42
CA ARG G 26 -17.01 -71.59 -29.26
C ARG G 26 -17.54 -71.05 -30.57
N GLU G 27 -17.65 -69.73 -30.72
CA GLU G 27 -18.24 -69.16 -31.93
C GLU G 27 -17.45 -67.98 -32.49
N TYR G 28 -16.17 -67.84 -32.15
CA TYR G 28 -15.31 -66.92 -32.88
C TYR G 28 -14.04 -67.55 -33.40
N LEU G 29 -13.56 -68.63 -32.80
CA LEU G 29 -12.48 -69.40 -33.42
C LEU G 29 -12.99 -70.08 -34.68
N SER G 30 -12.08 -70.31 -35.62
CA SER G 30 -12.43 -71.05 -36.81
C SER G 30 -12.82 -72.47 -36.44
N GLU G 31 -13.80 -73.03 -37.17
CA GLU G 31 -14.24 -74.39 -36.87
C GLU G 31 -13.10 -75.37 -37.00
N ASP G 32 -12.21 -75.17 -37.98
CA ASP G 32 -11.02 -76.01 -38.08
C ASP G 32 -10.07 -75.79 -36.90
N LEU G 33 -9.96 -74.55 -36.40
CA LEU G 33 -9.16 -74.32 -35.20
C LEU G 33 -9.74 -75.03 -34.00
N GLN G 34 -11.07 -74.97 -33.83
CA GLN G 34 -11.68 -75.68 -32.71
C GLN G 34 -11.50 -77.17 -32.84
N GLN G 35 -11.60 -77.70 -34.06
CA GLN G 35 -11.34 -79.12 -34.28
C GLN G 35 -9.90 -79.49 -33.94
N PHE G 36 -8.96 -78.63 -34.31
CA PHE G 36 -7.55 -78.88 -34.00
C PHE G 36 -7.31 -78.86 -32.50
N ILE G 37 -7.93 -77.91 -31.80
CA ILE G 37 -7.77 -77.84 -30.35
C ILE G 37 -8.37 -79.07 -29.68
N SER G 38 -9.55 -79.50 -30.15
CA SER G 38 -10.18 -80.68 -29.59
C SER G 38 -9.35 -81.93 -29.85
N ALA G 39 -8.83 -82.09 -31.07
CA ALA G 39 -8.05 -83.27 -31.41
C ALA G 39 -6.73 -83.31 -30.65
N THR G 40 -5.98 -82.21 -30.71
CA THR G 40 -4.70 -82.10 -30.00
C THR G 40 -4.90 -81.42 -28.64
N GLY G 41 -5.82 -81.93 -27.84
CA GLY G 41 -6.11 -81.31 -26.56
C GLY G 41 -5.59 -82.10 -25.38
N SER G 42 -5.21 -83.35 -25.62
CA SER G 42 -4.72 -84.21 -24.56
C SER G 42 -3.24 -84.03 -24.28
N TYR G 43 -2.49 -83.40 -25.18
CA TYR G 43 -1.05 -83.24 -24.99
C TYR G 43 -0.52 -81.85 -25.29
N PHE G 44 -1.22 -81.03 -26.08
CA PHE G 44 -0.76 -79.70 -26.46
C PHE G 44 -1.93 -78.73 -26.31
N ASP G 45 -2.10 -78.18 -25.10
CA ASP G 45 -3.29 -77.39 -24.84
C ASP G 45 -3.22 -76.02 -25.53
N LEU G 46 -4.39 -75.51 -25.89
CA LEU G 46 -4.50 -74.20 -26.51
C LEU G 46 -5.67 -73.40 -25.98
N LYS G 47 -6.39 -73.90 -24.98
CA LYS G 47 -7.59 -73.22 -24.50
C LYS G 47 -7.24 -71.96 -23.71
N ASN G 48 -6.10 -71.96 -23.03
CA ASN G 48 -5.70 -70.82 -22.21
C ASN G 48 -5.21 -69.63 -23.04
N LYS G 49 -5.03 -69.80 -24.34
CA LYS G 49 -4.53 -68.74 -25.21
C LYS G 49 -5.63 -67.91 -25.84
N PHE G 50 -6.89 -68.32 -25.70
CA PHE G 50 -8.02 -67.60 -26.26
C PHE G 50 -8.96 -67.23 -25.13
N ARG G 51 -9.26 -65.95 -25.00
CA ARG G 51 -10.03 -65.47 -23.85
C ARG G 51 -11.53 -65.61 -24.09
N GLN G 52 -12.22 -66.10 -23.07
CA GLN G 52 -13.68 -66.17 -23.06
C GLN G 52 -14.18 -65.61 -21.75
N THR G 53 -15.14 -64.70 -21.81
CA THR G 53 -15.66 -64.04 -20.62
C THR G 53 -17.16 -64.25 -20.55
N VAL G 54 -17.64 -64.71 -19.40
CA VAL G 54 -19.06 -64.85 -19.14
C VAL G 54 -19.59 -63.52 -18.62
N VAL G 55 -20.76 -63.13 -19.12
CA VAL G 55 -21.29 -61.78 -18.97
C VAL G 55 -22.54 -61.85 -18.10
N ALA G 56 -22.63 -60.92 -17.14
CA ALA G 56 -23.76 -60.90 -16.23
C ALA G 56 -25.04 -60.53 -16.98
N PRO G 57 -26.20 -61.00 -16.50
CA PRO G 57 -27.45 -60.78 -17.24
C PRO G 57 -27.84 -59.32 -17.40
N THR G 58 -27.30 -58.43 -16.56
CA THR G 58 -27.40 -56.97 -16.64
C THR G 58 -28.83 -56.45 -16.74
N ARG G 59 -29.83 -57.30 -16.55
CA ARG G 59 -31.21 -56.84 -16.61
C ARG G 59 -32.13 -57.92 -16.07
N ASN G 60 -33.22 -57.50 -15.42
CA ASN G 60 -34.27 -58.39 -14.94
C ASN G 60 -33.71 -59.37 -13.92
N VAL G 61 -32.73 -58.92 -13.15
CA VAL G 61 -32.15 -59.75 -12.10
C VAL G 61 -32.02 -59.01 -10.77
N THR G 62 -32.11 -57.69 -10.73
CA THR G 62 -32.01 -56.96 -9.47
C THR G 62 -32.86 -55.70 -9.58
N THR G 63 -33.68 -55.44 -8.56
CA THR G 63 -34.57 -54.29 -8.58
C THR G 63 -33.79 -53.00 -8.38
N GLU G 64 -34.31 -51.91 -8.96
CA GLU G 64 -33.77 -50.59 -8.72
C GLU G 64 -34.39 -49.91 -7.51
N LYS G 65 -35.43 -50.49 -6.94
CA LYS G 65 -36.06 -49.91 -5.76
C LYS G 65 -35.17 -50.10 -4.54
N ALA G 66 -35.34 -49.21 -3.56
CA ALA G 66 -34.59 -49.33 -2.32
C ALA G 66 -35.08 -50.54 -1.54
N GLN G 67 -34.19 -51.51 -1.33
CA GLN G 67 -34.54 -52.74 -0.65
C GLN G 67 -33.37 -53.18 0.22
N ARG G 68 -33.69 -53.63 1.43
CA ARG G 68 -32.68 -54.05 2.40
C ARG G 68 -32.15 -55.44 2.05
N LEU G 69 -30.82 -55.57 2.00
CA LEU G 69 -30.21 -56.87 1.77
C LEU G 69 -30.45 -57.82 2.94
N GLN G 70 -30.39 -57.30 4.17
CA GLN G 70 -30.31 -58.12 5.35
C GLN G 70 -31.16 -57.48 6.43
N ILE G 71 -32.31 -58.08 6.74
CA ILE G 71 -33.25 -57.54 7.71
C ILE G 71 -33.12 -58.31 9.00
N ARG G 72 -33.04 -57.59 10.11
CA ARG G 72 -33.02 -58.21 11.44
C ARG G 72 -34.41 -58.11 12.05
N PHE G 73 -34.88 -59.22 12.59
CA PHE G 73 -36.19 -59.30 13.22
C PHE G 73 -36.00 -59.41 14.72
N TYR G 74 -36.65 -58.56 15.46
CA TYR G 74 -36.56 -58.57 16.90
C TYR G 74 -37.86 -59.10 17.51
N PRO G 75 -37.79 -59.74 18.67
CA PRO G 75 -38.93 -60.49 19.17
C PRO G 75 -40.14 -59.61 19.46
N ILE G 76 -41.32 -60.19 19.26
CA ILE G 76 -42.56 -59.61 19.76
C ILE G 76 -42.80 -60.00 21.20
N GLN G 77 -42.64 -61.28 21.51
CA GLN G 77 -42.80 -61.82 22.85
C GLN G 77 -41.50 -62.46 23.27
N THR G 78 -41.18 -62.36 24.56
CA THR G 78 -39.97 -62.96 25.12
C THR G 78 -40.27 -64.14 26.02
N ASP G 79 -41.10 -63.97 27.04
CA ASP G 79 -41.52 -65.05 27.93
C ASP G 79 -40.31 -65.81 28.48
N ASP G 80 -39.56 -65.10 29.32
CA ASP G 80 -38.43 -65.73 30.01
C ASP G 80 -38.91 -66.72 31.05
N THR G 81 -38.25 -67.88 31.10
CA THR G 81 -38.55 -68.91 32.08
C THR G 81 -37.23 -69.45 32.63
N SER G 82 -37.35 -70.33 33.62
CA SER G 82 -36.17 -70.94 34.22
C SER G 82 -35.54 -72.00 33.33
N THR G 83 -36.36 -72.71 32.54
CA THR G 83 -35.86 -73.78 31.70
C THR G 83 -35.57 -73.33 30.27
N GLY G 84 -36.23 -72.27 29.79
CA GLY G 84 -36.08 -71.84 28.42
C GLY G 84 -36.23 -70.34 28.27
N TYR G 85 -35.85 -69.88 27.08
CA TYR G 85 -36.00 -68.48 26.67
C TYR G 85 -36.71 -68.46 25.32
N ARG G 86 -37.99 -68.14 25.34
CA ARG G 86 -38.79 -68.12 24.12
C ARG G 86 -38.52 -66.85 23.33
N VAL G 87 -38.76 -66.92 22.02
CA VAL G 87 -38.72 -65.77 21.13
C VAL G 87 -39.85 -65.90 20.12
N ARG G 88 -40.49 -64.77 19.79
CA ARG G 88 -41.55 -64.74 18.80
C ARG G 88 -41.29 -63.59 17.84
N TYR G 89 -41.18 -63.90 16.56
CA TYR G 89 -40.89 -62.91 15.54
C TYR G 89 -42.04 -62.83 14.56
N ASN G 90 -42.08 -61.73 13.81
CA ASN G 90 -43.06 -61.54 12.74
C ASN G 90 -42.28 -61.24 11.47
N ILE G 91 -42.09 -62.28 10.65
CA ILE G 91 -41.31 -62.15 9.42
C ILE G 91 -42.25 -61.59 8.35
N ASN G 92 -42.16 -60.27 8.10
CA ASN G 92 -42.97 -59.62 7.08
C ASN G 92 -42.23 -59.72 5.76
N VAL G 93 -42.68 -60.60 4.89
CA VAL G 93 -42.13 -60.77 3.55
C VAL G 93 -43.12 -60.18 2.57
N GLY G 94 -42.77 -59.04 1.98
CA GLY G 94 -43.67 -58.35 1.09
C GLY G 94 -43.73 -58.97 -0.29
N ASP G 95 -44.60 -58.40 -1.12
CA ASP G 95 -44.66 -58.82 -2.52
C ASP G 95 -43.35 -58.52 -3.21
N GLY G 96 -42.97 -59.40 -4.14
CA GLY G 96 -41.69 -59.28 -4.80
C GLY G 96 -40.52 -59.81 -4.00
N TRP G 97 -40.76 -60.35 -2.82
CA TRP G 97 -39.71 -60.88 -1.96
C TRP G 97 -39.87 -62.40 -1.83
N VAL G 98 -38.74 -63.09 -1.81
CA VAL G 98 -38.70 -64.51 -1.48
C VAL G 98 -37.63 -64.70 -0.42
N LEU G 99 -37.98 -65.38 0.66
CA LEU G 99 -37.08 -65.58 1.79
C LEU G 99 -36.73 -67.06 1.88
N ASP G 100 -35.44 -67.36 1.81
CA ASP G 100 -34.94 -68.70 2.03
C ASP G 100 -34.61 -68.85 3.51
N MET G 101 -35.30 -69.77 4.18
CA MET G 101 -35.09 -69.94 5.61
C MET G 101 -33.71 -70.49 5.94
N GLY G 102 -32.96 -70.97 4.93
CA GLY G 102 -31.59 -71.35 5.17
C GLY G 102 -30.73 -70.18 5.61
N SER G 103 -31.03 -68.99 5.10
CA SER G 103 -30.30 -67.78 5.48
C SER G 103 -30.72 -67.23 6.82
N THR G 104 -31.78 -67.77 7.42
CA THR G 104 -32.30 -67.28 8.68
C THR G 104 -31.61 -67.97 9.84
N TYR G 105 -31.09 -67.18 10.77
CA TYR G 105 -30.45 -67.69 11.98
C TYR G 105 -30.77 -66.78 13.14
N PHE G 106 -30.44 -67.24 14.35
CA PHE G 106 -30.74 -66.52 15.58
C PHE G 106 -29.48 -65.80 16.04
N ASP G 107 -29.52 -64.47 16.03
CA ASP G 107 -28.40 -63.66 16.49
C ASP G 107 -28.52 -63.52 18.01
N ILE G 108 -27.84 -64.40 18.74
CA ILE G 108 -28.00 -64.51 20.18
C ILE G 108 -26.76 -63.95 20.86
N LYS G 109 -26.98 -63.03 21.80
CA LYS G 109 -25.91 -62.55 22.66
C LYS G 109 -26.45 -62.44 24.07
N GLY G 110 -25.57 -62.62 25.05
CA GLY G 110 -26.00 -62.58 26.43
C GLY G 110 -24.83 -62.75 27.38
N ILE G 111 -25.14 -63.16 28.60
CA ILE G 111 -24.17 -63.32 29.67
C ILE G 111 -24.02 -64.81 29.95
N LEU G 112 -22.79 -65.31 29.89
CA LEU G 112 -22.51 -66.71 30.14
C LEU G 112 -21.59 -66.84 31.35
N ASP G 113 -21.99 -67.68 32.30
CA ASP G 113 -21.16 -68.04 33.44
C ASP G 113 -20.83 -69.52 33.30
N ARG G 114 -19.55 -69.82 33.16
CA ARG G 114 -19.12 -71.20 32.94
C ARG G 114 -18.70 -71.90 34.22
N GLY G 115 -18.86 -71.25 35.37
CA GLY G 115 -18.65 -71.90 36.65
C GLY G 115 -17.19 -72.04 37.02
N PRO G 116 -16.92 -72.38 38.28
CA PRO G 116 -15.52 -72.60 38.69
C PRO G 116 -14.87 -73.79 38.02
N SER G 117 -15.66 -74.72 37.47
CA SER G 117 -15.13 -75.92 36.84
C SER G 117 -14.77 -75.67 35.38
N PHE G 118 -13.96 -74.64 35.13
CA PHE G 118 -13.58 -74.28 33.77
C PHE G 118 -12.09 -73.93 33.76
N LYS G 119 -11.26 -74.88 33.36
CA LYS G 119 -9.85 -74.62 33.13
C LYS G 119 -9.56 -74.65 31.64
N PRO G 120 -9.34 -73.50 31.00
CA PRO G 120 -9.07 -73.49 29.56
C PRO G 120 -7.67 -73.97 29.19
N TYR G 121 -6.91 -74.49 30.14
CA TYR G 121 -5.52 -74.82 29.90
C TYR G 121 -5.09 -75.95 30.83
N CYS G 122 -4.14 -76.75 30.36
CA CYS G 122 -3.55 -77.79 31.18
C CYS G 122 -2.36 -77.23 31.95
N GLY G 123 -2.25 -77.60 33.21
CA GLY G 123 -1.20 -77.06 34.06
C GLY G 123 -1.65 -75.84 34.82
N THR G 124 -0.67 -75.16 35.40
CA THR G 124 -0.90 -73.97 36.21
C THR G 124 -0.16 -72.78 35.62
N ALA G 125 -0.68 -71.58 35.89
CA ALA G 125 -0.08 -70.34 35.46
C ALA G 125 0.75 -69.69 36.55
N TYR G 126 0.95 -70.36 37.68
CA TYR G 126 1.62 -69.79 38.84
C TYR G 126 2.78 -70.70 39.22
N ASN G 127 4.00 -70.20 39.06
CA ASN G 127 5.21 -71.00 39.24
C ASN G 127 5.11 -72.37 38.57
N PRO G 128 4.81 -72.43 37.28
CA PRO G 128 4.71 -73.74 36.62
C PRO G 128 6.00 -74.53 36.64
N LEU G 129 7.15 -73.86 36.54
CA LEU G 129 8.43 -74.56 36.57
C LEU G 129 8.83 -74.99 37.97
N ALA G 130 8.14 -74.51 39.00
CA ALA G 130 8.41 -74.96 40.35
C ALA G 130 8.12 -76.45 40.47
N PRO G 131 9.02 -77.23 41.05
CA PRO G 131 8.71 -78.65 41.31
C PRO G 131 7.47 -78.77 42.20
N LYS G 132 6.69 -79.82 41.94
CA LYS G 132 5.38 -79.96 42.56
C LYS G 132 5.47 -80.01 44.09
N GLU G 133 6.60 -80.41 44.64
CA GLU G 133 6.78 -80.55 46.08
C GLU G 133 7.65 -79.45 46.68
N SER G 134 7.87 -78.36 45.95
CA SER G 134 8.69 -77.27 46.43
C SER G 134 7.93 -76.42 47.45
N MET G 135 8.66 -75.52 48.10
CA MET G 135 8.10 -74.60 49.08
C MET G 135 8.72 -73.23 48.89
N PHE G 136 7.87 -72.19 48.95
CA PHE G 136 8.27 -70.84 48.55
C PHE G 136 8.87 -70.08 49.75
N ASN G 137 10.06 -70.51 50.15
CA ASN G 137 10.84 -69.79 51.16
C ASN G 137 10.04 -69.67 52.46
N ASN G 138 9.83 -70.83 53.09
CA ASN G 138 8.99 -70.96 54.27
C ASN G 138 9.36 -69.95 55.34
N TRP G 139 8.34 -69.56 56.13
CA TRP G 139 8.56 -68.85 57.38
C TRP G 139 7.34 -69.13 58.25
N SER G 140 7.48 -70.07 59.19
CA SER G 140 6.40 -70.46 60.07
C SER G 140 6.75 -70.10 61.51
N GLU G 141 5.84 -69.41 62.19
CA GLU G 141 6.06 -69.01 63.56
C GLU G 141 4.72 -68.98 64.29
N THR G 142 4.79 -69.12 65.61
CA THR G 142 3.59 -69.00 66.44
C THR G 142 3.23 -67.54 66.66
N ALA G 143 4.16 -66.77 67.22
CA ALA G 143 4.03 -65.33 67.38
C ALA G 143 5.34 -64.70 66.95
N PRO G 144 5.32 -63.44 66.51
CA PRO G 144 6.55 -62.83 65.96
C PRO G 144 7.65 -62.72 67.01
N GLY G 145 8.78 -63.37 66.73
CA GLY G 145 9.92 -63.40 67.60
C GLY G 145 10.06 -64.68 68.40
N GLN G 146 8.96 -65.39 68.61
CA GLN G 146 8.93 -66.66 69.32
C GLN G 146 9.18 -67.80 68.33
N ASN G 147 8.84 -69.02 68.72
CA ASN G 147 9.20 -70.24 67.99
C ASN G 147 8.95 -70.08 66.49
N VAL G 148 10.02 -70.14 65.70
CA VAL G 148 9.95 -69.88 64.28
C VAL G 148 10.75 -70.95 63.53
N SER G 149 10.15 -71.49 62.47
CA SER G 149 10.81 -72.39 61.55
C SER G 149 10.70 -71.82 60.14
N ALA G 150 11.81 -71.73 59.43
CA ALA G 150 11.82 -71.08 58.13
C ALA G 150 12.92 -71.71 57.27
N SER G 151 12.54 -72.17 56.08
CA SER G 151 13.48 -72.77 55.14
C SER G 151 13.30 -72.08 53.80
N GLY G 152 14.42 -71.63 53.21
CA GLY G 152 14.35 -71.00 51.91
C GLY G 152 15.74 -70.60 51.45
N GLN G 153 15.78 -70.05 50.23
CA GLN G 153 17.01 -69.56 49.65
C GLN G 153 17.23 -68.11 50.07
N LEU G 154 18.49 -67.76 50.28
CA LEU G 154 18.90 -66.39 50.54
C LEU G 154 19.75 -65.95 49.35
N SER G 155 19.14 -65.21 48.43
CA SER G 155 19.72 -64.97 47.11
C SER G 155 20.47 -63.65 47.04
N ASN G 156 19.81 -62.54 47.39
CA ASN G 156 20.40 -61.22 47.20
C ASN G 156 21.63 -61.04 48.08
N VAL G 157 22.65 -60.38 47.52
CA VAL G 157 23.88 -60.09 48.23
C VAL G 157 24.17 -58.60 48.11
N TYR G 158 24.88 -58.06 49.10
CA TYR G 158 25.14 -56.62 49.12
C TYR G 158 26.54 -56.29 49.59
N THR G 159 27.51 -57.16 49.31
CA THR G 159 28.94 -56.96 49.59
C THR G 159 29.17 -56.22 50.91
N ASN G 160 28.66 -56.81 51.98
CA ASN G 160 28.71 -56.16 53.29
C ASN G 160 30.11 -56.15 53.86
N THR G 161 30.38 -55.16 54.71
CA THR G 161 31.51 -55.19 55.62
C THR G 161 30.97 -55.62 56.98
N SER G 162 31.32 -56.83 57.40
CA SER G 162 30.71 -57.40 58.59
C SER G 162 31.25 -56.71 59.85
N THR G 163 30.84 -57.23 61.01
CA THR G 163 31.15 -56.70 62.33
C THR G 163 30.58 -55.30 62.55
N THR G 164 29.68 -54.84 61.69
CA THR G 164 29.03 -53.55 61.88
C THR G 164 27.70 -53.56 61.15
N LYS G 165 26.82 -52.66 61.56
CA LYS G 165 25.48 -52.55 61.00
C LYS G 165 25.40 -51.69 59.76
N ASP G 166 26.48 -50.97 59.42
CA ASP G 166 26.38 -49.94 58.39
C ASP G 166 25.96 -50.52 57.05
N THR G 167 26.55 -51.64 56.66
CA THR G 167 26.19 -52.26 55.39
C THR G 167 24.87 -53.02 55.45
N THR G 168 24.53 -53.57 56.61
CA THR G 168 23.30 -54.35 56.73
C THR G 168 22.08 -53.49 57.06
N ALA G 169 22.24 -52.50 57.94
CA ALA G 169 21.12 -51.60 58.22
C ALA G 169 20.74 -50.78 57.00
N ALA G 170 21.69 -50.52 56.11
CA ALA G 170 21.37 -49.83 54.86
C ALA G 170 20.41 -50.66 54.03
N GLN G 171 20.61 -51.97 53.98
CA GLN G 171 19.67 -52.83 53.27
C GLN G 171 18.36 -52.96 54.04
N VAL G 172 18.43 -53.01 55.37
CA VAL G 172 17.23 -53.15 56.18
C VAL G 172 16.31 -51.96 55.99
N THR G 173 16.86 -50.76 55.83
CA THR G 173 16.04 -49.60 55.54
C THR G 173 15.27 -49.74 54.24
N LYS G 174 15.74 -50.59 53.31
CA LYS G 174 15.05 -50.82 52.06
C LYS G 174 14.09 -52.01 52.13
N ILE G 175 14.09 -52.76 53.22
CA ILE G 175 13.21 -53.92 53.34
C ILE G 175 11.75 -53.49 53.31
N SER G 176 11.44 -52.31 53.83
CA SER G 176 10.05 -51.86 53.93
C SER G 176 9.37 -51.76 52.58
N GLY G 177 10.12 -51.71 51.49
CA GLY G 177 9.57 -51.68 50.16
C GLY G 177 9.58 -53.05 49.50
N VAL G 178 9.67 -53.04 48.16
CA VAL G 178 9.75 -54.26 47.37
C VAL G 178 11.19 -54.72 47.16
N PHE G 179 12.15 -54.06 47.81
CA PHE G 179 13.55 -54.22 47.47
C PHE G 179 14.06 -55.66 47.44
N PRO G 180 13.73 -56.55 48.39
CA PRO G 180 14.27 -57.91 48.31
C PRO G 180 14.00 -58.59 46.97
N ASN G 181 12.81 -58.38 46.39
CA ASN G 181 12.53 -58.72 45.00
C ASN G 181 12.92 -60.15 44.67
N PRO G 182 12.13 -61.14 45.11
CA PRO G 182 12.53 -62.55 44.96
C PRO G 182 12.95 -62.96 43.55
N ASN G 183 12.65 -62.12 42.55
CA ASN G 183 13.07 -62.43 41.19
C ASN G 183 14.59 -62.33 41.04
N GLN G 184 15.21 -61.35 41.69
CA GLN G 184 16.65 -61.14 41.57
C GLN G 184 17.40 -61.99 42.58
N GLY G 185 18.41 -62.71 42.09
CA GLY G 185 19.20 -63.59 42.92
C GLY G 185 20.60 -63.08 43.14
N PRO G 186 21.57 -64.00 43.26
CA PRO G 186 22.96 -63.57 43.51
C PRO G 186 23.53 -62.69 42.40
N GLY G 187 23.18 -62.98 41.15
CA GLY G 187 23.65 -62.18 40.04
C GLY G 187 25.08 -62.44 39.63
N ILE G 188 25.68 -63.56 40.04
CA ILE G 188 27.05 -63.89 39.71
C ILE G 188 27.05 -65.16 38.87
N ASN G 189 27.73 -65.10 37.72
CA ASN G 189 27.86 -66.31 36.91
C ASN G 189 28.97 -67.20 37.45
N PRO G 190 30.18 -66.68 37.75
CA PRO G 190 31.14 -67.49 38.50
C PRO G 190 30.78 -67.50 39.97
N LEU G 191 30.24 -68.62 40.45
CA LEU G 191 29.84 -68.74 41.84
C LEU G 191 31.04 -68.84 42.79
N ARG G 192 32.23 -69.11 42.26
CA ARG G 192 33.41 -69.30 43.10
C ARG G 192 34.01 -67.98 43.57
N GLN G 193 33.88 -66.92 42.78
CA GLN G 193 34.65 -65.70 42.96
C GLN G 193 34.25 -64.90 44.20
N VAL G 194 33.16 -65.26 44.86
CA VAL G 194 32.66 -64.48 45.99
C VAL G 194 33.42 -64.86 47.26
N GLU G 195 33.95 -63.85 47.95
CA GLU G 195 34.48 -64.05 49.28
C GLU G 195 33.34 -64.06 50.28
N ASN G 196 33.40 -65.00 51.22
CA ASN G 196 32.28 -65.28 52.10
C ASN G 196 32.10 -64.24 53.19
N ALA G 197 33.17 -63.54 53.59
CA ALA G 197 33.09 -62.57 54.67
C ALA G 197 32.74 -61.16 54.19
N ASN G 198 32.64 -60.95 52.87
CA ASN G 198 32.36 -59.63 52.32
C ASN G 198 31.31 -59.73 51.23
N THR G 199 30.28 -60.54 51.45
CA THR G 199 29.28 -60.80 50.42
C THR G 199 27.89 -60.29 50.77
N GLY G 200 27.47 -60.40 52.03
CA GLY G 200 26.13 -59.99 52.40
C GLY G 200 25.08 -61.02 52.02
N VAL G 201 23.99 -61.07 52.76
CA VAL G 201 22.92 -62.03 52.54
C VAL G 201 21.58 -61.32 52.70
N LEU G 202 20.66 -61.57 51.78
CA LEU G 202 19.32 -61.02 51.86
C LEU G 202 18.31 -62.07 51.44
N GLY G 203 17.07 -61.90 51.90
CA GLY G 203 16.04 -62.87 51.60
C GLY G 203 14.66 -62.25 51.66
N ARG G 204 13.68 -63.06 51.31
CA ARG G 204 12.28 -62.64 51.28
C ARG G 204 11.46 -63.87 51.58
N PHE G 205 10.88 -63.95 52.76
CA PHE G 205 10.15 -65.12 53.22
C PHE G 205 8.67 -64.81 53.38
N ALA G 206 7.86 -65.86 53.36
CA ALA G 206 6.42 -65.76 53.42
C ALA G 206 5.90 -66.49 54.65
N LYS G 207 5.07 -65.81 55.43
CA LYS G 207 4.44 -66.40 56.61
C LYS G 207 3.04 -66.85 56.21
N SER G 208 2.93 -68.11 55.78
CA SER G 208 1.67 -68.61 55.27
C SER G 208 1.52 -70.09 55.57
N GLN G 209 0.27 -70.54 55.55
CA GLN G 209 -0.09 -71.94 55.63
C GLN G 209 -0.17 -72.51 54.22
N TYR G 210 -0.03 -73.84 54.11
CA TYR G 210 0.01 -74.53 52.82
C TYR G 210 1.18 -74.03 51.97
N ASN G 211 2.38 -74.28 52.48
CA ASN G 211 3.61 -73.90 51.80
C ASN G 211 3.84 -74.81 50.59
N TYR G 212 3.49 -74.31 49.41
CA TYR G 212 3.77 -75.02 48.16
C TYR G 212 4.07 -73.98 47.10
N ALA G 213 5.26 -74.06 46.49
CA ALA G 213 5.61 -73.09 45.47
C ALA G 213 4.81 -73.27 44.20
N TYR G 214 4.49 -74.50 43.84
CA TYR G 214 3.80 -74.78 42.59
C TYR G 214 2.34 -74.34 42.68
N GLY G 215 1.95 -73.39 41.84
CA GLY G 215 0.58 -72.91 41.83
C GLY G 215 0.28 -71.82 42.84
N ALA G 216 1.28 -71.35 43.58
CA ALA G 216 1.05 -70.34 44.59
C ALA G 216 0.69 -69.01 43.95
N TYR G 217 -0.37 -68.37 44.44
CA TYR G 217 -0.80 -67.07 43.95
C TYR G 217 -1.14 -66.17 45.13
N VAL G 218 -0.56 -64.97 45.13
CA VAL G 218 -0.90 -63.91 46.08
C VAL G 218 -1.13 -62.65 45.27
N LYS G 219 -2.33 -62.10 45.32
CA LYS G 219 -2.65 -60.94 44.51
C LYS G 219 -1.83 -59.73 44.97
N PRO G 220 -1.39 -58.88 44.05
CA PRO G 220 -0.64 -57.69 44.45
C PRO G 220 -1.55 -56.66 45.10
N VAL G 221 -0.93 -55.78 45.87
CA VAL G 221 -1.63 -54.65 46.47
C VAL G 221 -1.12 -53.30 45.97
N ALA G 222 -0.04 -53.29 45.18
CA ALA G 222 0.51 -52.07 44.62
C ALA G 222 0.82 -52.30 43.15
N ALA G 223 1.11 -51.22 42.44
CA ALA G 223 1.38 -51.31 41.01
C ALA G 223 2.73 -51.92 40.69
N ASP G 224 3.58 -52.16 41.70
CA ASP G 224 4.92 -52.71 41.49
C ASP G 224 5.06 -53.94 42.38
N GLY G 225 4.62 -55.09 41.88
CA GLY G 225 4.66 -56.31 42.65
C GLY G 225 3.98 -56.14 43.99
N SER G 226 4.77 -56.18 45.06
CA SER G 226 4.31 -55.82 46.40
C SER G 226 3.07 -56.64 46.81
N GLN G 227 3.31 -57.94 46.97
CA GLN G 227 2.23 -58.83 47.36
C GLN G 227 1.71 -58.54 48.76
N SER G 228 2.49 -57.86 49.59
CA SER G 228 2.08 -57.53 50.96
C SER G 228 2.44 -56.10 51.25
N LEU G 229 1.64 -55.47 52.12
CA LEU G 229 1.88 -54.07 52.47
C LEU G 229 3.04 -53.94 53.46
N THR G 230 3.01 -54.72 54.53
CA THR G 230 3.97 -54.61 55.62
C THR G 230 4.95 -55.77 55.56
N GLN G 231 6.24 -55.46 55.65
CA GLN G 231 7.31 -56.44 55.71
C GLN G 231 8.00 -56.28 57.06
N THR G 232 8.09 -57.37 57.82
CA THR G 232 8.78 -57.35 59.10
C THR G 232 10.21 -57.83 58.91
N PRO G 233 11.22 -56.98 59.07
CA PRO G 233 12.59 -57.41 58.86
C PRO G 233 13.20 -58.12 60.06
N TYR G 234 14.13 -59.01 59.75
CA TYR G 234 14.87 -59.77 60.75
C TYR G 234 16.36 -59.70 60.43
N TRP G 235 17.19 -59.73 61.46
CA TRP G 235 18.63 -59.64 61.31
C TRP G 235 19.26 -61.02 61.33
N ILE G 236 20.32 -61.19 60.53
CA ILE G 236 21.00 -62.47 60.37
C ILE G 236 22.42 -62.32 60.88
N MET G 237 22.76 -63.07 61.92
CA MET G 237 24.10 -63.09 62.49
C MET G 237 24.46 -64.52 62.81
N ASN G 238 25.72 -64.75 63.12
CA ASN G 238 26.20 -66.10 63.39
C ASN G 238 25.74 -66.50 64.80
N ASN G 239 26.31 -67.59 65.33
CA ASN G 239 25.92 -68.05 66.66
C ASN G 239 26.09 -66.95 67.70
N ALA G 240 27.09 -66.09 67.53
CA ALA G 240 27.25 -64.92 68.36
C ALA G 240 26.50 -63.74 67.75
N GLY G 241 26.19 -62.76 68.60
CA GLY G 241 25.52 -61.55 68.15
C GLY G 241 26.44 -60.48 67.63
N THR G 242 27.70 -60.81 67.38
CA THR G 242 28.70 -59.82 66.96
C THR G 242 28.83 -59.74 65.45
N GLU G 243 29.06 -60.87 64.78
CA GLU G 243 29.34 -60.88 63.36
C GLU G 243 28.02 -60.74 62.59
N TYR G 244 27.83 -59.61 61.92
CA TYR G 244 26.63 -59.37 61.13
C TYR G 244 26.78 -60.05 59.78
N LEU G 245 25.75 -60.81 59.39
CA LEU G 245 25.81 -61.60 58.17
C LEU G 245 24.79 -61.17 57.11
N GLY G 246 23.57 -60.85 57.50
CA GLY G 246 22.57 -60.49 56.52
C GLY G 246 21.28 -60.03 57.16
N ALA G 247 20.22 -59.99 56.34
CA ALA G 247 18.91 -59.55 56.79
C ALA G 247 17.85 -60.43 56.14
N VAL G 248 16.62 -60.28 56.65
CA VAL G 248 15.48 -61.09 56.22
C VAL G 248 14.26 -60.20 56.07
N ALA G 249 13.46 -60.45 55.05
CA ALA G 249 12.16 -59.82 54.87
C ALA G 249 11.07 -60.86 54.98
N VAL G 250 10.11 -60.64 55.87
CA VAL G 250 9.05 -61.60 56.15
C VAL G 250 7.71 -60.95 55.84
N GLU G 251 6.87 -61.65 55.08
CA GLU G 251 5.56 -61.15 54.68
C GLU G 251 4.49 -62.15 55.09
N ASP G 252 3.33 -61.61 55.48
CA ASP G 252 2.23 -62.40 56.01
C ASP G 252 1.26 -62.73 54.87
N TYR G 253 1.26 -63.99 54.44
CA TYR G 253 0.34 -64.47 53.43
C TYR G 253 -0.66 -65.47 54.01
N THR G 254 -0.95 -65.35 55.31
CA THR G 254 -1.88 -66.28 55.94
C THR G 254 -3.26 -66.19 55.33
N ASN G 255 -3.72 -64.97 55.03
CA ASN G 255 -5.02 -64.76 54.40
C ASN G 255 -4.92 -64.30 52.96
N SER G 256 -3.77 -63.79 52.53
CA SER G 256 -3.62 -63.21 51.21
C SER G 256 -3.19 -64.21 50.15
N LEU G 257 -3.03 -65.48 50.51
CA LEU G 257 -2.57 -66.49 49.58
C LEU G 257 -3.73 -67.38 49.15
N SER G 258 -3.69 -67.80 47.89
CA SER G 258 -4.67 -68.72 47.33
C SER G 258 -3.97 -69.66 46.39
N TYR G 259 -4.64 -70.77 46.07
CA TYR G 259 -4.11 -71.78 45.16
C TYR G 259 -5.11 -72.04 44.06
N PRO G 260 -5.26 -71.09 43.14
CA PRO G 260 -6.16 -71.31 42.00
C PRO G 260 -5.53 -72.29 41.02
N ASP G 261 -6.40 -72.96 40.25
CA ASP G 261 -6.09 -73.96 39.23
C ASP G 261 -5.08 -75.00 39.70
N THR G 262 -4.98 -75.20 41.01
CA THR G 262 -4.11 -76.22 41.58
C THR G 262 -4.81 -76.81 42.80
N MET G 263 -4.45 -78.05 43.11
CA MET G 263 -5.01 -78.76 44.25
C MET G 263 -3.90 -79.47 45.01
N ILE G 264 -4.13 -79.68 46.29
CA ILE G 264 -3.15 -80.34 47.14
C ILE G 264 -3.33 -81.84 47.02
N VAL G 265 -2.25 -82.55 46.72
CA VAL G 265 -2.26 -84.01 46.69
C VAL G 265 -1.53 -84.51 47.92
N PRO G 266 -2.22 -84.69 49.05
CA PRO G 266 -1.53 -85.02 50.29
C PRO G 266 -1.11 -86.47 50.31
N PRO G 267 -0.09 -86.82 51.09
CA PRO G 267 0.33 -88.21 51.20
C PRO G 267 -0.70 -89.02 51.97
N PRO G 268 -0.56 -90.35 52.02
CA PRO G 268 -1.49 -91.16 52.81
C PRO G 268 -1.58 -90.70 54.26
N GLU G 269 -2.65 -91.12 54.92
CA GLU G 269 -2.93 -90.66 56.27
C GLU G 269 -1.79 -91.01 57.23
N ASP G 270 -1.27 -92.23 57.15
CA ASP G 270 -0.15 -92.61 57.99
C ASP G 270 1.11 -91.84 57.66
N TYR G 271 1.18 -91.22 56.48
CA TYR G 271 2.28 -90.35 56.10
C TYR G 271 1.86 -88.89 56.00
N ASP G 272 0.66 -88.56 56.46
CA ASP G 272 0.19 -87.17 56.35
C ASP G 272 1.07 -86.23 57.17
N ASP G 273 1.44 -86.65 58.38
CA ASP G 273 2.41 -85.88 59.14
C ASP G 273 3.79 -85.99 58.49
N TYR G 274 4.66 -85.04 58.83
CA TYR G 274 6.05 -85.00 58.36
C TYR G 274 6.17 -85.21 56.85
N ASN G 275 5.12 -84.85 56.12
CA ASN G 275 5.13 -84.93 54.66
C ASN G 275 3.98 -84.10 54.13
N ILE G 276 4.28 -83.16 53.23
CA ILE G 276 3.25 -82.26 52.70
C ILE G 276 2.75 -82.69 51.34
N GLY G 277 3.21 -83.83 50.83
CA GLY G 277 2.75 -84.27 49.53
C GLY G 277 3.24 -83.35 48.41
N THR G 278 2.45 -83.24 47.36
CA THR G 278 2.74 -82.37 46.23
C THR G 278 1.51 -81.55 45.90
N THR G 279 1.67 -80.64 44.94
CA THR G 279 0.59 -79.82 44.44
C THR G 279 0.39 -80.12 42.96
N ARG G 280 -0.82 -80.51 42.59
CA ARG G 280 -1.15 -80.86 41.22
C ARG G 280 -2.10 -79.81 40.65
N ALA G 281 -1.87 -79.44 39.39
CA ALA G 281 -2.80 -78.57 38.70
C ALA G 281 -4.13 -79.28 38.52
N LEU G 282 -5.22 -78.52 38.63
CA LEU G 282 -6.54 -79.10 38.48
C LEU G 282 -6.72 -79.60 37.05
N ARG G 283 -7.65 -80.54 36.88
CA ARG G 283 -7.87 -81.13 35.58
C ARG G 283 -8.39 -80.08 34.60
N PRO G 284 -7.87 -80.06 33.37
CA PRO G 284 -8.31 -79.04 32.41
C PRO G 284 -9.72 -79.33 31.92
N ASN G 285 -10.59 -78.32 32.03
CA ASN G 285 -12.00 -78.46 31.68
C ASN G 285 -12.39 -77.33 30.75
N TYR G 286 -12.90 -77.69 29.57
CA TYR G 286 -13.38 -76.72 28.58
C TYR G 286 -14.90 -76.76 28.56
N ILE G 287 -15.52 -75.59 28.76
CA ILE G 287 -16.97 -75.52 28.92
C ILE G 287 -17.59 -74.71 27.78
N GLY G 288 -17.01 -74.79 26.59
CA GLY G 288 -17.56 -74.08 25.45
C GLY G 288 -18.87 -74.68 24.98
N PHE G 289 -19.47 -74.02 23.99
CA PHE G 289 -20.71 -74.50 23.40
C PHE G 289 -20.47 -75.79 22.63
N ARG G 290 -21.54 -76.34 22.06
CA ARG G 290 -21.50 -77.62 21.38
C ARG G 290 -21.34 -77.44 19.87
N ASP G 291 -20.95 -78.53 19.21
CA ASP G 291 -20.81 -78.52 17.77
C ASP G 291 -22.12 -78.13 17.12
N ASN G 292 -22.06 -77.20 16.17
CA ASN G 292 -23.24 -76.71 15.46
C ASN G 292 -24.30 -76.18 16.43
N PHE G 293 -23.88 -75.72 17.61
CA PHE G 293 -24.79 -75.23 18.64
C PHE G 293 -25.86 -76.26 18.96
N ILE G 294 -25.44 -77.52 19.09
CA ILE G 294 -26.37 -78.60 19.43
C ILE G 294 -26.96 -78.33 20.81
N ASN G 295 -28.23 -78.69 20.98
CA ASN G 295 -28.94 -78.55 22.25
C ASN G 295 -29.05 -77.10 22.68
N LEU G 296 -29.17 -76.18 21.73
CA LEU G 296 -29.41 -74.79 22.02
C LEU G 296 -30.80 -74.32 21.60
N LEU G 297 -31.42 -75.02 20.65
CA LEU G 297 -32.82 -74.82 20.28
C LEU G 297 -33.62 -76.03 20.71
N TYR G 298 -34.84 -75.80 21.20
CA TYR G 298 -35.69 -76.89 21.64
C TYR G 298 -36.23 -77.66 20.44
N HIS G 299 -35.46 -78.61 19.93
CA HIS G 299 -35.89 -79.44 18.83
C HIS G 299 -36.42 -80.77 19.35
N ASP G 300 -37.36 -81.34 18.59
CA ASP G 300 -37.86 -82.70 18.83
C ASP G 300 -38.57 -82.82 20.16
N SER G 301 -39.05 -81.71 20.70
CA SER G 301 -39.76 -81.68 21.97
C SER G 301 -41.18 -81.21 21.71
N GLY G 302 -42.15 -82.11 21.89
CA GLY G 302 -43.54 -81.73 21.69
C GLY G 302 -44.09 -80.84 22.77
N VAL G 303 -43.51 -80.87 23.96
CA VAL G 303 -44.01 -80.04 25.06
C VAL G 303 -43.72 -78.56 24.82
N CYS G 304 -42.50 -78.25 24.40
CA CYS G 304 -42.05 -76.87 24.27
C CYS G 304 -41.50 -76.62 22.86
N SER G 305 -42.27 -77.04 21.86
CA SER G 305 -41.87 -76.92 20.47
C SER G 305 -42.03 -75.48 19.98
N GLY G 306 -41.28 -75.16 18.93
CA GLY G 306 -41.45 -73.88 18.26
C GLY G 306 -42.57 -73.92 17.26
N THR G 307 -42.94 -72.74 16.76
CA THR G 307 -44.07 -72.62 15.86
C THR G 307 -43.68 -71.70 14.70
N LEU G 308 -43.94 -72.16 13.47
CA LEU G 308 -43.92 -71.31 12.29
C LEU G 308 -45.26 -71.45 11.59
N ASN G 309 -45.86 -70.31 11.26
CA ASN G 309 -47.13 -70.30 10.54
C ASN G 309 -47.36 -68.90 9.98
N SER G 310 -48.27 -68.82 9.02
CA SER G 310 -48.64 -67.55 8.43
C SER G 310 -49.72 -66.88 9.26
N GLU G 311 -50.33 -65.83 8.73
CA GLU G 311 -51.36 -65.09 9.42
C GLU G 311 -52.77 -65.43 8.97
N ARG G 312 -53.01 -65.54 7.66
CA ARG G 312 -54.34 -65.93 7.19
C ARG G 312 -54.69 -67.34 7.65
N SER G 313 -53.73 -68.25 7.59
CA SER G 313 -53.90 -69.63 8.07
C SER G 313 -53.02 -69.76 9.31
N GLY G 314 -53.59 -69.44 10.47
CA GLY G 314 -52.83 -69.40 11.70
C GLY G 314 -52.42 -70.74 12.25
N MET G 315 -52.86 -71.84 11.64
CA MET G 315 -52.48 -73.17 12.13
C MET G 315 -50.98 -73.39 11.96
N ASN G 316 -50.35 -73.92 13.01
CA ASN G 316 -48.92 -74.16 12.99
C ASN G 316 -48.57 -75.26 12.00
N VAL G 317 -47.54 -75.00 11.18
CA VAL G 317 -47.09 -75.99 10.21
C VAL G 317 -45.89 -76.79 10.69
N VAL G 318 -45.27 -76.39 11.79
CA VAL G 318 -44.12 -77.08 12.36
C VAL G 318 -44.59 -77.84 13.59
N VAL G 319 -44.58 -79.16 13.52
CA VAL G 319 -44.85 -80.01 14.67
C VAL G 319 -43.66 -80.94 14.88
N GLU G 320 -43.18 -80.99 16.12
CA GLU G 320 -41.96 -81.70 16.48
C GLU G 320 -42.31 -83.11 16.95
N LEU G 321 -41.56 -84.09 16.46
CA LEU G 321 -41.85 -85.39 17.06
C LEU G 321 -40.73 -85.81 18.00
N PRO G 322 -41.07 -86.35 19.17
CA PRO G 322 -40.02 -86.80 20.11
C PRO G 322 -39.22 -87.98 19.59
N ASP G 323 -39.69 -88.68 18.56
CA ASP G 323 -39.00 -89.86 18.05
C ASP G 323 -38.10 -89.56 16.85
N ARG G 324 -38.11 -88.35 16.32
CA ARG G 324 -37.10 -87.95 15.34
C ARG G 324 -35.95 -87.25 16.05
N ASN G 325 -34.81 -87.20 15.37
CA ASN G 325 -33.59 -86.60 15.91
C ASN G 325 -33.13 -85.52 14.95
N THR G 326 -33.39 -84.26 15.30
CA THR G 326 -33.01 -83.15 14.44
C THR G 326 -31.51 -82.89 14.50
N GLU G 327 -30.93 -82.91 15.69
CA GLU G 327 -29.54 -82.55 15.86
C GLU G 327 -28.61 -83.56 15.19
N LEU G 328 -28.84 -84.85 15.43
CA LEU G 328 -28.04 -85.86 14.75
C LEU G 328 -28.29 -85.87 13.25
N SER G 329 -29.52 -85.53 12.84
CA SER G 329 -29.80 -85.39 11.42
C SER G 329 -28.93 -84.31 10.79
N TYR G 330 -28.82 -83.17 11.46
CA TYR G 330 -27.95 -82.12 10.94
C TYR G 330 -26.48 -82.54 10.98
N GLN G 331 -26.08 -83.27 12.02
CA GLN G 331 -24.72 -83.78 12.09
C GLN G 331 -24.40 -84.63 10.86
N TYR G 332 -25.27 -85.59 10.56
CA TYR G 332 -25.05 -86.47 9.41
C TYR G 332 -25.11 -85.68 8.11
N MET G 333 -26.05 -84.75 7.99
CA MET G 333 -26.17 -83.98 6.75
C MET G 333 -24.93 -83.16 6.49
N LEU G 334 -24.40 -82.49 7.52
CA LEU G 334 -23.22 -81.66 7.34
C LEU G 334 -21.98 -82.51 7.12
N ALA G 335 -21.89 -83.66 7.79
CA ALA G 335 -20.75 -84.55 7.59
C ALA G 335 -20.72 -85.10 6.17
N ASP G 336 -21.88 -85.44 5.62
CA ASP G 336 -21.93 -85.89 4.23
C ASP G 336 -21.72 -84.74 3.27
N MET G 337 -22.12 -83.52 3.68
CA MET G 337 -21.96 -82.36 2.82
C MET G 337 -20.50 -81.96 2.69
N MET G 338 -19.74 -82.05 3.78
CA MET G 338 -18.35 -81.61 3.78
C MET G 338 -17.57 -82.40 4.83
N SER G 339 -16.26 -82.42 4.66
CA SER G 339 -15.40 -83.06 5.65
C SER G 339 -15.48 -82.32 6.98
N ARG G 340 -15.35 -83.08 8.06
CA ARG G 340 -15.54 -82.52 9.40
C ARG G 340 -14.25 -81.99 10.00
N HIS G 341 -13.11 -82.17 9.36
CA HIS G 341 -11.90 -81.53 9.85
C HIS G 341 -11.90 -80.02 9.60
N HIS G 342 -12.82 -79.53 8.80
CA HIS G 342 -12.94 -78.09 8.54
C HIS G 342 -13.66 -77.43 9.72
N TYR G 343 -13.12 -76.30 10.16
CA TYR G 343 -13.72 -75.54 11.26
C TYR G 343 -14.43 -74.33 10.67
N PHE G 344 -15.72 -74.20 10.96
CA PHE G 344 -16.53 -73.05 10.55
C PHE G 344 -16.99 -72.37 11.82
N ALA G 345 -16.37 -71.24 12.16
CA ALA G 345 -16.60 -70.62 13.45
C ALA G 345 -17.98 -69.98 13.57
N LEU G 346 -18.65 -69.72 12.46
CA LEU G 346 -19.95 -69.04 12.52
C LEU G 346 -20.99 -69.92 13.19
N TRP G 347 -21.27 -71.10 12.63
CA TRP G 347 -22.18 -72.04 13.25
C TRP G 347 -21.53 -72.85 14.36
N ASN G 348 -20.35 -72.46 14.83
CA ASN G 348 -19.60 -73.21 15.83
C ASN G 348 -19.33 -74.63 15.34
N GLN G 349 -19.09 -74.77 14.04
CA GLN G 349 -18.84 -76.06 13.43
C GLN G 349 -17.41 -76.48 13.75
N ALA G 350 -17.28 -77.33 14.78
CA ALA G 350 -15.98 -77.89 15.15
C ALA G 350 -16.27 -79.24 15.79
N VAL G 351 -16.16 -80.31 15.00
CA VAL G 351 -16.62 -81.62 15.44
C VAL G 351 -15.75 -82.11 16.60
N ASP G 352 -16.36 -82.92 17.47
CA ASP G 352 -15.64 -83.48 18.60
C ASP G 352 -14.63 -84.50 18.11
N GLN G 353 -13.35 -84.25 18.36
CA GLN G 353 -12.27 -85.11 17.87
C GLN G 353 -11.44 -85.58 19.06
N TYR G 354 -11.58 -86.86 19.41
CA TYR G 354 -10.68 -87.45 20.38
C TYR G 354 -9.30 -87.61 19.76
N ASP G 355 -8.29 -87.68 20.62
CA ASP G 355 -6.93 -87.88 20.13
C ASP G 355 -6.80 -89.33 19.64
N PRO G 356 -6.48 -89.55 18.37
CA PRO G 356 -6.37 -90.94 17.88
C PRO G 356 -5.30 -91.75 18.60
N GLU G 357 -4.22 -91.11 19.02
CA GLU G 357 -3.15 -91.82 19.73
C GLU G 357 -3.47 -92.05 21.21
N VAL G 358 -4.50 -91.40 21.73
CA VAL G 358 -4.91 -91.60 23.11
C VAL G 358 -5.94 -92.72 23.23
N ARG G 359 -6.97 -92.69 22.38
CA ARG G 359 -7.99 -93.73 22.40
C ARG G 359 -7.37 -95.10 22.14
N VAL G 360 -6.79 -95.27 20.96
CA VAL G 360 -6.13 -96.53 20.60
C VAL G 360 -4.67 -96.34 20.98
N PHE G 361 -4.32 -96.75 22.20
CA PHE G 361 -3.01 -96.47 22.76
C PHE G 361 -1.95 -97.34 22.10
N SER G 362 -1.29 -96.81 21.06
CA SER G 362 -0.24 -97.54 20.35
C SER G 362 1.06 -97.38 21.14
N ASN G 363 1.22 -98.25 22.13
CA ASN G 363 2.41 -98.23 22.97
C ASN G 363 3.59 -98.81 22.20
N ASP G 364 4.55 -97.96 21.85
CA ASP G 364 5.78 -98.39 21.21
C ASP G 364 6.99 -97.96 22.03
N GLY G 365 6.86 -97.99 23.36
CA GLY G 365 7.97 -97.59 24.21
C GLY G 365 8.23 -96.11 24.09
N TYR G 366 9.48 -95.76 23.85
CA TYR G 366 9.90 -94.36 23.80
C TYR G 366 11.13 -94.25 22.91
N GLU G 367 11.41 -93.03 22.47
CA GLU G 367 12.58 -92.81 21.63
C GLU G 367 13.86 -92.93 22.45
N GLU G 368 14.43 -94.13 22.50
CA GLU G 368 15.63 -94.38 23.28
C GLU G 368 16.85 -93.85 22.53
N GLY G 369 17.50 -92.83 23.07
CA GLY G 369 18.69 -92.26 22.50
C GLY G 369 19.90 -92.41 23.39
N ALA G 370 20.93 -91.62 23.10
CA ALA G 370 22.11 -91.61 23.93
C ALA G 370 21.74 -91.08 25.33
N PRO G 371 22.47 -91.50 26.36
CA PRO G 371 22.16 -91.02 27.71
C PRO G 371 22.19 -89.51 27.79
N SER G 372 21.13 -88.93 28.35
CA SER G 372 20.93 -87.50 28.39
C SER G 372 21.04 -87.00 29.82
N TYR G 373 21.67 -85.83 29.98
CA TYR G 373 22.04 -85.34 31.29
C TYR G 373 21.69 -83.87 31.44
N ALA G 374 21.58 -83.45 32.70
CA ALA G 374 21.42 -82.05 33.06
C ALA G 374 22.66 -81.64 33.87
N PHE G 375 23.47 -80.78 33.29
CA PHE G 375 24.77 -80.43 33.85
C PHE G 375 24.67 -79.20 34.75
N ASN G 376 25.78 -78.87 35.41
CA ASN G 376 25.83 -77.67 36.22
C ASN G 376 25.55 -76.45 35.35
N PRO G 377 25.04 -75.36 35.94
CA PRO G 377 24.96 -74.12 35.17
C PRO G 377 26.30 -73.71 34.59
N GLU G 378 27.37 -73.87 35.35
CA GLU G 378 28.72 -73.76 34.81
C GLU G 378 29.18 -75.13 34.35
N ALA G 379 30.40 -75.21 33.84
CA ALA G 379 30.95 -76.48 33.40
C ALA G 379 31.93 -77.07 34.40
N VAL G 380 31.90 -76.61 35.64
CA VAL G 380 32.76 -77.10 36.71
C VAL G 380 31.92 -77.32 37.96
N GLY G 381 32.21 -78.39 38.66
CA GLY G 381 31.47 -78.68 39.89
C GLY G 381 32.01 -79.95 40.53
N ALA G 382 31.47 -80.24 41.70
CA ALA G 382 31.87 -81.41 42.48
C ALA G 382 30.65 -82.17 42.95
N GLY G 383 29.59 -82.22 42.14
CA GLY G 383 28.41 -82.98 42.48
C GLY G 383 28.74 -84.43 42.71
N GLU G 384 28.37 -84.97 43.88
CA GLU G 384 28.81 -86.29 44.31
C GLU G 384 30.33 -86.37 44.23
N GLY G 385 30.97 -85.58 45.10
CA GLY G 385 32.38 -85.28 44.96
C GLY G 385 33.31 -86.44 45.27
N TYR G 386 33.30 -87.45 44.42
CA TYR G 386 34.27 -88.52 44.50
C TYR G 386 35.64 -88.02 44.05
N GLY G 387 36.64 -88.90 44.13
CA GLY G 387 37.97 -88.57 43.67
C GLY G 387 38.75 -87.73 44.66
N PRO G 388 39.93 -87.28 44.25
CA PRO G 388 40.77 -86.50 45.16
C PRO G 388 40.19 -85.12 45.41
N ASP G 389 40.71 -84.48 46.46
CA ASP G 389 40.19 -83.19 46.91
C ASP G 389 40.51 -82.11 45.89
N LEU G 390 41.79 -81.87 45.63
CA LEU G 390 42.24 -80.92 44.61
C LEU G 390 41.74 -79.50 44.89
N SER G 391 41.51 -79.17 46.16
CA SER G 391 41.09 -77.83 46.54
C SER G 391 42.15 -77.07 47.31
N GLN G 392 43.18 -77.75 47.81
CA GLN G 392 44.30 -77.11 48.50
C GLN G 392 45.60 -77.33 47.74
N ILE G 393 45.53 -77.33 46.41
CA ILE G 393 46.66 -77.63 45.57
C ILE G 393 47.27 -76.33 45.06
N LYS G 394 48.53 -76.40 44.65
CA LYS G 394 49.20 -75.29 43.98
C LYS G 394 49.85 -75.80 42.70
N LEU G 395 50.06 -74.89 41.77
CA LEU G 395 50.57 -75.22 40.44
C LEU G 395 52.06 -74.96 40.36
N TYR G 396 52.76 -75.83 39.63
CA TYR G 396 54.20 -75.70 39.43
C TYR G 396 54.48 -75.67 37.93
N THR G 397 55.32 -74.73 37.51
CA THR G 397 55.80 -74.73 36.14
C THR G 397 56.69 -75.95 35.92
N ASN G 398 56.67 -76.46 34.70
CA ASN G 398 57.45 -77.65 34.40
C ASN G 398 58.91 -77.30 34.14
N ASN G 399 59.77 -78.30 34.31
CA ASN G 399 61.19 -78.22 33.96
C ASN G 399 61.43 -79.27 32.89
N THR G 400 61.45 -78.83 31.62
CA THR G 400 61.54 -79.77 30.52
C THR G 400 62.84 -80.56 30.55
N ALA G 401 63.95 -79.90 30.90
CA ALA G 401 65.23 -80.60 30.98
C ALA G 401 65.19 -81.69 32.05
N ALA G 402 64.66 -81.37 33.23
CA ALA G 402 64.61 -82.32 34.33
C ALA G 402 63.35 -83.16 34.35
N ASN G 403 62.39 -82.88 33.46
CA ASN G 403 61.12 -83.60 33.42
C ASN G 403 60.43 -83.57 34.78
N ASP G 404 60.50 -82.42 35.45
CA ASP G 404 60.06 -82.31 36.82
C ASP G 404 59.58 -80.89 37.09
N LYS G 405 59.25 -80.61 38.35
CA LYS G 405 58.87 -79.27 38.75
C LYS G 405 60.08 -78.34 38.69
N ASN G 406 59.82 -77.05 38.55
CA ASN G 406 60.92 -76.11 38.70
C ASN G 406 60.63 -74.98 39.66
N THR G 407 59.39 -74.48 39.69
CA THR G 407 59.05 -73.35 40.56
C THR G 407 57.54 -73.33 40.75
N ALA G 408 57.13 -73.11 42.00
CA ALA G 408 55.71 -72.96 42.31
C ALA G 408 55.16 -71.67 41.73
N VAL G 409 53.88 -71.69 41.36
CA VAL G 409 53.18 -70.47 41.03
C VAL G 409 52.98 -69.67 42.31
N THR G 410 53.34 -68.38 42.27
CA THR G 410 53.40 -67.58 43.48
C THR G 410 52.03 -67.47 44.15
N ASN G 411 50.96 -67.30 43.36
CA ASN G 411 49.61 -67.32 43.90
C ASN G 411 48.66 -67.73 42.79
N ALA G 412 48.09 -68.93 42.92
CA ALA G 412 47.18 -69.47 41.91
C ALA G 412 45.83 -69.72 42.57
N THR G 413 44.81 -68.99 42.11
CA THR G 413 43.43 -69.25 42.53
C THR G 413 42.80 -70.21 41.52
N THR G 414 42.71 -71.48 41.90
CA THR G 414 42.22 -72.52 41.01
C THR G 414 41.05 -73.24 41.67
N ASN G 415 40.08 -73.66 40.85
CA ASN G 415 38.93 -74.39 41.35
C ASN G 415 39.19 -75.90 41.31
N PHE G 416 39.42 -76.44 40.11
CA PHE G 416 40.04 -77.74 39.91
C PHE G 416 39.31 -78.85 40.66
N TYR G 417 38.07 -79.08 40.26
CA TYR G 417 37.36 -80.24 40.75
C TYR G 417 37.64 -81.45 39.85
N PHE G 418 37.22 -82.62 40.29
CA PHE G 418 37.62 -83.88 39.70
C PHE G 418 36.56 -84.44 38.77
N GLY G 419 37.00 -85.20 37.78
CA GLY G 419 36.11 -85.95 36.93
C GLY G 419 35.50 -85.13 35.81
N THR G 420 34.45 -85.69 35.23
CA THR G 420 33.72 -85.02 34.16
C THR G 420 32.84 -83.91 34.74
N VAL G 421 32.08 -83.26 33.86
CA VAL G 421 31.16 -82.21 34.31
C VAL G 421 30.04 -82.87 35.09
N PRO G 422 29.83 -82.51 36.36
CA PRO G 422 28.77 -83.15 37.14
C PRO G 422 27.41 -82.92 36.50
N SER G 423 26.58 -83.97 36.51
CA SER G 423 25.29 -83.91 35.86
C SER G 423 24.37 -84.93 36.49
N TYR G 424 23.07 -84.71 36.29
CA TYR G 424 22.04 -85.66 36.69
C TYR G 424 21.34 -86.15 35.43
N GLU G 425 21.18 -87.47 35.31
CA GLU G 425 20.66 -88.05 34.08
C GLU G 425 19.14 -88.09 34.10
N ILE G 426 18.54 -87.55 33.05
CA ILE G 426 17.12 -87.69 32.76
C ILE G 426 16.98 -88.33 31.39
N ASP G 427 16.02 -89.23 31.26
CA ASP G 427 15.71 -89.83 29.96
C ASP G 427 14.43 -89.14 29.48
N ILE G 428 14.59 -88.19 28.56
CA ILE G 428 13.51 -87.27 28.22
C ILE G 428 12.35 -88.02 27.56
N SER G 429 12.65 -88.94 26.65
CA SER G 429 11.60 -89.57 25.86
C SER G 429 10.69 -90.42 26.73
N ALA G 430 11.26 -91.26 27.60
CA ALA G 430 10.43 -92.08 28.48
C ALA G 430 9.70 -91.24 29.50
N THR G 431 10.33 -90.16 29.97
CA THR G 431 9.65 -89.24 30.88
C THR G 431 8.41 -88.64 30.23
N GLN G 432 8.56 -88.14 28.99
CA GLN G 432 7.41 -87.60 28.27
C GLN G 432 6.37 -88.66 28.01
N ARG G 433 6.80 -89.90 27.71
CA ARG G 433 5.84 -90.97 27.46
C ARG G 433 5.02 -91.25 28.70
N ARG G 434 5.66 -91.34 29.86
CA ARG G 434 4.93 -91.60 31.09
C ARG G 434 4.00 -90.43 31.43
N ASN G 435 4.47 -89.20 31.26
CA ASN G 435 3.62 -88.05 31.53
C ASN G 435 2.42 -88.03 30.59
N PHE G 436 2.63 -88.35 29.31
CA PHE G 436 1.53 -88.42 28.36
C PHE G 436 0.52 -89.46 28.79
N ILE G 437 0.98 -90.66 29.13
CA ILE G 437 0.06 -91.71 29.57
C ILE G 437 -0.72 -91.24 30.79
N MET G 438 -0.01 -90.74 31.79
CA MET G 438 -0.66 -90.37 33.05
C MET G 438 -1.68 -89.25 32.86
N ALA G 439 -1.37 -88.25 32.03
CA ALA G 439 -2.23 -87.09 31.90
C ALA G 439 -3.25 -87.21 30.78
N ASN G 440 -3.18 -88.25 29.93
CA ASN G 440 -4.11 -88.38 28.83
C ASN G 440 -4.90 -89.67 28.82
N ILE G 441 -4.48 -90.69 29.56
CA ILE G 441 -5.10 -92.00 29.54
C ILE G 441 -5.45 -92.39 30.96
N ALA G 442 -4.48 -92.32 31.87
CA ALA G 442 -4.74 -92.67 33.25
C ALA G 442 -5.73 -91.71 33.90
N GLU G 443 -5.58 -90.41 33.66
CA GLU G 443 -6.43 -89.43 34.32
C GLU G 443 -7.89 -89.57 33.95
N TYR G 444 -8.20 -90.11 32.77
CA TYR G 444 -9.56 -90.23 32.29
C TYR G 444 -10.12 -91.64 32.46
N LEU G 445 -9.56 -92.42 33.38
CA LEU G 445 -10.05 -93.75 33.65
C LEU G 445 -11.43 -93.69 34.32
N PRO G 446 -12.19 -94.78 34.28
CA PRO G 446 -13.46 -94.82 35.01
C PRO G 446 -13.23 -94.67 36.50
N ASP G 447 -14.31 -94.28 37.19
CA ASP G 447 -14.23 -94.12 38.64
C ASP G 447 -13.96 -95.46 39.33
N ARG G 448 -14.30 -96.57 38.68
CA ARG G 448 -14.03 -97.89 39.25
C ARG G 448 -12.54 -98.15 39.46
N TYR G 449 -11.68 -97.43 38.74
CA TYR G 449 -10.24 -97.62 38.81
C TYR G 449 -9.56 -96.38 39.38
N LYS G 450 -10.19 -95.75 40.37
CA LYS G 450 -9.65 -94.57 41.02
C LYS G 450 -9.82 -94.72 42.53
N PHE G 451 -9.23 -93.79 43.27
CA PHE G 451 -9.35 -93.79 44.72
C PHE G 451 -9.13 -92.37 45.23
N SER G 452 -9.57 -92.14 46.47
CA SER G 452 -9.50 -90.81 47.07
C SER G 452 -8.05 -90.47 47.42
N ILE G 453 -7.86 -89.26 47.94
CA ILE G 453 -6.52 -88.71 48.14
C ILE G 453 -6.23 -88.47 49.62
N SER G 454 -6.81 -89.29 50.49
CA SER G 454 -6.59 -89.30 51.94
C SER G 454 -7.18 -88.09 52.64
N GLY G 455 -7.71 -87.12 51.91
CA GLY G 455 -8.43 -86.02 52.53
C GLY G 455 -9.85 -85.96 51.98
N PHE G 456 -10.00 -86.46 50.76
CA PHE G 456 -11.29 -86.53 50.10
C PHE G 456 -11.99 -87.84 50.45
N ASP G 457 -13.31 -87.81 50.43
CA ASP G 457 -14.11 -89.00 50.67
C ASP G 457 -15.34 -89.00 49.77
N ALA G 458 -15.72 -90.19 49.32
CA ALA G 458 -16.87 -90.34 48.45
C ALA G 458 -18.16 -90.06 49.22
N THR G 459 -19.25 -89.88 48.47
CA THR G 459 -20.59 -89.65 48.99
C THR G 459 -20.69 -88.33 49.74
N SER G 460 -19.58 -87.59 49.83
CA SER G 460 -19.62 -86.21 50.29
C SER G 460 -20.03 -85.24 49.19
N VAL G 461 -20.02 -85.69 47.94
CA VAL G 461 -20.35 -84.84 46.80
C VAL G 461 -20.72 -85.77 45.65
N ALA G 462 -21.52 -85.26 44.72
CA ALA G 462 -21.95 -86.08 43.59
C ALA G 462 -20.75 -86.49 42.77
N PRO G 463 -20.73 -87.74 42.26
CA PRO G 463 -19.59 -88.16 41.43
C PRO G 463 -19.48 -87.41 40.11
N THR G 464 -20.53 -86.67 39.72
CA THR G 464 -20.51 -85.88 38.50
C THR G 464 -20.07 -84.44 38.73
N THR G 465 -19.31 -84.18 39.78
CA THR G 465 -18.83 -82.84 40.10
C THR G 465 -17.35 -82.71 39.79
N TYR G 466 -16.89 -81.46 39.74
CA TYR G 466 -15.51 -81.18 39.34
C TYR G 466 -14.51 -81.59 40.41
N GLU G 467 -14.75 -81.19 41.66
CA GLU G 467 -13.77 -81.51 42.70
C GLU G 467 -13.85 -82.96 43.16
N TYR G 468 -14.90 -83.69 42.76
CA TYR G 468 -14.87 -85.14 42.88
C TYR G 468 -13.89 -85.74 41.88
N MET G 469 -13.95 -85.29 40.63
CA MET G 469 -13.07 -85.82 39.59
C MET G 469 -11.62 -85.43 39.82
N ASN G 470 -11.38 -84.24 40.36
CA ASN G 470 -10.01 -83.78 40.58
C ASN G 470 -9.36 -84.53 41.74
N LYS G 471 -10.11 -84.80 42.80
CA LYS G 471 -9.56 -85.36 44.03
C LYS G 471 -9.64 -86.87 44.08
N ARG G 472 -9.64 -87.54 42.92
CA ARG G 472 -9.63 -89.00 42.84
C ARG G 472 -8.53 -89.42 41.87
N VAL G 473 -7.32 -89.60 42.39
CA VAL G 473 -6.20 -90.08 41.57
C VAL G 473 -6.48 -91.52 41.15
N PRO G 474 -6.21 -91.89 39.90
CA PRO G 474 -6.49 -93.26 39.46
C PRO G 474 -5.44 -94.24 39.93
N LEU G 475 -5.75 -95.52 39.72
CA LEU G 475 -4.76 -96.57 39.96
C LEU G 475 -3.59 -96.41 39.00
N THR G 476 -2.39 -96.70 39.48
CA THR G 476 -1.19 -96.45 38.70
C THR G 476 -0.72 -97.65 37.90
N ASN G 477 -1.17 -98.86 38.23
CA ASN G 477 -0.78 -100.05 37.50
C ASN G 477 -1.80 -100.47 36.45
N VAL G 478 -3.01 -99.93 36.50
CA VAL G 478 -4.02 -100.25 35.50
C VAL G 478 -3.55 -99.77 34.12
N VAL G 479 -2.85 -98.64 34.07
CA VAL G 479 -2.23 -98.18 32.84
C VAL G 479 -0.94 -97.44 33.20
N ASP G 480 0.13 -97.77 32.49
CA ASP G 480 1.44 -97.18 32.70
C ASP G 480 2.26 -97.45 31.44
N MET G 481 3.56 -97.18 31.51
CA MET G 481 4.41 -97.40 30.35
C MET G 481 4.50 -98.88 29.97
N PHE G 482 4.40 -99.76 30.97
CA PHE G 482 4.56 -101.19 30.71
C PHE G 482 3.31 -101.87 30.18
N THR G 483 2.15 -101.24 30.28
CA THR G 483 0.89 -101.89 29.92
C THR G 483 0.84 -102.08 28.41
N ASN G 484 0.92 -103.33 27.97
CA ASN G 484 0.91 -103.67 26.55
C ASN G 484 1.99 -102.89 25.80
N VAL G 485 3.23 -103.17 26.18
CA VAL G 485 4.36 -102.30 25.83
C VAL G 485 4.60 -102.23 24.34
N GLY G 486 4.17 -103.23 23.57
CA GLY G 486 4.44 -103.21 22.15
C GLY G 486 3.23 -103.40 21.26
N ALA G 487 2.04 -103.17 21.81
CA ALA G 487 0.79 -103.45 21.11
C ALA G 487 0.02 -102.16 20.88
N ARG G 488 -0.45 -101.96 19.66
CA ARG G 488 -1.42 -100.92 19.38
C ARG G 488 -2.77 -101.38 19.92
N TRP G 489 -3.04 -101.03 21.17
CA TRP G 489 -4.16 -101.62 21.90
C TRP G 489 -4.84 -100.54 22.72
N SER G 490 -6.12 -100.32 22.48
CA SER G 490 -6.89 -99.42 23.33
C SER G 490 -7.02 -100.02 24.73
N ILE G 491 -6.84 -99.17 25.74
CA ILE G 491 -6.89 -99.65 27.11
C ILE G 491 -8.30 -100.11 27.41
N ASP G 492 -8.48 -101.42 27.57
CA ASP G 492 -9.82 -102.00 27.66
C ASP G 492 -10.57 -101.50 28.87
N GLN G 493 -9.88 -100.90 29.84
CA GLN G 493 -10.58 -100.22 30.92
C GLN G 493 -11.36 -99.02 30.44
N MET G 494 -10.96 -98.42 29.31
CA MET G 494 -11.68 -97.29 28.73
C MET G 494 -12.14 -97.57 27.31
N ASP G 495 -12.46 -98.82 26.99
CA ASP G 495 -13.15 -99.07 25.73
C ASP G 495 -14.58 -98.53 25.79
N ASN G 496 -15.15 -98.44 26.98
CA ASN G 496 -16.51 -97.94 27.18
C ASN G 496 -16.53 -96.51 27.71
N VAL G 497 -15.38 -95.84 27.78
CA VAL G 497 -15.29 -94.48 28.29
C VAL G 497 -15.32 -93.51 27.11
N ASN G 498 -16.20 -92.50 27.20
CA ASN G 498 -16.41 -91.52 26.16
C ASN G 498 -15.09 -90.84 25.78
N PRO G 499 -14.59 -91.08 24.58
CA PRO G 499 -13.30 -90.50 24.19
C PRO G 499 -13.35 -89.01 23.93
N PHE G 500 -14.53 -88.46 23.65
CA PHE G 500 -14.65 -87.04 23.36
C PHE G 500 -14.65 -86.19 24.61
N ASN G 501 -14.75 -86.80 25.79
CA ASN G 501 -14.60 -86.07 27.05
C ASN G 501 -13.12 -86.07 27.44
N HIS G 502 -12.33 -85.43 26.57
CA HIS G 502 -10.89 -85.36 26.75
C HIS G 502 -10.44 -83.92 26.50
N HIS G 503 -9.40 -83.50 27.23
CA HIS G 503 -8.86 -82.16 27.01
C HIS G 503 -8.20 -82.03 25.65
N ARG G 504 -7.92 -83.14 24.96
CA ARG G 504 -7.45 -83.11 23.59
C ARG G 504 -8.57 -83.17 22.58
N ASN G 505 -9.81 -82.89 23.01
CA ASN G 505 -10.91 -82.75 22.07
C ASN G 505 -10.71 -81.43 21.32
N TRP G 506 -10.06 -81.50 20.15
CA TRP G 506 -9.68 -80.29 19.45
C TRP G 506 -10.90 -79.46 19.06
N GLY G 507 -12.00 -80.12 18.69
CA GLY G 507 -13.22 -79.40 18.42
C GLY G 507 -13.75 -78.68 19.65
N LEU G 508 -13.80 -79.38 20.79
CA LEU G 508 -14.28 -78.76 22.01
C LEU G 508 -13.31 -77.68 22.50
N LYS G 509 -12.00 -77.91 22.35
CA LYS G 509 -11.02 -76.89 22.71
C LYS G 509 -11.23 -75.64 21.89
N TYR G 510 -11.46 -75.79 20.58
CA TYR G 510 -11.70 -74.64 19.72
C TYR G 510 -13.00 -73.94 20.08
N ARG G 511 -14.05 -74.71 20.39
CA ARG G 511 -15.33 -74.11 20.71
C ARG G 511 -15.31 -73.41 22.06
N SER G 512 -14.47 -73.87 22.98
CA SER G 512 -14.33 -73.19 24.26
C SER G 512 -13.43 -71.97 24.17
N GLN G 513 -12.45 -72.00 23.27
CA GLN G 513 -11.58 -70.86 23.06
C GLN G 513 -12.19 -69.81 22.14
N LEU G 514 -13.36 -70.08 21.57
CA LEU G 514 -14.10 -69.05 20.86
C LEU G 514 -14.87 -68.14 21.79
N LEU G 515 -15.05 -68.55 23.05
CA LEU G 515 -15.75 -67.74 24.04
C LEU G 515 -14.81 -66.89 24.88
N GLY G 516 -13.55 -67.30 25.03
CA GLY G 516 -12.57 -66.55 25.78
C GLY G 516 -11.80 -67.45 26.71
N ASN G 517 -10.99 -66.83 27.56
CA ASN G 517 -10.17 -67.55 28.53
C ASN G 517 -10.75 -67.52 29.93
N SER G 518 -11.91 -66.91 30.13
CA SER G 518 -12.50 -66.80 31.46
C SER G 518 -13.84 -67.52 31.50
N ARG G 519 -14.36 -67.64 32.72
CA ARG G 519 -15.68 -68.19 32.95
C ARG G 519 -16.79 -67.15 32.82
N TYR G 520 -16.43 -65.90 32.56
CA TYR G 520 -17.37 -64.78 32.49
C TYR G 520 -17.35 -64.26 31.07
N VAL G 521 -18.26 -64.77 30.25
CA VAL G 521 -18.26 -64.53 28.80
C VAL G 521 -19.48 -63.69 28.44
N ASN G 522 -19.24 -62.58 27.73
CA ASN G 522 -20.30 -61.83 27.09
C ASN G 522 -20.42 -62.30 25.64
N PHE G 523 -20.95 -63.50 25.50
CA PHE G 523 -20.94 -64.18 24.21
C PHE G 523 -21.89 -63.52 23.22
N HIS G 524 -21.61 -63.75 21.94
CA HIS G 524 -22.49 -63.32 20.85
C HIS G 524 -22.39 -64.38 19.77
N ILE G 525 -23.45 -65.16 19.59
CA ILE G 525 -23.43 -66.32 18.72
C ILE G 525 -24.57 -66.25 17.72
N GLN G 526 -24.36 -66.89 16.57
CA GLN G 526 -25.36 -67.01 15.53
C GLN G 526 -25.67 -68.49 15.35
N VAL G 527 -26.90 -68.87 15.67
CA VAL G 527 -27.32 -70.28 15.70
C VAL G 527 -28.28 -70.51 14.55
N PRO G 528 -28.06 -71.51 13.71
CA PRO G 528 -28.93 -71.73 12.55
C PRO G 528 -30.21 -72.46 12.92
N GLN G 529 -31.14 -72.48 11.97
CA GLN G 529 -32.35 -73.27 12.07
C GLN G 529 -32.07 -74.66 11.49
N LYS G 530 -32.29 -75.70 12.30
CA LYS G 530 -31.92 -77.05 11.91
C LYS G 530 -33.11 -77.98 11.65
N PHE G 531 -34.33 -77.51 11.89
CA PHE G 531 -35.49 -78.35 11.61
C PHE G 531 -35.65 -78.54 10.11
N PHE G 532 -35.80 -79.80 9.69
CA PHE G 532 -35.67 -80.13 8.27
C PHE G 532 -36.74 -79.46 7.44
N ALA G 533 -37.97 -79.35 7.96
CA ALA G 533 -39.06 -78.78 7.19
C ALA G 533 -38.81 -77.32 6.86
N ILE G 534 -38.18 -76.57 7.77
CA ILE G 534 -37.90 -75.16 7.56
C ILE G 534 -36.41 -74.86 7.56
N LYS G 535 -35.57 -75.88 7.43
CA LYS G 535 -34.14 -75.64 7.30
C LYS G 535 -33.81 -74.97 5.97
N ASN G 536 -34.44 -75.43 4.89
CA ASN G 536 -34.19 -74.90 3.56
C ASN G 536 -35.47 -74.41 2.90
N LEU G 537 -36.50 -74.13 3.68
CA LEU G 537 -37.76 -73.66 3.12
C LEU G 537 -37.60 -72.28 2.51
N LEU G 538 -38.17 -72.08 1.33
CA LEU G 538 -38.15 -70.80 0.65
C LEU G 538 -39.54 -70.18 0.79
N LEU G 539 -39.72 -69.34 1.80
CA LEU G 539 -41.00 -68.70 2.03
C LEU G 539 -41.27 -67.67 0.96
N LEU G 540 -42.52 -67.64 0.48
CA LEU G 540 -42.95 -66.68 -0.52
C LEU G 540 -43.46 -65.43 0.19
N SER G 541 -44.13 -64.55 -0.56
CA SER G 541 -44.62 -63.31 0.04
C SER G 541 -45.67 -63.60 1.10
N GLY G 542 -45.67 -62.77 2.14
CA GLY G 542 -46.60 -62.94 3.24
C GLY G 542 -45.98 -62.60 4.57
N SER G 543 -46.80 -62.51 5.61
CA SER G 543 -46.32 -62.21 6.95
C SER G 543 -46.42 -63.48 7.80
N TYR G 544 -45.27 -63.91 8.34
CA TYR G 544 -45.17 -65.16 9.07
C TYR G 544 -44.69 -64.86 10.49
N THR G 545 -45.37 -65.44 11.47
CA THR G 545 -44.89 -65.43 12.84
C THR G 545 -44.15 -66.74 13.12
N TYR G 546 -42.94 -66.62 13.66
CA TYR G 546 -41.96 -67.71 13.64
C TYR G 546 -41.36 -67.79 15.04
N GLU G 547 -42.02 -68.55 15.91
CA GLU G 547 -41.74 -68.55 17.34
C GLU G 547 -40.91 -69.77 17.73
N TRP G 548 -39.98 -69.54 18.65
CA TRP G 548 -39.05 -70.57 19.13
C TRP G 548 -38.60 -70.25 20.55
N VAL G 549 -38.03 -71.27 21.19
CA VAL G 549 -37.58 -71.21 22.57
C VAL G 549 -36.17 -71.77 22.66
N LEU G 550 -35.34 -71.15 23.49
CA LEU G 550 -33.93 -71.48 23.60
C LEU G 550 -33.66 -72.19 24.92
N ARG G 551 -32.87 -73.26 24.88
CA ARG G 551 -32.55 -73.98 26.09
C ARG G 551 -31.68 -73.13 27.00
N LYS G 552 -31.91 -73.25 28.30
CA LYS G 552 -31.09 -72.61 29.31
C LYS G 552 -30.33 -73.62 30.16
N ASP G 553 -30.54 -74.90 29.92
CA ASP G 553 -29.90 -75.95 30.70
C ASP G 553 -28.40 -75.97 30.43
N PRO G 554 -27.56 -75.75 31.44
CA PRO G 554 -26.11 -75.77 31.19
C PRO G 554 -25.58 -77.09 30.65
N ASN G 555 -26.14 -78.22 31.07
CA ASN G 555 -25.73 -79.49 30.51
C ASN G 555 -26.13 -79.60 29.05
N MET G 556 -27.24 -78.98 28.66
CA MET G 556 -27.69 -79.02 27.27
C MET G 556 -26.84 -78.11 26.39
N ILE G 557 -26.87 -76.81 26.68
CA ILE G 557 -26.27 -75.83 25.77
C ILE G 557 -24.75 -75.92 25.76
N LEU G 558 -24.13 -76.18 26.92
CA LEU G 558 -22.69 -76.20 27.04
C LEU G 558 -22.19 -77.63 27.05
N GLN G 559 -20.91 -77.80 26.71
CA GLN G 559 -20.24 -79.09 26.73
C GLN G 559 -18.97 -78.97 27.55
N SER G 560 -18.72 -79.95 28.41
CA SER G 560 -17.52 -79.98 29.24
C SER G 560 -16.58 -81.06 28.76
N SER G 561 -15.28 -80.81 28.89
CA SER G 561 -14.29 -81.81 28.56
C SER G 561 -14.19 -82.90 29.62
N LEU G 562 -14.84 -82.72 30.77
CA LEU G 562 -14.90 -83.74 31.80
C LEU G 562 -16.27 -84.38 31.91
N GLY G 563 -17.31 -83.78 31.34
CA GLY G 563 -18.65 -84.31 31.47
C GLY G 563 -19.25 -84.15 32.85
N ASN G 564 -18.78 -83.18 33.63
CA ASN G 564 -19.27 -82.99 34.98
C ASN G 564 -20.64 -82.32 34.95
N ASP G 565 -21.32 -82.37 36.10
CA ASP G 565 -22.64 -81.76 36.24
C ASP G 565 -22.48 -80.25 36.28
N LEU G 566 -22.94 -79.57 35.23
CA LEU G 566 -22.79 -78.12 35.16
C LEU G 566 -23.79 -77.38 36.04
N ARG G 567 -24.99 -77.94 36.25
CA ARG G 567 -25.94 -77.30 37.15
C ARG G 567 -25.37 -77.21 38.56
N ALA G 568 -24.75 -78.29 39.03
CA ALA G 568 -24.10 -78.30 40.33
C ALA G 568 -22.77 -77.55 40.33
N ASP G 569 -22.23 -77.22 39.15
CA ASP G 569 -20.96 -76.53 39.05
C ASP G 569 -21.13 -75.05 38.68
N GLY G 570 -22.27 -74.46 39.00
CA GLY G 570 -22.42 -73.02 38.90
C GLY G 570 -22.50 -72.46 37.51
N ALA G 571 -22.78 -73.28 36.50
CA ALA G 571 -22.92 -72.78 35.14
C ALA G 571 -24.31 -72.20 34.94
N SER G 572 -24.38 -71.11 34.18
CA SER G 572 -25.64 -70.44 33.92
C SER G 572 -25.52 -69.65 32.62
N ILE G 573 -26.65 -69.12 32.18
CA ILE G 573 -26.70 -68.30 30.97
C ILE G 573 -27.86 -67.32 31.09
N ILE G 574 -27.65 -66.12 30.55
CA ILE G 574 -28.68 -65.10 30.47
C ILE G 574 -28.77 -64.64 29.03
N TYR G 575 -29.96 -64.74 28.44
CA TYR G 575 -30.18 -64.31 27.06
C TYR G 575 -30.70 -62.88 27.09
N ASN G 576 -29.83 -61.92 26.72
CA ASN G 576 -30.21 -60.52 26.79
C ASN G 576 -31.08 -60.12 25.61
N GLU G 577 -30.55 -60.23 24.40
CA GLU G 577 -31.31 -59.92 23.20
C GLU G 577 -31.07 -61.02 22.17
N VAL G 578 -32.15 -61.57 21.65
CA VAL G 578 -32.10 -62.65 20.66
C VAL G 578 -32.87 -62.19 19.44
N ASN G 579 -32.16 -61.87 18.37
CA ASN G 579 -32.75 -61.36 17.15
C ASN G 579 -32.74 -62.43 16.07
N LEU G 580 -33.53 -62.20 15.03
CA LEU G 580 -33.65 -63.13 13.91
C LEU G 580 -33.13 -62.45 12.66
N MET G 581 -31.98 -62.92 12.17
CA MET G 581 -31.37 -62.36 10.97
C MET G 581 -31.89 -63.08 9.74
N ALA G 582 -31.91 -62.37 8.61
CA ALA G 582 -32.38 -62.95 7.36
C ALA G 582 -31.71 -62.26 6.19
N ASN G 583 -31.44 -63.02 5.13
CA ASN G 583 -30.87 -62.49 3.91
C ASN G 583 -31.93 -62.55 2.81
N PHE G 584 -32.21 -61.40 2.20
CA PHE G 584 -33.18 -61.31 1.12
C PHE G 584 -32.44 -60.96 -0.17
N MET G 585 -32.56 -61.81 -1.17
CA MET G 585 -31.97 -61.52 -2.46
C MET G 585 -32.77 -60.39 -3.12
N PRO G 586 -32.14 -59.29 -3.52
CA PRO G 586 -32.84 -58.18 -4.15
C PRO G 586 -33.16 -58.41 -5.62
N MET G 587 -33.68 -59.60 -5.93
CA MET G 587 -34.03 -59.90 -7.31
C MET G 587 -35.21 -59.06 -7.74
N ASP G 588 -35.26 -58.77 -9.04
CA ASP G 588 -36.25 -57.82 -9.56
C ASP G 588 -37.66 -58.30 -9.25
N HIS G 589 -38.53 -57.35 -8.92
CA HIS G 589 -39.88 -57.73 -8.50
C HIS G 589 -40.67 -58.35 -9.64
N ASN G 590 -40.43 -57.94 -10.89
CA ASN G 590 -41.15 -58.52 -12.00
C ASN G 590 -40.76 -59.97 -12.27
N THR G 591 -39.64 -60.43 -11.71
CA THR G 591 -39.27 -61.83 -11.81
C THR G 591 -39.46 -62.60 -10.51
N SER G 592 -39.33 -61.94 -9.36
CA SER G 592 -39.68 -62.61 -8.11
C SER G 592 -41.18 -62.84 -8.01
N ASN G 593 -41.99 -61.94 -8.57
CA ASN G 593 -43.42 -62.21 -8.68
C ASN G 593 -43.68 -63.41 -9.57
N GLN G 594 -42.97 -63.49 -10.70
CA GLN G 594 -43.10 -64.66 -11.58
C GLN G 594 -42.75 -65.94 -10.83
N LEU G 595 -41.68 -65.88 -10.03
CA LEU G 595 -41.31 -67.03 -9.20
C LEU G 595 -42.42 -67.37 -8.21
N GLU G 596 -43.06 -66.34 -7.63
CA GLU G 596 -44.13 -66.58 -6.68
C GLU G 596 -45.31 -67.28 -7.32
N LEU G 597 -45.73 -66.82 -8.51
CA LEU G 597 -46.83 -67.49 -9.19
C LEU G 597 -46.48 -68.91 -9.59
N MET G 598 -45.20 -69.19 -9.83
CA MET G 598 -44.78 -70.52 -10.26
C MET G 598 -44.25 -71.36 -9.11
N LEU G 599 -44.31 -70.84 -7.87
CA LEU G 599 -44.08 -71.62 -6.67
C LEU G 599 -45.32 -71.79 -5.81
N ARG G 600 -46.36 -71.01 -6.02
CA ARG G 600 -47.65 -71.22 -5.37
C ARG G 600 -48.46 -72.30 -6.07
N ASN G 601 -48.01 -72.78 -7.22
CA ASN G 601 -48.72 -73.84 -7.92
C ASN G 601 -48.54 -75.17 -7.18
N ALA G 602 -49.65 -75.91 -7.03
CA ALA G 602 -49.61 -77.14 -6.27
C ALA G 602 -48.74 -78.20 -6.92
N THR G 603 -48.66 -78.20 -8.25
CA THR G 603 -47.85 -79.21 -8.94
C THR G 603 -46.37 -79.04 -8.61
N ASN G 604 -45.93 -77.83 -8.27
CA ASN G 604 -44.54 -77.56 -7.91
C ASN G 604 -44.47 -76.80 -6.59
N ASP G 605 -44.54 -77.55 -5.49
CA ASP G 605 -44.43 -76.99 -4.15
C ASP G 605 -43.26 -77.66 -3.44
N GLN G 606 -42.65 -76.91 -2.52
CA GLN G 606 -41.42 -77.38 -1.87
C GLN G 606 -41.67 -78.70 -1.16
N THR G 607 -40.75 -79.64 -1.36
CA THR G 607 -40.79 -80.94 -0.70
C THR G 607 -39.45 -81.16 0.00
N PHE G 608 -39.50 -81.40 1.30
CA PHE G 608 -38.30 -81.56 2.11
C PHE G 608 -38.37 -82.88 2.86
N VAL G 609 -37.22 -83.52 3.02
CA VAL G 609 -37.10 -84.75 3.78
C VAL G 609 -36.00 -84.56 4.82
N ASP G 610 -36.20 -85.11 6.00
CA ASP G 610 -35.17 -85.08 7.02
C ASP G 610 -34.01 -85.97 6.57
N TYR G 611 -32.78 -85.47 6.73
CA TYR G 611 -31.63 -86.21 6.22
C TYR G 611 -31.43 -87.53 6.94
N LEU G 612 -31.64 -87.54 8.26
CA LEU G 612 -31.45 -88.77 9.01
C LEU G 612 -32.38 -89.86 8.51
N GLY G 613 -33.65 -89.52 8.28
CA GLY G 613 -34.60 -90.48 7.78
C GLY G 613 -34.73 -91.67 8.68
N ALA G 614 -34.87 -91.42 9.98
CA ALA G 614 -34.84 -92.49 10.97
C ALA G 614 -35.73 -92.12 12.14
N LYS G 615 -36.67 -93.00 12.48
CA LYS G 615 -37.34 -92.89 13.78
C LYS G 615 -36.41 -93.39 14.87
N ASN G 616 -36.24 -92.57 15.91
CA ASN G 616 -35.28 -92.86 16.97
C ASN G 616 -36.03 -93.41 18.18
N ALA G 617 -35.62 -94.58 18.64
CA ALA G 617 -36.19 -95.21 19.82
C ALA G 617 -35.06 -95.67 20.73
N LEU G 618 -35.12 -95.27 21.99
CA LEU G 618 -34.11 -95.63 22.98
C LEU G 618 -34.69 -96.69 23.89
N TYR G 619 -34.02 -97.84 23.98
CA TYR G 619 -34.48 -98.96 24.77
C TYR G 619 -33.52 -99.17 25.93
N SER G 620 -34.05 -99.10 27.15
CA SER G 620 -33.21 -99.14 28.34
C SER G 620 -32.60 -100.53 28.51
N VAL G 621 -31.30 -100.56 28.76
CA VAL G 621 -30.58 -101.78 29.11
C VAL G 621 -29.96 -101.56 30.48
N PRO G 622 -30.32 -102.35 31.50
CA PRO G 622 -29.73 -102.13 32.83
C PRO G 622 -28.24 -102.43 32.85
N ALA G 623 -27.61 -102.26 34.02
CA ALA G 623 -26.16 -102.30 34.10
C ALA G 623 -25.60 -103.64 33.64
N GLY G 624 -25.95 -104.71 34.35
CA GLY G 624 -25.33 -106.00 34.09
C GLY G 624 -25.97 -106.83 33.00
N SER G 625 -27.14 -106.43 32.50
CA SER G 625 -27.86 -107.27 31.55
C SER G 625 -27.15 -107.29 30.20
N THR G 626 -27.22 -108.45 29.54
CA THR G 626 -26.58 -108.66 28.26
C THR G 626 -27.54 -108.71 27.09
N ALA G 627 -28.84 -108.93 27.34
CA ALA G 627 -29.80 -109.13 26.28
C ALA G 627 -30.88 -108.06 26.30
N LEU G 628 -31.39 -107.72 25.13
CA LEU G 628 -32.47 -106.77 24.98
C LEU G 628 -33.38 -107.21 23.86
N THR G 629 -34.69 -107.26 24.12
CA THR G 629 -35.68 -107.64 23.12
C THR G 629 -36.54 -106.43 22.80
N ILE G 630 -36.59 -106.07 21.51
CA ILE G 630 -37.37 -104.94 21.03
C ILE G 630 -38.59 -105.52 20.32
N ASN G 631 -39.78 -105.16 20.79
CA ASN G 631 -41.01 -105.69 20.26
C ASN G 631 -41.85 -104.56 19.69
N ILE G 632 -42.23 -104.68 18.41
CA ILE G 632 -42.99 -103.65 17.72
C ILE G 632 -44.32 -104.26 17.28
N PRO G 633 -45.45 -103.61 17.56
CA PRO G 633 -46.74 -104.18 17.14
C PRO G 633 -46.89 -104.23 15.63
N ALA G 634 -48.00 -104.79 15.15
CA ALA G 634 -48.22 -104.97 13.73
C ALA G 634 -48.21 -103.63 13.01
N ARG G 635 -47.43 -103.54 11.93
CA ARG G 635 -47.30 -102.33 11.15
C ARG G 635 -47.10 -102.71 9.69
N THR G 636 -47.37 -101.76 8.80
CA THR G 636 -47.37 -102.06 7.38
C THR G 636 -46.01 -101.88 6.72
N TRP G 637 -45.00 -101.36 7.43
CA TRP G 637 -43.62 -101.28 6.95
C TRP G 637 -43.52 -100.80 5.50
N GLU G 638 -44.43 -99.93 5.09
CA GLU G 638 -44.48 -99.46 3.71
C GLU G 638 -43.36 -98.47 3.45
N GLY G 639 -42.22 -98.95 2.96
CA GLY G 639 -41.11 -98.09 2.64
C GLY G 639 -39.99 -98.06 3.65
N MET G 640 -39.80 -99.13 4.42
CA MET G 640 -38.70 -99.17 5.38
C MET G 640 -37.36 -99.13 4.67
N ARG G 641 -36.41 -98.41 5.25
CA ARG G 641 -35.07 -98.31 4.68
C ARG G 641 -34.07 -99.26 5.32
N GLY G 642 -34.30 -99.66 6.57
CA GLY G 642 -33.41 -100.59 7.23
C GLY G 642 -33.36 -100.30 8.72
N TRP G 643 -32.27 -100.73 9.35
CA TRP G 643 -32.06 -100.58 10.78
C TRP G 643 -30.67 -100.00 11.03
N SER G 644 -30.59 -99.01 11.91
CA SER G 644 -29.33 -98.42 12.33
C SER G 644 -29.32 -98.35 13.85
N PHE G 645 -28.19 -98.70 14.47
CA PHE G 645 -28.20 -98.80 15.92
C PHE G 645 -26.79 -98.74 16.50
N THR G 646 -26.66 -98.02 17.60
CA THR G 646 -25.60 -98.17 18.60
C THR G 646 -26.24 -98.11 19.98
N ARG G 647 -25.41 -98.25 21.01
CA ARG G 647 -25.89 -98.13 22.38
C ARG G 647 -25.27 -96.91 23.03
N ILE G 648 -26.10 -96.11 23.68
CA ILE G 648 -25.67 -94.87 24.33
C ILE G 648 -25.97 -95.00 25.81
N LYS G 649 -25.03 -94.55 26.65
CA LYS G 649 -25.23 -94.59 28.08
C LYS G 649 -26.43 -93.74 28.48
N ALA G 650 -27.21 -94.24 29.43
CA ALA G 650 -28.38 -93.50 29.89
C ALA G 650 -27.96 -92.25 30.65
N ALA G 651 -26.85 -92.32 31.39
CA ALA G 651 -26.36 -91.15 32.12
C ALA G 651 -25.98 -90.02 31.16
N GLU G 652 -25.55 -90.36 29.95
CA GLU G 652 -25.14 -89.39 28.95
C GLU G 652 -26.24 -89.09 27.93
N THR G 653 -27.47 -89.53 28.19
CA THR G 653 -28.57 -89.34 27.27
C THR G 653 -29.69 -88.56 27.93
N PRO G 654 -30.18 -87.50 27.31
CA PRO G 654 -31.31 -86.75 27.88
C PRO G 654 -32.62 -87.50 27.68
N GLN G 655 -33.61 -87.14 28.49
CA GLN G 655 -34.96 -87.64 28.28
C GLN G 655 -35.52 -87.05 26.98
N LEU G 656 -36.15 -87.89 26.18
CA LEU G 656 -36.57 -87.48 24.84
C LEU G 656 -37.75 -86.52 24.93
N GLY G 657 -37.66 -85.41 24.19
CA GLY G 657 -38.74 -84.46 24.14
C GLY G 657 -39.08 -83.82 25.47
N ALA G 658 -38.17 -83.88 26.43
CA ALA G 658 -38.40 -83.30 27.75
C ALA G 658 -38.00 -81.84 27.76
N GLN G 659 -38.83 -81.00 28.40
CA GLN G 659 -38.49 -79.60 28.54
C GLN G 659 -37.21 -79.42 29.36
N TYR G 660 -37.08 -80.18 30.44
CA TYR G 660 -35.92 -80.07 31.31
C TYR G 660 -35.69 -81.41 31.98
N ASP G 661 -34.53 -82.02 31.74
CA ASP G 661 -34.19 -83.31 32.31
C ASP G 661 -33.53 -83.10 33.66
N VAL G 662 -34.18 -83.54 34.73
CA VAL G 662 -33.66 -83.32 36.06
C VAL G 662 -32.65 -84.39 36.47
N ASN G 663 -32.70 -85.57 35.86
CA ASN G 663 -31.74 -86.63 36.12
C ASN G 663 -30.52 -86.55 35.23
N PHE G 664 -30.48 -85.60 34.30
CA PHE G 664 -29.35 -85.44 33.38
C PHE G 664 -28.29 -84.59 34.07
N LYS G 665 -27.28 -85.26 34.63
CA LYS G 665 -26.20 -84.60 35.34
C LYS G 665 -24.87 -84.85 34.64
N TYR G 666 -24.89 -84.79 33.31
CA TYR G 666 -23.72 -84.99 32.48
C TYR G 666 -23.65 -83.86 31.46
N SER G 667 -22.45 -83.33 31.23
CA SER G 667 -22.30 -82.20 30.32
C SER G 667 -21.15 -82.39 29.36
N GLY G 668 -20.87 -83.63 28.98
CA GLY G 668 -19.86 -83.89 27.98
C GLY G 668 -20.47 -83.97 26.59
N SER G 669 -20.04 -84.95 25.81
CA SER G 669 -20.54 -85.14 24.46
C SER G 669 -21.70 -86.13 24.52
N ILE G 670 -22.93 -85.64 24.34
CA ILE G 670 -24.08 -86.52 24.24
C ILE G 670 -24.03 -87.22 22.88
N ALA G 671 -23.66 -88.50 22.88
CA ALA G 671 -23.57 -89.26 21.65
C ALA G 671 -24.91 -89.38 20.93
N TYR G 672 -26.02 -89.15 21.64
CA TYR G 672 -27.32 -89.12 21.00
C TYR G 672 -27.46 -87.89 20.10
N SER G 673 -27.23 -86.70 20.67
CA SER G 673 -27.52 -85.47 19.94
C SER G 673 -26.53 -85.26 18.80
N ASP G 674 -25.23 -85.42 19.07
CA ASP G 674 -24.25 -85.38 18.01
C ASP G 674 -23.99 -86.80 17.52
N GLY G 675 -22.97 -86.99 16.70
CA GLY G 675 -22.68 -88.31 16.18
C GLY G 675 -21.55 -89.01 16.91
N GLY G 676 -21.23 -88.55 18.11
CA GLY G 676 -20.08 -89.06 18.82
C GLY G 676 -20.28 -90.44 19.41
N PHE G 677 -20.76 -91.37 18.60
CA PHE G 677 -20.91 -92.75 19.06
C PHE G 677 -19.55 -93.37 19.34
N TYR G 678 -19.46 -94.09 20.44
CA TYR G 678 -18.24 -94.80 20.79
C TYR G 678 -18.53 -96.20 21.30
N LEU G 679 -19.78 -96.64 21.26
CA LEU G 679 -20.16 -97.98 21.70
C LEU G 679 -20.75 -98.80 20.55
N SER G 680 -20.25 -98.58 19.33
CA SER G 680 -20.63 -99.47 18.25
C SER G 680 -20.15 -100.88 18.51
N HIS G 681 -19.02 -101.03 19.19
CA HIS G 681 -18.60 -102.32 19.71
C HIS G 681 -19.50 -102.64 20.91
N THR G 682 -19.19 -103.71 21.64
CA THR G 682 -20.05 -104.22 22.70
C THR G 682 -21.40 -104.65 22.17
N PHE G 683 -21.44 -104.99 20.88
CA PHE G 683 -22.61 -105.58 20.23
C PHE G 683 -22.22 -106.98 19.79
N ARG G 684 -22.79 -107.99 20.45
CA ARG G 684 -22.39 -109.36 20.13
C ARG G 684 -23.13 -109.89 18.91
N ASN G 685 -24.45 -109.77 18.88
CA ASN G 685 -25.23 -110.20 17.74
C ASN G 685 -26.59 -109.52 17.79
N MET G 686 -27.42 -109.82 16.80
CA MET G 686 -28.74 -109.22 16.71
C MET G 686 -29.63 -110.13 15.87
N SER G 687 -30.92 -110.11 16.17
CA SER G 687 -31.90 -110.90 15.44
C SER G 687 -33.07 -110.03 15.04
N ILE G 688 -33.61 -110.29 13.85
CA ILE G 688 -34.75 -109.56 13.31
C ILE G 688 -35.77 -110.57 12.83
N LEU G 689 -37.02 -110.43 13.30
CA LEU G 689 -38.08 -111.35 12.93
C LEU G 689 -39.36 -110.53 12.71
N PHE G 690 -39.81 -110.46 11.46
CA PHE G 690 -41.01 -109.66 11.16
C PHE G 690 -42.25 -110.24 11.82
N ASP G 691 -42.35 -111.54 11.92
CA ASP G 691 -43.25 -112.15 12.88
C ASP G 691 -42.43 -112.95 13.87
N THR G 692 -43.08 -113.46 14.91
CA THR G 692 -42.30 -114.05 16.00
C THR G 692 -41.52 -115.28 15.58
N SER G 693 -41.55 -115.67 14.29
CA SER G 693 -40.76 -116.80 13.83
C SER G 693 -40.17 -116.61 12.43
N ILE G 694 -40.22 -115.40 11.87
CA ILE G 694 -39.77 -115.19 10.49
C ILE G 694 -38.51 -114.33 10.48
N ASN G 695 -37.34 -114.97 10.50
CA ASN G 695 -36.09 -114.23 10.39
C ASN G 695 -36.01 -113.53 9.04
N TRP G 696 -35.56 -112.26 9.05
CA TRP G 696 -35.64 -111.44 7.85
C TRP G 696 -34.78 -111.99 6.71
N PRO G 697 -33.45 -112.24 6.90
CA PRO G 697 -32.70 -112.90 5.81
C PRO G 697 -33.38 -114.20 5.42
N GLY G 698 -33.48 -115.12 6.39
CA GLY G 698 -34.30 -116.30 6.28
C GLY G 698 -34.16 -117.12 5.00
N ASN G 699 -33.09 -116.89 4.26
CA ASN G 699 -32.88 -117.60 3.01
C ASN G 699 -31.47 -118.16 2.94
N ASP G 700 -30.93 -118.57 4.09
CA ASP G 700 -29.57 -119.08 4.20
C ASP G 700 -28.54 -118.03 3.78
N ARG G 701 -28.93 -116.75 3.84
CA ARG G 701 -28.03 -115.68 3.41
C ARG G 701 -26.77 -115.65 4.26
N LEU G 702 -26.90 -115.33 5.54
CA LEU G 702 -25.74 -115.12 6.39
C LEU G 702 -25.14 -116.46 6.80
N LEU G 703 -23.84 -116.43 7.08
CA LEU G 703 -23.15 -117.64 7.51
C LEU G 703 -23.67 -118.17 8.83
N THR G 704 -24.31 -117.33 9.64
CA THR G 704 -25.07 -117.77 10.80
C THR G 704 -26.54 -117.73 10.45
N PRO G 705 -27.24 -118.87 10.44
CA PRO G 705 -28.54 -118.94 9.77
C PRO G 705 -29.59 -117.97 10.30
N ASN G 706 -29.64 -117.73 11.60
CA ASN G 706 -30.74 -116.97 12.18
C ASN G 706 -30.23 -115.91 13.15
N MET G 707 -29.16 -115.20 12.79
CA MET G 707 -28.56 -114.26 13.73
C MET G 707 -27.58 -113.35 12.99
N PHE G 708 -27.65 -112.06 13.30
CA PHE G 708 -26.71 -111.07 12.80
C PHE G 708 -25.52 -111.02 13.75
N GLU G 709 -24.66 -112.04 13.66
CA GLU G 709 -23.54 -112.14 14.61
C GLU G 709 -22.57 -111.01 14.30
N ILE G 710 -22.67 -109.93 15.10
CA ILE G 710 -21.83 -108.77 14.89
C ILE G 710 -20.37 -109.10 15.19
N LYS G 711 -20.13 -109.83 16.28
CA LYS G 711 -18.78 -110.22 16.63
C LYS G 711 -18.82 -111.50 17.45
N ARG G 712 -17.75 -112.29 17.34
CA ARG G 712 -17.55 -113.48 18.15
C ARG G 712 -16.13 -113.47 18.68
N SER G 713 -15.94 -114.04 19.86
CA SER G 713 -14.62 -114.07 20.48
C SER G 713 -13.68 -114.96 19.69
N VAL G 714 -12.55 -114.41 19.28
CA VAL G 714 -11.59 -115.16 18.47
C VAL G 714 -10.93 -116.26 19.28
N ALA G 715 -10.75 -116.05 20.58
CA ALA G 715 -10.16 -117.10 21.42
C ALA G 715 -11.00 -118.37 21.38
N LEU G 716 -12.31 -118.24 21.52
CA LEU G 716 -13.22 -119.37 21.40
C LEU G 716 -13.51 -119.74 19.95
N ASP G 717 -13.13 -118.89 19.01
CA ASP G 717 -13.39 -119.13 17.60
C ASP G 717 -12.67 -120.38 17.11
N THR G 718 -13.37 -121.18 16.32
CA THR G 718 -12.80 -122.42 15.78
C THR G 718 -12.91 -122.53 14.27
N GLU G 719 -14.02 -122.11 13.68
CA GLU G 719 -14.28 -122.35 12.26
C GLU G 719 -13.88 -121.19 11.36
N GLY G 720 -13.30 -120.14 11.92
CA GLY G 720 -13.07 -118.92 11.17
C GLY G 720 -14.16 -117.92 11.47
N PHE G 721 -14.84 -117.43 10.45
CA PHE G 721 -16.00 -116.55 10.62
C PHE G 721 -15.63 -115.25 11.34
N THR G 722 -14.35 -114.93 11.43
CA THR G 722 -13.87 -113.66 11.93
C THR G 722 -13.09 -112.98 10.83
N MET G 723 -13.27 -111.67 10.69
CA MET G 723 -13.01 -111.02 9.42
C MET G 723 -12.20 -109.76 9.70
N SER G 724 -11.28 -109.43 8.78
CA SER G 724 -10.47 -108.22 8.88
C SER G 724 -9.64 -108.18 10.17
N GLN G 725 -9.08 -109.32 10.55
CA GLN G 725 -8.09 -109.41 11.64
C GLN G 725 -8.61 -108.85 12.96
N CYS G 726 -9.87 -109.11 13.25
CA CYS G 726 -10.44 -108.75 14.55
C CYS G 726 -11.55 -109.74 14.86
N ASP G 727 -12.39 -109.41 15.83
CA ASP G 727 -13.47 -110.29 16.24
C ASP G 727 -14.76 -110.09 15.44
N ILE G 728 -14.80 -109.11 14.55
CA ILE G 728 -15.98 -108.91 13.72
C ILE G 728 -16.10 -110.10 12.75
N THR G 729 -17.32 -110.42 12.37
CA THR G 729 -17.57 -111.63 11.61
C THR G 729 -17.59 -111.36 10.11
N LYS G 730 -17.57 -112.45 9.33
CA LYS G 730 -17.67 -112.32 7.88
C LYS G 730 -19.01 -111.71 7.48
N ASP G 731 -20.09 -112.18 8.11
CA ASP G 731 -21.42 -111.67 7.78
C ASP G 731 -21.54 -110.19 8.09
N TRP G 732 -21.12 -109.78 9.28
CA TRP G 732 -21.27 -108.38 9.67
C TRP G 732 -20.40 -107.48 8.82
N TYR G 733 -19.16 -107.89 8.53
CA TYR G 733 -18.28 -107.11 7.68
C TYR G 733 -18.87 -107.00 6.27
N LEU G 734 -19.39 -108.09 5.74
CA LEU G 734 -20.04 -108.05 4.42
C LEU G 734 -21.21 -107.08 4.43
N ILE G 735 -22.05 -107.15 5.47
CA ILE G 735 -23.22 -106.29 5.53
C ILE G 735 -22.82 -104.83 5.58
N GLN G 736 -21.84 -104.50 6.42
CA GLN G 736 -21.43 -103.10 6.56
C GLN G 736 -20.79 -102.58 5.28
N MET G 737 -19.90 -103.37 4.67
CA MET G 737 -19.26 -102.91 3.44
C MET G 737 -20.26 -102.79 2.30
N ALA G 738 -21.23 -103.71 2.21
CA ALA G 738 -22.24 -103.62 1.16
C ALA G 738 -23.15 -102.42 1.38
N THR G 739 -23.48 -102.13 2.64
CA THR G 739 -24.33 -100.99 2.93
C THR G 739 -23.65 -99.68 2.60
N ASN G 740 -22.39 -99.54 3.01
CA ASN G 740 -21.71 -98.26 2.89
C ASN G 740 -21.09 -98.05 1.52
N TYR G 741 -20.75 -99.12 0.81
CA TYR G 741 -19.93 -99.02 -0.39
C TYR G 741 -20.49 -99.74 -1.60
N ASN G 742 -21.55 -100.54 -1.44
CA ASN G 742 -22.34 -101.08 -2.55
C ASN G 742 -21.54 -102.00 -3.46
N PHE G 743 -20.46 -102.59 -2.96
CA PHE G 743 -19.65 -103.52 -3.77
C PHE G 743 -18.98 -104.49 -2.80
N VAL G 744 -19.55 -105.68 -2.65
CA VAL G 744 -18.93 -106.74 -1.86
C VAL G 744 -18.85 -108.01 -2.67
N TYR G 745 -19.74 -108.16 -3.65
CA TYR G 745 -19.75 -109.34 -4.49
C TYR G 745 -18.69 -109.26 -5.58
N ASN G 746 -18.14 -108.07 -5.83
CA ASN G 746 -17.02 -107.90 -6.74
C ASN G 746 -15.69 -107.73 -6.02
N GLY G 747 -15.69 -107.84 -4.69
CA GLY G 747 -14.44 -107.81 -3.95
C GLY G 747 -14.36 -106.73 -2.88
N TYR G 748 -13.92 -107.10 -1.69
CA TYR G 748 -13.64 -106.12 -0.65
C TYR G 748 -12.48 -105.23 -1.09
N ARG G 749 -12.61 -103.93 -0.83
CA ARG G 749 -11.53 -103.00 -1.10
C ARG G 749 -11.79 -101.72 -0.33
N PHE G 750 -10.76 -100.90 -0.22
CA PHE G 750 -10.91 -99.60 0.42
C PHE G 750 -11.65 -98.65 -0.50
N TRP G 751 -12.42 -97.74 0.10
CA TRP G 751 -13.20 -96.75 -0.62
C TRP G 751 -12.80 -95.36 -0.13
N PRO G 752 -11.80 -94.74 -0.76
CA PRO G 752 -11.34 -93.42 -0.29
C PRO G 752 -12.33 -92.31 -0.53
N ASP G 753 -13.40 -92.57 -1.30
CA ASP G 753 -14.37 -91.52 -1.59
C ASP G 753 -15.21 -91.15 -0.38
N ARG G 754 -15.39 -92.06 0.57
CA ARG G 754 -16.18 -91.80 1.76
C ARG G 754 -15.33 -91.49 2.99
N GLN G 755 -14.02 -91.35 2.83
CA GLN G 755 -13.16 -91.06 3.96
C GLN G 755 -13.42 -89.69 4.57
N TYR G 756 -14.13 -88.81 3.88
CA TYR G 756 -14.49 -87.52 4.44
C TYR G 756 -15.72 -87.59 5.34
N PHE G 757 -16.49 -88.68 5.28
CA PHE G 757 -17.83 -88.68 5.84
C PHE G 757 -17.85 -88.53 7.35
N HIS G 758 -16.78 -88.92 8.05
CA HIS G 758 -16.64 -88.82 9.50
C HIS G 758 -17.59 -89.76 10.24
N TYR G 759 -18.45 -90.49 9.53
CA TYR G 759 -19.35 -91.44 10.18
C TYR G 759 -19.47 -92.75 9.42
N ASP G 760 -18.65 -92.99 8.40
CA ASP G 760 -18.75 -94.20 7.61
C ASP G 760 -17.97 -95.32 8.31
N PHE G 761 -17.76 -96.43 7.60
CA PHE G 761 -17.20 -97.63 8.20
C PHE G 761 -15.68 -97.62 8.20
N LEU G 762 -15.07 -97.58 7.01
CA LEU G 762 -13.63 -97.77 6.89
C LEU G 762 -12.83 -96.63 7.49
N ARG G 763 -13.42 -95.45 7.63
CA ARG G 763 -12.69 -94.30 8.15
C ARG G 763 -12.27 -94.50 9.60
N ASN G 764 -13.11 -95.16 10.39
CA ASN G 764 -12.87 -95.28 11.82
C ASN G 764 -13.03 -96.71 12.34
N PHE G 765 -13.13 -97.69 11.46
CA PHE G 765 -13.07 -99.10 11.86
C PHE G 765 -11.63 -99.45 12.19
N ASP G 766 -11.36 -99.74 13.47
CA ASP G 766 -9.99 -99.91 13.96
C ASP G 766 -9.84 -101.27 14.62
N PRO G 767 -9.53 -102.31 13.87
CA PRO G 767 -9.16 -103.59 14.49
C PRO G 767 -7.83 -103.47 15.22
N MET G 768 -7.70 -104.24 16.29
CA MET G 768 -6.49 -104.21 17.10
C MET G 768 -6.28 -105.58 17.73
N THR G 769 -5.05 -105.84 18.14
CA THR G 769 -4.70 -107.14 18.70
C THR G 769 -3.52 -106.97 19.65
N ARG G 770 -3.61 -107.64 20.80
CA ARG G 770 -2.50 -107.81 21.71
C ARG G 770 -2.45 -109.28 22.10
N GLN G 771 -1.41 -109.65 22.85
CA GLN G 771 -1.22 -111.05 23.23
C GLN G 771 -1.39 -111.27 24.72
N GLY G 772 -0.59 -110.60 25.55
CA GLY G 772 -0.73 -110.72 26.98
C GLY G 772 -0.29 -112.07 27.51
N PRO G 773 0.17 -112.11 28.76
CA PRO G 773 0.46 -113.41 29.38
C PRO G 773 -0.81 -114.17 29.66
N ASN G 774 -0.67 -115.50 29.79
CA ASN G 774 -1.78 -116.37 30.15
C ASN G 774 -1.67 -116.66 31.63
N PHE G 775 -2.36 -115.86 32.44
CA PHE G 775 -2.37 -116.05 33.88
C PHE G 775 -3.24 -117.27 34.19
N ALA G 776 -3.49 -117.50 35.48
CA ALA G 776 -4.10 -118.74 35.95
C ALA G 776 -3.27 -119.96 35.53
N LEU G 777 -1.97 -119.81 35.61
CA LEU G 777 -0.99 -120.85 35.34
C LEU G 777 -0.04 -120.94 36.52
N PRO G 778 0.83 -121.95 36.57
CA PRO G 778 1.75 -122.06 37.73
C PRO G 778 2.56 -120.80 38.01
N GLY G 779 3.08 -120.15 36.98
CA GLY G 779 3.70 -118.85 37.13
C GLY G 779 2.72 -117.74 36.79
N LEU G 780 3.25 -116.62 36.29
CA LEU G 780 2.44 -115.58 35.67
C LEU G 780 1.38 -115.06 36.65
N PHE G 781 1.89 -114.38 37.69
CA PHE G 781 1.12 -114.11 38.90
C PHE G 781 0.15 -112.95 38.77
N ASP G 782 0.17 -112.17 37.69
CA ASP G 782 -0.77 -111.06 37.47
C ASP G 782 -0.71 -110.06 38.63
N LEU G 783 0.44 -109.38 38.70
CA LEU G 783 0.71 -108.46 39.79
C LEU G 783 -0.14 -107.20 39.77
N VAL G 784 -0.87 -106.95 38.69
CA VAL G 784 -1.67 -105.72 38.55
C VAL G 784 -3.08 -106.00 39.06
N SER G 785 -3.50 -105.24 40.07
CA SER G 785 -4.85 -105.34 40.60
C SER G 785 -5.64 -104.11 40.18
N TYR G 786 -6.85 -104.33 39.68
CA TYR G 786 -7.70 -103.27 39.16
C TYR G 786 -8.76 -102.82 40.17
N THR G 787 -8.74 -103.35 41.39
CA THR G 787 -9.76 -103.03 42.37
C THR G 787 -9.18 -102.16 43.48
N PRO G 788 -9.61 -100.91 43.60
CA PRO G 788 -9.15 -100.09 44.72
C PRO G 788 -9.78 -100.52 46.03
N THR G 789 -9.17 -100.07 47.12
CA THR G 789 -9.64 -100.42 48.46
C THR G 789 -10.82 -99.58 48.92
N THR G 790 -11.26 -98.62 48.10
CA THR G 790 -12.42 -97.75 48.37
C THR G 790 -12.49 -97.31 49.83
N ASP G 791 -11.36 -96.88 50.36
CA ASP G 791 -11.25 -96.38 51.71
C ASP G 791 -10.79 -94.92 51.69
N ASN G 792 -10.88 -94.28 52.86
CA ASN G 792 -10.56 -92.87 52.96
C ASN G 792 -9.08 -92.61 52.68
N SER G 793 -8.20 -93.49 53.17
CA SER G 793 -6.77 -93.25 53.06
C SER G 793 -6.31 -93.22 51.61
N GLY G 794 -5.29 -92.40 51.36
CA GLY G 794 -4.73 -92.26 50.02
C GLY G 794 -3.63 -93.27 49.76
N GLU G 795 -3.80 -94.47 50.32
CA GLU G 795 -2.84 -95.56 50.19
C GLU G 795 -3.51 -96.70 49.45
N GLN G 796 -2.82 -97.26 48.47
CA GLN G 796 -3.32 -98.40 47.69
C GLN G 796 -2.28 -99.51 47.75
N PRO G 797 -2.22 -100.24 48.86
CA PRO G 797 -1.18 -101.28 49.00
C PRO G 797 -1.26 -102.38 47.96
N SER G 798 -2.44 -102.58 47.35
CA SER G 798 -2.56 -103.61 46.32
C SER G 798 -1.76 -103.28 45.07
N GLN G 799 -1.40 -102.01 44.88
CA GLN G 799 -0.64 -101.60 43.70
C GLN G 799 0.85 -101.85 43.84
N GLU G 800 1.30 -102.28 45.02
CA GLU G 800 2.71 -102.31 45.36
C GLU G 800 3.42 -103.58 44.90
N ALA G 801 2.88 -104.29 43.91
CA ALA G 801 3.41 -105.56 43.48
C ALA G 801 4.23 -105.47 42.21
N VAL G 802 4.32 -104.31 41.57
CA VAL G 802 4.88 -104.23 40.22
C VAL G 802 6.36 -103.85 40.25
N ARG G 803 6.77 -103.09 41.27
CA ARG G 803 8.20 -102.82 41.53
C ARG G 803 8.95 -102.33 40.29
N ASN G 804 8.24 -101.72 39.34
CA ASN G 804 8.85 -101.23 38.12
C ASN G 804 9.06 -99.73 38.22
N ASN G 805 10.21 -99.25 37.74
CA ASN G 805 10.68 -97.89 37.98
C ASN G 805 10.66 -97.61 39.48
N SER G 806 11.27 -98.52 40.24
CA SER G 806 11.10 -98.54 41.68
C SER G 806 11.54 -97.22 42.33
N GLY G 807 12.82 -96.89 42.19
CA GLY G 807 13.35 -95.70 42.81
C GLY G 807 13.24 -94.44 41.99
N PHE G 808 12.52 -94.47 40.88
CA PHE G 808 12.47 -93.34 39.95
C PHE G 808 11.09 -92.76 39.76
N ILE G 809 10.05 -93.30 40.41
CA ILE G 809 8.72 -92.73 40.39
C ILE G 809 8.16 -92.76 41.80
N ALA G 810 6.97 -92.19 41.96
CA ALA G 810 6.28 -92.27 43.23
C ALA G 810 5.89 -93.72 43.52
N PRO G 811 5.71 -94.08 44.79
CA PRO G 811 5.26 -95.44 45.10
C PRO G 811 3.92 -95.72 44.46
N ARG G 812 3.71 -96.96 44.05
CA ARG G 812 2.48 -97.32 43.37
C ARG G 812 1.27 -97.12 44.27
N SER G 813 1.40 -97.40 45.56
CA SER G 813 0.30 -97.14 46.48
C SER G 813 -0.01 -95.66 46.57
N TRP G 814 1.00 -94.81 46.46
CA TRP G 814 0.80 -93.38 46.56
C TRP G 814 0.14 -92.85 45.28
N PRO G 815 -0.47 -91.67 45.36
CA PRO G 815 -1.01 -91.05 44.14
C PRO G 815 0.08 -90.83 43.10
N VAL G 816 -0.32 -90.91 41.83
CA VAL G 816 0.64 -90.85 40.74
C VAL G 816 1.38 -89.51 40.74
N TRP G 817 0.68 -88.42 41.04
CA TRP G 817 1.25 -87.09 40.94
C TRP G 817 1.91 -86.64 42.23
N SER G 818 2.41 -87.58 43.03
CA SER G 818 3.21 -87.27 44.20
C SER G 818 4.69 -87.39 43.86
N ALA G 819 5.54 -86.99 44.81
CA ALA G 819 6.98 -87.00 44.58
C ALA G 819 7.50 -88.42 44.51
N HIS G 820 8.63 -88.59 43.85
CA HIS G 820 9.24 -89.91 43.72
C HIS G 820 9.94 -90.27 45.02
N GLN G 821 9.94 -91.57 45.34
CA GLN G 821 10.79 -92.08 46.40
C GLN G 821 10.97 -93.57 46.18
N GLY G 822 12.04 -94.11 46.77
CA GLY G 822 12.34 -95.52 46.69
C GLY G 822 13.80 -95.73 46.38
N GLU G 823 14.10 -96.93 45.90
CA GLU G 823 15.46 -97.32 45.56
C GLU G 823 15.44 -98.09 44.26
N SER G 824 16.59 -98.13 43.59
CA SER G 824 16.67 -98.79 42.29
C SER G 824 16.57 -100.30 42.46
N TRP G 825 15.59 -100.90 41.79
CA TRP G 825 15.31 -102.32 41.88
C TRP G 825 14.94 -102.84 40.50
N PRO G 826 15.25 -104.10 40.19
CA PRO G 826 14.82 -104.67 38.92
C PRO G 826 13.31 -104.73 38.82
N ALA G 827 12.79 -104.45 37.63
CA ALA G 827 11.37 -104.61 37.40
C ALA G 827 10.98 -106.07 37.49
N ASN G 828 9.75 -106.33 37.93
CA ASN G 828 9.26 -107.69 38.00
C ASN G 828 7.95 -107.92 37.28
N TRP G 829 7.10 -106.90 37.15
CA TRP G 829 5.75 -107.15 36.66
C TRP G 829 5.72 -107.56 35.18
N PRO G 830 6.13 -106.72 34.23
CA PRO G 830 5.76 -106.97 32.83
C PRO G 830 6.43 -108.21 32.28
N TYR G 831 5.68 -109.28 32.10
CA TYR G 831 6.25 -110.51 31.58
C TYR G 831 6.67 -110.30 30.13
N PRO G 832 7.93 -110.55 29.80
CA PRO G 832 8.37 -110.33 28.41
C PRO G 832 7.65 -111.23 27.43
N LEU G 833 6.91 -110.63 26.51
CA LEU G 833 6.25 -111.36 25.44
C LEU G 833 7.13 -111.50 24.21
N CYS G 834 8.31 -110.88 24.21
CA CYS G 834 9.20 -110.89 23.06
C CYS G 834 10.64 -111.04 23.55
N GLY G 835 11.56 -111.17 22.61
CA GLY G 835 12.96 -111.31 22.96
C GLY G 835 13.33 -112.75 23.28
N GLN G 836 14.62 -112.94 23.56
CA GLN G 836 15.12 -114.28 23.86
C GLN G 836 14.62 -114.81 25.19
N GLN G 837 14.24 -113.94 26.12
CA GLN G 837 13.76 -114.35 27.43
C GLN G 837 12.24 -114.25 27.54
N ALA G 838 11.53 -114.33 26.42
CA ALA G 838 10.08 -114.26 26.44
C ALA G 838 9.49 -115.50 27.09
N ILE G 839 8.26 -115.37 27.58
CA ILE G 839 7.59 -116.53 28.16
C ILE G 839 7.24 -117.53 27.07
N GLN G 840 6.95 -118.76 27.49
CA GLN G 840 6.74 -119.85 26.56
C GLN G 840 5.52 -119.59 25.69
N PRO G 841 5.49 -120.14 24.47
CA PRO G 841 4.34 -119.89 23.57
C PRO G 841 3.02 -120.35 24.14
N GLY G 842 3.02 -121.34 25.02
CA GLY G 842 1.80 -121.79 25.65
C GLY G 842 1.35 -120.94 26.81
N GLN G 843 2.09 -119.88 27.12
CA GLN G 843 1.81 -119.00 28.24
C GLN G 843 1.29 -117.63 27.80
N VAL G 844 0.90 -117.50 26.53
CA VAL G 844 0.39 -116.24 26.00
C VAL G 844 -1.03 -116.48 25.48
N LEU G 845 -1.73 -115.37 25.22
CA LEU G 845 -3.10 -115.47 24.74
C LEU G 845 -3.32 -114.59 23.51
N SER G 846 -4.55 -114.51 23.03
CA SER G 846 -4.91 -113.66 21.90
C SER G 846 -6.13 -112.84 22.27
N TYR G 847 -6.11 -111.56 21.92
CA TYR G 847 -7.10 -110.60 22.37
C TYR G 847 -7.59 -109.75 21.20
N LYS G 848 -7.98 -110.40 20.11
CA LYS G 848 -8.53 -109.66 18.97
C LYS G 848 -9.72 -108.82 19.40
N LYS G 849 -9.70 -107.55 19.02
CA LYS G 849 -10.74 -106.60 19.39
C LYS G 849 -10.77 -105.50 18.34
N PHE G 850 -11.91 -104.82 18.24
CA PHE G 850 -12.02 -103.67 17.35
C PHE G 850 -12.79 -102.56 18.04
N LEU G 851 -12.37 -101.33 17.75
CA LEU G 851 -13.10 -100.14 18.15
C LEU G 851 -13.64 -99.45 16.91
N CYS G 852 -14.91 -99.08 16.95
CA CYS G 852 -15.57 -98.45 15.82
C CYS G 852 -16.38 -97.28 16.38
N ASP G 853 -15.93 -96.07 16.11
CA ASP G 853 -16.53 -94.88 16.68
C ASP G 853 -17.31 -94.11 15.62
N ASN G 854 -18.38 -93.44 16.06
CA ASN G 854 -19.18 -92.56 15.21
C ASN G 854 -19.80 -93.31 14.03
N TYR G 855 -19.97 -94.63 14.14
CA TYR G 855 -20.38 -95.38 12.95
C TYR G 855 -21.88 -95.58 12.85
N LEU G 856 -22.56 -95.98 13.93
CA LEU G 856 -24.00 -96.24 13.90
C LEU G 856 -24.33 -97.37 12.92
N TRP G 857 -23.96 -98.59 13.33
CA TRP G 857 -24.16 -99.81 12.54
C TRP G 857 -25.45 -99.74 11.73
N THR G 858 -25.36 -100.01 10.44
CA THR G 858 -26.50 -99.91 9.54
C THR G 858 -26.76 -101.28 8.91
N ILE G 859 -28.03 -101.68 8.89
CA ILE G 859 -28.48 -102.86 8.19
C ILE G 859 -29.56 -102.44 7.21
N PRO G 860 -29.27 -102.39 5.91
CA PRO G 860 -30.27 -101.88 4.96
C PRO G 860 -31.36 -102.90 4.70
N PHE G 861 -32.58 -102.41 4.54
CA PHE G 861 -33.70 -103.29 4.23
C PHE G 861 -33.70 -103.61 2.74
N SER G 862 -32.57 -104.07 2.23
CA SER G 862 -32.42 -104.43 0.83
C SER G 862 -32.27 -105.94 0.72
N SER G 863 -32.67 -106.47 -0.44
CA SER G 863 -32.69 -107.91 -0.62
C SER G 863 -31.29 -108.53 -0.59
N ASP G 864 -30.26 -107.76 -0.89
CA ASP G 864 -28.90 -108.25 -0.87
C ASP G 864 -27.97 -107.32 -0.09
N PHE G 865 -28.51 -106.56 0.85
CA PHE G 865 -27.76 -105.70 1.76
C PHE G 865 -27.00 -104.59 1.03
N MET G 866 -27.37 -104.31 -0.22
CA MET G 866 -26.68 -103.30 -1.02
C MET G 866 -27.65 -102.21 -1.44
N TYR G 867 -27.10 -101.02 -1.66
CA TYR G 867 -27.91 -99.85 -1.96
C TYR G 867 -28.28 -99.85 -3.45
N MET G 868 -29.58 -99.90 -3.73
CA MET G 868 -30.09 -99.71 -5.08
C MET G 868 -31.02 -98.50 -5.17
N GLY G 869 -31.15 -97.74 -4.10
CA GLY G 869 -32.03 -96.59 -4.07
C GLY G 869 -32.52 -96.33 -2.66
N GLU G 870 -32.96 -95.10 -2.42
CA GLU G 870 -33.48 -94.76 -1.10
C GLU G 870 -34.69 -95.59 -0.76
N LEU G 871 -35.64 -95.72 -1.69
CA LEU G 871 -36.75 -96.62 -1.53
C LEU G 871 -36.24 -98.03 -1.79
N THR G 872 -36.06 -98.79 -0.72
CA THR G 872 -35.29 -100.02 -0.79
C THR G 872 -36.00 -101.08 -1.63
N ASP G 873 -35.27 -102.16 -1.90
CA ASP G 873 -35.80 -103.25 -2.69
C ASP G 873 -37.01 -103.89 -2.03
N LEU G 874 -36.94 -104.12 -0.73
CA LEU G 874 -38.02 -104.74 0.02
C LEU G 874 -38.97 -103.73 0.66
N GLY G 875 -38.62 -102.44 0.64
CA GLY G 875 -39.50 -101.43 1.19
C GLY G 875 -40.73 -101.17 0.36
N GLN G 876 -40.67 -101.45 -0.94
CA GLN G 876 -41.80 -101.34 -1.84
C GLN G 876 -42.38 -102.70 -2.21
N ASN G 877 -41.98 -103.75 -1.50
CA ASN G 877 -42.49 -105.10 -1.73
C ASN G 877 -43.93 -105.18 -1.24
N PRO G 878 -44.89 -105.54 -2.08
CA PRO G 878 -46.27 -105.72 -1.59
C PRO G 878 -46.45 -107.03 -0.86
N MET G 879 -45.49 -107.36 -0.01
CA MET G 879 -45.63 -108.37 1.03
C MET G 879 -45.52 -107.76 2.41
N TYR G 880 -44.87 -106.61 2.54
CA TYR G 880 -44.85 -105.81 3.75
C TYR G 880 -45.80 -104.62 3.63
N THR G 881 -45.70 -103.85 2.54
CA THR G 881 -46.48 -102.63 2.40
C THR G 881 -47.97 -102.86 2.52
N ASN G 882 -48.48 -103.99 2.05
CA ASN G 882 -49.90 -104.28 2.08
C ASN G 882 -50.33 -105.11 3.28
N ASN G 883 -49.43 -105.90 3.86
CA ASN G 883 -49.76 -106.82 4.94
C ASN G 883 -48.98 -106.43 6.20
N SER G 884 -49.69 -106.37 7.32
CA SER G 884 -49.07 -105.95 8.57
C SER G 884 -48.14 -107.03 9.13
N HIS G 885 -47.01 -106.60 9.68
CA HIS G 885 -46.07 -107.49 10.35
C HIS G 885 -45.62 -106.83 11.64
N SER G 886 -45.50 -107.63 12.69
CA SER G 886 -45.12 -107.15 14.03
C SER G 886 -43.72 -107.66 14.31
N MET G 887 -42.70 -106.87 13.95
CA MET G 887 -41.34 -107.37 13.99
C MET G 887 -40.84 -107.48 15.43
N VAL G 888 -39.98 -108.46 15.65
CA VAL G 888 -39.32 -108.68 16.94
C VAL G 888 -37.83 -108.57 16.72
N ILE G 889 -37.16 -107.79 17.57
CA ILE G 889 -35.72 -107.55 17.46
C ILE G 889 -35.06 -108.01 18.74
N ASN G 890 -34.02 -108.82 18.61
CA ASN G 890 -33.29 -109.37 19.74
C ASN G 890 -31.83 -108.93 19.68
N PHE G 891 -31.28 -108.58 20.84
CA PHE G 891 -29.89 -108.18 20.96
C PHE G 891 -29.22 -108.99 22.06
N GLU G 892 -27.93 -109.27 21.87
CA GLU G 892 -27.08 -109.72 22.96
C GLU G 892 -25.89 -108.78 23.02
N LEU G 893 -25.64 -108.22 24.21
CA LEU G 893 -24.71 -107.13 24.37
C LEU G 893 -23.60 -107.50 25.34
N ASP G 894 -22.47 -106.82 25.23
CA ASP G 894 -21.41 -106.96 26.22
C ASP G 894 -21.88 -106.33 27.52
N PRO G 895 -21.85 -107.05 28.64
CA PRO G 895 -22.35 -106.50 29.90
C PRO G 895 -21.47 -105.37 30.41
N MET G 896 -22.04 -104.18 30.50
CA MET G 896 -21.36 -103.02 31.06
C MET G 896 -21.64 -102.92 32.55
N ASP G 897 -21.32 -101.77 33.14
CA ASP G 897 -21.51 -101.55 34.57
C ASP G 897 -22.44 -100.39 34.88
N ASP G 898 -22.95 -99.70 33.87
CA ASP G 898 -23.85 -98.57 34.07
C ASP G 898 -24.97 -98.66 33.05
N PRO G 899 -26.15 -98.13 33.35
CA PRO G 899 -27.30 -98.32 32.46
C PRO G 899 -27.11 -97.57 31.15
N THR G 900 -27.43 -98.24 30.05
CA THR G 900 -27.27 -97.67 28.72
C THR G 900 -28.55 -97.90 27.91
N TYR G 901 -28.89 -96.91 27.09
CA TYR G 901 -29.92 -97.09 26.09
C TYR G 901 -29.29 -97.69 24.84
N VAL G 902 -30.08 -98.48 24.11
CA VAL G 902 -29.69 -98.99 22.81
C VAL G 902 -30.34 -98.10 21.78
N TYR G 903 -29.60 -97.10 21.32
CA TYR G 903 -30.12 -96.11 20.37
C TYR G 903 -30.23 -96.78 19.02
N MET G 904 -31.43 -97.27 18.69
CA MET G 904 -31.66 -98.01 17.46
C MET G 904 -32.58 -97.19 16.57
N LEU G 905 -32.09 -96.89 15.37
CA LEU G 905 -32.76 -96.03 14.39
C LEU G 905 -33.36 -96.91 13.31
N TYR G 906 -34.59 -96.62 12.93
CA TYR G 906 -35.21 -97.33 11.83
C TYR G 906 -34.85 -96.63 10.53
N GLY G 907 -35.40 -97.12 9.42
CA GLY G 907 -35.26 -96.41 8.18
C GLY G 907 -36.59 -95.89 7.71
N VAL G 908 -36.78 -94.59 7.72
CA VAL G 908 -38.07 -93.99 7.40
C VAL G 908 -37.87 -92.88 6.38
N PHE G 909 -38.93 -92.58 5.63
CA PHE G 909 -38.97 -91.39 4.77
C PHE G 909 -39.78 -90.32 5.50
N ASP G 910 -39.18 -89.75 6.54
CA ASP G 910 -39.78 -88.64 7.26
C ASP G 910 -39.66 -87.36 6.41
N THR G 911 -40.72 -87.10 5.65
CA THR G 911 -40.72 -86.07 4.62
C THR G 911 -41.85 -85.08 4.84
N VAL G 912 -41.80 -83.99 4.09
CA VAL G 912 -42.81 -82.95 4.09
C VAL G 912 -42.89 -82.33 2.70
N ARG G 913 -44.10 -81.91 2.33
CA ARG G 913 -44.28 -81.03 1.19
C ARG G 913 -45.06 -79.80 1.67
N VAL G 914 -44.64 -78.63 1.21
CA VAL G 914 -45.10 -77.35 1.74
C VAL G 914 -45.95 -76.68 0.68
N ASN G 915 -47.23 -76.47 1.00
CA ASN G 915 -48.17 -75.88 0.06
C ASN G 915 -48.47 -74.45 0.48
N GLN G 916 -48.26 -73.52 -0.44
CA GLN G 916 -48.55 -72.10 -0.23
C GLN G 916 -49.44 -71.64 -1.37
N PRO G 917 -50.75 -71.95 -1.30
CA PRO G 917 -51.60 -71.71 -2.47
C PRO G 917 -51.84 -70.24 -2.76
N GLU G 918 -52.15 -69.45 -1.74
CA GLU G 918 -52.42 -68.03 -1.87
C GLU G 918 -51.37 -67.26 -1.08
N ARG G 919 -51.56 -65.94 -1.01
CA ARG G 919 -50.64 -65.13 -0.22
C ARG G 919 -50.81 -65.44 1.26
N ASN G 920 -49.69 -65.45 1.98
CA ASN G 920 -49.60 -65.74 3.40
C ASN G 920 -50.58 -66.83 3.84
N VAL G 921 -50.56 -67.94 3.11
CA VAL G 921 -51.26 -69.16 3.50
C VAL G 921 -50.22 -70.28 3.45
N LEU G 922 -49.64 -70.60 4.60
CA LEU G 922 -48.59 -71.60 4.69
C LEU G 922 -49.16 -72.88 5.28
N ALA G 923 -48.86 -74.00 4.64
CA ALA G 923 -49.38 -75.30 5.07
C ALA G 923 -48.35 -76.37 4.79
N MET G 924 -48.14 -77.26 5.77
CA MET G 924 -47.25 -78.39 5.64
C MET G 924 -48.00 -79.67 5.99
N ALA G 925 -47.72 -80.73 5.24
CA ALA G 925 -48.23 -82.07 5.54
C ALA G 925 -47.04 -83.00 5.70
N TYR G 926 -46.83 -83.52 6.92
CA TYR G 926 -45.73 -84.42 7.17
C TYR G 926 -46.14 -85.84 6.80
N PHE G 927 -45.15 -86.67 6.50
CA PHE G 927 -45.42 -88.07 6.21
C PHE G 927 -44.17 -88.89 6.47
N ARG G 928 -44.35 -90.02 7.16
CA ARG G 928 -43.26 -90.93 7.49
C ARG G 928 -43.72 -92.33 7.10
N THR G 929 -42.93 -93.01 6.25
CA THR G 929 -43.49 -94.17 5.55
C THR G 929 -43.70 -95.38 6.45
N PRO G 930 -42.69 -95.90 7.18
CA PRO G 930 -42.98 -97.08 8.02
C PRO G 930 -43.73 -96.72 9.29
N PHE G 931 -43.28 -95.68 10.00
CA PHE G 931 -43.89 -95.26 11.26
C PHE G 931 -44.62 -93.94 11.00
N ALA G 932 -45.89 -94.07 10.61
CA ALA G 932 -46.61 -92.95 10.02
C ALA G 932 -46.81 -91.81 11.01
N THR G 933 -47.15 -92.14 12.27
CA THR G 933 -47.49 -91.17 13.31
C THR G 933 -48.28 -89.98 12.77
N GLY G 934 -49.32 -90.29 11.99
CA GLY G 934 -50.11 -89.27 11.34
C GLY G 934 -51.60 -89.47 11.61
N ASN G 935 -52.39 -88.59 11.01
CA ASN G 935 -53.83 -88.60 11.20
C ASN G 935 -54.46 -89.79 10.47
N ALA G 936 -55.36 -90.49 11.15
CA ALA G 936 -56.03 -91.65 10.58
C ALA G 936 -57.52 -91.37 10.50
N VAL G 937 -58.11 -91.63 9.33
CA VAL G 937 -59.53 -91.42 9.12
C VAL G 937 -60.21 -92.72 8.71
N ALA H 11 -46.33 -95.68 -8.51
CA ALA H 11 -47.45 -96.61 -8.51
C ALA H 11 -48.46 -96.22 -7.43
N THR H 12 -48.05 -96.32 -6.17
CA THR H 12 -48.91 -95.92 -5.08
C THR H 12 -49.03 -94.40 -5.02
N PRO H 13 -50.21 -93.87 -4.67
CA PRO H 13 -50.39 -92.41 -4.68
C PRO H 13 -49.75 -91.72 -3.49
N ARG H 14 -49.76 -92.39 -2.33
CA ARG H 14 -49.31 -91.76 -1.11
C ARG H 14 -47.81 -91.46 -1.15
N LEU H 15 -47.03 -92.38 -1.73
CA LEU H 15 -45.61 -92.12 -1.93
C LEU H 15 -45.36 -91.14 -3.07
N GLN H 16 -46.21 -91.13 -4.09
CA GLN H 16 -46.05 -90.20 -5.20
C GLN H 16 -46.26 -88.77 -4.76
N TYR H 17 -47.21 -88.52 -3.85
CA TYR H 17 -47.47 -87.16 -3.42
C TYR H 17 -46.28 -86.56 -2.67
N PHE H 18 -45.51 -87.40 -1.99
CA PHE H 18 -44.31 -86.96 -1.29
C PHE H 18 -43.04 -87.32 -2.04
N HIS H 19 -43.17 -87.77 -3.28
CA HIS H 19 -42.02 -88.00 -4.17
C HIS H 19 -41.06 -89.03 -3.59
N ILE H 20 -41.61 -90.02 -2.89
CA ILE H 20 -40.83 -91.16 -2.43
C ILE H 20 -40.76 -92.23 -3.50
N ALA H 21 -41.84 -92.38 -4.28
CA ALA H 21 -41.86 -93.26 -5.44
C ALA H 21 -42.44 -92.52 -6.64
N GLY H 22 -42.33 -91.20 -6.66
CA GLY H 22 -42.97 -90.38 -7.65
C GLY H 22 -42.25 -90.39 -8.99
N PRO H 23 -42.69 -89.52 -9.90
CA PRO H 23 -42.07 -89.50 -11.23
C PRO H 23 -40.61 -89.06 -11.22
N GLY H 24 -40.31 -87.94 -10.61
CA GLY H 24 -38.97 -87.37 -10.61
C GLY H 24 -39.02 -85.88 -10.88
N THR H 25 -37.99 -85.17 -10.41
CA THR H 25 -38.03 -83.71 -10.40
C THR H 25 -38.20 -83.14 -11.80
N ARG H 26 -37.48 -83.70 -12.77
CA ARG H 26 -37.53 -83.17 -14.13
C ARG H 26 -38.87 -83.39 -14.82
N GLU H 27 -39.78 -84.18 -14.22
CA GLU H 27 -41.03 -84.51 -14.89
C GLU H 27 -42.25 -84.35 -14.00
N TYR H 28 -42.13 -83.69 -12.85
CA TYR H 28 -43.31 -83.25 -12.12
C TYR H 28 -43.35 -81.76 -11.87
N LEU H 29 -42.21 -81.10 -11.76
CA LEU H 29 -42.20 -79.65 -11.74
C LEU H 29 -42.67 -79.10 -13.07
N SER H 30 -43.27 -77.91 -13.03
CA SER H 30 -43.62 -77.24 -14.28
C SER H 30 -42.36 -76.93 -15.07
N GLU H 31 -42.49 -76.99 -16.40
CA GLU H 31 -41.34 -76.71 -17.26
C GLU H 31 -40.79 -75.31 -17.02
N ASP H 32 -41.68 -74.35 -16.71
CA ASP H 32 -41.24 -72.99 -16.41
C ASP H 32 -40.40 -72.94 -15.14
N LEU H 33 -40.80 -73.69 -14.11
CA LEU H 33 -39.99 -73.73 -12.89
C LEU H 33 -38.63 -74.37 -13.15
N GLN H 34 -38.58 -75.43 -13.96
CA GLN H 34 -37.30 -76.04 -14.29
C GLN H 34 -36.41 -75.06 -15.05
N GLN H 35 -37.00 -74.30 -15.98
CA GLN H 35 -36.23 -73.30 -16.70
C GLN H 35 -35.70 -72.22 -15.75
N PHE H 36 -36.53 -71.79 -14.80
CA PHE H 36 -36.10 -70.81 -13.83
C PHE H 36 -34.96 -71.34 -12.96
N ILE H 37 -35.07 -72.58 -12.50
CA ILE H 37 -34.03 -73.16 -11.66
C ILE H 37 -32.73 -73.29 -12.45
N SER H 38 -32.84 -73.71 -13.72
CA SER H 38 -31.64 -73.80 -14.55
C SER H 38 -31.01 -72.44 -14.77
N ALA H 39 -31.83 -71.41 -15.02
CA ALA H 39 -31.28 -70.09 -15.29
C ALA H 39 -30.60 -69.50 -14.06
N THR H 40 -31.36 -69.29 -12.99
CA THR H 40 -30.82 -68.73 -11.75
C THR H 40 -30.35 -69.83 -10.81
N GLY H 41 -29.47 -70.70 -11.29
CA GLY H 41 -29.03 -71.82 -10.48
C GLY H 41 -27.60 -71.73 -10.02
N SER H 42 -26.85 -70.78 -10.56
CA SER H 42 -25.45 -70.61 -10.21
C SER H 42 -25.23 -69.63 -9.06
N TYR H 43 -26.28 -68.94 -8.61
CA TYR H 43 -26.12 -68.01 -7.51
C TYR H 43 -27.22 -68.16 -6.45
N PHE H 44 -28.37 -68.68 -6.86
CA PHE H 44 -29.53 -68.81 -5.97
C PHE H 44 -30.18 -70.16 -6.24
N ASP H 45 -29.72 -71.20 -5.54
CA ASP H 45 -30.14 -72.56 -5.86
C ASP H 45 -31.51 -72.86 -5.25
N LEU H 46 -32.34 -73.54 -6.03
CA LEU H 46 -33.64 -74.02 -5.58
C LEU H 46 -33.76 -75.54 -5.64
N LYS H 47 -32.72 -76.24 -6.11
CA LYS H 47 -32.81 -77.68 -6.31
C LYS H 47 -32.88 -78.45 -5.00
N ASN H 48 -32.45 -77.84 -3.90
CA ASN H 48 -32.50 -78.49 -2.59
C ASN H 48 -33.85 -78.35 -1.91
N LYS H 49 -34.86 -77.85 -2.63
CA LYS H 49 -36.19 -77.63 -2.07
C LYS H 49 -37.24 -78.52 -2.70
N PHE H 50 -36.86 -79.40 -3.62
CA PHE H 50 -37.78 -80.32 -4.25
C PHE H 50 -37.18 -81.72 -4.16
N ARG H 51 -37.93 -82.64 -3.57
CA ARG H 51 -37.41 -83.96 -3.29
C ARG H 51 -37.68 -84.90 -4.46
N GLN H 52 -36.67 -85.70 -4.80
CA GLN H 52 -36.83 -86.81 -5.72
C GLN H 52 -36.08 -88.00 -5.14
N THR H 53 -36.66 -89.18 -5.28
CA THR H 53 -36.12 -90.39 -4.67
C THR H 53 -35.80 -91.41 -5.76
N VAL H 54 -34.59 -91.95 -5.73
CA VAL H 54 -34.23 -93.06 -6.59
C VAL H 54 -34.84 -94.33 -6.03
N VAL H 55 -35.46 -95.12 -6.90
CA VAL H 55 -36.28 -96.27 -6.50
C VAL H 55 -35.59 -97.55 -6.93
N ALA H 56 -35.52 -98.50 -6.00
CA ALA H 56 -34.88 -99.78 -6.27
C ALA H 56 -35.67 -100.59 -7.30
N PRO H 57 -35.00 -101.49 -8.03
CA PRO H 57 -35.69 -102.21 -9.11
C PRO H 57 -36.84 -103.10 -8.65
N THR H 58 -36.88 -103.47 -7.37
CA THR H 58 -37.95 -104.18 -6.67
C THR H 58 -38.31 -105.53 -7.28
N ARG H 59 -37.60 -105.93 -8.34
CA ARG H 59 -37.87 -107.21 -8.99
C ARG H 59 -36.83 -107.51 -10.07
N ASN H 60 -36.55 -108.79 -10.31
CA ASN H 60 -35.64 -109.24 -11.36
C ASN H 60 -34.20 -108.77 -11.12
N VAL H 61 -33.87 -108.46 -9.87
CA VAL H 61 -32.49 -108.14 -9.51
C VAL H 61 -31.96 -109.00 -8.38
N THR H 62 -32.81 -109.62 -7.57
CA THR H 62 -32.35 -110.46 -6.48
C THR H 62 -33.28 -111.65 -6.36
N THR H 63 -32.71 -112.84 -6.17
CA THR H 63 -33.50 -114.05 -6.06
C THR H 63 -34.16 -114.15 -4.70
N GLU H 64 -35.26 -114.89 -4.65
CA GLU H 64 -35.92 -115.22 -3.40
C GLU H 64 -35.63 -116.65 -2.95
N LYS H 65 -34.82 -117.39 -3.70
CA LYS H 65 -34.47 -118.75 -3.32
C LYS H 65 -33.56 -118.74 -2.10
N ALA H 66 -33.57 -119.86 -1.39
CA ALA H 66 -32.66 -120.03 -0.25
C ALA H 66 -31.26 -120.23 -0.80
N GLN H 67 -30.50 -119.14 -0.88
CA GLN H 67 -29.17 -119.16 -1.47
C GLN H 67 -28.19 -118.56 -0.48
N ARG H 68 -27.09 -119.27 -0.25
CA ARG H 68 -26.05 -118.76 0.64
C ARG H 68 -25.43 -117.50 0.05
N LEU H 69 -25.25 -116.49 0.89
CA LEU H 69 -24.66 -115.23 0.47
C LEU H 69 -23.14 -115.23 0.54
N GLN H 70 -22.54 -116.23 1.18
CA GLN H 70 -21.09 -116.27 1.36
C GLN H 70 -20.69 -117.70 1.67
N ILE H 71 -19.93 -118.32 0.79
CA ILE H 71 -19.55 -119.73 0.91
C ILE H 71 -18.06 -119.82 1.19
N ARG H 72 -17.71 -120.61 2.20
CA ARG H 72 -16.33 -120.97 2.46
C ARG H 72 -16.08 -122.39 1.99
N PHE H 73 -14.98 -122.59 1.26
CA PHE H 73 -14.65 -123.88 0.69
C PHE H 73 -13.51 -124.50 1.49
N TYR H 74 -13.76 -125.69 2.02
CA TYR H 74 -12.69 -126.44 2.65
C TYR H 74 -11.71 -126.93 1.60
N PRO H 75 -10.43 -127.04 1.95
CA PRO H 75 -9.47 -127.62 1.01
C PRO H 75 -9.73 -129.10 0.82
N ILE H 76 -9.62 -129.56 -0.42
CA ILE H 76 -9.71 -130.99 -0.69
C ILE H 76 -8.44 -131.68 -0.29
N GLN H 77 -7.29 -131.16 -0.73
CA GLN H 77 -5.99 -131.72 -0.47
C GLN H 77 -5.08 -130.63 0.05
N THR H 78 -4.06 -131.01 0.82
CA THR H 78 -3.21 -130.02 1.47
C THR H 78 -1.76 -130.07 0.99
N ASP H 79 -1.07 -131.19 1.11
CA ASP H 79 0.37 -131.27 0.84
C ASP H 79 1.14 -130.17 1.59
N ASP H 80 1.05 -130.24 2.91
CA ASP H 80 1.90 -129.39 3.74
C ASP H 80 3.35 -129.83 3.59
N THR H 81 4.23 -128.86 3.38
CA THR H 81 5.66 -129.15 3.26
C THR H 81 6.44 -128.07 4.00
N SER H 82 7.76 -128.27 4.05
CA SER H 82 8.64 -127.39 4.83
C SER H 82 8.95 -126.09 4.13
N THR H 83 8.70 -125.99 2.82
CA THR H 83 8.98 -124.78 2.06
C THR H 83 7.72 -124.00 1.72
N GLY H 84 6.67 -124.68 1.30
CA GLY H 84 5.41 -124.02 0.99
C GLY H 84 4.23 -124.66 1.67
N TYR H 85 3.02 -124.31 1.24
CA TYR H 85 1.81 -124.91 1.79
C TYR H 85 0.72 -124.86 0.72
N ARG H 86 0.51 -125.99 0.05
CA ARG H 86 -0.49 -126.06 -1.00
C ARG H 86 -1.88 -126.19 -0.40
N VAL H 87 -2.87 -125.72 -1.14
CA VAL H 87 -4.29 -125.93 -0.84
C VAL H 87 -5.03 -126.06 -2.16
N ARG H 88 -5.95 -127.02 -2.24
CA ARG H 88 -6.78 -127.21 -3.41
C ARG H 88 -8.24 -127.21 -3.00
N TYR H 89 -9.06 -126.44 -3.70
CA TYR H 89 -10.48 -126.33 -3.42
C TYR H 89 -11.27 -126.76 -4.65
N ASN H 90 -12.58 -126.90 -4.47
CA ASN H 90 -13.51 -127.22 -5.55
C ASN H 90 -14.56 -126.11 -5.56
N ILE H 91 -14.31 -125.06 -6.33
CA ILE H 91 -15.23 -123.94 -6.44
C ILE H 91 -16.41 -124.41 -7.27
N ASN H 92 -17.52 -124.70 -6.62
CA ASN H 92 -18.75 -125.12 -7.29
C ASN H 92 -19.64 -123.90 -7.46
N VAL H 93 -19.69 -123.38 -8.67
CA VAL H 93 -20.55 -122.25 -9.02
C VAL H 93 -21.79 -122.82 -9.67
N GLY H 94 -22.87 -122.92 -8.90
CA GLY H 94 -24.08 -123.53 -9.40
C GLY H 94 -24.75 -122.69 -10.45
N ASP H 95 -25.73 -123.31 -11.12
CA ASP H 95 -26.49 -122.59 -12.13
C ASP H 95 -27.26 -121.44 -11.50
N GLY H 96 -27.26 -120.30 -12.18
CA GLY H 96 -27.84 -119.11 -11.62
C GLY H 96 -26.94 -118.39 -10.64
N TRP H 97 -25.82 -118.99 -10.27
CA TRP H 97 -24.82 -118.34 -9.43
C TRP H 97 -23.73 -117.75 -10.31
N VAL H 98 -23.32 -116.54 -9.97
CA VAL H 98 -22.24 -115.85 -10.69
C VAL H 98 -21.20 -115.44 -9.67
N LEU H 99 -19.99 -115.99 -9.80
CA LEU H 99 -18.92 -115.75 -8.85
C LEU H 99 -17.87 -114.84 -9.48
N ASP H 100 -17.57 -113.73 -8.80
CA ASP H 100 -16.49 -112.84 -9.17
C ASP H 100 -15.30 -113.17 -8.29
N MET H 101 -14.20 -113.60 -8.89
CA MET H 101 -13.02 -113.99 -8.13
C MET H 101 -12.39 -112.82 -7.37
N GLY H 102 -12.79 -111.58 -7.67
CA GLY H 102 -12.37 -110.47 -6.84
C GLY H 102 -12.90 -110.56 -5.43
N SER H 103 -14.08 -111.17 -5.26
CA SER H 103 -14.64 -111.40 -3.94
C SER H 103 -14.02 -112.60 -3.24
N THR H 104 -13.20 -113.38 -3.95
CA THR H 104 -12.62 -114.60 -3.41
C THR H 104 -11.29 -114.30 -2.74
N TYR H 105 -11.09 -114.85 -1.54
CA TYR H 105 -9.83 -114.68 -0.83
C TYR H 105 -9.57 -115.89 0.05
N PHE H 106 -8.31 -116.06 0.43
CA PHE H 106 -7.88 -117.20 1.24
C PHE H 106 -7.97 -116.84 2.71
N ASP H 107 -8.92 -117.46 3.42
CA ASP H 107 -9.09 -117.23 4.86
C ASP H 107 -8.08 -118.10 5.60
N ILE H 108 -6.92 -117.52 5.89
CA ILE H 108 -5.78 -118.24 6.44
C ILE H 108 -5.66 -117.92 7.92
N LYS H 109 -5.58 -118.96 8.75
CA LYS H 109 -5.22 -118.82 10.15
C LYS H 109 -4.20 -119.88 10.51
N GLY H 110 -3.34 -119.54 11.46
CA GLY H 110 -2.29 -120.44 11.85
C GLY H 110 -1.55 -119.94 13.06
N ILE H 111 -0.34 -120.46 13.25
CA ILE H 111 0.52 -120.11 14.36
C ILE H 111 1.80 -119.51 13.78
N LEU H 112 2.09 -118.28 14.17
CA LEU H 112 3.26 -117.57 13.68
C LEU H 112 4.22 -117.29 14.83
N ASP H 113 5.49 -117.66 14.64
CA ASP H 113 6.55 -117.35 15.58
C ASP H 113 7.43 -116.29 14.93
N ARG H 114 7.48 -115.10 15.52
CA ARG H 114 8.24 -114.01 14.96
C ARG H 114 9.69 -113.99 15.42
N GLY H 115 10.10 -114.98 16.21
CA GLY H 115 11.48 -115.14 16.58
C GLY H 115 11.90 -114.22 17.70
N PRO H 116 13.00 -114.55 18.38
CA PRO H 116 13.51 -113.66 19.43
C PRO H 116 13.94 -112.30 18.90
N SER H 117 14.16 -112.18 17.60
CA SER H 117 14.55 -110.91 16.98
C SER H 117 13.31 -110.09 16.64
N PHE H 118 12.49 -109.85 17.66
CA PHE H 118 11.23 -109.13 17.44
C PHE H 118 10.99 -108.25 18.67
N LYS H 119 11.38 -106.99 18.56
CA LYS H 119 11.14 -106.02 19.62
C LYS H 119 10.19 -104.96 19.09
N PRO H 120 8.92 -104.97 19.50
CA PRO H 120 7.92 -104.10 18.86
C PRO H 120 7.92 -102.68 19.38
N TYR H 121 8.95 -102.30 20.14
CA TYR H 121 8.93 -101.02 20.83
C TYR H 121 10.34 -100.50 21.01
N CYS H 122 10.52 -99.21 20.73
CA CYS H 122 11.79 -98.55 21.00
C CYS H 122 11.93 -98.32 22.50
N GLY H 123 13.10 -98.63 23.03
CA GLY H 123 13.33 -98.51 24.45
C GLY H 123 13.02 -99.80 25.20
N THR H 124 13.04 -99.68 26.52
CA THR H 124 12.81 -100.83 27.39
C THR H 124 11.56 -100.63 28.24
N ALA H 125 11.01 -101.74 28.71
CA ALA H 125 9.84 -101.73 29.58
C ALA H 125 10.20 -101.92 31.05
N TYR H 126 11.48 -102.09 31.36
CA TYR H 126 11.96 -102.39 32.70
C TYR H 126 12.87 -101.25 33.14
N ASN H 127 12.41 -100.49 34.14
CA ASN H 127 13.08 -99.27 34.57
C ASN H 127 13.43 -98.35 33.39
N PRO H 128 12.46 -97.98 32.56
CA PRO H 128 12.78 -97.06 31.44
C PRO H 128 13.31 -95.71 31.91
N LEU H 129 12.84 -95.22 33.05
CA LEU H 129 13.31 -93.95 33.57
C LEU H 129 14.66 -94.04 34.25
N ALA H 130 15.13 -95.25 34.54
CA ALA H 130 16.43 -95.41 35.17
C ALA H 130 17.53 -94.91 34.23
N PRO H 131 18.54 -94.21 34.76
CA PRO H 131 19.68 -93.83 33.93
C PRO H 131 20.38 -95.06 33.37
N LYS H 132 20.92 -94.90 32.16
CA LYS H 132 21.47 -96.04 31.42
C LYS H 132 22.64 -96.70 32.14
N GLU H 133 23.27 -96.02 33.10
CA GLU H 133 24.44 -96.56 33.79
C GLU H 133 24.22 -96.63 35.30
N SER H 134 22.99 -96.92 35.72
CA SER H 134 22.70 -97.01 37.14
C SER H 134 23.00 -98.41 37.67
N MET H 135 23.07 -98.52 38.99
CA MET H 135 23.43 -99.75 39.67
C MET H 135 22.41 -99.99 40.78
N PHE H 136 21.59 -101.02 40.64
CA PHE H 136 20.39 -101.18 41.46
C PHE H 136 20.73 -101.79 42.83
N ASN H 137 21.29 -100.96 43.70
CA ASN H 137 21.46 -101.30 45.10
C ASN H 137 22.24 -102.60 45.26
N ASN H 138 23.50 -102.53 44.84
CA ASN H 138 24.33 -103.72 44.67
C ASN H 138 24.63 -104.39 46.01
N TRP H 139 24.92 -105.68 45.94
CA TRP H 139 25.46 -106.42 47.08
C TRP H 139 26.28 -107.58 46.50
N SER H 140 27.59 -107.38 46.40
CA SER H 140 28.49 -108.39 45.84
C SER H 140 29.37 -108.93 46.96
N GLU H 141 29.31 -110.25 47.17
CA GLU H 141 30.08 -110.89 48.22
C GLU H 141 30.62 -112.23 47.71
N THR H 142 31.71 -112.67 48.31
CA THR H 142 32.27 -113.98 47.96
C THR H 142 31.44 -115.10 48.58
N ALA H 143 31.23 -115.03 49.89
CA ALA H 143 30.40 -115.95 50.65
C ALA H 143 29.50 -115.14 51.56
N PRO H 144 28.37 -115.69 52.00
CA PRO H 144 27.46 -114.94 52.87
C PRO H 144 28.17 -114.48 54.13
N GLY H 145 28.24 -113.16 54.31
CA GLY H 145 28.94 -112.57 55.42
C GLY H 145 30.42 -112.40 55.25
N GLN H 146 30.99 -112.86 54.13
CA GLN H 146 32.41 -112.72 53.85
C GLN H 146 32.65 -111.39 53.13
N ASN H 147 33.84 -111.26 52.53
CA ASN H 147 34.22 -110.04 51.82
C ASN H 147 33.12 -109.58 50.89
N VAL H 148 32.55 -108.42 51.17
CA VAL H 148 31.34 -107.95 50.49
C VAL H 148 31.53 -106.51 50.04
N SER H 149 31.04 -106.22 48.84
CA SER H 149 30.92 -104.86 48.32
C SER H 149 29.45 -104.60 48.03
N ALA H 150 28.94 -103.46 48.48
CA ALA H 150 27.53 -103.15 48.34
C ALA H 150 27.33 -101.64 48.29
N SER H 151 26.61 -101.17 47.27
CA SER H 151 26.36 -99.75 47.10
C SER H 151 24.92 -99.55 46.66
N GLY H 152 24.15 -98.81 47.45
CA GLY H 152 22.76 -98.58 47.08
C GLY H 152 22.11 -97.58 48.01
N GLN H 153 20.92 -97.14 47.61
CA GLN H 153 20.14 -96.23 48.43
C GLN H 153 19.43 -97.01 49.53
N LEU H 154 19.44 -96.43 50.73
CA LEU H 154 18.71 -96.99 51.87
C LEU H 154 17.59 -96.01 52.19
N SER H 155 16.36 -96.38 51.82
CA SER H 155 15.25 -95.44 51.75
C SER H 155 14.32 -95.52 52.95
N ASN H 156 13.78 -96.71 53.24
CA ASN H 156 12.74 -96.84 54.25
C ASN H 156 13.27 -96.47 55.63
N VAL H 157 12.40 -95.84 56.43
CA VAL H 157 12.75 -95.38 57.78
C VAL H 157 11.75 -95.94 58.76
N TYR H 158 12.17 -96.08 60.02
CA TYR H 158 11.27 -96.63 61.03
C TYR H 158 11.41 -95.95 62.40
N THR H 159 11.89 -94.71 62.44
CA THR H 159 11.96 -93.85 63.64
C THR H 159 12.34 -94.63 64.89
N ASN H 160 13.54 -95.21 64.85
CA ASN H 160 14.02 -96.03 65.95
C ASN H 160 14.48 -95.19 67.13
N THR H 161 14.37 -95.78 68.33
CA THR H 161 15.15 -95.34 69.47
C THR H 161 16.39 -96.23 69.56
N SER H 162 17.56 -95.63 69.35
CA SER H 162 18.77 -96.41 69.17
C SER H 162 19.27 -96.93 70.52
N THR H 163 20.46 -97.53 70.51
CA THR H 163 21.11 -98.12 71.68
C THR H 163 20.34 -99.30 72.25
N THR H 164 19.37 -99.83 71.52
CA THR H 164 18.67 -101.04 71.92
C THR H 164 18.04 -101.67 70.69
N LYS H 165 17.79 -102.97 70.77
CA LYS H 165 17.34 -103.76 69.63
C LYS H 165 15.84 -103.78 69.47
N ASP H 166 15.07 -103.18 70.39
CA ASP H 166 13.63 -103.34 70.38
C ASP H 166 13.02 -102.82 69.09
N THR H 167 13.45 -101.65 68.62
CA THR H 167 12.87 -101.08 67.41
C THR H 167 13.35 -101.81 66.17
N THR H 168 14.64 -102.09 66.07
CA THR H 168 15.19 -102.64 64.83
C THR H 168 14.90 -104.13 64.67
N ALA H 169 14.86 -104.88 65.78
CA ALA H 169 14.53 -106.31 65.68
C ALA H 169 13.10 -106.50 65.20
N ALA H 170 12.18 -105.62 65.58
CA ALA H 170 10.82 -105.71 65.07
C ALA H 170 10.79 -105.54 63.56
N GLN H 171 11.58 -104.59 63.03
CA GLN H 171 11.66 -104.43 61.58
C GLN H 171 12.31 -105.64 60.94
N VAL H 172 13.34 -106.20 61.57
CA VAL H 172 14.03 -107.37 61.01
C VAL H 172 13.07 -108.55 60.93
N THR H 173 12.20 -108.70 61.92
CA THR H 173 11.19 -109.76 61.85
C THR H 173 10.25 -109.57 60.68
N LYS H 174 10.16 -108.35 60.14
CA LYS H 174 9.36 -108.07 58.95
C LYS H 174 10.19 -108.04 57.68
N ILE H 175 11.52 -108.07 57.78
CA ILE H 175 12.38 -107.99 56.62
C ILE H 175 12.11 -109.14 55.66
N SER H 176 11.88 -110.34 56.21
CA SER H 176 11.74 -111.52 55.37
C SER H 176 10.55 -111.43 54.41
N GLY H 177 9.60 -110.53 54.67
CA GLY H 177 8.47 -110.34 53.80
C GLY H 177 8.79 -109.46 52.60
N VAL H 178 7.78 -108.74 52.14
CA VAL H 178 7.92 -107.79 51.05
C VAL H 178 8.08 -106.41 51.68
N PHE H 179 8.33 -106.39 52.98
CA PHE H 179 8.26 -105.15 53.75
C PHE H 179 9.20 -104.04 53.27
N PRO H 180 10.49 -104.29 53.00
CA PRO H 180 11.33 -103.19 52.51
C PRO H 180 10.75 -102.51 51.27
N ASN H 181 10.18 -103.29 50.36
CA ASN H 181 9.33 -102.84 49.26
C ASN H 181 9.96 -101.64 48.57
N PRO H 182 10.98 -101.85 47.74
CA PRO H 182 11.75 -100.72 47.18
C PRO H 182 10.92 -99.58 46.60
N ASN H 183 9.62 -99.80 46.39
CA ASN H 183 8.77 -98.73 45.90
C ASN H 183 8.70 -97.55 46.87
N GLN H 184 8.53 -97.81 48.16
CA GLN H 184 8.58 -96.72 49.13
C GLN H 184 10.00 -96.22 49.34
N GLY H 185 10.11 -94.94 49.63
CA GLY H 185 11.35 -94.33 50.01
C GLY H 185 11.26 -93.76 51.41
N PRO H 186 11.89 -92.61 51.64
CA PRO H 186 11.81 -91.99 52.97
C PRO H 186 10.39 -91.64 53.37
N GLY H 187 9.55 -91.25 52.42
CA GLY H 187 8.18 -90.92 52.71
C GLY H 187 7.95 -89.52 53.25
N ILE H 188 8.98 -88.69 53.31
CA ILE H 188 8.87 -87.33 53.84
C ILE H 188 9.22 -86.34 52.74
N ASN H 189 8.42 -85.29 52.60
CA ASN H 189 8.74 -84.27 51.61
C ASN H 189 9.83 -83.33 52.13
N PRO H 190 9.67 -82.67 53.29
CA PRO H 190 10.77 -81.85 53.81
C PRO H 190 11.83 -82.74 54.45
N LEU H 191 12.95 -82.91 53.76
CA LEU H 191 13.98 -83.81 54.24
C LEU H 191 14.78 -83.23 55.40
N ARG H 192 14.56 -81.96 55.74
CA ARG H 192 15.30 -81.32 56.82
C ARG H 192 14.69 -81.58 58.20
N GLN H 193 13.53 -82.22 58.27
CA GLN H 193 12.84 -82.39 59.54
C GLN H 193 13.32 -83.60 60.32
N VAL H 194 14.03 -84.54 59.68
CA VAL H 194 14.44 -85.76 60.35
C VAL H 194 15.64 -85.47 61.24
N GLU H 195 15.68 -86.14 62.38
CA GLU H 195 16.86 -86.18 63.23
C GLU H 195 17.61 -87.47 62.93
N ASN H 196 18.91 -87.35 62.66
CA ASN H 196 19.69 -88.51 62.23
C ASN H 196 19.81 -89.58 63.30
N ALA H 197 19.47 -89.27 64.55
CA ALA H 197 19.58 -90.22 65.65
C ALA H 197 18.25 -90.85 66.04
N ASN H 198 17.16 -90.47 65.39
CA ASN H 198 15.84 -90.98 65.74
C ASN H 198 15.02 -91.28 64.48
N THR H 199 15.68 -91.79 63.44
CA THR H 199 14.98 -92.01 62.18
C THR H 199 15.04 -93.46 61.72
N GLY H 200 16.14 -94.14 61.98
CA GLY H 200 16.30 -95.51 61.50
C GLY H 200 16.54 -95.56 60.01
N VAL H 201 17.03 -96.71 59.52
CA VAL H 201 17.39 -96.89 58.12
C VAL H 201 16.96 -98.27 57.68
N LEU H 202 16.42 -98.37 56.46
CA LEU H 202 16.06 -99.67 55.91
C LEU H 202 16.29 -99.66 54.40
N GLY H 203 16.49 -100.84 53.86
CA GLY H 203 16.71 -100.96 52.42
C GLY H 203 16.66 -102.41 51.99
N ARG H 204 16.74 -102.60 50.68
CA ARG H 204 16.69 -103.93 50.07
C ARG H 204 17.75 -103.99 48.99
N PHE H 205 18.70 -104.91 49.15
CA PHE H 205 19.83 -105.03 48.24
C PHE H 205 19.78 -106.35 47.49
N ALA H 206 20.30 -106.34 46.27
CA ALA H 206 20.27 -107.49 45.38
C ALA H 206 21.68 -108.02 45.18
N LYS H 207 21.84 -109.33 45.39
CA LYS H 207 23.11 -110.01 45.13
C LYS H 207 23.00 -110.63 43.74
N SER H 208 23.61 -109.97 42.75
CA SER H 208 23.45 -110.39 41.37
C SER H 208 24.67 -110.00 40.56
N GLN H 209 24.81 -110.65 39.42
CA GLN H 209 25.85 -110.34 38.44
C GLN H 209 25.23 -109.51 37.32
N TYR H 210 26.06 -108.66 36.70
CA TYR H 210 25.60 -107.63 35.76
C TYR H 210 24.60 -106.69 36.44
N ASN H 211 25.13 -105.94 37.41
CA ASN H 211 24.34 -104.96 38.13
C ASN H 211 24.10 -103.73 37.25
N TYR H 212 22.97 -103.72 36.55
CA TYR H 212 22.52 -102.56 35.79
C TYR H 212 21.05 -102.34 36.10
N ALA H 213 20.71 -101.17 36.62
CA ALA H 213 19.31 -100.90 36.97
C ALA H 213 18.45 -100.76 35.72
N TYR H 214 18.98 -100.17 34.65
CA TYR H 214 18.21 -99.93 33.44
C TYR H 214 18.00 -101.24 32.68
N GLY H 215 16.74 -101.65 32.54
CA GLY H 215 16.43 -102.88 31.85
C GLY H 215 16.47 -104.13 32.71
N ALA H 216 16.73 -104.00 34.00
CA ALA H 216 16.82 -105.16 34.88
C ALA H 216 15.43 -105.74 35.13
N TYR H 217 15.27 -107.03 34.83
CA TYR H 217 14.01 -107.73 35.05
C TYR H 217 14.29 -108.99 35.85
N VAL H 218 13.63 -109.12 37.00
CA VAL H 218 13.66 -110.33 37.80
C VAL H 218 12.21 -110.80 37.94
N LYS H 219 11.91 -111.96 37.36
CA LYS H 219 10.53 -112.42 37.33
C LYS H 219 10.07 -112.75 38.76
N PRO H 220 8.81 -112.49 39.08
CA PRO H 220 8.32 -112.73 40.43
C PRO H 220 8.10 -114.21 40.70
N VAL H 221 8.15 -114.56 41.99
CA VAL H 221 7.87 -115.91 42.44
C VAL H 221 6.64 -115.98 43.34
N ALA H 222 6.04 -114.84 43.66
CA ALA H 222 4.82 -114.80 44.45
C ALA H 222 3.88 -113.76 43.84
N ALA H 223 2.59 -113.87 44.21
CA ALA H 223 1.56 -113.05 43.59
C ALA H 223 1.65 -111.57 43.96
N ASP H 224 2.48 -111.21 44.94
CA ASP H 224 2.61 -109.82 45.40
C ASP H 224 4.09 -109.45 45.36
N GLY H 225 4.55 -108.98 44.20
CA GLY H 225 5.96 -108.66 44.06
C GLY H 225 6.80 -109.88 44.37
N SER H 226 7.67 -109.74 45.38
CA SER H 226 8.40 -110.87 45.96
C SER H 226 9.21 -111.61 44.89
N GLN H 227 10.20 -110.89 44.35
CA GLN H 227 11.03 -111.45 43.29
C GLN H 227 11.91 -112.60 43.76
N SER H 228 12.05 -112.80 45.07
CA SER H 228 12.83 -113.90 45.60
C SER H 228 12.16 -114.45 46.86
N LEU H 229 12.40 -115.72 47.14
CA LEU H 229 11.82 -116.38 48.29
C LEU H 229 12.69 -116.28 49.54
N THR H 230 14.00 -116.16 49.37
CA THR H 230 14.94 -116.12 50.49
C THR H 230 15.53 -114.72 50.59
N GLN H 231 15.41 -114.12 51.77
CA GLN H 231 15.93 -112.78 52.04
C GLN H 231 16.77 -112.85 53.31
N THR H 232 18.09 -112.90 53.16
CA THR H 232 18.97 -112.91 54.32
C THR H 232 19.12 -111.49 54.86
N PRO H 233 18.82 -111.23 56.12
CA PRO H 233 18.91 -109.88 56.64
C PRO H 233 20.25 -109.58 57.29
N TYR H 234 20.62 -108.29 57.24
CA TYR H 234 21.82 -107.78 57.88
C TYR H 234 21.49 -106.52 58.65
N TRP H 235 22.27 -106.25 59.69
CA TRP H 235 22.07 -105.08 60.52
C TRP H 235 23.03 -103.96 60.12
N ILE H 236 22.56 -102.73 60.27
CA ILE H 236 23.37 -101.53 60.06
C ILE H 236 23.86 -101.05 61.41
N MET H 237 25.18 -101.10 61.61
CA MET H 237 25.80 -100.70 62.86
C MET H 237 26.86 -99.67 62.55
N ASN H 238 27.03 -98.69 63.44
CA ASN H 238 28.03 -97.67 63.23
C ASN H 238 29.41 -98.25 63.53
N ASN H 239 30.43 -97.40 63.62
CA ASN H 239 31.78 -97.89 63.87
C ASN H 239 31.87 -98.63 65.20
N ALA H 240 30.98 -98.32 66.14
CA ALA H 240 30.87 -99.09 67.37
C ALA H 240 29.73 -100.11 67.25
N GLY H 241 29.71 -101.06 68.17
CA GLY H 241 28.68 -102.07 68.20
C GLY H 241 27.49 -101.74 69.08
N THR H 242 27.42 -100.53 69.62
CA THR H 242 26.37 -100.21 70.58
C THR H 242 25.18 -99.51 69.92
N GLU H 243 25.45 -98.57 69.01
CA GLU H 243 24.41 -97.78 68.39
C GLU H 243 23.83 -98.53 67.19
N TYR H 244 22.52 -98.73 67.20
CA TYR H 244 21.84 -99.45 66.13
C TYR H 244 21.23 -98.44 65.17
N LEU H 245 21.53 -98.60 63.89
CA LEU H 245 21.13 -97.63 62.87
C LEU H 245 20.06 -98.15 61.92
N GLY H 246 20.13 -99.41 61.52
CA GLY H 246 19.12 -99.93 60.61
C GLY H 246 19.38 -101.39 60.28
N ALA H 247 18.67 -101.87 59.27
CA ALA H 247 18.77 -103.24 58.82
C ALA H 247 18.80 -103.28 57.30
N VAL H 248 19.12 -104.45 56.76
CA VAL H 248 19.30 -104.67 55.33
C VAL H 248 18.61 -105.95 54.92
N ALA H 249 17.94 -105.94 53.77
CA ALA H 249 17.38 -107.12 53.15
C ALA H 249 18.17 -107.44 51.89
N VAL H 250 18.70 -108.66 51.80
CA VAL H 250 19.55 -109.07 50.69
C VAL H 250 18.90 -110.24 49.98
N GLU H 251 18.77 -110.13 48.66
CA GLU H 251 18.18 -111.18 47.84
C GLU H 251 19.18 -111.60 46.76
N ASP H 252 19.24 -112.90 46.50
CA ASP H 252 20.21 -113.47 45.57
C ASP H 252 19.59 -113.56 44.19
N TYR H 253 20.09 -112.74 43.25
CA TYR H 253 19.60 -112.73 41.88
C TYR H 253 20.66 -113.17 40.88
N THR H 254 21.63 -113.96 41.31
CA THR H 254 22.69 -114.40 40.40
C THR H 254 22.12 -115.20 39.24
N ASN H 255 21.17 -116.09 39.52
CA ASN H 255 20.60 -116.96 38.50
C ASN H 255 19.18 -116.59 38.08
N SER H 256 18.47 -115.80 38.89
CA SER H 256 17.08 -115.46 38.61
C SER H 256 16.91 -114.11 37.94
N LEU H 257 17.99 -113.41 37.63
CA LEU H 257 17.93 -112.10 37.00
C LEU H 257 18.19 -112.23 35.51
N SER H 258 17.53 -111.36 34.73
CA SER H 258 17.65 -111.40 33.28
C SER H 258 17.52 -109.98 32.73
N TYR H 259 18.00 -109.81 31.50
CA TYR H 259 17.95 -108.52 30.80
C TYR H 259 17.29 -108.71 29.45
N PRO H 260 15.97 -108.89 29.42
CA PRO H 260 15.28 -108.89 28.13
C PRO H 260 15.29 -107.50 27.52
N ASP H 261 15.10 -107.46 26.20
CA ASP H 261 15.00 -106.25 25.37
C ASP H 261 16.07 -105.21 25.69
N THR H 262 17.21 -105.65 26.24
CA THR H 262 18.33 -104.77 26.53
C THR H 262 19.63 -105.53 26.29
N MET H 263 20.71 -104.78 26.17
CA MET H 263 22.04 -105.37 26.07
C MET H 263 23.03 -104.45 26.78
N ILE H 264 24.12 -105.05 27.24
CA ILE H 264 25.17 -104.29 27.91
C ILE H 264 26.04 -103.65 26.84
N VAL H 265 26.28 -102.35 26.97
CA VAL H 265 27.22 -101.65 26.11
C VAL H 265 28.51 -101.45 26.89
N PRO H 266 29.45 -102.39 26.81
CA PRO H 266 30.62 -102.32 27.68
C PRO H 266 31.62 -101.30 27.16
N PRO H 267 32.41 -100.71 28.05
CA PRO H 267 33.46 -99.80 27.61
C PRO H 267 34.55 -100.56 26.87
N PRO H 268 35.44 -99.86 26.17
CA PRO H 268 36.51 -100.54 25.43
C PRO H 268 37.34 -101.44 26.34
N GLU H 269 38.14 -102.29 25.70
CA GLU H 269 38.93 -103.28 26.45
C GLU H 269 39.89 -102.61 27.42
N ASP H 270 40.53 -101.52 26.99
CA ASP H 270 41.44 -100.79 27.88
C ASP H 270 40.70 -100.18 29.07
N TYR H 271 39.38 -100.03 28.98
CA TYR H 271 38.56 -99.58 30.09
C TYR H 271 37.57 -100.64 30.55
N ASP H 272 37.75 -101.90 30.15
CA ASP H 272 36.79 -102.94 30.50
C ASP H 272 36.70 -103.12 32.01
N ASP H 273 37.85 -103.16 32.69
CA ASP H 273 37.82 -103.18 34.14
C ASP H 273 37.49 -101.79 34.67
N TYR H 274 37.13 -101.73 35.95
CA TYR H 274 36.79 -100.50 36.66
C TYR H 274 35.80 -99.63 35.87
N ASN H 275 34.99 -100.25 35.03
CA ASN H 275 33.92 -99.55 34.32
C ASN H 275 32.96 -100.59 33.79
N ILE H 276 31.69 -100.48 34.18
CA ILE H 276 30.66 -101.42 33.76
C ILE H 276 29.92 -100.96 32.52
N GLY H 277 30.19 -99.75 32.04
CA GLY H 277 29.52 -99.26 30.86
C GLY H 277 28.05 -98.95 31.11
N THR H 278 27.27 -98.97 30.04
CA THR H 278 25.85 -98.67 30.10
C THR H 278 25.05 -99.84 29.53
N THR H 279 23.74 -99.76 29.67
CA THR H 279 22.82 -100.73 29.10
C THR H 279 21.93 -100.02 28.09
N ARG H 280 21.86 -100.56 26.88
CA ARG H 280 21.02 -100.00 25.83
C ARG H 280 19.93 -101.00 25.46
N ALA H 281 18.73 -100.48 25.24
CA ALA H 281 17.65 -101.32 24.74
C ALA H 281 17.97 -101.81 23.33
N LEU H 282 17.52 -103.02 23.02
CA LEU H 282 17.77 -103.58 21.70
C LEU H 282 17.06 -102.75 20.63
N ARG H 283 17.48 -102.93 19.40
CA ARG H 283 16.90 -102.16 18.31
C ARG H 283 15.46 -102.60 18.06
N PRO H 284 14.55 -101.66 17.82
CA PRO H 284 13.13 -102.03 17.65
C PRO H 284 12.91 -102.71 16.31
N ASN H 285 12.49 -103.98 16.37
CA ASN H 285 12.27 -104.79 15.18
C ASN H 285 10.79 -105.14 15.10
N TYR H 286 10.16 -104.77 13.99
CA TYR H 286 8.76 -105.11 13.72
C TYR H 286 8.73 -106.22 12.68
N ILE H 287 8.09 -107.34 13.01
CA ILE H 287 8.22 -108.55 12.20
C ILE H 287 6.83 -108.91 11.65
N GLY H 288 6.01 -107.91 11.41
CA GLY H 288 4.69 -108.16 10.84
C GLY H 288 4.76 -108.59 9.39
N PHE H 289 3.62 -109.03 8.88
CA PHE H 289 3.53 -109.43 7.48
C PHE H 289 3.84 -108.24 6.56
N ARG H 290 4.02 -108.54 5.28
CA ARG H 290 4.37 -107.51 4.32
C ARG H 290 3.14 -106.72 3.90
N ASP H 291 3.39 -105.62 3.19
CA ASP H 291 2.32 -104.83 2.61
C ASP H 291 1.49 -105.70 1.67
N ASN H 292 0.17 -105.54 1.75
CA ASN H 292 -0.77 -106.23 0.86
C ASN H 292 -0.54 -107.74 0.83
N PHE H 293 0.04 -108.27 1.91
CA PHE H 293 0.40 -109.68 2.00
C PHE H 293 1.27 -110.11 0.81
N ILE H 294 2.20 -109.23 0.42
CA ILE H 294 3.12 -109.55 -0.66
C ILE H 294 4.02 -110.70 -0.25
N ASN H 295 4.33 -111.56 -1.22
CA ASN H 295 5.20 -112.71 -1.01
C ASN H 295 4.66 -113.63 0.06
N LEU H 296 3.36 -113.87 0.02
CA LEU H 296 2.73 -114.90 0.84
C LEU H 296 2.01 -115.95 0.01
N LEU H 297 1.59 -115.61 -1.20
CA LEU H 297 1.18 -116.56 -2.21
C LEU H 297 2.29 -116.69 -3.23
N TYR H 298 2.59 -117.92 -3.66
CA TYR H 298 3.58 -118.08 -4.72
C TYR H 298 3.02 -117.61 -6.06
N HIS H 299 3.25 -116.35 -6.37
CA HIS H 299 2.97 -115.80 -7.68
C HIS H 299 4.24 -115.81 -8.52
N ASP H 300 4.07 -115.97 -9.83
CA ASP H 300 5.15 -115.90 -10.81
C ASP H 300 6.23 -116.94 -10.56
N SER H 301 5.89 -118.05 -9.92
CA SER H 301 6.83 -119.14 -9.67
C SER H 301 6.26 -120.40 -10.34
N GLY H 302 6.75 -120.69 -11.55
CA GLY H 302 6.22 -121.82 -12.29
C GLY H 302 6.43 -123.16 -11.60
N VAL H 303 7.55 -123.31 -10.90
CA VAL H 303 7.83 -124.57 -10.22
C VAL H 303 6.78 -124.86 -9.15
N CYS H 304 6.26 -123.82 -8.51
CA CYS H 304 5.30 -123.94 -7.41
C CYS H 304 4.13 -123.00 -7.67
N SER H 305 3.55 -123.09 -8.86
CA SER H 305 2.49 -122.19 -9.28
C SER H 305 1.12 -122.75 -8.91
N GLY H 306 0.13 -121.86 -8.89
CA GLY H 306 -1.23 -122.25 -8.61
C GLY H 306 -1.91 -122.83 -9.83
N THR H 307 -3.10 -123.37 -9.59
CA THR H 307 -3.85 -124.07 -10.63
C THR H 307 -5.33 -123.71 -10.52
N LEU H 308 -5.90 -123.19 -11.59
CA LEU H 308 -7.34 -122.98 -11.72
C LEU H 308 -7.79 -123.57 -13.05
N ASN H 309 -8.83 -124.39 -13.00
CA ASN H 309 -9.41 -125.01 -14.19
C ASN H 309 -10.70 -125.69 -13.80
N SER H 310 -11.43 -126.17 -14.80
CA SER H 310 -12.66 -126.91 -14.56
C SER H 310 -12.33 -128.33 -14.11
N GLU H 311 -13.37 -129.08 -13.78
CA GLU H 311 -13.21 -130.49 -13.44
C GLU H 311 -13.39 -131.38 -14.67
N ARG H 312 -14.42 -131.09 -15.47
CA ARG H 312 -14.63 -131.82 -16.72
C ARG H 312 -13.41 -131.71 -17.63
N SER H 313 -12.75 -130.56 -17.62
CA SER H 313 -11.53 -130.33 -18.37
C SER H 313 -10.42 -130.01 -17.36
N GLY H 314 -9.52 -130.97 -17.16
CA GLY H 314 -8.43 -130.76 -16.23
C GLY H 314 -7.32 -129.87 -16.75
N MET H 315 -7.46 -129.34 -17.97
CA MET H 315 -6.43 -128.49 -18.55
C MET H 315 -6.31 -127.19 -17.77
N ASN H 316 -5.17 -126.98 -17.14
CA ASN H 316 -4.94 -125.78 -16.35
C ASN H 316 -4.86 -124.56 -17.25
N VAL H 317 -5.46 -123.46 -16.82
CA VAL H 317 -5.50 -122.23 -17.61
C VAL H 317 -4.67 -121.10 -17.03
N VAL H 318 -4.30 -121.18 -15.75
CA VAL H 318 -3.42 -120.18 -15.15
C VAL H 318 -1.97 -120.68 -15.28
N VAL H 319 -1.21 -120.03 -16.15
CA VAL H 319 0.21 -120.29 -16.32
C VAL H 319 0.96 -119.02 -15.98
N GLU H 320 1.96 -119.14 -15.11
CA GLU H 320 2.65 -117.99 -14.53
C GLU H 320 4.03 -117.85 -15.18
N LEU H 321 4.33 -116.65 -15.62
CA LEU H 321 5.62 -116.38 -16.25
C LEU H 321 6.60 -115.88 -15.21
N PRO H 322 7.82 -116.43 -15.16
CA PRO H 322 8.80 -115.97 -14.16
C PRO H 322 9.25 -114.53 -14.36
N ASP H 323 9.03 -113.95 -15.54
CA ASP H 323 9.49 -112.61 -15.83
C ASP H 323 8.40 -111.54 -15.68
N ARG H 324 7.26 -111.90 -15.11
CA ARG H 324 6.25 -110.92 -14.73
C ARG H 324 6.28 -110.73 -13.23
N ASN H 325 5.72 -109.61 -12.77
CA ASN H 325 5.74 -109.23 -11.37
C ASN H 325 4.32 -109.00 -10.90
N THR H 326 3.69 -110.06 -10.39
CA THR H 326 2.32 -109.94 -9.90
C THR H 326 2.24 -109.01 -8.70
N GLU H 327 3.21 -109.10 -7.79
CA GLU H 327 3.18 -108.30 -6.57
C GLU H 327 3.29 -106.81 -6.88
N LEU H 328 4.27 -106.43 -7.70
CA LEU H 328 4.41 -105.02 -8.05
C LEU H 328 3.31 -104.57 -8.99
N SER H 329 2.77 -105.48 -9.81
CA SER H 329 1.60 -105.13 -10.61
C SER H 329 0.45 -104.72 -9.71
N TYR H 330 0.18 -105.50 -8.66
CA TYR H 330 -0.87 -105.15 -7.72
C TYR H 330 -0.54 -103.87 -6.98
N GLN H 331 0.74 -103.69 -6.62
CA GLN H 331 1.14 -102.47 -5.92
C GLN H 331 0.82 -101.24 -6.75
N TYR H 332 1.23 -101.25 -8.02
CA TYR H 332 0.98 -100.11 -8.89
C TYR H 332 -0.52 -99.93 -9.16
N MET H 333 -1.25 -101.02 -9.35
CA MET H 333 -2.68 -100.92 -9.60
C MET H 333 -3.40 -100.29 -8.41
N LEU H 334 -3.08 -100.76 -7.20
CA LEU H 334 -3.71 -100.22 -6.01
C LEU H 334 -3.29 -98.78 -5.75
N ALA H 335 -2.03 -98.44 -6.03
CA ALA H 335 -1.56 -97.08 -5.80
C ALA H 335 -2.21 -96.10 -6.76
N ASP H 336 -2.42 -96.51 -8.01
CA ASP H 336 -3.17 -95.66 -8.93
C ASP H 336 -4.66 -95.69 -8.67
N MET H 337 -5.15 -96.72 -7.99
CA MET H 337 -6.57 -96.78 -7.67
C MET H 337 -6.93 -95.83 -6.54
N MET H 338 -6.03 -95.64 -5.59
CA MET H 338 -6.33 -94.81 -4.42
C MET H 338 -5.04 -94.31 -3.80
N SER H 339 -5.16 -93.27 -2.98
CA SER H 339 -4.01 -92.80 -2.22
C SER H 339 -3.55 -93.89 -1.25
N ARG H 340 -2.23 -94.04 -1.13
CA ARG H 340 -1.67 -95.14 -0.38
C ARG H 340 -1.57 -94.87 1.12
N HIS H 341 -1.93 -93.67 1.58
CA HIS H 341 -1.90 -93.42 3.01
C HIS H 341 -3.06 -94.07 3.74
N HIS H 342 -4.08 -94.54 3.02
CA HIS H 342 -5.22 -95.18 3.64
C HIS H 342 -4.83 -96.56 4.14
N TYR H 343 -5.02 -96.81 5.44
CA TYR H 343 -4.71 -98.10 6.03
C TYR H 343 -5.95 -98.98 5.99
N PHE H 344 -5.96 -99.95 5.08
CA PHE H 344 -7.03 -100.96 5.02
C PHE H 344 -6.48 -102.21 5.69
N ALA H 345 -6.94 -102.46 6.92
CA ALA H 345 -6.37 -103.53 7.73
C ALA H 345 -6.71 -104.91 7.20
N LEU H 346 -7.69 -105.02 6.29
CA LEU H 346 -8.09 -106.34 5.82
C LEU H 346 -7.00 -106.99 4.96
N TRP H 347 -6.67 -106.37 3.83
CA TRP H 347 -5.63 -106.89 2.96
C TRP H 347 -4.23 -106.54 3.43
N ASN H 348 -4.08 -106.15 4.69
CA ASN H 348 -2.82 -105.66 5.23
C ASN H 348 -2.31 -104.50 4.40
N GLN H 349 -3.24 -103.65 3.96
CA GLN H 349 -2.96 -102.54 3.04
C GLN H 349 -2.40 -101.39 3.86
N ALA H 350 -1.09 -101.40 4.06
CA ALA H 350 -0.39 -100.35 4.79
C ALA H 350 0.96 -100.15 4.10
N VAL H 351 1.10 -99.06 3.34
CA VAL H 351 2.29 -98.86 2.53
C VAL H 351 3.48 -98.55 3.42
N ASP H 352 4.66 -98.91 2.94
CA ASP H 352 5.90 -98.58 3.65
C ASP H 352 6.16 -97.08 3.55
N GLN H 353 6.41 -96.45 4.69
CA GLN H 353 6.58 -95.00 4.75
C GLN H 353 7.79 -94.68 5.62
N TYR H 354 8.91 -94.35 4.98
CA TYR H 354 10.03 -93.81 5.72
C TYR H 354 9.71 -92.42 6.22
N ASP H 355 10.25 -92.08 7.38
CA ASP H 355 10.03 -90.75 7.94
C ASP H 355 10.75 -89.72 7.07
N PRO H 356 10.05 -88.75 6.48
CA PRO H 356 10.73 -87.79 5.62
C PRO H 356 11.80 -86.98 6.32
N GLU H 357 11.65 -86.73 7.62
CA GLU H 357 12.70 -86.02 8.36
C GLU H 357 13.91 -86.90 8.62
N VAL H 358 13.76 -88.22 8.48
CA VAL H 358 14.87 -89.14 8.71
C VAL H 358 15.68 -89.34 7.43
N ARG H 359 15.00 -89.55 6.30
CA ARG H 359 15.71 -89.77 5.05
C ARG H 359 16.48 -88.52 4.62
N VAL H 360 15.74 -87.43 4.37
CA VAL H 360 16.37 -86.18 3.98
C VAL H 360 16.54 -85.39 5.28
N PHE H 361 17.70 -85.54 5.90
CA PHE H 361 17.95 -85.00 7.24
C PHE H 361 18.11 -83.49 7.15
N SER H 362 17.03 -82.77 7.44
CA SER H 362 17.05 -81.31 7.46
C SER H 362 17.56 -80.86 8.82
N ASN H 363 18.88 -80.74 8.93
CA ASN H 363 19.50 -80.35 10.20
C ASN H 363 19.28 -78.85 10.40
N ASP H 364 18.21 -78.52 11.13
CA ASP H 364 17.88 -77.15 11.44
C ASP H 364 18.28 -76.78 12.87
N GLY H 365 19.36 -77.38 13.36
CA GLY H 365 19.79 -77.15 14.73
C GLY H 365 18.76 -77.61 15.74
N TYR H 366 18.32 -76.71 16.60
CA TYR H 366 17.38 -77.04 17.66
C TYR H 366 16.69 -75.76 18.10
N GLU H 367 15.46 -75.90 18.61
CA GLU H 367 14.70 -74.74 19.05
C GLU H 367 15.30 -74.16 20.31
N GLU H 368 16.17 -73.16 20.16
CA GLU H 368 16.85 -72.55 21.29
C GLU H 368 15.93 -71.56 21.99
N GLY H 369 15.70 -71.78 23.29
CA GLY H 369 14.96 -70.87 24.12
C GLY H 369 15.81 -70.30 25.23
N ALA H 370 15.14 -69.91 26.30
CA ALA H 370 15.84 -69.48 27.50
C ALA H 370 16.56 -70.66 28.14
N PRO H 371 17.60 -70.40 28.92
CA PRO H 371 18.31 -71.51 29.57
C PRO H 371 17.38 -72.30 30.47
N SER H 372 17.34 -73.61 30.24
CA SER H 372 16.41 -74.51 30.91
C SER H 372 17.15 -75.33 31.95
N TYR H 373 16.55 -75.46 33.14
CA TYR H 373 17.21 -76.04 34.30
C TYR H 373 16.32 -77.08 34.95
N ALA H 374 16.96 -77.96 35.72
CA ALA H 374 16.28 -78.93 36.57
C ALA H 374 16.66 -78.61 38.02
N PHE H 375 15.66 -78.24 38.82
CA PHE H 375 15.87 -77.76 40.17
C PHE H 375 15.68 -78.88 41.19
N ASN H 376 15.97 -78.58 42.45
CA ASN H 376 15.78 -79.51 43.55
C ASN H 376 14.32 -79.91 43.63
N PRO H 377 13.99 -81.09 44.16
CA PRO H 377 12.58 -81.39 44.42
C PRO H 377 11.91 -80.34 45.29
N GLU H 378 12.62 -79.83 46.29
CA GLU H 378 12.19 -78.66 47.03
C GLU H 378 12.80 -77.42 46.38
N ALA H 379 12.52 -76.26 46.96
CA ALA H 379 13.08 -75.01 46.45
C ALA H 379 14.35 -74.60 47.17
N VAL H 380 14.82 -75.39 48.13
CA VAL H 380 15.94 -75.02 48.98
C VAL H 380 17.01 -76.10 48.88
N GLY H 381 18.27 -75.67 48.78
CA GLY H 381 19.38 -76.60 48.72
C GLY H 381 20.69 -75.85 48.70
N ALA H 382 21.77 -76.61 48.77
CA ALA H 382 23.12 -76.05 48.78
C ALA H 382 24.04 -76.76 47.80
N GLY H 383 23.50 -77.19 46.65
CA GLY H 383 24.31 -77.81 45.64
C GLY H 383 25.43 -76.91 45.19
N GLU H 384 26.68 -77.41 45.21
CA GLU H 384 27.87 -76.60 44.99
C GLU H 384 27.86 -75.41 45.95
N GLY H 385 28.00 -75.73 47.24
CA GLY H 385 27.66 -74.80 48.30
C GLY H 385 28.62 -73.64 48.47
N TYR H 386 28.63 -72.74 47.49
CA TYR H 386 29.37 -71.50 47.61
C TYR H 386 28.66 -70.54 48.56
N GLY H 387 29.30 -69.42 48.83
CA GLY H 387 28.74 -68.41 49.70
C GLY H 387 28.86 -68.79 51.16
N PRO H 388 28.39 -67.91 52.04
CA PRO H 388 28.44 -68.21 53.48
C PRO H 388 27.59 -69.43 53.82
N ASP H 389 28.01 -70.17 54.84
CA ASP H 389 27.32 -71.40 55.19
C ASP H 389 25.89 -71.13 55.64
N LEU H 390 25.69 -70.12 56.48
CA LEU H 390 24.37 -69.71 56.95
C LEU H 390 23.62 -70.82 57.69
N SER H 391 24.33 -71.82 58.19
CA SER H 391 23.69 -72.91 58.92
C SER H 391 23.76 -72.73 60.44
N GLN H 392 24.75 -71.99 60.95
CA GLN H 392 24.86 -71.70 62.37
C GLN H 392 24.41 -70.27 62.68
N ILE H 393 23.50 -69.73 61.91
CA ILE H 393 23.06 -68.36 62.08
C ILE H 393 21.89 -68.30 63.05
N LYS H 394 21.66 -67.11 63.60
CA LYS H 394 20.59 -66.85 64.56
C LYS H 394 19.81 -65.63 64.11
N LEU H 395 18.50 -65.66 64.37
CA LEU H 395 17.61 -64.58 63.96
C LEU H 395 17.49 -63.55 65.07
N TYR H 396 17.55 -62.28 64.70
CA TYR H 396 17.41 -61.18 65.65
C TYR H 396 16.33 -60.23 65.14
N THR H 397 15.37 -59.92 66.01
CA THR H 397 14.33 -58.96 65.65
C THR H 397 14.95 -57.58 65.48
N ASN H 398 14.42 -56.84 64.50
CA ASN H 398 14.97 -55.52 64.21
C ASN H 398 14.46 -54.48 65.20
N ASN H 399 15.27 -53.44 65.40
CA ASN H 399 14.88 -52.29 66.19
C ASN H 399 14.57 -51.14 65.23
N THR H 400 13.33 -50.66 65.26
CA THR H 400 12.89 -49.65 64.31
C THR H 400 13.65 -48.34 64.48
N ALA H 401 13.87 -47.92 65.73
CA ALA H 401 14.51 -46.64 65.98
C ALA H 401 16.02 -46.72 65.82
N ALA H 402 16.64 -47.75 66.40
CA ALA H 402 18.08 -47.88 66.35
C ALA H 402 18.60 -48.42 65.02
N ASN H 403 17.71 -48.93 64.17
CA ASN H 403 18.09 -49.53 62.88
C ASN H 403 19.08 -50.68 63.08
N ASP H 404 18.90 -51.43 64.16
CA ASP H 404 19.84 -52.48 64.52
C ASP H 404 19.06 -53.63 65.15
N LYS H 405 19.80 -54.65 65.59
CA LYS H 405 19.20 -55.77 66.31
C LYS H 405 18.66 -55.31 67.66
N ASN H 406 17.65 -56.00 68.15
CA ASN H 406 17.26 -55.77 69.53
C ASN H 406 17.10 -57.05 70.34
N THR H 407 16.56 -58.10 69.74
CA THR H 407 16.24 -59.30 70.51
C THR H 407 16.44 -60.54 69.64
N ALA H 408 17.21 -61.50 70.15
CA ALA H 408 17.39 -62.77 69.47
C ALA H 408 16.16 -63.65 69.64
N VAL H 409 15.86 -64.43 68.60
CA VAL H 409 14.77 -65.39 68.68
C VAL H 409 15.15 -66.50 69.65
N THR H 410 14.17 -66.97 70.43
CA THR H 410 14.44 -67.98 71.45
C THR H 410 15.00 -69.25 70.83
N ASN H 411 14.24 -69.89 69.96
CA ASN H 411 14.72 -71.06 69.21
C ASN H 411 14.23 -70.98 67.76
N ALA H 412 15.18 -70.78 66.85
CA ALA H 412 14.89 -70.59 65.43
C ALA H 412 15.61 -71.68 64.64
N THR H 413 14.86 -72.71 64.24
CA THR H 413 15.38 -73.71 63.33
C THR H 413 15.19 -73.21 61.90
N THR H 414 16.30 -73.05 61.18
CA THR H 414 16.27 -72.47 59.85
C THR H 414 17.16 -73.28 58.93
N ASN H 415 16.79 -73.31 57.64
CA ASN H 415 17.65 -73.88 56.61
C ASN H 415 18.51 -72.79 55.99
N PHE H 416 17.87 -71.79 55.38
CA PHE H 416 18.52 -70.54 54.96
C PHE H 416 19.78 -70.81 54.14
N TYR H 417 19.59 -71.44 52.99
CA TYR H 417 20.72 -71.68 52.11
C TYR H 417 20.98 -70.45 51.23
N PHE H 418 22.18 -70.41 50.64
CA PHE H 418 22.65 -69.26 49.91
C PHE H 418 22.39 -69.39 48.42
N GLY H 419 22.28 -68.25 47.75
CA GLY H 419 22.20 -68.21 46.30
C GLY H 419 20.79 -68.45 45.79
N THR H 420 20.72 -68.77 44.51
CA THR H 420 19.46 -69.09 43.86
C THR H 420 19.06 -70.53 44.19
N VAL H 421 17.95 -70.97 43.61
CA VAL H 421 17.54 -72.36 43.76
C VAL H 421 18.55 -73.23 43.03
N PRO H 422 19.23 -74.15 43.70
CA PRO H 422 20.21 -74.98 43.01
C PRO H 422 19.56 -75.78 41.90
N SER H 423 20.23 -75.80 40.74
CA SER H 423 19.65 -76.41 39.56
C SER H 423 20.74 -76.93 38.66
N TYR H 424 20.37 -77.87 37.80
CA TYR H 424 21.24 -78.38 36.76
C TYR H 424 20.64 -78.02 35.40
N GLU H 425 21.46 -77.44 34.53
CA GLU H 425 20.98 -76.94 33.26
C GLU H 425 21.00 -78.03 32.20
N ILE H 426 19.86 -78.23 31.54
CA ILE H 426 19.73 -79.14 30.40
C ILE H 426 19.01 -78.40 29.29
N ASP H 427 19.56 -78.45 28.08
CA ASP H 427 18.88 -77.93 26.89
C ASP H 427 18.13 -79.10 26.28
N ILE H 428 16.82 -79.17 26.57
CA ILE H 428 16.03 -80.33 26.16
C ILE H 428 15.91 -80.40 24.64
N SER H 429 15.83 -79.25 23.97
CA SER H 429 15.67 -79.26 22.52
C SER H 429 16.87 -79.88 21.83
N ALA H 430 18.07 -79.40 22.15
CA ALA H 430 19.28 -79.93 21.53
C ALA H 430 19.53 -81.37 21.94
N THR H 431 19.28 -81.69 23.21
CA THR H 431 19.47 -83.06 23.67
C THR H 431 18.56 -84.03 22.94
N GLN H 432 17.29 -83.67 22.81
CA GLN H 432 16.34 -84.51 22.09
C GLN H 432 16.68 -84.60 20.61
N ARG H 433 17.18 -83.51 20.02
CA ARG H 433 17.63 -83.57 18.63
C ARG H 433 18.79 -84.54 18.46
N ARG H 434 19.75 -84.51 19.38
CA ARG H 434 20.88 -85.44 19.29
C ARG H 434 20.42 -86.88 19.47
N ASN H 435 19.51 -87.11 20.41
CA ASN H 435 18.98 -88.46 20.59
C ASN H 435 18.24 -88.93 19.34
N PHE H 436 17.45 -88.04 18.74
CA PHE H 436 16.77 -88.33 17.49
C PHE H 436 17.76 -88.75 16.42
N ILE H 437 18.83 -87.98 16.25
CA ILE H 437 19.81 -88.29 15.22
C ILE H 437 20.46 -89.64 15.49
N MET H 438 21.01 -89.81 16.70
CA MET H 438 21.76 -91.02 17.02
C MET H 438 20.88 -92.26 17.15
N ALA H 439 19.56 -92.10 17.22
CA ALA H 439 18.68 -93.26 17.29
C ALA H 439 18.00 -93.57 15.97
N ASN H 440 17.90 -92.61 15.05
CA ASN H 440 17.21 -92.85 13.79
C ASN H 440 18.13 -92.87 12.58
N ILE H 441 19.14 -92.01 12.52
CA ILE H 441 20.05 -91.95 11.39
C ILE H 441 21.34 -92.70 11.66
N ALA H 442 21.92 -92.53 12.84
CA ALA H 442 23.15 -93.23 13.17
C ALA H 442 22.92 -94.74 13.26
N GLU H 443 21.84 -95.16 13.91
CA GLU H 443 21.66 -96.58 14.17
C GLU H 443 21.33 -97.36 12.90
N TYR H 444 20.98 -96.69 11.81
CA TYR H 444 20.64 -97.35 10.57
C TYR H 444 21.69 -97.11 9.48
N LEU H 445 22.92 -96.85 9.89
CA LEU H 445 24.02 -96.68 8.95
C LEU H 445 24.42 -98.01 8.33
N PRO H 446 25.14 -97.99 7.22
CA PRO H 446 25.71 -99.23 6.68
C PRO H 446 26.69 -99.83 7.68
N ASP H 447 26.83 -101.16 7.62
CA ASP H 447 27.82 -101.83 8.46
C ASP H 447 29.23 -101.37 8.16
N ARG H 448 29.45 -100.77 7.00
CA ARG H 448 30.76 -100.20 6.67
C ARG H 448 31.16 -99.10 7.65
N TYR H 449 30.17 -98.45 8.28
CA TYR H 449 30.42 -97.32 9.16
C TYR H 449 30.11 -97.65 10.62
N LYS H 450 30.25 -98.92 10.99
CA LYS H 450 29.99 -99.36 12.36
C LYS H 450 31.21 -100.13 12.87
N PHE H 451 31.17 -100.47 14.16
CA PHE H 451 32.27 -101.20 14.77
C PHE H 451 31.77 -101.98 15.98
N SER H 452 32.56 -102.95 16.41
CA SER H 452 32.18 -103.83 17.51
C SER H 452 32.27 -103.09 18.83
N ILE H 453 31.80 -103.76 19.90
CA ILE H 453 31.60 -103.10 21.18
C ILE H 453 32.48 -103.69 22.28
N SER H 454 33.68 -104.15 21.91
CA SER H 454 34.71 -104.58 22.86
C SER H 454 34.40 -105.92 23.50
N GLY H 455 33.21 -106.46 23.23
CA GLY H 455 32.90 -107.81 23.67
C GLY H 455 32.50 -108.66 22.48
N PHE H 456 32.01 -108.00 21.44
CA PHE H 456 31.53 -108.65 20.24
C PHE H 456 32.66 -108.77 19.23
N ASP H 457 32.62 -109.83 18.44
CA ASP H 457 33.56 -110.05 17.36
C ASP H 457 32.82 -110.44 16.10
N ALA H 458 33.16 -109.79 15.00
CA ALA H 458 32.55 -110.12 13.72
C ALA H 458 33.03 -111.51 13.27
N THR H 459 32.34 -112.05 12.26
CA THR H 459 32.55 -113.36 11.66
C THR H 459 32.16 -114.50 12.61
N SER H 460 31.79 -114.20 13.86
CA SER H 460 31.22 -115.22 14.72
C SER H 460 29.77 -115.50 14.37
N VAL H 461 29.05 -114.48 13.90
CA VAL H 461 27.67 -114.62 13.45
C VAL H 461 27.52 -113.87 12.14
N ALA H 462 26.48 -114.23 11.40
CA ALA H 462 26.25 -113.64 10.08
C ALA H 462 25.87 -112.17 10.22
N PRO H 463 26.29 -111.32 9.28
CA PRO H 463 25.94 -109.89 9.37
C PRO H 463 24.45 -109.61 9.19
N THR H 464 23.65 -110.62 8.87
CA THR H 464 22.21 -110.46 8.69
C THR H 464 21.41 -110.96 9.88
N THR H 465 22.03 -111.04 11.05
CA THR H 465 21.36 -111.50 12.26
C THR H 465 21.04 -110.31 13.16
N TYR H 466 20.32 -110.58 14.24
CA TYR H 466 19.82 -109.50 15.09
C TYR H 466 20.89 -109.00 16.05
N GLU H 467 21.45 -109.90 16.86
CA GLU H 467 22.46 -109.48 17.82
C GLU H 467 23.76 -109.05 17.16
N TYR H 468 23.92 -109.31 15.86
CA TYR H 468 24.99 -108.66 15.12
C TYR H 468 24.69 -107.19 14.89
N MET H 469 23.45 -106.89 14.48
CA MET H 469 23.05 -105.50 14.24
C MET H 469 23.07 -104.71 15.54
N ASN H 470 22.65 -105.34 16.64
CA ASN H 470 22.60 -104.65 17.91
C ASN H 470 24.00 -104.36 18.45
N LYS H 471 24.90 -105.33 18.35
CA LYS H 471 26.21 -105.24 18.98
C LYS H 471 27.24 -104.54 18.11
N ARG H 472 26.80 -103.71 17.16
CA ARG H 472 27.72 -102.91 16.34
C ARG H 472 27.28 -101.46 16.42
N VAL H 473 27.81 -100.74 17.40
CA VAL H 473 27.55 -99.30 17.54
C VAL H 473 28.18 -98.57 16.36
N PRO H 474 27.52 -97.58 15.79
CA PRO H 474 28.09 -96.86 14.65
C PRO H 474 29.10 -95.81 15.09
N LEU H 475 29.86 -95.33 14.12
CA LEU H 475 30.75 -94.19 14.35
C LEU H 475 29.91 -92.97 14.69
N THR H 476 30.45 -92.12 15.54
CA THR H 476 29.69 -90.99 16.07
C THR H 476 29.91 -89.69 15.31
N ASN H 477 30.98 -89.58 14.52
CA ASN H 477 31.23 -88.37 13.75
C ASN H 477 30.68 -88.44 12.34
N VAL H 478 30.30 -89.63 11.87
CA VAL H 478 29.71 -89.76 10.54
C VAL H 478 28.37 -89.04 10.48
N VAL H 479 27.60 -89.07 11.56
CA VAL H 479 26.38 -88.28 11.65
C VAL H 479 26.22 -87.79 13.09
N ASP H 480 25.92 -86.52 13.24
CA ASP H 480 25.72 -85.89 14.54
C ASP H 480 25.05 -84.54 14.28
N MET H 481 24.94 -83.72 15.32
CA MET H 481 24.26 -82.44 15.16
C MET H 481 24.99 -81.54 14.18
N PHE H 482 26.32 -81.59 14.16
CA PHE H 482 27.10 -80.73 13.27
C PHE H 482 27.15 -81.21 11.84
N THR H 483 26.61 -82.40 11.54
CA THR H 483 26.63 -82.93 10.18
C THR H 483 25.72 -82.11 9.29
N ASN H 484 26.30 -81.24 8.48
CA ASN H 484 25.55 -80.37 7.57
C ASN H 484 24.51 -79.56 8.34
N VAL H 485 25.02 -78.70 9.24
CA VAL H 485 24.22 -78.09 10.28
C VAL H 485 23.15 -77.14 9.74
N GLY H 486 23.16 -76.83 8.46
CA GLY H 486 22.16 -75.91 7.94
C GLY H 486 21.43 -76.38 6.70
N ALA H 487 21.80 -77.55 6.20
CA ALA H 487 21.32 -78.03 4.91
C ALA H 487 20.24 -79.09 5.10
N ARG H 488 19.16 -78.96 4.32
CA ARG H 488 18.22 -80.06 4.17
C ARG H 488 18.85 -81.10 3.25
N TRP H 489 19.66 -81.98 3.82
CA TRP H 489 20.56 -82.83 3.05
C TRP H 489 20.46 -84.25 3.57
N SER H 490 20.07 -85.18 2.69
CA SER H 490 20.07 -86.59 3.05
C SER H 490 21.50 -87.05 3.31
N ILE H 491 21.67 -87.85 4.36
CA ILE H 491 23.00 -88.30 4.74
C ILE H 491 23.58 -89.15 3.62
N ASP H 492 24.63 -88.65 2.98
CA ASP H 492 25.22 -89.30 1.81
C ASP H 492 25.82 -90.67 2.13
N GLN H 493 26.00 -91.01 3.40
CA GLN H 493 26.32 -92.38 3.76
C GLN H 493 25.09 -93.29 3.75
N MET H 494 23.89 -92.71 3.71
CA MET H 494 22.66 -93.48 3.80
C MET H 494 21.71 -93.27 2.62
N ASP H 495 22.12 -92.50 1.61
CA ASP H 495 21.25 -92.35 0.45
C ASP H 495 21.14 -93.64 -0.35
N ASN H 496 22.09 -94.56 -0.19
CA ASN H 496 22.03 -95.88 -0.79
C ASN H 496 21.55 -96.95 0.19
N VAL H 497 21.04 -96.54 1.35
CA VAL H 497 20.55 -97.46 2.36
C VAL H 497 19.04 -97.51 2.30
N ASN H 498 18.47 -98.72 2.38
CA ASN H 498 17.04 -98.94 2.30
C ASN H 498 16.32 -98.12 3.36
N PRO H 499 15.55 -97.10 2.97
CA PRO H 499 14.90 -96.24 3.96
C PRO H 499 13.71 -96.88 4.63
N PHE H 500 13.10 -97.88 4.00
CA PHE H 500 11.92 -98.51 4.55
C PHE H 500 12.24 -99.52 5.64
N ASN H 501 13.50 -99.90 5.80
CA ASN H 501 13.92 -100.73 6.92
C ASN H 501 14.26 -99.84 8.11
N HIS H 502 13.22 -99.19 8.63
CA HIS H 502 13.35 -98.26 9.73
C HIS H 502 12.21 -98.49 10.70
N HIS H 503 12.45 -98.22 11.98
CA HIS H 503 11.38 -98.37 12.95
C HIS H 503 10.31 -97.30 12.80
N ARG H 504 10.63 -96.19 12.13
CA ARG H 504 9.64 -95.19 11.81
C ARG H 504 8.89 -95.49 10.53
N ASN H 505 8.98 -96.73 10.03
CA ASN H 505 8.14 -97.18 8.93
C ASN H 505 6.73 -97.37 9.48
N TRP H 506 5.89 -96.35 9.32
CA TRP H 506 4.58 -96.36 9.96
C TRP H 506 3.73 -97.51 9.44
N GLY H 507 3.81 -97.81 8.15
CA GLY H 507 3.05 -98.92 7.60
C GLY H 507 3.46 -100.26 8.18
N LEU H 508 4.78 -100.50 8.25
CA LEU H 508 5.26 -101.75 8.83
C LEU H 508 4.98 -101.81 10.32
N LYS H 509 5.11 -100.68 11.01
CA LYS H 509 4.74 -100.61 12.42
C LYS H 509 3.29 -101.03 12.62
N TYR H 510 2.39 -100.48 11.80
CA TYR H 510 0.97 -100.83 11.90
C TYR H 510 0.74 -102.30 11.58
N ARG H 511 1.41 -102.82 10.55
CA ARG H 511 1.23 -104.22 10.18
C ARG H 511 1.69 -105.16 11.28
N SER H 512 2.84 -104.85 11.90
CA SER H 512 3.32 -105.69 12.99
C SER H 512 2.42 -105.58 14.22
N GLN H 513 1.92 -104.38 14.52
CA GLN H 513 1.01 -104.23 15.64
C GLN H 513 -0.36 -104.83 15.38
N LEU H 514 -0.68 -105.20 14.15
CA LEU H 514 -1.93 -105.91 13.87
C LEU H 514 -1.90 -107.34 14.36
N LEU H 515 -0.72 -107.93 14.50
CA LEU H 515 -0.61 -109.31 14.98
C LEU H 515 -0.58 -109.40 16.50
N GLY H 516 -0.08 -108.38 17.17
CA GLY H 516 0.04 -108.36 18.61
C GLY H 516 1.36 -107.74 19.02
N ASN H 517 1.72 -107.93 20.29
CA ASN H 517 2.97 -107.45 20.82
C ASN H 517 3.97 -108.56 21.12
N SER H 518 3.58 -109.81 20.94
CA SER H 518 4.43 -110.95 21.21
C SER H 518 4.91 -111.58 19.92
N ARG H 519 5.93 -112.44 20.04
CA ARG H 519 6.43 -113.21 18.93
C ARG H 519 5.72 -114.55 18.79
N TYR H 520 4.68 -114.78 19.59
CA TYR H 520 3.91 -116.03 19.58
C TYR H 520 2.48 -115.65 19.19
N VAL H 521 2.19 -115.65 17.89
CA VAL H 521 0.95 -115.12 17.36
C VAL H 521 0.12 -116.26 16.80
N ASN H 522 -1.12 -116.38 17.27
CA ASN H 522 -2.12 -117.25 16.64
C ASN H 522 -2.93 -116.42 15.64
N PHE H 523 -2.27 -116.10 14.54
CA PHE H 523 -2.79 -115.13 13.59
C PHE H 523 -3.97 -115.70 12.81
N HIS H 524 -4.80 -114.80 12.30
CA HIS H 524 -5.88 -115.12 11.38
C HIS H 524 -5.96 -113.98 10.37
N ILE H 525 -5.64 -114.26 9.12
CA ILE H 525 -5.53 -113.24 8.09
C ILE H 525 -6.37 -113.65 6.88
N GLN H 526 -6.52 -112.71 5.96
CA GLN H 526 -7.23 -112.93 4.71
C GLN H 526 -6.38 -112.38 3.58
N VAL H 527 -6.05 -113.22 2.61
CA VAL H 527 -5.10 -112.90 1.55
C VAL H 527 -5.85 -112.82 0.23
N PRO H 528 -5.72 -111.72 -0.52
CA PRO H 528 -6.41 -111.61 -1.80
C PRO H 528 -5.71 -112.38 -2.90
N GLN H 529 -6.46 -112.67 -3.96
CA GLN H 529 -5.90 -113.24 -5.16
C GLN H 529 -5.42 -112.10 -6.06
N LYS H 530 -4.14 -112.12 -6.42
CA LYS H 530 -3.52 -111.00 -7.11
C LYS H 530 -3.09 -111.31 -8.53
N PHE H 531 -3.20 -112.56 -8.98
CA PHE H 531 -2.86 -112.85 -10.37
C PHE H 531 -3.90 -112.20 -11.29
N PHE H 532 -3.43 -111.36 -12.19
CA PHE H 532 -4.30 -110.47 -12.94
C PHE H 532 -5.32 -111.23 -13.78
N ALA H 533 -4.96 -112.42 -14.26
CA ALA H 533 -5.91 -113.20 -15.06
C ALA H 533 -7.11 -113.65 -14.25
N ILE H 534 -6.91 -114.04 -13.00
CA ILE H 534 -7.97 -114.54 -12.16
C ILE H 534 -8.26 -113.65 -10.97
N LYS H 535 -7.66 -112.46 -10.90
CA LYS H 535 -7.96 -111.54 -9.81
C LYS H 535 -9.37 -110.97 -9.96
N ASN H 536 -9.75 -110.58 -11.17
CA ASN H 536 -11.08 -110.04 -11.43
C ASN H 536 -11.92 -110.96 -12.31
N LEU H 537 -11.49 -112.19 -12.53
CA LEU H 537 -12.22 -113.11 -13.37
C LEU H 537 -13.58 -113.41 -12.76
N LEU H 538 -14.61 -113.41 -13.60
CA LEU H 538 -15.97 -113.72 -13.19
C LEU H 538 -16.34 -115.07 -13.78
N LEU H 539 -16.25 -116.12 -12.96
CA LEU H 539 -16.58 -117.46 -13.42
C LEU H 539 -18.09 -117.63 -13.49
N LEU H 540 -18.56 -118.18 -14.61
CA LEU H 540 -19.98 -118.47 -14.78
C LEU H 540 -20.29 -119.78 -14.07
N SER H 541 -21.47 -120.34 -14.33
CA SER H 541 -21.86 -121.58 -13.69
C SER H 541 -20.94 -122.72 -14.10
N GLY H 542 -20.79 -123.69 -13.20
CA GLY H 542 -19.93 -124.81 -13.45
C GLY H 542 -19.14 -125.21 -12.22
N SER H 543 -18.46 -126.34 -12.26
CA SER H 543 -17.63 -126.81 -11.16
C SER H 543 -16.17 -126.62 -11.52
N TYR H 544 -15.45 -125.86 -10.71
CA TYR H 544 -14.05 -125.56 -10.92
C TYR H 544 -13.23 -126.08 -9.75
N THR H 545 -12.09 -126.67 -10.05
CA THR H 545 -11.08 -126.96 -9.03
C THR H 545 -9.97 -125.92 -9.13
N TYR H 546 -9.57 -125.38 -7.97
CA TYR H 546 -8.75 -124.18 -7.94
C TYR H 546 -7.77 -124.31 -6.78
N GLU H 547 -6.53 -124.68 -7.08
CA GLU H 547 -5.54 -124.81 -6.03
C GLU H 547 -4.58 -123.63 -6.05
N TRP H 548 -3.92 -123.44 -4.91
CA TRP H 548 -2.85 -122.48 -4.78
C TRP H 548 -1.96 -122.94 -3.64
N VAL H 549 -0.77 -122.37 -3.58
CA VAL H 549 0.26 -122.79 -2.64
C VAL H 549 0.77 -121.57 -1.87
N LEU H 550 0.99 -121.77 -0.57
CA LEU H 550 1.31 -120.69 0.37
C LEU H 550 2.78 -120.74 0.71
N ARG H 551 3.43 -119.59 0.76
CA ARG H 551 4.83 -119.55 1.16
C ARG H 551 4.97 -119.80 2.66
N LYS H 552 6.09 -120.40 3.04
CA LYS H 552 6.44 -120.61 4.43
C LYS H 552 7.76 -119.95 4.81
N ASP H 553 8.44 -119.32 3.87
CA ASP H 553 9.73 -118.70 4.13
C ASP H 553 9.53 -117.46 4.99
N PRO H 554 10.11 -117.39 6.19
CA PRO H 554 9.94 -116.19 7.01
C PRO H 554 10.48 -114.92 6.36
N ASN H 555 11.59 -115.04 5.63
CA ASN H 555 12.13 -113.87 4.94
C ASN H 555 11.23 -113.40 3.81
N MET H 556 10.38 -114.28 3.28
CA MET H 556 9.51 -113.95 2.17
C MET H 556 8.17 -113.39 2.66
N ILE H 557 7.54 -114.08 3.60
CA ILE H 557 6.20 -113.70 4.03
C ILE H 557 6.24 -112.55 5.03
N LEU H 558 7.30 -112.44 5.82
CA LEU H 558 7.38 -111.44 6.88
C LEU H 558 8.33 -110.32 6.47
N GLN H 559 8.13 -109.15 7.09
CA GLN H 559 8.98 -107.99 6.86
C GLN H 559 9.54 -107.52 8.19
N SER H 560 10.83 -107.19 8.21
CA SER H 560 11.51 -106.71 9.39
C SER H 560 11.83 -105.22 9.23
N SER H 561 11.81 -104.50 10.35
CA SER H 561 12.28 -103.12 10.33
C SER H 561 13.79 -103.03 10.34
N LEU H 562 14.49 -104.15 10.46
CA LEU H 562 15.94 -104.20 10.38
C LEU H 562 16.45 -104.95 9.16
N GLY H 563 15.62 -105.79 8.54
CA GLY H 563 16.06 -106.59 7.42
C GLY H 563 16.93 -107.76 7.78
N ASN H 564 16.89 -108.21 9.03
CA ASN H 564 17.72 -109.33 9.45
C ASN H 564 17.19 -110.65 8.90
N ASP H 565 18.07 -111.64 8.85
CA ASP H 565 17.69 -112.96 8.41
C ASP H 565 16.76 -113.60 9.44
N LEU H 566 15.48 -113.69 9.11
CA LEU H 566 14.52 -114.24 10.06
C LEU H 566 14.70 -115.74 10.23
N ARG H 567 15.12 -116.46 9.18
CA ARG H 567 15.42 -117.88 9.36
C ARG H 567 16.56 -118.08 10.34
N ALA H 568 17.61 -117.27 10.23
CA ALA H 568 18.69 -117.31 11.21
C ALA H 568 18.26 -116.78 12.57
N ASP H 569 17.11 -116.10 12.65
CA ASP H 569 16.59 -115.58 13.89
C ASP H 569 15.38 -116.38 14.39
N GLY H 570 15.24 -117.62 13.93
CA GLY H 570 14.26 -118.52 14.51
C GLY H 570 12.82 -118.23 14.21
N ALA H 571 12.54 -117.42 13.20
CA ALA H 571 11.16 -117.15 12.80
C ALA H 571 10.58 -118.35 12.06
N SER H 572 9.30 -118.61 12.27
CA SER H 572 8.63 -119.73 11.63
C SER H 572 7.15 -119.45 11.56
N ILE H 573 6.47 -120.18 10.67
CA ILE H 573 5.04 -120.06 10.49
C ILE H 573 4.45 -121.45 10.30
N ILE H 574 3.26 -121.67 10.87
CA ILE H 574 2.51 -122.91 10.71
C ILE H 574 1.10 -122.55 10.29
N TYR H 575 0.64 -123.13 9.18
CA TYR H 575 -0.70 -122.90 8.69
C TYR H 575 -1.61 -124.01 9.21
N ASN H 576 -2.65 -123.63 9.95
CA ASN H 576 -3.60 -124.60 10.48
C ASN H 576 -4.78 -124.79 9.53
N GLU H 577 -5.52 -123.73 9.26
CA GLU H 577 -6.67 -123.78 8.37
C GLU H 577 -6.52 -122.70 7.31
N VAL H 578 -6.67 -123.09 6.05
CA VAL H 578 -6.64 -122.16 4.92
C VAL H 578 -7.92 -122.41 4.13
N ASN H 579 -8.98 -121.69 4.47
CA ASN H 579 -10.25 -121.79 3.79
C ASN H 579 -10.34 -120.74 2.70
N LEU H 580 -11.22 -120.99 1.73
CA LEU H 580 -11.38 -120.11 0.59
C LEU H 580 -12.76 -119.47 0.66
N MET H 581 -12.80 -118.14 0.71
CA MET H 581 -14.05 -117.41 0.82
C MET H 581 -14.56 -116.99 -0.56
N ALA H 582 -15.85 -116.67 -0.62
CA ALA H 582 -16.46 -116.24 -1.86
C ALA H 582 -17.77 -115.53 -1.54
N ASN H 583 -18.01 -114.41 -2.22
CA ASN H 583 -19.27 -113.69 -2.12
C ASN H 583 -20.06 -113.91 -3.41
N PHE H 584 -21.29 -114.39 -3.27
CA PHE H 584 -22.17 -114.64 -4.40
C PHE H 584 -23.34 -113.67 -4.34
N MET H 585 -23.52 -112.90 -5.41
CA MET H 585 -24.66 -112.01 -5.46
C MET H 585 -25.94 -112.83 -5.57
N PRO H 586 -26.94 -112.58 -4.73
CA PRO H 586 -28.20 -113.34 -4.79
C PRO H 586 -29.11 -112.87 -5.92
N MET H 587 -28.53 -112.65 -7.09
CA MET H 587 -29.31 -112.10 -8.18
C MET H 587 -30.29 -113.13 -8.72
N ASP H 588 -31.35 -112.64 -9.35
CA ASP H 588 -32.41 -113.51 -9.85
C ASP H 588 -31.81 -114.54 -10.81
N HIS H 589 -32.15 -115.81 -10.57
CA HIS H 589 -31.65 -116.86 -11.44
C HIS H 589 -32.14 -116.69 -12.87
N ASN H 590 -33.37 -116.21 -13.03
CA ASN H 590 -33.92 -115.92 -14.35
C ASN H 590 -33.18 -114.77 -15.04
N THR H 591 -32.39 -113.99 -14.32
CA THR H 591 -31.53 -112.99 -14.93
C THR H 591 -30.06 -113.38 -14.95
N SER H 592 -29.61 -114.17 -13.98
CA SER H 592 -28.22 -114.63 -14.02
C SER H 592 -28.00 -115.66 -15.10
N ASN H 593 -29.01 -116.47 -15.44
CA ASN H 593 -28.86 -117.36 -16.58
C ASN H 593 -28.79 -116.58 -17.89
N GLN H 594 -29.55 -115.49 -17.99
CA GLN H 594 -29.39 -114.59 -19.13
C GLN H 594 -28.00 -113.97 -19.14
N LEU H 595 -27.47 -113.63 -17.97
CA LEU H 595 -26.12 -113.10 -17.89
C LEU H 595 -25.11 -114.10 -18.42
N GLU H 596 -25.21 -115.36 -18.00
CA GLU H 596 -24.23 -116.34 -18.46
C GLU H 596 -24.44 -116.67 -19.94
N LEU H 597 -25.67 -116.57 -20.44
CA LEU H 597 -25.90 -116.71 -21.86
C LEU H 597 -25.26 -115.57 -22.64
N MET H 598 -25.29 -114.37 -22.10
CA MET H 598 -24.63 -113.22 -22.71
C MET H 598 -23.12 -113.22 -22.49
N LEU H 599 -22.62 -114.07 -21.58
CA LEU H 599 -21.18 -114.12 -21.31
C LEU H 599 -20.52 -115.38 -21.84
N ARG H 600 -21.29 -116.43 -22.15
CA ARG H 600 -20.72 -117.56 -22.87
C ARG H 600 -20.62 -117.30 -24.36
N ASN H 601 -21.13 -116.16 -24.83
CA ASN H 601 -21.01 -115.79 -26.22
C ASN H 601 -19.61 -115.27 -26.50
N ALA H 602 -19.07 -115.61 -27.68
CA ALA H 602 -17.65 -115.43 -27.92
C ALA H 602 -17.25 -113.96 -28.01
N THR H 603 -18.03 -113.12 -28.69
CA THR H 603 -17.55 -111.76 -28.93
C THR H 603 -17.47 -110.93 -27.67
N ASN H 604 -18.18 -111.32 -26.61
CA ASN H 604 -18.22 -110.58 -25.35
C ASN H 604 -17.84 -111.50 -24.19
N ASP H 605 -16.54 -111.64 -23.99
CA ASP H 605 -15.99 -112.44 -22.91
C ASP H 605 -14.86 -111.67 -22.23
N GLN H 606 -14.60 -112.02 -20.98
CA GLN H 606 -13.73 -111.23 -20.13
C GLN H 606 -12.35 -111.10 -20.73
N THR H 607 -11.83 -109.87 -20.74
CA THR H 607 -10.48 -109.58 -21.21
C THR H 607 -9.75 -108.81 -20.13
N PHE H 608 -8.62 -109.34 -19.69
CA PHE H 608 -7.87 -108.78 -18.58
C PHE H 608 -6.44 -108.45 -19.01
N VAL H 609 -5.90 -107.36 -18.47
CA VAL H 609 -4.53 -106.95 -18.71
C VAL H 609 -3.88 -106.68 -17.36
N ASP H 610 -2.67 -107.21 -17.17
CA ASP H 610 -1.92 -106.90 -15.96
C ASP H 610 -1.60 -105.42 -15.91
N TYR H 611 -1.77 -104.80 -14.74
CA TYR H 611 -1.61 -103.36 -14.64
C TYR H 611 -0.17 -102.94 -14.92
N LEU H 612 0.80 -103.70 -14.44
CA LEU H 612 2.19 -103.31 -14.62
C LEU H 612 2.54 -103.24 -16.10
N GLY H 613 2.06 -104.18 -16.89
CA GLY H 613 2.28 -104.17 -18.32
C GLY H 613 3.75 -104.15 -18.69
N ALA H 614 4.54 -105.00 -18.04
CA ALA H 614 5.98 -104.95 -18.19
C ALA H 614 6.58 -106.33 -18.11
N LYS H 615 7.44 -106.67 -19.06
CA LYS H 615 8.36 -107.78 -18.89
C LYS H 615 9.47 -107.36 -17.93
N ASN H 616 9.72 -108.18 -16.92
CA ASN H 616 10.68 -107.86 -15.87
C ASN H 616 11.94 -108.68 -16.08
N ALA H 617 13.08 -108.00 -16.18
CA ALA H 617 14.37 -108.63 -16.34
C ALA H 617 15.34 -108.00 -15.35
N LEU H 618 16.07 -108.83 -14.63
CA LEU H 618 17.06 -108.37 -13.66
C LEU H 618 18.44 -108.60 -14.26
N TYR H 619 19.21 -107.52 -14.37
CA TYR H 619 20.57 -107.58 -14.89
C TYR H 619 21.54 -107.26 -13.76
N SER H 620 22.41 -108.21 -13.45
CA SER H 620 23.31 -108.05 -12.31
C SER H 620 24.35 -106.97 -12.57
N VAL H 621 24.59 -106.16 -11.56
CA VAL H 621 25.67 -105.16 -11.59
C VAL H 621 26.53 -105.39 -10.36
N PRO H 622 27.77 -105.86 -10.52
CA PRO H 622 28.63 -106.09 -9.35
C PRO H 622 28.97 -104.80 -8.62
N ALA H 623 29.63 -104.92 -7.47
CA ALA H 623 29.86 -103.75 -6.62
C ALA H 623 30.76 -102.73 -7.31
N GLY H 624 31.91 -103.17 -7.81
CA GLY H 624 32.86 -102.24 -8.38
C GLY H 624 32.49 -101.72 -9.75
N SER H 625 31.52 -102.32 -10.42
CA SER H 625 31.17 -101.92 -11.77
C SER H 625 30.25 -100.70 -11.77
N THR H 626 30.58 -99.73 -12.61
CA THR H 626 29.78 -98.53 -12.79
C THR H 626 29.02 -98.53 -14.12
N ALA H 627 29.23 -99.52 -14.97
CA ALA H 627 28.63 -99.56 -16.29
C ALA H 627 27.97 -100.90 -16.52
N LEU H 628 26.86 -100.89 -17.24
CA LEU H 628 26.10 -102.08 -17.57
C LEU H 628 25.60 -101.99 -19.00
N THR H 629 25.71 -103.10 -19.74
CA THR H 629 25.24 -103.18 -21.11
C THR H 629 24.20 -104.29 -21.22
N ILE H 630 23.04 -103.96 -21.76
CA ILE H 630 21.95 -104.90 -21.95
C ILE H 630 21.83 -105.19 -23.44
N ASN H 631 22.13 -106.42 -23.84
CA ASN H 631 22.04 -106.84 -25.23
C ASN H 631 20.84 -107.76 -25.38
N ILE H 632 20.10 -107.59 -26.47
CA ILE H 632 18.93 -108.42 -26.72
C ILE H 632 18.99 -108.88 -28.19
N PRO H 633 18.52 -110.08 -28.51
CA PRO H 633 18.50 -110.49 -29.92
C PRO H 633 17.44 -109.75 -30.72
N ALA H 634 17.37 -110.04 -32.01
CA ALA H 634 16.35 -109.42 -32.86
C ALA H 634 14.95 -109.79 -32.39
N ARG H 635 14.08 -108.79 -32.29
CA ARG H 635 12.72 -108.99 -31.83
C ARG H 635 11.77 -108.19 -32.71
N THR H 636 10.48 -108.51 -32.57
CA THR H 636 9.45 -107.86 -33.37
C THR H 636 8.86 -106.62 -32.71
N TRP H 637 9.22 -106.33 -31.47
CA TRP H 637 8.94 -105.05 -30.81
C TRP H 637 7.55 -104.48 -31.06
N GLU H 638 6.56 -105.35 -31.22
CA GLU H 638 5.22 -104.92 -31.59
C GLU H 638 4.47 -104.45 -30.36
N GLY H 639 3.87 -103.27 -30.44
CA GLY H 639 3.05 -102.78 -29.36
C GLY H 639 3.79 -102.41 -28.10
N MET H 640 5.07 -102.09 -28.21
CA MET H 640 5.87 -101.80 -27.03
C MET H 640 5.51 -100.43 -26.46
N ARG H 641 5.46 -100.35 -25.13
CA ARG H 641 5.02 -99.13 -24.46
C ARG H 641 6.16 -98.25 -23.99
N GLY H 642 7.30 -98.83 -23.64
CA GLY H 642 8.43 -98.04 -23.21
C GLY H 642 9.31 -98.82 -22.25
N TRP H 643 10.08 -98.07 -21.47
CA TRP H 643 11.03 -98.65 -20.53
C TRP H 643 10.78 -98.10 -19.13
N SER H 644 11.08 -98.91 -18.12
CA SER H 644 11.02 -98.49 -16.73
C SER H 644 12.12 -99.21 -15.98
N PHE H 645 12.93 -98.47 -15.23
CA PHE H 645 14.13 -99.09 -14.66
C PHE H 645 14.59 -98.36 -13.42
N THR H 646 14.85 -99.12 -12.36
CA THR H 646 15.72 -98.74 -11.26
C THR H 646 16.65 -99.90 -10.96
N ARG H 647 17.49 -99.73 -9.95
CA ARG H 647 18.42 -100.78 -9.54
C ARG H 647 18.07 -101.24 -8.14
N ILE H 648 17.96 -102.56 -7.97
CA ILE H 648 17.63 -103.17 -6.70
C ILE H 648 18.84 -103.98 -6.24
N LYS H 649 19.09 -103.98 -4.93
CA LYS H 649 20.22 -104.74 -4.41
C LYS H 649 20.00 -106.23 -4.60
N ALA H 650 21.06 -106.94 -4.98
CA ALA H 650 20.96 -108.38 -5.18
C ALA H 650 20.65 -109.10 -3.88
N ALA H 651 21.15 -108.59 -2.75
CA ALA H 651 20.82 -109.17 -1.46
C ALA H 651 19.38 -108.91 -1.06
N GLU H 652 18.74 -107.90 -1.65
CA GLU H 652 17.37 -107.54 -1.32
C GLU H 652 16.36 -108.00 -2.36
N THR H 653 16.74 -108.95 -3.22
CA THR H 653 15.84 -109.45 -4.26
C THR H 653 15.89 -110.97 -4.24
N PRO H 654 14.76 -111.65 -4.09
CA PRO H 654 14.75 -113.11 -4.20
C PRO H 654 15.02 -113.54 -5.64
N GLN H 655 15.59 -114.73 -5.78
CA GLN H 655 15.82 -115.27 -7.11
C GLN H 655 14.49 -115.53 -7.80
N LEU H 656 14.42 -115.17 -9.09
CA LEU H 656 13.16 -115.22 -9.81
C LEU H 656 12.65 -116.64 -9.94
N GLY H 657 11.36 -116.81 -9.70
CA GLY H 657 10.74 -118.13 -9.83
C GLY H 657 11.35 -119.17 -8.91
N ALA H 658 11.70 -118.79 -7.69
CA ALA H 658 12.35 -119.67 -6.74
C ALA H 658 11.32 -120.30 -5.82
N GLN H 659 11.36 -121.63 -5.72
CA GLN H 659 10.58 -122.29 -4.68
C GLN H 659 11.08 -121.91 -3.30
N TYR H 660 12.40 -121.84 -3.13
CA TYR H 660 12.99 -121.47 -1.84
C TYR H 660 14.37 -120.89 -2.12
N ASP H 661 14.49 -119.57 -2.06
CA ASP H 661 15.78 -118.91 -2.28
C ASP H 661 16.67 -119.14 -1.07
N VAL H 662 17.67 -120.00 -1.22
CA VAL H 662 18.52 -120.36 -0.09
C VAL H 662 19.54 -119.27 0.25
N ASN H 663 19.83 -118.37 -0.69
CA ASN H 663 20.76 -117.28 -0.45
C ASN H 663 20.06 -116.01 0.00
N PHE H 664 18.74 -116.02 0.13
CA PHE H 664 17.98 -114.84 0.53
C PHE H 664 17.96 -114.77 2.05
N LYS H 665 18.99 -114.11 2.59
CA LYS H 665 19.15 -113.95 4.04
C LYS H 665 18.75 -112.54 4.47
N TYR H 666 17.73 -111.99 3.81
CA TYR H 666 17.27 -110.63 4.05
C TYR H 666 15.75 -110.65 4.18
N SER H 667 15.22 -109.91 5.14
CA SER H 667 13.79 -109.90 5.41
C SER H 667 13.30 -108.48 5.63
N GLY H 668 13.81 -107.53 4.87
CA GLY H 668 13.35 -106.16 4.97
C GLY H 668 12.33 -105.82 3.91
N SER H 669 12.45 -104.64 3.32
CA SER H 669 11.51 -104.20 2.28
C SER H 669 12.07 -104.64 0.93
N ILE H 670 11.42 -105.62 0.31
CA ILE H 670 11.84 -106.14 -0.99
C ILE H 670 11.35 -105.16 -2.04
N ALA H 671 12.22 -104.24 -2.46
CA ALA H 671 11.82 -103.22 -3.45
C ALA H 671 11.45 -103.83 -4.78
N TYR H 672 11.84 -105.08 -5.03
CA TYR H 672 11.40 -105.77 -6.24
C TYR H 672 9.90 -106.07 -6.17
N SER H 673 9.44 -106.63 -5.06
CA SER H 673 8.06 -107.08 -4.96
C SER H 673 7.10 -105.92 -4.75
N ASP H 674 7.36 -105.08 -3.75
CA ASP H 674 6.55 -103.90 -3.52
C ASP H 674 7.16 -102.73 -4.28
N GLY H 675 6.61 -101.53 -4.07
CA GLY H 675 7.10 -100.37 -4.78
C GLY H 675 8.14 -99.58 -4.03
N GLY H 676 8.76 -100.20 -3.02
CA GLY H 676 9.71 -99.50 -2.18
C GLY H 676 11.04 -99.20 -2.85
N PHE H 677 11.01 -98.59 -4.03
CA PHE H 677 12.24 -98.25 -4.73
C PHE H 677 12.94 -97.08 -4.04
N TYR H 678 14.26 -97.16 -3.96
CA TYR H 678 15.04 -96.10 -3.35
C TYR H 678 16.34 -95.81 -4.09
N LEU H 679 16.59 -96.45 -5.23
CA LEU H 679 17.81 -96.25 -5.99
C LEU H 679 17.51 -95.77 -7.40
N SER H 680 16.49 -94.93 -7.56
CA SER H 680 16.28 -94.26 -8.83
C SER H 680 17.45 -93.33 -9.14
N HIS H 681 18.08 -92.80 -8.11
CA HIS H 681 19.35 -92.10 -8.28
C HIS H 681 20.42 -93.15 -8.54
N THR H 682 21.68 -92.73 -8.57
CA THR H 682 22.79 -93.61 -8.95
C THR H 682 22.63 -94.15 -10.37
N PHE H 683 21.92 -93.39 -11.20
CA PHE H 683 21.77 -93.67 -12.63
C PHE H 683 22.37 -92.48 -13.37
N ARG H 684 23.62 -92.65 -13.83
CA ARG H 684 24.30 -91.52 -14.46
C ARG H 684 23.70 -91.20 -15.82
N ASN H 685 23.48 -92.21 -16.65
CA ASN H 685 22.92 -91.99 -17.98
C ASN H 685 22.50 -93.34 -18.57
N MET H 686 21.97 -93.29 -19.79
CA MET H 686 21.53 -94.48 -20.50
C MET H 686 21.53 -94.17 -21.99
N SER H 687 21.78 -95.20 -22.79
CA SER H 687 21.70 -95.09 -24.25
C SER H 687 20.94 -96.29 -24.80
N ILE H 688 20.16 -96.04 -25.84
CA ILE H 688 19.33 -97.06 -26.49
C ILE H 688 19.72 -97.12 -27.96
N LEU H 689 19.98 -98.33 -28.46
CA LEU H 689 20.34 -98.56 -29.85
C LEU H 689 19.48 -99.72 -30.37
N PHE H 690 18.36 -99.40 -31.02
CA PHE H 690 17.44 -100.46 -31.43
C PHE H 690 18.09 -101.44 -32.39
N ASP H 691 18.83 -100.95 -33.37
CA ASP H 691 19.72 -101.85 -34.08
C ASP H 691 21.14 -101.64 -33.54
N THR H 692 22.13 -102.18 -34.25
CA THR H 692 23.51 -101.97 -33.84
C THR H 692 23.86 -100.49 -33.79
N SER H 693 23.22 -99.65 -34.61
CA SER H 693 23.70 -98.28 -34.72
C SER H 693 22.63 -97.19 -34.69
N ILE H 694 21.36 -97.51 -34.41
CA ILE H 694 20.32 -96.47 -34.45
C ILE H 694 19.93 -96.09 -33.03
N ASN H 695 20.21 -94.84 -32.65
CA ASN H 695 19.69 -94.32 -31.40
C ASN H 695 18.18 -94.12 -31.53
N TRP H 696 17.43 -94.54 -30.51
CA TRP H 696 15.97 -94.44 -30.62
C TRP H 696 15.50 -93.00 -30.74
N PRO H 697 15.92 -92.04 -29.89
CA PRO H 697 15.60 -90.64 -30.19
C PRO H 697 16.12 -90.28 -31.58
N GLY H 698 17.43 -90.43 -31.77
CA GLY H 698 18.07 -90.45 -33.06
C GLY H 698 17.66 -89.39 -34.06
N ASN H 699 17.08 -88.29 -33.59
CA ASN H 699 16.66 -87.19 -34.45
C ASN H 699 17.10 -85.86 -33.87
N ASP H 700 18.24 -85.84 -33.17
CA ASP H 700 18.71 -84.66 -32.45
C ASP H 700 17.63 -84.13 -31.51
N ARG H 701 16.91 -85.04 -30.87
CA ARG H 701 15.85 -84.60 -29.95
C ARG H 701 16.45 -83.95 -28.70
N LEU H 702 17.18 -84.73 -27.92
CA LEU H 702 17.64 -84.26 -26.63
C LEU H 702 18.88 -83.38 -26.77
N LEU H 703 19.16 -82.61 -25.72
CA LEU H 703 20.35 -81.78 -25.72
C LEU H 703 21.62 -82.62 -25.78
N THR H 704 21.56 -83.87 -25.31
CA THR H 704 22.56 -84.89 -25.57
C THR H 704 21.93 -85.89 -26.51
N PRO H 705 21.97 -85.65 -27.83
CA PRO H 705 21.07 -86.37 -28.75
C PRO H 705 21.27 -87.88 -28.77
N ASN H 706 22.48 -88.36 -28.54
CA ASN H 706 22.79 -89.77 -28.76
C ASN H 706 22.54 -90.65 -27.55
N MET H 707 22.09 -90.08 -26.43
CA MET H 707 22.10 -90.83 -25.19
C MET H 707 21.35 -90.08 -24.11
N PHE H 708 20.66 -90.83 -23.25
CA PHE H 708 19.82 -90.27 -22.19
C PHE H 708 20.70 -89.90 -21.01
N GLU H 709 21.13 -88.65 -20.97
CA GLU H 709 21.95 -88.17 -19.85
C GLU H 709 21.02 -87.90 -18.66
N ILE H 710 20.99 -88.85 -17.72
CA ILE H 710 20.06 -88.73 -16.60
C ILE H 710 20.51 -87.62 -15.65
N LYS H 711 21.79 -87.57 -15.32
CA LYS H 711 22.30 -86.54 -14.42
C LYS H 711 23.76 -86.28 -14.72
N ARG H 712 24.19 -85.04 -14.47
CA ARG H 712 25.56 -84.64 -14.71
C ARG H 712 26.14 -84.03 -13.44
N SER H 713 27.47 -84.05 -13.35
CA SER H 713 28.15 -83.38 -12.25
C SER H 713 28.07 -81.88 -12.47
N VAL H 714 27.43 -81.18 -11.53
CA VAL H 714 27.18 -79.74 -11.70
C VAL H 714 28.49 -78.98 -11.77
N ALA H 715 29.44 -79.32 -10.91
CA ALA H 715 30.75 -78.67 -10.95
C ALA H 715 31.45 -78.92 -12.28
N LEU H 716 31.42 -80.17 -12.75
CA LEU H 716 32.04 -80.49 -14.03
C LEU H 716 31.28 -79.87 -15.20
N ASP H 717 29.97 -79.70 -15.06
CA ASP H 717 29.15 -79.21 -16.15
C ASP H 717 29.20 -77.69 -16.23
N THR H 718 29.38 -77.18 -17.45
CA THR H 718 29.51 -75.75 -17.69
C THR H 718 28.52 -75.19 -18.69
N GLU H 719 27.91 -76.03 -19.53
CA GLU H 719 26.97 -75.56 -20.53
C GLU H 719 25.56 -75.41 -19.98
N GLY H 720 25.34 -75.78 -18.72
CA GLY H 720 24.02 -75.74 -18.12
C GLY H 720 23.49 -77.14 -17.90
N PHE H 721 22.46 -77.50 -18.66
CA PHE H 721 21.97 -78.88 -18.77
C PHE H 721 21.67 -79.53 -17.42
N THR H 722 21.46 -78.74 -16.36
CA THR H 722 21.01 -79.27 -15.10
C THR H 722 19.75 -78.54 -14.68
N MET H 723 18.80 -79.27 -14.13
CA MET H 723 17.43 -78.79 -13.99
C MET H 723 16.98 -78.86 -12.54
N SER H 724 16.14 -77.90 -12.14
CA SER H 724 15.44 -77.92 -10.87
C SER H 724 16.39 -77.93 -9.69
N GLN H 725 17.46 -77.12 -9.79
CA GLN H 725 18.36 -76.87 -8.67
C GLN H 725 19.00 -78.15 -8.13
N CYS H 726 19.28 -79.10 -9.02
CA CYS H 726 19.98 -80.32 -8.65
C CYS H 726 20.79 -80.76 -9.86
N ASP H 727 21.27 -82.00 -9.85
CA ASP H 727 22.10 -82.51 -10.93
C ASP H 727 21.30 -83.21 -12.02
N ILE H 728 19.97 -83.31 -11.90
CA ILE H 728 19.18 -83.90 -12.97
C ILE H 728 19.25 -82.99 -14.19
N THR H 729 19.23 -83.61 -15.37
CA THR H 729 19.44 -82.88 -16.61
C THR H 729 18.13 -82.33 -17.16
N LYS H 730 18.26 -81.37 -18.09
CA LYS H 730 17.09 -80.85 -18.78
C LYS H 730 16.38 -81.95 -19.54
N ASP H 731 17.13 -82.80 -20.23
CA ASP H 731 16.55 -83.86 -21.04
C ASP H 731 15.76 -84.83 -20.17
N TRP H 732 16.36 -85.29 -19.08
CA TRP H 732 15.71 -86.27 -18.23
C TRP H 732 14.48 -85.69 -17.54
N TYR H 733 14.58 -84.45 -17.07
CA TYR H 733 13.43 -83.80 -16.45
C TYR H 733 12.29 -83.67 -17.45
N LEU H 734 12.60 -83.23 -18.68
CA LEU H 734 11.57 -83.11 -19.70
C LEU H 734 10.93 -84.47 -19.98
N ILE H 735 11.74 -85.51 -20.09
CA ILE H 735 11.22 -86.83 -20.43
C ILE H 735 10.30 -87.33 -19.33
N GLN H 736 10.72 -87.18 -18.07
CA GLN H 736 9.89 -87.66 -16.96
C GLN H 736 8.59 -86.88 -16.86
N MET H 737 8.66 -85.55 -16.99
CA MET H 737 7.43 -84.76 -16.89
C MET H 737 6.49 -85.03 -18.05
N ALA H 738 7.03 -85.26 -19.25
CA ALA H 738 6.17 -85.58 -20.38
C ALA H 738 5.57 -86.96 -20.25
N THR H 739 6.32 -87.93 -19.72
CA THR H 739 5.79 -89.27 -19.52
C THR H 739 4.67 -89.27 -18.50
N ASN H 740 4.85 -88.54 -17.39
CA ASN H 740 3.91 -88.64 -16.29
C ASN H 740 2.75 -87.66 -16.42
N TYR H 741 2.94 -86.54 -17.10
CA TYR H 741 1.97 -85.45 -17.06
C TYR H 741 1.53 -84.94 -18.42
N ASN H 742 2.17 -85.38 -19.51
CA ASN H 742 1.68 -85.18 -20.87
C ASN H 742 1.65 -83.71 -21.29
N PHE H 743 2.31 -82.82 -20.56
CA PHE H 743 2.33 -81.42 -20.94
C PHE H 743 3.69 -80.85 -20.53
N VAL H 744 4.60 -80.74 -21.49
CA VAL H 744 5.90 -80.11 -21.23
C VAL H 744 6.15 -79.00 -22.25
N TYR H 745 5.54 -79.10 -23.42
CA TYR H 745 5.74 -78.08 -24.44
C TYR H 745 4.92 -76.83 -24.16
N ASN H 746 3.92 -76.94 -23.31
CA ASN H 746 3.11 -75.81 -22.88
C ASN H 746 3.61 -75.20 -21.58
N GLY H 747 4.67 -75.75 -20.99
CA GLY H 747 5.24 -75.19 -19.79
C GLY H 747 5.36 -76.19 -18.66
N TYR H 748 6.47 -76.12 -17.92
CA TYR H 748 6.62 -76.94 -16.72
C TYR H 748 5.74 -76.40 -15.61
N ARG H 749 5.03 -77.29 -14.92
CA ARG H 749 4.20 -76.88 -13.80
C ARG H 749 3.97 -78.10 -12.91
N PHE H 750 3.58 -77.81 -11.67
CA PHE H 750 3.22 -78.87 -10.74
C PHE H 750 1.88 -79.47 -11.13
N TRP H 751 1.73 -80.76 -10.85
CA TRP H 751 0.51 -81.51 -11.19
C TRP H 751 -0.06 -82.13 -9.91
N PRO H 752 -0.94 -81.42 -9.21
CA PRO H 752 -1.52 -81.98 -7.98
C PRO H 752 -2.51 -83.10 -8.22
N ASP H 753 -2.86 -83.40 -9.47
CA ASP H 753 -3.82 -84.45 -9.78
C ASP H 753 -3.23 -85.85 -9.68
N ARG H 754 -1.91 -85.97 -9.52
CA ARG H 754 -1.26 -87.28 -9.46
C ARG H 754 -0.48 -87.49 -8.17
N GLN H 755 -0.59 -86.57 -7.21
CA GLN H 755 0.13 -86.71 -5.95
C GLN H 755 -0.38 -87.85 -5.10
N TYR H 756 -1.54 -88.42 -5.44
CA TYR H 756 -2.05 -89.59 -4.74
C TYR H 756 -1.34 -90.88 -5.16
N PHE H 757 -0.67 -90.87 -6.31
CA PHE H 757 -0.25 -92.13 -6.94
C PHE H 757 0.82 -92.84 -6.12
N HIS H 758 1.58 -92.10 -5.31
CA HIS H 758 2.61 -92.68 -4.45
C HIS H 758 3.79 -93.23 -5.25
N TYR H 759 3.70 -93.21 -6.58
CA TYR H 759 4.82 -93.66 -7.40
C TYR H 759 5.07 -92.75 -8.60
N ASP H 760 4.53 -91.54 -8.60
CA ASP H 760 4.74 -90.62 -9.71
C ASP H 760 6.05 -89.85 -9.49
N PHE H 761 6.28 -88.83 -10.30
CA PHE H 761 7.57 -88.16 -10.35
C PHE H 761 7.68 -87.04 -9.31
N LEU H 762 6.79 -86.05 -9.37
CA LEU H 762 6.94 -84.86 -8.54
C LEU H 762 6.67 -85.15 -7.07
N ARG H 763 5.88 -86.18 -6.77
CA ARG H 763 5.53 -86.47 -5.38
C ARG H 763 6.75 -86.84 -4.56
N ASN H 764 7.77 -87.41 -5.18
CA ASN H 764 8.90 -87.99 -4.47
C ASN H 764 10.25 -87.62 -5.05
N PHE H 765 10.29 -86.78 -6.09
CA PHE H 765 11.54 -86.23 -6.59
C PHE H 765 11.97 -85.08 -5.67
N ASP H 766 12.99 -85.33 -4.85
CA ASP H 766 13.44 -84.34 -3.88
C ASP H 766 14.83 -83.85 -4.23
N PRO H 767 14.98 -82.65 -4.78
CA PRO H 767 16.31 -82.04 -4.91
C PRO H 767 16.75 -81.41 -3.60
N MET H 768 18.06 -81.41 -3.39
CA MET H 768 18.63 -80.82 -2.20
C MET H 768 20.06 -80.38 -2.48
N THR H 769 20.58 -79.52 -1.61
CA THR H 769 21.90 -78.94 -1.83
C THR H 769 22.56 -78.61 -0.51
N ARG H 770 23.80 -79.06 -0.34
CA ARG H 770 24.67 -78.65 0.75
C ARG H 770 25.96 -78.11 0.14
N GLN H 771 26.76 -77.44 0.97
CA GLN H 771 27.93 -76.74 0.46
C GLN H 771 29.24 -77.39 0.89
N GLY H 772 29.49 -77.52 2.19
CA GLY H 772 30.64 -78.26 2.66
C GLY H 772 31.95 -77.54 2.45
N PRO H 773 32.88 -77.69 3.38
CA PRO H 773 34.21 -77.12 3.18
C PRO H 773 34.98 -77.85 2.08
N ASN H 774 35.83 -77.10 1.38
CA ASN H 774 36.69 -77.66 0.34
C ASN H 774 37.97 -78.14 1.00
N PHE H 775 38.03 -79.41 1.35
CA PHE H 775 39.19 -79.96 2.05
C PHE H 775 40.31 -80.12 1.03
N ALA H 776 41.41 -80.76 1.45
CA ALA H 776 42.63 -80.82 0.64
C ALA H 776 43.14 -79.42 0.32
N LEU H 777 43.06 -78.54 1.31
CA LEU H 777 43.57 -77.17 1.24
C LEU H 777 44.57 -76.97 2.37
N PRO H 778 45.28 -75.83 2.43
CA PRO H 778 46.19 -75.62 3.57
C PRO H 778 45.51 -75.75 4.92
N GLY H 779 44.30 -75.23 5.07
CA GLY H 779 43.48 -75.49 6.24
C GLY H 779 42.56 -76.65 5.99
N LEU H 780 41.44 -76.67 6.73
CA LEU H 780 40.33 -77.58 6.43
C LEU H 780 40.80 -79.04 6.46
N PHE H 781 41.14 -79.48 7.67
CA PHE H 781 41.90 -80.71 7.87
C PHE H 781 41.06 -81.99 7.83
N ASP H 782 39.74 -81.90 7.68
CA ASP H 782 38.88 -83.07 7.54
C ASP H 782 39.02 -84.00 8.75
N LEU H 783 38.56 -83.48 9.89
CA LEU H 783 38.72 -84.14 11.17
C LEU H 783 37.76 -85.31 11.38
N VAL H 784 36.82 -85.54 10.47
CA VAL H 784 35.88 -86.64 10.58
C VAL H 784 36.37 -87.77 9.70
N SER H 785 36.64 -88.94 10.30
CA SER H 785 37.07 -90.12 9.59
C SER H 785 35.94 -91.13 9.54
N TYR H 786 35.73 -91.71 8.36
CA TYR H 786 34.62 -92.62 8.14
C TYR H 786 35.04 -94.09 8.09
N THR H 787 36.31 -94.38 8.36
CA THR H 787 36.80 -95.76 8.30
C THR H 787 36.97 -96.30 9.70
N PRO H 788 36.21 -97.31 10.10
CA PRO H 788 36.44 -97.93 11.41
C PRO H 788 37.71 -98.76 11.42
N THR H 789 38.20 -99.04 12.63
CA THR H 789 39.43 -99.81 12.79
C THR H 789 39.19 -101.31 12.84
N THR H 790 37.94 -101.76 12.72
CA THR H 790 37.52 -103.15 12.65
C THR H 790 38.30 -104.10 13.56
N ASP H 791 38.57 -103.67 14.79
CA ASP H 791 39.18 -104.52 15.80
C ASP H 791 38.15 -104.88 16.86
N ASN H 792 38.54 -105.82 17.72
CA ASN H 792 37.62 -106.32 18.74
C ASN H 792 37.20 -105.22 19.71
N SER H 793 38.14 -104.36 20.11
CA SER H 793 37.85 -103.32 21.09
C SER H 793 36.80 -102.35 20.57
N GLY H 794 35.99 -101.83 21.48
CA GLY H 794 34.96 -100.87 21.13
C GLY H 794 35.48 -99.45 21.18
N GLU H 795 36.72 -99.27 20.76
CA GLU H 795 37.40 -97.98 20.78
C GLU H 795 37.66 -97.56 19.33
N GLN H 796 37.39 -96.30 19.03
CA GLN H 796 37.63 -95.72 17.71
C GLN H 796 38.46 -94.46 17.87
N PRO H 797 39.77 -94.62 18.12
CA PRO H 797 40.61 -93.43 18.36
C PRO H 797 40.68 -92.49 17.19
N SER H 798 40.34 -92.96 15.98
CA SER H 798 40.31 -92.08 14.82
C SER H 798 39.14 -91.09 14.86
N GLN H 799 38.18 -91.30 15.75
CA GLN H 799 37.03 -90.40 15.87
C GLN H 799 37.25 -89.31 16.90
N GLU H 800 38.41 -89.28 17.56
CA GLU H 800 38.65 -88.41 18.70
C GLU H 800 39.14 -87.02 18.30
N ALA H 801 38.82 -86.56 17.09
CA ALA H 801 39.33 -85.28 16.61
C ALA H 801 38.28 -84.18 16.61
N VAL H 802 36.99 -84.50 16.75
CA VAL H 802 35.96 -83.50 16.53
C VAL H 802 35.75 -82.58 17.72
N ARG H 803 36.04 -83.06 18.94
CA ARG H 803 36.12 -82.22 20.14
C ARG H 803 34.90 -81.31 20.32
N ASN H 804 33.74 -81.74 19.84
CA ASN H 804 32.51 -80.97 19.98
C ASN H 804 31.65 -81.60 21.06
N ASN H 805 31.03 -80.75 21.88
CA ASN H 805 30.30 -81.17 23.07
C ASN H 805 31.20 -82.04 23.95
N SER H 806 32.41 -81.54 24.20
CA SER H 806 33.48 -82.37 24.77
C SER H 806 33.06 -83.00 26.09
N GLY H 807 32.79 -82.18 27.10
CA GLY H 807 32.50 -82.70 28.41
C GLY H 807 31.02 -82.99 28.66
N PHE H 808 30.23 -83.05 27.58
CA PHE H 808 28.79 -83.19 27.70
C PHE H 808 28.21 -84.37 26.94
N ILE H 809 29.03 -85.16 26.26
CA ILE H 809 28.59 -86.38 25.60
C ILE H 809 29.60 -87.47 25.89
N ALA H 810 29.31 -88.68 25.42
CA ALA H 810 30.24 -89.79 25.52
C ALA H 810 31.47 -89.51 24.66
N PRO H 811 32.60 -90.13 24.97
CA PRO H 811 33.78 -89.96 24.11
C PRO H 811 33.49 -90.44 22.70
N ARG H 812 34.07 -89.73 21.73
CA ARG H 812 33.82 -90.08 20.33
C ARG H 812 34.35 -91.47 20.00
N SER H 813 35.52 -91.82 20.53
CA SER H 813 36.04 -93.16 20.31
C SER H 813 35.16 -94.22 20.96
N TRP H 814 34.51 -93.88 22.05
CA TRP H 814 33.64 -94.80 22.75
C TRP H 814 32.32 -94.97 22.01
N PRO H 815 31.56 -96.03 22.31
CA PRO H 815 30.20 -96.14 21.77
C PRO H 815 29.34 -94.95 22.20
N VAL H 816 28.36 -94.63 21.35
CA VAL H 816 27.55 -93.44 21.58
C VAL H 816 26.78 -93.54 22.89
N TRP H 817 26.23 -94.72 23.18
CA TRP H 817 25.33 -94.89 24.31
C TRP H 817 26.05 -95.14 25.62
N SER H 818 27.32 -94.77 25.73
CA SER H 818 28.01 -94.78 27.01
C SER H 818 27.79 -93.45 27.72
N ALA H 819 28.14 -93.42 29.00
CA ALA H 819 27.92 -92.22 29.81
C ALA H 819 28.85 -91.11 29.36
N HIS H 820 28.46 -89.87 29.68
CA HIS H 820 29.27 -88.73 29.30
C HIS H 820 30.54 -88.71 30.14
N GLN H 821 31.61 -88.25 29.53
CA GLN H 821 32.82 -87.97 30.29
C GLN H 821 33.65 -86.98 29.49
N GLY H 822 34.66 -86.41 30.16
CA GLY H 822 35.53 -85.44 29.54
C GLY H 822 35.51 -84.13 30.30
N GLU H 823 35.67 -83.05 29.56
CA GLU H 823 35.75 -81.71 30.15
C GLU H 823 35.32 -80.70 29.11
N SER H 824 34.78 -79.59 29.58
CA SER H 824 34.32 -78.55 28.67
C SER H 824 35.48 -78.01 27.85
N TRP H 825 35.25 -77.84 26.55
CA TRP H 825 36.31 -77.42 25.65
C TRP H 825 35.69 -76.83 24.41
N PRO H 826 36.29 -75.80 23.81
CA PRO H 826 35.75 -75.27 22.55
C PRO H 826 35.77 -76.33 21.47
N ALA H 827 34.70 -76.36 20.67
CA ALA H 827 34.65 -77.27 19.53
C ALA H 827 35.62 -76.82 18.45
N ASN H 828 36.11 -77.78 17.68
CA ASN H 828 37.04 -77.48 16.60
C ASN H 828 36.60 -77.97 15.24
N TRP H 829 35.88 -79.08 15.16
CA TRP H 829 35.62 -79.69 13.85
C TRP H 829 34.74 -78.83 12.96
N PRO H 830 33.49 -78.52 13.32
CA PRO H 830 32.56 -78.02 12.29
C PRO H 830 32.97 -76.67 11.76
N TYR H 831 33.46 -76.64 10.52
CA TYR H 831 33.93 -75.39 9.94
C TYR H 831 32.74 -74.49 9.67
N PRO H 832 32.76 -73.25 10.15
CA PRO H 832 31.61 -72.35 9.94
C PRO H 832 31.44 -72.04 8.46
N LEU H 833 30.31 -72.47 7.91
CA LEU H 833 29.94 -72.14 6.54
C LEU H 833 29.05 -70.91 6.45
N CYS H 834 28.54 -70.43 7.58
CA CYS H 834 27.66 -69.28 7.64
C CYS H 834 28.18 -68.32 8.70
N GLY H 835 27.45 -67.24 8.91
CA GLY H 835 27.83 -66.26 9.92
C GLY H 835 28.82 -65.25 9.43
N GLN H 836 29.17 -64.33 10.34
CA GLN H 836 30.06 -63.23 9.98
C GLN H 836 31.45 -63.70 9.61
N GLN H 837 31.90 -64.80 10.18
CA GLN H 837 33.27 -65.26 10.02
C GLN H 837 33.32 -66.71 9.54
N ALA H 838 32.52 -67.02 8.52
CA ALA H 838 32.60 -68.31 7.86
C ALA H 838 33.93 -68.45 7.13
N ILE H 839 34.18 -69.66 6.63
CA ILE H 839 35.41 -69.92 5.89
C ILE H 839 35.36 -69.17 4.56
N GLN H 840 36.50 -69.02 3.93
CA GLN H 840 36.58 -68.17 2.74
C GLN H 840 35.76 -68.75 1.60
N PRO H 841 35.25 -67.89 0.70
CA PRO H 841 34.41 -68.40 -0.39
C PRO H 841 35.12 -69.35 -1.32
N GLY H 842 36.45 -69.29 -1.41
CA GLY H 842 37.18 -70.26 -2.19
C GLY H 842 37.40 -71.60 -1.52
N GLN H 843 37.04 -71.70 -0.23
CA GLN H 843 37.21 -72.92 0.54
C GLN H 843 35.90 -73.70 0.70
N VAL H 844 34.86 -73.35 -0.05
CA VAL H 844 33.59 -74.04 0.00
C VAL H 844 33.36 -74.74 -1.33
N LEU H 845 32.37 -75.64 -1.33
CA LEU H 845 32.05 -76.42 -2.51
C LEU H 845 30.54 -76.42 -2.72
N SER H 846 30.10 -77.16 -3.73
CA SER H 846 28.69 -77.34 -4.01
C SER H 846 28.41 -78.82 -4.26
N TYR H 847 27.29 -79.30 -3.74
CA TYR H 847 26.98 -80.73 -3.71
C TYR H 847 25.55 -80.97 -4.17
N LYS H 848 25.18 -80.43 -5.32
CA LYS H 848 23.85 -80.66 -5.88
C LYS H 848 23.56 -82.15 -5.98
N LYS H 849 22.39 -82.55 -5.50
CA LYS H 849 22.01 -83.95 -5.48
C LYS H 849 20.49 -84.03 -5.45
N PHE H 850 19.96 -85.15 -5.94
CA PHE H 850 18.53 -85.40 -5.90
C PHE H 850 18.27 -86.83 -5.46
N LEU H 851 17.17 -87.01 -4.75
CA LEU H 851 16.68 -88.34 -4.39
C LEU H 851 15.27 -88.49 -4.94
N CYS H 852 14.95 -89.69 -5.41
CA CYS H 852 13.64 -89.95 -6.00
C CYS H 852 13.28 -91.39 -5.68
N ASP H 853 12.55 -91.59 -4.58
CA ASP H 853 12.18 -92.92 -4.14
C ASP H 853 10.83 -93.32 -4.71
N ASN H 854 10.62 -94.62 -4.85
CA ASN H 854 9.33 -95.16 -5.28
C ASN H 854 8.93 -94.69 -6.67
N TYR H 855 9.90 -94.40 -7.54
CA TYR H 855 9.53 -93.82 -8.82
C TYR H 855 9.66 -94.76 -10.01
N LEU H 856 10.77 -95.50 -10.14
CA LEU H 856 10.96 -96.43 -11.25
C LEU H 856 10.93 -95.69 -12.59
N TRP H 857 12.03 -94.95 -12.83
CA TRP H 857 12.22 -94.11 -14.02
C TRP H 857 11.54 -94.67 -15.25
N THR H 858 10.71 -93.87 -15.91
CA THR H 858 9.95 -94.33 -17.07
C THR H 858 10.37 -93.55 -18.31
N ILE H 859 10.56 -94.28 -19.41
CA ILE H 859 10.75 -93.70 -20.73
C ILE H 859 9.71 -94.31 -21.65
N PRO H 860 8.79 -93.52 -22.22
CA PRO H 860 7.75 -94.09 -23.07
C PRO H 860 8.20 -94.19 -24.51
N PHE H 861 7.89 -95.33 -25.13
CA PHE H 861 8.24 -95.55 -26.54
C PHE H 861 7.28 -94.76 -27.44
N SER H 862 7.31 -93.45 -27.26
CA SER H 862 6.48 -92.52 -28.01
C SER H 862 7.37 -91.53 -28.74
N SER H 863 6.83 -90.94 -29.80
CA SER H 863 7.63 -90.07 -30.66
C SER H 863 8.12 -88.84 -29.91
N ASP H 864 7.27 -88.23 -29.09
CA ASP H 864 7.62 -87.02 -28.36
C ASP H 864 7.53 -87.21 -26.84
N PHE H 865 7.65 -88.45 -26.37
CA PHE H 865 7.71 -88.77 -24.95
C PHE H 865 6.43 -88.40 -24.21
N MET H 866 5.33 -88.19 -24.93
CA MET H 866 4.07 -87.78 -24.35
C MET H 866 3.01 -88.84 -24.62
N TYR H 867 2.07 -88.96 -23.69
CA TYR H 867 1.09 -90.04 -23.72
C TYR H 867 -0.03 -89.74 -24.70
N MET H 868 -0.18 -90.59 -25.71
CA MET H 868 -1.34 -90.54 -26.60
C MET H 868 -2.04 -91.90 -26.68
N GLY H 869 -1.84 -92.76 -25.70
CA GLY H 869 -2.52 -94.04 -25.64
C GLY H 869 -1.60 -95.13 -25.12
N GLU H 870 -2.21 -96.18 -24.56
CA GLU H 870 -1.44 -97.31 -24.08
C GLU H 870 -0.68 -97.97 -25.21
N LEU H 871 -1.31 -98.12 -26.37
CA LEU H 871 -0.63 -98.56 -27.58
C LEU H 871 0.01 -97.31 -28.19
N THR H 872 1.31 -97.15 -27.97
CA THR H 872 1.97 -95.86 -28.14
C THR H 872 2.06 -95.47 -29.61
N ASP H 873 2.68 -94.32 -29.85
CA ASP H 873 2.80 -93.79 -31.21
C ASP H 873 3.60 -94.73 -32.09
N LEU H 874 4.78 -95.14 -31.64
CA LEU H 874 5.62 -96.08 -32.37
C LEU H 874 5.37 -97.52 -31.97
N GLY H 875 4.39 -97.78 -31.11
CA GLY H 875 4.07 -99.15 -30.75
C GLY H 875 3.60 -99.97 -31.93
N GLN H 876 2.87 -99.34 -32.85
CA GLN H 876 2.38 -100.00 -34.05
C GLN H 876 2.96 -99.38 -35.32
N ASN H 877 4.12 -98.77 -35.21
CA ASN H 877 4.81 -98.27 -36.39
C ASN H 877 5.32 -99.47 -37.19
N PRO H 878 4.97 -99.60 -38.47
CA PRO H 878 5.33 -100.82 -39.21
C PRO H 878 6.80 -100.85 -39.61
N MET H 879 7.67 -100.51 -38.68
CA MET H 879 9.11 -100.67 -38.81
C MET H 879 9.70 -101.39 -37.61
N TYR H 880 9.19 -101.12 -36.41
CA TYR H 880 9.54 -101.93 -35.25
C TYR H 880 8.71 -103.20 -35.20
N THR H 881 7.42 -103.12 -35.54
CA THR H 881 6.53 -104.26 -35.40
C THR H 881 6.84 -105.35 -36.43
N ASN H 882 6.70 -105.02 -37.71
CA ASN H 882 6.89 -106.02 -38.75
C ASN H 882 8.34 -106.48 -38.85
N ASN H 883 9.28 -105.54 -38.73
CA ASN H 883 10.69 -105.81 -38.99
C ASN H 883 11.42 -106.07 -37.68
N SER H 884 12.32 -107.06 -37.69
CA SER H 884 13.05 -107.46 -36.50
C SER H 884 14.14 -106.45 -36.17
N HIS H 885 14.24 -106.10 -34.88
CA HIS H 885 15.28 -105.22 -34.39
C HIS H 885 15.81 -105.76 -33.07
N SER H 886 17.07 -105.44 -32.77
CA SER H 886 17.81 -106.03 -31.66
C SER H 886 18.43 -104.91 -30.82
N MET H 887 17.70 -104.42 -29.83
CA MET H 887 18.16 -103.22 -29.14
C MET H 887 19.35 -103.53 -28.24
N VAL H 888 20.11 -102.47 -27.93
CA VAL H 888 21.21 -102.52 -26.99
C VAL H 888 21.05 -101.34 -26.04
N ILE H 889 21.03 -101.63 -24.74
CA ILE H 889 20.83 -100.61 -23.71
C ILE H 889 22.08 -100.57 -22.85
N ASN H 890 22.70 -99.39 -22.78
CA ASN H 890 23.94 -99.20 -22.03
C ASN H 890 23.67 -98.29 -20.84
N PHE H 891 24.28 -98.62 -19.70
CA PHE H 891 24.08 -97.86 -18.48
C PHE H 891 25.41 -97.38 -17.93
N GLU H 892 25.38 -96.18 -17.33
CA GLU H 892 26.41 -95.73 -16.41
C GLU H 892 25.75 -95.49 -15.06
N LEU H 893 26.32 -96.06 -14.01
CA LEU H 893 25.73 -96.04 -12.70
C LEU H 893 26.73 -95.52 -11.69
N ASP H 894 26.24 -94.90 -10.63
CA ASP H 894 27.12 -94.55 -9.52
C ASP H 894 27.61 -95.84 -8.88
N PRO H 895 28.92 -96.01 -8.72
CA PRO H 895 29.44 -97.30 -8.20
C PRO H 895 29.00 -97.53 -6.77
N MET H 896 28.30 -98.65 -6.56
CA MET H 896 27.81 -99.01 -5.24
C MET H 896 28.85 -99.87 -4.52
N ASP H 897 28.53 -100.26 -3.29
CA ASP H 897 29.44 -101.06 -2.47
C ASP H 897 28.99 -102.51 -2.35
N ASP H 898 27.94 -102.90 -3.06
CA ASP H 898 27.43 -104.26 -2.99
C ASP H 898 26.76 -104.61 -4.31
N PRO H 899 26.68 -105.89 -4.67
CA PRO H 899 26.06 -106.26 -5.94
C PRO H 899 24.58 -105.89 -5.95
N THR H 900 24.16 -105.23 -7.03
CA THR H 900 22.78 -104.80 -7.21
C THR H 900 22.31 -105.19 -8.60
N TYR H 901 21.06 -105.65 -8.68
CA TYR H 901 20.43 -105.83 -9.98
C TYR H 901 19.96 -104.49 -10.52
N VAL H 902 19.75 -104.44 -11.82
CA VAL H 902 19.10 -103.30 -12.47
C VAL H 902 17.74 -103.80 -12.95
N TYR H 903 16.70 -103.46 -12.21
CA TYR H 903 15.34 -103.94 -12.48
C TYR H 903 14.80 -103.20 -13.69
N MET H 904 14.96 -103.81 -14.86
CA MET H 904 14.50 -103.23 -16.11
C MET H 904 13.11 -103.74 -16.45
N LEU H 905 12.20 -102.81 -16.72
CA LEU H 905 10.84 -103.12 -17.12
C LEU H 905 10.63 -102.62 -18.54
N TYR H 906 10.14 -103.50 -19.39
CA TYR H 906 9.81 -103.11 -20.76
C TYR H 906 8.34 -102.75 -20.84
N GLY H 907 7.95 -102.18 -21.96
CA GLY H 907 6.55 -101.86 -22.14
C GLY H 907 5.84 -102.94 -22.92
N VAL H 908 5.07 -103.78 -22.24
CA VAL H 908 4.41 -104.92 -22.89
C VAL H 908 2.92 -104.87 -22.59
N PHE H 909 2.15 -105.47 -23.49
CA PHE H 909 0.72 -105.67 -23.30
C PHE H 909 0.48 -107.11 -22.87
N ASP H 910 0.75 -107.39 -21.59
CA ASP H 910 0.49 -108.72 -21.04
C ASP H 910 -1.00 -108.82 -20.81
N THR H 911 -1.69 -109.41 -21.78
CA THR H 911 -3.14 -109.38 -21.86
C THR H 911 -3.70 -110.80 -21.88
N VAL H 912 -4.96 -110.91 -21.45
CA VAL H 912 -5.67 -112.19 -21.35
C VAL H 912 -7.10 -111.96 -21.78
N ARG H 913 -7.65 -112.90 -22.53
CA ARG H 913 -9.10 -112.95 -22.72
C ARG H 913 -9.58 -114.34 -22.36
N VAL H 914 -10.70 -114.39 -21.64
CA VAL H 914 -11.20 -115.61 -21.04
C VAL H 914 -12.37 -116.10 -21.87
N ASN H 915 -12.29 -117.33 -22.36
CA ASN H 915 -13.34 -117.89 -23.21
C ASN H 915 -14.03 -119.03 -22.48
N GLN H 916 -15.35 -118.92 -22.32
CA GLN H 916 -16.16 -119.92 -21.63
C GLN H 916 -17.34 -120.28 -22.53
N PRO H 917 -17.08 -121.00 -23.62
CA PRO H 917 -18.15 -121.26 -24.60
C PRO H 917 -19.34 -122.01 -24.05
N GLU H 918 -19.13 -122.96 -23.14
CA GLU H 918 -20.20 -123.81 -22.64
C GLU H 918 -20.00 -123.99 -21.15
N ARG H 919 -20.79 -124.90 -20.56
CA ARG H 919 -20.70 -125.15 -19.13
C ARG H 919 -19.38 -125.85 -18.80
N ASN H 920 -18.85 -125.50 -17.62
CA ASN H 920 -17.62 -126.05 -17.04
C ASN H 920 -16.54 -126.30 -18.09
N VAL H 921 -16.37 -125.30 -18.96
CA VAL H 921 -15.21 -125.20 -19.85
C VAL H 921 -14.61 -123.82 -19.67
N LEU H 922 -13.35 -123.77 -19.24
CA LEU H 922 -12.63 -122.54 -18.98
C LEU H 922 -11.36 -122.55 -19.80
N ALA H 923 -11.14 -121.49 -20.58
CA ALA H 923 -9.94 -121.38 -21.42
C ALA H 923 -9.52 -119.93 -21.51
N MET H 924 -8.29 -119.65 -21.09
CA MET H 924 -7.66 -118.37 -21.36
C MET H 924 -6.41 -118.59 -22.20
N ALA H 925 -6.29 -117.81 -23.27
CA ALA H 925 -5.11 -117.80 -24.13
C ALA H 925 -4.38 -116.49 -23.86
N TYR H 926 -3.16 -116.59 -23.36
CA TYR H 926 -2.43 -115.40 -22.94
C TYR H 926 -1.71 -114.79 -24.14
N PHE H 927 -1.27 -113.54 -23.99
CA PHE H 927 -0.48 -112.91 -25.04
C PHE H 927 0.22 -111.69 -24.49
N ARG H 928 1.41 -111.41 -25.03
CA ARG H 928 2.23 -110.29 -24.60
C ARG H 928 2.92 -109.73 -25.84
N THR H 929 2.53 -108.54 -26.27
CA THR H 929 2.81 -108.10 -27.64
C THR H 929 4.30 -108.01 -27.98
N PRO H 930 5.15 -107.30 -27.21
CA PRO H 930 6.55 -107.19 -27.64
C PRO H 930 7.34 -108.44 -27.31
N PHE H 931 7.05 -109.03 -26.16
CA PHE H 931 7.78 -110.19 -25.67
C PHE H 931 6.79 -111.33 -25.48
N ALA H 932 6.52 -112.07 -26.55
CA ALA H 932 5.56 -113.15 -26.49
C ALA H 932 6.17 -114.38 -25.83
N THR H 933 5.30 -115.31 -25.47
CA THR H 933 5.69 -116.64 -24.99
C THR H 933 4.80 -117.66 -25.69
N GLY H 934 5.31 -118.26 -26.76
CA GLY H 934 4.47 -119.10 -27.60
C GLY H 934 4.95 -120.53 -27.73
N ASN H 935 4.92 -121.05 -28.96
CA ASN H 935 5.25 -122.44 -29.24
C ASN H 935 6.68 -122.76 -28.83
N ALA I 11 -5.76 -103.02 -38.26
CA ALA I 11 -4.47 -103.63 -37.99
C ALA I 11 -4.58 -105.16 -38.03
N THR I 12 -3.54 -105.83 -37.52
CA THR I 12 -3.54 -107.28 -37.48
C THR I 12 -4.65 -107.76 -36.54
N PRO I 13 -5.38 -108.83 -36.90
CA PRO I 13 -6.50 -109.28 -36.06
C PRO I 13 -6.07 -110.00 -34.79
N ARG I 14 -4.80 -110.35 -34.65
CA ARG I 14 -4.33 -110.90 -33.38
C ARG I 14 -4.40 -109.86 -32.27
N LEU I 15 -4.16 -108.60 -32.61
CA LEU I 15 -4.28 -107.53 -31.62
C LEU I 15 -5.73 -107.17 -31.33
N GLN I 16 -6.61 -107.21 -32.33
CA GLN I 16 -8.02 -107.02 -32.06
C GLN I 16 -8.65 -108.18 -31.32
N TYR I 17 -8.02 -109.36 -31.37
CA TYR I 17 -8.51 -110.49 -30.58
C TYR I 17 -8.34 -110.22 -29.10
N PHE I 18 -7.25 -109.57 -28.70
CA PHE I 18 -6.98 -109.25 -27.32
C PHE I 18 -7.37 -107.82 -26.97
N HIS I 19 -8.06 -107.13 -27.88
CA HIS I 19 -8.52 -105.76 -27.66
C HIS I 19 -7.36 -104.83 -27.30
N ILE I 20 -6.26 -104.99 -28.03
CA ILE I 20 -5.12 -104.09 -27.93
C ILE I 20 -5.21 -102.98 -28.96
N ALA I 21 -5.62 -103.33 -30.18
CA ALA I 21 -5.98 -102.34 -31.21
C ALA I 21 -7.40 -102.59 -31.70
N GLY I 22 -8.26 -103.05 -30.80
CA GLY I 22 -9.58 -103.50 -31.18
C GLY I 22 -10.54 -102.35 -31.42
N PRO I 23 -11.78 -102.71 -31.73
CA PRO I 23 -12.81 -101.70 -31.96
C PRO I 23 -13.11 -100.86 -30.73
N GLY I 24 -13.21 -101.51 -29.57
CA GLY I 24 -13.55 -100.82 -28.33
C GLY I 24 -14.73 -101.49 -27.65
N THR I 25 -14.73 -101.42 -26.31
CA THR I 25 -15.71 -102.16 -25.53
C THR I 25 -17.13 -101.71 -25.83
N ARG I 26 -17.31 -100.48 -26.31
CA ARG I 26 -18.64 -100.04 -26.70
C ARG I 26 -19.13 -100.76 -27.94
N GLU I 27 -18.22 -101.17 -28.84
CA GLU I 27 -18.62 -101.69 -30.13
C GLU I 27 -18.03 -103.06 -30.45
N TYR I 28 -17.64 -103.84 -29.44
CA TYR I 28 -17.39 -105.26 -29.69
C TYR I 28 -18.24 -106.09 -28.75
N LEU I 29 -18.57 -105.56 -27.58
CA LEU I 29 -19.51 -106.22 -26.70
C LEU I 29 -20.89 -106.26 -27.33
N SER I 30 -21.64 -107.31 -27.03
CA SER I 30 -23.00 -107.40 -27.51
C SER I 30 -23.85 -106.29 -26.88
N GLU I 31 -24.83 -105.82 -27.64
CA GLU I 31 -25.63 -104.67 -27.18
C GLU I 31 -26.37 -104.98 -25.89
N ASP I 32 -26.92 -106.20 -25.79
CA ASP I 32 -27.63 -106.56 -24.56
C ASP I 32 -26.69 -106.61 -23.37
N LEU I 33 -25.45 -107.08 -23.55
CA LEU I 33 -24.49 -107.07 -22.44
C LEU I 33 -24.18 -105.66 -22.00
N GLN I 34 -24.01 -104.74 -22.95
CA GLN I 34 -23.75 -103.35 -22.59
C GLN I 34 -24.93 -102.76 -21.82
N GLN I 35 -26.15 -103.04 -22.27
CA GLN I 35 -27.33 -102.57 -21.54
C GLN I 35 -27.38 -103.16 -20.14
N PHE I 36 -27.02 -104.44 -20.01
CA PHE I 36 -27.01 -105.07 -18.69
C PHE I 36 -26.00 -104.41 -17.77
N ILE I 37 -24.75 -104.28 -18.22
CA ILE I 37 -23.72 -103.73 -17.35
C ILE I 37 -23.94 -102.25 -17.08
N SER I 38 -24.68 -101.55 -17.94
CA SER I 38 -25.06 -100.18 -17.63
C SER I 38 -26.18 -100.13 -16.61
N ALA I 39 -27.15 -101.06 -16.71
CA ALA I 39 -28.24 -101.09 -15.74
C ALA I 39 -27.74 -101.47 -14.36
N THR I 40 -26.98 -102.56 -14.26
CA THR I 40 -26.41 -102.99 -12.99
C THR I 40 -25.01 -102.44 -12.78
N GLY I 41 -24.86 -101.12 -12.93
CA GLY I 41 -23.54 -100.52 -12.79
C GLY I 41 -23.29 -99.97 -11.42
N SER I 42 -24.32 -99.92 -10.58
CA SER I 42 -24.22 -99.33 -9.26
C SER I 42 -24.01 -100.35 -8.15
N TYR I 43 -24.27 -101.63 -8.42
CA TYR I 43 -24.15 -102.62 -7.36
C TYR I 43 -23.32 -103.83 -7.79
N PHE I 44 -23.30 -104.13 -9.09
CA PHE I 44 -22.56 -105.28 -9.62
C PHE I 44 -21.80 -104.81 -10.86
N ASP I 45 -20.61 -104.26 -10.68
CA ASP I 45 -19.88 -103.68 -11.80
C ASP I 45 -19.15 -104.76 -12.58
N LEU I 46 -19.27 -104.70 -13.91
CA LEU I 46 -18.57 -105.61 -14.80
C LEU I 46 -17.71 -104.89 -15.82
N LYS I 47 -17.67 -103.56 -15.79
CA LYS I 47 -16.95 -102.80 -16.80
C LYS I 47 -15.44 -102.99 -16.71
N ASN I 48 -14.93 -103.48 -15.59
CA ASN I 48 -13.50 -103.71 -15.42
C ASN I 48 -13.04 -105.06 -15.96
N LYS I 49 -13.98 -105.90 -16.39
CA LYS I 49 -13.66 -107.23 -16.90
C LYS I 49 -13.51 -107.27 -18.40
N PHE I 50 -13.74 -106.16 -19.09
CA PHE I 50 -13.60 -106.08 -20.54
C PHE I 50 -12.65 -104.94 -20.86
N ARG I 51 -11.57 -105.26 -21.57
CA ARG I 51 -10.48 -104.32 -21.76
C ARG I 51 -10.69 -103.48 -23.01
N GLN I 52 -10.37 -102.19 -22.91
CA GLN I 52 -10.39 -101.26 -24.03
C GLN I 52 -9.10 -100.47 -24.00
N THR I 53 -8.45 -100.36 -25.16
CA THR I 53 -7.12 -99.78 -25.25
C THR I 53 -7.16 -98.50 -26.06
N VAL I 54 -6.51 -97.45 -25.55
CA VAL I 54 -6.41 -96.18 -26.27
C VAL I 54 -5.23 -96.25 -27.22
N VAL I 55 -5.44 -95.77 -28.44
CA VAL I 55 -4.47 -95.91 -29.52
C VAL I 55 -3.98 -94.53 -29.95
N ALA I 56 -2.68 -94.42 -30.17
CA ALA I 56 -2.06 -93.17 -30.60
C ALA I 56 -2.29 -92.93 -32.10
N PRO I 57 -2.29 -91.67 -32.53
CA PRO I 57 -2.63 -91.37 -33.94
C PRO I 57 -1.72 -92.01 -34.98
N THR I 58 -0.43 -92.17 -34.68
CA THR I 58 0.60 -92.78 -35.53
C THR I 58 0.98 -91.97 -36.76
N ARG I 59 0.34 -90.82 -37.01
CA ARG I 59 0.71 -90.01 -38.15
C ARG I 59 0.24 -88.59 -37.96
N ASN I 60 0.91 -87.66 -38.66
CA ASN I 60 0.57 -86.24 -38.64
C ASN I 60 0.64 -85.66 -37.23
N VAL I 61 1.49 -86.23 -36.39
CA VAL I 61 1.60 -85.78 -35.00
C VAL I 61 3.05 -85.45 -34.69
N THR I 62 3.98 -86.08 -35.41
CA THR I 62 5.41 -85.88 -35.13
C THR I 62 6.20 -85.98 -36.43
N THR I 63 7.15 -85.07 -36.59
CA THR I 63 8.02 -85.08 -37.76
C THR I 63 8.96 -86.28 -37.74
N GLU I 64 9.21 -86.83 -38.92
CA GLU I 64 10.30 -87.78 -39.09
C GLU I 64 11.61 -87.09 -39.41
N LYS I 65 11.61 -85.77 -39.54
CA LYS I 65 12.83 -85.00 -39.70
C LYS I 65 13.52 -84.82 -38.36
N ALA I 66 14.84 -84.63 -38.41
CA ALA I 66 15.62 -84.39 -37.20
C ALA I 66 15.36 -82.96 -36.72
N GLN I 67 14.69 -82.83 -35.58
CA GLN I 67 14.32 -81.54 -35.03
C GLN I 67 14.59 -81.55 -33.53
N ARG I 68 15.14 -80.44 -33.03
CA ARG I 68 15.52 -80.38 -31.62
C ARG I 68 14.28 -80.37 -30.73
N LEU I 69 14.28 -81.24 -29.74
CA LEU I 69 13.19 -81.31 -28.77
C LEU I 69 13.27 -80.17 -27.76
N GLN I 70 14.48 -79.70 -27.45
CA GLN I 70 14.70 -78.67 -26.45
C GLN I 70 15.88 -77.81 -26.89
N ILE I 71 15.64 -76.51 -27.05
CA ILE I 71 16.64 -75.58 -27.58
C ILE I 71 16.99 -74.59 -26.49
N ARG I 72 18.29 -74.41 -26.25
CA ARG I 72 18.77 -73.40 -25.33
C ARG I 72 19.21 -72.16 -26.11
N PHE I 73 18.60 -71.02 -25.78
CA PHE I 73 18.96 -69.75 -26.40
C PHE I 73 19.89 -69.02 -25.46
N TYR I 74 21.07 -68.74 -25.91
CA TYR I 74 22.04 -68.02 -25.10
C TYR I 74 22.18 -66.58 -25.59
N PRO I 75 22.55 -65.65 -24.72
CA PRO I 75 22.40 -64.23 -25.05
C PRO I 75 23.25 -63.78 -26.22
N ILE I 76 22.67 -62.86 -27.00
CA ILE I 76 23.46 -62.09 -27.96
C ILE I 76 24.27 -61.03 -27.25
N GLN I 77 23.69 -60.41 -26.23
CA GLN I 77 24.15 -59.13 -25.74
C GLN I 77 23.76 -59.04 -24.27
N THR I 78 24.67 -58.57 -23.42
CA THR I 78 24.51 -58.77 -21.98
C THR I 78 24.29 -57.47 -21.19
N ASP I 79 25.23 -56.52 -21.24
CA ASP I 79 25.15 -55.29 -20.45
C ASP I 79 25.00 -55.58 -18.95
N ASP I 80 26.05 -56.17 -18.39
CA ASP I 80 26.12 -56.33 -16.95
C ASP I 80 26.29 -54.97 -16.27
N THR I 81 25.36 -54.62 -15.40
CA THR I 81 25.43 -53.43 -14.57
C THR I 81 25.37 -53.82 -13.10
N SER I 82 25.48 -52.83 -12.22
CA SER I 82 25.45 -53.07 -10.79
C SER I 82 24.06 -53.05 -10.19
N THR I 83 23.04 -52.66 -10.95
CA THR I 83 21.66 -52.69 -10.49
C THR I 83 20.81 -53.74 -11.18
N GLY I 84 21.23 -54.21 -12.35
CA GLY I 84 20.48 -55.22 -13.08
C GLY I 84 21.36 -55.95 -14.06
N TYR I 85 20.87 -57.08 -14.52
CA TYR I 85 21.58 -57.91 -15.49
C TYR I 85 20.67 -58.12 -16.70
N ARG I 86 20.96 -57.41 -17.78
CA ARG I 86 20.17 -57.53 -19.00
C ARG I 86 20.65 -58.73 -19.80
N VAL I 87 19.73 -59.27 -20.61
CA VAL I 87 20.04 -60.36 -21.54
C VAL I 87 19.21 -60.15 -22.80
N ARG I 88 19.81 -60.43 -23.95
CA ARG I 88 19.13 -60.32 -25.24
C ARG I 88 19.32 -61.63 -26.01
N TYR I 89 18.22 -62.20 -26.46
CA TYR I 89 18.23 -63.46 -27.20
C TYR I 89 17.66 -63.24 -28.60
N ASN I 90 17.79 -64.27 -29.42
CA ASN I 90 17.22 -64.28 -30.77
C ASN I 90 16.42 -65.57 -30.89
N ILE I 91 15.13 -65.51 -30.54
CA ILE I 91 14.29 -66.69 -30.59
C ILE I 91 13.86 -66.90 -32.03
N ASN I 92 14.63 -67.69 -32.77
CA ASN I 92 14.33 -68.00 -34.17
C ASN I 92 13.40 -69.20 -34.20
N VAL I 93 12.14 -68.97 -34.54
CA VAL I 93 11.15 -70.02 -34.71
C VAL I 93 10.95 -70.21 -36.21
N GLY I 94 11.41 -71.34 -36.73
CA GLY I 94 11.34 -71.58 -38.16
C GLY I 94 9.96 -72.00 -38.61
N ASP I 95 9.81 -72.10 -39.93
CA ASP I 95 8.57 -72.63 -40.48
C ASP I 95 8.42 -74.09 -40.09
N GLY I 96 7.18 -74.49 -39.81
CA GLY I 96 6.93 -75.80 -39.27
C GLY I 96 7.20 -75.92 -37.79
N TRP I 97 7.64 -74.86 -37.14
CA TRP I 97 7.86 -74.80 -35.71
C TRP I 97 6.78 -73.93 -35.09
N VAL I 98 6.49 -74.18 -33.82
CA VAL I 98 5.57 -73.34 -33.07
C VAL I 98 5.98 -73.41 -31.60
N LEU I 99 6.19 -72.25 -31.00
CA LEU I 99 6.77 -72.15 -29.65
C LEU I 99 5.74 -71.54 -28.70
N ASP I 100 5.40 -72.28 -27.66
CA ASP I 100 4.60 -71.75 -26.57
C ASP I 100 5.55 -71.14 -25.54
N MET I 101 5.47 -69.83 -25.37
CA MET I 101 6.34 -69.17 -24.40
C MET I 101 6.06 -69.60 -22.97
N GLY I 102 5.07 -70.45 -22.75
CA GLY I 102 4.86 -71.01 -21.42
C GLY I 102 6.02 -71.86 -20.97
N SER I 103 6.67 -72.57 -21.88
CA SER I 103 7.81 -73.41 -21.56
C SER I 103 9.12 -72.65 -21.59
N THR I 104 9.11 -71.37 -21.95
CA THR I 104 10.31 -70.55 -21.94
C THR I 104 10.65 -70.14 -20.51
N TYR I 105 11.92 -70.26 -20.16
CA TYR I 105 12.40 -69.84 -18.85
C TYR I 105 13.89 -69.55 -18.94
N PHE I 106 14.41 -68.85 -17.94
CA PHE I 106 15.78 -68.40 -17.92
C PHE I 106 16.63 -69.37 -17.10
N ASP I 107 17.60 -70.01 -17.73
CA ASP I 107 18.51 -70.91 -17.04
C ASP I 107 19.63 -70.09 -16.44
N ILE I 108 19.43 -69.63 -15.23
CA ILE I 108 20.31 -68.67 -14.56
C ILE I 108 21.22 -69.41 -13.60
N LYS I 109 22.50 -69.12 -13.65
CA LYS I 109 23.45 -69.63 -12.67
C LYS I 109 24.52 -68.59 -12.40
N GLY I 110 24.94 -68.49 -11.15
CA GLY I 110 25.93 -67.51 -10.77
C GLY I 110 26.38 -67.73 -9.34
N ILE I 111 27.15 -66.76 -8.85
CA ILE I 111 27.65 -66.80 -7.48
C ILE I 111 26.74 -65.96 -6.60
N LEU I 112 26.19 -66.58 -5.57
CA LEU I 112 25.33 -65.89 -4.61
C LEU I 112 26.04 -65.83 -3.26
N ASP I 113 26.16 -64.62 -2.73
CA ASP I 113 26.70 -64.40 -1.40
C ASP I 113 25.56 -63.91 -0.52
N ARG I 114 25.10 -64.77 0.40
CA ARG I 114 23.96 -64.44 1.24
C ARG I 114 24.35 -63.61 2.45
N GLY I 115 25.63 -63.30 2.63
CA GLY I 115 26.06 -62.35 3.63
C GLY I 115 26.16 -62.94 5.02
N PRO I 116 26.77 -62.18 5.93
CA PRO I 116 26.89 -62.65 7.32
C PRO I 116 25.56 -62.88 8.01
N SER I 117 24.50 -62.19 7.59
CA SER I 117 23.21 -62.30 8.25
C SER I 117 22.46 -63.53 7.78
N PHE I 118 23.09 -64.71 7.87
CA PHE I 118 22.50 -65.93 7.35
C PHE I 118 22.83 -67.08 8.30
N LYS I 119 21.88 -67.43 9.16
CA LYS I 119 21.98 -68.63 9.97
C LYS I 119 20.94 -69.64 9.51
N PRO I 120 21.32 -70.72 8.84
CA PRO I 120 20.35 -71.70 8.35
C PRO I 120 19.80 -72.63 9.42
N TYR I 121 20.04 -72.35 10.70
CA TYR I 121 19.67 -73.26 11.76
C TYR I 121 19.48 -72.51 13.06
N CYS I 122 18.47 -72.91 13.82
CA CYS I 122 18.26 -72.37 15.15
C CYS I 122 19.24 -73.00 16.13
N GLY I 123 19.79 -72.18 17.02
CA GLY I 123 20.77 -72.67 17.96
C GLY I 123 22.19 -72.57 17.42
N THR I 124 23.08 -73.30 18.06
CA THR I 124 24.50 -73.27 17.74
C THR I 124 25.00 -74.68 17.41
N ALA I 125 26.07 -74.73 16.64
CA ALA I 125 26.70 -75.99 16.25
C ALA I 125 27.92 -76.33 17.09
N TYR I 126 28.25 -75.49 18.08
CA TYR I 126 29.45 -75.66 18.89
C TYR I 126 29.03 -75.74 20.34
N ASN I 127 29.31 -76.87 20.97
CA ASN I 127 28.82 -77.18 22.31
C ASN I 127 27.35 -76.83 22.52
N PRO I 128 26.45 -77.32 21.65
CA PRO I 128 25.03 -77.03 21.85
C PRO I 128 24.47 -77.59 23.14
N LEU I 129 24.96 -78.75 23.58
CA LEU I 129 24.52 -79.35 24.83
C LEU I 129 25.10 -78.63 26.05
N ALA I 130 26.12 -77.80 25.85
CA ALA I 130 26.71 -77.08 26.96
C ALA I 130 25.71 -76.08 27.53
N PRO I 131 25.67 -75.91 28.85
CA PRO I 131 24.86 -74.84 29.42
C PRO I 131 25.32 -73.48 28.94
N LYS I 132 24.37 -72.55 28.84
CA LYS I 132 24.67 -71.25 28.26
C LYS I 132 25.78 -70.53 29.03
N GLU I 133 25.76 -70.63 30.35
CA GLU I 133 26.70 -69.90 31.20
C GLU I 133 27.88 -70.77 31.65
N SER I 134 28.28 -71.74 30.82
CA SER I 134 29.40 -72.59 31.17
C SER I 134 30.72 -71.93 30.81
N MET I 135 31.81 -72.58 31.21
CA MET I 135 33.15 -72.12 30.94
C MET I 135 34.03 -73.31 30.57
N PHE I 136 34.88 -73.14 29.56
CA PHE I 136 35.65 -74.25 28.99
C PHE I 136 37.03 -74.34 29.63
N ASN I 137 37.05 -74.70 30.91
CA ASN I 137 38.29 -74.98 31.62
C ASN I 137 39.21 -73.75 31.61
N ASN I 138 38.73 -72.70 32.28
CA ASN I 138 39.40 -71.40 32.23
C ASN I 138 40.83 -71.49 32.76
N TRP I 139 41.71 -70.68 32.15
CA TRP I 139 43.06 -70.47 32.65
C TRP I 139 43.45 -69.04 32.26
N SER I 140 43.22 -68.11 33.18
CA SER I 140 43.51 -66.70 32.96
C SER I 140 44.71 -66.30 33.79
N GLU I 141 45.76 -65.81 33.13
CA GLU I 141 46.98 -65.43 33.81
C GLU I 141 47.53 -64.14 33.21
N THR I 142 48.26 -63.39 34.03
CA THR I 142 48.94 -62.21 33.52
C THR I 142 50.17 -62.59 32.71
N ALA I 143 50.87 -63.64 33.12
CA ALA I 143 52.05 -64.14 32.44
C ALA I 143 52.26 -65.58 32.85
N PRO I 144 53.01 -66.36 32.07
CA PRO I 144 53.25 -67.77 32.46
C PRO I 144 53.89 -67.90 33.83
N GLY I 145 53.15 -68.50 34.76
CA GLY I 145 53.61 -68.66 36.12
C GLY I 145 53.30 -67.51 37.05
N GLN I 146 52.80 -66.39 36.52
CA GLN I 146 52.45 -65.24 37.32
C GLN I 146 51.03 -65.38 37.83
N ASN I 147 50.44 -64.26 38.29
CA ASN I 147 49.06 -64.25 38.79
C ASN I 147 48.15 -64.98 37.82
N VAL I 148 47.57 -66.09 38.25
CA VAL I 148 46.79 -66.97 37.38
C VAL I 148 45.50 -67.35 38.07
N SER I 149 44.40 -67.26 37.33
CA SER I 149 43.09 -67.73 37.78
C SER I 149 42.64 -68.84 36.84
N ALA I 150 42.36 -70.01 37.41
CA ALA I 150 41.97 -71.17 36.62
C ALA I 150 40.78 -71.83 37.27
N SER I 151 39.98 -72.52 36.46
CA SER I 151 38.79 -73.21 36.96
C SER I 151 38.34 -74.20 35.90
N GLY I 152 38.22 -75.47 36.26
CA GLY I 152 37.73 -76.44 35.30
C GLY I 152 37.74 -77.84 35.87
N GLN I 153 37.32 -78.78 35.03
CA GLN I 153 37.27 -80.18 35.37
C GLN I 153 38.58 -80.86 35.00
N LEU I 154 39.13 -81.62 35.95
CA LEU I 154 40.33 -82.41 35.72
C LEU I 154 39.88 -83.87 35.64
N SER I 155 39.50 -84.29 34.43
CA SER I 155 38.80 -85.55 34.24
C SER I 155 39.73 -86.74 34.04
N ASN I 156 40.80 -86.56 33.27
CA ASN I 156 41.67 -87.68 32.93
C ASN I 156 42.47 -88.14 34.14
N VAL I 157 42.60 -89.45 34.30
CA VAL I 157 43.34 -90.05 35.40
C VAL I 157 44.36 -91.03 34.84
N TYR I 158 45.42 -91.26 35.61
CA TYR I 158 46.49 -92.13 35.16
C TYR I 158 47.05 -93.00 36.29
N THR I 159 46.25 -93.27 37.31
CA THR I 159 46.55 -94.19 38.41
C THR I 159 48.03 -94.13 38.83
N ASN I 160 48.46 -92.95 39.24
CA ASN I 160 49.85 -92.74 39.61
C ASN I 160 50.14 -93.30 41.00
N THR I 161 51.43 -93.50 41.26
CA THR I 161 51.95 -93.63 42.61
C THR I 161 52.66 -92.33 42.97
N SER I 162 52.25 -91.71 44.06
CA SER I 162 52.75 -90.38 44.41
C SER I 162 54.10 -90.53 45.11
N THR I 163 54.56 -89.43 45.72
CA THR I 163 55.87 -89.32 46.38
C THR I 163 57.03 -89.51 45.41
N THR I 164 56.76 -89.57 44.10
CA THR I 164 57.81 -89.72 43.11
C THR I 164 57.34 -89.10 41.81
N LYS I 165 58.30 -88.64 41.00
CA LYS I 165 57.97 -87.95 39.76
C LYS I 165 57.69 -88.88 38.60
N ASP I 166 58.02 -90.17 38.70
CA ASP I 166 58.03 -91.04 37.54
C ASP I 166 56.65 -91.14 36.90
N THR I 167 55.64 -91.47 37.68
CA THR I 167 54.31 -91.67 37.11
C THR I 167 53.74 -90.38 36.53
N THR I 168 53.94 -89.25 37.21
CA THR I 168 53.42 -87.99 36.72
C THR I 168 54.23 -87.48 35.54
N ALA I 169 55.56 -87.59 35.61
CA ALA I 169 56.39 -87.14 34.49
C ALA I 169 56.15 -87.97 33.24
N ALA I 170 55.77 -89.24 33.39
CA ALA I 170 55.43 -90.05 32.24
C ALA I 170 54.28 -89.43 31.45
N GLN I 171 53.27 -88.95 32.16
CA GLN I 171 52.16 -88.26 31.50
C GLN I 171 52.58 -86.88 31.01
N VAL I 172 53.43 -86.20 31.77
CA VAL I 172 53.85 -84.84 31.40
C VAL I 172 54.57 -84.86 30.06
N THR I 173 55.39 -85.89 29.82
CA THR I 173 56.03 -86.03 28.52
C THR I 173 55.02 -86.20 27.39
N LYS I 174 53.83 -86.74 27.69
CA LYS I 174 52.79 -86.93 26.70
C LYS I 174 51.87 -85.74 26.58
N ILE I 175 52.03 -84.70 27.41
CA ILE I 175 51.12 -83.56 27.40
C ILE I 175 51.11 -82.89 26.04
N SER I 176 52.29 -82.70 25.44
CA SER I 176 52.42 -81.87 24.24
C SER I 176 51.55 -82.34 23.08
N GLY I 177 51.15 -83.60 23.08
CA GLY I 177 50.27 -84.12 22.05
C GLY I 177 48.82 -83.76 22.31
N VAL I 178 47.93 -84.55 21.70
CA VAL I 178 46.50 -84.37 21.88
C VAL I 178 46.08 -85.24 23.07
N PHE I 179 47.08 -85.70 23.81
CA PHE I 179 46.84 -86.69 24.85
C PHE I 179 45.83 -86.27 25.92
N PRO I 180 45.81 -85.04 26.43
CA PRO I 180 44.74 -84.68 27.38
C PRO I 180 43.35 -84.94 26.86
N ASN I 181 43.10 -84.70 25.56
CA ASN I 181 41.91 -85.19 24.88
C ASN I 181 40.62 -84.85 25.62
N PRO I 182 40.17 -83.59 25.56
CA PRO I 182 39.01 -83.17 26.36
C PRO I 182 37.79 -84.06 26.24
N ASN I 183 37.69 -84.82 25.15
CA ASN I 183 36.58 -85.75 25.01
C ASN I 183 36.62 -86.84 26.06
N GLN I 184 37.81 -87.40 26.32
CA GLN I 184 37.93 -88.51 27.26
C GLN I 184 37.95 -88.00 28.69
N GLY I 185 37.22 -88.69 29.56
CA GLY I 185 37.14 -88.33 30.96
C GLY I 185 37.68 -89.41 31.88
N PRO I 186 37.10 -89.52 33.08
CA PRO I 186 37.60 -90.53 34.03
C PRO I 186 37.48 -91.96 33.50
N GLY I 187 36.43 -92.25 32.73
CA GLY I 187 36.26 -93.56 32.14
C GLY I 187 35.79 -94.64 33.07
N ILE I 188 35.28 -94.28 34.25
CA ILE I 188 34.80 -95.26 35.23
C ILE I 188 33.33 -94.99 35.52
N ASN I 189 32.52 -96.06 35.51
CA ASN I 189 31.11 -95.89 35.79
C ASN I 189 30.87 -95.79 37.30
N PRO I 190 31.39 -96.72 38.14
CA PRO I 190 31.28 -96.52 39.59
C PRO I 190 32.36 -95.56 40.06
N LEU I 191 31.95 -94.34 40.41
CA LEU I 191 32.92 -93.35 40.87
C LEU I 191 33.45 -93.66 42.26
N ARG I 192 32.83 -94.60 42.99
CA ARG I 192 33.20 -94.89 44.37
C ARG I 192 34.45 -95.76 44.49
N GLN I 193 34.94 -96.31 43.38
CA GLN I 193 36.03 -97.28 43.39
C GLN I 193 37.40 -96.63 43.25
N VAL I 194 37.49 -95.31 43.32
CA VAL I 194 38.78 -94.63 43.23
C VAL I 194 39.46 -94.64 44.60
N GLU I 195 40.78 -94.59 44.59
CA GLU I 195 41.57 -94.25 45.77
C GLU I 195 42.32 -92.96 45.47
N ASN I 196 42.05 -91.92 46.27
CA ASN I 196 42.54 -90.59 45.96
C ASN I 196 44.05 -90.46 46.12
N ALA I 197 44.72 -91.43 46.73
CA ALA I 197 46.16 -91.42 46.83
C ALA I 197 46.85 -92.11 45.65
N ASN I 198 46.10 -92.84 44.84
CA ASN I 198 46.66 -93.55 43.69
C ASN I 198 45.74 -93.44 42.49
N THR I 199 45.23 -92.23 42.23
CA THR I 199 44.29 -92.02 41.12
C THR I 199 44.86 -91.21 39.98
N GLY I 200 45.70 -90.22 40.25
CA GLY I 200 46.24 -89.40 39.19
C GLY I 200 45.27 -88.35 38.70
N VAL I 201 45.78 -87.20 38.30
CA VAL I 201 44.96 -86.08 37.84
C VAL I 201 45.55 -85.53 36.55
N LEU I 202 44.71 -85.36 35.53
CA LEU I 202 45.11 -84.74 34.28
C LEU I 202 43.97 -83.86 33.78
N GLY I 203 44.34 -82.87 32.96
CA GLY I 203 43.34 -81.98 32.42
C GLY I 203 43.91 -81.11 31.33
N ARG I 204 43.02 -80.32 30.75
CA ARG I 204 43.37 -79.43 29.66
C ARG I 204 42.63 -78.13 29.87
N PHE I 205 43.35 -77.04 30.02
CA PHE I 205 42.75 -75.75 30.32
C PHE I 205 43.10 -74.75 29.22
N ALA I 206 42.15 -73.87 28.93
CA ALA I 206 42.24 -72.96 27.79
C ALA I 206 42.54 -71.56 28.29
N LYS I 207 43.52 -70.92 27.66
CA LYS I 207 43.91 -69.55 27.98
C LYS I 207 43.22 -68.64 26.97
N SER I 208 42.06 -68.11 27.34
CA SER I 208 41.24 -67.40 26.38
C SER I 208 40.48 -66.27 27.04
N GLN I 209 40.21 -65.23 26.24
CA GLN I 209 39.23 -64.22 26.59
C GLN I 209 37.83 -64.74 26.24
N TYR I 210 36.82 -64.24 26.98
CA TYR I 210 35.43 -64.64 26.77
C TYR I 210 35.25 -66.16 26.99
N ASN I 211 35.48 -66.56 28.23
CA ASN I 211 35.36 -67.96 28.62
C ASN I 211 33.91 -68.41 28.67
N TYR I 212 33.30 -68.64 27.50
CA TYR I 212 31.96 -69.21 27.41
C TYR I 212 32.06 -70.52 26.65
N ALA I 213 31.62 -71.62 27.28
CA ALA I 213 31.68 -72.91 26.62
C ALA I 213 30.67 -73.01 25.49
N TYR I 214 29.50 -72.39 25.66
CA TYR I 214 28.43 -72.52 24.70
C TYR I 214 28.75 -71.72 23.44
N GLY I 215 28.90 -72.42 22.32
CA GLY I 215 29.24 -71.78 21.07
C GLY I 215 30.72 -71.52 20.85
N ALA I 216 31.58 -71.99 21.76
CA ALA I 216 33.01 -71.77 21.60
C ALA I 216 33.54 -72.57 20.42
N TYR I 217 34.40 -71.93 19.62
CA TYR I 217 34.99 -72.58 18.45
C TYR I 217 36.43 -72.14 18.30
N VAL I 218 37.33 -73.12 18.19
CA VAL I 218 38.75 -72.89 17.93
C VAL I 218 39.11 -73.79 16.76
N LYS I 219 39.33 -73.18 15.59
CA LYS I 219 39.55 -73.98 14.39
C LYS I 219 40.81 -74.81 14.53
N PRO I 220 40.83 -76.04 14.02
CA PRO I 220 41.98 -76.92 14.24
C PRO I 220 43.20 -76.45 13.48
N VAL I 221 44.37 -76.80 14.01
CA VAL I 221 45.65 -76.54 13.36
C VAL I 221 46.39 -77.80 13.00
N ALA I 222 45.85 -78.98 13.32
CA ALA I 222 46.47 -80.25 12.98
C ALA I 222 45.39 -81.21 12.50
N ALA I 223 45.83 -82.30 11.88
CA ALA I 223 44.92 -83.25 11.25
C ALA I 223 44.17 -84.12 12.26
N ASP I 224 44.55 -84.10 13.54
CA ASP I 224 43.89 -84.90 14.57
C ASP I 224 43.55 -83.99 15.75
N GLY I 225 42.39 -83.34 15.66
CA GLY I 225 42.00 -82.40 16.71
C GLY I 225 43.05 -81.31 16.84
N SER I 226 43.61 -81.19 18.04
CA SER I 226 44.81 -80.38 18.29
C SER I 226 44.59 -78.93 17.86
N GLN I 227 43.67 -78.27 18.56
CA GLN I 227 43.33 -76.88 18.28
C GLN I 227 44.48 -75.92 18.51
N SER I 228 45.64 -76.39 18.96
CA SER I 228 46.79 -75.53 19.17
C SER I 228 48.07 -76.33 18.98
N LEU I 229 49.16 -75.62 18.71
CA LEU I 229 50.45 -76.25 18.47
C LEU I 229 51.28 -76.39 19.75
N THR I 230 51.48 -75.29 20.46
CA THR I 230 52.30 -75.29 21.67
C THR I 230 51.41 -75.43 22.89
N GLN I 231 51.88 -76.19 23.88
CA GLN I 231 51.04 -76.62 25.00
C GLN I 231 51.91 -76.57 26.25
N THR I 232 51.77 -75.50 27.03
CA THR I 232 52.61 -75.36 28.21
C THR I 232 52.03 -76.16 29.37
N PRO I 233 52.80 -77.07 29.98
CA PRO I 233 52.28 -77.89 31.06
C PRO I 233 52.51 -77.29 32.45
N TYR I 234 51.69 -77.73 33.39
CA TYR I 234 51.82 -77.35 34.78
C TYR I 234 51.58 -78.58 35.66
N TRP I 235 52.28 -78.62 36.79
CA TRP I 235 52.21 -79.73 37.72
C TRP I 235 51.28 -79.42 38.88
N ILE I 236 50.62 -80.45 39.39
CA ILE I 236 49.67 -80.32 40.49
C ILE I 236 50.26 -81.01 41.72
N MET I 237 50.32 -80.26 42.83
CA MET I 237 50.75 -80.80 44.11
C MET I 237 49.92 -80.16 45.21
N ASN I 238 49.85 -80.85 46.35
CA ASN I 238 48.94 -80.47 47.42
C ASN I 238 49.48 -79.29 48.22
N ASN I 239 48.92 -79.06 49.41
CA ASN I 239 49.27 -77.89 50.20
C ASN I 239 50.77 -77.80 50.46
N ALA I 240 51.46 -78.93 50.49
CA ALA I 240 52.91 -78.96 50.50
C ALA I 240 53.43 -79.23 49.09
N GLY I 241 54.62 -78.73 48.81
CA GLY I 241 55.18 -78.88 47.48
C GLY I 241 55.77 -80.24 47.16
N THR I 242 55.64 -81.20 48.08
CA THR I 242 56.30 -82.49 47.93
C THR I 242 55.42 -83.54 47.26
N GLU I 243 54.15 -83.62 47.64
CA GLU I 243 53.30 -84.74 47.23
C GLU I 243 52.76 -84.51 45.83
N TYR I 244 53.18 -85.36 44.89
CA TYR I 244 52.74 -85.26 43.50
C TYR I 244 51.27 -85.67 43.38
N LEU I 245 50.49 -84.86 42.67
CA LEU I 245 49.07 -85.17 42.46
C LEU I 245 48.71 -85.30 41.00
N GLY I 246 49.10 -84.35 40.15
CA GLY I 246 48.66 -84.41 38.77
C GLY I 246 49.40 -83.42 37.90
N ALA I 247 48.89 -83.26 36.68
CA ALA I 247 49.49 -82.38 35.69
C ALA I 247 48.38 -81.67 34.92
N VAL I 248 48.76 -80.56 34.27
CA VAL I 248 47.82 -79.69 33.58
C VAL I 248 48.40 -79.28 32.23
N ALA I 249 47.56 -79.26 31.20
CA ALA I 249 47.92 -78.73 29.89
C ALA I 249 47.20 -77.41 29.67
N VAL I 250 47.94 -76.40 29.24
CA VAL I 250 47.40 -75.06 29.01
C VAL I 250 47.62 -74.69 27.56
N GLU I 251 46.54 -74.29 26.89
CA GLU I 251 46.58 -73.88 25.49
C GLU I 251 46.11 -72.44 25.38
N ASP I 252 46.85 -71.64 24.60
CA ASP I 252 46.57 -70.21 24.47
C ASP I 252 45.58 -70.00 23.33
N TYR I 253 44.35 -69.62 23.69
CA TYR I 253 43.30 -69.34 22.71
C TYR I 253 42.96 -67.86 22.66
N THR I 254 43.91 -67.00 23.04
CA THR I 254 43.64 -65.56 23.06
C THR I 254 43.31 -65.05 21.66
N ASN I 255 44.02 -65.53 20.64
CA ASN I 255 43.76 -65.13 19.26
C ASN I 255 43.14 -66.24 18.42
N SER I 256 43.21 -67.49 18.87
CA SER I 256 42.75 -68.62 18.07
C SER I 256 41.31 -69.01 18.34
N LEU I 257 40.64 -68.35 19.27
CA LEU I 257 39.28 -68.74 19.66
C LEU I 257 38.27 -67.78 19.05
N SER I 258 37.09 -68.33 18.73
CA SER I 258 36.06 -67.59 18.04
C SER I 258 34.70 -68.03 18.56
N TYR I 259 33.69 -67.22 18.28
CA TYR I 259 32.32 -67.49 18.69
C TYR I 259 31.38 -67.30 17.51
N PRO I 260 31.49 -68.16 16.49
CA PRO I 260 30.55 -68.07 15.36
C PRO I 260 29.15 -68.46 15.77
N ASP I 261 28.17 -67.90 15.06
CA ASP I 261 26.74 -68.17 15.23
C ASP I 261 26.28 -68.04 16.68
N THR I 262 27.03 -67.35 17.53
CA THR I 262 26.63 -67.12 18.91
C THR I 262 26.94 -65.67 19.28
N MET I 263 26.18 -65.15 20.23
CA MET I 263 26.39 -63.82 20.77
C MET I 263 26.38 -63.89 22.29
N ILE I 264 27.08 -62.95 22.91
CA ILE I 264 27.13 -62.85 24.36
C ILE I 264 25.95 -62.03 24.84
N VAL I 265 25.22 -62.55 25.82
CA VAL I 265 24.13 -61.82 26.43
C VAL I 265 24.62 -61.35 27.81
N PRO I 266 25.27 -60.19 27.88
CA PRO I 266 25.91 -59.79 29.13
C PRO I 266 24.89 -59.30 30.13
N PRO I 267 25.20 -59.34 31.42
CA PRO I 267 24.28 -58.85 32.44
C PRO I 267 24.20 -57.34 32.38
N PRO I 268 23.20 -56.74 33.04
CA PRO I 268 23.10 -55.27 33.07
C PRO I 268 24.39 -54.61 33.52
N GLU I 269 24.56 -53.34 33.16
CA GLU I 269 25.83 -52.66 33.40
C GLU I 269 26.17 -52.62 34.89
N ASP I 270 25.17 -52.65 35.76
CA ASP I 270 25.43 -52.76 37.18
C ASP I 270 26.01 -54.12 37.56
N TYR I 271 25.79 -55.13 36.73
CA TYR I 271 26.27 -56.49 36.99
C TYR I 271 27.34 -56.92 36.01
N ASP I 272 27.90 -56.00 35.21
CA ASP I 272 28.89 -56.38 34.21
C ASP I 272 30.11 -57.00 34.87
N ASP I 273 30.57 -56.41 35.97
CA ASP I 273 31.62 -57.04 36.77
C ASP I 273 31.05 -58.21 37.56
N TYR I 274 31.94 -59.10 37.99
CA TYR I 274 31.62 -60.29 38.78
C TYR I 274 30.46 -61.10 38.19
N ASN I 275 30.23 -60.99 36.88
CA ASN I 275 29.20 -61.77 36.21
C ASN I 275 29.46 -61.68 34.71
N ILE I 276 29.56 -62.85 34.06
CA ILE I 276 29.84 -62.89 32.64
C ILE I 276 28.58 -63.11 31.81
N GLY I 277 27.42 -63.25 32.45
CA GLY I 277 26.19 -63.44 31.70
C GLY I 277 26.13 -64.81 31.05
N THR I 278 25.38 -64.88 29.95
CA THR I 278 25.21 -66.11 29.20
C THR I 278 25.52 -65.86 27.73
N THR I 279 25.56 -66.95 26.97
CA THR I 279 25.80 -66.90 25.53
C THR I 279 24.60 -67.46 24.81
N ARG I 280 24.07 -66.71 23.85
CA ARG I 280 22.94 -67.13 23.05
C ARG I 280 23.36 -67.18 21.59
N ALA I 281 22.87 -68.20 20.88
CA ALA I 281 23.09 -68.26 19.44
C ALA I 281 22.34 -67.13 18.75
N LEU I 282 22.91 -66.66 17.65
CA LEU I 282 22.30 -65.58 16.89
C LEU I 282 20.94 -66.03 16.34
N ARG I 283 20.15 -65.05 15.94
CA ARG I 283 18.80 -65.36 15.47
C ARG I 283 18.86 -66.15 14.17
N PRO I 284 18.00 -67.16 14.00
CA PRO I 284 18.03 -67.96 12.78
C PRO I 284 17.45 -67.18 11.60
N ASN I 285 18.26 -67.02 10.56
CA ASN I 285 17.89 -66.20 9.41
C ASN I 285 18.13 -66.99 8.14
N TYR I 286 17.08 -67.13 7.32
CA TYR I 286 17.15 -67.84 6.05
C TYR I 286 17.06 -66.83 4.92
N ILE I 287 18.04 -66.85 4.03
CA ILE I 287 18.18 -65.81 3.01
C ILE I 287 18.04 -66.40 1.60
N GLY I 288 17.20 -67.42 1.46
CA GLY I 288 16.95 -68.00 0.16
C GLY I 288 16.17 -67.07 -0.76
N PHE I 289 15.98 -67.53 -1.99
CA PHE I 289 15.23 -66.77 -2.97
C PHE I 289 13.75 -66.68 -2.57
N ARG I 290 12.97 -65.99 -3.38
CA ARG I 290 11.57 -65.76 -3.08
C ARG I 290 10.68 -66.78 -3.78
N ASP I 291 9.43 -66.86 -3.32
CA ASP I 291 8.47 -67.76 -3.91
C ASP I 291 8.27 -67.43 -5.38
N ASN I 292 8.33 -68.46 -6.23
CA ASN I 292 8.20 -68.29 -7.68
C ASN I 292 9.23 -67.30 -8.22
N PHE I 293 10.38 -67.21 -7.55
CA PHE I 293 11.44 -66.27 -7.92
C PHE I 293 10.92 -64.84 -8.04
N ILE I 294 10.06 -64.47 -7.09
CA ILE I 294 9.52 -63.12 -7.06
C ILE I 294 10.64 -62.10 -6.92
N ASN I 295 10.48 -60.97 -7.63
CA ASN I 295 11.44 -59.86 -7.59
C ASN I 295 12.81 -60.29 -8.11
N LEU I 296 12.82 -61.14 -9.13
CA LEU I 296 14.05 -61.55 -9.78
C LEU I 296 14.12 -61.14 -11.24
N LEU I 297 12.98 -60.97 -11.90
CA LEU I 297 12.92 -60.34 -13.22
C LEU I 297 12.21 -59.00 -13.09
N TYR I 298 12.67 -58.01 -13.84
CA TYR I 298 12.09 -56.68 -13.74
C TYR I 298 10.71 -56.64 -14.38
N HIS I 299 9.67 -56.82 -13.58
CA HIS I 299 8.30 -56.76 -14.04
C HIS I 299 7.66 -55.44 -13.62
N ASP I 300 6.83 -54.89 -14.51
CA ASP I 300 6.01 -53.71 -14.24
C ASP I 300 6.85 -52.47 -13.95
N SER I 301 8.11 -52.45 -14.37
CA SER I 301 8.99 -51.30 -14.19
C SER I 301 9.35 -50.78 -15.57
N GLY I 302 8.75 -49.67 -15.98
CA GLY I 302 8.95 -49.14 -17.31
C GLY I 302 10.38 -48.70 -17.57
N VAL I 303 11.05 -48.16 -16.55
CA VAL I 303 12.41 -47.65 -16.73
C VAL I 303 13.37 -48.77 -17.10
N CYS I 304 13.14 -49.97 -16.55
CA CYS I 304 14.02 -51.12 -16.75
C CYS I 304 13.20 -52.32 -17.19
N SER I 305 12.34 -52.11 -18.20
CA SER I 305 11.39 -53.13 -18.61
C SER I 305 12.04 -54.13 -19.55
N GLY I 306 11.32 -55.22 -19.79
CA GLY I 306 11.75 -56.22 -20.75
C GLY I 306 11.45 -55.82 -22.17
N THR I 307 11.83 -56.68 -23.10
CA THR I 307 11.70 -56.37 -24.52
C THR I 307 11.43 -57.66 -25.29
N LEU I 308 10.27 -57.75 -25.90
CA LEU I 308 10.00 -58.79 -26.89
C LEU I 308 9.51 -58.11 -28.16
N ASN I 309 10.04 -58.53 -29.30
CA ASN I 309 9.61 -58.00 -30.58
C ASN I 309 10.19 -58.89 -31.68
N SER I 310 9.66 -58.72 -32.88
CA SER I 310 10.26 -59.35 -34.05
C SER I 310 11.53 -58.58 -34.42
N GLU I 311 12.34 -59.18 -35.29
CA GLU I 311 13.54 -58.51 -35.76
C GLU I 311 13.28 -57.62 -36.97
N ARG I 312 12.33 -58.01 -37.81
CA ARG I 312 11.99 -57.20 -38.97
C ARG I 312 11.51 -55.82 -38.55
N SER I 313 10.67 -55.76 -37.53
CA SER I 313 10.18 -54.49 -36.98
C SER I 313 10.60 -54.47 -35.52
N GLY I 314 11.60 -53.65 -35.20
CA GLY I 314 12.13 -53.64 -33.84
C GLY I 314 11.23 -52.87 -32.89
N MET I 315 9.94 -53.09 -33.01
CA MET I 315 8.94 -52.41 -32.20
C MET I 315 8.55 -53.31 -31.03
N ASN I 316 8.96 -52.93 -29.83
CA ASN I 316 8.71 -53.76 -28.65
C ASN I 316 7.22 -53.93 -28.44
N VAL I 317 6.79 -55.17 -28.21
CA VAL I 317 5.38 -55.48 -28.02
C VAL I 317 5.01 -55.58 -26.54
N VAL I 318 5.99 -55.57 -25.65
CA VAL I 318 5.75 -55.69 -24.22
C VAL I 318 5.77 -54.30 -23.62
N VAL I 319 4.60 -53.80 -23.21
CA VAL I 319 4.50 -52.55 -22.46
C VAL I 319 4.13 -52.90 -21.03
N GLU I 320 4.93 -52.42 -20.09
CA GLU I 320 4.72 -52.70 -18.68
C GLU I 320 4.30 -51.41 -17.98
N LEU I 321 3.26 -51.51 -17.17
CA LEU I 321 2.74 -50.37 -16.46
C LEU I 321 3.09 -50.46 -14.98
N PRO I 322 3.44 -49.34 -14.34
CA PRO I 322 3.73 -49.39 -12.90
C PRO I 322 2.53 -49.75 -12.04
N ASP I 323 1.31 -49.63 -12.56
CA ASP I 323 0.10 -49.88 -11.78
C ASP I 323 -0.47 -51.28 -11.97
N ARG I 324 0.23 -52.15 -12.70
CA ARG I 324 -0.13 -53.56 -12.72
C ARG I 324 0.86 -54.33 -11.85
N ASN I 325 0.41 -55.46 -11.33
CA ASN I 325 1.19 -56.30 -10.42
C ASN I 325 1.32 -57.67 -11.07
N THR I 326 2.36 -57.83 -11.89
CA THR I 326 2.58 -59.10 -12.58
C THR I 326 2.84 -60.23 -11.59
N GLU I 327 3.64 -59.94 -10.56
CA GLU I 327 4.10 -61.00 -9.67
C GLU I 327 2.99 -61.47 -8.72
N LEU I 328 2.22 -60.54 -8.16
CA LEU I 328 1.06 -60.95 -7.39
C LEU I 328 0.01 -61.59 -8.27
N SER I 329 -0.08 -61.16 -9.54
CA SER I 329 -1.00 -61.82 -10.46
C SER I 329 -0.62 -63.28 -10.67
N TYR I 330 0.67 -63.56 -10.83
CA TYR I 330 1.10 -64.94 -10.93
C TYR I 330 0.86 -65.68 -9.62
N GLN I 331 1.03 -65.00 -8.48
CA GLN I 331 0.71 -65.62 -7.20
C GLN I 331 -0.74 -66.09 -7.17
N TYR I 332 -1.66 -65.20 -7.54
CA TYR I 332 -3.09 -65.56 -7.52
C TYR I 332 -3.41 -66.62 -8.56
N MET I 333 -2.81 -66.53 -9.75
CA MET I 333 -3.04 -67.56 -10.76
C MET I 333 -2.60 -68.92 -10.26
N LEU I 334 -1.40 -69.01 -9.70
CA LEU I 334 -0.89 -70.27 -9.20
C LEU I 334 -1.74 -70.80 -8.04
N ALA I 335 -2.19 -69.90 -7.17
CA ALA I 335 -2.98 -70.33 -6.01
C ALA I 335 -4.36 -70.84 -6.44
N ASP I 336 -4.95 -70.23 -7.47
CA ASP I 336 -6.22 -70.73 -7.98
C ASP I 336 -6.03 -72.00 -8.80
N MET I 337 -4.88 -72.15 -9.45
CA MET I 337 -4.64 -73.30 -10.30
C MET I 337 -4.36 -74.56 -9.49
N MET I 338 -3.82 -74.43 -8.29
CA MET I 338 -3.50 -75.58 -7.46
C MET I 338 -3.40 -75.15 -6.01
N SER I 339 -3.46 -76.13 -5.11
CA SER I 339 -3.22 -75.86 -3.71
C SER I 339 -1.76 -75.45 -3.50
N ARG I 340 -1.54 -74.58 -2.52
CA ARG I 340 -0.23 -73.97 -2.33
C ARG I 340 0.68 -74.76 -1.40
N HIS I 341 0.17 -75.80 -0.73
CA HIS I 341 1.05 -76.58 0.12
C HIS I 341 1.99 -77.47 -0.68
N HIS I 342 1.82 -77.55 -1.99
CA HIS I 342 2.70 -78.33 -2.84
C HIS I 342 4.01 -77.60 -3.05
N TYR I 343 5.11 -78.31 -2.87
CA TYR I 343 6.46 -77.74 -2.99
C TYR I 343 7.05 -78.17 -4.33
N PHE I 344 7.10 -77.26 -5.28
CA PHE I 344 7.64 -77.51 -6.62
C PHE I 344 8.92 -76.72 -6.75
N ALA I 345 10.06 -77.42 -6.66
CA ALA I 345 11.34 -76.76 -6.53
C ALA I 345 11.82 -76.11 -7.83
N LEU I 346 11.26 -76.50 -8.98
CA LEU I 346 11.74 -75.96 -10.24
C LEU I 346 11.50 -74.47 -10.35
N TRP I 347 10.24 -74.05 -10.26
CA TRP I 347 9.93 -72.63 -10.21
C TRP I 347 10.14 -72.04 -8.83
N ASN I 348 10.86 -72.76 -7.96
CA ASN I 348 11.10 -72.33 -6.59
C ASN I 348 9.79 -72.07 -5.88
N GLN I 349 8.81 -72.92 -6.15
CA GLN I 349 7.44 -72.75 -5.68
C GLN I 349 7.35 -73.24 -4.25
N ALA I 350 7.33 -72.30 -3.31
CA ALA I 350 7.23 -72.62 -1.88
C ALA I 350 6.53 -71.46 -1.21
N VAL I 351 5.24 -71.63 -0.90
CA VAL I 351 4.44 -70.54 -0.38
C VAL I 351 4.93 -70.14 1.00
N ASP I 352 4.81 -68.85 1.31
CA ASP I 352 5.17 -68.35 2.63
C ASP I 352 4.17 -68.86 3.66
N GLN I 353 4.65 -69.61 4.64
CA GLN I 353 3.79 -70.28 5.61
C GLN I 353 4.14 -69.81 7.01
N TYR I 354 3.28 -68.97 7.58
CA TYR I 354 3.38 -68.65 9.00
C TYR I 354 2.86 -69.83 9.83
N ASP I 355 3.44 -70.01 10.99
CA ASP I 355 3.03 -71.09 11.86
C ASP I 355 1.68 -70.78 12.48
N PRO I 356 0.65 -71.61 12.29
CA PRO I 356 -0.64 -71.34 12.91
C PRO I 356 -0.58 -71.30 14.43
N GLU I 357 0.32 -72.05 15.05
CA GLU I 357 0.45 -72.04 16.50
C GLU I 357 1.24 -70.83 17.01
N VAL I 358 1.88 -70.08 16.11
CA VAL I 358 2.68 -68.93 16.50
C VAL I 358 1.94 -67.62 16.25
N ARG I 359 1.27 -67.49 15.11
CA ARG I 359 0.53 -66.27 14.82
C ARG I 359 -0.58 -66.07 15.84
N VAL I 360 -1.54 -67.00 15.86
CA VAL I 360 -2.57 -67.02 16.90
C VAL I 360 -2.07 -67.91 18.03
N PHE I 361 -1.66 -67.29 19.13
CA PHE I 361 -1.03 -68.01 20.24
C PHE I 361 -2.12 -68.65 21.08
N SER I 362 -2.32 -69.96 20.88
CA SER I 362 -3.26 -70.73 21.69
C SER I 362 -2.57 -71.08 23.00
N ASN I 363 -2.62 -70.14 23.94
CA ASN I 363 -1.95 -70.34 25.22
C ASN I 363 -2.73 -71.38 26.03
N ASP I 364 -2.31 -72.63 25.92
CA ASP I 364 -3.01 -73.76 26.52
C ASP I 364 -2.26 -74.33 27.71
N GLY I 365 -1.49 -73.51 28.39
CA GLY I 365 -0.69 -74.00 29.50
C GLY I 365 0.36 -74.97 28.99
N TYR I 366 0.39 -76.17 29.57
CA TYR I 366 1.38 -77.17 29.20
C TYR I 366 0.86 -78.54 29.63
N GLU I 367 1.45 -79.58 29.05
CA GLU I 367 1.03 -80.94 29.38
C GLU I 367 1.51 -81.31 30.77
N GLU I 368 0.65 -81.10 31.77
CA GLU I 368 1.02 -81.34 33.16
C GLU I 368 0.99 -82.84 33.45
N GLY I 369 2.17 -83.43 33.62
CA GLY I 369 2.29 -84.83 33.94
C GLY I 369 2.76 -85.07 35.36
N ALA I 370 3.24 -86.28 35.61
CA ALA I 370 3.77 -86.63 36.91
C ALA I 370 5.07 -85.84 37.15
N PRO I 371 5.45 -85.64 38.41
CA PRO I 371 6.72 -84.97 38.69
C PRO I 371 7.89 -85.72 38.04
N SER I 372 8.53 -85.06 37.09
CA SER I 372 9.63 -85.64 36.35
C SER I 372 10.96 -85.24 36.97
N TYR I 373 11.89 -86.18 37.03
CA TYR I 373 13.13 -86.01 37.76
C TYR I 373 14.32 -86.36 36.89
N ALA I 374 15.49 -85.84 37.28
CA ALA I 374 16.77 -86.15 36.66
C ALA I 374 17.68 -86.73 37.74
N PHE I 375 17.91 -88.04 37.68
CA PHE I 375 18.61 -88.75 38.74
C PHE I 375 20.12 -88.75 38.46
N ASN I 376 20.89 -89.34 39.37
CA ASN I 376 22.32 -89.43 39.18
C ASN I 376 22.62 -90.29 37.96
N PRO I 377 23.79 -90.11 37.34
CA PRO I 377 24.22 -91.09 36.34
C PRO I 377 24.24 -92.50 36.92
N GLU I 378 24.70 -92.65 38.15
CA GLU I 378 24.55 -93.89 38.88
C GLU I 378 23.18 -93.90 39.56
N ALA I 379 22.89 -94.95 40.32
CA ALA I 379 21.66 -95.00 41.11
C ALA I 379 21.89 -94.64 42.57
N VAL I 380 23.12 -94.25 42.93
CA VAL I 380 23.51 -94.05 44.32
C VAL I 380 24.08 -92.65 44.45
N GLY I 381 23.62 -91.92 45.48
CA GLY I 381 24.15 -90.59 45.71
C GLY I 381 23.68 -90.06 47.04
N ALA I 382 24.35 -88.99 47.48
CA ALA I 382 24.03 -88.32 48.73
C ALA I 382 23.84 -86.83 48.53
N GLY I 383 23.40 -86.43 47.33
CA GLY I 383 23.13 -85.03 47.06
C GLY I 383 22.10 -84.47 48.03
N GLU I 384 22.40 -83.32 48.63
CA GLU I 384 21.61 -82.79 49.73
C GLU I 384 21.49 -83.83 50.84
N GLY I 385 22.63 -84.14 51.43
CA GLY I 385 22.74 -85.30 52.29
C GLY I 385 22.03 -85.16 53.62
N TYR I 386 20.70 -85.12 53.55
CA TYR I 386 19.88 -85.16 54.75
C TYR I 386 19.81 -86.58 55.29
N GLY I 387 19.44 -86.68 56.56
CA GLY I 387 19.41 -87.97 57.23
C GLY I 387 20.80 -88.40 57.68
N PRO I 388 20.89 -89.56 58.31
CA PRO I 388 22.19 -90.03 58.80
C PRO I 388 23.16 -90.29 57.67
N ASP I 389 24.44 -90.06 57.95
CA ASP I 389 25.47 -90.16 56.92
C ASP I 389 25.62 -91.58 56.42
N LEU I 390 25.69 -92.55 57.34
CA LEU I 390 25.85 -93.97 56.99
C LEU I 390 27.14 -94.22 56.20
N SER I 391 28.16 -93.39 56.40
CA SER I 391 29.42 -93.56 55.70
C SER I 391 30.43 -94.40 56.46
N GLN I 392 30.30 -94.49 57.78
CA GLN I 392 31.23 -95.24 58.62
C GLN I 392 30.56 -96.45 59.27
N ILE I 393 29.53 -96.99 58.63
CA ILE I 393 28.75 -98.05 59.24
C ILE I 393 29.43 -99.40 59.04
N LYS I 394 29.04 -100.37 59.85
CA LYS I 394 29.53 -101.74 59.77
C LYS I 394 28.34 -102.69 59.68
N LEU I 395 28.49 -103.72 58.86
CA LEU I 395 27.42 -104.67 58.62
C LEU I 395 27.57 -105.88 59.53
N TYR I 396 26.51 -106.19 60.27
CA TYR I 396 26.48 -107.34 61.18
C TYR I 396 25.44 -108.33 60.70
N THR I 397 25.82 -109.60 60.65
CA THR I 397 24.88 -110.66 60.31
C THR I 397 23.86 -110.83 61.43
N ASN I 398 22.64 -111.20 61.07
CA ASN I 398 21.60 -111.36 62.06
C ASN I 398 21.68 -112.73 62.73
N ASN I 399 21.17 -112.79 63.95
CA ASN I 399 20.99 -114.04 64.69
C ASN I 399 19.49 -114.34 64.67
N THR I 400 19.10 -115.40 63.97
CA THR I 400 17.69 -115.68 63.77
C THR I 400 16.98 -115.97 65.09
N ALA I 401 17.61 -116.77 65.96
CA ALA I 401 16.98 -117.13 67.22
C ALA I 401 16.96 -115.95 68.18
N ALA I 402 18.07 -115.23 68.31
CA ALA I 402 18.17 -114.12 69.24
C ALA I 402 17.62 -112.82 68.67
N ASN I 403 17.30 -112.78 67.38
CA ASN I 403 16.75 -111.57 66.73
C ASN I 403 17.69 -110.38 66.91
N ASP I 404 19.00 -110.64 66.86
CA ASP I 404 19.99 -109.62 67.11
C ASP I 404 21.22 -109.89 66.25
N LYS I 405 22.24 -109.06 66.41
CA LYS I 405 23.52 -109.28 65.77
C LYS I 405 24.17 -110.56 66.27
N ASN I 406 24.91 -111.22 65.40
CA ASN I 406 25.66 -112.38 65.87
C ASN I 406 27.13 -112.33 65.50
N THR I 407 27.48 -111.76 64.36
CA THR I 407 28.87 -111.64 63.94
C THR I 407 29.05 -110.37 63.14
N ALA I 408 30.31 -109.94 63.03
CA ALA I 408 30.68 -108.75 62.29
C ALA I 408 31.32 -109.15 60.96
N VAL I 409 30.89 -108.50 59.88
CA VAL I 409 31.52 -108.72 58.59
C VAL I 409 32.96 -108.23 58.66
N THR I 410 33.90 -109.08 58.21
CA THR I 410 35.31 -108.79 58.38
C THR I 410 35.70 -107.50 57.67
N ASN I 411 35.24 -107.33 56.43
CA ASN I 411 35.49 -106.10 55.69
C ASN I 411 34.35 -105.90 54.69
N ALA I 412 33.74 -104.73 54.73
CA ALA I 412 32.58 -104.41 53.90
C ALA I 412 32.75 -103.01 53.32
N THR I 413 32.90 -102.94 52.00
CA THR I 413 32.92 -101.65 51.31
C THR I 413 31.48 -101.29 50.97
N THR I 414 30.91 -100.35 51.73
CA THR I 414 29.51 -99.98 51.59
C THR I 414 29.39 -98.49 51.31
N ASN I 415 28.59 -98.14 50.30
CA ASN I 415 28.26 -96.75 50.04
C ASN I 415 27.06 -96.33 50.89
N PHE I 416 25.92 -96.98 50.67
CA PHE I 416 24.80 -96.97 51.61
C PHE I 416 24.37 -95.55 51.97
N TYR I 417 23.89 -94.82 50.98
CA TYR I 417 23.42 -93.46 51.21
C TYR I 417 21.95 -93.46 51.57
N PHE I 418 21.59 -92.56 52.48
CA PHE I 418 20.23 -92.48 53.02
C PHE I 418 19.27 -91.84 52.02
N GLY I 419 18.01 -92.22 52.13
CA GLY I 419 16.97 -91.61 51.34
C GLY I 419 16.81 -92.27 49.98
N THR I 420 15.97 -91.65 49.16
CA THR I 420 15.70 -92.14 47.82
C THR I 420 16.84 -91.73 46.89
N VAL I 421 16.64 -91.94 45.58
CA VAL I 421 17.64 -91.54 44.60
C VAL I 421 17.68 -90.02 44.55
N PRO I 422 18.82 -89.40 44.84
CA PRO I 422 18.88 -87.93 44.76
C PRO I 422 18.76 -87.48 43.31
N SER I 423 17.90 -86.50 43.09
CA SER I 423 17.53 -86.12 41.73
C SER I 423 17.09 -84.67 41.71
N TYR I 424 16.95 -84.14 40.50
CA TYR I 424 16.45 -82.79 40.28
C TYR I 424 15.17 -82.85 39.46
N GLU I 425 14.16 -82.10 39.88
CA GLU I 425 12.86 -82.12 39.22
C GLU I 425 12.78 -80.99 38.20
N ILE I 426 12.41 -81.35 36.97
CA ILE I 426 12.17 -80.39 35.90
C ILE I 426 10.84 -80.74 35.24
N ASP I 427 9.95 -79.76 35.13
CA ASP I 427 8.72 -79.93 34.37
C ASP I 427 9.04 -79.58 32.92
N ILE I 428 9.48 -80.58 32.17
CA ILE I 428 9.99 -80.34 30.83
C ILE I 428 8.91 -79.88 29.87
N SER I 429 7.64 -80.20 30.13
CA SER I 429 6.58 -79.72 29.25
C SER I 429 6.44 -78.21 29.35
N ALA I 430 6.32 -77.68 30.57
CA ALA I 430 6.27 -76.23 30.73
C ALA I 430 7.57 -75.57 30.33
N THR I 431 8.69 -76.27 30.53
CA THR I 431 9.97 -75.72 30.09
C THR I 431 10.02 -75.53 28.59
N GLN I 432 9.63 -76.56 27.83
CA GLN I 432 9.52 -76.42 26.38
C GLN I 432 8.46 -75.40 25.99
N ARG I 433 7.41 -75.24 26.79
CA ARG I 433 6.42 -74.21 26.49
C ARG I 433 7.05 -72.83 26.55
N ARG I 434 7.78 -72.55 27.63
CA ARG I 434 8.42 -71.25 27.76
C ARG I 434 9.50 -71.06 26.70
N ASN I 435 10.26 -72.11 26.39
CA ASN I 435 11.26 -72.00 25.34
C ASN I 435 10.62 -71.72 23.99
N PHE I 436 9.52 -72.41 23.69
CA PHE I 436 8.79 -72.16 22.45
C PHE I 436 8.33 -70.71 22.38
N ILE I 437 7.72 -70.22 23.45
CA ILE I 437 7.22 -68.84 23.45
C ILE I 437 8.37 -67.86 23.26
N MET I 438 9.44 -68.03 24.04
CA MET I 438 10.55 -67.08 23.97
C MET I 438 11.23 -67.11 22.60
N ALA I 439 11.37 -68.29 22.01
CA ALA I 439 12.04 -68.39 20.72
C ALA I 439 11.17 -67.92 19.56
N ASN I 440 9.86 -68.10 19.65
CA ASN I 440 8.99 -67.90 18.50
C ASN I 440 8.19 -66.61 18.54
N ILE I 441 7.67 -66.21 19.70
CA ILE I 441 6.84 -65.03 19.82
C ILE I 441 7.59 -63.87 20.48
N ALA I 442 8.39 -64.16 21.51
CA ALA I 442 9.13 -63.10 22.18
C ALA I 442 10.18 -62.50 21.25
N GLU I 443 10.95 -63.35 20.56
CA GLU I 443 12.02 -62.83 19.71
C GLU I 443 11.49 -61.98 18.57
N TYR I 444 10.25 -62.22 18.14
CA TYR I 444 9.69 -61.56 16.97
C TYR I 444 8.73 -60.44 17.34
N LEU I 445 8.83 -59.90 18.55
CA LEU I 445 8.07 -58.73 18.93
C LEU I 445 8.58 -57.51 18.17
N PRO I 446 7.77 -56.48 18.03
CA PRO I 446 8.25 -55.24 17.42
C PRO I 446 9.38 -54.61 18.24
N ASP I 447 10.08 -53.69 17.62
CA ASP I 447 11.17 -53.00 18.30
C ASP I 447 10.68 -52.17 19.48
N ARG I 448 9.39 -51.85 19.52
CA ARG I 448 8.85 -51.10 20.65
C ARG I 448 8.92 -51.86 21.96
N TYR I 449 8.99 -53.19 21.90
CA TYR I 449 8.90 -54.03 23.08
C TYR I 449 10.20 -54.77 23.33
N LYS I 450 11.32 -54.10 23.04
CA LYS I 450 12.64 -54.69 23.21
C LYS I 450 13.55 -53.68 23.88
N PHE I 451 14.71 -54.14 24.32
CA PHE I 451 15.70 -53.28 24.95
C PHE I 451 17.09 -53.80 24.62
N SER I 452 18.08 -52.91 24.75
CA SER I 452 19.45 -53.25 24.38
C SER I 452 20.06 -54.17 25.44
N ILE I 453 21.32 -54.55 25.23
CA ILE I 453 21.96 -55.59 26.04
C ILE I 453 23.14 -55.02 26.83
N SER I 454 23.05 -53.75 27.21
CA SER I 454 24.00 -53.09 28.11
C SER I 454 25.34 -52.83 27.47
N GLY I 455 25.56 -53.36 26.27
CA GLY I 455 26.76 -53.04 25.53
C GLY I 455 26.41 -52.45 24.18
N PHE I 456 25.25 -52.83 23.67
CA PHE I 456 24.73 -52.32 22.41
C PHE I 456 23.98 -51.01 22.64
N ASP I 457 24.14 -50.09 21.70
CA ASP I 457 23.47 -48.80 21.77
C ASP I 457 22.66 -48.58 20.50
N ALA I 458 21.37 -48.32 20.67
CA ALA I 458 20.52 -48.00 19.53
C ALA I 458 20.95 -46.68 18.92
N THR I 459 20.62 -46.50 17.64
CA THR I 459 21.00 -45.38 16.78
C THR I 459 22.48 -45.39 16.44
N SER I 460 23.26 -46.33 16.97
CA SER I 460 24.63 -46.53 16.50
C SER I 460 24.68 -47.37 15.24
N VAL I 461 23.60 -48.07 14.91
CA VAL I 461 23.51 -48.87 13.70
C VAL I 461 22.07 -48.82 13.24
N ALA I 462 21.85 -49.16 11.97
CA ALA I 462 20.51 -49.12 11.41
C ALA I 462 19.62 -50.14 12.09
N PRO I 463 18.38 -49.79 12.43
CA PRO I 463 17.46 -50.80 13.01
C PRO I 463 17.19 -51.97 12.09
N THR I 464 17.46 -51.85 10.79
CA THR I 464 17.19 -52.90 9.82
C THR I 464 18.40 -53.81 9.60
N THR I 465 19.29 -53.93 10.57
CA THR I 465 20.48 -54.75 10.43
C THR I 465 20.40 -55.97 11.36
N TYR I 466 21.15 -57.01 10.98
CA TYR I 466 21.08 -58.28 11.69
C TYR I 466 21.54 -58.16 13.13
N GLU I 467 22.67 -57.48 13.35
CA GLU I 467 23.20 -57.37 14.70
C GLU I 467 22.43 -56.38 15.56
N TYR I 468 21.60 -55.53 14.95
CA TYR I 468 20.64 -54.75 15.73
C TYR I 468 19.53 -55.65 16.25
N MET I 469 19.00 -56.53 15.40
CA MET I 469 17.95 -57.44 15.82
C MET I 469 18.46 -58.42 16.87
N ASN I 470 19.71 -58.89 16.72
CA ASN I 470 20.27 -59.82 17.69
C ASN I 470 20.45 -59.16 19.05
N LYS I 471 20.94 -57.93 19.08
CA LYS I 471 21.37 -57.28 20.30
C LYS I 471 20.27 -56.47 20.97
N ARG I 472 19.01 -56.83 20.77
CA ARG I 472 17.89 -56.18 21.43
C ARG I 472 16.97 -57.25 22.01
N VAL I 473 17.05 -57.45 23.32
CA VAL I 473 16.25 -58.46 24.00
C VAL I 473 14.83 -57.93 24.17
N PRO I 474 13.80 -58.71 23.86
CA PRO I 474 12.43 -58.27 24.11
C PRO I 474 12.11 -58.26 25.60
N LEU I 475 11.10 -57.47 25.94
CA LEU I 475 10.58 -57.48 27.30
C LEU I 475 9.99 -58.86 27.60
N THR I 476 10.22 -59.33 28.82
CA THR I 476 9.86 -60.69 29.20
C THR I 476 8.47 -60.80 29.81
N ASN I 477 7.73 -59.69 29.94
CA ASN I 477 6.37 -59.75 30.45
C ASN I 477 5.32 -59.46 29.40
N VAL I 478 5.68 -58.79 28.29
CA VAL I 478 4.74 -58.54 27.22
C VAL I 478 4.26 -59.86 26.61
N VAL I 479 5.10 -60.90 26.68
CA VAL I 479 4.68 -62.25 26.28
C VAL I 479 5.43 -63.25 27.14
N ASP I 480 4.68 -64.18 27.72
CA ASP I 480 5.22 -65.23 28.59
C ASP I 480 4.15 -66.31 28.70
N MET I 481 4.43 -67.35 29.49
CA MET I 481 3.48 -68.46 29.58
C MET I 481 2.15 -68.05 30.21
N PHE I 482 2.13 -66.93 30.94
CA PHE I 482 0.90 -66.45 31.55
C PHE I 482 0.13 -65.48 30.68
N THR I 483 0.62 -65.17 29.48
CA THR I 483 -0.03 -64.21 28.60
C THR I 483 -1.31 -64.82 28.06
N ASN I 484 -2.46 -64.39 28.60
CA ASN I 484 -3.77 -64.90 28.20
C ASN I 484 -3.78 -66.43 28.29
N VAL I 485 -3.62 -66.93 29.52
CA VAL I 485 -3.22 -68.31 29.75
C VAL I 485 -4.29 -69.31 29.35
N GLY I 486 -5.47 -68.87 28.93
CA GLY I 486 -6.49 -69.81 28.55
C GLY I 486 -7.09 -69.59 27.18
N ALA I 487 -6.65 -68.55 26.49
CA ALA I 487 -7.29 -68.10 25.26
C ALA I 487 -6.47 -68.51 24.05
N ARG I 488 -7.17 -68.85 22.96
CA ARG I 488 -6.56 -68.91 21.64
C ARG I 488 -6.57 -67.49 21.10
N TRP I 489 -5.46 -66.79 21.31
CA TRP I 489 -5.41 -65.35 21.12
C TRP I 489 -4.08 -64.98 20.47
N SER I 490 -4.14 -64.34 19.32
CA SER I 490 -2.93 -63.78 18.72
C SER I 490 -2.44 -62.63 19.59
N ILE I 491 -1.14 -62.61 19.86
CA ILE I 491 -0.58 -61.58 20.72
C ILE I 491 -0.86 -60.21 20.12
N ASP I 492 -1.62 -59.40 20.84
CA ASP I 492 -2.04 -58.10 20.32
C ASP I 492 -0.86 -57.17 20.07
N GLN I 493 0.31 -57.48 20.62
CA GLN I 493 1.52 -56.75 20.27
C GLN I 493 2.14 -57.23 18.97
N MET I 494 1.64 -58.32 18.38
CA MET I 494 2.21 -58.86 17.15
C MET I 494 1.15 -59.20 16.11
N ASP I 495 -0.08 -58.70 16.29
CA ASP I 495 -1.08 -58.90 15.24
C ASP I 495 -0.77 -58.07 14.00
N ASN I 496 0.03 -57.01 14.15
CA ASN I 496 0.46 -56.18 13.03
C ASN I 496 1.89 -56.49 12.60
N VAL I 497 2.48 -57.56 13.13
CA VAL I 497 3.83 -57.96 12.76
C VAL I 497 3.74 -58.98 11.63
N ASN I 498 4.55 -58.78 10.59
CA ASN I 498 4.60 -59.68 9.44
C ASN I 498 4.91 -61.09 9.90
N PRO I 499 3.95 -62.01 9.84
CA PRO I 499 4.19 -63.36 10.35
C PRO I 499 5.10 -64.20 9.47
N PHE I 500 5.26 -63.83 8.21
CA PHE I 500 6.09 -64.61 7.29
C PHE I 500 7.58 -64.33 7.47
N ASN I 501 7.93 -63.26 8.19
CA ASN I 501 9.31 -63.02 8.60
C ASN I 501 9.58 -63.77 9.91
N HIS I 502 9.49 -65.09 9.81
CA HIS I 502 9.63 -65.99 10.94
C HIS I 502 10.47 -67.19 10.51
N HIS I 503 11.31 -67.68 11.42
CA HIS I 503 12.13 -68.82 11.08
C HIS I 503 11.32 -70.09 10.87
N ARG I 504 10.05 -70.11 11.29
CA ARG I 504 9.15 -71.20 10.98
C ARG I 504 8.43 -71.01 9.65
N ASN I 505 8.91 -70.10 8.81
CA ASN I 505 8.39 -69.98 7.46
C ASN I 505 8.85 -71.18 6.66
N TRP I 506 8.01 -72.21 6.59
CA TRP I 506 8.41 -73.47 5.98
C TRP I 506 8.77 -73.27 4.50
N GLY I 507 8.00 -72.43 3.80
CA GLY I 507 8.35 -72.13 2.42
C GLY I 507 9.71 -71.48 2.30
N LEU I 508 9.97 -70.46 3.13
CA LEU I 508 11.26 -69.79 3.09
C LEU I 508 12.38 -70.69 3.61
N LYS I 509 12.09 -71.51 4.61
CA LYS I 509 13.07 -72.47 5.09
C LYS I 509 13.50 -73.42 3.98
N TYR I 510 12.52 -73.97 3.25
CA TYR I 510 12.83 -74.85 2.13
C TYR I 510 13.51 -74.12 1.00
N ARG I 511 13.17 -72.84 0.79
CA ARG I 511 13.75 -72.08 -0.31
C ARG I 511 15.21 -71.75 -0.04
N SER I 512 15.54 -71.48 1.23
CA SER I 512 16.94 -71.26 1.59
C SER I 512 17.72 -72.55 1.67
N GLN I 513 17.08 -73.65 2.08
CA GLN I 513 17.75 -74.94 2.12
C GLN I 513 17.95 -75.55 0.74
N LEU I 514 17.29 -75.02 -0.29
CA LEU I 514 17.54 -75.47 -1.66
C LEU I 514 18.85 -74.94 -2.21
N LEU I 515 19.38 -73.85 -1.65
CA LEU I 515 20.62 -73.27 -2.14
C LEU I 515 21.84 -73.84 -1.44
N GLY I 516 21.71 -74.24 -0.19
CA GLY I 516 22.79 -74.81 0.58
C GLY I 516 22.80 -74.32 2.00
N ASN I 517 23.77 -74.82 2.76
CA ASN I 517 23.92 -74.46 4.17
C ASN I 517 24.96 -73.38 4.40
N SER I 518 25.52 -72.81 3.35
CA SER I 518 26.52 -71.76 3.47
C SER I 518 26.01 -70.47 2.85
N ARG I 519 26.70 -69.38 3.16
CA ARG I 519 26.41 -68.08 2.58
C ARG I 519 27.07 -67.89 1.21
N TYR I 520 27.84 -68.87 0.75
CA TYR I 520 28.56 -68.80 -0.52
C TYR I 520 27.98 -69.89 -1.41
N VAL I 521 27.05 -69.50 -2.28
CA VAL I 521 26.29 -70.45 -3.09
C VAL I 521 26.54 -70.18 -4.56
N ASN I 522 26.96 -71.20 -5.29
CA ASN I 522 26.98 -71.16 -6.75
C ASN I 522 25.62 -71.63 -7.27
N PHE I 523 24.63 -70.76 -7.09
CA PHE I 523 23.26 -71.11 -7.38
C PHE I 523 23.04 -71.34 -8.87
N HIS I 524 22.14 -72.27 -9.17
CA HIS I 524 21.67 -72.50 -10.54
C HIS I 524 20.16 -72.64 -10.49
N ILE I 525 19.46 -71.72 -11.14
CA ILE I 525 18.02 -71.60 -11.01
C ILE I 525 17.39 -71.43 -12.39
N GLN I 526 16.08 -71.68 -12.46
CA GLN I 526 15.30 -71.52 -13.68
C GLN I 526 14.09 -70.66 -13.35
N VAL I 527 14.11 -69.41 -13.81
CA VAL I 527 13.08 -68.43 -13.50
C VAL I 527 12.07 -68.41 -14.65
N PRO I 528 10.78 -68.54 -14.37
CA PRO I 528 9.80 -68.54 -15.45
C PRO I 528 9.42 -67.13 -15.88
N GLN I 529 8.88 -67.04 -17.09
CA GLN I 529 8.34 -65.78 -17.59
C GLN I 529 6.91 -65.61 -17.06
N LYS I 530 6.62 -64.44 -16.51
CA LYS I 530 5.36 -64.21 -15.82
C LYS I 530 4.54 -63.06 -16.38
N PHE I 531 5.05 -62.30 -17.34
CA PHE I 531 4.24 -61.27 -17.97
C PHE I 531 3.09 -61.91 -18.73
N PHE I 532 1.87 -61.46 -18.46
CA PHE I 532 0.68 -62.17 -18.94
C PHE I 532 0.63 -62.24 -20.46
N ALA I 533 1.04 -61.16 -21.13
CA ALA I 533 0.98 -61.14 -22.59
C ALA I 533 1.89 -62.19 -23.21
N ILE I 534 2.99 -62.53 -22.55
CA ILE I 534 3.96 -63.48 -23.07
C ILE I 534 4.12 -64.69 -22.17
N LYS I 535 3.33 -64.79 -21.11
CA LYS I 535 3.43 -65.94 -20.22
C LYS I 535 3.01 -67.23 -20.93
N ASN I 536 1.92 -67.18 -21.70
CA ASN I 536 1.42 -68.35 -22.41
C ASN I 536 1.31 -68.10 -23.91
N LEU I 537 2.04 -67.12 -24.43
CA LEU I 537 1.95 -66.80 -25.85
C LEU I 537 2.59 -67.88 -26.68
N LEU I 538 1.85 -68.40 -27.65
CA LEU I 538 2.35 -69.42 -28.57
C LEU I 538 2.85 -68.72 -29.82
N LEU I 539 4.15 -68.42 -29.85
CA LEU I 539 4.74 -67.74 -30.98
C LEU I 539 4.76 -68.62 -32.21
N LEU I 540 4.45 -68.03 -33.36
CA LEU I 540 4.47 -68.75 -34.63
C LEU I 540 5.85 -68.59 -35.26
N SER I 541 5.98 -69.01 -36.52
CA SER I 541 7.27 -68.94 -37.20
C SER I 541 7.71 -67.50 -37.36
N GLY I 542 9.00 -67.26 -37.20
CA GLY I 542 9.56 -65.93 -37.34
C GLY I 542 10.78 -65.77 -36.47
N SER I 543 11.48 -64.66 -36.68
CA SER I 543 12.66 -64.31 -35.91
C SER I 543 12.28 -63.24 -34.89
N TYR I 544 12.36 -63.59 -33.61
CA TYR I 544 11.98 -62.70 -32.53
C TYR I 544 13.18 -62.45 -31.63
N THR I 545 13.39 -61.19 -31.27
CA THR I 545 14.36 -60.82 -30.25
C THR I 545 13.64 -60.61 -28.94
N TYR I 546 14.14 -61.23 -27.88
CA TYR I 546 13.48 -61.25 -26.58
C TYR I 546 14.50 -60.85 -25.53
N GLU I 547 14.53 -59.56 -25.19
CA GLU I 547 15.46 -59.02 -24.24
C GLU I 547 14.77 -58.84 -22.89
N TRP I 548 15.42 -59.27 -21.83
CA TRP I 548 14.92 -59.08 -20.48
C TRP I 548 16.08 -58.74 -19.56
N VAL I 549 15.74 -58.21 -18.38
CA VAL I 549 16.73 -57.73 -17.42
C VAL I 549 16.42 -58.33 -16.06
N LEU I 550 17.45 -58.75 -15.35
CA LEU I 550 17.34 -59.42 -14.06
C LEU I 550 17.68 -58.45 -12.94
N ARG I 551 16.93 -58.51 -11.85
CA ARG I 551 17.27 -57.71 -10.69
C ARG I 551 18.55 -58.22 -10.05
N LYS I 552 19.29 -57.31 -9.43
CA LYS I 552 20.45 -57.65 -8.63
C LYS I 552 20.35 -57.13 -7.21
N ASP I 553 19.27 -56.46 -6.86
CA ASP I 553 19.11 -55.90 -5.52
C ASP I 553 18.98 -57.03 -4.50
N PRO I 554 19.82 -57.08 -3.47
CA PRO I 554 19.71 -58.16 -2.49
C PRO I 554 18.37 -58.21 -1.78
N ASN I 555 17.76 -57.05 -1.50
CA ASN I 555 16.48 -57.05 -0.80
C ASN I 555 15.36 -57.63 -1.65
N MET I 556 15.40 -57.40 -2.97
CA MET I 556 14.32 -57.87 -3.83
C MET I 556 14.44 -59.35 -4.12
N ILE I 557 15.57 -59.76 -4.71
CA ILE I 557 15.71 -61.14 -5.18
C ILE I 557 15.71 -62.13 -4.02
N LEU I 558 16.28 -61.76 -2.88
CA LEU I 558 16.42 -62.66 -1.75
C LEU I 558 15.41 -62.32 -0.67
N GLN I 559 14.88 -63.34 -0.01
CA GLN I 559 13.95 -63.17 1.10
C GLN I 559 14.62 -63.60 2.39
N SER I 560 14.51 -62.77 3.41
CA SER I 560 15.06 -63.05 4.73
C SER I 560 13.95 -63.40 5.70
N SER I 561 14.27 -64.27 6.67
CA SER I 561 13.33 -64.60 7.72
C SER I 561 13.31 -63.57 8.84
N LEU I 562 14.18 -62.57 8.78
CA LEU I 562 14.18 -61.48 9.74
C LEU I 562 13.79 -60.14 9.13
N GLY I 563 13.72 -60.04 7.81
CA GLY I 563 13.38 -58.78 7.17
C GLY I 563 14.41 -57.69 7.38
N ASN I 564 15.69 -58.02 7.26
CA ASN I 564 16.77 -57.09 7.49
C ASN I 564 17.34 -56.55 6.17
N ASP I 565 18.06 -55.44 6.28
CA ASP I 565 18.66 -54.79 5.12
C ASP I 565 19.81 -55.65 4.59
N LEU I 566 19.58 -56.35 3.48
CA LEU I 566 20.61 -57.20 2.93
C LEU I 566 21.70 -56.43 2.20
N ARG I 567 21.40 -55.24 1.68
CA ARG I 567 22.45 -54.43 1.06
C ARG I 567 23.52 -54.05 2.08
N ALA I 568 23.10 -53.67 3.28
CA ALA I 568 24.04 -53.37 4.35
C ALA I 568 24.61 -54.62 4.99
N ASP I 569 23.97 -55.77 4.80
CA ASP I 569 24.40 -57.02 5.42
C ASP I 569 25.19 -57.91 4.46
N GLY I 570 25.94 -57.30 3.54
CA GLY I 570 26.90 -58.04 2.74
C GLY I 570 26.33 -59.00 1.73
N ALA I 571 25.04 -58.92 1.42
CA ALA I 571 24.46 -59.79 0.40
C ALA I 571 24.76 -59.24 -0.99
N SER I 572 25.12 -60.14 -1.90
CA SER I 572 25.42 -59.76 -3.27
C SER I 572 25.19 -60.95 -4.17
N ILE I 573 25.01 -60.68 -5.47
CA ILE I 573 24.77 -61.71 -6.46
C ILE I 573 25.51 -61.35 -7.74
N ILE I 574 26.11 -62.35 -8.36
CA ILE I 574 26.78 -62.20 -9.65
C ILE I 574 26.23 -63.25 -10.60
N TYR I 575 25.76 -62.82 -11.76
CA TYR I 575 25.25 -63.74 -12.77
C TYR I 575 26.36 -64.09 -13.74
N ASN I 576 26.69 -65.38 -13.83
CA ASN I 576 27.74 -65.81 -14.75
C ASN I 576 27.19 -65.94 -16.16
N GLU I 577 26.23 -66.83 -16.37
CA GLU I 577 25.55 -66.95 -17.65
C GLU I 577 24.08 -67.18 -17.42
N VAL I 578 23.25 -66.50 -18.22
CA VAL I 578 21.80 -66.60 -18.13
C VAL I 578 21.32 -67.07 -19.49
N ASN I 579 21.04 -68.37 -19.61
CA ASN I 579 20.55 -68.95 -20.85
C ASN I 579 19.03 -69.01 -20.83
N LEU I 580 18.44 -68.97 -22.02
CA LEU I 580 17.00 -69.04 -22.18
C LEU I 580 16.62 -70.37 -22.78
N MET I 581 15.73 -71.09 -22.12
CA MET I 581 15.30 -72.42 -22.52
C MET I 581 14.01 -72.35 -23.30
N ALA I 582 13.73 -73.41 -24.05
CA ALA I 582 12.51 -73.49 -24.84
C ALA I 582 12.27 -74.94 -25.23
N ASN I 583 11.02 -75.37 -25.12
CA ASN I 583 10.60 -76.68 -25.60
C ASN I 583 9.77 -76.50 -26.86
N PHE I 584 10.09 -77.26 -27.90
CA PHE I 584 9.35 -77.24 -29.14
C PHE I 584 8.70 -78.60 -29.35
N MET I 585 7.40 -78.60 -29.54
CA MET I 585 6.72 -79.85 -29.88
C MET I 585 7.12 -80.27 -31.27
N PRO I 586 7.61 -81.51 -31.46
CA PRO I 586 8.06 -81.92 -32.79
C PRO I 586 6.92 -82.31 -33.69
N MET I 587 5.85 -81.52 -33.71
CA MET I 587 4.68 -81.87 -34.49
C MET I 587 4.98 -81.84 -35.98
N ASP I 588 4.25 -82.66 -36.73
CA ASP I 588 4.52 -82.80 -38.15
C ASP I 588 4.37 -81.47 -38.85
N HIS I 589 5.33 -81.16 -39.74
CA HIS I 589 5.29 -79.88 -40.43
C HIS I 589 4.05 -79.74 -41.30
N ASN I 590 3.50 -80.84 -41.79
CA ASN I 590 2.26 -80.78 -42.55
C ASN I 590 1.11 -80.25 -41.69
N THR I 591 1.07 -80.63 -40.41
CA THR I 591 0.07 -80.10 -39.51
C THR I 591 0.56 -78.89 -38.72
N SER I 592 1.87 -78.72 -38.55
CA SER I 592 2.38 -77.51 -37.91
C SER I 592 2.13 -76.29 -38.80
N ASN I 593 2.35 -76.42 -40.10
CA ASN I 593 2.03 -75.34 -41.02
C ASN I 593 0.53 -75.09 -41.08
N GLN I 594 -0.27 -76.15 -40.96
CA GLN I 594 -1.72 -75.97 -40.88
C GLN I 594 -2.09 -75.13 -39.66
N LEU I 595 -1.52 -75.48 -38.50
CA LEU I 595 -1.79 -74.72 -37.29
C LEU I 595 -1.31 -73.29 -37.41
N GLU I 596 -0.15 -73.07 -38.04
CA GLU I 596 0.37 -71.72 -38.22
C GLU I 596 -0.56 -70.89 -39.10
N LEU I 597 -0.90 -71.40 -40.28
CA LEU I 597 -1.78 -70.68 -41.19
C LEU I 597 -3.18 -70.50 -40.62
N MET I 598 -3.55 -71.34 -39.66
CA MET I 598 -4.85 -71.26 -39.01
C MET I 598 -4.83 -70.35 -37.79
N LEU I 599 -3.65 -70.05 -37.24
CA LEU I 599 -3.50 -69.09 -36.15
C LEU I 599 -3.13 -67.71 -36.63
N ARG I 600 -2.59 -67.58 -37.84
CA ARG I 600 -2.37 -66.26 -38.41
C ARG I 600 -3.67 -65.61 -38.87
N ASN I 601 -4.75 -66.38 -38.95
CA ASN I 601 -6.03 -65.84 -39.35
C ASN I 601 -6.51 -64.85 -38.29
N ALA I 602 -7.12 -63.74 -38.74
CA ALA I 602 -7.41 -62.63 -37.85
C ALA I 602 -8.47 -63.00 -36.81
N THR I 603 -9.54 -63.67 -37.23
CA THR I 603 -10.67 -63.87 -36.33
C THR I 603 -10.32 -64.76 -35.15
N ASN I 604 -9.30 -65.61 -35.28
CA ASN I 604 -8.87 -66.49 -34.19
C ASN I 604 -7.40 -66.21 -33.87
N ASP I 605 -7.18 -65.21 -33.03
CA ASP I 605 -5.85 -64.88 -32.56
C ASP I 605 -5.86 -64.82 -31.04
N GLN I 606 -4.66 -64.95 -30.47
CA GLN I 606 -4.54 -65.22 -29.04
C GLN I 606 -4.86 -63.98 -28.23
N THR I 607 -5.69 -64.17 -27.19
CA THR I 607 -6.09 -63.10 -26.30
C THR I 607 -5.79 -63.50 -24.87
N PHE I 608 -5.15 -62.60 -24.13
CA PHE I 608 -4.72 -62.88 -22.76
C PHE I 608 -5.22 -61.79 -21.83
N VAL I 609 -5.57 -62.19 -20.61
CA VAL I 609 -5.92 -61.26 -19.54
C VAL I 609 -4.97 -61.53 -18.37
N ASP I 610 -4.51 -60.46 -17.73
CA ASP I 610 -3.73 -60.63 -16.53
C ASP I 610 -4.63 -61.18 -15.43
N TYR I 611 -4.18 -62.22 -14.75
CA TYR I 611 -5.07 -62.94 -13.84
C TYR I 611 -5.53 -62.06 -12.69
N LEU I 612 -4.64 -61.20 -12.18
CA LEU I 612 -5.05 -60.30 -11.10
C LEU I 612 -6.20 -59.41 -11.55
N GLY I 613 -6.12 -58.88 -12.76
CA GLY I 613 -7.17 -58.03 -13.29
C GLY I 613 -7.43 -56.84 -12.41
N ALA I 614 -6.35 -56.17 -11.98
CA ALA I 614 -6.49 -55.09 -11.02
C ALA I 614 -5.49 -53.99 -11.34
N LYS I 615 -5.95 -52.74 -11.27
CA LYS I 615 -5.05 -51.61 -11.26
C LYS I 615 -4.58 -51.35 -9.84
N ASN I 616 -3.27 -51.37 -9.63
CA ASN I 616 -2.69 -51.35 -8.30
C ASN I 616 -2.25 -49.93 -7.96
N ALA I 617 -2.95 -49.31 -7.02
CA ALA I 617 -2.61 -47.98 -6.53
C ALA I 617 -2.39 -48.05 -5.04
N LEU I 618 -1.29 -47.50 -4.56
CA LEU I 618 -0.95 -47.50 -3.14
C LEU I 618 -1.19 -46.11 -2.58
N TYR I 619 -1.99 -46.02 -1.54
CA TYR I 619 -2.37 -44.76 -0.93
C TYR I 619 -1.70 -44.66 0.44
N SER I 620 -0.83 -43.66 0.59
CA SER I 620 -0.01 -43.57 1.78
C SER I 620 -0.84 -43.22 3.00
N VAL I 621 -0.56 -43.89 4.11
CA VAL I 621 -1.21 -43.63 5.38
C VAL I 621 -0.11 -43.43 6.43
N PRO I 622 0.06 -42.23 6.97
CA PRO I 622 1.13 -42.01 7.95
C PRO I 622 0.93 -42.83 9.22
N ALA I 623 1.88 -42.74 10.15
CA ALA I 623 1.91 -43.65 11.28
C ALA I 623 0.65 -43.55 12.13
N GLY I 624 0.42 -42.39 12.73
CA GLY I 624 -0.68 -42.25 13.67
C GLY I 624 -2.04 -42.01 13.05
N SER I 625 -2.11 -41.77 11.74
CA SER I 625 -3.38 -41.46 11.11
C SER I 625 -4.28 -42.68 11.08
N THR I 626 -5.57 -42.45 11.33
CA THR I 626 -6.56 -43.52 11.39
C THR I 626 -7.61 -43.42 10.31
N ALA I 627 -7.54 -42.43 9.43
CA ALA I 627 -8.51 -42.26 8.36
C ALA I 627 -7.79 -41.97 7.06
N LEU I 628 -8.45 -42.32 5.96
CA LEU I 628 -7.89 -42.10 4.63
C LEU I 628 -9.02 -41.84 3.65
N THR I 629 -8.80 -40.89 2.75
CA THR I 629 -9.74 -40.57 1.69
C THR I 629 -9.06 -40.75 0.35
N ILE I 630 -9.70 -41.50 -0.55
CA ILE I 630 -9.18 -41.77 -1.88
C ILE I 630 -10.02 -40.97 -2.85
N ASN I 631 -9.47 -39.87 -3.36
CA ASN I 631 -10.17 -39.03 -4.32
C ASN I 631 -9.79 -39.44 -5.73
N ILE I 632 -10.79 -39.86 -6.51
CA ILE I 632 -10.59 -40.29 -7.88
C ILE I 632 -11.37 -39.33 -8.78
N PRO I 633 -10.73 -38.71 -9.77
CA PRO I 633 -11.46 -37.80 -10.67
C PRO I 633 -12.45 -38.54 -11.56
N ALA I 634 -13.13 -37.80 -12.44
CA ALA I 634 -14.16 -38.40 -13.27
C ALA I 634 -13.59 -39.47 -14.19
N ARG I 635 -14.33 -40.56 -14.33
CA ARG I 635 -13.91 -41.68 -15.17
C ARG I 635 -15.16 -42.39 -15.66
N THR I 636 -15.01 -43.15 -16.74
CA THR I 636 -16.15 -43.81 -17.37
C THR I 636 -16.37 -45.24 -16.88
N TRP I 637 -15.55 -45.73 -15.95
CA TRP I 637 -15.78 -46.98 -15.22
C TRP I 637 -16.40 -48.09 -16.07
N GLU I 638 -15.96 -48.20 -17.32
CA GLU I 638 -16.60 -49.11 -18.27
C GLU I 638 -16.11 -50.52 -17.99
N GLY I 639 -16.93 -51.32 -17.32
CA GLY I 639 -16.57 -52.70 -17.07
C GLY I 639 -15.79 -52.95 -15.81
N MET I 640 -16.05 -52.20 -14.75
CA MET I 640 -15.31 -52.36 -13.50
C MET I 640 -15.78 -53.62 -12.78
N ARG I 641 -14.85 -54.45 -12.36
CA ARG I 641 -15.18 -55.70 -11.69
C ARG I 641 -15.44 -55.51 -10.20
N GLY I 642 -14.76 -54.59 -9.55
CA GLY I 642 -14.98 -54.33 -8.14
C GLY I 642 -13.72 -53.81 -7.49
N TRP I 643 -13.73 -53.84 -6.16
CA TRP I 643 -12.65 -53.32 -5.34
C TRP I 643 -11.97 -54.44 -4.56
N SER I 644 -10.67 -54.27 -4.34
CA SER I 644 -9.90 -55.17 -3.49
C SER I 644 -8.81 -54.35 -2.82
N PHE I 645 -8.58 -54.57 -1.52
CA PHE I 645 -7.71 -53.67 -0.79
C PHE I 645 -7.22 -54.30 0.50
N THR I 646 -5.95 -54.06 0.81
CA THR I 646 -5.39 -54.19 2.15
C THR I 646 -4.46 -53.01 2.39
N ARG I 647 -3.90 -52.95 3.59
CA ARG I 647 -2.87 -51.97 3.91
C ARG I 647 -1.55 -52.68 4.10
N ILE I 648 -0.49 -52.14 3.48
CA ILE I 648 0.84 -52.72 3.51
C ILE I 648 1.79 -51.69 4.11
N LYS I 649 2.73 -52.15 4.92
CA LYS I 649 3.70 -51.25 5.50
C LYS I 649 4.54 -50.61 4.41
N ALA I 650 4.89 -49.33 4.61
CA ALA I 650 5.68 -48.62 3.61
C ALA I 650 7.08 -49.19 3.49
N ALA I 651 7.68 -49.56 4.62
CA ALA I 651 9.02 -50.13 4.59
C ALA I 651 9.08 -51.49 3.92
N GLU I 652 7.95 -52.19 3.84
CA GLU I 652 7.90 -53.53 3.28
C GLU I 652 7.48 -53.54 1.81
N THR I 653 7.34 -52.36 1.19
CA THR I 653 6.91 -52.27 -0.20
C THR I 653 7.94 -51.45 -0.98
N PRO I 654 8.52 -51.99 -2.05
CA PRO I 654 9.40 -51.18 -2.90
C PRO I 654 8.60 -50.12 -3.62
N GLN I 655 9.25 -48.99 -3.91
CA GLN I 655 8.62 -47.94 -4.68
C GLN I 655 8.34 -48.47 -6.09
N LEU I 656 7.10 -48.30 -6.55
CA LEU I 656 6.66 -48.92 -7.78
C LEU I 656 7.38 -48.31 -8.99
N GLY I 657 7.65 -49.16 -9.98
CA GLY I 657 8.32 -48.70 -11.18
C GLY I 657 9.73 -48.22 -10.93
N ALA I 658 10.47 -48.89 -10.07
CA ALA I 658 11.81 -48.48 -9.68
C ALA I 658 12.85 -49.42 -10.28
N GLN I 659 13.85 -48.85 -10.95
CA GLN I 659 15.03 -49.61 -11.29
C GLN I 659 15.78 -50.03 -10.03
N TYR I 660 15.84 -49.14 -9.05
CA TYR I 660 16.50 -49.41 -7.78
C TYR I 660 15.89 -48.51 -6.71
N ASP I 661 15.33 -49.13 -5.67
CA ASP I 661 14.75 -48.39 -4.54
C ASP I 661 15.83 -48.20 -3.50
N VAL I 662 16.31 -46.96 -3.33
CA VAL I 662 17.38 -46.70 -2.38
C VAL I 662 16.89 -46.65 -0.94
N ASN I 663 15.60 -46.40 -0.73
CA ASN I 663 15.03 -46.42 0.61
C ASN I 663 14.59 -47.80 1.05
N PHE I 664 14.57 -48.78 0.14
CA PHE I 664 14.09 -50.12 0.43
C PHE I 664 15.18 -50.86 1.21
N LYS I 665 15.08 -50.81 2.53
CA LYS I 665 16.04 -51.45 3.42
C LYS I 665 15.39 -52.59 4.20
N TYR I 666 14.58 -53.37 3.50
CA TYR I 666 13.86 -54.49 4.08
C TYR I 666 13.87 -55.64 3.09
N SER I 667 14.10 -56.86 3.58
CA SER I 667 14.24 -58.01 2.69
C SER I 667 13.37 -59.18 3.14
N GLY I 668 12.29 -58.90 3.86
CA GLY I 668 11.39 -59.96 4.25
C GLY I 668 10.43 -60.30 3.13
N SER I 669 9.14 -60.39 3.43
CA SER I 669 8.12 -60.77 2.46
C SER I 669 7.37 -59.51 2.03
N ILE I 670 7.60 -59.07 0.80
CA ILE I 670 6.85 -57.95 0.25
C ILE I 670 5.44 -58.44 -0.05
N ALA I 671 4.48 -58.02 0.79
CA ALA I 671 3.09 -58.42 0.59
C ALA I 671 2.50 -57.84 -0.69
N TYR I 672 3.16 -56.85 -1.29
CA TYR I 672 2.70 -56.34 -2.59
C TYR I 672 3.03 -57.33 -3.70
N SER I 673 4.27 -57.86 -3.71
CA SER I 673 4.68 -58.74 -4.80
C SER I 673 4.07 -60.13 -4.65
N ASP I 674 4.06 -60.69 -3.46
CA ASP I 674 3.43 -61.98 -3.21
C ASP I 674 2.08 -61.76 -2.54
N GLY I 675 1.45 -62.84 -2.11
CA GLY I 675 0.15 -62.72 -1.47
C GLY I 675 0.23 -62.71 0.05
N GLY I 676 1.41 -62.42 0.59
CA GLY I 676 1.60 -62.47 2.03
C GLY I 676 0.94 -61.34 2.78
N PHE I 677 -0.37 -61.19 2.62
CA PHE I 677 -1.11 -60.14 3.29
C PHE I 677 -1.35 -60.52 4.74
N TYR I 678 -1.14 -59.58 5.65
CA TYR I 678 -1.40 -59.81 7.06
C TYR I 678 -2.07 -58.63 7.76
N LEU I 679 -2.40 -57.56 7.05
CA LEU I 679 -3.07 -56.41 7.62
C LEU I 679 -4.45 -56.21 7.02
N SER I 680 -5.12 -57.30 6.66
CA SER I 680 -6.51 -57.18 6.23
C SER I 680 -7.39 -56.68 7.37
N HIS I 681 -7.02 -56.97 8.61
CA HIS I 681 -7.64 -56.35 9.76
C HIS I 681 -7.11 -54.91 9.86
N THR I 682 -7.40 -54.23 10.97
CA THR I 682 -7.10 -52.81 11.10
C THR I 682 -7.80 -52.00 10.02
N PHE I 683 -8.96 -52.47 9.58
CA PHE I 683 -9.81 -51.79 8.62
C PHE I 683 -11.17 -51.65 9.30
N ARG I 684 -11.47 -50.43 9.76
CA ARG I 684 -12.72 -50.23 10.50
C ARG I 684 -13.93 -50.24 9.57
N ASN I 685 -13.97 -49.30 8.63
CA ASN I 685 -15.07 -49.24 7.69
C ASN I 685 -14.57 -48.66 6.37
N MET I 686 -15.50 -48.40 5.46
CA MET I 686 -15.17 -47.92 4.13
C MET I 686 -16.41 -47.34 3.50
N SER I 687 -16.25 -46.26 2.75
CA SER I 687 -17.34 -45.61 2.06
C SER I 687 -16.96 -45.39 0.61
N ILE I 688 -17.93 -45.55 -0.29
CA ILE I 688 -17.73 -45.33 -1.71
C ILE I 688 -18.81 -44.39 -2.21
N LEU I 689 -18.40 -43.30 -2.86
CA LEU I 689 -19.33 -42.28 -3.34
C LEU I 689 -18.98 -41.99 -4.79
N PHE I 690 -19.71 -42.61 -5.72
CA PHE I 690 -19.36 -42.50 -7.15
C PHE I 690 -19.40 -41.06 -7.63
N ASP I 691 -20.23 -40.23 -7.04
CA ASP I 691 -20.15 -38.79 -7.16
C ASP I 691 -20.01 -38.21 -5.75
N THR I 692 -20.11 -36.90 -5.63
CA THR I 692 -20.03 -36.32 -4.29
C THR I 692 -21.21 -36.70 -3.42
N SER I 693 -22.26 -37.32 -3.98
CA SER I 693 -23.41 -37.73 -3.21
C SER I 693 -23.88 -39.15 -3.49
N ILE I 694 -23.41 -39.79 -4.56
CA ILE I 694 -23.95 -41.09 -4.99
C ILE I 694 -23.23 -42.17 -4.20
N ASN I 695 -23.84 -42.59 -3.09
CA ASN I 695 -23.40 -43.82 -2.45
C ASN I 695 -23.61 -44.98 -3.41
N TRP I 696 -22.61 -45.86 -3.53
CA TRP I 696 -22.73 -46.91 -4.55
C TRP I 696 -23.78 -47.95 -4.20
N PRO I 697 -23.70 -48.68 -3.06
CA PRO I 697 -24.82 -49.57 -2.71
C PRO I 697 -26.09 -48.74 -2.58
N GLY I 698 -26.06 -47.78 -1.66
CA GLY I 698 -26.97 -46.64 -1.65
C GLY I 698 -28.44 -46.90 -1.91
N ASN I 699 -28.89 -48.14 -1.71
CA ASN I 699 -30.29 -48.48 -1.84
C ASN I 699 -30.82 -49.06 -0.54
N ASP I 700 -30.27 -48.61 0.58
CA ASP I 700 -30.52 -49.20 1.89
C ASP I 700 -30.20 -50.68 1.88
N ARG I 701 -29.16 -51.06 1.13
CA ARG I 701 -28.78 -52.46 1.02
C ARG I 701 -28.28 -53.00 2.35
N LEU I 702 -27.16 -52.46 2.82
CA LEU I 702 -26.52 -52.97 4.03
C LEU I 702 -27.23 -52.46 5.27
N LEU I 703 -26.98 -53.14 6.39
CA LEU I 703 -27.50 -52.68 7.67
C LEU I 703 -26.94 -51.32 8.06
N THR I 704 -25.81 -50.94 7.48
CA THR I 704 -25.28 -49.57 7.54
C THR I 704 -25.26 -49.09 6.10
N PRO I 705 -26.37 -48.51 5.62
CA PRO I 705 -26.50 -48.28 4.17
C PRO I 705 -25.47 -47.34 3.59
N ASN I 706 -24.87 -46.46 4.40
CA ASN I 706 -24.00 -45.42 3.89
C ASN I 706 -22.51 -45.76 4.00
N MET I 707 -22.16 -46.97 4.40
CA MET I 707 -20.76 -47.34 4.51
C MET I 707 -20.61 -48.86 4.48
N PHE I 708 -19.39 -49.31 4.20
CA PHE I 708 -19.02 -50.72 4.32
C PHE I 708 -18.31 -50.89 5.66
N GLU I 709 -19.09 -51.04 6.72
CA GLU I 709 -18.52 -51.18 8.06
C GLU I 709 -17.83 -52.53 8.15
N ILE I 710 -16.50 -52.55 7.99
CA ILE I 710 -15.75 -53.80 7.97
C ILE I 710 -15.77 -54.44 9.35
N LYS I 711 -15.64 -53.63 10.40
CA LYS I 711 -15.69 -54.17 11.76
C LYS I 711 -16.09 -53.06 12.71
N ARG I 712 -16.62 -53.45 13.87
CA ARG I 712 -16.96 -52.53 14.93
C ARG I 712 -16.66 -53.17 16.27
N SER I 713 -16.43 -52.33 17.28
CA SER I 713 -16.13 -52.84 18.61
C SER I 713 -17.36 -53.50 19.21
N VAL I 714 -17.21 -54.75 19.66
CA VAL I 714 -18.33 -55.46 20.26
C VAL I 714 -18.71 -54.85 21.61
N ALA I 715 -17.73 -54.31 22.34
CA ALA I 715 -18.03 -53.68 23.61
C ALA I 715 -18.96 -52.48 23.42
N LEU I 716 -18.68 -51.64 22.43
CA LEU I 716 -19.55 -50.51 22.12
C LEU I 716 -20.76 -50.92 21.29
N ASP I 717 -20.81 -52.17 20.84
CA ASP I 717 -21.98 -52.65 20.11
C ASP I 717 -23.19 -52.71 21.03
N THR I 718 -24.33 -52.26 20.49
CA THR I 718 -25.57 -52.25 21.26
C THR I 718 -26.70 -52.92 20.50
N GLU I 719 -26.66 -52.81 19.17
CA GLU I 719 -27.73 -53.33 18.32
C GLU I 719 -27.35 -54.64 17.65
N GLY I 720 -26.11 -55.08 17.76
CA GLY I 720 -25.66 -56.28 17.09
C GLY I 720 -24.73 -55.98 15.94
N PHE I 721 -25.04 -56.52 14.76
CA PHE I 721 -24.27 -56.24 13.54
C PHE I 721 -22.83 -56.71 13.67
N THR I 722 -22.59 -57.77 14.44
CA THR I 722 -21.28 -58.43 14.49
C THR I 722 -21.49 -59.93 14.30
N MET I 723 -20.61 -60.53 13.51
CA MET I 723 -20.83 -61.88 13.01
C MET I 723 -19.62 -62.76 13.28
N SER I 724 -19.86 -64.06 13.41
CA SER I 724 -18.82 -65.09 13.51
C SER I 724 -17.97 -64.91 14.77
N GLN I 725 -18.61 -64.51 15.86
CA GLN I 725 -17.99 -64.48 17.18
C GLN I 725 -16.72 -63.63 17.20
N CYS I 726 -16.75 -62.52 16.47
CA CYS I 726 -15.64 -61.56 16.46
C CYS I 726 -16.21 -60.18 16.22
N ASP I 727 -15.33 -59.23 15.88
CA ASP I 727 -15.75 -57.87 15.65
C ASP I 727 -16.11 -57.57 14.20
N ILE I 728 -15.99 -58.54 13.30
CA ILE I 728 -16.44 -58.33 11.92
C ILE I 728 -17.96 -58.17 11.92
N THR I 729 -18.47 -57.42 10.95
CA THR I 729 -19.88 -57.07 10.94
C THR I 729 -20.69 -58.06 10.11
N LYS I 730 -22.01 -58.01 10.31
CA LYS I 730 -22.90 -58.82 9.48
C LYS I 730 -22.82 -58.42 8.02
N ASP I 731 -22.79 -57.11 7.77
CA ASP I 731 -22.73 -56.63 6.39
C ASP I 731 -21.46 -57.09 5.70
N TRP I 732 -20.32 -56.90 6.36
CA TRP I 732 -19.04 -57.26 5.75
C TRP I 732 -18.91 -58.75 5.54
N TYR I 733 -19.35 -59.54 6.53
CA TYR I 733 -19.34 -60.99 6.37
C TYR I 733 -20.24 -61.42 5.23
N LEU I 734 -21.41 -60.80 5.10
CA LEU I 734 -22.31 -61.08 3.99
C LEU I 734 -21.64 -60.77 2.66
N ILE I 735 -20.98 -59.62 2.57
CA ILE I 735 -20.32 -59.23 1.32
C ILE I 735 -19.21 -60.23 0.97
N GLN I 736 -18.40 -60.60 1.95
CA GLN I 736 -17.29 -61.50 1.68
C GLN I 736 -17.80 -62.87 1.24
N MET I 737 -18.79 -63.41 1.95
CA MET I 737 -19.31 -64.72 1.57
C MET I 737 -20.00 -64.68 0.21
N ALA I 738 -20.73 -63.61 -0.08
CA ALA I 738 -21.38 -63.49 -1.39
C ALA I 738 -20.37 -63.39 -2.52
N THR I 739 -19.29 -62.63 -2.28
CA THR I 739 -18.27 -62.48 -3.31
C THR I 739 -17.55 -63.80 -3.56
N ASN I 740 -17.10 -64.45 -2.49
CA ASN I 740 -16.24 -65.62 -2.64
C ASN I 740 -17.01 -66.88 -3.00
N TYR I 741 -18.25 -67.04 -2.52
CA TYR I 741 -18.91 -68.33 -2.60
C TYR I 741 -20.30 -68.32 -3.20
N ASN I 742 -20.85 -67.15 -3.56
CA ASN I 742 -21.99 -67.00 -4.46
C ASN I 742 -23.30 -67.53 -3.89
N PHE I 743 -23.36 -67.87 -2.60
CA PHE I 743 -24.62 -68.36 -2.03
C PHE I 743 -24.70 -67.85 -0.59
N VAL I 744 -25.41 -66.73 -0.42
CA VAL I 744 -25.63 -66.17 0.91
C VAL I 744 -27.11 -66.01 1.20
N TYR I 745 -27.92 -65.84 0.16
CA TYR I 745 -29.35 -65.75 0.35
C TYR I 745 -30.00 -67.11 0.50
N ASN I 746 -29.24 -68.18 0.30
CA ASN I 746 -29.69 -69.54 0.57
C ASN I 746 -29.10 -70.11 1.85
N GLY I 747 -28.32 -69.32 2.59
CA GLY I 747 -27.78 -69.76 3.85
C GLY I 747 -26.26 -69.68 3.95
N TYR I 748 -25.77 -69.21 5.09
CA TYR I 748 -24.33 -69.23 5.34
C TYR I 748 -23.88 -70.66 5.59
N ARG I 749 -22.80 -71.06 4.94
CA ARG I 749 -22.25 -72.39 5.15
C ARG I 749 -20.78 -72.38 4.75
N PHE I 750 -20.07 -73.41 5.21
CA PHE I 750 -18.68 -73.58 4.86
C PHE I 750 -18.55 -74.11 3.43
N TRP I 751 -17.50 -73.66 2.74
CA TRP I 751 -17.25 -74.05 1.35
C TRP I 751 -15.90 -74.75 1.28
N PRO I 752 -15.89 -76.08 1.34
CA PRO I 752 -14.62 -76.81 1.35
C PRO I 752 -13.97 -76.95 -0.02
N ASP I 753 -14.66 -76.57 -1.08
CA ASP I 753 -14.12 -76.69 -2.43
C ASP I 753 -13.09 -75.62 -2.76
N ARG I 754 -12.93 -74.61 -1.89
CA ARG I 754 -12.04 -73.49 -2.18
C ARG I 754 -10.94 -73.31 -1.14
N GLN I 755 -10.77 -74.25 -0.22
CA GLN I 755 -9.70 -74.14 0.76
C GLN I 755 -8.32 -74.37 0.17
N TYR I 756 -8.24 -74.81 -1.08
CA TYR I 756 -6.95 -74.88 -1.76
C TYR I 756 -6.46 -73.52 -2.22
N PHE I 757 -7.33 -72.51 -2.25
CA PHE I 757 -7.01 -71.25 -2.92
C PHE I 757 -5.98 -70.43 -2.18
N HIS I 758 -5.85 -70.59 -0.86
CA HIS I 758 -4.84 -69.90 -0.05
C HIS I 758 -5.12 -68.40 0.06
N TYR I 759 -6.14 -67.91 -0.65
CA TYR I 759 -6.45 -66.49 -0.57
C TYR I 759 -7.96 -66.24 -0.46
N ASP I 760 -8.74 -67.26 -0.14
CA ASP I 760 -10.18 -67.08 0.02
C ASP I 760 -10.49 -66.63 1.45
N PHE I 761 -11.77 -66.62 1.80
CA PHE I 761 -12.19 -66.03 3.07
C PHE I 761 -12.16 -67.03 4.22
N LEU I 762 -12.95 -68.10 4.11
CA LEU I 762 -13.09 -69.03 5.23
C LEU I 762 -11.81 -69.78 5.55
N ARG I 763 -10.91 -69.96 4.59
CA ARG I 763 -9.69 -70.72 4.84
C ARG I 763 -8.84 -70.06 5.90
N ASN I 764 -8.71 -68.73 5.83
CA ASN I 764 -7.74 -68.01 6.63
C ASN I 764 -8.33 -66.84 7.40
N PHE I 765 -9.65 -66.66 7.39
CA PHE I 765 -10.31 -65.75 8.31
C PHE I 765 -10.42 -66.43 9.67
N ASP I 766 -9.77 -65.87 10.68
CA ASP I 766 -9.68 -66.49 12.01
C ASP I 766 -10.23 -65.56 13.07
N PRO I 767 -11.46 -65.77 13.53
CA PRO I 767 -11.95 -65.04 14.70
C PRO I 767 -11.35 -65.60 15.98
N MET I 768 -11.26 -64.73 16.99
CA MET I 768 -10.67 -65.11 18.27
C MET I 768 -11.23 -64.22 19.36
N THR I 769 -11.08 -64.68 20.61
CA THR I 769 -11.65 -63.96 21.74
C THR I 769 -10.87 -64.26 23.00
N ARG I 770 -10.52 -63.21 23.74
CA ARG I 770 -10.02 -63.30 25.11
C ARG I 770 -10.89 -62.42 25.99
N GLN I 771 -10.69 -62.54 27.30
CA GLN I 771 -11.47 -61.77 28.26
C GLN I 771 -10.63 -60.75 29.01
N GLY I 772 -9.59 -61.19 29.72
CA GLY I 772 -8.69 -60.27 30.38
C GLY I 772 -9.32 -59.56 31.56
N PRO I 773 -8.49 -59.15 32.52
CA PRO I 773 -9.01 -58.39 33.66
C PRO I 773 -9.39 -56.97 33.26
N ASN I 774 -10.30 -56.39 34.02
CA ASN I 774 -10.72 -55.00 33.81
C ASN I 774 -9.88 -54.11 34.70
N PHE I 775 -8.86 -53.48 34.12
CA PHE I 775 -7.99 -52.59 34.87
C PHE I 775 -8.72 -51.26 35.05
N ALA I 776 -8.01 -50.25 35.55
CA ALA I 776 -8.61 -48.97 35.92
C ALA I 776 -9.71 -49.17 36.97
N LEU I 777 -9.47 -50.10 37.88
CA LEU I 777 -10.36 -50.41 38.99
C LEU I 777 -9.54 -50.31 40.28
N PRO I 778 -10.17 -50.31 41.46
CA PRO I 778 -9.37 -50.23 42.69
C PRO I 778 -8.29 -51.29 42.81
N GLY I 779 -8.57 -52.51 42.40
CA GLY I 779 -7.58 -53.56 42.28
C GLY I 779 -7.05 -53.66 40.85
N LEU I 780 -6.60 -54.86 40.49
CA LEU I 780 -6.24 -55.18 39.11
C LEU I 780 -5.15 -54.22 38.59
N PHE I 781 -3.98 -54.35 39.21
CA PHE I 781 -2.96 -53.31 39.18
C PHE I 781 -2.13 -53.26 37.90
N ASP I 782 -2.31 -54.19 36.96
CA ASP I 782 -1.63 -54.14 35.67
C ASP I 782 -0.11 -54.14 35.85
N LEU I 783 0.39 -55.26 36.36
CA LEU I 783 1.80 -55.37 36.70
C LEU I 783 2.71 -55.47 35.47
N VAL I 784 2.16 -55.63 34.27
CA VAL I 784 2.95 -55.78 33.06
C VAL I 784 3.11 -54.41 32.41
N SER I 785 4.35 -53.96 32.27
CA SER I 785 4.68 -52.70 31.62
C SER I 785 5.22 -52.99 30.23
N TYR I 786 4.71 -52.27 29.22
CA TYR I 786 5.08 -52.51 27.84
C TYR I 786 6.11 -51.52 27.30
N THR I 787 6.33 -50.41 28.00
CA THR I 787 7.27 -49.39 27.53
C THR I 787 8.64 -49.63 28.14
N PRO I 788 9.66 -49.95 27.34
CA PRO I 788 10.99 -50.15 27.90
C PRO I 788 11.63 -48.82 28.32
N THR I 789 12.73 -48.93 29.07
CA THR I 789 13.43 -47.77 29.57
C THR I 789 14.31 -47.10 28.54
N THR I 790 14.43 -47.69 27.34
CA THR I 790 15.22 -47.20 26.21
C THR I 790 16.57 -46.61 26.63
N ASP I 791 17.20 -47.22 27.62
CA ASP I 791 18.52 -46.80 28.07
C ASP I 791 19.58 -47.80 27.60
N ASN I 792 20.84 -47.42 27.78
CA ASN I 792 21.93 -48.27 27.31
C ASN I 792 21.95 -49.61 28.05
N SER I 793 21.76 -49.59 29.36
CA SER I 793 21.87 -50.80 30.16
C SER I 793 20.78 -51.80 29.80
N GLY I 794 21.12 -53.08 29.93
CA GLY I 794 20.19 -54.16 29.67
C GLY I 794 19.33 -54.48 30.88
N GLU I 795 18.93 -53.43 31.59
CA GLU I 795 18.14 -53.55 32.80
C GLU I 795 16.78 -52.90 32.56
N GLN I 796 15.72 -53.59 32.96
CA GLN I 796 14.34 -53.11 32.82
C GLN I 796 13.64 -53.27 34.17
N PRO I 797 13.92 -52.38 35.13
CA PRO I 797 13.33 -52.54 36.46
C PRO I 797 11.81 -52.47 36.46
N SER I 798 11.20 -51.86 35.45
CA SER I 798 9.75 -51.83 35.36
C SER I 798 9.15 -53.20 35.07
N GLN I 799 9.96 -54.16 34.64
CA GLN I 799 9.48 -55.51 34.37
C GLN I 799 9.47 -56.41 35.59
N GLU I 800 10.11 -55.99 36.69
CA GLU I 800 10.29 -56.82 37.87
C GLU I 800 9.05 -56.87 38.75
N ALA I 801 7.89 -56.50 38.25
CA ALA I 801 6.68 -56.41 39.05
C ALA I 801 5.74 -57.59 38.85
N VAL I 802 6.20 -58.66 38.20
CA VAL I 802 5.32 -59.79 37.88
C VAL I 802 5.57 -61.02 38.73
N ARG I 803 6.72 -61.13 39.39
CA ARG I 803 6.98 -62.13 40.42
C ARG I 803 6.41 -63.51 40.14
N ASN I 804 6.54 -63.99 38.90
CA ASN I 804 6.05 -65.32 38.53
C ASN I 804 7.23 -66.16 38.06
N ASN I 805 7.22 -67.44 38.43
CA ASN I 805 8.36 -68.32 38.24
C ASN I 805 9.61 -67.70 38.83
N SER I 806 9.48 -67.20 40.05
CA SER I 806 10.45 -66.25 40.61
C SER I 806 11.85 -66.83 40.60
N GLY I 807 12.07 -67.92 41.33
CA GLY I 807 13.40 -68.47 41.45
C GLY I 807 13.81 -69.44 40.37
N PHE I 808 12.99 -69.61 39.32
CA PHE I 808 13.21 -70.66 38.33
C PHE I 808 13.51 -70.12 36.94
N ILE I 809 13.55 -68.81 36.75
CA ILE I 809 13.87 -68.20 35.47
C ILE I 809 14.81 -67.02 35.71
N ALA I 810 15.22 -66.37 34.64
CA ALA I 810 16.01 -65.16 34.75
C ALA I 810 15.15 -64.03 35.33
N PRO I 811 15.78 -63.03 35.94
CA PRO I 811 14.99 -61.89 36.43
C PRO I 811 14.33 -61.17 35.28
N ARG I 812 13.17 -60.57 35.57
CA ARG I 812 12.39 -59.92 34.52
C ARG I 812 13.09 -58.69 33.97
N SER I 813 13.82 -57.96 34.80
CA SER I 813 14.62 -56.85 34.30
C SER I 813 15.76 -57.35 33.41
N TRP I 814 16.33 -58.50 33.73
CA TRP I 814 17.44 -59.04 32.98
C TRP I 814 16.95 -59.55 31.62
N PRO I 815 17.86 -59.73 30.67
CA PRO I 815 17.47 -60.34 29.39
C PRO I 815 16.87 -61.73 29.60
N VAL I 816 15.96 -62.08 28.69
CA VAL I 816 15.19 -63.31 28.85
C VAL I 816 16.10 -64.53 28.90
N TRP I 817 17.13 -64.53 28.06
CA TRP I 817 17.99 -65.70 27.87
C TRP I 817 19.24 -65.67 28.75
N SER I 818 19.15 -65.07 29.93
CA SER I 818 20.21 -65.16 30.92
C SER I 818 19.89 -66.27 31.92
N ALA I 819 20.89 -66.61 32.74
CA ALA I 819 20.75 -67.67 33.71
C ALA I 819 19.76 -67.29 34.79
N HIS I 820 19.09 -68.30 35.35
CA HIS I 820 18.08 -68.03 36.36
C HIS I 820 18.75 -67.56 37.64
N GLN I 821 18.00 -66.81 38.44
CA GLN I 821 18.43 -66.48 39.78
C GLN I 821 17.21 -66.01 40.55
N GLY I 822 17.31 -66.08 41.87
CA GLY I 822 16.20 -65.67 42.72
C GLY I 822 15.81 -66.71 43.75
N GLU I 823 14.53 -66.75 44.08
CA GLU I 823 14.01 -67.67 45.08
C GLU I 823 12.55 -67.92 44.79
N SER I 824 12.04 -69.05 45.29
CA SER I 824 10.64 -69.39 45.05
C SER I 824 9.72 -68.39 45.74
N TRP I 825 8.64 -68.04 45.05
CA TRP I 825 7.74 -67.01 45.55
C TRP I 825 6.39 -67.16 44.89
N PRO I 826 5.29 -66.89 45.61
CA PRO I 826 3.97 -66.98 44.97
C PRO I 826 3.85 -65.99 43.82
N ALA I 827 3.18 -66.43 42.76
CA ALA I 827 2.92 -65.55 41.62
C ALA I 827 1.92 -64.47 42.00
N ASN I 828 2.07 -63.29 41.41
CA ASN I 828 1.13 -62.21 41.66
C ASN I 828 0.48 -61.64 40.40
N TRP I 829 1.19 -61.65 39.26
CA TRP I 829 0.65 -60.97 38.08
C TRP I 829 -0.60 -61.64 37.53
N PRO I 830 -0.58 -62.91 37.10
CA PRO I 830 -1.70 -63.41 36.30
C PRO I 830 -2.96 -63.51 37.11
N TYR I 831 -3.87 -62.58 36.90
CA TYR I 831 -5.13 -62.59 37.63
C TYR I 831 -5.96 -63.79 37.19
N PRO I 832 -6.50 -64.57 38.11
CA PRO I 832 -7.26 -65.75 37.70
C PRO I 832 -8.58 -65.38 37.05
N LEU I 833 -8.65 -65.52 35.72
CA LEU I 833 -9.89 -65.27 35.02
C LEU I 833 -10.89 -66.40 35.21
N CYS I 834 -10.43 -67.58 35.59
CA CYS I 834 -11.30 -68.73 35.81
C CYS I 834 -10.96 -69.38 37.15
N GLY I 835 -11.58 -70.52 37.43
CA GLY I 835 -11.33 -71.22 38.67
C GLY I 835 -12.19 -70.72 39.81
N GLN I 836 -12.00 -71.35 40.97
CA GLN I 836 -12.80 -71.01 42.15
C GLN I 836 -12.41 -69.65 42.72
N GLN I 837 -11.13 -69.29 42.64
CA GLN I 837 -10.63 -68.03 43.15
C GLN I 837 -10.55 -66.96 42.07
N ALA I 838 -11.43 -67.03 41.07
CA ALA I 838 -11.38 -66.10 39.95
C ALA I 838 -11.80 -64.70 40.40
N ILE I 839 -11.42 -63.72 39.58
CA ILE I 839 -11.82 -62.35 39.86
C ILE I 839 -13.29 -62.17 39.50
N GLN I 840 -13.87 -61.09 40.00
CA GLN I 840 -15.31 -60.90 39.91
C GLN I 840 -15.75 -60.70 38.47
N PRO I 841 -16.98 -61.08 38.14
CA PRO I 841 -17.46 -60.90 36.75
C PRO I 841 -17.45 -59.46 36.29
N GLY I 842 -17.70 -58.51 37.19
CA GLY I 842 -17.63 -57.12 36.81
C GLY I 842 -16.22 -56.59 36.63
N GLN I 843 -15.21 -57.40 36.98
CA GLN I 843 -13.81 -57.05 36.81
C GLN I 843 -13.19 -57.68 35.57
N VAL I 844 -14.02 -58.19 34.65
CA VAL I 844 -13.56 -58.88 33.45
C VAL I 844 -14.12 -58.19 32.23
N LEU I 845 -13.28 -57.99 31.22
CA LEU I 845 -13.66 -57.34 29.97
C LEU I 845 -13.78 -58.40 28.87
N SER I 846 -14.03 -57.93 27.64
CA SER I 846 -14.11 -58.79 26.47
C SER I 846 -13.37 -58.14 25.32
N TYR I 847 -12.68 -58.95 24.52
CA TYR I 847 -11.75 -58.46 23.52
C TYR I 847 -11.93 -59.19 22.19
N LYS I 848 -13.16 -59.27 21.69
CA LYS I 848 -13.41 -59.90 20.40
C LYS I 848 -12.51 -59.29 19.31
N LYS I 849 -11.92 -60.17 18.50
CA LYS I 849 -11.01 -59.74 17.43
C LYS I 849 -10.94 -60.86 16.41
N PHE I 850 -10.63 -60.50 15.17
CA PHE I 850 -10.40 -61.46 14.10
C PHE I 850 -9.12 -61.12 13.35
N LEU I 851 -8.48 -62.15 12.81
CA LEU I 851 -7.34 -62.00 11.91
C LEU I 851 -7.69 -62.62 10.57
N CYS I 852 -7.20 -62.01 9.49
CA CYS I 852 -7.47 -62.49 8.14
C CYS I 852 -6.20 -62.29 7.33
N ASP I 853 -5.37 -63.32 7.27
CA ASP I 853 -4.13 -63.26 6.51
C ASP I 853 -4.39 -63.65 5.06
N ASN I 854 -3.59 -63.09 4.15
CA ASN I 854 -3.59 -63.52 2.76
C ASN I 854 -4.96 -63.41 2.11
N TYR I 855 -5.75 -62.38 2.47
CA TYR I 855 -7.11 -62.33 1.96
C TYR I 855 -7.35 -61.21 0.96
N LEU I 856 -6.94 -59.98 1.27
CA LEU I 856 -7.11 -58.84 0.37
C LEU I 856 -8.60 -58.59 0.08
N TRP I 857 -9.26 -58.03 1.10
CA TRP I 857 -10.70 -57.77 1.11
C TRP I 857 -11.25 -57.44 -0.26
N THR I 858 -12.31 -58.12 -0.68
CA THR I 858 -12.89 -57.93 -2.01
C THR I 858 -14.31 -57.40 -1.89
N ILE I 859 -14.65 -56.47 -2.79
CA ILE I 859 -16.01 -55.98 -2.95
C ILE I 859 -16.34 -56.01 -4.44
N PRO I 860 -17.28 -56.84 -4.88
CA PRO I 860 -17.59 -56.91 -6.31
C PRO I 860 -18.53 -55.79 -6.74
N PHE I 861 -18.25 -55.22 -7.91
CA PHE I 861 -19.08 -54.18 -8.46
C PHE I 861 -20.32 -54.78 -9.11
N SER I 862 -21.05 -55.59 -8.35
CA SER I 862 -22.24 -56.28 -8.83
C SER I 862 -23.45 -55.79 -8.06
N SER I 863 -24.63 -56.08 -8.61
CA SER I 863 -25.87 -55.60 -8.01
C SER I 863 -26.14 -56.28 -6.67
N ASP I 864 -26.01 -57.60 -6.62
CA ASP I 864 -26.30 -58.37 -5.42
C ASP I 864 -25.04 -58.89 -4.74
N PHE I 865 -23.88 -58.34 -5.08
CA PHE I 865 -22.60 -58.67 -4.47
C PHE I 865 -22.21 -60.13 -4.68
N MET I 866 -22.80 -60.79 -5.67
CA MET I 866 -22.45 -62.16 -5.99
C MET I 866 -21.80 -62.22 -7.37
N TYR I 867 -21.10 -63.31 -7.62
CA TYR I 867 -20.39 -63.50 -8.88
C TYR I 867 -21.36 -64.03 -9.93
N MET I 868 -21.54 -63.27 -11.01
CA MET I 868 -22.40 -63.66 -12.11
C MET I 868 -21.71 -63.44 -13.44
N GLY I 869 -20.38 -63.49 -13.44
CA GLY I 869 -19.58 -63.24 -14.63
C GLY I 869 -18.51 -62.23 -14.29
N GLU I 870 -17.37 -62.34 -15.00
CA GLU I 870 -16.29 -61.39 -14.77
C GLU I 870 -16.72 -59.97 -15.15
N LEU I 871 -17.49 -59.84 -16.22
CA LEU I 871 -18.13 -58.57 -16.56
C LEU I 871 -19.37 -58.45 -15.69
N THR I 872 -19.26 -57.69 -14.61
CA THR I 872 -20.27 -57.71 -13.56
C THR I 872 -21.58 -57.10 -14.05
N ASP I 873 -22.60 -57.18 -13.17
CA ASP I 873 -23.91 -56.66 -13.49
C ASP I 873 -23.85 -55.15 -13.73
N LEU I 874 -23.14 -54.43 -12.87
CA LEU I 874 -23.01 -52.98 -13.02
C LEU I 874 -21.83 -52.57 -13.89
N GLY I 875 -20.97 -53.51 -14.26
CA GLY I 875 -19.86 -53.17 -15.15
C GLY I 875 -20.32 -52.84 -16.56
N GLN I 876 -21.46 -53.39 -16.98
CA GLN I 876 -22.01 -53.13 -18.30
C GLN I 876 -23.24 -52.24 -18.24
N ASN I 877 -23.55 -51.67 -17.08
CA ASN I 877 -24.67 -50.77 -16.90
C ASN I 877 -24.42 -49.50 -17.71
N PRO I 878 -25.30 -49.11 -18.64
CA PRO I 878 -25.04 -47.88 -19.40
C PRO I 878 -25.38 -46.63 -18.61
N MET I 879 -24.95 -46.61 -17.35
CA MET I 879 -24.86 -45.42 -16.52
C MET I 879 -23.42 -45.07 -16.21
N TYR I 880 -22.66 -46.04 -15.70
CA TYR I 880 -21.25 -45.83 -15.46
C TYR I 880 -20.46 -45.82 -16.75
N THR I 881 -20.76 -46.76 -17.66
CA THR I 881 -19.96 -46.92 -18.88
C THR I 881 -20.03 -45.69 -19.76
N ASN I 882 -21.20 -45.08 -19.89
CA ASN I 882 -21.37 -43.95 -20.79
C ASN I 882 -21.07 -42.61 -20.11
N ASN I 883 -21.44 -42.46 -18.84
CA ASN I 883 -21.31 -41.20 -18.12
C ASN I 883 -20.08 -41.24 -17.22
N SER I 884 -19.28 -40.18 -17.26
CA SER I 884 -18.09 -40.11 -16.43
C SER I 884 -18.48 -39.83 -14.98
N HIS I 885 -17.92 -40.63 -14.07
CA HIS I 885 -18.17 -40.49 -12.64
C HIS I 885 -16.86 -40.47 -11.89
N SER I 886 -16.87 -39.86 -10.70
CA SER I 886 -15.67 -39.59 -9.91
C SER I 886 -15.88 -40.12 -8.50
N MET I 887 -15.53 -41.38 -8.28
CA MET I 887 -15.81 -41.99 -6.99
C MET I 887 -14.79 -41.57 -5.94
N VAL I 888 -15.28 -41.42 -4.72
CA VAL I 888 -14.45 -41.08 -3.56
C VAL I 888 -14.54 -42.23 -2.57
N ILE I 889 -13.39 -42.75 -2.15
CA ILE I 889 -13.33 -43.89 -1.25
C ILE I 889 -12.78 -43.41 0.08
N ASN I 890 -13.59 -43.50 1.13
CA ASN I 890 -13.24 -43.03 2.46
C ASN I 890 -12.98 -44.23 3.35
N PHE I 891 -11.78 -44.28 3.92
CA PHE I 891 -11.37 -45.36 4.81
C PHE I 891 -11.18 -44.85 6.22
N GLU I 892 -11.54 -45.67 7.20
CA GLU I 892 -11.16 -45.46 8.59
C GLU I 892 -10.41 -46.70 9.05
N LEU I 893 -9.24 -46.49 9.64
CA LEU I 893 -8.29 -47.56 9.91
C LEU I 893 -7.98 -47.62 11.40
N ASP I 894 -7.38 -48.73 11.81
CA ASP I 894 -6.80 -48.78 13.14
C ASP I 894 -5.44 -48.09 13.12
N PRO I 895 -5.20 -47.12 14.00
CA PRO I 895 -3.92 -46.40 13.97
C PRO I 895 -2.74 -47.30 14.29
N MET I 896 -1.86 -47.51 13.31
CA MET I 896 -0.67 -48.33 13.50
C MET I 896 0.46 -47.44 14.01
N ASP I 897 1.66 -48.03 14.12
CA ASP I 897 2.81 -47.32 14.67
C ASP I 897 3.85 -46.97 13.63
N ASP I 898 3.54 -47.12 12.35
CA ASP I 898 4.51 -46.85 11.29
C ASP I 898 3.76 -46.50 10.02
N PRO I 899 4.39 -45.76 9.10
CA PRO I 899 3.72 -45.42 7.84
C PRO I 899 3.41 -46.67 7.03
N THR I 900 2.17 -46.77 6.58
CA THR I 900 1.71 -47.90 5.79
C THR I 900 1.01 -47.40 4.53
N TYR I 901 1.11 -48.16 3.47
CA TYR I 901 0.34 -47.94 2.27
C TYR I 901 -0.98 -48.71 2.35
N VAL I 902 -1.98 -48.24 1.62
CA VAL I 902 -3.24 -48.96 1.47
C VAL I 902 -3.26 -49.49 0.04
N TYR I 903 -3.07 -50.79 -0.10
CA TYR I 903 -2.93 -51.42 -1.41
C TYR I 903 -4.31 -51.60 -2.02
N MET I 904 -4.77 -50.58 -2.73
CA MET I 904 -6.08 -50.61 -3.36
C MET I 904 -5.98 -51.23 -4.75
N LEU I 905 -6.83 -52.21 -5.01
CA LEU I 905 -6.90 -52.89 -6.30
C LEU I 905 -8.31 -52.69 -6.85
N TYR I 906 -8.39 -52.15 -8.07
CA TYR I 906 -9.67 -52.01 -8.72
C TYR I 906 -9.94 -53.27 -9.55
N GLY I 907 -11.14 -53.36 -10.12
CA GLY I 907 -11.44 -54.48 -10.97
C GLY I 907 -11.33 -54.08 -12.43
N VAL I 908 -10.26 -54.49 -13.09
CA VAL I 908 -9.99 -54.05 -14.45
C VAL I 908 -9.83 -55.27 -15.35
N PHE I 909 -10.18 -55.10 -16.62
CA PHE I 909 -9.98 -56.12 -17.64
C PHE I 909 -8.72 -55.79 -18.44
N ASP I 910 -7.58 -55.88 -17.77
CA ASP I 910 -6.32 -55.56 -18.43
C ASP I 910 -5.91 -56.65 -19.41
N THR I 911 -6.66 -56.72 -20.50
CA THR I 911 -6.51 -57.76 -21.52
C THR I 911 -5.57 -57.31 -22.63
N VAL I 912 -5.24 -58.27 -23.49
CA VAL I 912 -4.49 -58.02 -24.71
C VAL I 912 -4.76 -59.17 -25.66
N ARG I 913 -4.81 -58.87 -26.96
CA ARG I 913 -4.87 -59.91 -27.97
C ARG I 913 -3.72 -59.75 -28.94
N VAL I 914 -3.17 -60.87 -29.38
CA VAL I 914 -1.94 -60.92 -30.16
C VAL I 914 -2.31 -61.05 -31.62
N ASN I 915 -1.80 -60.15 -32.46
CA ASN I 915 -2.01 -60.20 -33.89
C ASN I 915 -0.72 -60.63 -34.56
N GLN I 916 -0.76 -61.77 -35.26
CA GLN I 916 0.40 -62.34 -35.94
C GLN I 916 0.01 -62.66 -37.38
N PRO I 917 -0.13 -61.65 -38.23
CA PRO I 917 -0.67 -61.89 -39.58
C PRO I 917 0.31 -62.59 -40.50
N GLU I 918 1.59 -62.24 -40.46
CA GLU I 918 2.60 -62.82 -41.33
C GLU I 918 3.76 -63.32 -40.49
N ARG I 919 4.80 -63.81 -41.17
CA ARG I 919 6.00 -64.24 -40.47
C ARG I 919 6.71 -63.02 -39.89
N ASN I 920 7.35 -63.24 -38.73
CA ASN I 920 8.07 -62.22 -37.96
C ASN I 920 7.36 -60.86 -37.98
N VAL I 921 6.05 -60.91 -37.75
CA VAL I 921 5.22 -59.72 -37.54
C VAL I 921 4.44 -59.98 -36.26
N LEU I 922 4.91 -59.42 -35.15
CA LEU I 922 4.28 -59.60 -33.85
C LEU I 922 3.71 -58.27 -33.40
N ALA I 923 2.41 -58.25 -33.11
CA ALA I 923 1.74 -57.02 -32.71
C ALA I 923 0.64 -57.35 -31.71
N MET I 924 0.65 -56.65 -30.58
CA MET I 924 -0.38 -56.81 -29.57
C MET I 924 -1.03 -55.46 -29.27
N ALA I 925 -2.35 -55.48 -29.07
CA ALA I 925 -3.11 -54.31 -28.66
C ALA I 925 -3.68 -54.57 -27.28
N TYR I 926 -3.32 -53.72 -26.32
CA TYR I 926 -3.75 -53.87 -24.94
C TYR I 926 -5.04 -53.09 -24.70
N PHE I 927 -5.70 -53.42 -23.59
CA PHE I 927 -6.89 -52.70 -23.18
C PHE I 927 -7.15 -52.98 -21.71
N ARG I 928 -7.51 -51.94 -20.96
CA ARG I 928 -7.85 -52.06 -19.55
C ARG I 928 -9.13 -51.28 -19.32
N THR I 929 -10.24 -52.00 -19.14
CA THR I 929 -11.57 -51.41 -19.34
C THR I 929 -11.94 -50.25 -18.41
N PRO I 930 -11.62 -50.27 -17.12
CA PRO I 930 -11.88 -49.05 -16.33
C PRO I 930 -10.78 -48.00 -16.48
N PHE I 931 -9.52 -48.43 -16.52
CA PHE I 931 -8.40 -47.51 -16.46
C PHE I 931 -7.45 -47.64 -17.64
N ALA I 932 -7.97 -47.65 -18.87
CA ALA I 932 -7.13 -47.83 -20.05
C ALA I 932 -6.05 -46.76 -20.10
N THR I 933 -4.82 -47.20 -20.38
CA THR I 933 -3.65 -46.33 -20.39
C THR I 933 -3.30 -45.85 -21.79
N GLY I 934 -4.10 -46.16 -22.80
CA GLY I 934 -3.80 -45.71 -24.14
C GLY I 934 -4.10 -44.23 -24.32
N ASN I 935 -3.28 -43.57 -25.12
CA ASN I 935 -3.43 -42.15 -25.39
C ASN I 935 -3.37 -41.90 -26.89
N ALA I 936 -3.86 -40.74 -27.30
CA ALA I 936 -3.94 -40.42 -28.71
C ALA I 936 -2.56 -40.07 -29.28
N VAL I 937 -2.23 -40.68 -30.41
CA VAL I 937 -0.97 -40.52 -31.15
C VAL I 937 0.24 -40.19 -30.28
N ALA J 11 -12.39 -27.59 -38.15
CA ALA J 11 -12.01 -26.54 -37.22
C ALA J 11 -13.24 -26.02 -36.46
N THR J 12 -13.08 -25.85 -35.15
CA THR J 12 -14.16 -25.27 -34.36
C THR J 12 -14.32 -23.80 -34.69
N PRO J 13 -15.53 -23.33 -34.99
CA PRO J 13 -15.72 -21.89 -35.24
C PRO J 13 -15.27 -21.01 -34.11
N ARG J 14 -15.28 -21.51 -32.87
CA ARG J 14 -14.77 -20.73 -31.75
C ARG J 14 -13.27 -20.49 -31.85
N LEU J 15 -12.55 -21.34 -32.60
CA LEU J 15 -11.13 -21.11 -32.85
C LEU J 15 -10.87 -20.34 -34.14
N GLN J 16 -11.80 -20.39 -35.09
CA GLN J 16 -11.68 -19.55 -36.28
C GLN J 16 -12.02 -18.10 -35.96
N TYR J 17 -12.89 -17.88 -34.98
CA TYR J 17 -13.24 -16.51 -34.59
C TYR J 17 -12.03 -15.76 -34.07
N PHE J 18 -11.20 -16.41 -33.26
CA PHE J 18 -10.01 -15.81 -32.69
C PHE J 18 -8.75 -16.12 -33.48
N HIS J 19 -8.90 -16.76 -34.65
CA HIS J 19 -7.77 -17.05 -35.55
C HIS J 19 -6.74 -17.94 -34.89
N ILE J 20 -7.20 -18.73 -33.91
CA ILE J 20 -6.35 -19.74 -33.30
C ILE J 20 -6.11 -20.89 -34.28
N ALA J 21 -7.13 -21.25 -35.05
CA ALA J 21 -7.00 -22.26 -36.10
C ALA J 21 -7.73 -21.84 -37.36
N GLY J 22 -7.82 -20.53 -37.62
CA GLY J 22 -8.61 -20.03 -38.73
C GLY J 22 -7.87 -20.02 -40.04
N PRO J 23 -8.35 -19.21 -40.99
CA PRO J 23 -7.75 -19.17 -42.32
C PRO J 23 -6.31 -18.67 -42.31
N GLY J 24 -6.08 -17.50 -41.75
CA GLY J 24 -4.76 -16.88 -41.77
C GLY J 24 -4.87 -15.45 -42.25
N THR J 25 -3.87 -14.64 -41.87
CA THR J 25 -3.94 -13.20 -42.12
C THR J 25 -4.08 -12.89 -43.60
N ARG J 26 -3.34 -13.60 -44.45
CA ARG J 26 -3.37 -13.32 -45.88
C ARG J 26 -4.74 -13.58 -46.49
N GLU J 27 -5.61 -14.34 -45.81
CA GLU J 27 -6.88 -14.73 -46.41
C GLU J 27 -8.09 -14.47 -45.51
N TYR J 28 -7.96 -13.63 -44.48
CA TYR J 28 -9.15 -13.23 -43.73
C TYR J 28 -9.24 -11.72 -43.65
N LEU J 29 -8.11 -11.03 -43.66
CA LEU J 29 -8.13 -9.58 -43.74
C LEU J 29 -8.63 -9.16 -45.11
N SER J 30 -9.45 -8.10 -45.13
CA SER J 30 -9.97 -7.60 -46.39
C SER J 30 -8.82 -7.15 -47.29
N GLU J 31 -8.98 -7.37 -48.59
CA GLU J 31 -7.87 -7.17 -49.51
C GLU J 31 -7.41 -5.71 -49.53
N ASP J 32 -8.35 -4.76 -49.43
CA ASP J 32 -7.97 -3.36 -49.38
C ASP J 32 -7.15 -3.06 -48.13
N LEU J 33 -7.51 -3.68 -47.00
CA LEU J 33 -6.70 -3.51 -45.79
C LEU J 33 -5.32 -4.12 -45.96
N GLN J 34 -5.21 -5.24 -46.67
CA GLN J 34 -3.91 -5.82 -46.93
C GLN J 34 -3.05 -4.90 -47.80
N GLN J 35 -3.67 -4.27 -48.80
CA GLN J 35 -2.93 -3.30 -49.61
C GLN J 35 -2.51 -2.11 -48.78
N PHE J 36 -3.37 -1.66 -47.87
CA PHE J 36 -3.01 -0.56 -46.98
C PHE J 36 -1.82 -0.93 -46.09
N ILE J 37 -1.84 -2.14 -45.53
CA ILE J 37 -0.75 -2.59 -44.67
C ILE J 37 0.54 -2.70 -45.46
N SER J 38 0.47 -3.27 -46.66
CA SER J 38 1.68 -3.41 -47.48
C SER J 38 2.24 -2.05 -47.88
N ALA J 39 1.37 -1.10 -48.23
CA ALA J 39 1.83 0.23 -48.62
C ALA J 39 2.46 0.96 -47.45
N THR J 40 1.72 1.08 -46.34
CA THR J 40 2.24 1.72 -45.14
C THR J 40 2.87 0.71 -44.20
N GLY J 41 3.76 -0.11 -44.73
CA GLY J 41 4.37 -1.16 -43.93
C GLY J 41 5.75 -0.81 -43.45
N SER J 42 6.28 0.30 -43.94
CA SER J 42 7.64 0.70 -43.61
C SER J 42 7.71 1.82 -42.58
N TYR J 43 6.58 2.41 -42.21
CA TYR J 43 6.61 3.45 -41.19
C TYR J 43 5.51 3.29 -40.16
N PHE J 44 4.40 2.66 -40.53
CA PHE J 44 3.25 2.55 -39.63
C PHE J 44 2.74 1.11 -39.72
N ASP J 45 3.29 0.23 -38.90
CA ASP J 45 3.02 -1.19 -39.04
C ASP J 45 1.66 -1.55 -38.44
N LEU J 46 1.02 -2.54 -39.07
CA LEU J 46 -0.24 -3.08 -38.58
C LEU J 46 -0.22 -4.60 -38.53
N LYS J 47 0.91 -5.23 -38.87
CA LYS J 47 0.96 -6.68 -38.96
C LYS J 47 0.81 -7.34 -37.60
N ASN J 48 1.29 -6.69 -36.54
CA ASN J 48 1.23 -7.30 -35.21
C ASN J 48 -0.16 -7.27 -34.60
N LYS J 49 -1.07 -6.48 -35.15
CA LYS J 49 -2.40 -6.34 -34.57
C LYS J 49 -3.39 -7.39 -35.07
N PHE J 50 -3.04 -8.13 -36.11
CA PHE J 50 -3.93 -9.15 -36.68
C PHE J 50 -3.26 -10.50 -36.49
N ARG J 51 -3.86 -11.34 -35.66
CA ARG J 51 -3.24 -12.58 -35.23
C ARG J 51 -3.48 -13.69 -36.25
N GLN J 52 -2.43 -14.46 -36.53
CA GLN J 52 -2.52 -15.69 -37.29
C GLN J 52 -1.69 -16.75 -36.59
N THR J 53 -2.11 -18.00 -36.70
CA THR J 53 -1.47 -19.11 -36.00
C THR J 53 -1.12 -20.21 -36.99
N VAL J 54 0.08 -20.78 -36.84
CA VAL J 54 0.49 -21.95 -37.60
C VAL J 54 0.04 -23.19 -36.86
N VAL J 55 -0.48 -24.17 -37.59
CA VAL J 55 -1.18 -25.32 -37.04
C VAL J 55 -0.41 -26.58 -37.36
N ALA J 56 -0.32 -27.49 -36.39
CA ALA J 56 0.43 -28.71 -36.57
C ALA J 56 -0.26 -29.64 -37.57
N PRO J 57 0.49 -30.55 -38.20
CA PRO J 57 -0.10 -31.41 -39.24
C PRO J 57 -1.18 -32.36 -38.73
N THR J 58 -1.21 -32.67 -37.43
CA THR J 58 -2.25 -33.39 -36.68
C THR J 58 -2.58 -34.77 -37.24
N ARG J 59 -1.82 -35.25 -38.22
CA ARG J 59 -2.03 -36.60 -38.74
C ARG J 59 -0.89 -36.98 -39.65
N ASN J 60 -0.64 -38.30 -39.73
CA ASN J 60 0.36 -38.88 -40.63
C ASN J 60 1.77 -38.37 -40.33
N VAL J 61 2.02 -37.98 -39.08
CA VAL J 61 3.33 -37.44 -38.70
C VAL J 61 3.94 -38.13 -37.49
N THR J 62 3.16 -38.81 -36.66
CA THR J 62 3.70 -39.49 -35.49
C THR J 62 2.95 -40.79 -35.27
N THR J 63 3.69 -41.84 -34.93
CA THR J 63 3.07 -43.14 -34.71
C THR J 63 2.20 -43.12 -33.46
N GLU J 64 1.04 -43.76 -33.55
CA GLU J 64 0.23 -44.06 -32.38
C GLU J 64 0.72 -45.31 -31.66
N LYS J 65 1.69 -46.01 -32.23
CA LYS J 65 2.20 -47.25 -31.68
C LYS J 65 3.26 -46.97 -30.62
N ALA J 66 3.46 -47.93 -29.73
CA ALA J 66 4.39 -47.77 -28.62
C ALA J 66 5.82 -47.89 -29.15
N GLN J 67 6.49 -46.76 -29.34
CA GLN J 67 7.82 -46.72 -29.92
C GLN J 67 8.75 -45.92 -29.01
N ARG J 68 10.00 -46.37 -28.92
CA ARG J 68 11.00 -45.72 -28.10
C ARG J 68 11.48 -44.42 -28.76
N LEU J 69 11.54 -43.35 -27.99
CA LEU J 69 12.09 -42.10 -28.47
C LEU J 69 13.61 -42.14 -28.61
N GLN J 70 14.28 -42.83 -27.68
CA GLN J 70 15.73 -42.83 -27.62
C GLN J 70 16.18 -44.22 -27.22
N ILE J 71 17.10 -44.79 -27.98
CA ILE J 71 17.53 -46.18 -27.80
C ILE J 71 19.03 -46.20 -27.53
N ARG J 72 19.42 -46.90 -26.48
CA ARG J 72 20.83 -47.11 -26.15
C ARG J 72 21.26 -48.48 -26.63
N PHE J 73 22.42 -48.54 -27.26
CA PHE J 73 23.00 -49.79 -27.73
C PHE J 73 24.24 -50.08 -26.91
N TYR J 74 24.30 -51.26 -26.32
CA TYR J 74 25.47 -51.69 -25.58
C TYR J 74 26.25 -52.73 -26.35
N PRO J 75 27.57 -52.76 -26.22
CA PRO J 75 28.40 -53.49 -27.19
C PRO J 75 28.18 -55.00 -27.14
N ILE J 76 28.13 -55.61 -28.33
CA ILE J 76 28.19 -57.07 -28.42
C ILE J 76 29.59 -57.55 -28.08
N GLN J 77 30.61 -56.89 -28.63
CA GLN J 77 32.00 -57.23 -28.42
C GLN J 77 32.74 -56.04 -27.85
N THR J 78 33.73 -56.31 -27.00
CA THR J 78 34.54 -55.26 -26.41
C THR J 78 36.00 -55.32 -26.86
N ASP J 79 36.69 -56.43 -26.63
CA ASP J 79 38.08 -56.59 -27.05
C ASP J 79 38.94 -55.40 -26.58
N ASP J 80 39.00 -55.23 -25.27
CA ASP J 80 39.85 -54.19 -24.70
C ASP J 80 41.31 -54.55 -24.88
N THR J 81 42.09 -53.60 -25.37
CA THR J 81 43.52 -53.80 -25.62
C THR J 81 44.32 -52.72 -24.89
N SER J 82 45.65 -52.80 -25.03
CA SER J 82 46.53 -51.91 -24.27
C SER J 82 46.47 -50.48 -24.80
N THR J 83 46.37 -50.30 -26.11
CA THR J 83 46.40 -48.97 -26.70
C THR J 83 45.03 -48.46 -27.13
N GLY J 84 44.00 -49.30 -27.09
CA GLY J 84 42.68 -48.88 -27.50
C GLY J 84 41.59 -49.60 -26.73
N TYR J 85 40.35 -49.20 -26.97
CA TYR J 85 39.18 -49.84 -26.37
C TYR J 85 38.12 -49.96 -27.46
N ARG J 86 38.13 -51.10 -28.14
CA ARG J 86 37.15 -51.35 -29.19
C ARG J 86 35.76 -51.57 -28.57
N VAL J 87 34.74 -51.22 -29.35
CA VAL J 87 33.35 -51.54 -29.02
C VAL J 87 32.65 -51.91 -30.33
N ARG J 88 31.83 -52.95 -30.29
CA ARG J 88 31.08 -53.39 -31.47
C ARG J 88 29.61 -53.47 -31.11
N TYR J 89 28.77 -52.75 -31.85
CA TYR J 89 27.34 -52.67 -31.60
C TYR J 89 26.57 -53.40 -32.70
N ASN J 90 25.25 -53.38 -32.57
CA ASN J 90 24.35 -53.91 -33.61
C ASN J 90 23.15 -52.96 -33.64
N ILE J 91 23.22 -51.96 -34.51
CA ILE J 91 22.17 -50.96 -34.65
C ILE J 91 21.02 -51.61 -35.42
N ASN J 92 19.98 -52.02 -34.71
CA ASN J 92 18.82 -52.66 -35.33
C ASN J 92 17.77 -51.60 -35.63
N VAL J 93 17.66 -51.23 -36.90
CA VAL J 93 16.65 -50.30 -37.37
C VAL J 93 15.59 -51.12 -38.09
N GLY J 94 14.45 -51.37 -37.42
CA GLY J 94 13.39 -52.13 -38.03
C GLY J 94 12.63 -51.32 -39.06
N ASP J 95 11.72 -52.00 -39.76
CA ASP J 95 10.85 -51.31 -40.70
C ASP J 95 10.02 -50.25 -39.98
N GLY J 96 9.79 -49.14 -40.67
CA GLY J 96 9.11 -48.01 -40.09
C GLY J 96 9.99 -47.08 -39.29
N TRP J 97 11.29 -47.34 -39.22
CA TRP J 97 12.24 -46.50 -38.51
C TRP J 97 13.27 -45.94 -39.46
N VAL J 98 13.68 -44.70 -39.22
CA VAL J 98 14.79 -44.08 -39.91
C VAL J 98 15.71 -43.46 -38.86
N LEU J 99 17.01 -43.72 -38.98
CA LEU J 99 17.98 -43.25 -38.01
C LEU J 99 18.96 -42.30 -38.68
N ASP J 100 19.00 -41.07 -38.22
CA ASP J 100 20.00 -40.09 -38.64
C ASP J 100 21.17 -40.18 -37.66
N MET J 101 22.32 -40.65 -38.15
CA MET J 101 23.46 -40.84 -37.27
C MET J 101 24.02 -39.55 -36.72
N GLY J 102 23.51 -38.39 -37.14
CA GLY J 102 23.82 -37.16 -36.44
C GLY J 102 23.37 -37.21 -34.99
N SER J 103 22.29 -37.93 -34.71
CA SER J 103 21.81 -38.16 -33.36
C SER J 103 22.50 -39.33 -32.68
N THR J 104 23.36 -40.05 -33.39
CA THR J 104 24.06 -41.20 -32.84
C THR J 104 25.42 -40.77 -32.31
N TYR J 105 25.73 -41.17 -31.08
CA TYR J 105 26.99 -40.83 -30.45
C TYR J 105 27.35 -41.91 -29.44
N PHE J 106 28.55 -41.81 -28.89
CA PHE J 106 29.07 -42.79 -27.95
C PHE J 106 28.93 -42.27 -26.54
N ASP J 107 28.27 -43.04 -25.68
CA ASP J 107 28.11 -42.69 -24.27
C ASP J 107 29.20 -43.39 -23.47
N ILE J 108 30.25 -42.67 -23.13
CA ILE J 108 31.44 -43.23 -22.49
C ILE J 108 31.46 -42.77 -21.04
N LYS J 109 31.69 -43.73 -20.14
CA LYS J 109 31.89 -43.42 -18.73
C LYS J 109 32.99 -44.31 -18.17
N GLY J 110 33.77 -43.76 -17.24
CA GLY J 110 34.88 -44.49 -16.67
C GLY J 110 35.68 -43.61 -15.75
N ILE J 111 36.80 -44.14 -15.27
CA ILE J 111 37.70 -43.42 -14.38
C ILE J 111 38.81 -42.78 -15.19
N LEU J 112 39.06 -41.50 -14.95
CA LEU J 112 40.16 -40.77 -15.56
C LEU J 112 41.15 -40.37 -14.49
N ASP J 113 42.42 -40.65 -14.73
CA ASP J 113 43.51 -40.24 -13.85
C ASP J 113 44.32 -39.19 -14.61
N ARG J 114 44.26 -37.95 -14.15
CA ARG J 114 44.92 -36.85 -14.82
C ARG J 114 46.36 -36.65 -14.36
N GLY J 115 46.83 -37.45 -13.41
CA GLY J 115 48.23 -37.47 -13.05
C GLY J 115 48.62 -36.40 -12.07
N PRO J 116 49.78 -36.57 -11.43
CA PRO J 116 50.28 -35.53 -10.52
C PRO J 116 50.63 -34.23 -11.22
N SER J 117 50.81 -34.25 -12.54
CA SER J 117 51.09 -33.03 -13.30
C SER J 117 49.79 -32.29 -13.61
N PHE J 118 48.99 -32.03 -12.58
CA PHE J 118 47.66 -31.45 -12.77
C PHE J 118 47.42 -30.41 -11.70
N LYS J 119 47.40 -29.14 -12.09
CA LYS J 119 47.03 -28.05 -11.20
C LYS J 119 45.93 -27.23 -11.83
N PRO J 120 44.69 -27.30 -11.33
CA PRO J 120 43.59 -26.53 -11.93
C PRO J 120 43.58 -25.06 -11.56
N TYR J 121 44.63 -24.54 -10.96
CA TYR J 121 44.60 -23.19 -10.41
C TYR J 121 46.02 -22.64 -10.36
N CYS J 122 46.15 -21.36 -10.68
CA CYS J 122 47.41 -20.66 -10.48
C CYS J 122 47.55 -20.28 -9.02
N GLY J 123 48.79 -20.32 -8.53
CA GLY J 123 49.02 -20.04 -7.14
C GLY J 123 48.88 -21.28 -6.28
N THR J 124 48.76 -21.06 -4.97
CA THR J 124 48.65 -22.14 -4.00
C THR J 124 47.44 -21.91 -3.12
N ALA J 125 46.93 -23.01 -2.56
CA ALA J 125 45.78 -22.99 -1.67
C ALA J 125 46.18 -23.01 -0.20
N TYR J 126 47.48 -23.01 0.09
CA TYR J 126 47.98 -23.12 1.46
C TYR J 126 48.79 -21.87 1.77
N ASN J 127 48.27 -21.05 2.67
CA ASN J 127 48.85 -19.75 3.00
C ASN J 127 49.18 -18.93 1.74
N PRO J 128 48.18 -18.68 0.88
CA PRO J 128 48.46 -17.86 -0.32
C PRO J 128 48.92 -16.46 0.01
N LEU J 129 48.39 -15.87 1.09
CA LEU J 129 48.79 -14.53 1.49
C LEU J 129 50.17 -14.50 2.12
N ALA J 130 50.71 -15.65 2.51
CA ALA J 130 52.01 -15.69 3.15
C ALA J 130 53.09 -15.22 2.17
N PRO J 131 54.00 -14.37 2.62
CA PRO J 131 55.13 -13.99 1.76
C PRO J 131 55.94 -15.21 1.35
N LYS J 132 56.44 -15.19 0.11
CA LYS J 132 57.04 -16.37 -0.49
C LYS J 132 58.25 -16.88 0.30
N GLU J 133 58.90 -16.02 1.08
CA GLU J 133 60.09 -16.38 1.82
C GLU J 133 59.86 -16.40 3.33
N SER J 134 58.62 -16.65 3.77
CA SER J 134 58.30 -16.64 5.18
C SER J 134 58.67 -17.96 5.83
N MET J 135 58.45 -18.04 7.14
CA MET J 135 58.67 -19.25 7.92
C MET J 135 57.49 -19.46 8.86
N PHE J 136 57.08 -20.72 9.02
CA PHE J 136 55.94 -21.05 9.87
C PHE J 136 56.34 -21.30 11.31
N ASN J 137 57.02 -20.33 11.93
CA ASN J 137 57.42 -20.40 13.33
C ASN J 137 58.32 -21.62 13.58
N ASN J 138 59.49 -21.56 12.96
CA ASN J 138 60.40 -22.70 12.97
C ASN J 138 60.89 -23.00 14.39
N TRP J 139 61.32 -24.25 14.58
CA TRP J 139 61.95 -24.70 15.83
C TRP J 139 62.88 -25.84 15.45
N SER J 140 64.16 -25.52 15.26
CA SER J 140 65.16 -26.49 14.81
C SER J 140 66.03 -26.87 15.99
N GLU J 141 66.10 -28.17 16.28
CA GLU J 141 66.90 -28.68 17.39
C GLU J 141 67.52 -30.01 16.99
N THR J 142 68.58 -30.38 17.71
CA THR J 142 69.17 -31.71 17.52
C THR J 142 68.38 -32.75 18.29
N ALA J 143 68.28 -32.58 19.60
CA ALA J 143 67.46 -33.40 20.49
C ALA J 143 66.62 -32.48 21.35
N PRO J 144 65.49 -32.97 21.86
CA PRO J 144 64.62 -32.11 22.67
C PRO J 144 65.36 -31.53 23.88
N GLY J 145 65.39 -30.20 23.95
CA GLY J 145 66.10 -29.50 25.00
C GLY J 145 67.56 -29.25 24.72
N GLN J 146 68.08 -29.74 23.60
CA GLN J 146 69.48 -29.55 23.24
C GLN J 146 69.63 -28.30 22.38
N ASN J 147 70.77 -28.15 21.72
CA ASN J 147 71.03 -27.02 20.83
C ASN J 147 69.84 -26.79 19.91
N VAL J 148 69.19 -25.64 20.07
CA VAL J 148 67.92 -25.36 19.40
C VAL J 148 67.92 -23.94 18.87
N SER J 149 67.41 -23.76 17.66
CA SER J 149 67.17 -22.46 17.06
C SER J 149 65.70 -22.37 16.69
N ALA J 150 65.06 -21.25 17.02
CA ALA J 150 63.63 -21.11 16.78
C ALA J 150 63.29 -19.64 16.63
N SER J 151 62.50 -19.32 15.60
CA SER J 151 62.10 -17.95 15.31
C SER J 151 60.63 -17.93 14.91
N GLY J 152 59.88 -16.99 15.45
CA GLY J 152 58.49 -16.86 15.06
C GLY J 152 57.79 -15.83 15.93
N GLN J 153 56.60 -15.45 15.48
CA GLN J 153 55.78 -14.53 16.23
C GLN J 153 55.18 -15.23 17.45
N LEU J 154 55.09 -14.48 18.56
CA LEU J 154 54.45 -14.95 19.78
C LEU J 154 53.26 -14.03 20.03
N SER J 155 52.06 -14.53 19.72
CA SER J 155 50.86 -13.69 19.63
C SER J 155 49.97 -13.78 20.86
N ASN J 156 49.61 -14.99 21.27
CA ASN J 156 48.60 -15.15 22.31
C ASN J 156 49.07 -14.57 23.63
N VAL J 157 48.15 -13.94 24.35
CA VAL J 157 48.44 -13.31 25.63
C VAL J 157 47.49 -13.87 26.68
N TYR J 158 47.93 -13.86 27.93
CA TYR J 158 47.10 -14.39 29.01
C TYR J 158 47.19 -13.55 30.28
N THR J 159 47.56 -12.28 30.18
CA THR J 159 47.59 -11.30 31.28
C THR J 159 48.09 -11.91 32.59
N ASN J 160 49.28 -12.48 32.52
CA ASN J 160 49.85 -13.16 33.68
C ASN J 160 50.23 -12.17 34.77
N THR J 161 50.18 -12.65 36.02
CA THR J 161 50.90 -12.03 37.12
C THR J 161 52.24 -12.73 37.22
N SER J 162 53.30 -12.04 36.80
CA SER J 162 54.61 -12.65 36.70
C SER J 162 55.19 -12.85 38.10
N THR J 163 56.44 -13.30 38.16
CA THR J 163 57.15 -13.63 39.40
C THR J 163 56.47 -14.78 40.15
N THR J 164 55.61 -15.54 39.47
CA THR J 164 55.00 -16.73 40.04
C THR J 164 54.50 -17.60 38.91
N LYS J 165 54.27 -18.87 39.22
CA LYS J 165 53.87 -19.86 38.22
C LYS J 165 52.38 -20.00 38.07
N ASP J 166 51.58 -19.31 38.89
CA ASP J 166 50.15 -19.59 38.94
C ASP J 166 49.46 -19.30 37.61
N THR J 167 49.81 -18.19 36.97
CA THR J 167 49.18 -17.81 35.72
C THR J 167 49.78 -18.49 34.50
N THR J 168 51.07 -18.85 34.54
CA THR J 168 51.69 -19.47 33.37
C THR J 168 51.49 -20.98 33.36
N ALA J 169 51.51 -21.62 34.53
CA ALA J 169 51.28 -23.06 34.57
C ALA J 169 49.87 -23.41 34.14
N ALA J 170 48.90 -22.53 34.40
CA ALA J 170 47.54 -22.77 33.94
C ALA J 170 47.49 -22.83 32.41
N GLN J 171 48.23 -21.95 31.74
CA GLN J 171 48.30 -22.00 30.28
C GLN J 171 49.09 -23.21 29.81
N VAL J 172 50.14 -23.59 30.53
CA VAL J 172 50.94 -24.75 30.15
C VAL J 172 50.09 -26.01 30.19
N THR J 173 49.22 -26.12 31.19
CA THR J 173 48.33 -27.28 31.26
C THR J 173 47.38 -27.34 30.07
N LYS J 174 46.88 -26.18 29.63
CA LYS J 174 45.95 -26.15 28.51
C LYS J 174 46.63 -26.24 27.16
N ILE J 175 47.96 -26.05 27.10
CA ILE J 175 48.69 -26.16 25.84
C ILE J 175 48.46 -27.50 25.17
N SER J 176 48.18 -28.55 25.97
CA SER J 176 48.12 -29.91 25.42
C SER J 176 47.13 -30.04 24.28
N GLY J 177 46.05 -29.26 24.28
CA GLY J 177 45.09 -29.31 23.21
C GLY J 177 45.46 -28.43 22.03
N VAL J 178 44.49 -27.68 21.54
CA VAL J 178 44.70 -26.73 20.46
C VAL J 178 44.72 -25.29 21.01
N PHE J 179 45.04 -25.14 22.30
CA PHE J 179 44.89 -23.85 22.97
C PHE J 179 45.72 -22.73 22.35
N PRO J 180 46.98 -22.91 21.96
CA PRO J 180 47.70 -21.78 21.33
C PRO J 180 46.98 -21.22 20.11
N ASN J 181 46.35 -22.07 19.30
CA ASN J 181 45.47 -21.63 18.22
C ASN J 181 46.16 -20.61 17.32
N PRO J 182 47.08 -21.02 16.46
CA PRO J 182 47.84 -20.07 15.64
C PRO J 182 46.98 -19.06 14.89
N ASN J 183 45.71 -19.39 14.67
CA ASN J 183 44.80 -18.44 14.04
C ASN J 183 44.58 -17.21 14.90
N GLN J 184 44.42 -17.40 16.21
CA GLN J 184 44.18 -16.29 17.12
C GLN J 184 45.49 -15.61 17.48
N GLY J 185 45.45 -14.28 17.56
CA GLY J 185 46.62 -13.51 17.88
C GLY J 185 46.48 -12.76 19.18
N PRO J 186 47.14 -11.61 19.29
CA PRO J 186 47.03 -10.82 20.54
C PRO J 186 45.61 -10.40 20.85
N GLY J 187 44.81 -10.09 19.84
CA GLY J 187 43.41 -9.75 20.04
C GLY J 187 43.14 -8.35 20.53
N ILE J 188 44.16 -7.51 20.65
CA ILE J 188 44.01 -6.14 21.12
C ILE J 188 44.23 -5.20 19.94
N ASN J 189 43.29 -4.28 19.74
CA ASN J 189 43.36 -3.42 18.56
C ASN J 189 44.34 -2.27 18.78
N PRO J 190 44.25 -1.52 19.90
CA PRO J 190 45.33 -0.57 20.21
C PRO J 190 46.50 -1.31 20.85
N LEU J 191 47.58 -1.48 20.09
CA LEU J 191 48.73 -2.19 20.63
C LEU J 191 49.45 -1.40 21.72
N ARG J 192 49.12 -0.12 21.88
CA ARG J 192 49.75 0.73 22.88
C ARG J 192 49.13 0.60 24.27
N GLN J 193 47.97 -0.05 24.38
CA GLN J 193 47.29 -0.15 25.66
C GLN J 193 47.83 -1.26 26.55
N VAL J 194 48.64 -2.17 26.01
CA VAL J 194 49.13 -3.32 26.76
C VAL J 194 50.37 -2.93 27.54
N GLU J 195 50.48 -3.46 28.76
CA GLU J 195 51.65 -3.23 29.60
C GLU J 195 52.54 -4.47 29.59
N ASN J 196 53.86 -4.23 29.61
CA ASN J 196 54.81 -5.32 29.42
C ASN J 196 54.82 -6.31 30.57
N ALA J 197 54.50 -5.85 31.78
CA ALA J 197 54.67 -6.68 32.97
C ALA J 197 53.47 -7.56 33.28
N ASN J 198 52.32 -7.33 32.64
CA ASN J 198 51.11 -8.07 32.95
C ASN J 198 50.42 -8.51 31.67
N THR J 199 51.18 -9.02 30.71
CA THR J 199 50.61 -9.42 29.43
C THR J 199 50.74 -10.92 29.15
N GLY J 200 51.86 -11.54 29.51
CA GLY J 200 52.06 -12.94 29.19
C GLY J 200 52.33 -13.17 27.71
N VAL J 201 53.01 -14.27 27.40
CA VAL J 201 53.38 -14.59 26.03
C VAL J 201 53.03 -16.06 25.77
N LEU J 202 52.40 -16.32 24.63
CA LEU J 202 52.13 -17.69 24.22
C LEU J 202 52.38 -17.81 22.72
N GLY J 203 52.63 -19.03 22.28
CA GLY J 203 52.85 -19.29 20.87
C GLY J 203 52.97 -20.77 20.61
N ARG J 204 52.97 -21.11 19.33
CA ARG J 204 53.03 -22.51 18.90
C ARG J 204 54.02 -22.58 17.74
N PHE J 205 55.14 -23.27 17.95
CA PHE J 205 56.20 -23.37 16.97
C PHE J 205 56.26 -24.78 16.39
N ALA J 206 56.87 -24.89 15.22
CA ALA J 206 56.91 -26.14 14.48
C ALA J 206 58.34 -26.60 14.26
N LYS J 207 58.57 -27.89 14.39
CA LYS J 207 59.87 -28.51 14.16
C LYS J 207 59.79 -29.29 12.85
N SER J 208 60.39 -28.75 11.79
CA SER J 208 60.32 -29.39 10.49
C SER J 208 61.38 -28.82 9.56
N GLN J 209 61.77 -29.61 8.58
CA GLN J 209 62.59 -29.15 7.48
C GLN J 209 61.75 -28.28 6.55
N TYR J 210 62.44 -27.43 5.77
CA TYR J 210 61.79 -26.55 4.78
C TYR J 210 60.81 -25.60 5.46
N ASN J 211 61.36 -24.73 6.28
CA ASN J 211 60.58 -23.75 7.03
C ASN J 211 60.08 -22.66 6.07
N TYR J 212 59.06 -23.01 5.29
CA TYR J 212 58.40 -22.07 4.40
C TYR J 212 56.92 -22.03 4.77
N ALA J 213 56.44 -20.85 5.14
CA ALA J 213 55.01 -20.71 5.45
C ALA J 213 54.17 -20.79 4.18
N TYR J 214 54.70 -20.31 3.07
CA TYR J 214 53.94 -20.28 1.81
C TYR J 214 53.82 -21.69 1.24
N GLY J 215 52.59 -22.18 1.12
CA GLY J 215 52.34 -23.50 0.58
C GLY J 215 52.51 -24.63 1.56
N ALA J 216 52.80 -24.34 2.83
CA ALA J 216 52.97 -25.40 3.82
C ALA J 216 51.64 -26.10 4.08
N TYR J 217 51.71 -27.42 4.25
CA TYR J 217 50.51 -28.22 4.51
C TYR J 217 50.86 -29.35 5.45
N VAL J 218 50.19 -29.40 6.61
CA VAL J 218 50.26 -30.52 7.53
C VAL J 218 48.85 -31.05 7.69
N LYS J 219 48.62 -32.28 7.25
CA LYS J 219 47.27 -32.84 7.28
C LYS J 219 46.81 -32.99 8.72
N PRO J 220 45.54 -32.73 9.00
CA PRO J 220 45.06 -32.86 10.38
C PRO J 220 45.09 -34.30 10.85
N VAL J 221 45.32 -34.47 12.15
CA VAL J 221 45.28 -35.79 12.77
C VAL J 221 44.12 -35.94 13.74
N ALA J 222 43.39 -34.87 14.01
CA ALA J 222 42.18 -34.93 14.84
C ALA J 222 41.06 -34.20 14.11
N ALA J 223 39.84 -34.34 14.65
CA ALA J 223 38.66 -33.78 14.02
C ALA J 223 38.59 -32.26 14.11
N ASP J 224 39.46 -31.62 14.89
CA ASP J 224 39.42 -30.17 15.08
C ASP J 224 40.85 -29.64 15.00
N GLY J 225 41.22 -29.10 13.83
CA GLY J 225 42.56 -28.61 13.61
C GLY J 225 43.60 -29.65 14.00
N SER J 226 44.38 -29.34 15.03
CA SER J 226 45.26 -30.31 15.70
C SER J 226 46.10 -31.10 14.69
N GLN J 227 47.01 -30.37 14.05
CA GLN J 227 47.85 -30.98 13.04
C GLN J 227 48.79 -32.05 13.61
N SER J 228 49.00 -32.06 14.92
CA SER J 228 49.85 -33.05 15.56
C SER J 228 49.21 -33.49 16.87
N LEU J 229 49.56 -34.71 17.29
CA LEU J 229 49.01 -35.28 18.51
C LEU J 229 49.86 -34.97 19.73
N THR J 230 51.18 -35.07 19.61
CA THR J 230 52.09 -34.85 20.73
C THR J 230 52.60 -33.41 20.68
N GLN J 231 52.57 -32.74 21.82
CA GLN J 231 52.96 -31.33 21.91
C GLN J 231 53.81 -31.15 23.16
N THR J 232 55.09 -30.86 22.98
CA THR J 232 56.00 -30.67 24.10
C THR J 232 56.10 -29.20 24.46
N PRO J 233 55.69 -28.78 25.65
CA PRO J 233 55.74 -27.37 26.01
C PRO J 233 57.10 -26.93 26.54
N TYR J 234 57.35 -25.64 26.41
CA TYR J 234 58.56 -25.00 26.92
C TYR J 234 58.16 -23.70 27.63
N TRP J 235 59.03 -23.24 28.51
CA TRP J 235 58.79 -22.02 29.26
C TRP J 235 59.70 -20.89 28.79
N ILE J 236 59.18 -19.68 28.85
CA ILE J 236 59.92 -18.47 28.45
C ILE J 236 60.27 -17.70 29.71
N MET J 237 61.54 -17.34 29.83
CA MET J 237 62.07 -16.70 31.03
C MET J 237 62.66 -15.35 30.66
N ASN J 238 63.25 -14.67 31.64
CA ASN J 238 64.07 -13.51 31.37
C ASN J 238 65.53 -13.97 31.27
N ASN J 239 66.47 -13.01 31.30
CA ASN J 239 67.88 -13.38 31.36
C ASN J 239 68.19 -14.17 32.63
N ALA J 240 67.43 -13.92 33.71
CA ALA J 240 67.50 -14.73 34.90
C ALA J 240 66.54 -15.92 34.75
N GLY J 241 66.25 -16.61 35.85
CA GLY J 241 65.31 -17.72 35.79
C GLY J 241 64.06 -17.51 36.61
N THR J 242 64.10 -16.55 37.54
CA THR J 242 62.99 -16.37 38.46
C THR J 242 61.76 -15.79 37.76
N GLU J 243 61.96 -14.79 36.91
CA GLU J 243 60.85 -14.10 36.28
C GLU J 243 60.21 -14.98 35.22
N TYR J 244 58.89 -15.16 35.32
CA TYR J 244 58.15 -15.97 34.35
C TYR J 244 57.49 -15.04 33.33
N LEU J 245 57.70 -15.33 32.05
CA LEU J 245 57.18 -14.51 30.97
C LEU J 245 56.13 -15.23 30.14
N GLY J 246 56.44 -16.41 29.62
CA GLY J 246 55.48 -17.07 28.76
C GLY J 246 55.82 -18.54 28.57
N ALA J 247 55.03 -19.17 27.70
CA ALA J 247 55.18 -20.60 27.41
C ALA J 247 55.18 -20.81 25.91
N VAL J 248 55.64 -22.00 25.51
CA VAL J 248 55.85 -22.34 24.10
C VAL J 248 55.27 -23.72 23.83
N ALA J 249 54.56 -23.86 22.72
CA ALA J 249 54.09 -25.15 22.24
C ALA J 249 54.88 -25.55 21.01
N VAL J 250 55.43 -26.76 21.01
CA VAL J 250 56.28 -27.24 19.94
C VAL J 250 55.71 -28.55 19.42
N GLU J 251 55.57 -28.65 18.09
CA GLU J 251 55.06 -29.84 17.45
C GLU J 251 56.06 -30.33 16.40
N ASP J 252 56.08 -31.64 16.20
CA ASP J 252 57.00 -32.26 15.25
C ASP J 252 56.30 -32.44 13.91
N TYR J 253 56.81 -31.76 12.88
CA TYR J 253 56.30 -31.90 11.52
C TYR J 253 57.35 -32.45 10.58
N THR J 254 58.37 -33.14 11.11
CA THR J 254 59.44 -33.64 10.27
C THR J 254 58.93 -34.62 9.24
N ASN J 255 58.03 -35.51 9.64
CA ASN J 255 57.49 -36.54 8.75
C ASN J 255 56.01 -36.35 8.44
N SER J 256 55.40 -35.28 8.93
CA SER J 256 53.97 -35.03 8.72
C SER J 256 53.70 -33.77 7.92
N LEU J 257 54.73 -33.12 7.40
CA LEU J 257 54.57 -31.85 6.70
C LEU J 257 54.81 -32.04 5.21
N SER J 258 54.08 -31.28 4.40
CA SER J 258 54.09 -31.46 2.97
C SER J 258 53.94 -30.10 2.29
N TYR J 259 54.37 -30.04 1.03
CA TYR J 259 54.23 -28.84 0.20
C TYR J 259 53.59 -29.23 -1.13
N PRO J 260 52.32 -29.60 -1.13
CA PRO J 260 51.65 -29.86 -2.41
C PRO J 260 51.46 -28.57 -3.18
N ASP J 261 51.39 -28.71 -4.51
CA ASP J 261 51.19 -27.61 -5.46
C ASP J 261 52.18 -26.47 -5.26
N THR J 262 53.29 -26.71 -4.59
CA THR J 262 54.32 -25.69 -4.39
C THR J 262 55.70 -26.31 -4.57
N MET J 263 56.64 -25.47 -4.99
CA MET J 263 58.02 -25.89 -5.17
C MET J 263 58.94 -24.94 -4.41
N ILE J 264 60.12 -25.42 -4.09
CA ILE J 264 61.14 -24.60 -3.45
C ILE J 264 62.03 -24.02 -4.54
N VAL J 265 62.17 -22.69 -4.56
CA VAL J 265 63.07 -22.03 -5.49
C VAL J 265 64.33 -21.64 -4.71
N PRO J 266 65.34 -22.49 -4.69
CA PRO J 266 66.52 -22.20 -3.86
C PRO J 266 67.41 -21.16 -4.53
N PRO J 267 68.21 -20.45 -3.75
CA PRO J 267 69.15 -19.48 -4.33
C PRO J 267 70.24 -20.20 -5.09
N PRO J 268 71.06 -19.47 -5.86
CA PRO J 268 72.20 -20.11 -6.53
C PRO J 268 73.11 -20.82 -5.54
N GLU J 269 73.81 -21.83 -6.06
CA GLU J 269 74.61 -22.70 -5.19
C GLU J 269 75.62 -21.92 -4.37
N ASP J 270 76.13 -20.79 -4.89
CA ASP J 270 77.02 -19.96 -4.10
C ASP J 270 76.29 -19.31 -2.92
N TYR J 271 74.96 -19.26 -2.97
CA TYR J 271 74.17 -18.68 -1.89
C TYR J 271 73.28 -19.72 -1.22
N ASP J 272 73.49 -21.02 -1.48
CA ASP J 272 72.61 -22.04 -0.93
C ASP J 272 72.66 -22.04 0.59
N ASP J 273 73.86 -21.94 1.18
CA ASP J 273 73.96 -21.79 2.61
C ASP J 273 73.50 -20.40 3.02
N TYR J 274 73.18 -20.26 4.32
CA TYR J 274 72.77 -19.00 4.93
C TYR J 274 71.70 -18.28 4.12
N ASN J 275 70.90 -19.04 3.36
CA ASN J 275 69.81 -18.48 2.57
C ASN J 275 68.89 -19.62 2.18
N ILE J 276 67.61 -19.52 2.54
CA ILE J 276 66.64 -20.55 2.19
C ILE J 276 65.89 -20.23 0.90
N GLY J 277 66.02 -19.02 0.38
CA GLY J 277 65.29 -18.67 -0.83
C GLY J 277 63.81 -18.55 -0.56
N THR J 278 63.04 -18.63 -1.64
CA THR J 278 61.58 -18.57 -1.57
C THR J 278 61.00 -19.88 -2.10
N THR J 279 59.70 -20.05 -1.87
CA THR J 279 58.95 -21.17 -2.39
C THR J 279 57.88 -20.65 -3.34
N ARG J 280 57.72 -21.33 -4.46
CA ARG J 280 56.83 -20.89 -5.53
C ARG J 280 55.80 -21.96 -5.81
N ALA J 281 54.58 -21.52 -6.13
CA ALA J 281 53.56 -22.45 -6.58
C ALA J 281 53.93 -23.04 -7.93
N LEU J 282 53.59 -24.31 -8.12
CA LEU J 282 53.89 -24.99 -9.38
C LEU J 282 53.11 -24.37 -10.52
N ARG J 283 53.57 -24.62 -11.74
CA ARG J 283 52.91 -24.06 -12.91
C ARG J 283 51.52 -24.66 -13.08
N PRO J 284 50.49 -23.85 -13.28
CA PRO J 284 49.13 -24.40 -13.46
C PRO J 284 49.06 -25.31 -14.67
N ASN J 285 48.31 -26.40 -14.52
CA ASN J 285 48.22 -27.42 -15.57
C ASN J 285 46.80 -27.96 -15.61
N TYR J 286 46.09 -27.69 -16.69
CA TYR J 286 44.74 -28.19 -16.89
C TYR J 286 44.80 -29.38 -17.85
N ILE J 287 44.28 -30.52 -17.40
CA ILE J 287 44.49 -31.78 -18.12
C ILE J 287 43.14 -32.28 -18.62
N GLY J 288 42.23 -31.37 -18.96
CA GLY J 288 40.93 -31.77 -19.43
C GLY J 288 40.97 -32.39 -20.82
N PHE J 289 39.81 -32.91 -21.24
CA PHE J 289 39.68 -33.48 -22.57
C PHE J 289 39.87 -32.39 -23.63
N ARG J 290 39.95 -32.84 -24.88
CA ARG J 290 40.23 -31.94 -25.99
C ARG J 290 38.94 -31.34 -26.53
N ASP J 291 39.10 -30.28 -27.33
CA ASP J 291 37.98 -29.66 -28.01
C ASP J 291 37.25 -30.69 -28.87
N ASN J 292 35.93 -30.75 -28.72
CA ASN J 292 35.10 -31.69 -29.45
C ASN J 292 35.56 -33.13 -29.28
N PHE J 293 36.22 -33.45 -28.16
CA PHE J 293 36.76 -34.78 -27.90
C PHE J 293 37.68 -35.24 -29.03
N ILE J 294 38.52 -34.32 -29.52
CA ILE J 294 39.48 -34.67 -30.55
C ILE J 294 40.48 -35.70 -30.02
N ASN J 295 40.89 -36.62 -30.89
CA ASN J 295 41.83 -37.69 -30.56
C ASN J 295 41.28 -38.62 -29.49
N LEU J 296 39.96 -38.78 -29.47
CA LEU J 296 39.31 -39.78 -28.65
C LEU J 296 38.75 -40.92 -29.47
N LEU J 297 38.51 -40.70 -30.75
CA LEU J 297 38.09 -41.73 -31.68
C LEU J 297 39.23 -42.00 -32.65
N TYR J 298 39.45 -43.27 -32.98
CA TYR J 298 40.54 -43.61 -33.87
C TYR J 298 40.19 -43.26 -35.31
N HIS J 299 40.39 -42.01 -35.70
CA HIS J 299 39.99 -41.52 -37.01
C HIS J 299 41.17 -41.50 -37.97
N ASP J 300 40.86 -41.74 -39.25
CA ASP J 300 41.82 -41.62 -40.35
C ASP J 300 43.04 -42.50 -40.14
N SER J 301 42.85 -43.66 -39.52
CA SER J 301 43.92 -44.64 -39.35
C SER J 301 43.59 -45.84 -40.22
N GLY J 302 44.52 -46.18 -41.12
CA GLY J 302 44.28 -47.28 -42.03
C GLY J 302 44.48 -48.65 -41.43
N VAL J 303 44.84 -48.72 -40.15
CA VAL J 303 45.15 -49.98 -39.51
C VAL J 303 44.25 -50.28 -38.32
N CYS J 304 43.69 -49.27 -37.66
CA CYS J 304 42.86 -49.44 -36.48
C CYS J 304 41.58 -48.62 -36.59
N SER J 305 40.93 -48.73 -37.74
CA SER J 305 39.73 -47.94 -38.02
C SER J 305 38.48 -48.64 -37.52
N GLY J 306 37.33 -48.01 -37.75
CA GLY J 306 36.06 -48.59 -37.38
C GLY J 306 35.42 -49.37 -38.51
N THR J 307 34.23 -49.88 -38.24
CA THR J 307 33.50 -50.69 -39.21
C THR J 307 32.02 -50.44 -39.05
N LEU J 308 31.37 -50.02 -40.13
CA LEU J 308 29.92 -49.98 -40.22
C LEU J 308 29.51 -50.77 -41.45
N ASN J 309 28.66 -51.77 -41.26
CA ASN J 309 28.17 -52.57 -42.37
C ASN J 309 26.89 -53.28 -41.94
N SER J 310 26.14 -53.73 -42.93
CA SER J 310 24.87 -54.39 -42.70
C SER J 310 25.10 -55.90 -42.53
N GLU J 311 24.02 -56.67 -42.54
CA GLU J 311 24.09 -58.12 -42.47
C GLU J 311 23.95 -58.79 -43.83
N ARG J 312 23.09 -58.27 -44.71
CA ARG J 312 22.98 -58.84 -46.05
C ARG J 312 24.22 -58.51 -46.88
N SER J 313 24.63 -57.24 -46.85
CA SER J 313 25.84 -56.80 -47.57
C SER J 313 26.90 -56.49 -46.52
N GLY J 314 27.68 -57.52 -46.17
CA GLY J 314 28.71 -57.39 -45.15
C GLY J 314 29.87 -56.49 -45.53
N MET J 315 29.80 -55.79 -46.66
CA MET J 315 30.88 -54.91 -47.07
C MET J 315 31.05 -53.78 -46.06
N ASN J 316 32.25 -53.68 -45.49
CA ASN J 316 32.56 -52.54 -44.63
C ASN J 316 32.57 -51.27 -45.46
N VAL J 317 31.57 -50.41 -45.24
CA VAL J 317 31.38 -49.23 -46.08
C VAL J 317 32.15 -48.01 -45.58
N VAL J 318 32.71 -48.07 -44.38
CA VAL J 318 33.57 -47.01 -43.87
C VAL J 318 35.02 -47.47 -43.97
N VAL J 319 35.78 -46.82 -44.85
CA VAL J 319 37.22 -47.01 -44.93
C VAL J 319 37.88 -45.64 -44.82
N GLU J 320 38.86 -45.55 -43.93
CA GLU J 320 39.47 -44.27 -43.56
C GLU J 320 40.86 -44.17 -44.16
N LEU J 321 41.15 -43.00 -44.74
CA LEU J 321 42.46 -42.83 -45.33
C LEU J 321 43.37 -42.03 -44.41
N PRO J 322 44.64 -42.41 -44.31
CA PRO J 322 45.57 -41.65 -43.46
C PRO J 322 45.82 -40.24 -43.95
N ASP J 323 45.52 -39.93 -45.21
CA ASP J 323 45.79 -38.61 -45.77
C ASP J 323 44.60 -37.66 -45.67
N ARG J 324 43.51 -38.09 -45.03
CA ARG J 324 42.40 -37.19 -44.73
C ARG J 324 42.43 -36.85 -43.24
N ASN J 325 41.90 -35.68 -42.90
CA ASN J 325 41.92 -35.18 -41.53
C ASN J 325 40.47 -35.02 -41.07
N THR J 326 39.99 -35.99 -40.28
CA THR J 326 38.60 -35.93 -39.81
C THR J 326 38.44 -34.88 -38.71
N GLU J 327 39.38 -34.81 -37.76
CA GLU J 327 39.23 -33.90 -36.64
C GLU J 327 39.30 -32.44 -37.08
N LEU J 328 40.27 -32.10 -37.92
CA LEU J 328 40.34 -30.73 -38.43
C LEU J 328 39.17 -30.41 -39.34
N SER J 329 38.68 -31.40 -40.08
CA SER J 329 37.49 -31.18 -40.90
C SER J 329 36.30 -30.83 -40.03
N TYR J 330 36.11 -31.55 -38.91
CA TYR J 330 35.02 -31.23 -38.00
C TYR J 330 35.24 -29.86 -37.37
N GLN J 331 36.48 -29.52 -37.06
CA GLN J 331 36.76 -28.19 -36.50
C GLN J 331 36.35 -27.10 -37.47
N TYR J 332 36.76 -27.22 -38.73
CA TYR J 332 36.41 -26.22 -39.73
C TYR J 332 34.91 -26.17 -39.98
N MET J 333 34.26 -27.34 -40.03
CA MET J 333 32.82 -27.36 -40.23
C MET J 333 32.09 -26.66 -39.09
N LEU J 334 32.49 -26.97 -37.86
CA LEU J 334 31.83 -26.38 -36.70
C LEU J 334 32.07 -24.87 -36.65
N ALA J 335 33.27 -24.44 -36.99
CA ALA J 335 33.56 -23.00 -36.99
C ALA J 335 32.85 -22.28 -38.12
N ASP J 336 32.58 -22.96 -39.24
CA ASP J 336 31.80 -22.34 -40.31
C ASP J 336 30.33 -22.28 -39.92
N MET J 337 29.82 -23.35 -39.32
CA MET J 337 28.40 -23.42 -38.97
C MET J 337 28.02 -22.35 -37.95
N MET J 338 28.94 -21.99 -37.05
CA MET J 338 28.64 -21.08 -35.96
C MET J 338 29.93 -20.45 -35.48
N SER J 339 29.79 -19.42 -34.65
CA SER J 339 30.93 -18.86 -33.95
C SER J 339 31.50 -19.87 -32.98
N ARG J 340 32.75 -19.64 -32.56
CA ARG J 340 33.46 -20.57 -31.70
C ARG J 340 33.52 -20.12 -30.25
N HIS J 341 33.00 -18.94 -29.92
CA HIS J 341 33.00 -18.53 -28.53
C HIS J 341 31.84 -19.15 -27.75
N HIS J 342 30.92 -19.83 -28.42
CA HIS J 342 29.83 -20.51 -27.76
C HIS J 342 30.34 -21.83 -27.18
N TYR J 343 30.14 -22.03 -25.88
CA TYR J 343 30.55 -23.26 -25.22
C TYR J 343 29.37 -24.22 -25.18
N PHE J 344 29.49 -25.35 -25.87
CA PHE J 344 28.50 -26.42 -25.85
C PHE J 344 29.13 -27.57 -25.08
N ALA J 345 28.77 -27.69 -23.80
CA ALA J 345 29.44 -28.65 -22.93
C ALA J 345 29.14 -30.09 -23.31
N LEU J 346 28.13 -30.33 -24.14
CA LEU J 346 27.74 -31.70 -24.46
C LEU J 346 28.86 -32.40 -25.23
N TRP J 347 29.20 -31.88 -26.40
CA TRP J 347 30.33 -32.38 -27.19
C TRP J 347 31.67 -31.87 -26.70
N ASN J 348 31.75 -31.35 -25.49
CA ASN J 348 32.98 -30.77 -24.96
C ASN J 348 33.49 -29.69 -25.89
N GLN J 349 32.55 -28.87 -26.38
CA GLN J 349 32.80 -27.89 -27.43
C GLN J 349 33.29 -26.60 -26.78
N ALA J 350 34.61 -26.46 -26.69
CA ALA J 350 35.25 -25.27 -26.12
C ALA J 350 36.55 -25.05 -26.88
N VAL J 351 36.54 -24.12 -27.84
CA VAL J 351 37.70 -23.93 -28.70
C VAL J 351 38.86 -23.38 -27.87
N ASP J 352 40.07 -23.75 -28.28
CA ASP J 352 41.27 -23.26 -27.60
C ASP J 352 41.45 -21.77 -27.87
N GLN J 353 41.51 -20.98 -26.81
CA GLN J 353 41.52 -19.51 -26.91
C GLN J 353 42.71 -18.97 -26.14
N TYR J 354 43.76 -18.57 -26.86
CA TYR J 354 44.87 -17.87 -26.21
C TYR J 354 44.47 -16.44 -25.89
N ASP J 355 45.05 -15.91 -24.83
CA ASP J 355 44.75 -14.53 -24.44
C ASP J 355 45.39 -13.58 -25.45
N PRO J 356 44.61 -12.73 -26.11
CA PRO J 356 45.22 -11.78 -27.05
C PRO J 356 46.21 -10.84 -26.40
N GLU J 357 46.00 -10.50 -25.13
CA GLU J 357 46.92 -9.63 -24.41
C GLU J 357 48.24 -10.32 -24.06
N VAL J 358 48.32 -11.64 -24.22
CA VAL J 358 49.53 -12.39 -23.93
C VAL J 358 50.32 -12.69 -25.19
N ARG J 359 49.63 -13.09 -26.27
CA ARG J 359 50.34 -13.38 -27.51
C ARG J 359 50.96 -12.13 -28.11
N VAL J 360 50.15 -11.14 -28.43
CA VAL J 360 50.64 -9.84 -28.91
C VAL J 360 50.72 -8.93 -27.69
N PHE J 361 51.90 -8.91 -27.07
CA PHE J 361 52.10 -8.21 -25.81
C PHE J 361 52.12 -6.70 -26.03
N SER J 362 50.97 -6.07 -25.86
CA SER J 362 50.85 -4.61 -26.03
C SER J 362 51.36 -3.94 -24.76
N ASN J 363 52.67 -3.77 -24.70
CA ASN J 363 53.30 -3.14 -23.55
C ASN J 363 52.97 -1.65 -23.57
N ASP J 364 52.01 -1.26 -22.74
CA ASP J 364 51.64 0.14 -22.56
C ASP J 364 52.00 0.59 -21.15
N GLY J 365 53.13 0.13 -20.66
CA GLY J 365 53.55 0.49 -19.32
C GLY J 365 52.52 0.04 -18.29
N TYR J 366 52.13 0.98 -17.44
CA TYR J 366 51.21 0.71 -16.34
C TYR J 366 50.40 1.96 -16.07
N GLU J 367 49.25 1.79 -15.43
CA GLU J 367 48.41 2.93 -15.10
C GLU J 367 49.02 3.72 -13.94
N GLU J 368 49.90 4.66 -14.26
CA GLU J 368 50.58 5.44 -13.24
C GLU J 368 49.61 6.46 -12.64
N GLY J 369 49.37 6.35 -11.34
CA GLY J 369 48.49 7.29 -10.66
C GLY J 369 49.18 8.01 -9.53
N ALA J 370 48.41 8.35 -8.49
CA ALA J 370 48.98 8.99 -7.31
C ALA J 370 49.86 8.01 -6.55
N PRO J 371 50.85 8.51 -5.81
CA PRO J 371 51.67 7.61 -4.98
C PRO J 371 50.82 6.88 -3.95
N SER J 372 50.90 5.56 -3.97
CA SER J 372 50.07 4.70 -3.13
C SER J 372 50.91 4.08 -2.04
N TYR J 373 50.33 3.96 -0.85
CA TYR J 373 51.05 3.58 0.34
C TYR J 373 50.29 2.52 1.12
N ALA J 374 51.01 1.79 1.98
CA ALA J 374 50.44 0.81 2.90
C ALA J 374 50.77 1.27 4.31
N PHE J 375 49.75 1.68 5.07
CA PHE J 375 49.93 2.31 6.36
C PHE J 375 49.83 1.26 7.47
N ASN J 376 50.05 1.71 8.72
CA ASN J 376 49.89 0.83 9.87
C ASN J 376 48.46 0.31 9.94
N PRO J 377 48.26 -0.85 10.58
CA PRO J 377 46.87 -1.25 10.88
C PRO J 377 46.13 -0.18 11.67
N GLU J 378 46.80 0.45 12.62
CA GLU J 378 46.29 1.64 13.28
C GLU J 378 46.75 2.86 12.50
N ALA J 379 46.54 4.05 13.04
CA ALA J 379 46.91 5.28 12.36
C ALA J 379 48.07 6.01 13.03
N VAL J 380 48.73 5.39 13.99
CA VAL J 380 49.83 6.01 14.73
C VAL J 380 50.98 5.02 14.80
N GLY J 381 52.19 5.51 14.60
CA GLY J 381 53.37 4.66 14.65
C GLY J 381 54.63 5.47 14.51
N ALA J 382 55.75 4.78 14.71
CA ALA J 382 57.07 5.41 14.68
C ALA J 382 57.99 4.68 13.71
N GLY J 383 57.45 4.18 12.61
CA GLY J 383 58.27 3.56 11.60
C GLY J 383 59.28 4.54 11.03
N GLU J 384 60.56 4.19 11.07
CA GLU J 384 61.65 5.09 10.73
C GLU J 384 61.52 6.39 11.54
N GLY J 385 61.67 6.23 12.85
CA GLY J 385 61.32 7.29 13.78
C GLY J 385 62.28 8.45 13.79
N TYR J 386 62.31 9.21 12.69
CA TYR J 386 63.06 10.46 12.66
C TYR J 386 62.28 11.54 13.43
N GLY J 387 62.98 12.63 13.73
CA GLY J 387 62.40 13.69 14.51
C GLY J 387 62.38 13.36 15.99
N PRO J 388 61.76 14.20 16.79
CA PRO J 388 61.72 13.97 18.23
C PRO J 388 60.93 12.71 18.56
N ASP J 389 61.36 12.02 19.64
CA ASP J 389 60.63 10.82 20.06
C ASP J 389 59.26 11.17 20.62
N LEU J 390 59.19 12.24 21.41
CA LEU J 390 57.95 12.73 22.01
C LEU J 390 57.29 11.72 22.94
N SER J 391 58.02 10.67 23.33
CA SER J 391 57.47 9.65 24.21
C SER J 391 57.61 9.98 25.69
N GLN J 392 58.39 11.00 26.04
CA GLN J 392 58.62 11.41 27.42
C GLN J 392 58.18 12.84 27.64
N ILE J 393 57.02 13.20 27.11
CA ILE J 393 56.53 14.57 27.14
C ILE J 393 55.43 14.70 28.16
N LYS J 394 55.19 15.94 28.59
CA LYS J 394 54.13 16.27 29.53
C LYS J 394 53.23 17.33 28.90
N LEU J 395 51.92 17.10 28.94
CA LEU J 395 50.97 18.03 28.37
C LEU J 395 50.66 19.15 29.37
N TYR J 396 50.76 20.39 28.89
CA TYR J 396 50.50 21.56 29.73
C TYR J 396 49.33 22.33 29.16
N THR J 397 48.34 22.61 30.00
CA THR J 397 47.21 23.44 29.59
C THR J 397 47.68 24.86 29.28
N ASN J 398 47.06 25.47 28.29
CA ASN J 398 47.46 26.79 27.86
C ASN J 398 46.92 27.86 28.80
N ASN J 399 47.61 29.00 28.83
CA ASN J 399 47.15 30.21 29.50
C ASN J 399 46.95 31.26 28.42
N THR J 400 45.70 31.53 28.08
CA THR J 400 45.41 32.46 26.99
C THR J 400 45.89 33.86 27.33
N ALA J 401 45.70 34.30 28.57
CA ALA J 401 46.11 35.64 28.97
C ALA J 401 47.62 35.80 28.86
N ALA J 402 48.38 34.80 29.31
CA ALA J 402 49.84 34.86 29.27
C ALA J 402 50.41 34.31 27.96
N ASN J 403 49.59 33.70 27.12
CA ASN J 403 50.03 33.08 25.87
C ASN J 403 51.10 32.01 26.12
N ASP J 404 51.03 31.34 27.26
CA ASP J 404 52.05 30.38 27.64
C ASP J 404 51.39 29.25 28.43
N LYS J 405 52.22 28.30 28.86
CA LYS J 405 51.75 27.21 29.71
C LYS J 405 51.43 27.71 31.11
N ASN J 406 50.44 27.09 31.74
CA ASN J 406 50.17 27.44 33.12
C ASN J 406 50.09 26.23 34.05
N THR J 407 49.52 25.12 33.59
CA THR J 407 49.28 23.96 34.43
C THR J 407 49.62 22.70 33.67
N ALA J 408 50.34 21.79 34.32
CA ALA J 408 50.66 20.49 33.73
C ALA J 408 49.52 19.51 33.96
N VAL J 409 49.21 18.71 32.94
CA VAL J 409 48.23 17.65 33.10
C VAL J 409 48.75 16.63 34.09
N THR J 410 47.88 16.19 34.99
CA THR J 410 48.29 15.32 36.09
C THR J 410 48.97 14.06 35.58
N ASN J 411 48.24 13.23 34.83
CA ASN J 411 48.79 12.03 34.23
C ASN J 411 48.22 11.86 32.82
N ALA J 412 49.07 12.10 31.82
CA ALA J 412 48.67 12.10 30.41
C ALA J 412 49.45 11.01 29.69
N THR J 413 48.87 9.82 29.59
CA THR J 413 49.47 8.77 28.77
C THR J 413 49.22 9.11 27.30
N THR J 414 50.31 9.31 26.56
CA THR J 414 50.24 9.77 25.18
C THR J 414 51.15 8.93 24.30
N ASN J 415 50.73 8.75 23.05
CA ASN J 415 51.58 8.10 22.06
C ASN J 415 52.37 9.16 21.29
N PHE J 416 51.66 10.05 20.60
CA PHE J 416 52.21 11.29 20.06
C PHE J 416 53.49 11.07 19.27
N TYR J 417 53.36 10.32 18.17
CA TYR J 417 54.53 10.11 17.32
C TYR J 417 54.67 11.25 16.32
N PHE J 418 55.81 11.28 15.66
CA PHE J 418 56.18 12.37 14.78
C PHE J 418 55.90 12.03 13.32
N GLY J 419 55.64 13.05 12.52
CA GLY J 419 55.46 12.89 11.10
C GLY J 419 54.06 12.43 10.75
N THR J 420 53.90 12.11 9.46
CA THR J 420 52.62 11.63 8.95
C THR J 420 52.43 10.17 9.34
N VAL J 421 51.38 9.55 8.82
CA VAL J 421 51.12 8.14 9.15
C VAL J 421 52.24 7.28 8.58
N PRO J 422 52.85 6.41 9.38
CA PRO J 422 53.90 5.53 8.84
C PRO J 422 53.32 4.65 7.74
N SER J 423 54.07 4.53 6.65
CA SER J 423 53.56 3.82 5.49
C SER J 423 54.72 3.31 4.66
N TYR J 424 54.41 2.35 3.80
CA TYR J 424 55.33 1.86 2.79
C TYR J 424 54.69 2.08 1.42
N GLU J 425 55.44 2.68 0.50
CA GLU J 425 54.90 3.01 -0.82
C GLU J 425 55.05 1.83 -1.75
N ILE J 426 53.94 1.45 -2.39
CA ILE J 426 53.90 0.40 -3.39
C ILE J 426 53.19 0.93 -4.62
N ASP J 427 53.77 0.65 -5.80
CA ASP J 427 53.14 1.03 -7.07
C ASP J 427 52.41 -0.20 -7.61
N ILE J 428 51.21 -0.41 -7.08
CA ILE J 428 50.47 -1.64 -7.30
C ILE J 428 50.03 -1.80 -8.75
N SER J 429 49.87 -0.71 -9.49
CA SER J 429 49.57 -0.85 -10.92
C SER J 429 50.75 -1.47 -11.66
N ALA J 430 51.94 -0.91 -11.49
CA ALA J 430 53.13 -1.50 -12.08
C ALA J 430 53.40 -2.89 -11.53
N THR J 431 53.07 -3.11 -10.26
CA THR J 431 53.23 -4.44 -9.67
C THR J 431 52.37 -5.47 -10.40
N GLN J 432 51.11 -5.14 -10.64
CA GLN J 432 50.26 -6.03 -11.42
C GLN J 432 50.79 -6.22 -12.82
N ARG J 433 51.27 -5.14 -13.45
CA ARG J 433 51.77 -5.26 -14.82
C ARG J 433 52.95 -6.22 -14.89
N ARG J 434 53.93 -6.04 -13.99
CA ARG J 434 55.08 -6.92 -13.99
C ARG J 434 54.70 -8.35 -13.64
N ASN J 435 53.81 -8.54 -12.66
CA ASN J 435 53.42 -9.89 -12.29
C ASN J 435 52.71 -10.58 -13.45
N PHE J 436 51.84 -9.85 -14.16
CA PHE J 436 51.20 -10.39 -15.34
C PHE J 436 52.24 -10.81 -16.38
N ILE J 437 53.23 -9.95 -16.64
CA ILE J 437 54.22 -10.27 -17.64
C ILE J 437 54.98 -11.54 -17.26
N MET J 438 55.51 -11.59 -16.03
CA MET J 438 56.32 -12.74 -15.65
C MET J 438 55.50 -14.01 -15.55
N ALA J 439 54.25 -13.93 -15.10
CA ALA J 439 53.44 -15.13 -14.95
C ALA J 439 52.93 -15.65 -16.28
N ASN J 440 52.68 -14.78 -17.25
CA ASN J 440 52.02 -15.19 -18.49
C ASN J 440 52.98 -15.32 -19.67
N ILE J 441 53.87 -14.35 -19.88
CA ILE J 441 54.75 -14.35 -21.03
C ILE J 441 56.11 -14.95 -20.69
N ALA J 442 56.70 -14.53 -19.56
CA ALA J 442 58.01 -15.05 -19.18
C ALA J 442 57.94 -16.54 -18.89
N GLU J 443 56.93 -16.98 -18.14
CA GLU J 443 56.88 -18.37 -17.71
C GLU J 443 56.74 -19.33 -18.88
N TYR J 444 56.13 -18.88 -19.98
CA TYR J 444 55.93 -19.72 -21.15
C TYR J 444 56.96 -19.46 -22.24
N LEU J 445 58.14 -18.98 -21.87
CA LEU J 445 59.24 -18.83 -22.81
C LEU J 445 59.77 -20.20 -23.20
N PRO J 446 60.47 -20.31 -24.34
CA PRO J 446 61.07 -21.58 -24.73
C PRO J 446 62.13 -22.02 -23.72
N ASP J 447 62.34 -23.33 -23.67
CA ASP J 447 63.41 -23.87 -22.84
C ASP J 447 64.77 -23.33 -23.24
N ARG J 448 64.90 -22.84 -24.46
CA ARG J 448 66.16 -22.23 -24.91
C ARG J 448 66.51 -21.00 -24.08
N TYR J 449 65.52 -20.31 -23.53
CA TYR J 449 65.71 -19.07 -22.79
C TYR J 449 65.45 -19.25 -21.30
N LYS J 450 65.83 -20.39 -20.75
CA LYS J 450 65.60 -20.68 -19.35
C LYS J 450 66.87 -21.27 -18.74
N PHE J 451 66.84 -21.51 -17.43
CA PHE J 451 67.97 -22.10 -16.74
C PHE J 451 67.47 -22.80 -15.48
N SER J 452 68.30 -23.69 -14.95
CA SER J 452 67.94 -24.48 -13.79
C SER J 452 67.97 -23.63 -12.52
N ILE J 453 67.61 -24.25 -11.41
CA ILE J 453 67.41 -23.53 -10.15
C ILE J 453 68.40 -23.97 -9.08
N SER J 454 69.61 -24.33 -9.50
CA SER J 454 70.74 -24.67 -8.63
C SER J 454 70.60 -26.00 -7.92
N GLY J 455 69.46 -26.67 -8.03
CA GLY J 455 69.34 -28.02 -7.50
C GLY J 455 68.99 -29.00 -8.60
N PHE J 456 68.35 -28.49 -9.66
CA PHE J 456 67.91 -29.28 -10.78
C PHE J 456 68.99 -29.33 -11.86
N ASP J 457 69.07 -30.46 -12.54
CA ASP J 457 70.02 -30.66 -13.61
C ASP J 457 69.31 -31.24 -14.83
N ALA J 458 69.62 -30.70 -16.01
CA ALA J 458 69.10 -31.26 -17.23
C ALA J 458 69.70 -32.65 -17.48
N THR J 459 69.03 -33.41 -18.35
CA THR J 459 69.30 -34.81 -18.67
C THR J 459 68.99 -35.75 -17.53
N SER J 460 68.59 -35.24 -16.36
CA SER J 460 68.11 -36.08 -15.28
C SER J 460 66.66 -36.48 -15.47
N VAL J 461 65.95 -35.81 -16.38
CA VAL J 461 64.55 -36.10 -16.65
C VAL J 461 64.26 -35.62 -18.06
N ALA J 462 63.25 -36.20 -18.70
CA ALA J 462 62.89 -35.78 -20.04
C ALA J 462 62.46 -34.31 -20.03
N PRO J 463 62.80 -33.54 -21.07
CA PRO J 463 62.38 -32.13 -21.10
C PRO J 463 60.89 -31.94 -21.27
N THR J 464 60.14 -33.00 -21.54
CA THR J 464 58.69 -32.92 -21.72
C THR J 464 57.93 -33.38 -20.47
N THR J 465 58.51 -33.18 -19.30
CA THR J 465 57.86 -33.54 -18.04
C THR J 465 57.46 -32.29 -17.27
N TYR J 466 56.58 -32.48 -16.29
CA TYR J 466 56.06 -31.36 -15.53
C TYR J 466 57.14 -30.73 -14.65
N GLU J 467 57.87 -31.55 -13.89
CA GLU J 467 58.84 -31.00 -12.96
C GLU J 467 60.10 -30.50 -13.67
N TYR J 468 60.32 -30.90 -14.92
CA TYR J 468 61.33 -30.22 -15.72
C TYR J 468 60.88 -28.81 -16.06
N MET J 469 59.62 -28.67 -16.51
CA MET J 469 59.09 -27.35 -16.83
C MET J 469 58.97 -26.46 -15.60
N ASN J 470 58.85 -27.05 -14.42
CA ASN J 470 58.71 -26.26 -13.19
C ASN J 470 60.06 -25.82 -12.65
N LYS J 471 61.07 -26.69 -12.73
CA LYS J 471 62.37 -26.41 -12.13
C LYS J 471 63.32 -25.68 -13.07
N ARG J 472 62.78 -24.94 -14.05
CA ARG J 472 63.58 -24.16 -14.99
C ARG J 472 62.94 -22.79 -15.15
N VAL J 473 63.46 -21.81 -14.44
CA VAL J 473 62.93 -20.44 -14.49
C VAL J 473 63.47 -19.77 -15.75
N PRO J 474 62.74 -18.83 -16.34
CA PRO J 474 63.23 -18.14 -17.54
C PRO J 474 64.24 -17.04 -17.21
N LEU J 475 64.96 -16.63 -18.24
CA LEU J 475 65.81 -15.45 -18.13
C LEU J 475 64.92 -14.22 -17.90
N THR J 476 65.39 -13.33 -17.04
CA THR J 476 64.54 -12.23 -16.59
C THR J 476 64.67 -10.96 -17.42
N ASN J 477 65.62 -10.90 -18.36
CA ASN J 477 65.75 -9.73 -19.21
C ASN J 477 65.25 -9.96 -20.64
N VAL J 478 65.01 -11.20 -21.03
CA VAL J 478 64.45 -11.45 -22.36
C VAL J 478 63.04 -10.88 -22.46
N VAL J 479 62.27 -10.94 -21.38
CA VAL J 479 60.97 -10.26 -21.30
C VAL J 479 60.81 -9.71 -19.89
N ASP J 480 60.40 -8.44 -19.80
CA ASP J 480 60.24 -7.74 -18.54
C ASP J 480 59.45 -6.47 -18.82
N MET J 481 59.36 -5.59 -17.83
CA MET J 481 58.60 -4.36 -17.96
C MET J 481 59.18 -3.40 -18.99
N PHE J 482 60.43 -3.62 -19.43
CA PHE J 482 61.09 -2.68 -20.32
C PHE J 482 61.14 -3.15 -21.77
N THR J 483 60.95 -4.43 -22.04
CA THR J 483 61.11 -4.95 -23.40
C THR J 483 60.01 -4.39 -24.29
N ASN J 484 60.40 -3.52 -25.22
CA ASN J 484 59.46 -2.87 -26.14
C ASN J 484 58.35 -2.16 -25.36
N VAL J 485 58.77 -1.21 -24.53
CA VAL J 485 57.89 -0.62 -23.53
C VAL J 485 56.76 0.19 -24.16
N GLY J 486 56.89 0.59 -25.42
CA GLY J 486 55.84 1.37 -26.04
C GLY J 486 55.22 0.75 -27.28
N ALA J 487 55.49 -0.54 -27.50
CA ALA J 487 55.09 -1.20 -28.74
C ALA J 487 54.09 -2.30 -28.45
N ARG J 488 53.00 -2.34 -29.23
CA ARG J 488 52.17 -3.53 -29.29
C ARG J 488 52.89 -4.56 -30.14
N TRP J 489 53.66 -5.42 -29.49
CA TRP J 489 54.63 -6.26 -30.18
C TRP J 489 54.66 -7.63 -29.53
N SER J 490 54.29 -8.66 -30.27
CA SER J 490 54.42 -10.02 -29.77
C SER J 490 55.89 -10.32 -29.50
N ILE J 491 56.17 -10.92 -28.34
CA ILE J 491 57.53 -11.22 -27.95
C ILE J 491 58.12 -12.20 -28.96
N ASP J 492 59.10 -11.74 -29.72
CA ASP J 492 59.63 -12.52 -30.83
C ASP J 492 60.32 -13.79 -30.36
N GLN J 493 60.63 -13.90 -29.06
CA GLN J 493 61.08 -15.18 -28.52
C GLN J 493 59.95 -16.19 -28.44
N MET J 494 58.70 -15.74 -28.45
CA MET J 494 57.55 -16.62 -28.35
C MET J 494 56.70 -16.62 -29.61
N ASP J 495 57.26 -16.20 -30.73
CA ASP J 495 56.54 -16.28 -31.99
C ASP J 495 56.33 -17.73 -32.42
N ASN J 496 57.29 -18.59 -32.10
CA ASN J 496 57.22 -20.01 -32.44
C ASN J 496 56.65 -20.86 -31.32
N VAL J 497 56.23 -20.25 -30.22
CA VAL J 497 55.74 -20.97 -29.05
C VAL J 497 54.22 -21.08 -29.15
N ASN J 498 53.69 -22.27 -28.92
CA ASN J 498 52.27 -22.56 -29.02
C ASN J 498 51.50 -21.69 -28.03
N PRO J 499 50.66 -20.77 -28.50
CA PRO J 499 49.90 -19.93 -27.57
C PRO J 499 48.73 -20.65 -26.93
N PHE J 500 48.31 -21.80 -27.47
CA PHE J 500 47.21 -22.54 -26.91
C PHE J 500 47.64 -23.45 -25.77
N ASN J 501 48.93 -23.56 -25.51
CA ASN J 501 49.44 -24.24 -24.30
C ASN J 501 49.73 -23.19 -23.24
N HIS J 502 48.65 -22.56 -22.77
CA HIS J 502 48.75 -21.49 -21.78
C HIS J 502 47.66 -21.68 -20.74
N HIS J 503 47.92 -21.21 -19.52
CA HIS J 503 46.92 -21.31 -18.47
C HIS J 503 45.76 -20.36 -18.69
N ARG J 504 45.89 -19.41 -19.61
CA ARG J 504 44.78 -18.55 -20.01
C ARG J 504 44.05 -19.10 -21.24
N ASN J 505 44.28 -20.36 -21.57
CA ASN J 505 43.50 -21.02 -22.61
C ASN J 505 42.11 -21.29 -22.07
N TRP J 506 41.21 -20.33 -22.23
CA TRP J 506 39.89 -20.41 -21.62
C TRP J 506 39.14 -21.65 -22.07
N GLY J 507 39.33 -22.06 -23.33
CA GLY J 507 38.70 -23.28 -23.80
C GLY J 507 39.18 -24.51 -23.05
N LEU J 508 40.50 -24.67 -22.93
CA LEU J 508 41.04 -25.80 -22.19
C LEU J 508 40.70 -25.70 -20.71
N LYS J 509 40.66 -24.48 -20.18
CA LYS J 509 40.26 -24.28 -18.80
C LYS J 509 38.84 -24.78 -18.55
N TYR J 510 37.92 -24.42 -19.44
CA TYR J 510 36.54 -24.91 -19.32
C TYR J 510 36.48 -26.43 -19.51
N ARG J 511 37.26 -26.95 -20.45
CA ARG J 511 37.26 -28.40 -20.70
C ARG J 511 37.77 -29.18 -19.50
N SER J 512 38.73 -28.61 -18.77
CA SER J 512 39.26 -29.28 -17.59
C SER J 512 38.37 -29.11 -16.37
N GLN J 513 37.74 -27.94 -16.22
CA GLN J 513 36.86 -27.72 -15.08
C GLN J 513 35.53 -28.44 -15.22
N LEU J 514 35.22 -28.99 -16.40
CA LEU J 514 34.05 -29.83 -16.55
C LEU J 514 34.23 -31.21 -15.92
N LEU J 515 35.48 -31.66 -15.75
CA LEU J 515 35.74 -32.95 -15.15
C LEU J 515 35.83 -32.90 -13.64
N GLY J 516 36.19 -31.75 -13.06
CA GLY J 516 36.29 -31.57 -11.64
C GLY J 516 37.53 -30.82 -11.27
N ASN J 517 37.83 -30.79 -9.98
CA ASN J 517 39.03 -30.14 -9.46
C ASN J 517 40.12 -31.11 -9.04
N SER J 518 39.95 -32.40 -9.31
CA SER J 518 40.91 -33.41 -8.91
C SER J 518 41.43 -34.17 -10.12
N ARG J 519 42.53 -34.87 -9.91
CA ARG J 519 43.12 -35.73 -10.93
C ARG J 519 42.46 -37.09 -11.00
N TYR J 520 41.46 -37.33 -10.16
CA TYR J 520 40.75 -38.61 -10.07
C TYR J 520 39.32 -38.35 -10.49
N VAL J 521 39.01 -38.60 -11.75
CA VAL J 521 37.74 -38.22 -12.36
C VAL J 521 37.00 -39.47 -12.79
N ASN J 522 35.74 -39.57 -12.37
CA ASN J 522 34.82 -40.59 -12.87
C ASN J 522 33.96 -39.94 -13.95
N PHE J 523 34.56 -39.74 -15.12
CA PHE J 523 33.91 -38.96 -16.16
C PHE J 523 32.76 -39.71 -16.80
N HIS J 524 31.82 -38.95 -17.36
CA HIS J 524 30.74 -39.50 -18.18
C HIS J 524 30.55 -38.55 -19.35
N ILE J 525 31.01 -38.93 -20.53
CA ILE J 525 31.09 -38.04 -21.67
C ILE J 525 30.39 -38.67 -22.87
N GLN J 526 29.94 -37.80 -23.77
CA GLN J 526 29.27 -38.21 -25.00
C GLN J 526 30.10 -37.70 -26.18
N VAL J 527 30.60 -38.60 -27.00
CA VAL J 527 31.54 -38.29 -28.06
C VAL J 527 30.83 -38.44 -29.40
N PRO J 528 30.78 -37.40 -30.23
CA PRO J 528 30.06 -37.49 -31.49
C PRO J 528 30.83 -38.28 -32.53
N GLN J 529 30.07 -38.82 -33.49
CA GLN J 529 30.69 -39.43 -34.67
C GLN J 529 31.10 -38.33 -35.63
N LYS J 530 32.37 -38.36 -36.06
CA LYS J 530 32.92 -37.29 -36.87
C LYS J 530 33.24 -37.68 -38.30
N PHE J 531 33.24 -38.97 -38.63
CA PHE J 531 33.53 -39.36 -40.00
C PHE J 531 32.43 -38.87 -40.92
N PHE J 532 32.81 -38.12 -41.95
CA PHE J 532 31.85 -37.39 -42.76
C PHE J 532 30.87 -38.32 -43.48
N ALA J 533 31.31 -39.52 -43.83
CA ALA J 533 30.41 -40.45 -44.52
C ALA J 533 29.30 -40.97 -43.62
N ILE J 534 29.51 -41.01 -42.31
CA ILE J 534 28.55 -41.58 -41.39
C ILE J 534 28.10 -40.60 -40.31
N LYS J 535 28.69 -39.40 -40.27
CA LYS J 535 28.29 -38.44 -39.24
C LYS J 535 26.89 -37.90 -39.47
N ASN J 536 26.45 -37.84 -40.72
CA ASN J 536 25.12 -37.33 -41.05
C ASN J 536 24.31 -38.34 -41.85
N LEU J 537 24.79 -39.57 -41.98
CA LEU J 537 24.08 -40.58 -42.75
C LEU J 537 22.76 -40.94 -42.08
N LEU J 538 21.73 -41.14 -42.89
CA LEU J 538 20.42 -41.53 -42.40
C LEU J 538 20.20 -43.00 -42.76
N LEU J 539 20.43 -43.88 -41.79
CA LEU J 539 20.22 -45.31 -42.01
C LEU J 539 18.73 -45.62 -42.14
N LEU J 540 18.39 -46.46 -43.11
CA LEU J 540 17.03 -46.91 -43.29
C LEU J 540 16.84 -48.23 -42.54
N SER J 541 15.70 -48.88 -42.77
CA SER J 541 15.39 -50.10 -42.04
C SER J 541 16.40 -51.20 -42.35
N GLY J 542 16.79 -51.93 -41.33
CA GLY J 542 17.75 -53.01 -41.48
C GLY J 542 18.58 -53.18 -40.22
N SER J 543 19.35 -54.26 -40.22
CA SER J 543 20.24 -54.58 -39.10
C SER J 543 21.66 -54.25 -39.51
N TYR J 544 22.29 -53.32 -38.79
CA TYR J 544 23.64 -52.87 -39.07
C TYR J 544 24.50 -53.09 -37.84
N THR J 545 25.63 -53.76 -38.01
CA THR J 545 26.61 -53.87 -36.94
C THR J 545 27.69 -52.80 -37.13
N TYR J 546 27.98 -52.08 -36.06
CA TYR J 546 28.74 -50.85 -36.13
C TYR J 546 29.73 -50.83 -34.98
N GLU J 547 31.01 -51.02 -35.28
CA GLU J 547 32.03 -51.04 -34.25
C GLU J 547 32.93 -49.83 -34.38
N TRP J 548 33.68 -49.58 -33.32
CA TRP J 548 34.67 -48.51 -33.34
C TRP J 548 35.67 -48.82 -32.24
N VAL J 549 36.80 -48.10 -32.26
CA VAL J 549 37.83 -48.28 -31.24
C VAL J 549 38.23 -46.91 -30.69
N LEU J 550 38.37 -46.83 -29.37
CA LEU J 550 38.65 -45.59 -28.67
C LEU J 550 40.12 -45.50 -28.29
N ARG J 551 40.70 -44.32 -28.44
CA ARG J 551 42.08 -44.11 -28.04
C ARG J 551 42.21 -44.18 -26.52
N LYS J 552 43.29 -44.82 -26.07
CA LYS J 552 43.64 -44.83 -24.65
C LYS J 552 44.91 -44.04 -24.37
N ASP J 553 45.51 -43.43 -25.39
CA ASP J 553 46.74 -42.68 -25.22
C ASP J 553 46.47 -41.41 -24.41
N PRO J 554 47.08 -41.23 -23.25
CA PRO J 554 46.82 -40.00 -22.47
C PRO J 554 47.20 -38.73 -23.20
N ASN J 555 48.28 -38.74 -23.99
CA ASN J 555 48.65 -37.55 -24.74
C ASN J 555 47.62 -37.21 -25.81
N MET J 556 47.06 -38.24 -26.46
CA MET J 556 46.06 -38.01 -27.49
C MET J 556 44.76 -37.48 -26.90
N ILE J 557 44.14 -38.25 -26.01
CA ILE J 557 42.79 -37.94 -25.54
C ILE J 557 42.80 -36.70 -24.66
N LEU J 558 43.83 -36.52 -23.85
CA LEU J 558 43.88 -35.43 -22.88
C LEU J 558 44.77 -34.30 -23.39
N GLN J 559 44.34 -33.08 -23.13
CA GLN J 559 45.10 -31.89 -23.50
C GLN J 559 45.58 -31.19 -22.24
N SER J 560 46.86 -30.84 -22.20
CA SER J 560 47.45 -30.13 -21.09
C SER J 560 47.65 -28.67 -21.44
N SER J 561 47.74 -27.83 -20.41
CA SER J 561 48.10 -26.44 -20.61
C SER J 561 49.59 -26.23 -20.73
N LEU J 562 50.38 -27.29 -20.56
CA LEU J 562 51.83 -27.23 -20.70
C LEU J 562 52.37 -28.13 -21.79
N GLY J 563 51.59 -29.10 -22.26
CA GLY J 563 52.07 -30.00 -23.29
C GLY J 563 53.07 -31.02 -22.82
N ASN J 564 53.17 -31.26 -21.52
CA ASN J 564 54.11 -32.23 -20.99
C ASN J 564 53.67 -33.65 -21.34
N ASP J 565 54.61 -34.57 -21.25
CA ASP J 565 54.31 -35.98 -21.49
C ASP J 565 53.41 -36.50 -20.38
N LEU J 566 52.21 -36.93 -20.74
CA LEU J 566 51.28 -37.45 -19.74
C LEU J 566 51.49 -38.93 -19.46
N ARG J 567 52.06 -39.68 -20.42
CA ARG J 567 52.36 -41.08 -20.14
C ARG J 567 53.38 -41.21 -19.02
N ALA J 568 54.41 -40.37 -19.04
CA ALA J 568 55.40 -40.37 -17.98
C ALA J 568 54.93 -39.64 -16.73
N ASP J 569 53.80 -38.96 -16.78
CA ASP J 569 53.28 -38.20 -15.65
C ASP J 569 52.02 -38.85 -15.06
N GLY J 570 51.93 -40.17 -15.12
CA GLY J 570 50.92 -40.90 -14.39
C GLY J 570 49.51 -40.81 -14.92
N ALA J 571 49.30 -40.18 -16.07
CA ALA J 571 47.96 -40.06 -16.62
C ALA J 571 47.52 -41.38 -17.24
N SER J 572 46.25 -41.71 -17.03
CA SER J 572 45.69 -42.96 -17.56
C SER J 572 44.18 -42.81 -17.62
N ILE J 573 43.55 -43.72 -18.37
CA ILE J 573 42.10 -43.73 -18.50
C ILE J 573 41.62 -45.16 -18.58
N ILE J 574 40.45 -45.42 -18.00
CA ILE J 574 39.80 -46.72 -18.05
C ILE J 574 38.37 -46.50 -18.50
N TYR J 575 37.94 -47.24 -19.53
CA TYR J 575 36.58 -47.17 -20.05
C TYR J 575 35.79 -48.34 -19.51
N ASN J 576 34.73 -48.06 -18.75
CA ASN J 576 33.92 -49.11 -18.13
C ASN J 576 32.70 -49.45 -18.96
N GLU J 577 31.81 -48.47 -19.17
CA GLU J 577 30.68 -48.64 -20.09
C GLU J 577 30.85 -47.66 -21.24
N VAL J 578 30.72 -48.18 -22.47
CA VAL J 578 30.72 -47.37 -23.68
C VAL J 578 29.48 -47.79 -24.47
N ASN J 579 28.42 -47.01 -24.36
CA ASN J 579 27.17 -47.29 -25.07
C ASN J 579 27.05 -46.36 -26.27
N LEU J 580 26.04 -46.64 -27.10
CA LEU J 580 25.78 -45.87 -28.32
C LEU J 580 24.34 -45.37 -28.27
N MET J 581 24.17 -44.08 -28.00
CA MET J 581 22.85 -43.47 -28.00
C MET J 581 22.37 -43.20 -29.43
N ALA J 582 21.05 -43.07 -29.56
CA ALA J 582 20.45 -42.78 -30.85
C ALA J 582 19.05 -42.23 -30.63
N ASN J 583 18.69 -41.23 -31.42
CA ASN J 583 17.36 -40.64 -31.40
C ASN J 583 16.60 -41.11 -32.63
N PHE J 584 15.39 -41.62 -32.43
CA PHE J 584 14.53 -42.07 -33.52
C PHE J 584 13.31 -41.18 -33.58
N MET J 585 13.07 -40.57 -34.73
CA MET J 585 11.85 -39.80 -34.91
C MET J 585 10.67 -40.75 -35.09
N PRO J 586 9.63 -40.65 -34.28
CA PRO J 586 8.50 -41.58 -34.36
C PRO J 586 7.48 -41.22 -35.44
N MET J 587 7.96 -40.91 -36.63
CA MET J 587 7.05 -40.59 -37.72
C MET J 587 6.22 -41.81 -38.08
N ASP J 588 5.02 -41.56 -38.60
CA ASP J 588 4.09 -42.63 -38.89
C ASP J 588 4.73 -43.64 -39.83
N HIS J 589 4.49 -44.93 -39.55
CA HIS J 589 5.11 -45.98 -40.35
C HIS J 589 4.69 -45.88 -41.81
N ASN J 590 3.43 -45.48 -42.06
CA ASN J 590 2.98 -45.22 -43.42
C ASN J 590 3.75 -44.09 -44.07
N THR J 591 4.38 -43.23 -43.27
CA THR J 591 5.23 -42.15 -43.77
C THR J 591 6.71 -42.50 -43.75
N SER J 592 7.15 -43.24 -42.73
CA SER J 592 8.56 -43.62 -42.69
C SER J 592 8.91 -44.64 -43.77
N ASN J 593 7.99 -45.54 -44.12
CA ASN J 593 8.29 -46.46 -45.21
C ASN J 593 8.30 -45.72 -46.55
N GLN J 594 7.44 -44.73 -46.73
CA GLN J 594 7.53 -43.88 -47.90
C GLN J 594 8.86 -43.16 -47.95
N LEU J 595 9.32 -42.65 -46.81
CA LEU J 595 10.62 -42.00 -46.75
C LEU J 595 11.74 -42.96 -47.13
N GLU J 596 11.69 -44.19 -46.61
CA GLU J 596 12.77 -45.12 -46.89
C GLU J 596 12.77 -45.56 -48.34
N LEU J 597 11.58 -45.73 -48.94
CA LEU J 597 11.51 -46.09 -50.35
C LEU J 597 11.91 -44.93 -51.26
N MET J 598 11.66 -43.70 -50.84
CA MET J 598 12.15 -42.53 -51.54
C MET J 598 13.63 -42.30 -51.30
N LEU J 599 14.21 -42.94 -50.29
CA LEU J 599 15.64 -42.90 -50.04
C LEU J 599 16.38 -44.14 -50.50
N ARG J 600 15.68 -45.27 -50.65
CA ARG J 600 16.27 -46.42 -51.33
C ARG J 600 16.33 -46.23 -52.83
N ASN J 601 15.58 -45.26 -53.36
CA ASN J 601 15.64 -44.96 -54.79
C ASN J 601 17.03 -44.47 -55.17
N ALA J 602 17.56 -45.02 -56.26
CA ALA J 602 18.95 -44.75 -56.61
C ALA J 602 19.19 -43.31 -57.03
N THR J 603 18.18 -42.67 -57.65
CA THR J 603 18.38 -41.31 -58.14
C THR J 603 18.59 -40.33 -57.00
N ASN J 604 18.03 -40.60 -55.82
CA ASN J 604 18.16 -39.72 -54.67
C ASN J 604 18.68 -40.54 -53.49
N ASP J 605 19.99 -40.71 -53.43
CA ASP J 605 20.64 -41.37 -52.32
C ASP J 605 21.64 -40.42 -51.68
N GLN J 606 21.91 -40.64 -50.40
CA GLN J 606 22.62 -39.67 -49.59
C GLN J 606 24.03 -39.47 -50.11
N THR J 607 24.35 -38.24 -50.50
CA THR J 607 25.69 -37.89 -50.95
C THR J 607 26.32 -36.96 -49.93
N PHE J 608 27.51 -37.32 -49.44
CA PHE J 608 28.19 -36.56 -48.42
C PHE J 608 29.60 -36.21 -48.88
N VAL J 609 30.08 -35.06 -48.42
CA VAL J 609 31.44 -34.61 -48.67
C VAL J 609 32.06 -34.28 -47.32
N ASP J 610 33.39 -34.39 -47.26
CA ASP J 610 34.13 -33.96 -46.09
C ASP J 610 34.33 -32.45 -46.19
N TYR J 611 34.00 -31.74 -45.11
CA TYR J 611 34.03 -30.27 -45.17
C TYR J 611 35.42 -29.74 -45.43
N LEU J 612 36.46 -30.45 -44.96
CA LEU J 612 37.81 -29.98 -45.22
C LEU J 612 38.10 -29.99 -46.72
N GLY J 613 37.67 -31.03 -47.42
CA GLY J 613 37.91 -31.12 -48.85
C GLY J 613 39.37 -31.04 -49.20
N ALA J 614 40.23 -31.73 -48.46
CA ALA J 614 41.66 -31.56 -48.60
C ALA J 614 42.38 -32.86 -48.25
N LYS J 615 43.20 -33.35 -49.17
CA LYS J 615 44.16 -34.38 -48.83
C LYS J 615 45.26 -33.77 -47.99
N ASN J 616 45.58 -34.44 -46.88
CA ASN J 616 46.47 -33.89 -45.86
C ASN J 616 47.83 -34.56 -45.98
N ALA J 617 48.85 -33.76 -46.27
CA ALA J 617 50.22 -34.25 -46.39
C ALA J 617 51.12 -33.45 -45.46
N LEU J 618 52.00 -34.15 -44.75
CA LEU J 618 52.98 -33.54 -43.86
C LEU J 618 54.37 -33.76 -44.44
N TYR J 619 55.11 -32.67 -44.61
CA TYR J 619 56.47 -32.73 -45.16
C TYR J 619 57.46 -32.35 -44.08
N SER J 620 58.42 -33.23 -43.84
CA SER J 620 59.35 -33.03 -42.73
C SER J 620 60.36 -31.94 -43.07
N VAL J 621 60.51 -30.98 -42.14
CA VAL J 621 61.50 -29.93 -42.26
C VAL J 621 62.36 -29.98 -41.00
N PRO J 622 63.67 -30.21 -41.11
CA PRO J 622 64.50 -30.29 -39.91
C PRO J 622 64.61 -28.97 -39.17
N ALA J 623 65.36 -28.95 -38.08
CA ALA J 623 65.36 -27.80 -37.18
C ALA J 623 65.84 -26.54 -37.87
N GLY J 624 67.11 -26.53 -38.29
CA GLY J 624 67.70 -25.31 -38.80
C GLY J 624 67.47 -25.00 -40.26
N SER J 625 66.84 -25.91 -41.01
CA SER J 625 66.71 -25.70 -42.44
C SER J 625 65.71 -24.60 -42.74
N THR J 626 65.89 -23.95 -43.89
CA THR J 626 65.07 -22.82 -44.29
C THR J 626 64.38 -23.02 -45.63
N ALA J 627 64.55 -24.16 -46.27
CA ALA J 627 63.96 -24.42 -47.57
C ALA J 627 63.34 -25.81 -47.57
N LEU J 628 62.35 -26.00 -48.44
CA LEU J 628 61.69 -27.29 -48.58
C LEU J 628 61.24 -27.45 -50.02
N THR J 629 61.51 -28.63 -50.59
CA THR J 629 61.11 -28.97 -51.95
C THR J 629 60.15 -30.13 -51.89
N ILE J 630 59.01 -29.99 -52.55
CA ILE J 630 57.96 -31.01 -52.56
C ILE J 630 57.80 -31.52 -53.99
N ASN J 631 57.88 -32.83 -54.16
CA ASN J 631 57.70 -33.47 -55.45
C ASN J 631 56.44 -34.33 -55.41
N ILE J 632 55.58 -34.15 -56.41
CA ILE J 632 54.34 -34.90 -56.53
C ILE J 632 54.36 -35.63 -57.86
N PRO J 633 54.05 -36.92 -57.90
CA PRO J 633 54.06 -37.65 -59.18
C PRO J 633 53.00 -37.14 -60.14
N ALA J 634 53.02 -37.69 -61.35
CA ALA J 634 52.12 -37.25 -62.40
C ALA J 634 50.67 -37.49 -62.01
N ARG J 635 49.85 -36.46 -62.18
CA ARG J 635 48.45 -36.50 -61.78
C ARG J 635 47.67 -35.55 -62.68
N THR J 636 46.35 -35.70 -62.66
CA THR J 636 45.50 -34.95 -63.59
C THR J 636 44.73 -33.80 -62.95
N TRP J 637 44.67 -33.72 -61.62
CA TRP J 637 44.13 -32.55 -60.92
C TRP J 637 42.73 -32.19 -61.42
N GLU J 638 41.89 -33.20 -61.64
CA GLU J 638 40.58 -32.99 -62.25
C GLU J 638 39.60 -32.55 -61.16
N GLY J 639 39.61 -31.25 -60.90
CA GLY J 639 38.77 -30.66 -59.90
C GLY J 639 39.48 -30.13 -58.67
N MET J 640 40.78 -29.87 -58.75
CA MET J 640 41.54 -29.46 -57.58
C MET J 640 41.11 -28.07 -57.14
N ARG J 641 40.80 -27.94 -55.85
CA ARG J 641 40.26 -26.69 -55.33
C ARG J 641 41.33 -25.66 -55.05
N GLY J 642 42.54 -26.09 -54.75
CA GLY J 642 43.62 -25.17 -54.43
C GLY J 642 44.54 -25.77 -53.39
N TRP J 643 45.26 -24.89 -52.70
CA TRP J 643 46.23 -25.28 -51.70
C TRP J 643 45.93 -24.61 -50.38
N SER J 644 46.22 -25.31 -49.29
CA SER J 644 46.16 -24.75 -47.95
C SER J 644 47.33 -25.30 -47.16
N PHE J 645 48.14 -24.42 -46.58
CA PHE J 645 49.39 -24.87 -46.00
C PHE J 645 49.79 -24.02 -44.80
N THR J 646 50.32 -24.68 -43.78
CA THR J 646 50.99 -24.04 -42.66
C THR J 646 51.90 -25.10 -42.05
N ARG J 647 52.87 -24.65 -41.26
CA ARG J 647 53.87 -25.55 -40.72
C ARG J 647 53.57 -25.86 -39.25
N ILE J 648 53.61 -27.14 -38.91
CA ILE J 648 53.32 -27.62 -37.56
C ILE J 648 54.56 -28.34 -37.04
N LYS J 649 54.80 -28.21 -35.74
CA LYS J 649 55.98 -28.83 -35.14
C LYS J 649 55.86 -30.35 -35.18
N ALA J 650 56.99 -31.01 -35.43
CA ALA J 650 57.01 -32.47 -35.45
C ALA J 650 56.68 -33.05 -34.07
N ALA J 651 57.25 -32.47 -33.01
CA ALA J 651 56.96 -32.93 -31.66
C ALA J 651 55.49 -32.72 -31.29
N GLU J 652 54.82 -31.76 -31.91
CA GLU J 652 53.43 -31.47 -31.64
C GLU J 652 52.48 -32.16 -32.60
N THR J 653 52.98 -33.01 -33.49
CA THR J 653 52.16 -33.72 -34.46
C THR J 653 52.40 -35.22 -34.33
N PRO J 654 51.36 -36.01 -34.04
CA PRO J 654 51.55 -37.46 -33.99
C PRO J 654 51.71 -38.05 -35.38
N GLN J 655 52.21 -39.28 -35.41
CA GLN J 655 52.32 -40.01 -36.67
C GLN J 655 50.94 -40.35 -37.19
N LEU J 656 50.74 -40.15 -38.49
CA LEU J 656 49.43 -40.36 -39.10
C LEU J 656 49.13 -41.84 -39.25
N GLY J 657 47.87 -42.19 -39.01
CA GLY J 657 47.42 -43.57 -39.21
C GLY J 657 48.14 -44.57 -38.34
N ALA J 658 48.62 -44.15 -37.17
CA ALA J 658 49.32 -45.04 -36.25
C ALA J 658 48.44 -45.31 -35.04
N GLN J 659 48.32 -46.59 -34.68
CA GLN J 659 47.51 -46.96 -33.52
C GLN J 659 48.09 -46.41 -32.23
N TYR J 660 49.40 -46.24 -32.18
CA TYR J 660 50.05 -45.73 -30.98
C TYR J 660 51.37 -45.07 -31.38
N ASP J 661 51.55 -43.81 -31.01
CA ASP J 661 52.75 -43.04 -31.36
C ASP J 661 53.68 -43.03 -30.15
N VAL J 662 54.73 -43.83 -30.21
CA VAL J 662 55.67 -43.90 -29.09
C VAL J 662 56.58 -42.68 -29.03
N ASN J 663 56.82 -42.01 -30.16
CA ASN J 663 57.62 -40.79 -30.17
C ASN J 663 56.83 -39.56 -29.76
N PHE J 664 55.52 -39.70 -29.55
CA PHE J 664 54.65 -38.58 -29.19
C PHE J 664 54.65 -38.45 -27.67
N LYS J 665 55.53 -37.58 -27.16
CA LYS J 665 55.61 -37.30 -25.73
C LYS J 665 55.18 -35.87 -25.45
N TYR J 666 54.14 -35.42 -26.16
CA TYR J 666 53.59 -34.08 -26.04
C TYR J 666 52.08 -34.19 -25.90
N SER J 667 51.51 -33.38 -25.01
CA SER J 667 50.08 -33.47 -24.72
C SER J 667 49.45 -32.09 -24.67
N GLY J 668 49.88 -31.21 -25.56
CA GLY J 668 49.27 -29.89 -25.65
C GLY J 668 48.21 -29.84 -26.73
N SER J 669 48.24 -28.80 -27.55
CA SER J 669 47.27 -28.60 -28.62
C SER J 669 47.92 -29.02 -29.94
N ILE J 670 47.46 -30.15 -30.49
CA ILE J 670 47.94 -30.61 -31.79
C ILE J 670 47.25 -29.80 -32.87
N ALA J 671 48.00 -28.90 -33.52
CA ALA J 671 47.43 -28.07 -34.57
C ALA J 671 47.02 -28.88 -35.79
N TYR J 672 47.58 -30.07 -35.97
CA TYR J 672 47.13 -30.93 -37.06
C TYR J 672 45.70 -31.40 -36.83
N SER J 673 45.36 -31.72 -35.59
CA SER J 673 44.05 -32.29 -35.29
C SER J 673 43.00 -31.19 -35.13
N ASP J 674 43.21 -30.26 -34.22
CA ASP J 674 42.31 -29.13 -34.07
C ASP J 674 42.76 -28.00 -35.00
N GLY J 675 42.20 -26.81 -34.84
CA GLY J 675 42.57 -25.71 -35.70
C GLY J 675 43.58 -24.77 -35.08
N GLY J 676 44.27 -25.23 -34.04
CA GLY J 676 45.19 -24.37 -33.33
C GLY J 676 46.48 -24.06 -34.06
N PHE J 677 46.37 -23.54 -35.28
CA PHE J 677 47.55 -23.18 -36.06
C PHE J 677 48.15 -21.89 -35.53
N TYR J 678 49.47 -21.87 -35.36
CA TYR J 678 50.15 -20.69 -34.87
C TYR J 678 51.46 -20.39 -35.59
N LEU J 679 51.73 -21.07 -36.70
CA LEU J 679 52.97 -20.85 -37.45
C LEU J 679 52.68 -20.55 -38.91
N SER J 680 51.56 -19.88 -39.20
CA SER J 680 51.32 -19.42 -40.56
C SER J 680 52.35 -18.37 -40.98
N HIS J 681 52.96 -17.68 -40.03
CA HIS J 681 54.12 -16.85 -40.32
C HIS J 681 55.33 -17.78 -40.44
N THR J 682 56.54 -17.22 -40.47
CA THR J 682 57.76 -17.98 -40.75
C THR J 682 57.67 -18.68 -42.10
N PHE J 683 56.85 -18.13 -43.00
CA PHE J 683 56.74 -18.58 -44.38
C PHE J 683 57.26 -17.44 -45.25
N ARG J 684 58.46 -17.61 -45.81
CA ARG J 684 59.06 -16.52 -46.56
C ARG J 684 58.46 -16.41 -47.97
N ASN J 685 58.49 -17.49 -48.73
CA ASN J 685 57.91 -17.49 -50.06
C ASN J 685 57.52 -18.92 -50.45
N MET J 686 56.98 -19.05 -51.65
CA MET J 686 56.49 -20.32 -52.15
C MET J 686 56.41 -20.27 -53.67
N SER J 687 56.76 -21.37 -54.31
CA SER J 687 56.67 -21.46 -55.76
C SER J 687 55.99 -22.77 -56.14
N ILE J 688 55.08 -22.71 -57.11
CA ILE J 688 54.35 -23.87 -57.60
C ILE J 688 54.72 -24.06 -59.05
N LEU J 689 55.20 -25.27 -59.39
CA LEU J 689 55.58 -25.60 -60.75
C LEU J 689 54.94 -26.94 -61.11
N PHE J 690 53.92 -26.91 -61.98
CA PHE J 690 53.24 -28.14 -62.38
C PHE J 690 54.17 -29.07 -63.14
N ASP J 691 54.99 -28.53 -64.01
CA ASP J 691 56.10 -29.28 -64.56
C ASP J 691 57.37 -28.83 -63.86
N THR J 692 58.53 -29.28 -64.35
CA THR J 692 59.76 -28.79 -63.76
C THR J 692 60.02 -27.33 -64.07
N SER J 693 59.26 -26.71 -64.97
CA SER J 693 59.52 -25.33 -65.36
C SER J 693 58.29 -24.46 -65.53
N ILE J 694 57.08 -24.98 -65.31
CA ILE J 694 55.85 -24.24 -65.60
C ILE J 694 55.28 -23.75 -64.27
N ASN J 695 55.51 -22.48 -63.97
CA ASN J 695 54.88 -21.85 -62.82
C ASN J 695 53.39 -21.73 -63.07
N TRP J 696 52.57 -22.13 -62.09
CA TRP J 696 51.13 -22.15 -62.31
C TRP J 696 50.55 -20.76 -62.56
N PRO J 697 50.78 -19.74 -61.72
CA PRO J 697 50.26 -18.40 -62.05
C PRO J 697 50.80 -17.94 -63.40
N GLY J 698 52.12 -17.87 -63.51
CA GLY J 698 52.82 -17.85 -64.79
C GLY J 698 52.25 -16.97 -65.87
N ASN J 699 51.51 -15.93 -65.50
CA ASN J 699 51.00 -14.96 -66.45
C ASN J 699 51.29 -13.55 -65.96
N ASP J 700 52.36 -13.40 -65.18
CA ASP J 700 52.74 -12.12 -64.59
C ASP J 700 51.62 -11.54 -63.75
N ARG J 701 50.85 -12.43 -63.10
CA ARG J 701 49.80 -11.97 -62.22
C ARG J 701 50.38 -11.17 -61.05
N LEU J 702 51.17 -11.83 -60.23
CA LEU J 702 51.75 -11.21 -59.06
C LEU J 702 52.89 -10.27 -59.46
N LEU J 703 53.27 -9.40 -58.52
CA LEU J 703 54.42 -8.53 -58.73
C LEU J 703 55.72 -9.32 -58.79
N THR J 704 55.73 -10.55 -58.28
CA THR J 704 56.83 -11.49 -58.46
C THR J 704 56.27 -12.68 -59.23
N PRO J 705 56.46 -12.74 -60.55
CA PRO J 705 55.73 -13.73 -61.36
C PRO J 705 56.10 -15.18 -61.08
N ASN J 706 57.25 -15.44 -60.46
CA ASN J 706 57.76 -16.79 -60.34
C ASN J 706 57.58 -17.39 -58.95
N MET J 707 56.96 -16.68 -58.02
CA MET J 707 56.87 -17.19 -56.66
C MET J 707 55.71 -16.52 -55.93
N PHE J 708 55.22 -17.19 -54.89
CA PHE J 708 54.22 -16.65 -53.99
C PHE J 708 54.94 -16.07 -52.78
N GLU J 709 55.51 -14.87 -52.96
CA GLU J 709 56.31 -14.26 -51.90
C GLU J 709 55.37 -13.88 -50.76
N ILE J 710 55.39 -14.69 -49.71
CA ILE J 710 54.47 -14.48 -48.59
C ILE J 710 54.88 -13.26 -47.78
N LYS J 711 56.18 -13.11 -47.50
CA LYS J 711 56.64 -11.97 -46.72
C LYS J 711 58.10 -11.68 -47.04
N ARG J 712 58.43 -10.39 -47.01
CA ARG J 712 59.80 -9.93 -47.18
C ARG J 712 60.09 -8.85 -46.15
N SER J 713 61.35 -8.74 -45.77
CA SER J 713 61.73 -7.76 -44.74
C SER J 713 61.53 -6.35 -45.27
N VAL J 714 60.77 -5.54 -44.53
CA VAL J 714 60.51 -4.17 -44.95
C VAL J 714 61.75 -3.31 -44.78
N ALA J 715 62.64 -3.64 -43.84
CA ALA J 715 63.88 -2.90 -43.71
C ALA J 715 64.73 -3.03 -44.97
N LEU J 716 64.86 -4.25 -45.48
CA LEU J 716 65.57 -4.49 -46.73
C LEU J 716 64.75 -4.14 -47.95
N ASP J 717 63.48 -3.80 -47.77
CA ASP J 717 62.62 -3.43 -48.88
C ASP J 717 63.13 -2.16 -49.55
N THR J 718 63.08 -2.15 -50.88
CA THR J 718 63.43 -0.98 -51.66
C THR J 718 62.36 -0.61 -52.69
N GLU J 719 61.69 -1.60 -53.28
CA GLU J 719 60.72 -1.38 -54.33
C GLU J 719 59.28 -1.40 -53.83
N GLY J 720 59.06 -1.62 -52.55
CA GLY J 720 57.71 -1.78 -52.04
C GLY J 720 57.34 -3.22 -51.85
N PHE J 721 56.28 -3.69 -52.51
CA PHE J 721 55.88 -5.09 -52.46
C PHE J 721 55.58 -5.55 -51.03
N THR J 722 55.18 -4.62 -50.16
CA THR J 722 54.78 -4.94 -48.80
C THR J 722 53.48 -4.20 -48.48
N MET J 723 52.61 -4.85 -47.73
CA MET J 723 51.23 -4.40 -47.61
C MET J 723 50.77 -4.46 -46.15
N SER J 724 49.81 -3.61 -45.82
CA SER J 724 49.09 -3.64 -44.55
C SER J 724 49.98 -3.31 -43.37
N GLN J 725 50.97 -2.43 -43.58
CA GLN J 725 51.83 -1.92 -42.51
C GLN J 725 52.58 -3.04 -41.80
N CYS J 726 52.95 -4.09 -42.54
CA CYS J 726 53.74 -5.18 -42.00
C CYS J 726 54.59 -5.73 -43.14
N ASP J 727 55.16 -6.91 -42.95
CA ASP J 727 56.07 -7.47 -43.95
C ASP J 727 55.38 -8.41 -44.93
N ILE J 728 54.06 -8.58 -44.83
CA ILE J 728 53.34 -9.35 -45.84
C ILE J 728 53.38 -8.58 -47.15
N THR J 729 53.43 -9.32 -48.25
CA THR J 729 53.62 -8.68 -49.55
C THR J 729 52.29 -8.24 -50.14
N LYS J 730 52.38 -7.39 -51.16
CA LYS J 730 51.19 -6.98 -51.90
C LYS J 730 50.53 -8.18 -52.56
N ASP J 731 51.34 -9.04 -53.19
CA ASP J 731 50.81 -10.20 -53.88
C ASP J 731 50.10 -11.14 -52.91
N TRP J 732 50.74 -11.45 -51.78
CA TRP J 732 50.17 -12.40 -50.83
C TRP J 732 48.91 -11.86 -50.18
N TYR J 733 48.92 -10.58 -49.82
CA TYR J 733 47.73 -9.95 -49.26
C TYR J 733 46.59 -10.00 -50.28
N LEU J 734 46.90 -9.72 -51.54
CA LEU J 734 45.91 -9.84 -52.60
C LEU J 734 45.36 -11.26 -52.69
N ILE J 735 46.26 -12.25 -52.64
CA ILE J 735 45.82 -13.65 -52.71
C ILE J 735 44.84 -13.95 -51.60
N GLN J 736 45.20 -13.59 -50.37
CA GLN J 736 44.41 -13.99 -49.22
C GLN J 736 43.07 -13.28 -49.21
N MET J 737 43.05 -11.97 -49.49
CA MET J 737 41.79 -11.24 -49.51
C MET J 737 40.88 -11.74 -50.63
N ALA J 738 41.44 -11.99 -51.82
CA ALA J 738 40.62 -12.50 -52.91
C ALA J 738 40.07 -13.88 -52.60
N THR J 739 40.88 -14.74 -51.99
CA THR J 739 40.43 -16.09 -51.67
C THR J 739 39.31 -16.06 -50.64
N ASN J 740 39.52 -15.32 -49.54
CA ASN J 740 38.59 -15.38 -48.43
C ASN J 740 37.33 -14.55 -48.67
N TYR J 741 37.43 -13.45 -49.40
CA TYR J 741 36.36 -12.46 -49.43
C TYR J 741 35.85 -12.12 -50.82
N ASN J 742 36.52 -12.56 -51.88
CA ASN J 742 36.00 -12.61 -53.24
C ASN J 742 35.83 -11.24 -53.89
N PHE J 743 36.36 -10.18 -53.30
CA PHE J 743 36.32 -8.85 -53.92
C PHE J 743 37.63 -8.13 -53.61
N VAL J 744 38.52 -8.10 -54.59
CA VAL J 744 39.76 -7.33 -54.45
C VAL J 744 39.92 -6.38 -55.63
N TYR J 745 39.32 -6.72 -56.76
CA TYR J 745 39.40 -5.87 -57.94
C TYR J 745 38.42 -4.71 -57.85
N ASN J 746 37.54 -4.72 -56.86
CA ASN J 746 36.66 -3.59 -56.56
C ASN J 746 37.06 -2.85 -55.31
N GLY J 747 38.19 -3.21 -54.70
CA GLY J 747 38.69 -2.51 -53.54
C GLY J 747 38.91 -3.39 -52.32
N TYR J 748 39.96 -3.11 -51.56
CA TYR J 748 40.18 -3.79 -50.29
C TYR J 748 39.29 -3.17 -49.22
N ARG J 749 38.59 -4.02 -48.48
CA ARG J 749 37.74 -3.55 -47.40
C ARG J 749 37.60 -4.67 -46.38
N PHE J 750 37.13 -4.30 -45.20
CA PHE J 750 36.88 -5.29 -44.16
C PHE J 750 35.57 -6.02 -44.45
N TRP J 751 35.54 -7.30 -44.06
CA TRP J 751 34.38 -8.16 -44.29
C TRP J 751 33.90 -8.69 -42.95
N PRO J 752 32.96 -7.98 -42.29
CA PRO J 752 32.58 -8.35 -40.93
C PRO J 752 31.78 -9.64 -40.85
N ASP J 753 31.18 -10.10 -41.95
CA ASP J 753 30.35 -11.29 -41.91
C ASP J 753 31.15 -12.58 -41.74
N ARG J 754 32.47 -12.53 -41.90
CA ARG J 754 33.32 -13.70 -41.69
C ARG J 754 34.08 -13.64 -40.37
N GLN J 755 33.85 -12.62 -39.54
CA GLN J 755 34.59 -12.49 -38.28
C GLN J 755 34.17 -13.53 -37.25
N TYR J 756 33.11 -14.28 -37.51
CA TYR J 756 32.73 -15.40 -36.65
C TYR J 756 33.49 -16.68 -36.98
N PHE J 757 34.15 -16.72 -38.14
CA PHE J 757 34.62 -17.99 -38.69
C PHE J 757 35.72 -18.63 -37.86
N HIS J 758 36.50 -17.84 -37.11
CA HIS J 758 37.57 -18.30 -36.25
C HIS J 758 38.75 -18.85 -37.02
N TYR J 759 38.67 -18.94 -38.35
CA TYR J 759 39.79 -19.40 -39.15
C TYR J 759 39.99 -18.57 -40.41
N ASP J 760 39.36 -17.40 -40.51
CA ASP J 760 39.50 -16.55 -41.68
C ASP J 760 40.77 -15.70 -41.57
N PHE J 761 40.90 -14.71 -42.44
CA PHE J 761 42.13 -13.94 -42.55
C PHE J 761 42.11 -12.68 -41.68
N LEU J 762 41.16 -11.78 -41.95
CA LEU J 762 41.15 -10.49 -41.26
C LEU J 762 40.84 -10.64 -39.78
N ARG J 763 40.24 -11.75 -39.37
CA ARG J 763 39.90 -11.93 -37.96
C ARG J 763 41.15 -12.02 -37.09
N ASN J 764 42.18 -12.68 -37.58
CA ASN J 764 43.36 -12.98 -36.78
C ASN J 764 44.67 -12.64 -37.45
N PHE J 765 44.66 -12.07 -38.65
CA PHE J 765 45.86 -11.49 -39.24
C PHE J 765 46.22 -10.24 -38.44
N ASP J 766 47.34 -10.29 -37.72
CA ASP J 766 47.72 -9.22 -36.82
C ASP J 766 49.05 -8.61 -37.25
N PRO J 767 49.04 -7.49 -37.97
CA PRO J 767 50.28 -6.76 -38.22
C PRO J 767 50.72 -5.99 -37.00
N MET J 768 52.03 -5.87 -36.85
CA MET J 768 52.59 -5.21 -35.67
C MET J 768 53.96 -4.63 -36.04
N THR J 769 54.41 -3.68 -35.23
CA THR J 769 55.63 -2.95 -35.55
C THR J 769 56.30 -2.45 -34.27
N ARG J 770 57.61 -2.63 -34.19
CA ARG J 770 58.43 -2.00 -33.18
C ARG J 770 59.64 -1.39 -33.87
N GLN J 771 60.41 -0.59 -33.14
CA GLN J 771 61.54 0.13 -33.71
C GLN J 771 62.88 -0.38 -33.18
N GLY J 772 63.09 -0.34 -31.86
CA GLY J 772 64.26 -0.93 -31.28
C GLY J 772 65.54 -0.15 -31.53
N PRO J 773 66.46 -0.20 -30.58
CA PRO J 773 67.77 0.44 -30.80
C PRO J 773 68.57 -0.30 -31.87
N ASN J 774 69.42 0.45 -32.56
CA ASN J 774 70.32 -0.12 -33.56
C ASN J 774 71.68 -0.34 -32.88
N PHE J 775 71.97 -1.59 -32.56
CA PHE J 775 73.24 -1.92 -31.93
C PHE J 775 74.32 -1.97 -33.01
N ALA J 776 75.50 -2.48 -32.66
CA ALA J 776 76.67 -2.40 -33.53
C ALA J 776 76.98 -0.96 -33.88
N LEU J 777 76.87 -0.08 -32.90
CA LEU J 777 77.11 1.35 -33.02
C LEU J 777 78.03 1.77 -31.88
N PRO J 778 78.55 3.01 -31.91
CA PRO J 778 79.43 3.45 -30.83
C PRO J 778 78.84 3.30 -29.43
N GLY J 779 77.55 3.58 -29.27
CA GLY J 779 76.84 3.28 -28.03
C GLY J 779 76.03 2.01 -28.18
N LEU J 780 74.91 1.96 -27.44
CA LEU J 780 73.87 0.95 -27.66
C LEU J 780 74.44 -0.47 -27.54
N PHE J 781 74.81 -0.80 -26.30
CA PHE J 781 75.60 -2.00 -26.03
C PHE J 781 74.77 -3.28 -25.90
N ASP J 782 73.45 -3.20 -25.92
CA ASP J 782 72.58 -4.39 -25.90
C ASP J 782 72.86 -5.24 -24.66
N LEU J 783 72.52 -4.67 -23.50
CA LEU J 783 72.80 -5.28 -22.21
C LEU J 783 72.07 -6.59 -21.98
N VAL J 784 71.03 -6.90 -22.75
CA VAL J 784 70.21 -8.09 -22.52
C VAL J 784 70.83 -9.26 -23.29
N SER J 785 71.17 -10.32 -22.57
CA SER J 785 71.73 -11.53 -23.17
C SER J 785 70.67 -12.61 -23.21
N TYR J 786 70.47 -13.20 -24.39
CA TYR J 786 69.46 -14.23 -24.58
C TYR J 786 70.01 -15.64 -24.42
N THR J 787 71.31 -15.79 -24.16
CA THR J 787 71.86 -17.13 -24.01
C THR J 787 72.16 -17.43 -22.55
N PRO J 788 71.63 -18.51 -21.99
CA PRO J 788 71.93 -18.87 -20.61
C PRO J 788 73.30 -19.54 -20.50
N THR J 789 73.77 -19.64 -19.25
CA THR J 789 75.05 -20.28 -18.98
C THR J 789 74.96 -21.79 -18.84
N THR J 790 73.76 -22.35 -18.96
CA THR J 790 73.48 -23.79 -18.99
C THR J 790 74.38 -24.58 -18.04
N ASP J 791 74.45 -24.12 -16.79
CA ASP J 791 75.12 -24.84 -15.73
C ASP J 791 74.11 -25.23 -14.65
N ASN J 792 74.56 -26.09 -13.73
CA ASN J 792 73.67 -26.59 -12.70
C ASN J 792 73.15 -25.47 -11.80
N SER J 793 74.03 -24.54 -11.43
CA SER J 793 73.63 -23.47 -10.53
C SER J 793 72.59 -22.57 -11.16
N GLY J 794 71.74 -22.00 -10.31
CA GLY J 794 70.68 -21.12 -10.76
C GLY J 794 71.12 -19.68 -10.82
N GLU J 795 72.37 -19.47 -11.22
CA GLU J 795 72.97 -18.14 -11.30
C GLU J 795 73.24 -17.81 -12.77
N GLN J 796 72.79 -16.63 -13.20
CA GLN J 796 72.98 -16.18 -14.57
C GLN J 796 73.60 -14.78 -14.53
N PRO J 797 74.90 -14.69 -14.23
CA PRO J 797 75.54 -13.37 -14.12
C PRO J 797 75.51 -12.57 -15.41
N SER J 798 75.24 -13.21 -16.55
CA SER J 798 75.08 -12.48 -17.80
C SER J 798 73.84 -11.61 -17.82
N GLN J 799 72.92 -11.81 -16.88
CA GLN J 799 71.68 -11.03 -16.83
C GLN J 799 71.80 -9.76 -16.00
N GLU J 800 72.88 -9.60 -15.22
CA GLU J 800 73.00 -8.53 -14.25
C GLU J 800 73.45 -7.21 -14.87
N ALA J 801 73.33 -7.04 -16.18
CA ALA J 801 73.79 -5.83 -16.84
C ALA J 801 72.70 -4.79 -17.02
N VAL J 802 71.45 -5.08 -16.66
CA VAL J 802 70.33 -4.21 -17.04
C VAL J 802 69.99 -3.21 -15.94
N ARG J 803 70.25 -3.58 -14.68
CA ARG J 803 70.20 -2.63 -13.56
C ARG J 803 68.91 -1.82 -13.52
N ASN J 804 67.78 -2.43 -13.85
CA ASN J 804 66.50 -1.75 -13.80
C ASN J 804 65.66 -2.32 -12.66
N ASN J 805 64.96 -1.43 -11.96
CA ASN J 805 64.26 -1.80 -10.72
C ASN J 805 65.23 -2.48 -9.76
N SER J 806 66.40 -1.85 -9.60
CA SER J 806 67.53 -2.52 -8.96
C SER J 806 67.22 -2.94 -7.54
N GLY J 807 66.93 -1.98 -6.68
CA GLY J 807 66.71 -2.26 -5.27
C GLY J 807 65.30 -2.71 -4.92
N PHE J 808 64.49 -3.10 -5.91
CA PHE J 808 63.10 -3.40 -5.67
C PHE J 808 62.67 -4.77 -6.19
N ILE J 809 63.55 -5.49 -6.88
CA ILE J 809 63.26 -6.82 -7.39
C ILE J 809 64.44 -7.74 -7.07
N ALA J 810 64.27 -9.02 -7.39
CA ALA J 810 65.33 -9.98 -7.21
C ALA J 810 66.47 -9.69 -8.18
N PRO J 811 67.68 -10.15 -7.87
CA PRO J 811 68.79 -9.96 -8.82
C PRO J 811 68.50 -10.63 -10.14
N ARG J 812 68.97 -10.01 -11.22
CA ARG J 812 68.69 -10.54 -12.54
C ARG J 812 69.32 -11.91 -12.74
N SER J 813 70.47 -12.16 -12.12
CA SER J 813 71.07 -13.48 -12.19
C SER J 813 70.23 -14.53 -11.46
N TRP J 814 69.60 -14.13 -10.36
CA TRP J 814 68.77 -15.03 -9.59
C TRP J 814 67.50 -15.36 -10.34
N PRO J 815 66.82 -16.45 -9.97
CA PRO J 815 65.47 -16.68 -10.50
C PRO J 815 64.55 -15.53 -10.15
N VAL J 816 63.62 -15.24 -11.05
CA VAL J 816 62.76 -14.06 -10.90
C VAL J 816 61.95 -14.14 -9.62
N TRP J 817 61.50 -15.34 -9.27
CA TRP J 817 60.59 -15.54 -8.14
C TRP J 817 61.31 -15.63 -6.81
N SER J 818 62.57 -15.20 -6.73
CA SER J 818 63.27 -15.15 -5.47
C SER J 818 63.03 -13.81 -4.78
N ALA J 819 63.51 -13.69 -3.56
CA ALA J 819 63.27 -12.49 -2.77
C ALA J 819 63.97 -11.29 -3.39
N HIS J 820 63.36 -10.12 -3.23
CA HIS J 820 63.95 -8.89 -3.74
C HIS J 820 65.19 -8.54 -2.91
N GLN J 821 66.18 -7.97 -3.58
CA GLN J 821 67.34 -7.45 -2.88
C GLN J 821 68.07 -6.48 -3.80
N GLY J 822 68.92 -5.65 -3.20
CA GLY J 822 69.71 -4.68 -3.91
C GLY J 822 69.52 -3.30 -3.34
N GLU J 823 70.00 -2.31 -4.07
CA GLU J 823 69.90 -0.92 -3.67
C GLU J 823 69.32 -0.11 -4.83
N SER J 824 68.70 1.02 -4.49
CA SER J 824 68.15 1.89 -5.52
C SER J 824 69.27 2.43 -6.41
N TRP J 825 69.06 2.36 -7.72
CA TRP J 825 70.09 2.71 -8.68
C TRP J 825 69.42 3.11 -9.98
N PRO J 826 69.94 4.11 -10.70
CA PRO J 826 69.34 4.47 -11.98
C PRO J 826 69.36 3.31 -12.97
N ALA J 827 68.26 3.12 -13.67
CA ALA J 827 68.21 2.13 -14.73
C ALA J 827 69.10 2.57 -15.89
N ASN J 828 69.58 1.59 -16.66
CA ASN J 828 70.47 1.91 -17.76
C ASN J 828 70.07 1.24 -19.06
N TRP J 829 69.43 0.07 -18.97
CA TRP J 829 69.23 -0.74 -20.17
C TRP J 829 68.29 -0.07 -21.17
N PRO J 830 67.02 0.23 -20.83
CA PRO J 830 66.06 0.54 -21.89
C PRO J 830 66.39 1.86 -22.57
N TYR J 831 66.91 1.78 -23.78
CA TYR J 831 67.30 2.99 -24.49
C TYR J 831 66.04 3.75 -24.91
N PRO J 832 65.91 5.02 -24.54
CA PRO J 832 64.69 5.75 -24.88
C PRO J 832 64.54 5.95 -26.37
N LEU J 833 63.54 5.28 -26.96
CA LEU J 833 63.26 5.46 -28.38
C LEU J 833 62.31 6.62 -28.64
N CYS J 834 61.74 7.19 -27.59
CA CYS J 834 60.79 8.30 -27.69
C CYS J 834 61.15 9.35 -26.66
N GLY J 835 60.36 10.43 -26.62
CA GLY J 835 60.58 11.48 -25.66
C GLY J 835 61.66 12.44 -26.06
N GLN J 836 61.95 13.37 -25.14
CA GLN J 836 62.94 14.41 -25.43
C GLN J 836 64.35 13.85 -25.50
N GLN J 837 64.67 12.89 -24.62
CA GLN J 837 66.01 12.32 -24.57
C GLN J 837 66.15 11.07 -25.42
N ALA J 838 65.37 10.95 -26.49
CA ALA J 838 65.42 9.77 -27.33
C ALA J 838 66.72 9.70 -28.10
N ILE J 839 67.13 8.47 -28.44
CA ILE J 839 68.33 8.29 -29.24
C ILE J 839 68.08 8.81 -30.66
N GLN J 840 69.18 9.05 -31.38
CA GLN J 840 69.08 9.68 -32.68
C GLN J 840 68.36 8.77 -33.68
N PRO J 841 67.74 9.36 -34.71
CA PRO J 841 67.03 8.52 -35.69
C PRO J 841 67.93 7.54 -36.42
N GLY J 842 69.22 7.84 -36.52
CA GLY J 842 70.13 6.89 -37.14
C GLY J 842 70.55 5.76 -36.25
N GLN J 843 70.12 5.77 -34.99
CA GLN J 843 70.44 4.73 -34.02
C GLN J 843 69.26 3.83 -33.73
N VAL J 844 68.16 3.97 -34.46
CA VAL J 844 66.98 3.12 -34.29
C VAL J 844 66.81 2.27 -35.54
N LEU J 845 65.89 1.32 -35.46
CA LEU J 845 65.61 0.44 -36.58
C LEU J 845 64.10 0.32 -36.82
N SER J 846 63.71 -0.58 -37.73
CA SER J 846 62.32 -0.91 -37.96
C SER J 846 62.16 -2.41 -38.00
N TYR J 847 61.07 -2.91 -37.43
CA TYR J 847 60.85 -4.34 -37.23
C TYR J 847 59.45 -4.74 -37.64
N LYS J 848 59.02 -4.35 -38.84
CA LYS J 848 57.71 -4.73 -39.33
C LYS J 848 57.57 -6.25 -39.32
N LYS J 849 56.43 -6.72 -38.81
CA LYS J 849 56.17 -8.14 -38.63
C LYS J 849 54.66 -8.33 -38.52
N PHE J 850 54.21 -9.55 -38.77
CA PHE J 850 52.80 -9.89 -38.60
C PHE J 850 52.67 -11.28 -38.02
N LEU J 851 51.62 -11.48 -37.23
CA LEU J 851 51.23 -12.80 -36.75
C LEU J 851 49.88 -13.17 -37.35
N CYS J 852 49.70 -14.45 -37.64
CA CYS J 852 48.50 -14.93 -38.32
C CYS J 852 48.21 -16.33 -37.79
N ASP J 853 47.34 -16.41 -36.78
CA ASP J 853 47.04 -17.67 -36.12
C ASP J 853 45.76 -18.27 -36.67
N ASN J 854 45.67 -19.59 -36.60
CA ASN J 854 44.46 -20.33 -36.97
C ASN J 854 44.03 -20.08 -38.41
N TYR J 855 44.94 -19.60 -39.27
CA TYR J 855 44.50 -19.21 -40.60
C TYR J 855 44.80 -20.25 -41.67
N LEU J 856 46.01 -20.85 -41.68
CA LEU J 856 46.33 -21.92 -42.61
C LEU J 856 46.21 -21.43 -44.06
N TRP J 857 47.23 -20.65 -44.45
CA TRP J 857 47.32 -19.95 -45.74
C TRP J 857 46.66 -20.72 -46.87
N THR J 858 45.80 -20.05 -47.64
CA THR J 858 45.05 -20.69 -48.70
C THR J 858 45.39 -20.04 -50.03
N ILE J 859 45.64 -20.87 -51.05
CA ILE J 859 45.80 -20.42 -52.42
C ILE J 859 44.74 -21.10 -53.27
N PRO J 860 43.80 -20.36 -53.85
CA PRO J 860 42.76 -21.00 -54.65
C PRO J 860 43.30 -21.47 -55.98
N PHE J 861 42.67 -22.51 -56.51
CA PHE J 861 42.98 -22.92 -57.89
C PHE J 861 42.04 -22.25 -58.87
N SER J 862 41.92 -20.94 -58.76
CA SER J 862 41.03 -20.15 -59.60
C SER J 862 41.86 -19.21 -60.45
N SER J 863 41.38 -19.01 -61.69
CA SER J 863 42.13 -18.16 -62.63
C SER J 863 42.23 -16.73 -62.13
N ASP J 864 41.16 -16.19 -61.56
CA ASP J 864 41.14 -14.82 -61.06
C ASP J 864 41.36 -14.74 -59.56
N PHE J 865 41.69 -15.86 -58.92
CA PHE J 865 42.04 -15.94 -57.51
C PHE J 865 40.86 -15.67 -56.58
N MET J 866 39.64 -15.68 -57.10
CA MET J 866 38.45 -15.48 -56.30
C MET J 866 37.56 -16.72 -56.41
N TYR J 867 36.63 -16.84 -55.47
CA TYR J 867 35.73 -17.99 -55.41
C TYR J 867 34.66 -17.83 -56.48
N MET J 868 34.64 -18.74 -57.46
CA MET J 868 33.59 -18.80 -58.46
C MET J 868 32.87 -20.14 -58.40
N GLY J 869 32.94 -20.81 -57.26
CA GLY J 869 32.33 -22.12 -57.08
C GLY J 869 33.31 -23.06 -56.42
N GLU J 870 32.77 -24.05 -55.71
CA GLU J 870 33.62 -25.02 -55.04
C GLU J 870 34.47 -25.78 -56.05
N LEU J 871 33.89 -26.15 -57.19
CA LEU J 871 34.65 -26.68 -58.30
C LEU J 871 35.24 -25.49 -59.04
N THR J 872 36.56 -25.31 -58.94
CA THR J 872 37.19 -24.06 -59.32
C THR J 872 37.19 -23.88 -60.83
N ASP J 873 37.67 -22.71 -61.27
CA ASP J 873 37.72 -22.38 -62.68
C ASP J 873 38.64 -23.34 -63.42
N LEU J 874 39.88 -23.48 -62.94
CA LEU J 874 40.86 -24.34 -63.58
C LEU J 874 40.76 -25.79 -63.14
N GLY J 875 39.95 -26.08 -62.12
CA GLY J 875 39.77 -27.45 -61.70
C GLY J 875 39.18 -28.34 -62.77
N GLN J 876 38.29 -27.78 -63.60
CA GLN J 876 37.70 -28.51 -64.72
C GLN J 876 38.28 -28.08 -66.05
N ASN J 877 39.37 -27.34 -66.06
CA ASN J 877 40.00 -26.95 -67.31
C ASN J 877 40.69 -28.17 -67.92
N PRO J 878 40.29 -28.61 -69.10
CA PRO J 878 40.85 -29.84 -69.65
C PRO J 878 42.18 -29.65 -70.35
N MET J 879 43.07 -28.87 -69.74
CA MET J 879 44.50 -28.96 -69.97
C MET J 879 45.21 -29.51 -68.77
N TYR J 880 44.63 -29.34 -67.59
CA TYR J 880 45.03 -30.03 -66.38
C TYR J 880 44.34 -31.37 -66.24
N THR J 881 43.00 -31.39 -66.35
CA THR J 881 42.26 -32.63 -66.16
C THR J 881 42.63 -33.67 -67.21
N ASN J 882 42.71 -33.26 -68.49
CA ASN J 882 43.06 -34.21 -69.53
C ASN J 882 44.51 -34.66 -69.43
N ASN J 883 45.43 -33.73 -69.22
CA ASN J 883 46.85 -34.00 -69.32
C ASN J 883 47.46 -34.14 -67.93
N SER J 884 48.18 -35.24 -67.72
CA SER J 884 48.79 -35.49 -66.43
C SER J 884 49.97 -34.56 -66.19
N HIS J 885 50.07 -34.04 -64.98
CA HIS J 885 51.17 -33.16 -64.58
C HIS J 885 51.72 -33.64 -63.24
N SER J 886 53.02 -33.43 -63.05
CA SER J 886 53.73 -33.84 -61.83
C SER J 886 54.27 -32.58 -61.17
N MET J 887 53.45 -31.94 -60.34
CA MET J 887 53.78 -30.62 -59.84
C MET J 887 54.87 -30.64 -58.78
N VAL J 888 55.65 -29.58 -58.74
CA VAL J 888 56.73 -29.40 -57.78
C VAL J 888 56.47 -28.11 -57.02
N ILE J 889 56.48 -28.20 -55.69
CA ILE J 889 56.24 -27.07 -54.82
C ILE J 889 57.49 -26.81 -53.99
N ASN J 890 57.99 -25.58 -54.05
CA ASN J 890 59.20 -25.19 -53.34
C ASN J 890 58.85 -24.17 -52.28
N PHE J 891 59.27 -24.41 -51.04
CA PHE J 891 59.02 -23.52 -49.93
C PHE J 891 60.33 -22.92 -49.43
N GLU J 892 60.22 -21.68 -48.93
CA GLU J 892 61.31 -21.02 -48.24
C GLU J 892 60.78 -20.60 -46.88
N LEU J 893 61.35 -21.16 -45.81
CA LEU J 893 60.81 -21.02 -44.47
C LEU J 893 61.81 -20.32 -43.57
N ASP J 894 61.29 -19.69 -42.52
CA ASP J 894 62.16 -19.14 -41.49
C ASP J 894 62.76 -20.28 -40.68
N PRO J 895 64.08 -20.27 -40.43
CA PRO J 895 64.67 -21.35 -39.63
C PRO J 895 64.12 -21.35 -38.22
N MET J 896 63.91 -22.53 -37.67
CA MET J 896 63.43 -22.69 -36.30
C MET J 896 64.47 -23.43 -35.46
N ASP J 897 64.13 -23.64 -34.19
CA ASP J 897 65.01 -24.30 -33.25
C ASP J 897 64.63 -25.75 -33.01
N ASP J 898 63.68 -26.28 -33.76
CA ASP J 898 63.23 -27.66 -33.60
C ASP J 898 62.56 -28.11 -34.89
N PRO J 899 62.68 -29.39 -35.25
CA PRO J 899 62.09 -29.85 -36.51
C PRO J 899 60.59 -29.69 -36.52
N THR J 900 60.07 -29.21 -37.65
CA THR J 900 58.64 -29.02 -37.84
C THR J 900 58.22 -29.62 -39.16
N TYR J 901 56.96 -30.01 -39.25
CA TYR J 901 56.37 -30.41 -40.51
C TYR J 901 55.88 -29.18 -41.26
N VAL J 902 55.43 -29.39 -42.50
CA VAL J 902 54.74 -28.38 -43.27
C VAL J 902 53.39 -28.98 -43.66
N TYR J 903 52.37 -28.71 -42.86
CA TYR J 903 51.06 -29.34 -43.04
C TYR J 903 50.42 -28.77 -44.29
N MET J 904 50.48 -29.53 -45.37
CA MET J 904 50.05 -29.06 -46.68
C MET J 904 48.73 -29.74 -47.05
N LEU J 905 47.70 -28.93 -47.23
CA LEU J 905 46.38 -29.40 -47.63
C LEU J 905 46.12 -29.00 -49.08
N TYR J 906 45.77 -29.96 -49.90
CA TYR J 906 45.44 -29.69 -51.29
C TYR J 906 43.95 -29.39 -51.38
N GLY J 907 43.45 -29.20 -52.59
CA GLY J 907 42.02 -29.05 -52.78
C GLY J 907 41.45 -30.28 -53.44
N VAL J 908 40.68 -31.07 -52.71
CA VAL J 908 40.14 -32.32 -53.22
C VAL J 908 38.64 -32.34 -53.01
N PHE J 909 37.96 -33.09 -53.87
CA PHE J 909 36.54 -33.37 -53.77
C PHE J 909 36.41 -34.83 -53.33
N ASP J 910 36.44 -35.05 -52.02
CA ASP J 910 36.41 -36.40 -51.47
C ASP J 910 34.98 -36.84 -51.15
N THR J 911 34.11 -36.65 -52.14
CA THR J 911 32.68 -36.87 -51.98
C THR J 911 32.35 -38.34 -51.86
N VAL J 912 31.22 -38.61 -51.20
CA VAL J 912 30.71 -39.95 -50.93
C VAL J 912 29.21 -39.95 -51.17
N ARG J 913 28.70 -40.98 -51.81
CA ARG J 913 27.26 -41.16 -51.89
C ARG J 913 26.90 -42.57 -51.45
N VAL J 914 25.81 -42.66 -50.69
CA VAL J 914 25.42 -43.88 -49.97
C VAL J 914 24.22 -44.49 -50.67
N ASN J 915 24.39 -45.68 -51.23
CA ASN J 915 23.32 -46.38 -51.93
C ASN J 915 22.80 -47.51 -51.07
N GLN J 916 21.49 -47.56 -50.87
CA GLN J 916 20.82 -48.57 -50.06
C GLN J 916 19.67 -49.17 -50.84
N PRO J 917 19.98 -49.96 -51.88
CA PRO J 917 18.91 -50.41 -52.80
C PRO J 917 17.84 -51.27 -52.16
N GLU J 918 18.19 -52.10 -51.18
CA GLU J 918 17.23 -52.99 -50.53
C GLU J 918 17.33 -52.83 -49.02
N ARG J 919 16.53 -53.60 -48.30
CA ARG J 919 16.63 -53.59 -46.84
C ARG J 919 17.98 -54.15 -46.42
N ASN J 920 18.53 -53.57 -45.35
CA ASN J 920 19.83 -53.92 -44.77
C ASN J 920 20.86 -54.27 -45.85
N VAL J 921 20.93 -53.40 -46.87
CA VAL J 921 21.95 -53.47 -47.91
C VAL J 921 22.58 -52.08 -47.97
N LEU J 922 23.73 -51.93 -47.33
CA LEU J 922 24.43 -50.66 -47.24
C LEU J 922 25.69 -50.72 -48.08
N ALA J 923 25.92 -49.70 -48.90
CA ALA J 923 27.09 -49.67 -49.77
C ALA J 923 27.40 -48.23 -50.14
N MET J 924 28.59 -47.76 -49.76
CA MET J 924 29.10 -46.46 -50.19
C MET J 924 30.30 -46.63 -51.09
N ALA J 925 30.42 -45.77 -52.09
CA ALA J 925 31.57 -45.70 -52.97
C ALA J 925 32.26 -44.36 -52.77
N TYR J 926 33.54 -44.39 -52.46
CA TYR J 926 34.25 -43.15 -52.19
C TYR J 926 34.90 -42.63 -53.46
N PHE J 927 35.16 -41.33 -53.49
CA PHE J 927 35.78 -40.74 -54.67
C PHE J 927 36.45 -39.42 -54.30
N ARG J 928 37.75 -39.33 -54.57
CA ARG J 928 38.53 -38.11 -54.40
C ARG J 928 39.06 -37.69 -55.76
N THR J 929 38.89 -36.40 -56.11
CA THR J 929 39.10 -36.00 -57.50
C THR J 929 40.58 -35.92 -57.88
N PRO J 930 41.43 -35.11 -57.23
CA PRO J 930 42.82 -35.04 -57.68
C PRO J 930 43.62 -36.25 -57.27
N PHE J 931 43.49 -36.65 -56.01
CA PHE J 931 44.27 -37.75 -55.43
C PHE J 931 43.29 -38.87 -55.08
N ALA J 932 43.02 -39.73 -56.06
CA ALA J 932 42.08 -40.82 -55.86
C ALA J 932 42.74 -42.10 -55.35
N THR J 933 44.06 -42.13 -55.24
CA THR J 933 44.76 -43.36 -54.91
C THR J 933 45.01 -43.52 -53.41
N GLY J 934 44.98 -42.43 -52.65
CA GLY J 934 45.19 -42.51 -51.21
C GLY J 934 46.56 -43.03 -50.82
N ASN J 935 47.62 -42.49 -51.44
CA ASN J 935 48.98 -42.91 -51.17
C ASN J 935 49.78 -41.69 -50.75
N ALA J 936 51.10 -41.87 -50.61
CA ALA J 936 51.99 -40.77 -50.25
C ALA J 936 52.23 -39.86 -51.44
N ALA K 2 11.46 -48.61 -65.46
CA ALA K 2 11.92 -49.89 -64.95
C ALA K 2 12.42 -49.75 -63.53
N ALA K 3 13.64 -49.20 -63.40
CA ALA K 3 14.24 -48.82 -62.13
C ALA K 3 15.62 -48.21 -62.41
N LEU K 4 16.28 -47.71 -61.38
CA LEU K 4 17.64 -47.19 -61.51
C LEU K 4 18.58 -48.08 -60.70
N THR K 5 19.51 -48.75 -61.38
CA THR K 5 20.51 -49.60 -60.73
C THR K 5 21.89 -49.27 -61.30
N PRO K 6 22.45 -48.11 -60.94
CA PRO K 6 23.79 -47.78 -61.40
C PRO K 6 24.86 -48.34 -60.48
N ASP K 7 25.96 -48.79 -61.08
CA ASP K 7 27.10 -49.28 -60.32
C ASP K 7 27.79 -48.07 -59.69
N LEU K 8 27.52 -47.84 -58.41
CA LEU K 8 28.08 -46.68 -57.73
C LEU K 8 29.60 -46.72 -57.70
N THR K 9 30.20 -47.91 -57.74
CA THR K 9 31.65 -48.01 -57.65
C THR K 9 32.33 -47.58 -58.93
N THR K 10 31.86 -48.04 -60.09
CA THR K 10 32.43 -47.57 -61.34
C THR K 10 31.86 -46.22 -61.75
N ALA K 11 30.56 -46.18 -62.07
CA ALA K 11 29.80 -44.95 -62.24
C ALA K 11 30.58 -43.92 -63.06
N THR K 12 30.82 -44.28 -64.32
CA THR K 12 31.89 -43.67 -65.09
C THR K 12 31.89 -42.14 -65.15
N PRO K 13 30.77 -41.41 -65.26
CA PRO K 13 30.96 -39.95 -65.17
C PRO K 13 31.07 -39.51 -63.72
N ARG K 14 32.28 -39.62 -63.18
CA ARG K 14 32.48 -39.54 -61.73
C ARG K 14 32.03 -38.19 -61.17
N LEU K 15 32.36 -37.10 -61.86
CA LEU K 15 31.92 -35.79 -61.41
C LEU K 15 30.40 -35.68 -61.41
N GLN K 16 29.76 -36.16 -62.48
CA GLN K 16 28.30 -36.08 -62.56
C GLN K 16 27.65 -37.03 -61.56
N TYR K 17 28.24 -38.21 -61.35
CA TYR K 17 27.60 -39.21 -60.51
C TYR K 17 27.74 -38.88 -59.03
N PHE K 18 28.82 -38.20 -58.64
CA PHE K 18 29.04 -37.80 -57.26
C PHE K 18 28.63 -36.37 -56.98
N HIS K 19 27.94 -35.73 -57.92
CA HIS K 19 27.41 -34.38 -57.75
C HIS K 19 28.53 -33.38 -57.46
N ILE K 20 29.70 -33.65 -58.03
CA ILE K 20 30.78 -32.67 -58.02
C ILE K 20 30.62 -31.67 -59.14
N ALA K 21 30.09 -32.11 -60.30
CA ALA K 21 29.74 -31.23 -61.39
C ALA K 21 28.41 -31.63 -62.01
N GLY K 22 27.53 -32.24 -61.21
CA GLY K 22 26.29 -32.77 -61.71
C GLY K 22 25.23 -31.72 -61.90
N PRO K 23 23.98 -32.16 -62.11
CA PRO K 23 22.88 -31.21 -62.35
C PRO K 23 22.59 -30.30 -61.16
N GLY K 24 22.31 -30.89 -60.01
CA GLY K 24 21.96 -30.11 -58.82
C GLY K 24 20.81 -30.75 -58.07
N THR K 25 20.73 -30.42 -56.77
CA THR K 25 19.78 -31.10 -55.87
C THR K 25 18.34 -30.87 -56.30
N ARG K 26 18.02 -29.66 -56.75
CA ARG K 26 16.65 -29.35 -57.15
C ARG K 26 16.21 -30.17 -58.36
N GLU K 27 17.15 -30.79 -59.07
CA GLU K 27 16.81 -31.43 -60.34
C GLU K 27 17.43 -32.82 -60.52
N TYR K 28 18.03 -33.41 -59.47
CA TYR K 28 18.41 -34.80 -59.54
C TYR K 28 17.72 -35.68 -58.51
N LEU K 29 17.18 -35.11 -57.44
CA LEU K 29 16.31 -35.87 -56.56
C LEU K 29 14.96 -36.09 -57.25
N SER K 30 14.29 -37.16 -56.86
CA SER K 30 12.91 -37.37 -57.29
C SER K 30 12.03 -36.28 -56.69
N GLU K 31 11.13 -35.73 -57.48
CA GLU K 31 10.37 -34.57 -57.04
C GLU K 31 9.47 -34.89 -55.85
N ASP K 32 9.09 -36.16 -55.67
CA ASP K 32 8.38 -36.54 -54.46
C ASP K 32 9.27 -36.38 -53.22
N LEU K 33 10.55 -36.71 -53.35
CA LEU K 33 11.47 -36.48 -52.24
C LEU K 33 11.67 -35.00 -51.97
N GLN K 34 11.74 -34.18 -53.02
CA GLN K 34 11.84 -32.75 -52.82
C GLN K 34 10.61 -32.20 -52.10
N GLN K 35 9.42 -32.70 -52.48
CA GLN K 35 8.21 -32.30 -51.79
C GLN K 35 8.21 -32.74 -50.34
N PHE K 36 8.69 -33.97 -50.08
CA PHE K 36 8.78 -34.45 -48.71
C PHE K 36 9.73 -33.61 -47.87
N ILE K 37 10.88 -33.25 -48.45
CA ILE K 37 11.84 -32.40 -47.75
C ILE K 37 11.24 -31.03 -47.46
N SER K 38 10.57 -30.44 -48.45
CA SER K 38 9.94 -29.14 -48.24
C SER K 38 8.88 -29.22 -47.16
N ALA K 39 8.12 -30.31 -47.11
CA ALA K 39 7.10 -30.46 -46.08
C ALA K 39 7.72 -30.64 -44.70
N THR K 40 8.45 -31.74 -44.52
CA THR K 40 9.10 -32.02 -43.23
C THR K 40 10.53 -31.49 -43.19
N GLY K 41 10.71 -30.23 -43.55
CA GLY K 41 12.02 -29.63 -43.47
C GLY K 41 12.17 -28.70 -42.29
N SER K 42 11.05 -28.36 -41.66
CA SER K 42 11.08 -27.49 -40.49
C SER K 42 11.42 -28.24 -39.21
N TYR K 43 11.35 -29.57 -39.23
CA TYR K 43 11.71 -30.34 -38.04
C TYR K 43 12.60 -31.55 -38.31
N PHE K 44 12.69 -32.04 -39.54
CA PHE K 44 13.48 -33.23 -39.86
C PHE K 44 14.28 -32.92 -41.12
N ASP K 45 15.43 -32.25 -40.95
CA ASP K 45 16.16 -31.73 -42.09
C ASP K 45 16.85 -32.84 -42.88
N LEU K 46 16.76 -32.74 -44.20
CA LEU K 46 17.44 -33.64 -45.12
C LEU K 46 18.22 -32.91 -46.21
N LYS K 47 18.15 -31.58 -46.26
CA LYS K 47 18.80 -30.84 -47.33
C LYS K 47 20.32 -30.99 -47.32
N ASN K 48 20.91 -31.28 -46.17
CA ASN K 48 22.36 -31.43 -46.06
C ASN K 48 22.84 -32.82 -46.42
N LYS K 49 21.94 -33.75 -46.73
CA LYS K 49 22.31 -35.10 -47.08
C LYS K 49 22.42 -35.32 -48.59
N PHE K 50 22.25 -34.28 -49.39
CA PHE K 50 22.32 -34.39 -50.84
C PHE K 50 23.20 -33.25 -51.35
N ARG K 51 24.38 -33.60 -51.86
CA ARG K 51 25.34 -32.60 -52.30
C ARG K 51 24.93 -31.94 -53.60
N GLN K 52 25.21 -30.65 -53.69
CA GLN K 52 25.21 -29.91 -54.95
C GLN K 52 26.41 -28.98 -54.92
N THR K 53 27.12 -28.89 -56.04
CA THR K 53 28.37 -28.16 -56.10
C THR K 53 28.26 -27.03 -57.13
N VAL K 54 28.77 -25.86 -56.75
CA VAL K 54 28.78 -24.70 -57.64
C VAL K 54 29.98 -24.81 -58.57
N VAL K 55 29.73 -24.66 -59.86
CA VAL K 55 30.79 -24.77 -60.87
C VAL K 55 31.10 -23.38 -61.42
N ALA K 56 32.35 -23.19 -61.79
CA ALA K 56 32.81 -21.90 -62.29
C ALA K 56 32.49 -21.75 -63.78
N PRO K 57 32.39 -20.51 -64.27
CA PRO K 57 32.10 -20.33 -65.71
C PRO K 57 33.12 -20.95 -66.64
N THR K 58 34.42 -20.87 -66.29
CA THR K 58 35.50 -21.53 -67.00
C THR K 58 35.67 -21.10 -68.46
N ARG K 59 34.95 -20.06 -68.87
CA ARG K 59 35.13 -19.52 -70.21
C ARG K 59 34.51 -18.14 -70.28
N ASN K 60 35.15 -17.26 -71.05
CA ASN K 60 34.69 -15.88 -71.23
C ASN K 60 34.61 -15.13 -69.91
N VAL K 61 35.45 -15.52 -68.94
CA VAL K 61 35.48 -14.86 -67.64
C VAL K 61 36.89 -14.47 -67.22
N THR K 62 37.93 -15.08 -67.77
CA THR K 62 39.30 -14.74 -67.40
C THR K 62 40.22 -14.99 -68.60
N THR K 63 41.11 -14.04 -68.85
CA THR K 63 42.02 -14.16 -69.97
C THR K 63 43.03 -15.28 -69.75
N GLU K 64 43.33 -16.01 -70.82
CA GLU K 64 44.49 -16.88 -70.85
C GLU K 64 45.79 -16.10 -71.09
N LYS K 65 45.67 -14.83 -71.49
CA LYS K 65 46.82 -14.01 -71.79
C LYS K 65 47.52 -13.58 -70.50
N ALA K 66 48.77 -13.13 -70.65
CA ALA K 66 49.55 -12.65 -69.51
C ALA K 66 49.12 -11.23 -69.21
N GLN K 67 48.41 -11.03 -68.11
CA GLN K 67 47.94 -9.72 -67.69
C GLN K 67 48.38 -9.49 -66.26
N ARG K 68 48.97 -8.34 -66.00
CA ARG K 68 49.39 -7.99 -64.65
C ARG K 68 48.17 -7.86 -63.75
N LEU K 69 48.13 -8.66 -62.70
CA LEU K 69 47.02 -8.66 -61.77
C LEU K 69 47.06 -7.46 -60.82
N GLN K 70 48.17 -6.73 -60.81
CA GLN K 70 48.33 -5.60 -59.89
C GLN K 70 49.44 -4.71 -60.44
N ILE K 71 49.12 -3.45 -60.72
CA ILE K 71 50.04 -2.52 -61.35
C ILE K 71 50.32 -1.36 -60.41
N ARG K 72 51.58 -0.95 -60.35
CA ARG K 72 52.01 0.20 -59.57
C ARG K 72 52.35 1.35 -60.51
N PHE K 73 51.87 2.54 -60.18
CA PHE K 73 52.17 3.75 -60.93
C PHE K 73 53.01 4.67 -60.07
N TYR K 74 54.27 4.86 -60.44
CA TYR K 74 55.09 5.88 -59.82
C TYR K 74 54.67 7.26 -60.32
N PRO K 75 54.94 8.31 -59.54
CA PRO K 75 54.49 9.64 -59.95
C PRO K 75 55.12 10.09 -61.26
N ILE K 76 54.34 10.84 -62.03
CA ILE K 76 54.84 11.47 -63.25
C ILE K 76 55.43 12.84 -62.94
N GLN K 77 54.74 13.64 -62.15
CA GLN K 77 55.24 14.91 -61.64
C GLN K 77 54.99 14.98 -60.14
N THR K 78 55.96 15.51 -59.40
CA THR K 78 55.86 15.61 -57.96
C THR K 78 55.46 17.02 -57.51
N ASP K 79 56.25 18.03 -57.87
CA ASP K 79 55.97 19.42 -57.49
C ASP K 79 55.78 19.53 -55.97
N ASP K 80 56.75 18.99 -55.23
CA ASP K 80 56.69 19.02 -53.78
C ASP K 80 56.75 20.45 -53.26
N THR K 81 56.02 20.71 -52.18
CA THR K 81 56.02 22.02 -51.54
C THR K 81 56.04 21.80 -50.02
N SER K 82 56.09 22.91 -49.28
CA SER K 82 56.19 22.82 -47.82
C SER K 82 54.86 22.40 -47.20
N THR K 83 53.75 22.97 -47.66
CA THR K 83 52.47 22.72 -47.03
C THR K 83 51.92 21.33 -47.37
N GLY K 84 52.18 20.85 -48.59
CA GLY K 84 51.66 19.57 -49.02
C GLY K 84 52.64 18.86 -49.94
N TYR K 85 52.23 17.67 -50.38
CA TYR K 85 53.05 16.84 -51.27
C TYR K 85 52.18 16.38 -52.43
N ARG K 86 52.39 16.98 -53.59
CA ARG K 86 51.60 16.67 -54.77
C ARG K 86 52.18 15.47 -55.50
N VAL K 87 51.31 14.67 -56.11
CA VAL K 87 51.71 13.54 -56.95
C VAL K 87 50.80 13.48 -58.15
N ARG K 88 51.39 13.24 -59.32
CA ARG K 88 50.65 13.09 -60.56
C ARG K 88 51.01 11.77 -61.21
N TYR K 89 50.00 11.00 -61.58
CA TYR K 89 50.19 9.70 -62.21
C TYR K 89 49.54 9.69 -63.58
N ASN K 90 49.70 8.58 -64.29
CA ASN K 90 49.09 8.38 -65.60
C ASN K 90 48.61 6.94 -65.66
N ILE K 91 47.35 6.71 -65.33
CA ILE K 91 46.78 5.36 -65.35
C ILE K 91 46.42 5.03 -66.79
N ASN K 92 47.09 4.05 -67.35
CA ASN K 92 46.80 3.56 -68.70
C ASN K 92 46.01 2.27 -68.58
N VAL K 93 44.72 2.34 -68.89
CA VAL K 93 43.84 1.18 -68.92
C VAL K 93 43.77 0.72 -70.37
N GLY K 94 44.46 -0.37 -70.67
CA GLY K 94 44.55 -0.83 -72.05
C GLY K 94 43.24 -1.38 -72.56
N ASP K 95 43.18 -1.55 -73.88
CA ASP K 95 41.99 -2.09 -74.50
C ASP K 95 41.74 -3.51 -74.01
N GLY K 96 40.54 -3.75 -73.49
CA GLY K 96 40.23 -4.99 -72.82
C GLY K 96 40.45 -4.98 -71.33
N TRP K 97 41.03 -3.92 -70.78
CA TRP K 97 41.23 -3.79 -69.35
C TRP K 97 40.12 -2.94 -68.74
N VAL K 98 39.92 -3.12 -67.44
CA VAL K 98 38.91 -2.37 -66.69
C VAL K 98 39.46 -2.10 -65.30
N LEU K 99 39.22 -0.90 -64.80
CA LEU K 99 39.75 -0.48 -63.50
C LEU K 99 38.62 0.10 -62.66
N ASP K 100 38.14 -0.66 -61.69
CA ASP K 100 37.32 -0.11 -60.62
C ASP K 100 38.26 0.63 -59.68
N MET K 101 38.25 1.96 -59.76
CA MET K 101 39.22 2.75 -59.00
C MET K 101 38.98 2.67 -57.50
N GLY K 102 37.96 1.95 -57.05
CA GLY K 102 37.86 1.63 -55.63
C GLY K 102 39.06 0.85 -55.13
N SER K 103 39.71 0.09 -56.01
CA SER K 103 40.92 -0.63 -55.66
C SER K 103 42.17 0.23 -55.73
N THR K 104 42.08 1.43 -56.31
CA THR K 104 43.21 2.34 -56.36
C THR K 104 43.48 2.94 -54.99
N TYR K 105 44.75 2.93 -54.60
CA TYR K 105 45.18 3.53 -53.35
C TYR K 105 46.62 3.99 -53.49
N PHE K 106 47.03 4.88 -52.58
CA PHE K 106 48.35 5.49 -52.62
C PHE K 106 49.28 4.69 -51.72
N ASP K 107 50.26 4.00 -52.33
CA ASP K 107 51.28 3.28 -51.59
C ASP K 107 52.33 4.28 -51.15
N ILE K 108 52.23 4.73 -49.90
CA ILE K 108 53.02 5.85 -49.39
C ILE K 108 54.00 5.31 -48.36
N LYS K 109 55.28 5.65 -48.52
CA LYS K 109 56.29 5.34 -47.52
C LYS K 109 57.22 6.52 -47.36
N GLY K 110 57.71 6.69 -46.14
CA GLY K 110 58.59 7.80 -45.85
C GLY K 110 59.11 7.72 -44.44
N ILE K 111 59.68 8.82 -43.97
CA ILE K 111 60.21 8.91 -42.61
C ILE K 111 59.31 9.85 -41.82
N LEU K 112 59.01 9.45 -40.59
CA LEU K 112 58.13 10.20 -39.71
C LEU K 112 58.85 10.50 -38.39
N ASP K 113 58.79 11.76 -37.97
CA ASP K 113 59.30 12.18 -36.67
C ASP K 113 58.11 12.63 -35.84
N ARG K 114 57.78 11.86 -34.81
CA ARG K 114 56.62 12.13 -33.99
C ARG K 114 56.91 13.07 -32.83
N GLY K 115 58.14 13.57 -32.72
CA GLY K 115 58.47 14.60 -31.78
C GLY K 115 58.65 14.10 -30.36
N PRO K 116 59.22 14.94 -29.49
CA PRO K 116 59.37 14.55 -28.08
C PRO K 116 58.05 14.35 -27.36
N SER K 117 56.96 14.91 -27.87
CA SER K 117 55.66 14.82 -27.22
C SER K 117 54.95 13.52 -27.58
N PHE K 118 55.65 12.41 -27.34
CA PHE K 118 55.13 11.11 -27.76
C PHE K 118 55.58 10.07 -26.74
N LYS K 119 54.69 9.73 -25.81
CA LYS K 119 54.92 8.64 -24.86
C LYS K 119 53.94 7.52 -25.15
N PRO K 120 54.36 6.43 -25.80
CA PRO K 120 53.41 5.36 -26.14
C PRO K 120 52.95 4.53 -24.96
N TYR K 121 53.32 4.91 -23.73
CA TYR K 121 53.07 4.07 -22.58
C TYR K 121 52.83 4.94 -21.35
N CYS K 122 51.82 4.58 -20.58
CA CYS K 122 51.58 5.25 -19.31
C CYS K 122 52.63 4.80 -18.30
N GLY K 123 53.09 5.74 -17.49
CA GLY K 123 54.13 5.42 -16.54
C GLY K 123 55.51 5.49 -17.17
N THR K 124 56.50 5.02 -16.40
CA THR K 124 57.89 5.08 -16.79
C THR K 124 58.47 3.68 -16.93
N ALA K 125 59.51 3.57 -17.75
CA ALA K 125 60.22 2.32 -17.96
C ALA K 125 61.49 2.20 -17.13
N TYR K 126 61.78 3.21 -16.30
CA TYR K 126 62.99 3.26 -15.49
C TYR K 126 62.59 3.28 -14.02
N ASN K 127 62.89 2.21 -13.31
CA ASN K 127 62.46 2.01 -11.93
C ASN K 127 60.97 2.31 -11.75
N PRO K 128 60.08 1.65 -12.49
CA PRO K 128 58.65 1.88 -12.27
C PRO K 128 58.20 1.51 -10.87
N LEU K 129 58.78 0.45 -10.29
CA LEU K 129 58.41 0.03 -8.95
C LEU K 129 58.99 0.93 -7.87
N ALA K 130 59.92 1.81 -8.21
CA ALA K 130 60.50 2.70 -7.22
C ALA K 130 59.44 3.65 -6.69
N PRO K 131 59.39 3.90 -5.39
CA PRO K 131 58.51 4.94 -4.87
C PRO K 131 58.84 6.29 -5.47
N LYS K 132 57.80 7.10 -5.66
CA LYS K 132 57.95 8.34 -6.42
C LYS K 132 58.96 9.29 -5.79
N GLU K 133 59.18 9.18 -4.48
CA GLU K 133 60.04 10.11 -3.76
C GLU K 133 61.29 9.42 -3.19
N SER K 134 61.87 8.50 -3.95
CA SER K 134 62.96 7.68 -3.44
C SER K 134 64.32 8.32 -3.70
N MET K 135 65.37 7.63 -3.24
CA MET K 135 66.75 8.08 -3.34
C MET K 135 67.59 6.93 -3.86
N PHE K 136 68.26 7.13 -5.01
CA PHE K 136 69.12 6.08 -5.53
C PHE K 136 70.52 6.19 -4.93
N ASN K 137 70.57 6.07 -3.61
CA ASN K 137 71.82 5.95 -2.87
C ASN K 137 72.72 7.17 -3.12
N ASN K 138 72.25 8.31 -2.63
CA ASN K 138 72.84 9.60 -2.93
C ASN K 138 74.29 9.67 -2.47
N TRP K 139 75.03 10.60 -3.08
CA TRP K 139 76.38 10.96 -2.62
C TRP K 139 76.63 12.38 -3.12
N SER K 140 76.46 13.36 -2.22
CA SER K 140 76.57 14.76 -2.58
C SER K 140 77.78 15.37 -1.88
N GLU K 141 78.65 16.01 -2.65
CA GLU K 141 79.84 16.64 -2.10
C GLU K 141 80.26 17.80 -2.99
N THR K 142 81.01 18.73 -2.41
CA THR K 142 81.52 19.86 -3.18
C THR K 142 82.78 19.50 -3.94
N ALA K 143 83.70 18.77 -3.29
CA ALA K 143 84.89 18.22 -3.90
C ALA K 143 85.12 16.84 -3.31
N PRO K 144 85.81 15.96 -4.03
CA PRO K 144 86.03 14.60 -3.51
C PRO K 144 86.79 14.63 -2.18
N GLY K 145 86.21 13.98 -1.18
CA GLY K 145 86.79 13.96 0.14
C GLY K 145 86.42 15.14 1.02
N GLN K 146 85.66 16.10 0.50
CA GLN K 146 85.25 17.26 1.28
C GLN K 146 83.92 16.97 1.97
N ASN K 147 83.27 18.02 2.49
CA ASN K 147 81.97 17.86 3.12
C ASN K 147 80.97 17.13 2.23
N VAL K 148 80.54 15.95 2.67
CA VAL K 148 79.80 15.03 1.83
C VAL K 148 78.54 14.56 2.55
N SER K 149 77.44 14.51 1.81
CA SER K 149 76.19 13.95 2.28
C SER K 149 75.83 12.75 1.41
N ALA K 150 75.44 11.65 2.07
CA ALA K 150 75.12 10.43 1.36
C ALA K 150 74.09 9.64 2.14
N SER K 151 73.18 8.98 1.43
CA SER K 151 72.11 8.22 2.07
C SER K 151 71.68 7.11 1.11
N GLY K 152 71.93 5.87 1.50
CA GLY K 152 71.54 4.75 0.66
C GLY K 152 71.68 3.44 1.39
N GLN K 153 71.19 2.39 0.74
CA GLN K 153 71.28 1.05 1.30
C GLN K 153 72.63 0.43 0.99
N LEU K 154 73.28 -0.10 2.02
CA LEU K 154 74.53 -0.84 1.86
C LEU K 154 74.16 -2.32 1.89
N SER K 155 74.08 -2.93 0.72
CA SER K 155 73.45 -4.24 0.57
C SER K 155 74.46 -5.39 0.57
N ASN K 156 75.45 -5.35 -0.30
CA ASN K 156 76.38 -6.46 -0.45
C ASN K 156 77.19 -6.67 0.82
N VAL K 157 77.44 -7.94 1.14
CA VAL K 157 78.23 -8.32 2.30
C VAL K 157 79.40 -9.17 1.84
N TYR K 158 80.47 -9.18 2.63
CA TYR K 158 81.67 -9.90 2.24
C TYR K 158 82.33 -10.62 3.41
N THR K 159 81.56 -10.97 4.44
CA THR K 159 81.96 -11.82 5.56
C THR K 159 83.41 -11.58 5.98
N ASN K 160 83.71 -10.35 6.34
CA ASN K 160 85.07 -9.95 6.68
C ASN K 160 85.42 -10.35 8.11
N THR K 161 86.69 -10.66 8.31
CA THR K 161 87.29 -10.71 9.64
C THR K 161 87.87 -9.32 9.91
N SER K 162 87.23 -8.56 10.78
CA SER K 162 87.55 -7.15 10.95
C SER K 162 88.86 -7.01 11.73
N THR K 163 89.17 -5.77 12.13
CA THR K 163 90.42 -5.38 12.78
C THR K 163 91.63 -5.54 11.88
N THR K 164 91.43 -5.76 10.58
CA THR K 164 92.52 -5.84 9.62
C THR K 164 92.00 -5.41 8.26
N LYS K 165 92.93 -5.00 7.40
CA LYS K 165 92.59 -4.52 6.07
C LYS K 165 92.44 -5.62 5.03
N ASP K 166 92.92 -6.84 5.34
CA ASP K 166 93.08 -7.85 4.29
C ASP K 166 91.74 -8.23 3.67
N THR K 167 90.71 -8.43 4.50
CA THR K 167 89.41 -8.82 3.97
C THR K 167 88.76 -7.68 3.20
N THR K 168 88.89 -6.45 3.70
CA THR K 168 88.27 -5.30 3.04
C THR K 168 89.06 -4.85 1.81
N ALA K 169 90.38 -5.03 1.82
CA ALA K 169 91.19 -4.60 0.68
C ALA K 169 90.86 -5.40 -0.57
N ALA K 170 90.57 -6.69 -0.41
CA ALA K 170 90.21 -7.50 -1.57
C ALA K 170 88.93 -6.98 -2.22
N GLN K 171 87.96 -6.57 -1.42
CA GLN K 171 86.74 -6.00 -1.95
C GLN K 171 86.98 -4.62 -2.55
N VAL K 172 87.88 -3.84 -1.95
CA VAL K 172 88.19 -2.52 -2.48
C VAL K 172 88.82 -2.63 -3.86
N THR K 173 89.71 -3.61 -4.05
CA THR K 173 90.35 -3.79 -5.35
C THR K 173 89.37 -4.10 -6.46
N LYS K 174 88.20 -4.64 -6.12
CA LYS K 174 87.17 -4.96 -7.11
C LYS K 174 86.17 -3.83 -7.32
N ILE K 175 86.29 -2.73 -6.58
CA ILE K 175 85.33 -1.64 -6.67
C ILE K 175 85.30 -1.04 -8.07
N SER K 176 86.43 -1.08 -8.78
CA SER K 176 86.55 -0.39 -10.07
C SER K 176 85.54 -0.89 -11.09
N GLY K 177 85.03 -2.10 -10.95
CA GLY K 177 84.15 -2.69 -11.92
C GLY K 177 82.68 -2.53 -11.59
N VAL K 178 81.89 -3.51 -12.01
CA VAL K 178 80.45 -3.55 -11.76
C VAL K 178 80.26 -4.41 -10.51
N PHE K 179 81.37 -4.69 -9.83
CA PHE K 179 81.35 -5.64 -8.72
C PHE K 179 80.37 -5.28 -7.61
N PRO K 180 80.26 -4.02 -7.16
CA PRO K 180 79.24 -3.71 -6.14
C PRO K 180 77.84 -4.11 -6.55
N ASN K 181 77.53 -4.06 -7.86
CA ASN K 181 76.34 -4.69 -8.43
C ASN K 181 75.06 -4.29 -7.71
N PRO K 182 74.55 -3.09 -7.95
CA PRO K 182 73.33 -2.65 -7.24
C PRO K 182 72.18 -3.63 -7.32
N ASN K 183 72.11 -4.45 -8.38
CA ASN K 183 71.08 -5.48 -8.45
C ASN K 183 71.23 -6.49 -7.32
N GLN K 184 72.46 -6.90 -7.02
CA GLN K 184 72.70 -7.92 -6.02
C GLN K 184 72.70 -7.29 -4.62
N GLY K 185 71.84 -7.82 -3.76
CA GLY K 185 71.71 -7.31 -2.40
C GLY K 185 72.45 -8.16 -1.41
N PRO K 186 71.93 -8.23 -0.18
CA PRO K 186 72.58 -9.06 0.85
C PRO K 186 72.66 -10.53 0.47
N GLY K 187 71.67 -11.05 -0.26
CA GLY K 187 71.70 -12.42 -0.70
C GLY K 187 71.34 -13.44 0.35
N ILE K 188 70.85 -13.01 1.51
CA ILE K 188 70.52 -13.90 2.62
C ILE K 188 69.04 -13.71 2.95
N ASN K 189 68.31 -14.82 3.02
CA ASN K 189 66.88 -14.73 3.30
C ASN K 189 66.62 -14.52 4.78
N PRO K 190 67.14 -15.36 5.70
CA PRO K 190 66.94 -15.08 7.13
C PRO K 190 67.90 -13.98 7.58
N LEU K 191 67.36 -12.79 7.80
CA LEU K 191 68.17 -11.67 8.23
C LEU K 191 68.51 -11.73 9.72
N ARG K 192 67.94 -12.67 10.46
CA ARG K 192 68.19 -12.79 11.89
C ARG K 192 69.46 -13.57 12.22
N GLN K 193 70.07 -14.20 11.22
CA GLN K 193 71.31 -14.95 11.43
C GLN K 193 72.54 -14.13 11.16
N VAL K 194 72.39 -12.83 10.90
CA VAL K 194 73.54 -11.98 10.63
C VAL K 194 74.38 -11.81 11.89
N GLU K 195 75.67 -11.63 11.72
CA GLU K 195 76.58 -11.23 12.79
C GLU K 195 77.22 -9.91 12.40
N ASN K 196 76.91 -8.85 13.15
CA ASN K 196 77.33 -7.51 12.75
C ASN K 196 78.85 -7.35 12.73
N ALA K 197 79.57 -8.09 13.58
CA ALA K 197 81.02 -7.99 13.63
C ALA K 197 81.71 -8.85 12.58
N ASN K 198 80.97 -9.68 11.85
CA ASN K 198 81.55 -10.57 10.85
C ASN K 198 80.69 -10.61 9.60
N THR K 199 80.23 -9.45 9.13
CA THR K 199 79.41 -9.40 7.94
C THR K 199 79.97 -8.50 6.84
N GLY K 200 80.49 -7.33 7.19
CA GLY K 200 80.97 -6.40 6.18
C GLY K 200 79.84 -5.76 5.39
N VAL K 201 80.09 -4.58 4.83
CA VAL K 201 79.08 -3.87 4.05
C VAL K 201 79.72 -3.32 2.79
N LEU K 202 78.98 -3.38 1.69
CA LEU K 202 79.42 -2.81 0.42
C LEU K 202 78.28 -2.02 -0.19
N GLY K 203 78.64 -1.03 -1.00
CA GLY K 203 77.63 -0.17 -1.60
C GLY K 203 78.16 0.50 -2.84
N ARG K 204 77.24 1.14 -3.56
CA ARG K 204 77.55 1.83 -4.80
C ARG K 204 76.64 3.04 -4.85
N PHE K 205 77.21 4.23 -4.66
CA PHE K 205 76.43 5.45 -4.57
C PHE K 205 76.61 6.30 -5.83
N ALA K 206 75.73 7.27 -5.99
CA ALA K 206 75.69 8.11 -7.17
C ALA K 206 75.92 9.56 -6.77
N LYS K 207 76.83 10.22 -7.47
CA LYS K 207 77.11 11.64 -7.28
C LYS K 207 76.39 12.40 -8.38
N SER K 208 75.18 12.88 -8.07
CA SER K 208 74.37 13.54 -9.09
C SER K 208 73.39 14.49 -8.44
N GLN K 209 72.99 15.49 -9.22
CA GLN K 209 71.88 16.37 -8.90
C GLN K 209 70.57 15.69 -9.31
N TYR K 210 69.46 16.15 -8.73
CA TYR K 210 68.14 15.59 -9.00
C TYR K 210 68.08 14.11 -8.63
N ASN K 211 68.22 13.84 -7.34
CA ASN K 211 68.24 12.49 -6.80
C ASN K 211 66.82 11.97 -6.67
N TYR K 212 66.33 11.32 -7.73
CA TYR K 212 65.05 10.64 -7.73
C TYR K 212 65.25 9.25 -8.31
N ALA K 213 64.81 8.22 -7.59
CA ALA K 213 64.95 6.86 -8.12
C ALA K 213 63.93 6.57 -9.20
N TYR K 214 62.73 7.14 -9.08
CA TYR K 214 61.67 6.90 -10.05
C TYR K 214 62.00 7.61 -11.36
N GLY K 215 62.16 6.84 -12.43
CA GLY K 215 62.50 7.41 -13.71
C GLY K 215 63.97 7.70 -13.91
N ALA K 216 64.82 7.33 -12.95
CA ALA K 216 66.25 7.59 -13.08
C ALA K 216 66.83 6.75 -14.21
N TYR K 217 67.65 7.38 -15.05
CA TYR K 217 68.25 6.72 -16.20
C TYR K 217 69.62 7.30 -16.45
N VAL K 218 70.64 6.44 -16.44
CA VAL K 218 72.00 6.80 -16.82
C VAL K 218 72.42 5.84 -17.93
N LYS K 219 72.72 6.38 -19.11
CA LYS K 219 73.03 5.53 -20.23
C LYS K 219 74.33 4.76 -19.98
N PRO K 220 74.38 3.48 -20.36
CA PRO K 220 75.59 2.68 -20.12
C PRO K 220 76.75 3.14 -20.98
N VAL K 221 77.96 2.88 -20.48
CA VAL K 221 79.18 3.17 -21.23
C VAL K 221 79.99 1.91 -21.52
N ALA K 222 79.72 0.80 -20.84
CA ALA K 222 80.37 -0.47 -21.10
C ALA K 222 79.32 -1.51 -21.47
N ALA K 223 79.80 -2.66 -21.95
CA ALA K 223 78.92 -3.71 -22.45
C ALA K 223 78.17 -4.45 -21.35
N ASP K 224 78.55 -4.27 -20.08
CA ASP K 224 77.89 -4.94 -18.95
C ASP K 224 77.52 -3.93 -17.85
N GLY K 225 76.36 -3.31 -18.01
CA GLY K 225 75.95 -2.28 -17.07
C GLY K 225 76.96 -1.15 -17.09
N SER K 226 77.58 -0.90 -15.93
CA SER K 226 78.73 0.00 -15.82
C SER K 226 78.39 1.38 -16.39
N GLN K 227 77.48 2.06 -15.71
CA GLN K 227 77.03 3.36 -16.17
C GLN K 227 78.10 4.43 -16.06
N SER K 228 79.20 4.16 -15.37
CA SER K 228 80.30 5.10 -15.25
C SER K 228 81.61 4.39 -15.50
N LEU K 229 82.61 5.16 -15.94
CA LEU K 229 83.93 4.60 -16.21
C LEU K 229 84.86 4.68 -15.01
N THR K 230 84.80 5.78 -14.26
CA THR K 230 85.64 5.97 -13.08
C THR K 230 84.80 5.78 -11.82
N GLN K 231 85.29 4.97 -10.90
CA GLN K 231 84.62 4.71 -9.62
C GLN K 231 85.63 4.98 -8.51
N THR K 232 85.45 6.08 -7.80
CA THR K 232 86.32 6.39 -6.67
C THR K 232 85.84 5.64 -5.43
N PRO K 233 86.69 4.82 -4.82
CA PRO K 233 86.25 4.07 -3.63
C PRO K 233 86.53 4.81 -2.33
N TYR K 234 85.62 4.60 -1.39
CA TYR K 234 85.75 5.16 -0.04
C TYR K 234 85.61 4.05 0.98
N TRP K 235 86.38 4.13 2.05
CA TRP K 235 86.35 3.12 3.09
C TRP K 235 85.31 3.47 4.15
N ILE K 236 84.80 2.45 4.81
CA ILE K 236 83.75 2.58 5.81
C ILE K 236 84.37 2.30 7.17
N MET K 237 84.48 3.32 8.00
CA MET K 237 85.15 3.23 9.29
C MET K 237 84.19 3.69 10.38
N ASN K 238 84.33 3.11 11.57
CA ASN K 238 83.50 3.51 12.70
C ASN K 238 84.03 4.83 13.28
N ASN K 239 83.58 5.17 14.49
CA ASN K 239 84.07 6.38 15.14
C ASN K 239 85.59 6.35 15.29
N ALA K 240 86.15 5.18 15.60
CA ALA K 240 87.59 5.00 15.55
C ALA K 240 88.02 4.67 14.13
N GLY K 241 89.33 4.71 13.91
CA GLY K 241 89.85 4.32 12.61
C GLY K 241 90.35 2.89 12.61
N THR K 242 90.43 2.29 13.80
CA THR K 242 91.03 0.97 13.93
C THR K 242 90.13 -0.13 13.38
N GLU K 243 88.81 0.05 13.45
CA GLU K 243 87.86 -1.00 13.10
C GLU K 243 87.40 -0.81 11.66
N TYR K 244 87.64 -1.82 10.82
CA TYR K 244 87.26 -1.76 9.42
C TYR K 244 85.88 -2.39 9.23
N LEU K 245 85.02 -1.68 8.48
CA LEU K 245 83.63 -2.12 8.32
C LEU K 245 83.27 -2.42 6.88
N GLY K 246 83.62 -1.56 5.94
CA GLY K 246 83.22 -1.80 4.57
C GLY K 246 83.89 -0.86 3.59
N ALA K 247 83.36 -0.86 2.37
CA ALA K 247 83.85 -0.01 1.30
C ALA K 247 82.67 0.58 0.54
N VAL K 248 82.95 1.66 -0.19
CA VAL K 248 81.93 2.41 -0.92
C VAL K 248 82.41 2.66 -2.34
N ALA K 249 81.51 2.49 -3.30
CA ALA K 249 81.76 2.86 -4.69
C ALA K 249 80.93 4.10 -5.01
N VAL K 250 81.59 5.12 -5.57
CA VAL K 250 80.95 6.39 -5.88
C VAL K 250 81.15 6.69 -7.35
N GLU K 251 80.05 7.02 -8.04
CA GLU K 251 80.08 7.33 -9.46
C GLU K 251 79.50 8.72 -9.69
N ASP K 252 80.08 9.43 -10.66
CA ASP K 252 79.65 10.78 -10.99
C ASP K 252 78.60 10.71 -12.10
N TYR K 253 77.38 11.10 -11.77
CA TYR K 253 76.28 11.15 -12.72
C TYR K 253 75.80 12.57 -13.00
N THR K 254 76.64 13.56 -12.70
CA THR K 254 76.20 14.95 -12.84
C THR K 254 75.84 15.28 -14.28
N ASN K 255 76.66 14.85 -15.23
CA ASN K 255 76.43 15.14 -16.64
C ASN K 255 75.96 13.94 -17.44
N SER K 256 75.88 12.76 -16.84
CA SER K 256 75.49 11.55 -17.54
C SER K 256 74.10 11.06 -17.19
N LEU K 257 73.44 11.68 -16.22
CA LEU K 257 72.14 11.24 -15.74
C LEU K 257 71.03 12.09 -16.34
N SER K 258 69.89 11.46 -16.60
CA SER K 258 68.75 12.15 -17.18
C SER K 258 67.48 11.44 -16.74
N TYR K 259 66.34 12.10 -16.95
CA TYR K 259 65.03 11.58 -16.55
C TYR K 259 64.11 11.59 -17.76
N PRO K 260 64.31 10.69 -18.71
CA PRO K 260 63.38 10.60 -19.84
C PRO K 260 62.02 10.10 -19.39
N ASP K 261 60.99 10.51 -20.10
CA ASP K 261 59.59 10.15 -19.89
C ASP K 261 59.13 10.36 -18.44
N THR K 262 59.86 11.18 -17.68
CA THR K 262 59.47 11.52 -16.32
C THR K 262 59.69 13.01 -16.09
N MET K 263 58.96 13.55 -15.12
CA MET K 263 59.10 14.94 -14.71
C MET K 263 59.16 15.01 -13.20
N ILE K 264 59.79 16.06 -12.70
CA ILE K 264 59.88 16.30 -11.26
C ILE K 264 58.69 17.16 -10.84
N VAL K 265 57.93 16.68 -9.88
CA VAL K 265 56.81 17.45 -9.31
C VAL K 265 57.31 18.11 -8.03
N PRO K 266 57.78 19.36 -8.10
CA PRO K 266 58.39 19.98 -6.94
C PRO K 266 57.34 20.46 -5.96
N PRO K 267 57.69 20.57 -4.68
CA PRO K 267 56.76 21.12 -3.70
C PRO K 267 56.57 22.60 -3.92
N PRO K 268 55.56 23.21 -3.28
CA PRO K 268 55.35 24.67 -3.44
C PRO K 268 56.60 25.49 -3.15
N GLU K 269 56.59 26.76 -3.58
CA GLU K 269 57.79 27.58 -3.51
C GLU K 269 58.28 27.73 -2.07
N ASP K 270 57.37 27.97 -1.14
CA ASP K 270 57.77 28.05 0.27
C ASP K 270 58.21 26.71 0.82
N TYR K 271 57.90 25.60 0.15
CA TYR K 271 58.38 24.29 0.54
C TYR K 271 59.47 23.77 -0.39
N ASP K 272 59.97 24.61 -1.30
CA ASP K 272 60.99 24.14 -2.25
C ASP K 272 62.26 23.69 -1.52
N ASP K 273 62.67 24.43 -0.50
CA ASP K 273 63.76 23.98 0.33
C ASP K 273 63.31 22.80 1.19
N TYR K 274 64.28 22.06 1.71
CA TYR K 274 64.06 20.93 2.61
C TYR K 274 62.98 19.96 2.09
N ASN K 275 62.79 19.92 0.78
CA ASN K 275 61.80 19.03 0.17
C ASN K 275 62.08 18.94 -1.31
N ILE K 276 62.20 17.72 -1.83
CA ILE K 276 62.49 17.51 -3.24
C ILE K 276 61.24 17.15 -4.04
N GLY K 277 60.11 16.97 -3.38
CA GLY K 277 58.92 16.57 -4.11
C GLY K 277 59.03 15.13 -4.60
N THR K 278 58.18 14.80 -5.55
CA THR K 278 58.16 13.47 -6.13
C THR K 278 58.37 13.56 -7.64
N THR K 279 58.45 12.39 -8.27
CA THR K 279 58.63 12.29 -9.71
C THR K 279 57.40 11.64 -10.33
N ARG K 280 56.83 12.31 -11.33
CA ARG K 280 55.71 11.78 -12.09
C ARG K 280 56.15 11.50 -13.51
N ALA K 281 55.76 10.34 -14.04
CA ALA K 281 55.98 10.06 -15.44
C ALA K 281 55.16 11.02 -16.29
N LEU K 282 55.73 11.43 -17.42
CA LEU K 282 55.05 12.38 -18.29
C LEU K 282 53.75 11.78 -18.82
N ARG K 283 52.87 12.64 -19.30
CA ARG K 283 51.56 12.19 -19.72
C ARG K 283 51.68 11.30 -20.96
N PRO K 284 50.97 10.17 -20.99
CA PRO K 284 51.05 9.27 -22.16
C PRO K 284 50.41 9.90 -23.38
N ASN K 285 51.18 10.00 -24.45
CA ASN K 285 50.73 10.66 -25.67
C ASN K 285 50.95 9.72 -26.85
N TYR K 286 49.93 9.56 -27.68
CA TYR K 286 49.99 8.71 -28.86
C TYR K 286 49.84 9.59 -30.10
N ILE K 287 50.81 9.51 -31.01
CA ILE K 287 50.85 10.41 -32.16
C ILE K 287 50.69 9.63 -33.45
N GLY K 288 49.91 8.56 -33.42
CA GLY K 288 49.67 7.79 -34.63
C GLY K 288 48.80 8.55 -35.62
N PHE K 289 48.70 7.99 -36.82
CA PHE K 289 47.89 8.60 -37.87
C PHE K 289 46.43 8.64 -37.45
N ARG K 290 45.64 9.38 -38.23
CA ARG K 290 44.22 9.50 -37.92
C ARG K 290 43.46 8.26 -38.39
N ASP K 291 42.25 8.12 -37.86
CA ASP K 291 41.38 7.03 -38.28
C ASP K 291 41.13 7.12 -39.77
N ASN K 292 41.20 5.97 -40.45
CA ASN K 292 40.93 5.88 -41.89
C ASN K 292 41.87 6.75 -42.71
N PHE K 293 43.04 7.09 -42.16
CA PHE K 293 43.98 8.02 -42.80
C PHE K 293 43.28 9.34 -43.13
N ILE K 294 42.49 9.84 -42.19
CA ILE K 294 41.75 11.08 -42.41
C ILE K 294 42.71 12.25 -42.48
N ASN K 295 42.42 13.19 -43.38
CA ASN K 295 43.19 14.44 -43.52
C ASN K 295 44.64 14.17 -43.85
N LEU K 296 44.89 13.15 -44.67
CA LEU K 296 46.20 12.94 -45.25
C LEU K 296 46.23 13.26 -46.73
N LEU K 297 45.10 13.11 -47.42
CA LEU K 297 44.92 13.60 -48.78
C LEU K 297 44.05 14.86 -48.72
N TYR K 298 44.43 15.86 -49.51
CA TYR K 298 43.72 17.13 -49.49
C TYR K 298 42.34 16.99 -50.14
N HIS K 299 41.32 16.74 -49.33
CA HIS K 299 39.94 16.66 -49.82
C HIS K 299 39.20 17.93 -49.49
N ASP K 300 38.26 18.28 -50.37
CA ASP K 300 37.35 19.42 -50.15
C ASP K 300 38.12 20.72 -49.95
N SER K 301 39.16 20.92 -50.74
CA SER K 301 39.98 22.13 -50.69
C SER K 301 40.13 22.64 -52.12
N GLY K 302 39.41 23.70 -52.46
CA GLY K 302 39.44 24.22 -53.82
C GLY K 302 40.75 24.85 -54.22
N VAL K 303 41.57 25.26 -53.26
CA VAL K 303 42.84 25.88 -53.59
C VAL K 303 43.89 24.83 -53.92
N CYS K 304 43.81 23.64 -53.33
CA CYS K 304 44.82 22.60 -53.49
C CYS K 304 44.13 21.27 -53.76
N SER K 305 43.20 21.26 -54.70
CA SER K 305 42.42 20.07 -54.98
C SER K 305 43.19 19.12 -55.91
N GLY K 306 42.65 17.90 -56.03
CA GLY K 306 43.24 16.91 -56.90
C GLY K 306 42.77 17.05 -58.34
N THR K 307 43.22 16.11 -59.17
CA THR K 307 42.94 16.17 -60.60
C THR K 307 42.79 14.75 -61.14
N LEU K 308 41.68 14.49 -61.81
CA LEU K 308 41.51 13.29 -62.61
C LEU K 308 40.87 13.69 -63.94
N ASN K 309 41.48 13.24 -65.04
CA ASN K 309 40.93 13.51 -66.36
C ASN K 309 41.61 12.60 -67.36
N SER K 310 41.01 12.49 -68.54
CA SER K 310 41.55 11.67 -69.61
C SER K 310 42.48 12.52 -70.47
N GLU K 311 42.87 11.98 -71.63
CA GLU K 311 43.80 12.67 -72.52
C GLU K 311 43.11 13.46 -73.63
N ARG K 312 42.10 12.88 -74.30
CA ARG K 312 41.37 13.67 -75.30
C ARG K 312 40.56 14.77 -74.63
N SER K 313 39.91 14.46 -73.51
CA SER K 313 39.22 15.46 -72.71
C SER K 313 40.14 15.81 -71.55
N GLY K 314 41.13 16.66 -71.84
CA GLY K 314 42.10 17.06 -70.84
C GLY K 314 41.53 17.91 -69.72
N MET K 315 40.31 18.41 -69.90
CA MET K 315 39.64 19.17 -68.85
C MET K 315 39.33 18.28 -67.64
N ASN K 316 39.55 18.83 -66.46
CA ASN K 316 39.41 18.07 -65.22
C ASN K 316 37.95 17.82 -64.91
N VAL K 317 37.64 16.56 -64.55
CA VAL K 317 36.27 16.17 -64.22
C VAL K 317 36.01 16.19 -62.73
N VAL K 318 36.99 16.57 -61.92
CA VAL K 318 36.88 16.57 -60.47
C VAL K 318 37.02 18.00 -59.99
N VAL K 319 35.92 18.59 -59.55
CA VAL K 319 35.93 19.89 -58.88
C VAL K 319 35.53 19.66 -57.42
N GLU K 320 36.39 20.11 -56.51
CA GLU K 320 36.23 19.85 -55.09
C GLU K 320 35.50 21.00 -54.43
N LEU K 321 34.53 20.68 -53.58
CA LEU K 321 33.73 21.68 -52.90
C LEU K 321 34.23 21.84 -51.47
N PRO K 322 34.65 23.04 -51.06
CA PRO K 322 34.99 23.24 -49.65
C PRO K 322 33.81 23.07 -48.71
N ASP K 323 32.58 23.15 -49.21
CA ASP K 323 31.40 23.05 -48.37
C ASP K 323 30.88 21.63 -48.21
N ARG K 324 31.48 20.64 -48.87
CA ARG K 324 31.18 19.25 -48.59
C ARG K 324 32.26 18.68 -47.69
N ASN K 325 31.94 17.59 -47.00
CA ASN K 325 32.89 16.91 -46.11
C ASN K 325 33.09 15.50 -46.64
N THR K 326 34.26 15.26 -47.26
CA THR K 326 34.57 13.93 -47.76
C THR K 326 34.96 12.99 -46.62
N GLU K 327 35.72 13.49 -45.65
CA GLU K 327 36.21 12.66 -44.57
C GLU K 327 35.06 12.10 -43.73
N LEU K 328 34.16 12.98 -43.28
CA LEU K 328 33.03 12.53 -42.49
C LEU K 328 32.07 11.70 -43.33
N SER K 329 31.99 11.98 -44.63
CA SER K 329 31.18 11.14 -45.51
C SER K 329 31.69 9.70 -45.51
N TYR K 330 33.01 9.54 -45.64
CA TYR K 330 33.58 8.20 -45.59
C TYR K 330 33.37 7.58 -44.21
N GLN K 331 33.50 8.38 -43.15
CA GLN K 331 33.29 7.83 -41.81
C GLN K 331 31.88 7.28 -41.67
N TYR K 332 30.88 8.05 -42.11
CA TYR K 332 29.50 7.59 -41.99
C TYR K 332 29.22 6.40 -42.90
N MET K 333 29.77 6.42 -44.12
CA MET K 333 29.57 5.30 -45.03
C MET K 333 30.16 4.02 -44.47
N LEU K 334 31.35 4.11 -43.89
CA LEU K 334 32.01 2.94 -43.32
C LEU K 334 31.32 2.45 -42.05
N ALA K 335 30.81 3.37 -41.24
CA ALA K 335 30.08 2.96 -40.05
C ALA K 335 28.74 2.32 -40.40
N ASP K 336 28.09 2.78 -41.47
CA ASP K 336 26.86 2.16 -41.93
C ASP K 336 27.12 0.81 -42.59
N MET K 337 28.25 0.70 -43.30
CA MET K 337 28.53 -0.53 -44.03
C MET K 337 28.99 -1.65 -43.11
N MET K 338 29.62 -1.31 -41.98
CA MET K 338 30.13 -2.31 -41.06
C MET K 338 30.21 -1.72 -39.66
N SER K 339 30.27 -2.60 -38.67
CA SER K 339 30.48 -2.15 -37.31
C SER K 339 31.86 -1.54 -37.16
N ARG K 340 31.97 -0.53 -36.30
CA ARG K 340 33.21 0.22 -36.15
C ARG K 340 34.15 -0.37 -35.10
N HIS K 341 33.74 -1.40 -34.37
CA HIS K 341 34.67 -2.03 -33.44
C HIS K 341 35.67 -2.93 -34.13
N HIS K 342 35.46 -3.27 -35.40
CA HIS K 342 36.44 -4.03 -36.15
C HIS K 342 37.63 -3.14 -36.50
N TYR K 343 38.83 -3.69 -36.37
CA TYR K 343 40.06 -2.96 -36.69
C TYR K 343 40.63 -3.52 -37.99
N PHE K 344 40.73 -2.65 -38.99
CA PHE K 344 41.30 -3.00 -40.29
C PHE K 344 42.57 -2.19 -40.47
N ALA K 345 43.72 -2.85 -40.31
CA ALA K 345 44.99 -2.11 -40.24
C ALA K 345 45.43 -1.58 -41.59
N LEU K 346 44.90 -2.11 -42.69
CA LEU K 346 45.33 -1.64 -44.01
C LEU K 346 44.94 -0.18 -44.22
N TRP K 347 43.65 0.12 -44.15
CA TRP K 347 43.18 1.49 -44.25
C TRP K 347 43.32 2.25 -42.93
N ASN K 348 44.09 1.72 -41.98
CA ASN K 348 44.27 2.33 -40.66
C ASN K 348 42.91 2.52 -39.98
N GLN K 349 42.05 1.51 -40.12
CA GLN K 349 40.66 1.60 -39.70
C GLN K 349 40.56 1.24 -38.22
N ALA K 350 40.73 2.25 -37.37
CA ALA K 350 40.56 2.09 -35.93
C ALA K 350 39.78 3.29 -35.43
N VAL K 351 38.52 3.07 -35.05
CA VAL K 351 37.65 4.19 -34.70
C VAL K 351 38.06 4.76 -33.35
N ASP K 352 37.89 6.07 -33.20
CA ASP K 352 38.18 6.74 -31.94
C ASP K 352 37.18 6.29 -30.88
N GLN K 353 37.69 5.79 -29.75
CA GLN K 353 36.85 5.21 -28.71
C GLN K 353 37.22 5.80 -27.36
N TYR K 354 36.33 6.61 -26.81
CA TYR K 354 36.46 6.98 -25.40
C TYR K 354 35.99 5.84 -24.52
N ASP K 355 36.59 5.70 -23.36
CA ASP K 355 36.14 4.71 -22.40
C ASP K 355 34.77 5.12 -21.87
N PRO K 356 33.73 4.29 -22.01
CA PRO K 356 32.47 4.60 -21.33
C PRO K 356 32.63 4.69 -19.82
N GLU K 357 33.51 3.88 -19.24
CA GLU K 357 33.70 3.91 -17.79
C GLU K 357 34.44 5.16 -17.33
N VAL K 358 35.09 5.88 -18.24
CA VAL K 358 35.79 7.11 -17.91
C VAL K 358 34.95 8.34 -18.25
N ARG K 359 34.25 8.32 -19.38
CA ARG K 359 33.40 9.46 -19.74
C ARG K 359 32.25 9.60 -18.76
N VAL K 360 31.38 8.61 -18.69
CA VAL K 360 30.31 8.58 -17.71
C VAL K 360 30.87 7.87 -16.47
N PHE K 361 31.55 8.67 -15.64
CA PHE K 361 32.19 8.17 -14.42
C PHE K 361 31.11 7.71 -13.45
N SER K 362 30.94 6.40 -13.32
CA SER K 362 29.97 5.84 -12.38
C SER K 362 30.71 5.56 -11.08
N ASN K 363 30.72 6.53 -10.19
CA ASN K 363 31.38 6.37 -8.90
C ASN K 363 30.61 5.37 -8.07
N ASP K 364 31.19 4.19 -7.87
CA ASP K 364 30.56 3.12 -7.12
C ASP K 364 31.39 2.74 -5.91
N GLY K 365 32.15 3.69 -5.37
CA GLY K 365 33.04 3.38 -4.28
C GLY K 365 34.13 2.42 -4.73
N TYR K 366 34.27 1.32 -4.00
CA TYR K 366 35.35 0.39 -4.24
C TYR K 366 34.96 -0.97 -3.67
N GLU K 367 35.66 -2.00 -4.14
CA GLU K 367 35.38 -3.36 -3.68
C GLU K 367 35.85 -3.55 -2.25
N GLU K 368 34.96 -3.33 -1.29
CA GLU K 368 35.31 -3.42 0.12
C GLU K 368 35.34 -4.87 0.55
N GLY K 369 36.52 -5.39 0.88
CA GLY K 369 36.65 -6.74 1.36
C GLY K 369 37.23 -6.80 2.76
N ALA K 370 37.75 -7.96 3.14
CA ALA K 370 38.41 -8.08 4.43
C ALA K 370 39.66 -7.20 4.43
N PRO K 371 40.10 -6.75 5.62
CA PRO K 371 41.27 -5.87 5.67
C PRO K 371 42.47 -6.53 5.01
N SER K 372 43.22 -5.73 4.25
CA SER K 372 44.32 -6.21 3.42
C SER K 372 45.62 -5.64 3.96
N TYR K 373 46.62 -6.50 4.12
CA TYR K 373 47.88 -6.12 4.74
C TYR K 373 49.06 -6.55 3.89
N ALA K 374 50.20 -5.90 4.14
CA ALA K 374 51.49 -6.31 3.60
C ALA K 374 52.40 -6.65 4.75
N PHE K 375 52.83 -7.91 4.82
CA PHE K 375 53.57 -8.44 5.95
C PHE K 375 55.07 -8.38 5.68
N ASN K 376 55.85 -8.69 6.72
CA ASN K 376 57.29 -8.76 6.56
C ASN K 376 57.65 -9.82 5.51
N PRO K 377 58.78 -9.67 4.83
CA PRO K 377 59.21 -10.76 3.92
C PRO K 377 59.32 -12.09 4.64
N GLU K 378 59.80 -12.10 5.88
CA GLU K 378 59.68 -13.25 6.74
C GLU K 378 58.38 -13.12 7.55
N ALA K 379 58.05 -14.15 8.31
CA ALA K 379 56.82 -14.14 9.10
C ALA K 379 57.05 -13.66 10.52
N VAL K 380 58.23 -13.16 10.84
CA VAL K 380 58.58 -12.74 12.18
C VAL K 380 59.21 -11.35 12.12
N GLY K 381 58.86 -10.50 13.08
CA GLY K 381 59.42 -9.17 13.12
C GLY K 381 58.87 -8.40 14.29
N ALA K 382 59.44 -7.22 14.51
CA ALA K 382 59.03 -6.34 15.61
C ALA K 382 58.73 -4.94 15.10
N GLY K 383 58.13 -4.84 13.91
CA GLY K 383 57.71 -3.54 13.41
C GLY K 383 56.73 -2.90 14.37
N GLU K 384 57.01 -1.66 14.78
CA GLU K 384 56.25 -1.00 15.84
C GLU K 384 56.23 -1.90 17.09
N GLY K 385 57.40 -2.05 17.68
CA GLY K 385 57.62 -3.12 18.63
C GLY K 385 56.89 -2.92 19.94
N TYR K 386 55.57 -2.98 19.89
CA TYR K 386 54.75 -2.97 21.09
C TYR K 386 54.79 -4.33 21.78
N GLY K 387 54.54 -4.30 23.08
CA GLY K 387 54.63 -5.49 23.90
C GLY K 387 56.05 -5.76 24.36
N PRO K 388 56.23 -6.83 25.13
CA PRO K 388 57.56 -7.12 25.67
C PRO K 388 58.53 -7.54 24.58
N ASP K 389 59.82 -7.26 24.82
CA ASP K 389 60.83 -7.43 23.78
C ASP K 389 61.09 -8.91 23.48
N LEU K 390 61.31 -9.72 24.52
CA LEU K 390 61.68 -11.12 24.37
C LEU K 390 62.95 -11.28 23.53
N SER K 391 63.93 -10.41 23.75
CA SER K 391 65.24 -10.55 23.12
C SER K 391 66.27 -11.19 24.03
N GLN K 392 66.01 -11.24 25.33
CA GLN K 392 66.92 -11.83 26.31
C GLN K 392 66.24 -12.93 27.12
N ILE K 393 65.42 -13.74 26.46
CA ILE K 393 64.66 -14.78 27.13
C ILE K 393 65.48 -16.07 27.18
N LYS K 394 65.09 -16.97 28.07
CA LYS K 394 65.69 -18.29 28.19
C LYS K 394 64.59 -19.33 28.16
N LEU K 395 64.80 -20.38 27.36
CA LEU K 395 63.82 -21.44 27.20
C LEU K 395 64.08 -22.54 28.23
N TYR K 396 63.07 -22.84 29.04
CA TYR K 396 63.16 -23.89 30.04
C TYR K 396 62.20 -25.01 29.69
N THR K 397 62.67 -26.25 29.85
CA THR K 397 61.80 -27.41 29.70
C THR K 397 60.77 -27.43 30.82
N ASN K 398 59.61 -28.02 30.54
CA ASN K 398 58.56 -28.10 31.53
C ASN K 398 58.72 -29.35 32.40
N ASN K 399 58.07 -29.32 33.55
CA ASN K 399 58.00 -30.46 34.45
C ASN K 399 56.55 -30.94 34.50
N THR K 400 56.32 -32.20 34.13
CA THR K 400 54.96 -32.72 34.09
C THR K 400 54.35 -32.77 35.48
N ALA K 401 55.13 -33.18 36.49
CA ALA K 401 54.59 -33.34 37.84
C ALA K 401 54.46 -32.00 38.56
N ALA K 402 55.55 -31.24 38.62
CA ALA K 402 55.53 -29.97 39.35
C ALA K 402 54.85 -28.84 38.59
N ASN K 403 54.52 -29.05 37.31
CA ASN K 403 53.85 -28.04 36.49
C ASN K 403 54.64 -26.74 36.45
N ASP K 404 55.96 -26.86 36.39
CA ASP K 404 56.84 -25.70 36.44
C ASP K 404 58.09 -25.98 35.60
N LYS K 405 59.00 -25.01 35.60
CA LYS K 405 60.29 -25.20 34.94
C LYS K 405 61.08 -26.30 35.65
N ASN K 406 61.81 -27.08 34.87
CA ASN K 406 62.68 -28.09 35.47
C ASN K 406 64.11 -28.04 34.97
N THR K 407 64.32 -27.74 33.69
CA THR K 407 65.64 -27.74 33.10
C THR K 407 65.77 -26.57 32.13
N ALA K 408 66.90 -25.87 32.21
CA ALA K 408 67.15 -24.72 31.34
C ALA K 408 67.98 -25.14 30.14
N VAL K 409 67.55 -24.74 28.95
CA VAL K 409 68.30 -25.03 27.74
C VAL K 409 69.57 -24.19 27.74
N THR K 410 70.72 -24.84 27.51
CA THR K 410 72.00 -24.17 27.66
C THR K 410 72.15 -23.01 26.68
N ASN K 411 72.16 -23.32 25.38
CA ASN K 411 72.42 -22.34 24.32
C ASN K 411 71.28 -22.40 23.31
N ALA K 412 70.23 -21.63 23.56
CA ALA K 412 69.06 -21.57 22.70
C ALA K 412 68.99 -20.18 22.08
N THR K 413 69.32 -20.10 20.79
CA THR K 413 69.16 -18.84 20.07
C THR K 413 67.73 -18.75 19.53
N THR K 414 67.06 -17.64 19.86
CA THR K 414 65.65 -17.46 19.50
C THR K 414 65.42 -16.02 19.06
N ASN K 415 64.47 -15.85 18.14
CA ASN K 415 64.02 -14.52 17.75
C ASN K 415 62.81 -14.10 18.58
N PHE K 416 61.72 -14.84 18.46
CA PHE K 416 60.59 -14.80 19.39
C PHE K 416 60.08 -13.37 19.62
N TYR K 417 59.59 -12.76 18.55
CA TYR K 417 58.98 -11.45 18.72
C TYR K 417 57.53 -11.59 19.18
N PHE K 418 56.97 -10.48 19.62
CA PHE K 418 55.63 -10.47 20.20
C PHE K 418 54.59 -10.01 19.19
N GLY K 419 53.37 -10.47 19.39
CA GLY K 419 52.26 -10.04 18.55
C GLY K 419 52.12 -10.85 17.28
N THR K 420 51.16 -10.45 16.47
CA THR K 420 50.93 -11.09 15.19
C THR K 420 52.04 -10.70 14.21
N VAL K 421 51.90 -11.16 12.98
CA VAL K 421 52.90 -10.85 11.95
C VAL K 421 52.83 -9.35 11.67
N PRO K 422 53.93 -8.61 11.85
CA PRO K 422 53.88 -7.17 11.62
C PRO K 422 53.55 -6.86 10.17
N SER K 423 52.58 -5.96 9.98
CA SER K 423 52.04 -5.74 8.65
C SER K 423 51.64 -4.28 8.50
N TYR K 424 51.54 -3.85 7.25
CA TYR K 424 51.00 -2.55 6.88
C TYR K 424 49.72 -2.75 6.11
N GLU K 425 48.66 -2.07 6.52
CA GLU K 425 47.36 -2.23 5.89
C GLU K 425 47.21 -1.27 4.71
N ILE K 426 46.79 -1.82 3.57
CA ILE K 426 46.47 -1.04 2.38
C ILE K 426 45.20 -1.62 1.76
N ASP K 427 44.27 -0.75 1.40
CA ASP K 427 43.05 -1.17 0.72
C ASP K 427 43.31 -1.06 -0.78
N ILE K 428 43.41 -2.21 -1.44
CA ILE K 428 43.82 -2.23 -2.84
C ILE K 428 42.73 -1.63 -3.73
N SER K 429 41.47 -1.90 -3.41
CA SER K 429 40.37 -1.46 -4.28
C SER K 429 40.25 0.06 -4.29
N ALA K 430 40.28 0.67 -3.10
CA ALA K 430 40.21 2.12 -3.04
C ALA K 430 41.42 2.77 -3.68
N THR K 431 42.58 2.14 -3.56
CA THR K 431 43.79 2.68 -4.19
C THR K 431 43.66 2.63 -5.71
N GLN K 432 43.22 1.49 -6.26
CA GLN K 432 42.89 1.43 -7.68
C GLN K 432 41.92 2.51 -8.08
N ARG K 433 40.86 2.71 -7.28
CA ARG K 433 39.83 3.66 -7.68
C ARG K 433 40.37 5.09 -7.71
N ARG K 434 41.13 5.46 -6.68
CA ARG K 434 41.66 6.83 -6.63
C ARG K 434 42.68 7.05 -7.73
N ASN K 435 43.58 6.09 -7.95
CA ASN K 435 44.55 6.25 -9.03
C ASN K 435 43.85 6.31 -10.38
N PHE K 436 42.80 5.52 -10.56
CA PHE K 436 42.03 5.54 -11.79
C PHE K 436 41.41 6.92 -12.03
N ILE K 437 40.80 7.49 -10.99
CA ILE K 437 40.18 8.80 -11.13
C ILE K 437 41.23 9.86 -11.43
N MET K 438 42.38 9.77 -10.75
CA MET K 438 43.41 10.79 -10.91
C MET K 438 44.13 10.69 -12.25
N ALA K 439 44.28 9.50 -12.81
CA ALA K 439 45.01 9.32 -14.06
C ALA K 439 44.12 9.37 -15.29
N ASN K 440 42.84 8.98 -15.17
CA ASN K 440 41.95 8.95 -16.31
C ASN K 440 40.93 10.08 -16.33
N ILE K 441 40.62 10.66 -15.18
CA ILE K 441 39.58 11.70 -15.11
C ILE K 441 40.23 13.02 -14.71
N ALA K 442 40.85 13.05 -13.52
CA ALA K 442 41.42 14.31 -13.04
C ALA K 442 42.48 14.84 -13.99
N GLU K 443 43.31 13.96 -14.55
CA GLU K 443 44.42 14.39 -15.38
C GLU K 443 43.95 15.12 -16.64
N TYR K 444 42.79 14.75 -17.16
CA TYR K 444 42.29 15.32 -18.41
C TYR K 444 41.31 16.48 -18.19
N LEU K 445 41.31 17.07 -17.00
CA LEU K 445 40.50 18.24 -16.74
C LEU K 445 41.01 19.42 -17.57
N PRO K 446 40.16 20.40 -17.83
CA PRO K 446 40.60 21.56 -18.62
C PRO K 446 41.65 22.37 -17.88
N ASP K 447 42.34 23.22 -18.64
CA ASP K 447 43.31 24.14 -18.04
C ASP K 447 42.64 25.17 -17.13
N ARG K 448 41.32 25.31 -17.21
CA ARG K 448 40.60 26.16 -16.27
C ARG K 448 40.67 25.63 -14.85
N TYR K 449 40.84 24.33 -14.67
CA TYR K 449 40.85 23.69 -13.36
C TYR K 449 42.24 23.17 -12.99
N LYS K 450 43.28 23.78 -13.53
CA LYS K 450 44.64 23.33 -13.29
C LYS K 450 45.48 24.48 -12.76
N PHE K 451 46.63 24.14 -12.18
CA PHE K 451 47.53 25.13 -11.62
C PHE K 451 48.98 24.70 -11.88
N SER K 452 49.88 25.67 -11.92
CA SER K 452 51.28 25.40 -12.18
C SER K 452 51.94 24.74 -10.97
N ILE K 453 53.17 24.28 -11.17
CA ILE K 453 53.83 23.43 -10.18
C ILE K 453 55.01 24.14 -9.53
N SER K 454 54.98 25.47 -9.52
CA SER K 454 55.96 26.31 -8.84
C SER K 454 57.30 26.31 -9.55
N GLY K 455 57.44 25.49 -10.58
CA GLY K 455 58.64 25.49 -11.40
C GLY K 455 58.28 25.93 -12.80
N PHE K 456 57.03 25.71 -13.16
CA PHE K 456 56.48 26.15 -14.43
C PHE K 456 55.84 27.52 -14.28
N ASP K 457 56.01 28.36 -15.29
CA ASP K 457 55.39 29.67 -15.33
C ASP K 457 54.53 29.77 -16.57
N ALA K 458 53.25 30.06 -16.37
CA ALA K 458 52.34 30.20 -17.49
C ALA K 458 52.73 31.39 -18.36
N THR K 459 52.19 31.43 -19.57
CA THR K 459 52.45 32.42 -20.61
C THR K 459 53.86 32.32 -21.18
N SER K 460 54.70 31.43 -20.65
CA SER K 460 56.02 31.22 -21.24
C SER K 460 55.93 30.37 -22.49
N VAL K 461 55.04 29.38 -22.50
CA VAL K 461 54.82 28.50 -23.63
C VAL K 461 53.34 28.44 -23.94
N ALA K 462 53.02 28.07 -25.17
CA ALA K 462 51.63 28.01 -25.60
C ALA K 462 50.89 26.94 -24.82
N PRO K 463 49.62 27.17 -24.48
CA PRO K 463 48.84 26.13 -23.79
C PRO K 463 48.69 24.85 -24.59
N THR K 464 48.87 24.91 -25.90
CA THR K 464 48.77 23.75 -26.78
C THR K 464 50.08 22.98 -26.90
N THR K 465 50.98 23.14 -25.94
CA THR K 465 52.25 22.41 -25.94
C THR K 465 52.22 21.30 -24.91
N TYR K 466 53.09 20.31 -25.13
CA TYR K 466 53.08 19.10 -24.31
C TYR K 466 53.54 19.38 -22.88
N GLU K 467 54.67 20.05 -22.72
CA GLU K 467 55.20 20.27 -21.38
C GLU K 467 54.40 21.32 -20.62
N TYR K 468 53.56 22.10 -21.31
CA TYR K 468 52.60 22.95 -20.62
C TYR K 468 51.58 22.12 -19.85
N MET K 469 50.95 21.16 -20.53
CA MET K 469 49.91 20.38 -19.88
C MET K 469 50.49 19.27 -19.01
N ASN K 470 51.75 18.91 -19.22
CA ASN K 470 52.43 18.04 -18.26
C ASN K 470 52.64 18.75 -16.93
N LYS K 471 52.97 20.04 -16.98
CA LYS K 471 53.41 20.78 -15.82
C LYS K 471 52.29 21.64 -15.22
N ARG K 472 51.06 21.15 -15.27
CA ARG K 472 49.91 21.85 -14.68
C ARG K 472 49.04 20.81 -13.99
N VAL K 473 49.08 20.78 -12.68
CA VAL K 473 48.33 19.78 -11.90
C VAL K 473 46.87 20.20 -11.85
N PRO K 474 45.92 19.29 -12.05
CA PRO K 474 44.51 19.62 -11.81
C PRO K 474 44.23 19.78 -10.33
N LEU K 475 43.22 20.59 -10.02
CA LEU K 475 42.77 20.71 -8.65
C LEU K 475 42.23 19.37 -8.15
N THR K 476 42.65 18.98 -6.95
CA THR K 476 42.35 17.65 -6.44
C THR K 476 40.93 17.49 -5.92
N ASN K 477 40.20 18.59 -5.71
CA ASN K 477 38.83 18.50 -5.22
C ASN K 477 37.80 18.72 -6.31
N VAL K 478 38.21 19.13 -7.50
CA VAL K 478 37.26 19.24 -8.61
C VAL K 478 36.68 17.87 -8.93
N VAL K 479 37.54 16.85 -8.98
CA VAL K 479 37.10 15.46 -9.12
C VAL K 479 37.97 14.59 -8.22
N ASP K 480 37.32 13.68 -7.49
CA ASP K 480 38.01 12.76 -6.59
C ASP K 480 37.07 11.59 -6.31
N MET K 481 37.41 10.78 -5.31
CA MET K 481 36.58 9.63 -4.99
C MET K 481 35.21 10.05 -4.51
N PHE K 482 35.14 11.10 -3.69
CA PHE K 482 33.88 11.55 -3.12
C PHE K 482 32.97 12.24 -4.13
N THR K 483 33.47 12.55 -5.32
CA THR K 483 32.69 13.30 -6.30
C THR K 483 31.52 12.46 -6.77
N ASN K 484 30.33 12.78 -6.28
CA ASN K 484 29.11 12.05 -6.60
C ASN K 484 29.30 10.56 -6.36
N VAL K 485 29.52 10.22 -5.09
CA VAL K 485 30.05 8.91 -4.71
C VAL K 485 29.12 7.76 -5.09
N GLY K 486 27.88 8.06 -5.44
CA GLY K 486 26.96 6.98 -5.78
C GLY K 486 26.25 7.15 -7.12
N ALA K 487 26.68 8.09 -7.93
CA ALA K 487 25.98 8.45 -9.16
C ALA K 487 26.77 7.98 -10.38
N ARG K 488 26.04 7.47 -11.37
CA ARG K 488 26.59 7.25 -12.71
C ARG K 488 26.51 8.59 -13.42
N TRP K 489 27.48 9.45 -13.14
CA TRP K 489 27.41 10.86 -13.52
C TRP K 489 28.76 11.30 -14.07
N SER K 490 28.80 11.67 -15.34
CA SER K 490 30.01 12.23 -15.92
C SER K 490 30.35 13.52 -15.21
N ILE K 491 31.64 13.74 -14.94
CA ILE K 491 32.07 14.97 -14.29
C ILE K 491 31.68 16.13 -15.20
N ASP K 492 30.76 16.98 -14.72
CA ASP K 492 30.27 18.06 -15.57
C ASP K 492 31.34 19.08 -15.90
N GLN K 493 32.49 19.03 -15.23
CA GLN K 493 33.64 19.81 -15.65
C GLN K 493 34.20 19.34 -16.97
N MET K 494 33.89 18.11 -17.37
CA MET K 494 34.42 17.51 -18.60
C MET K 494 33.32 17.01 -19.54
N ASP K 495 32.08 17.45 -19.34
CA ASP K 495 31.05 17.11 -20.31
C ASP K 495 31.31 17.80 -21.64
N ASN K 496 32.02 18.92 -21.63
CA ASN K 496 32.37 19.64 -22.85
C ASN K 496 33.81 19.39 -23.29
N VAL K 497 34.54 18.50 -22.63
CA VAL K 497 35.92 18.21 -22.98
C VAL K 497 35.96 16.99 -23.88
N ASN K 498 36.76 17.06 -24.94
CA ASN K 498 36.87 16.00 -25.94
C ASN K 498 37.28 14.69 -25.29
N PRO K 499 36.39 13.69 -25.24
CA PRO K 499 36.76 12.41 -24.64
C PRO K 499 37.63 11.54 -25.52
N PHE K 500 37.75 11.86 -26.80
CA PHE K 500 38.60 11.08 -27.69
C PHE K 500 40.06 11.48 -27.57
N ASN K 501 40.36 12.64 -26.98
CA ASN K 501 41.73 13.01 -26.65
C ASN K 501 42.07 12.44 -25.28
N HIS K 502 42.17 11.11 -25.24
CA HIS K 502 42.48 10.37 -24.03
C HIS K 502 43.49 9.29 -24.38
N HIS K 503 44.35 8.95 -23.41
CA HIS K 503 45.32 7.89 -23.63
C HIS K 503 44.67 6.51 -23.66
N ARG K 504 43.42 6.41 -23.24
CA ARG K 504 42.69 5.16 -23.27
C ARG K 504 41.86 5.03 -24.55
N ASN K 505 42.12 5.89 -25.53
CA ASN K 505 41.50 5.78 -26.84
C ASN K 505 42.05 4.56 -27.57
N TRP K 506 41.30 3.46 -27.52
CA TRP K 506 41.78 2.20 -28.09
C TRP K 506 42.08 2.34 -29.57
N GLY K 507 41.24 3.07 -30.31
CA GLY K 507 41.54 3.29 -31.71
C GLY K 507 42.84 4.02 -31.93
N LEU K 508 43.04 5.13 -31.22
CA LEU K 508 44.28 5.88 -31.37
C LEU K 508 45.46 5.10 -30.82
N LYS K 509 45.25 4.36 -29.74
CA LYS K 509 46.31 3.52 -29.19
C LYS K 509 46.78 2.51 -30.20
N TYR K 510 45.84 1.84 -30.89
CA TYR K 510 46.20 0.88 -31.92
C TYR K 510 46.84 1.58 -33.12
N ARG K 511 46.35 2.76 -33.49
CA ARG K 511 46.89 3.46 -34.64
C ARG K 511 48.33 3.90 -34.39
N SER K 512 48.64 4.35 -33.18
CA SER K 512 49.99 4.76 -32.84
C SER K 512 50.91 3.57 -32.59
N GLN K 513 50.35 2.44 -32.13
CA GLN K 513 51.18 1.25 -31.95
C GLN K 513 51.41 0.50 -33.25
N LEU K 514 50.72 0.87 -34.33
CA LEU K 514 51.02 0.31 -35.64
C LEU K 514 52.28 0.90 -36.25
N LEU K 515 52.73 2.04 -35.75
CA LEU K 515 53.93 2.67 -36.28
C LEU K 515 55.19 2.27 -35.53
N GLY K 516 55.08 1.85 -34.28
CA GLY K 516 56.21 1.44 -33.48
C GLY K 516 56.19 2.09 -32.12
N ASN K 517 57.26 1.83 -31.36
CA ASN K 517 57.42 2.39 -30.03
C ASN K 517 58.31 3.63 -30.00
N SER K 518 58.83 4.06 -31.14
CA SER K 518 59.70 5.22 -31.22
C SER K 518 58.98 6.37 -31.91
N ARG K 519 59.57 7.57 -31.76
CA ARG K 519 59.11 8.75 -32.48
C ARG K 519 59.71 8.84 -33.88
N TYR K 520 60.62 7.95 -34.23
CA TYR K 520 61.31 7.95 -35.51
C TYR K 520 60.82 6.73 -36.29
N VAL K 521 59.81 6.94 -37.13
CA VAL K 521 59.10 5.86 -37.80
C VAL K 521 59.38 5.94 -39.29
N ASN K 522 59.81 4.81 -39.87
CA ASN K 522 59.92 4.67 -41.32
C ASN K 522 58.63 4.04 -41.85
N PHE K 523 57.56 4.83 -41.80
CA PHE K 523 56.23 4.32 -42.07
C PHE K 523 56.06 3.93 -43.52
N HIS K 524 55.17 2.97 -43.75
CA HIS K 524 54.78 2.54 -45.09
C HIS K 524 53.28 2.26 -45.04
N ILE K 525 52.49 3.17 -45.59
CA ILE K 525 51.05 3.14 -45.44
C ILE K 525 50.39 3.18 -46.81
N GLN K 526 49.11 2.82 -46.83
CA GLN K 526 48.30 2.82 -48.05
C GLN K 526 47.01 3.58 -47.74
N VAL K 527 46.91 4.79 -48.25
CA VAL K 527 45.79 5.69 -47.97
C VAL K 527 44.76 5.53 -49.06
N PRO K 528 43.50 5.22 -48.73
CA PRO K 528 42.48 5.06 -49.76
C PRO K 528 41.97 6.40 -50.28
N GLN K 529 41.51 6.38 -51.53
CA GLN K 529 40.87 7.55 -52.11
C GLN K 529 39.41 7.60 -51.66
N LYS K 530 38.98 8.77 -51.17
CA LYS K 530 37.68 8.90 -50.55
C LYS K 530 36.71 9.79 -51.32
N PHE K 531 37.14 10.49 -52.36
CA PHE K 531 36.24 11.35 -53.10
C PHE K 531 35.15 10.51 -53.76
N PHE K 532 33.89 10.89 -53.51
CA PHE K 532 32.77 10.03 -53.86
C PHE K 532 32.59 9.87 -55.36
N ALA K 533 32.89 10.90 -56.15
CA ALA K 533 32.86 10.74 -57.60
C ALA K 533 33.98 9.85 -58.11
N ILE K 534 34.96 9.54 -57.27
CA ILE K 534 36.08 8.70 -57.65
C ILE K 534 36.17 7.43 -56.79
N LYS K 535 35.65 7.44 -55.56
CA LYS K 535 35.85 6.35 -54.62
C LYS K 535 35.45 4.99 -55.19
N ASN K 536 34.43 4.95 -56.06
CA ASN K 536 34.00 3.70 -56.66
C ASN K 536 33.97 3.75 -58.18
N LEU K 537 34.60 4.77 -58.77
CA LEU K 537 34.53 4.95 -60.21
C LEU K 537 35.20 3.79 -60.93
N LEU K 538 34.55 3.34 -62.00
CA LEU K 538 35.07 2.28 -62.86
C LEU K 538 35.49 2.91 -64.18
N LEU K 539 36.79 3.10 -64.36
CA LEU K 539 37.29 3.65 -65.61
C LEU K 539 37.39 2.56 -66.67
N LEU K 540 36.93 2.87 -67.86
CA LEU K 540 37.04 1.96 -68.99
C LEU K 540 38.40 2.17 -69.64
N SER K 541 38.60 1.56 -70.81
CA SER K 541 39.88 1.65 -71.49
C SER K 541 40.19 3.10 -71.85
N GLY K 542 41.44 3.49 -71.64
CA GLY K 542 41.87 4.84 -71.95
C GLY K 542 43.04 5.24 -71.07
N SER K 543 43.64 6.37 -71.43
CA SER K 543 44.79 6.92 -70.72
C SER K 543 44.32 8.07 -69.84
N TYR K 544 44.30 7.84 -68.53
CA TYR K 544 43.84 8.82 -67.57
C TYR K 544 45.03 9.30 -66.74
N THR K 545 45.15 10.61 -66.58
CA THR K 545 46.15 11.19 -65.69
C THR K 545 45.45 11.61 -64.40
N TYR K 546 45.91 11.07 -63.28
CA TYR K 546 45.26 11.21 -61.98
C TYR K 546 46.24 11.86 -61.03
N GLU K 547 45.96 13.09 -60.64
CA GLU K 547 46.85 13.86 -59.78
C GLU K 547 46.16 14.16 -58.45
N TRP K 548 46.91 14.00 -57.37
CA TRP K 548 46.40 14.33 -56.04
C TRP K 548 47.54 14.86 -55.20
N VAL K 549 47.20 15.53 -54.12
CA VAL K 549 48.17 16.20 -53.26
C VAL K 549 47.97 15.74 -51.82
N LEU K 550 49.08 15.52 -51.12
CA LEU K 550 49.08 14.96 -49.78
C LEU K 550 49.42 16.03 -48.76
N ARG K 551 48.65 16.07 -47.67
CA ARG K 551 48.92 17.02 -46.60
C ARG K 551 50.23 16.67 -45.90
N LYS K 552 50.92 17.71 -45.42
CA LYS K 552 52.13 17.54 -44.62
C LYS K 552 52.02 18.17 -43.25
N ASP K 553 50.89 18.77 -42.91
CA ASP K 553 50.71 19.38 -41.60
C ASP K 553 50.71 18.30 -40.53
N PRO K 554 51.62 18.33 -39.56
CA PRO K 554 51.60 17.29 -38.50
C PRO K 554 50.31 17.26 -37.73
N ASN K 555 49.72 18.43 -37.44
CA ASN K 555 48.44 18.45 -36.72
C ASN K 555 47.35 17.82 -37.57
N MET K 556 47.35 18.09 -38.88
CA MET K 556 46.25 17.69 -39.74
C MET K 556 46.27 16.20 -40.03
N ILE K 557 47.45 15.63 -40.27
CA ILE K 557 47.54 14.23 -40.66
C ILE K 557 47.66 13.30 -39.46
N LEU K 558 48.29 13.75 -38.38
CA LEU K 558 48.50 12.92 -37.20
C LEU K 558 47.49 13.28 -36.12
N GLN K 559 47.15 12.30 -35.30
CA GLN K 559 46.24 12.49 -34.18
C GLN K 559 46.99 12.22 -32.88
N SER K 560 46.77 13.07 -31.89
CA SER K 560 47.38 12.95 -30.58
C SER K 560 46.32 12.61 -29.54
N SER K 561 46.76 11.93 -28.48
CA SER K 561 45.88 11.64 -27.37
C SER K 561 45.77 12.79 -26.39
N LEU K 562 46.50 13.88 -26.65
CA LEU K 562 46.43 15.08 -25.84
C LEU K 562 45.98 16.31 -26.62
N GLY K 563 46.08 16.29 -27.95
CA GLY K 563 45.68 17.41 -28.76
C GLY K 563 46.68 18.55 -28.82
N ASN K 564 47.91 18.32 -28.38
CA ASN K 564 48.90 19.38 -28.35
C ASN K 564 49.36 19.73 -29.77
N ASP K 565 49.85 20.96 -29.93
CA ASP K 565 50.41 21.41 -31.19
C ASP K 565 51.61 20.57 -31.60
N LEU K 566 51.47 19.81 -32.69
CA LEU K 566 52.59 19.00 -33.15
C LEU K 566 53.65 19.83 -33.87
N ARG K 567 53.25 20.91 -34.55
CA ARG K 567 54.24 21.80 -35.14
C ARG K 567 55.12 22.42 -34.06
N ALA K 568 54.52 22.85 -32.95
CA ALA K 568 55.29 23.37 -31.84
C ALA K 568 55.97 22.27 -31.03
N ASP K 569 55.65 21.00 -31.30
CA ASP K 569 56.25 19.88 -30.59
C ASP K 569 57.15 19.05 -31.49
N GLY K 570 57.71 19.67 -32.54
CA GLY K 570 58.76 19.04 -33.31
C GLY K 570 58.36 17.87 -34.16
N ALA K 571 57.08 17.76 -34.53
CA ALA K 571 56.64 16.69 -35.41
C ALA K 571 56.84 17.10 -36.87
N SER K 572 57.22 16.12 -37.70
CA SER K 572 57.43 16.38 -39.11
C SER K 572 57.29 15.08 -39.87
N ILE K 573 57.03 15.19 -41.17
CA ILE K 573 56.88 14.04 -42.05
C ILE K 573 57.54 14.34 -43.39
N ILE K 574 58.21 13.33 -43.95
CA ILE K 574 58.84 13.44 -45.25
C ILE K 574 58.36 12.27 -46.10
N TYR K 575 57.93 12.55 -47.32
CA TYR K 575 57.48 11.53 -48.25
C TYR K 575 58.61 11.16 -49.19
N ASN K 576 59.05 9.91 -49.13
CA ASN K 576 60.11 9.43 -50.01
C ASN K 576 59.55 8.88 -51.31
N GLU K 577 58.59 7.96 -51.23
CA GLU K 577 57.91 7.42 -52.39
C GLU K 577 56.41 7.45 -52.13
N VAL K 578 55.65 7.87 -53.14
CA VAL K 578 54.19 7.82 -53.09
C VAL K 578 53.73 7.22 -54.42
N ASN K 579 53.54 5.90 -54.44
CA ASN K 579 53.13 5.19 -55.63
C ASN K 579 51.64 4.86 -55.55
N LEU K 580 51.04 4.65 -56.71
CA LEU K 580 49.61 4.41 -56.83
C LEU K 580 49.37 2.98 -57.29
N MET K 581 48.90 2.14 -56.38
CA MET K 581 48.59 0.75 -56.69
C MET K 581 47.24 0.64 -57.38
N ALA K 582 47.02 -0.50 -58.04
CA ALA K 582 45.76 -0.75 -58.71
C ALA K 582 45.63 -2.25 -58.97
N ASN K 583 44.42 -2.77 -58.78
CA ASN K 583 44.11 -4.15 -59.11
C ASN K 583 43.27 -4.19 -60.37
N PHE K 584 43.67 -5.03 -61.32
CA PHE K 584 42.96 -5.19 -62.59
C PHE K 584 42.47 -6.62 -62.70
N MET K 585 41.16 -6.79 -62.72
CA MET K 585 40.61 -8.13 -62.89
C MET K 585 40.99 -8.66 -64.27
N PRO K 586 41.58 -9.85 -64.34
CA PRO K 586 41.98 -10.42 -65.64
C PRO K 586 40.81 -11.03 -66.41
N MET K 587 39.70 -10.31 -66.44
CA MET K 587 38.52 -10.83 -67.13
C MET K 587 38.77 -10.84 -68.63
N ASP K 588 38.07 -11.75 -69.32
CA ASP K 588 38.30 -11.97 -70.74
C ASP K 588 38.16 -10.67 -71.51
N HIS K 589 39.17 -10.37 -72.34
CA HIS K 589 39.14 -9.13 -73.12
C HIS K 589 37.93 -9.11 -74.06
N ASN K 590 37.56 -10.27 -74.61
CA ASN K 590 36.37 -10.36 -75.44
C ASN K 590 35.09 -10.06 -74.67
N THR K 591 35.13 -10.10 -73.34
CA THR K 591 33.98 -9.71 -72.53
C THR K 591 34.16 -8.35 -71.87
N SER K 592 35.38 -7.95 -71.53
CA SER K 592 35.58 -6.60 -71.03
C SER K 592 35.36 -5.56 -72.11
N ASN K 593 35.62 -5.90 -73.37
CA ASN K 593 35.25 -5.00 -74.46
C ASN K 593 33.73 -4.85 -74.56
N GLN K 594 33.00 -5.94 -74.40
CA GLN K 594 31.54 -5.85 -74.37
C GLN K 594 31.07 -5.04 -73.18
N LEU K 595 31.73 -5.19 -72.03
CA LEU K 595 31.41 -4.39 -70.87
C LEU K 595 31.65 -2.91 -71.14
N GLU K 596 32.75 -2.59 -71.83
CA GLU K 596 33.01 -1.20 -72.22
C GLU K 596 31.92 -0.68 -73.15
N LEU K 597 31.55 -1.47 -74.15
CA LEU K 597 30.54 -1.03 -75.11
C LEU K 597 29.18 -0.83 -74.45
N MET K 598 28.82 -1.68 -73.50
CA MET K 598 27.57 -1.56 -72.78
C MET K 598 27.66 -0.61 -71.61
N LEU K 599 28.85 -0.09 -71.31
CA LEU K 599 29.04 0.92 -70.27
C LEU K 599 29.36 2.29 -70.82
N ARG K 600 29.91 2.39 -72.04
CA ARG K 600 30.07 3.67 -72.70
C ARG K 600 28.76 4.22 -73.24
N ASN K 601 27.75 3.37 -73.37
CA ASN K 601 26.45 3.81 -73.84
C ASN K 601 25.82 4.73 -72.81
N ALA K 602 25.23 5.83 -73.30
CA ALA K 602 24.89 6.95 -72.41
C ALA K 602 23.84 6.59 -71.37
N THR K 603 22.86 5.76 -71.73
CA THR K 603 21.75 5.52 -70.81
C THR K 603 22.19 4.77 -69.56
N ASN K 604 23.31 4.05 -69.61
CA ASN K 604 23.80 3.28 -68.46
C ASN K 604 25.25 3.68 -68.18
N ASP K 605 25.41 4.73 -67.40
CA ASP K 605 26.73 5.22 -67.02
C ASP K 605 26.77 5.44 -65.51
N GLN K 606 27.96 5.37 -64.95
CA GLN K 606 28.12 5.38 -63.50
C GLN K 606 27.53 6.65 -62.89
N THR K 607 26.79 6.47 -61.79
CA THR K 607 26.17 7.56 -61.07
C THR K 607 26.49 7.40 -59.59
N PHE K 608 27.17 8.37 -59.01
CA PHE K 608 27.60 8.32 -57.62
C PHE K 608 27.05 9.51 -56.85
N VAL K 609 26.70 9.27 -55.59
CA VAL K 609 26.22 10.32 -54.69
C VAL K 609 27.04 10.24 -53.41
N ASP K 610 27.41 11.38 -52.87
CA ASP K 610 28.14 11.42 -51.61
C ASP K 610 27.26 10.86 -50.49
N TYR K 611 27.83 9.99 -49.67
CA TYR K 611 27.04 9.32 -48.65
C TYR K 611 26.54 10.30 -47.60
N LEU K 612 27.36 11.29 -47.23
CA LEU K 612 26.93 12.25 -46.22
C LEU K 612 25.67 12.98 -46.67
N GLY K 613 25.61 13.37 -47.95
CA GLY K 613 24.44 14.01 -48.50
C GLY K 613 24.06 15.26 -47.74
N ALA K 614 25.07 16.09 -47.45
CA ALA K 614 24.85 17.27 -46.61
C ALA K 614 25.83 18.36 -47.01
N LYS K 615 25.30 19.52 -47.39
CA LYS K 615 26.16 20.69 -47.48
C LYS K 615 26.63 21.06 -46.09
N ASN K 616 27.93 21.23 -45.93
CA ASN K 616 28.54 21.37 -44.62
C ASN K 616 28.86 22.83 -44.38
N ALA K 617 28.33 23.38 -43.30
CA ALA K 617 28.52 24.78 -42.96
C ALA K 617 28.92 24.88 -41.50
N LEU K 618 29.90 25.73 -41.21
CA LEU K 618 30.37 25.97 -39.86
C LEU K 618 30.08 27.42 -39.50
N TYR K 619 29.28 27.62 -38.45
CA TYR K 619 28.87 28.96 -38.03
C TYR K 619 29.55 29.27 -36.70
N SER K 620 30.30 30.37 -36.68
CA SER K 620 31.05 30.72 -35.48
C SER K 620 30.11 31.13 -34.35
N VAL K 621 30.44 30.66 -33.15
CA VAL K 621 29.72 31.03 -31.94
C VAL K 621 30.76 31.46 -30.91
N PRO K 622 30.82 32.74 -30.54
CA PRO K 622 31.82 33.18 -29.56
C PRO K 622 31.65 32.48 -28.23
N ALA K 623 32.67 32.62 -27.38
CA ALA K 623 32.76 31.82 -26.17
C ALA K 623 31.53 32.02 -25.27
N GLY K 624 31.31 33.24 -24.80
CA GLY K 624 30.25 33.49 -23.84
C GLY K 624 28.86 33.45 -24.42
N SER K 625 28.73 33.60 -25.73
CA SER K 625 27.40 33.71 -26.34
C SER K 625 26.64 32.41 -26.24
N THR K 626 25.32 32.53 -26.07
CA THR K 626 24.44 31.39 -25.92
C THR K 626 23.49 31.19 -27.08
N ALA K 627 23.45 32.11 -28.03
CA ALA K 627 22.49 32.05 -29.13
C ALA K 627 23.20 32.24 -30.45
N LEU K 628 22.62 31.65 -31.50
CA LEU K 628 23.14 31.77 -32.85
C LEU K 628 21.96 31.82 -33.82
N THR K 629 22.08 32.66 -34.83
CA THR K 629 21.05 32.79 -35.87
C THR K 629 21.70 32.52 -37.22
N ILE K 630 21.09 31.61 -37.98
CA ILE K 630 21.60 31.21 -39.29
C ILE K 630 20.58 31.69 -40.32
N ASN K 631 20.85 32.84 -40.94
CA ASN K 631 19.98 33.40 -41.96
C ASN K 631 20.66 33.21 -43.31
N ILE K 632 19.95 32.60 -44.25
CA ILE K 632 20.50 32.35 -45.58
C ILE K 632 19.47 32.74 -46.63
N PRO K 633 19.89 33.19 -47.83
CA PRO K 633 18.96 33.83 -48.76
C PRO K 633 17.94 32.89 -49.40
N ALA K 634 17.15 33.42 -50.31
CA ALA K 634 16.14 32.65 -50.99
C ALA K 634 16.77 31.54 -51.83
N ARG K 635 16.12 30.37 -51.82
CA ARG K 635 16.65 29.19 -52.48
C ARG K 635 15.47 28.28 -52.79
N THR K 636 15.66 27.40 -53.77
CA THR K 636 14.55 26.59 -54.25
C THR K 636 14.35 25.29 -53.47
N TRP K 637 15.24 24.97 -52.53
CA TRP K 637 15.07 23.85 -51.59
C TRP K 637 14.56 22.59 -52.29
N GLU K 638 14.96 22.40 -53.54
CA GLU K 638 14.31 21.40 -54.40
C GLU K 638 14.87 20.02 -54.07
N GLY K 639 14.33 19.43 -53.00
CA GLY K 639 14.74 18.09 -52.62
C GLY K 639 15.56 18.04 -51.35
N MET K 640 15.30 18.96 -50.43
CA MET K 640 16.01 18.97 -49.16
C MET K 640 15.68 17.71 -48.36
N ARG K 641 16.71 17.11 -47.77
CA ARG K 641 16.53 15.91 -46.97
C ARG K 641 16.28 16.21 -45.50
N GLY K 642 16.83 17.30 -44.98
CA GLY K 642 16.62 17.67 -43.60
C GLY K 642 17.80 18.45 -43.07
N TRP K 643 17.87 18.51 -41.73
CA TRP K 643 18.88 19.28 -41.02
C TRP K 643 19.63 18.36 -40.06
N SER K 644 20.95 18.52 -40.03
CA SER K 644 21.80 17.81 -39.08
C SER K 644 22.82 18.79 -38.52
N PHE K 645 23.10 18.68 -37.22
CA PHE K 645 23.93 19.71 -36.62
C PHE K 645 24.47 19.26 -35.26
N THR K 646 25.73 19.59 -35.02
CA THR K 646 26.33 19.67 -33.69
C THR K 646 27.22 20.88 -33.66
N ARG K 647 27.73 21.21 -32.47
CA ARG K 647 28.64 22.33 -32.31
C ARG K 647 30.04 21.80 -32.04
N ILE K 648 31.02 22.33 -32.77
CA ILE K 648 32.41 21.89 -32.70
C ILE K 648 33.25 23.07 -32.24
N LYS K 649 34.21 22.79 -31.36
CA LYS K 649 35.10 23.84 -30.89
C LYS K 649 35.90 24.42 -32.05
N ALA K 650 35.99 25.75 -32.10
CA ALA K 650 36.71 26.40 -33.19
C ALA K 650 38.18 26.03 -33.18
N ALA K 651 38.78 25.93 -32.00
CA ALA K 651 40.18 25.54 -31.89
C ALA K 651 40.42 24.11 -32.35
N GLU K 652 39.38 23.28 -32.40
CA GLU K 652 39.50 21.89 -32.83
C GLU K 652 39.01 21.67 -34.26
N THR K 653 38.81 22.74 -35.02
CA THR K 653 38.31 22.63 -36.39
C THR K 653 39.22 23.42 -37.32
N PRO K 654 39.70 22.83 -38.41
CA PRO K 654 40.52 23.57 -39.36
C PRO K 654 39.69 24.51 -40.22
N GLN K 655 40.38 25.44 -40.86
CA GLN K 655 39.74 26.33 -41.81
C GLN K 655 39.31 25.55 -43.05
N LEU K 656 38.11 25.82 -43.54
CA LEU K 656 37.56 25.07 -44.66
C LEU K 656 38.22 25.48 -45.96
N GLY K 657 38.65 24.49 -46.74
CA GLY K 657 39.30 24.76 -48.02
C GLY K 657 40.59 25.55 -47.89
N ALA K 658 41.32 25.35 -46.81
CA ALA K 658 42.57 26.06 -46.57
C ALA K 658 43.74 25.12 -46.81
N GLN K 659 44.71 25.58 -47.60
CA GLN K 659 45.88 24.75 -47.90
C GLN K 659 46.64 24.43 -46.62
N TYR K 660 46.75 25.39 -45.71
CA TYR K 660 47.44 25.17 -44.44
C TYR K 660 46.91 26.19 -43.44
N ASP K 661 46.20 25.70 -42.42
CA ASP K 661 45.59 26.58 -41.44
C ASP K 661 46.64 26.98 -40.40
N VAL K 662 47.09 28.24 -40.46
CA VAL K 662 48.10 28.71 -39.53
C VAL K 662 47.56 28.88 -38.12
N ASN K 663 46.24 28.99 -37.96
CA ASN K 663 45.64 29.12 -36.63
C ASN K 663 45.33 27.77 -36.00
N PHE K 664 45.50 26.67 -36.73
CA PHE K 664 45.14 25.35 -36.22
C PHE K 664 46.28 24.82 -35.37
N LYS K 665 46.11 24.89 -34.05
CA LYS K 665 47.15 24.48 -33.12
C LYS K 665 46.66 23.36 -32.23
N TYR K 666 46.02 22.36 -32.83
CA TYR K 666 45.40 21.26 -32.09
C TYR K 666 45.53 20.00 -32.92
N SER K 667 45.97 18.91 -32.28
CA SER K 667 46.26 17.66 -32.98
C SER K 667 45.43 16.49 -32.47
N GLY K 668 44.31 16.77 -31.82
CA GLY K 668 43.48 15.69 -31.30
C GLY K 668 42.49 15.18 -32.32
N SER K 669 41.32 14.74 -31.86
CA SER K 669 40.29 14.22 -32.75
C SER K 669 39.45 15.37 -33.27
N ILE K 670 39.54 15.62 -34.58
CA ILE K 670 38.81 16.70 -35.23
C ILE K 670 37.37 16.21 -35.43
N ALA K 671 36.45 16.70 -34.61
CA ALA K 671 35.06 16.26 -34.70
C ALA K 671 34.44 16.60 -36.05
N TYR K 672 34.96 17.60 -36.75
CA TYR K 672 34.48 17.90 -38.10
C TYR K 672 34.85 16.80 -39.07
N SER K 673 36.11 16.35 -39.05
CA SER K 673 36.60 15.41 -40.04
C SER K 673 36.08 14.00 -39.79
N ASP K 674 36.36 13.45 -38.62
CA ASP K 674 35.84 12.14 -38.27
C ASP K 674 34.52 12.31 -37.52
N GLY K 675 33.95 11.22 -37.04
CA GLY K 675 32.65 11.30 -36.41
C GLY K 675 32.73 11.54 -34.91
N GLY K 676 33.88 11.99 -34.43
CA GLY K 676 34.07 12.15 -33.00
C GLY K 676 33.31 13.31 -32.40
N PHE K 677 31.99 13.31 -32.56
CA PHE K 677 31.16 14.35 -31.99
C PHE K 677 30.95 14.09 -30.49
N TYR K 678 31.09 15.15 -29.70
CA TYR K 678 30.90 15.04 -28.26
C TYR K 678 30.13 16.21 -27.67
N LEU K 679 29.64 17.14 -28.49
CA LEU K 679 28.87 18.27 -28.02
C LEU K 679 27.47 18.30 -28.62
N SER K 680 26.86 17.12 -28.78
CA SER K 680 25.46 17.09 -29.17
C SER K 680 24.58 17.68 -28.09
N HIS K 681 25.01 17.61 -26.84
CA HIS K 681 24.37 18.36 -25.78
C HIS K 681 24.84 19.81 -25.90
N THR K 682 24.57 20.63 -24.90
CA THR K 682 24.79 22.07 -25.00
C THR K 682 24.03 22.66 -26.18
N PHE K 683 22.87 22.09 -26.47
CA PHE K 683 21.94 22.59 -27.49
C PHE K 683 20.59 22.74 -26.79
N ARG K 684 20.23 23.98 -26.46
CA ARG K 684 19.01 24.19 -25.69
C ARG K 684 17.76 24.02 -26.54
N ASN K 685 17.64 24.81 -27.61
CA ASN K 685 16.49 24.74 -28.48
C ASN K 685 16.90 25.12 -29.89
N MET K 686 15.95 25.07 -30.82
CA MET K 686 16.22 25.37 -32.21
C MET K 686 14.93 25.82 -32.87
N SER K 687 15.05 26.75 -33.81
CA SER K 687 13.89 27.27 -34.51
C SER K 687 14.20 27.36 -36.00
N ILE K 688 13.34 26.78 -36.82
CA ILE K 688 13.49 26.79 -38.27
C ILE K 688 12.30 27.50 -38.86
N LEU K 689 12.56 28.46 -39.76
CA LEU K 689 11.51 29.25 -40.39
C LEU K 689 11.86 29.35 -41.88
N PHE K 690 11.09 28.64 -42.73
CA PHE K 690 11.41 28.58 -44.14
C PHE K 690 11.33 29.94 -44.81
N ASP K 691 10.33 30.73 -44.46
CA ASP K 691 10.39 32.15 -44.72
C ASP K 691 10.83 32.84 -43.45
N THR K 692 10.80 34.17 -43.46
CA THR K 692 11.23 34.91 -42.29
C THR K 692 10.35 34.70 -41.08
N SER K 693 9.14 34.17 -41.25
CA SER K 693 8.22 34.00 -40.13
C SER K 693 7.45 32.69 -40.14
N ILE K 694 7.57 31.87 -41.17
CA ILE K 694 6.79 30.64 -41.30
C ILE K 694 7.61 29.51 -40.69
N ASN K 695 7.29 29.14 -39.44
CA ASN K 695 7.93 27.99 -38.82
C ASN K 695 7.68 26.75 -39.67
N TRP K 696 8.72 25.94 -39.84
CA TRP K 696 8.60 24.80 -40.76
C TRP K 696 7.55 23.78 -40.33
N PRO K 697 7.58 23.23 -39.09
CA PRO K 697 6.47 22.36 -38.69
C PRO K 697 5.16 23.11 -38.73
N GLY K 698 5.07 24.17 -37.93
CA GLY K 698 4.01 25.15 -37.99
C GLY K 698 2.59 24.64 -38.02
N ASN K 699 2.38 23.35 -37.75
CA ASN K 699 1.04 22.79 -37.74
C ASN K 699 0.68 22.28 -36.35
N ASP K 700 1.19 22.94 -35.32
CA ASP K 700 1.01 22.52 -33.93
C ASP K 700 1.50 21.10 -33.70
N ARG K 701 2.51 20.67 -34.47
CA ARG K 701 3.04 19.33 -34.31
C ARG K 701 3.68 19.16 -32.94
N LEU K 702 4.60 20.06 -32.58
CA LEU K 702 5.38 19.90 -31.38
C LEU K 702 4.65 20.46 -30.17
N LEU K 703 4.96 19.89 -28.99
CA LEU K 703 4.34 20.36 -27.76
C LEU K 703 4.73 21.80 -27.46
N THR K 704 5.91 22.23 -27.91
CA THR K 704 6.29 23.63 -27.84
C THR K 704 6.08 24.23 -29.21
N PRO K 705 5.13 25.15 -29.39
CA PRO K 705 4.67 25.49 -30.74
C PRO K 705 5.73 26.09 -31.66
N ASN K 706 6.67 26.88 -31.14
CA ASN K 706 7.48 27.74 -32.00
C ASN K 706 8.97 27.40 -31.97
N MET K 707 9.34 26.21 -31.52
CA MET K 707 10.76 25.86 -31.51
C MET K 707 10.93 24.35 -31.42
N PHE K 708 12.16 23.91 -31.70
CA PHE K 708 12.57 22.52 -31.51
C PHE K 708 13.32 22.44 -30.19
N GLU K 709 12.58 22.43 -29.09
CA GLU K 709 13.19 22.46 -27.77
C GLU K 709 13.93 21.15 -27.54
N ILE K 710 15.26 21.22 -27.66
CA ILE K 710 16.07 20.01 -27.54
C ILE K 710 16.11 19.52 -26.10
N LYS K 711 16.27 20.44 -25.14
CA LYS K 711 16.32 20.06 -23.74
C LYS K 711 15.82 21.21 -22.89
N ARG K 712 15.37 20.89 -21.69
CA ARG K 712 14.91 21.87 -20.72
C ARG K 712 15.32 21.45 -19.32
N SER K 713 15.50 22.43 -18.45
CA SER K 713 15.93 22.16 -17.08
C SER K 713 14.82 21.44 -16.32
N VAL K 714 15.09 20.21 -15.90
CA VAL K 714 14.09 19.43 -15.17
C VAL K 714 13.79 20.05 -13.82
N ALA K 715 14.80 20.62 -13.16
CA ALA K 715 14.55 21.35 -11.91
C ALA K 715 13.61 22.52 -12.15
N LEU K 716 13.82 23.27 -13.23
CA LEU K 716 12.90 24.34 -13.62
C LEU K 716 11.63 23.81 -14.28
N ASP K 717 11.63 22.56 -14.72
CA ASP K 717 10.48 21.99 -15.40
C ASP K 717 9.27 21.96 -14.48
N THR K 718 8.10 22.24 -15.05
CA THR K 718 6.85 22.25 -14.30
C THR K 718 5.78 21.39 -14.94
N GLU K 719 5.67 21.39 -16.27
CA GLU K 719 4.61 20.67 -16.97
C GLU K 719 5.10 19.36 -17.57
N GLY K 720 6.30 18.95 -17.29
CA GLY K 720 6.85 17.72 -17.85
C GLY K 720 7.66 18.00 -19.11
N PHE K 721 7.25 17.39 -20.21
CA PHE K 721 7.91 17.59 -21.50
C PHE K 721 9.39 17.22 -21.43
N THR K 722 9.71 16.19 -20.66
CA THR K 722 11.06 15.62 -20.61
C THR K 722 10.95 14.10 -20.75
N MET K 723 11.88 13.53 -21.52
CA MET K 723 11.83 12.12 -21.91
C MET K 723 13.06 11.37 -21.39
N SER K 724 12.88 10.05 -21.26
CA SER K 724 13.98 9.12 -21.03
C SER K 724 14.79 9.47 -19.79
N GLN K 725 14.09 9.89 -18.73
CA GLN K 725 14.71 10.09 -17.41
C GLN K 725 15.86 11.10 -17.46
N CYS K 726 15.78 12.07 -18.36
CA CYS K 726 16.78 13.12 -18.45
C CYS K 726 16.08 14.39 -18.91
N ASP K 727 16.85 15.37 -19.36
CA ASP K 727 16.29 16.68 -19.69
C ASP K 727 15.91 16.83 -21.15
N ILE K 728 16.14 15.82 -21.99
CA ILE K 728 15.69 15.88 -23.38
C ILE K 728 14.17 15.88 -23.38
N THR K 729 13.59 16.60 -24.35
CA THR K 729 12.16 16.83 -24.34
C THR K 729 11.40 15.70 -25.02
N LYS K 730 10.09 15.68 -24.80
CA LYS K 730 9.22 14.74 -25.49
C LYS K 730 9.31 14.94 -27.00
N ASP K 731 9.24 16.20 -27.43
CA ASP K 731 9.28 16.51 -28.85
C ASP K 731 10.58 16.07 -29.48
N TRP K 732 11.71 16.44 -28.86
CA TRP K 732 13.00 16.14 -29.45
C TRP K 732 13.27 14.64 -29.48
N TYR K 733 12.89 13.93 -28.41
CA TYR K 733 12.99 12.48 -28.42
C TYR K 733 12.15 11.88 -29.54
N LEU K 734 10.93 12.41 -29.72
CA LEU K 734 10.08 11.94 -30.80
C LEU K 734 10.73 12.13 -32.16
N ILE K 735 11.28 13.33 -32.40
CA ILE K 735 11.91 13.60 -33.69
C ILE K 735 13.10 12.69 -33.92
N GLN K 736 13.96 12.53 -32.90
CA GLN K 736 15.15 11.73 -33.09
C GLN K 736 14.81 10.27 -33.33
N MET K 737 13.87 9.71 -32.57
CA MET K 737 13.52 8.32 -32.77
C MET K 737 12.78 8.10 -34.08
N ALA K 738 11.95 9.06 -34.50
CA ALA K 738 11.29 8.93 -35.79
C ALA K 738 12.29 8.99 -36.93
N THR K 739 13.28 9.88 -36.83
CA THR K 739 14.29 10.00 -37.86
C THR K 739 15.13 8.74 -37.95
N ASN K 740 15.54 8.21 -36.81
CA ASN K 740 16.49 7.10 -36.81
C ASN K 740 15.83 5.74 -37.05
N TYR K 741 14.61 5.53 -36.55
CA TYR K 741 14.04 4.19 -36.50
C TYR K 741 12.65 4.05 -37.08
N ASN K 742 12.00 5.15 -37.47
CA ASN K 742 10.86 5.16 -38.38
C ASN K 742 9.59 4.53 -37.80
N PHE K 743 9.53 4.27 -36.50
CA PHE K 743 8.32 3.73 -35.87
C PHE K 743 8.20 4.37 -34.49
N VAL K 744 7.44 5.46 -34.39
CA VAL K 744 7.27 6.13 -33.10
C VAL K 744 5.80 6.31 -32.77
N TYR K 745 4.95 6.38 -33.79
CA TYR K 745 3.52 6.45 -33.52
C TYR K 745 2.95 5.12 -33.11
N ASN K 746 3.64 4.03 -33.41
CA ASN K 746 3.27 2.70 -32.94
C ASN K 746 3.86 2.38 -31.58
N GLY K 747 4.72 3.24 -31.06
CA GLY K 747 5.30 3.03 -29.74
C GLY K 747 6.81 3.17 -29.70
N TYR K 748 7.33 3.74 -28.63
CA TYR K 748 8.77 3.79 -28.44
C TYR K 748 9.30 2.41 -28.05
N ARG K 749 10.41 2.03 -28.66
CA ARG K 749 11.03 0.74 -28.36
C ARG K 749 12.50 0.83 -28.73
N PHE K 750 13.28 -0.12 -28.22
CA PHE K 750 14.68 -0.18 -28.58
C PHE K 750 14.83 -0.85 -29.94
N TRP K 751 15.78 -0.36 -30.72
CA TRP K 751 16.04 -0.88 -32.06
C TRP K 751 17.45 -1.47 -32.11
N PRO K 752 17.60 -2.78 -31.93
CA PRO K 752 18.93 -3.38 -31.96
C PRO K 752 19.53 -3.48 -33.35
N ASP K 753 18.73 -3.29 -34.39
CA ASP K 753 19.24 -3.38 -35.76
C ASP K 753 20.29 -2.31 -36.05
N ARG K 754 20.19 -1.13 -35.44
CA ARG K 754 21.07 -0.02 -35.74
C ARG K 754 22.17 0.17 -34.70
N GLN K 755 22.31 -0.77 -33.76
CA GLN K 755 23.35 -0.64 -32.74
C GLN K 755 24.75 -0.78 -33.31
N TYR K 756 24.90 -1.23 -34.55
CA TYR K 756 26.20 -1.31 -35.19
C TYR K 756 26.62 0.01 -35.83
N PHE K 757 25.72 0.99 -35.92
CA PHE K 757 25.97 2.16 -36.75
C PHE K 757 27.01 3.10 -36.15
N HIS K 758 27.19 3.07 -34.83
CA HIS K 758 28.20 3.89 -34.15
C HIS K 758 27.85 5.38 -34.19
N TYR K 759 26.76 5.73 -34.88
CA TYR K 759 26.33 7.12 -34.95
C TYR K 759 24.82 7.27 -34.85
N ASP K 760 24.11 6.25 -34.36
CA ASP K 760 22.66 6.34 -34.23
C ASP K 760 22.32 6.97 -32.89
N PHE K 761 21.04 6.90 -32.51
CA PHE K 761 20.56 7.59 -31.32
C PHE K 761 20.72 6.75 -30.06
N LEU K 762 20.06 5.59 -30.02
CA LEU K 762 20.00 4.82 -28.78
C LEU K 762 21.34 4.20 -28.41
N ARG K 763 22.25 4.05 -29.37
CA ARG K 763 23.52 3.39 -29.07
C ARG K 763 24.35 4.20 -28.09
N ASN K 764 24.34 5.53 -28.22
CA ASN K 764 25.22 6.38 -27.46
C ASN K 764 24.49 7.48 -26.69
N PHE K 765 23.18 7.59 -26.82
CA PHE K 765 22.40 8.51 -25.99
C PHE K 765 22.30 7.96 -24.58
N ASP K 766 22.98 8.60 -23.63
CA ASP K 766 23.04 8.14 -22.24
C ASP K 766 22.39 9.18 -21.33
N PRO K 767 21.14 8.98 -20.93
CA PRO K 767 20.56 9.83 -19.89
C PRO K 767 21.25 9.58 -18.55
N MET K 768 21.30 10.63 -17.73
CA MET K 768 22.11 10.62 -16.53
C MET K 768 21.39 11.36 -15.42
N THR K 769 21.78 11.07 -14.18
CA THR K 769 21.15 11.70 -13.02
C THR K 769 22.08 11.68 -11.82
N ARG K 770 22.23 12.83 -11.16
CA ARG K 770 22.76 12.92 -9.81
C ARG K 770 21.84 13.82 -9.00
N GLN K 771 22.07 13.86 -7.69
CA GLN K 771 21.22 14.63 -6.79
C GLN K 771 21.92 15.85 -6.23
N GLY K 772 23.04 15.66 -5.53
CA GLY K 772 23.83 16.79 -5.06
C GLY K 772 23.19 17.52 -3.89
N PRO K 773 24.02 17.98 -2.96
CA PRO K 773 23.51 18.82 -1.88
C PRO K 773 23.01 20.16 -2.40
N ASN K 774 21.98 20.69 -1.75
CA ASN K 774 21.45 22.01 -2.08
C ASN K 774 22.24 23.04 -1.30
N PHE K 775 23.24 23.63 -1.93
CA PHE K 775 24.10 24.57 -1.25
C PHE K 775 23.38 25.92 -1.17
N ALA K 776 24.08 26.97 -0.76
CA ALA K 776 23.46 28.27 -0.52
C ALA K 776 22.32 28.15 0.48
N LEU K 777 22.50 27.30 1.48
CA LEU K 777 21.55 27.07 2.55
C LEU K 777 22.20 27.45 3.87
N PRO K 778 21.48 27.45 4.99
CA PRO K 778 22.14 27.75 6.27
C PRO K 778 23.34 26.85 6.56
N GLY K 779 23.25 25.57 6.25
CA GLY K 779 24.38 24.67 6.27
C GLY K 779 24.97 24.50 4.90
N LEU K 780 25.54 23.31 4.64
CA LEU K 780 25.96 22.92 3.30
C LEU K 780 26.96 23.93 2.73
N PHE K 781 28.14 23.93 3.35
CA PHE K 781 29.11 25.01 3.18
C PHE K 781 29.95 24.90 1.92
N ASP K 782 29.81 23.83 1.12
CA ASP K 782 30.42 23.74 -0.21
C ASP K 782 31.93 23.92 -0.15
N LEU K 783 32.58 22.92 0.46
CA LEU K 783 34.01 22.95 0.72
C LEU K 783 34.87 22.69 -0.50
N VAL K 784 34.30 22.66 -1.72
CA VAL K 784 35.07 22.44 -2.93
C VAL K 784 35.14 23.74 -3.71
N SER K 785 36.35 24.20 -3.98
CA SER K 785 36.59 25.40 -4.76
C SER K 785 37.10 25.00 -6.13
N TYR K 786 36.42 25.46 -7.18
CA TYR K 786 36.75 25.10 -8.55
C TYR K 786 37.66 26.11 -9.24
N THR K 787 38.02 27.20 -8.57
CA THR K 787 38.83 28.24 -9.17
C THR K 787 40.25 28.17 -8.61
N PRO K 788 41.26 27.82 -9.39
CA PRO K 788 42.63 27.87 -8.90
C PRO K 788 43.10 29.30 -8.72
N THR K 789 44.13 29.46 -7.90
CA THR K 789 44.67 30.77 -7.57
C THR K 789 45.52 31.37 -8.68
N THR K 790 45.71 30.64 -9.79
CA THR K 790 46.50 31.04 -10.96
C THR K 790 47.78 31.78 -10.58
N ASP K 791 48.45 31.33 -9.53
CA ASP K 791 49.71 31.90 -9.09
C ASP K 791 50.86 31.03 -9.57
N ASN K 792 52.07 31.59 -9.47
CA ASN K 792 53.26 30.85 -9.91
C ASN K 792 53.50 29.63 -9.04
N SER K 793 53.22 29.73 -7.74
CA SER K 793 53.51 28.65 -6.82
C SER K 793 52.61 27.44 -7.09
N GLY K 794 53.03 26.29 -6.55
CA GLY K 794 52.27 25.07 -6.68
C GLY K 794 51.38 24.83 -5.47
N GLU K 795 50.94 25.91 -4.85
CA GLU K 795 50.14 25.86 -3.63
C GLU K 795 48.72 26.31 -3.93
N GLN K 796 47.74 25.50 -3.54
CA GLN K 796 46.33 25.81 -3.74
C GLN K 796 45.60 25.68 -2.41
N PRO K 797 45.78 26.65 -1.51
CA PRO K 797 45.19 26.52 -0.16
C PRO K 797 43.68 26.48 -0.16
N SER K 798 43.03 26.92 -1.25
CA SER K 798 41.59 26.85 -1.32
C SER K 798 41.06 25.43 -1.39
N GLN K 799 41.92 24.45 -1.63
CA GLN K 799 41.51 23.05 -1.70
C GLN K 799 41.61 22.33 -0.35
N GLU K 800 42.10 23.00 0.69
CA GLU K 800 42.41 22.38 1.97
C GLU K 800 41.21 22.30 2.89
N ALA K 801 39.99 22.35 2.36
CA ALA K 801 38.80 22.32 3.19
C ALA K 801 38.16 20.95 3.30
N VAL K 802 38.41 20.05 2.36
CA VAL K 802 37.63 18.81 2.29
C VAL K 802 38.06 17.76 3.31
N ARG K 803 39.31 17.82 3.79
CA ARG K 803 39.77 17.00 4.92
C ARG K 803 39.36 15.54 4.81
N ASN K 804 39.28 15.01 3.59
CA ASN K 804 38.94 13.62 3.36
C ASN K 804 40.20 12.85 2.99
N ASN K 805 40.33 11.64 3.53
CA ASN K 805 41.58 10.89 3.46
C ASN K 805 42.74 11.74 3.96
N SER K 806 42.55 12.33 5.15
CA SER K 806 43.39 13.42 5.60
C SER K 806 44.86 13.01 5.64
N GLY K 807 45.20 12.05 6.49
CA GLY K 807 46.58 11.67 6.67
C GLY K 807 47.11 10.59 5.74
N PHE K 808 46.29 10.12 4.80
CA PHE K 808 46.67 9.00 3.96
C PHE K 808 46.94 9.39 2.52
N ILE K 809 46.76 10.66 2.15
CA ILE K 809 47.04 11.15 0.82
C ILE K 809 47.84 12.44 0.92
N ALA K 810 48.28 12.92 -0.24
CA ALA K 810 49.01 14.19 -0.29
C ALA K 810 48.08 15.33 0.11
N PRO K 811 48.63 16.42 0.65
CA PRO K 811 47.79 17.56 1.00
C PRO K 811 47.07 18.08 -0.22
N ARG K 812 45.82 18.51 -0.01
CA ARG K 812 44.98 18.91 -1.14
C ARG K 812 45.52 20.15 -1.83
N SER K 813 46.14 21.06 -1.08
CA SER K 813 46.75 22.23 -1.70
C SER K 813 47.93 21.87 -2.58
N TRP K 814 48.54 20.72 -2.35
CA TRP K 814 49.70 20.28 -3.11
C TRP K 814 49.28 19.59 -4.40
N PRO K 815 50.22 19.41 -5.33
CA PRO K 815 49.95 18.51 -6.46
C PRO K 815 49.59 17.12 -5.97
N VAL K 816 48.67 16.47 -6.68
CA VAL K 816 48.11 15.21 -6.21
C VAL K 816 49.19 14.13 -6.15
N TRP K 817 50.18 14.20 -7.03
CA TRP K 817 51.22 13.17 -7.12
C TRP K 817 52.39 13.43 -6.18
N SER K 818 52.25 14.35 -5.23
CA SER K 818 53.24 14.47 -4.19
C SER K 818 53.02 13.39 -3.13
N ALA K 819 54.04 13.19 -2.30
CA ALA K 819 53.96 12.18 -1.26
C ALA K 819 52.90 12.56 -0.24
N HIS K 820 52.39 11.55 0.46
CA HIS K 820 51.32 11.79 1.42
C HIS K 820 51.92 12.46 2.64
N GLN K 821 51.15 13.35 3.26
CA GLN K 821 51.48 13.77 4.61
C GLN K 821 50.20 14.26 5.26
N GLY K 822 50.22 14.35 6.59
CA GLY K 822 49.07 14.77 7.35
C GLY K 822 48.84 13.83 8.50
N GLU K 823 47.63 13.88 9.04
CA GLU K 823 47.24 13.04 10.16
C GLU K 823 45.81 12.57 9.97
N SER K 824 45.49 11.42 10.54
CA SER K 824 44.16 10.87 10.42
C SER K 824 43.14 11.81 11.05
N TRP K 825 42.02 12.00 10.37
CA TRP K 825 41.01 12.97 10.79
C TRP K 825 39.68 12.59 10.18
N PRO K 826 38.57 12.87 10.86
CA PRO K 826 37.27 12.63 10.23
C PRO K 826 37.09 13.46 8.97
N ALA K 827 36.53 12.85 7.94
CA ALA K 827 36.19 13.59 6.73
C ALA K 827 35.04 14.54 7.00
N ASN K 828 35.03 15.68 6.31
CA ASN K 828 33.96 16.64 6.46
C ASN K 828 33.25 17.00 5.17
N TRP K 829 33.90 16.83 4.01
CA TRP K 829 33.31 17.34 2.77
C TRP K 829 32.08 16.56 2.34
N PRO K 830 32.16 15.24 2.04
CA PRO K 830 31.06 14.61 1.31
C PRO K 830 29.79 14.56 2.14
N TYR K 831 28.84 15.40 1.79
CA TYR K 831 27.59 15.44 2.54
C TYR K 831 26.84 14.13 2.32
N PRO K 832 26.41 13.45 3.36
CA PRO K 832 25.78 12.14 3.17
C PRO K 832 24.43 12.25 2.49
N LEU K 833 24.37 11.81 1.23
CA LEU K 833 23.13 11.81 0.48
C LEU K 833 22.30 10.56 0.73
N CYS K 834 22.82 9.61 1.49
CA CYS K 834 22.15 8.33 1.73
C CYS K 834 22.34 7.95 3.19
N GLY K 835 21.77 6.81 3.56
CA GLY K 835 21.87 6.33 4.92
C GLY K 835 20.88 7.01 5.85
N GLN K 836 20.98 6.64 7.12
CA GLN K 836 20.11 7.21 8.14
C GLN K 836 20.65 8.50 8.75
N GLN K 837 21.90 8.84 8.48
CA GLN K 837 22.45 10.14 8.84
C GLN K 837 22.56 11.07 7.63
N ALA K 838 21.71 10.89 6.64
CA ALA K 838 21.74 11.74 5.46
C ALA K 838 21.25 13.14 5.79
N ILE K 839 21.31 14.01 4.78
CA ILE K 839 20.81 15.37 4.92
C ILE K 839 19.31 15.39 4.65
N GLN K 840 18.65 16.47 5.05
CA GLN K 840 17.20 16.54 4.94
C GLN K 840 16.77 16.54 3.48
N PRO K 841 15.58 16.03 3.17
CA PRO K 841 15.12 16.00 1.77
C PRO K 841 14.97 17.37 1.15
N GLY K 842 14.81 18.42 1.96
CA GLY K 842 14.81 19.76 1.44
C GLY K 842 16.18 20.33 1.17
N GLN K 843 17.24 19.61 1.53
CA GLN K 843 18.60 20.06 1.31
C GLN K 843 19.27 19.34 0.15
N VAL K 844 18.51 18.58 -0.65
CA VAL K 844 19.07 17.89 -1.80
C VAL K 844 18.44 18.47 -3.06
N LEU K 845 19.12 18.26 -4.19
CA LEU K 845 18.63 18.74 -5.47
C LEU K 845 18.52 17.60 -6.47
N SER K 846 18.22 17.94 -7.73
CA SER K 846 18.25 16.99 -8.82
C SER K 846 18.95 17.65 -10.00
N TYR K 847 19.72 16.87 -10.75
CA TYR K 847 20.59 17.39 -11.79
C TYR K 847 20.47 16.56 -13.07
N LYS K 848 19.25 16.35 -13.53
CA LYS K 848 19.03 15.61 -14.77
C LYS K 848 19.86 16.18 -15.90
N LYS K 849 20.54 15.29 -16.62
CA LYS K 849 21.41 15.69 -17.72
C LYS K 849 21.59 14.46 -18.62
N PHE K 850 22.01 14.70 -19.86
CA PHE K 850 22.25 13.61 -20.79
C PHE K 850 23.49 13.91 -21.61
N LEU K 851 24.13 12.83 -22.08
CA LEU K 851 25.24 12.91 -23.00
C LEU K 851 24.92 12.08 -24.23
N CYS K 852 25.25 12.63 -25.40
CA CYS K 852 25.02 11.93 -26.67
C CYS K 852 26.22 12.21 -27.56
N ASP K 853 27.19 11.31 -27.54
CA ASP K 853 28.39 11.46 -28.37
C ASP K 853 28.18 10.78 -29.71
N ASN K 854 28.87 11.28 -30.73
CA ASN K 854 28.87 10.68 -32.06
C ASN K 854 27.48 10.64 -32.67
N TYR K 855 26.60 11.57 -32.32
CA TYR K 855 25.22 11.48 -32.80
C TYR K 855 24.90 12.42 -33.94
N LEU K 856 25.24 13.70 -33.81
CA LEU K 856 24.96 14.68 -34.87
C LEU K 856 23.45 14.79 -35.12
N TRP K 857 22.78 15.44 -34.16
CA TRP K 857 21.33 15.65 -34.16
C TRP K 857 20.76 15.79 -35.56
N THR K 858 19.72 15.03 -35.88
CA THR K 858 19.15 15.02 -37.21
C THR K 858 17.68 15.44 -37.14
N ILE K 859 17.28 16.31 -38.06
CA ILE K 859 15.89 16.68 -38.26
C ILE K 859 15.55 16.38 -39.71
N PRO K 860 14.62 15.47 -39.99
CA PRO K 860 14.29 15.14 -41.37
C PRO K 860 13.25 16.10 -41.94
N PHE K 861 13.50 16.57 -43.15
CA PHE K 861 12.57 17.47 -43.83
C PHE K 861 11.38 16.67 -44.37
N SER K 862 10.67 16.06 -43.45
CA SER K 862 9.48 15.27 -43.74
C SER K 862 8.34 15.73 -42.85
N SER K 863 7.12 15.57 -43.35
CA SER K 863 5.94 16.03 -42.63
C SER K 863 5.73 15.26 -41.34
N ASP K 864 5.98 13.96 -41.34
CA ASP K 864 5.80 13.12 -40.16
C ASP K 864 7.11 12.78 -39.46
N PHE K 865 8.21 13.45 -39.83
CA PHE K 865 9.53 13.29 -39.22
C PHE K 865 10.10 11.89 -39.40
N MET K 866 9.52 11.08 -40.27
CA MET K 866 9.94 9.71 -40.46
C MET K 866 10.54 9.52 -41.84
N TYR K 867 11.22 8.40 -42.02
CA TYR K 867 11.89 8.11 -43.29
C TYR K 867 10.91 7.41 -44.22
N MET K 868 10.61 8.05 -45.36
CA MET K 868 9.80 7.45 -46.40
C MET K 868 10.52 7.48 -47.74
N GLY K 869 11.85 7.56 -47.73
CA GLY K 869 12.64 7.64 -48.93
C GLY K 869 13.72 8.69 -48.82
N GLU K 870 14.81 8.53 -49.58
CA GLU K 870 15.87 9.52 -49.56
C GLU K 870 15.34 10.88 -50.05
N LEU K 871 14.54 10.87 -51.12
CA LEU K 871 13.84 12.07 -51.56
C LEU K 871 12.61 12.23 -50.68
N THR K 872 12.70 13.12 -49.70
CA THR K 872 11.73 13.16 -48.62
C THR K 872 10.35 13.58 -49.12
N ASP K 873 9.38 13.53 -48.19
CA ASP K 873 8.01 13.93 -48.49
C ASP K 873 7.97 15.39 -48.95
N LEU K 874 8.57 16.28 -48.19
CA LEU K 874 8.57 17.70 -48.55
C LEU K 874 9.68 18.06 -49.52
N GLY K 875 10.52 17.09 -49.90
CA GLY K 875 11.58 17.37 -50.85
C GLY K 875 11.07 17.73 -52.23
N GLN K 876 10.02 17.06 -52.68
CA GLN K 876 9.46 17.32 -54.00
C GLN K 876 8.07 17.96 -53.93
N ASN K 877 7.70 18.51 -52.78
CA ASN K 877 6.49 19.31 -52.68
C ASN K 877 6.64 20.55 -53.54
N PRO K 878 5.76 20.79 -54.52
CA PRO K 878 5.95 21.95 -55.40
C PRO K 878 5.53 23.25 -54.75
N MET K 879 5.90 23.42 -53.48
CA MET K 879 5.78 24.68 -52.78
C MET K 879 7.13 25.22 -52.34
N TYR K 880 8.10 24.32 -52.17
CA TYR K 880 9.50 24.64 -52.03
C TYR K 880 10.26 24.52 -53.33
N THR K 881 10.00 23.46 -54.10
CA THR K 881 10.78 23.19 -55.31
C THR K 881 10.64 24.32 -56.32
N ASN K 882 9.43 24.82 -56.52
CA ASN K 882 9.17 25.78 -57.58
C ASN K 882 9.26 27.23 -57.11
N ASN K 883 9.14 27.49 -55.82
CA ASN K 883 9.19 28.83 -55.27
C ASN K 883 10.39 28.97 -54.34
N SER K 884 11.07 30.12 -54.42
CA SER K 884 12.25 30.34 -53.62
C SER K 884 11.87 30.83 -52.23
N HIS K 885 12.44 30.18 -51.21
CA HIS K 885 12.20 30.54 -49.82
C HIS K 885 13.53 30.78 -49.13
N SER K 886 13.57 31.77 -48.26
CA SER K 886 14.79 32.17 -47.56
C SER K 886 14.64 31.79 -46.09
N MET K 887 15.15 30.62 -45.72
CA MET K 887 14.96 30.20 -44.34
C MET K 887 15.93 30.91 -43.40
N VAL K 888 15.55 30.93 -42.12
CA VAL K 888 16.39 31.41 -41.04
C VAL K 888 16.35 30.38 -39.93
N ILE K 889 17.51 30.08 -39.34
CA ILE K 889 17.63 29.07 -38.31
C ILE K 889 18.14 29.72 -37.04
N ASN K 890 17.45 29.49 -35.93
CA ASN K 890 17.77 30.09 -34.65
C ASN K 890 18.19 29.01 -33.68
N PHE K 891 19.31 29.22 -33.00
CA PHE K 891 19.85 28.28 -32.03
C PHE K 891 19.97 28.97 -30.67
N GLU K 892 19.73 28.19 -29.61
CA GLU K 892 20.08 28.58 -28.26
C GLU K 892 20.95 27.48 -27.67
N LEU K 893 22.09 27.86 -27.11
CA LEU K 893 23.12 26.92 -26.72
C LEU K 893 23.52 27.16 -25.27
N ASP K 894 24.05 26.12 -24.63
CA ASP K 894 24.67 26.32 -23.33
C ASP K 894 25.99 27.06 -23.53
N PRO K 895 26.20 28.19 -22.87
CA PRO K 895 27.43 28.98 -23.10
C PRO K 895 28.63 28.26 -22.53
N MET K 896 29.56 27.89 -23.41
CA MET K 896 30.82 27.29 -23.00
C MET K 896 31.84 28.40 -22.77
N ASP K 897 33.10 28.02 -22.51
CA ASP K 897 34.13 28.98 -22.17
C ASP K 897 35.24 29.03 -23.21
N ASP K 898 34.90 28.80 -24.48
CA ASP K 898 35.85 28.88 -25.57
C ASP K 898 35.09 29.03 -26.88
N PRO K 899 35.69 29.64 -27.91
CA PRO K 899 34.98 29.80 -29.18
C PRO K 899 34.72 28.47 -29.84
N THR K 900 33.48 28.27 -30.28
CA THR K 900 33.06 27.04 -30.93
C THR K 900 32.28 27.36 -32.18
N TYR K 901 32.36 26.46 -33.16
CA TYR K 901 31.52 26.53 -34.33
C TYR K 901 30.21 25.79 -34.06
N VAL K 902 29.34 25.75 -35.05
CA VAL K 902 28.16 24.89 -35.03
C VAL K 902 28.16 24.17 -36.37
N TYR K 903 28.52 22.90 -36.36
CA TYR K 903 28.62 22.14 -37.60
C TYR K 903 27.23 21.83 -38.14
N MET K 904 26.73 22.69 -39.02
CA MET K 904 25.40 22.56 -39.56
C MET K 904 25.45 21.77 -40.86
N LEU K 905 24.75 20.64 -40.90
CA LEU K 905 24.66 19.81 -42.10
C LEU K 905 23.23 19.89 -42.61
N TYR K 906 23.05 20.34 -43.83
CA TYR K 906 21.75 20.36 -44.46
C TYR K 906 21.47 18.98 -45.04
N GLY K 907 20.38 18.84 -45.79
CA GLY K 907 20.14 17.58 -46.47
C GLY K 907 20.16 17.78 -47.97
N VAL K 908 21.18 17.29 -48.65
CA VAL K 908 21.36 17.58 -50.06
C VAL K 908 21.57 16.27 -50.82
N PHE K 909 21.20 16.29 -52.10
CA PHE K 909 21.50 15.19 -53.02
C PHE K 909 22.68 15.62 -53.89
N ASP K 910 23.88 15.52 -53.33
CA ASP K 910 25.09 15.88 -54.06
C ASP K 910 25.57 14.66 -54.83
N THR K 911 25.14 14.56 -56.08
CA THR K 911 25.31 13.39 -56.91
C THR K 911 26.17 13.70 -58.13
N VAL K 912 26.67 12.63 -58.75
CA VAL K 912 27.53 12.71 -59.92
C VAL K 912 27.00 11.76 -60.98
N ARG K 913 27.04 12.17 -62.23
CA ARG K 913 26.82 11.27 -63.35
C ARG K 913 28.08 11.28 -64.21
N VAL K 914 28.68 10.11 -64.39
CA VAL K 914 29.98 9.98 -65.05
C VAL K 914 29.76 9.44 -66.45
N ASN K 915 30.05 10.27 -67.46
CA ASN K 915 29.86 9.88 -68.85
C ASN K 915 31.22 9.59 -69.48
N GLN K 916 31.30 8.46 -70.17
CA GLN K 916 32.50 8.06 -70.93
C GLN K 916 32.08 7.71 -72.35
N PRO K 917 31.62 8.69 -73.11
CA PRO K 917 30.97 8.38 -74.40
C PRO K 917 31.87 7.69 -75.40
N GLU K 918 33.15 8.02 -75.41
CA GLU K 918 34.11 7.47 -76.37
C GLU K 918 35.31 6.95 -75.61
N ARG K 919 36.31 6.48 -76.36
CA ARG K 919 37.55 6.05 -75.73
C ARG K 919 38.27 7.25 -75.16
N ASN K 920 38.86 7.06 -73.97
CA ASN K 920 39.59 8.06 -73.20
C ASN K 920 38.95 9.46 -73.31
N VAL K 921 37.64 9.49 -73.12
CA VAL K 921 36.89 10.73 -72.94
C VAL K 921 36.13 10.58 -71.63
N LEU K 922 36.57 11.27 -70.60
CA LEU K 922 35.95 11.21 -69.27
C LEU K 922 35.24 12.51 -69.00
N ALA K 923 34.03 12.43 -68.43
CA ALA K 923 33.21 13.60 -68.21
C ALA K 923 32.21 13.32 -67.11
N MET K 924 32.21 14.17 -66.08
CA MET K 924 31.26 14.09 -64.98
C MET K 924 30.47 15.39 -64.92
N ALA K 925 29.30 15.33 -64.29
CA ALA K 925 28.46 16.51 -64.11
C ALA K 925 27.88 16.46 -62.70
N TYR K 926 28.28 17.39 -61.85
CA TYR K 926 27.94 17.32 -60.44
C TYR K 926 26.62 18.04 -60.22
N PHE K 927 25.75 17.46 -59.40
CA PHE K 927 24.48 18.09 -59.10
C PHE K 927 24.14 17.91 -57.63
N ARG K 928 23.78 19.02 -56.98
CA ARG K 928 23.36 19.03 -55.59
C ARG K 928 22.00 19.73 -55.53
N THR K 929 20.97 19.04 -55.02
CA THR K 929 19.62 19.53 -55.26
C THR K 929 19.29 20.82 -54.51
N PRO K 930 19.28 20.86 -53.15
CA PRO K 930 18.83 22.08 -52.49
C PRO K 930 19.82 23.22 -52.65
N PHE K 931 21.06 22.98 -52.22
CA PHE K 931 22.10 24.00 -52.23
C PHE K 931 22.98 23.84 -53.46
N ALA K 932 22.39 23.99 -54.65
CA ALA K 932 23.12 23.70 -55.88
C ALA K 932 24.31 24.63 -56.06
N THR K 933 25.45 24.04 -56.36
CA THR K 933 26.57 24.74 -56.97
C THR K 933 26.63 24.27 -58.41
N GLY K 934 26.74 25.20 -59.34
CA GLY K 934 26.61 24.81 -60.73
C GLY K 934 26.67 25.99 -61.66
N ASN K 935 26.03 25.81 -62.81
CA ASN K 935 26.16 26.72 -63.94
C ASN K 935 24.81 27.35 -64.23
N ALA K 936 24.66 28.62 -63.92
CA ALA K 936 23.50 29.38 -64.35
C ALA K 936 23.83 30.09 -65.64
N VAL K 937 23.00 29.86 -66.67
CA VAL K 937 23.26 30.41 -67.98
C VAL K 937 22.36 31.60 -68.28
N ALA L 11 10.20 13.27 -61.13
CA ALA L 11 9.49 13.76 -62.30
C ALA L 11 10.22 14.95 -62.93
N THR L 12 10.95 15.69 -62.12
CA THR L 12 11.73 16.81 -62.63
C THR L 12 12.86 16.27 -63.51
N PRO L 13 13.08 16.85 -64.70
CA PRO L 13 14.08 16.27 -65.62
C PRO L 13 15.49 16.20 -65.04
N ARG L 14 15.92 17.21 -64.28
CA ARG L 14 17.28 17.18 -63.73
C ARG L 14 17.41 16.16 -62.60
N LEU L 15 16.32 15.81 -61.94
CA LEU L 15 16.36 14.72 -60.97
C LEU L 15 16.36 13.36 -61.65
N GLN L 16 15.63 13.22 -62.77
CA GLN L 16 15.70 11.97 -63.50
C GLN L 16 17.06 11.74 -64.13
N TYR L 17 17.71 12.82 -64.59
CA TYR L 17 19.04 12.65 -65.17
C TYR L 17 20.03 12.11 -64.16
N PHE L 18 19.82 12.39 -62.88
CA PHE L 18 20.71 11.92 -61.83
C PHE L 18 20.05 10.87 -60.95
N HIS L 19 18.92 10.32 -61.38
CA HIS L 19 18.29 9.18 -60.72
C HIS L 19 17.88 9.49 -59.29
N ILE L 20 17.66 10.77 -59.01
CA ILE L 20 17.09 11.19 -57.73
C ILE L 20 15.60 10.90 -57.67
N ALA L 21 14.90 11.06 -58.80
CA ALA L 21 13.49 10.74 -58.90
C ALA L 21 13.20 9.99 -60.19
N GLY L 22 14.17 9.25 -60.69
CA GLY L 22 14.04 8.57 -61.96
C GLY L 22 13.32 7.24 -61.85
N PRO L 23 13.26 6.51 -62.97
CA PRO L 23 12.59 5.20 -62.94
C PRO L 23 13.23 4.21 -61.98
N GLY L 24 14.54 4.24 -61.85
CA GLY L 24 15.22 3.28 -60.99
C GLY L 24 16.16 2.37 -61.77
N THR L 25 17.13 1.79 -61.07
CA THR L 25 18.19 1.02 -61.72
C THR L 25 17.62 -0.07 -62.62
N ARG L 26 16.55 -0.72 -62.18
CA ARG L 26 15.94 -1.78 -62.97
C ARG L 26 15.33 -1.28 -64.27
N GLU L 27 14.98 0.01 -64.35
CA GLU L 27 14.24 0.53 -65.48
C GLU L 27 15.02 1.51 -66.35
N TYR L 28 16.30 1.75 -66.06
CA TYR L 28 17.05 2.64 -66.93
C TYR L 28 18.34 2.01 -67.44
N LEU L 29 18.89 1.05 -66.69
CA LEU L 29 20.03 0.30 -67.21
C LEU L 29 19.60 -0.56 -68.40
N SER L 30 20.49 -0.70 -69.37
CA SER L 30 20.23 -1.60 -70.48
C SER L 30 20.11 -3.02 -69.98
N GLU L 31 19.22 -3.80 -70.60
CA GLU L 31 18.96 -5.15 -70.13
C GLU L 31 20.21 -6.02 -70.17
N ASP L 32 21.06 -5.82 -71.19
CA ASP L 32 22.31 -6.57 -71.24
C ASP L 32 23.24 -6.23 -70.08
N LEU L 33 23.31 -4.95 -69.70
CA LEU L 33 24.12 -4.58 -68.55
C LEU L 33 23.56 -5.16 -67.26
N GLN L 34 22.24 -5.18 -67.13
CA GLN L 34 21.64 -5.80 -65.95
C GLN L 34 21.94 -7.28 -65.90
N GLN L 35 21.87 -7.97 -67.04
CA GLN L 35 22.25 -9.39 -67.08
C GLN L 35 23.70 -9.57 -66.71
N PHE L 36 24.58 -8.68 -67.18
CA PHE L 36 25.99 -8.76 -66.85
C PHE L 36 26.22 -8.60 -65.35
N ILE L 37 25.66 -7.54 -64.77
CA ILE L 37 25.91 -7.27 -63.36
C ILE L 37 25.22 -8.27 -62.45
N SER L 38 24.16 -8.94 -62.93
CA SER L 38 23.59 -10.03 -62.16
C SER L 38 24.43 -11.29 -62.25
N ALA L 39 24.95 -11.60 -63.44
CA ALA L 39 25.78 -12.78 -63.60
C ALA L 39 27.10 -12.64 -62.85
N THR L 40 27.79 -11.53 -63.07
CA THR L 40 29.02 -11.23 -62.34
C THR L 40 28.75 -10.38 -61.12
N GLY L 41 27.83 -10.82 -60.27
CA GLY L 41 27.48 -10.10 -59.07
C GLY L 41 28.08 -10.65 -57.81
N SER L 42 28.81 -11.77 -57.88
CA SER L 42 29.40 -12.39 -56.71
C SER L 42 30.90 -12.18 -56.60
N TYR L 43 31.55 -11.68 -57.66
CA TYR L 43 32.99 -11.48 -57.60
C TYR L 43 33.43 -10.12 -58.12
N PHE L 44 32.63 -9.51 -59.01
CA PHE L 44 32.94 -8.19 -59.56
C PHE L 44 31.67 -7.35 -59.49
N ASP L 45 31.42 -6.72 -58.35
CA ASP L 45 30.15 -6.03 -58.15
C ASP L 45 30.14 -4.68 -58.86
N LEU L 46 29.09 -4.45 -59.64
CA LEU L 46 28.86 -3.18 -60.31
C LEU L 46 27.57 -2.53 -59.85
N LYS L 47 26.90 -3.12 -58.85
CA LYS L 47 25.60 -2.63 -58.42
C LYS L 47 25.68 -1.32 -57.65
N ASN L 48 26.85 -0.99 -57.10
CA ASN L 48 27.01 0.24 -56.32
C ASN L 48 27.41 1.42 -57.18
N LYS L 49 27.57 1.23 -58.49
CA LYS L 49 27.97 2.30 -59.39
C LYS L 49 26.80 2.93 -60.13
N PHE L 50 25.59 2.47 -59.87
CA PHE L 50 24.39 3.00 -60.52
C PHE L 50 23.40 3.40 -59.45
N ARG L 51 22.91 4.64 -59.53
CA ARG L 51 22.14 5.21 -58.43
C ARG L 51 20.67 4.84 -58.54
N GLN L 52 20.06 4.67 -57.37
CA GLN L 52 18.62 4.40 -57.25
C GLN L 52 18.16 5.06 -55.96
N THR L 53 17.09 5.85 -56.05
CA THR L 53 16.62 6.65 -54.92
C THR L 53 15.18 6.25 -54.58
N VAL L 54 14.93 6.05 -53.29
CA VAL L 54 13.58 5.79 -52.81
C VAL L 54 12.85 7.12 -52.68
N VAL L 55 11.67 7.21 -53.28
CA VAL L 55 10.92 8.46 -53.39
C VAL L 55 9.69 8.37 -52.51
N ALA L 56 9.45 9.41 -51.73
CA ALA L 56 8.36 9.42 -50.77
C ALA L 56 7.01 9.58 -51.48
N PRO L 57 5.91 9.16 -50.83
CA PRO L 57 4.59 9.29 -51.48
C PRO L 57 4.17 10.73 -51.73
N THR L 58 4.26 11.59 -50.72
CA THR L 58 4.06 13.03 -50.78
C THR L 58 2.60 13.45 -50.92
N ARG L 59 1.70 12.50 -51.11
CA ARG L 59 0.28 12.82 -51.16
C ARG L 59 -0.51 11.70 -50.50
N ASN L 60 -1.65 12.07 -49.92
CA ASN L 60 -2.58 11.11 -49.32
C ASN L 60 -1.90 10.25 -48.26
N VAL L 61 -0.87 10.79 -47.61
CA VAL L 61 -0.18 10.07 -46.54
C VAL L 61 -0.01 10.90 -45.27
N THR L 62 -0.11 12.23 -45.32
CA THR L 62 0.06 13.05 -44.14
C THR L 62 -0.75 14.32 -44.30
N THR L 63 -1.39 14.75 -43.21
CA THR L 63 -2.23 15.94 -43.24
C THR L 63 -1.38 17.21 -43.30
N GLU L 64 -1.93 18.24 -43.95
CA GLU L 64 -1.44 19.60 -43.82
C GLU L 64 -2.20 20.37 -42.75
N LYS L 65 -3.17 19.76 -42.12
CA LYS L 65 -3.95 20.42 -41.08
C LYS L 65 -3.11 20.62 -39.82
N ALA L 66 -3.53 21.58 -39.01
CA ALA L 66 -2.90 21.80 -37.71
C ALA L 66 -3.37 20.70 -36.77
N GLN L 67 -2.63 19.59 -36.74
CA GLN L 67 -2.97 18.44 -35.93
C GLN L 67 -1.82 18.16 -34.98
N ARG L 68 -2.10 18.18 -33.68
CA ARG L 68 -1.07 17.97 -32.68
C ARG L 68 -0.45 16.58 -32.85
N LEU L 69 0.87 16.54 -32.86
CA LEU L 69 1.59 15.29 -33.10
C LEU L 69 1.75 14.46 -31.83
N GLN L 70 1.49 15.04 -30.66
CA GLN L 70 1.69 14.34 -29.40
C GLN L 70 0.85 15.03 -28.35
N ILE L 71 -0.15 14.34 -27.80
CA ILE L 71 -1.11 14.93 -26.90
C ILE L 71 -0.84 14.41 -25.49
N ARG L 72 -0.82 15.32 -24.53
CA ARG L 72 -0.69 14.97 -23.12
C ARG L 72 -2.06 15.08 -22.46
N PHE L 73 -2.53 13.97 -21.91
CA PHE L 73 -3.86 13.91 -21.31
C PHE L 73 -3.73 14.08 -19.80
N TYR L 74 -4.25 15.19 -19.29
CA TYR L 74 -4.32 15.37 -17.85
C TYR L 74 -5.34 14.41 -17.24
N PRO L 75 -5.09 13.94 -16.02
CA PRO L 75 -6.07 13.05 -15.38
C PRO L 75 -7.34 13.81 -15.02
N ILE L 76 -8.48 13.19 -15.33
CA ILE L 76 -9.75 13.79 -14.94
C ILE L 76 -9.94 13.72 -13.44
N GLN L 77 -9.52 12.61 -12.83
CA GLN L 77 -10.03 12.24 -11.52
C GLN L 77 -9.06 11.23 -10.92
N THR L 78 -8.68 11.41 -9.66
CA THR L 78 -7.43 10.85 -9.15
C THR L 78 -7.60 9.70 -8.16
N ASP L 79 -8.27 9.90 -7.03
CA ASP L 79 -8.37 8.87 -5.98
C ASP L 79 -6.99 8.40 -5.52
N ASP L 80 -6.26 9.32 -4.90
CA ASP L 80 -5.01 8.95 -4.26
C ASP L 80 -5.28 8.24 -2.94
N THR L 81 -4.80 7.01 -2.82
CA THR L 81 -4.90 6.22 -1.60
C THR L 81 -3.50 5.90 -1.09
N SER L 82 -3.44 5.17 0.02
CA SER L 82 -2.15 4.84 0.61
C SER L 82 -1.48 3.64 -0.03
N THR L 83 -2.25 2.70 -0.58
CA THR L 83 -1.69 1.53 -1.24
C THR L 83 -1.64 1.66 -2.74
N GLY L 84 -2.55 2.43 -3.34
CA GLY L 84 -2.57 2.60 -4.78
C GLY L 84 -2.91 4.03 -5.15
N TYR L 85 -2.48 4.40 -6.35
CA TYR L 85 -2.72 5.74 -6.90
C TYR L 85 -3.43 5.57 -8.23
N ARG L 86 -4.71 5.92 -8.28
CA ARG L 86 -5.50 5.76 -9.48
C ARG L 86 -5.37 6.97 -10.39
N VAL L 87 -5.57 6.76 -11.68
CA VAL L 87 -5.64 7.83 -12.67
C VAL L 87 -6.73 7.48 -13.67
N ARG L 88 -7.54 8.48 -14.02
CA ARG L 88 -8.60 8.31 -15.01
C ARG L 88 -8.43 9.36 -16.08
N TYR L 89 -8.40 8.94 -17.34
CA TYR L 89 -8.12 9.82 -18.46
C TYR L 89 -9.29 9.84 -19.42
N ASN L 90 -9.23 10.76 -20.39
CA ASN L 90 -10.22 10.86 -21.46
C ASN L 90 -9.46 10.97 -22.77
N ILE L 91 -9.15 9.82 -23.37
CA ILE L 91 -8.51 9.78 -24.68
C ILE L 91 -9.60 10.02 -25.71
N ASN L 92 -9.69 11.25 -26.21
CA ASN L 92 -10.71 11.61 -27.17
C ASN L 92 -10.02 11.64 -28.53
N VAL L 93 -10.04 10.49 -29.21
CA VAL L 93 -9.46 10.38 -30.55
C VAL L 93 -10.41 11.04 -31.53
N GLY L 94 -10.06 12.24 -32.00
CA GLY L 94 -10.91 12.95 -32.91
C GLY L 94 -11.06 12.22 -34.24
N ASP L 95 -12.09 12.58 -34.98
CA ASP L 95 -12.31 11.98 -36.28
C ASP L 95 -11.14 12.27 -37.22
N GLY L 96 -10.81 11.28 -38.05
CA GLY L 96 -9.63 11.37 -38.88
C GLY L 96 -8.33 11.09 -38.17
N TRP L 97 -8.35 10.90 -36.85
CA TRP L 97 -7.17 10.56 -36.08
C TRP L 97 -7.13 9.06 -35.83
N VAL L 98 -5.92 8.53 -35.71
CA VAL L 98 -5.70 7.13 -35.40
C VAL L 98 -4.69 7.04 -34.26
N LEU L 99 -5.00 6.22 -33.25
CA LEU L 99 -4.14 6.08 -32.09
C LEU L 99 -3.76 4.62 -31.91
N ASP L 100 -2.46 4.34 -31.97
CA ASP L 100 -1.93 3.04 -31.62
C ASP L 100 -1.53 3.09 -30.15
N MET L 101 -2.23 2.32 -29.31
CA MET L 101 -1.98 2.37 -27.88
C MET L 101 -0.59 1.92 -27.48
N GLY L 102 0.19 1.39 -28.43
CA GLY L 102 1.60 1.14 -28.14
C GLY L 102 2.39 2.40 -27.90
N SER L 103 1.91 3.54 -28.40
CA SER L 103 2.55 4.82 -28.19
C SER L 103 2.14 5.48 -26.89
N THR L 104 0.99 5.12 -26.33
CA THR L 104 0.53 5.72 -25.09
C THR L 104 1.32 5.16 -23.91
N TYR L 105 1.78 6.05 -23.04
CA TYR L 105 2.51 5.67 -21.84
C TYR L 105 2.16 6.64 -20.74
N PHE L 106 2.40 6.22 -19.50
CA PHE L 106 2.10 7.01 -18.32
C PHE L 106 3.31 7.89 -17.99
N ASP L 107 3.15 9.19 -18.19
CA ASP L 107 4.19 10.16 -17.83
C ASP L 107 4.06 10.46 -16.35
N ILE L 108 4.91 9.85 -15.54
CA ILE L 108 4.80 9.89 -14.08
C ILE L 108 5.96 10.69 -13.52
N LYS L 109 5.64 11.68 -12.69
CA LYS L 109 6.64 12.39 -11.91
C LYS L 109 6.15 12.51 -10.48
N GLY L 110 7.08 12.42 -9.55
CA GLY L 110 6.74 12.43 -8.14
C GLY L 110 7.98 12.47 -7.28
N ILE L 111 7.79 12.18 -6.01
CA ILE L 111 8.87 12.21 -5.02
C ILE L 111 9.07 10.80 -4.50
N LEU L 112 10.29 10.30 -4.60
CA LEU L 112 10.64 8.97 -4.13
C LEU L 112 11.62 9.07 -2.98
N ASP L 113 11.39 8.30 -1.92
CA ASP L 113 12.30 8.19 -0.80
C ASP L 113 12.79 6.74 -0.75
N ARG L 114 14.05 6.54 -1.10
CA ARG L 114 14.60 5.19 -1.17
C ARG L 114 15.02 4.64 0.19
N GLY L 115 14.92 5.44 1.25
CA GLY L 115 15.11 4.95 2.59
C GLY L 115 16.56 4.90 3.03
N PRO L 116 16.78 4.82 4.34
CA PRO L 116 18.16 4.73 4.84
C PRO L 116 18.89 3.47 4.38
N SER L 117 18.16 2.43 3.98
CA SER L 117 18.78 1.19 3.53
C SER L 117 19.16 1.27 2.06
N PHE L 118 19.93 2.30 1.69
CA PHE L 118 20.24 2.55 0.28
C PHE L 118 21.67 3.09 0.19
N LYS L 119 22.61 2.22 -0.14
CA LYS L 119 23.98 2.64 -0.42
C LYS L 119 24.27 2.43 -1.90
N PRO L 120 24.41 3.49 -2.69
CA PRO L 120 24.68 3.35 -4.12
C PRO L 120 26.11 2.92 -4.44
N TYR L 121 26.93 2.59 -3.44
CA TYR L 121 28.35 2.41 -3.68
C TYR L 121 28.92 1.42 -2.67
N CYS L 122 29.74 0.50 -3.17
CA CYS L 122 30.44 -0.42 -2.30
C CYS L 122 31.58 0.31 -1.60
N GLY L 123 31.75 0.05 -0.31
CA GLY L 123 32.75 0.74 0.46
C GLY L 123 32.20 2.04 1.04
N THR L 124 33.12 2.88 1.47
CA THR L 124 32.79 4.12 2.15
C THR L 124 33.32 5.33 1.38
N ALA L 125 32.72 6.49 1.66
CA ALA L 125 33.15 7.75 1.07
C ALA L 125 33.98 8.59 2.03
N TYR L 126 34.21 8.11 3.25
CA TYR L 126 34.89 8.87 4.30
C TYR L 126 36.15 8.11 4.69
N ASN L 127 37.30 8.70 4.41
CA ASN L 127 38.60 8.05 4.58
C ASN L 127 38.60 6.62 4.03
N PRO L 128 38.28 6.43 2.75
CA PRO L 128 38.30 5.07 2.19
C PRO L 128 39.66 4.42 2.23
N LEU L 129 40.74 5.20 2.07
CA LEU L 129 42.09 4.65 2.13
C LEU L 129 42.53 4.35 3.56
N ALA L 130 41.77 4.77 4.55
CA ALA L 130 42.15 4.52 5.93
C ALA L 130 42.11 3.02 6.23
N PRO L 131 43.06 2.50 6.98
CA PRO L 131 42.94 1.12 7.47
C PRO L 131 41.70 0.97 8.34
N LYS L 132 41.10 -0.22 8.25
CA LYS L 132 39.79 -0.44 8.87
C LYS L 132 39.83 -0.24 10.39
N GLU L 133 40.98 -0.45 11.01
CA GLU L 133 41.11 -0.34 12.46
C GLU L 133 41.99 0.82 12.87
N SER L 134 42.00 1.89 12.09
CA SER L 134 42.77 3.08 12.43
C SER L 134 42.00 3.95 13.42
N MET L 135 42.72 4.89 14.04
CA MET L 135 42.14 5.78 15.03
C MET L 135 42.58 7.19 14.69
N PHE L 136 41.63 8.12 14.66
CA PHE L 136 41.86 9.45 14.08
C PHE L 136 42.40 10.44 15.11
N ASN L 137 43.63 10.18 15.56
CA ASN L 137 44.37 11.11 16.41
C ASN L 137 43.57 11.43 17.68
N ASN L 138 43.44 10.40 18.49
CA ASN L 138 42.53 10.41 19.63
C ASN L 138 42.92 11.45 20.67
N TRP L 139 41.92 11.82 21.49
CA TRP L 139 42.18 12.60 22.70
C TRP L 139 41.03 12.30 23.66
N SER L 140 41.26 11.41 24.61
CA SER L 140 40.23 10.98 25.55
C SER L 140 40.56 11.54 26.93
N GLU L 141 39.75 12.47 27.41
CA GLU L 141 39.91 13.05 28.73
C GLU L 141 38.59 12.99 29.48
N THR L 142 38.67 12.73 30.79
CA THR L 142 37.47 12.75 31.61
C THR L 142 36.95 14.17 31.79
N ALA L 143 37.86 15.11 32.02
CA ALA L 143 37.55 16.53 32.12
C ALA L 143 38.71 17.30 31.51
N PRO L 144 38.47 18.53 31.07
CA PRO L 144 39.55 19.31 30.44
C PRO L 144 40.73 19.49 31.39
N GLY L 145 41.89 19.00 30.97
CA GLY L 145 43.09 19.05 31.79
C GLY L 145 43.20 17.96 32.82
N GLN L 146 42.20 17.08 32.94
CA GLN L 146 42.22 15.98 33.88
C GLN L 146 42.79 14.74 33.20
N ASN L 147 42.54 13.57 33.79
CA ASN L 147 43.10 12.31 33.31
C ASN L 147 42.80 12.13 31.83
N VAL L 148 43.84 12.12 31.00
CA VAL L 148 43.68 12.15 29.55
C VAL L 148 44.56 11.09 28.92
N SER L 149 44.00 10.38 27.94
CA SER L 149 44.74 9.45 27.10
C SER L 149 44.55 9.87 25.66
N ALA L 150 45.66 10.01 24.93
CA ALA L 150 45.61 10.48 23.55
C ALA L 150 46.69 9.81 22.74
N SER L 151 46.40 9.58 21.46
CA SER L 151 47.34 8.96 20.54
C SER L 151 47.08 9.52 19.15
N GLY L 152 48.13 10.05 18.53
CA GLY L 152 47.99 10.59 17.19
C GLY L 152 49.34 10.89 16.57
N GLN L 153 49.30 11.15 15.27
CA GLN L 153 50.50 11.54 14.54
C GLN L 153 50.67 13.05 14.61
N LEU L 154 51.80 13.50 15.15
CA LEU L 154 52.12 14.92 15.27
C LEU L 154 53.00 15.27 14.07
N SER L 155 52.38 15.87 13.05
CA SER L 155 53.01 15.99 11.74
C SER L 155 53.60 17.38 11.48
N ASN L 156 52.83 18.44 11.70
CA ASN L 156 53.27 19.78 11.32
C ASN L 156 54.49 20.21 12.11
N VAL L 157 55.43 20.87 11.42
CA VAL L 157 56.67 21.33 12.03
C VAL L 157 56.82 22.82 11.74
N TYR L 158 57.45 23.53 12.68
CA TYR L 158 57.62 24.97 12.56
C TYR L 158 58.98 25.46 13.05
N THR L 159 59.99 24.59 13.01
CA THR L 159 61.39 24.88 13.34
C THR L 159 61.52 25.86 14.52
N ASN L 160 60.98 25.43 15.66
CA ASN L 160 60.98 26.28 16.85
C ASN L 160 62.37 26.38 17.46
N THR L 161 62.70 27.58 17.93
CA THR L 161 63.86 27.78 18.81
C THR L 161 63.38 27.54 20.22
N SER L 162 63.67 26.33 20.74
CA SER L 162 63.11 25.89 22.01
C SER L 162 63.79 26.61 23.17
N THR L 163 63.48 26.19 24.39
CA THR L 163 63.88 26.82 25.65
C THR L 163 63.24 28.19 25.84
N THR L 164 62.24 28.53 25.04
CA THR L 164 61.51 29.78 25.20
C THR L 164 60.19 29.67 24.46
N LYS L 165 59.26 30.56 24.83
CA LYS L 165 57.92 30.53 24.26
C LYS L 165 57.79 31.32 22.97
N ASP L 166 58.88 31.90 22.47
CA ASP L 166 58.78 32.83 21.35
C ASP L 166 58.20 32.17 20.11
N THR L 167 58.64 30.95 19.80
CA THR L 167 58.17 30.28 18.59
C THR L 167 56.91 29.46 18.82
N THR L 168 56.82 28.75 19.95
CA THR L 168 55.67 27.88 20.18
C THR L 168 54.39 28.68 20.40
N ALA L 169 54.47 29.76 21.18
CA ALA L 169 53.29 30.59 21.40
C ALA L 169 52.83 31.27 20.11
N ALA L 170 53.76 31.53 19.19
CA ALA L 170 53.37 32.08 17.90
C ALA L 170 52.44 31.13 17.16
N GLN L 171 52.71 29.83 17.24
CA GLN L 171 51.81 28.85 16.65
C GLN L 171 50.56 28.63 17.48
N VAL L 172 50.67 28.76 18.80
CA VAL L 172 49.50 28.59 19.67
C VAL L 172 48.46 29.67 19.38
N THR L 173 48.92 30.89 19.12
CA THR L 173 48.00 31.95 18.70
C THR L 173 47.29 31.60 17.41
N LYS L 174 47.87 30.74 16.57
CA LYS L 174 47.26 30.31 15.32
C LYS L 174 46.49 29.00 15.46
N ILE L 175 46.63 28.31 16.59
CA ILE L 175 45.91 27.04 16.78
C ILE L 175 44.41 27.25 16.75
N SER L 176 43.95 28.41 17.23
CA SER L 176 42.52 28.66 17.34
C SER L 176 41.81 28.58 15.99
N GLY L 177 42.53 28.75 14.89
CA GLY L 177 41.96 28.65 13.56
C GLY L 177 42.08 27.27 12.98
N VAL L 178 42.03 27.22 11.64
CA VAL L 178 42.19 25.97 10.90
C VAL L 178 43.65 25.60 10.72
N PHE L 179 44.56 26.39 11.31
CA PHE L 179 45.98 26.25 11.03
C PHE L 179 46.57 24.86 11.22
N PRO L 180 46.22 24.08 12.26
CA PRO L 180 46.80 22.73 12.35
C PRO L 180 46.61 21.91 11.09
N ASN L 181 45.46 22.02 10.42
CA ASN L 181 45.26 21.51 9.07
C ASN L 181 45.66 20.05 8.95
N PRO L 182 44.85 19.12 9.47
CA PRO L 182 45.24 17.69 9.46
C PRO L 182 45.68 17.16 8.10
N ASN L 183 45.33 17.85 7.02
CA ASN L 183 45.75 17.40 5.70
C ASN L 183 47.25 17.59 5.49
N GLN L 184 47.85 18.62 6.10
CA GLN L 184 49.26 18.93 5.88
C GLN L 184 50.11 18.29 6.95
N GLY L 185 51.17 17.59 6.52
CA GLY L 185 52.06 16.92 7.42
C GLY L 185 53.41 17.60 7.54
N PRO L 186 54.47 16.81 7.73
CA PRO L 186 55.81 17.40 7.88
C PRO L 186 56.24 18.23 6.68
N GLY L 187 55.92 17.79 5.47
CA GLY L 187 56.25 18.54 4.28
C GLY L 187 57.68 18.41 3.81
N ILE L 188 58.49 17.57 4.46
CA ILE L 188 59.88 17.37 4.07
C ILE L 188 60.01 15.97 3.49
N ASN L 189 60.56 15.88 2.27
CA ASN L 189 60.61 14.61 1.58
C ASN L 189 61.76 13.75 2.07
N PRO L 190 63.00 14.26 2.15
CA PRO L 190 64.04 13.51 2.87
C PRO L 190 63.87 13.72 4.37
N LEU L 191 63.37 12.69 5.04
CA LEU L 191 63.06 12.84 6.46
C LEU L 191 64.29 12.79 7.35
N ARG L 192 65.46 12.50 6.77
CA ARG L 192 66.71 12.42 7.53
C ARG L 192 67.32 13.78 7.81
N GLN L 193 66.80 14.86 7.23
CA GLN L 193 67.38 16.17 7.35
C GLN L 193 66.82 16.98 8.52
N VAL L 194 65.83 16.45 9.22
CA VAL L 194 65.20 17.17 10.32
C VAL L 194 65.98 16.93 11.59
N GLU L 195 66.21 17.99 12.36
CA GLU L 195 66.91 17.91 13.63
C GLU L 195 65.89 17.94 14.77
N ASN L 196 66.11 17.09 15.76
CA ASN L 196 65.11 16.91 16.82
C ASN L 196 64.95 18.16 17.66
N ALA L 197 66.03 18.88 17.91
CA ALA L 197 66.01 20.01 18.83
C ALA L 197 65.52 21.31 18.20
N ASN L 198 65.36 21.36 16.88
CA ASN L 198 65.00 22.58 16.18
C ASN L 198 63.98 22.29 15.08
N THR L 199 62.96 21.50 15.42
CA THR L 199 61.97 21.09 14.41
C THR L 199 60.57 21.63 14.69
N GLY L 200 60.13 21.66 15.93
CA GLY L 200 58.77 22.05 16.21
C GLY L 200 57.79 20.93 15.96
N VAL L 201 56.73 20.87 16.75
CA VAL L 201 55.75 19.79 16.67
C VAL L 201 54.35 20.39 16.80
N LEU L 202 53.44 19.95 15.94
CA LEU L 202 52.06 20.42 15.97
C LEU L 202 51.13 19.26 15.65
N GLY L 203 49.88 19.40 16.10
CA GLY L 203 48.90 18.35 15.89
C GLY L 203 47.50 18.87 16.08
N ARG L 204 46.54 17.96 15.90
CA ARG L 204 45.13 18.29 16.02
C ARG L 204 44.40 17.01 16.40
N PHE L 205 43.84 16.96 17.60
CA PHE L 205 43.23 15.74 18.11
C PHE L 205 41.76 15.95 18.39
N ALA L 206 40.99 14.88 18.25
CA ALA L 206 39.54 14.91 18.36
C ALA L 206 39.12 14.18 19.62
N LYS L 207 38.35 14.85 20.46
CA LYS L 207 37.80 14.25 21.67
C LYS L 207 36.42 13.71 21.33
N SER L 208 36.35 12.40 21.08
CA SER L 208 35.09 11.79 20.71
C SER L 208 35.14 10.30 21.03
N GLN L 209 33.97 9.75 21.34
CA GLN L 209 33.80 8.32 21.45
C GLN L 209 33.81 7.69 20.07
N TYR L 210 33.91 6.36 20.04
CA TYR L 210 33.94 5.59 18.80
C TYR L 210 35.06 6.08 17.88
N ASN L 211 36.28 5.89 18.36
CA ASN L 211 37.47 6.37 17.64
C ASN L 211 37.80 5.40 16.52
N TYR L 212 37.39 5.76 15.30
CA TYR L 212 37.75 5.00 14.09
C TYR L 212 38.00 6.00 12.98
N ALA L 213 39.19 5.95 12.38
CA ALA L 213 39.50 6.87 11.29
C ALA L 213 38.74 6.50 10.02
N TYR L 214 38.63 5.21 9.74
CA TYR L 214 37.92 4.74 8.55
C TYR L 214 36.44 5.00 8.69
N GLY L 215 35.86 5.70 7.71
CA GLY L 215 34.45 6.00 7.74
C GLY L 215 34.04 7.11 8.67
N ALA L 216 34.98 7.90 9.17
CA ALA L 216 34.67 8.96 10.10
C ALA L 216 34.18 10.21 9.36
N TYR L 217 33.09 10.78 9.83
CA TYR L 217 32.51 11.98 9.25
C TYR L 217 32.11 12.96 10.34
N VAL L 218 32.57 14.21 10.20
CA VAL L 218 32.13 15.30 11.06
C VAL L 218 31.74 16.46 10.15
N LYS L 219 30.47 16.84 10.20
CA LYS L 219 29.99 17.85 9.27
C LYS L 219 30.63 19.20 9.59
N PRO L 220 30.99 19.98 8.57
CA PRO L 220 31.65 21.26 8.81
C PRO L 220 30.70 22.28 9.42
N VAL L 221 31.28 23.24 10.12
CA VAL L 221 30.53 24.37 10.65
C VAL L 221 30.93 25.69 10.00
N ALA L 222 32.06 25.75 9.32
CA ALA L 222 32.50 26.93 8.60
C ALA L 222 32.70 26.57 7.13
N ALA L 223 32.94 27.59 6.31
CA ALA L 223 33.07 27.42 4.87
C ALA L 223 34.46 26.98 4.44
N ASP L 224 35.41 26.89 5.38
CA ASP L 224 36.78 26.46 5.08
C ASP L 224 37.17 25.37 6.08
N GLY L 225 36.80 24.12 5.77
CA GLY L 225 37.03 23.03 6.70
C GLY L 225 36.40 23.31 8.04
N SER L 226 37.21 23.36 9.09
CA SER L 226 36.80 23.85 10.40
C SER L 226 35.57 23.09 10.92
N GLN L 227 35.79 21.80 11.17
CA GLN L 227 34.71 20.95 11.65
C GLN L 227 34.12 21.42 12.97
N SER L 228 34.89 22.16 13.77
CA SER L 228 34.42 22.62 15.07
C SER L 228 34.76 24.09 15.24
N LEU L 229 33.98 24.76 16.10
CA LEU L 229 34.16 26.18 16.37
C LEU L 229 35.06 26.45 17.56
N THR L 230 35.24 25.48 18.45
CA THR L 230 36.11 25.62 19.61
C THR L 230 37.28 24.66 19.48
N GLN L 231 38.50 25.19 19.61
CA GLN L 231 39.72 24.39 19.51
C GLN L 231 40.61 24.79 20.67
N THR L 232 40.54 24.03 21.77
CA THR L 232 41.38 24.34 22.92
C THR L 232 42.82 23.87 22.66
N PRO L 233 43.80 24.75 22.84
CA PRO L 233 45.19 24.36 22.59
C PRO L 233 45.91 23.86 23.84
N TYR L 234 46.86 22.96 23.61
CA TYR L 234 47.71 22.42 24.66
C TYR L 234 49.17 22.59 24.26
N TRP L 235 50.06 22.37 25.23
CA TRP L 235 51.49 22.53 25.02
C TRP L 235 52.19 21.20 25.23
N ILE L 236 53.25 20.97 24.46
CA ILE L 236 54.07 19.77 24.55
C ILE L 236 55.40 20.14 25.16
N MET L 237 55.70 19.56 26.32
CA MET L 237 56.90 19.89 27.08
C MET L 237 57.87 18.70 27.02
N ASN L 238 59.01 18.86 27.65
CA ASN L 238 59.90 17.74 27.92
C ASN L 238 59.48 17.09 29.22
N ASN L 239 60.34 16.25 29.79
CA ASN L 239 60.06 15.66 31.10
C ASN L 239 59.86 16.77 32.14
N ALA L 240 60.70 17.79 32.10
CA ALA L 240 60.50 18.98 32.92
C ALA L 240 59.51 19.91 32.21
N GLY L 241 59.43 21.16 32.65
CA GLY L 241 58.60 22.14 31.97
C GLY L 241 59.43 23.18 31.25
N THR L 242 60.75 23.09 31.36
CA THR L 242 61.62 24.15 30.86
C THR L 242 61.68 24.15 29.33
N GLU L 243 61.84 22.97 28.73
CA GLU L 243 62.04 22.88 27.29
C GLU L 243 60.69 22.79 26.58
N TYR L 244 60.45 23.69 25.64
CA TYR L 244 59.19 23.74 24.91
C TYR L 244 59.36 22.99 23.60
N LEU L 245 58.48 22.01 23.35
CA LEU L 245 58.62 21.12 22.19
C LEU L 245 57.56 21.33 21.12
N GLY L 246 56.33 21.63 21.50
CA GLY L 246 55.29 21.79 20.50
C GLY L 246 53.98 22.22 21.09
N ALA L 247 52.92 22.06 20.31
CA ALA L 247 51.57 22.43 20.71
C ALA L 247 50.58 21.44 20.13
N VAL L 248 49.40 21.39 20.74
CA VAL L 248 48.36 20.43 20.39
C VAL L 248 47.02 21.15 20.30
N ALA L 249 46.25 20.83 19.27
CA ALA L 249 44.89 21.32 19.11
C ALA L 249 43.91 20.19 19.43
N VAL L 250 42.90 20.51 20.23
CA VAL L 250 41.90 19.52 20.66
C VAL L 250 40.53 20.02 20.22
N GLU L 251 39.78 19.16 19.53
CA GLU L 251 38.44 19.46 19.08
C GLU L 251 37.47 18.43 19.64
N ASP L 252 36.27 18.89 19.99
CA ASP L 252 35.27 18.06 20.65
C ASP L 252 34.27 17.57 19.61
N TYR L 253 34.20 16.25 19.42
CA TYR L 253 33.28 15.63 18.48
C TYR L 253 32.33 14.66 19.17
N THR L 254 32.12 14.80 20.48
CA THR L 254 31.31 13.84 21.21
C THR L 254 29.88 13.80 20.68
N ASN L 255 29.39 14.92 20.14
CA ASN L 255 28.08 14.98 19.53
C ASN L 255 28.11 15.41 18.07
N SER L 256 29.23 15.92 17.59
CA SER L 256 29.35 16.43 16.22
C SER L 256 29.91 15.39 15.26
N LEU L 257 30.15 14.17 15.72
CA LEU L 257 30.72 13.12 14.89
C LEU L 257 29.68 12.04 14.60
N SER L 258 29.64 11.58 13.35
CA SER L 258 28.72 10.55 12.93
C SER L 258 29.45 9.60 11.99
N TYR L 259 28.92 8.39 11.86
CA TYR L 259 29.51 7.34 11.04
C TYR L 259 28.50 6.85 10.02
N PRO L 260 28.21 7.65 9.00
CA PRO L 260 27.31 7.19 7.94
C PRO L 260 27.98 6.12 7.10
N ASP L 261 27.15 5.28 6.50
CA ASP L 261 27.52 4.23 5.55
C ASP L 261 28.65 3.32 6.05
N THR L 262 28.91 3.32 7.36
CA THR L 262 29.87 2.41 7.98
C THR L 262 29.32 1.92 9.30
N MET L 263 29.71 0.70 9.67
CA MET L 263 29.30 0.10 10.93
C MET L 263 30.52 -0.46 11.64
N ILE L 264 30.46 -0.47 12.97
CA ILE L 264 31.52 -1.06 13.77
C ILE L 264 31.38 -2.57 13.73
N VAL L 265 32.49 -3.26 13.51
CA VAL L 265 32.53 -4.71 13.63
C VAL L 265 33.27 -5.04 14.91
N PRO L 266 32.57 -5.10 16.05
CA PRO L 266 33.26 -5.27 17.33
C PRO L 266 33.78 -6.69 17.48
N PRO L 267 34.82 -6.87 18.29
CA PRO L 267 35.33 -8.22 18.55
C PRO L 267 34.35 -8.99 19.42
N PRO L 268 34.58 -10.29 19.65
CA PRO L 268 33.70 -11.04 20.54
C PRO L 268 33.66 -10.42 21.93
N GLU L 269 32.55 -10.66 22.63
CA GLU L 269 32.34 -10.03 23.93
C GLU L 269 33.46 -10.35 24.91
N ASP L 270 34.11 -11.51 24.76
CA ASP L 270 35.27 -11.81 25.59
C ASP L 270 36.45 -10.92 25.27
N TYR L 271 36.50 -10.39 24.05
CA TYR L 271 37.53 -9.43 23.63
C TYR L 271 36.95 -8.03 23.41
N ASP L 272 35.73 -7.78 23.88
CA ASP L 272 35.09 -6.50 23.61
C ASP L 272 35.86 -5.34 24.24
N ASP L 273 36.31 -5.52 25.48
CA ASP L 273 37.21 -4.54 26.06
C ASP L 273 38.61 -4.71 25.46
N TYR L 274 39.44 -3.70 25.68
CA TYR L 274 40.83 -3.66 25.19
C TYR L 274 40.93 -4.04 23.71
N ASN L 275 39.86 -3.81 22.94
CA ASN L 275 39.87 -4.05 21.51
C ASN L 275 38.68 -3.32 20.91
N ILE L 276 38.94 -2.47 19.92
CA ILE L 276 37.88 -1.69 19.29
C ILE L 276 37.39 -2.32 17.99
N GLY L 277 37.95 -3.46 17.59
CA GLY L 277 37.53 -4.11 16.37
C GLY L 277 37.89 -3.29 15.15
N THR L 278 37.06 -3.39 14.11
CA THR L 278 37.24 -2.63 12.89
C THR L 278 35.90 -2.02 12.50
N THR L 279 35.97 -1.06 11.58
CA THR L 279 34.79 -0.41 11.03
C THR L 279 34.62 -0.84 9.59
N ARG L 280 33.44 -1.35 9.25
CA ARG L 280 33.15 -1.83 7.92
C ARG L 280 32.02 -1.00 7.31
N ALA L 281 32.15 -0.71 6.02
CA ALA L 281 31.08 -0.05 5.30
C ALA L 281 29.86 -0.97 5.22
N LEU L 282 28.68 -0.37 5.22
CA LEU L 282 27.46 -1.13 5.10
C LEU L 282 27.39 -1.82 3.74
N ARG L 283 26.49 -2.78 3.63
CA ARG L 283 26.35 -3.50 2.37
C ARG L 283 25.81 -2.56 1.29
N PRO L 284 26.35 -2.63 0.07
CA PRO L 284 25.85 -1.78 -1.02
C PRO L 284 24.44 -2.20 -1.41
N ASN L 285 23.52 -1.23 -1.38
CA ASN L 285 22.10 -1.50 -1.65
C ASN L 285 21.60 -0.50 -2.67
N TYR L 286 21.12 -1.01 -3.81
CA TYR L 286 20.56 -0.19 -4.88
C TYR L 286 19.05 -0.37 -4.88
N ILE L 287 18.32 0.74 -4.80
CA ILE L 287 16.87 0.69 -4.59
C ILE L 287 16.15 1.28 -5.79
N GLY L 288 16.71 1.10 -6.98
CA GLY L 288 16.06 1.61 -8.17
C GLY L 288 14.78 0.87 -8.50
N PHE L 289 14.09 1.39 -9.53
CA PHE L 289 12.86 0.76 -9.98
C PHE L 289 13.15 -0.58 -10.63
N ARG L 290 12.09 -1.34 -10.90
CA ARG L 290 12.23 -2.67 -11.45
C ARG L 290 12.43 -2.61 -12.96
N ASP L 291 12.91 -3.72 -13.50
CA ASP L 291 13.09 -3.85 -14.94
C ASP L 291 11.76 -3.61 -15.65
N ASN L 292 11.78 -2.77 -16.68
CA ASN L 292 10.57 -2.41 -17.42
C ASN L 292 9.49 -1.86 -16.50
N PHE L 293 9.91 -1.25 -15.39
CA PHE L 293 9.00 -0.70 -14.39
C PHE L 293 7.99 -1.75 -13.93
N ILE L 294 8.48 -2.96 -13.68
CA ILE L 294 7.63 -4.05 -13.23
C ILE L 294 7.01 -3.72 -11.88
N ASN L 295 5.77 -4.18 -11.69
CA ASN L 295 5.03 -4.00 -10.44
C ASN L 295 4.79 -2.54 -10.11
N LEU L 296 4.76 -1.69 -11.13
CA LEU L 296 4.43 -0.28 -10.96
C LEU L 296 3.00 0.05 -11.36
N LEU L 297 2.42 -0.72 -12.27
CA LEU L 297 1.00 -0.64 -12.58
C LEU L 297 0.32 -1.90 -12.09
N TYR L 298 -0.91 -1.75 -11.59
CA TYR L 298 -1.66 -2.90 -11.09
C TYR L 298 -2.13 -3.77 -12.25
N HIS L 299 -1.37 -4.81 -12.57
CA HIS L 299 -1.74 -5.76 -13.61
C HIS L 299 -2.21 -7.06 -12.98
N ASP L 300 -3.19 -7.69 -13.62
CA ASP L 300 -3.69 -9.01 -13.22
C ASP L 300 -4.25 -9.01 -11.80
N SER L 301 -4.86 -7.89 -11.40
CA SER L 301 -5.46 -7.76 -10.07
C SER L 301 -6.85 -7.16 -10.26
N GLY L 302 -7.88 -8.01 -10.26
CA GLY L 302 -9.23 -7.54 -10.52
C GLY L 302 -9.74 -6.56 -9.50
N VAL L 303 -9.27 -6.66 -8.25
CA VAL L 303 -9.70 -5.74 -7.20
C VAL L 303 -9.25 -4.31 -7.54
N CYS L 304 -8.09 -4.18 -8.16
CA CYS L 304 -7.52 -2.89 -8.54
C CYS L 304 -7.10 -2.92 -10.00
N SER L 305 -7.99 -3.41 -10.86
CA SER L 305 -7.69 -3.53 -12.27
C SER L 305 -7.87 -2.19 -12.98
N GLY L 306 -7.30 -2.09 -14.18
CA GLY L 306 -7.46 -0.92 -15.00
C GLY L 306 -8.81 -0.91 -15.68
N THR L 307 -9.06 0.19 -16.39
CA THR L 307 -10.33 0.38 -17.08
C THR L 307 -10.08 1.08 -18.39
N LEU L 308 -10.50 0.47 -19.49
CA LEU L 308 -10.60 1.14 -20.77
C LEU L 308 -11.96 0.85 -21.34
N ASN L 309 -12.60 1.86 -21.91
CA ASN L 309 -13.94 1.74 -22.48
C ASN L 309 -14.20 2.99 -23.31
N SER L 310 -15.44 3.14 -23.74
CA SER L 310 -15.88 4.39 -24.35
C SER L 310 -16.75 5.16 -23.36
N GLU L 311 -16.87 6.46 -23.59
CA GLU L 311 -17.82 7.25 -22.81
C GLU L 311 -19.26 6.87 -23.11
N ARG L 312 -19.57 6.62 -24.38
CA ARG L 312 -20.95 6.30 -24.75
C ARG L 312 -21.40 5.01 -24.09
N SER L 313 -20.55 3.99 -24.07
CA SER L 313 -20.85 2.71 -23.45
C SER L 313 -19.87 2.50 -22.31
N GLY L 314 -20.33 2.70 -21.07
CA GLY L 314 -19.47 2.60 -19.92
C GLY L 314 -18.95 1.20 -19.62
N MET L 315 -19.20 0.22 -20.48
CA MET L 315 -18.73 -1.13 -20.24
C MET L 315 -17.23 -1.24 -20.41
N ASN L 316 -16.54 -1.59 -19.33
CA ASN L 316 -15.10 -1.78 -19.37
C ASN L 316 -14.77 -2.97 -20.26
N VAL L 317 -13.79 -2.78 -21.16
CA VAL L 317 -13.41 -3.84 -22.09
C VAL L 317 -12.19 -4.62 -21.65
N VAL L 318 -11.46 -4.16 -20.65
CA VAL L 318 -10.29 -4.88 -20.14
C VAL L 318 -10.72 -5.68 -18.93
N VAL L 319 -10.56 -7.00 -19.00
CA VAL L 319 -10.82 -7.90 -17.88
C VAL L 319 -9.51 -8.57 -17.51
N GLU L 320 -9.12 -8.42 -16.25
CA GLU L 320 -7.84 -8.91 -15.76
C GLU L 320 -8.06 -10.13 -14.89
N LEU L 321 -7.38 -11.22 -15.22
CA LEU L 321 -7.46 -12.46 -14.49
C LEU L 321 -6.25 -12.61 -13.57
N PRO L 322 -6.44 -13.10 -12.35
CA PRO L 322 -5.29 -13.33 -11.47
C PRO L 322 -4.38 -14.45 -11.92
N ASP L 323 -4.82 -15.30 -12.85
CA ASP L 323 -4.05 -16.46 -13.28
C ASP L 323 -3.21 -16.20 -14.52
N ARG L 324 -3.23 -14.98 -15.08
CA ARG L 324 -2.29 -14.62 -16.12
C ARG L 324 -1.18 -13.77 -15.54
N ASN L 325 -0.04 -13.74 -16.24
CA ASN L 325 1.13 -13.00 -15.82
C ASN L 325 1.47 -12.01 -16.92
N THR L 326 0.88 -10.82 -16.84
CA THR L 326 1.09 -9.80 -17.87
C THR L 326 2.54 -9.35 -17.91
N GLU L 327 3.16 -9.15 -16.74
CA GLU L 327 4.48 -8.56 -16.69
C GLU L 327 5.57 -9.55 -17.08
N LEU L 328 5.43 -10.81 -16.66
CA LEU L 328 6.33 -11.84 -17.18
C LEU L 328 6.10 -12.08 -18.66
N SER L 329 4.86 -11.90 -19.12
CA SER L 329 4.60 -11.97 -20.56
C SER L 329 5.36 -10.87 -21.28
N TYR L 330 5.38 -9.65 -20.74
CA TYR L 330 6.17 -8.59 -21.34
C TYR L 330 7.65 -8.92 -21.32
N GLN L 331 8.12 -9.50 -20.21
CA GLN L 331 9.52 -9.90 -20.12
C GLN L 331 9.88 -10.87 -21.25
N TYR L 332 9.08 -11.92 -21.41
CA TYR L 332 9.35 -12.92 -22.44
C TYR L 332 9.24 -12.32 -23.84
N MET L 333 8.22 -11.50 -24.07
CA MET L 333 8.03 -10.89 -25.38
C MET L 333 9.19 -9.99 -25.74
N LEU L 334 9.68 -9.22 -24.77
CA LEU L 334 10.77 -8.29 -25.04
C LEU L 334 12.10 -9.04 -25.19
N ALA L 335 12.26 -10.17 -24.49
CA ALA L 335 13.47 -10.95 -24.64
C ALA L 335 13.51 -11.67 -25.98
N ASP L 336 12.36 -12.13 -26.46
CA ASP L 336 12.30 -12.73 -27.80
C ASP L 336 12.37 -11.67 -28.88
N MET L 337 11.88 -10.47 -28.61
CA MET L 337 11.88 -9.39 -29.60
C MET L 337 13.28 -8.86 -29.83
N MET L 338 14.16 -8.96 -28.84
CA MET L 338 15.49 -8.37 -28.93
C MET L 338 16.37 -8.94 -27.82
N SER L 339 17.67 -8.74 -27.99
CA SER L 339 18.61 -9.13 -26.95
C SER L 339 18.41 -8.27 -25.71
N ARG L 340 18.56 -8.90 -24.55
CA ARG L 340 18.29 -8.23 -23.28
C ARG L 340 19.47 -7.46 -22.73
N HIS L 341 20.64 -7.53 -23.37
CA HIS L 341 21.78 -6.77 -22.86
C HIS L 341 21.71 -5.30 -23.25
N HIS L 342 20.77 -4.91 -24.10
CA HIS L 342 20.62 -3.52 -24.49
C HIS L 342 19.88 -2.76 -23.39
N TYR L 343 20.41 -1.60 -23.02
CA TYR L 343 19.88 -0.81 -21.90
C TYR L 343 19.08 0.35 -22.46
N PHE L 344 17.77 0.15 -22.61
CA PHE L 344 16.85 1.19 -23.06
C PHE L 344 16.33 1.91 -21.82
N ALA L 345 16.85 3.10 -21.56
CA ALA L 345 16.58 3.80 -20.32
C ALA L 345 15.21 4.45 -20.28
N LEU L 346 14.48 4.49 -21.40
CA LEU L 346 13.15 5.08 -21.39
C LEU L 346 12.17 4.21 -20.61
N TRP L 347 12.06 2.94 -20.99
CA TRP L 347 11.20 2.01 -20.27
C TRP L 347 11.87 1.38 -19.06
N ASN L 348 13.01 1.92 -18.62
CA ASN L 348 13.83 1.30 -17.58
C ASN L 348 14.21 -0.12 -17.97
N GLN L 349 14.50 -0.32 -19.24
CA GLN L 349 14.81 -1.64 -19.78
C GLN L 349 16.27 -1.96 -19.46
N ALA L 350 16.48 -2.64 -18.34
CA ALA L 350 17.80 -3.07 -17.91
C ALA L 350 17.62 -4.38 -17.17
N VAL L 351 17.95 -5.50 -17.84
CA VAL L 351 17.62 -6.82 -17.30
C VAL L 351 18.50 -7.14 -16.10
N ASP L 352 17.96 -7.93 -15.19
CA ASP L 352 18.73 -8.40 -14.04
C ASP L 352 19.81 -9.36 -14.49
N GLN L 353 21.06 -9.07 -14.11
CA GLN L 353 22.21 -9.86 -14.53
C GLN L 353 23.07 -10.18 -13.32
N TYR L 354 23.08 -11.43 -12.89
CA TYR L 354 24.08 -11.87 -11.93
C TYR L 354 25.46 -11.88 -12.58
N ASP L 355 26.49 -11.73 -11.76
CA ASP L 355 27.84 -11.82 -12.28
C ASP L 355 28.16 -13.27 -12.58
N PRO L 356 28.48 -13.63 -13.82
CA PRO L 356 28.79 -15.03 -14.12
C PRO L 356 29.98 -15.57 -13.37
N GLU L 357 30.91 -14.71 -12.95
CA GLU L 357 32.05 -15.13 -12.15
C GLU L 357 31.70 -15.27 -10.67
N VAL L 358 30.53 -14.83 -10.25
CA VAL L 358 30.11 -14.91 -8.85
C VAL L 358 29.18 -16.08 -8.62
N ARG L 359 28.14 -16.22 -9.45
CA ARG L 359 27.18 -17.31 -9.26
C ARG L 359 27.87 -18.66 -9.42
N VAL L 360 28.64 -18.83 -10.49
CA VAL L 360 29.39 -20.05 -10.72
C VAL L 360 30.85 -19.72 -10.41
N PHE L 361 31.26 -19.97 -9.17
CA PHE L 361 32.56 -19.56 -8.68
C PHE L 361 33.62 -20.52 -9.21
N SER L 362 34.36 -20.07 -10.22
CA SER L 362 35.48 -20.84 -10.77
C SER L 362 36.72 -20.48 -9.98
N ASN L 363 36.98 -21.24 -8.92
CA ASN L 363 38.11 -20.96 -8.03
C ASN L 363 39.41 -21.18 -8.80
N ASP L 364 40.14 -20.09 -9.04
CA ASP L 364 41.33 -20.10 -9.87
C ASP L 364 42.61 -19.97 -9.06
N GLY L 365 42.51 -20.05 -7.74
CA GLY L 365 43.63 -19.63 -6.92
C GLY L 365 43.84 -18.14 -7.07
N TYR L 366 44.90 -17.76 -7.79
CA TYR L 366 45.24 -16.37 -8.01
C TYR L 366 46.42 -16.30 -8.96
N GLU L 367 46.54 -15.17 -9.65
CA GLU L 367 47.62 -15.00 -10.63
C GLU L 367 48.95 -14.82 -9.93
N GLU L 368 49.63 -15.93 -9.66
CA GLU L 368 50.87 -15.93 -8.87
C GLU L 368 52.01 -15.44 -9.73
N GLY L 369 52.51 -14.24 -9.44
CA GLY L 369 53.67 -13.69 -10.09
C GLY L 369 54.89 -13.71 -9.20
N ALA L 370 55.85 -12.85 -9.53
CA ALA L 370 57.02 -12.69 -8.70
C ALA L 370 56.63 -12.07 -7.36
N PRO L 371 57.42 -12.28 -6.31
CA PRO L 371 57.12 -11.65 -5.02
C PRO L 371 57.06 -10.13 -5.16
N SER L 372 56.05 -9.54 -4.55
CA SER L 372 55.81 -8.10 -4.62
C SER L 372 55.89 -7.51 -3.24
N TYR L 373 56.43 -6.28 -3.16
CA TYR L 373 56.74 -5.66 -1.88
C TYR L 373 56.27 -4.22 -1.88
N ALA L 374 56.07 -3.69 -0.68
CA ALA L 374 55.78 -2.28 -0.46
C ALA L 374 56.98 -1.67 0.26
N PHE L 375 57.73 -0.83 -0.45
CA PHE L 375 58.96 -0.28 0.07
C PHE L 375 58.71 1.05 0.78
N ASN L 376 59.73 1.54 1.46
CA ASN L 376 59.67 2.81 2.17
C ASN L 376 59.19 3.92 1.24
N PRO L 377 58.61 5.00 1.76
CA PRO L 377 58.36 6.16 0.89
C PRO L 377 59.64 6.65 0.26
N GLU L 378 60.72 6.68 1.02
CA GLU L 378 62.06 6.89 0.49
C GLU L 378 62.63 5.53 0.07
N ALA L 379 63.91 5.49 -0.26
CA ALA L 379 64.55 4.24 -0.66
C ALA L 379 65.58 3.75 0.35
N VAL L 380 65.68 4.40 1.50
CA VAL L 380 66.65 4.04 2.53
C VAL L 380 65.94 3.94 3.87
N GLY L 381 66.26 2.91 4.64
CA GLY L 381 65.65 2.71 5.93
C GLY L 381 66.29 1.53 6.62
N ALA L 382 65.90 1.34 7.88
CA ALA L 382 66.40 0.25 8.70
C ALA L 382 65.27 -0.46 9.40
N GLY L 383 64.15 -0.67 8.70
CA GLY L 383 63.07 -1.45 9.25
C GLY L 383 63.55 -2.86 9.57
N GLU L 384 63.30 -3.32 10.79
CA GLU L 384 63.88 -4.56 11.29
C GLU L 384 65.40 -4.51 11.16
N GLY L 385 65.98 -3.59 11.93
CA GLY L 385 67.35 -3.16 11.70
C GLY L 385 68.40 -4.20 12.05
N TYR L 386 68.44 -5.27 11.25
CA TYR L 386 69.47 -6.27 11.39
C TYR L 386 70.77 -5.77 10.74
N GLY L 387 71.86 -6.47 11.04
CA GLY L 387 73.15 -6.10 10.52
C GLY L 387 73.79 -4.99 11.31
N PRO L 388 74.94 -4.50 10.84
CA PRO L 388 75.65 -3.44 11.58
C PRO L 388 74.85 -2.16 11.63
N ASP L 389 75.07 -1.39 12.70
CA ASP L 389 74.31 -0.17 12.89
C ASP L 389 74.69 0.90 11.86
N LEU L 390 76.00 1.12 11.68
CA LEU L 390 76.53 2.07 10.70
C LEU L 390 76.05 3.51 10.94
N SER L 391 75.53 3.80 12.14
CA SER L 391 75.05 5.14 12.43
C SER L 391 76.13 6.04 13.01
N GLN L 392 77.20 5.47 13.57
CA GLN L 392 78.33 6.23 14.09
C GLN L 392 79.53 6.14 13.15
N ILE L 393 79.27 6.19 11.86
CA ILE L 393 80.25 5.76 10.86
C ILE L 393 81.17 6.94 10.53
N LYS L 394 82.31 6.62 9.91
CA LYS L 394 83.24 7.63 9.44
C LYS L 394 83.76 7.20 8.07
N LEU L 395 83.77 8.13 7.12
CA LEU L 395 84.18 7.85 5.76
C LEU L 395 85.65 8.23 5.59
N TYR L 396 86.48 7.26 5.22
CA TYR L 396 87.90 7.49 4.98
C TYR L 396 88.21 7.30 3.50
N THR L 397 88.96 8.24 2.93
CA THR L 397 89.39 8.12 1.55
C THR L 397 90.35 6.95 1.40
N ASN L 398 90.36 6.35 0.22
CA ASN L 398 91.23 5.21 -0.05
C ASN L 398 92.63 5.68 -0.45
N ASN L 399 93.58 4.77 -0.30
CA ASN L 399 94.94 4.95 -0.81
C ASN L 399 95.17 3.91 -1.89
N THR L 400 95.35 4.36 -3.12
CA THR L 400 95.52 3.42 -4.23
C THR L 400 96.80 2.61 -4.09
N ALA L 401 97.88 3.25 -3.65
CA ALA L 401 99.16 2.55 -3.53
C ALA L 401 99.15 1.55 -2.38
N ALA L 402 98.64 1.96 -1.22
CA ALA L 402 98.65 1.12 -0.04
C ALA L 402 97.43 0.23 0.10
N ASN L 403 96.41 0.42 -0.74
CA ASN L 403 95.18 -0.37 -0.69
C ASN L 403 94.52 -0.28 0.69
N ASP L 404 94.56 0.93 1.28
CA ASP L 404 94.06 1.13 2.63
C ASP L 404 93.51 2.55 2.74
N LYS L 405 92.93 2.83 3.90
CA LYS L 405 92.47 4.19 4.21
C LYS L 405 93.67 5.14 4.30
N ASN L 406 93.48 6.36 3.81
CA ASN L 406 94.58 7.32 3.91
C ASN L 406 94.16 8.65 4.52
N THR L 407 92.96 9.14 4.22
CA THR L 407 92.52 10.44 4.69
C THR L 407 91.08 10.37 5.15
N ALA L 408 90.80 10.99 6.29
CA ALA L 408 89.46 11.01 6.85
C ALA L 408 88.67 12.21 6.33
N VAL L 409 87.41 11.98 5.98
CA VAL L 409 86.52 13.07 5.63
C VAL L 409 86.21 13.87 6.88
N THR L 410 86.34 15.19 6.78
CA THR L 410 86.20 16.05 7.96
C THR L 410 84.80 15.95 8.56
N ASN L 411 83.78 16.29 7.78
CA ASN L 411 82.39 16.20 8.22
C ASN L 411 81.57 15.49 7.13
N ALA L 412 81.01 14.33 7.48
CA ALA L 412 80.26 13.50 6.56
C ALA L 412 78.98 13.05 7.24
N THR L 413 77.87 13.70 6.89
CA THR L 413 76.56 13.24 7.34
C THR L 413 76.07 12.13 6.41
N THR L 414 75.84 10.95 6.97
CA THR L 414 75.48 9.78 6.18
C THR L 414 74.35 9.02 6.86
N ASN L 415 73.51 8.37 6.05
CA ASN L 415 72.49 7.49 6.57
C ASN L 415 72.99 6.05 6.63
N PHE L 416 73.34 5.50 5.47
CA PHE L 416 74.11 4.26 5.36
C PHE L 416 73.47 3.11 6.14
N TYR L 417 72.28 2.72 5.71
CA TYR L 417 71.62 1.58 6.32
C TYR L 417 72.04 0.29 5.63
N PHE L 418 71.76 -0.83 6.28
CA PHE L 418 72.23 -2.14 5.85
C PHE L 418 71.14 -2.91 5.13
N GLY L 419 71.56 -3.75 4.19
CA GLY L 419 70.65 -4.62 3.49
C GLY L 419 69.90 -3.91 2.39
N THR L 420 68.96 -4.66 1.79
CA THR L 420 68.14 -4.11 0.72
C THR L 420 67.14 -3.12 1.30
N VAL L 421 66.36 -2.51 0.41
CA VAL L 421 65.36 -1.52 0.79
C VAL L 421 64.34 -2.20 1.71
N PRO L 422 64.07 -1.66 2.89
CA PRO L 422 63.06 -2.27 3.76
C PRO L 422 61.70 -2.28 3.08
N SER L 423 60.99 -3.38 3.23
CA SER L 423 59.74 -3.54 2.50
C SER L 423 58.88 -4.58 3.20
N TYR L 424 57.58 -4.52 2.90
CA TYR L 424 56.63 -5.51 3.35
C TYR L 424 56.09 -6.24 2.13
N GLU L 425 56.12 -7.57 2.17
CA GLU L 425 55.68 -8.35 1.03
C GLU L 425 54.16 -8.49 1.05
N ILE L 426 53.54 -8.24 -0.09
CA ILE L 426 52.11 -8.41 -0.27
C ILE L 426 51.88 -9.20 -1.55
N ASP L 427 50.95 -10.15 -1.49
CA ASP L 427 50.55 -10.94 -2.65
C ASP L 427 49.23 -10.33 -3.11
N ILE L 428 49.32 -9.31 -3.98
CA ILE L 428 48.16 -8.49 -4.25
C ILE L 428 47.08 -9.27 -4.99
N SER L 429 47.49 -10.18 -5.87
CA SER L 429 46.51 -10.97 -6.61
C SER L 429 45.67 -11.84 -5.67
N ALA L 430 46.33 -12.55 -4.75
CA ALA L 430 45.60 -13.39 -3.81
C ALA L 430 44.78 -12.57 -2.83
N THR L 431 45.32 -11.44 -2.38
CA THR L 431 44.57 -10.57 -1.47
C THR L 431 43.32 -10.05 -2.14
N GLN L 432 43.43 -9.60 -3.39
CA GLN L 432 42.26 -9.15 -4.14
C GLN L 432 41.29 -10.30 -4.40
N ARG L 433 41.80 -11.51 -4.64
CA ARG L 433 40.91 -12.66 -4.83
C ARG L 433 40.09 -12.93 -3.57
N ARG L 434 40.74 -12.90 -2.41
CA ARG L 434 40.00 -13.13 -1.17
C ARG L 434 39.02 -12.01 -0.89
N ASN L 435 39.41 -10.76 -1.19
CA ASN L 435 38.47 -9.66 -1.02
C ASN L 435 37.26 -9.82 -1.94
N PHE L 436 37.51 -10.24 -3.18
CA PHE L 436 36.43 -10.54 -4.12
C PHE L 436 35.48 -11.58 -3.53
N ILE L 437 36.03 -12.68 -3.03
CA ILE L 437 35.19 -13.75 -2.50
C ILE L 437 34.39 -13.25 -1.30
N MET L 438 35.05 -12.58 -0.36
CA MET L 438 34.38 -12.17 0.86
C MET L 438 33.38 -11.05 0.64
N ALA L 439 33.52 -10.27 -0.43
CA ALA L 439 32.59 -9.19 -0.69
C ALA L 439 31.47 -9.56 -1.65
N ASN L 440 31.67 -10.57 -2.50
CA ASN L 440 30.67 -10.92 -3.51
C ASN L 440 30.02 -12.26 -3.25
N ILE L 441 30.77 -13.27 -2.84
CA ILE L 441 30.29 -14.62 -2.68
C ILE L 441 30.01 -14.94 -1.21
N ALA L 442 30.99 -14.69 -0.34
CA ALA L 442 30.79 -14.94 1.09
C ALA L 442 29.74 -14.02 1.69
N GLU L 443 29.69 -12.77 1.23
CA GLU L 443 28.80 -11.80 1.85
C GLU L 443 27.33 -12.17 1.66
N TYR L 444 26.98 -12.81 0.54
CA TYR L 444 25.60 -13.09 0.19
C TYR L 444 25.18 -14.51 0.58
N LEU L 445 25.80 -15.08 1.60
CA LEU L 445 25.43 -16.40 2.07
C LEU L 445 24.06 -16.36 2.73
N PRO L 446 23.38 -17.50 2.82
CA PRO L 446 22.09 -17.53 3.52
C PRO L 446 22.25 -17.22 4.99
N ASP L 447 21.13 -16.84 5.62
CA ASP L 447 21.14 -16.54 7.05
C ASP L 447 21.53 -17.76 7.88
N ARG L 448 21.39 -18.97 7.33
CA ARG L 448 21.79 -20.17 8.06
C ARG L 448 23.28 -20.17 8.36
N TYR L 449 24.08 -19.61 7.45
CA TYR L 449 25.53 -19.67 7.54
C TYR L 449 26.14 -18.34 7.99
N LYS L 450 25.45 -17.63 8.88
CA LYS L 450 25.92 -16.36 9.40
C LYS L 450 25.76 -16.35 10.91
N PHE L 451 26.32 -15.33 11.55
CA PHE L 451 26.26 -15.22 13.01
C PHE L 451 26.29 -13.76 13.42
N SER L 452 25.80 -13.50 14.62
CA SER L 452 25.72 -12.14 15.15
C SER L 452 27.12 -11.63 15.51
N ILE L 453 27.20 -10.34 15.83
CA ILE L 453 28.49 -9.66 15.93
C ILE L 453 28.77 -9.15 17.34
N SER L 454 28.27 -9.88 18.34
CA SER L 454 28.59 -9.64 19.76
C SER L 454 27.91 -8.38 20.30
N GLY L 455 27.27 -7.61 19.43
CA GLY L 455 26.45 -6.50 19.88
C GLY L 455 25.02 -6.70 19.41
N PHE L 456 24.89 -7.38 18.28
CA PHE L 456 23.59 -7.66 17.68
C PHE L 456 23.07 -9.01 18.16
N ASP L 457 21.75 -9.15 18.16
CA ASP L 457 21.11 -10.42 18.47
C ASP L 457 19.91 -10.60 17.57
N ALA L 458 19.57 -11.86 17.31
CA ALA L 458 18.38 -12.15 16.55
C ALA L 458 17.13 -11.80 17.37
N THR L 459 16.01 -11.70 16.66
CA THR L 459 14.68 -11.37 17.19
C THR L 459 14.59 -9.92 17.68
N SER L 460 15.68 -9.16 17.65
CA SER L 460 15.59 -7.74 17.96
C SER L 460 15.02 -6.96 16.78
N VAL L 461 15.40 -7.36 15.57
CA VAL L 461 14.90 -6.74 14.34
C VAL L 461 14.54 -7.86 13.37
N ALA L 462 13.64 -7.55 12.45
CA ALA L 462 13.15 -8.55 11.52
C ALA L 462 14.28 -9.06 10.63
N PRO L 463 14.25 -10.34 10.25
CA PRO L 463 15.32 -10.89 9.41
C PRO L 463 15.43 -10.24 8.05
N THR L 464 14.38 -9.57 7.58
CA THR L 464 14.38 -8.93 6.26
C THR L 464 14.63 -7.43 6.36
N THR L 465 15.48 -7.01 7.28
CA THR L 465 15.82 -5.59 7.45
C THR L 465 17.29 -5.38 7.16
N TYR L 466 17.62 -4.13 6.80
CA TYR L 466 18.99 -3.79 6.44
C TYR L 466 19.94 -3.97 7.61
N GLU L 467 19.50 -3.59 8.81
CA GLU L 467 20.35 -3.76 9.99
C GLU L 467 20.61 -5.23 10.26
N TYR L 468 19.59 -6.08 10.07
CA TYR L 468 19.79 -7.51 10.27
C TYR L 468 20.82 -8.08 9.29
N MET L 469 20.74 -7.66 8.03
CA MET L 469 21.69 -8.15 7.04
C MET L 469 23.10 -7.62 7.28
N ASN L 470 23.21 -6.38 7.76
CA ASN L 470 24.52 -5.79 8.00
C ASN L 470 25.24 -6.47 9.16
N LYS L 471 24.53 -6.67 10.27
CA LYS L 471 25.14 -7.08 11.52
C LYS L 471 25.18 -8.60 11.71
N ARG L 472 25.22 -9.36 10.62
CA ARG L 472 25.36 -10.82 10.69
C ARG L 472 26.50 -11.24 9.77
N VAL L 473 27.68 -11.44 10.35
CA VAL L 473 28.85 -11.82 9.57
C VAL L 473 28.69 -13.27 9.10
N PRO L 474 29.00 -13.58 7.84
CA PRO L 474 28.99 -14.97 7.41
C PRO L 474 30.13 -15.76 8.00
N LEU L 475 29.95 -17.08 8.06
CA LEU L 475 31.04 -17.96 8.41
C LEU L 475 32.15 -17.85 7.38
N THR L 476 33.40 -17.88 7.83
CA THR L 476 34.53 -17.68 6.95
C THR L 476 35.14 -18.99 6.44
N ASN L 477 34.60 -20.13 6.85
CA ASN L 477 35.05 -21.41 6.32
C ASN L 477 34.06 -22.03 5.35
N VAL L 478 32.80 -21.63 5.37
CA VAL L 478 31.81 -22.17 4.44
C VAL L 478 32.18 -21.81 3.01
N VAL L 479 32.74 -20.63 2.80
CA VAL L 479 33.32 -20.27 1.50
C VAL L 479 34.51 -19.35 1.74
N ASP L 480 35.61 -19.65 1.07
CA ASP L 480 36.86 -18.91 1.19
C ASP L 480 37.74 -19.29 0.00
N MET L 481 39.00 -18.84 0.02
CA MET L 481 39.89 -19.10 -1.10
C MET L 481 40.19 -20.59 -1.29
N PHE L 482 39.99 -21.41 -0.26
CA PHE L 482 40.25 -22.83 -0.36
C PHE L 482 39.03 -23.65 -0.74
N THR L 483 37.88 -23.00 -0.97
CA THR L 483 36.64 -23.71 -1.27
C THR L 483 36.68 -24.22 -2.71
N ASN L 484 36.86 -25.53 -2.87
CA ASN L 484 36.91 -26.17 -4.18
C ASN L 484 37.93 -25.46 -5.08
N VAL L 485 39.19 -25.53 -4.67
CA VAL L 485 40.22 -24.63 -5.16
C VAL L 485 40.46 -24.74 -6.66
N GLY L 486 40.03 -25.83 -7.29
CA GLY L 486 40.30 -25.98 -8.71
C GLY L 486 39.08 -26.18 -9.58
N ALA L 487 37.89 -26.07 -9.01
CA ALA L 487 36.65 -26.41 -9.69
C ALA L 487 35.87 -25.16 -10.05
N ARG L 488 35.39 -25.09 -11.29
CA ARG L 488 34.36 -24.14 -11.65
C ARG L 488 33.05 -24.68 -11.08
N TRP L 489 32.64 -24.16 -9.92
CA TRP L 489 31.58 -24.78 -9.15
C TRP L 489 30.83 -23.71 -8.38
N SER L 490 29.54 -23.59 -8.65
CA SER L 490 28.70 -22.70 -7.86
C SER L 490 28.67 -23.18 -6.42
N ILE L 491 28.87 -22.26 -5.47
CA ILE L 491 28.89 -22.63 -4.07
C ILE L 491 27.57 -23.29 -3.70
N ASP L 492 27.64 -24.56 -3.31
CA ASP L 492 26.43 -25.35 -3.09
C ASP L 492 25.55 -24.78 -1.99
N GLN L 493 26.11 -23.91 -1.14
CA GLN L 493 25.28 -23.23 -0.14
C GLN L 493 24.39 -22.17 -0.76
N MET L 494 24.73 -21.66 -1.94
CA MET L 494 23.99 -20.56 -2.56
C MET L 494 23.45 -20.91 -3.94
N ASP L 495 23.42 -22.19 -4.31
CA ASP L 495 22.76 -22.56 -5.55
C ASP L 495 21.26 -22.29 -5.48
N ASN L 496 20.70 -22.15 -4.28
CA ASN L 496 19.30 -21.83 -4.09
C ASN L 496 19.10 -20.43 -3.53
N VAL L 497 20.09 -19.55 -3.65
CA VAL L 497 19.98 -18.18 -3.17
C VAL L 497 19.88 -17.26 -4.38
N ASN L 498 18.91 -16.34 -4.35
CA ASN L 498 18.61 -15.46 -5.47
C ASN L 498 19.86 -14.70 -5.90
N PRO L 499 20.38 -14.96 -7.10
CA PRO L 499 21.62 -14.31 -7.53
C PRO L 499 21.42 -12.87 -7.95
N PHE L 500 20.21 -12.56 -8.41
CA PHE L 500 19.90 -11.20 -8.84
C PHE L 500 19.82 -10.22 -7.69
N ASN L 501 19.77 -10.70 -6.45
CA ASN L 501 19.87 -9.85 -5.27
C ASN L 501 21.34 -9.65 -4.88
N HIS L 502 22.10 -9.13 -5.84
CA HIS L 502 23.52 -8.92 -5.68
C HIS L 502 23.86 -7.50 -6.12
N HIS L 503 24.85 -6.91 -5.46
CA HIS L 503 25.28 -5.57 -5.84
C HIS L 503 25.98 -5.54 -7.19
N ARG L 504 26.31 -6.70 -7.75
CA ARG L 504 26.84 -6.81 -9.11
C ARG L 504 25.74 -7.07 -10.13
N ASN L 505 24.48 -6.87 -9.75
CA ASN L 505 23.38 -6.92 -10.71
C ASN L 505 23.45 -5.67 -11.56
N TRP L 506 24.06 -5.80 -12.74
CA TRP L 506 24.35 -4.63 -13.56
C TRP L 506 23.07 -3.91 -13.99
N GLY L 507 22.03 -4.67 -14.34
CA GLY L 507 20.78 -4.05 -14.73
C GLY L 507 20.15 -3.24 -13.61
N LEU L 508 20.08 -3.83 -12.41
CA LEU L 508 19.55 -3.11 -11.26
C LEU L 508 20.48 -1.95 -10.87
N LYS L 509 21.79 -2.16 -11.03
CA LYS L 509 22.76 -1.11 -10.77
C LYS L 509 22.48 0.12 -11.63
N TYR L 510 22.30 -0.09 -12.94
CA TYR L 510 21.99 0.99 -13.86
C TYR L 510 20.61 1.58 -13.59
N ARG L 511 19.64 0.74 -13.21
CA ARG L 511 18.30 1.23 -12.94
C ARG L 511 18.26 2.11 -11.70
N SER L 512 19.08 1.80 -10.70
CA SER L 512 19.17 2.65 -9.52
C SER L 512 19.98 3.91 -9.77
N GLN L 513 21.04 3.82 -10.59
CA GLN L 513 21.82 5.00 -10.91
C GLN L 513 21.11 5.94 -11.87
N LEU L 514 20.00 5.52 -12.47
CA LEU L 514 19.18 6.43 -13.26
C LEU L 514 18.39 7.40 -12.39
N LEU L 515 18.26 7.10 -11.10
CA LEU L 515 17.50 7.95 -10.19
C LEU L 515 18.36 8.97 -9.47
N GLY L 516 19.65 8.72 -9.33
CA GLY L 516 20.56 9.61 -8.65
C GLY L 516 21.41 8.89 -7.64
N ASN L 517 22.20 9.68 -6.91
CA ASN L 517 23.09 9.16 -5.88
C ASN L 517 22.55 9.36 -4.47
N SER L 518 21.32 9.83 -4.34
CA SER L 518 20.72 10.06 -3.03
C SER L 518 19.47 9.20 -2.90
N ARG L 519 19.01 9.04 -1.65
CA ARG L 519 17.79 8.30 -1.37
C ARG L 519 16.56 9.18 -1.51
N TYR L 520 16.72 10.47 -1.81
CA TYR L 520 15.63 11.40 -1.99
C TYR L 520 15.58 11.75 -3.47
N VAL L 521 14.68 11.10 -4.20
CA VAL L 521 14.62 11.20 -5.65
C VAL L 521 13.33 11.90 -6.06
N ASN L 522 13.47 12.95 -6.87
CA ASN L 522 12.33 13.60 -7.51
C ASN L 522 12.26 13.07 -8.94
N PHE L 523 11.76 11.84 -9.07
CA PHE L 523 11.85 11.13 -10.33
C PHE L 523 10.88 11.71 -11.35
N HIS L 524 11.15 11.39 -12.62
CA HIS L 524 10.21 11.61 -13.72
C HIS L 524 10.38 10.42 -14.66
N ILE L 525 9.45 9.48 -14.59
CA ILE L 525 9.56 8.22 -15.32
C ILE L 525 8.35 8.06 -16.22
N GLN L 526 8.53 7.26 -17.27
CA GLN L 526 7.48 6.96 -18.23
C GLN L 526 7.29 5.46 -18.28
N VAL L 527 6.10 5.00 -17.91
CA VAL L 527 5.79 3.58 -17.76
C VAL L 527 4.96 3.14 -18.95
N PRO L 528 5.31 2.05 -19.62
CA PRO L 528 4.53 1.60 -20.77
C PRO L 528 3.33 0.77 -20.35
N GLN L 529 2.35 0.73 -21.24
CA GLN L 529 1.20 -0.16 -21.08
C GLN L 529 1.59 -1.57 -21.49
N LYS L 530 1.28 -2.54 -20.64
CA LYS L 530 1.72 -3.91 -20.86
C LYS L 530 0.59 -4.92 -21.02
N PHE L 531 -0.65 -4.56 -20.73
CA PHE L 531 -1.75 -5.50 -20.91
C PHE L 531 -1.92 -5.82 -22.39
N PHE L 532 -1.87 -7.10 -22.73
CA PHE L 532 -1.74 -7.52 -24.12
C PHE L 532 -2.90 -7.03 -24.98
N ALA L 533 -4.11 -6.96 -24.41
CA ALA L 533 -5.26 -6.53 -25.20
C ALA L 533 -5.14 -5.06 -25.60
N ILE L 534 -4.48 -4.24 -24.78
CA ILE L 534 -4.34 -2.83 -25.05
C ILE L 534 -2.87 -2.40 -25.11
N LYS L 535 -1.95 -3.35 -25.09
CA LYS L 535 -0.55 -3.03 -25.27
C LYS L 535 -0.29 -2.48 -26.66
N ASN L 536 -0.94 -3.05 -27.67
CA ASN L 536 -0.73 -2.66 -29.06
C ASN L 536 -2.03 -2.35 -29.78
N LEU L 537 -3.11 -2.09 -29.04
CA LEU L 537 -4.39 -1.82 -29.67
C LEU L 537 -4.36 -0.52 -30.46
N LEU L 538 -5.01 -0.52 -31.61
CA LEU L 538 -5.17 0.67 -32.44
C LEU L 538 -6.61 1.14 -32.33
N LEU L 539 -6.84 2.14 -31.47
CA LEU L 539 -8.16 2.72 -31.34
C LEU L 539 -8.47 3.62 -32.53
N LEU L 540 -9.72 3.57 -32.99
CA LEU L 540 -10.17 4.42 -34.07
C LEU L 540 -10.75 5.70 -33.48
N SER L 541 -11.42 6.49 -34.32
CA SER L 541 -11.98 7.76 -33.86
C SER L 541 -13.05 7.51 -32.80
N GLY L 542 -13.09 8.38 -31.81
CA GLY L 542 -14.05 8.27 -30.73
C GLY L 542 -13.48 8.83 -29.45
N SER L 543 -14.34 8.83 -28.43
CA SER L 543 -13.98 9.32 -27.10
C SER L 543 -13.97 8.13 -26.15
N TYR L 544 -12.82 7.92 -25.49
CA TYR L 544 -12.61 6.78 -24.61
C TYR L 544 -12.14 7.26 -23.25
N THR L 545 -12.45 6.48 -22.22
CA THR L 545 -11.88 6.67 -20.89
C THR L 545 -10.97 5.49 -20.59
N TYR L 546 -9.76 5.78 -20.14
CA TYR L 546 -8.74 4.76 -19.88
C TYR L 546 -8.22 4.99 -18.47
N GLU L 547 -8.89 4.40 -17.50
CA GLU L 547 -8.54 4.56 -16.09
C GLU L 547 -7.63 3.42 -15.66
N TRP L 548 -6.54 3.77 -14.98
CA TRP L 548 -5.62 2.79 -14.43
C TRP L 548 -5.22 3.23 -13.04
N VAL L 549 -4.58 2.33 -12.30
CA VAL L 549 -4.16 2.59 -10.94
C VAL L 549 -2.70 2.20 -10.79
N LEU L 550 -1.94 3.03 -10.07
CA LEU L 550 -0.52 2.86 -9.89
C LEU L 550 -0.24 2.24 -8.53
N ARG L 551 0.70 1.30 -8.48
CA ARG L 551 1.10 0.71 -7.22
C ARG L 551 1.91 1.71 -6.39
N LYS L 552 1.72 1.65 -5.08
CA LYS L 552 2.52 2.45 -4.15
C LYS L 552 3.30 1.59 -3.16
N ASP L 553 3.26 0.27 -3.31
CA ASP L 553 3.98 -0.62 -2.41
C ASP L 553 5.48 -0.51 -2.68
N PRO L 554 6.30 -0.14 -1.68
CA PRO L 554 7.75 -0.07 -1.92
C PRO L 554 8.36 -1.39 -2.36
N ASN L 555 7.89 -2.52 -1.82
CA ASN L 555 8.47 -3.79 -2.18
C ASN L 555 8.12 -4.19 -3.61
N MET L 556 6.97 -3.72 -4.12
CA MET L 556 6.58 -4.03 -5.49
C MET L 556 7.28 -3.11 -6.48
N ILE L 557 7.04 -1.80 -6.35
CA ILE L 557 7.49 -0.86 -7.37
C ILE L 557 9.01 -0.74 -7.39
N LEU L 558 9.67 -0.93 -6.24
CA LEU L 558 11.10 -0.76 -6.13
C LEU L 558 11.80 -2.11 -5.97
N GLN L 559 13.04 -2.17 -6.44
CA GLN L 559 13.86 -3.37 -6.33
C GLN L 559 15.12 -3.05 -5.56
N SER L 560 15.44 -3.89 -4.58
CA SER L 560 16.66 -3.76 -3.79
C SER L 560 17.68 -4.79 -4.26
N SER L 561 18.95 -4.48 -4.03
CA SER L 561 20.02 -5.42 -4.29
C SER L 561 20.24 -6.38 -3.13
N LEU L 562 19.46 -6.25 -2.06
CA LEU L 562 19.55 -7.14 -0.92
C LEU L 562 18.25 -7.87 -0.61
N GLY L 563 17.11 -7.37 -1.07
CA GLY L 563 15.84 -7.99 -0.78
C GLY L 563 15.24 -7.64 0.55
N ASN L 564 15.77 -6.63 1.24
CA ASN L 564 15.26 -6.24 2.54
C ASN L 564 13.87 -5.63 2.41
N ASP L 565 13.11 -5.68 3.50
CA ASP L 565 11.77 -5.12 3.53
C ASP L 565 11.85 -3.60 3.47
N LEU L 566 11.44 -3.03 2.35
CA LEU L 566 11.53 -1.58 2.19
C LEU L 566 10.51 -0.84 3.05
N ARG L 567 9.34 -1.43 3.28
CA ARG L 567 8.36 -0.78 4.14
C ARG L 567 8.91 -0.62 5.55
N ALA L 568 9.58 -1.65 6.06
CA ALA L 568 10.27 -1.55 7.33
C ALA L 568 11.57 -0.76 7.25
N ASP L 569 12.07 -0.51 6.03
CA ASP L 569 13.30 0.24 5.83
C ASP L 569 13.03 1.66 5.33
N GLY L 570 11.83 2.18 5.55
CA GLY L 570 11.57 3.59 5.32
C GLY L 570 11.50 4.03 3.88
N ALA L 571 11.09 3.17 2.97
CA ALA L 571 10.90 3.55 1.58
C ALA L 571 9.46 4.01 1.36
N SER L 572 9.31 5.11 0.65
CA SER L 572 7.98 5.66 0.37
C SER L 572 8.02 6.43 -0.95
N ILE L 573 6.84 6.57 -1.55
CA ILE L 573 6.70 7.26 -2.82
C ILE L 573 5.46 8.15 -2.78
N ILE L 574 5.57 9.34 -3.34
CA ILE L 574 4.46 10.29 -3.44
C ILE L 574 4.32 10.66 -4.91
N TYR L 575 3.15 10.42 -5.48
CA TYR L 575 2.90 10.74 -6.88
C TYR L 575 2.33 12.16 -6.97
N ASN L 576 2.99 13.02 -7.75
CA ASN L 576 2.53 14.39 -7.91
C ASN L 576 1.65 14.54 -9.15
N GLU L 577 2.19 14.21 -10.32
CA GLU L 577 1.47 14.37 -11.58
C GLU L 577 1.72 13.17 -12.47
N VAL L 578 0.68 12.40 -12.75
CA VAL L 578 0.77 11.21 -13.60
C VAL L 578 -0.06 11.49 -14.84
N ASN L 579 0.58 11.92 -15.91
CA ASN L 579 -0.09 12.22 -17.16
C ASN L 579 0.09 11.08 -18.16
N LEU L 580 -0.81 11.02 -19.13
CA LEU L 580 -0.77 10.01 -20.17
C LEU L 580 -0.42 10.68 -21.49
N MET L 581 0.68 10.25 -22.10
CA MET L 581 1.09 10.77 -23.38
C MET L 581 0.60 9.87 -24.50
N ALA L 582 0.63 10.39 -25.72
CA ALA L 582 0.18 9.62 -26.88
C ALA L 582 0.77 10.23 -28.14
N ASN L 583 1.17 9.36 -29.07
CA ASN L 583 1.65 9.77 -30.39
C ASN L 583 0.56 9.47 -31.42
N PHE L 584 0.25 10.46 -32.24
CA PHE L 584 -0.74 10.33 -33.29
C PHE L 584 -0.06 10.55 -34.63
N MET L 585 -0.12 9.56 -35.51
CA MET L 585 0.39 9.75 -36.86
C MET L 585 -0.46 10.77 -37.59
N PRO L 586 0.14 11.80 -38.18
CA PRO L 586 -0.66 12.80 -38.89
C PRO L 586 -1.10 12.32 -40.25
N MET L 587 -1.56 11.08 -40.35
CA MET L 587 -1.92 10.54 -41.65
C MET L 587 -3.14 11.26 -42.21
N ASP L 588 -3.24 11.27 -43.54
CA ASP L 588 -4.27 12.04 -44.22
C ASP L 588 -5.65 11.72 -43.67
N HIS L 589 -6.40 12.77 -43.34
CA HIS L 589 -7.76 12.57 -42.84
C HIS L 589 -8.61 11.86 -43.88
N ASN L 590 -8.39 12.16 -45.16
CA ASN L 590 -9.08 11.43 -46.21
C ASN L 590 -8.74 9.95 -46.18
N THR L 591 -7.48 9.61 -45.97
CA THR L 591 -7.06 8.21 -45.92
C THR L 591 -7.18 7.59 -44.54
N SER L 592 -7.10 8.39 -43.47
CA SER L 592 -7.42 7.85 -42.16
C SER L 592 -8.89 7.49 -42.07
N ASN L 593 -9.75 8.20 -42.80
CA ASN L 593 -11.14 7.77 -42.91
C ASN L 593 -11.26 6.42 -43.61
N GLN L 594 -10.49 6.22 -44.69
CA GLN L 594 -10.50 4.93 -45.36
C GLN L 594 -10.03 3.83 -44.42
N LEU L 595 -8.98 4.10 -43.66
CA LEU L 595 -8.52 3.15 -42.67
C LEU L 595 -9.59 2.84 -41.64
N GLU L 596 -10.31 3.87 -41.20
CA GLU L 596 -11.36 3.66 -40.21
C GLU L 596 -12.49 2.79 -40.77
N LEU L 597 -12.92 3.06 -42.00
CA LEU L 597 -13.95 2.21 -42.60
C LEU L 597 -13.46 0.78 -42.82
N MET L 598 -12.22 0.58 -43.25
CA MET L 598 -11.75 -0.78 -43.46
C MET L 598 -11.36 -1.47 -42.17
N LEU L 599 -11.27 -0.74 -41.06
CA LEU L 599 -10.99 -1.33 -39.76
C LEU L 599 -12.22 -1.53 -38.89
N ARG L 600 -13.32 -0.83 -39.18
CA ARG L 600 -14.58 -1.10 -38.51
C ARG L 600 -15.32 -2.27 -39.12
N ASN L 601 -14.85 -2.79 -40.25
CA ASN L 601 -15.44 -3.99 -40.82
C ASN L 601 -15.11 -5.19 -39.96
N ALA L 602 -16.12 -6.05 -39.75
CA ALA L 602 -15.99 -7.10 -38.74
C ALA L 602 -14.88 -8.09 -39.09
N THR L 603 -14.75 -8.45 -40.37
CA THR L 603 -13.82 -9.51 -40.74
C THR L 603 -12.37 -9.14 -40.50
N ASN L 604 -12.04 -7.85 -40.49
CA ASN L 604 -10.68 -7.39 -40.26
C ASN L 604 -10.64 -6.45 -39.05
N ASP L 605 -10.55 -7.05 -37.87
CA ASP L 605 -10.45 -6.31 -36.63
C ASP L 605 -9.28 -6.87 -35.82
N GLN L 606 -8.67 -6.01 -35.02
CA GLN L 606 -7.44 -6.35 -34.34
C GLN L 606 -7.64 -7.55 -33.42
N THR L 607 -6.74 -8.51 -33.50
CA THR L 607 -6.73 -9.68 -32.64
C THR L 607 -5.40 -9.73 -31.90
N PHE L 608 -5.44 -9.85 -30.59
CA PHE L 608 -4.25 -9.83 -29.76
C PHE L 608 -4.21 -11.07 -28.88
N VAL L 609 -3.00 -11.56 -28.64
CA VAL L 609 -2.77 -12.69 -27.75
C VAL L 609 -1.69 -12.28 -26.75
N ASP L 610 -1.84 -12.74 -25.51
CA ASP L 610 -0.78 -12.58 -24.54
C ASP L 610 0.41 -13.42 -25.00
N TYR L 611 1.59 -12.80 -25.04
CA TYR L 611 2.75 -13.49 -25.62
C TYR L 611 3.13 -14.71 -24.81
N LEU L 612 3.11 -14.60 -23.48
CA LEU L 612 3.49 -15.74 -22.65
C LEU L 612 2.62 -16.95 -22.96
N GLY L 613 1.34 -16.72 -23.21
CA GLY L 613 0.44 -17.79 -23.59
C GLY L 613 0.40 -18.90 -22.56
N ALA L 614 0.29 -18.53 -21.28
CA ALA L 614 0.35 -19.50 -20.21
C ALA L 614 -0.66 -19.13 -19.14
N LYS L 615 -1.41 -20.12 -18.66
CA LYS L 615 -2.16 -19.98 -17.43
C LYS L 615 -1.22 -20.25 -16.26
N ASN L 616 -1.17 -19.33 -15.31
CA ASN L 616 -0.17 -19.35 -14.24
C ASN L 616 -0.80 -19.86 -12.97
N ALA L 617 -0.28 -20.97 -12.45
CA ALA L 617 -0.73 -21.53 -11.19
C ALA L 617 0.47 -21.71 -10.28
N LEU L 618 0.35 -21.22 -9.05
CA LEU L 618 1.38 -21.38 -8.03
C LEU L 618 0.93 -22.42 -7.04
N TYR L 619 1.65 -23.54 -6.97
CA TYR L 619 1.33 -24.63 -6.07
C TYR L 619 2.33 -24.62 -4.92
N SER L 620 1.84 -24.37 -3.71
CA SER L 620 2.73 -24.20 -2.57
C SER L 620 3.42 -25.50 -2.22
N VAL L 621 4.67 -25.37 -1.76
CA VAL L 621 5.46 -26.50 -1.30
C VAL L 621 6.08 -26.08 0.03
N PRO L 622 5.85 -26.81 1.13
CA PRO L 622 6.47 -26.41 2.41
C PRO L 622 7.98 -26.53 2.39
N ALA L 623 8.62 -26.16 3.49
CA ALA L 623 10.07 -26.05 3.51
C ALA L 623 10.74 -27.39 3.22
N GLY L 624 10.52 -28.37 4.10
CA GLY L 624 11.27 -29.62 4.00
C GLY L 624 10.73 -30.61 3.00
N SER L 625 9.50 -30.43 2.52
CA SER L 625 8.88 -31.43 1.65
C SER L 625 9.61 -31.51 0.32
N THR L 626 9.82 -32.74 -0.14
CA THR L 626 10.53 -33.01 -1.38
C THR L 626 9.62 -33.52 -2.49
N ALA L 627 8.30 -33.44 -2.30
CA ALA L 627 7.36 -33.95 -3.29
C ALA L 627 6.14 -33.03 -3.36
N LEU L 628 5.45 -33.10 -4.47
CA LEU L 628 4.25 -32.31 -4.69
C LEU L 628 3.39 -32.98 -5.75
N THR L 629 2.08 -32.99 -5.52
CA THR L 629 1.12 -33.53 -6.48
C THR L 629 0.15 -32.43 -6.89
N ILE L 630 -0.18 -32.40 -8.18
CA ILE L 630 -1.07 -31.39 -8.75
C ILE L 630 -2.27 -32.12 -9.31
N ASN L 631 -3.36 -32.15 -8.56
CA ASN L 631 -4.60 -32.78 -8.99
C ASN L 631 -5.49 -31.71 -9.61
N ILE L 632 -5.58 -31.71 -10.93
CA ILE L 632 -6.44 -30.79 -11.66
C ILE L 632 -7.61 -31.60 -12.22
N PRO L 633 -8.84 -31.13 -12.07
CA PRO L 633 -9.99 -31.97 -12.46
C PRO L 633 -10.16 -32.11 -13.96
N ALA L 634 -11.24 -32.80 -14.36
CA ALA L 634 -11.48 -33.04 -15.77
C ALA L 634 -11.67 -31.73 -16.53
N ARG L 635 -10.98 -31.60 -17.65
CA ARG L 635 -11.03 -30.39 -18.48
C ARG L 635 -10.98 -30.80 -19.94
N THR L 636 -11.21 -29.83 -20.81
CA THR L 636 -11.32 -30.12 -22.23
C THR L 636 -10.03 -29.90 -23.01
N TRP L 637 -8.99 -29.35 -22.41
CA TRP L 637 -7.65 -29.25 -22.99
C TRP L 637 -7.66 -28.90 -24.48
N GLU L 638 -8.61 -28.06 -24.90
CA GLU L 638 -8.86 -27.84 -26.32
C GLU L 638 -7.89 -26.79 -26.84
N GLY L 639 -6.66 -27.23 -27.05
CA GLY L 639 -5.61 -26.37 -27.56
C GLY L 639 -4.44 -26.14 -26.62
N MET L 640 -4.20 -27.03 -25.66
CA MET L 640 -3.11 -26.84 -24.73
C MET L 640 -1.77 -26.94 -25.44
N ARG L 641 -0.88 -25.99 -25.15
CA ARG L 641 0.41 -25.93 -25.80
C ARG L 641 1.47 -26.77 -25.11
N GLY L 642 1.34 -27.00 -23.81
CA GLY L 642 2.30 -27.79 -23.10
C GLY L 642 2.38 -27.36 -21.64
N TRP L 643 3.55 -27.58 -21.05
CA TRP L 643 3.80 -27.24 -19.66
C TRP L 643 5.09 -26.44 -19.54
N SER L 644 5.10 -25.53 -18.57
CA SER L 644 6.29 -24.77 -18.22
C SER L 644 6.29 -24.56 -16.71
N PHE L 645 7.40 -24.85 -16.06
CA PHE L 645 7.35 -24.91 -14.61
C PHE L 645 8.72 -24.65 -14.01
N THR L 646 8.74 -23.82 -12.96
CA THR L 646 9.85 -23.71 -12.02
C THR L 646 9.27 -23.60 -10.62
N ARG L 647 10.15 -23.45 -9.64
CA ARG L 647 9.73 -23.21 -8.27
C ARG L 647 10.28 -21.86 -7.82
N ILE L 648 9.44 -21.07 -7.17
CA ILE L 648 9.79 -19.75 -6.67
C ILE L 648 9.60 -19.73 -5.17
N LYS L 649 10.49 -19.04 -4.47
CA LYS L 649 10.35 -18.91 -3.02
C LYS L 649 9.07 -18.15 -2.69
N ALA L 650 8.31 -18.69 -1.74
CA ALA L 650 7.06 -18.05 -1.35
C ALA L 650 7.29 -16.69 -0.74
N ALA L 651 8.41 -16.50 -0.04
CA ALA L 651 8.73 -15.21 0.54
C ALA L 651 9.02 -14.16 -0.53
N GLU L 652 9.41 -14.58 -1.74
CA GLU L 652 9.74 -13.66 -2.82
C GLU L 652 8.64 -13.56 -3.85
N THR L 653 7.44 -14.05 -3.56
CA THR L 653 6.33 -14.01 -4.49
C THR L 653 5.13 -13.31 -3.84
N PRO L 654 4.59 -12.26 -4.45
CA PRO L 654 3.41 -11.60 -3.88
C PRO L 654 2.19 -12.49 -4.00
N GLN L 655 1.18 -12.17 -3.19
CA GLN L 655 -0.11 -12.84 -3.33
C GLN L 655 -0.71 -12.51 -4.68
N LEU L 656 -1.28 -13.53 -5.32
CA LEU L 656 -1.77 -13.36 -6.69
C LEU L 656 -2.99 -12.45 -6.72
N GLY L 657 -2.97 -11.47 -7.62
CA GLY L 657 -4.11 -10.57 -7.78
C GLY L 657 -4.48 -9.79 -6.54
N ALA L 658 -3.53 -9.58 -5.64
CA ALA L 658 -3.80 -8.90 -4.38
C ALA L 658 -3.57 -7.41 -4.52
N GLN L 659 -4.48 -6.62 -3.96
CA GLN L 659 -4.31 -5.17 -3.94
C GLN L 659 -3.07 -4.78 -3.14
N TYR L 660 -2.86 -5.44 -2.00
CA TYR L 660 -1.72 -5.17 -1.15
C TYR L 660 -1.40 -6.43 -0.35
N ASP L 661 -0.19 -6.93 -0.49
CA ASP L 661 0.25 -8.15 0.19
C ASP L 661 1.00 -7.76 1.45
N VAL L 662 0.33 -7.88 2.60
CA VAL L 662 0.98 -7.54 3.86
C VAL L 662 2.08 -8.53 4.20
N ASN L 663 1.91 -9.80 3.85
CA ASN L 663 2.92 -10.81 4.14
C ASN L 663 4.18 -10.63 3.29
N PHE L 664 4.08 -9.90 2.17
CA PHE L 664 5.19 -9.72 1.25
C PHE L 664 6.15 -8.69 1.85
N LYS L 665 7.20 -9.17 2.48
CA LYS L 665 8.18 -8.29 3.13
C LYS L 665 9.56 -8.48 2.49
N TYR L 666 9.58 -8.50 1.16
CA TYR L 666 10.79 -8.73 0.39
C TYR L 666 10.78 -7.79 -0.81
N SER L 667 11.92 -7.18 -1.09
CA SER L 667 12.00 -6.17 -2.15
C SER L 667 13.15 -6.46 -3.11
N GLY L 668 13.50 -7.72 -3.29
CA GLY L 668 14.50 -8.08 -4.26
C GLY L 668 13.87 -8.31 -5.62
N SER L 669 14.21 -9.42 -6.28
CA SER L 669 13.73 -9.73 -7.61
C SER L 669 12.64 -10.79 -7.51
N ILE L 670 11.40 -10.39 -7.75
CA ILE L 670 10.30 -11.36 -7.83
C ILE L 670 10.44 -12.14 -9.12
N ALA L 671 10.84 -13.41 -9.01
CA ALA L 671 10.99 -14.26 -10.18
C ALA L 671 9.66 -14.50 -10.88
N TYR L 672 8.54 -14.28 -10.21
CA TYR L 672 7.24 -14.43 -10.85
C TYR L 672 6.97 -13.30 -11.83
N SER L 673 7.22 -12.06 -11.42
CA SER L 673 6.90 -10.91 -12.25
C SER L 673 7.91 -10.74 -13.38
N ASP L 674 9.20 -10.85 -13.10
CA ASP L 674 10.23 -10.76 -14.12
C ASP L 674 10.68 -12.16 -14.51
N GLY L 675 11.72 -12.24 -15.33
CA GLY L 675 12.21 -13.53 -15.75
C GLY L 675 13.32 -14.06 -14.87
N GLY L 676 13.45 -13.48 -13.68
CA GLY L 676 14.56 -13.83 -12.80
C GLY L 676 14.44 -15.19 -12.17
N PHE L 677 14.29 -16.23 -12.98
CA PHE L 677 14.17 -17.59 -12.47
C PHE L 677 15.55 -18.14 -12.16
N TYR L 678 15.70 -18.68 -10.94
CA TYR L 678 16.98 -19.24 -10.53
C TYR L 678 16.84 -20.59 -9.84
N LEU L 679 15.64 -21.09 -9.62
CA LEU L 679 15.42 -22.41 -9.03
C LEU L 679 14.86 -23.40 -10.05
N SER L 680 15.26 -23.25 -11.32
CA SER L 680 14.85 -24.20 -12.33
C SER L 680 15.44 -25.58 -12.06
N HIS L 681 16.59 -25.64 -11.39
CA HIS L 681 17.12 -26.90 -10.88
C HIS L 681 16.33 -27.25 -9.63
N THR L 682 16.81 -28.21 -8.85
CA THR L 682 16.08 -28.72 -7.69
C THR L 682 14.75 -29.35 -8.11
N PHE L 683 14.70 -29.85 -9.34
CA PHE L 683 13.55 -30.55 -9.88
C PHE L 683 14.01 -31.97 -10.19
N ARG L 684 13.72 -32.91 -9.29
CA ARG L 684 14.21 -34.28 -9.48
C ARG L 684 13.54 -34.94 -10.68
N ASN L 685 12.22 -34.90 -10.75
CA ASN L 685 11.50 -35.57 -11.83
C ASN L 685 10.07 -35.02 -11.91
N MET L 686 9.30 -35.56 -12.85
CA MET L 686 7.95 -35.09 -13.12
C MET L 686 7.15 -36.22 -13.75
N SER L 687 5.85 -36.26 -13.43
CA SER L 687 4.93 -37.21 -14.02
C SER L 687 3.67 -36.48 -14.47
N ILE L 688 3.10 -36.92 -15.59
CA ILE L 688 1.86 -36.35 -16.12
C ILE L 688 0.90 -37.50 -16.41
N LEU L 689 -0.33 -37.39 -15.92
CA LEU L 689 -1.32 -38.46 -16.00
C LEU L 689 -2.70 -37.89 -16.31
N PHE L 690 -3.08 -37.84 -17.58
CA PHE L 690 -4.39 -37.27 -17.94
C PHE L 690 -5.55 -37.99 -17.28
N ASP L 691 -5.38 -39.26 -16.98
CA ASP L 691 -6.26 -39.95 -16.05
C ASP L 691 -5.41 -40.53 -14.95
N THR L 692 -6.04 -41.26 -14.04
CA THR L 692 -5.26 -41.93 -13.00
C THR L 692 -4.38 -43.04 -13.57
N SER L 693 -4.41 -43.28 -14.89
CA SER L 693 -3.64 -44.34 -15.49
C SER L 693 -2.99 -44.00 -16.82
N ILE L 694 -3.10 -42.75 -17.29
CA ILE L 694 -2.64 -42.42 -18.64
C ILE L 694 -1.40 -41.53 -18.57
N ASN L 695 -0.21 -42.13 -18.59
CA ASN L 695 1.00 -41.34 -18.76
C ASN L 695 1.00 -40.72 -20.15
N TRP L 696 1.31 -39.42 -20.22
CA TRP L 696 1.10 -38.70 -21.47
C TRP L 696 1.97 -39.22 -22.60
N PRO L 697 3.32 -39.35 -22.46
CA PRO L 697 4.08 -40.04 -23.51
C PRO L 697 3.48 -41.41 -23.76
N GLY L 698 3.35 -42.20 -22.69
CA GLY L 698 2.53 -43.40 -22.67
C GLY L 698 2.68 -44.35 -23.83
N ASN L 699 3.79 -44.26 -24.55
CA ASN L 699 4.06 -45.15 -25.67
C ASN L 699 5.48 -45.69 -25.59
N ASP L 700 5.99 -45.84 -24.35
CA ASP L 700 7.38 -46.22 -24.11
C ASP L 700 8.33 -45.29 -24.84
N ARG L 701 7.97 -44.01 -24.94
CA ARG L 701 8.80 -43.05 -25.64
C ARG L 701 10.15 -42.89 -24.96
N LEU L 702 10.15 -42.37 -23.73
CA LEU L 702 11.37 -42.04 -23.05
C LEU L 702 12.04 -43.27 -22.46
N LEU L 703 13.31 -43.13 -22.12
CA LEU L 703 14.04 -44.20 -21.45
C LEU L 703 13.44 -44.51 -20.08
N THR L 704 12.68 -43.57 -19.52
CA THR L 704 11.87 -43.78 -18.31
C THR L 704 10.44 -43.45 -18.71
N PRO L 705 9.72 -44.41 -19.29
CA PRO L 705 8.46 -44.08 -19.96
C PRO L 705 7.39 -43.50 -19.05
N ASN L 706 7.45 -43.76 -17.76
CA ASN L 706 6.36 -43.38 -16.86
C ASN L 706 6.53 -41.99 -16.26
N MET L 707 7.65 -41.32 -16.47
CA MET L 707 7.83 -40.01 -15.85
C MET L 707 8.95 -39.25 -16.55
N PHE L 708 8.96 -37.94 -16.31
CA PHE L 708 9.96 -37.03 -16.89
C PHE L 708 11.10 -36.86 -15.89
N GLU L 709 12.03 -37.81 -15.92
CA GLU L 709 13.16 -37.77 -14.99
C GLU L 709 14.09 -36.62 -15.38
N ILE L 710 14.00 -35.52 -14.63
CA ILE L 710 14.81 -34.35 -14.96
C ILE L 710 16.28 -34.60 -14.64
N LYS L 711 16.58 -35.20 -13.49
CA LYS L 711 17.95 -35.46 -13.11
C LYS L 711 18.03 -36.70 -12.22
N ARG L 712 19.20 -37.33 -12.23
CA ARG L 712 19.49 -38.49 -11.39
C ARG L 712 20.75 -38.21 -10.60
N SER L 713 20.94 -39.00 -9.54
CA SER L 713 22.18 -38.94 -8.79
C SER L 713 23.27 -39.70 -9.55
N VAL L 714 24.31 -38.98 -9.97
CA VAL L 714 25.37 -39.61 -10.76
C VAL L 714 26.13 -40.64 -9.93
N ALA L 715 26.30 -40.39 -8.63
CA ALA L 715 26.99 -41.36 -7.78
C ALA L 715 26.23 -42.69 -7.75
N LEU L 716 24.91 -42.62 -7.59
CA LEU L 716 24.07 -43.81 -7.61
C LEU L 716 23.65 -44.20 -9.02
N ASP L 717 24.06 -43.43 -10.03
CA ASP L 717 23.76 -43.78 -11.40
C ASP L 717 24.55 -45.00 -11.84
N THR L 718 23.87 -45.92 -12.52
CA THR L 718 24.50 -47.16 -12.96
C THR L 718 24.37 -47.42 -14.45
N GLU L 719 23.20 -47.16 -15.03
CA GLU L 719 22.93 -47.50 -16.42
C GLU L 719 23.27 -46.37 -17.39
N GLY L 720 23.61 -45.20 -16.88
CA GLY L 720 23.78 -44.02 -17.72
C GLY L 720 22.62 -43.05 -17.52
N PHE L 721 22.01 -42.63 -18.63
CA PHE L 721 20.84 -41.76 -18.59
C PHE L 721 21.16 -40.42 -17.91
N THR L 722 22.41 -39.99 -17.98
CA THR L 722 22.80 -38.64 -17.58
C THR L 722 23.56 -38.02 -18.73
N MET L 723 23.16 -36.81 -19.11
CA MET L 723 23.53 -36.25 -20.40
C MET L 723 24.29 -34.95 -20.20
N SER L 724 25.20 -34.67 -21.13
CA SER L 724 25.91 -33.38 -21.20
C SER L 724 26.75 -33.12 -19.96
N GLN L 725 27.48 -34.14 -19.51
CA GLN L 725 28.50 -34.01 -18.46
C GLN L 725 27.93 -33.46 -17.15
N CYS L 726 26.68 -33.77 -16.85
CA CYS L 726 26.08 -33.39 -15.58
C CYS L 726 25.05 -34.47 -15.22
N ASP L 727 24.17 -34.15 -14.28
CA ASP L 727 23.17 -35.11 -13.82
C ASP L 727 21.83 -34.98 -14.53
N ILE L 728 21.71 -34.06 -15.50
CA ILE L 728 20.49 -34.01 -16.31
C ILE L 728 20.43 -35.26 -17.18
N THR L 729 19.21 -35.73 -17.42
CA THR L 729 19.03 -37.03 -18.04
C THR L 729 18.99 -36.92 -19.56
N LYS L 730 19.15 -38.07 -20.22
CA LYS L 730 19.01 -38.14 -21.67
C LYS L 730 17.62 -37.72 -22.11
N ASP L 731 16.60 -38.22 -21.42
CA ASP L 731 15.22 -37.93 -21.79
C ASP L 731 14.91 -36.45 -21.62
N TRP L 732 15.26 -35.89 -20.47
CA TRP L 732 14.99 -34.47 -20.21
C TRP L 732 15.76 -33.58 -21.16
N TYR L 733 17.02 -33.92 -21.44
CA TYR L 733 17.81 -33.14 -22.38
C TYR L 733 17.19 -33.19 -23.77
N LEU L 734 16.73 -34.37 -24.19
CA LEU L 734 16.05 -34.50 -25.47
C LEU L 734 14.81 -33.61 -25.51
N ILE L 735 14.02 -33.64 -24.43
CA ILE L 735 12.79 -32.86 -24.40
C ILE L 735 13.10 -31.37 -24.53
N GLN L 736 14.10 -30.91 -23.77
CA GLN L 736 14.42 -29.48 -23.78
C GLN L 736 14.98 -29.04 -25.13
N MET L 737 15.88 -29.82 -25.70
CA MET L 737 16.45 -29.46 -27.00
C MET L 737 15.39 -29.49 -28.09
N ALA L 738 14.49 -30.48 -28.06
CA ALA L 738 13.43 -30.54 -29.05
C ALA L 738 12.48 -29.36 -28.91
N THR L 739 12.17 -28.97 -27.67
CA THR L 739 11.27 -27.84 -27.45
C THR L 739 11.89 -26.55 -27.95
N ASN L 740 13.13 -26.27 -27.54
CA ASN L 740 13.72 -24.97 -27.82
C ASN L 740 14.24 -24.84 -29.25
N TYR L 741 14.75 -25.93 -29.84
CA TYR L 741 15.50 -25.83 -31.08
C TYR L 741 15.00 -26.74 -32.19
N ASN L 742 14.09 -27.67 -31.89
CA ASN L 742 13.28 -28.36 -32.90
C ASN L 742 14.08 -29.29 -33.80
N PHE L 743 15.25 -29.76 -33.35
CA PHE L 743 16.01 -30.76 -34.09
C PHE L 743 16.77 -31.60 -33.08
N VAL L 744 16.22 -32.78 -32.76
CA VAL L 744 16.92 -33.70 -31.85
C VAL L 744 17.09 -35.06 -32.52
N TYR L 745 16.17 -35.39 -33.41
CA TYR L 745 16.25 -36.66 -34.12
C TYR L 745 17.28 -36.62 -35.25
N ASN L 746 17.80 -35.44 -35.57
CA ASN L 746 18.84 -35.29 -36.58
C ASN L 746 20.16 -34.84 -35.97
N GLY L 747 20.27 -34.83 -34.64
CA GLY L 747 21.53 -34.53 -34.00
C GLY L 747 21.48 -33.45 -32.94
N TYR L 748 22.21 -33.64 -31.85
CA TYR L 748 22.39 -32.59 -30.86
C TYR L 748 23.50 -31.65 -31.31
N ARG L 749 23.21 -30.36 -31.36
CA ARG L 749 24.21 -29.36 -31.67
C ARG L 749 23.79 -28.04 -31.06
N PHE L 750 24.76 -27.14 -30.89
CA PHE L 750 24.48 -25.83 -30.33
C PHE L 750 23.76 -24.97 -31.36
N TRP L 751 22.79 -24.18 -30.87
CA TRP L 751 22.01 -23.29 -31.72
C TRP L 751 22.29 -21.85 -31.32
N PRO L 752 23.20 -21.15 -32.01
CA PRO L 752 23.57 -19.80 -31.58
C PRO L 752 22.56 -18.73 -31.99
N ASP L 753 21.61 -19.05 -32.87
CA ASP L 753 20.63 -18.07 -33.29
C ASP L 753 19.65 -17.69 -32.19
N ARG L 754 19.56 -18.48 -31.11
CA ARG L 754 18.69 -18.17 -30.00
C ARG L 754 19.44 -17.72 -28.76
N GLN L 755 20.74 -17.44 -28.88
CA GLN L 755 21.53 -16.98 -27.75
C GLN L 755 21.16 -15.57 -27.31
N TYR L 756 20.36 -14.86 -28.10
CA TYR L 756 19.87 -13.54 -27.69
C TYR L 756 18.65 -13.62 -26.77
N PHE L 757 18.03 -14.79 -26.64
CA PHE L 757 16.70 -14.85 -26.04
C PHE L 757 16.72 -14.59 -24.54
N HIS L 758 17.85 -14.86 -23.89
CA HIS L 758 18.04 -14.59 -22.46
C HIS L 758 17.18 -15.51 -21.60
N TYR L 759 16.34 -16.34 -22.21
CA TYR L 759 15.54 -17.31 -21.47
C TYR L 759 15.52 -18.68 -22.11
N ASP L 760 16.43 -18.94 -23.06
CA ASP L 760 16.46 -20.23 -23.73
C ASP L 760 17.28 -21.22 -22.91
N PHE L 761 17.58 -22.37 -23.50
CA PHE L 761 18.18 -23.48 -22.76
C PHE L 761 19.71 -23.43 -22.78
N LEU L 762 20.31 -23.51 -23.96
CA LEU L 762 21.77 -23.62 -24.06
C LEU L 762 22.49 -22.35 -23.65
N ARG L 763 21.80 -21.21 -23.66
CA ARG L 763 22.44 -19.95 -23.27
C ARG L 763 22.87 -20.00 -21.82
N ASN L 764 22.04 -20.56 -20.96
CA ASN L 764 22.20 -20.46 -19.51
C ASN L 764 22.15 -21.80 -18.80
N PHE L 765 22.17 -22.92 -19.55
CA PHE L 765 22.34 -24.24 -18.96
C PHE L 765 23.82 -24.47 -18.70
N ASP L 766 24.22 -24.42 -17.43
CA ASP L 766 25.62 -24.49 -17.03
C ASP L 766 25.85 -25.74 -16.20
N PRO L 767 26.36 -26.82 -16.79
CA PRO L 767 26.83 -27.96 -15.99
C PRO L 767 28.17 -27.65 -15.35
N MET L 768 28.35 -28.12 -14.12
CA MET L 768 29.63 -27.96 -13.45
C MET L 768 29.88 -29.18 -12.57
N THR L 769 31.14 -29.39 -12.22
CA THR L 769 31.54 -30.61 -11.52
C THR L 769 32.70 -30.33 -10.59
N ARG L 770 32.60 -30.84 -9.36
CA ARG L 770 33.70 -30.87 -8.41
C ARG L 770 33.90 -32.29 -7.92
N GLN L 771 34.97 -32.52 -7.17
CA GLN L 771 35.29 -33.86 -6.69
C GLN L 771 35.16 -33.99 -5.18
N GLY L 772 35.90 -33.18 -4.41
CA GLY L 772 35.74 -33.15 -2.97
C GLY L 772 36.31 -34.37 -2.28
N PRO L 773 36.92 -34.16 -1.12
CA PRO L 773 37.33 -35.30 -0.29
C PRO L 773 36.14 -36.14 0.13
N ASN L 774 36.38 -37.45 0.27
CA ASN L 774 35.37 -38.37 0.76
C ASN L 774 35.55 -38.52 2.26
N PHE L 775 34.74 -37.81 3.03
CA PHE L 775 34.81 -37.89 4.48
C PHE L 775 34.11 -39.16 4.94
N ALA L 776 33.86 -39.28 6.24
CA ALA L 776 33.39 -40.53 6.85
C ALA L 776 34.35 -41.68 6.55
N LEU L 777 35.64 -41.37 6.62
CA LEU L 777 36.73 -42.31 6.41
C LEU L 777 37.70 -42.19 7.58
N PRO L 778 38.70 -43.08 7.67
CA PRO L 778 39.65 -42.96 8.78
C PRO L 778 40.31 -41.59 8.91
N GLY L 779 40.68 -40.99 7.79
CA GLY L 779 41.15 -39.61 7.76
C GLY L 779 40.03 -38.66 7.40
N LEU L 780 40.41 -37.53 6.79
CA LEU L 780 39.45 -36.64 6.12
C LEU L 780 38.37 -36.16 7.09
N PHE L 781 38.81 -35.35 8.05
CA PHE L 781 38.00 -35.01 9.21
C PHE L 781 36.96 -33.93 8.94
N ASP L 782 36.99 -33.26 7.79
CA ASP L 782 35.99 -32.26 7.41
C ASP L 782 35.93 -31.13 8.45
N LEU L 783 37.04 -30.38 8.50
CA LEU L 783 37.22 -29.36 9.52
C LEU L 783 36.23 -28.20 9.38
N VAL L 784 35.66 -27.97 8.21
CA VAL L 784 34.80 -26.83 7.99
C VAL L 784 33.43 -27.09 8.60
N SER L 785 33.07 -26.30 9.60
CA SER L 785 31.76 -26.41 10.23
C SER L 785 30.80 -25.44 9.56
N TYR L 786 29.67 -25.96 9.10
CA TYR L 786 28.66 -25.16 8.41
C TYR L 786 27.57 -24.64 9.32
N THR L 787 27.57 -25.03 10.60
CA THR L 787 26.51 -24.65 11.52
C THR L 787 27.02 -23.65 12.55
N PRO L 788 26.54 -22.41 12.55
CA PRO L 788 26.97 -21.45 13.57
C PRO L 788 26.36 -21.77 14.93
N THR L 789 26.91 -21.15 15.95
CA THR L 789 26.47 -21.37 17.33
C THR L 789 25.28 -20.50 17.72
N THR L 790 24.84 -19.60 16.83
CA THR L 790 23.71 -18.69 17.04
C THR L 790 23.65 -18.15 18.48
N ASP L 791 24.81 -17.73 18.98
CA ASP L 791 24.91 -17.07 20.26
C ASP L 791 25.13 -15.58 20.08
N ASN L 792 24.97 -14.83 21.17
CA ASN L 792 25.08 -13.39 21.09
C ASN L 792 26.48 -12.95 20.70
N SER L 793 27.51 -13.55 21.31
CA SER L 793 28.88 -13.15 21.05
C SER L 793 29.27 -13.46 19.60
N GLY L 794 30.09 -12.58 19.05
CA GLY L 794 30.54 -12.73 17.67
C GLY L 794 31.71 -13.68 17.55
N GLU L 795 31.68 -14.76 18.31
CA GLU L 795 32.72 -15.78 18.33
C GLU L 795 32.14 -17.09 17.84
N GLN L 796 32.83 -17.73 16.90
CA GLN L 796 32.41 -19.00 16.33
C GLN L 796 33.58 -19.98 16.44
N PRO L 797 33.82 -20.53 17.63
CA PRO L 797 35.01 -21.37 17.82
C PRO L 797 35.03 -22.62 16.96
N SER L 798 33.89 -23.02 16.40
CA SER L 798 33.85 -24.16 15.50
C SER L 798 34.58 -23.89 14.18
N GLN L 799 34.93 -22.65 13.90
CA GLN L 799 35.62 -22.28 12.67
C GLN L 799 37.14 -22.32 12.81
N GLU L 800 37.66 -22.62 14.01
CA GLU L 800 39.09 -22.49 14.29
C GLU L 800 39.87 -23.76 13.98
N ALA L 801 39.41 -24.56 13.03
CA ALA L 801 40.06 -25.83 12.71
C ALA L 801 40.87 -25.80 11.43
N VAL L 802 40.81 -24.71 10.65
CA VAL L 802 41.33 -24.75 9.29
C VAL L 802 42.78 -24.26 9.18
N ARG L 803 43.22 -23.37 10.06
CA ARG L 803 44.62 -22.98 10.17
C ARG L 803 45.22 -22.52 8.85
N ASN L 804 44.40 -22.13 7.87
CA ASN L 804 44.90 -21.68 6.59
C ASN L 804 45.00 -20.16 6.59
N ASN L 805 46.11 -19.64 6.05
CA ASN L 805 46.45 -18.23 6.17
C ASN L 805 46.43 -17.81 7.64
N SER L 806 47.08 -18.62 8.46
CA SER L 806 46.89 -18.54 9.91
C SER L 806 47.26 -17.16 10.45
N GLY L 807 48.47 -16.70 10.16
CA GLY L 807 48.93 -15.44 10.69
C GLY L 807 48.76 -14.25 9.78
N PHE L 808 47.94 -14.37 8.73
CA PHE L 808 47.81 -13.32 7.74
C PHE L 808 46.38 -12.88 7.50
N ILE L 809 45.41 -13.48 8.18
CA ILE L 809 44.01 -13.07 8.11
C ILE L 809 43.45 -13.02 9.52
N ALA L 810 42.22 -12.53 9.63
CA ALA L 810 41.55 -12.48 10.91
C ALA L 810 41.28 -13.89 11.41
N PRO L 811 41.09 -14.06 12.73
CA PRO L 811 40.73 -15.38 13.23
C PRO L 811 39.43 -15.86 12.61
N ARG L 812 39.37 -17.15 12.31
CA ARG L 812 38.19 -17.71 11.66
C ARG L 812 36.96 -17.59 12.56
N SER L 813 37.13 -17.84 13.85
CA SER L 813 36.03 -17.64 14.79
C SER L 813 35.60 -16.17 14.82
N TRP L 814 36.53 -15.25 14.61
CA TRP L 814 36.20 -13.84 14.60
C TRP L 814 35.47 -13.48 13.31
N PRO L 815 34.78 -12.34 13.30
CA PRO L 815 34.17 -11.86 12.06
C PRO L 815 35.22 -11.67 10.97
N VAL L 816 34.78 -11.81 9.72
CA VAL L 816 35.71 -11.84 8.59
C VAL L 816 36.50 -10.54 8.48
N TRP L 817 35.82 -9.41 8.61
CA TRP L 817 36.44 -8.11 8.38
C TRP L 817 37.04 -7.49 9.64
N SER L 818 37.44 -8.31 10.60
CA SER L 818 38.22 -7.82 11.73
C SER L 818 39.70 -7.80 11.36
N ALA L 819 40.49 -7.19 12.23
CA ALA L 819 41.92 -7.07 11.97
C ALA L 819 42.59 -8.43 12.00
N HIS L 820 43.61 -8.59 11.15
CA HIS L 820 44.36 -9.83 11.12
C HIS L 820 45.14 -10.01 12.41
N GLN L 821 45.27 -11.26 12.84
CA GLN L 821 46.11 -11.58 13.99
C GLN L 821 46.45 -13.06 13.93
N GLY L 822 47.49 -13.44 14.67
CA GLY L 822 47.90 -14.82 14.73
C GLY L 822 49.38 -15.02 14.48
N GLU L 823 49.72 -16.16 13.86
CA GLU L 823 51.11 -16.47 13.57
C GLU L 823 51.14 -17.39 12.36
N SER L 824 52.29 -17.41 11.68
CA SER L 824 52.45 -18.26 10.52
C SER L 824 52.38 -19.72 10.94
N TRP L 825 51.66 -20.53 10.15
CA TRP L 825 51.45 -21.92 10.50
C TRP L 825 51.05 -22.67 9.25
N PRO L 826 51.46 -23.93 9.09
CA PRO L 826 51.03 -24.70 7.92
C PRO L 826 49.52 -24.91 7.92
N ALA L 827 48.93 -24.83 6.75
CA ALA L 827 47.51 -25.08 6.60
C ALA L 827 47.21 -26.56 6.77
N ASN L 828 45.96 -26.88 7.12
CA ASN L 828 45.59 -28.28 7.29
C ASN L 828 44.30 -28.63 6.56
N TRP L 829 43.40 -27.65 6.40
CA TRP L 829 42.06 -27.99 5.90
C TRP L 829 42.07 -28.47 4.47
N PRO L 830 42.50 -27.68 3.48
CA PRO L 830 42.21 -28.06 2.08
C PRO L 830 42.95 -29.33 1.69
N TYR L 831 42.22 -30.42 1.58
CA TYR L 831 42.83 -31.69 1.24
C TYR L 831 43.25 -31.66 -0.22
N PRO L 832 44.53 -31.84 -0.53
CA PRO L 832 44.97 -31.74 -1.93
C PRO L 832 44.31 -32.79 -2.80
N LEU L 833 43.47 -32.35 -3.73
CA LEU L 833 42.82 -33.25 -4.67
C LEU L 833 43.64 -33.45 -5.94
N CYS L 834 44.74 -32.71 -6.10
CA CYS L 834 45.60 -32.83 -7.26
C CYS L 834 47.05 -32.81 -6.79
N GLY L 835 47.96 -32.95 -7.74
CA GLY L 835 49.38 -32.92 -7.43
C GLY L 835 49.90 -34.27 -7.00
N GLN L 836 51.22 -34.32 -6.76
CA GLN L 836 51.87 -35.56 -6.38
C GLN L 836 51.45 -36.01 -4.99
N GLN L 837 51.25 -35.07 -4.08
CA GLN L 837 50.96 -35.36 -2.68
C GLN L 837 49.47 -35.25 -2.37
N ALA L 838 48.63 -35.65 -3.32
CA ALA L 838 47.19 -35.61 -3.14
C ALA L 838 46.72 -36.78 -2.28
N ILE L 839 45.43 -36.79 -1.96
CA ILE L 839 44.84 -37.87 -1.20
C ILE L 839 44.59 -39.05 -2.13
N GLN L 840 44.29 -40.21 -1.55
CA GLN L 840 44.17 -41.43 -2.34
C GLN L 840 42.96 -41.36 -3.27
N PRO L 841 43.02 -42.04 -4.42
CA PRO L 841 41.88 -42.02 -5.34
C PRO L 841 40.60 -42.59 -4.77
N GLY L 842 40.69 -43.45 -3.77
CA GLY L 842 39.51 -43.97 -3.11
C GLY L 842 38.92 -43.05 -2.07
N GLN L 843 39.56 -41.90 -1.83
CA GLN L 843 39.11 -40.93 -0.83
C GLN L 843 38.52 -39.68 -1.46
N VAL L 844 38.14 -39.73 -2.73
CA VAL L 844 37.54 -38.61 -3.43
C VAL L 844 36.14 -39.01 -3.91
N LEU L 845 35.35 -38.00 -4.27
CA LEU L 845 34.00 -38.23 -4.74
C LEU L 845 33.74 -37.47 -6.04
N SER L 846 32.49 -37.41 -6.46
CA SER L 846 32.11 -36.66 -7.65
C SER L 846 30.73 -36.04 -7.43
N TYR L 847 30.56 -34.82 -7.92
CA TYR L 847 29.36 -34.02 -7.63
C TYR L 847 28.82 -33.38 -8.90
N LYS L 848 28.63 -34.16 -9.95
CA LYS L 848 28.08 -33.63 -11.19
C LYS L 848 26.77 -32.89 -10.91
N LYS L 849 26.65 -31.68 -11.44
CA LYS L 849 25.56 -30.78 -11.11
C LYS L 849 25.43 -29.76 -12.23
N PHE L 850 24.25 -29.14 -12.31
CA PHE L 850 24.02 -28.09 -13.29
C PHE L 850 23.21 -26.97 -12.66
N LEU L 851 23.37 -25.77 -13.22
CA LEU L 851 22.53 -24.62 -12.91
C LEU L 851 21.96 -24.08 -14.21
N CYS L 852 20.67 -23.79 -14.22
CA CYS L 852 20.00 -23.27 -15.41
C CYS L 852 19.04 -22.19 -14.96
N ASP L 853 19.53 -20.94 -14.94
CA ASP L 853 18.74 -19.81 -14.47
C ASP L 853 17.95 -19.21 -15.62
N ASN L 854 16.82 -18.57 -15.26
CA ASN L 854 16.00 -17.84 -16.23
C ASN L 854 15.47 -18.73 -17.35
N TYR L 855 15.19 -20.00 -17.08
CA TYR L 855 14.82 -20.91 -18.17
C TYR L 855 13.36 -21.32 -18.17
N LEU L 856 12.80 -21.73 -17.04
CA LEU L 856 11.40 -22.16 -16.96
C LEU L 856 11.15 -23.39 -17.84
N TRP L 857 11.66 -24.52 -17.38
CA TRP L 857 11.55 -25.83 -18.06
C TRP L 857 10.25 -25.98 -18.83
N THR L 858 10.33 -26.37 -20.10
CA THR L 858 9.17 -26.48 -20.96
C THR L 858 8.98 -27.92 -21.42
N ILE L 859 7.74 -28.40 -21.34
CA ILE L 859 7.35 -29.68 -21.92
C ILE L 859 6.25 -29.42 -22.94
N PRO L 860 6.54 -29.42 -24.23
CA PRO L 860 5.52 -29.08 -25.21
C PRO L 860 4.54 -30.22 -25.39
N PHE L 861 3.26 -29.85 -25.53
CA PHE L 861 2.19 -30.84 -25.70
C PHE L 861 2.14 -31.34 -27.15
N SER L 862 3.28 -31.81 -27.63
CA SER L 862 3.42 -32.29 -29.00
C SER L 862 3.81 -33.77 -28.97
N SER L 863 3.34 -34.50 -29.99
CA SER L 863 3.57 -35.94 -30.02
C SER L 863 5.05 -36.26 -30.11
N ASP L 864 5.80 -35.55 -30.95
CA ASP L 864 7.22 -35.78 -31.13
C ASP L 864 8.08 -34.77 -30.37
N PHE L 865 7.48 -33.98 -29.49
CA PHE L 865 8.13 -33.02 -28.60
C PHE L 865 8.79 -31.87 -29.34
N MET L 866 8.65 -31.78 -30.66
CA MET L 866 9.17 -30.65 -31.41
C MET L 866 8.07 -29.63 -31.62
N TYR L 867 8.46 -28.47 -32.17
CA TYR L 867 7.52 -27.41 -32.49
C TYR L 867 7.08 -27.59 -33.94
N MET L 868 5.81 -27.94 -34.14
CA MET L 868 5.23 -28.03 -35.48
C MET L 868 4.07 -27.07 -35.66
N GLY L 869 3.96 -26.08 -34.78
CA GLY L 869 2.88 -25.11 -34.82
C GLY L 869 2.50 -24.71 -33.41
N GLU L 870 2.01 -23.48 -33.26
CA GLU L 870 1.60 -23.00 -31.95
C GLU L 870 0.43 -23.83 -31.42
N LEU L 871 -0.55 -24.11 -32.26
CA LEU L 871 -1.60 -25.07 -31.92
C LEU L 871 -0.99 -26.45 -32.10
N THR L 872 -0.63 -27.08 -31.00
CA THR L 872 0.26 -28.23 -31.01
C THR L 872 -0.37 -29.42 -31.72
N ASP L 873 0.43 -30.47 -31.89
CA ASP L 873 -0.04 -31.69 -32.52
C ASP L 873 -1.19 -32.30 -31.73
N LEU L 874 -1.05 -32.36 -30.41
CA LEU L 874 -2.07 -32.92 -29.53
C LEU L 874 -3.04 -31.87 -29.00
N GLY L 875 -2.82 -30.59 -29.32
CA GLY L 875 -3.78 -29.57 -28.93
C GLY L 875 -5.03 -29.54 -29.76
N GLN L 876 -5.06 -30.28 -30.88
CA GLN L 876 -6.25 -30.39 -31.72
C GLN L 876 -6.66 -31.84 -31.93
N ASN L 877 -6.12 -32.77 -31.17
CA ASN L 877 -6.52 -34.16 -31.24
C ASN L 877 -7.86 -34.34 -30.53
N PRO L 878 -8.87 -34.95 -31.15
CA PRO L 878 -10.16 -35.06 -30.47
C PRO L 878 -10.23 -36.22 -29.50
N MET L 879 -9.18 -36.39 -28.72
CA MET L 879 -9.20 -37.15 -27.47
C MET L 879 -9.23 -36.23 -26.28
N TYR L 880 -8.45 -35.15 -26.32
CA TYR L 880 -8.41 -34.15 -25.27
C TYR L 880 -9.41 -33.05 -25.53
N THR L 881 -9.41 -32.49 -26.75
CA THR L 881 -10.26 -31.34 -27.04
C THR L 881 -11.74 -31.66 -26.85
N ASN L 882 -12.18 -32.82 -27.32
CA ASN L 882 -13.59 -33.17 -27.29
C ASN L 882 -14.01 -33.95 -26.07
N ASN L 883 -13.07 -34.38 -25.23
CA ASN L 883 -13.39 -35.24 -24.09
C ASN L 883 -12.68 -34.75 -22.84
N SER L 884 -13.37 -34.85 -21.70
CA SER L 884 -12.85 -34.33 -20.44
C SER L 884 -11.84 -35.30 -19.85
N HIS L 885 -10.64 -34.81 -19.55
CA HIS L 885 -9.61 -35.58 -18.89
C HIS L 885 -9.04 -34.77 -17.73
N SER L 886 -8.66 -35.48 -16.66
CA SER L 886 -8.28 -34.88 -15.39
C SER L 886 -6.83 -35.26 -15.09
N MET L 887 -5.90 -34.43 -15.53
CA MET L 887 -4.50 -34.80 -15.45
C MET L 887 -3.93 -34.54 -14.05
N VAL L 888 -2.91 -35.33 -13.71
CA VAL L 888 -2.27 -35.29 -12.40
C VAL L 888 -0.78 -35.12 -12.62
N ILE L 889 -0.18 -34.17 -11.90
CA ILE L 889 1.27 -33.93 -11.99
C ILE L 889 1.90 -34.32 -10.68
N ASN L 890 2.91 -35.17 -10.74
CA ASN L 890 3.68 -35.59 -9.57
C ASN L 890 5.07 -35.00 -9.70
N PHE L 891 5.47 -34.18 -8.74
CA PHE L 891 6.78 -33.56 -8.70
C PHE L 891 7.59 -34.14 -7.56
N GLU L 892 8.88 -34.36 -7.81
CA GLU L 892 9.85 -34.62 -6.77
C GLU L 892 10.90 -33.52 -6.84
N LEU L 893 11.16 -32.88 -5.71
CA LEU L 893 11.96 -31.66 -5.68
C LEU L 893 13.09 -31.82 -4.68
N ASP L 894 14.16 -31.09 -4.90
CA ASP L 894 15.22 -31.03 -3.90
C ASP L 894 14.72 -30.23 -2.71
N PRO L 895 14.68 -30.80 -1.51
CA PRO L 895 14.10 -30.08 -0.36
C PRO L 895 14.98 -28.91 0.05
N MET L 896 14.40 -27.71 0.00
CA MET L 896 15.11 -26.52 0.44
C MET L 896 14.76 -26.24 1.89
N ASP L 897 15.17 -25.08 2.41
CA ASP L 897 15.01 -24.75 3.82
C ASP L 897 13.91 -23.73 4.07
N ASP L 898 13.19 -23.31 3.03
CA ASP L 898 12.16 -22.30 3.19
C ASP L 898 11.00 -22.62 2.27
N PRO L 899 9.78 -22.19 2.60
CA PRO L 899 8.62 -22.51 1.77
C PRO L 899 8.77 -21.89 0.39
N THR L 900 8.37 -22.65 -0.63
CA THR L 900 8.46 -22.20 -2.01
C THR L 900 7.18 -22.56 -2.75
N TYR L 901 6.82 -21.74 -3.71
CA TYR L 901 5.78 -22.08 -4.67
C TYR L 901 6.40 -22.86 -5.82
N VAL L 902 5.56 -23.61 -6.53
CA VAL L 902 5.95 -24.25 -7.77
C VAL L 902 5.20 -23.52 -8.87
N TYR L 903 5.92 -22.62 -9.56
CA TYR L 903 5.30 -21.77 -10.57
C TYR L 903 5.06 -22.60 -11.82
N MET L 904 3.88 -23.19 -11.90
CA MET L 904 3.51 -24.03 -13.04
C MET L 904 2.73 -23.21 -14.05
N LEU L 905 3.21 -23.22 -15.30
CA LEU L 905 2.60 -22.52 -16.40
C LEU L 905 2.07 -23.54 -17.39
N TYR L 906 0.79 -23.45 -17.71
CA TYR L 906 0.22 -24.30 -18.75
C TYR L 906 0.44 -23.62 -20.09
N GLY L 907 -0.08 -24.19 -21.17
CA GLY L 907 0.04 -23.54 -22.46
C GLY L 907 -1.31 -23.16 -22.99
N VAL L 908 -1.63 -21.87 -23.02
CA VAL L 908 -2.97 -21.43 -23.34
C VAL L 908 -2.94 -20.48 -24.51
N PHE L 909 -4.03 -20.48 -25.27
CA PHE L 909 -4.27 -19.49 -26.32
C PHE L 909 -5.19 -18.40 -25.80
N ASP L 910 -4.64 -17.58 -24.90
CA ASP L 910 -5.41 -16.49 -24.30
C ASP L 910 -5.43 -15.31 -25.27
N THR L 911 -6.38 -15.36 -26.21
CA THR L 911 -6.47 -14.41 -27.30
C THR L 911 -7.63 -13.46 -27.08
N VAL L 912 -7.50 -12.26 -27.63
CA VAL L 912 -8.55 -11.26 -27.66
C VAL L 912 -8.62 -10.69 -29.07
N ARG L 913 -9.82 -10.56 -29.62
CA ARG L 913 -10.04 -9.80 -30.83
C ARG L 913 -10.89 -8.59 -30.50
N VAL L 914 -10.39 -7.41 -30.86
CA VAL L 914 -11.01 -6.15 -30.49
C VAL L 914 -11.92 -5.72 -31.63
N ASN L 915 -13.20 -5.54 -31.33
CA ASN L 915 -14.22 -5.20 -32.32
C ASN L 915 -14.66 -3.77 -32.08
N GLN L 916 -14.56 -2.94 -33.12
CA GLN L 916 -14.95 -1.52 -33.07
C GLN L 916 -15.87 -1.24 -34.23
N PRO L 917 -17.12 -1.70 -34.17
CA PRO L 917 -17.98 -1.62 -35.36
C PRO L 917 -18.42 -0.21 -35.71
N GLU L 918 -18.72 0.63 -34.73
CA GLU L 918 -19.25 1.96 -34.98
C GLU L 918 -18.41 3.00 -34.25
N ARG L 919 -18.82 4.26 -34.36
CA ARG L 919 -18.18 5.33 -33.62
C ARG L 919 -18.36 5.09 -32.12
N ASN L 920 -17.32 5.43 -31.34
CA ASN L 920 -17.20 5.25 -29.90
C ASN L 920 -17.94 4.01 -29.40
N VAL L 921 -17.70 2.87 -30.06
CA VAL L 921 -18.18 1.57 -29.62
C VAL L 921 -16.98 0.64 -29.60
N LEU L 922 -16.46 0.37 -28.41
CA LEU L 922 -15.30 -0.50 -28.23
C LEU L 922 -15.74 -1.77 -27.50
N ALA L 923 -15.40 -2.92 -28.07
CA ALA L 923 -15.80 -4.19 -27.48
C ALA L 923 -14.71 -5.22 -27.73
N MET L 924 -14.43 -6.02 -26.71
CA MET L 924 -13.45 -7.10 -26.79
C MET L 924 -14.10 -8.41 -26.39
N ALA L 925 -13.64 -9.50 -27.02
CA ALA L 925 -14.06 -10.85 -26.67
C ALA L 925 -12.83 -11.65 -26.29
N TYR L 926 -12.81 -12.17 -25.07
CA TYR L 926 -11.66 -12.88 -24.53
C TYR L 926 -11.89 -14.38 -24.65
N PHE L 927 -10.82 -15.12 -24.96
CA PHE L 927 -10.91 -16.56 -25.02
C PHE L 927 -9.55 -17.16 -24.70
N ARG L 928 -9.56 -18.19 -23.86
CA ARG L 928 -8.36 -18.91 -23.44
C ARG L 928 -8.66 -20.40 -23.61
N THR L 929 -8.07 -21.03 -24.62
CA THR L 929 -8.56 -22.32 -25.12
C THR L 929 -8.50 -23.47 -24.11
N PRO L 930 -7.39 -23.72 -23.41
CA PRO L 930 -7.38 -24.87 -22.49
C PRO L 930 -8.13 -24.57 -21.21
N PHE L 931 -8.03 -23.34 -20.71
CA PHE L 931 -8.69 -22.94 -19.47
C PHE L 931 -9.51 -21.68 -19.75
N ALA L 932 -10.74 -21.88 -20.21
CA ALA L 932 -11.63 -20.76 -20.45
C ALA L 932 -12.09 -20.17 -19.12
N THR L 933 -12.39 -18.88 -19.14
CA THR L 933 -12.86 -18.18 -17.95
C THR L 933 -14.27 -17.64 -18.09
N GLY L 934 -14.89 -17.77 -19.26
CA GLY L 934 -16.21 -17.19 -19.47
C GLY L 934 -17.28 -17.94 -18.70
N ASN L 935 -18.35 -17.22 -18.38
CA ASN L 935 -19.47 -17.75 -17.63
C ASN L 935 -20.70 -17.88 -18.53
N ALA L 936 -21.71 -18.57 -18.00
CA ALA L 936 -23.01 -18.64 -18.66
C ALA L 936 -23.69 -17.28 -18.57
N VAL L 937 -24.64 -17.05 -19.46
CA VAL L 937 -25.35 -15.77 -19.53
C VAL L 937 -26.01 -15.44 -18.20
N LEU M 54 -29.85 106.41 -76.83
CA LEU M 54 -30.96 107.31 -76.55
C LEU M 54 -31.23 107.32 -75.04
N GLN M 55 -30.39 106.60 -74.30
CA GLN M 55 -30.47 106.55 -72.85
C GLN M 55 -29.20 107.10 -72.24
N ARG M 56 -29.35 107.78 -71.11
CA ARG M 56 -28.21 108.40 -70.41
C ARG M 56 -27.69 107.40 -69.38
N VAL M 57 -26.74 106.58 -69.81
CA VAL M 57 -26.05 105.67 -68.90
C VAL M 57 -24.84 106.39 -68.34
N MET M 58 -24.80 106.57 -67.02
CA MET M 58 -23.75 107.34 -66.41
C MET M 58 -22.45 106.54 -66.34
N ALA M 59 -21.35 107.28 -66.17
CA ALA M 59 -20.05 106.64 -65.99
C ALA M 59 -19.99 105.97 -64.63
N PRO M 60 -19.14 104.96 -64.47
CA PRO M 60 -19.04 104.29 -63.17
C PRO M 60 -18.54 105.24 -62.10
N THR M 61 -19.24 105.26 -60.96
CA THR M 61 -18.79 106.07 -59.83
C THR M 61 -17.48 105.52 -59.26
N GLY M 62 -17.45 104.23 -58.96
CA GLY M 62 -16.21 103.58 -58.55
C GLY M 62 -15.51 102.94 -59.74
N GLY M 63 -15.27 103.74 -60.77
CA GLY M 63 -14.78 103.23 -62.03
C GLY M 63 -13.29 103.01 -62.06
N ARG M 64 -12.76 102.92 -63.28
CA ARG M 64 -11.34 102.64 -63.48
C ARG M 64 -10.46 103.77 -62.96
N ASN M 65 -10.98 105.00 -62.93
CA ASN M 65 -10.21 106.17 -62.53
C ASN M 65 -10.63 106.69 -61.15
N SER M 66 -11.40 105.93 -60.39
CA SER M 66 -11.88 106.39 -59.10
C SER M 66 -10.79 106.31 -58.04
N ILE M 67 -11.09 106.88 -56.87
CA ILE M 67 -10.26 106.74 -55.67
C ILE M 67 -11.23 106.39 -54.55
N LYS M 68 -11.41 105.10 -54.28
CA LYS M 68 -12.39 104.67 -53.30
C LYS M 68 -11.76 104.63 -51.91
N TYR M 69 -12.31 105.41 -50.99
CA TYR M 69 -11.85 105.48 -49.61
C TYR M 69 -12.63 104.54 -48.69
N ARG M 70 -13.92 104.78 -48.52
CA ARG M 70 -14.82 103.86 -47.85
C ARG M 70 -16.21 104.13 -48.41
N ASP M 71 -17.24 103.75 -47.65
CA ASP M 71 -18.62 103.81 -48.13
C ASP M 71 -19.03 105.19 -48.67
N TYR M 72 -18.19 106.20 -48.50
CA TYR M 72 -18.42 107.48 -49.16
C TYR M 72 -18.22 107.34 -50.67
N THR M 73 -18.49 108.42 -51.39
CA THR M 73 -18.40 108.38 -52.84
C THR M 73 -16.95 108.18 -53.28
N PRO M 74 -16.71 107.33 -54.27
CA PRO M 74 -15.35 107.19 -54.79
C PRO M 74 -14.89 108.45 -55.48
N CYS M 75 -13.93 109.15 -54.89
CA CYS M 75 -13.38 110.34 -55.52
C CYS M 75 -12.73 109.95 -56.84
N ARG M 76 -12.90 110.80 -57.86
CA ARG M 76 -12.40 110.48 -59.18
C ARG M 76 -10.91 110.77 -59.25
N ASN M 77 -10.35 110.75 -60.45
CA ASN M 77 -8.90 110.72 -60.64
C ASN M 77 -8.25 111.99 -60.09
N THR M 78 -6.92 111.92 -60.00
CA THR M 78 -6.02 112.98 -59.53
C THR M 78 -6.57 113.72 -58.32
N THR M 79 -6.76 112.97 -57.24
CA THR M 79 -6.95 113.58 -55.93
C THR M 79 -5.59 113.93 -55.33
N LYS M 80 -5.58 114.43 -54.10
CA LYS M 80 -4.35 114.83 -53.45
C LYS M 80 -4.24 114.20 -52.08
N LEU M 81 -3.01 113.90 -51.67
CA LEU M 81 -2.72 113.31 -50.38
C LEU M 81 -1.71 114.19 -49.66
N PHE M 82 -1.98 114.50 -48.40
CA PHE M 82 -1.21 115.47 -47.63
C PHE M 82 -0.46 114.78 -46.51
N TYR M 83 0.86 114.99 -46.46
CA TYR M 83 1.73 114.40 -45.45
C TYR M 83 2.28 115.54 -44.60
N VAL M 84 2.05 115.49 -43.29
CA VAL M 84 2.58 116.48 -42.36
C VAL M 84 3.13 115.76 -41.14
N ASP M 85 4.25 116.25 -40.61
CA ASP M 85 4.89 115.68 -39.45
C ASP M 85 4.28 116.14 -38.13
N ASN M 86 3.46 117.19 -38.16
CA ASN M 86 2.88 117.75 -36.94
C ASN M 86 1.42 117.35 -36.75
N LYS M 87 1.05 116.14 -37.14
CA LYS M 87 -0.29 115.64 -36.88
C LYS M 87 -0.49 115.40 -35.38
N ALA M 88 -1.70 115.66 -34.91
CA ALA M 88 -2.05 115.44 -33.50
C ALA M 88 -2.46 113.97 -33.38
N SER M 89 -1.50 113.12 -33.08
CA SER M 89 -1.75 111.68 -32.97
C SER M 89 -0.81 111.10 -31.93
N ASP M 90 -0.99 109.81 -31.64
CA ASP M 90 -0.18 109.09 -30.67
C ASP M 90 0.80 108.13 -31.34
N ILE M 91 1.10 108.36 -32.62
CA ILE M 91 1.89 107.40 -33.38
C ILE M 91 3.38 107.56 -33.08
N ASP M 92 3.91 108.75 -33.33
CA ASP M 92 5.33 109.02 -33.13
C ASP M 92 5.64 109.60 -31.76
N THR M 93 4.63 109.83 -30.92
CA THR M 93 4.89 110.41 -29.60
C THR M 93 5.72 109.47 -28.74
N TYR M 94 5.39 108.18 -28.75
CA TYR M 94 6.15 107.19 -27.99
C TYR M 94 7.11 106.40 -28.85
N ASN M 95 7.21 106.71 -30.13
CA ASN M 95 8.25 106.16 -30.97
C ASN M 95 9.60 106.71 -30.52
N LYS M 96 10.58 105.81 -30.39
CA LYS M 96 11.86 106.19 -29.79
C LYS M 96 12.69 107.06 -30.73
N ASP M 97 13.06 106.53 -31.89
CA ASP M 97 13.92 107.25 -32.83
C ASP M 97 13.08 107.95 -33.90
N ALA M 98 12.20 108.82 -33.45
CA ALA M 98 11.30 109.56 -34.34
C ALA M 98 11.66 111.04 -34.31
N ASN M 99 11.94 111.59 -35.48
CA ASN M 99 12.13 113.03 -35.64
C ASN M 99 11.47 113.43 -36.96
N HIS M 100 11.70 114.67 -37.38
CA HIS M 100 11.07 115.15 -38.60
C HIS M 100 11.66 114.53 -39.85
N SER M 101 12.75 113.78 -39.74
CA SER M 101 13.28 113.04 -40.88
C SER M 101 12.43 111.81 -41.17
N ASN M 102 12.34 110.90 -40.21
CA ASN M 102 11.48 109.72 -40.33
C ASN M 102 10.35 109.85 -39.33
N PHE M 103 9.13 110.02 -39.84
CA PHE M 103 7.95 110.11 -39.01
C PHE M 103 6.81 109.37 -39.68
N ARG M 104 5.81 109.01 -38.89
CA ARG M 104 4.60 108.38 -39.39
C ARG M 104 3.46 109.39 -39.33
N THR M 105 2.61 109.37 -40.36
CA THR M 105 1.52 110.32 -40.45
C THR M 105 0.33 109.65 -41.09
N THR M 106 -0.85 109.86 -40.50
CA THR M 106 -2.09 109.45 -41.14
C THR M 106 -2.38 110.40 -42.29
N VAL M 107 -2.49 109.83 -43.50
CA VAL M 107 -2.92 110.63 -44.63
C VAL M 107 -4.39 110.99 -44.47
N ILE M 108 -5.10 110.26 -43.61
CA ILE M 108 -6.52 110.45 -43.44
C ILE M 108 -6.73 111.65 -42.52
N HIS M 109 -7.04 112.80 -43.11
CA HIS M 109 -7.27 114.02 -42.33
C HIS M 109 -8.75 114.26 -42.10
N ASN M 110 -9.52 113.19 -41.93
CA ASN M 110 -10.95 113.31 -41.69
C ASN M 110 -11.20 114.13 -40.43
N GLN M 111 -12.09 115.11 -40.54
CA GLN M 111 -12.35 116.03 -39.44
C GLN M 111 -13.09 115.36 -38.28
N ASP M 112 -13.66 114.18 -38.49
CA ASP M 112 -14.43 113.50 -37.46
C ASP M 112 -13.59 112.47 -36.71
N LEU M 113 -12.90 111.60 -37.46
CA LEU M 113 -12.09 110.56 -36.84
C LEU M 113 -10.82 111.15 -36.24
N ASP M 114 -10.43 110.63 -35.08
CA ASP M 114 -9.17 111.00 -34.48
C ASP M 114 -8.03 110.50 -35.36
N ALA M 115 -6.94 111.26 -35.39
CA ALA M 115 -5.79 110.88 -36.22
C ALA M 115 -5.23 109.53 -35.79
N ASP M 116 -5.24 109.24 -34.49
CA ASP M 116 -4.81 107.92 -34.03
C ASP M 116 -5.71 106.82 -34.57
N THR M 117 -7.02 107.06 -34.55
CA THR M 117 -7.99 106.07 -35.00
C THR M 117 -8.28 106.16 -36.49
N ALA M 118 -7.70 107.12 -37.19
CA ALA M 118 -7.82 107.21 -38.65
C ALA M 118 -6.61 106.67 -39.38
N ALA M 119 -5.49 106.47 -38.69
CA ALA M 119 -4.31 105.87 -39.31
C ALA M 119 -4.47 104.39 -39.55
N THR M 120 -5.53 103.78 -39.05
CA THR M 120 -5.81 102.37 -39.26
C THR M 120 -6.65 102.12 -40.51
N GLU M 121 -7.02 103.17 -41.23
CA GLU M 121 -7.79 103.03 -42.46
C GLU M 121 -6.82 102.93 -43.64
N SER M 122 -7.35 103.01 -44.86
CA SER M 122 -6.50 102.88 -46.04
C SER M 122 -7.15 103.61 -47.21
N ILE M 123 -6.33 103.84 -48.24
CA ILE M 123 -6.77 104.47 -49.48
C ILE M 123 -6.65 103.45 -50.60
N GLN M 124 -7.76 103.11 -51.23
CA GLN M 124 -7.77 102.25 -52.40
C GLN M 124 -7.88 103.14 -53.63
N LEU M 125 -6.75 103.30 -54.33
CA LEU M 125 -6.80 104.08 -55.56
C LEU M 125 -7.63 103.33 -56.58
N ASP M 126 -7.14 102.17 -57.01
CA ASP M 126 -7.89 101.23 -57.85
C ASP M 126 -6.99 100.04 -58.13
N ASN M 127 -7.60 98.95 -58.57
CA ASN M 127 -6.87 97.77 -59.02
C ASN M 127 -6.85 97.61 -60.53
N ARG M 128 -7.74 98.29 -61.25
CA ARG M 128 -7.78 98.21 -62.70
C ARG M 128 -6.81 99.16 -63.38
N SER M 129 -6.20 100.08 -62.64
CA SER M 129 -5.26 101.03 -63.20
C SER M 129 -3.95 101.00 -62.43
N CYS M 130 -2.86 101.24 -63.15
CA CYS M 130 -1.56 101.44 -62.53
C CYS M 130 -1.36 102.94 -62.32
N TRP M 131 -1.25 103.36 -61.07
CA TRP M 131 -1.29 104.77 -60.71
C TRP M 131 0.12 105.31 -60.51
N GLY M 132 0.20 106.64 -60.46
CA GLY M 132 1.45 107.33 -60.22
C GLY M 132 1.24 108.67 -59.56
N GLY M 133 2.01 108.97 -58.52
CA GLY M 133 1.81 110.18 -57.72
C GLY M 133 2.82 111.25 -58.07
N ASP M 134 2.32 112.46 -58.28
CA ASP M 134 3.15 113.62 -58.57
C ASP M 134 3.70 114.15 -57.25
N LEU M 135 4.82 113.58 -56.82
CA LEU M 135 5.38 113.93 -55.52
C LEU M 135 5.99 115.32 -55.53
N LYS M 136 5.62 116.13 -54.53
CA LYS M 136 6.25 117.41 -54.27
C LYS M 136 6.60 117.48 -52.80
N THR M 137 7.84 117.81 -52.49
CA THR M 137 8.33 117.86 -51.12
C THR M 137 8.75 119.28 -50.77
N ALA M 138 8.54 119.65 -49.51
CA ALA M 138 8.88 121.00 -49.01
C ALA M 138 9.47 120.85 -47.61
N VAL M 139 10.79 120.76 -47.55
CA VAL M 139 11.49 120.53 -46.30
C VAL M 139 12.12 121.83 -45.82
N ARG M 140 12.20 121.99 -44.51
CA ARG M 140 12.85 123.12 -43.88
C ARG M 140 14.00 122.62 -43.02
N THR M 141 15.15 123.28 -43.12
CA THR M 141 16.38 122.82 -42.50
C THR M 141 17.01 123.96 -41.71
N ASN M 142 17.69 123.60 -40.62
CA ASN M 142 18.42 124.56 -39.80
C ASN M 142 19.75 123.99 -39.34
N CYS M 143 20.46 123.27 -40.21
CA CYS M 143 21.68 122.65 -39.74
C CYS M 143 22.81 123.67 -39.63
N PRO M 144 23.67 123.54 -38.62
CA PRO M 144 24.85 124.40 -38.54
C PRO M 144 25.94 123.92 -39.49
N ASN M 145 26.96 124.77 -39.64
CA ASN M 145 28.10 124.42 -40.48
C ASN M 145 28.81 123.18 -39.96
N VAL M 146 29.40 123.28 -38.77
CA VAL M 146 30.14 122.18 -38.18
C VAL M 146 29.24 121.41 -37.24
N SER M 147 29.17 120.10 -37.43
CA SER M 147 28.29 119.27 -36.62
C SER M 147 28.84 117.86 -36.57
N SER M 148 28.65 117.21 -35.42
CA SER M 148 29.08 115.82 -35.27
C SER M 148 28.28 114.88 -36.16
N PHE M 149 27.04 115.24 -36.51
CA PHE M 149 26.25 114.41 -37.42
C PHE M 149 26.88 114.35 -38.81
N PHE M 150 27.35 115.49 -39.32
CA PHE M 150 27.90 115.55 -40.66
C PHE M 150 29.41 115.40 -40.68
N GLN M 151 30.03 115.09 -39.55
CA GLN M 151 31.46 114.75 -39.49
C GLN M 151 32.31 115.90 -40.05
N SER M 152 32.01 117.11 -39.60
CA SER M 152 32.67 118.31 -40.11
C SER M 152 33.25 119.19 -39.02
N ASN M 153 33.12 118.84 -37.75
CA ASN M 153 33.64 119.64 -36.66
C ASN M 153 34.95 119.10 -36.10
N SER M 154 35.52 118.05 -36.71
CA SER M 154 36.72 117.42 -36.19
C SER M 154 37.76 117.32 -37.29
N VAL M 155 39.02 117.21 -36.88
CA VAL M 155 40.14 117.02 -37.79
C VAL M 155 41.31 116.50 -36.97
N ARG M 156 42.21 115.77 -37.63
CA ARG M 156 43.35 115.14 -36.97
C ARG M 156 44.64 115.83 -37.39
N VAL M 157 45.46 116.18 -36.40
CA VAL M 157 46.72 116.87 -36.62
C VAL M 157 47.84 116.10 -35.91
N ARG M 158 49.07 116.56 -36.11
CA ARG M 158 50.25 115.93 -35.51
C ARG M 158 51.26 117.02 -35.24
N MET M 159 51.45 117.39 -33.98
CA MET M 159 52.16 118.63 -33.66
C MET M 159 53.15 118.47 -32.52
N MET M 160 53.93 117.39 -32.51
CA MET M 160 55.14 117.28 -31.70
C MET M 160 54.84 117.48 -30.21
N TRP M 161 54.14 116.48 -29.64
CA TRP M 161 53.74 116.57 -28.24
C TRP M 161 54.94 116.67 -27.31
N LYS M 162 55.99 115.89 -27.57
CA LYS M 162 57.12 115.77 -26.65
C LYS M 162 58.38 116.36 -27.27
N ARG M 163 59.13 117.09 -26.45
CA ARG M 163 60.41 117.67 -26.84
C ARG M 163 61.30 117.76 -25.61
N ASP M 164 62.61 117.66 -25.83
CA ASP M 164 63.56 117.79 -24.73
C ASP M 164 63.63 119.24 -24.26
N PRO M 165 64.11 119.47 -23.04
CA PRO M 165 64.28 120.84 -22.58
C PRO M 165 65.25 121.60 -23.45
N PRO M 166 65.07 122.90 -23.61
CA PRO M 166 65.95 123.67 -24.50
C PRO M 166 67.37 123.77 -23.95
N THR M 167 68.33 123.82 -24.87
CA THR M 167 69.72 124.03 -24.49
C THR M 167 69.98 125.47 -24.11
N SER M 168 69.30 126.42 -24.76
CA SER M 168 69.47 127.84 -24.49
C SER M 168 68.11 128.53 -24.55
N THR M 169 67.81 129.33 -23.53
CA THR M 169 66.56 130.08 -23.50
C THR M 169 66.62 131.33 -24.36
N ALA M 170 67.82 131.83 -24.66
CA ALA M 170 67.96 133.09 -25.39
C ALA M 170 67.41 132.96 -26.81
N PRO M 171 66.92 134.06 -27.37
CA PRO M 171 66.49 134.04 -28.77
C PRO M 171 67.66 133.70 -29.67
N PRO M 172 67.41 132.96 -30.75
CA PRO M 172 68.51 132.53 -31.61
C PRO M 172 69.20 133.70 -32.30
N SER M 173 70.49 133.53 -32.56
CA SER M 173 71.28 134.52 -33.26
C SER M 173 71.87 134.03 -34.58
N ALA M 174 72.02 132.72 -34.77
CA ALA M 174 72.48 132.17 -36.02
C ALA M 174 71.29 131.95 -36.96
N VAL M 175 71.54 132.13 -38.25
CA VAL M 175 70.47 132.05 -39.25
C VAL M 175 70.40 130.59 -39.69
N GLY M 176 69.68 129.81 -38.90
CA GLY M 176 69.34 128.45 -39.29
C GLY M 176 70.50 127.52 -39.57
N SER M 177 70.71 127.22 -40.86
CA SER M 177 71.72 126.27 -41.32
C SER M 177 71.38 124.86 -40.84
N GLY M 178 70.11 124.48 -41.02
CA GLY M 178 69.65 123.16 -40.65
C GLY M 178 68.59 123.16 -39.56
N TYR M 179 67.35 122.86 -39.94
CA TYR M 179 66.28 122.72 -38.96
C TYR M 179 66.50 121.46 -38.14
N SER M 180 66.42 121.58 -36.82
CA SER M 180 66.61 120.44 -35.94
C SER M 180 65.93 120.70 -34.62
N VAL M 181 65.05 119.79 -34.22
CA VAL M 181 64.39 119.81 -32.93
C VAL M 181 64.74 118.52 -32.20
N PRO M 182 65.73 118.56 -31.31
CA PRO M 182 66.19 117.32 -30.67
C PRO M 182 65.08 116.66 -29.86
N GLY M 183 65.03 115.33 -29.93
CA GLY M 183 64.05 114.57 -29.17
C GLY M 183 62.62 114.90 -29.52
N ALA M 184 62.34 115.19 -30.79
CA ALA M 184 60.99 115.54 -31.22
C ALA M 184 60.19 114.26 -31.45
N GLN M 185 59.10 114.12 -30.70
CA GLN M 185 58.19 112.99 -30.84
C GLN M 185 56.84 113.51 -31.31
N TYR M 186 56.29 112.90 -32.36
CA TYR M 186 55.08 113.36 -33.01
C TYR M 186 53.96 112.34 -32.81
N LYS M 187 52.78 112.83 -32.48
CA LYS M 187 51.63 111.96 -32.30
C LYS M 187 50.40 112.60 -32.92
N TRP M 188 49.47 111.77 -33.38
CA TRP M 188 48.25 112.26 -34.00
C TRP M 188 47.26 112.71 -32.94
N TYR M 189 46.56 113.80 -33.22
CA TYR M 189 45.58 114.38 -32.33
C TYR M 189 44.18 114.26 -32.93
N ASP M 190 43.19 114.71 -32.17
CA ASP M 190 41.81 114.79 -32.62
C ASP M 190 41.32 116.20 -32.30
N LEU M 191 41.60 117.13 -33.21
CA LEU M 191 41.13 118.51 -33.04
C LEU M 191 39.63 118.57 -33.26
N THR M 192 38.94 119.32 -32.40
CA THR M 192 37.49 119.42 -32.47
C THR M 192 37.04 120.82 -32.09
N VAL M 193 36.26 121.44 -32.95
CA VAL M 193 35.67 122.76 -32.67
C VAL M 193 34.25 122.53 -32.18
N PRO M 194 33.72 123.40 -31.31
CA PRO M 194 32.35 123.20 -30.84
C PRO M 194 31.35 123.26 -31.98
N GLU M 195 30.30 122.46 -31.87
CA GLU M 195 29.27 122.39 -32.90
C GLU M 195 28.45 123.68 -32.90
N GLY M 196 28.24 124.24 -34.08
CA GLY M 196 27.45 125.45 -34.21
C GLY M 196 27.60 126.14 -35.55
N ASN M 197 26.71 127.07 -35.85
CA ASN M 197 26.77 127.80 -37.12
C ASN M 197 27.74 128.96 -37.01
N TYR M 198 28.84 128.90 -37.74
CA TYR M 198 29.87 129.92 -37.69
C TYR M 198 30.17 130.45 -39.09
N ALA M 199 30.69 131.67 -39.14
CA ALA M 199 31.38 132.15 -40.32
C ALA M 199 32.79 131.56 -40.35
N LEU M 200 33.48 131.76 -41.46
CA LEU M 200 34.75 131.07 -41.63
C LEU M 200 35.86 131.70 -40.79
N CYS M 201 35.86 133.02 -40.64
CA CYS M 201 36.89 133.66 -39.83
C CYS M 201 36.86 133.13 -38.41
N GLU M 202 35.68 133.10 -37.79
CA GLU M 202 35.57 132.59 -36.44
C GLU M 202 35.77 131.07 -36.39
N LEU M 203 35.44 130.36 -37.48
CA LEU M 203 35.75 128.93 -37.49
C LEU M 203 37.25 128.68 -37.45
N ILE M 204 38.02 129.45 -38.22
CA ILE M 204 39.48 129.32 -38.20
C ILE M 204 40.02 129.76 -36.84
N ASP M 205 39.42 130.78 -36.24
CA ASP M 205 39.83 131.20 -34.90
C ASP M 205 39.62 130.08 -33.90
N LEU M 206 38.47 129.40 -33.97
CA LEU M 206 38.22 128.27 -33.07
C LEU M 206 39.16 127.12 -33.34
N LEU M 207 39.50 126.88 -34.61
CA LEU M 207 40.47 125.82 -34.92
C LEU M 207 41.84 126.15 -34.33
N ASN M 208 42.27 127.40 -34.45
CA ASN M 208 43.55 127.80 -33.87
C ASN M 208 43.51 127.71 -32.36
N GLU M 209 42.40 128.12 -31.73
CA GLU M 209 42.27 128.00 -30.29
C GLU M 209 42.28 126.53 -29.86
N GLY M 210 41.67 125.66 -30.65
CA GLY M 210 41.71 124.24 -30.35
C GLY M 210 43.10 123.66 -30.47
N ILE M 211 43.87 124.11 -31.45
CA ILE M 211 45.27 123.70 -31.55
C ILE M 211 46.05 124.18 -30.34
N VAL M 212 45.80 125.42 -29.91
CA VAL M 212 46.46 125.95 -28.72
C VAL M 212 46.09 125.12 -27.50
N GLN M 213 44.82 124.71 -27.39
CA GLN M 213 44.39 123.89 -26.26
C GLN M 213 45.03 122.51 -26.31
N LEU M 214 45.14 121.93 -27.50
CA LEU M 214 45.81 120.63 -27.63
C LEU M 214 47.28 120.75 -27.27
N TYR M 215 47.88 121.91 -27.52
CA TYR M 215 49.23 122.18 -27.03
C TYR M 215 49.25 122.25 -25.51
N LEU M 216 48.37 123.05 -24.93
CA LEU M 216 48.37 123.26 -23.49
C LEU M 216 48.08 121.99 -22.72
N SER M 217 47.35 121.05 -23.35
CA SER M 217 46.97 119.83 -22.65
C SER M 217 48.19 118.98 -22.29
N GLU M 218 49.05 118.70 -23.25
CA GLU M 218 50.19 117.85 -22.94
C GLU M 218 51.53 118.39 -23.42
N GLY M 219 51.56 119.13 -24.54
CA GLY M 219 52.83 119.54 -25.09
C GLY M 219 53.48 120.68 -24.33
N ARG M 220 52.69 121.59 -23.76
CA ARG M 220 53.26 122.69 -23.00
C ARG M 220 54.04 122.18 -21.79
N GLN M 221 53.46 121.25 -21.05
CA GLN M 221 54.13 120.69 -19.88
C GLN M 221 55.26 119.74 -20.26
N ASN M 222 55.38 119.38 -21.54
CA ASN M 222 56.37 118.41 -21.99
C ASN M 222 57.56 119.09 -22.66
N ASN M 223 57.85 120.33 -22.28
CA ASN M 223 59.05 121.05 -22.71
C ASN M 223 59.08 121.28 -24.22
N VAL M 224 58.02 121.92 -24.72
CA VAL M 224 57.93 122.34 -26.11
C VAL M 224 58.22 123.84 -26.16
N GLN M 225 59.08 124.24 -27.09
CA GLN M 225 59.63 125.59 -27.13
C GLN M 225 58.62 126.66 -27.48
N LYS M 226 57.36 126.29 -27.74
CA LYS M 226 56.27 127.24 -27.98
C LYS M 226 56.43 127.89 -29.36
N SER M 227 57.56 127.63 -30.01
CA SER M 227 57.73 127.92 -31.43
C SER M 227 57.48 126.68 -32.28
N ASP M 228 57.06 125.58 -31.66
CA ASP M 228 56.89 124.30 -32.33
C ASP M 228 55.41 123.92 -32.45
N ILE M 229 54.52 124.91 -32.46
CA ILE M 229 53.12 124.63 -32.71
C ILE M 229 53.02 124.22 -34.18
N GLY M 230 52.89 122.92 -34.41
CA GLY M 230 53.08 122.41 -35.76
C GLY M 230 52.01 122.87 -36.75
N VAL M 231 50.74 122.74 -36.36
CA VAL M 231 49.62 122.95 -37.26
C VAL M 231 48.98 124.28 -36.93
N LYS M 232 48.67 125.07 -37.95
CA LYS M 232 47.92 126.30 -37.77
C LYS M 232 47.11 126.58 -39.02
N PHE M 233 45.91 127.11 -38.81
CA PHE M 233 45.03 127.52 -39.90
C PHE M 233 45.15 129.03 -40.07
N ASP M 234 45.56 129.47 -41.25
CA ASP M 234 45.75 130.89 -41.53
C ASP M 234 45.13 131.22 -42.88
N THR M 235 45.09 132.53 -43.17
CA THR M 235 44.56 133.02 -44.42
C THR M 235 45.52 133.95 -45.16
N ARG M 236 46.66 134.28 -44.57
CA ARG M 236 47.59 135.21 -45.19
C ARG M 236 48.29 134.58 -46.39
N ASN M 237 48.65 135.43 -47.34
CA ASN M 237 49.53 135.03 -48.45
C ASN M 237 50.93 135.42 -48.03
N PHE M 238 51.64 134.47 -47.42
CA PHE M 238 52.94 134.76 -46.83
C PHE M 238 53.95 135.19 -47.89
N GLY M 239 53.98 134.50 -49.02
CA GLY M 239 54.90 134.84 -50.08
C GLY M 239 54.46 136.03 -50.90
N LEU M 240 54.23 137.16 -50.24
CA LEU M 240 53.77 138.37 -50.88
C LEU M 240 54.61 139.55 -50.38
N LEU M 241 54.82 140.53 -51.25
CA LEU M 241 55.67 141.68 -50.96
C LEU M 241 57.08 141.27 -50.55
N ARG M 242 57.61 140.26 -51.23
CA ARG M 242 59.01 139.92 -51.07
C ARG M 242 59.80 140.52 -52.23
N ASP M 243 61.13 140.43 -52.15
CA ASP M 243 61.99 140.98 -53.17
C ASP M 243 62.73 139.84 -53.86
N PRO M 244 62.69 139.76 -55.18
CA PRO M 244 63.40 138.67 -55.88
C PRO M 244 64.89 138.64 -55.61
N VAL M 245 65.51 139.79 -55.36
CA VAL M 245 66.93 139.84 -55.04
C VAL M 245 67.16 139.66 -53.54
N THR M 246 66.43 140.42 -52.72
CA THR M 246 66.59 140.32 -51.27
C THR M 246 66.10 138.98 -50.74
N GLY M 247 65.11 138.37 -51.40
CA GLY M 247 64.61 137.09 -50.97
C GLY M 247 63.80 137.11 -49.69
N LEU M 248 63.50 138.29 -49.17
CA LEU M 248 62.74 138.45 -47.94
C LEU M 248 61.66 139.50 -48.16
N VAL M 249 60.66 139.50 -47.27
CA VAL M 249 59.58 140.47 -47.40
C VAL M 249 60.09 141.84 -46.98
N THR M 250 59.95 142.82 -47.87
CA THR M 250 60.47 144.16 -47.59
C THR M 250 59.87 144.83 -46.36
N PRO M 251 58.55 144.79 -46.11
CA PRO M 251 58.01 145.57 -44.99
C PRO M 251 58.52 145.11 -43.63
N GLY M 252 59.05 143.89 -43.53
CA GLY M 252 59.43 143.34 -42.24
C GLY M 252 58.31 142.65 -41.50
N THR M 253 57.08 142.72 -42.02
CA THR M 253 55.93 142.01 -41.50
C THR M 253 55.24 141.30 -42.64
N TYR M 254 54.17 140.58 -42.33
CA TYR M 254 53.41 139.86 -43.33
C TYR M 254 52.11 140.60 -43.66
N VAL M 255 51.64 140.41 -44.88
CA VAL M 255 50.45 141.10 -45.35
C VAL M 255 49.24 140.54 -44.61
N TYR M 256 48.72 141.31 -43.66
CA TYR M 256 47.66 140.83 -42.78
C TYR M 256 46.30 141.02 -43.45
N LYS M 257 46.15 140.34 -44.58
CA LYS M 257 44.90 140.35 -45.35
C LYS M 257 44.52 138.91 -45.66
N GLY M 258 43.28 138.55 -45.34
CA GLY M 258 42.81 137.19 -45.55
C GLY M 258 42.46 136.95 -47.01
N TYR M 259 42.94 135.84 -47.56
CA TYR M 259 42.68 135.49 -48.95
C TYR M 259 41.96 134.16 -49.09
N HIS M 260 42.42 133.14 -48.37
CA HIS M 260 41.85 131.79 -48.42
C HIS M 260 42.47 130.97 -47.29
N PRO M 261 41.73 130.05 -46.69
CA PRO M 261 42.31 129.27 -45.58
C PRO M 261 43.57 128.53 -46.01
N ASP M 262 44.55 128.50 -45.12
CA ASP M 262 45.87 127.98 -45.42
C ASP M 262 46.35 127.14 -44.24
N ILE M 263 47.26 126.21 -44.53
CA ILE M 263 47.80 125.29 -43.54
C ILE M 263 49.30 125.55 -43.42
N VAL M 264 49.76 125.77 -42.19
CA VAL M 264 51.17 125.97 -41.89
C VAL M 264 51.63 124.80 -41.04
N LEU M 265 52.69 124.13 -41.47
CA LEU M 265 53.14 122.89 -40.84
C LEU M 265 54.64 122.94 -40.57
N LEU M 266 55.03 122.66 -39.33
CA LEU M 266 56.43 122.45 -39.03
C LEU M 266 56.88 121.11 -39.62
N PRO M 267 58.19 120.92 -39.79
CA PRO M 267 58.67 119.61 -40.25
C PRO M 267 58.22 118.50 -39.31
N GLY M 268 57.85 117.38 -39.89
CA GLY M 268 57.31 116.26 -39.14
C GLY M 268 55.85 116.39 -38.76
N CYS M 269 55.19 117.47 -39.16
CA CYS M 269 53.80 117.71 -38.81
C CYS M 269 52.90 117.48 -40.01
N ALA M 270 51.63 117.20 -39.75
CA ALA M 270 50.68 116.90 -40.80
C ALA M 270 49.27 117.19 -40.31
N ILE M 271 48.35 117.29 -41.27
CA ILE M 271 46.93 117.43 -40.99
C ILE M 271 46.19 116.38 -41.79
N ASP M 272 45.15 115.80 -41.19
CA ASP M 272 44.46 114.64 -41.74
C ASP M 272 42.99 114.96 -41.92
N PHE M 273 42.54 115.05 -43.18
CA PHE M 273 41.15 115.28 -43.51
C PHE M 273 40.42 114.01 -43.93
N THR M 274 41.05 112.84 -43.75
CA THR M 274 40.49 111.62 -44.33
C THR M 274 39.19 111.18 -43.66
N TYR M 275 38.90 111.66 -42.46
CA TYR M 275 37.69 111.32 -41.73
C TYR M 275 36.91 112.56 -41.35
N SER M 276 36.89 113.55 -42.23
CA SER M 276 36.23 114.81 -41.96
C SER M 276 36.03 115.58 -43.26
N ARG M 277 34.86 116.18 -43.41
CA ARG M 277 34.57 117.05 -44.54
C ARG M 277 34.81 118.52 -44.21
N LEU M 278 35.47 118.80 -43.08
CA LEU M 278 35.92 120.16 -42.79
C LEU M 278 36.86 120.67 -43.87
N SER M 279 37.53 119.77 -44.59
CA SER M 279 38.36 120.18 -45.72
C SER M 279 37.53 120.94 -46.75
N LEU M 280 36.30 120.52 -46.98
CA LEU M 280 35.41 121.25 -47.87
C LEU M 280 35.08 122.63 -47.31
N LEU M 281 35.12 122.79 -45.98
CA LEU M 281 34.88 124.09 -45.38
C LEU M 281 36.08 125.01 -45.53
N LEU M 282 37.29 124.45 -45.57
CA LEU M 282 38.50 125.24 -45.71
C LEU M 282 38.82 125.59 -47.16
N GLY M 283 38.05 125.08 -48.11
CA GLY M 283 38.38 125.30 -49.50
C GLY M 283 39.56 124.49 -50.00
N ILE M 284 40.04 123.54 -49.21
CA ILE M 284 41.09 122.63 -49.63
C ILE M 284 40.45 121.31 -50.03
N GLY M 285 40.63 120.93 -51.28
CA GLY M 285 40.10 119.68 -51.78
C GLY M 285 41.17 118.90 -52.52
N LYS M 286 41.02 117.58 -52.50
CA LYS M 286 41.94 116.74 -53.25
C LYS M 286 41.60 116.79 -54.73
N ARG M 287 42.64 116.77 -55.57
CA ARG M 287 42.41 116.71 -57.01
C ARG M 287 41.73 115.41 -57.41
N GLU M 288 41.80 114.38 -56.56
CA GLU M 288 41.16 113.09 -56.80
C GLU M 288 40.30 112.76 -55.59
N PRO M 289 39.10 113.32 -55.51
CA PRO M 289 38.31 113.19 -54.27
C PRO M 289 38.01 111.76 -53.88
N TYR M 290 38.13 110.81 -54.81
CA TYR M 290 37.89 109.41 -54.49
C TYR M 290 39.13 108.66 -54.04
N SER M 291 40.30 109.28 -54.11
CA SER M 291 41.52 108.64 -53.65
C SER M 291 41.45 108.43 -52.14
N LYS M 292 41.79 107.23 -51.70
CA LYS M 292 41.64 106.87 -50.29
C LYS M 292 42.69 107.59 -49.46
N GLY M 293 42.22 108.41 -48.52
CA GLY M 293 43.12 109.12 -47.62
C GLY M 293 43.53 110.47 -48.15
N PHE M 294 43.15 111.54 -47.44
CA PHE M 294 43.48 112.90 -47.82
C PHE M 294 44.25 113.53 -46.66
N VAL M 295 45.57 113.43 -46.73
CA VAL M 295 46.46 113.92 -45.68
C VAL M 295 47.40 114.94 -46.29
N ILE M 296 47.56 116.06 -45.60
CA ILE M 296 48.51 117.10 -46.01
C ILE M 296 49.68 117.03 -45.04
N THR M 297 50.74 116.33 -45.44
CA THR M 297 51.94 116.24 -44.63
C THR M 297 52.86 117.42 -44.92
N TYR M 298 53.95 117.51 -44.14
CA TYR M 298 54.91 118.58 -44.34
C TYR M 298 55.58 118.47 -45.71
N GLU M 299 55.95 117.25 -46.11
CA GLU M 299 56.63 117.07 -47.40
C GLU M 299 55.70 117.36 -48.57
N ASP M 300 54.39 117.19 -48.38
CA ASP M 300 53.43 117.50 -49.43
C ASP M 300 53.38 119.00 -49.73
N LEU M 301 53.95 119.82 -48.87
CA LEU M 301 53.99 121.26 -49.05
C LEU M 301 55.33 121.76 -49.57
N GLN M 302 56.17 120.84 -50.06
CA GLN M 302 57.51 121.20 -50.51
C GLN M 302 57.46 122.27 -51.59
N GLY M 303 58.33 123.26 -51.47
CA GLY M 303 58.32 124.42 -52.34
C GLY M 303 57.45 125.55 -51.88
N GLY M 304 56.60 125.32 -50.88
CA GLY M 304 55.76 126.37 -50.34
C GLY M 304 56.36 127.00 -49.10
N ASP M 305 57.68 127.06 -49.05
CA ASP M 305 58.38 127.62 -47.90
C ASP M 305 57.98 129.08 -47.69
N ILE M 306 57.69 129.43 -46.44
CA ILE M 306 57.32 130.81 -46.13
C ILE M 306 58.56 131.68 -46.15
N PRO M 307 58.59 132.76 -46.93
CA PRO M 307 59.77 133.63 -46.94
C PRO M 307 59.98 134.28 -45.59
N ALA M 308 61.24 134.41 -45.20
CA ALA M 308 61.57 135.01 -43.92
C ALA M 308 61.40 136.53 -43.99
N LEU M 309 61.40 137.16 -42.83
CA LEU M 309 61.04 138.56 -42.69
C LEU M 309 62.30 139.42 -42.59
N LEU M 310 62.44 140.36 -43.51
CA LEU M 310 63.60 141.27 -43.53
C LEU M 310 63.53 142.21 -42.34
N ASP M 311 64.47 142.07 -41.41
CA ASP M 311 64.45 142.91 -40.22
C ASP M 311 64.78 144.36 -40.57
N LEU M 312 64.07 145.29 -39.94
CA LEU M 312 64.30 146.70 -40.22
C LEU M 312 65.58 147.19 -39.56
N ASP M 313 65.95 146.61 -38.42
CA ASP M 313 67.11 147.09 -37.68
C ASP M 313 68.40 146.87 -38.46
N SER M 314 68.56 145.69 -39.05
CA SER M 314 69.77 145.42 -39.82
C SER M 314 69.89 146.37 -41.01
N VAL M 315 68.96 146.27 -41.94
CA VAL M 315 68.88 147.22 -43.05
C VAL M 315 67.98 148.39 -42.66
N ASP M 316 68.54 149.36 -41.96
CA ASP M 316 67.79 150.51 -41.49
C ASP M 316 68.02 151.75 -42.35
N VAL M 317 68.57 151.57 -43.56
CA VAL M 317 68.73 152.69 -44.48
C VAL M 317 67.39 153.12 -45.07
N ASN M 318 66.37 152.28 -44.97
CA ASN M 318 65.06 152.61 -45.53
C ASN M 318 64.46 153.84 -44.86
N ASP M 319 64.64 153.99 -43.55
CA ASP M 319 64.19 155.15 -42.81
C ASP M 319 65.35 156.01 -42.33
N ALA M 320 66.45 156.03 -43.09
CA ALA M 320 67.63 156.80 -42.74
C ALA M 320 68.15 157.54 -43.97
N ASP M 321 68.88 158.62 -43.70
CA ASP M 321 69.69 159.38 -44.67
C ASP M 321 69.03 159.50 -46.05
N GLY M 322 67.71 159.71 -46.05
CA GLY M 322 66.99 159.96 -47.28
C GLY M 322 67.14 158.88 -48.32
N GLU M 323 67.07 157.62 -47.92
CA GLU M 323 67.23 156.49 -48.82
C GLU M 323 66.22 155.41 -48.48
N VAL M 324 65.98 154.52 -49.44
CA VAL M 324 65.19 153.32 -49.23
C VAL M 324 65.86 152.08 -49.77
N ILE M 325 67.03 152.21 -50.38
CA ILE M 325 67.71 151.10 -51.07
C ILE M 325 69.01 150.80 -50.35
N GLU M 326 69.23 149.53 -50.05
CA GLU M 326 70.45 149.06 -49.41
C GLU M 326 70.60 147.57 -49.70
N LEU M 327 71.82 147.07 -49.56
CA LEU M 327 72.10 145.69 -49.94
C LEU M 327 73.23 145.13 -49.08
N ASP M 328 73.28 143.80 -49.01
CA ASP M 328 74.26 142.92 -48.38
C ASP M 328 74.27 143.00 -46.85
N ASN M 329 73.47 143.89 -46.26
CA ASN M 329 73.17 143.85 -44.83
C ASN M 329 71.84 143.17 -44.54
N ALA M 330 71.20 142.60 -45.55
CA ALA M 330 69.88 142.02 -45.37
C ALA M 330 69.95 140.79 -44.50
N ALA M 331 69.13 140.76 -43.45
CA ALA M 331 69.03 139.64 -42.53
C ALA M 331 67.57 139.36 -42.25
N PRO M 332 67.23 138.12 -41.91
CA PRO M 332 65.86 137.81 -41.54
C PRO M 332 65.61 137.88 -40.05
N LEU M 333 64.38 138.17 -39.63
CA LEU M 333 64.03 138.02 -38.22
C LEU M 333 64.22 136.57 -37.81
N LEU M 334 65.19 136.31 -36.94
CA LEU M 334 65.36 134.97 -36.39
C LEU M 334 64.39 134.68 -35.25
N HIS M 335 63.76 135.71 -34.71
CA HIS M 335 62.75 135.58 -33.68
C HIS M 335 61.78 136.74 -33.82
N ASP M 336 60.95 136.95 -32.81
CA ASP M 336 59.98 138.03 -32.81
C ASP M 336 60.27 138.97 -31.64
N SER M 337 59.35 139.92 -31.42
CA SER M 337 59.50 140.83 -30.29
C SER M 337 59.50 140.09 -28.96
N ALA M 338 58.60 139.11 -28.81
CA ALA M 338 58.50 138.37 -27.56
C ALA M 338 59.32 137.09 -27.59
N GLY M 339 60.59 137.20 -27.99
CA GLY M 339 61.54 136.12 -27.81
C GLY M 339 61.42 134.94 -28.76
N VAL M 340 60.19 134.43 -28.93
CA VAL M 340 60.00 133.14 -29.57
C VAL M 340 60.48 133.18 -31.02
N SER M 341 61.05 132.07 -31.48
CA SER M 341 61.74 132.02 -32.77
C SER M 341 60.77 131.87 -33.93
N TYR M 342 61.29 132.11 -35.13
CA TYR M 342 60.60 131.83 -36.39
C TYR M 342 61.09 130.57 -37.08
N ASN M 343 62.14 129.93 -36.57
CA ASN M 343 62.76 128.77 -37.20
C ASN M 343 63.22 129.10 -38.62
N VAL M 344 63.92 130.23 -38.75
CA VAL M 344 64.43 130.68 -40.05
C VAL M 344 65.73 129.95 -40.33
N ILE M 345 65.77 129.21 -41.45
CA ILE M 345 66.89 128.37 -41.80
C ILE M 345 67.28 128.63 -43.25
N TYR M 346 68.37 127.99 -43.69
CA TYR M 346 68.78 127.95 -45.08
C TYR M 346 68.29 126.66 -45.70
N ASP M 347 67.54 126.75 -46.79
CA ASP M 347 66.98 125.59 -47.44
C ASP M 347 68.07 124.77 -48.13
N GLN M 348 67.66 123.64 -48.73
CA GLN M 348 68.63 122.78 -49.40
C GLN M 348 69.31 123.50 -50.55
N VAL M 349 68.54 124.24 -51.35
CA VAL M 349 69.12 125.17 -52.32
C VAL M 349 69.37 126.46 -51.55
N THR M 350 70.55 126.52 -50.92
CA THR M 350 70.80 127.52 -49.88
C THR M 350 70.96 128.93 -50.45
N GLY M 351 69.87 129.45 -51.00
CA GLY M 351 69.85 130.83 -51.43
C GLY M 351 69.59 131.74 -50.25
N LYS M 352 68.64 132.66 -50.40
CA LYS M 352 68.29 133.52 -49.28
C LYS M 352 67.55 132.69 -48.22
N PRO M 353 67.77 132.96 -46.94
CA PRO M 353 67.14 132.14 -45.90
C PRO M 353 65.63 132.33 -45.85
N VAL M 354 64.94 131.21 -45.62
CA VAL M 354 63.48 131.19 -45.47
C VAL M 354 63.14 130.32 -44.28
N THR M 355 62.11 130.73 -43.53
CA THR M 355 61.68 129.95 -42.38
C THR M 355 61.02 128.66 -42.83
N ALA M 356 61.20 127.61 -42.03
CA ALA M 356 60.70 126.28 -42.37
C ALA M 356 59.27 126.15 -41.85
N TYR M 357 58.32 126.63 -42.65
CA TYR M 357 56.91 126.56 -42.24
C TYR M 357 56.04 125.94 -43.33
N ARG M 358 56.42 126.11 -44.60
CA ARG M 358 55.80 125.41 -45.73
C ARG M 358 54.29 125.67 -45.76
N SER M 359 53.95 126.93 -46.02
CA SER M 359 52.53 127.29 -46.16
C SER M 359 51.92 126.60 -47.36
N TRP M 360 50.70 126.07 -47.17
CA TRP M 360 50.01 125.41 -48.26
C TRP M 360 49.63 126.38 -49.38
N MET M 361 49.34 127.63 -49.03
CA MET M 361 49.09 128.65 -50.05
C MET M 361 50.28 128.74 -51.00
N LEU M 362 51.49 128.83 -50.46
CA LEU M 362 52.66 128.98 -51.30
C LEU M 362 52.95 127.70 -52.07
N ALA M 363 52.67 126.54 -51.46
CA ALA M 363 52.85 125.28 -52.16
C ALA M 363 51.93 125.19 -53.36
N TYR M 364 50.68 125.65 -53.22
CA TYR M 364 49.76 125.67 -54.34
C TYR M 364 50.13 126.72 -55.36
N ASN M 365 50.59 127.89 -54.92
CA ASN M 365 50.86 128.99 -55.84
C ASN M 365 52.02 128.70 -56.77
N VAL M 366 53.04 128.00 -56.29
CA VAL M 366 54.11 127.56 -57.19
C VAL M 366 53.50 126.49 -58.10
N PRO M 367 53.55 126.70 -59.42
CA PRO M 367 52.77 125.86 -60.33
C PRO M 367 53.41 124.54 -60.72
N ASN M 368 54.51 124.15 -60.11
CA ASN M 368 55.26 123.00 -60.62
C ASN M 368 54.52 121.69 -60.37
N SER M 369 54.29 121.33 -59.11
CA SER M 369 53.72 120.02 -58.80
C SER M 369 53.38 119.95 -57.31
N GLN M 370 52.93 118.77 -56.91
CA GLN M 370 52.55 118.36 -55.56
C GLN M 370 51.29 119.03 -55.06
N ALA M 371 51.34 120.31 -54.69
CA ALA M 371 50.15 120.94 -54.15
C ALA M 371 49.14 121.28 -55.23
N ASN M 372 49.56 121.33 -56.49
CA ASN M 372 48.65 121.49 -57.61
C ASN M 372 48.18 120.15 -58.17
N GLN M 373 49.07 119.17 -58.27
CA GLN M 373 48.71 117.89 -58.85
C GLN M 373 48.05 116.94 -57.86
N THR M 374 47.99 117.30 -56.57
CA THR M 374 47.33 116.47 -55.56
C THR M 374 46.16 117.19 -54.90
N THR M 375 46.34 118.45 -54.51
CA THR M 375 45.31 119.22 -53.82
C THR M 375 44.66 120.18 -54.80
N LEU M 376 43.71 120.96 -54.29
CA LEU M 376 42.95 121.90 -55.09
C LEU M 376 42.55 123.09 -54.24
N LEU M 377 42.68 124.28 -54.80
CA LEU M 377 42.31 125.53 -54.13
C LEU M 377 40.98 126.00 -54.70
N THR M 378 39.94 125.97 -53.88
CA THR M 378 38.60 126.34 -54.27
C THR M 378 38.07 127.36 -53.28
N VAL M 379 36.86 127.86 -53.51
CA VAL M 379 36.32 128.80 -52.51
C VAL M 379 35.99 128.03 -51.25
N PRO M 380 36.05 128.66 -50.07
CA PRO M 380 35.86 127.90 -48.82
C PRO M 380 34.52 127.21 -48.71
N ASP M 381 33.47 127.74 -49.35
CA ASP M 381 32.18 127.05 -49.45
C ASP M 381 31.64 126.67 -48.07
N MET M 382 31.30 127.71 -47.31
CA MET M 382 30.86 127.59 -45.93
C MET M 382 29.42 127.08 -45.80
N ALA M 383 28.86 126.46 -46.85
CA ALA M 383 27.55 125.84 -46.76
C ALA M 383 27.57 124.52 -46.01
N GLY M 384 28.71 124.14 -45.42
CA GLY M 384 28.82 122.93 -44.65
C GLY M 384 29.31 121.71 -45.41
N GLY M 385 29.31 121.77 -46.74
CA GLY M 385 29.75 120.63 -47.52
C GLY M 385 28.84 119.43 -47.46
N ILE M 386 27.55 119.63 -47.17
CA ILE M 386 26.62 118.52 -47.05
C ILE M 386 26.23 118.03 -48.43
N GLY M 387 26.10 116.71 -48.57
CA GLY M 387 25.77 116.12 -49.85
C GLY M 387 24.29 116.21 -50.19
N ALA M 388 23.73 115.13 -50.71
CA ALA M 388 22.34 115.10 -51.13
C ALA M 388 21.47 114.50 -50.03
N MET M 389 20.18 114.84 -50.07
CA MET M 389 19.19 114.33 -49.13
C MET M 389 18.22 113.42 -49.88
N TYR M 390 17.93 112.27 -49.30
CA TYR M 390 17.07 111.26 -49.94
C TYR M 390 15.75 111.21 -49.17
N THR M 391 14.70 111.77 -49.76
CA THR M 391 13.37 111.63 -49.19
C THR M 391 12.73 110.35 -49.71
N SER M 392 12.14 109.58 -48.80
CA SER M 392 11.59 108.28 -49.15
C SER M 392 10.19 108.15 -48.56
N LEU M 393 9.31 107.51 -49.32
CA LEU M 393 7.92 107.24 -48.92
C LEU M 393 7.64 105.77 -49.16
N PRO M 394 8.13 104.89 -48.29
CA PRO M 394 7.99 103.46 -48.52
C PRO M 394 6.54 102.97 -48.49
N ASP M 395 5.63 103.72 -47.89
CA ASP M 395 4.25 103.28 -47.71
C ASP M 395 3.30 103.76 -48.80
N THR M 396 3.80 104.53 -49.78
CA THR M 396 2.93 104.96 -50.87
C THR M 396 3.59 104.93 -52.24
N PHE M 397 4.83 104.45 -52.36
CA PHE M 397 5.51 104.40 -53.64
C PHE M 397 6.13 103.03 -53.84
N ILE M 398 5.86 102.43 -55.00
CA ILE M 398 6.57 101.22 -55.39
C ILE M 398 8.04 101.57 -55.56
N ALA M 399 8.91 100.70 -55.04
CA ALA M 399 10.33 100.98 -55.07
C ALA M 399 10.80 101.20 -56.51
N PRO M 400 11.63 102.21 -56.75
CA PRO M 400 12.17 102.40 -58.10
C PRO M 400 12.97 101.18 -58.54
N THR M 401 13.28 101.15 -59.82
CA THR M 401 13.98 99.99 -60.38
C THR M 401 15.37 99.89 -59.78
N GLY M 402 15.66 98.74 -59.17
CA GLY M 402 16.92 98.53 -58.48
C GLY M 402 16.84 98.63 -56.98
N PHE M 403 15.69 99.02 -56.43
CA PHE M 403 15.48 99.10 -54.99
C PHE M 403 14.67 97.90 -54.53
N LYS M 404 15.06 97.32 -53.40
CA LYS M 404 14.27 96.30 -52.74
C LYS M 404 13.32 96.93 -51.73
N GLU M 405 12.19 96.28 -51.51
CA GLU M 405 11.18 96.76 -50.59
C GLU M 405 11.66 96.54 -49.16
N ASP M 406 12.28 97.56 -48.56
CA ASP M 406 12.72 97.53 -47.17
C ASP M 406 12.01 98.66 -46.44
N ASN M 407 10.80 98.39 -45.95
CA ASN M 407 9.97 99.40 -45.32
C ASN M 407 10.33 99.63 -43.86
N THR M 408 10.41 98.55 -43.07
CA THR M 408 10.63 98.66 -41.63
C THR M 408 12.12 98.78 -41.31
N THR M 409 12.77 99.74 -41.96
CA THR M 409 14.16 100.06 -41.71
C THR M 409 14.43 101.45 -42.25
N ASN M 410 15.66 101.93 -42.05
CA ASN M 410 16.05 103.25 -42.53
C ASN M 410 16.54 103.24 -43.97
N LEU M 411 16.81 102.07 -44.54
CA LEU M 411 17.23 101.97 -45.93
C LEU M 411 16.04 101.76 -46.86
N CYS M 412 15.05 102.64 -46.74
CA CYS M 412 13.87 102.58 -47.58
C CYS M 412 14.23 102.99 -49.01
N PRO M 413 13.48 102.52 -50.00
CA PRO M 413 13.73 102.94 -51.38
C PRO M 413 13.60 104.44 -51.52
N VAL M 414 14.58 105.04 -52.20
CA VAL M 414 14.58 106.50 -52.37
C VAL M 414 13.53 106.89 -53.39
N VAL M 415 12.63 107.77 -53.00
CA VAL M 415 11.55 108.22 -53.86
C VAL M 415 11.83 109.57 -54.50
N GLY M 416 12.37 110.50 -53.71
CA GLY M 416 12.64 111.84 -54.21
C GLY M 416 14.06 112.28 -53.99
N MET M 417 14.74 112.67 -55.06
CA MET M 417 16.11 113.13 -54.96
C MET M 417 16.17 114.65 -54.90
N ASN M 418 17.01 115.17 -54.02
CA ASN M 418 17.08 116.60 -53.82
C ASN M 418 18.40 116.93 -53.15
N LEU M 419 18.98 118.08 -53.49
CA LEU M 419 20.16 118.57 -52.81
C LEU M 419 19.79 119.05 -51.41
N PHE M 420 20.80 119.15 -50.54
CA PHE M 420 20.54 119.65 -49.21
C PHE M 420 20.21 121.14 -49.25
N PRO M 421 19.29 121.59 -48.40
CA PRO M 421 18.79 122.96 -48.50
C PRO M 421 19.76 124.04 -48.03
N THR M 422 21.02 123.68 -47.82
CA THR M 422 22.02 124.66 -47.39
C THR M 422 22.58 125.42 -48.59
N TYR M 423 22.78 126.73 -48.40
CA TYR M 423 23.30 127.58 -49.45
C TYR M 423 24.37 128.49 -48.87
N ASN M 424 25.25 128.98 -49.74
CA ASN M 424 26.30 129.90 -49.34
C ASN M 424 25.80 131.33 -49.52
N LYS M 425 25.51 132.00 -48.40
CA LYS M 425 25.12 133.41 -48.43
C LYS M 425 26.41 134.22 -48.43
N ILE M 426 26.91 134.52 -49.62
CA ILE M 426 28.19 135.20 -49.76
C ILE M 426 28.02 136.68 -49.44
N TYR M 427 28.93 137.21 -48.65
CA TYR M 427 28.97 138.62 -48.29
C TYR M 427 30.30 139.22 -48.74
N TYR M 428 30.52 140.48 -48.37
CA TYR M 428 31.78 141.16 -48.66
C TYR M 428 32.09 142.08 -47.48
N GLN M 429 32.91 141.60 -46.56
CA GLN M 429 33.36 142.41 -45.45
C GLN M 429 34.35 143.46 -45.96
N ALA M 430 34.00 144.74 -45.79
CA ALA M 430 34.77 145.81 -46.40
C ALA M 430 36.21 145.82 -45.89
N ALA M 431 36.40 146.07 -44.61
CA ALA M 431 37.71 146.06 -43.97
C ALA M 431 37.71 144.91 -42.97
N SER M 432 38.05 143.72 -43.46
CA SER M 432 37.93 142.52 -42.63
C SER M 432 38.87 142.57 -41.43
N THR M 433 40.14 142.89 -41.67
CA THR M 433 41.10 142.92 -40.57
C THR M 433 40.82 144.07 -39.60
N TYR M 434 40.40 145.23 -40.12
CA TYR M 434 40.07 146.33 -39.23
C TYR M 434 38.93 145.97 -38.30
N VAL M 435 37.85 145.40 -38.84
CA VAL M 435 36.72 145.07 -38.00
C VAL M 435 37.05 143.88 -37.10
N GLN M 436 37.98 143.02 -37.51
CA GLN M 436 38.44 141.96 -36.61
C GLN M 436 39.12 142.55 -35.38
N ARG M 437 40.02 143.51 -35.59
CA ARG M 437 40.64 144.19 -34.44
C ARG M 437 39.61 144.97 -33.63
N LEU M 438 38.68 145.64 -34.31
CA LEU M 438 37.65 146.41 -33.63
C LEU M 438 36.73 145.53 -32.81
N GLU M 439 36.56 144.28 -33.23
CA GLU M 439 35.72 143.35 -32.49
C GLU M 439 36.47 142.76 -31.30
N ASN M 440 37.67 142.23 -31.52
CA ASN M 440 38.38 141.62 -30.40
C ASN M 440 38.93 142.65 -29.42
N SER M 441 38.90 143.94 -29.78
CA SER M 441 39.26 144.96 -28.80
C SER M 441 38.23 145.06 -27.68
N CYS M 442 36.96 144.83 -28.00
CA CYS M 442 35.87 144.91 -27.03
C CYS M 442 35.32 143.55 -26.65
N GLN M 443 36.13 142.50 -26.79
CA GLN M 443 35.71 141.13 -26.51
C GLN M 443 35.81 140.78 -25.03
N SER M 444 36.29 141.71 -24.19
CA SER M 444 36.43 141.53 -22.74
C SER M 444 37.50 140.50 -22.42
N ALA M 445 38.03 139.86 -23.45
CA ALA M 445 39.16 138.93 -23.37
C ALA M 445 40.05 139.15 -24.58
N THR M 446 40.41 140.41 -24.82
CA THR M 446 40.94 140.92 -26.08
C THR M 446 41.87 139.95 -26.80
N ALA M 447 42.84 139.38 -26.08
CA ALA M 447 43.72 138.38 -26.67
C ALA M 447 43.11 136.99 -26.57
N ALA M 448 41.89 136.84 -27.10
CA ALA M 448 41.18 135.56 -27.01
C ALA M 448 41.68 134.59 -28.07
N PHE M 449 41.47 134.93 -29.33
CA PHE M 449 41.99 134.16 -30.45
C PHE M 449 43.24 134.79 -31.03
N ASN M 450 43.65 135.93 -30.49
CA ASN M 450 44.86 136.63 -30.91
C ASN M 450 46.00 136.33 -29.96
N ARG M 451 46.07 135.08 -29.48
CA ARG M 451 47.24 134.66 -28.72
C ARG M 451 48.49 134.82 -29.56
N PHE M 452 49.57 135.21 -28.90
CA PHE M 452 50.87 135.47 -29.50
C PHE M 452 50.76 136.64 -30.47
N PRO M 453 50.30 137.82 -30.02
CA PRO M 453 50.15 138.94 -30.96
C PRO M 453 51.46 139.38 -31.59
N GLU M 454 52.57 139.25 -30.87
CA GLU M 454 53.86 139.74 -31.39
C GLU M 454 54.38 138.85 -32.52
N ASN M 455 54.11 137.55 -32.47
CA ASN M 455 54.55 136.65 -33.53
C ASN M 455 53.84 136.97 -34.83
N GLU M 456 54.55 136.74 -35.94
CA GLU M 456 54.00 136.95 -37.27
C GLU M 456 53.56 135.64 -37.94
N ILE M 457 53.71 134.52 -37.27
CA ILE M 457 53.31 133.21 -37.79
C ILE M 457 52.11 132.66 -37.03
N LEU M 458 52.17 132.68 -35.70
CA LEU M 458 51.08 132.21 -34.86
C LEU M 458 50.06 133.30 -34.56
N LYS M 459 50.21 134.48 -35.16
CA LYS M 459 49.25 135.56 -34.98
C LYS M 459 47.89 135.13 -35.49
N GLN M 460 46.84 135.73 -34.91
CA GLN M 460 45.47 135.42 -35.30
C GLN M 460 45.29 135.62 -36.79
N ALA M 461 44.62 134.66 -37.43
CA ALA M 461 44.42 134.73 -38.88
C ALA M 461 43.58 135.95 -39.24
N PRO M 462 43.97 136.70 -40.26
CA PRO M 462 43.13 137.80 -40.72
C PRO M 462 41.91 137.27 -41.46
N PRO M 463 40.73 137.83 -41.21
CA PRO M 463 39.54 137.38 -41.92
C PRO M 463 39.55 137.80 -43.38
N MET M 464 38.87 137.02 -44.20
CA MET M 464 38.74 137.33 -45.62
C MET M 464 37.64 138.33 -45.86
N ASN M 465 37.88 139.26 -46.79
CA ASN M 465 36.84 140.21 -47.17
C ASN M 465 35.65 139.50 -47.78
N VAL M 466 35.90 138.52 -48.64
CA VAL M 466 34.85 137.78 -49.33
C VAL M 466 34.73 136.40 -48.68
N SER M 467 33.54 136.08 -48.20
CA SER M 467 33.28 134.80 -47.57
C SER M 467 31.78 134.55 -47.61
N SER M 468 31.37 133.40 -47.07
CA SER M 468 29.98 132.99 -47.11
C SER M 468 29.59 132.41 -45.77
N VAL M 469 28.28 132.38 -45.51
CA VAL M 469 27.71 131.78 -44.32
C VAL M 469 26.64 130.78 -44.75
N CYS M 470 26.57 129.65 -44.05
CA CYS M 470 25.60 128.61 -44.36
C CYS M 470 24.18 129.16 -44.30
N ASP M 471 23.51 129.24 -45.44
CA ASP M 471 22.15 129.76 -45.53
C ASP M 471 21.20 128.59 -45.62
N ASN M 472 20.31 128.48 -44.63
CA ASN M 472 19.33 127.40 -44.58
C ASN M 472 18.00 127.91 -45.14
N GLN M 473 17.76 127.63 -46.42
CA GLN M 473 16.51 127.99 -47.09
C GLN M 473 15.63 126.76 -47.27
N PRO M 474 14.31 126.91 -47.13
CA PRO M 474 13.42 125.76 -47.34
C PRO M 474 13.47 125.29 -48.79
N ALA M 475 13.62 123.98 -48.97
CA ALA M 475 13.76 123.38 -50.30
C ALA M 475 12.41 122.80 -50.70
N VAL M 476 11.69 123.54 -51.53
CA VAL M 476 10.44 123.06 -52.11
C VAL M 476 10.77 122.50 -53.49
N VAL M 477 10.98 121.19 -53.56
CA VAL M 477 11.42 120.51 -54.77
C VAL M 477 10.43 119.41 -55.10
N GLN M 478 9.95 119.39 -56.33
CA GLN M 478 8.99 118.38 -56.79
C GLN M 478 9.72 117.25 -57.49
N GLN M 479 9.33 116.02 -57.19
CA GLN M 479 10.04 114.84 -57.64
C GLN M 479 9.36 114.14 -58.82
N GLY M 480 8.32 114.74 -59.38
CA GLY M 480 7.67 114.19 -60.55
C GLY M 480 6.81 112.98 -60.25
N VAL M 481 6.32 112.37 -61.32
CA VAL M 481 5.39 111.24 -61.21
C VAL M 481 6.18 109.96 -61.00
N LEU M 482 5.81 109.20 -59.96
CA LEU M 482 6.42 107.91 -59.67
C LEU M 482 5.31 106.92 -59.37
N PRO M 483 5.47 105.66 -59.80
CA PRO M 483 4.40 104.68 -59.57
C PRO M 483 4.13 104.49 -58.09
N VAL M 484 2.86 104.27 -57.76
CA VAL M 484 2.41 104.20 -56.38
C VAL M 484 1.68 102.88 -56.16
N LYS M 485 1.56 102.51 -54.89
CA LYS M 485 0.84 101.31 -54.53
C LYS M 485 -0.65 101.52 -54.69
N SER M 486 -1.35 100.46 -55.13
CA SER M 486 -2.79 100.56 -55.30
C SER M 486 -3.51 100.69 -53.96
N SER M 487 -2.91 100.18 -52.89
CA SER M 487 -3.48 100.24 -51.55
C SER M 487 -2.58 101.10 -50.67
N LEU M 488 -3.05 102.30 -50.34
CA LEU M 488 -2.26 103.19 -49.50
C LEU M 488 -2.82 103.17 -48.09
N PRO M 489 -2.12 102.61 -47.11
CA PRO M 489 -2.61 102.65 -45.73
C PRO M 489 -2.58 104.07 -45.18
N GLY M 490 -3.47 104.32 -44.22
CA GLY M 490 -3.47 105.63 -43.58
C GLY M 490 -2.16 105.94 -42.90
N LEU M 491 -1.62 104.98 -42.15
CA LEU M 491 -0.32 105.14 -41.51
C LEU M 491 0.76 105.10 -42.58
N GLN M 492 1.38 106.25 -42.85
CA GLN M 492 2.39 106.39 -43.89
C GLN M 492 3.67 106.94 -43.28
N ARG M 493 4.80 106.32 -43.65
CA ARG M 493 6.10 106.74 -43.16
C ARG M 493 6.75 107.68 -44.17
N VAL M 494 7.16 108.86 -43.71
CA VAL M 494 7.91 109.80 -44.51
C VAL M 494 9.34 109.81 -43.97
N LEU M 495 10.28 109.37 -44.78
CA LEU M 495 11.67 109.20 -44.37
C LEU M 495 12.57 110.09 -45.21
N ILE M 496 13.46 110.81 -44.55
CA ILE M 496 14.45 111.65 -45.22
C ILE M 496 15.82 111.31 -44.66
N THR M 497 16.75 110.92 -45.53
CA THR M 497 18.09 110.53 -45.12
C THR M 497 19.12 111.24 -45.98
N ASP M 498 20.37 111.22 -45.51
CA ASP M 498 21.49 111.77 -46.24
C ASP M 498 22.06 110.71 -47.17
N ASP M 499 23.25 110.96 -47.73
CA ASP M 499 23.90 109.96 -48.56
C ASP M 499 24.34 108.74 -47.76
N GLN M 500 24.43 108.86 -46.44
CA GLN M 500 24.78 107.76 -45.55
C GLN M 500 23.56 106.93 -45.17
N ARG M 501 22.39 107.27 -45.70
CA ARG M 501 21.12 106.63 -45.32
C ARG M 501 20.89 106.72 -43.81
N ARG M 502 21.11 107.91 -43.26
CA ARG M 502 20.85 108.21 -41.88
C ARG M 502 19.87 109.37 -41.80
N PRO M 503 18.84 109.28 -40.95
CA PRO M 503 17.90 110.40 -40.84
C PRO M 503 18.61 111.67 -40.41
N ILE M 504 18.22 112.79 -41.01
CA ILE M 504 18.84 114.08 -40.76
C ILE M 504 18.16 114.71 -39.55
N PRO M 505 18.86 114.89 -38.43
CA PRO M 505 18.22 115.46 -37.24
C PRO M 505 17.99 116.96 -37.34
N TYR M 506 18.50 117.62 -38.38
CA TYR M 506 18.44 119.06 -38.50
C TYR M 506 17.28 119.53 -39.38
N VAL M 507 16.18 118.78 -39.39
CA VAL M 507 14.97 119.20 -40.08
C VAL M 507 13.89 119.43 -39.03
N TYR M 508 13.27 120.61 -39.07
CA TYR M 508 12.17 120.95 -38.18
C TYR M 508 10.84 121.02 -38.91
N LYS M 509 10.83 120.71 -40.20
CA LYS M 509 9.62 120.70 -41.00
C LYS M 509 9.88 119.99 -42.32
N SER M 510 9.01 119.04 -42.69
CA SER M 510 9.18 118.30 -43.93
C SER M 510 7.79 118.04 -44.50
N ILE M 511 7.42 118.82 -45.50
CA ILE M 511 6.09 118.76 -46.10
C ILE M 511 6.17 117.92 -47.37
N ALA M 512 5.27 116.96 -47.50
CA ALA M 512 5.17 116.13 -48.70
C ALA M 512 3.73 116.03 -49.15
N THR M 513 3.55 115.92 -50.46
CA THR M 513 2.23 115.76 -51.05
C THR M 513 2.31 114.83 -52.25
N VAL M 514 1.31 113.98 -52.40
CA VAL M 514 1.23 113.01 -53.49
C VAL M 514 -0.09 113.20 -54.21
N GLN M 515 -0.05 113.21 -55.54
CA GLN M 515 -1.22 113.46 -56.37
C GLN M 515 -1.35 112.30 -57.36
N PRO M 516 -1.97 111.21 -56.94
CA PRO M 516 -2.00 110.00 -57.79
C PRO M 516 -2.78 110.24 -59.08
N THR M 517 -2.23 109.73 -60.18
CA THR M 517 -2.86 109.84 -61.49
C THR M 517 -2.77 108.50 -62.20
N VAL M 518 -3.74 108.24 -63.07
CA VAL M 518 -3.76 106.98 -63.81
C VAL M 518 -2.66 107.01 -64.87
N LEU M 519 -1.81 106.00 -64.86
CA LEU M 519 -0.71 105.90 -65.82
C LEU M 519 -1.01 104.92 -66.95
N SER M 520 -1.79 103.88 -66.67
CA SER M 520 -2.15 102.88 -67.67
C SER M 520 -3.30 102.06 -67.10
N SER M 521 -3.78 101.10 -67.89
CA SER M 521 -4.83 100.19 -67.47
C SER M 521 -4.20 98.83 -67.15
N ALA M 522 -4.44 98.33 -65.94
CA ALA M 522 -3.85 97.08 -65.50
C ALA M 522 -4.78 95.90 -65.76
N THR M 523 -5.25 95.77 -67.00
CA THR M 523 -6.11 94.66 -67.38
C THR M 523 -6.16 94.58 -68.90
N LEU M 524 -6.56 93.41 -69.39
CA LEU M 524 -6.73 93.15 -70.83
C LEU M 524 -5.49 93.52 -71.64
N THR N 16 -26.99 80.39 -61.62
CA THR N 16 -27.58 81.48 -60.85
C THR N 16 -29.02 81.14 -60.47
N GLU N 17 -29.26 80.94 -59.18
CA GLU N 17 -30.61 80.66 -58.72
C GLU N 17 -31.48 81.90 -58.66
N VAL N 18 -30.88 83.09 -58.67
CA VAL N 18 -31.68 84.32 -58.76
C VAL N 18 -32.40 84.39 -60.09
N ALA N 19 -31.71 84.03 -61.18
CA ALA N 19 -32.33 84.09 -62.50
C ALA N 19 -33.50 83.11 -62.60
N ASP N 20 -33.33 81.91 -62.05
CA ASP N 20 -34.39 80.91 -62.07
C ASP N 20 -35.41 81.11 -60.96
N ALA N 21 -35.18 82.05 -60.05
CA ALA N 21 -36.18 82.44 -59.07
C ALA N 21 -37.07 83.56 -59.59
N LEU N 22 -36.48 84.50 -60.33
CA LEU N 22 -37.29 85.52 -60.99
C LEU N 22 -38.14 84.92 -62.10
N SER N 23 -37.55 84.08 -62.94
CA SER N 23 -38.23 83.51 -64.09
C SER N 23 -38.77 82.12 -63.75
N SER N 24 -39.76 82.09 -62.87
CA SER N 24 -40.41 80.85 -62.46
C SER N 24 -41.79 81.20 -61.93
N HIS N 25 -42.42 80.24 -61.28
CA HIS N 25 -43.72 80.47 -60.67
C HIS N 25 -43.54 81.32 -59.40
N ALA N 26 -44.64 81.48 -58.66
CA ALA N 26 -44.69 82.46 -57.58
C ALA N 26 -43.69 82.14 -56.48
N ASN N 27 -43.59 80.87 -56.09
CA ASN N 27 -42.79 80.49 -54.93
C ASN N 27 -41.93 79.27 -55.25
N SER N 28 -41.17 79.35 -56.35
CA SER N 28 -40.34 78.24 -56.79
C SER N 28 -39.32 77.86 -55.71
N LYS N 29 -38.77 76.65 -55.86
CA LYS N 29 -37.90 76.09 -54.83
C LYS N 29 -36.68 76.97 -54.57
N ASP N 30 -36.19 77.67 -55.59
CA ASP N 30 -35.09 78.61 -55.42
C ASP N 30 -35.54 80.04 -55.22
N ALA N 31 -36.84 80.31 -55.36
CA ALA N 31 -37.39 81.58 -54.92
C ALA N 31 -37.53 81.63 -53.41
N ARG N 32 -37.65 80.48 -52.75
CA ARG N 32 -37.64 80.42 -51.30
C ARG N 32 -36.34 79.88 -50.74
N SER N 33 -35.40 79.49 -51.61
CA SER N 33 -34.05 79.19 -51.14
C SER N 33 -33.31 80.47 -50.79
N LEU N 34 -33.45 81.51 -51.63
CA LEU N 34 -32.93 82.82 -51.29
C LEU N 34 -33.66 83.40 -50.08
N ARG N 35 -34.97 83.17 -50.00
CA ARG N 35 -35.77 83.73 -48.92
C ARG N 35 -35.32 83.21 -47.56
N TYR N 36 -34.98 81.92 -47.48
CA TYR N 36 -34.60 81.30 -46.21
C TYR N 36 -33.13 81.49 -45.87
N GLU N 37 -32.36 82.15 -46.73
CA GLU N 37 -31.00 82.51 -46.40
C GLU N 37 -30.99 83.68 -45.43
N PRO N 38 -29.92 83.82 -44.65
CA PRO N 38 -29.75 85.05 -43.86
C PRO N 38 -29.60 86.25 -44.79
N TYR N 39 -29.80 87.44 -44.22
CA TYR N 39 -29.85 88.63 -45.04
C TYR N 39 -28.55 88.87 -45.79
N ALA N 40 -27.42 88.65 -45.12
CA ALA N 40 -26.13 88.87 -45.79
C ALA N 40 -25.91 87.85 -46.90
N ASN N 41 -26.19 86.57 -46.64
CA ASN N 41 -26.01 85.55 -47.68
C ASN N 41 -26.92 85.81 -48.87
N ARG N 42 -28.19 86.14 -48.60
CA ARG N 42 -29.11 86.46 -49.68
C ARG N 42 -28.64 87.68 -50.47
N LEU N 43 -28.14 88.70 -49.76
CA LEU N 43 -27.65 89.89 -50.44
C LEU N 43 -26.41 89.59 -51.27
N ILE N 44 -25.55 88.70 -50.78
CA ILE N 44 -24.38 88.30 -51.56
C ILE N 44 -24.80 87.60 -52.84
N LYS N 45 -25.78 86.69 -52.74
CA LYS N 45 -26.27 86.01 -53.93
C LYS N 45 -26.90 87.00 -54.90
N LEU N 46 -27.67 87.95 -54.38
CA LEU N 46 -28.30 88.97 -55.22
C LEU N 46 -27.25 89.82 -55.93
N GLN N 47 -26.20 90.21 -55.21
CA GLN N 47 -25.15 91.04 -55.80
C GLN N 47 -24.38 90.28 -56.86
N THR N 48 -23.96 89.05 -56.55
CA THR N 48 -23.24 88.24 -57.52
C THR N 48 -24.10 87.84 -58.71
N ALA N 49 -25.43 87.89 -58.57
CA ALA N 49 -26.29 87.66 -59.73
C ALA N 49 -26.43 88.91 -60.58
N MET N 50 -26.67 90.05 -59.93
CA MET N 50 -26.87 91.30 -60.66
C MET N 50 -25.61 91.71 -61.41
N VAL N 51 -24.49 91.78 -60.71
CA VAL N 51 -23.21 92.16 -61.30
C VAL N 51 -22.25 90.99 -61.10
N PRO N 52 -22.12 90.11 -62.09
CA PRO N 52 -21.29 88.93 -61.92
C PRO N 52 -19.82 89.30 -61.87
N PRO N 53 -19.10 88.83 -60.85
CA PRO N 53 -17.66 89.09 -60.80
C PRO N 53 -16.93 88.31 -61.88
N LYS N 54 -15.99 88.99 -62.53
CA LYS N 54 -15.18 88.33 -63.55
C LYS N 54 -14.19 87.37 -62.89
N VAL N 55 -13.77 86.36 -63.65
CA VAL N 55 -12.82 85.36 -63.18
C VAL N 55 -11.70 85.24 -64.21
N ASP N 56 -10.49 85.02 -63.74
CA ASP N 56 -9.33 84.87 -64.62
C ASP N 56 -9.17 83.42 -65.02
N GLY N 57 -9.21 83.16 -66.33
CA GLY N 57 -9.08 81.79 -66.81
C GLY N 57 -7.70 81.21 -66.55
N THR N 58 -6.65 82.00 -66.82
CA THR N 58 -5.30 81.51 -66.61
C THR N 58 -5.04 81.29 -65.12
N SER N 59 -3.95 80.59 -64.83
CA SER N 59 -3.59 80.06 -63.52
C SER N 59 -4.46 78.87 -63.16
N GLU N 60 -5.46 78.59 -63.98
CA GLU N 60 -6.14 77.30 -63.99
C GLU N 60 -5.95 76.56 -65.30
N ARG N 61 -6.05 77.25 -66.43
CA ARG N 61 -5.75 76.63 -67.71
C ARG N 61 -4.30 76.16 -67.77
N VAL N 62 -3.38 76.96 -67.22
CA VAL N 62 -1.99 76.53 -67.13
C VAL N 62 -1.88 75.31 -66.22
N ALA N 63 -2.67 75.27 -65.15
CA ALA N 63 -2.69 74.09 -64.29
C ALA N 63 -3.19 72.87 -65.05
N GLU N 64 -4.23 73.05 -65.87
CA GLU N 64 -4.70 71.93 -66.69
C GLU N 64 -3.64 71.47 -67.67
N VAL N 65 -2.91 72.43 -68.27
CA VAL N 65 -1.87 72.07 -69.22
C VAL N 65 -0.76 71.28 -68.55
N VAL N 66 -0.30 71.72 -67.38
CA VAL N 66 0.79 71.00 -66.71
C VAL N 66 0.29 69.66 -66.17
N LYS N 67 -0.97 69.57 -65.73
CA LYS N 67 -1.49 68.29 -65.29
C LYS N 67 -1.62 67.31 -66.45
N GLY N 68 -2.00 67.80 -67.63
CA GLY N 68 -1.99 66.95 -68.81
C GLY N 68 -0.59 66.54 -69.22
N LEU N 69 0.36 67.46 -69.13
CA LEU N 69 1.75 67.14 -69.45
C LEU N 69 2.28 66.04 -68.54
N ALA N 70 2.01 66.15 -67.25
CA ALA N 70 2.42 65.09 -66.33
C ALA N 70 1.65 63.80 -66.57
N GLU N 71 0.36 63.91 -66.90
CA GLU N 71 -0.43 62.72 -67.18
C GLU N 71 0.03 62.02 -68.45
N GLN N 72 0.35 62.81 -69.48
CA GLN N 72 0.89 62.25 -70.72
C GLN N 72 2.34 61.84 -70.60
N GLY N 73 2.93 61.94 -69.41
CA GLY N 73 4.31 61.57 -69.23
C GLY N 73 5.33 62.57 -69.72
N ALA N 74 4.89 63.74 -70.19
CA ALA N 74 5.83 64.73 -70.70
C ALA N 74 6.75 65.24 -69.60
N ILE N 75 6.21 65.42 -68.40
CA ILE N 75 6.98 65.89 -67.25
C ILE N 75 6.67 64.98 -66.07
N TYR N 76 7.51 65.05 -65.06
CA TYR N 76 7.24 64.28 -63.86
C TYR N 76 6.35 65.07 -62.91
N PRO N 77 5.49 64.38 -62.15
CA PRO N 77 4.66 65.09 -61.17
C PRO N 77 5.47 65.74 -60.05
N ASP N 78 6.72 65.33 -59.85
CA ASP N 78 7.57 65.97 -58.85
C ASP N 78 7.91 67.41 -59.20
N GLN N 79 7.89 67.75 -60.48
CA GLN N 79 8.27 69.06 -60.99
C GLN N 79 7.08 69.81 -61.56
N MET N 80 5.88 69.31 -61.23
CA MET N 80 4.63 69.84 -61.76
C MET N 80 4.43 71.29 -61.37
N GLY N 81 4.53 71.58 -60.07
CA GLY N 81 4.25 72.93 -59.60
C GLY N 81 5.27 73.94 -60.08
N ALA N 82 6.55 73.56 -60.07
CA ALA N 82 7.60 74.45 -60.57
C ALA N 82 7.39 74.78 -62.03
N ILE N 83 7.07 73.77 -62.84
CA ILE N 83 6.83 74.03 -64.26
C ILE N 83 5.62 74.92 -64.45
N HIS N 84 4.55 74.67 -63.68
CA HIS N 84 3.34 75.48 -63.79
C HIS N 84 3.60 76.94 -63.44
N SER N 85 4.37 77.19 -62.38
CA SER N 85 4.63 78.56 -62.00
C SER N 85 5.58 79.25 -62.97
N ASP N 86 6.55 78.52 -63.51
CA ASP N 86 7.40 79.12 -64.54
C ASP N 86 6.56 79.48 -65.77
N LEU N 87 5.61 78.62 -66.14
CA LEU N 87 4.74 78.94 -67.25
C LEU N 87 3.82 80.12 -66.92
N LEU N 88 3.42 80.27 -65.66
CA LEU N 88 2.68 81.48 -65.28
C LEU N 88 3.51 82.73 -65.44
N ASN N 89 4.79 82.67 -65.08
CA ASN N 89 5.68 83.79 -65.39
C ASN N 89 5.70 84.08 -66.89
N ARG N 90 5.92 83.03 -67.70
CA ARG N 90 6.03 83.22 -69.14
C ARG N 90 4.74 83.77 -69.72
N VAL N 91 3.59 83.43 -69.14
CA VAL N 91 2.32 83.94 -69.63
C VAL N 91 2.10 85.38 -69.17
N TYR N 92 2.25 85.64 -67.88
CA TYR N 92 1.95 86.95 -67.33
C TYR N 92 2.86 88.02 -67.93
N THR N 93 4.14 87.72 -68.11
CA THR N 93 5.03 88.71 -68.70
C THR N 93 4.72 88.97 -70.16
N TRP N 94 3.89 88.15 -70.80
CA TRP N 94 3.45 88.37 -72.18
C TRP N 94 1.95 88.13 -72.30
N ASN N 95 1.18 88.44 -71.26
CA ASN N 95 -0.25 88.17 -71.24
C ASN N 95 -0.96 89.06 -72.23
N SER N 96 -1.37 88.50 -73.37
CA SER N 96 -2.02 89.27 -74.41
C SER N 96 -2.97 88.37 -75.18
N MET N 97 -3.92 88.98 -75.86
CA MET N 97 -4.82 88.24 -76.74
C MET N 97 -4.00 87.74 -77.92
N GLY N 98 -3.68 86.45 -77.91
CA GLY N 98 -2.74 85.88 -78.83
C GLY N 98 -1.85 84.89 -78.12
N VAL N 99 -1.62 85.14 -76.84
CA VAL N 99 -1.04 84.15 -75.95
C VAL N 99 -2.14 83.38 -75.21
N GLN N 100 -3.21 84.08 -74.83
CA GLN N 100 -4.35 83.41 -74.22
C GLN N 100 -5.00 82.42 -75.18
N GLU N 101 -5.01 82.75 -76.48
CA GLU N 101 -5.51 81.78 -77.45
C GLU N 101 -4.57 80.58 -77.55
N SER N 102 -3.27 80.79 -77.37
CA SER N 102 -2.36 79.64 -77.31
C SER N 102 -2.60 78.82 -76.05
N ILE N 103 -2.93 79.49 -74.94
CA ILE N 103 -3.26 78.77 -73.72
C ILE N 103 -4.50 77.90 -73.93
N GLN N 104 -5.52 78.47 -74.57
CA GLN N 104 -6.72 77.70 -74.85
C GLN N 104 -6.46 76.61 -75.89
N ALA N 105 -5.54 76.85 -76.82
CA ALA N 105 -5.17 75.82 -77.77
C ALA N 105 -4.51 74.64 -77.07
N LEU N 106 -3.64 74.93 -76.09
CA LEU N 106 -3.03 73.84 -75.32
C LEU N 106 -4.05 73.14 -74.43
N VAL N 107 -5.04 73.87 -73.91
CA VAL N 107 -6.06 73.20 -73.12
C VAL N 107 -6.93 72.30 -73.98
N ASN N 108 -7.35 72.78 -75.16
CA ASN N 108 -8.06 71.93 -76.10
C ASN N 108 -7.18 70.77 -76.54
N ASP N 109 -5.88 70.99 -76.59
CA ASP N 109 -4.92 69.93 -76.87
C ASP N 109 -4.97 68.87 -75.78
N VAL N 110 -5.04 69.30 -74.52
CA VAL N 110 -5.16 68.37 -73.39
C VAL N 110 -6.46 67.57 -73.52
N ILE N 111 -7.55 68.26 -73.85
CA ILE N 111 -8.85 67.59 -73.98
C ILE N 111 -8.81 66.56 -75.11
N HIS N 112 -8.22 66.92 -76.24
CA HIS N 112 -8.09 65.99 -77.36
C HIS N 112 -7.27 64.77 -76.96
N GLY N 113 -6.18 64.98 -76.24
CA GLY N 113 -5.38 63.86 -75.78
C GLY N 113 -6.13 62.96 -74.83
N GLN N 114 -6.90 63.55 -73.91
CA GLN N 114 -7.67 62.76 -72.97
C GLN N 114 -8.73 61.94 -73.69
N ASN N 115 -9.41 62.55 -74.66
CA ASN N 115 -10.42 61.80 -75.42
C ASN N 115 -9.79 60.70 -76.25
N LYS N 116 -8.62 60.97 -76.83
CA LYS N 116 -7.93 59.93 -77.60
C LYS N 116 -7.49 58.78 -76.71
N VAL N 117 -7.06 59.10 -75.48
CA VAL N 117 -6.76 58.05 -74.51
C VAL N 117 -8.01 57.25 -74.18
N LEU N 118 -9.13 57.94 -73.98
CA LEU N 118 -10.38 57.27 -73.64
C LEU N 118 -10.81 56.32 -74.74
N GLN N 119 -10.66 56.71 -76.00
CA GLN N 119 -11.00 55.82 -77.10
C GLN N 119 -10.19 54.52 -77.05
N ASP N 120 -9.05 54.53 -76.37
CA ASP N 120 -8.26 53.30 -76.26
C ASP N 120 -8.94 52.29 -75.34
N GLU N 121 -9.40 52.73 -74.16
CA GLU N 121 -10.02 51.77 -73.24
C GLU N 121 -11.40 51.32 -73.69
N LEU N 122 -12.08 52.08 -74.54
CA LEU N 122 -13.30 51.58 -75.15
C LEU N 122 -13.03 50.56 -76.25
N ALA N 123 -11.77 50.33 -76.60
CA ALA N 123 -11.38 49.28 -77.52
C ALA N 123 -10.79 48.06 -76.83
N ARG N 124 -10.50 48.15 -75.53
CA ARG N 124 -10.01 47.01 -74.78
C ARG N 124 -11.17 46.12 -74.36
N THR N 125 -10.92 45.23 -73.39
CA THR N 125 -11.97 44.36 -72.89
C THR N 125 -13.12 45.20 -72.33
N ARG N 126 -14.34 44.71 -72.51
CA ARG N 126 -15.52 45.47 -72.11
C ARG N 126 -15.52 45.75 -70.62
N GLU N 127 -14.93 44.87 -69.81
CA GLU N 127 -14.87 45.10 -68.38
C GLU N 127 -13.88 46.21 -68.01
N ILE N 128 -13.09 46.69 -68.96
CA ILE N 128 -12.26 47.87 -68.74
C ILE N 128 -12.94 49.08 -69.39
N ALA N 129 -13.63 48.84 -70.51
CA ALA N 129 -14.33 49.93 -71.18
C ALA N 129 -15.43 50.51 -70.30
N ASN N 130 -16.25 49.64 -69.71
CA ASN N 130 -17.31 50.14 -68.85
C ASN N 130 -16.75 50.78 -67.59
N ALA N 131 -15.63 50.25 -67.09
CA ALA N 131 -15.00 50.86 -65.92
C ALA N 131 -14.50 52.26 -66.23
N SER N 132 -13.86 52.44 -67.38
CA SER N 132 -13.38 53.77 -67.76
C SER N 132 -14.53 54.73 -68.00
N MET N 133 -15.60 54.25 -68.65
CA MET N 133 -16.78 55.10 -68.83
C MET N 133 -17.41 55.46 -67.49
N LEU N 134 -17.36 54.56 -66.52
CA LEU N 134 -17.86 54.87 -65.18
C LEU N 134 -16.97 55.88 -64.47
N THR N 135 -15.66 55.80 -64.66
CA THR N 135 -14.78 56.83 -64.12
C THR N 135 -15.09 58.18 -64.72
N ARG N 136 -15.37 58.23 -66.02
CA ARG N 136 -15.73 59.51 -66.63
C ARG N 136 -17.09 59.99 -66.15
N PHE N 137 -18.03 59.06 -65.89
CA PHE N 137 -19.30 59.47 -65.30
C PHE N 137 -19.07 60.10 -63.93
N PHE N 138 -18.24 59.46 -63.10
CA PHE N 138 -17.95 60.00 -61.78
C PHE N 138 -17.26 61.35 -61.87
N ASP N 139 -16.35 61.51 -62.83
CA ASP N 139 -15.73 62.81 -63.06
C ASP N 139 -16.72 63.82 -63.65
N SER N 140 -17.84 63.34 -64.18
CA SER N 140 -18.82 64.18 -64.85
C SER N 140 -19.87 64.76 -63.91
N LEU N 141 -19.85 64.38 -62.64
CA LEU N 141 -20.77 65.00 -61.69
C LEU N 141 -20.00 65.49 -60.47
N TYR N 142 -20.73 65.94 -59.45
CA TYR N 142 -20.11 66.39 -58.22
C TYR N 142 -19.28 65.29 -57.57
N LYS N 143 -18.17 65.69 -56.96
CA LYS N 143 -17.29 64.75 -56.27
C LYS N 143 -17.42 64.81 -54.75
N THR N 144 -18.08 65.84 -54.22
CA THR N 144 -18.24 65.99 -52.78
C THR N 144 -19.64 66.53 -52.50
N VAL N 145 -20.28 66.02 -51.46
CA VAL N 145 -21.60 66.46 -51.04
C VAL N 145 -21.50 67.03 -49.63
N ASP N 146 -22.36 68.01 -49.35
CA ASP N 146 -22.32 68.67 -48.04
C ASP N 146 -22.64 67.69 -46.91
N ARG N 147 -23.59 66.79 -47.13
CA ARG N 147 -23.99 65.81 -46.13
C ARG N 147 -23.90 64.40 -46.72
N GLY N 148 -23.49 63.45 -45.89
CA GLY N 148 -23.39 62.06 -46.34
C GLY N 148 -22.33 61.80 -47.37
N GLN N 149 -21.14 62.36 -47.21
CA GLN N 149 -20.06 62.10 -48.16
C GLN N 149 -19.62 60.64 -48.13
N ARG N 150 -19.57 60.05 -46.93
CA ARG N 150 -19.20 58.65 -46.81
C ARG N 150 -20.17 57.75 -47.56
N ASN N 151 -21.48 58.05 -47.45
CA ASN N 151 -22.46 57.30 -48.21
C ASN N 151 -22.22 57.44 -49.71
N PHE N 152 -21.90 58.64 -50.16
CA PHE N 152 -21.69 58.88 -51.59
C PHE N 152 -20.51 58.07 -52.12
N GLU N 153 -19.37 58.12 -51.42
CA GLU N 153 -18.22 57.38 -51.91
C GLU N 153 -18.41 55.88 -51.75
N GLY N 154 -19.12 55.43 -50.71
CA GLY N 154 -19.43 54.03 -50.58
C GLY N 154 -20.30 53.52 -51.73
N PHE N 155 -21.30 54.31 -52.11
CA PHE N 155 -22.11 53.96 -53.28
C PHE N 155 -21.28 53.93 -54.56
N LYS N 156 -20.39 54.90 -54.73
CA LYS N 156 -19.57 54.92 -55.94
C LYS N 156 -18.68 53.68 -56.00
N LYS N 157 -18.07 53.29 -54.88
CA LYS N 157 -17.24 52.09 -54.86
C LYS N 157 -18.06 50.83 -55.08
N LEU N 158 -19.25 50.74 -54.46
CA LEU N 158 -20.09 49.57 -54.67
C LEU N 158 -20.52 49.45 -56.13
N LEU N 159 -20.91 50.57 -56.75
CA LEU N 159 -21.27 50.55 -58.16
C LEU N 159 -20.09 50.15 -59.03
N ARG N 160 -18.89 50.66 -58.70
CA ARG N 160 -17.69 50.31 -59.46
C ARG N 160 -17.45 48.81 -59.42
N LEU N 161 -17.42 48.22 -58.22
CA LEU N 161 -17.13 46.80 -58.12
C LEU N 161 -18.30 45.95 -58.60
N PHE N 162 -19.54 46.46 -58.57
CA PHE N 162 -20.65 45.76 -59.18
C PHE N 162 -20.50 45.68 -60.68
N VAL N 163 -20.11 46.79 -61.33
CA VAL N 163 -19.87 46.78 -62.76
C VAL N 163 -18.71 45.83 -63.09
N ASN N 164 -17.64 45.88 -62.29
CA ASN N 164 -16.49 45.03 -62.56
C ASN N 164 -16.83 43.55 -62.42
N ASN N 165 -17.60 43.20 -61.39
CA ASN N 165 -17.88 41.79 -61.10
C ASN N 165 -19.13 41.27 -61.78
N VAL N 166 -19.81 42.09 -62.57
CA VAL N 166 -20.93 41.64 -63.40
C VAL N 166 -20.42 41.58 -64.84
N PRO N 167 -20.24 40.39 -65.42
CA PRO N 167 -19.59 40.30 -66.73
C PRO N 167 -20.38 40.94 -67.86
N ASN N 168 -21.68 41.14 -67.68
CA ASN N 168 -22.56 41.61 -68.75
C ASN N 168 -23.11 43.01 -68.48
N ALA N 169 -22.43 43.79 -67.64
CA ALA N 169 -22.80 45.18 -67.42
C ALA N 169 -22.14 46.05 -68.49
N GLU N 170 -22.89 47.02 -69.01
CA GLU N 170 -22.42 47.84 -70.11
C GLU N 170 -22.84 49.29 -69.84
N VAL N 171 -21.84 50.15 -69.65
CA VAL N 171 -22.07 51.56 -69.34
C VAL N 171 -21.82 52.39 -70.59
N TYR N 172 -22.72 53.31 -70.89
CA TYR N 172 -22.62 54.16 -72.07
C TYR N 172 -23.19 55.53 -71.74
N SER N 173 -23.14 56.43 -72.73
CA SER N 173 -23.66 57.78 -72.59
C SER N 173 -24.49 58.12 -73.82
N SER N 174 -25.61 58.82 -73.60
CA SER N 174 -26.51 59.24 -74.67
C SER N 174 -26.87 60.72 -74.42
N GLY N 175 -26.07 61.61 -74.97
CA GLY N 175 -26.28 63.04 -74.78
C GLY N 175 -26.09 63.51 -73.36
N GLY N 176 -25.10 62.97 -72.66
CA GLY N 176 -24.84 63.33 -71.28
C GLY N 176 -25.51 62.45 -70.26
N SER N 177 -26.51 61.66 -70.66
CA SER N 177 -27.21 60.76 -69.75
C SER N 177 -26.48 59.44 -69.75
N PHE N 178 -25.74 59.17 -68.68
CA PHE N 178 -24.98 57.92 -68.56
C PHE N 178 -25.90 56.83 -68.06
N SER N 179 -26.25 55.89 -68.94
CA SER N 179 -27.16 54.82 -68.59
C SER N 179 -26.39 53.52 -68.33
N LEU N 180 -27.08 52.55 -67.75
CA LEU N 180 -26.50 51.25 -67.43
C LEU N 180 -27.41 50.16 -67.96
N GLN N 181 -26.83 49.23 -68.72
CA GLN N 181 -27.56 48.11 -69.29
C GLN N 181 -27.14 46.83 -68.60
N ILE N 182 -28.12 46.06 -68.15
CA ILE N 182 -27.90 44.76 -67.52
C ILE N 182 -28.71 43.75 -68.30
N ASN N 183 -28.02 42.80 -68.94
CA ASN N 183 -28.66 41.84 -69.84
C ASN N 183 -28.89 40.54 -69.10
N MET N 184 -30.15 40.21 -68.79
CA MET N 184 -30.47 38.94 -68.15
C MET N 184 -30.81 37.85 -69.16
N GLY N 185 -30.24 37.92 -70.37
CA GLY N 185 -30.47 36.91 -71.38
C GLY N 185 -31.76 37.12 -72.14
N GLY N 186 -32.89 36.80 -71.50
CA GLY N 186 -34.18 37.01 -72.13
C GLY N 186 -34.65 38.45 -72.11
N GLN N 187 -34.06 39.29 -71.25
CA GLN N 187 -34.44 40.68 -71.17
C GLN N 187 -33.24 41.49 -70.70
N SER N 188 -33.30 42.80 -70.97
CA SER N 188 -32.23 43.72 -70.59
C SER N 188 -32.87 44.99 -70.05
N GLN N 189 -32.83 45.17 -68.74
CA GLN N 189 -33.44 46.33 -68.11
C GLN N 189 -32.44 47.47 -68.05
N ASN N 190 -32.83 48.62 -68.61
CA ASN N 190 -31.96 49.78 -68.68
C ASN N 190 -32.27 50.72 -67.53
N ILE N 191 -31.23 51.14 -66.81
CA ILE N 191 -31.36 52.06 -65.69
C ILE N 191 -30.40 53.22 -65.91
N ASN N 192 -30.88 54.43 -65.72
CA ASN N 192 -30.06 55.62 -65.94
C ASN N 192 -29.37 56.01 -64.64
N LEU N 193 -28.12 56.48 -64.77
CA LEU N 193 -27.31 56.85 -63.63
C LEU N 193 -27.34 58.35 -63.35
N THR N 194 -27.47 59.17 -64.38
CA THR N 194 -27.51 60.62 -64.17
C THR N 194 -28.74 61.03 -63.35
N ASN N 195 -29.93 60.59 -63.79
CA ASN N 195 -31.14 60.94 -63.05
C ASN N 195 -31.19 60.24 -61.70
N ALA N 196 -30.61 59.04 -61.59
CA ALA N 196 -30.59 58.36 -60.31
C ALA N 196 -29.74 59.11 -59.30
N PHE N 197 -28.51 59.47 -59.69
CA PHE N 197 -27.66 60.22 -58.77
C PHE N 197 -28.21 61.61 -58.50
N ASP N 198 -28.91 62.21 -59.48
CA ASP N 198 -29.60 63.47 -59.23
C ASP N 198 -30.68 63.28 -58.17
N ASN N 199 -31.43 62.18 -58.25
CA ASN N 199 -32.44 61.89 -57.23
C ASN N 199 -31.80 61.57 -55.90
N LEU N 200 -30.63 60.92 -55.93
CA LEU N 200 -29.94 60.53 -54.71
C LEU N 200 -29.30 61.70 -53.98
N LYS N 201 -29.60 62.94 -54.35
CA LYS N 201 -29.11 64.08 -53.59
C LYS N 201 -30.03 64.37 -52.42
N ASP N 202 -29.43 64.81 -51.31
CA ASP N 202 -30.12 64.97 -50.03
C ASP N 202 -30.78 63.67 -49.58
N ILE N 203 -30.14 62.54 -49.89
CA ILE N 203 -30.53 61.26 -49.31
C ILE N 203 -29.27 60.58 -48.82
N TRP N 204 -28.11 61.17 -49.12
CA TRP N 204 -26.86 60.66 -48.57
C TRP N 204 -26.81 60.86 -47.07
N GLY N 205 -27.08 62.08 -46.60
CA GLY N 205 -27.22 62.35 -45.19
C GLY N 205 -28.65 62.08 -44.74
N ALA N 206 -28.99 60.81 -44.60
CA ALA N 206 -30.39 60.42 -44.50
C ALA N 206 -30.86 60.19 -43.06
N ARG N 207 -30.04 59.55 -42.24
CA ARG N 207 -30.37 59.28 -40.84
C ARG N 207 -31.67 58.45 -40.73
N TRP N 208 -31.56 57.20 -41.17
CA TRP N 208 -32.66 56.24 -41.17
C TRP N 208 -33.40 56.26 -39.84
N ASP N 209 -34.67 56.66 -39.88
CA ASP N 209 -35.48 56.74 -38.67
C ASP N 209 -36.95 56.67 -39.08
N ALA N 210 -37.84 56.99 -38.14
CA ALA N 210 -39.26 56.77 -38.35
C ALA N 210 -39.85 57.69 -39.41
N VAL N 211 -39.48 58.96 -39.40
CA VAL N 211 -40.13 59.93 -40.28
C VAL N 211 -39.46 60.04 -41.64
N ASN N 212 -38.14 59.81 -41.71
CA ASN N 212 -37.44 59.96 -42.98
C ASN N 212 -37.89 58.90 -43.99
N ASN N 213 -38.19 57.69 -43.52
CA ASN N 213 -38.54 56.62 -44.46
C ASN N 213 -39.77 56.95 -45.29
N PRO N 214 -40.89 57.40 -44.73
CA PRO N 214 -41.97 57.87 -45.61
C PRO N 214 -41.58 59.08 -46.44
N ARG N 215 -40.74 59.96 -45.87
CA ARG N 215 -40.39 61.21 -46.55
C ARG N 215 -39.66 60.93 -47.86
N ILE N 216 -38.70 60.00 -47.83
CA ILE N 216 -37.83 59.75 -48.97
C ILE N 216 -38.11 58.39 -49.60
N GLY N 217 -39.19 57.73 -49.20
CA GLY N 217 -39.64 56.54 -49.89
C GLY N 217 -40.50 56.92 -51.09
N ALA N 218 -41.19 58.05 -50.96
CA ALA N 218 -41.91 58.64 -52.08
C ALA N 218 -41.06 59.60 -52.88
N LEU N 219 -39.83 59.86 -52.44
CA LEU N 219 -38.89 60.69 -53.17
C LEU N 219 -38.06 59.90 -54.16
N LEU N 220 -37.99 58.58 -53.99
CA LEU N 220 -37.18 57.72 -54.85
C LEU N 220 -37.98 57.27 -56.06
N THR N 221 -37.44 57.52 -57.25
CA THR N 221 -38.07 57.07 -58.47
C THR N 221 -37.81 55.57 -58.68
N PRO N 222 -38.61 54.91 -59.52
CA PRO N 222 -38.33 53.51 -59.84
C PRO N 222 -36.94 53.29 -60.42
N ASN N 223 -36.41 54.26 -61.16
CA ASN N 223 -35.05 54.15 -61.67
C ASN N 223 -34.05 54.08 -60.53
N THR N 224 -34.18 54.96 -59.54
CA THR N 224 -33.23 55.00 -58.43
C THR N 224 -33.31 53.74 -57.57
N ARG N 225 -34.52 53.30 -57.25
CA ARG N 225 -34.66 52.08 -56.47
C ARG N 225 -34.11 50.89 -57.22
N ALA N 226 -34.35 50.81 -58.53
CA ALA N 226 -33.79 49.72 -59.31
C ALA N 226 -32.27 49.76 -59.33
N LEU N 227 -31.70 50.96 -59.48
CA LEU N 227 -30.24 51.09 -59.50
C LEU N 227 -29.63 50.61 -58.19
N LEU N 228 -30.12 51.13 -57.08
CA LEU N 228 -29.49 50.75 -55.81
C LEU N 228 -29.86 49.32 -55.40
N PHE N 229 -30.99 48.80 -55.88
CA PHE N 229 -31.28 47.37 -55.69
C PHE N 229 -30.27 46.50 -56.41
N PHE N 230 -29.95 46.83 -57.66
CA PHE N 230 -28.94 46.07 -58.38
C PHE N 230 -27.55 46.25 -57.78
N VAL N 231 -27.25 47.45 -57.28
CA VAL N 231 -25.94 47.69 -56.69
C VAL N 231 -25.77 46.92 -55.39
N SER N 232 -26.83 46.84 -54.58
CA SER N 232 -26.75 46.22 -53.27
C SER N 232 -26.52 44.71 -53.32
N THR N 233 -26.44 44.11 -54.51
CA THR N 233 -26.09 42.69 -54.58
C THR N 233 -24.68 42.46 -54.07
N PHE N 234 -23.81 43.46 -54.19
CA PHE N 234 -22.47 43.45 -53.62
C PHE N 234 -22.41 44.60 -52.63
N TYR N 235 -22.85 44.34 -51.40
CA TYR N 235 -22.98 45.38 -50.39
C TYR N 235 -22.34 44.90 -49.09
N ASP N 236 -21.50 45.74 -48.51
CA ASP N 236 -20.83 45.42 -47.26
C ASP N 236 -21.50 46.16 -46.11
N TYR N 237 -21.14 45.76 -44.90
CA TYR N 237 -21.46 46.58 -43.74
C TYR N 237 -20.45 47.71 -43.54
N GLY N 238 -19.32 47.66 -44.22
CA GLY N 238 -18.33 48.72 -44.13
C GLY N 238 -18.39 49.66 -45.31
N SER N 239 -19.51 49.66 -46.04
CA SER N 239 -19.67 50.48 -47.23
C SER N 239 -20.22 51.88 -46.94
N MET N 240 -21.18 51.99 -46.02
CA MET N 240 -21.90 53.23 -45.81
C MET N 240 -21.94 53.56 -44.32
N GLU N 241 -22.53 54.70 -43.99
CA GLU N 241 -22.68 55.08 -42.60
C GLU N 241 -23.61 54.10 -41.89
N PRO N 242 -23.28 53.67 -40.67
CA PRO N 242 -24.00 52.56 -40.05
C PRO N 242 -25.43 52.88 -39.63
N GLY N 243 -25.91 54.11 -39.82
CA GLY N 243 -27.26 54.44 -39.43
C GLY N 243 -28.05 55.20 -40.48
N SER N 244 -27.59 55.16 -41.72
CA SER N 244 -28.21 55.92 -42.79
C SER N 244 -29.36 55.14 -43.43
N TYR N 245 -30.20 55.86 -44.17
CA TYR N 245 -31.31 55.22 -44.87
C TYR N 245 -30.81 54.36 -46.01
N LEU N 246 -29.79 54.82 -46.74
CA LEU N 246 -29.25 54.02 -47.82
C LEU N 246 -28.60 52.75 -47.28
N ASP N 247 -27.89 52.86 -46.16
CA ASP N 247 -27.24 51.68 -45.58
C ASP N 247 -28.27 50.64 -45.17
N ASN N 248 -29.27 51.04 -44.39
CA ASN N 248 -30.28 50.10 -43.93
C ASN N 248 -31.27 49.70 -45.02
N LEU N 249 -31.30 50.42 -46.14
CA LEU N 249 -32.08 50.01 -47.30
C LEU N 249 -31.35 48.96 -48.12
N MET N 250 -30.05 49.13 -48.33
CA MET N 250 -29.27 48.11 -49.00
C MET N 250 -29.12 46.87 -48.14
N ARG N 251 -29.13 47.02 -46.82
CA ARG N 251 -29.14 45.85 -45.94
C ARG N 251 -30.36 44.98 -46.21
N LEU N 252 -31.52 45.62 -46.45
CA LEU N 252 -32.73 44.86 -46.77
C LEU N 252 -32.68 44.34 -48.21
N TYR N 253 -32.21 45.15 -49.14
CA TYR N 253 -32.23 44.76 -50.55
C TYR N 253 -31.27 43.62 -50.83
N LYS N 254 -30.12 43.59 -50.14
CA LYS N 254 -29.17 42.50 -50.36
C LYS N 254 -29.76 41.16 -49.94
N GLU N 255 -30.43 41.12 -48.79
CA GLU N 255 -31.04 39.86 -48.37
C GLU N 255 -32.30 39.55 -49.18
N ALA N 256 -32.98 40.57 -49.71
CA ALA N 256 -34.06 40.32 -50.64
C ALA N 256 -33.54 39.65 -51.91
N ILE N 257 -32.39 40.10 -52.41
CA ILE N 257 -31.75 39.43 -53.54
C ILE N 257 -31.37 38.02 -53.15
N ARG N 258 -30.76 37.86 -51.97
CA ARG N 258 -30.38 36.53 -51.50
C ARG N 258 -31.60 35.66 -51.25
N ALA N 259 -32.64 36.22 -50.64
CA ALA N 259 -33.84 35.47 -50.34
C ALA N 259 -35.10 36.30 -50.57
N MET O 1 28.21 23.21 -79.06
CA MET O 1 26.95 23.94 -79.14
C MET O 1 27.17 25.43 -78.93
N ASN O 2 26.10 26.20 -79.08
CA ASN O 2 26.13 27.65 -78.88
C ASN O 2 25.34 27.98 -77.62
N LEU O 3 25.97 28.71 -76.71
CA LEU O 3 25.31 29.09 -75.46
C LEU O 3 24.29 30.20 -75.64
N LEU O 4 24.34 30.92 -76.76
CA LEU O 4 23.32 31.92 -77.03
C LEU O 4 21.98 31.27 -77.33
N ASN O 5 22.00 30.08 -77.94
CA ASN O 5 20.79 29.31 -78.19
C ASN O 5 20.44 28.37 -77.05
N ALA O 6 21.28 28.27 -76.04
CA ALA O 6 21.00 27.40 -74.90
C ALA O 6 19.83 27.94 -74.09
N ALA O 7 19.04 27.02 -73.56
CA ALA O 7 17.86 27.40 -72.78
C ALA O 7 18.31 28.01 -71.46
N PRO O 8 17.75 29.15 -71.06
CA PRO O 8 18.16 29.78 -69.80
C PRO O 8 17.55 29.07 -68.60
N THR O 9 18.12 29.37 -67.44
CA THR O 9 17.54 28.90 -66.20
C THR O 9 16.22 29.61 -65.93
N PRO O 10 15.20 28.90 -65.46
CA PRO O 10 13.92 29.56 -65.20
C PRO O 10 14.00 30.56 -64.05
N TYR O 11 13.11 31.54 -64.09
CA TYR O 11 12.92 32.47 -62.98
C TYR O 11 11.89 31.91 -62.02
N VAL O 12 12.33 31.59 -60.82
CA VAL O 12 11.40 31.20 -59.75
C VAL O 12 11.02 32.45 -58.97
N TRP O 13 9.83 32.42 -58.38
CA TRP O 13 9.27 33.58 -57.70
C TRP O 13 9.45 33.46 -56.19
N LYS O 14 9.45 34.60 -55.53
CA LYS O 14 9.45 34.68 -54.07
C LYS O 14 8.08 35.16 -53.63
N TYR O 15 7.48 34.46 -52.67
CA TYR O 15 6.09 34.73 -52.31
C TYR O 15 5.92 35.86 -51.30
N ASN O 16 6.82 35.99 -50.32
CA ASN O 16 6.59 36.93 -49.23
C ASN O 16 5.26 36.66 -48.54
N PRO O 17 5.16 35.60 -47.73
CA PRO O 17 3.85 35.20 -47.20
C PRO O 17 3.16 36.23 -46.32
N VAL O 18 3.90 37.07 -45.59
CA VAL O 18 3.27 37.91 -44.57
C VAL O 18 2.52 39.07 -45.20
N THR O 19 3.19 39.86 -46.05
CA THR O 19 2.46 40.91 -46.73
C THR O 19 1.47 40.33 -47.73
N GLY O 20 1.83 39.22 -48.36
CA GLY O 20 1.03 38.61 -49.40
C GLY O 20 1.39 39.04 -50.81
N LYS O 21 2.07 40.17 -50.95
CA LYS O 21 2.49 40.63 -52.26
C LYS O 21 3.70 39.82 -52.73
N CYS O 22 3.84 39.72 -54.04
CA CYS O 22 5.00 39.05 -54.62
C CYS O 22 6.28 39.74 -54.20
N ALA O 23 7.27 38.96 -53.78
CA ALA O 23 8.56 39.49 -53.37
C ALA O 23 9.56 39.57 -54.53
N GLY O 24 9.14 39.23 -55.73
CA GLY O 24 10.01 39.28 -56.89
C GLY O 24 10.29 37.90 -57.43
N ALA O 25 11.27 37.86 -58.34
CA ALA O 25 11.73 36.62 -58.95
C ALA O 25 13.24 36.61 -58.93
N GLN O 26 13.80 35.41 -59.07
CA GLN O 26 15.24 35.25 -59.08
C GLN O 26 15.61 34.19 -60.10
N GLN O 27 16.85 34.29 -60.58
CA GLN O 27 17.40 33.23 -61.41
C GLN O 27 17.46 31.95 -60.57
N ASN O 28 16.92 30.86 -61.09
CA ASN O 28 16.79 29.66 -60.25
C ASN O 28 18.13 28.99 -60.05
N TYR O 29 19.02 29.65 -59.29
CA TYR O 29 20.33 29.10 -59.00
C TYR O 29 20.30 27.97 -58.00
N GLY O 30 19.21 27.84 -57.23
CA GLY O 30 19.16 26.84 -56.19
C GLY O 30 19.12 25.42 -56.73
N ALA O 31 18.73 25.26 -57.99
CA ALA O 31 18.74 23.96 -58.67
C ALA O 31 19.42 24.14 -60.02
N THR O 32 20.75 24.03 -60.02
CA THR O 32 21.54 24.17 -61.24
C THR O 32 22.56 23.04 -61.31
N ILE O 33 22.86 22.63 -62.53
CA ILE O 33 23.79 21.54 -62.79
C ILE O 33 25.16 22.12 -63.11
N ASP O 34 26.21 21.48 -62.60
CA ASP O 34 27.59 21.90 -62.82
C ASP O 34 28.12 21.08 -64.00
N TRP O 35 28.25 21.72 -65.17
CA TRP O 35 28.48 20.98 -66.40
C TRP O 35 29.58 21.50 -67.32
N VAL O 36 30.17 22.66 -67.06
CA VAL O 36 31.15 23.17 -68.03
C VAL O 36 32.57 22.79 -67.63
N LEU O 37 32.91 22.84 -66.34
CA LEU O 37 34.26 22.46 -65.95
C LEU O 37 34.42 20.95 -65.88
N PRO O 38 33.49 20.17 -65.28
CA PRO O 38 33.65 18.72 -65.29
C PRO O 38 33.03 18.04 -66.50
N GLY O 39 32.03 18.67 -67.12
CA GLY O 39 31.21 18.00 -68.10
C GLY O 39 31.69 18.04 -69.54
N GLY O 40 31.99 19.24 -70.04
CA GLY O 40 32.47 19.35 -71.40
C GLY O 40 31.37 19.14 -72.42
N ASN O 41 31.79 18.70 -73.62
CA ASN O 41 30.87 18.62 -74.75
C ASN O 41 29.78 17.57 -74.52
N SER O 42 30.11 16.48 -73.81
CA SER O 42 29.13 15.43 -73.60
C SER O 42 27.99 15.87 -72.68
N PHE O 43 28.28 16.73 -71.71
CA PHE O 43 27.28 17.15 -70.74
C PHE O 43 26.72 18.53 -71.00
N ALA O 44 27.34 19.34 -71.87
CA ALA O 44 26.73 20.60 -72.25
C ALA O 44 25.40 20.38 -72.94
N TYR O 45 25.36 19.43 -73.87
CA TYR O 45 24.10 19.09 -74.54
C TYR O 45 23.09 18.54 -73.54
N ALA O 46 23.53 17.70 -72.61
CA ALA O 46 22.62 17.13 -71.63
C ALA O 46 22.01 18.21 -70.74
N ALA O 47 22.84 19.15 -70.27
CA ALA O 47 22.34 20.23 -69.43
C ALA O 47 21.39 21.13 -70.20
N ASP O 48 21.71 21.41 -71.47
CA ASP O 48 20.80 22.19 -72.29
C ASP O 48 19.46 21.49 -72.46
N GLU O 49 19.49 20.19 -72.73
CA GLU O 49 18.26 19.44 -72.92
C GLU O 49 17.44 19.39 -71.63
N ILE O 50 18.11 19.30 -70.48
CA ILE O 50 17.41 19.36 -69.21
C ILE O 50 16.76 20.72 -69.01
N ARG O 51 17.51 21.79 -69.31
CA ARG O 51 16.98 23.13 -69.10
C ARG O 51 15.78 23.42 -70.01
N ARG O 52 15.86 23.03 -71.28
CA ARG O 52 14.74 23.27 -72.17
C ARG O 52 13.60 22.29 -71.96
N ARG O 53 13.81 21.23 -71.17
CA ARG O 53 12.74 20.35 -70.75
C ARG O 53 12.06 20.83 -69.47
N PHE O 54 12.43 21.99 -68.97
CA PHE O 54 11.70 22.59 -67.86
C PHE O 54 10.26 22.84 -68.29
N PRO O 55 9.27 22.42 -67.50
CA PRO O 55 7.88 22.51 -67.96
C PRO O 55 7.46 23.95 -68.22
N GLU O 56 6.63 24.12 -69.25
CA GLU O 56 6.06 25.42 -69.54
C GLU O 56 5.11 25.82 -68.42
N PRO O 57 4.89 27.12 -68.21
CA PRO O 57 4.14 27.56 -67.03
C PRO O 57 2.75 26.97 -66.92
N ALA O 58 2.08 26.70 -68.04
CA ALA O 58 0.76 26.07 -67.97
C ALA O 58 0.85 24.68 -67.36
N VAL O 59 1.87 23.91 -67.76
CA VAL O 59 2.03 22.56 -67.22
C VAL O 59 2.35 22.62 -65.73
N THR O 60 3.21 23.55 -65.32
CA THR O 60 3.52 23.71 -63.91
C THR O 60 2.27 24.11 -63.13
N ARG O 61 1.44 24.96 -63.71
CA ARG O 61 0.18 25.36 -63.08
C ARG O 61 -0.72 24.16 -62.88
N ALA O 62 -0.83 23.31 -63.90
CA ALA O 62 -1.66 22.11 -63.77
C ALA O 62 -1.12 21.16 -62.71
N ILE O 63 0.20 20.96 -62.69
CA ILE O 63 0.81 20.08 -61.70
C ILE O 63 0.57 20.61 -60.29
N THR O 64 0.74 21.92 -60.10
CA THR O 64 0.55 22.51 -58.78
C THR O 64 -0.90 22.44 -58.34
N ALA O 65 -1.85 22.70 -59.26
CA ALA O 65 -3.26 22.60 -58.91
C ALA O 65 -3.62 21.17 -58.54
N ARG O 66 -3.10 20.19 -59.28
CA ARG O 66 -3.36 18.79 -58.96
C ARG O 66 -2.75 18.42 -57.61
N PHE O 67 -1.56 18.95 -57.31
CA PHE O 67 -0.95 18.69 -56.01
C PHE O 67 -1.76 19.30 -54.89
N GLU O 68 -2.28 20.51 -55.09
CA GLU O 68 -3.08 21.18 -54.09
C GLU O 68 -4.44 20.52 -53.88
N ALA O 69 -5.01 19.91 -54.93
CA ALA O 69 -6.32 19.30 -54.79
C ALA O 69 -6.30 18.11 -53.82
N GLU O 70 -5.19 17.40 -53.75
CA GLU O 70 -5.06 16.24 -52.87
C GLU O 70 -4.64 16.62 -51.45
N SER O 71 -4.82 17.89 -51.07
CA SER O 71 -4.30 18.36 -49.79
C SER O 71 -5.03 17.71 -48.62
N ASP O 72 -6.37 17.75 -48.65
CA ASP O 72 -7.40 17.56 -47.61
C ASP O 72 -7.61 18.85 -46.81
N GLN O 73 -6.86 19.91 -47.07
CA GLN O 73 -6.98 21.12 -46.27
C GLN O 73 -7.38 22.26 -47.20
N GLN O 74 -8.44 22.05 -47.96
CA GLN O 74 -8.98 23.13 -48.78
C GLN O 74 -9.62 24.18 -47.88
N PRO O 75 -9.74 25.42 -48.38
CA PRO O 75 -10.26 26.50 -47.52
C PRO O 75 -11.66 26.25 -47.00
N TYR O 76 -12.49 25.55 -47.77
CA TYR O 76 -13.87 25.28 -47.36
C TYR O 76 -14.03 23.81 -47.02
N ALA O 77 -15.11 23.53 -46.29
CA ALA O 77 -15.32 22.20 -45.73
C ALA O 77 -15.75 21.22 -46.81
N GLY O 78 -15.03 20.10 -46.92
CA GLY O 78 -15.44 19.02 -47.77
C GLY O 78 -16.50 18.18 -47.09
N PRO O 79 -16.91 17.08 -47.70
CA PRO O 79 -17.96 16.25 -47.08
C PRO O 79 -17.59 15.78 -45.69
N HIS O 80 -16.33 15.42 -45.47
CA HIS O 80 -15.88 15.03 -44.13
C HIS O 80 -16.13 16.14 -43.12
N GLU O 81 -15.65 17.35 -43.43
CA GLU O 81 -15.76 18.44 -42.47
C GLU O 81 -17.19 18.93 -42.35
N THR O 82 -17.90 19.04 -43.47
CA THR O 82 -19.27 19.58 -43.39
C THR O 82 -20.21 18.61 -42.72
N ASN O 83 -19.94 17.30 -42.78
CA ASN O 83 -20.77 16.36 -42.06
C ASN O 83 -20.66 16.55 -40.56
N ILE O 84 -19.45 16.79 -40.05
CA ILE O 84 -19.31 16.97 -38.61
C ILE O 84 -19.73 18.36 -38.18
N ILE O 85 -19.56 19.37 -39.04
CA ILE O 85 -20.10 20.69 -38.75
C ILE O 85 -21.62 20.68 -38.74
N THR O 86 -22.25 19.79 -39.50
CA THR O 86 -23.69 19.62 -39.37
C THR O 86 -24.04 18.81 -38.12
N ALA O 87 -23.21 17.81 -37.80
CA ALA O 87 -23.50 16.96 -36.65
C ALA O 87 -23.48 17.76 -35.36
N ASP O 88 -22.49 18.64 -35.18
CA ASP O 88 -22.41 19.36 -33.92
C ASP O 88 -23.46 20.46 -33.81
N VAL O 89 -23.85 21.07 -34.93
CA VAL O 89 -24.95 22.03 -34.86
C VAL O 89 -26.27 21.32 -34.57
N VAL O 90 -26.42 20.08 -35.05
CA VAL O 90 -27.64 19.33 -34.75
C VAL O 90 -27.77 19.09 -33.25
N ARG O 91 -26.67 18.70 -32.60
CA ARG O 91 -26.68 18.40 -31.17
C ARG O 91 -26.33 19.62 -30.32
N SER O 92 -26.59 20.82 -30.80
CA SER O 92 -26.32 22.04 -30.06
C SER O 92 -27.62 22.74 -29.69
N GLY O 93 -27.58 23.49 -28.59
CA GLY O 93 -28.74 24.22 -28.14
C GLY O 93 -29.78 23.32 -27.51
N PRO O 94 -30.95 23.88 -27.20
CA PRO O 94 -32.01 23.09 -26.58
C PRO O 94 -32.44 21.94 -27.47
N PRO O 95 -32.63 20.75 -26.91
CA PRO O 95 -32.97 19.60 -27.75
C PRO O 95 -34.35 19.76 -28.35
N PRO O 96 -34.57 19.23 -29.56
CA PRO O 96 -35.90 19.33 -30.17
C PRO O 96 -36.92 18.38 -29.57
N SER O 97 -36.49 17.19 -29.14
CA SER O 97 -37.40 16.19 -28.60
C SER O 97 -37.73 16.41 -27.14
N ALA O 98 -37.13 17.41 -26.49
CA ALA O 98 -37.41 17.68 -25.09
C ALA O 98 -38.81 18.26 -24.94
N VAL O 99 -39.69 17.49 -24.31
CA VAL O 99 -41.07 17.93 -24.08
C VAL O 99 -41.07 18.64 -22.73
N TYR O 100 -41.02 19.95 -22.77
CA TYR O 100 -40.99 20.82 -21.62
C TYR O 100 -42.33 21.51 -21.43
N PRO O 101 -42.68 21.89 -20.21
CA PRO O 101 -43.97 22.58 -20.01
C PRO O 101 -43.86 24.08 -20.21
N PHE O 102 -44.75 24.63 -21.02
CA PHE O 102 -44.88 26.07 -21.16
C PHE O 102 -46.07 26.51 -20.34
N ASP O 103 -45.82 27.31 -19.31
CA ASP O 103 -46.88 27.74 -18.39
C ASP O 103 -47.17 29.21 -18.62
N PRO O 104 -48.21 29.56 -19.38
CA PRO O 104 -48.59 30.97 -19.57
C PRO O 104 -49.60 31.44 -18.52
N SER O 105 -49.26 31.23 -17.25
CA SER O 105 -50.12 31.62 -16.14
C SER O 105 -49.57 32.88 -15.51
N GLY O 106 -50.38 33.93 -15.49
CA GLY O 106 -49.94 35.17 -14.89
C GLY O 106 -49.83 35.12 -13.38
N VAL O 107 -50.22 34.01 -12.78
CA VAL O 107 -49.95 33.72 -11.38
C VAL O 107 -49.53 32.26 -11.29
N GLN O 108 -48.55 31.99 -10.43
CA GLN O 108 -48.20 30.61 -10.05
C GLN O 108 -47.76 29.79 -11.27
N ARG O 109 -46.60 30.18 -11.81
CA ARG O 109 -45.93 29.33 -12.78
C ARG O 109 -45.18 28.20 -12.07
N VAL O 110 -44.53 27.37 -12.89
CA VAL O 110 -43.69 26.29 -12.40
C VAL O 110 -42.25 26.78 -12.34
N GLN O 111 -41.43 26.09 -11.56
CA GLN O 111 -40.03 26.49 -11.43
C GLN O 111 -39.27 26.27 -12.74
N LEU O 112 -39.42 25.08 -13.33
CA LEU O 112 -38.83 24.74 -14.61
C LEU O 112 -37.30 24.92 -14.56
N SER O 113 -36.66 24.05 -13.77
CA SER O 113 -35.21 24.10 -13.65
C SER O 113 -34.55 23.74 -14.96
N GLY O 114 -34.94 22.62 -15.55
CA GLY O 114 -34.50 22.23 -16.88
C GLY O 114 -32.99 22.04 -17.01
N GLY O 115 -32.60 21.81 -18.26
CA GLY O 115 -31.20 21.59 -18.60
C GLY O 115 -31.02 20.99 -19.97
N PRO O 174 -42.35 30.36 -26.43
CA PRO O 174 -42.23 28.91 -26.60
C PRO O 174 -41.66 28.54 -27.95
N GLU O 175 -40.72 29.33 -28.45
CA GLU O 175 -40.18 29.17 -29.79
C GLU O 175 -38.85 28.43 -29.77
N MET O 176 -38.51 27.83 -30.92
CA MET O 176 -37.24 27.15 -31.10
C MET O 176 -36.70 27.47 -32.48
N THR O 177 -35.38 27.34 -32.63
CA THR O 177 -34.85 27.67 -33.95
C THR O 177 -34.68 26.38 -34.78
N PRO O 178 -35.02 26.43 -36.06
CA PRO O 178 -34.85 25.25 -36.92
C PRO O 178 -33.38 24.97 -37.20
N ASP O 179 -33.10 23.71 -37.51
CA ASP O 179 -31.73 23.32 -37.81
C ASP O 179 -31.22 23.94 -39.11
N ALA O 180 -32.12 24.27 -40.04
CA ALA O 180 -31.69 24.89 -41.29
C ALA O 180 -31.08 26.26 -41.03
N PHE O 181 -31.80 27.12 -40.30
CA PHE O 181 -31.27 28.42 -39.94
C PHE O 181 -30.10 28.30 -38.97
N LYS O 182 -30.16 27.30 -38.08
CA LYS O 182 -29.09 27.08 -37.12
C LYS O 182 -27.78 26.77 -37.83
N TYR O 183 -27.84 25.96 -38.89
CA TYR O 183 -26.67 25.71 -39.73
C TYR O 183 -26.33 26.91 -40.60
N TYR O 184 -27.34 27.68 -41.01
CA TYR O 184 -27.10 28.86 -41.84
C TYR O 184 -26.26 29.89 -41.10
N LEU O 185 -26.51 30.06 -39.80
CA LEU O 185 -25.67 30.95 -39.01
C LEU O 185 -24.22 30.47 -38.99
N ARG O 186 -24.03 29.15 -38.89
CA ARG O 186 -22.70 28.58 -38.75
C ARG O 186 -21.93 28.57 -40.07
N VAL O 187 -22.63 28.50 -41.20
CA VAL O 187 -21.98 28.20 -42.47
C VAL O 187 -21.64 29.47 -43.24
N GLN O 188 -22.39 30.55 -43.00
CA GLN O 188 -22.26 31.74 -43.83
C GLN O 188 -20.90 32.39 -43.66
N GLY O 189 -20.42 33.00 -44.73
CA GLY O 189 -19.12 33.63 -44.73
C GLY O 189 -19.17 35.07 -44.24
N PRO O 190 -18.15 35.84 -44.58
CA PRO O 190 -18.09 37.23 -44.10
C PRO O 190 -19.08 38.13 -44.80
N SER O 191 -19.06 39.41 -44.46
CA SER O 191 -19.86 40.39 -45.17
C SER O 191 -19.14 40.97 -46.38
N GLN O 192 -17.84 40.67 -46.54
CA GLN O 192 -17.07 41.21 -47.66
C GLN O 192 -17.45 40.51 -48.96
N GLU O 193 -17.29 39.18 -49.01
CA GLU O 193 -17.60 38.36 -50.18
C GLU O 193 -16.78 38.77 -51.40
N VAL O 194 -15.68 39.50 -51.20
CA VAL O 194 -14.76 39.84 -52.28
C VAL O 194 -13.38 40.06 -51.67
N ASP O 195 -12.36 39.55 -52.35
CA ASP O 195 -11.01 39.63 -51.80
C ASP O 195 -10.34 40.93 -52.21
N GLU O 196 -9.52 41.45 -51.29
CA GLU O 196 -8.81 42.70 -51.56
C GLU O 196 -7.73 42.47 -52.60
N PRO O 197 -7.50 43.44 -53.49
CA PRO O 197 -6.49 43.26 -54.54
C PRO O 197 -5.08 43.31 -53.96
N GLY O 198 -4.18 42.68 -54.68
CA GLY O 198 -2.77 42.62 -54.28
C GLY O 198 -2.37 41.43 -53.44
N VAL O 199 -3.03 41.25 -52.30
CA VAL O 199 -2.70 40.16 -51.40
C VAL O 199 -3.27 38.86 -51.93
N MET O 200 -2.49 37.80 -51.86
CA MET O 200 -2.91 36.47 -52.29
C MET O 200 -2.41 35.44 -51.28
N SER O 201 -3.14 34.35 -51.16
CA SER O 201 -2.67 33.25 -50.33
C SER O 201 -1.57 32.50 -51.07
N GLN O 202 -0.90 31.59 -50.36
CA GLN O 202 0.23 30.88 -50.94
C GLN O 202 -0.18 30.10 -52.17
N ARG O 203 -1.30 29.39 -52.09
CA ARG O 203 -1.69 28.49 -53.17
C ARG O 203 -2.23 29.27 -54.37
N GLN O 204 -3.03 30.30 -54.13
CA GLN O 204 -3.44 31.16 -55.24
C GLN O 204 -2.26 31.90 -55.85
N PHE O 205 -1.20 32.13 -55.07
CA PHE O 205 0.01 32.70 -55.65
C PHE O 205 0.76 31.66 -56.48
N MET O 206 0.71 30.39 -56.06
CA MET O 206 1.39 29.34 -56.81
C MET O 206 0.67 29.04 -58.12
N THR O 207 -0.65 29.17 -58.15
CA THR O 207 -1.37 28.95 -59.41
C THR O 207 -0.96 29.99 -60.45
N THR O 208 -0.99 31.26 -60.08
CA THR O 208 -0.40 32.30 -60.91
C THR O 208 1.11 32.32 -60.64
N PHE O 209 1.80 33.33 -61.15
CA PHE O 209 3.21 33.58 -60.85
C PHE O 209 4.04 32.29 -60.93
N LEU O 210 4.08 31.76 -62.10
CA LEU O 210 4.69 30.44 -62.24
C LEU O 210 6.15 30.55 -62.66
N PRO O 211 6.99 29.61 -62.23
CA PRO O 211 8.39 29.60 -62.69
C PRO O 211 8.44 29.27 -64.17
N ALA O 212 9.20 30.07 -64.92
CA ALA O 212 9.26 29.88 -66.36
C ALA O 212 10.59 30.38 -66.88
N MET O 213 11.05 29.76 -67.96
CA MET O 213 12.22 30.25 -68.67
C MET O 213 11.89 31.56 -69.35
N VAL O 214 12.74 32.57 -69.14
CA VAL O 214 12.51 33.88 -69.75
C VAL O 214 13.73 34.23 -70.60
N PRO O 215 13.78 33.80 -71.85
CA PRO O 215 14.92 34.14 -72.70
C PRO O 215 14.84 35.59 -73.17
N HIS O 216 15.99 36.24 -73.16
CA HIS O 216 16.12 37.63 -73.58
C HIS O 216 15.12 38.53 -72.84
N PRO O 217 15.20 38.60 -71.50
CA PRO O 217 14.19 39.37 -70.75
C PRO O 217 14.38 40.88 -70.82
N PHE O 218 15.63 41.33 -70.74
CA PHE O 218 15.91 42.76 -70.62
C PHE O 218 16.23 43.36 -71.99
N ASP O 219 15.29 43.20 -72.92
CA ASP O 219 15.46 43.68 -74.29
C ASP O 219 14.24 44.37 -74.87
N SER O 220 13.07 44.26 -74.26
CA SER O 220 11.82 44.66 -74.89
C SER O 220 11.67 46.19 -74.83
N GLU O 221 10.47 46.68 -75.16
CA GLU O 221 10.26 48.13 -75.26
C GLU O 221 10.11 48.78 -73.89
N SER O 222 9.07 48.43 -73.13
CA SER O 222 9.08 48.85 -71.73
C SER O 222 8.45 47.85 -70.75
N PRO O 223 8.69 46.54 -70.86
CA PRO O 223 8.72 45.70 -69.65
C PRO O 223 10.15 45.43 -69.21
N ASP O 224 10.45 45.45 -67.91
CA ASP O 224 11.78 45.03 -67.45
C ASP O 224 11.70 43.80 -66.54
N ALA O 225 11.11 43.94 -65.34
CA ALA O 225 11.01 42.86 -64.36
C ALA O 225 10.33 43.37 -63.10
N PHE O 226 10.09 42.48 -62.14
CA PHE O 226 9.26 42.78 -60.97
C PHE O 226 9.92 42.35 -59.68
N PRO O 227 11.12 42.89 -59.34
CA PRO O 227 11.75 42.51 -58.07
C PRO O 227 11.00 43.00 -56.83
N ALA O 228 10.88 44.33 -56.71
CA ALA O 228 10.04 44.99 -55.73
C ALA O 228 9.85 46.43 -56.16
N TYR O 229 8.68 46.80 -56.67
CA TYR O 229 8.54 48.11 -57.29
C TYR O 229 7.11 48.61 -57.12
N PHE O 230 6.85 49.78 -57.66
CA PHE O 230 5.50 50.23 -57.94
C PHE O 230 5.58 51.27 -59.06
N SER O 231 5.30 50.86 -60.29
CA SER O 231 5.53 51.73 -61.44
C SER O 231 4.61 52.94 -61.38
N SER O 232 5.20 54.13 -61.55
CA SER O 232 4.45 55.37 -61.35
C SER O 232 4.41 56.27 -62.57
N VAL O 233 5.56 56.55 -63.20
CA VAL O 233 5.65 57.68 -64.12
C VAL O 233 5.98 57.16 -65.52
N TYR O 234 5.46 55.97 -65.85
CA TYR O 234 5.62 55.34 -67.15
C TYR O 234 7.05 54.81 -67.32
N LYS O 235 7.91 55.12 -66.36
CA LYS O 235 9.23 54.50 -66.25
C LYS O 235 9.17 53.44 -65.16
N GLY O 236 9.75 52.28 -65.45
CA GLY O 236 9.76 51.23 -64.45
C GLY O 236 10.56 51.67 -63.25
N THR O 237 9.86 52.05 -62.18
CA THR O 237 10.50 52.60 -60.98
C THR O 237 10.54 51.52 -59.91
N ASN O 238 11.56 50.67 -59.98
CA ASN O 238 11.85 49.76 -58.89
C ASN O 238 12.27 50.59 -57.68
N ALA O 239 11.39 50.64 -56.68
CA ALA O 239 11.39 51.70 -55.70
C ALA O 239 10.96 51.11 -54.37
N PHE O 240 10.49 51.99 -53.47
CA PHE O 240 10.17 51.69 -52.08
C PHE O 240 11.42 51.65 -51.22
N GLU O 241 12.52 52.22 -51.71
CA GLU O 241 13.78 52.31 -50.99
C GLU O 241 13.64 52.92 -49.60
N MET P 1 55.59 -52.57 -102.41
CA MET P 1 54.41 -51.72 -102.39
C MET P 1 54.78 -50.26 -102.19
N ASN P 2 53.78 -49.38 -102.32
CA ASN P 2 53.96 -47.95 -102.11
C ASN P 2 53.28 -47.56 -100.81
N LEU P 3 54.02 -46.94 -99.89
CA LEU P 3 53.51 -46.66 -98.56
C LEU P 3 52.61 -45.44 -98.48
N LEU P 4 52.56 -44.62 -99.53
CA LEU P 4 51.63 -43.49 -99.52
C LEU P 4 50.18 -43.98 -99.54
N ASN P 5 49.93 -45.12 -100.17
CA ASN P 5 48.61 -45.73 -100.21
C ASN P 5 48.38 -46.71 -99.06
N ALA P 6 49.34 -46.85 -98.16
CA ALA P 6 49.16 -47.76 -97.03
C ALA P 6 48.04 -47.27 -96.12
N ALA P 7 47.27 -48.20 -95.61
CA ALA P 7 46.16 -47.84 -94.74
C ALA P 7 46.69 -47.26 -93.43
N PRO P 8 46.23 -46.10 -93.00
CA PRO P 8 46.73 -45.51 -91.76
C PRO P 8 46.32 -46.33 -90.55
N THR P 9 47.14 -46.26 -89.52
CA THR P 9 46.76 -46.85 -88.24
C THR P 9 45.59 -46.06 -87.66
N PRO P 10 44.64 -46.73 -87.00
CA PRO P 10 43.45 -46.02 -86.53
C PRO P 10 43.76 -45.02 -85.43
N TYR P 11 42.85 -44.06 -85.25
CA TYR P 11 42.87 -43.15 -84.10
C TYR P 11 41.95 -43.69 -83.03
N VAL P 12 42.53 -44.24 -81.97
CA VAL P 12 41.77 -44.65 -80.80
C VAL P 12 41.57 -43.44 -79.89
N TRP P 13 40.40 -43.34 -79.29
CA TRP P 13 40.01 -42.17 -78.53
C TRP P 13 40.40 -42.30 -77.06
N LYS P 14 40.50 -41.14 -76.40
CA LYS P 14 40.75 -41.05 -74.97
C LYS P 14 39.54 -40.44 -74.29
N TYR P 15 39.13 -41.01 -73.16
CA TYR P 15 37.82 -40.71 -72.58
C TYR P 15 37.86 -39.78 -71.38
N ASN P 16 38.78 -39.97 -70.43
CA ASN P 16 38.78 -39.19 -69.20
C ASN P 16 37.45 -39.32 -68.48
N PRO P 17 37.15 -40.48 -67.90
CA PRO P 17 35.81 -40.69 -67.32
C PRO P 17 35.47 -39.74 -66.20
N VAL P 18 36.46 -39.29 -65.42
CA VAL P 18 36.18 -38.53 -64.21
C VAL P 18 35.39 -37.28 -64.54
N THR P 19 35.83 -36.53 -65.55
CA THR P 19 35.02 -35.42 -66.05
C THR P 19 33.91 -35.90 -66.97
N GLY P 20 34.17 -36.90 -67.79
CA GLY P 20 33.22 -37.40 -68.75
C GLY P 20 33.35 -36.78 -70.14
N LYS P 21 34.02 -35.65 -70.25
CA LYS P 21 34.26 -35.04 -71.55
C LYS P 21 35.34 -35.82 -72.31
N CYS P 22 35.27 -35.77 -73.63
CA CYS P 22 36.26 -36.45 -74.45
C CYS P 22 37.64 -35.84 -74.21
N ALA P 23 38.65 -36.72 -74.13
CA ALA P 23 40.02 -36.30 -73.86
C ALA P 23 40.91 -36.37 -75.09
N GLY P 24 40.33 -36.46 -76.28
CA GLY P 24 41.11 -36.48 -77.51
C GLY P 24 41.33 -37.89 -78.03
N ALA P 25 42.05 -37.96 -79.14
CA ALA P 25 42.36 -39.23 -79.79
C ALA P 25 43.86 -39.30 -80.07
N GLN P 26 44.37 -40.52 -80.20
CA GLN P 26 45.78 -40.73 -80.45
C GLN P 26 45.94 -41.66 -81.64
N GLN P 27 47.09 -41.56 -82.28
CA GLN P 27 47.48 -42.56 -83.25
C GLN P 27 47.61 -43.89 -82.53
N ASN P 28 47.01 -44.96 -83.07
CA ASN P 28 46.96 -46.24 -82.35
C ASN P 28 48.33 -46.93 -82.38
N TYR P 29 49.27 -46.34 -81.66
CA TYR P 29 50.59 -46.94 -81.55
C TYR P 29 50.60 -48.13 -80.60
N GLY P 30 49.62 -48.22 -79.70
CA GLY P 30 49.62 -49.29 -78.72
C GLY P 30 49.38 -50.66 -79.32
N ALA P 31 48.85 -50.71 -80.54
CA ALA P 31 48.59 -51.96 -81.26
C ALA P 31 49.10 -51.78 -82.68
N THR P 32 50.37 -52.10 -82.91
CA THR P 32 50.98 -52.00 -84.23
C THR P 32 52.04 -53.07 -84.37
N ILE P 33 52.45 -53.30 -85.62
CA ILE P 33 53.27 -54.45 -85.99
C ILE P 33 54.63 -53.96 -86.48
N ASP P 34 55.68 -54.67 -86.08
CA ASP P 34 57.06 -54.36 -86.49
C ASP P 34 57.35 -55.14 -87.76
N TRP P 35 57.33 -54.44 -88.90
CA TRP P 35 57.43 -55.10 -90.20
C TRP P 35 58.38 -54.46 -91.21
N VAL P 36 58.74 -53.19 -91.07
CA VAL P 36 59.53 -52.55 -92.13
C VAL P 36 60.93 -53.13 -92.18
N LEU P 37 61.59 -53.26 -91.03
CA LEU P 37 62.94 -53.82 -91.03
C LEU P 37 62.92 -55.34 -91.16
N PRO P 38 62.31 -56.09 -90.22
CA PRO P 38 62.44 -57.55 -90.30
C PRO P 38 61.48 -58.19 -91.30
N GLY P 39 60.26 -57.68 -91.39
CA GLY P 39 59.26 -58.29 -92.26
C GLY P 39 59.59 -58.14 -93.73
N GLY P 40 60.08 -56.98 -94.12
CA GLY P 40 60.45 -56.78 -95.52
C GLY P 40 59.24 -56.80 -96.45
N ASN P 41 59.50 -57.25 -97.67
CA ASN P 41 58.51 -57.15 -98.74
C ASN P 41 57.30 -58.05 -98.47
N SER P 42 57.53 -59.26 -97.99
CA SER P 42 56.44 -60.21 -97.82
C SER P 42 55.49 -59.78 -96.71
N PHE P 43 55.99 -59.11 -95.69
CA PHE P 43 55.14 -58.67 -94.58
C PHE P 43 54.66 -57.25 -94.71
N ALA P 44 55.21 -56.45 -95.63
CA ALA P 44 54.64 -55.14 -95.90
C ALA P 44 53.20 -55.26 -96.37
N TYR P 45 52.96 -56.17 -97.32
CA TYR P 45 51.59 -56.38 -97.81
C TYR P 45 50.70 -56.95 -96.71
N ALA P 46 51.23 -57.85 -95.90
CA ALA P 46 50.43 -58.42 -94.82
C ALA P 46 50.02 -57.35 -93.81
N ALA P 47 50.95 -56.49 -93.41
CA ALA P 47 50.63 -55.42 -92.49
C ALA P 47 49.63 -54.45 -93.10
N ASP P 48 49.79 -54.13 -94.38
CA ASP P 48 48.81 -53.26 -95.04
C ASP P 48 47.43 -53.90 -95.06
N GLU P 49 47.38 -55.20 -95.35
CA GLU P 49 46.10 -55.90 -95.36
C GLU P 49 45.45 -55.88 -93.99
N ILE P 50 46.24 -56.10 -92.93
CA ILE P 50 45.70 -56.05 -91.58
C ILE P 50 45.17 -54.66 -91.27
N ARG P 51 45.93 -53.63 -91.64
CA ARG P 51 45.52 -52.27 -91.34
C ARG P 51 44.24 -51.88 -92.08
N ARG P 52 44.11 -52.30 -93.35
CA ARG P 52 42.92 -51.95 -94.10
C ARG P 52 41.75 -52.87 -93.81
N ARG P 53 41.96 -53.96 -93.06
CA ARG P 53 40.86 -54.76 -92.54
C ARG P 53 40.40 -54.30 -91.17
N PHE P 54 40.94 -53.20 -90.66
CA PHE P 54 40.46 -52.64 -89.41
C PHE P 54 38.99 -52.27 -89.56
N PRO P 55 38.13 -52.69 -88.64
CA PRO P 55 36.69 -52.50 -88.84
C PRO P 55 36.33 -51.03 -88.96
N GLU P 56 35.40 -50.75 -89.87
CA GLU P 56 34.86 -49.40 -90.01
C GLU P 56 34.07 -49.05 -88.75
N PRO P 57 33.94 -47.76 -88.44
CA PRO P 57 33.38 -47.37 -87.14
C PRO P 57 32.01 -47.96 -86.85
N ALA P 58 31.16 -48.14 -87.85
CA ALA P 58 29.83 -48.69 -87.60
C ALA P 58 29.92 -50.10 -87.05
N VAL P 59 30.84 -50.92 -87.57
CA VAL P 59 31.01 -52.27 -87.07
C VAL P 59 31.50 -52.26 -85.63
N THR P 60 32.45 -51.38 -85.32
CA THR P 60 32.92 -51.26 -83.93
C THR P 60 31.79 -50.84 -83.01
N ARG P 61 30.97 -49.89 -83.45
CA ARG P 61 29.81 -49.47 -82.66
C ARG P 61 28.88 -50.64 -82.39
N ALA P 62 28.58 -51.42 -83.43
CA ALA P 62 27.67 -52.56 -83.26
C ALA P 62 28.26 -53.60 -82.30
N ILE P 63 29.56 -53.89 -82.44
CA ILE P 63 30.19 -54.88 -81.58
C ILE P 63 30.20 -54.41 -80.13
N THR P 64 30.52 -53.13 -79.91
CA THR P 64 30.53 -52.60 -78.54
C THR P 64 29.14 -52.61 -77.93
N ALA P 65 28.13 -52.20 -78.71
CA ALA P 65 26.76 -52.22 -78.20
C ALA P 65 26.32 -53.63 -77.86
N ARG P 66 26.67 -54.60 -78.71
CA ARG P 66 26.35 -55.99 -78.39
C ARG P 66 27.13 -56.47 -77.17
N PHE P 67 28.34 -55.95 -76.96
CA PHE P 67 29.13 -56.34 -75.81
C PHE P 67 28.48 -55.89 -74.51
N GLU P 68 28.09 -54.63 -74.43
CA GLU P 68 27.48 -54.13 -73.21
C GLU P 68 25.97 -54.33 -73.14
N ALA P 69 25.36 -54.92 -74.18
CA ALA P 69 24.02 -55.43 -74.03
C ALA P 69 23.99 -56.74 -73.26
N GLU P 70 25.13 -57.39 -73.09
CA GLU P 70 25.26 -58.62 -72.32
C GLU P 70 26.00 -58.39 -71.00
N SER P 71 26.11 -57.14 -70.55
CA SER P 71 26.93 -56.85 -69.39
C SER P 71 26.44 -57.57 -68.15
N ASP P 72 25.15 -57.41 -67.84
CA ASP P 72 24.32 -57.71 -66.64
C ASP P 72 24.25 -56.51 -65.72
N GLN P 73 24.91 -55.40 -66.05
CA GLN P 73 24.89 -54.19 -65.22
C GLN P 73 24.44 -53.02 -66.07
N GLN P 74 23.27 -53.15 -66.67
CA GLN P 74 22.68 -52.04 -67.38
C GLN P 74 22.32 -50.94 -66.39
N PRO P 75 22.27 -49.68 -66.84
CA PRO P 75 21.90 -48.59 -65.92
C PRO P 75 20.52 -48.78 -65.31
N TYR P 76 19.60 -49.39 -66.05
CA TYR P 76 18.25 -49.65 -65.55
C TYR P 76 18.10 -51.12 -65.19
N ALA P 77 17.22 -51.40 -64.25
CA ALA P 77 17.06 -52.75 -63.75
C ALA P 77 16.41 -53.66 -64.79
N GLY P 78 17.02 -54.82 -65.01
CA GLY P 78 16.40 -55.85 -65.81
C GLY P 78 15.41 -56.64 -64.98
N PRO P 79 14.86 -57.71 -65.53
CA PRO P 79 13.91 -58.53 -64.75
C PRO P 79 14.52 -59.05 -63.45
N HIS P 80 15.78 -59.47 -63.49
CA HIS P 80 16.42 -60.00 -62.28
C HIS P 80 16.51 -58.94 -61.19
N GLU P 81 16.90 -57.73 -61.55
CA GLU P 81 17.03 -56.68 -60.54
C GLU P 81 15.68 -56.15 -60.11
N THR P 82 14.74 -55.99 -61.04
CA THR P 82 13.45 -55.44 -60.66
C THR P 82 12.61 -56.43 -59.85
N ASN P 83 12.90 -57.73 -59.97
CA ASN P 83 12.20 -58.69 -59.11
C ASN P 83 12.46 -58.41 -57.64
N ILE P 84 13.73 -58.23 -57.27
CA ILE P 84 14.06 -57.91 -55.88
C ILE P 84 13.89 -56.45 -55.54
N ILE P 85 13.79 -55.57 -56.54
CA ILE P 85 13.36 -54.21 -56.26
C ILE P 85 11.88 -54.18 -55.86
N THR P 86 11.06 -55.03 -56.47
CA THR P 86 9.66 -55.14 -56.10
C THR P 86 9.48 -55.96 -54.82
N ALA P 87 10.33 -56.96 -54.59
CA ALA P 87 10.13 -57.87 -53.48
C ALA P 87 10.15 -57.15 -52.14
N ASP P 88 11.09 -56.23 -51.94
CA ASP P 88 11.16 -55.54 -50.66
C ASP P 88 10.05 -54.50 -50.51
N VAL P 89 9.75 -53.75 -51.57
CA VAL P 89 8.69 -52.74 -51.47
C VAL P 89 7.34 -53.41 -51.23
N VAL P 90 7.16 -54.65 -51.69
CA VAL P 90 5.95 -55.39 -51.37
C VAL P 90 5.93 -55.74 -49.89
N ARG P 91 7.09 -56.04 -49.31
CA ARG P 91 7.19 -56.48 -47.93
C ARG P 91 7.72 -55.37 -47.02
N SER P 92 7.77 -54.13 -47.51
CA SER P 92 8.21 -53.00 -46.71
C SER P 92 7.03 -52.32 -46.04
N GLY P 93 7.31 -51.59 -44.97
CA GLY P 93 6.30 -50.84 -44.27
C GLY P 93 5.38 -51.72 -43.47
N PRO P 94 4.28 -51.15 -42.98
CA PRO P 94 3.31 -51.93 -42.21
C PRO P 94 2.70 -53.02 -43.06
N PRO P 95 2.48 -54.21 -42.48
CA PRO P 95 1.93 -55.33 -43.25
C PRO P 95 0.54 -55.00 -43.77
N PRO P 96 0.20 -55.46 -44.97
CA PRO P 96 -1.15 -55.23 -45.49
C PRO P 96 -2.20 -56.12 -44.83
N SER P 97 -1.84 -57.36 -44.49
CA SER P 97 -2.77 -58.30 -43.89
C SER P 97 -2.95 -58.07 -42.39
N ALA P 98 -2.15 -57.19 -41.78
CA ALA P 98 -2.26 -56.94 -40.35
C ALA P 98 -3.61 -56.28 -40.04
N VAL P 99 -4.46 -56.99 -39.31
CA VAL P 99 -5.76 -56.47 -38.91
C VAL P 99 -5.57 -55.79 -37.56
N TYR P 100 -5.18 -54.53 -37.61
CA TYR P 100 -4.98 -53.80 -36.37
C TYR P 100 -6.21 -52.97 -36.04
N PRO P 101 -6.53 -52.81 -34.75
CA PRO P 101 -7.76 -52.10 -34.39
C PRO P 101 -7.61 -50.59 -34.52
N PHE P 102 -8.67 -49.96 -35.01
CA PHE P 102 -8.77 -48.50 -34.99
C PHE P 102 -9.75 -48.12 -33.89
N ASP P 103 -9.30 -47.25 -32.98
CA ASP P 103 -10.06 -46.91 -31.77
C ASP P 103 -10.34 -45.41 -31.77
N PRO P 104 -11.43 -44.97 -32.41
CA PRO P 104 -11.79 -43.56 -32.41
C PRO P 104 -12.56 -43.12 -31.17
N SER P 105 -12.02 -43.45 -30.00
CA SER P 105 -12.64 -43.11 -28.73
C SER P 105 -11.92 -41.92 -28.13
N GLY P 106 -12.69 -40.90 -27.73
CA GLY P 106 -12.08 -39.74 -27.10
C GLY P 106 -11.62 -39.99 -25.68
N VAL P 107 -12.12 -41.04 -25.06
CA VAL P 107 -11.69 -41.47 -23.73
C VAL P 107 -11.37 -42.94 -23.80
N GLN P 108 -10.39 -43.38 -23.01
CA GLN P 108 -10.13 -44.80 -22.80
C GLN P 108 -9.80 -45.51 -24.12
N ARG P 109 -8.65 -45.14 -24.67
CA ARG P 109 -8.16 -45.76 -25.89
C ARG P 109 -7.27 -46.97 -25.56
N VAL P 110 -7.03 -47.79 -26.59
CA VAL P 110 -6.19 -48.97 -26.50
C VAL P 110 -4.73 -48.57 -26.61
N GLN P 111 -3.83 -49.52 -26.32
CA GLN P 111 -2.40 -49.21 -26.28
C GLN P 111 -1.70 -49.39 -27.62
N LEU P 112 -1.98 -50.48 -28.34
CA LEU P 112 -1.40 -50.75 -29.65
C LEU P 112 0.13 -50.78 -29.58
N SER P 113 0.66 -51.77 -28.85
CA SER P 113 2.10 -51.95 -28.79
C SER P 113 2.67 -52.24 -30.16
N GLY P 114 2.02 -53.14 -30.91
CA GLY P 114 2.22 -53.33 -32.31
C GLY P 114 3.63 -53.76 -32.72
N GLY P 115 3.88 -53.63 -34.02
CA GLY P 115 5.15 -54.04 -34.59
C GLY P 115 5.02 -55.22 -35.52
N PRO P 174 -6.38 -44.47 -40.31
CA PRO P 174 -6.58 -45.83 -40.84
C PRO P 174 -6.22 -45.94 -42.31
N GLU P 175 -5.76 -44.84 -42.91
CA GLU P 175 -5.41 -44.83 -44.32
C GLU P 175 -4.11 -45.59 -44.56
N MET P 176 -4.06 -46.31 -45.68
CA MET P 176 -2.89 -47.07 -46.07
C MET P 176 -2.50 -46.72 -47.50
N THR P 177 -1.18 -46.70 -47.76
CA THR P 177 -0.68 -46.39 -49.09
C THR P 177 -0.82 -47.61 -50.01
N PRO P 178 -1.21 -47.42 -51.25
CA PRO P 178 -1.30 -48.55 -52.19
C PRO P 178 0.09 -49.06 -52.57
N ASP P 179 0.13 -50.34 -52.91
CA ASP P 179 1.40 -50.97 -53.28
C ASP P 179 1.97 -50.40 -54.56
N ALA P 180 1.11 -50.05 -55.53
CA ALA P 180 1.59 -49.47 -56.77
C ALA P 180 2.29 -48.15 -56.53
N PHE P 181 1.71 -47.29 -55.69
CA PHE P 181 2.37 -46.04 -55.33
C PHE P 181 3.62 -46.28 -54.51
N LYS P 182 3.61 -47.32 -53.68
CA LYS P 182 4.80 -47.66 -52.91
C LYS P 182 5.96 -48.02 -53.82
N TYR P 183 5.69 -48.79 -54.87
CA TYR P 183 6.73 -49.08 -55.87
C TYR P 183 7.08 -47.85 -56.68
N TYR P 184 6.10 -47.00 -56.97
CA TYR P 184 6.36 -45.78 -57.73
C TYR P 184 7.36 -44.88 -57.02
N LEU P 185 7.25 -44.80 -55.70
CA LEU P 185 8.22 -44.00 -54.93
C LEU P 185 9.63 -44.54 -55.09
N ARG P 186 9.77 -45.87 -55.04
CA ARG P 186 11.09 -46.49 -55.14
C ARG P 186 11.66 -46.39 -56.55
N VAL P 187 10.80 -46.37 -57.58
CA VAL P 187 11.28 -46.46 -58.95
C VAL P 187 11.52 -45.12 -59.63
N GLN P 188 10.84 -44.06 -59.20
CA GLN P 188 10.84 -42.81 -59.96
C GLN P 188 12.25 -42.24 -60.08
N GLY P 189 12.56 -41.72 -61.27
CA GLY P 189 13.85 -41.15 -61.54
C GLY P 189 13.94 -39.70 -61.12
N PRO P 190 14.99 -39.01 -61.58
CA PRO P 190 15.18 -37.61 -61.19
C PRO P 190 14.22 -36.67 -61.88
N SER P 191 14.39 -35.38 -61.65
CA SER P 191 13.66 -34.34 -62.37
C SER P 191 14.48 -33.73 -63.51
N GLN P 192 15.70 -34.23 -63.73
CA GLN P 192 16.54 -33.70 -64.80
C GLN P 192 16.02 -34.15 -66.17
N GLU P 193 16.06 -35.46 -66.42
CA GLU P 193 15.53 -36.08 -67.63
C GLU P 193 16.16 -35.51 -68.91
N VAL P 194 17.27 -34.79 -68.81
CA VAL P 194 17.96 -34.25 -69.99
C VAL P 194 19.46 -34.21 -69.69
N ASP P 195 20.25 -34.65 -70.66
CA ASP P 195 21.69 -34.77 -70.47
C ASP P 195 22.38 -33.42 -70.63
N GLU P 196 23.64 -33.38 -70.22
CA GLU P 196 24.52 -32.23 -70.37
C GLU P 196 25.30 -32.33 -71.68
N PRO P 197 25.38 -31.26 -72.47
CA PRO P 197 26.13 -31.33 -73.73
C PRO P 197 27.64 -31.44 -73.46
N GLY P 198 28.27 -32.42 -74.11
CA GLY P 198 29.68 -32.65 -73.98
C GLY P 198 30.06 -33.72 -72.98
N VAL P 199 29.18 -34.04 -72.04
CA VAL P 199 29.45 -35.03 -71.00
C VAL P 199 28.64 -36.28 -71.33
N MET P 200 29.32 -37.43 -71.33
CA MET P 200 28.66 -38.69 -71.67
C MET P 200 29.34 -39.83 -70.93
N SER P 201 28.61 -40.93 -70.77
CA SER P 201 29.09 -42.08 -70.03
C SER P 201 30.04 -42.92 -70.87
N GLN P 202 30.73 -43.85 -70.20
CA GLN P 202 31.75 -44.66 -70.86
C GLN P 202 31.15 -45.50 -71.98
N ARG P 203 30.05 -46.18 -71.71
CA ARG P 203 29.38 -46.93 -72.77
C ARG P 203 28.82 -45.98 -73.83
N GLN P 204 28.26 -44.85 -73.41
CA GLN P 204 27.79 -43.85 -74.35
C GLN P 204 28.94 -43.31 -75.18
N PHE P 205 30.10 -43.11 -74.56
CA PHE P 205 31.26 -42.60 -75.28
C PHE P 205 31.84 -43.65 -76.23
N MET P 206 31.76 -44.93 -75.88
CA MET P 206 32.28 -45.98 -76.74
C MET P 206 31.36 -46.27 -77.91
N THR P 207 30.04 -46.08 -77.74
CA THR P 207 29.15 -46.22 -78.89
C THR P 207 29.34 -45.06 -79.86
N THR P 208 29.56 -43.85 -79.35
CA THR P 208 30.03 -42.75 -80.17
C THR P 208 31.55 -42.80 -80.21
N PHE P 209 32.18 -41.76 -80.74
CA PHE P 209 33.62 -41.56 -80.68
C PHE P 209 34.37 -42.86 -80.99
N LEU P 210 34.18 -43.31 -82.20
CA LEU P 210 34.58 -44.64 -82.66
C LEU P 210 35.99 -44.60 -83.24
N PRO P 211 36.85 -45.55 -82.88
CA PRO P 211 38.20 -45.58 -83.47
C PRO P 211 38.13 -46.00 -84.93
N ALA P 212 38.64 -45.15 -85.81
CA ALA P 212 38.58 -45.41 -87.25
C ALA P 212 39.83 -44.86 -87.91
N MET P 213 40.15 -45.42 -89.08
CA MET P 213 41.24 -44.91 -89.88
C MET P 213 40.88 -43.53 -90.42
N VAL P 214 41.83 -42.61 -90.38
CA VAL P 214 41.61 -41.26 -90.89
C VAL P 214 42.71 -40.98 -91.91
N PRO P 215 42.56 -41.46 -93.15
CA PRO P 215 43.63 -41.24 -94.15
C PRO P 215 43.66 -39.79 -94.60
N HIS P 216 44.86 -39.23 -94.67
CA HIS P 216 45.07 -37.83 -95.01
C HIS P 216 44.22 -36.92 -94.12
N PRO P 217 44.48 -36.90 -92.81
CA PRO P 217 43.64 -36.12 -91.90
C PRO P 217 43.92 -34.62 -91.96
N PHE P 218 45.19 -34.25 -91.96
CA PHE P 218 45.60 -32.85 -91.82
C PHE P 218 45.83 -32.18 -93.17
N ASP P 219 44.85 -32.27 -94.07
CA ASP P 219 44.95 -31.54 -95.32
C ASP P 219 43.64 -30.94 -95.81
N SER P 220 42.56 -31.04 -95.02
CA SER P 220 41.27 -30.50 -95.45
C SER P 220 41.28 -28.98 -95.30
N GLU P 221 40.13 -28.34 -95.53
CA GLU P 221 40.09 -26.89 -95.59
C GLU P 221 40.21 -26.27 -94.20
N SER P 222 39.21 -26.47 -93.33
CA SER P 222 39.45 -26.13 -91.93
C SER P 222 38.75 -27.03 -90.92
N PRO P 223 38.75 -28.37 -91.10
CA PRO P 223 38.75 -29.24 -89.92
C PRO P 223 40.16 -29.75 -89.64
N ASP P 224 40.61 -29.78 -88.39
CA ASP P 224 41.95 -30.30 -88.13
C ASP P 224 41.93 -31.54 -87.25
N ALA P 225 41.55 -31.42 -85.97
CA ALA P 225 41.52 -32.54 -85.02
C ALA P 225 41.11 -32.04 -83.63
N PHE P 226 40.99 -32.96 -82.68
CA PHE P 226 40.43 -32.66 -81.35
C PHE P 226 41.31 -33.23 -80.24
N PRO P 227 42.55 -32.71 -80.08
CA PRO P 227 43.41 -33.22 -79.00
C PRO P 227 42.92 -32.89 -77.60
N ALA P 228 42.84 -31.58 -77.29
CA ALA P 228 42.15 -31.09 -76.10
C ALA P 228 41.89 -29.60 -76.37
N TYR P 229 40.67 -29.28 -76.80
CA TYR P 229 40.45 -28.02 -77.48
C TYR P 229 39.05 -27.50 -77.21
N PHE P 230 38.76 -26.32 -77.76
CA PHE P 230 37.40 -25.85 -77.96
C PHE P 230 37.47 -24.80 -79.05
N SER P 231 36.83 -25.08 -80.20
CA SER P 231 36.92 -24.19 -81.35
C SER P 231 35.80 -23.15 -81.30
N SER P 232 36.18 -21.88 -81.35
CA SER P 232 35.19 -20.81 -81.19
C SER P 232 35.34 -19.70 -82.23
N VAL P 233 36.54 -19.58 -82.81
CA VAL P 233 36.88 -18.39 -83.59
C VAL P 233 36.97 -18.71 -85.08
N TYR P 234 36.25 -19.74 -85.53
CA TYR P 234 36.18 -20.21 -86.91
C TYR P 234 37.49 -20.81 -87.39
N LYS P 235 38.55 -20.81 -86.57
CA LYS P 235 39.79 -21.46 -86.87
C LYS P 235 40.14 -22.40 -85.71
N GLY P 236 40.78 -23.52 -86.03
CA GLY P 236 41.04 -24.53 -85.01
C GLY P 236 41.90 -23.99 -83.90
N THR P 237 41.28 -23.71 -82.75
CA THR P 237 41.96 -23.14 -81.60
C THR P 237 42.03 -24.17 -80.48
N ASN P 238 43.06 -25.03 -80.57
CA ASN P 238 43.35 -25.96 -79.49
C ASN P 238 43.83 -25.14 -78.29
N ALA P 239 43.02 -25.09 -77.25
CA ALA P 239 43.13 -24.03 -76.27
C ALA P 239 42.76 -24.59 -74.90
N PHE P 240 42.37 -23.71 -73.98
CA PHE P 240 42.37 -23.96 -72.54
C PHE P 240 43.79 -23.96 -72.00
N GLU P 241 44.64 -23.14 -72.60
CA GLU P 241 46.05 -23.02 -72.29
C GLU P 241 46.35 -22.91 -70.81
#